data_7XQP
#
_entry.id   7XQP
#
_cell.length_a   1.00
_cell.length_b   1.00
_cell.length_c   1.00
_cell.angle_alpha   90.00
_cell.angle_beta   90.00
_cell.angle_gamma   90.00
#
_symmetry.space_group_name_H-M   'P 1'
#
loop_
_entity.id
_entity.type
_entity.pdbx_description
1 polymer 'Photosystem I P700 chlorophyll a apoprotein A1'
2 polymer 'Photosystem I P700 chlorophyll a apoprotein A2'
3 polymer 'Photosystem I iron-sulfur center'
4 polymer 'Predicted protein PsaD'
5 polymer PsaE
6 polymer PSI-F
7 polymer PSI-G
8 polymer 'PsaH photosystem I reaction center subunit'
9 polymer 'Photosystem I reaction center subunit VIII'
10 polymer 'Photosystem I reaction center subunit IX'
11 polymer PsaK
12 polymer 'PSI subunit V'
13 polymer 'Photosystem I reaction center subunit XII'
14 polymer PsaO
15 polymer 'Chlorophyll a-b binding protein, chloroplastic'
16 polymer 'Chlorophyll a-b binding protein, chloroplastic'
17 polymer 'Chlorophyll a-b binding protein, chloroplastic'
18 polymer 'Chlorophyll a-b binding protein, chloroplastic'
19 polymer 'Chlorophyll a-b binding protein, chloroplastic'
20 polymer 'Chlorophyll a-b binding protein, chloroplastic'
21 non-polymer 'CHLOROPHYLL A'
22 non-polymer PHYLLOQUINONE
23 non-polymer 1,2-DIPALMITOYL-PHOSPHATIDYL-GLYCEROLE
24 non-polymer BETA-CAROTENE
25 non-polymer 'IRON/SULFUR CLUSTER'
26 non-polymer DODECYL-ALPHA-D-MALTOSIDE
27 non-polymer 'DIGALACTOSYL DIACYL GLYCEROL (DGDG)'
28 non-polymer 1,2-DISTEAROYL-MONOGALACTOSYL-DIGLYCERIDE
29 non-polymer 'CHLOROPHYLL B'
30 non-polymer "(3R,3'R,6S)-4,5-DIDEHYDRO-5,6-DIHYDRO-BETA,BETA-CAROTENE-3,3'-DIOL"
31 non-polymer "(3S,5R,6S,3'S,5'R,6'S)-5,6,5',6'-DIEPOXY-5,6,5',6'- TETRAHYDRO-BETA,BETA-CAROTENE-3,3'-DIOL"
32 non-polymer (1R,3R)-6-{(3E,5E,7E,9E,11E,13E,15E,17E)-18-[(1S,4R,6R)-4-HYDROXY-2,2,6-TRIMETHYL-7-OXABICYCLO[4.1.0]HEPT-1-YL]-3,7,12,16-TETRAMETHYLOCTADECA-1,3,5,7,9,11,13,15,17-NONAENYLIDENE}-1,5,5-TRIMETHYLCYCLOHEXANE-1,3-DIOL
#
loop_
_entity_poly.entity_id
_entity_poly.type
_entity_poly.pdbx_seq_one_letter_code
_entity_poly.pdbx_strand_id
1 'polypeptide(L)'
;EVKIMVEKDPVKTSFEKWAKPGHFSRTLAKGPNTTTWIWNLHADAHDFDSHTNDLEEISRKVFSAHFGQLAVIFIWLSGM
YFHGARFSNYEAWLSDPTHIKPSAQVVWPIVGQKILNGDVGGGFQGIQITSGFFQLWRASGITSELQLYTTAIGGLIFAA
LMLFAGWFHYHKAAPKLAWFQNVESMLNHHLAGLLGLGSLAWAGHQVHVSLPINRLLDAGVDPKEIPLPHEFILNRDLLA
QLYPSFSKGLTPFFTLNWSEYSDFLTFRGGLNPVTGGLWLTDTAHHHLAIAVLFLVAGHMYRTNFGIGHSMKEILEAHKG
PFTGEGHKGLYEILTTSWHAQLAINLAMLGSLTIIVAHHMYAMPPYPYLATDYATQLSLFTHHMWIGGFLVVGAAAHAAI
FMVRDYDPTTQYNNLLDRVLRHRDAIISHLNWVCIFLGFHSFGLYIHNDTMSALGRPQDMFSDTAIQLQPVFAQWIQNTH
ALAPSLTAPNATASTSLTWGGGDLVAVGGKVALLPIPLGTADFLVHHIHAFTIHVTVLILLKGVLFARSSRLIPDKANLG
FRFPCDGPGRGGTCQVSAWDHVFLGLFWMYNAISVVIFHFSWKMQSDVWGSISDQGVVTHITGGNFAQSSITINGWLRDF
LWAQASQVIQSYGSSLSAYGLLFLGAHFVWAFSLMFLFSGRGYWQELIESIVWAHNKLKVAPAIQPRALSIVQGRAVGVA
HYLLGGIATTWAFFLARIISVG
;
A
2 'polypeptide(L)'
;ASRFPKFSRGLSQDPTTRRIWFGIATAHDFESHDDMTEERLYQKIFASHFGQLAIIFLWTSGNLFHVAWQGNFEAWGQDP
LHVRPIAHAIWDPHFGQPAVEAFTRGGASGPVNIAYSGVYQWWYTIGLRTNQDLYGGSIFLLFVSALFLIAGWLHLQPKW
KPSVSWFKNAESRLNHHLSGLFGVSSLAWTGHLVHVAIPESRGEHVRWNNLLTALPHPQGLGPFFAGQWNVYAQNPDSNS
HLFGTSEGAGTAILTFLGGFHPQTQSLWLTDMAHHHLAIAVIFIIAGHMYRTNFGIGHSMKEILEAHTPPGGRLGRGHKG
LYDTINNSLHFQLGLALASLGVITSLVAQHMYSLPPYAFLAQDFTTQAALYTHHQYIAGFIMTGAFAHGAIFFIRDYNPE
QNKDNVLARMLEHKEAIISHLSWASLFLGFHTLGLYVHNDVMLAFGTPEKQILIEPVFAQWIQSAHGKALYGFDVLLSSA
DSPAFNAGQTLWLPGWLDAINNNSNSLFLTIGPGDFLVHHAIALGLHTTTLILVKGALDARGSKLMPDKKEFGYSFPCDG
PGRGGTCDISAWDAFYLAVFWMLNTIGWVTFYWHWKHITLWQGNVAQFNESSTYLMGWLRDYLWLNSSQLINGYNPFGMN
SLSVWAWMFLFGHLVWATGFMFLISWRGYWQELIETLAWAHERTPLANLVRWKDKPVALSIVQARLVGLAHFSVGYIFTY
AAFLIASTSGKFG
;
B
3 'polypeptide(L)' AHSVKIYDTCIGCTQCVRACPTDVLEMVPWDGCKASQIASAPRTEDCVGCKRCESACPTDFLSVRVYLGAETTRSMGLAY C
4 'polypeptide(L)'
;TPPTLNADTPAPIFGGSTGGLLRKAQVEEFYVITWESPKEQIFEMPTGGAAIMRSGPNLLKLARKEQCLALGARLRTKFK
IQYQFYRVFPNGEVQYLHPKDGVYPEKVNAGRSPVGVNNRSIGKNANPAELKFAHKQAYDL
;
D
5 'polypeptide(L)' GPKRGSIVKVLRRESYWFNDTGKVVAVDQAPGVRYPVVVRFDKVNYAGVSTNNYSPDELEAA E
6 'polypeptide(L)'
;DVAGLTPCKESKGFAKREKQEIKKLESRLKLYAPDSAPALALNATIEKTKRRFAFYGNEGLLCGTDGLPHLIVDGDQAHL
GEFVYPGLVFLYIAGWIGWVGRAYLIDVRTSKKPTEKEIIIDVPLALRIMSKGLTWPVAAIGELRSGKLVEKSANITVS
;
F
7 'polypeptide(L)'
;EANTALTITLSTGALLFLGRFVFLPFQRDNVSRQGLPVQNGVTHFDAGDSRAQEVTSFLKTNDPAGFTIVDVLAWGALGH
AVGFFILATINNGYNPQF
;
G
8 'polypeptide(L)'
;KYGEKSVYFDLGEIDNTTGNWDLYGNDDPNRYNGFQNKFFETFAGAFTKRGLLLKFLVLGGATTIGYLGSTSSPDLLAIK
NGPKQVPVMGPRGRK
;
H
9 'polypeptide(L)' MTASYLPSIFVPLIGLVFPAITMASLFIYIEQDE I
10 'polypeptide(L)' MQDVKTYLSTAPVLATLWFGFLAGLLIEINRFFPDALVLPL J
11 'polypeptide(L)'
;YIGSSTNLIMVASTTLMLFAGRFGLAPSANRKSTAGLKLVDRDSGLQTGDPAGFTATDTLACGALGHVIGVGIVLGLKAT
A
;
K
12 'polypeptide(L)'
;EKYQVIEPLNGDPFIGGFETPVTSSPLIAWYLSNLPAYRTAVAPLLRGVEIGLAHGYLLVGPFVLTGPLRNSAVRGEAGS
LAAAGLVTILTMCLTIYGIASFKEGEPSKAPSLTLTGRQKDADKLQTAEGWASFTGGWFFGGLSGVAWAYILLYVLNLPY
PVK
;
L
13 'polypeptide(L)' MTSISDSQIIVALVSAFITGILALRLGKSLYQ M
14 'polypeptide(L)'
;FNRDWLRKDLSVIGFGLIGWLAPSSLPVINGNSLTGLFLGSIGPELAHFPTGPALTSPFWLWMVTWHVGLFIVLTLGQIG
FKGRQDGYW
;
O
15 'polypeptide(L)'
;EWLPGNPRPSYLDGSAPGDFGFDPLGLGEVPENLERFKESELIHARWAMLAIPGVLIPEALGYGNWVSAQKWAATPGGQA
TYLGNPVPWGNLPIILAVEFIAIAFVESQRNGESDPEKRKYPGGPFDPLGFSKGANLEELKLKEIKNGRLALVAFLGFVV
QAVAYPGTGPLENLKTHLADPWHNTIAHVLIP
;
1,5
16 'polypeptide(L)'
;NDRPLWFPGSKAPEWLDGSLPGDFGFDPLGLGSDPELLKWFVQAELVHCRWAMLGAAGIFIPEALTKAGILNTPSWNVAG
DQQYFADPTTLFVIELILFAWAEGRRWADIVNPGCVNVDPVFPNNKLTGTDVGYPGGLWFDPLGWGQTKDAKKLKELRTK
EIKNGRLAMLAVLGAVVQANYTHTGPIDNLLAHLADPGHNTIFALSNLVGK
;
2,6
17 'polypeptide(L)'
;FASKQSLSYLDGTLPGDYGFDPLGLMDPEGAGGFIDPQWLPYAEIINGRFAMLGAAGAIAPEVLGRIGLIPQETAIPWFQ
SGVIPPVGNYSYWADPYTLFVLEMALMGFAEHRRAQDYYKPGSMGKQYFLGLEKFLGGSGNPAYPGGPIFNFLGFGKNEK
ELQELKVKEVKNGRLAMMAVLGYFTQAIFTGVGPFQNLLDHLADPVHNNVLTNLKI
;
3,7
18 'polypeptide(L)'
;TDRPLWLPGSEAPKWLDGSLPGDYGFDPLDLAAEPGRLNWMVQAELVHCRWAMLGAAGIFIPELLTKIGILNTPSWYKAG
DATYFADQGTLFIVELLLMAWAESRRWADIARPGSVNTDPIFPNNKLTGTDVGYPGGLWFDPLGWGSGSEDKLKEIRTKE
VKNGRLAMLAVLGAFVQANVTHVGPIDNLFAHLADPYHTTILQSL
;
4,8
19 'polypeptide(L)'
;MTGIAEWYKVYGKSVAPDQDARAPYYGPNRPLWKGPFTKPKDVPEYLKGEYPGDYGCDIFKLARLPANYARLRTQELMNG
RWAMLGITGCLTPELINSNSTPGFEPVWFNTGAQIFSDAGIDYLGVPGFINAHSLFAVIVVQALLMGLAEYARIKFVPEG
ADPFYPGGKTFDPLGFSSDPEILAELKVKEIKNGRLAMMAMAGLFAQGAVTGVSPLQNLHDWLHL
;
9
20 'polypeptide(L)'
;RR(TPO)VKSTSDSIWYGADRPKYLGPFSGETPSYLTGEFAGDYGWDTAGLSSDPETFARNRELEVIHARWAMLGALGCL
TPELLAKSGVKFGEAVWFKAGAQIFSEGGLDYLGNPSLVHAQSILAIWASQVVLMGAVEGYRVAGGPLGEITDPIYPGGS
FDPLGLADDPDTFAELKVKEIKNGRLAMFSMFGFFVQAIVTGKGPLENLNDHLADPVANNAWAYATNFVPG
;
a,b,c
#
loop_
_chem_comp.id
_chem_comp.type
_chem_comp.name
_chem_comp.formula
BCR non-polymer BETA-CAROTENE 'C40 H56'
CHL non-polymer 'CHLOROPHYLL B' 'C55 H70 Mg N4 O6 2'
CLA non-polymer 'CHLOROPHYLL A' 'C55 H72 Mg N4 O5'
DGD saccharide 'DIGALACTOSYL DIACYL GLYCEROL (DGDG)' 'C51 H96 O15'
LHG non-polymer 1,2-DIPALMITOYL-PHOSPHATIDYL-GLYCEROLE 'C38 H75 O10 P'
LMG non-polymer 1,2-DISTEAROYL-MONOGALACTOSYL-DIGLYCERIDE 'C45 H86 O10'
LMU D-saccharide DODECYL-ALPHA-D-MALTOSIDE 'C24 H46 O11'
LUT non-polymer (3R,3'R,6S)-4,5-DIDEHYDRO-5,6-DIHYDRO-BETA,BETA-CAROTENE-3,3'-DIOL 'C40 H56 O2'
NEX non-polymer (1R,3R)-6-{(3E,5E,7E,9E,11E,13E,15E,17E)-18-[(1S,4R,6R)-4-HYDROXY-2,2,6-TRIMETHYL-7-OXABICYCLO[4.1.0]HEPT-1-YL]-3,7,12,16-TETRAMETHYLOCTADECA-1,3,5,7,9,11,13,15,17-NONAENYLIDENE}-1,5,5-TRIMETHYLCYCLOHEXANE-1,3-DIOL 'C40 H56 O4'
PQN non-polymer PHYLLOQUINONE 'C31 H46 O2'
SF4 non-polymer 'IRON/SULFUR CLUSTER' 'Fe4 S4'
XAT non-polymer '(3S,5R,6S,3'S,5'R,6'S)-5,6,5',6'-DIEPOXY-5,6,5',6'- TETRAHYDRO-BETA,BETA-CAROTENE-3,3'-DIOL' 'C40 H56 O4'
#
# COMPACT_ATOMS: atom_id res chain seq x y z
N GLU A 1 13.30 -7.48 23.77
CA GLU A 1 12.07 -7.80 23.07
C GLU A 1 12.30 -7.96 21.58
N VAL A 2 12.80 -6.91 20.94
CA VAL A 2 13.06 -6.92 19.50
C VAL A 2 14.47 -7.43 19.27
N LYS A 3 14.59 -8.57 18.60
CA LYS A 3 15.89 -9.17 18.35
C LYS A 3 15.78 -10.13 17.18
N ILE A 4 16.94 -10.52 16.66
CA ILE A 4 17.02 -11.45 15.54
C ILE A 4 16.87 -12.87 16.05
N MET A 5 15.89 -13.60 15.53
CA MET A 5 15.62 -14.98 15.92
C MET A 5 15.44 -15.81 14.67
N VAL A 6 16.34 -16.78 14.46
CA VAL A 6 16.32 -17.62 13.27
C VAL A 6 16.54 -19.07 13.68
N GLU A 7 16.26 -19.98 12.75
CA GLU A 7 16.47 -21.40 12.93
C GLU A 7 17.44 -21.89 11.86
N LYS A 8 18.40 -22.72 12.28
CA LYS A 8 19.44 -23.21 11.38
C LYS A 8 18.99 -24.46 10.63
N ASP A 9 19.13 -24.42 9.32
CA ASP A 9 18.84 -25.55 8.44
C ASP A 9 17.47 -26.17 8.68
N PRO A 10 16.39 -25.41 8.50
CA PRO A 10 15.05 -26.01 8.73
C PRO A 10 14.64 -26.96 7.64
N VAL A 11 14.86 -26.62 6.37
CA VAL A 11 14.42 -27.43 5.24
C VAL A 11 15.64 -27.82 4.42
N LYS A 12 15.79 -29.12 4.17
CA LYS A 12 16.93 -29.62 3.43
C LYS A 12 16.73 -29.42 1.93
N THR A 13 17.80 -29.06 1.24
CA THR A 13 17.75 -28.72 -0.18
C THR A 13 17.91 -30.00 -1.00
N SER A 14 16.85 -30.40 -1.69
CA SER A 14 16.87 -31.62 -2.49
C SER A 14 15.84 -31.53 -3.59
N PHE A 15 16.01 -32.37 -4.60
CA PHE A 15 15.10 -32.44 -5.75
C PHE A 15 14.03 -33.50 -5.58
N GLU A 16 13.94 -34.12 -4.41
CA GLU A 16 13.00 -35.22 -4.21
C GLU A 16 11.55 -34.75 -4.36
N LYS A 17 11.22 -33.60 -3.79
CA LYS A 17 9.85 -33.10 -3.86
C LYS A 17 9.52 -32.52 -5.22
N TRP A 18 10.53 -32.21 -6.05
CA TRP A 18 10.26 -31.79 -7.42
C TRP A 18 9.63 -32.90 -8.24
N ALA A 19 9.85 -34.16 -7.85
CA ALA A 19 9.24 -35.31 -8.52
C ALA A 19 7.93 -35.74 -7.88
N LYS A 20 7.50 -35.07 -6.82
CA LYS A 20 6.20 -35.30 -6.19
C LYS A 20 5.34 -34.07 -6.47
N PRO A 21 4.56 -34.07 -7.56
CA PRO A 21 3.90 -32.83 -7.98
C PRO A 21 3.01 -32.18 -6.93
N GLY A 22 2.25 -32.94 -6.16
CA GLY A 22 1.34 -32.36 -5.21
C GLY A 22 1.77 -32.52 -3.77
N HIS A 23 3.07 -32.36 -3.51
CA HIS A 23 3.61 -32.65 -2.18
C HIS A 23 3.05 -31.72 -1.12
N PHE A 24 2.77 -30.46 -1.47
CA PHE A 24 2.39 -29.48 -0.47
C PHE A 24 1.03 -29.75 0.14
N SER A 25 0.16 -30.50 -0.55
CA SER A 25 -1.17 -30.81 -0.07
C SER A 25 -1.26 -32.28 0.29
N ARG A 26 -1.95 -32.57 1.39
CA ARG A 26 -2.07 -33.95 1.85
C ARG A 26 -3.03 -34.77 0.99
N THR A 27 -3.98 -34.12 0.32
CA THR A 27 -4.88 -34.82 -0.58
C THR A 27 -4.36 -34.90 -2.01
N LEU A 28 -3.64 -33.88 -2.47
CA LEU A 28 -3.09 -33.90 -3.82
C LEU A 28 -1.87 -34.80 -3.95
N ALA A 29 -1.20 -35.10 -2.83
CA ALA A 29 0.03 -35.89 -2.89
C ALA A 29 -0.22 -37.33 -3.33
N LYS A 30 -1.44 -37.84 -3.19
CA LYS A 30 -1.74 -39.22 -3.53
C LYS A 30 -1.77 -39.47 -5.03
N GLY A 31 -1.72 -38.43 -5.84
CA GLY A 31 -1.73 -38.58 -7.28
C GLY A 31 -3.09 -38.34 -7.88
N PRO A 32 -3.17 -38.31 -9.21
CA PRO A 32 -4.42 -38.00 -9.89
C PRO A 32 -5.27 -39.22 -10.21
N ASN A 33 -6.59 -39.03 -10.12
CA ASN A 33 -7.57 -39.97 -10.63
C ASN A 33 -8.40 -39.41 -11.76
N THR A 34 -8.68 -38.11 -11.75
CA THR A 34 -9.40 -37.43 -12.81
C THR A 34 -8.61 -36.19 -13.21
N THR A 35 -9.06 -35.54 -14.30
CA THR A 35 -8.37 -34.34 -14.75
C THR A 35 -8.56 -33.16 -13.82
N THR A 36 -9.46 -33.26 -12.84
CA THR A 36 -9.61 -32.20 -11.84
C THR A 36 -8.36 -32.02 -11.01
N TRP A 37 -7.55 -33.07 -10.89
CA TRP A 37 -6.35 -33.02 -10.06
C TRP A 37 -5.36 -31.99 -10.58
N ILE A 38 -5.22 -31.89 -11.91
CA ILE A 38 -4.26 -30.94 -12.49
C ILE A 38 -4.66 -29.51 -12.15
N TRP A 39 -5.93 -29.19 -12.34
CA TRP A 39 -6.41 -27.85 -12.02
C TRP A 39 -6.29 -27.55 -10.54
N ASN A 40 -6.60 -28.53 -9.70
CA ASN A 40 -6.46 -28.33 -8.25
C ASN A 40 -5.00 -28.12 -7.87
N LEU A 41 -4.09 -28.81 -8.54
CA LEU A 41 -2.66 -28.64 -8.27
C LEU A 41 -2.19 -27.25 -8.63
N HIS A 42 -2.54 -26.78 -9.84
CA HIS A 42 -2.10 -25.45 -10.24
C HIS A 42 -2.89 -24.34 -9.56
N ALA A 43 -4.00 -24.65 -8.90
CA ALA A 43 -4.82 -23.64 -8.23
C ALA A 43 -4.46 -23.45 -6.76
N ASP A 44 -3.99 -24.48 -6.08
CA ASP A 44 -3.68 -24.42 -4.66
C ASP A 44 -2.19 -24.27 -4.38
N ALA A 45 -1.40 -23.96 -5.40
CA ALA A 45 0.06 -23.99 -5.26
C ALA A 45 0.55 -22.97 -4.25
N HIS A 46 0.15 -21.71 -4.42
CA HIS A 46 0.68 -20.62 -3.61
C HIS A 46 -0.29 -20.18 -2.51
N ASP A 47 -1.22 -21.06 -2.13
CA ASP A 47 -2.16 -20.78 -1.04
C ASP A 47 -1.63 -21.46 0.21
N PHE A 48 -0.64 -20.82 0.84
CA PHE A 48 0.14 -21.47 1.88
C PHE A 48 -0.69 -21.80 3.12
N ASP A 49 -1.58 -20.89 3.52
CA ASP A 49 -2.28 -21.07 4.78
C ASP A 49 -3.30 -22.21 4.75
N SER A 50 -3.63 -22.74 3.57
CA SER A 50 -4.51 -23.90 3.50
C SER A 50 -3.77 -25.22 3.66
N HIS A 51 -2.44 -25.21 3.56
CA HIS A 51 -1.67 -26.44 3.68
C HIS A 51 -1.39 -26.78 5.14
N THR A 52 -0.85 -25.82 5.89
CA THR A 52 -0.47 -26.01 7.28
C THR A 52 -1.31 -25.12 8.18
N ASN A 53 -1.11 -25.27 9.49
CA ASN A 53 -1.87 -24.52 10.47
C ASN A 53 -1.01 -23.64 11.37
N ASP A 54 0.31 -23.68 11.24
CA ASP A 54 1.20 -22.86 12.06
C ASP A 54 1.69 -21.66 11.28
N LEU A 55 1.66 -20.49 11.93
CA LEU A 55 1.99 -19.23 11.27
C LEU A 55 3.46 -19.13 10.88
N GLU A 56 4.33 -19.91 11.52
CA GLU A 56 5.76 -19.79 11.27
C GLU A 56 6.11 -20.21 9.85
N GLU A 57 5.63 -21.38 9.43
CA GLU A 57 5.93 -21.86 8.08
C GLU A 57 5.31 -20.95 7.03
N ILE A 58 4.09 -20.48 7.27
CA ILE A 58 3.45 -19.56 6.34
C ILE A 58 4.28 -18.30 6.17
N SER A 59 4.75 -17.74 7.30
CA SER A 59 5.53 -16.51 7.23
C SER A 59 6.84 -16.72 6.47
N ARG A 60 7.51 -17.84 6.73
CA ARG A 60 8.77 -18.12 6.03
C ARG A 60 8.54 -18.29 4.53
N LYS A 61 7.48 -18.99 4.15
CA LYS A 61 7.16 -19.17 2.74
C LYS A 61 6.86 -17.83 2.08
N VAL A 62 6.12 -16.97 2.77
CA VAL A 62 5.79 -15.66 2.22
C VAL A 62 7.06 -14.84 2.00
N PHE A 63 7.96 -14.86 2.98
CA PHE A 63 9.22 -14.12 2.85
C PHE A 63 10.02 -14.59 1.64
N SER A 64 10.18 -15.91 1.49
CA SER A 64 10.97 -16.42 0.37
C SER A 64 10.31 -16.14 -0.97
N ALA A 65 8.98 -16.28 -1.05
CA ALA A 65 8.28 -15.99 -2.30
C ALA A 65 8.39 -14.53 -2.69
N HIS A 66 8.38 -13.63 -1.70
CA HIS A 66 8.56 -12.22 -2.01
C HIS A 66 9.98 -11.95 -2.53
N PHE A 67 10.97 -12.67 -1.98
CA PHE A 67 12.31 -12.60 -2.56
C PHE A 67 12.30 -13.05 -4.02
N GLY A 68 11.58 -14.12 -4.33
CA GLY A 68 11.51 -14.59 -5.70
C GLY A 68 10.88 -13.57 -6.65
N GLN A 69 9.79 -12.95 -6.22
CA GLN A 69 9.17 -11.92 -7.06
C GLN A 69 10.11 -10.74 -7.26
N LEU A 70 10.87 -10.38 -6.24
CA LEU A 70 11.88 -9.32 -6.41
C LEU A 70 12.92 -9.70 -7.45
N ALA A 71 13.37 -10.96 -7.43
CA ALA A 71 14.33 -11.42 -8.43
C ALA A 71 13.75 -11.34 -9.84
N VAL A 72 12.48 -11.72 -9.99
CA VAL A 72 11.83 -11.64 -11.30
C VAL A 72 11.76 -10.19 -11.77
N ILE A 73 11.42 -9.27 -10.88
CA ILE A 73 11.36 -7.86 -11.26
C ILE A 73 12.72 -7.35 -11.67
N PHE A 74 13.78 -7.80 -10.98
CA PHE A 74 15.12 -7.38 -11.36
C PHE A 74 15.50 -7.90 -12.74
N ILE A 75 15.12 -9.15 -13.05
CA ILE A 75 15.37 -9.68 -14.39
C ILE A 75 14.64 -8.83 -15.43
N TRP A 76 13.40 -8.44 -15.14
CA TRP A 76 12.63 -7.62 -16.07
C TRP A 76 13.29 -6.26 -16.31
N LEU A 77 13.74 -5.61 -15.24
CA LEU A 77 14.41 -4.31 -15.38
C LEU A 77 15.70 -4.44 -16.16
N SER A 78 16.49 -5.48 -15.87
CA SER A 78 17.73 -5.70 -16.61
C SER A 78 17.44 -5.93 -18.09
N GLY A 79 16.37 -6.68 -18.39
CA GLY A 79 16.01 -6.89 -19.78
C GLY A 79 15.65 -5.60 -20.49
N MET A 80 14.87 -4.74 -19.83
CA MET A 80 14.53 -3.46 -20.43
C MET A 80 15.78 -2.64 -20.72
N TYR A 81 16.69 -2.57 -19.75
CA TYR A 81 17.90 -1.76 -19.93
C TYR A 81 18.79 -2.33 -21.03
N PHE A 82 18.96 -3.65 -21.08
CA PHE A 82 19.79 -4.25 -22.11
C PHE A 82 19.18 -4.05 -23.49
N HIS A 83 17.88 -4.28 -23.63
CA HIS A 83 17.23 -4.14 -24.92
C HIS A 83 17.24 -2.69 -25.39
N GLY A 84 17.28 -1.74 -24.44
CA GLY A 84 17.49 -0.35 -24.81
C GLY A 84 18.93 -0.01 -25.14
N ALA A 85 19.89 -0.74 -24.57
CA ALA A 85 21.28 -0.51 -24.87
C ALA A 85 21.70 -1.05 -26.23
N ARG A 86 21.12 -2.18 -26.66
CA ARG A 86 21.55 -2.83 -27.90
C ARG A 86 20.57 -2.72 -29.06
N PHE A 87 19.28 -2.60 -28.82
CA PHE A 87 18.29 -2.65 -29.89
C PHE A 87 17.43 -1.39 -29.90
N SER A 88 18.06 -0.23 -29.76
CA SER A 88 17.31 1.01 -29.67
C SER A 88 18.04 2.12 -30.43
N ASN A 89 17.32 3.21 -30.64
CA ASN A 89 17.86 4.43 -31.25
C ASN A 89 17.93 5.55 -30.21
N TYR A 90 18.34 5.21 -28.99
CA TYR A 90 18.28 6.17 -27.88
C TYR A 90 19.21 7.35 -28.12
N GLU A 91 20.37 7.13 -28.73
CA GLU A 91 21.30 8.23 -28.96
C GLU A 91 20.79 9.18 -30.03
N ALA A 92 20.29 8.63 -31.15
CA ALA A 92 19.69 9.47 -32.18
C ALA A 92 18.50 10.24 -31.64
N TRP A 93 17.70 9.59 -30.79
CA TRP A 93 16.60 10.30 -30.13
C TRP A 93 17.11 11.40 -29.23
N LEU A 94 18.20 11.15 -28.51
CA LEU A 94 18.81 12.19 -27.68
C LEU A 94 19.17 13.40 -28.50
N SER A 95 19.70 13.19 -29.71
CA SER A 95 20.04 14.32 -30.57
C SER A 95 18.81 15.13 -30.95
N ASP A 96 17.73 14.46 -31.34
CA ASP A 96 16.53 15.10 -31.86
C ASP A 96 15.29 14.52 -31.20
N PRO A 97 14.95 14.97 -29.99
CA PRO A 97 13.84 14.33 -29.25
C PRO A 97 12.48 14.52 -29.90
N THR A 98 12.29 15.58 -30.68
CA THR A 98 10.96 15.94 -31.16
C THR A 98 10.61 15.34 -32.51
N HIS A 99 11.55 14.65 -33.17
CA HIS A 99 11.27 14.03 -34.46
C HIS A 99 11.54 12.54 -34.50
N ILE A 100 12.42 12.02 -33.66
CA ILE A 100 12.73 10.59 -33.64
C ILE A 100 11.73 9.88 -32.74
N LYS A 101 11.07 8.87 -33.28
CA LYS A 101 10.16 8.06 -32.47
C LYS A 101 10.96 7.05 -31.67
N PRO A 102 10.74 6.95 -30.36
CA PRO A 102 11.45 5.94 -29.56
C PRO A 102 11.14 4.53 -30.05
N SER A 103 12.16 3.68 -30.02
CA SER A 103 12.01 2.29 -30.45
C SER A 103 13.07 1.45 -29.76
N ALA A 104 12.64 0.32 -29.18
CA ALA A 104 13.58 -0.54 -28.47
C ALA A 104 13.34 -2.02 -28.73
N GLN A 105 12.47 -2.38 -29.67
CA GLN A 105 12.21 -3.79 -30.00
C GLN A 105 12.38 -3.96 -31.50
N VAL A 106 13.15 -4.99 -31.89
CA VAL A 106 13.42 -5.29 -33.28
C VAL A 106 13.03 -6.74 -33.54
N VAL A 107 12.34 -6.97 -34.65
CA VAL A 107 11.85 -8.32 -34.98
C VAL A 107 12.75 -8.91 -36.05
N TRP A 108 12.84 -10.24 -36.04
CA TRP A 108 13.63 -10.99 -37.00
C TRP A 108 12.88 -11.14 -38.33
N PRO A 109 13.62 -11.25 -39.44
CA PRO A 109 12.96 -11.55 -40.72
C PRO A 109 12.67 -13.03 -40.88
N ILE A 110 11.40 -13.44 -40.73
CA ILE A 110 11.10 -14.86 -40.88
C ILE A 110 9.93 -15.13 -41.83
N VAL A 111 8.75 -14.57 -41.54
CA VAL A 111 7.56 -14.95 -42.28
C VAL A 111 6.84 -13.71 -42.81
N GLY A 112 7.60 -12.67 -43.10
CA GLY A 112 7.02 -11.39 -43.44
C GLY A 112 6.93 -10.42 -42.29
N GLN A 113 7.45 -10.78 -41.12
CA GLN A 113 7.51 -9.89 -39.96
C GLN A 113 8.23 -8.58 -40.25
N LYS A 114 8.92 -8.48 -41.39
CA LYS A 114 9.68 -7.28 -41.72
C LYS A 114 8.83 -6.02 -41.64
N ILE A 115 7.55 -6.12 -42.00
CA ILE A 115 6.70 -4.95 -42.10
C ILE A 115 6.49 -4.29 -40.75
N LEU A 116 6.71 -5.02 -39.64
CA LEU A 116 6.55 -4.44 -38.32
C LEU A 116 7.71 -3.52 -37.94
N ASN A 117 8.86 -3.66 -38.57
CA ASN A 117 10.00 -2.77 -38.34
C ASN A 117 9.72 -1.46 -39.05
N GLY A 118 9.16 -0.50 -38.32
CA GLY A 118 8.78 0.77 -38.90
C GLY A 118 9.91 1.76 -38.96
N ASP A 119 9.68 2.84 -39.70
CA ASP A 119 10.67 3.90 -39.89
C ASP A 119 10.49 4.94 -38.79
N VAL A 120 11.06 4.62 -37.62
CA VAL A 120 10.93 5.50 -36.46
C VAL A 120 11.86 6.69 -36.49
N GLY A 121 12.88 6.67 -37.35
CA GLY A 121 13.82 7.76 -37.46
C GLY A 121 15.17 7.42 -36.87
N GLY A 122 16.15 8.25 -37.21
CA GLY A 122 17.51 8.04 -36.75
C GLY A 122 18.24 6.92 -37.44
N GLY A 123 17.86 6.60 -38.68
CA GLY A 123 18.47 5.48 -39.37
C GLY A 123 18.21 4.16 -38.69
N PHE A 124 17.03 4.00 -38.11
CA PHE A 124 16.69 2.83 -37.30
C PHE A 124 15.35 2.28 -37.72
N GLN A 125 15.20 0.97 -37.62
CA GLN A 125 13.95 0.29 -37.91
C GLN A 125 13.57 -0.59 -36.73
N GLY A 126 12.39 -0.37 -36.18
CA GLY A 126 11.94 -1.18 -35.06
C GLY A 126 10.56 -0.76 -34.63
N ILE A 127 10.07 -1.45 -33.60
CA ILE A 127 8.75 -1.19 -33.05
C ILE A 127 8.80 0.05 -32.17
N GLN A 128 7.89 0.98 -32.40
CA GLN A 128 7.80 2.16 -31.56
C GLN A 128 7.26 1.77 -30.19
N ILE A 129 7.92 2.25 -29.14
CA ILE A 129 7.57 1.88 -27.77
C ILE A 129 6.88 3.06 -27.10
N THR A 130 6.01 2.75 -26.13
CA THR A 130 5.24 3.76 -25.42
C THR A 130 5.42 3.66 -23.91
N SER A 131 6.47 2.97 -23.45
CA SER A 131 6.70 2.81 -22.02
C SER A 131 7.32 4.04 -21.37
N GLY A 132 7.83 4.97 -22.17
CA GLY A 132 8.43 6.16 -21.61
C GLY A 132 9.79 5.98 -20.99
N PHE A 133 10.52 4.94 -21.38
CA PHE A 133 11.85 4.72 -20.81
C PHE A 133 12.87 5.73 -21.32
N PHE A 134 12.72 6.19 -22.56
CA PHE A 134 13.66 7.17 -23.08
C PHE A 134 13.61 8.46 -22.28
N GLN A 135 12.41 8.92 -21.94
CA GLN A 135 12.27 10.14 -21.15
C GLN A 135 12.85 9.97 -19.75
N LEU A 136 12.62 8.82 -19.13
CA LEU A 136 13.17 8.56 -17.81
C LEU A 136 14.69 8.53 -17.84
N TRP A 137 15.27 7.87 -18.86
CA TRP A 137 16.71 7.82 -18.97
C TRP A 137 17.31 9.19 -19.23
N ARG A 138 16.65 10.01 -20.04
CA ARG A 138 17.12 11.37 -20.27
C ARG A 138 17.05 12.20 -19.00
N ALA A 139 15.99 12.04 -18.22
CA ALA A 139 15.89 12.76 -16.95
C ALA A 139 16.95 12.29 -15.96
N SER A 140 17.35 11.02 -16.04
CA SER A 140 18.42 10.52 -15.18
C SER A 140 19.81 10.99 -15.61
N GLY A 141 19.95 11.54 -16.81
CA GLY A 141 21.22 12.01 -17.29
C GLY A 141 22.03 11.02 -18.10
N ILE A 142 21.41 9.94 -18.56
CA ILE A 142 22.12 8.92 -19.33
C ILE A 142 22.29 9.39 -20.77
N THR A 143 23.52 9.35 -21.27
CA THR A 143 23.82 9.84 -22.61
C THR A 143 24.57 8.84 -23.48
N SER A 144 24.69 7.58 -23.05
CA SER A 144 25.41 6.60 -23.84
C SER A 144 24.84 5.21 -23.58
N GLU A 145 25.11 4.28 -24.49
CA GLU A 145 24.69 2.90 -24.33
C GLU A 145 25.54 2.15 -23.32
N LEU A 146 26.76 2.62 -23.04
CA LEU A 146 27.62 1.95 -22.07
C LEU A 146 27.01 2.01 -20.67
N GLN A 147 26.43 3.15 -20.31
CA GLN A 147 25.79 3.28 -19.01
C GLN A 147 24.58 2.35 -18.89
N LEU A 148 23.80 2.23 -19.96
CA LEU A 148 22.66 1.32 -19.95
C LEU A 148 23.11 -0.13 -19.84
N TYR A 149 24.18 -0.50 -20.54
CA TYR A 149 24.71 -1.85 -20.43
C TYR A 149 25.21 -2.15 -19.02
N THR A 150 25.88 -1.18 -18.40
CA THR A 150 26.32 -1.35 -17.02
C THR A 150 25.14 -1.53 -16.09
N THR A 151 24.07 -0.75 -16.29
CA THR A 151 22.88 -0.90 -15.46
C THR A 151 22.25 -2.28 -15.66
N ALA A 152 22.24 -2.78 -16.89
CA ALA A 152 21.69 -4.12 -17.14
C ALA A 152 22.50 -5.19 -16.41
N ILE A 153 23.83 -5.09 -16.46
CA ILE A 153 24.67 -6.06 -15.75
C ILE A 153 24.41 -6.00 -14.25
N GLY A 154 24.31 -4.78 -13.71
CA GLY A 154 23.99 -4.64 -12.30
C GLY A 154 22.65 -5.23 -11.94
N GLY A 155 21.66 -5.06 -12.81
CA GLY A 155 20.36 -5.66 -12.57
C GLY A 155 20.41 -7.18 -12.54
N LEU A 156 21.18 -7.77 -13.44
CA LEU A 156 21.34 -9.23 -13.42
C LEU A 156 22.01 -9.69 -12.13
N ILE A 157 23.04 -8.96 -11.68
CA ILE A 157 23.71 -9.30 -10.43
C ILE A 157 22.73 -9.22 -9.26
N PHE A 158 21.89 -8.20 -9.25
CA PHE A 158 20.90 -8.05 -8.18
C PHE A 158 19.87 -9.17 -8.23
N ALA A 159 19.49 -9.60 -9.43
CA ALA A 159 18.56 -10.73 -9.53
C ALA A 159 19.17 -11.99 -8.93
N ALA A 160 20.46 -12.24 -9.22
CA ALA A 160 21.14 -13.38 -8.61
C ALA A 160 21.18 -13.25 -7.09
N LEU A 161 21.43 -12.03 -6.59
CA LEU A 161 21.48 -11.81 -5.16
C LEU A 161 20.12 -12.09 -4.51
N MET A 162 19.03 -11.65 -5.13
CA MET A 162 17.70 -11.92 -4.58
C MET A 162 17.39 -13.41 -4.59
N LEU A 163 17.77 -14.11 -5.65
CA LEU A 163 17.55 -15.56 -5.69
C LEU A 163 18.31 -16.24 -4.55
N PHE A 164 19.58 -15.87 -4.35
CA PHE A 164 20.36 -16.46 -3.27
C PHE A 164 19.75 -16.13 -1.91
N ALA A 165 19.26 -14.91 -1.74
CA ALA A 165 18.66 -14.52 -0.46
C ALA A 165 17.42 -15.33 -0.17
N GLY A 166 16.58 -15.55 -1.18
CA GLY A 166 15.40 -16.38 -0.99
C GLY A 166 15.77 -17.81 -0.59
N TRP A 167 16.73 -18.40 -1.32
CA TRP A 167 17.16 -19.74 -0.94
C TRP A 167 17.73 -19.76 0.47
N PHE A 168 18.55 -18.77 0.81
CA PHE A 168 19.16 -18.72 2.13
C PHE A 168 18.11 -18.69 3.22
N HIS A 169 17.16 -17.76 3.09
CA HIS A 169 16.20 -17.54 4.17
C HIS A 169 15.08 -18.57 4.20
N TYR A 170 14.95 -19.41 3.18
CA TYR A 170 14.05 -20.54 3.39
C TYR A 170 14.79 -21.81 3.79
N HIS A 171 15.79 -22.23 3.00
CA HIS A 171 16.38 -23.53 3.17
C HIS A 171 17.54 -23.55 4.18
N LYS A 172 18.08 -22.40 4.58
CA LYS A 172 19.26 -22.38 5.45
C LYS A 172 19.02 -21.70 6.79
N ALA A 173 18.54 -20.45 6.81
CA ALA A 173 18.38 -19.68 8.05
C ALA A 173 17.02 -19.00 8.03
N ALA A 174 16.01 -19.70 8.54
CA ALA A 174 14.63 -19.21 8.49
C ALA A 174 14.29 -18.43 9.76
N PRO A 175 13.78 -17.22 9.64
CA PRO A 175 13.39 -16.45 10.84
C PRO A 175 12.23 -17.11 11.56
N LYS A 176 12.18 -16.89 12.87
CA LYS A 176 11.11 -17.44 13.70
C LYS A 176 9.89 -16.53 13.66
N LEU A 177 8.79 -17.02 14.24
CA LEU A 177 7.53 -16.29 14.20
C LEU A 177 7.63 -14.98 14.98
N ALA A 178 8.38 -14.97 16.08
CA ALA A 178 8.54 -13.74 16.85
C ALA A 178 9.27 -12.67 16.07
N TRP A 179 10.04 -13.04 15.05
CA TRP A 179 10.72 -12.04 14.22
C TRP A 179 9.74 -11.30 13.32
N PHE A 180 8.75 -12.02 12.77
CA PHE A 180 7.81 -11.39 11.84
C PHE A 180 6.81 -10.48 12.53
N GLN A 181 6.60 -10.67 13.83
CA GLN A 181 5.58 -9.94 14.56
C GLN A 181 6.08 -8.64 15.18
N ASN A 182 7.30 -8.22 14.83
CA ASN A 182 7.84 -6.95 15.29
C ASN A 182 7.39 -5.83 14.34
N VAL A 183 6.10 -5.51 14.45
CA VAL A 183 5.51 -4.55 13.51
C VAL A 183 6.03 -3.14 13.79
N GLU A 184 6.29 -2.81 15.05
CA GLU A 184 6.85 -1.50 15.37
C GLU A 184 8.24 -1.35 14.76
N SER A 185 9.10 -2.36 14.94
CA SER A 185 10.44 -2.29 14.36
C SER A 185 10.38 -2.33 12.84
N MET A 186 9.46 -3.12 12.27
CA MET A 186 9.35 -3.17 10.82
C MET A 186 8.94 -1.81 10.26
N LEU A 187 7.95 -1.16 10.89
CA LEU A 187 7.55 0.17 10.42
C LEU A 187 8.67 1.18 10.59
N ASN A 188 9.36 1.15 11.73
CA ASN A 188 10.47 2.08 11.92
C ASN A 188 11.53 1.90 10.82
N HIS A 189 12.00 0.67 10.64
CA HIS A 189 13.07 0.43 9.68
C HIS A 189 12.62 0.74 8.26
N HIS A 190 11.45 0.26 7.85
CA HIS A 190 11.01 0.51 6.48
C HIS A 190 10.75 1.99 6.25
N LEU A 191 9.96 2.62 7.12
CA LEU A 191 9.59 4.03 6.94
C LEU A 191 10.81 4.94 6.96
N ALA A 192 11.79 4.66 7.81
CA ALA A 192 12.98 5.51 7.83
C ALA A 192 13.92 5.12 6.69
N GLY A 193 14.50 3.93 6.74
CA GLY A 193 15.44 3.53 5.73
C GLY A 193 14.85 3.51 4.33
N LEU A 194 13.95 2.57 4.05
CA LEU A 194 13.54 2.31 2.67
C LEU A 194 13.01 3.56 2.00
N LEU A 195 12.27 4.40 2.72
CA LEU A 195 11.68 5.58 2.11
C LEU A 195 12.59 6.80 2.24
N GLY A 196 12.92 7.21 3.47
CA GLY A 196 13.69 8.43 3.64
C GLY A 196 15.10 8.33 3.06
N LEU A 197 15.81 7.23 3.33
CA LEU A 197 17.15 7.10 2.81
C LEU A 197 17.16 6.95 1.30
N GLY A 198 16.17 6.23 0.75
CA GLY A 198 16.06 6.12 -0.69
C GLY A 198 15.79 7.46 -1.36
N SER A 199 14.89 8.25 -0.78
CA SER A 199 14.60 9.57 -1.32
C SER A 199 15.80 10.50 -1.18
N LEU A 200 16.53 10.41 -0.07
CA LEU A 200 17.73 11.21 0.10
C LEU A 200 18.80 10.82 -0.91
N ALA A 201 18.96 9.53 -1.17
CA ALA A 201 19.92 9.08 -2.16
C ALA A 201 19.55 9.55 -3.55
N TRP A 202 18.26 9.49 -3.89
CA TRP A 202 17.84 9.98 -5.20
C TRP A 202 18.01 11.50 -5.31
N ALA A 203 17.76 12.22 -4.23
CA ALA A 203 18.00 13.66 -4.24
C ALA A 203 19.48 13.96 -4.43
N GLY A 204 20.34 13.17 -3.80
CA GLY A 204 21.77 13.33 -4.02
C GLY A 204 22.16 13.07 -5.46
N HIS A 205 21.63 12.00 -6.06
CA HIS A 205 21.91 11.74 -7.46
C HIS A 205 21.44 12.90 -8.33
N GLN A 206 20.23 13.39 -8.09
CA GLN A 206 19.72 14.49 -8.90
C GLN A 206 20.63 15.70 -8.80
N VAL A 207 20.92 16.15 -7.57
CA VAL A 207 21.70 17.36 -7.35
C VAL A 207 23.10 17.21 -7.96
N HIS A 208 23.73 16.05 -7.78
CA HIS A 208 25.13 15.92 -8.17
C HIS A 208 25.33 15.45 -9.60
N VAL A 209 24.29 14.92 -10.27
CA VAL A 209 24.46 14.38 -11.62
C VAL A 209 23.45 14.97 -12.60
N SER A 210 22.16 14.91 -12.25
CA SER A 210 21.12 15.15 -13.24
C SER A 210 20.95 16.64 -13.55
N LEU A 211 21.09 17.49 -12.53
CA LEU A 211 20.91 18.92 -12.75
C LEU A 211 21.90 19.49 -13.77
N PRO A 212 23.22 19.24 -13.67
CA PRO A 212 24.13 19.81 -14.68
C PRO A 212 23.93 19.22 -16.07
N ILE A 213 23.74 17.91 -16.17
CA ILE A 213 23.64 17.28 -17.48
C ILE A 213 22.38 17.75 -18.21
N ASN A 214 21.26 17.76 -17.51
CA ASN A 214 20.02 18.24 -18.14
C ASN A 214 20.07 19.74 -18.39
N ARG A 215 20.77 20.51 -17.54
CA ARG A 215 20.92 21.93 -17.81
C ARG A 215 21.69 22.14 -19.11
N LEU A 216 22.78 21.40 -19.30
CA LEU A 216 23.54 21.49 -20.55
C LEU A 216 22.71 21.03 -21.75
N LEU A 217 21.94 19.95 -21.58
CA LEU A 217 21.11 19.47 -22.68
C LEU A 217 20.05 20.50 -23.07
N ASP A 218 19.41 21.13 -22.08
CA ASP A 218 18.42 22.15 -22.37
C ASP A 218 19.04 23.39 -22.99
N ALA A 219 20.28 23.71 -22.60
CA ALA A 219 20.95 24.86 -23.20
C ALA A 219 21.15 24.67 -24.70
N GLY A 220 21.56 23.47 -25.11
CA GLY A 220 21.75 23.19 -26.52
C GLY A 220 23.05 22.49 -26.83
N VAL A 221 23.79 22.10 -25.79
CA VAL A 221 25.06 21.42 -25.98
C VAL A 221 24.81 20.03 -26.54
N ASP A 222 25.61 19.64 -27.54
CA ASP A 222 25.46 18.34 -28.15
C ASP A 222 25.72 17.24 -27.12
N PRO A 223 24.95 16.16 -27.14
CA PRO A 223 25.12 15.11 -26.11
C PRO A 223 26.51 14.52 -26.08
N LYS A 224 27.19 14.40 -27.22
CA LYS A 224 28.52 13.82 -27.24
C LYS A 224 29.56 14.71 -26.59
N GLU A 225 29.28 16.01 -26.48
CA GLU A 225 30.24 16.97 -25.95
C GLU A 225 30.05 17.24 -24.46
N ILE A 226 29.01 16.71 -23.85
CA ILE A 226 28.74 16.96 -22.44
C ILE A 226 29.71 16.13 -21.59
N PRO A 227 30.33 16.71 -20.57
CA PRO A 227 31.23 15.94 -19.71
C PRO A 227 30.49 14.86 -18.95
N LEU A 228 31.22 13.80 -18.61
CA LEU A 228 30.66 12.66 -17.93
C LEU A 228 30.27 13.02 -16.49
N PRO A 229 29.35 12.25 -15.89
CA PRO A 229 28.83 12.63 -14.56
C PRO A 229 29.89 12.76 -13.47
N HIS A 230 30.95 11.95 -13.51
CA HIS A 230 31.95 12.04 -12.46
C HIS A 230 32.81 13.29 -12.58
N GLU A 231 32.80 13.95 -13.74
CA GLU A 231 33.57 15.17 -13.91
C GLU A 231 32.95 16.35 -13.18
N PHE A 232 31.67 16.27 -12.82
CA PHE A 232 31.05 17.28 -11.99
C PHE A 232 31.29 17.03 -10.50
N ILE A 233 31.77 15.85 -10.13
CA ILE A 233 32.13 15.54 -8.76
C ILE A 233 33.61 15.77 -8.51
N LEU A 234 34.45 15.34 -9.44
CA LEU A 234 35.89 15.55 -9.29
C LEU A 234 36.28 17.01 -9.52
N ASN A 235 35.53 17.72 -10.35
CA ASN A 235 35.81 19.12 -10.65
C ASN A 235 34.55 19.93 -10.35
N ARG A 236 34.49 20.53 -9.16
CA ARG A 236 33.35 21.33 -8.76
C ARG A 236 33.31 22.67 -9.49
N ASP A 237 34.36 23.03 -10.22
CA ASP A 237 34.36 24.29 -10.96
C ASP A 237 33.28 24.29 -12.04
N LEU A 238 33.08 23.16 -12.71
CA LEU A 238 32.04 23.07 -13.73
C LEU A 238 30.65 23.23 -13.11
N LEU A 239 30.40 22.53 -12.00
CA LEU A 239 29.10 22.61 -11.35
C LEU A 239 28.85 24.00 -10.78
N ALA A 240 29.90 24.69 -10.34
CA ALA A 240 29.75 26.08 -9.93
C ALA A 240 29.53 27.00 -11.12
N GLN A 241 30.09 26.65 -12.28
CA GLN A 241 29.78 27.42 -13.49
C GLN A 241 28.31 27.32 -13.83
N LEU A 242 27.74 26.13 -13.69
CA LEU A 242 26.31 25.98 -13.98
C LEU A 242 25.44 26.55 -12.86
N TYR A 243 25.64 26.07 -11.63
CA TYR A 243 24.94 26.58 -10.45
C TYR A 243 25.94 27.19 -9.48
N PRO A 244 26.03 28.53 -9.41
CA PRO A 244 27.14 29.15 -8.67
C PRO A 244 27.15 28.86 -7.17
N SER A 245 26.04 28.40 -6.60
CA SER A 245 26.00 28.20 -5.15
C SER A 245 26.82 27.00 -4.69
N PHE A 246 27.19 26.10 -5.60
CA PHE A 246 28.07 24.99 -5.22
C PHE A 246 29.46 25.45 -4.82
N SER A 247 29.86 26.67 -5.19
CA SER A 247 31.18 27.16 -4.83
C SER A 247 31.33 27.41 -3.34
N LYS A 248 30.23 27.39 -2.58
CA LYS A 248 30.27 27.61 -1.14
C LYS A 248 30.42 26.32 -0.34
N GLY A 249 30.39 25.16 -1.00
CA GLY A 249 30.52 23.92 -0.28
C GLY A 249 29.28 23.62 0.54
N LEU A 250 29.49 22.94 1.66
CA LEU A 250 28.41 22.58 2.58
C LEU A 250 28.31 23.52 3.76
N THR A 251 29.04 24.65 3.74
CA THR A 251 28.95 25.60 4.83
C THR A 251 27.55 26.19 5.01
N PRO A 252 26.84 26.63 3.97
CA PRO A 252 25.46 27.10 4.19
C PRO A 252 24.53 26.06 4.77
N PHE A 253 24.79 24.78 4.52
CA PHE A 253 23.93 23.73 5.06
C PHE A 253 24.02 23.65 6.58
N PHE A 254 25.24 23.70 7.12
CA PHE A 254 25.43 23.54 8.55
C PHE A 254 25.26 24.84 9.33
N THR A 255 25.43 26.00 8.68
CA THR A 255 25.18 27.28 9.31
C THR A 255 23.74 27.74 9.16
N LEU A 256 22.89 26.90 8.55
CA LEU A 256 21.47 27.18 8.38
C LEU A 256 21.22 28.37 7.44
N ASN A 257 22.17 28.64 6.55
CA ASN A 257 21.97 29.64 5.50
C ASN A 257 21.43 28.95 4.24
N TRP A 258 20.31 28.27 4.43
CA TRP A 258 19.74 27.44 3.37
C TRP A 258 19.28 28.26 2.17
N SER A 259 19.08 29.56 2.33
CA SER A 259 18.69 30.41 1.21
C SER A 259 19.80 30.58 0.19
N GLU A 260 21.04 30.23 0.54
CA GLU A 260 22.14 30.30 -0.42
C GLU A 260 21.96 29.30 -1.55
N TYR A 261 21.35 28.15 -1.26
CA TYR A 261 21.16 27.09 -2.23
C TYR A 261 19.91 27.29 -3.08
N SER A 262 19.39 28.51 -3.17
CA SER A 262 18.11 28.75 -3.82
C SER A 262 18.18 28.66 -5.34
N ASP A 263 19.37 28.53 -5.93
CA ASP A 263 19.48 28.44 -7.37
C ASP A 263 19.35 27.02 -7.91
N PHE A 264 19.53 26.01 -7.07
CA PHE A 264 19.27 24.64 -7.49
C PHE A 264 18.28 23.92 -6.58
N LEU A 265 17.77 24.58 -5.54
CA LEU A 265 16.66 24.07 -4.74
C LEU A 265 15.58 25.14 -4.80
N THR A 266 14.77 25.09 -5.84
CA THR A 266 13.75 26.11 -6.08
C THR A 266 12.38 25.59 -5.68
N PHE A 267 11.42 26.52 -5.62
CA PHE A 267 10.01 26.18 -5.45
C PHE A 267 9.27 26.97 -6.52
N ARG A 268 9.19 26.41 -7.73
CA ARG A 268 8.51 27.05 -8.84
C ARG A 268 7.59 26.05 -9.51
N GLY A 269 6.37 26.48 -9.82
CA GLY A 269 5.39 25.64 -10.47
C GLY A 269 5.55 25.62 -11.97
N GLY A 270 4.57 25.03 -12.63
CA GLY A 270 4.56 25.00 -14.08
C GLY A 270 5.55 23.99 -14.65
N LEU A 271 5.88 24.22 -15.92
CA LEU A 271 6.74 23.31 -16.67
C LEU A 271 7.89 24.07 -17.29
N ASN A 272 8.96 23.33 -17.58
CA ASN A 272 10.09 23.88 -18.32
C ASN A 272 9.65 24.23 -19.73
N PRO A 273 9.81 25.49 -20.18
CA PRO A 273 9.36 25.84 -21.53
C PRO A 273 10.06 25.07 -22.63
N VAL A 274 11.31 24.67 -22.42
CA VAL A 274 12.07 24.00 -23.48
C VAL A 274 11.60 22.57 -23.65
N THR A 275 11.40 21.85 -22.56
CA THR A 275 11.13 20.42 -22.60
C THR A 275 9.68 20.06 -22.27
N GLY A 276 8.90 20.99 -21.73
CA GLY A 276 7.54 20.66 -21.32
C GLY A 276 7.47 19.69 -20.16
N GLY A 277 8.41 19.77 -19.23
CA GLY A 277 8.37 18.94 -18.04
C GLY A 277 8.66 19.78 -16.80
N LEU A 278 8.49 19.14 -15.64
CA LEU A 278 8.72 19.83 -14.38
C LEU A 278 10.19 20.21 -14.24
N TRP A 279 10.43 21.35 -13.61
CA TRP A 279 11.79 21.76 -13.30
C TRP A 279 12.44 20.75 -12.35
N LEU A 280 13.68 20.39 -12.66
CA LEU A 280 14.37 19.38 -11.84
C LEU A 280 14.86 19.93 -10.51
N THR A 281 15.00 21.25 -10.38
CA THR A 281 15.37 21.83 -9.10
C THR A 281 14.23 21.67 -8.08
N ASP A 282 12.99 21.81 -8.53
CA ASP A 282 11.85 21.52 -7.66
C ASP A 282 11.85 20.06 -7.26
N THR A 283 12.16 19.17 -8.20
CA THR A 283 12.22 17.76 -7.88
C THR A 283 13.33 17.47 -6.87
N ALA A 284 14.41 18.25 -6.91
CA ALA A 284 15.46 18.10 -5.92
C ALA A 284 14.98 18.51 -4.54
N HIS A 285 14.41 19.74 -4.41
CA HIS A 285 13.93 20.18 -3.09
C HIS A 285 12.85 19.26 -2.56
N HIS A 286 12.07 18.63 -3.45
CA HIS A 286 10.97 17.79 -2.99
C HIS A 286 11.39 16.37 -2.66
N HIS A 287 12.31 15.75 -3.39
CA HIS A 287 12.78 14.47 -2.88
C HIS A 287 13.58 14.68 -1.60
N LEU A 288 14.25 15.84 -1.45
CA LEU A 288 14.96 16.12 -0.20
C LEU A 288 14.00 16.32 0.96
N ALA A 289 12.94 17.10 0.75
CA ALA A 289 11.95 17.33 1.81
C ALA A 289 11.23 16.04 2.18
N ILE A 290 10.92 15.21 1.19
CA ILE A 290 10.32 13.91 1.47
C ILE A 290 11.26 13.05 2.30
N ALA A 291 12.55 13.06 1.96
CA ALA A 291 13.52 12.31 2.75
C ALA A 291 13.52 12.77 4.20
N VAL A 292 13.54 14.09 4.42
CA VAL A 292 13.56 14.61 5.78
C VAL A 292 12.30 14.22 6.54
N LEU A 293 11.14 14.37 5.89
CA LEU A 293 9.87 14.08 6.55
C LEU A 293 9.76 12.60 6.89
N PHE A 294 10.18 11.71 5.99
CA PHE A 294 10.10 10.29 6.27
C PHE A 294 11.11 9.88 7.34
N LEU A 295 12.30 10.47 7.34
CA LEU A 295 13.27 10.16 8.37
C LEU A 295 12.79 10.61 9.74
N VAL A 296 12.10 11.75 9.81
CA VAL A 296 11.51 12.17 11.09
C VAL A 296 10.37 11.24 11.48
N ALA A 297 9.53 10.85 10.52
CA ALA A 297 8.40 9.99 10.83
C ALA A 297 8.82 8.60 11.28
N GLY A 298 9.96 8.11 10.81
CA GLY A 298 10.38 6.77 11.13
C GLY A 298 10.92 6.55 12.52
N HIS A 299 11.03 7.61 13.32
CA HIS A 299 11.52 7.52 14.70
C HIS A 299 10.37 7.63 15.70
N MET A 300 9.22 7.04 15.41
CA MET A 300 8.00 7.25 16.19
C MET A 300 7.63 6.08 17.08
N TYR A 301 7.83 4.85 16.63
CA TYR A 301 7.29 3.69 17.34
C TYR A 301 8.31 3.12 18.33
N ARG A 302 7.79 2.53 19.40
CA ARG A 302 8.61 2.05 20.50
C ARG A 302 9.37 0.79 20.11
N THR A 303 10.58 0.66 20.62
CA THR A 303 11.44 -0.47 20.33
C THR A 303 12.31 -0.68 21.57
N ASN A 304 13.43 -1.38 21.43
CA ASN A 304 14.27 -1.79 22.55
C ASN A 304 14.79 -0.65 23.42
N PHE A 305 14.55 0.60 23.02
CA PHE A 305 15.19 1.74 23.65
C PHE A 305 14.21 2.62 24.42
N GLY A 306 13.02 2.12 24.73
CA GLY A 306 12.13 2.82 25.64
C GLY A 306 11.23 3.85 25.00
N ILE A 307 11.83 4.88 24.39
CA ILE A 307 11.05 5.96 23.80
C ILE A 307 10.24 5.43 22.62
N GLY A 308 9.13 6.10 22.35
CA GLY A 308 8.29 5.79 21.21
C GLY A 308 6.87 5.46 21.61
N HIS A 309 6.01 5.44 20.60
CA HIS A 309 4.62 5.09 20.76
C HIS A 309 4.43 3.59 20.61
N SER A 310 3.41 3.05 21.27
CA SER A 310 3.04 1.64 21.14
C SER A 310 1.69 1.57 20.45
N MET A 311 1.62 0.82 19.36
CA MET A 311 0.42 0.83 18.52
C MET A 311 -0.77 0.20 19.23
N LYS A 312 -0.55 -0.80 20.08
CA LYS A 312 -1.65 -1.44 20.79
C LYS A 312 -2.35 -0.46 21.71
N GLU A 313 -1.57 0.33 22.47
CA GLU A 313 -2.17 1.31 23.36
C GLU A 313 -2.90 2.40 22.59
N ILE A 314 -2.33 2.85 21.48
CA ILE A 314 -2.99 3.87 20.66
C ILE A 314 -4.31 3.36 20.15
N LEU A 315 -4.35 2.12 19.66
CA LEU A 315 -5.61 1.57 19.16
C LEU A 315 -6.62 1.39 20.28
N GLU A 316 -6.17 0.96 21.46
CA GLU A 316 -7.09 0.77 22.58
C GLU A 316 -7.54 2.07 23.20
N ALA A 317 -6.90 3.20 22.90
CA ALA A 317 -7.28 4.45 23.53
C ALA A 317 -8.43 5.14 22.80
N HIS A 318 -8.45 5.07 21.46
CA HIS A 318 -9.44 5.80 20.67
C HIS A 318 -10.73 4.99 20.59
N LYS A 319 -11.68 5.32 21.47
CA LYS A 319 -13.02 4.73 21.47
C LYS A 319 -13.97 5.71 22.14
N GLY A 320 -15.25 5.64 21.77
CA GLY A 320 -16.20 6.63 22.20
C GLY A 320 -17.57 6.08 22.55
N PRO A 321 -18.55 6.98 22.71
CA PRO A 321 -19.89 6.55 23.14
C PRO A 321 -20.75 6.00 22.02
N PHE A 322 -20.35 6.12 20.77
CA PHE A 322 -21.13 5.58 19.66
C PHE A 322 -20.66 4.21 19.19
N THR A 323 -19.46 3.79 19.59
CA THR A 323 -18.84 2.62 18.98
C THR A 323 -18.42 1.56 19.99
N GLY A 324 -18.92 1.62 21.21
CA GLY A 324 -18.62 0.60 22.19
C GLY A 324 -17.16 0.50 22.56
N GLU A 325 -16.53 -0.62 22.22
CA GLU A 325 -15.13 -0.86 22.57
C GLU A 325 -14.16 -0.20 21.59
N GLY A 326 -14.65 0.34 20.49
CA GLY A 326 -13.77 1.08 19.58
C GLY A 326 -12.79 0.17 18.87
N HIS A 327 -11.56 0.66 18.71
CA HIS A 327 -10.54 0.00 17.93
C HIS A 327 -9.82 -1.10 18.71
N LYS A 328 -10.41 -1.60 19.78
CA LYS A 328 -9.81 -2.68 20.56
C LYS A 328 -9.89 -4.00 19.79
N GLY A 329 -8.82 -4.78 19.86
CA GLY A 329 -8.76 -6.08 19.23
C GLY A 329 -8.20 -6.09 17.82
N LEU A 330 -7.93 -4.94 17.23
CA LEU A 330 -7.42 -4.90 15.86
C LEU A 330 -5.95 -5.26 15.78
N TYR A 331 -5.18 -4.98 16.84
CA TYR A 331 -3.75 -5.27 16.82
C TYR A 331 -3.49 -6.76 16.68
N GLU A 332 -4.22 -7.58 17.42
CA GLU A 332 -4.05 -9.03 17.32
C GLU A 332 -4.44 -9.54 15.95
N ILE A 333 -5.51 -8.98 15.38
CA ILE A 333 -5.92 -9.37 14.03
C ILE A 333 -4.82 -9.06 13.02
N LEU A 334 -4.25 -7.86 13.11
CA LEU A 334 -3.29 -7.42 12.11
C LEU A 334 -1.89 -7.97 12.35
N THR A 335 -1.61 -8.51 13.54
CA THR A 335 -0.36 -9.21 13.78
C THR A 335 -0.52 -10.73 13.74
N THR A 336 -1.73 -11.23 13.48
CA THR A 336 -1.98 -12.66 13.43
C THR A 336 -2.34 -13.17 12.05
N SER A 337 -2.97 -12.36 11.21
CA SER A 337 -3.46 -12.80 9.90
C SER A 337 -2.74 -12.05 8.79
N TRP A 338 -2.20 -12.80 7.83
CA TRP A 338 -1.58 -12.19 6.66
C TRP A 338 -2.63 -11.60 5.72
N HIS A 339 -3.85 -12.15 5.75
CA HIS A 339 -4.86 -11.76 4.77
C HIS A 339 -5.40 -10.36 5.05
N ALA A 340 -5.54 -9.98 6.32
CA ALA A 340 -5.98 -8.63 6.63
C ALA A 340 -4.95 -7.60 6.18
N GLN A 341 -3.66 -7.87 6.44
CA GLN A 341 -2.61 -6.98 5.96
C GLN A 341 -2.61 -6.90 4.45
N LEU A 342 -2.82 -8.04 3.77
CA LEU A 342 -2.87 -8.03 2.32
C LEU A 342 -4.03 -7.19 1.81
N ALA A 343 -5.18 -7.29 2.46
CA ALA A 343 -6.34 -6.51 2.04
C ALA A 343 -6.06 -5.01 2.16
N ILE A 344 -5.55 -4.58 3.32
CA ILE A 344 -5.28 -3.16 3.53
C ILE A 344 -4.25 -2.66 2.53
N ASN A 345 -3.17 -3.42 2.34
CA ASN A 345 -2.11 -2.99 1.46
C ASN A 345 -2.56 -2.95 0.00
N LEU A 346 -3.37 -3.92 -0.42
CA LEU A 346 -3.88 -3.92 -1.78
C LEU A 346 -4.77 -2.71 -2.03
N ALA A 347 -5.66 -2.40 -1.09
CA ALA A 347 -6.52 -1.23 -1.24
C ALA A 347 -5.69 0.04 -1.37
N MET A 348 -4.74 0.23 -0.47
CA MET A 348 -3.92 1.43 -0.49
C MET A 348 -3.08 1.53 -1.76
N LEU A 349 -2.51 0.40 -2.20
CA LEU A 349 -1.67 0.43 -3.39
C LEU A 349 -2.48 0.73 -4.64
N GLY A 350 -3.69 0.17 -4.75
CA GLY A 350 -4.52 0.48 -5.90
C GLY A 350 -4.93 1.95 -5.94
N SER A 351 -5.36 2.48 -4.79
CA SER A 351 -5.73 3.89 -4.75
C SER A 351 -4.52 4.77 -5.09
N LEU A 352 -3.35 4.40 -4.58
CA LEU A 352 -2.14 5.17 -4.86
C LEU A 352 -1.79 5.12 -6.34
N THR A 353 -1.99 3.97 -6.99
CA THR A 353 -1.67 3.88 -8.41
C THR A 353 -2.60 4.76 -9.24
N ILE A 354 -3.88 4.82 -8.85
CA ILE A 354 -4.80 5.71 -9.55
C ILE A 354 -4.39 7.17 -9.36
N ILE A 355 -4.00 7.53 -8.15
CA ILE A 355 -3.51 8.89 -7.88
C ILE A 355 -2.27 9.17 -8.71
N VAL A 356 -1.38 8.19 -8.87
CA VAL A 356 -0.21 8.36 -9.70
C VAL A 356 -0.61 8.68 -11.14
N ALA A 357 -1.58 7.95 -11.68
CA ALA A 357 -2.01 8.22 -13.05
C ALA A 357 -2.51 9.65 -13.20
N HIS A 358 -3.38 10.09 -12.29
CA HIS A 358 -3.92 11.45 -12.38
C HIS A 358 -2.80 12.50 -12.29
N HIS A 359 -1.98 12.40 -11.25
CA HIS A 359 -0.93 13.39 -11.05
C HIS A 359 0.10 13.37 -12.16
N MET A 360 0.31 12.22 -12.81
CA MET A 360 1.29 12.14 -13.87
C MET A 360 0.79 12.72 -15.18
N TYR A 361 -0.51 12.64 -15.49
CA TYR A 361 -0.89 13.35 -16.71
C TYR A 361 -0.97 14.84 -16.43
N ALA A 362 -1.41 15.22 -15.22
CA ALA A 362 -1.64 16.63 -14.93
C ALA A 362 -0.35 17.42 -14.77
N MET A 363 0.72 16.79 -14.26
CA MET A 363 2.00 17.44 -14.05
C MET A 363 3.09 16.52 -14.60
N PRO A 364 3.35 16.58 -15.90
CA PRO A 364 4.31 15.65 -16.52
C PRO A 364 5.70 15.84 -15.96
N PRO A 365 6.26 14.82 -15.30
CA PRO A 365 7.55 14.98 -14.62
C PRO A 365 8.78 14.80 -15.49
N TYR A 366 8.64 14.22 -16.68
CA TYR A 366 9.81 13.91 -17.50
C TYR A 366 9.91 14.85 -18.69
N PRO A 367 11.12 15.14 -19.16
CA PRO A 367 11.27 16.01 -20.33
C PRO A 367 10.75 15.34 -21.60
N TYR A 368 10.08 16.13 -22.43
CA TYR A 368 9.54 15.67 -23.72
C TYR A 368 8.55 14.52 -23.55
N LEU A 369 7.88 14.45 -22.41
CA LEU A 369 6.86 13.44 -22.18
C LEU A 369 5.47 13.96 -22.49
N ALA A 370 5.20 15.24 -22.17
CA ALA A 370 3.87 15.80 -22.40
C ALA A 370 3.53 15.85 -23.88
N THR A 371 4.51 16.14 -24.73
CA THR A 371 4.28 16.21 -26.17
C THR A 371 4.39 14.86 -26.86
N ASP A 372 4.68 13.79 -26.13
CA ASP A 372 4.61 12.43 -26.65
C ASP A 372 3.27 11.87 -26.21
N TYR A 373 2.27 12.02 -27.08
CA TYR A 373 0.89 11.73 -26.68
C TYR A 373 0.68 10.25 -26.43
N ALA A 374 1.32 9.41 -27.24
CA ALA A 374 1.17 7.97 -27.07
C ALA A 374 1.65 7.52 -25.69
N THR A 375 2.79 8.04 -25.26
CA THR A 375 3.31 7.67 -23.94
C THR A 375 2.36 8.11 -22.83
N GLN A 376 1.82 9.33 -22.92
CA GLN A 376 0.90 9.82 -21.90
C GLN A 376 -0.34 8.93 -21.81
N LEU A 377 -0.97 8.65 -22.96
CA LEU A 377 -2.16 7.82 -22.97
C LEU A 377 -1.86 6.42 -22.42
N SER A 378 -0.75 5.84 -22.86
CA SER A 378 -0.40 4.49 -22.44
C SER A 378 -0.17 4.41 -20.94
N LEU A 379 0.62 5.35 -20.41
CA LEU A 379 0.93 5.32 -18.98
C LEU A 379 -0.32 5.51 -18.14
N PHE A 380 -1.16 6.48 -18.51
CA PHE A 380 -2.40 6.71 -17.77
C PHE A 380 -3.26 5.44 -17.75
N THR A 381 -3.51 4.87 -18.93
CA THR A 381 -4.40 3.72 -19.01
C THR A 381 -3.83 2.52 -18.24
N HIS A 382 -2.52 2.29 -18.37
CA HIS A 382 -1.88 1.15 -17.74
C HIS A 382 -1.99 1.23 -16.22
N HIS A 383 -1.57 2.36 -15.64
CA HIS A 383 -1.55 2.41 -14.18
C HIS A 383 -2.97 2.50 -13.63
N MET A 384 -3.92 3.05 -14.41
CA MET A 384 -5.32 3.03 -13.97
C MET A 384 -5.86 1.60 -13.91
N TRP A 385 -5.58 0.78 -14.92
CA TRP A 385 -5.99 -0.62 -14.89
C TRP A 385 -5.37 -1.36 -13.71
N ILE A 386 -4.08 -1.11 -13.45
CA ILE A 386 -3.41 -1.77 -12.34
C ILE A 386 -4.08 -1.43 -11.02
N GLY A 387 -4.39 -0.13 -10.82
CA GLY A 387 -5.05 0.27 -9.59
C GLY A 387 -6.41 -0.37 -9.42
N GLY A 388 -7.19 -0.45 -10.50
CA GLY A 388 -8.48 -1.13 -10.41
C GLY A 388 -8.35 -2.59 -9.99
N PHE A 389 -7.40 -3.31 -10.60
CA PHE A 389 -7.21 -4.70 -10.23
C PHE A 389 -6.83 -4.84 -8.76
N LEU A 390 -5.93 -3.98 -8.28
CA LEU A 390 -5.52 -4.08 -6.88
C LEU A 390 -6.66 -3.78 -5.91
N VAL A 391 -7.50 -2.79 -6.24
CA VAL A 391 -8.60 -2.49 -5.31
C VAL A 391 -9.63 -3.61 -5.31
N VAL A 392 -9.81 -4.34 -6.41
CA VAL A 392 -10.69 -5.51 -6.35
C VAL A 392 -10.06 -6.62 -5.50
N GLY A 393 -8.75 -6.81 -5.64
CA GLY A 393 -8.08 -7.83 -4.83
C GLY A 393 -8.16 -7.55 -3.34
N ALA A 394 -8.17 -6.27 -2.96
CA ALA A 394 -8.33 -5.92 -1.56
C ALA A 394 -9.60 -6.55 -0.98
N ALA A 395 -10.73 -6.37 -1.66
CA ALA A 395 -11.99 -6.95 -1.20
C ALA A 395 -11.92 -8.47 -1.21
N ALA A 396 -11.31 -9.05 -2.24
CA ALA A 396 -11.21 -10.51 -2.29
C ALA A 396 -10.52 -11.06 -1.05
N HIS A 397 -9.34 -10.53 -0.74
CA HIS A 397 -8.57 -11.10 0.36
C HIS A 397 -9.10 -10.66 1.73
N ALA A 398 -9.81 -9.54 1.81
CA ALA A 398 -10.54 -9.21 3.04
C ALA A 398 -11.64 -10.22 3.32
N ALA A 399 -12.37 -10.63 2.27
CA ALA A 399 -13.38 -11.67 2.45
C ALA A 399 -12.74 -13.00 2.84
N ILE A 400 -11.57 -13.30 2.29
CA ILE A 400 -10.85 -14.51 2.70
C ILE A 400 -10.54 -14.46 4.19
N PHE A 401 -10.07 -13.31 4.67
CA PHE A 401 -9.80 -13.17 6.11
C PHE A 401 -11.07 -13.38 6.91
N MET A 402 -12.16 -12.76 6.49
CA MET A 402 -13.41 -12.86 7.24
C MET A 402 -13.87 -14.31 7.34
N VAL A 403 -13.74 -15.07 6.26
CA VAL A 403 -14.18 -16.45 6.29
C VAL A 403 -13.25 -17.31 7.15
N ARG A 404 -11.94 -17.16 6.99
CA ARG A 404 -11.01 -18.08 7.64
C ARG A 404 -10.56 -17.64 9.03
N ASP A 405 -9.94 -16.47 9.13
CA ASP A 405 -9.20 -16.09 10.32
C ASP A 405 -10.03 -15.31 11.34
N TYR A 406 -11.29 -15.02 11.05
CA TYR A 406 -12.12 -14.30 12.01
C TYR A 406 -12.40 -15.20 13.23
N ASP A 407 -12.38 -14.58 14.40
CA ASP A 407 -12.62 -15.30 15.66
C ASP A 407 -13.58 -14.49 16.51
N PRO A 408 -14.83 -14.95 16.70
CA PRO A 408 -15.80 -14.15 17.47
C PRO A 408 -15.43 -13.98 18.93
N THR A 409 -14.57 -14.84 19.48
CA THR A 409 -14.20 -14.72 20.89
C THR A 409 -13.43 -13.43 21.15
N THR A 410 -12.49 -13.09 20.27
CA THR A 410 -11.69 -11.88 20.47
C THR A 410 -12.49 -10.63 20.15
N GLN A 411 -13.43 -10.70 19.21
CA GLN A 411 -14.21 -9.55 18.78
C GLN A 411 -15.60 -9.65 19.40
N TYR A 412 -15.79 -8.98 20.53
CA TYR A 412 -17.08 -8.98 21.21
C TYR A 412 -17.91 -7.73 20.92
N ASN A 413 -17.38 -6.56 21.24
CA ASN A 413 -18.14 -5.33 21.04
C ASN A 413 -17.28 -4.23 20.45
N ASN A 414 -16.34 -4.59 19.59
CA ASN A 414 -15.47 -3.61 18.95
C ASN A 414 -16.10 -3.18 17.62
N LEU A 415 -15.33 -2.49 16.79
CA LEU A 415 -15.88 -1.92 15.56
C LEU A 415 -16.29 -3.00 14.57
N LEU A 416 -15.52 -4.10 14.50
CA LEU A 416 -15.84 -5.16 13.55
C LEU A 416 -17.19 -5.80 13.86
N ASP A 417 -17.44 -6.11 15.14
CA ASP A 417 -18.71 -6.72 15.51
C ASP A 417 -19.88 -5.79 15.25
N ARG A 418 -19.72 -4.51 15.59
CA ARG A 418 -20.82 -3.57 15.40
C ARG A 418 -21.05 -3.25 13.93
N VAL A 419 -20.01 -3.36 13.10
CA VAL A 419 -20.21 -3.27 11.65
C VAL A 419 -20.98 -4.48 11.16
N LEU A 420 -20.63 -5.67 11.65
CA LEU A 420 -21.35 -6.87 11.27
C LEU A 420 -22.77 -6.91 11.82
N ARG A 421 -23.12 -6.04 12.78
CA ARG A 421 -24.44 -6.05 13.37
C ARG A 421 -25.41 -5.04 12.77
N HIS A 422 -24.95 -4.09 11.96
CA HIS A 422 -25.87 -3.17 11.28
C HIS A 422 -25.62 -3.20 9.77
N ARG A 423 -25.37 -4.40 9.24
CA ARG A 423 -25.01 -4.53 7.83
C ARG A 423 -26.20 -4.37 6.90
N ASP A 424 -27.39 -4.75 7.36
CA ASP A 424 -28.58 -4.61 6.51
C ASP A 424 -28.86 -3.14 6.20
N ALA A 425 -28.71 -2.28 7.19
CA ALA A 425 -28.89 -0.85 6.96
C ALA A 425 -27.87 -0.31 5.98
N ILE A 426 -26.61 -0.73 6.12
CA ILE A 426 -25.54 -0.28 5.23
C ILE A 426 -25.88 -0.67 3.79
N ILE A 427 -26.22 -1.94 3.58
CA ILE A 427 -26.46 -2.43 2.23
C ILE A 427 -27.72 -1.79 1.64
N SER A 428 -28.74 -1.57 2.46
CA SER A 428 -29.96 -0.95 1.96
C SER A 428 -29.72 0.48 1.52
N HIS A 429 -29.05 1.29 2.37
CA HIS A 429 -28.80 2.67 2.00
C HIS A 429 -27.89 2.75 0.77
N LEU A 430 -26.91 1.84 0.67
CA LEU A 430 -26.02 1.85 -0.49
C LEU A 430 -26.74 1.42 -1.76
N ASN A 431 -27.67 0.47 -1.64
CA ASN A 431 -28.52 0.12 -2.77
C ASN A 431 -29.33 1.31 -3.25
N TRP A 432 -29.91 2.05 -2.31
CA TRP A 432 -30.67 3.24 -2.71
C TRP A 432 -29.78 4.24 -3.42
N VAL A 433 -28.56 4.45 -2.91
CA VAL A 433 -27.63 5.39 -3.55
C VAL A 433 -27.31 4.95 -4.97
N CYS A 434 -27.04 3.65 -5.16
CA CYS A 434 -26.72 3.16 -6.49
C CYS A 434 -27.88 3.40 -7.45
N ILE A 435 -29.10 3.10 -7.01
CA ILE A 435 -30.26 3.30 -7.88
C ILE A 435 -30.46 4.76 -8.20
N PHE A 436 -30.33 5.63 -7.19
CA PHE A 436 -30.52 7.06 -7.40
C PHE A 436 -29.51 7.62 -8.39
N LEU A 437 -28.24 7.25 -8.22
CA LEU A 437 -27.20 7.74 -9.12
C LEU A 437 -27.42 7.23 -10.54
N GLY A 438 -27.72 5.94 -10.67
CA GLY A 438 -27.95 5.38 -12.00
C GLY A 438 -29.08 6.08 -12.71
N PHE A 439 -30.21 6.25 -12.03
CA PHE A 439 -31.33 6.95 -12.65
C PHE A 439 -30.93 8.38 -13.00
N HIS A 440 -30.68 9.21 -11.99
CA HIS A 440 -30.47 10.61 -12.31
C HIS A 440 -29.15 10.87 -13.11
N SER A 441 -28.36 9.91 -13.58
CA SER A 441 -27.32 10.18 -14.56
C SER A 441 -27.56 9.51 -15.89
N PHE A 442 -27.71 8.19 -15.91
CA PHE A 442 -27.91 7.52 -17.20
C PHE A 442 -29.27 7.88 -17.79
N GLY A 443 -30.29 8.11 -16.96
CA GLY A 443 -31.55 8.61 -17.48
C GLY A 443 -31.40 9.98 -18.09
N LEU A 444 -30.49 10.81 -17.57
CA LEU A 444 -30.21 12.08 -18.23
C LEU A 444 -29.63 11.85 -19.62
N TYR A 445 -28.72 10.88 -19.75
CA TYR A 445 -28.19 10.55 -21.07
C TYR A 445 -29.30 10.06 -22.01
N ILE A 446 -30.19 9.20 -21.51
CA ILE A 446 -31.25 8.66 -22.35
C ILE A 446 -32.26 9.74 -22.72
N HIS A 447 -32.53 10.66 -21.79
CA HIS A 447 -33.38 11.81 -22.06
C HIS A 447 -32.79 12.67 -23.17
N ASN A 448 -31.48 12.89 -23.13
CA ASN A 448 -30.82 13.64 -24.19
C ASN A 448 -30.94 12.93 -25.53
N ASP A 449 -30.73 11.61 -25.54
CA ASP A 449 -30.88 10.84 -26.78
C ASP A 449 -32.28 10.98 -27.35
N THR A 450 -33.30 10.84 -26.50
CA THR A 450 -34.67 10.91 -26.98
C THR A 450 -35.02 12.30 -27.49
N MET A 451 -34.58 13.34 -26.79
CA MET A 451 -34.83 14.70 -27.26
C MET A 451 -34.14 14.96 -28.60
N SER A 452 -32.91 14.48 -28.76
CA SER A 452 -32.21 14.67 -30.02
C SER A 452 -32.89 13.92 -31.16
N ALA A 453 -33.38 12.72 -30.89
CA ALA A 453 -34.07 11.96 -31.94
C ALA A 453 -35.40 12.57 -32.33
N LEU A 454 -36.09 13.20 -31.37
CA LEU A 454 -37.41 13.78 -31.62
C LEU A 454 -37.33 15.16 -32.26
N GLY A 455 -36.15 15.70 -32.48
CA GLY A 455 -36.02 17.03 -33.03
C GLY A 455 -36.37 18.13 -32.06
N ARG A 456 -36.00 17.98 -30.79
CA ARG A 456 -36.23 19.00 -29.78
C ARG A 456 -34.93 19.24 -29.02
N PRO A 457 -33.91 19.80 -29.69
CA PRO A 457 -32.63 20.02 -29.02
C PRO A 457 -32.66 21.11 -27.98
N GLN A 458 -33.72 21.92 -27.93
CA GLN A 458 -33.87 22.95 -26.92
C GLN A 458 -34.31 22.40 -25.58
N ASP A 459 -34.61 21.10 -25.49
CA ASP A 459 -35.06 20.46 -24.26
C ASP A 459 -34.00 19.51 -23.71
N MET A 460 -32.76 19.64 -24.16
CA MET A 460 -31.69 18.75 -23.75
C MET A 460 -30.92 19.32 -22.57
N PHE A 461 -30.07 18.49 -21.98
CA PHE A 461 -29.19 18.91 -20.90
C PHE A 461 -27.80 19.21 -21.46
N SER A 462 -27.73 20.29 -22.23
CA SER A 462 -26.50 20.69 -22.91
C SER A 462 -26.12 22.11 -22.50
N ASP A 463 -24.97 22.56 -23.00
CA ASP A 463 -24.51 23.90 -22.69
C ASP A 463 -25.41 24.96 -23.33
N THR A 464 -25.86 24.71 -24.56
CA THR A 464 -26.75 25.65 -25.23
C THR A 464 -28.19 25.53 -24.75
N ALA A 465 -28.63 24.33 -24.39
CA ALA A 465 -29.94 24.09 -23.80
C ALA A 465 -29.80 24.16 -22.28
N ILE A 466 -30.78 23.61 -21.54
CA ILE A 466 -30.75 23.54 -20.08
C ILE A 466 -29.37 23.12 -19.60
N GLN A 467 -28.77 23.92 -18.72
CA GLN A 467 -27.39 23.75 -18.32
C GLN A 467 -27.29 23.10 -16.95
N LEU A 468 -26.20 22.36 -16.74
CA LEU A 468 -25.84 21.75 -15.46
C LEU A 468 -24.36 22.03 -15.24
N GLN A 469 -24.06 23.17 -14.62
CA GLN A 469 -22.65 23.51 -14.53
C GLN A 469 -22.04 22.93 -13.25
N PRO A 470 -20.78 22.48 -13.31
CA PRO A 470 -20.07 22.02 -12.10
C PRO A 470 -19.44 23.18 -11.34
N VAL A 471 -20.27 23.86 -10.55
CA VAL A 471 -19.83 25.10 -9.90
C VAL A 471 -18.75 24.82 -8.87
N PHE A 472 -18.82 23.69 -8.17
CA PHE A 472 -17.84 23.38 -7.15
C PHE A 472 -16.47 23.13 -7.76
N ALA A 473 -16.41 22.35 -8.85
CA ALA A 473 -15.14 22.09 -9.51
C ALA A 473 -14.58 23.37 -10.13
N GLN A 474 -15.44 24.20 -10.69
CA GLN A 474 -14.98 25.47 -11.26
C GLN A 474 -14.40 26.37 -10.17
N TRP A 475 -15.06 26.43 -9.02
CA TRP A 475 -14.53 27.22 -7.91
C TRP A 475 -13.19 26.67 -7.43
N ILE A 476 -13.06 25.35 -7.33
CA ILE A 476 -11.80 24.76 -6.89
C ILE A 476 -10.69 25.09 -7.89
N GLN A 477 -11.00 25.01 -9.19
CA GLN A 477 -10.02 25.36 -10.21
C GLN A 477 -9.58 26.81 -10.07
N ASN A 478 -10.54 27.73 -9.92
CA ASN A 478 -10.19 29.14 -9.79
C ASN A 478 -9.36 29.39 -8.53
N THR A 479 -9.72 28.73 -7.42
CA THR A 479 -8.97 28.89 -6.19
C THR A 479 -7.54 28.39 -6.33
N HIS A 480 -7.36 27.23 -6.94
CA HIS A 480 -6.02 26.68 -7.09
C HIS A 480 -5.19 27.51 -8.08
N ALA A 481 -5.85 28.16 -9.03
CA ALA A 481 -5.12 28.99 -9.99
C ALA A 481 -4.61 30.29 -9.38
N LEU A 482 -5.24 30.78 -8.31
CA LEU A 482 -4.85 32.03 -7.67
C LEU A 482 -4.00 31.81 -6.43
N ALA A 483 -3.55 30.58 -6.19
CA ALA A 483 -2.71 30.31 -5.03
C ALA A 483 -1.40 31.08 -5.03
N PRO A 484 -0.62 31.17 -6.14
CA PRO A 484 0.69 31.81 -6.06
C PRO A 484 0.67 33.28 -5.67
N SER A 485 -0.52 33.85 -5.47
CA SER A 485 -0.66 35.24 -5.08
C SER A 485 -1.07 35.43 -3.63
N LEU A 486 -1.89 34.54 -3.07
CA LEU A 486 -2.42 34.73 -1.72
C LEU A 486 -2.03 33.64 -0.74
N THR A 487 -2.30 32.37 -1.06
CA THR A 487 -2.20 31.31 -0.07
C THR A 487 -0.92 30.49 -0.15
N ALA A 488 -0.18 30.59 -1.26
CA ALA A 488 1.15 30.02 -1.40
C ALA A 488 2.06 31.06 -2.04
N PRO A 489 2.34 32.15 -1.31
CA PRO A 489 3.00 33.30 -1.96
C PRO A 489 4.40 33.01 -2.46
N ASN A 490 5.11 32.04 -1.88
CA ASN A 490 6.48 31.75 -2.29
C ASN A 490 6.54 30.97 -3.59
N ALA A 491 5.42 30.44 -4.06
CA ALA A 491 5.39 29.81 -5.37
C ALA A 491 5.47 30.85 -6.48
N THR A 492 6.09 30.48 -7.59
CA THR A 492 6.14 31.35 -8.75
C THR A 492 4.90 31.19 -9.62
N ALA A 493 4.58 29.96 -10.01
CA ALA A 493 3.39 29.66 -10.78
C ALA A 493 2.55 28.62 -10.05
N SER A 494 1.37 28.35 -10.58
CA SER A 494 0.47 27.38 -9.98
C SER A 494 1.05 25.97 -10.11
N THR A 495 0.42 25.04 -9.39
CA THR A 495 0.93 23.66 -9.35
C THR A 495 0.94 23.04 -10.74
N SER A 496 -0.13 23.22 -11.51
CA SER A 496 -0.20 22.69 -12.86
C SER A 496 -0.88 23.70 -13.77
N LEU A 497 -0.69 23.51 -15.07
CA LEU A 497 -1.32 24.37 -16.06
C LEU A 497 -2.78 24.02 -16.30
N THR A 498 -3.27 22.91 -15.76
CA THR A 498 -4.64 22.50 -16.00
C THR A 498 -5.65 23.38 -15.28
N TRP A 499 -5.26 24.00 -14.16
CA TRP A 499 -6.14 24.95 -13.51
C TRP A 499 -6.49 26.09 -14.46
N GLY A 500 -7.60 26.76 -14.17
CA GLY A 500 -8.12 27.74 -15.10
C GLY A 500 -7.11 28.82 -15.45
N GLY A 501 -6.45 29.38 -14.44
CA GLY A 501 -5.43 30.36 -14.69
C GLY A 501 -4.18 29.74 -15.27
N GLY A 502 -3.45 30.53 -16.05
CA GLY A 502 -2.21 30.10 -16.64
C GLY A 502 -2.18 30.40 -18.12
N ASP A 503 -1.22 29.78 -18.81
CA ASP A 503 -0.97 30.03 -20.22
C ASP A 503 -0.74 28.69 -20.91
N LEU A 504 -0.24 28.75 -22.13
CA LEU A 504 0.01 27.57 -22.95
C LEU A 504 1.50 27.29 -23.05
N VAL A 505 1.87 26.02 -22.89
CA VAL A 505 3.25 25.57 -23.08
C VAL A 505 3.27 24.71 -24.34
N ALA A 506 4.11 25.10 -25.31
CA ALA A 506 4.23 24.42 -26.58
C ALA A 506 5.68 24.01 -26.80
N VAL A 507 5.89 22.75 -27.17
CA VAL A 507 7.23 22.21 -27.42
C VAL A 507 7.22 21.57 -28.80
N GLY A 508 7.96 22.16 -29.73
CA GLY A 508 8.05 21.63 -31.07
C GLY A 508 6.75 21.69 -31.86
N GLY A 509 6.00 22.78 -31.72
CA GLY A 509 4.76 22.92 -32.47
C GLY A 509 3.62 22.07 -31.98
N LYS A 510 3.69 21.57 -30.75
CA LYS A 510 2.63 20.78 -30.16
C LYS A 510 2.33 21.29 -28.77
N VAL A 511 1.07 21.24 -28.38
CA VAL A 511 0.64 21.72 -27.07
C VAL A 511 1.00 20.67 -26.03
N ALA A 512 1.70 21.10 -24.98
CA ALA A 512 2.03 20.22 -23.86
C ALA A 512 0.89 20.17 -22.85
N LEU A 513 0.50 21.32 -22.32
CA LEU A 513 -0.63 21.42 -21.41
C LEU A 513 -1.37 22.72 -21.67
N LEU A 514 -2.57 22.82 -21.12
CA LEU A 514 -3.50 23.89 -21.45
C LEU A 514 -4.61 23.89 -20.41
N PRO A 515 -5.18 25.05 -20.06
CA PRO A 515 -6.30 25.06 -19.11
C PRO A 515 -7.45 24.19 -19.62
N ILE A 516 -8.03 23.41 -18.71
CA ILE A 516 -9.04 22.42 -19.07
C ILE A 516 -10.41 22.96 -18.64
N PRO A 517 -11.28 23.35 -19.56
CA PRO A 517 -12.60 23.83 -19.16
C PRO A 517 -13.50 22.70 -18.71
N LEU A 518 -14.38 23.00 -17.76
CA LEU A 518 -15.35 22.06 -17.23
C LEU A 518 -16.76 22.59 -17.49
N GLY A 519 -17.59 21.78 -18.14
CA GLY A 519 -18.94 22.19 -18.46
C GLY A 519 -19.99 21.15 -18.09
N THR A 520 -21.11 21.15 -18.82
CA THR A 520 -22.18 20.20 -18.52
C THR A 520 -21.75 18.76 -18.75
N ALA A 521 -20.99 18.52 -19.82
CA ALA A 521 -20.56 17.16 -20.13
C ALA A 521 -19.65 16.61 -19.04
N ASP A 522 -18.77 17.45 -18.50
CA ASP A 522 -17.89 17.00 -17.42
C ASP A 522 -18.69 16.68 -16.16
N PHE A 523 -19.71 17.49 -15.87
CA PHE A 523 -20.64 17.19 -14.78
C PHE A 523 -21.25 15.81 -14.96
N LEU A 524 -21.78 15.56 -16.16
CA LEU A 524 -22.41 14.27 -16.44
C LEU A 524 -21.41 13.13 -16.27
N VAL A 525 -20.19 13.29 -16.78
CA VAL A 525 -19.27 12.15 -16.80
C VAL A 525 -18.70 11.85 -15.41
N HIS A 526 -18.35 12.88 -14.62
CA HIS A 526 -17.99 12.57 -13.23
C HIS A 526 -19.16 11.96 -12.45
N HIS A 527 -20.41 12.36 -12.70
CA HIS A 527 -21.47 11.69 -11.94
C HIS A 527 -21.70 10.25 -12.43
N ILE A 528 -21.42 9.97 -13.71
CA ILE A 528 -21.35 8.58 -14.17
C ILE A 528 -20.28 7.81 -13.41
N HIS A 529 -19.09 8.40 -13.27
CA HIS A 529 -18.00 7.76 -12.54
C HIS A 529 -18.42 7.43 -11.11
N ALA A 530 -19.08 8.40 -10.46
CA ALA A 530 -19.56 8.17 -9.10
C ALA A 530 -20.55 7.02 -9.04
N PHE A 531 -21.46 6.95 -10.02
CA PHE A 531 -22.42 5.84 -10.06
C PHE A 531 -21.70 4.50 -10.14
N THR A 532 -20.79 4.34 -11.10
CA THR A 532 -20.14 3.05 -11.29
C THR A 532 -19.30 2.67 -10.07
N ILE A 533 -18.65 3.65 -9.46
CA ILE A 533 -17.78 3.36 -8.32
C ILE A 533 -18.62 2.94 -7.11
N HIS A 534 -19.69 3.67 -6.80
CA HIS A 534 -20.55 3.23 -5.70
C HIS A 534 -21.16 1.85 -5.96
N VAL A 535 -21.43 1.50 -7.23
CA VAL A 535 -22.00 0.18 -7.50
C VAL A 535 -20.96 -0.91 -7.27
N THR A 536 -19.74 -0.70 -7.74
CA THR A 536 -18.69 -1.68 -7.50
C THR A 536 -18.44 -1.87 -6.00
N VAL A 537 -18.42 -0.75 -5.25
CA VAL A 537 -18.26 -0.83 -3.81
C VAL A 537 -19.42 -1.59 -3.19
N LEU A 538 -20.64 -1.39 -3.68
CA LEU A 538 -21.79 -2.12 -3.17
C LEU A 538 -21.59 -3.63 -3.33
N ILE A 539 -21.18 -4.05 -4.52
CA ILE A 539 -21.02 -5.49 -4.77
C ILE A 539 -19.97 -6.07 -3.83
N LEU A 540 -18.79 -5.42 -3.77
CA LEU A 540 -17.70 -5.98 -2.99
C LEU A 540 -18.01 -5.94 -1.49
N LEU A 541 -18.65 -4.87 -1.01
CA LEU A 541 -18.96 -4.78 0.41
C LEU A 541 -20.04 -5.76 0.82
N LYS A 542 -21.04 -5.98 -0.05
CA LYS A 542 -22.03 -7.01 0.22
C LYS A 542 -21.37 -8.38 0.28
N GLY A 543 -20.39 -8.63 -0.60
CA GLY A 543 -19.68 -9.89 -0.53
C GLY A 543 -18.91 -10.06 0.76
N VAL A 544 -18.25 -9.01 1.23
CA VAL A 544 -17.43 -9.11 2.43
C VAL A 544 -18.30 -9.25 3.67
N LEU A 545 -19.35 -8.45 3.77
CA LEU A 545 -20.14 -8.42 5.00
C LEU A 545 -20.95 -9.70 5.20
N PHE A 546 -21.51 -10.25 4.12
CA PHE A 546 -22.32 -11.45 4.19
C PHE A 546 -21.51 -12.71 3.90
N ALA A 547 -20.20 -12.69 4.17
CA ALA A 547 -19.36 -13.82 3.85
C ALA A 547 -19.54 -14.98 4.83
N ARG A 548 -19.92 -14.69 6.07
CA ARG A 548 -20.01 -15.73 7.09
C ARG A 548 -21.42 -16.29 7.22
N SER A 549 -22.45 -15.47 7.02
CA SER A 549 -23.82 -15.92 7.21
C SER A 549 -24.76 -14.87 6.63
N SER A 550 -26.04 -15.25 6.55
CA SER A 550 -27.12 -14.34 6.17
C SER A 550 -28.41 -14.93 6.71
N ARG A 551 -29.54 -14.38 6.27
CA ARG A 551 -30.82 -15.01 6.57
C ARG A 551 -31.05 -16.23 5.69
N LEU A 552 -30.56 -16.20 4.45
CA LEU A 552 -30.77 -17.31 3.53
C LEU A 552 -29.98 -18.54 3.97
N ILE A 553 -28.70 -18.38 4.27
CA ILE A 553 -27.84 -19.50 4.66
C ILE A 553 -27.17 -19.18 5.99
N PRO A 554 -27.72 -19.63 7.11
CA PRO A 554 -27.14 -19.26 8.42
C PRO A 554 -25.74 -19.77 8.66
N ASP A 555 -25.29 -20.81 7.95
CA ASP A 555 -23.99 -21.40 8.23
C ASP A 555 -23.07 -21.33 7.01
N LYS A 556 -23.01 -20.16 6.37
CA LYS A 556 -22.19 -20.02 5.17
C LYS A 556 -20.71 -20.19 5.46
N ALA A 557 -20.27 -19.90 6.70
CA ALA A 557 -18.86 -20.00 7.02
C ALA A 557 -18.38 -21.44 7.09
N ASN A 558 -19.29 -22.40 7.25
CA ASN A 558 -18.89 -23.80 7.22
C ASN A 558 -18.60 -24.29 5.81
N LEU A 559 -19.26 -23.70 4.80
CA LEU A 559 -19.07 -24.13 3.42
C LEU A 559 -17.76 -23.62 2.83
N GLY A 560 -17.15 -22.60 3.43
CA GLY A 560 -15.86 -22.12 3.00
C GLY A 560 -15.95 -20.78 2.30
N PHE A 561 -14.81 -20.35 1.77
CA PHE A 561 -14.74 -19.07 1.06
C PHE A 561 -15.14 -19.22 -0.41
N ARG A 562 -14.77 -20.34 -1.03
CA ARG A 562 -14.94 -20.54 -2.46
C ARG A 562 -15.73 -21.84 -2.67
N PHE A 563 -17.06 -21.72 -2.74
CA PHE A 563 -17.93 -22.84 -3.03
C PHE A 563 -18.96 -22.41 -4.07
N PRO A 564 -19.44 -23.36 -4.89
CA PRO A 564 -20.33 -22.98 -5.99
C PRO A 564 -21.70 -22.48 -5.56
N CYS A 565 -22.34 -23.21 -4.66
CA CYS A 565 -23.74 -22.95 -4.31
C CYS A 565 -24.06 -23.72 -3.03
N ASP A 566 -25.34 -23.78 -2.69
CA ASP A 566 -25.85 -24.68 -1.67
C ASP A 566 -27.11 -25.37 -2.17
N GLY A 567 -27.13 -25.74 -3.44
CA GLY A 567 -28.20 -26.51 -4.00
C GLY A 567 -29.31 -25.66 -4.58
N PRO A 568 -30.24 -26.30 -5.29
CA PRO A 568 -31.38 -25.58 -5.88
C PRO A 568 -32.50 -25.27 -4.89
N GLY A 569 -32.32 -25.53 -3.61
CA GLY A 569 -33.35 -25.29 -2.64
C GLY A 569 -33.42 -23.84 -2.23
N ARG A 570 -34.45 -23.52 -1.44
CA ARG A 570 -34.73 -22.16 -1.00
C ARG A 570 -34.96 -21.23 -2.20
N GLY A 571 -35.42 -21.80 -3.31
CA GLY A 571 -35.57 -21.07 -4.55
C GLY A 571 -34.36 -21.09 -5.45
N GLY A 572 -33.18 -21.44 -4.92
CA GLY A 572 -31.95 -21.40 -5.68
C GLY A 572 -30.90 -20.55 -5.01
N THR A 573 -29.74 -21.12 -4.74
CA THR A 573 -28.68 -20.45 -3.99
C THR A 573 -27.39 -20.37 -4.79
N CYS A 574 -27.48 -20.03 -6.07
CA CYS A 574 -26.29 -19.89 -6.89
C CYS A 574 -25.55 -18.61 -6.53
N GLN A 575 -24.23 -18.73 -6.42
CA GLN A 575 -23.33 -17.58 -6.24
C GLN A 575 -23.61 -16.84 -4.92
N VAL A 576 -23.66 -17.59 -3.82
CA VAL A 576 -23.83 -17.00 -2.50
C VAL A 576 -22.52 -16.79 -1.77
N SER A 577 -21.40 -17.11 -2.39
CA SER A 577 -20.11 -17.03 -1.75
C SER A 577 -19.41 -15.75 -2.04
N ALA A 578 -18.47 -15.38 -1.19
CA ALA A 578 -17.75 -14.13 -1.40
C ALA A 578 -16.91 -14.17 -2.67
N TRP A 579 -16.47 -15.37 -3.07
CA TRP A 579 -15.70 -15.49 -4.29
C TRP A 579 -16.50 -15.03 -5.51
N ASP A 580 -17.78 -15.39 -5.57
CA ASP A 580 -18.62 -14.95 -6.68
C ASP A 580 -18.89 -13.46 -6.61
N HIS A 581 -18.91 -12.89 -5.41
CA HIS A 581 -19.04 -11.45 -5.31
C HIS A 581 -17.81 -10.74 -5.88
N VAL A 582 -16.62 -11.29 -5.64
CA VAL A 582 -15.43 -10.78 -6.31
C VAL A 582 -15.54 -10.98 -7.82
N PHE A 583 -16.14 -12.11 -8.22
CA PHE A 583 -16.30 -12.43 -9.62
C PHE A 583 -17.16 -11.41 -10.35
N LEU A 584 -18.17 -10.86 -9.67
CA LEU A 584 -19.00 -9.83 -10.28
C LEU A 584 -18.38 -8.44 -10.13
N GLY A 585 -17.69 -8.19 -9.02
CA GLY A 585 -16.98 -6.94 -8.85
C GLY A 585 -15.92 -6.73 -9.91
N LEU A 586 -15.32 -7.82 -10.40
CA LEU A 586 -14.36 -7.69 -11.50
C LEU A 586 -15.01 -7.11 -12.75
N PHE A 587 -16.20 -7.61 -13.11
CA PHE A 587 -16.92 -7.07 -14.25
C PHE A 587 -17.24 -5.59 -14.06
N TRP A 588 -17.72 -5.23 -12.87
CA TRP A 588 -18.09 -3.83 -12.69
C TRP A 588 -16.87 -2.91 -12.63
N MET A 589 -15.74 -3.40 -12.10
CA MET A 589 -14.50 -2.64 -12.17
C MET A 589 -14.06 -2.43 -13.61
N TYR A 590 -14.19 -3.47 -14.44
CA TYR A 590 -13.89 -3.32 -15.86
C TYR A 590 -14.73 -2.23 -16.48
N ASN A 591 -16.04 -2.26 -16.21
CA ASN A 591 -16.94 -1.23 -16.73
C ASN A 591 -16.48 0.17 -16.33
N ALA A 592 -16.21 0.35 -15.04
CA ALA A 592 -15.83 1.67 -14.52
C ALA A 592 -14.56 2.17 -15.17
N ILE A 593 -13.52 1.32 -15.21
CA ILE A 593 -12.23 1.77 -15.72
C ILE A 593 -12.32 2.04 -17.23
N SER A 594 -13.12 1.25 -17.95
CA SER A 594 -13.30 1.52 -19.37
C SER A 594 -13.93 2.89 -19.59
N VAL A 595 -14.96 3.22 -18.82
CA VAL A 595 -15.56 4.54 -18.97
C VAL A 595 -14.56 5.64 -18.61
N VAL A 596 -13.74 5.41 -17.58
CA VAL A 596 -12.78 6.44 -17.17
C VAL A 596 -11.75 6.70 -18.27
N ILE A 597 -11.21 5.63 -18.84
CA ILE A 597 -10.17 5.82 -19.87
C ILE A 597 -10.77 6.39 -21.14
N PHE A 598 -12.02 6.05 -21.48
CA PHE A 598 -12.66 6.67 -22.63
C PHE A 598 -12.85 8.17 -22.41
N HIS A 599 -13.28 8.55 -21.21
CA HIS A 599 -13.42 9.97 -20.88
C HIS A 599 -12.09 10.69 -21.02
N PHE A 600 -11.03 10.11 -20.47
CA PHE A 600 -9.71 10.74 -20.57
C PHE A 600 -9.29 10.91 -22.02
N SER A 601 -9.38 9.84 -22.81
CA SER A 601 -8.93 9.89 -24.19
C SER A 601 -9.68 10.95 -24.99
N TRP A 602 -11.01 10.92 -24.93
CA TRP A 602 -11.78 11.88 -25.72
C TRP A 602 -11.54 13.31 -25.26
N LYS A 603 -11.55 13.55 -23.94
CA LYS A 603 -11.37 14.92 -23.47
C LYS A 603 -10.00 15.47 -23.84
N MET A 604 -8.95 14.65 -23.68
CA MET A 604 -7.62 15.13 -24.03
C MET A 604 -7.52 15.42 -25.52
N GLN A 605 -7.93 14.47 -26.37
CA GLN A 605 -7.84 14.68 -27.81
C GLN A 605 -8.69 15.87 -28.26
N SER A 606 -9.78 16.16 -27.57
CA SER A 606 -10.71 17.19 -28.00
C SER A 606 -10.39 18.57 -27.45
N ASP A 607 -9.68 18.67 -26.32
CA ASP A 607 -9.51 19.97 -25.68
C ASP A 607 -8.09 20.31 -25.26
N VAL A 608 -7.14 19.38 -25.29
CA VAL A 608 -5.80 19.69 -24.82
C VAL A 608 -4.79 19.47 -25.93
N TRP A 609 -4.68 18.22 -26.40
CA TRP A 609 -3.69 17.88 -27.40
C TRP A 609 -4.01 18.53 -28.73
N GLY A 610 -2.98 18.92 -29.45
CA GLY A 610 -3.16 19.54 -30.76
C GLY A 610 -1.87 20.16 -31.24
N SER A 611 -1.95 20.72 -32.44
CA SER A 611 -0.81 21.37 -33.08
C SER A 611 -1.01 22.87 -33.07
N ILE A 612 0.07 23.59 -32.76
CA ILE A 612 0.06 25.05 -32.72
C ILE A 612 0.99 25.57 -33.80
N SER A 613 0.56 26.63 -34.48
CA SER A 613 1.32 27.23 -35.55
C SER A 613 1.65 28.69 -35.19
N ASP A 614 2.16 29.42 -36.17
CA ASP A 614 2.50 30.82 -35.97
C ASP A 614 1.28 31.62 -35.56
N GLN A 615 1.52 32.72 -34.84
CA GLN A 615 0.52 33.60 -34.24
C GLN A 615 -0.25 32.93 -33.10
N GLY A 616 0.19 31.76 -32.65
CA GLY A 616 -0.41 31.12 -31.49
C GLY A 616 -1.85 30.69 -31.66
N VAL A 617 -2.17 30.06 -32.79
CA VAL A 617 -3.49 29.52 -33.04
C VAL A 617 -3.43 28.00 -32.85
N VAL A 618 -4.36 27.47 -32.08
CA VAL A 618 -4.35 26.08 -31.65
C VAL A 618 -5.42 25.31 -32.39
N THR A 619 -5.03 24.19 -32.99
CA THR A 619 -5.95 23.27 -33.65
C THR A 619 -5.89 21.92 -32.94
N HIS A 620 -7.02 21.48 -32.41
CA HIS A 620 -7.07 20.24 -31.65
C HIS A 620 -7.32 19.05 -32.57
N ILE A 621 -7.03 17.86 -32.06
CA ILE A 621 -7.07 16.65 -32.87
C ILE A 621 -8.49 16.39 -33.37
N THR A 622 -9.48 16.50 -32.50
CA THR A 622 -10.87 16.30 -32.87
C THR A 622 -11.67 17.60 -32.91
N GLY A 623 -11.01 18.74 -32.78
CA GLY A 623 -11.67 20.02 -32.98
C GLY A 623 -12.74 20.39 -31.97
N GLY A 624 -12.53 20.04 -30.70
CA GLY A 624 -13.44 20.49 -29.65
C GLY A 624 -14.86 20.03 -29.77
N ASN A 625 -15.08 18.77 -30.14
CA ASN A 625 -16.41 18.22 -30.26
C ASN A 625 -16.88 17.50 -29.00
N PHE A 626 -16.06 17.45 -27.96
CA PHE A 626 -16.44 16.76 -26.73
C PHE A 626 -17.62 17.45 -26.05
N ALA A 627 -17.65 18.79 -26.08
CA ALA A 627 -18.68 19.51 -25.34
C ALA A 627 -20.07 19.26 -25.91
N GLN A 628 -20.18 19.10 -27.22
CA GLN A 628 -21.47 18.93 -27.87
C GLN A 628 -21.82 17.47 -28.14
N SER A 629 -20.84 16.65 -28.50
CA SER A 629 -21.13 15.29 -28.94
C SER A 629 -21.08 14.25 -27.84
N SER A 630 -20.59 14.59 -26.65
CA SER A 630 -20.49 13.60 -25.58
C SER A 630 -21.70 13.59 -24.66
N ILE A 631 -22.72 14.40 -24.95
CA ILE A 631 -23.92 14.43 -24.11
C ILE A 631 -24.95 13.39 -24.53
N THR A 632 -24.65 12.59 -25.55
CA THR A 632 -25.56 11.58 -26.04
C THR A 632 -24.81 10.26 -26.22
N ILE A 633 -25.53 9.15 -26.04
CA ILE A 633 -24.93 7.85 -26.29
C ILE A 633 -24.62 7.69 -27.78
N ASN A 634 -25.53 8.15 -28.64
CA ASN A 634 -25.26 8.14 -30.07
C ASN A 634 -24.04 9.00 -30.39
N GLY A 635 -23.87 10.10 -29.66
CA GLY A 635 -22.69 10.93 -29.87
C GLY A 635 -21.41 10.17 -29.58
N TRP A 636 -21.37 9.45 -28.47
CA TRP A 636 -20.21 8.59 -28.19
C TRP A 636 -20.01 7.59 -29.30
N LEU A 637 -21.06 6.83 -29.63
CA LEU A 637 -20.93 5.74 -30.60
C LEU A 637 -20.43 6.24 -31.94
N ARG A 638 -20.90 7.41 -32.38
CA ARG A 638 -20.52 7.91 -33.70
C ARG A 638 -19.17 8.61 -33.68
N ASP A 639 -18.99 9.57 -32.77
CA ASP A 639 -17.84 10.46 -32.83
C ASP A 639 -16.64 9.96 -32.04
N PHE A 640 -16.74 8.85 -31.31
CA PHE A 640 -15.58 8.30 -30.63
C PHE A 640 -15.23 6.91 -31.17
N LEU A 641 -16.13 5.94 -31.06
CA LEU A 641 -15.80 4.58 -31.46
C LEU A 641 -15.75 4.44 -32.97
N TRP A 642 -16.73 4.99 -33.67
CA TRP A 642 -16.74 4.86 -35.12
C TRP A 642 -15.67 5.74 -35.76
N ALA A 643 -15.49 6.96 -35.26
CA ALA A 643 -14.55 7.89 -35.87
C ALA A 643 -13.11 7.50 -35.57
N GLN A 644 -12.81 7.16 -34.32
CA GLN A 644 -11.44 6.96 -33.90
C GLN A 644 -10.93 5.54 -34.15
N ALA A 645 -11.79 4.62 -34.56
CA ALA A 645 -11.36 3.28 -34.90
C ALA A 645 -10.97 3.14 -36.37
N SER A 646 -11.00 4.24 -37.12
CA SER A 646 -10.60 4.18 -38.53
C SER A 646 -9.13 3.82 -38.67
N GLN A 647 -8.31 4.19 -37.68
CA GLN A 647 -6.88 3.93 -37.77
C GLN A 647 -6.56 2.45 -37.58
N VAL A 648 -7.21 1.82 -36.60
CA VAL A 648 -6.89 0.42 -36.30
C VAL A 648 -7.39 -0.51 -37.38
N ILE A 649 -8.52 -0.18 -38.02
CA ILE A 649 -9.08 -1.04 -39.06
C ILE A 649 -8.49 -0.79 -40.42
N GLN A 650 -7.67 0.25 -40.58
CA GLN A 650 -6.98 0.54 -41.83
C GLN A 650 -5.47 0.36 -41.72
N SER A 651 -5.01 -0.33 -40.67
CA SER A 651 -3.59 -0.48 -40.41
C SER A 651 -2.97 -1.67 -41.12
N TYR A 652 -3.74 -2.44 -41.88
CA TYR A 652 -3.19 -3.58 -42.60
C TYR A 652 -2.25 -3.10 -43.70
N GLY A 653 -1.14 -3.81 -43.85
CA GLY A 653 -0.15 -3.46 -44.84
C GLY A 653 0.85 -2.41 -44.42
N SER A 654 0.77 -1.92 -43.19
CA SER A 654 1.71 -0.94 -42.66
C SER A 654 2.41 -1.52 -41.43
N SER A 655 3.22 -0.70 -40.77
CA SER A 655 3.90 -1.14 -39.56
C SER A 655 2.96 -1.28 -38.36
N LEU A 656 1.72 -0.83 -38.49
CA LEU A 656 0.74 -0.91 -37.41
C LEU A 656 -0.20 -2.10 -37.56
N SER A 657 0.10 -3.04 -38.46
CA SER A 657 -0.82 -4.13 -38.74
C SER A 657 -1.01 -5.05 -37.55
N ALA A 658 0.01 -5.19 -36.70
CA ALA A 658 -0.12 -6.03 -35.52
C ALA A 658 -1.22 -5.52 -34.60
N TYR A 659 -1.42 -4.20 -34.55
CA TYR A 659 -2.49 -3.65 -33.72
C TYR A 659 -3.86 -4.06 -34.24
N GLY A 660 -4.06 -4.03 -35.57
CA GLY A 660 -5.31 -4.52 -36.12
C GLY A 660 -5.52 -6.00 -35.90
N LEU A 661 -4.44 -6.79 -36.04
CA LEU A 661 -4.54 -8.22 -35.81
C LEU A 661 -4.97 -8.50 -34.37
N LEU A 662 -4.37 -7.80 -33.40
CA LEU A 662 -4.71 -8.03 -32.00
C LEU A 662 -6.07 -7.42 -31.66
N PHE A 663 -6.49 -6.38 -32.39
CA PHE A 663 -7.85 -5.87 -32.25
C PHE A 663 -8.87 -6.96 -32.58
N LEU A 664 -8.70 -7.60 -33.73
CA LEU A 664 -9.60 -8.70 -34.10
C LEU A 664 -9.49 -9.86 -33.13
N GLY A 665 -8.26 -10.24 -32.75
CA GLY A 665 -8.09 -11.35 -31.83
C GLY A 665 -8.70 -11.11 -30.47
N ALA A 666 -8.68 -9.85 -30.01
CA ALA A 666 -9.27 -9.52 -28.72
C ALA A 666 -10.80 -9.53 -28.79
N HIS A 667 -11.39 -8.96 -29.85
CA HIS A 667 -12.82 -9.15 -30.05
C HIS A 667 -13.17 -10.64 -30.00
N PHE A 668 -12.32 -11.47 -30.62
CA PHE A 668 -12.56 -12.92 -30.66
C PHE A 668 -12.52 -13.53 -29.27
N VAL A 669 -11.47 -13.23 -28.49
CA VAL A 669 -11.33 -13.84 -27.17
C VAL A 669 -12.46 -13.40 -26.25
N TRP A 670 -12.86 -12.13 -26.33
CA TRP A 670 -13.97 -11.64 -25.54
C TRP A 670 -15.25 -12.40 -25.88
N ALA A 671 -15.50 -12.63 -27.18
CA ALA A 671 -16.65 -13.46 -27.55
C ALA A 671 -16.51 -14.88 -27.02
N PHE A 672 -15.29 -15.42 -27.08
CA PHE A 672 -15.05 -16.80 -26.66
C PHE A 672 -15.36 -17.01 -25.19
N SER A 673 -15.16 -15.99 -24.36
CA SER A 673 -15.42 -16.14 -22.93
C SER A 673 -16.90 -16.36 -22.62
N LEU A 674 -17.79 -15.89 -23.50
CA LEU A 674 -19.22 -15.99 -23.24
C LEU A 674 -19.70 -17.42 -23.17
N MET A 675 -19.00 -18.37 -23.81
CA MET A 675 -19.46 -19.74 -23.79
C MET A 675 -19.18 -20.40 -22.45
N PHE A 676 -18.14 -19.96 -21.76
CA PHE A 676 -17.94 -20.38 -20.38
C PHE A 676 -18.87 -19.64 -19.44
N LEU A 677 -19.18 -18.37 -19.75
CA LEU A 677 -19.99 -17.58 -18.82
C LEU A 677 -21.45 -17.99 -18.85
N PHE A 678 -21.99 -18.32 -20.02
CA PHE A 678 -23.43 -18.53 -20.17
C PHE A 678 -23.88 -19.96 -19.94
N SER A 679 -22.97 -20.92 -19.79
CA SER A 679 -23.32 -22.33 -19.79
C SER A 679 -23.07 -22.95 -18.43
N GLY A 680 -23.42 -24.24 -18.32
CA GLY A 680 -23.26 -24.98 -17.09
C GLY A 680 -22.48 -26.25 -17.31
N ARG A 681 -22.18 -26.93 -16.20
CA ARG A 681 -21.23 -28.04 -16.21
C ARG A 681 -21.85 -29.35 -16.69
N GLY A 682 -23.13 -29.59 -16.42
CA GLY A 682 -23.72 -30.88 -16.74
C GLY A 682 -23.76 -31.18 -18.22
N TYR A 683 -24.05 -30.17 -19.03
CA TYR A 683 -24.05 -30.35 -20.48
C TYR A 683 -22.70 -30.85 -20.95
N TRP A 684 -21.63 -30.20 -20.52
CA TRP A 684 -20.30 -30.56 -20.98
C TRP A 684 -19.89 -31.92 -20.43
N GLN A 685 -20.32 -32.26 -19.21
CA GLN A 685 -20.01 -33.58 -18.68
C GLN A 685 -20.67 -34.68 -19.52
N GLU A 686 -21.91 -34.47 -19.94
CA GLU A 686 -22.58 -35.49 -20.76
C GLU A 686 -21.96 -35.58 -22.15
N LEU A 687 -21.61 -34.44 -22.74
CA LEU A 687 -20.92 -34.46 -24.03
C LEU A 687 -19.58 -35.18 -23.92
N ILE A 688 -18.86 -34.94 -22.83
CA ILE A 688 -17.61 -35.65 -22.58
C ILE A 688 -17.85 -37.14 -22.41
N GLU A 689 -18.99 -37.53 -21.82
CA GLU A 689 -19.33 -38.95 -21.75
C GLU A 689 -19.42 -39.56 -23.13
N SER A 690 -20.12 -38.89 -24.04
CA SER A 690 -20.21 -39.42 -25.41
C SER A 690 -18.85 -39.50 -26.08
N ILE A 691 -18.02 -38.45 -25.93
CA ILE A 691 -16.70 -38.46 -26.55
C ILE A 691 -15.82 -39.55 -25.94
N VAL A 692 -15.97 -39.80 -24.64
CA VAL A 692 -15.22 -40.85 -23.97
C VAL A 692 -15.65 -42.21 -24.49
N TRP A 693 -16.95 -42.38 -24.79
CA TRP A 693 -17.36 -43.61 -25.45
C TRP A 693 -16.67 -43.76 -26.80
N ALA A 694 -16.58 -42.67 -27.55
CA ALA A 694 -15.92 -42.74 -28.86
C ALA A 694 -14.46 -43.16 -28.73
N HIS A 695 -13.74 -42.58 -27.76
CA HIS A 695 -12.35 -42.97 -27.56
C HIS A 695 -12.24 -44.39 -27.01
N ASN A 696 -13.21 -44.83 -26.21
CA ASN A 696 -13.20 -46.19 -25.67
C ASN A 696 -13.38 -47.23 -26.76
N LYS A 697 -14.18 -46.90 -27.78
CA LYS A 697 -14.44 -47.85 -28.86
C LYS A 697 -13.17 -48.28 -29.58
N LEU A 698 -12.11 -47.46 -29.53
CA LEU A 698 -10.86 -47.77 -30.20
C LEU A 698 -9.72 -48.07 -29.22
N LYS A 699 -10.05 -48.43 -27.97
CA LYS A 699 -9.08 -48.83 -26.97
C LYS A 699 -8.07 -47.72 -26.64
N VAL A 700 -8.49 -46.46 -26.74
CA VAL A 700 -7.56 -45.35 -26.56
C VAL A 700 -8.08 -44.39 -25.51
N ALA A 701 -8.89 -44.88 -24.58
CA ALA A 701 -9.36 -44.04 -23.50
C ALA A 701 -8.21 -43.72 -22.54
N PRO A 702 -8.14 -42.50 -22.01
CA PRO A 702 -7.05 -42.15 -21.11
C PRO A 702 -7.20 -42.79 -19.74
N ALA A 703 -6.08 -42.94 -19.05
CA ALA A 703 -6.09 -43.50 -17.70
C ALA A 703 -6.64 -42.48 -16.70
N ILE A 704 -6.26 -41.22 -16.86
CA ILE A 704 -6.83 -40.14 -16.04
C ILE A 704 -8.17 -39.75 -16.64
N GLN A 705 -9.23 -39.94 -15.88
CA GLN A 705 -10.59 -39.79 -16.41
C GLN A 705 -10.88 -38.33 -16.74
N PRO A 706 -11.28 -38.02 -17.96
CA PRO A 706 -11.63 -36.63 -18.30
C PRO A 706 -12.86 -36.17 -17.53
N ARG A 707 -12.83 -34.93 -17.08
CA ARG A 707 -13.93 -34.34 -16.34
C ARG A 707 -14.16 -32.93 -16.82
N ALA A 708 -15.43 -32.51 -16.84
CA ALA A 708 -15.75 -31.12 -17.13
C ALA A 708 -15.21 -30.22 -16.03
N LEU A 709 -14.89 -28.99 -16.40
CA LEU A 709 -14.38 -28.03 -15.44
C LEU A 709 -15.40 -27.78 -14.34
N SER A 710 -14.91 -27.58 -13.13
CA SER A 710 -15.81 -27.34 -12.01
C SER A 710 -16.57 -26.02 -12.22
N ILE A 711 -17.59 -25.80 -11.39
CA ILE A 711 -18.43 -24.62 -11.53
C ILE A 711 -17.61 -23.35 -11.29
N VAL A 712 -16.84 -23.34 -10.20
CA VAL A 712 -15.99 -22.19 -9.88
C VAL A 712 -14.93 -22.00 -10.95
N GLN A 713 -14.37 -23.10 -11.46
CA GLN A 713 -13.39 -22.99 -12.52
C GLN A 713 -14.02 -22.46 -13.80
N GLY A 714 -15.25 -22.87 -14.10
CA GLY A 714 -15.93 -22.31 -15.26
C GLY A 714 -16.12 -20.81 -15.15
N ARG A 715 -16.55 -20.34 -13.97
CA ARG A 715 -16.70 -18.91 -13.76
C ARG A 715 -15.36 -18.19 -13.88
N ALA A 716 -14.30 -18.76 -13.31
CA ALA A 716 -12.99 -18.11 -13.35
C ALA A 716 -12.46 -18.02 -14.77
N VAL A 717 -12.59 -19.11 -15.54
CA VAL A 717 -12.13 -19.09 -16.93
C VAL A 717 -12.91 -18.07 -17.73
N GLY A 718 -14.23 -18.02 -17.54
CA GLY A 718 -15.03 -17.04 -18.26
C GLY A 718 -14.60 -15.62 -17.97
N VAL A 719 -14.43 -15.28 -16.68
CA VAL A 719 -14.09 -13.91 -16.34
C VAL A 719 -12.68 -13.56 -16.81
N ALA A 720 -11.75 -14.52 -16.75
CA ALA A 720 -10.39 -14.24 -17.18
C ALA A 720 -10.32 -13.97 -18.68
N HIS A 721 -10.91 -14.86 -19.48
CA HIS A 721 -10.87 -14.64 -20.93
C HIS A 721 -11.66 -13.38 -21.31
N TYR A 722 -12.76 -13.09 -20.61
CA TYR A 722 -13.54 -11.87 -20.86
C TYR A 722 -12.69 -10.62 -20.62
N LEU A 723 -12.03 -10.53 -19.47
CA LEU A 723 -11.22 -9.37 -19.16
C LEU A 723 -10.07 -9.22 -20.14
N LEU A 724 -9.40 -10.34 -20.46
CA LEU A 724 -8.30 -10.27 -21.41
C LEU A 724 -8.77 -9.73 -22.75
N GLY A 725 -9.91 -10.24 -23.26
CA GLY A 725 -10.39 -9.78 -24.54
C GLY A 725 -10.73 -8.31 -24.55
N GLY A 726 -11.48 -7.85 -23.55
CA GLY A 726 -11.88 -6.45 -23.52
C GLY A 726 -10.70 -5.51 -23.40
N ILE A 727 -9.78 -5.82 -22.47
CA ILE A 727 -8.65 -4.93 -22.25
C ILE A 727 -7.73 -4.92 -23.46
N ALA A 728 -7.54 -6.08 -24.11
CA ALA A 728 -6.69 -6.10 -25.29
C ALA A 728 -7.31 -5.34 -26.45
N THR A 729 -8.64 -5.41 -26.58
CA THR A 729 -9.32 -4.60 -27.60
C THR A 729 -9.04 -3.12 -27.40
N THR A 730 -9.24 -2.65 -26.16
CA THR A 730 -8.99 -1.23 -25.88
C THR A 730 -7.52 -0.88 -26.09
N TRP A 731 -6.62 -1.80 -25.72
CA TRP A 731 -5.18 -1.58 -25.90
C TRP A 731 -4.84 -1.35 -27.37
N ALA A 732 -5.27 -2.26 -28.23
CA ALA A 732 -4.97 -2.13 -29.66
C ALA A 732 -5.58 -0.86 -30.24
N PHE A 733 -6.84 -0.58 -29.88
CA PHE A 733 -7.51 0.62 -30.39
C PHE A 733 -6.75 1.88 -30.01
N PHE A 734 -6.44 2.04 -28.72
CA PHE A 734 -5.74 3.24 -28.26
C PHE A 734 -4.38 3.37 -28.91
N LEU A 735 -3.60 2.28 -28.93
CA LEU A 735 -2.24 2.39 -29.45
C LEU A 735 -2.24 2.72 -30.93
N ALA A 736 -3.08 2.05 -31.72
CA ALA A 736 -3.13 2.36 -33.14
C ALA A 736 -3.52 3.81 -33.37
N ARG A 737 -4.61 4.26 -32.73
CA ARG A 737 -5.09 5.61 -32.98
C ARG A 737 -4.06 6.66 -32.58
N ILE A 738 -3.48 6.52 -31.39
CA ILE A 738 -2.61 7.57 -30.89
C ILE A 738 -1.23 7.53 -31.54
N ILE A 739 -0.77 6.36 -32.00
CA ILE A 739 0.47 6.33 -32.76
C ILE A 739 0.26 6.95 -34.13
N SER A 740 -0.92 6.75 -34.72
CA SER A 740 -1.19 7.33 -36.03
C SER A 740 -1.32 8.84 -35.97
N VAL A 741 -2.11 9.36 -35.03
CA VAL A 741 -2.41 10.80 -35.00
C VAL A 741 -1.57 11.53 -33.96
N GLY A 742 -0.63 10.86 -33.31
CA GLY A 742 0.21 11.51 -32.32
C GLY A 742 1.67 11.63 -32.75
N ALA B 1 -56.29 -23.38 -7.40
CA ALA B 1 -57.65 -23.28 -7.92
C ALA B 1 -58.34 -22.02 -7.41
N SER B 2 -58.11 -21.70 -6.14
CA SER B 2 -58.73 -20.52 -5.55
C SER B 2 -58.15 -19.23 -6.12
N ARG B 3 -56.82 -19.13 -6.17
CA ARG B 3 -56.17 -17.89 -6.53
C ARG B 3 -55.98 -17.82 -8.05
N PHE B 4 -55.14 -16.88 -8.51
CA PHE B 4 -54.97 -16.62 -9.93
C PHE B 4 -54.65 -17.84 -10.77
N PRO B 5 -53.65 -18.67 -10.46
CA PRO B 5 -53.43 -19.86 -11.29
C PRO B 5 -54.53 -20.87 -11.02
N LYS B 6 -55.70 -20.64 -11.61
CA LYS B 6 -56.85 -21.51 -11.37
C LYS B 6 -56.58 -22.95 -11.80
N PHE B 7 -55.62 -23.17 -12.68
CA PHE B 7 -55.28 -24.49 -13.18
C PHE B 7 -54.21 -25.19 -12.34
N SER B 8 -53.65 -24.53 -11.34
CA SER B 8 -52.56 -25.12 -10.56
C SER B 8 -52.76 -24.82 -9.08
N ARG B 9 -52.71 -25.88 -8.26
CA ARG B 9 -52.81 -25.71 -6.81
C ARG B 9 -51.49 -25.28 -6.19
N GLY B 10 -50.39 -25.93 -6.59
CA GLY B 10 -49.10 -25.59 -6.01
C GLY B 10 -48.71 -24.14 -6.27
N LEU B 11 -49.04 -23.62 -7.44
CA LEU B 11 -48.76 -22.22 -7.73
C LEU B 11 -49.74 -21.31 -7.00
N SER B 12 -50.99 -21.74 -6.86
CA SER B 12 -51.97 -20.92 -6.14
C SER B 12 -51.58 -20.73 -4.69
N GLN B 13 -51.03 -21.77 -4.06
CA GLN B 13 -50.69 -21.69 -2.65
C GLN B 13 -49.35 -21.03 -2.39
N ASP B 14 -48.64 -20.61 -3.43
CA ASP B 14 -47.33 -19.98 -3.26
C ASP B 14 -47.50 -18.57 -2.71
N PRO B 15 -46.83 -18.20 -1.63
CA PRO B 15 -47.01 -16.87 -1.03
C PRO B 15 -46.16 -15.79 -1.65
N THR B 16 -45.33 -16.10 -2.64
CA THR B 16 -44.36 -15.16 -3.17
C THR B 16 -44.82 -14.60 -4.51
N THR B 17 -43.99 -13.74 -5.10
CA THR B 17 -44.24 -13.23 -6.44
C THR B 17 -43.94 -14.25 -7.52
N ARG B 18 -43.34 -15.38 -7.16
CA ARG B 18 -43.12 -16.46 -8.11
C ARG B 18 -44.44 -16.99 -8.65
N ARG B 19 -45.52 -16.85 -7.86
CA ARG B 19 -46.82 -17.35 -8.29
C ARG B 19 -47.29 -16.68 -9.57
N ILE B 20 -47.17 -15.35 -9.65
CA ILE B 20 -47.62 -14.63 -10.84
C ILE B 20 -46.79 -15.01 -12.05
N TRP B 21 -45.47 -15.02 -11.90
CA TRP B 21 -44.58 -15.35 -13.00
C TRP B 21 -44.88 -16.73 -13.55
N PHE B 22 -44.99 -17.73 -12.67
CA PHE B 22 -45.18 -19.09 -13.14
C PHE B 22 -46.62 -19.35 -13.60
N GLY B 23 -47.60 -18.60 -13.07
CA GLY B 23 -48.94 -18.71 -13.61
C GLY B 23 -49.01 -18.18 -15.03
N ILE B 24 -48.29 -17.10 -15.31
CA ILE B 24 -48.19 -16.63 -16.69
C ILE B 24 -47.45 -17.65 -17.56
N ALA B 25 -46.36 -18.20 -17.04
CA ALA B 25 -45.44 -18.98 -17.86
C ALA B 25 -45.93 -20.40 -18.16
N THR B 26 -46.90 -20.92 -17.41
CA THR B 26 -47.38 -22.28 -17.60
C THR B 26 -48.85 -22.33 -17.99
N ALA B 27 -49.42 -21.21 -18.43
CA ALA B 27 -50.86 -21.14 -18.64
C ALA B 27 -51.30 -21.98 -19.83
N HIS B 28 -50.47 -22.01 -20.89
CA HIS B 28 -50.88 -22.61 -22.15
C HIS B 28 -50.34 -24.03 -22.33
N ASP B 29 -49.92 -24.66 -21.24
CA ASP B 29 -49.45 -26.05 -21.23
C ASP B 29 -50.56 -26.89 -20.59
N PHE B 30 -51.47 -27.39 -21.42
CA PHE B 30 -52.71 -27.96 -20.89
C PHE B 30 -52.48 -29.31 -20.24
N GLU B 31 -51.42 -30.04 -20.62
CA GLU B 31 -51.20 -31.36 -20.04
C GLU B 31 -50.80 -31.30 -18.58
N SER B 32 -50.36 -30.13 -18.10
CA SER B 32 -49.91 -29.99 -16.72
C SER B 32 -50.98 -29.41 -15.80
N HIS B 33 -52.12 -29.00 -16.33
CA HIS B 33 -53.16 -28.44 -15.49
C HIS B 33 -53.80 -29.53 -14.63
N ASP B 34 -54.34 -29.12 -13.49
CA ASP B 34 -54.92 -30.07 -12.55
C ASP B 34 -56.20 -30.66 -13.12
N ASP B 35 -56.37 -31.97 -12.90
CA ASP B 35 -57.59 -32.70 -13.29
C ASP B 35 -57.87 -32.55 -14.79
N MET B 36 -56.82 -32.73 -15.60
CA MET B 36 -56.92 -32.62 -17.05
C MET B 36 -57.10 -34.01 -17.65
N THR B 37 -58.18 -34.18 -18.41
CA THR B 37 -58.42 -35.41 -19.15
C THR B 37 -58.08 -35.22 -20.62
N GLU B 38 -57.96 -36.34 -21.34
CA GLU B 38 -57.57 -36.28 -22.75
C GLU B 38 -58.62 -35.55 -23.58
N GLU B 39 -59.89 -35.83 -23.32
CA GLU B 39 -60.97 -35.21 -24.11
C GLU B 39 -60.95 -33.69 -23.95
N ARG B 40 -60.84 -33.21 -22.71
CA ARG B 40 -60.79 -31.78 -22.47
C ARG B 40 -59.57 -31.16 -23.13
N LEU B 41 -58.44 -31.87 -23.09
CA LEU B 41 -57.22 -31.40 -23.74
C LEU B 41 -57.46 -31.18 -25.22
N TYR B 42 -58.03 -32.18 -25.89
CA TYR B 42 -58.23 -32.07 -27.34
C TYR B 42 -59.19 -30.94 -27.68
N GLN B 43 -60.30 -30.82 -26.93
CA GLN B 43 -61.28 -29.79 -27.24
C GLN B 43 -60.71 -28.39 -26.99
N LYS B 44 -59.94 -28.23 -25.91
CA LYS B 44 -59.33 -26.93 -25.64
C LYS B 44 -58.32 -26.57 -26.72
N ILE B 45 -57.53 -27.54 -27.19
CA ILE B 45 -56.59 -27.28 -28.27
C ILE B 45 -57.32 -26.84 -29.53
N PHE B 46 -58.43 -27.51 -29.84
CA PHE B 46 -59.17 -27.21 -31.06
C PHE B 46 -59.74 -25.79 -31.02
N ALA B 47 -60.29 -25.40 -29.87
CA ALA B 47 -60.81 -24.04 -29.73
C ALA B 47 -59.69 -22.99 -29.78
N SER B 48 -58.54 -23.29 -29.16
CA SER B 48 -57.42 -22.36 -29.22
C SER B 48 -56.93 -22.18 -30.65
N HIS B 49 -56.94 -23.24 -31.44
CA HIS B 49 -56.54 -23.13 -32.83
C HIS B 49 -57.52 -22.26 -33.62
N PHE B 50 -58.82 -22.37 -33.31
CA PHE B 50 -59.78 -21.44 -33.90
C PHE B 50 -59.46 -19.99 -33.53
N GLY B 51 -59.13 -19.74 -32.27
CA GLY B 51 -58.77 -18.39 -31.86
C GLY B 51 -57.56 -17.86 -32.58
N GLN B 52 -56.55 -18.72 -32.79
CA GLN B 52 -55.36 -18.30 -33.54
C GLN B 52 -55.72 -17.91 -34.97
N LEU B 53 -56.59 -18.70 -35.62
CA LEU B 53 -57.03 -18.34 -36.97
C LEU B 53 -57.71 -16.99 -36.99
N ALA B 54 -58.58 -16.73 -36.01
CA ALA B 54 -59.25 -15.44 -35.94
C ALA B 54 -58.26 -14.30 -35.79
N ILE B 55 -57.24 -14.50 -34.94
CA ILE B 55 -56.22 -13.46 -34.75
C ILE B 55 -55.48 -13.18 -36.05
N ILE B 56 -55.11 -14.23 -36.77
CA ILE B 56 -54.38 -14.06 -38.04
C ILE B 56 -55.22 -13.24 -39.02
N PHE B 57 -56.50 -13.59 -39.16
CA PHE B 57 -57.32 -12.89 -40.13
C PHE B 57 -57.59 -11.45 -39.72
N LEU B 58 -57.70 -11.17 -38.42
CA LEU B 58 -57.81 -9.79 -37.99
C LEU B 58 -56.54 -9.00 -38.30
N TRP B 59 -55.37 -9.62 -38.15
CA TRP B 59 -54.12 -8.95 -38.49
C TRP B 59 -54.09 -8.57 -39.97
N THR B 60 -54.49 -9.49 -40.84
CA THR B 60 -54.52 -9.18 -42.26
C THR B 60 -55.54 -8.08 -42.58
N SER B 61 -56.72 -8.16 -41.96
CA SER B 61 -57.74 -7.13 -42.19
C SER B 61 -57.25 -5.76 -41.74
N GLY B 62 -56.52 -5.71 -40.63
CA GLY B 62 -55.98 -4.45 -40.16
C GLY B 62 -54.95 -3.87 -41.11
N ASN B 63 -54.06 -4.71 -41.63
CA ASN B 63 -53.12 -4.24 -42.66
C ASN B 63 -53.88 -3.62 -43.83
N LEU B 64 -54.88 -4.35 -44.34
CA LEU B 64 -55.61 -3.87 -45.50
C LEU B 64 -56.31 -2.55 -45.22
N PHE B 65 -56.97 -2.44 -44.05
CA PHE B 65 -57.70 -1.22 -43.74
C PHE B 65 -56.76 -0.03 -43.59
N HIS B 66 -55.66 -0.21 -42.85
CA HIS B 66 -54.77 0.92 -42.62
C HIS B 66 -54.11 1.38 -43.91
N VAL B 67 -53.81 0.43 -44.83
CA VAL B 67 -53.25 0.83 -46.11
C VAL B 67 -54.30 1.55 -46.96
N ALA B 68 -55.54 1.06 -46.96
CA ALA B 68 -56.59 1.71 -47.75
C ALA B 68 -56.92 3.10 -47.20
N TRP B 69 -56.75 3.30 -45.90
CA TRP B 69 -57.16 4.55 -45.29
C TRP B 69 -56.07 5.61 -45.36
N GLN B 70 -54.83 5.23 -45.06
CA GLN B 70 -53.75 6.22 -44.95
C GLN B 70 -52.63 6.01 -45.95
N GLY B 71 -52.79 5.12 -46.93
CA GLY B 71 -51.72 4.84 -47.86
C GLY B 71 -51.96 5.36 -49.26
N ASN B 72 -50.88 5.53 -50.02
CA ASN B 72 -50.96 5.98 -51.41
C ASN B 72 -50.89 4.80 -52.38
N PHE B 73 -51.84 3.88 -52.24
CA PHE B 73 -51.84 2.69 -53.08
C PHE B 73 -52.08 3.05 -54.55
N GLU B 74 -53.01 3.96 -54.82
CA GLU B 74 -53.31 4.32 -56.20
C GLU B 74 -52.17 5.11 -56.84
N ALA B 75 -51.62 6.08 -56.10
CA ALA B 75 -50.50 6.85 -56.62
C ALA B 75 -49.30 5.95 -56.89
N TRP B 76 -49.04 5.01 -55.98
CA TRP B 76 -47.97 4.03 -56.22
C TRP B 76 -48.27 3.18 -57.45
N GLY B 77 -49.52 2.78 -57.62
CA GLY B 77 -49.88 1.99 -58.79
C GLY B 77 -49.64 2.73 -60.08
N GLN B 78 -49.87 4.04 -60.08
CA GLN B 78 -49.62 4.83 -61.29
C GLN B 78 -48.14 4.86 -61.65
N ASP B 79 -47.25 4.99 -60.66
CA ASP B 79 -45.81 5.07 -60.89
C ASP B 79 -45.09 4.16 -59.90
N PRO B 80 -45.05 2.86 -60.17
CA PRO B 80 -44.49 1.92 -59.18
C PRO B 80 -43.03 2.14 -58.85
N LEU B 81 -42.22 2.63 -59.80
CA LEU B 81 -40.79 2.71 -59.60
C LEU B 81 -40.33 4.04 -59.02
N HIS B 82 -41.24 4.99 -58.80
CA HIS B 82 -40.86 6.32 -58.32
C HIS B 82 -41.66 6.79 -57.12
N VAL B 83 -42.45 5.93 -56.50
CA VAL B 83 -43.29 6.29 -55.37
C VAL B 83 -42.99 5.33 -54.22
N ARG B 84 -42.89 5.87 -53.01
CA ARG B 84 -42.61 5.05 -51.84
C ARG B 84 -43.92 4.67 -51.17
N PRO B 85 -44.20 3.38 -50.98
CA PRO B 85 -45.45 2.97 -50.35
C PRO B 85 -45.51 3.40 -48.88
N ILE B 86 -46.73 3.60 -48.40
CA ILE B 86 -46.99 4.13 -47.07
C ILE B 86 -47.63 3.04 -46.22
N ALA B 87 -47.03 2.76 -45.06
CA ALA B 87 -47.55 1.71 -44.19
C ALA B 87 -48.69 2.21 -43.31
N HIS B 88 -48.40 3.14 -42.41
CA HIS B 88 -49.43 3.75 -41.58
C HIS B 88 -49.01 5.15 -41.21
N ALA B 89 -49.98 5.98 -40.84
CA ALA B 89 -49.70 7.34 -40.42
C ALA B 89 -49.13 7.35 -39.01
N ILE B 90 -48.57 8.49 -38.62
CA ILE B 90 -47.97 8.68 -37.31
C ILE B 90 -48.76 9.76 -36.57
N TRP B 91 -49.13 9.47 -35.33
CA TRP B 91 -49.67 10.48 -34.41
C TRP B 91 -48.96 10.29 -33.08
N ASP B 92 -47.82 10.95 -32.93
CA ASP B 92 -47.03 10.88 -31.71
C ASP B 92 -47.04 12.26 -31.05
N PRO B 93 -47.69 12.42 -29.90
CA PRO B 93 -47.70 13.74 -29.24
C PRO B 93 -46.33 14.19 -28.80
N HIS B 94 -45.37 13.28 -28.65
CA HIS B 94 -44.06 13.63 -28.13
C HIS B 94 -43.12 14.18 -29.20
N PHE B 95 -43.54 14.27 -30.46
CA PHE B 95 -42.69 14.84 -31.50
C PHE B 95 -42.51 16.36 -31.36
N GLY B 96 -41.46 16.85 -32.00
CA GLY B 96 -41.29 18.26 -32.27
C GLY B 96 -41.48 18.53 -33.76
N GLN B 97 -41.47 19.82 -34.10
CA GLN B 97 -41.72 20.22 -35.48
C GLN B 97 -40.72 19.66 -36.49
N PRO B 98 -39.39 19.65 -36.23
CA PRO B 98 -38.48 19.06 -37.21
C PRO B 98 -38.80 17.61 -37.54
N ALA B 99 -39.22 16.81 -36.55
CA ALA B 99 -39.60 15.44 -36.83
C ALA B 99 -40.83 15.37 -37.73
N VAL B 100 -41.80 16.26 -37.49
CA VAL B 100 -43.00 16.30 -38.32
C VAL B 100 -42.64 16.63 -39.76
N GLU B 101 -41.69 17.55 -39.95
CA GLU B 101 -41.23 17.84 -41.31
C GLU B 101 -40.48 16.66 -41.90
N ALA B 102 -39.67 15.96 -41.10
CA ALA B 102 -38.79 14.94 -41.64
C ALA B 102 -39.54 13.67 -42.02
N PHE B 103 -40.65 13.37 -41.34
CA PHE B 103 -41.37 12.13 -41.59
C PHE B 103 -42.49 12.28 -42.62
N THR B 104 -42.63 13.44 -43.24
CA THR B 104 -43.65 13.64 -44.27
C THR B 104 -43.08 13.18 -45.60
N ARG B 105 -43.19 11.87 -45.84
CA ARG B 105 -42.74 11.26 -47.09
C ARG B 105 -43.94 10.93 -47.97
N GLY B 106 -43.65 10.41 -49.15
CA GLY B 106 -44.70 10.11 -50.11
C GLY B 106 -45.42 11.37 -50.54
N GLY B 107 -46.70 11.22 -50.87
CA GLY B 107 -47.53 12.36 -51.18
C GLY B 107 -48.44 12.70 -50.03
N ALA B 108 -48.04 12.30 -48.83
CA ALA B 108 -48.89 12.43 -47.65
C ALA B 108 -48.99 13.88 -47.20
N SER B 109 -49.99 14.15 -46.37
CA SER B 109 -50.19 15.45 -45.75
C SER B 109 -49.71 15.50 -44.31
N GLY B 110 -49.06 14.43 -43.83
CA GLY B 110 -48.53 14.39 -42.49
C GLY B 110 -47.47 13.32 -42.37
N PRO B 111 -46.87 13.18 -41.19
CA PRO B 111 -45.86 12.13 -41.00
C PRO B 111 -46.46 10.75 -41.23
N VAL B 112 -45.70 9.89 -41.90
CA VAL B 112 -46.13 8.55 -42.27
C VAL B 112 -44.95 7.59 -42.13
N ASN B 113 -45.25 6.31 -42.30
CA ASN B 113 -44.25 5.25 -42.29
C ASN B 113 -44.20 4.61 -43.68
N ILE B 114 -42.99 4.40 -44.19
CA ILE B 114 -42.82 3.74 -45.48
C ILE B 114 -42.84 2.24 -45.27
N ALA B 115 -43.63 1.54 -46.07
CA ALA B 115 -43.83 0.11 -45.87
C ALA B 115 -42.71 -0.70 -46.53
N TYR B 116 -42.21 -1.70 -45.78
CA TYR B 116 -41.18 -2.60 -46.28
C TYR B 116 -41.62 -4.05 -46.25
N SER B 117 -42.92 -4.30 -46.17
CA SER B 117 -43.44 -5.66 -46.16
C SER B 117 -43.70 -6.22 -47.55
N GLY B 118 -43.80 -5.36 -48.55
CA GLY B 118 -44.04 -5.80 -49.91
C GLY B 118 -45.49 -6.10 -50.24
N VAL B 119 -46.43 -5.64 -49.41
CA VAL B 119 -47.83 -5.94 -49.67
C VAL B 119 -48.38 -5.11 -50.82
N TYR B 120 -47.77 -3.97 -51.12
CA TYR B 120 -48.20 -3.21 -52.29
C TYR B 120 -48.00 -4.01 -53.57
N GLN B 121 -46.81 -4.59 -53.73
CA GLN B 121 -46.52 -5.37 -54.94
C GLN B 121 -47.40 -6.60 -55.00
N TRP B 122 -47.59 -7.29 -53.87
CA TRP B 122 -48.42 -8.49 -53.84
C TRP B 122 -49.86 -8.18 -54.18
N TRP B 123 -50.42 -7.10 -53.60
CA TRP B 123 -51.81 -6.77 -53.87
C TRP B 123 -51.99 -6.26 -55.29
N TYR B 124 -51.01 -5.52 -55.82
CA TYR B 124 -51.12 -5.02 -57.19
C TYR B 124 -51.02 -6.15 -58.19
N THR B 125 -50.20 -7.17 -57.91
CA THR B 125 -50.04 -8.26 -58.85
C THR B 125 -51.30 -9.11 -58.97
N ILE B 126 -52.11 -9.19 -57.92
CA ILE B 126 -53.27 -10.07 -57.90
C ILE B 126 -54.55 -9.37 -58.30
N GLY B 127 -54.46 -8.15 -58.84
CA GLY B 127 -55.61 -7.49 -59.43
C GLY B 127 -56.19 -6.34 -58.63
N LEU B 128 -55.78 -6.13 -57.40
CA LEU B 128 -56.32 -5.03 -56.61
C LEU B 128 -55.78 -3.70 -57.15
N ARG B 129 -56.68 -2.74 -57.35
CA ARG B 129 -56.28 -1.53 -58.06
C ARG B 129 -56.60 -0.24 -57.31
N THR B 130 -57.73 -0.17 -56.62
CA THR B 130 -58.17 1.05 -55.94
C THR B 130 -58.24 0.83 -54.44
N ASN B 131 -58.70 1.86 -53.73
CA ASN B 131 -58.87 1.78 -52.29
C ASN B 131 -60.15 1.04 -51.89
N GLN B 132 -61.16 1.07 -52.77
CA GLN B 132 -62.40 0.36 -52.48
C GLN B 132 -62.16 -1.15 -52.44
N ASP B 133 -61.27 -1.65 -53.30
CA ASP B 133 -60.93 -3.07 -53.26
C ASP B 133 -60.33 -3.44 -51.91
N LEU B 134 -59.41 -2.63 -51.42
CA LEU B 134 -58.79 -2.91 -50.13
C LEU B 134 -59.80 -2.83 -49.00
N TYR B 135 -60.71 -1.85 -49.06
CA TYR B 135 -61.75 -1.75 -48.04
C TYR B 135 -62.66 -2.96 -48.04
N GLY B 136 -63.08 -3.42 -49.22
CA GLY B 136 -63.89 -4.62 -49.30
C GLY B 136 -63.18 -5.83 -48.74
N GLY B 137 -61.89 -5.96 -49.04
CA GLY B 137 -61.12 -7.05 -48.47
C GLY B 137 -61.03 -6.98 -46.96
N SER B 138 -60.85 -5.79 -46.42
CA SER B 138 -60.78 -5.63 -44.97
C SER B 138 -62.09 -6.02 -44.30
N ILE B 139 -63.21 -5.58 -44.86
CA ILE B 139 -64.51 -5.94 -44.29
C ILE B 139 -64.74 -7.44 -44.38
N PHE B 140 -64.38 -8.04 -45.51
CA PHE B 140 -64.57 -9.48 -45.67
C PHE B 140 -63.73 -10.26 -44.66
N LEU B 141 -62.50 -9.82 -44.41
CA LEU B 141 -61.66 -10.51 -43.45
C LEU B 141 -62.16 -10.32 -42.02
N LEU B 142 -62.74 -9.16 -41.71
CA LEU B 142 -63.44 -9.01 -40.44
C LEU B 142 -64.54 -10.05 -40.30
N PHE B 143 -65.33 -10.24 -41.35
CA PHE B 143 -66.40 -11.22 -41.32
C PHE B 143 -65.86 -12.63 -41.12
N VAL B 144 -64.75 -12.95 -41.78
CA VAL B 144 -64.16 -14.29 -41.65
C VAL B 144 -63.66 -14.53 -40.23
N SER B 145 -63.02 -13.53 -39.62
CA SER B 145 -62.57 -13.68 -38.24
C SER B 145 -63.74 -13.86 -37.29
N ALA B 146 -64.83 -13.12 -37.53
CA ALA B 146 -66.04 -13.32 -36.72
C ALA B 146 -66.57 -14.74 -36.87
N LEU B 147 -66.53 -15.26 -38.10
CA LEU B 147 -67.00 -16.63 -38.35
C LEU B 147 -66.17 -17.65 -37.57
N PHE B 148 -64.84 -17.48 -37.56
CA PHE B 148 -64.00 -18.40 -36.78
C PHE B 148 -64.25 -18.28 -35.29
N LEU B 149 -64.49 -17.07 -34.78
CA LEU B 149 -64.81 -16.95 -33.35
C LEU B 149 -66.10 -17.66 -33.01
N ILE B 150 -67.13 -17.49 -33.85
CA ILE B 150 -68.39 -18.20 -33.64
C ILE B 150 -68.17 -19.71 -33.71
N ALA B 151 -67.32 -20.15 -34.64
CA ALA B 151 -67.06 -21.58 -34.79
C ALA B 151 -66.40 -22.16 -33.55
N GLY B 152 -65.42 -21.44 -33.00
CA GLY B 152 -64.78 -21.92 -31.78
C GLY B 152 -65.77 -22.02 -30.63
N TRP B 153 -66.58 -20.97 -30.44
CA TRP B 153 -67.55 -20.98 -29.35
C TRP B 153 -68.54 -22.13 -29.53
N LEU B 154 -69.01 -22.35 -30.76
CA LEU B 154 -70.00 -23.39 -31.01
C LEU B 154 -69.40 -24.77 -30.79
N HIS B 155 -68.24 -25.05 -31.40
CA HIS B 155 -67.63 -26.35 -31.26
C HIS B 155 -67.05 -26.59 -29.86
N LEU B 156 -67.12 -25.60 -28.96
CA LEU B 156 -66.93 -25.89 -27.52
C LEU B 156 -68.23 -26.20 -26.78
N GLN B 157 -69.39 -26.14 -27.42
CA GLN B 157 -70.62 -26.35 -26.68
C GLN B 157 -70.87 -27.84 -26.45
N PRO B 158 -71.57 -28.19 -25.37
CA PRO B 158 -71.76 -29.61 -25.04
C PRO B 158 -72.44 -30.42 -26.14
N LYS B 159 -73.38 -29.81 -26.88
CA LYS B 159 -74.02 -30.53 -27.97
C LYS B 159 -73.08 -30.76 -29.13
N TRP B 160 -72.16 -29.83 -29.39
CA TRP B 160 -71.33 -29.86 -30.58
C TRP B 160 -69.88 -30.25 -30.30
N LYS B 161 -69.57 -30.70 -29.10
CA LYS B 161 -68.20 -31.08 -28.77
C LYS B 161 -67.82 -32.36 -29.49
N PRO B 162 -66.70 -32.40 -30.20
CA PRO B 162 -66.26 -33.64 -30.82
C PRO B 162 -65.68 -34.61 -29.79
N SER B 163 -65.63 -35.87 -30.18
CA SER B 163 -65.12 -36.92 -29.31
C SER B 163 -63.63 -37.17 -29.56
N VAL B 164 -63.02 -37.92 -28.64
CA VAL B 164 -61.58 -38.18 -28.74
C VAL B 164 -61.27 -39.04 -29.96
N SER B 165 -62.17 -39.97 -30.29
CA SER B 165 -61.97 -40.80 -31.47
C SER B 165 -62.03 -39.98 -32.75
N TRP B 166 -62.78 -38.89 -32.75
CA TRP B 166 -62.83 -38.02 -33.92
C TRP B 166 -61.48 -37.36 -34.18
N PHE B 167 -60.79 -36.95 -33.12
CA PHE B 167 -59.50 -36.29 -33.27
C PHE B 167 -58.40 -37.24 -33.70
N LYS B 168 -58.60 -38.55 -33.55
CA LYS B 168 -57.59 -39.54 -33.88
C LYS B 168 -57.86 -40.25 -35.19
N ASN B 169 -58.81 -39.76 -35.99
CA ASN B 169 -59.06 -40.30 -37.33
C ASN B 169 -58.02 -39.71 -38.27
N ALA B 170 -56.88 -40.38 -38.38
CA ALA B 170 -55.78 -39.84 -39.17
C ALA B 170 -56.04 -39.94 -40.66
N GLU B 171 -56.60 -41.07 -41.10
CA GLU B 171 -56.79 -41.28 -42.53
C GLU B 171 -57.81 -40.30 -43.12
N SER B 172 -58.96 -40.15 -42.45
CA SER B 172 -60.00 -39.26 -42.96
C SER B 172 -59.54 -37.80 -42.91
N ARG B 173 -58.89 -37.40 -41.82
CA ARG B 173 -58.40 -36.02 -41.73
C ARG B 173 -57.38 -35.74 -42.80
N LEU B 174 -56.46 -36.68 -43.04
CA LEU B 174 -55.44 -36.46 -44.05
C LEU B 174 -56.06 -36.45 -45.44
N ASN B 175 -57.09 -37.29 -45.68
CA ASN B 175 -57.77 -37.29 -46.96
C ASN B 175 -58.44 -35.94 -47.24
N HIS B 176 -59.13 -35.37 -46.29
CA HIS B 176 -59.78 -34.13 -46.56
C HIS B 176 -58.84 -33.01 -46.65
N HIS B 177 -57.90 -33.05 -45.78
CA HIS B 177 -56.91 -31.93 -45.74
C HIS B 177 -56.05 -31.89 -46.97
N LEU B 178 -55.60 -33.03 -47.41
CA LEU B 178 -54.81 -33.08 -48.64
C LEU B 178 -55.64 -32.73 -49.85
N SER B 179 -56.86 -33.27 -49.96
CA SER B 179 -57.66 -32.96 -51.13
C SER B 179 -58.15 -31.52 -51.09
N GLY B 180 -59.02 -31.18 -50.15
CA GLY B 180 -59.57 -29.85 -50.10
C GLY B 180 -58.53 -28.79 -49.84
N LEU B 181 -57.96 -28.77 -48.63
CA LEU B 181 -57.23 -27.62 -48.15
C LEU B 181 -56.05 -27.27 -49.06
N PHE B 182 -55.52 -28.25 -49.78
CA PHE B 182 -54.44 -27.99 -50.72
C PHE B 182 -54.92 -27.91 -52.16
N GLY B 183 -55.48 -29.00 -52.69
CA GLY B 183 -55.81 -29.03 -54.10
C GLY B 183 -56.94 -28.10 -54.47
N VAL B 184 -58.02 -28.11 -53.70
CA VAL B 184 -59.16 -27.28 -54.07
C VAL B 184 -58.84 -25.81 -53.83
N SER B 185 -58.04 -25.51 -52.81
CA SER B 185 -57.62 -24.14 -52.58
C SER B 185 -56.75 -23.63 -53.71
N SER B 186 -55.81 -24.44 -54.19
CA SER B 186 -54.98 -24.01 -55.32
C SER B 186 -55.79 -23.95 -56.61
N LEU B 187 -56.77 -24.83 -56.78
CA LEU B 187 -57.66 -24.74 -57.94
C LEU B 187 -58.46 -23.45 -57.92
N ALA B 188 -58.97 -23.06 -56.74
CA ALA B 188 -59.68 -21.80 -56.62
C ALA B 188 -58.76 -20.61 -56.87
N TRP B 189 -57.51 -20.71 -56.43
CA TRP B 189 -56.57 -19.62 -56.70
C TRP B 189 -56.26 -19.51 -58.19
N THR B 190 -56.13 -20.65 -58.87
CA THR B 190 -55.99 -20.63 -60.32
C THR B 190 -57.20 -19.99 -60.98
N GLY B 191 -58.40 -20.32 -60.46
CA GLY B 191 -59.60 -19.68 -60.96
C GLY B 191 -59.56 -18.17 -60.81
N HIS B 192 -59.13 -17.70 -59.63
CA HIS B 192 -59.00 -16.27 -59.42
C HIS B 192 -58.00 -15.65 -60.40
N LEU B 193 -56.82 -16.24 -60.50
CA LEU B 193 -55.80 -15.74 -61.42
C LEU B 193 -56.39 -15.59 -62.81
N VAL B 194 -56.84 -16.71 -63.39
CA VAL B 194 -57.31 -16.72 -64.78
C VAL B 194 -58.48 -15.76 -64.95
N HIS B 195 -59.42 -15.75 -64.00
CA HIS B 195 -60.70 -15.10 -64.22
C HIS B 195 -60.61 -13.60 -63.93
N VAL B 196 -59.66 -13.16 -63.11
CA VAL B 196 -59.63 -11.77 -62.64
C VAL B 196 -58.26 -11.13 -62.85
N ALA B 197 -57.21 -11.78 -62.37
CA ALA B 197 -55.92 -11.08 -62.22
C ALA B 197 -55.17 -10.98 -63.53
N ILE B 198 -55.19 -12.03 -64.35
CA ILE B 198 -54.58 -11.96 -65.67
C ILE B 198 -55.24 -10.88 -66.53
N PRO B 199 -56.58 -10.77 -66.59
CA PRO B 199 -57.17 -9.63 -67.32
C PRO B 199 -56.74 -8.28 -66.77
N GLU B 200 -56.49 -8.17 -65.46
CA GLU B 200 -56.11 -6.89 -64.89
C GLU B 200 -54.76 -6.42 -65.42
N SER B 201 -53.81 -7.35 -65.58
CA SER B 201 -52.49 -6.99 -66.09
C SER B 201 -52.50 -6.66 -67.58
N ARG B 202 -53.62 -6.90 -68.27
CA ARG B 202 -53.75 -6.59 -69.68
C ARG B 202 -54.73 -5.45 -69.93
N GLY B 203 -55.05 -4.67 -68.91
CA GLY B 203 -55.89 -3.50 -69.07
C GLY B 203 -57.38 -3.76 -68.97
N GLU B 204 -57.80 -4.93 -68.55
CA GLU B 204 -59.21 -5.22 -68.34
C GLU B 204 -59.58 -4.99 -66.88
N HIS B 205 -60.88 -4.92 -66.63
CA HIS B 205 -61.42 -4.69 -65.29
C HIS B 205 -62.54 -5.69 -65.05
N VAL B 206 -62.28 -6.70 -64.24
CA VAL B 206 -63.24 -7.75 -63.93
C VAL B 206 -63.50 -7.73 -62.43
N ARG B 207 -64.78 -7.60 -62.06
CA ARG B 207 -65.18 -7.57 -60.66
C ARG B 207 -66.39 -8.48 -60.51
N TRP B 208 -67.04 -8.40 -59.35
CA TRP B 208 -68.18 -9.28 -59.07
C TRP B 208 -69.36 -8.96 -59.97
N ASN B 209 -69.49 -7.71 -60.44
CA ASN B 209 -70.66 -7.34 -61.22
C ASN B 209 -70.62 -7.93 -62.62
N ASN B 210 -69.42 -8.07 -63.20
CA ASN B 210 -69.29 -8.59 -64.56
C ASN B 210 -68.48 -9.88 -64.62
N LEU B 211 -68.40 -10.62 -63.51
CA LEU B 211 -67.68 -11.89 -63.51
C LEU B 211 -68.37 -12.91 -64.41
N LEU B 212 -69.70 -12.91 -64.43
CA LEU B 212 -70.46 -13.93 -65.15
C LEU B 212 -70.47 -13.73 -66.66
N THR B 213 -69.97 -12.60 -67.17
CA THR B 213 -70.03 -12.32 -68.60
C THR B 213 -68.69 -12.06 -69.24
N ALA B 214 -67.63 -11.82 -68.46
CA ALA B 214 -66.31 -11.55 -69.01
C ALA B 214 -65.59 -12.86 -69.25
N LEU B 215 -65.43 -13.23 -70.52
CA LEU B 215 -64.78 -14.49 -70.85
C LEU B 215 -63.28 -14.42 -70.56
N PRO B 216 -62.73 -15.36 -69.80
CA PRO B 216 -61.27 -15.40 -69.65
C PRO B 216 -60.53 -15.62 -70.95
N HIS B 217 -61.11 -16.38 -71.88
CA HIS B 217 -60.54 -16.66 -73.18
C HIS B 217 -61.58 -16.38 -74.26
N PRO B 218 -61.15 -16.01 -75.46
CA PRO B 218 -62.13 -15.75 -76.54
C PRO B 218 -63.04 -16.92 -76.83
N GLN B 219 -62.55 -18.16 -76.75
CA GLN B 219 -63.36 -19.35 -76.89
C GLN B 219 -63.29 -20.14 -75.58
N GLY B 220 -64.19 -19.80 -74.66
CA GLY B 220 -64.11 -20.33 -73.31
C GLY B 220 -64.69 -21.73 -73.19
N LEU B 221 -63.91 -22.64 -72.64
CA LEU B 221 -64.28 -24.00 -72.27
C LEU B 221 -64.59 -24.91 -73.45
N GLY B 222 -64.56 -24.40 -74.68
CA GLY B 222 -64.72 -25.23 -75.84
C GLY B 222 -63.56 -26.19 -76.01
N PRO B 223 -62.36 -25.65 -76.23
CA PRO B 223 -61.18 -26.52 -76.31
C PRO B 223 -60.93 -27.35 -75.07
N PHE B 224 -61.31 -26.85 -73.89
CA PHE B 224 -61.05 -27.59 -72.66
C PHE B 224 -61.79 -28.92 -72.64
N PHE B 225 -63.05 -28.91 -73.05
CA PHE B 225 -63.83 -30.14 -73.14
C PHE B 225 -63.69 -30.84 -74.49
N ALA B 226 -63.05 -30.20 -75.46
CA ALA B 226 -62.77 -30.84 -76.74
C ALA B 226 -61.39 -31.48 -76.79
N GLY B 227 -60.64 -31.44 -75.69
CA GLY B 227 -59.31 -32.03 -75.65
C GLY B 227 -58.22 -31.18 -76.27
N GLN B 228 -58.55 -29.97 -76.74
CA GLN B 228 -57.56 -29.09 -77.37
C GLN B 228 -56.99 -28.11 -76.34
N TRP B 229 -56.33 -28.67 -75.33
CA TRP B 229 -55.82 -27.87 -74.23
C TRP B 229 -54.74 -26.88 -74.66
N ASN B 230 -54.15 -27.06 -75.84
CA ASN B 230 -53.09 -26.19 -76.31
C ASN B 230 -53.61 -24.85 -76.84
N VAL B 231 -54.92 -24.72 -77.04
CA VAL B 231 -55.47 -23.48 -77.54
C VAL B 231 -55.29 -22.34 -76.54
N TYR B 232 -55.21 -22.67 -75.25
CA TYR B 232 -55.10 -21.67 -74.21
C TYR B 232 -53.70 -21.12 -74.04
N ALA B 233 -52.74 -21.55 -74.86
CA ALA B 233 -51.36 -21.07 -74.79
C ALA B 233 -50.88 -20.51 -76.13
N GLN B 234 -51.80 -20.11 -77.01
CA GLN B 234 -51.40 -19.74 -78.35
C GLN B 234 -50.68 -18.39 -78.38
N ASN B 235 -51.20 -17.39 -77.68
CA ASN B 235 -50.77 -16.01 -77.83
C ASN B 235 -50.37 -15.44 -76.47
N PRO B 236 -49.14 -15.66 -76.04
CA PRO B 236 -48.68 -15.13 -74.75
C PRO B 236 -48.42 -13.63 -74.85
N ASP B 237 -48.07 -13.04 -73.71
CA ASP B 237 -47.71 -11.63 -73.68
C ASP B 237 -46.39 -11.40 -74.41
N SER B 238 -46.27 -10.24 -75.03
CA SER B 238 -45.06 -9.90 -75.76
C SER B 238 -43.97 -9.44 -74.80
N ASN B 239 -42.72 -9.47 -75.28
CA ASN B 239 -41.61 -8.98 -74.49
C ASN B 239 -41.66 -7.47 -74.28
N SER B 240 -42.48 -6.76 -75.07
CA SER B 240 -42.65 -5.33 -74.93
C SER B 240 -43.93 -4.97 -74.17
N HIS B 241 -44.54 -5.94 -73.50
CA HIS B 241 -45.78 -5.69 -72.77
C HIS B 241 -45.54 -4.75 -71.60
N LEU B 242 -46.48 -3.85 -71.37
CA LEU B 242 -46.46 -2.96 -70.22
C LEU B 242 -47.50 -3.46 -69.22
N PHE B 243 -47.05 -3.76 -68.00
CA PHE B 243 -47.94 -4.36 -67.00
C PHE B 243 -49.06 -3.40 -66.65
N GLY B 244 -50.29 -3.92 -66.66
CA GLY B 244 -51.46 -3.14 -66.37
C GLY B 244 -52.12 -2.48 -67.56
N THR B 245 -51.50 -2.52 -68.73
CA THR B 245 -52.04 -1.93 -69.94
C THR B 245 -52.14 -2.99 -71.02
N SER B 246 -52.77 -2.62 -72.13
CA SER B 246 -53.02 -3.54 -73.24
C SER B 246 -51.96 -3.47 -74.33
N GLU B 247 -50.89 -2.71 -74.11
CA GLU B 247 -49.84 -2.58 -75.13
C GLU B 247 -49.03 -3.86 -75.20
N GLY B 248 -49.09 -4.54 -76.35
CA GLY B 248 -48.38 -5.80 -76.52
C GLY B 248 -48.88 -6.90 -75.61
N ALA B 249 -50.18 -6.97 -75.37
CA ALA B 249 -50.77 -7.98 -74.50
C ALA B 249 -51.35 -9.11 -75.33
N GLY B 250 -51.15 -10.34 -74.86
CA GLY B 250 -51.66 -11.52 -75.52
C GLY B 250 -53.02 -11.93 -75.00
N THR B 251 -53.46 -13.11 -75.41
CA THR B 251 -54.73 -13.67 -74.98
C THR B 251 -54.59 -15.03 -74.32
N ALA B 252 -53.39 -15.58 -74.22
CA ALA B 252 -53.19 -16.87 -73.57
C ALA B 252 -53.36 -16.75 -72.06
N ILE B 253 -53.89 -17.80 -71.46
CA ILE B 253 -54.11 -17.83 -70.02
C ILE B 253 -53.19 -18.84 -69.32
N LEU B 254 -52.76 -19.90 -69.99
CA LEU B 254 -51.88 -20.90 -69.40
C LEU B 254 -50.68 -21.08 -70.33
N THR B 255 -49.69 -20.23 -70.20
CA THR B 255 -48.45 -20.40 -70.94
C THR B 255 -47.45 -21.16 -70.07
N PHE B 256 -46.30 -21.47 -70.65
CA PHE B 256 -45.24 -22.15 -69.92
C PHE B 256 -43.91 -21.52 -70.31
N LEU B 257 -43.88 -20.18 -70.34
CA LEU B 257 -42.75 -19.46 -70.91
C LEU B 257 -41.48 -19.69 -70.12
N GLY B 258 -41.54 -19.52 -68.80
CA GLY B 258 -40.33 -19.60 -67.99
C GLY B 258 -39.49 -18.36 -68.10
N GLY B 259 -38.85 -17.95 -67.01
CA GLY B 259 -38.06 -16.73 -67.02
C GLY B 259 -38.74 -15.59 -66.30
N PHE B 260 -38.47 -14.36 -66.74
CA PHE B 260 -38.99 -13.18 -66.09
C PHE B 260 -39.70 -12.27 -67.10
N HIS B 261 -40.71 -11.57 -66.60
CA HIS B 261 -41.32 -10.51 -67.39
C HIS B 261 -40.34 -9.36 -67.53
N PRO B 262 -40.04 -8.91 -68.75
CA PRO B 262 -38.95 -7.93 -68.92
C PRO B 262 -39.18 -6.61 -68.21
N GLN B 263 -40.43 -6.14 -68.14
CA GLN B 263 -40.68 -4.83 -67.56
C GLN B 263 -40.72 -4.87 -66.03
N THR B 264 -41.30 -5.92 -65.46
CA THR B 264 -41.42 -6.03 -64.01
C THR B 264 -40.36 -6.91 -63.37
N GLN B 265 -39.59 -7.65 -64.17
CA GLN B 265 -38.52 -8.52 -63.67
C GLN B 265 -39.06 -9.54 -62.67
N SER B 266 -40.25 -10.07 -62.95
CA SER B 266 -40.88 -11.09 -62.13
C SER B 266 -41.42 -12.20 -63.03
N LEU B 267 -41.86 -13.28 -62.40
CA LEU B 267 -42.37 -14.42 -63.14
C LEU B 267 -43.66 -14.05 -63.89
N TRP B 268 -43.87 -14.72 -65.03
CA TRP B 268 -45.09 -14.53 -65.80
C TRP B 268 -46.30 -15.00 -65.00
N LEU B 269 -47.43 -14.34 -65.20
CA LEU B 269 -48.64 -14.71 -64.48
C LEU B 269 -49.22 -16.04 -65.00
N THR B 270 -49.12 -16.26 -66.30
CA THR B 270 -49.67 -17.49 -66.88
C THR B 270 -48.86 -18.71 -66.46
N ASP B 271 -47.55 -18.56 -66.30
CA ASP B 271 -46.74 -19.62 -65.72
C ASP B 271 -47.25 -19.98 -64.34
N MET B 272 -47.54 -18.96 -63.52
CA MET B 272 -48.04 -19.18 -62.18
C MET B 272 -49.41 -19.85 -62.20
N ALA B 273 -50.22 -19.53 -63.21
CA ALA B 273 -51.54 -20.15 -63.34
C ALA B 273 -51.42 -21.65 -63.66
N HIS B 274 -50.63 -22.00 -64.67
CA HIS B 274 -50.44 -23.43 -64.96
C HIS B 274 -49.77 -24.14 -63.78
N HIS B 275 -48.91 -23.45 -63.05
CA HIS B 275 -48.27 -24.05 -61.89
C HIS B 275 -49.28 -24.42 -60.82
N HIS B 276 -50.11 -23.47 -60.42
CA HIS B 276 -51.07 -23.75 -59.37
C HIS B 276 -52.14 -24.73 -59.84
N LEU B 277 -52.45 -24.74 -61.14
CA LEU B 277 -53.38 -25.73 -61.67
C LEU B 277 -52.81 -27.14 -61.61
N ALA B 278 -51.55 -27.31 -62.00
CA ALA B 278 -50.91 -28.62 -61.92
C ALA B 278 -50.80 -29.08 -60.47
N ILE B 279 -50.44 -28.17 -59.57
CA ILE B 279 -50.36 -28.52 -58.15
C ILE B 279 -51.72 -28.94 -57.63
N ALA B 280 -52.78 -28.23 -58.05
CA ALA B 280 -54.13 -28.59 -57.63
C ALA B 280 -54.50 -29.99 -58.09
N VAL B 281 -54.21 -30.30 -59.34
CA VAL B 281 -54.54 -31.64 -59.87
C VAL B 281 -53.79 -32.70 -59.09
N ILE B 282 -52.50 -32.47 -58.84
CA ILE B 282 -51.69 -33.47 -58.14
C ILE B 282 -52.20 -33.70 -56.73
N PHE B 283 -52.55 -32.63 -56.02
CA PHE B 283 -53.01 -32.79 -54.64
C PHE B 283 -54.39 -33.43 -54.58
N ILE B 284 -55.30 -33.08 -55.50
CA ILE B 284 -56.61 -33.70 -55.51
C ILE B 284 -56.49 -35.19 -55.79
N ILE B 285 -55.59 -35.58 -56.69
CA ILE B 285 -55.36 -37.00 -56.93
C ILE B 285 -54.77 -37.66 -55.69
N ALA B 286 -53.77 -37.03 -55.07
CA ALA B 286 -53.09 -37.61 -53.92
C ALA B 286 -54.01 -37.74 -52.70
N GLY B 287 -55.10 -36.97 -52.66
CA GLY B 287 -56.01 -37.10 -51.54
C GLY B 287 -56.68 -38.45 -51.45
N HIS B 288 -57.07 -39.02 -52.60
CA HIS B 288 -57.78 -40.29 -52.66
C HIS B 288 -56.82 -41.47 -52.46
N MET B 289 -56.19 -41.51 -51.30
CA MET B 289 -55.19 -42.53 -51.01
C MET B 289 -55.51 -43.41 -49.83
N TYR B 290 -55.99 -42.85 -48.73
CA TYR B 290 -56.15 -43.57 -47.48
C TYR B 290 -57.59 -44.05 -47.31
N ARG B 291 -57.74 -45.17 -46.62
CA ARG B 291 -59.03 -45.80 -46.49
C ARG B 291 -59.95 -45.02 -45.56
N THR B 292 -61.23 -44.98 -45.91
CA THR B 292 -62.29 -44.33 -45.15
C THR B 292 -63.55 -45.17 -45.34
N ASN B 293 -64.71 -44.56 -45.11
CA ASN B 293 -65.99 -45.25 -45.02
C ASN B 293 -66.41 -46.00 -46.28
N PHE B 294 -65.58 -45.98 -47.34
CA PHE B 294 -66.00 -46.52 -48.63
C PHE B 294 -65.24 -47.79 -49.03
N GLY B 295 -64.47 -48.37 -48.12
CA GLY B 295 -63.93 -49.69 -48.34
C GLY B 295 -62.76 -49.81 -49.29
N ILE B 296 -62.19 -48.70 -49.75
CA ILE B 296 -61.01 -48.73 -50.61
C ILE B 296 -59.98 -47.79 -50.02
N GLY B 297 -58.73 -48.01 -50.41
CA GLY B 297 -57.63 -47.16 -49.99
C GLY B 297 -56.67 -47.90 -49.07
N HIS B 298 -55.51 -47.27 -48.88
CA HIS B 298 -54.46 -47.84 -48.06
C HIS B 298 -54.77 -47.63 -46.57
N SER B 299 -54.06 -48.38 -45.73
CA SER B 299 -54.15 -48.26 -44.28
C SER B 299 -52.76 -47.97 -43.74
N MET B 300 -52.61 -46.86 -43.02
CA MET B 300 -51.28 -46.36 -42.70
C MET B 300 -50.55 -47.27 -41.72
N LYS B 301 -51.29 -47.88 -40.78
CA LYS B 301 -50.66 -48.81 -39.86
C LYS B 301 -50.09 -50.03 -40.59
N GLU B 302 -50.86 -50.57 -41.54
CA GLU B 302 -50.38 -51.73 -42.29
C GLU B 302 -49.17 -51.38 -43.14
N ILE B 303 -49.15 -50.17 -43.70
CA ILE B 303 -47.99 -49.72 -44.47
C ILE B 303 -46.77 -49.63 -43.58
N LEU B 304 -46.94 -49.08 -42.37
CA LEU B 304 -45.81 -48.98 -41.45
C LEU B 304 -45.32 -50.35 -41.01
N GLU B 305 -46.24 -51.30 -40.81
CA GLU B 305 -45.85 -52.63 -40.36
C GLU B 305 -45.16 -53.41 -41.47
N ALA B 306 -45.59 -53.22 -42.73
CA ALA B 306 -45.06 -54.04 -43.81
C ALA B 306 -43.61 -53.69 -44.13
N HIS B 307 -43.32 -52.42 -43.98
CA HIS B 307 -41.99 -51.93 -44.23
C HIS B 307 -41.06 -52.26 -43.15
N THR B 308 -40.40 -53.38 -43.34
CA THR B 308 -39.42 -53.84 -42.35
C THR B 308 -38.40 -54.72 -43.05
N PRO B 309 -37.13 -54.33 -43.08
CA PRO B 309 -36.14 -55.06 -43.88
C PRO B 309 -35.84 -56.43 -43.28
N PRO B 310 -35.79 -57.47 -44.12
CA PRO B 310 -35.31 -58.77 -43.65
C PRO B 310 -33.81 -58.70 -43.37
N GLY B 311 -33.36 -59.58 -42.49
CA GLY B 311 -31.98 -59.55 -42.04
C GLY B 311 -31.76 -58.70 -40.81
N GLY B 312 -32.75 -57.95 -40.35
CA GLY B 312 -32.71 -57.31 -39.06
C GLY B 312 -31.72 -56.18 -38.93
N ARG B 313 -31.24 -55.61 -40.03
CA ARG B 313 -30.35 -54.46 -39.94
C ARG B 313 -31.08 -53.25 -39.35
N LEU B 314 -32.36 -53.10 -39.63
CA LEU B 314 -33.18 -52.06 -39.01
C LEU B 314 -33.93 -52.57 -37.79
N GLY B 315 -33.77 -53.82 -37.42
CA GLY B 315 -34.45 -54.35 -36.25
C GLY B 315 -35.84 -54.80 -36.61
N ARG B 316 -36.82 -54.34 -35.84
CA ARG B 316 -38.22 -54.62 -36.12
C ARG B 316 -38.83 -53.63 -37.11
N GLY B 317 -38.02 -52.74 -37.67
CA GLY B 317 -38.51 -51.83 -38.68
C GLY B 317 -39.36 -50.72 -38.08
N HIS B 318 -40.37 -50.30 -38.84
CA HIS B 318 -41.26 -49.23 -38.43
C HIS B 318 -42.45 -49.76 -37.64
N LYS B 319 -42.33 -50.94 -37.03
CA LYS B 319 -43.43 -51.55 -36.31
C LYS B 319 -43.73 -50.79 -35.03
N GLY B 320 -45.02 -50.54 -34.77
CA GLY B 320 -45.45 -49.87 -33.57
C GLY B 320 -45.41 -48.37 -33.62
N LEU B 321 -44.96 -47.77 -34.72
CA LEU B 321 -44.85 -46.32 -34.80
C LEU B 321 -46.20 -45.65 -34.98
N TYR B 322 -47.20 -46.35 -35.51
CA TYR B 322 -48.49 -45.74 -35.75
C TYR B 322 -49.11 -45.25 -34.45
N ASP B 323 -49.16 -46.12 -33.44
CA ASP B 323 -49.73 -45.72 -32.15
C ASP B 323 -48.87 -44.69 -31.46
N THR B 324 -47.54 -44.83 -31.58
CA THR B 324 -46.63 -43.86 -30.98
C THR B 324 -46.88 -42.46 -31.51
N ILE B 325 -47.14 -42.34 -32.82
CA ILE B 325 -47.34 -41.02 -33.40
C ILE B 325 -48.78 -40.54 -33.19
N ASN B 326 -49.75 -41.44 -33.25
CA ASN B 326 -51.14 -41.04 -33.11
C ASN B 326 -51.44 -40.58 -31.68
N ASN B 327 -50.85 -41.24 -30.69
CA ASN B 327 -51.15 -40.94 -29.30
C ASN B 327 -50.27 -39.84 -28.71
N SER B 328 -49.28 -39.36 -29.45
CA SER B 328 -48.37 -38.33 -28.98
C SER B 328 -48.59 -37.05 -29.76
N LEU B 329 -49.05 -36.00 -29.08
CA LEU B 329 -49.20 -34.70 -29.72
C LEU B 329 -47.87 -34.01 -29.93
N HIS B 330 -46.88 -34.31 -29.09
CA HIS B 330 -45.56 -33.69 -29.25
C HIS B 330 -44.81 -34.24 -30.45
N PHE B 331 -44.99 -35.52 -30.75
CA PHE B 331 -44.40 -36.07 -31.96
C PHE B 331 -44.95 -35.37 -33.21
N GLN B 332 -46.27 -35.20 -33.25
CA GLN B 332 -46.90 -34.51 -34.37
C GLN B 332 -46.45 -33.06 -34.45
N LEU B 333 -46.36 -32.38 -33.29
CA LEU B 333 -45.93 -30.99 -33.29
C LEU B 333 -44.50 -30.87 -33.78
N GLY B 334 -43.62 -31.78 -33.37
CA GLY B 334 -42.25 -31.74 -33.85
C GLY B 334 -42.15 -31.98 -35.34
N LEU B 335 -42.89 -32.96 -35.86
CA LEU B 335 -42.88 -33.21 -37.30
C LEU B 335 -43.38 -31.99 -38.08
N ALA B 336 -44.48 -31.40 -37.61
CA ALA B 336 -45.03 -30.22 -38.27
C ALA B 336 -44.06 -29.06 -38.24
N LEU B 337 -43.41 -28.84 -37.10
CA LEU B 337 -42.46 -27.73 -36.99
C LEU B 337 -41.24 -27.94 -37.87
N ALA B 338 -40.72 -29.17 -37.93
CA ALA B 338 -39.57 -29.43 -38.80
C ALA B 338 -39.94 -29.18 -40.26
N SER B 339 -41.09 -29.68 -40.69
CA SER B 339 -41.52 -29.46 -42.07
C SER B 339 -41.73 -27.98 -42.36
N LEU B 340 -42.35 -27.26 -41.42
CA LEU B 340 -42.62 -25.85 -41.63
C LEU B 340 -41.34 -25.03 -41.68
N GLY B 341 -40.35 -25.39 -40.86
CA GLY B 341 -39.07 -24.70 -40.92
C GLY B 341 -38.37 -24.91 -42.24
N VAL B 342 -38.36 -26.15 -42.73
CA VAL B 342 -37.75 -26.41 -44.04
C VAL B 342 -38.49 -25.62 -45.13
N ILE B 343 -39.82 -25.59 -45.06
CA ILE B 343 -40.59 -24.89 -46.07
C ILE B 343 -40.36 -23.38 -46.02
N THR B 344 -40.21 -22.84 -44.81
CA THR B 344 -39.94 -21.41 -44.68
C THR B 344 -38.57 -21.04 -45.24
N SER B 345 -37.57 -21.88 -44.97
CA SER B 345 -36.26 -21.65 -45.56
C SER B 345 -36.32 -21.75 -47.08
N LEU B 346 -37.12 -22.69 -47.60
CA LEU B 346 -37.31 -22.80 -49.04
C LEU B 346 -37.95 -21.54 -49.61
N VAL B 347 -38.95 -21.00 -48.93
CA VAL B 347 -39.60 -19.77 -49.37
C VAL B 347 -38.59 -18.64 -49.43
N ALA B 348 -37.79 -18.49 -48.38
CA ALA B 348 -36.80 -17.42 -48.33
C ALA B 348 -35.78 -17.56 -49.45
N GLN B 349 -35.30 -18.78 -49.69
CA GLN B 349 -34.26 -18.97 -50.71
C GLN B 349 -34.82 -18.80 -52.11
N HIS B 350 -36.05 -19.23 -52.35
CA HIS B 350 -36.61 -19.22 -53.70
C HIS B 350 -37.38 -17.94 -54.03
N MET B 351 -37.57 -17.03 -53.08
CA MET B 351 -38.25 -15.79 -53.42
C MET B 351 -37.30 -14.66 -53.81
N TYR B 352 -36.08 -14.64 -53.28
CA TYR B 352 -35.15 -13.57 -53.67
C TYR B 352 -34.59 -13.80 -55.07
N SER B 353 -34.48 -15.06 -55.49
CA SER B 353 -33.90 -15.38 -56.78
C SER B 353 -34.93 -15.51 -57.89
N LEU B 354 -36.19 -15.81 -57.56
CA LEU B 354 -37.27 -15.88 -58.53
C LEU B 354 -38.44 -15.05 -58.03
N PRO B 355 -38.33 -13.72 -58.10
CA PRO B 355 -39.38 -12.85 -57.54
C PRO B 355 -40.70 -13.06 -58.25
N PRO B 356 -41.79 -13.26 -57.50
CA PRO B 356 -43.09 -13.52 -58.14
C PRO B 356 -43.97 -12.29 -58.28
N TYR B 357 -43.57 -11.18 -57.66
CA TYR B 357 -44.41 -10.00 -57.57
C TYR B 357 -43.87 -8.90 -58.47
N ALA B 358 -44.76 -8.26 -59.22
CA ALA B 358 -44.35 -7.20 -60.13
C ALA B 358 -43.74 -6.04 -59.37
N PHE B 359 -42.62 -5.50 -59.83
CA PHE B 359 -42.03 -4.27 -59.22
C PHE B 359 -41.17 -4.65 -58.02
N LEU B 360 -41.28 -5.88 -57.53
CA LEU B 360 -40.28 -6.35 -56.59
C LEU B 360 -38.96 -6.54 -57.33
N ALA B 361 -37.88 -6.74 -56.55
CA ALA B 361 -36.52 -6.86 -57.06
C ALA B 361 -35.98 -5.52 -57.56
N GLN B 362 -36.84 -4.50 -57.58
CA GLN B 362 -36.39 -3.12 -57.68
C GLN B 362 -36.52 -2.38 -56.35
N ASP B 363 -37.34 -2.88 -55.44
CA ASP B 363 -37.42 -2.37 -54.07
C ASP B 363 -36.45 -3.20 -53.23
N PHE B 364 -35.20 -2.73 -53.16
CA PHE B 364 -34.14 -3.52 -52.55
C PHE B 364 -34.39 -3.76 -51.07
N THR B 365 -34.84 -2.72 -50.36
CA THR B 365 -35.05 -2.83 -48.92
C THR B 365 -36.13 -3.86 -48.61
N THR B 366 -37.21 -3.88 -49.41
CA THR B 366 -38.26 -4.87 -49.21
C THR B 366 -37.74 -6.29 -49.40
N GLN B 367 -36.92 -6.51 -50.43
CA GLN B 367 -36.36 -7.83 -50.67
C GLN B 367 -35.50 -8.30 -49.50
N ALA B 368 -34.62 -7.40 -49.03
CA ALA B 368 -33.76 -7.76 -47.90
C ALA B 368 -34.58 -8.04 -46.65
N ALA B 369 -35.59 -7.21 -46.38
CA ALA B 369 -36.41 -7.40 -45.20
C ALA B 369 -37.16 -8.73 -45.24
N LEU B 370 -37.73 -9.06 -46.40
CA LEU B 370 -38.48 -10.31 -46.52
C LEU B 370 -37.56 -11.51 -46.31
N TYR B 371 -36.38 -11.48 -46.93
CA TYR B 371 -35.44 -12.59 -46.76
C TYR B 371 -35.08 -12.77 -45.29
N THR B 372 -34.65 -11.69 -44.62
CA THR B 372 -34.23 -11.81 -43.24
C THR B 372 -35.38 -12.26 -42.34
N HIS B 373 -36.57 -11.72 -42.58
CA HIS B 373 -37.74 -12.06 -41.76
C HIS B 373 -38.04 -13.55 -41.81
N HIS B 374 -38.24 -14.09 -43.03
CA HIS B 374 -38.61 -15.49 -43.10
C HIS B 374 -37.46 -16.42 -42.73
N GLN B 375 -36.19 -15.99 -42.89
CA GLN B 375 -35.10 -16.85 -42.45
C GLN B 375 -35.02 -16.94 -40.92
N TYR B 376 -35.21 -15.82 -40.22
CA TYR B 376 -35.24 -15.88 -38.76
C TYR B 376 -36.42 -16.70 -38.26
N ILE B 377 -37.57 -16.56 -38.91
CA ILE B 377 -38.72 -17.39 -38.56
C ILE B 377 -38.38 -18.86 -38.71
N ALA B 378 -37.72 -19.22 -39.83
CA ALA B 378 -37.36 -20.62 -40.06
C ALA B 378 -36.42 -21.15 -38.98
N GLY B 379 -35.43 -20.34 -38.59
CA GLY B 379 -34.52 -20.79 -37.56
C GLY B 379 -35.22 -21.07 -36.23
N PHE B 380 -36.07 -20.13 -35.81
CA PHE B 380 -36.81 -20.35 -34.56
C PHE B 380 -37.68 -21.59 -34.65
N ILE B 381 -38.33 -21.80 -35.80
CA ILE B 381 -39.21 -22.94 -35.97
C ILE B 381 -38.44 -24.26 -35.88
N MET B 382 -37.24 -24.31 -36.46
CA MET B 382 -36.43 -25.54 -36.37
C MET B 382 -36.03 -25.82 -34.93
N THR B 383 -35.59 -24.78 -34.21
CA THR B 383 -35.23 -24.99 -32.82
C THR B 383 -36.42 -25.51 -32.02
N GLY B 384 -37.62 -24.99 -32.30
CA GLY B 384 -38.81 -25.48 -31.63
C GLY B 384 -39.15 -26.92 -31.97
N ALA B 385 -38.94 -27.30 -33.23
CA ALA B 385 -39.16 -28.69 -33.61
C ALA B 385 -38.32 -29.62 -32.75
N PHE B 386 -37.03 -29.30 -32.61
CA PHE B 386 -36.17 -30.17 -31.81
C PHE B 386 -36.57 -30.15 -30.33
N ALA B 387 -36.94 -28.98 -29.81
CA ALA B 387 -37.36 -28.90 -28.41
C ALA B 387 -38.58 -29.77 -28.13
N HIS B 388 -39.60 -29.68 -28.99
CA HIS B 388 -40.81 -30.45 -28.74
C HIS B 388 -40.59 -31.94 -29.01
N GLY B 389 -39.60 -32.30 -29.85
CA GLY B 389 -39.20 -33.70 -29.95
C GLY B 389 -38.57 -34.23 -28.67
N ALA B 390 -37.71 -33.41 -28.04
CA ALA B 390 -37.17 -33.81 -26.73
C ALA B 390 -38.28 -33.96 -25.71
N ILE B 391 -39.27 -33.07 -25.75
CA ILE B 391 -40.42 -33.20 -24.86
C ILE B 391 -41.15 -34.51 -25.12
N PHE B 392 -41.22 -34.93 -26.39
CA PHE B 392 -41.82 -36.22 -26.70
C PHE B 392 -41.06 -37.36 -26.01
N PHE B 393 -39.74 -37.42 -26.20
CA PHE B 393 -38.95 -38.44 -25.51
C PHE B 393 -39.21 -38.47 -24.01
N ILE B 394 -39.27 -37.29 -23.38
CA ILE B 394 -39.44 -37.29 -21.93
C ILE B 394 -40.84 -37.74 -21.53
N ARG B 395 -41.87 -37.30 -22.26
CA ARG B 395 -43.24 -37.47 -21.79
C ARG B 395 -43.96 -38.67 -22.40
N ASP B 396 -44.02 -38.74 -23.72
CA ASP B 396 -44.93 -39.67 -24.38
C ASP B 396 -44.28 -40.98 -24.80
N TYR B 397 -42.96 -41.11 -24.69
CA TYR B 397 -42.28 -42.29 -25.19
C TYR B 397 -42.47 -43.47 -24.25
N ASN B 398 -42.87 -44.60 -24.81
CA ASN B 398 -43.07 -45.84 -24.04
C ASN B 398 -42.06 -46.88 -24.51
N PRO B 399 -41.04 -47.21 -23.72
CA PRO B 399 -40.02 -48.15 -24.19
C PRO B 399 -40.55 -49.52 -24.55
N GLU B 400 -41.55 -50.03 -23.82
CA GLU B 400 -41.99 -51.40 -24.04
C GLU B 400 -42.73 -51.55 -25.36
N GLN B 401 -43.53 -50.55 -25.73
CA GLN B 401 -44.28 -50.64 -26.98
C GLN B 401 -43.39 -50.40 -28.20
N ASN B 402 -42.36 -49.57 -28.07
CA ASN B 402 -41.38 -49.38 -29.14
C ASN B 402 -40.16 -50.26 -28.89
N LYS B 403 -40.38 -51.57 -28.93
CA LYS B 403 -39.35 -52.55 -28.64
C LYS B 403 -38.62 -52.90 -29.93
N ASP B 404 -37.38 -52.46 -30.04
CA ASP B 404 -36.46 -52.82 -31.12
C ASP B 404 -36.89 -52.26 -32.48
N ASN B 405 -37.69 -51.20 -32.50
CA ASN B 405 -38.02 -50.55 -33.76
C ASN B 405 -36.98 -49.46 -34.04
N VAL B 406 -37.22 -48.68 -35.09
CA VAL B 406 -36.25 -47.65 -35.48
C VAL B 406 -36.10 -46.61 -34.37
N LEU B 407 -37.19 -46.27 -33.70
CA LEU B 407 -37.15 -45.23 -32.68
C LEU B 407 -36.26 -45.63 -31.50
N ALA B 408 -36.37 -46.87 -31.04
CA ALA B 408 -35.53 -47.34 -29.94
C ALA B 408 -34.08 -47.50 -30.39
N ARG B 409 -33.88 -48.01 -31.61
CA ARG B 409 -32.52 -48.19 -32.11
C ARG B 409 -31.84 -46.85 -32.39
N MET B 410 -32.60 -45.76 -32.48
CA MET B 410 -31.97 -44.44 -32.48
C MET B 410 -31.38 -44.11 -31.13
N LEU B 411 -32.12 -44.37 -30.05
CA LEU B 411 -31.53 -44.25 -28.73
C LEU B 411 -30.40 -45.25 -28.51
N GLU B 412 -30.32 -46.28 -29.35
CA GLU B 412 -29.34 -47.32 -29.12
C GLU B 412 -27.92 -46.86 -29.48
N HIS B 413 -27.72 -46.19 -30.62
CA HIS B 413 -26.36 -45.75 -30.96
C HIS B 413 -26.24 -44.24 -30.83
N LYS B 414 -26.81 -43.68 -29.76
CA LYS B 414 -26.78 -42.23 -29.60
C LYS B 414 -25.37 -41.70 -29.38
N GLU B 415 -24.53 -42.47 -28.69
CA GLU B 415 -23.16 -42.02 -28.48
C GLU B 415 -22.40 -41.92 -29.79
N ALA B 416 -22.63 -42.86 -30.71
CA ALA B 416 -22.01 -42.80 -32.03
C ALA B 416 -22.46 -41.56 -32.79
N ILE B 417 -23.76 -41.25 -32.75
CA ILE B 417 -24.28 -40.08 -33.45
C ILE B 417 -23.65 -38.81 -32.90
N ILE B 418 -23.64 -38.68 -31.57
CA ILE B 418 -23.10 -37.47 -30.95
C ILE B 418 -21.61 -37.35 -31.21
N SER B 419 -20.90 -38.48 -31.20
CA SER B 419 -19.45 -38.45 -31.44
C SER B 419 -19.15 -38.01 -32.87
N HIS B 420 -19.85 -38.55 -33.85
CA HIS B 420 -19.54 -38.18 -35.23
C HIS B 420 -20.00 -36.76 -35.53
N LEU B 421 -21.09 -36.29 -34.93
CA LEU B 421 -21.44 -34.88 -35.03
C LEU B 421 -20.39 -33.98 -34.41
N SER B 422 -19.87 -34.36 -33.24
CA SER B 422 -18.81 -33.58 -32.61
C SER B 422 -17.58 -33.52 -33.49
N TRP B 423 -17.22 -34.65 -34.12
CA TRP B 423 -16.08 -34.65 -35.03
C TRP B 423 -16.30 -33.71 -36.20
N ALA B 424 -17.49 -33.76 -36.81
CA ALA B 424 -17.77 -32.88 -37.94
C ALA B 424 -17.68 -31.42 -37.55
N SER B 425 -18.27 -31.06 -36.41
CA SER B 425 -18.23 -29.68 -35.94
C SER B 425 -16.79 -29.24 -35.68
N LEU B 426 -16.00 -30.07 -35.00
CA LEU B 426 -14.63 -29.71 -34.69
C LEU B 426 -13.82 -29.54 -35.97
N PHE B 427 -13.97 -30.46 -36.92
CA PHE B 427 -13.23 -30.37 -38.18
C PHE B 427 -13.53 -29.07 -38.90
N LEU B 428 -14.82 -28.78 -39.10
CA LEU B 428 -15.20 -27.55 -39.78
C LEU B 428 -14.66 -26.33 -39.05
N GLY B 429 -14.83 -26.29 -37.73
CA GLY B 429 -14.40 -25.13 -36.97
C GLY B 429 -12.91 -24.90 -37.07
N PHE B 430 -12.10 -25.91 -36.75
CA PHE B 430 -10.65 -25.74 -36.81
C PHE B 430 -10.22 -25.27 -38.19
N HIS B 431 -10.58 -26.00 -39.25
CA HIS B 431 -9.94 -25.67 -40.50
C HIS B 431 -10.50 -24.40 -41.13
N THR B 432 -11.78 -24.07 -40.90
CA THR B 432 -12.33 -22.82 -41.43
C THR B 432 -11.74 -21.60 -40.71
N LEU B 433 -11.74 -21.63 -39.37
CA LEU B 433 -11.14 -20.51 -38.65
C LEU B 433 -9.66 -20.40 -38.95
N GLY B 434 -8.97 -21.53 -39.14
CA GLY B 434 -7.57 -21.47 -39.52
C GLY B 434 -7.35 -20.77 -40.85
N LEU B 435 -8.18 -21.08 -41.85
CA LEU B 435 -8.02 -20.40 -43.13
C LEU B 435 -8.31 -18.91 -43.02
N TYR B 436 -9.36 -18.53 -42.29
CA TYR B 436 -9.63 -17.10 -42.13
C TYR B 436 -8.47 -16.38 -41.44
N VAL B 437 -7.93 -16.96 -40.37
CA VAL B 437 -6.85 -16.30 -39.65
C VAL B 437 -5.58 -16.26 -40.50
N HIS B 438 -5.33 -17.31 -41.27
CA HIS B 438 -4.18 -17.32 -42.18
C HIS B 438 -4.29 -16.21 -43.21
N ASN B 439 -5.49 -16.00 -43.77
CA ASN B 439 -5.69 -14.92 -44.72
C ASN B 439 -5.53 -13.55 -44.06
N ASP B 440 -6.03 -13.40 -42.84
CA ASP B 440 -5.84 -12.16 -42.10
C ASP B 440 -4.35 -11.86 -41.93
N VAL B 441 -3.57 -12.85 -41.54
CA VAL B 441 -2.14 -12.63 -41.35
C VAL B 441 -1.47 -12.28 -42.67
N MET B 442 -1.87 -12.95 -43.75
CA MET B 442 -1.27 -12.65 -45.05
C MET B 442 -1.51 -11.21 -45.47
N LEU B 443 -2.75 -10.73 -45.30
CA LEU B 443 -3.00 -9.35 -45.71
C LEU B 443 -2.46 -8.32 -44.73
N ALA B 444 -2.30 -8.68 -43.45
CA ALA B 444 -1.71 -7.75 -42.51
C ALA B 444 -0.25 -7.46 -42.87
N PHE B 445 0.47 -8.49 -43.30
CA PHE B 445 1.88 -8.35 -43.64
C PHE B 445 2.09 -7.82 -45.06
N GLY B 446 1.03 -7.39 -45.74
CA GLY B 446 1.17 -6.77 -47.03
C GLY B 446 1.42 -7.71 -48.19
N THR B 447 1.10 -9.00 -48.04
CA THR B 447 1.32 -9.98 -49.10
C THR B 447 0.02 -10.73 -49.36
N PRO B 448 -0.92 -10.10 -50.07
CA PRO B 448 -2.22 -10.75 -50.32
C PRO B 448 -2.17 -11.87 -51.35
N GLU B 449 -1.03 -12.13 -51.97
CA GLU B 449 -0.91 -13.22 -52.93
C GLU B 449 -0.54 -14.54 -52.27
N LYS B 450 -0.34 -14.56 -50.95
CA LYS B 450 0.01 -15.76 -50.23
C LYS B 450 -1.16 -16.38 -49.49
N GLN B 451 -2.37 -15.89 -49.70
CA GLN B 451 -3.52 -16.43 -48.99
C GLN B 451 -4.09 -17.64 -49.73
N ILE B 452 -4.79 -18.48 -48.97
CA ILE B 452 -5.33 -19.73 -49.48
C ILE B 452 -6.75 -19.44 -49.98
N LEU B 453 -6.87 -19.24 -51.28
CA LEU B 453 -8.16 -18.97 -51.93
C LEU B 453 -8.55 -20.23 -52.69
N ILE B 454 -9.62 -20.88 -52.26
CA ILE B 454 -10.07 -22.14 -52.84
C ILE B 454 -11.32 -21.89 -53.66
N GLU B 455 -11.28 -22.32 -54.92
CA GLU B 455 -12.40 -22.14 -55.82
C GLU B 455 -13.51 -23.14 -55.50
N PRO B 456 -14.75 -22.69 -55.33
CA PRO B 456 -15.87 -23.62 -55.10
C PRO B 456 -16.32 -24.29 -56.39
N VAL B 457 -15.52 -25.26 -56.84
CA VAL B 457 -15.72 -25.84 -58.16
C VAL B 457 -16.94 -26.74 -58.23
N PHE B 458 -17.40 -27.29 -57.10
CA PHE B 458 -18.58 -28.15 -57.15
C PHE B 458 -19.84 -27.33 -57.41
N ALA B 459 -20.00 -26.22 -56.69
CA ALA B 459 -21.16 -25.36 -56.92
C ALA B 459 -21.09 -24.70 -58.29
N GLN B 460 -19.89 -24.36 -58.75
CA GLN B 460 -19.74 -23.82 -60.10
C GLN B 460 -20.11 -24.86 -61.15
N TRP B 461 -19.74 -26.12 -60.93
CA TRP B 461 -20.13 -27.18 -61.85
C TRP B 461 -21.65 -27.35 -61.86
N ILE B 462 -22.28 -27.27 -60.70
CA ILE B 462 -23.74 -27.34 -60.66
C ILE B 462 -24.36 -26.18 -61.41
N GLN B 463 -23.81 -24.97 -61.24
CA GLN B 463 -24.30 -23.80 -61.94
C GLN B 463 -24.17 -23.97 -63.45
N SER B 464 -23.06 -24.55 -63.90
CA SER B 464 -22.89 -24.82 -65.32
C SER B 464 -23.87 -25.88 -65.81
N ALA B 465 -24.22 -26.83 -64.94
CA ALA B 465 -25.22 -27.83 -65.31
C ALA B 465 -26.61 -27.22 -65.49
N HIS B 466 -26.85 -26.04 -64.92
CA HIS B 466 -28.13 -25.36 -65.08
C HIS B 466 -28.20 -24.53 -66.35
N GLY B 467 -27.09 -24.35 -67.05
CA GLY B 467 -27.06 -23.54 -68.25
C GLY B 467 -26.28 -22.25 -68.14
N LYS B 468 -25.57 -22.02 -67.03
CA LYS B 468 -24.74 -20.83 -66.91
C LYS B 468 -23.43 -21.07 -67.66
N ALA B 469 -23.15 -20.22 -68.65
CA ALA B 469 -22.02 -20.41 -69.55
C ALA B 469 -20.84 -19.51 -69.20
N LEU B 470 -20.61 -19.26 -67.91
CA LEU B 470 -19.53 -18.40 -67.48
C LEU B 470 -18.26 -19.15 -67.10
N TYR B 471 -18.38 -20.31 -66.47
CA TYR B 471 -17.24 -21.05 -65.97
C TYR B 471 -16.60 -21.97 -67.01
N GLY B 472 -17.22 -22.11 -68.18
CA GLY B 472 -16.64 -22.93 -69.23
C GLY B 472 -16.53 -24.40 -68.89
N PHE B 473 -17.52 -24.94 -68.19
CA PHE B 473 -17.56 -26.38 -67.94
C PHE B 473 -18.27 -27.16 -69.03
N ASP B 474 -19.30 -26.57 -69.64
CA ASP B 474 -19.96 -27.11 -70.83
C ASP B 474 -20.50 -28.51 -70.58
N VAL B 475 -21.46 -28.58 -69.65
CA VAL B 475 -22.05 -29.85 -69.23
C VAL B 475 -23.56 -29.68 -69.13
N LEU B 476 -24.30 -30.70 -69.56
CA LEU B 476 -25.75 -30.79 -69.41
C LEU B 476 -26.39 -29.61 -70.12
N LEU B 477 -27.09 -28.71 -69.42
CA LEU B 477 -27.80 -27.61 -70.08
C LEU B 477 -26.84 -26.60 -70.69
N SER B 478 -25.57 -26.62 -70.30
CA SER B 478 -24.57 -25.79 -70.95
C SER B 478 -24.02 -26.40 -72.23
N SER B 479 -24.31 -27.68 -72.49
CA SER B 479 -23.84 -28.37 -73.67
C SER B 479 -24.98 -28.49 -74.67
N ALA B 480 -24.75 -28.03 -75.89
CA ALA B 480 -25.78 -28.09 -76.93
C ALA B 480 -26.02 -29.51 -77.42
N ASP B 481 -25.11 -30.43 -77.16
CA ASP B 481 -25.25 -31.82 -77.58
C ASP B 481 -25.92 -32.70 -76.53
N SER B 482 -26.21 -32.16 -75.35
CA SER B 482 -26.77 -32.97 -74.28
C SER B 482 -28.22 -33.34 -74.60
N PRO B 483 -28.66 -34.54 -74.23
CA PRO B 483 -30.07 -34.88 -74.40
C PRO B 483 -31.01 -33.97 -73.63
N ALA B 484 -30.60 -33.48 -72.46
CA ALA B 484 -31.47 -32.59 -71.68
C ALA B 484 -31.71 -31.27 -72.40
N PHE B 485 -30.64 -30.69 -72.96
CA PHE B 485 -30.78 -29.43 -73.69
C PHE B 485 -31.68 -29.59 -74.90
N ASN B 486 -31.50 -30.68 -75.64
CA ASN B 486 -32.35 -30.92 -76.81
C ASN B 486 -33.80 -31.15 -76.40
N ALA B 487 -34.02 -31.89 -75.31
CA ALA B 487 -35.37 -32.17 -74.86
C ALA B 487 -36.09 -30.89 -74.42
N GLY B 488 -35.40 -30.01 -73.72
CA GLY B 488 -36.01 -28.82 -73.19
C GLY B 488 -35.91 -27.56 -74.02
N GLN B 489 -35.29 -27.64 -75.21
CA GLN B 489 -34.96 -26.43 -75.96
C GLN B 489 -36.18 -25.71 -76.53
N THR B 490 -37.37 -26.30 -76.45
CA THR B 490 -38.57 -25.65 -76.96
C THR B 490 -39.58 -25.30 -75.87
N LEU B 491 -39.57 -26.01 -74.75
CA LEU B 491 -40.61 -25.79 -73.74
C LEU B 491 -40.27 -24.63 -72.81
N TRP B 492 -39.20 -24.75 -72.03
CA TRP B 492 -38.92 -23.75 -71.00
C TRP B 492 -37.55 -23.12 -71.11
N LEU B 493 -36.63 -23.70 -71.88
CA LEU B 493 -35.22 -23.37 -71.81
C LEU B 493 -34.82 -22.02 -72.41
N PRO B 494 -35.47 -21.51 -73.47
CA PRO B 494 -35.12 -20.17 -73.95
C PRO B 494 -35.14 -19.10 -72.86
N GLY B 495 -36.31 -18.93 -72.23
CA GLY B 495 -36.44 -17.93 -71.19
C GLY B 495 -35.57 -18.22 -69.99
N TRP B 496 -35.49 -19.49 -69.58
CA TRP B 496 -34.69 -19.84 -68.42
C TRP B 496 -33.21 -19.55 -68.65
N LEU B 497 -32.69 -19.90 -69.81
CA LEU B 497 -31.30 -19.63 -70.12
C LEU B 497 -31.04 -18.14 -70.24
N ASP B 498 -31.97 -17.39 -70.84
CA ASP B 498 -31.80 -15.96 -70.94
C ASP B 498 -31.78 -15.32 -69.55
N ALA B 499 -32.58 -15.84 -68.62
CA ALA B 499 -32.59 -15.30 -67.26
C ALA B 499 -31.34 -15.69 -66.50
N ILE B 500 -30.86 -16.92 -66.67
CA ILE B 500 -29.73 -17.39 -65.89
C ILE B 500 -28.40 -16.87 -66.41
N ASN B 501 -28.31 -16.49 -67.68
CA ASN B 501 -27.08 -15.90 -68.19
C ASN B 501 -27.03 -14.40 -68.00
N ASN B 502 -28.12 -13.77 -67.58
CA ASN B 502 -28.11 -12.37 -67.20
C ASN B 502 -27.41 -12.24 -65.84
N ASN B 503 -26.48 -11.29 -65.75
CA ASN B 503 -25.69 -11.11 -64.54
C ASN B 503 -26.14 -9.93 -63.71
N SER B 504 -27.30 -9.35 -63.99
CA SER B 504 -27.83 -8.25 -63.22
C SER B 504 -28.84 -8.68 -62.17
N ASN B 505 -29.54 -9.79 -62.39
CA ASN B 505 -30.52 -10.29 -61.45
C ASN B 505 -29.82 -11.16 -60.39
N SER B 506 -30.60 -11.81 -59.54
CA SER B 506 -30.09 -12.67 -58.48
C SER B 506 -30.27 -14.15 -58.78
N LEU B 507 -30.52 -14.50 -60.04
CA LEU B 507 -30.72 -15.89 -60.43
C LEU B 507 -29.35 -16.54 -60.63
N PHE B 508 -28.93 -17.33 -59.64
CA PHE B 508 -27.66 -18.04 -59.66
C PHE B 508 -26.48 -17.08 -59.83
N LEU B 509 -26.30 -16.26 -58.79
CA LEU B 509 -25.20 -15.30 -58.76
C LEU B 509 -23.86 -16.00 -58.91
N THR B 510 -22.90 -15.28 -59.47
CA THR B 510 -21.54 -15.79 -59.59
C THR B 510 -20.89 -15.89 -58.21
N ILE B 511 -20.03 -16.90 -58.05
CA ILE B 511 -19.45 -17.23 -56.76
C ILE B 511 -17.94 -17.37 -56.89
N GLY B 512 -17.26 -17.22 -55.75
CA GLY B 512 -15.82 -17.33 -55.69
C GLY B 512 -15.34 -17.89 -54.37
N PRO B 513 -14.06 -17.68 -54.04
CA PRO B 513 -13.52 -18.22 -52.79
C PRO B 513 -14.24 -17.74 -51.53
N GLY B 514 -14.66 -16.47 -51.50
CA GLY B 514 -15.38 -15.97 -50.35
C GLY B 514 -16.69 -16.69 -50.11
N ASP B 515 -17.43 -16.96 -51.20
CA ASP B 515 -18.66 -17.71 -51.10
C ASP B 515 -18.40 -19.13 -50.57
N PHE B 516 -17.29 -19.73 -51.00
CA PHE B 516 -16.88 -21.02 -50.49
C PHE B 516 -16.70 -20.97 -48.97
N LEU B 517 -15.92 -20.00 -48.50
CA LEU B 517 -15.67 -19.89 -47.06
C LEU B 517 -16.96 -19.66 -46.29
N VAL B 518 -17.89 -18.87 -46.85
CA VAL B 518 -19.10 -18.56 -46.09
C VAL B 518 -20.05 -19.75 -46.04
N HIS B 519 -20.26 -20.46 -47.17
CA HIS B 519 -21.04 -21.69 -47.09
C HIS B 519 -20.41 -22.69 -46.12
N HIS B 520 -19.07 -22.70 -46.00
CA HIS B 520 -18.48 -23.61 -45.01
C HIS B 520 -18.74 -23.17 -43.58
N ALA B 521 -18.70 -21.86 -43.32
CA ALA B 521 -19.07 -21.38 -41.98
C ALA B 521 -20.53 -21.69 -41.66
N ILE B 522 -21.40 -21.58 -42.67
CA ILE B 522 -22.81 -21.93 -42.49
C ILE B 522 -22.97 -23.41 -42.17
N ALA B 523 -22.19 -24.27 -42.85
CA ALA B 523 -22.23 -25.70 -42.55
C ALA B 523 -21.77 -25.96 -41.12
N LEU B 524 -20.72 -25.27 -40.69
CA LEU B 524 -20.28 -25.37 -39.30
C LEU B 524 -21.42 -25.03 -38.34
N GLY B 525 -22.10 -23.91 -38.58
CA GLY B 525 -23.18 -23.51 -37.72
C GLY B 525 -24.32 -24.53 -37.69
N LEU B 526 -24.68 -25.05 -38.86
CA LEU B 526 -25.76 -26.03 -38.93
C LEU B 526 -25.41 -27.30 -38.17
N HIS B 527 -24.23 -27.86 -38.43
CA HIS B 527 -23.86 -29.10 -37.76
C HIS B 527 -23.69 -28.90 -36.25
N THR B 528 -23.24 -27.72 -35.81
CA THR B 528 -23.09 -27.49 -34.38
C THR B 528 -24.44 -27.33 -33.68
N THR B 529 -25.36 -26.56 -34.28
CA THR B 529 -26.69 -26.43 -33.71
C THR B 529 -27.39 -27.78 -33.66
N THR B 530 -27.24 -28.58 -34.72
CA THR B 530 -27.80 -29.92 -34.71
C THR B 530 -27.18 -30.77 -33.61
N LEU B 531 -25.86 -30.64 -33.41
CA LEU B 531 -25.21 -31.33 -32.31
C LEU B 531 -25.87 -31.02 -30.99
N ILE B 532 -26.04 -29.73 -30.68
CA ILE B 532 -26.60 -29.34 -29.39
C ILE B 532 -28.02 -29.87 -29.24
N LEU B 533 -28.85 -29.68 -30.27
CA LEU B 533 -30.25 -30.07 -30.16
C LEU B 533 -30.42 -31.58 -30.07
N VAL B 534 -29.64 -32.34 -30.86
CA VAL B 534 -29.73 -33.80 -30.83
C VAL B 534 -29.21 -34.33 -29.51
N LYS B 535 -28.13 -33.73 -28.99
CA LYS B 535 -27.63 -34.12 -27.68
C LYS B 535 -28.68 -33.89 -26.60
N GLY B 536 -29.39 -32.77 -26.69
CA GLY B 536 -30.46 -32.53 -25.72
C GLY B 536 -31.60 -33.52 -25.84
N ALA B 537 -32.01 -33.84 -27.07
CA ALA B 537 -33.14 -34.74 -27.26
C ALA B 537 -32.81 -36.16 -26.86
N LEU B 538 -31.63 -36.67 -27.25
CA LEU B 538 -31.32 -38.08 -27.02
C LEU B 538 -30.98 -38.34 -25.56
N ASP B 539 -30.23 -37.43 -24.93
CA ASP B 539 -29.88 -37.56 -23.53
C ASP B 539 -30.96 -37.00 -22.59
N ALA B 540 -32.19 -36.87 -23.08
CA ALA B 540 -33.25 -36.29 -22.27
C ALA B 540 -33.72 -37.25 -21.18
N ARG B 541 -33.74 -38.55 -21.47
CA ARG B 541 -34.24 -39.54 -20.53
C ARG B 541 -33.24 -39.95 -19.46
N GLY B 542 -31.97 -39.63 -19.64
CA GLY B 542 -30.98 -39.96 -18.64
C GLY B 542 -29.60 -40.05 -19.23
N SER B 543 -28.60 -39.88 -18.36
CA SER B 543 -27.20 -39.96 -18.73
C SER B 543 -26.44 -40.64 -17.61
N LYS B 544 -25.11 -40.73 -17.78
CA LYS B 544 -24.29 -41.30 -16.72
C LYS B 544 -24.30 -40.43 -15.48
N LEU B 545 -24.29 -39.11 -15.67
CA LEU B 545 -24.24 -38.19 -14.53
C LEU B 545 -25.54 -38.19 -13.74
N MET B 546 -26.67 -38.46 -14.39
CA MET B 546 -27.98 -38.43 -13.72
C MET B 546 -28.89 -39.40 -14.46
N PRO B 547 -28.90 -40.67 -14.06
CA PRO B 547 -29.59 -41.71 -14.85
C PRO B 547 -31.11 -41.71 -14.75
N ASP B 548 -31.72 -40.81 -13.97
CA ASP B 548 -33.16 -40.81 -13.80
C ASP B 548 -33.73 -39.42 -14.10
N LYS B 549 -33.24 -38.80 -15.18
CA LYS B 549 -33.72 -37.48 -15.56
C LYS B 549 -35.19 -37.49 -15.95
N LYS B 550 -35.72 -38.62 -16.42
CA LYS B 550 -37.09 -38.66 -16.89
C LYS B 550 -38.10 -38.45 -15.76
N GLU B 551 -37.69 -38.66 -14.51
CA GLU B 551 -38.56 -38.43 -13.36
C GLU B 551 -38.65 -36.96 -12.97
N PHE B 552 -37.77 -36.11 -13.49
CA PHE B 552 -37.72 -34.71 -13.12
C PHE B 552 -38.35 -33.79 -14.15
N GLY B 553 -38.90 -34.33 -15.23
CA GLY B 553 -39.59 -33.53 -16.22
C GLY B 553 -38.66 -32.96 -17.27
N TYR B 554 -39.24 -32.13 -18.14
CA TYR B 554 -38.47 -31.52 -19.21
C TYR B 554 -37.58 -30.40 -18.68
N SER B 555 -38.10 -29.55 -17.79
CA SER B 555 -37.39 -28.37 -17.32
C SER B 555 -37.23 -28.44 -15.81
N PHE B 556 -35.99 -28.34 -15.34
CA PHE B 556 -35.68 -28.21 -13.93
C PHE B 556 -34.31 -27.56 -13.81
N PRO B 557 -34.04 -26.85 -12.72
CA PRO B 557 -32.80 -26.07 -12.64
C PRO B 557 -31.53 -26.91 -12.72
N CYS B 558 -31.40 -27.87 -11.83
CA CYS B 558 -30.16 -28.64 -11.70
C CYS B 558 -30.44 -29.87 -10.84
N ASP B 559 -29.38 -30.56 -10.44
CA ASP B 559 -29.46 -31.65 -9.49
C ASP B 559 -28.55 -31.42 -8.28
N GLY B 560 -28.25 -30.16 -7.98
CA GLY B 560 -27.42 -29.82 -6.86
C GLY B 560 -25.94 -29.83 -7.20
N PRO B 561 -25.10 -29.41 -6.24
CA PRO B 561 -23.65 -29.40 -6.48
C PRO B 561 -22.98 -30.74 -6.26
N GLY B 562 -23.72 -31.78 -5.91
CA GLY B 562 -23.12 -33.08 -5.72
C GLY B 562 -22.71 -33.73 -7.03
N ARG B 563 -21.87 -34.75 -6.91
CA ARG B 563 -21.34 -35.48 -8.07
C ARG B 563 -20.57 -34.56 -9.01
N GLY B 564 -19.98 -33.50 -8.47
CA GLY B 564 -19.17 -32.59 -9.25
C GLY B 564 -19.86 -31.32 -9.71
N GLY B 565 -21.19 -31.26 -9.61
CA GLY B 565 -21.93 -30.10 -10.10
C GLY B 565 -22.73 -30.43 -11.34
N THR B 566 -24.01 -30.05 -11.35
CA THR B 566 -24.94 -30.45 -12.40
C THR B 566 -25.73 -29.25 -12.91
N CYS B 567 -25.03 -28.15 -13.19
CA CYS B 567 -25.69 -26.98 -13.77
C CYS B 567 -26.05 -27.23 -15.23
N ASP B 568 -27.19 -26.71 -15.64
CA ASP B 568 -27.64 -26.78 -17.04
C ASP B 568 -27.72 -28.22 -17.54
N ILE B 569 -28.40 -29.05 -16.76
CA ILE B 569 -28.39 -30.49 -16.98
C ILE B 569 -29.59 -31.00 -17.77
N SER B 570 -30.73 -30.33 -17.71
CA SER B 570 -31.93 -30.77 -18.40
C SER B 570 -31.89 -30.52 -19.89
N ALA B 571 -32.84 -31.06 -20.62
CA ALA B 571 -32.92 -30.85 -22.07
C ALA B 571 -33.38 -29.44 -22.40
N TRP B 572 -34.17 -28.83 -21.53
CA TRP B 572 -34.53 -27.43 -21.70
C TRP B 572 -33.29 -26.56 -21.78
N ASP B 573 -32.23 -26.96 -21.11
CA ASP B 573 -31.01 -26.19 -21.11
C ASP B 573 -30.28 -26.40 -22.40
N ALA B 574 -30.43 -27.54 -23.00
CA ALA B 574 -29.88 -27.75 -24.33
C ALA B 574 -30.59 -26.89 -25.37
N PHE B 575 -31.91 -26.79 -25.28
CA PHE B 575 -32.65 -25.81 -26.07
C PHE B 575 -32.10 -24.40 -25.86
N TYR B 576 -31.95 -24.01 -24.60
CA TYR B 576 -31.42 -22.70 -24.24
C TYR B 576 -30.06 -22.44 -24.87
N LEU B 577 -29.16 -23.42 -24.82
CA LEU B 577 -27.85 -23.24 -25.41
C LEU B 577 -27.91 -23.18 -26.93
N ALA B 578 -28.77 -23.99 -27.55
CA ALA B 578 -28.85 -24.04 -29.00
C ALA B 578 -29.48 -22.79 -29.60
N VAL B 579 -30.28 -22.04 -28.83
CA VAL B 579 -30.86 -20.82 -29.38
C VAL B 579 -29.77 -19.82 -29.74
N PHE B 580 -28.71 -19.74 -28.92
CA PHE B 580 -27.59 -18.85 -29.23
C PHE B 580 -26.95 -19.24 -30.55
N TRP B 581 -26.71 -20.53 -30.76
CA TRP B 581 -26.07 -20.98 -31.99
C TRP B 581 -26.98 -20.76 -33.20
N MET B 582 -28.28 -20.94 -33.02
CA MET B 582 -29.22 -20.64 -34.10
C MET B 582 -29.14 -19.17 -34.49
N LEU B 583 -29.13 -18.28 -33.49
CA LEU B 583 -29.04 -16.85 -33.77
C LEU B 583 -27.74 -16.53 -34.49
N ASN B 584 -26.64 -17.12 -34.04
CA ASN B 584 -25.34 -16.87 -34.68
C ASN B 584 -25.33 -17.34 -36.13
N THR B 585 -25.87 -18.52 -36.39
CA THR B 585 -25.89 -19.05 -37.75
C THR B 585 -26.74 -18.20 -38.68
N ILE B 586 -27.94 -17.83 -38.22
CA ILE B 586 -28.79 -16.99 -39.06
C ILE B 586 -28.15 -15.62 -39.26
N GLY B 587 -27.45 -15.11 -38.25
CA GLY B 587 -26.72 -13.88 -38.43
C GLY B 587 -25.66 -13.98 -39.52
N TRP B 588 -24.90 -15.08 -39.52
CA TRP B 588 -23.91 -15.28 -40.58
C TRP B 588 -24.57 -15.31 -41.95
N VAL B 589 -25.67 -16.06 -42.06
CA VAL B 589 -26.36 -16.19 -43.34
C VAL B 589 -26.85 -14.84 -43.85
N THR B 590 -27.49 -14.07 -42.96
CA THR B 590 -28.05 -12.79 -43.37
C THR B 590 -26.97 -11.76 -43.67
N PHE B 591 -25.88 -11.77 -42.90
CA PHE B 591 -24.75 -10.91 -43.21
C PHE B 591 -24.22 -11.19 -44.61
N TYR B 592 -24.03 -12.47 -44.93
CA TYR B 592 -23.51 -12.84 -46.25
C TYR B 592 -24.46 -12.38 -47.35
N TRP B 593 -25.75 -12.68 -47.21
CA TRP B 593 -26.72 -12.30 -48.23
C TRP B 593 -26.73 -10.78 -48.41
N HIS B 594 -26.76 -10.03 -47.31
CA HIS B 594 -26.88 -8.59 -47.40
C HIS B 594 -25.66 -7.95 -48.02
N TRP B 595 -24.45 -8.38 -47.62
CA TRP B 595 -23.25 -7.79 -48.22
C TRP B 595 -23.16 -8.12 -49.70
N LYS B 596 -23.44 -9.37 -50.08
CA LYS B 596 -23.37 -9.72 -51.49
C LYS B 596 -24.35 -8.91 -52.32
N HIS B 597 -25.57 -8.72 -51.81
CA HIS B 597 -26.56 -7.98 -52.58
C HIS B 597 -26.29 -6.48 -52.58
N ILE B 598 -25.71 -5.94 -51.50
CA ILE B 598 -25.30 -4.53 -51.51
C ILE B 598 -24.26 -4.30 -52.60
N THR B 599 -23.25 -5.17 -52.66
CA THR B 599 -22.23 -5.02 -53.69
C THR B 599 -22.82 -5.21 -55.08
N LEU B 600 -23.77 -6.14 -55.23
CA LEU B 600 -24.41 -6.34 -56.53
C LEU B 600 -25.19 -5.10 -56.97
N TRP B 601 -25.96 -4.51 -56.05
CA TRP B 601 -26.82 -3.39 -56.39
C TRP B 601 -26.02 -2.12 -56.63
N GLN B 602 -24.89 -1.94 -55.94
CA GLN B 602 -24.04 -0.79 -56.22
C GLN B 602 -23.20 -0.98 -57.47
N GLY B 603 -23.17 -2.16 -58.06
CA GLY B 603 -22.36 -2.45 -59.21
C GLY B 603 -20.91 -2.78 -58.91
N ASN B 604 -20.48 -2.64 -57.65
CA ASN B 604 -19.09 -2.89 -57.27
C ASN B 604 -19.00 -4.26 -56.60
N VAL B 605 -19.04 -5.31 -57.43
CA VAL B 605 -18.91 -6.66 -56.90
C VAL B 605 -17.45 -6.99 -56.56
N ALA B 606 -16.50 -6.24 -57.11
CA ALA B 606 -15.09 -6.51 -56.82
C ALA B 606 -14.77 -6.31 -55.35
N GLN B 607 -15.44 -5.36 -54.69
CA GLN B 607 -15.18 -5.14 -53.27
C GLN B 607 -15.52 -6.38 -52.45
N PHE B 608 -16.66 -7.02 -52.74
CA PHE B 608 -16.97 -8.27 -52.07
C PHE B 608 -16.01 -9.37 -52.50
N ASN B 609 -15.69 -9.44 -53.79
CA ASN B 609 -14.85 -10.54 -54.28
C ASN B 609 -13.46 -10.49 -53.66
N GLU B 610 -13.00 -9.31 -53.26
CA GLU B 610 -11.67 -9.16 -52.69
C GLU B 610 -11.66 -9.11 -51.17
N SER B 611 -12.66 -8.50 -50.54
CA SER B 611 -12.64 -8.26 -49.11
C SER B 611 -13.31 -9.35 -48.28
N SER B 612 -14.00 -10.30 -48.92
CA SER B 612 -14.72 -11.32 -48.18
C SER B 612 -13.86 -12.50 -47.79
N THR B 613 -12.60 -12.55 -48.23
CA THR B 613 -11.73 -13.66 -47.94
C THR B 613 -11.00 -13.53 -46.61
N TYR B 614 -11.17 -12.41 -45.91
CA TYR B 614 -10.55 -12.20 -44.61
C TYR B 614 -11.51 -11.44 -43.72
N LEU B 615 -11.36 -11.62 -42.40
CA LEU B 615 -12.37 -11.13 -41.47
C LEU B 615 -12.28 -9.62 -41.26
N MET B 616 -11.08 -9.05 -41.31
CA MET B 616 -10.96 -7.60 -41.28
C MET B 616 -11.66 -6.97 -42.47
N GLY B 617 -11.68 -7.66 -43.61
CA GLY B 617 -12.44 -7.17 -44.75
C GLY B 617 -13.91 -7.04 -44.43
N TRP B 618 -14.49 -8.07 -43.80
CA TRP B 618 -15.87 -7.97 -43.36
C TRP B 618 -16.06 -6.80 -42.42
N LEU B 619 -15.27 -6.75 -41.34
CA LEU B 619 -15.49 -5.76 -40.30
C LEU B 619 -15.32 -4.34 -40.82
N ARG B 620 -14.44 -4.13 -41.80
CA ARG B 620 -14.20 -2.78 -42.29
C ARG B 620 -15.14 -2.39 -43.42
N ASP B 621 -15.38 -3.28 -44.38
CA ASP B 621 -16.11 -2.91 -45.58
C ASP B 621 -17.60 -3.18 -45.50
N TYR B 622 -18.09 -3.96 -44.54
CA TYR B 622 -19.53 -4.13 -44.39
C TYR B 622 -20.09 -3.28 -43.25
N LEU B 623 -19.67 -3.56 -42.03
CA LEU B 623 -20.32 -2.97 -40.86
C LEU B 623 -19.94 -1.49 -40.70
N TRP B 624 -18.64 -1.23 -40.55
CA TRP B 624 -18.18 0.14 -40.35
C TRP B 624 -18.53 1.01 -41.55
N LEU B 625 -18.37 0.47 -42.76
CA LEU B 625 -18.66 1.25 -43.94
C LEU B 625 -20.14 1.59 -44.06
N ASN B 626 -21.04 0.63 -43.79
CA ASN B 626 -22.45 0.85 -44.02
C ASN B 626 -23.20 1.38 -42.81
N SER B 627 -22.52 1.61 -41.69
CA SER B 627 -23.19 2.18 -40.53
C SER B 627 -23.15 3.71 -40.49
N SER B 628 -22.60 4.36 -41.52
CA SER B 628 -22.39 5.81 -41.46
C SER B 628 -23.72 6.57 -41.41
N GLN B 629 -24.56 6.39 -42.43
CA GLN B 629 -25.84 7.10 -42.45
C GLN B 629 -26.74 6.67 -41.30
N LEU B 630 -26.64 5.42 -40.87
CA LEU B 630 -27.39 4.98 -39.70
C LEU B 630 -27.01 5.78 -38.47
N ILE B 631 -25.72 5.86 -38.15
CA ILE B 631 -25.32 6.55 -36.93
C ILE B 631 -25.46 8.06 -37.07
N ASN B 632 -25.57 8.58 -38.29
CA ASN B 632 -25.82 10.00 -38.49
C ASN B 632 -27.31 10.32 -38.61
N GLY B 633 -28.18 9.48 -38.05
CA GLY B 633 -29.60 9.75 -38.11
C GLY B 633 -30.00 11.01 -37.37
N TYR B 634 -29.45 11.20 -36.18
CA TYR B 634 -29.58 12.46 -35.45
C TYR B 634 -28.22 12.82 -34.87
N ASN B 635 -27.87 14.09 -34.99
CA ASN B 635 -26.58 14.61 -34.56
C ASN B 635 -26.78 16.02 -34.00
N PRO B 636 -25.75 16.67 -33.46
CA PRO B 636 -25.95 18.06 -33.00
C PRO B 636 -26.34 19.04 -34.09
N PHE B 637 -26.40 18.62 -35.35
CA PHE B 637 -26.76 19.50 -36.45
C PHE B 637 -28.19 19.31 -36.94
N GLY B 638 -28.97 18.44 -36.31
CA GLY B 638 -30.34 18.20 -36.70
C GLY B 638 -30.63 16.72 -36.73
N MET B 639 -31.66 16.35 -37.49
CA MET B 639 -32.08 14.96 -37.58
C MET B 639 -32.65 14.69 -38.97
N ASN B 640 -32.57 13.43 -39.39
CA ASN B 640 -33.08 12.95 -40.66
C ASN B 640 -34.28 12.03 -40.43
N SER B 641 -34.76 11.42 -41.51
CA SER B 641 -35.80 10.39 -41.39
C SER B 641 -35.24 9.08 -40.85
N LEU B 642 -33.92 8.91 -40.82
CA LEU B 642 -33.29 7.74 -40.24
C LEU B 642 -33.11 7.86 -38.73
N SER B 643 -33.71 8.88 -38.12
CA SER B 643 -33.59 9.07 -36.69
C SER B 643 -34.23 7.92 -35.92
N VAL B 644 -35.39 7.45 -36.39
CA VAL B 644 -36.05 6.33 -35.71
C VAL B 644 -35.21 5.07 -35.81
N TRP B 645 -34.53 4.86 -36.94
CA TRP B 645 -33.71 3.67 -37.08
C TRP B 645 -32.44 3.76 -36.26
N ALA B 646 -31.85 4.95 -36.14
CA ALA B 646 -30.72 5.12 -35.24
C ALA B 646 -31.12 4.87 -33.79
N TRP B 647 -32.28 5.38 -33.39
CA TRP B 647 -32.78 5.15 -32.04
C TRP B 647 -33.02 3.67 -31.79
N MET B 648 -33.62 2.97 -32.77
CA MET B 648 -33.83 1.54 -32.64
C MET B 648 -32.52 0.76 -32.59
N PHE B 649 -31.51 1.21 -33.34
CA PHE B 649 -30.19 0.60 -33.28
C PHE B 649 -29.61 0.67 -31.87
N LEU B 650 -29.63 1.86 -31.27
CA LEU B 650 -29.13 2.00 -29.91
C LEU B 650 -29.97 1.20 -28.92
N PHE B 651 -31.30 1.20 -29.13
CA PHE B 651 -32.20 0.44 -28.27
C PHE B 651 -31.86 -1.05 -28.31
N GLY B 652 -31.58 -1.58 -29.49
CA GLY B 652 -31.22 -2.98 -29.61
C GLY B 652 -29.90 -3.30 -28.96
N HIS B 653 -28.88 -2.46 -29.19
CA HIS B 653 -27.61 -2.68 -28.49
C HIS B 653 -27.83 -2.69 -26.98
N LEU B 654 -28.71 -1.82 -26.48
CA LEU B 654 -28.94 -1.72 -25.04
C LEU B 654 -29.67 -2.95 -24.48
N VAL B 655 -30.74 -3.39 -25.15
CA VAL B 655 -31.47 -4.56 -24.67
C VAL B 655 -30.60 -5.81 -24.72
N TRP B 656 -29.82 -5.97 -25.80
CA TRP B 656 -28.90 -7.08 -25.91
C TRP B 656 -27.89 -7.06 -24.77
N ALA B 657 -27.38 -5.88 -24.43
CA ALA B 657 -26.48 -5.77 -23.28
C ALA B 657 -27.17 -6.15 -21.98
N THR B 658 -28.42 -5.72 -21.81
CA THR B 658 -29.15 -5.98 -20.58
C THR B 658 -29.35 -7.47 -20.36
N GLY B 659 -29.57 -8.23 -21.43
CA GLY B 659 -29.72 -9.67 -21.30
C GLY B 659 -28.54 -10.34 -20.62
N PHE B 660 -27.33 -9.79 -20.81
CA PHE B 660 -26.14 -10.36 -20.19
C PHE B 660 -26.25 -10.39 -18.67
N MET B 661 -26.97 -9.44 -18.09
CA MET B 661 -27.07 -9.39 -16.62
C MET B 661 -27.78 -10.62 -16.08
N PHE B 662 -28.89 -11.01 -16.70
CA PHE B 662 -29.55 -12.25 -16.30
C PHE B 662 -28.72 -13.46 -16.70
N LEU B 663 -27.96 -13.36 -17.79
CA LEU B 663 -27.22 -14.52 -18.25
C LEU B 663 -26.02 -14.85 -17.36
N ILE B 664 -25.37 -13.85 -16.78
CA ILE B 664 -24.11 -14.04 -16.07
C ILE B 664 -24.30 -14.12 -14.56
N SER B 665 -25.06 -13.19 -13.97
CA SER B 665 -25.24 -13.17 -12.53
C SER B 665 -26.40 -14.09 -12.15
N TRP B 666 -26.18 -14.89 -11.10
CA TRP B 666 -27.20 -15.91 -10.74
C TRP B 666 -28.12 -15.47 -9.61
N ARG B 667 -28.70 -16.37 -8.83
CA ARG B 667 -29.83 -16.00 -7.98
C ARG B 667 -29.47 -15.57 -6.55
N GLY B 668 -28.52 -16.23 -5.90
CA GLY B 668 -28.33 -16.01 -4.47
C GLY B 668 -27.98 -14.58 -4.11
N TYR B 669 -27.14 -13.95 -4.94
CA TYR B 669 -26.82 -12.54 -4.77
C TYR B 669 -28.09 -11.69 -4.70
N TRP B 670 -28.99 -11.90 -5.66
CA TRP B 670 -30.20 -11.10 -5.73
C TRP B 670 -31.15 -11.41 -4.59
N GLN B 671 -31.21 -12.68 -4.16
CA GLN B 671 -32.06 -13.04 -3.04
C GLN B 671 -31.62 -12.34 -1.76
N GLU B 672 -30.32 -12.33 -1.49
CA GLU B 672 -29.83 -11.64 -0.30
C GLU B 672 -30.06 -10.13 -0.39
N LEU B 673 -29.87 -9.56 -1.58
CA LEU B 673 -30.11 -8.14 -1.77
C LEU B 673 -31.58 -7.79 -1.50
N ILE B 674 -32.50 -8.64 -1.98
CA ILE B 674 -33.92 -8.41 -1.74
C ILE B 674 -34.24 -8.56 -0.25
N GLU B 675 -33.55 -9.47 0.44
CA GLU B 675 -33.77 -9.57 1.89
C GLU B 675 -33.42 -8.26 2.59
N THR B 676 -32.28 -7.66 2.22
CA THR B 676 -31.92 -6.37 2.82
C THR B 676 -32.95 -5.30 2.46
N LEU B 677 -33.45 -5.32 1.23
CA LEU B 677 -34.46 -4.34 0.83
C LEU B 677 -35.75 -4.49 1.65
N ALA B 678 -36.16 -5.73 1.90
CA ALA B 678 -37.35 -5.96 2.71
C ALA B 678 -37.17 -5.45 4.13
N TRP B 679 -35.99 -5.72 4.72
CA TRP B 679 -35.71 -5.16 6.03
C TRP B 679 -35.82 -3.64 6.01
N ALA B 680 -35.26 -3.01 4.96
CA ALA B 680 -35.30 -1.55 4.88
C ALA B 680 -36.74 -1.05 4.80
N HIS B 681 -37.58 -1.69 3.99
CA HIS B 681 -38.96 -1.22 3.86
C HIS B 681 -39.73 -1.36 5.16
N GLU B 682 -39.55 -2.46 5.88
CA GLU B 682 -40.33 -2.64 7.10
C GLU B 682 -39.95 -1.65 8.21
N ARG B 683 -38.85 -0.91 8.08
CA ARG B 683 -38.35 -0.06 9.14
C ARG B 683 -38.35 1.41 8.77
N THR B 684 -39.15 1.82 7.79
CA THR B 684 -39.13 3.20 7.31
C THR B 684 -40.42 3.90 7.69
N PRO B 685 -40.38 5.02 8.41
CA PRO B 685 -41.60 5.74 8.74
C PRO B 685 -42.33 6.22 7.49
N LEU B 686 -43.66 6.23 7.56
CA LEU B 686 -44.57 6.69 6.51
C LEU B 686 -44.60 5.70 5.35
N ALA B 687 -43.75 4.68 5.40
CA ALA B 687 -43.76 3.61 4.42
C ALA B 687 -44.28 2.29 4.98
N ASN B 688 -44.23 2.12 6.30
CA ASN B 688 -44.84 0.95 6.93
C ASN B 688 -46.36 0.94 6.76
N LEU B 689 -46.96 2.08 6.44
CA LEU B 689 -48.39 2.14 6.22
C LEU B 689 -48.82 1.33 5.00
N VAL B 690 -47.88 1.00 4.12
CA VAL B 690 -48.16 0.25 2.90
C VAL B 690 -47.45 -1.10 2.99
N ARG B 691 -48.20 -2.18 2.80
CA ARG B 691 -47.68 -3.52 2.92
C ARG B 691 -47.90 -4.28 1.62
N TRP B 692 -46.89 -5.04 1.20
CA TRP B 692 -47.04 -5.90 0.04
C TRP B 692 -47.95 -7.08 0.37
N LYS B 693 -48.63 -7.59 -0.66
CA LYS B 693 -49.44 -8.78 -0.50
C LYS B 693 -48.64 -10.06 -0.78
N ASP B 694 -47.72 -10.00 -1.74
CA ASP B 694 -46.86 -11.12 -2.08
C ASP B 694 -45.44 -10.83 -1.61
N LYS B 695 -44.84 -11.80 -0.93
CA LYS B 695 -43.48 -11.61 -0.44
C LYS B 695 -42.51 -11.54 -1.61
N PRO B 696 -41.74 -10.47 -1.74
CA PRO B 696 -40.83 -10.35 -2.89
C PRO B 696 -39.68 -11.34 -2.81
N VAL B 697 -39.39 -12.01 -3.92
CA VAL B 697 -38.28 -12.93 -4.03
C VAL B 697 -37.57 -12.69 -5.36
N ALA B 698 -36.35 -13.20 -5.46
CA ALA B 698 -35.63 -13.15 -6.72
C ALA B 698 -36.22 -14.17 -7.70
N LEU B 699 -35.89 -13.99 -8.97
CA LEU B 699 -36.40 -14.87 -10.01
C LEU B 699 -35.83 -16.28 -9.86
N SER B 700 -36.54 -17.25 -10.42
CA SER B 700 -36.06 -18.62 -10.42
C SER B 700 -34.89 -18.78 -11.39
N ILE B 701 -34.19 -19.91 -11.26
CA ILE B 701 -33.02 -20.16 -12.10
C ILE B 701 -33.44 -20.29 -13.56
N VAL B 702 -34.42 -21.14 -13.84
CA VAL B 702 -34.90 -21.33 -15.19
C VAL B 702 -35.55 -20.05 -15.71
N GLN B 703 -36.31 -19.37 -14.84
CA GLN B 703 -36.92 -18.11 -15.23
C GLN B 703 -35.86 -17.08 -15.60
N ALA B 704 -34.76 -17.04 -14.84
CA ALA B 704 -33.67 -16.13 -15.16
C ALA B 704 -33.05 -16.45 -16.51
N ARG B 705 -32.82 -17.73 -16.78
CA ARG B 705 -32.28 -18.11 -18.09
C ARG B 705 -33.23 -17.68 -19.21
N LEU B 706 -34.54 -17.90 -19.02
CA LEU B 706 -35.50 -17.53 -20.05
C LEU B 706 -35.55 -16.03 -20.28
N VAL B 707 -35.52 -15.24 -19.20
CA VAL B 707 -35.60 -13.79 -19.34
C VAL B 707 -34.33 -13.24 -19.98
N GLY B 708 -33.17 -13.78 -19.60
CA GLY B 708 -31.94 -13.38 -20.27
C GLY B 708 -31.95 -13.69 -21.75
N LEU B 709 -32.41 -14.90 -22.11
CA LEU B 709 -32.50 -15.26 -23.52
C LEU B 709 -33.48 -14.36 -24.27
N ALA B 710 -34.57 -13.97 -23.61
CA ALA B 710 -35.55 -13.11 -24.25
C ALA B 710 -35.00 -11.72 -24.51
N HIS B 711 -34.40 -11.08 -23.49
CA HIS B 711 -33.77 -9.78 -23.70
C HIS B 711 -32.70 -9.88 -24.79
N PHE B 712 -31.91 -10.96 -24.76
CA PHE B 712 -30.85 -11.17 -25.75
C PHE B 712 -31.40 -11.23 -27.17
N SER B 713 -32.44 -12.06 -27.37
CA SER B 713 -32.99 -12.24 -28.71
C SER B 713 -33.66 -10.97 -29.22
N VAL B 714 -34.38 -10.26 -28.35
CA VAL B 714 -35.03 -9.03 -28.77
C VAL B 714 -33.98 -8.00 -29.18
N GLY B 715 -32.90 -7.87 -28.41
CA GLY B 715 -31.84 -6.95 -28.79
C GLY B 715 -31.20 -7.32 -30.12
N TYR B 716 -30.91 -8.62 -30.29
CA TYR B 716 -30.36 -9.11 -31.55
C TYR B 716 -31.24 -8.72 -32.74
N ILE B 717 -32.53 -9.04 -32.65
CA ILE B 717 -33.44 -8.82 -33.77
C ILE B 717 -33.58 -7.34 -34.07
N PHE B 718 -33.81 -6.53 -33.03
CA PHE B 718 -34.03 -5.10 -33.26
C PHE B 718 -32.80 -4.44 -33.82
N THR B 719 -31.61 -4.78 -33.30
CA THR B 719 -30.38 -4.18 -33.80
C THR B 719 -30.17 -4.50 -35.28
N TYR B 720 -30.28 -5.79 -35.64
CA TYR B 720 -30.02 -6.12 -37.04
C TYR B 720 -31.10 -5.57 -37.96
N ALA B 721 -32.35 -5.54 -37.52
CA ALA B 721 -33.41 -4.98 -38.36
C ALA B 721 -33.17 -3.50 -38.61
N ALA B 722 -32.80 -2.75 -37.57
CA ALA B 722 -32.51 -1.34 -37.74
C ALA B 722 -31.35 -1.13 -38.71
N PHE B 723 -30.27 -1.89 -38.52
CA PHE B 723 -29.10 -1.73 -39.38
C PHE B 723 -29.44 -2.04 -40.84
N LEU B 724 -30.14 -3.15 -41.06
CA LEU B 724 -30.50 -3.55 -42.42
C LEU B 724 -31.37 -2.49 -43.08
N ILE B 725 -32.45 -2.08 -42.41
CA ILE B 725 -33.38 -1.13 -43.02
C ILE B 725 -32.67 0.19 -43.31
N ALA B 726 -31.89 0.70 -42.35
CA ALA B 726 -31.26 2.01 -42.55
C ALA B 726 -30.19 1.95 -43.63
N SER B 727 -29.33 0.94 -43.58
CA SER B 727 -28.25 0.86 -44.56
C SER B 727 -28.74 0.55 -45.95
N THR B 728 -29.94 -0.01 -46.09
CA THR B 728 -30.47 -0.23 -47.43
C THR B 728 -31.38 0.89 -47.91
N SER B 729 -31.99 1.65 -47.00
CA SER B 729 -32.86 2.75 -47.38
C SER B 729 -32.13 4.07 -47.56
N GLY B 730 -31.00 4.27 -46.89
CA GLY B 730 -30.23 5.49 -47.10
C GLY B 730 -29.75 5.64 -48.53
N LYS B 731 -29.40 4.54 -49.17
CA LYS B 731 -28.94 4.55 -50.55
C LYS B 731 -30.00 4.11 -51.55
N PHE B 732 -30.84 3.15 -51.18
CA PHE B 732 -31.76 2.50 -52.13
C PHE B 732 -30.99 1.95 -53.33
N GLY B 733 -29.84 1.34 -53.05
CA GLY B 733 -28.97 0.83 -54.10
C GLY B 733 -27.70 0.24 -53.56
N ALA C 1 -43.30 -27.89 -0.60
CA ALA C 1 -43.72 -29.26 -0.30
C ALA C 1 -42.94 -30.26 -1.13
N HIS C 2 -41.64 -30.36 -0.86
CA HIS C 2 -40.79 -31.30 -1.56
C HIS C 2 -41.05 -32.72 -1.05
N SER C 3 -40.61 -33.70 -1.83
CA SER C 3 -40.78 -35.11 -1.48
C SER C 3 -39.41 -35.77 -1.46
N VAL C 4 -39.13 -36.48 -0.36
CA VAL C 4 -37.87 -37.19 -0.18
C VAL C 4 -38.16 -38.67 -0.05
N LYS C 5 -37.51 -39.48 -0.88
CA LYS C 5 -37.69 -40.92 -0.90
C LYS C 5 -36.39 -41.62 -0.55
N ILE C 6 -36.51 -42.72 0.19
CA ILE C 6 -35.37 -43.58 0.53
C ILE C 6 -35.59 -44.91 -0.17
N TYR C 7 -34.54 -45.43 -0.79
CA TYR C 7 -34.62 -46.68 -1.53
C TYR C 7 -33.83 -47.77 -0.80
N ASP C 8 -34.19 -49.01 -1.10
CA ASP C 8 -33.69 -50.16 -0.35
C ASP C 8 -32.22 -50.49 -0.61
N THR C 9 -31.47 -49.65 -1.33
CA THR C 9 -30.02 -49.83 -1.46
C THR C 9 -29.26 -49.15 -0.33
N CYS C 10 -29.95 -48.57 0.63
CA CYS C 10 -29.30 -47.88 1.73
C CYS C 10 -28.49 -48.84 2.58
N ILE C 11 -27.36 -48.36 3.09
CA ILE C 11 -26.49 -49.13 3.98
C ILE C 11 -26.48 -48.61 5.39
N GLY C 12 -27.23 -47.56 5.69
CA GLY C 12 -27.32 -47.04 7.04
C GLY C 12 -26.05 -46.44 7.60
N CYS C 13 -25.34 -45.64 6.80
CA CYS C 13 -24.15 -44.96 7.28
C CYS C 13 -24.48 -43.66 8.01
N THR C 14 -25.73 -43.20 7.95
CA THR C 14 -26.26 -42.05 8.68
C THR C 14 -25.69 -40.71 8.23
N GLN C 15 -25.02 -40.66 7.07
CA GLN C 15 -24.42 -39.40 6.64
C GLN C 15 -25.48 -38.39 6.21
N CYS C 16 -26.54 -38.86 5.56
CA CYS C 16 -27.59 -37.95 5.11
C CYS C 16 -28.25 -37.26 6.29
N VAL C 17 -28.52 -38.00 7.37
CA VAL C 17 -29.16 -37.42 8.54
C VAL C 17 -28.27 -36.35 9.17
N ARG C 18 -26.96 -36.63 9.26
CA ARG C 18 -26.04 -35.64 9.81
C ARG C 18 -25.93 -34.41 8.92
N ALA C 19 -26.09 -34.58 7.61
CA ALA C 19 -25.95 -33.46 6.68
C ALA C 19 -27.19 -32.58 6.59
N CYS C 20 -28.35 -33.05 7.06
CA CYS C 20 -29.58 -32.30 6.85
C CYS C 20 -29.60 -31.04 7.72
N PRO C 21 -29.79 -29.86 7.13
CA PRO C 21 -29.82 -28.62 7.91
C PRO C 21 -31.14 -28.29 8.58
N THR C 22 -32.21 -29.05 8.32
CA THR C 22 -33.52 -28.75 8.89
C THR C 22 -34.15 -29.96 9.57
N ASP C 23 -33.38 -31.01 9.84
CA ASP C 23 -33.85 -32.19 10.59
C ASP C 23 -35.11 -32.75 9.93
N VAL C 24 -34.92 -33.24 8.71
CA VAL C 24 -36.01 -33.84 7.95
C VAL C 24 -35.88 -35.36 8.05
N LEU C 25 -34.64 -35.85 8.12
CA LEU C 25 -34.35 -37.26 8.09
C LEU C 25 -34.04 -37.79 9.49
N GLU C 26 -34.17 -39.11 9.64
CA GLU C 26 -33.84 -39.79 10.88
C GLU C 26 -33.63 -41.26 10.59
N MET C 27 -32.93 -41.94 11.48
CA MET C 27 -32.63 -43.35 11.33
C MET C 27 -33.69 -44.22 12.01
N VAL C 28 -34.03 -45.32 11.35
CA VAL C 28 -35.10 -46.21 11.78
C VAL C 28 -34.56 -47.64 11.79
N PRO C 29 -34.88 -48.46 12.78
CA PRO C 29 -34.41 -49.84 12.77
C PRO C 29 -34.90 -50.59 11.54
N TRP C 30 -34.05 -51.47 11.02
CA TRP C 30 -34.34 -52.15 9.75
C TRP C 30 -33.57 -53.45 9.70
N ASP C 31 -33.99 -54.30 8.76
CA ASP C 31 -33.26 -55.52 8.42
C ASP C 31 -33.06 -55.54 6.91
N GLY C 32 -31.83 -55.80 6.47
CA GLY C 32 -31.52 -55.76 5.06
C GLY C 32 -30.16 -55.17 4.78
N CYS C 33 -29.49 -54.71 5.83
CA CYS C 33 -28.14 -54.18 5.74
C CYS C 33 -27.37 -54.61 6.98
N LYS C 34 -26.04 -54.56 6.88
CA LYS C 34 -25.19 -54.98 7.99
C LYS C 34 -25.41 -54.09 9.21
N ALA C 35 -25.58 -52.78 8.99
CA ALA C 35 -25.86 -51.87 10.09
C ALA C 35 -27.24 -52.08 10.70
N SER C 36 -28.14 -52.75 9.96
CA SER C 36 -29.48 -53.05 10.43
C SER C 36 -30.26 -51.78 10.78
N GLN C 37 -30.11 -50.75 9.95
CA GLN C 37 -30.88 -49.52 10.10
C GLN C 37 -31.00 -48.86 8.74
N ILE C 38 -32.08 -48.08 8.58
CA ILE C 38 -32.36 -47.39 7.34
C ILE C 38 -32.82 -45.97 7.67
N ALA C 39 -32.70 -45.08 6.69
CA ALA C 39 -33.10 -43.69 6.86
C ALA C 39 -34.58 -43.51 6.53
N SER C 40 -35.19 -42.54 7.19
CA SER C 40 -36.59 -42.20 6.96
C SER C 40 -36.71 -40.69 6.87
N ALA C 41 -37.79 -40.22 6.24
CA ALA C 41 -38.03 -38.80 6.02
C ALA C 41 -39.44 -38.44 6.47
N PRO C 42 -39.68 -38.32 7.77
CA PRO C 42 -41.02 -37.98 8.25
C PRO C 42 -41.36 -36.50 8.14
N ARG C 43 -40.38 -35.63 8.36
CA ARG C 43 -40.62 -34.18 8.35
C ARG C 43 -40.30 -33.57 6.99
N THR C 44 -40.96 -34.08 5.95
CA THR C 44 -40.71 -33.54 4.62
C THR C 44 -41.33 -32.16 4.42
N GLU C 45 -42.21 -31.72 5.32
CA GLU C 45 -42.77 -30.37 5.22
C GLU C 45 -41.74 -29.30 5.54
N ASP C 46 -40.63 -29.68 6.17
CA ASP C 46 -39.57 -28.74 6.54
C ASP C 46 -38.40 -28.78 5.57
N CYS C 47 -38.46 -29.61 4.53
CA CYS C 47 -37.36 -29.72 3.58
C CYS C 47 -37.24 -28.45 2.76
N VAL C 48 -36.01 -27.94 2.63
CA VAL C 48 -35.76 -26.75 1.83
C VAL C 48 -35.29 -27.06 0.42
N GLY C 49 -34.79 -28.26 0.16
CA GLY C 49 -34.32 -28.65 -1.15
C GLY C 49 -32.85 -28.46 -1.41
N CYS C 50 -32.03 -28.32 -0.36
CA CYS C 50 -30.60 -28.07 -0.53
C CYS C 50 -29.86 -29.24 -1.16
N LYS C 51 -30.38 -30.47 -1.01
CA LYS C 51 -29.78 -31.68 -1.57
C LYS C 51 -28.40 -31.97 -0.98
N ARG C 52 -28.18 -31.61 0.29
CA ARG C 52 -26.96 -32.04 0.97
C ARG C 52 -26.99 -33.55 1.24
N CYS C 53 -28.18 -34.08 1.53
CA CYS C 53 -28.31 -35.52 1.77
C CYS C 53 -27.86 -36.32 0.56
N GLU C 54 -28.23 -35.87 -0.64
CA GLU C 54 -27.80 -36.56 -1.85
C GLU C 54 -26.29 -36.45 -2.04
N SER C 55 -25.70 -35.32 -1.67
CA SER C 55 -24.25 -35.17 -1.78
C SER C 55 -23.52 -36.05 -0.78
N ALA C 56 -24.16 -36.40 0.33
CA ALA C 56 -23.51 -37.18 1.38
C ALA C 56 -23.72 -38.68 1.25
N CYS C 57 -24.47 -39.14 0.25
CA CYS C 57 -24.83 -40.56 0.17
C CYS C 57 -23.79 -41.32 -0.64
N PRO C 58 -23.06 -42.26 -0.03
CA PRO C 58 -22.19 -43.16 -0.81
C PRO C 58 -22.98 -44.35 -1.34
N THR C 59 -23.23 -44.35 -2.64
CA THR C 59 -23.88 -45.44 -3.35
C THR C 59 -23.75 -45.16 -4.83
N ASP C 60 -23.59 -46.24 -5.61
CA ASP C 60 -23.42 -46.11 -7.08
C ASP C 60 -24.36 -44.99 -7.45
N PHE C 61 -25.66 -45.26 -7.33
CA PHE C 61 -26.58 -44.15 -7.43
C PHE C 61 -27.38 -44.02 -6.14
N LEU C 62 -27.88 -42.82 -5.92
CA LEU C 62 -28.30 -42.39 -4.60
C LEU C 62 -29.40 -43.27 -4.04
N SER C 63 -29.30 -43.58 -2.75
CA SER C 63 -30.37 -44.23 -2.02
C SER C 63 -31.38 -43.24 -1.44
N VAL C 64 -31.03 -41.96 -1.40
CA VAL C 64 -31.92 -40.90 -0.97
C VAL C 64 -32.08 -39.93 -2.13
N ARG C 65 -33.33 -39.65 -2.49
CA ARG C 65 -33.64 -38.79 -3.62
C ARG C 65 -34.59 -37.68 -3.19
N VAL C 66 -34.38 -36.49 -3.73
CA VAL C 66 -35.21 -35.33 -3.42
C VAL C 66 -35.86 -34.87 -4.73
N TYR C 67 -37.18 -34.79 -4.71
CA TYR C 67 -37.96 -34.36 -5.87
C TYR C 67 -38.60 -33.01 -5.54
N LEU C 68 -38.11 -31.95 -6.18
CA LEU C 68 -38.61 -30.62 -5.89
C LEU C 68 -40.05 -30.47 -6.38
N GLY C 69 -40.85 -29.76 -5.59
CA GLY C 69 -42.26 -29.60 -5.91
C GLY C 69 -42.81 -28.23 -5.58
N ALA C 70 -43.99 -28.20 -4.96
CA ALA C 70 -44.62 -26.94 -4.62
C ALA C 70 -43.79 -26.17 -3.59
N GLU C 71 -43.70 -24.87 -3.78
CA GLU C 71 -42.91 -24.01 -2.92
C GLU C 71 -43.78 -23.39 -1.84
N THR C 72 -43.24 -23.28 -0.64
CA THR C 72 -43.95 -22.79 0.53
C THR C 72 -43.03 -21.81 1.25
N THR C 73 -43.58 -21.02 2.16
CA THR C 73 -42.78 -20.07 2.92
C THR C 73 -41.68 -20.76 3.73
N ARG C 74 -41.83 -22.05 4.06
CA ARG C 74 -40.74 -22.78 4.68
C ARG C 74 -39.76 -23.32 3.65
N SER C 75 -40.26 -23.76 2.50
CA SER C 75 -39.39 -24.26 1.44
C SER C 75 -38.55 -23.15 0.83
N MET C 76 -39.12 -21.95 0.71
CA MET C 76 -38.39 -20.84 0.13
C MET C 76 -37.31 -20.29 1.05
N GLY C 77 -37.28 -20.71 2.31
CA GLY C 77 -36.27 -20.22 3.23
C GLY C 77 -36.38 -18.75 3.52
N LEU C 78 -37.59 -18.25 3.74
CA LEU C 78 -37.82 -16.83 3.97
C LEU C 78 -37.83 -16.54 5.47
N ALA C 79 -37.04 -15.55 5.88
CA ALA C 79 -37.03 -15.08 7.25
C ALA C 79 -37.95 -13.89 7.47
N TYR C 80 -38.62 -13.43 6.42
CA TYR C 80 -39.55 -12.31 6.53
C TYR C 80 -40.91 -12.69 5.97
N THR D 1 -40.91 -40.28 24.99
CA THR D 1 -40.61 -39.34 26.06
C THR D 1 -41.69 -38.27 26.16
N PRO D 2 -41.89 -37.71 27.35
CA PRO D 2 -42.81 -36.58 27.50
C PRO D 2 -42.15 -35.30 27.02
N PRO D 3 -42.68 -34.68 25.96
CA PRO D 3 -42.09 -33.43 25.48
C PRO D 3 -42.11 -32.35 26.54
N THR D 4 -41.05 -31.57 26.60
CA THR D 4 -40.93 -30.55 27.63
C THR D 4 -41.82 -29.35 27.30
N LEU D 5 -42.00 -28.50 28.30
CA LEU D 5 -42.78 -27.27 28.18
C LEU D 5 -41.82 -26.09 28.07
N ASN D 6 -42.37 -24.88 28.11
CA ASN D 6 -41.59 -23.65 28.11
C ASN D 6 -41.79 -22.92 29.43
N ALA D 7 -40.86 -22.01 29.71
CA ALA D 7 -40.86 -21.28 30.99
C ALA D 7 -40.28 -19.90 30.74
N ASP D 8 -39.89 -19.21 31.81
CA ASP D 8 -39.29 -17.89 31.74
C ASP D 8 -37.82 -17.96 32.15
N THR D 9 -36.98 -18.30 31.18
CA THR D 9 -35.54 -18.41 31.38
C THR D 9 -34.81 -17.22 30.77
N PRO D 10 -33.67 -16.82 31.32
CA PRO D 10 -32.97 -15.64 30.79
C PRO D 10 -32.44 -15.88 29.39
N ALA D 11 -32.34 -14.79 28.65
CA ALA D 11 -31.78 -14.77 27.31
C ALA D 11 -30.27 -14.53 27.36
N PRO D 12 -29.54 -14.89 26.30
CA PRO D 12 -28.11 -14.57 26.26
C PRO D 12 -27.88 -13.06 26.25
N ILE D 13 -26.66 -12.68 26.62
CA ILE D 13 -26.28 -11.27 26.69
C ILE D 13 -25.90 -10.84 25.27
N PHE D 14 -26.81 -10.15 24.60
CA PHE D 14 -26.60 -9.68 23.24
C PHE D 14 -26.99 -8.21 23.16
N GLY D 15 -26.22 -7.45 22.38
CA GLY D 15 -26.43 -6.03 22.26
C GLY D 15 -27.35 -5.57 21.16
N GLY D 16 -27.98 -6.48 20.43
CA GLY D 16 -28.89 -6.12 19.37
C GLY D 16 -28.26 -6.28 17.99
N SER D 17 -29.13 -6.35 16.99
CA SER D 17 -28.70 -6.54 15.61
C SER D 17 -29.88 -6.22 14.71
N THR D 18 -29.59 -6.08 13.41
CA THR D 18 -30.62 -5.94 12.40
C THR D 18 -31.03 -7.28 11.78
N GLY D 19 -30.49 -8.38 12.29
CA GLY D 19 -30.82 -9.70 11.77
C GLY D 19 -31.84 -10.44 12.61
N GLY D 20 -32.57 -9.71 13.43
CA GLY D 20 -33.52 -10.32 14.35
C GLY D 20 -34.86 -10.61 13.71
N LEU D 21 -35.89 -10.66 14.55
CA LEU D 21 -37.23 -11.00 14.09
C LEU D 21 -37.82 -9.87 13.26
N LEU D 22 -38.79 -10.25 12.41
CA LEU D 22 -39.51 -9.30 11.56
C LEU D 22 -41.00 -9.54 11.68
N ARG D 23 -41.79 -8.92 10.78
CA ARG D 23 -43.24 -9.05 10.83
C ARG D 23 -43.71 -10.48 10.63
N LYS D 24 -42.89 -11.33 10.03
CA LYS D 24 -43.26 -12.73 9.87
C LYS D 24 -43.49 -13.38 11.23
N ALA D 25 -42.63 -13.11 12.21
CA ALA D 25 -42.86 -13.63 13.55
C ALA D 25 -44.16 -13.12 14.13
N GLN D 26 -44.56 -11.90 13.78
CA GLN D 26 -45.80 -11.34 14.30
C GLN D 26 -47.02 -12.03 13.70
N VAL D 27 -47.02 -12.26 12.39
CA VAL D 27 -48.19 -12.79 11.70
C VAL D 27 -48.00 -14.25 11.30
N GLU D 28 -46.95 -14.90 11.77
CA GLU D 28 -46.71 -16.31 11.46
C GLU D 28 -45.84 -16.90 12.58
N GLU D 29 -45.28 -18.07 12.32
CA GLU D 29 -44.54 -18.78 13.36
C GLU D 29 -43.16 -18.16 13.58
N PHE D 30 -42.63 -18.42 14.77
CA PHE D 30 -41.24 -18.13 15.08
C PHE D 30 -40.75 -19.19 16.06
N TYR D 31 -39.44 -19.32 16.17
CA TYR D 31 -38.81 -20.47 16.81
C TYR D 31 -38.04 -20.05 18.04
N VAL D 32 -38.00 -20.93 19.04
CA VAL D 32 -37.32 -20.70 20.30
C VAL D 32 -36.44 -21.90 20.61
N ILE D 33 -35.17 -21.65 20.92
CA ILE D 33 -34.21 -22.71 21.22
C ILE D 33 -33.73 -22.54 22.65
N THR D 34 -33.70 -23.63 23.41
CA THR D 34 -33.34 -23.63 24.81
C THR D 34 -32.14 -24.54 25.04
N TRP D 35 -31.25 -24.14 25.95
CA TRP D 35 -30.11 -24.96 26.32
C TRP D 35 -29.59 -24.51 27.67
N GLU D 36 -28.73 -25.34 28.26
CA GLU D 36 -28.15 -25.08 29.57
C GLU D 36 -26.63 -25.04 29.45
N SER D 37 -26.02 -24.04 30.06
CA SER D 37 -24.58 -23.86 29.98
C SER D 37 -23.94 -23.98 31.36
N PRO D 38 -22.76 -24.61 31.47
CA PRO D 38 -22.07 -24.68 32.76
C PRO D 38 -21.34 -23.41 33.13
N LYS D 39 -20.99 -22.58 32.15
CA LYS D 39 -20.25 -21.35 32.39
C LYS D 39 -20.59 -20.36 31.29
N GLU D 40 -20.32 -19.08 31.57
CA GLU D 40 -20.57 -18.06 30.56
C GLU D 40 -19.50 -18.12 29.47
N GLN D 41 -19.95 -18.17 28.22
CA GLN D 41 -19.05 -18.29 27.09
C GLN D 41 -19.53 -17.37 25.98
N ILE D 42 -18.61 -17.04 25.07
CA ILE D 42 -18.92 -16.22 23.91
C ILE D 42 -19.12 -17.14 22.71
N PHE D 43 -20.25 -16.97 22.02
CA PHE D 43 -20.57 -17.76 20.84
C PHE D 43 -21.08 -16.82 19.75
N GLU D 44 -21.02 -17.30 18.51
CA GLU D 44 -21.42 -16.49 17.37
C GLU D 44 -22.91 -16.68 17.12
N MET D 45 -23.64 -15.58 17.10
CA MET D 45 -25.07 -15.63 16.83
C MET D 45 -25.30 -16.04 15.37
N PRO D 46 -26.29 -16.89 15.10
CA PRO D 46 -26.58 -17.24 13.70
C PRO D 46 -27.02 -16.07 12.86
N THR D 47 -27.48 -15.00 13.48
CA THR D 47 -27.91 -13.79 12.78
C THR D 47 -26.79 -12.78 12.59
N GLY D 48 -25.57 -13.13 12.98
CA GLY D 48 -24.44 -12.22 12.87
C GLY D 48 -24.14 -11.52 14.18
N GLY D 49 -22.88 -11.57 14.60
CA GLY D 49 -22.45 -10.97 15.85
C GLY D 49 -22.07 -12.03 16.87
N ALA D 50 -21.62 -11.54 18.03
CA ALA D 50 -21.19 -12.39 19.13
C ALA D 50 -22.03 -12.11 20.36
N ALA D 51 -22.41 -13.16 21.07
CA ALA D 51 -23.22 -13.06 22.27
C ALA D 51 -22.57 -13.86 23.39
N ILE D 52 -23.02 -13.60 24.62
CA ILE D 52 -22.56 -14.31 25.80
C ILE D 52 -23.72 -15.12 26.35
N MET D 53 -23.53 -16.42 26.50
CA MET D 53 -24.56 -17.28 27.05
C MET D 53 -24.44 -17.32 28.57
N ARG D 54 -25.59 -17.29 29.25
CA ARG D 54 -25.62 -17.25 30.70
C ARG D 54 -25.28 -18.62 31.28
N SER D 55 -24.98 -18.62 32.58
CA SER D 55 -24.74 -19.85 33.30
C SER D 55 -26.08 -20.42 33.77
N GLY D 56 -26.46 -21.58 33.25
CA GLY D 56 -27.76 -22.14 33.51
C GLY D 56 -28.61 -22.13 32.25
N PRO D 57 -29.92 -22.04 32.42
CA PRO D 57 -30.83 -22.05 31.27
C PRO D 57 -30.65 -20.83 30.38
N ASN D 58 -30.86 -21.03 29.08
CA ASN D 58 -30.83 -19.96 28.09
C ASN D 58 -32.01 -20.12 27.16
N LEU D 59 -32.45 -19.00 26.58
CA LEU D 59 -33.57 -19.01 25.66
C LEU D 59 -33.33 -17.96 24.59
N LEU D 60 -33.64 -18.31 23.35
CA LEU D 60 -33.32 -17.46 22.20
C LEU D 60 -34.41 -17.56 21.15
N LYS D 61 -34.90 -16.41 20.70
CA LYS D 61 -35.91 -16.35 19.64
C LYS D 61 -35.21 -16.24 18.28
N LEU D 62 -35.62 -17.08 17.34
CA LEU D 62 -35.05 -17.09 16.00
C LEU D 62 -36.18 -17.17 14.98
N ALA D 63 -35.87 -16.73 13.77
CA ALA D 63 -36.89 -16.57 12.74
C ALA D 63 -37.09 -17.81 11.88
N ARG D 64 -36.09 -18.69 11.81
CA ARG D 64 -36.17 -19.87 10.95
C ARG D 64 -35.70 -21.10 11.71
N LYS D 65 -36.20 -22.27 11.27
CA LYS D 65 -35.77 -23.53 11.86
C LYS D 65 -34.31 -23.80 11.54
N GLU D 66 -33.84 -23.38 10.38
CA GLU D 66 -32.44 -23.60 10.00
C GLU D 66 -31.50 -22.85 10.93
N GLN D 67 -31.86 -21.64 11.35
CA GLN D 67 -31.03 -20.89 12.29
C GLN D 67 -30.91 -21.63 13.61
N CYS D 68 -32.04 -22.12 14.14
CA CYS D 68 -32.03 -22.86 15.38
C CYS D 68 -31.17 -24.12 15.26
N LEU D 69 -31.30 -24.84 14.16
CA LEU D 69 -30.56 -26.08 14.02
C LEU D 69 -29.08 -25.83 13.82
N ALA D 70 -28.71 -24.75 13.10
CA ALA D 70 -27.30 -24.44 12.95
C ALA D 70 -26.67 -24.04 14.28
N LEU D 71 -27.37 -23.20 15.05
CA LEU D 71 -26.85 -22.83 16.37
C LEU D 71 -26.74 -24.05 17.27
N GLY D 72 -27.74 -24.93 17.24
CA GLY D 72 -27.68 -26.14 18.06
C GLY D 72 -26.57 -27.08 17.65
N ALA D 73 -26.34 -27.22 16.34
CA ALA D 73 -25.24 -28.06 15.87
C ALA D 73 -23.91 -27.51 16.33
N ARG D 74 -23.72 -26.19 16.23
CA ARG D 74 -22.48 -25.60 16.71
C ARG D 74 -22.33 -25.79 18.21
N LEU D 75 -23.42 -25.63 18.97
CA LEU D 75 -23.36 -25.84 20.41
C LEU D 75 -22.96 -27.25 20.76
N ARG D 76 -23.52 -28.23 20.04
CA ARG D 76 -23.25 -29.63 20.35
C ARG D 76 -21.83 -30.02 19.96
N THR D 77 -21.35 -29.57 18.80
CA THR D 77 -20.05 -29.99 18.33
C THR D 77 -18.90 -29.17 18.89
N LYS D 78 -19.18 -28.02 19.51
CA LYS D 78 -18.12 -27.15 19.98
C LYS D 78 -18.12 -26.95 21.49
N PHE D 79 -19.29 -26.94 22.14
CA PHE D 79 -19.37 -26.73 23.57
C PHE D 79 -19.86 -27.96 24.34
N LYS D 80 -20.24 -29.03 23.64
CA LYS D 80 -20.79 -30.23 24.27
C LYS D 80 -22.03 -29.90 25.10
N ILE D 81 -22.99 -29.25 24.45
CA ILE D 81 -24.19 -28.72 25.11
C ILE D 81 -25.41 -29.32 24.46
N GLN D 82 -26.30 -29.89 25.28
CA GLN D 82 -27.58 -30.40 24.80
C GLN D 82 -28.58 -29.25 24.67
N TYR D 83 -29.46 -29.35 23.68
CA TYR D 83 -30.37 -28.25 23.37
C TYR D 83 -31.71 -28.79 22.92
N GLN D 84 -32.73 -27.95 23.04
CA GLN D 84 -34.06 -28.20 22.52
C GLN D 84 -34.53 -26.97 21.76
N PHE D 85 -35.44 -27.16 20.80
CA PHE D 85 -36.12 -25.99 20.25
C PHE D 85 -37.55 -26.34 19.87
N TYR D 86 -38.38 -25.30 19.82
CA TYR D 86 -39.82 -25.39 19.67
C TYR D 86 -40.26 -24.50 18.51
N ARG D 87 -41.56 -24.54 18.22
CA ARG D 87 -42.18 -23.65 17.26
C ARG D 87 -43.35 -22.95 17.94
N VAL D 88 -43.42 -21.63 17.80
CA VAL D 88 -44.43 -20.82 18.46
C VAL D 88 -45.30 -20.16 17.40
N PHE D 89 -46.61 -20.25 17.57
CA PHE D 89 -47.59 -19.65 16.68
C PHE D 89 -48.16 -18.38 17.29
N PRO D 90 -48.69 -17.47 16.46
CA PRO D 90 -49.16 -16.19 17.00
C PRO D 90 -50.25 -16.31 18.05
N ASN D 91 -51.09 -17.34 17.98
CA ASN D 91 -52.17 -17.47 18.96
C ASN D 91 -51.70 -18.00 20.30
N GLY D 92 -50.45 -18.44 20.41
CA GLY D 92 -49.91 -18.96 21.64
C GLY D 92 -49.59 -20.45 21.62
N GLU D 93 -49.96 -21.16 20.55
CA GLU D 93 -49.67 -22.58 20.46
C GLU D 93 -48.16 -22.80 20.36
N VAL D 94 -47.67 -23.80 21.09
CA VAL D 94 -46.25 -24.13 21.13
C VAL D 94 -46.09 -25.58 20.68
N GLN D 95 -45.18 -25.80 19.72
CA GLN D 95 -44.94 -27.11 19.15
C GLN D 95 -43.49 -27.50 19.41
N TYR D 96 -43.29 -28.62 20.10
CA TYR D 96 -41.96 -29.12 20.40
C TYR D 96 -41.42 -29.91 19.20
N LEU D 97 -40.21 -29.57 18.78
CA LEU D 97 -39.82 -30.13 17.47
C LEU D 97 -38.53 -30.92 17.32
N HIS D 98 -37.41 -30.52 17.93
CA HIS D 98 -36.21 -31.17 17.43
C HIS D 98 -35.95 -32.56 18.02
N PRO D 99 -35.72 -32.71 19.33
CA PRO D 99 -35.54 -34.11 19.78
C PRO D 99 -36.91 -34.74 19.99
N LYS D 100 -37.52 -35.14 18.87
CA LYS D 100 -38.94 -35.46 18.86
C LYS D 100 -39.29 -36.56 19.86
N ASP D 101 -38.43 -37.57 19.98
CA ASP D 101 -38.57 -38.61 20.99
C ASP D 101 -37.41 -38.62 21.97
N GLY D 102 -36.71 -37.50 22.11
CA GLY D 102 -35.62 -37.38 23.05
C GLY D 102 -34.29 -37.90 22.58
N VAL D 103 -34.22 -38.51 21.39
CA VAL D 103 -33.00 -39.06 20.84
C VAL D 103 -32.69 -38.34 19.53
N TYR D 104 -31.44 -37.95 19.35
CA TYR D 104 -31.07 -37.20 18.16
C TYR D 104 -31.22 -38.06 16.91
N PRO D 105 -31.57 -37.45 15.78
CA PRO D 105 -31.98 -38.24 14.61
C PRO D 105 -30.90 -39.16 14.05
N GLU D 106 -29.62 -38.90 14.32
CA GLU D 106 -28.58 -39.75 13.76
C GLU D 106 -28.39 -41.04 14.55
N LYS D 107 -29.09 -41.22 15.66
CA LYS D 107 -29.04 -42.45 16.44
C LYS D 107 -30.33 -43.22 16.22
N VAL D 108 -30.18 -44.50 15.88
CA VAL D 108 -31.36 -45.35 15.68
C VAL D 108 -32.04 -45.59 17.02
N ASN D 109 -33.37 -45.46 17.03
CA ASN D 109 -34.14 -45.61 18.25
C ASN D 109 -35.39 -46.44 17.96
N ALA D 110 -35.76 -47.27 18.92
CA ALA D 110 -36.96 -48.10 18.76
C ALA D 110 -38.21 -47.24 18.80
N GLY D 111 -39.28 -47.77 18.23
CA GLY D 111 -40.54 -47.05 18.14
C GLY D 111 -40.67 -46.11 16.97
N ARG D 112 -39.64 -46.00 16.14
CA ARG D 112 -39.69 -45.17 14.94
C ARG D 112 -40.17 -45.99 13.76
N SER D 113 -41.08 -45.40 12.97
CA SER D 113 -41.60 -46.07 11.81
C SER D 113 -41.06 -45.44 10.53
N PRO D 114 -40.75 -46.24 9.51
CA PRO D 114 -40.23 -45.67 8.27
C PRO D 114 -41.28 -44.83 7.55
N VAL D 115 -40.81 -43.75 6.93
CA VAL D 115 -41.66 -42.88 6.12
C VAL D 115 -40.93 -42.57 4.82
N GLY D 116 -41.59 -42.83 3.69
CA GLY D 116 -41.00 -42.55 2.40
C GLY D 116 -40.05 -43.60 1.88
N VAL D 117 -39.95 -44.75 2.54
CA VAL D 117 -39.03 -45.79 2.12
C VAL D 117 -39.66 -46.57 0.96
N ASN D 118 -38.92 -46.72 -0.13
CA ASN D 118 -39.33 -47.54 -1.27
C ASN D 118 -38.49 -48.80 -1.29
N ASN D 119 -39.15 -49.95 -1.47
CA ASN D 119 -38.47 -51.24 -1.41
C ASN D 119 -38.04 -51.69 -2.80
N ARG D 120 -37.20 -50.88 -3.43
CA ARG D 120 -36.62 -51.20 -4.72
C ARG D 120 -35.44 -50.26 -4.96
N SER D 121 -34.67 -50.56 -5.98
CA SER D 121 -33.60 -49.66 -6.40
C SER D 121 -34.19 -48.44 -7.10
N ILE D 122 -33.38 -47.40 -7.22
CA ILE D 122 -33.84 -46.18 -7.88
C ILE D 122 -34.04 -46.39 -9.37
N GLY D 123 -33.43 -47.42 -9.95
CA GLY D 123 -33.58 -47.71 -11.36
C GLY D 123 -34.81 -48.50 -11.73
N LYS D 124 -35.59 -48.94 -10.75
CA LYS D 124 -36.80 -49.72 -11.01
C LYS D 124 -38.06 -48.88 -11.06
N ASN D 125 -37.93 -47.55 -10.99
CA ASN D 125 -39.10 -46.69 -11.09
C ASN D 125 -39.71 -46.77 -12.48
N ALA D 126 -41.01 -46.49 -12.55
CA ALA D 126 -41.74 -46.61 -13.80
C ALA D 126 -41.44 -45.43 -14.72
N ASN D 127 -42.05 -45.45 -15.90
CA ASN D 127 -41.92 -44.44 -16.96
C ASN D 127 -43.05 -43.42 -16.86
N PRO D 128 -42.75 -42.15 -17.12
CA PRO D 128 -43.81 -41.13 -17.08
C PRO D 128 -44.92 -41.37 -18.10
N ALA D 129 -44.64 -42.09 -19.19
CA ALA D 129 -45.68 -42.36 -20.18
C ALA D 129 -46.69 -43.38 -19.68
N GLU D 130 -46.26 -44.32 -18.85
CA GLU D 130 -47.18 -45.31 -18.31
C GLU D 130 -48.23 -44.67 -17.42
N LEU D 131 -47.83 -43.72 -16.58
CA LEU D 131 -48.76 -43.01 -15.71
C LEU D 131 -49.22 -41.70 -16.34
N LYS D 132 -49.75 -41.79 -17.56
CA LYS D 132 -50.25 -40.62 -18.27
C LYS D 132 -51.71 -40.38 -17.93
N PHE D 133 -52.07 -39.11 -17.72
CA PHE D 133 -53.40 -38.72 -17.28
C PHE D 133 -53.77 -39.37 -15.94
N ALA D 134 -52.77 -39.53 -15.08
CA ALA D 134 -52.96 -40.00 -13.72
C ALA D 134 -52.13 -39.10 -12.80
N HIS D 135 -52.54 -39.04 -11.54
CA HIS D 135 -51.95 -38.10 -10.60
C HIS D 135 -50.72 -38.66 -9.89
N LYS D 136 -50.32 -39.89 -10.19
CA LYS D 136 -49.13 -40.45 -9.59
C LYS D 136 -47.87 -39.84 -10.20
N GLN D 137 -46.75 -39.99 -9.50
CA GLN D 137 -45.50 -39.35 -9.88
C GLN D 137 -44.36 -40.34 -10.13
N ALA D 138 -44.65 -41.65 -10.11
CA ALA D 138 -43.70 -42.71 -10.44
C ALA D 138 -42.62 -42.90 -9.39
N TYR D 139 -42.56 -42.01 -8.40
CA TYR D 139 -41.78 -42.26 -7.20
C TYR D 139 -42.65 -42.40 -5.96
N ASP D 140 -43.96 -42.15 -6.07
CA ASP D 140 -44.92 -42.45 -5.03
C ASP D 140 -45.44 -43.87 -5.11
N LEU D 141 -45.03 -44.64 -6.12
CA LEU D 141 -45.46 -46.02 -6.28
C LEU D 141 -44.43 -46.98 -5.69
N GLY E 1 -22.89 -66.24 -3.13
CA GLY E 1 -22.47 -65.46 -4.28
C GLY E 1 -21.09 -65.81 -4.78
N PRO E 2 -20.53 -64.97 -5.66
CA PRO E 2 -19.19 -65.24 -6.18
C PRO E 2 -18.15 -65.24 -5.07
N LYS E 3 -17.13 -66.08 -5.24
CA LYS E 3 -16.10 -66.23 -4.23
C LYS E 3 -15.19 -65.01 -4.19
N ARG E 4 -14.51 -64.85 -3.06
CA ARG E 4 -13.57 -63.75 -2.90
C ARG E 4 -12.47 -63.83 -3.95
N GLY E 5 -12.08 -62.67 -4.47
CA GLY E 5 -11.07 -62.60 -5.50
C GLY E 5 -11.56 -62.81 -6.91
N SER E 6 -12.86 -62.96 -7.11
CA SER E 6 -13.40 -63.15 -8.44
C SER E 6 -13.38 -61.85 -9.24
N ILE E 7 -13.46 -61.98 -10.56
CA ILE E 7 -13.61 -60.86 -11.47
C ILE E 7 -15.02 -60.93 -12.03
N VAL E 8 -15.82 -59.89 -11.78
CA VAL E 8 -17.23 -59.89 -12.16
C VAL E 8 -17.53 -58.63 -12.95
N LYS E 9 -18.59 -58.71 -13.76
CA LYS E 9 -19.06 -57.59 -14.58
C LYS E 9 -20.37 -57.07 -14.01
N VAL E 10 -20.45 -55.77 -13.84
CA VAL E 10 -21.64 -55.14 -13.26
C VAL E 10 -22.75 -55.11 -14.30
N LEU E 11 -23.95 -55.52 -13.91
CA LEU E 11 -25.11 -55.50 -14.78
C LEU E 11 -26.21 -54.56 -14.30
N ARG E 12 -26.00 -53.85 -13.19
CA ARG E 12 -26.99 -52.86 -12.77
C ARG E 12 -27.00 -51.69 -13.74
N ARG E 13 -28.19 -51.32 -14.20
CA ARG E 13 -28.29 -50.44 -15.36
C ARG E 13 -27.95 -49.00 -14.99
N GLU E 14 -28.29 -48.56 -13.78
CA GLU E 14 -27.98 -47.22 -13.32
C GLU E 14 -26.61 -47.12 -12.66
N SER E 15 -25.85 -48.21 -12.64
CA SER E 15 -24.52 -48.20 -12.05
C SER E 15 -23.55 -47.40 -12.92
N TYR E 16 -22.57 -46.78 -12.25
CA TYR E 16 -21.54 -46.06 -13.00
C TYR E 16 -20.60 -47.01 -13.72
N TRP E 17 -20.42 -48.22 -13.18
CA TRP E 17 -19.50 -49.20 -13.74
C TRP E 17 -20.21 -50.27 -14.55
N PHE E 18 -21.33 -49.93 -15.17
CA PHE E 18 -22.04 -50.88 -16.01
C PHE E 18 -21.15 -51.35 -17.14
N ASN E 19 -21.18 -52.66 -17.41
CA ASN E 19 -20.32 -53.29 -18.42
C ASN E 19 -18.84 -53.12 -18.11
N ASP E 20 -18.50 -53.02 -16.82
CA ASP E 20 -17.12 -52.90 -16.40
C ASP E 20 -16.82 -53.97 -15.36
N THR E 21 -15.56 -54.38 -15.32
CA THR E 21 -15.15 -55.49 -14.46
C THR E 21 -14.82 -55.00 -13.06
N GLY E 22 -15.07 -55.87 -12.08
CA GLY E 22 -14.82 -55.54 -10.70
C GLY E 22 -13.96 -56.58 -9.99
N LYS E 23 -13.87 -56.46 -8.67
CA LYS E 23 -13.00 -57.32 -7.86
C LYS E 23 -13.73 -57.59 -6.55
N VAL E 24 -14.28 -58.80 -6.41
CA VAL E 24 -15.13 -59.11 -5.26
C VAL E 24 -14.31 -59.06 -3.98
N VAL E 25 -14.81 -58.31 -2.99
CA VAL E 25 -14.10 -58.09 -1.74
C VAL E 25 -14.63 -58.98 -0.63
N ALA E 26 -15.94 -58.97 -0.42
CA ALA E 26 -16.55 -59.74 0.67
C ALA E 26 -18.01 -59.99 0.35
N VAL E 27 -18.50 -61.15 0.77
CA VAL E 27 -19.89 -61.54 0.58
C VAL E 27 -20.51 -61.81 1.95
N ASP E 28 -21.64 -61.17 2.22
CA ASP E 28 -22.34 -61.33 3.49
C ASP E 28 -23.28 -62.53 3.39
N GLN E 29 -23.19 -63.43 4.36
CA GLN E 29 -23.95 -64.67 4.35
C GLN E 29 -25.18 -64.62 5.23
N ALA E 30 -25.53 -63.45 5.75
CA ALA E 30 -26.77 -63.33 6.51
C ALA E 30 -27.97 -63.54 5.59
N PRO E 31 -29.03 -64.21 6.07
CA PRO E 31 -30.14 -64.55 5.17
C PRO E 31 -30.86 -63.35 4.57
N GLY E 32 -30.96 -62.24 5.28
CA GLY E 32 -31.79 -61.14 4.88
C GLY E 32 -31.10 -59.96 4.21
N VAL E 33 -29.81 -60.06 3.93
CA VAL E 33 -29.09 -58.96 3.28
C VAL E 33 -29.47 -58.91 1.81
N ARG E 34 -29.87 -57.72 1.35
CA ARG E 34 -30.38 -57.57 0.00
C ARG E 34 -29.29 -57.36 -1.04
N TYR E 35 -28.19 -56.71 -0.66
CA TYR E 35 -27.05 -56.48 -1.56
C TYR E 35 -25.79 -56.90 -0.81
N PRO E 36 -25.52 -58.20 -0.74
CA PRO E 36 -24.43 -58.67 0.15
C PRO E 36 -23.04 -58.63 -0.46
N VAL E 37 -22.90 -58.57 -1.78
CA VAL E 37 -21.59 -58.64 -2.41
C VAL E 37 -20.95 -57.26 -2.43
N VAL E 38 -19.67 -57.20 -2.12
CA VAL E 38 -18.91 -55.95 -2.12
C VAL E 38 -17.86 -56.03 -3.22
N VAL E 39 -17.89 -55.08 -4.15
CA VAL E 39 -17.03 -55.08 -5.33
C VAL E 39 -16.23 -53.79 -5.35
N ARG E 40 -14.93 -53.91 -5.61
CA ARG E 40 -14.03 -52.76 -5.72
C ARG E 40 -13.55 -52.61 -7.15
N PHE E 41 -13.52 -51.37 -7.62
CA PHE E 41 -13.19 -51.06 -9.01
C PHE E 41 -11.88 -50.28 -9.08
N ASP E 42 -11.47 -50.00 -10.32
CA ASP E 42 -10.24 -49.27 -10.58
C ASP E 42 -10.44 -47.77 -10.63
N LYS E 43 -11.46 -47.30 -11.35
CA LYS E 43 -11.72 -45.88 -11.50
C LYS E 43 -12.85 -45.45 -10.57
N VAL E 44 -12.76 -44.22 -10.10
CA VAL E 44 -13.76 -43.64 -9.21
C VAL E 44 -14.90 -43.06 -10.03
N ASN E 45 -16.09 -43.03 -9.44
CA ASN E 45 -17.26 -42.48 -10.10
C ASN E 45 -17.27 -40.97 -9.94
N TYR E 46 -18.38 -40.33 -10.30
CA TYR E 46 -18.47 -38.87 -10.19
C TYR E 46 -18.38 -38.41 -8.73
N ALA E 47 -19.00 -39.16 -7.82
CA ALA E 47 -18.93 -38.81 -6.40
C ALA E 47 -17.56 -39.10 -5.81
N GLY E 48 -16.72 -39.86 -6.50
CA GLY E 48 -15.37 -40.11 -6.06
C GLY E 48 -15.13 -41.40 -5.30
N VAL E 49 -16.09 -42.31 -5.28
CA VAL E 49 -15.94 -43.57 -4.58
C VAL E 49 -15.61 -44.66 -5.60
N SER E 50 -15.14 -45.80 -5.10
CA SER E 50 -14.77 -46.91 -5.97
C SER E 50 -15.23 -48.25 -5.44
N THR E 51 -16.21 -48.27 -4.54
CA THR E 51 -16.72 -49.51 -3.95
C THR E 51 -18.24 -49.45 -3.95
N ASN E 52 -18.88 -50.59 -4.20
CA ASN E 52 -20.33 -50.66 -4.21
C ASN E 52 -20.78 -52.04 -3.77
N ASN E 53 -22.06 -52.11 -3.39
CA ASN E 53 -22.70 -53.35 -2.99
C ASN E 53 -23.68 -53.77 -4.09
N TYR E 54 -23.62 -55.04 -4.48
CA TYR E 54 -24.45 -55.56 -5.56
C TYR E 54 -25.09 -56.87 -5.15
N SER E 55 -26.23 -57.16 -5.77
CA SER E 55 -26.89 -58.44 -5.61
C SER E 55 -26.20 -59.50 -6.46
N PRO E 56 -26.27 -60.78 -6.05
CA PRO E 56 -25.62 -61.83 -6.84
C PRO E 56 -26.16 -61.96 -8.26
N ASP E 57 -27.36 -61.48 -8.54
CA ASP E 57 -27.94 -61.56 -9.87
C ASP E 57 -27.66 -60.34 -10.72
N GLU E 58 -26.81 -59.43 -10.25
CA GLU E 58 -26.39 -58.26 -11.03
C GLU E 58 -24.92 -58.34 -11.41
N LEU E 59 -24.33 -59.53 -11.37
CA LEU E 59 -22.92 -59.72 -11.69
C LEU E 59 -22.77 -60.89 -12.65
N GLU E 60 -21.70 -60.85 -13.44
CA GLU E 60 -21.41 -61.90 -14.40
C GLU E 60 -20.12 -62.61 -13.99
N ALA E 61 -20.05 -63.91 -14.31
CA ALA E 61 -18.92 -64.73 -13.88
C ALA E 61 -17.61 -64.35 -14.52
N ALA E 62 -17.63 -63.51 -15.56
CA ALA E 62 -16.39 -63.09 -16.21
C ALA E 62 -16.00 -61.68 -15.77
N ASP F 1 -8.94 -21.24 -68.12
CA ASP F 1 -8.81 -22.70 -68.03
C ASP F 1 -9.97 -23.31 -67.26
N VAL F 2 -9.71 -23.66 -66.00
CA VAL F 2 -10.73 -24.23 -65.13
C VAL F 2 -11.50 -23.09 -64.49
N ALA F 3 -12.82 -23.10 -64.66
CA ALA F 3 -13.70 -22.07 -64.10
C ALA F 3 -13.34 -20.67 -64.61
N GLY F 4 -12.83 -20.59 -65.83
CA GLY F 4 -12.45 -19.31 -66.41
C GLY F 4 -11.31 -18.62 -65.69
N LEU F 5 -10.35 -19.40 -65.18
CA LEU F 5 -9.19 -18.86 -64.49
C LEU F 5 -7.99 -18.89 -65.42
N THR F 6 -7.26 -17.79 -65.47
CA THR F 6 -6.08 -17.67 -66.31
C THR F 6 -4.83 -18.04 -65.52
N PRO F 7 -3.79 -18.54 -66.19
CA PRO F 7 -2.52 -18.82 -65.50
C PRO F 7 -1.90 -17.55 -64.94
N CYS F 8 -1.14 -17.70 -63.85
CA CYS F 8 -0.55 -16.55 -63.18
C CYS F 8 0.46 -15.84 -64.08
N LYS F 9 1.28 -16.60 -64.81
CA LYS F 9 2.28 -15.97 -65.67
C LYS F 9 1.62 -15.19 -66.80
N GLU F 10 0.55 -15.72 -67.38
CA GLU F 10 -0.15 -15.03 -68.44
C GLU F 10 -0.98 -13.86 -67.92
N SER F 11 -1.40 -13.91 -66.66
CA SER F 11 -2.36 -12.95 -66.14
C SER F 11 -1.74 -11.58 -65.94
N LYS F 12 -2.56 -10.55 -66.15
CA LYS F 12 -2.23 -9.18 -65.78
C LYS F 12 -3.02 -8.83 -64.53
N GLY F 13 -2.32 -8.27 -63.54
CA GLY F 13 -2.89 -8.12 -62.22
C GLY F 13 -2.00 -8.83 -61.23
N PHE F 14 -1.48 -9.99 -61.64
CA PHE F 14 -0.37 -10.60 -60.93
C PHE F 14 0.89 -9.76 -61.09
N ALA F 15 1.22 -9.40 -62.34
CA ALA F 15 2.35 -8.52 -62.60
C ALA F 15 2.11 -7.13 -62.04
N LYS F 16 0.87 -6.64 -62.13
CA LYS F 16 0.54 -5.34 -61.54
C LYS F 16 0.75 -5.35 -60.03
N ARG F 17 0.34 -6.43 -59.36
CA ARG F 17 0.54 -6.52 -57.92
C ARG F 17 2.02 -6.59 -57.58
N GLU F 18 2.80 -7.35 -58.35
CA GLU F 18 4.24 -7.39 -58.12
C GLU F 18 4.87 -6.01 -58.27
N LYS F 19 4.49 -5.29 -59.33
CA LYS F 19 5.01 -3.95 -59.55
C LYS F 19 4.64 -3.02 -58.41
N GLN F 20 3.39 -3.10 -57.93
CA GLN F 20 2.95 -2.24 -56.83
C GLN F 20 3.74 -2.51 -55.57
N GLU F 21 3.96 -3.79 -55.24
CA GLU F 21 4.70 -4.12 -54.03
C GLU F 21 6.16 -3.66 -54.13
N ILE F 22 6.78 -3.89 -55.27
CA ILE F 22 8.17 -3.45 -55.44
C ILE F 22 8.26 -1.94 -55.36
N LYS F 23 7.30 -1.23 -55.95
CA LYS F 23 7.33 0.23 -55.91
C LYS F 23 7.17 0.74 -54.49
N LYS F 24 6.28 0.13 -53.71
CA LYS F 24 6.13 0.54 -52.31
C LYS F 24 7.42 0.30 -51.53
N LEU F 25 8.05 -0.85 -51.74
CA LEU F 25 9.29 -1.14 -51.02
C LEU F 25 10.39 -0.15 -51.39
N GLU F 26 10.50 0.19 -52.67
CA GLU F 26 11.53 1.15 -53.08
C GLU F 26 11.23 2.55 -52.55
N SER F 27 9.95 2.93 -52.51
CA SER F 27 9.57 4.20 -51.90
C SER F 27 9.99 4.26 -50.44
N ARG F 28 9.82 3.15 -49.71
CA ARG F 28 10.35 3.09 -48.36
C ARG F 28 11.87 3.18 -48.35
N LEU F 29 12.53 2.54 -49.32
CA LEU F 29 13.99 2.51 -49.36
C LEU F 29 14.58 3.90 -49.59
N LYS F 30 13.84 4.78 -50.26
CA LYS F 30 14.38 6.10 -50.60
C LYS F 30 14.82 6.92 -49.39
N LEU F 31 14.47 6.50 -48.17
CA LEU F 31 14.74 7.31 -46.98
C LEU F 31 16.06 6.98 -46.27
N TYR F 32 16.79 5.97 -46.72
CA TYR F 32 17.93 5.47 -45.94
C TYR F 32 19.22 5.60 -46.74
N ALA F 33 20.33 5.45 -46.01
CA ALA F 33 21.64 5.45 -46.64
C ALA F 33 21.87 4.15 -47.41
N PRO F 34 22.59 4.22 -48.54
CA PRO F 34 22.72 3.03 -49.39
C PRO F 34 23.36 1.83 -48.71
N ASP F 35 24.33 2.04 -47.83
CA ASP F 35 25.08 0.95 -47.22
C ASP F 35 24.62 0.59 -45.82
N SER F 36 23.62 1.28 -45.29
CA SER F 36 23.17 1.02 -43.92
C SER F 36 22.38 -0.28 -43.84
N ALA F 37 22.22 -0.76 -42.61
CA ALA F 37 21.48 -1.99 -42.38
C ALA F 37 20.02 -1.92 -42.84
N PRO F 38 19.25 -0.85 -42.59
CA PRO F 38 17.88 -0.82 -43.13
C PRO F 38 17.83 -0.98 -44.64
N ALA F 39 18.78 -0.39 -45.37
CA ALA F 39 18.81 -0.56 -46.82
C ALA F 39 19.03 -2.01 -47.20
N LEU F 40 19.93 -2.70 -46.50
CA LEU F 40 20.19 -4.11 -46.79
C LEU F 40 18.96 -4.96 -46.50
N ALA F 41 18.28 -4.68 -45.39
CA ALA F 41 17.07 -5.44 -45.06
C ALA F 41 15.97 -5.22 -46.09
N LEU F 42 15.78 -3.97 -46.52
CA LEU F 42 14.77 -3.68 -47.53
C LEU F 42 15.11 -4.35 -48.85
N ASN F 43 16.39 -4.33 -49.23
CA ASN F 43 16.79 -5.01 -50.46
C ASN F 43 16.56 -6.51 -50.38
N ALA F 44 16.85 -7.10 -49.21
CA ALA F 44 16.58 -8.52 -49.03
C ALA F 44 15.10 -8.83 -49.18
N THR F 45 14.25 -7.98 -48.61
CA THR F 45 12.81 -8.16 -48.77
C THR F 45 12.40 -8.05 -50.24
N ILE F 46 13.00 -7.12 -50.98
CA ILE F 46 12.66 -6.94 -52.39
C ILE F 46 13.04 -8.19 -53.19
N GLU F 47 14.24 -8.72 -52.94
CA GLU F 47 14.66 -9.94 -53.65
C GLU F 47 13.77 -11.12 -53.29
N LYS F 48 13.37 -11.22 -52.02
CA LYS F 48 12.48 -12.30 -51.62
C LYS F 48 11.14 -12.20 -52.33
N THR F 49 10.61 -10.97 -52.45
CA THR F 49 9.35 -10.77 -53.17
C THR F 49 9.49 -11.17 -54.64
N LYS F 50 10.59 -10.78 -55.28
CA LYS F 50 10.82 -11.16 -56.67
C LYS F 50 10.87 -12.68 -56.83
N ARG F 51 11.61 -13.34 -55.96
CA ARG F 51 11.72 -14.79 -56.03
C ARG F 51 10.36 -15.47 -55.82
N ARG F 52 9.57 -14.96 -54.86
CA ARG F 52 8.26 -15.55 -54.61
C ARG F 52 7.35 -15.41 -55.82
N PHE F 53 7.32 -14.23 -56.42
CA PHE F 53 6.46 -14.05 -57.59
C PHE F 53 6.91 -14.92 -58.75
N ALA F 54 8.22 -15.02 -58.98
CA ALA F 54 8.71 -15.89 -60.05
C ALA F 54 8.32 -17.35 -59.80
N PHE F 55 8.47 -17.82 -58.57
CA PHE F 55 8.13 -19.21 -58.26
C PHE F 55 6.64 -19.47 -58.43
N TYR F 56 5.79 -18.55 -57.95
CA TYR F 56 4.36 -18.74 -58.11
C TYR F 56 3.96 -18.75 -59.58
N GLY F 57 4.54 -17.85 -60.38
CA GLY F 57 4.24 -17.84 -61.80
C GLY F 57 4.69 -19.10 -62.51
N ASN F 58 5.88 -19.60 -62.17
CA ASN F 58 6.44 -20.74 -62.88
C ASN F 58 5.91 -22.08 -62.39
N GLU F 59 5.26 -22.12 -61.22
CA GLU F 59 4.78 -23.39 -60.69
C GLU F 59 3.49 -23.86 -61.36
N GLY F 60 2.75 -22.97 -62.01
CA GLY F 60 1.55 -23.36 -62.71
C GLY F 60 0.27 -23.18 -61.92
N LEU F 61 0.09 -21.99 -61.35
CA LEU F 61 -1.09 -21.67 -60.55
C LEU F 61 -2.08 -20.86 -61.37
N LEU F 62 -3.36 -21.15 -61.20
CA LEU F 62 -4.40 -20.36 -61.84
C LEU F 62 -4.61 -19.05 -61.09
N CYS F 63 -5.10 -18.05 -61.80
CA CYS F 63 -5.24 -16.71 -61.27
C CYS F 63 -6.63 -16.18 -61.56
N GLY F 64 -7.19 -15.47 -60.58
CA GLY F 64 -8.52 -14.91 -60.71
C GLY F 64 -8.53 -13.54 -61.38
N THR F 65 -9.72 -12.95 -61.43
CA THR F 65 -9.87 -11.61 -61.99
C THR F 65 -9.13 -10.58 -61.16
N ASP F 66 -9.16 -10.72 -59.84
CA ASP F 66 -8.51 -9.76 -58.95
C ASP F 66 -7.00 -9.86 -58.99
N GLY F 67 -6.43 -10.87 -59.62
CA GLY F 67 -5.00 -11.02 -59.72
C GLY F 67 -4.34 -11.89 -58.67
N LEU F 68 -5.11 -12.70 -57.94
CA LEU F 68 -4.54 -13.55 -56.91
C LEU F 68 -4.69 -15.02 -57.28
N PRO F 69 -3.77 -15.88 -56.82
CA PRO F 69 -3.87 -17.30 -57.14
C PRO F 69 -5.07 -17.97 -56.51
N HIS F 70 -5.63 -18.93 -57.23
CA HIS F 70 -6.74 -19.74 -56.75
C HIS F 70 -6.34 -21.21 -56.75
N LEU F 71 -7.00 -22.00 -55.91
CA LEU F 71 -6.67 -23.40 -55.72
C LEU F 71 -7.77 -24.28 -56.28
N ILE F 72 -7.37 -25.43 -56.83
CA ILE F 72 -8.28 -26.42 -57.38
C ILE F 72 -8.10 -27.71 -56.59
N VAL F 73 -9.21 -28.25 -56.07
CA VAL F 73 -9.15 -29.37 -55.14
C VAL F 73 -10.09 -30.49 -55.55
N ASP F 74 -10.55 -30.49 -56.80
CA ASP F 74 -11.51 -31.50 -57.25
C ASP F 74 -10.86 -32.80 -57.69
N GLY F 75 -9.53 -32.89 -57.60
CA GLY F 75 -8.80 -34.07 -58.03
C GLY F 75 -8.05 -33.94 -59.33
N ASP F 76 -8.03 -32.76 -59.94
CA ASP F 76 -7.42 -32.59 -61.25
C ASP F 76 -5.95 -32.96 -61.22
N GLN F 77 -5.49 -33.64 -62.27
CA GLN F 77 -4.12 -34.12 -62.32
C GLN F 77 -3.13 -32.97 -62.44
N ALA F 78 -3.54 -31.85 -63.02
CA ALA F 78 -2.66 -30.71 -63.20
C ALA F 78 -2.51 -29.87 -61.94
N HIS F 79 -3.26 -30.18 -60.88
CA HIS F 79 -3.21 -29.38 -59.66
C HIS F 79 -3.15 -30.27 -58.41
N LEU F 80 -2.45 -31.41 -58.50
CA LEU F 80 -2.34 -32.29 -57.35
C LEU F 80 -1.51 -31.67 -56.24
N GLY F 81 -0.50 -30.87 -56.58
CA GLY F 81 0.34 -30.25 -55.58
C GLY F 81 -0.36 -29.22 -54.73
N GLU F 82 -1.51 -28.73 -55.19
CA GLU F 82 -2.26 -27.74 -54.41
C GLU F 82 -2.89 -28.37 -53.18
N PHE F 83 -3.54 -29.51 -53.35
CA PHE F 83 -4.27 -30.14 -52.25
C PHE F 83 -3.84 -31.56 -51.95
N VAL F 84 -3.74 -32.41 -52.97
CA VAL F 84 -3.68 -33.86 -52.73
C VAL F 84 -2.37 -34.26 -52.08
N TYR F 85 -1.25 -33.76 -52.61
CA TYR F 85 0.05 -34.12 -52.05
C TYR F 85 0.24 -33.61 -50.62
N PRO F 86 0.00 -32.34 -50.29
CA PRO F 86 0.07 -31.94 -48.88
C PRO F 86 -0.93 -32.66 -48.02
N GLY F 87 -2.10 -32.99 -48.56
CA GLY F 87 -3.07 -33.77 -47.79
C GLY F 87 -2.54 -35.14 -47.42
N LEU F 88 -1.89 -35.82 -48.38
CA LEU F 88 -1.30 -37.12 -48.08
C LEU F 88 -0.17 -37.00 -47.05
N VAL F 89 0.65 -35.97 -47.18
CA VAL F 89 1.74 -35.79 -46.21
C VAL F 89 1.16 -35.54 -44.82
N PHE F 90 0.15 -34.69 -44.72
CA PHE F 90 -0.47 -34.43 -43.42
C PHE F 90 -1.12 -35.69 -42.87
N LEU F 91 -1.78 -36.47 -43.72
CA LEU F 91 -2.41 -37.69 -43.25
C LEU F 91 -1.38 -38.65 -42.69
N TYR F 92 -0.24 -38.79 -43.37
CA TYR F 92 0.84 -39.61 -42.85
C TYR F 92 1.30 -39.13 -41.49
N ILE F 93 1.58 -37.84 -41.36
CA ILE F 93 2.12 -37.31 -40.11
C ILE F 93 1.10 -37.45 -38.97
N ALA F 94 -0.15 -37.10 -39.23
CA ALA F 94 -1.18 -37.15 -38.19
C ALA F 94 -1.47 -38.58 -37.78
N GLY F 95 -1.53 -39.51 -38.74
CA GLY F 95 -1.65 -40.91 -38.39
C GLY F 95 -0.49 -41.40 -37.56
N TRP F 96 0.73 -40.93 -37.88
CA TRP F 96 1.90 -41.30 -37.08
C TRP F 96 1.73 -40.87 -35.63
N ILE F 97 1.42 -39.58 -35.42
CA ILE F 97 1.29 -39.08 -34.05
C ILE F 97 0.15 -39.79 -33.31
N GLY F 98 -1.00 -39.94 -33.95
CA GLY F 98 -2.10 -40.61 -33.29
C GLY F 98 -1.82 -42.06 -32.96
N TRP F 99 -1.19 -42.78 -33.90
CA TRP F 99 -0.90 -44.19 -33.70
C TRP F 99 0.10 -44.39 -32.56
N VAL F 100 1.15 -43.58 -32.51
CA VAL F 100 2.13 -43.76 -31.44
C VAL F 100 1.53 -43.36 -30.10
N GLY F 101 0.66 -42.35 -30.07
CA GLY F 101 -0.03 -42.02 -28.83
C GLY F 101 -0.90 -43.16 -28.33
N ARG F 102 -1.67 -43.78 -29.24
CA ARG F 102 -2.50 -44.91 -28.84
C ARG F 102 -1.65 -46.08 -28.37
N ALA F 103 -0.54 -46.36 -29.05
CA ALA F 103 0.32 -47.47 -28.63
C ALA F 103 0.90 -47.22 -27.24
N TYR F 104 1.34 -45.99 -26.97
CA TYR F 104 1.85 -45.68 -25.65
C TYR F 104 0.77 -45.82 -24.58
N LEU F 105 -0.44 -45.36 -24.88
CA LEU F 105 -1.53 -45.51 -23.91
C LEU F 105 -1.80 -46.98 -23.61
N ILE F 106 -1.83 -47.81 -24.65
CA ILE F 106 -2.10 -49.23 -24.46
C ILE F 106 -1.00 -49.88 -23.64
N ASP F 107 0.26 -49.53 -23.93
CA ASP F 107 1.36 -50.13 -23.18
C ASP F 107 1.39 -49.67 -21.73
N VAL F 108 1.01 -48.42 -21.46
CA VAL F 108 0.98 -47.92 -20.09
C VAL F 108 -0.20 -48.48 -19.32
N ARG F 109 -1.29 -48.84 -20.00
CA ARG F 109 -2.51 -49.27 -19.32
C ARG F 109 -2.26 -50.42 -18.35
N THR F 110 -1.33 -51.32 -18.69
CA THR F 110 -1.00 -52.45 -17.82
C THR F 110 0.29 -52.13 -17.06
N SER F 111 0.14 -51.38 -15.97
CA SER F 111 1.27 -50.95 -15.16
C SER F 111 0.85 -50.92 -13.69
N LYS F 112 1.84 -50.71 -12.82
CA LYS F 112 1.57 -50.61 -11.39
C LYS F 112 0.65 -49.44 -11.08
N LYS F 113 0.92 -48.28 -11.68
CA LYS F 113 0.10 -47.09 -11.49
C LYS F 113 0.04 -46.35 -12.81
N PRO F 114 -0.96 -46.65 -13.65
CA PRO F 114 -1.02 -46.04 -14.98
C PRO F 114 -1.13 -44.52 -14.96
N THR F 115 -1.76 -43.94 -13.94
CA THR F 115 -1.93 -42.49 -13.91
C THR F 115 -0.60 -41.78 -13.70
N GLU F 116 0.30 -42.36 -12.91
CA GLU F 116 1.61 -41.74 -12.72
C GLU F 116 2.39 -41.67 -14.03
N LYS F 117 2.37 -42.75 -14.82
CA LYS F 117 2.93 -42.70 -16.16
C LYS F 117 2.10 -41.85 -17.09
N GLU F 118 0.86 -41.55 -16.71
CA GLU F 118 -0.01 -40.70 -17.53
C GLU F 118 0.39 -39.24 -17.41
N ILE F 119 0.83 -38.82 -16.22
CA ILE F 119 1.32 -37.45 -16.04
C ILE F 119 2.83 -37.37 -16.23
N ILE F 120 3.59 -38.33 -15.73
CA ILE F 120 5.04 -38.36 -15.85
C ILE F 120 5.39 -39.39 -16.91
N ILE F 121 5.87 -38.92 -18.06
CA ILE F 121 6.04 -39.79 -19.22
C ILE F 121 7.29 -40.63 -19.05
N ASP F 122 7.16 -41.93 -19.31
CA ASP F 122 8.30 -42.84 -19.37
C ASP F 122 9.06 -42.57 -20.65
N VAL F 123 10.14 -41.81 -20.56
CA VAL F 123 10.81 -41.31 -21.76
C VAL F 123 11.39 -42.44 -22.62
N PRO F 124 12.09 -43.44 -22.07
CA PRO F 124 12.60 -44.51 -22.95
C PRO F 124 11.52 -45.28 -23.69
N LEU F 125 10.46 -45.68 -22.97
CA LEU F 125 9.35 -46.37 -23.62
C LEU F 125 8.68 -45.48 -24.66
N ALA F 126 8.51 -44.20 -24.33
CA ALA F 126 7.91 -43.27 -25.27
C ALA F 126 8.76 -43.16 -26.53
N LEU F 127 10.08 -43.09 -26.38
CA LEU F 127 10.96 -42.99 -27.54
C LEU F 127 10.90 -44.24 -28.40
N ARG F 128 10.85 -45.42 -27.77
CA ARG F 128 10.73 -46.65 -28.53
C ARG F 128 9.44 -46.68 -29.33
N ILE F 129 8.33 -46.36 -28.68
CA ILE F 129 7.04 -46.33 -29.38
C ILE F 129 7.04 -45.30 -30.50
N MET F 130 7.64 -44.14 -30.24
CA MET F 130 7.68 -43.07 -31.24
C MET F 130 8.49 -43.48 -32.46
N SER F 131 9.62 -44.15 -32.24
CA SER F 131 10.43 -44.61 -33.36
C SER F 131 9.72 -45.71 -34.14
N LYS F 132 8.93 -46.55 -33.47
CA LYS F 132 8.23 -47.59 -34.22
C LYS F 132 7.05 -47.06 -35.05
N GLY F 133 6.82 -45.76 -35.19
CA GLY F 133 5.68 -45.25 -35.91
C GLY F 133 5.89 -44.99 -37.39
N LEU F 134 7.04 -45.35 -37.93
CA LEU F 134 7.32 -45.08 -39.35
C LEU F 134 6.36 -45.82 -40.26
N THR F 135 6.03 -47.06 -39.92
CA THR F 135 5.16 -47.92 -40.74
C THR F 135 3.76 -48.03 -40.15
N TRP F 136 3.23 -46.92 -39.62
CA TRP F 136 1.93 -46.97 -38.96
C TRP F 136 0.79 -47.49 -39.84
N PRO F 137 0.69 -47.18 -41.14
CA PRO F 137 -0.44 -47.72 -41.91
C PRO F 137 -0.49 -49.25 -41.93
N VAL F 138 0.66 -49.89 -42.02
CA VAL F 138 0.69 -51.35 -42.09
C VAL F 138 0.22 -51.94 -40.76
N ALA F 139 0.71 -51.40 -39.64
CA ALA F 139 0.26 -51.89 -38.34
C ALA F 139 -1.21 -51.60 -38.10
N ALA F 140 -1.69 -50.44 -38.58
CA ALA F 140 -3.10 -50.09 -38.40
C ALA F 140 -4.00 -51.05 -39.16
N ILE F 141 -3.67 -51.33 -40.42
CA ILE F 141 -4.45 -52.30 -41.20
C ILE F 141 -4.33 -53.68 -40.58
N GLY F 142 -3.15 -54.02 -40.05
CA GLY F 142 -2.98 -55.30 -39.40
C GLY F 142 -3.89 -55.48 -38.21
N GLU F 143 -3.97 -54.46 -37.35
CA GLU F 143 -4.86 -54.60 -36.20
C GLU F 143 -6.33 -54.47 -36.58
N LEU F 144 -6.63 -53.74 -37.65
CA LEU F 144 -8.01 -53.70 -38.12
C LEU F 144 -8.47 -55.06 -38.60
N ARG F 145 -7.61 -55.78 -39.33
CA ARG F 145 -7.97 -57.10 -39.83
C ARG F 145 -7.90 -58.16 -38.75
N SER F 146 -6.97 -58.02 -37.80
CA SER F 146 -6.81 -58.99 -36.72
C SER F 146 -7.89 -58.88 -35.65
N GLY F 147 -8.73 -57.85 -35.70
CA GLY F 147 -9.77 -57.69 -34.70
C GLY F 147 -9.28 -57.23 -33.35
N LYS F 148 -8.16 -56.51 -33.30
CA LYS F 148 -7.62 -55.99 -32.06
C LYS F 148 -7.61 -54.46 -32.05
N LEU F 149 -8.42 -53.83 -32.90
CA LEU F 149 -8.50 -52.38 -32.95
C LEU F 149 -9.71 -51.81 -32.24
N VAL F 150 -10.84 -52.51 -32.28
CA VAL F 150 -12.08 -52.01 -31.70
C VAL F 150 -12.46 -52.84 -30.49
N GLU F 151 -13.34 -52.28 -29.67
CA GLU F 151 -13.85 -52.90 -28.45
C GLU F 151 -15.34 -53.17 -28.63
N LYS F 152 -15.88 -54.07 -27.81
CA LYS F 152 -17.28 -54.44 -27.95
C LYS F 152 -18.08 -54.28 -26.66
N SER F 153 -17.40 -54.37 -25.50
CA SER F 153 -18.05 -54.28 -24.19
C SER F 153 -17.60 -52.99 -23.51
N ALA F 154 -18.31 -51.90 -23.78
CA ALA F 154 -17.97 -50.58 -23.27
C ALA F 154 -19.10 -50.03 -22.42
N ASN F 155 -18.75 -49.12 -21.52
CA ASN F 155 -19.73 -48.54 -20.60
C ASN F 155 -20.67 -47.60 -21.34
N ILE F 156 -21.97 -47.77 -21.12
CA ILE F 156 -23.00 -46.91 -21.70
C ILE F 156 -24.02 -46.58 -20.61
N THR F 157 -24.87 -45.59 -20.90
CA THR F 157 -25.86 -45.12 -19.96
C THR F 157 -27.19 -45.82 -20.19
N VAL F 158 -28.22 -45.37 -19.47
CA VAL F 158 -29.55 -45.97 -19.58
C VAL F 158 -30.17 -45.51 -20.89
N SER F 159 -30.42 -46.46 -21.78
CA SER F 159 -30.95 -46.15 -23.11
C SER F 159 -32.44 -45.85 -23.05
N GLU G 1 -54.79 -33.78 -84.62
CA GLU G 1 -56.14 -33.76 -84.06
C GLU G 1 -56.55 -35.17 -83.64
N ALA G 2 -57.00 -35.31 -82.40
CA ALA G 2 -57.43 -36.58 -81.84
C ALA G 2 -58.90 -36.53 -81.47
N ASN G 3 -59.61 -37.62 -81.74
CA ASN G 3 -61.03 -37.69 -81.41
C ASN G 3 -61.18 -37.82 -79.89
N THR G 4 -61.88 -36.86 -79.28
CA THR G 4 -62.03 -36.87 -77.83
C THR G 4 -62.90 -38.03 -77.37
N ALA G 5 -64.06 -38.21 -78.00
CA ALA G 5 -64.98 -39.26 -77.58
C ALA G 5 -64.33 -40.64 -77.72
N LEU G 6 -63.72 -40.90 -78.87
CA LEU G 6 -63.09 -42.20 -79.10
C LEU G 6 -61.96 -42.46 -78.11
N THR G 7 -61.10 -41.46 -77.88
CA THR G 7 -59.96 -41.65 -77.00
C THR G 7 -60.41 -41.89 -75.56
N ILE G 8 -61.34 -41.07 -75.06
CA ILE G 8 -61.82 -41.24 -73.70
C ILE G 8 -62.53 -42.58 -73.55
N THR G 9 -63.36 -42.96 -74.54
CA THR G 9 -64.06 -44.24 -74.48
C THR G 9 -63.08 -45.39 -74.41
N LEU G 10 -62.08 -45.40 -75.30
CA LEU G 10 -61.13 -46.51 -75.33
C LEU G 10 -60.31 -46.58 -74.05
N SER G 11 -59.83 -45.43 -73.55
CA SER G 11 -59.01 -45.44 -72.35
C SER G 11 -59.81 -45.89 -71.13
N THR G 12 -61.02 -45.34 -70.97
CA THR G 12 -61.83 -45.73 -69.82
C THR G 12 -62.23 -47.20 -69.91
N GLY G 13 -62.54 -47.68 -71.12
CA GLY G 13 -62.84 -49.09 -71.27
C GLY G 13 -61.66 -49.98 -70.91
N ALA G 14 -60.45 -49.59 -71.33
CA ALA G 14 -59.27 -50.37 -70.99
C ALA G 14 -59.03 -50.39 -69.48
N LEU G 15 -59.13 -49.25 -68.82
CA LEU G 15 -58.93 -49.21 -67.37
C LEU G 15 -60.01 -50.01 -66.63
N LEU G 16 -61.27 -49.90 -67.08
CA LEU G 16 -62.33 -50.67 -66.44
C LEU G 16 -62.12 -52.17 -66.63
N PHE G 17 -61.70 -52.57 -67.84
CA PHE G 17 -61.41 -53.98 -68.08
C PHE G 17 -60.28 -54.47 -67.19
N LEU G 18 -59.21 -53.68 -67.08
CA LEU G 18 -58.10 -54.05 -66.21
C LEU G 18 -58.57 -54.22 -64.78
N GLY G 19 -59.35 -53.26 -64.28
CA GLY G 19 -59.81 -53.34 -62.91
C GLY G 19 -60.74 -54.50 -62.66
N ARG G 20 -61.62 -54.80 -63.61
CA ARG G 20 -62.61 -55.86 -63.40
C ARG G 20 -62.00 -57.24 -63.53
N PHE G 21 -61.07 -57.44 -64.46
CA PHE G 21 -60.60 -58.78 -64.77
C PHE G 21 -59.15 -59.05 -64.42
N VAL G 22 -58.25 -58.09 -64.61
CA VAL G 22 -56.83 -58.35 -64.50
C VAL G 22 -56.35 -58.16 -63.06
N PHE G 23 -56.49 -56.95 -62.53
CA PHE G 23 -55.95 -56.61 -61.23
C PHE G 23 -56.95 -56.80 -60.09
N LEU G 24 -58.15 -57.31 -60.37
CA LEU G 24 -59.15 -57.45 -59.32
C LEU G 24 -58.71 -58.38 -58.19
N PRO G 25 -58.16 -59.57 -58.43
CA PRO G 25 -57.70 -60.40 -57.30
C PRO G 25 -56.62 -59.72 -56.48
N PHE G 26 -55.68 -59.04 -57.13
CA PHE G 26 -54.61 -58.36 -56.39
C PHE G 26 -55.16 -57.23 -55.53
N GLN G 27 -56.06 -56.42 -56.10
CA GLN G 27 -56.69 -55.37 -55.32
C GLN G 27 -57.48 -55.96 -54.16
N ARG G 28 -58.22 -57.05 -54.41
CA ARG G 28 -59.07 -57.64 -53.37
C ARG G 28 -58.24 -58.16 -52.20
N ASP G 29 -57.21 -58.96 -52.49
CA ASP G 29 -56.48 -59.54 -51.37
C ASP G 29 -55.58 -58.51 -50.68
N ASN G 30 -55.08 -57.50 -51.42
CA ASN G 30 -54.31 -56.46 -50.76
C ASN G 30 -55.18 -55.58 -49.88
N VAL G 31 -56.43 -55.32 -50.28
CA VAL G 31 -57.30 -54.53 -49.41
C VAL G 31 -57.82 -55.39 -48.26
N SER G 32 -57.90 -56.71 -48.46
CA SER G 32 -58.24 -57.59 -47.36
C SER G 32 -57.14 -57.63 -46.31
N ARG G 33 -55.88 -57.63 -46.75
CA ARG G 33 -54.77 -57.64 -45.80
C ARG G 33 -54.68 -56.32 -45.05
N GLN G 34 -54.72 -55.19 -45.78
CA GLN G 34 -54.81 -53.87 -45.16
C GLN G 34 -56.29 -53.59 -44.91
N GLY G 35 -56.81 -54.21 -43.86
CA GLY G 35 -58.24 -54.25 -43.63
C GLY G 35 -58.92 -52.91 -43.41
N LEU G 36 -58.65 -52.26 -42.28
CA LEU G 36 -59.32 -51.02 -41.94
C LEU G 36 -58.37 -50.14 -41.14
N PRO G 37 -58.50 -48.83 -41.25
CA PRO G 37 -57.74 -47.94 -40.36
C PRO G 37 -58.07 -48.24 -38.90
N VAL G 38 -57.04 -48.59 -38.14
CA VAL G 38 -57.21 -49.15 -36.81
C VAL G 38 -56.33 -48.39 -35.83
N GLN G 39 -56.93 -48.01 -34.70
CA GLN G 39 -56.22 -47.30 -33.63
C GLN G 39 -56.29 -48.13 -32.36
N ASN G 40 -55.12 -48.43 -31.79
CA ASN G 40 -55.02 -49.21 -30.55
C ASN G 40 -55.74 -50.56 -30.67
N GLY G 41 -55.61 -51.19 -31.83
CA GLY G 41 -56.19 -52.50 -32.04
C GLY G 41 -57.68 -52.52 -32.30
N VAL G 42 -58.32 -51.36 -32.46
CA VAL G 42 -59.74 -51.28 -32.72
C VAL G 42 -60.00 -50.22 -33.78
N THR G 43 -61.02 -50.46 -34.61
CA THR G 43 -61.35 -49.53 -35.68
C THR G 43 -61.91 -48.23 -35.11
N HIS G 44 -61.90 -47.19 -35.95
CA HIS G 44 -62.33 -45.87 -35.51
C HIS G 44 -63.79 -45.88 -35.07
N PHE G 45 -64.66 -46.51 -35.87
CA PHE G 45 -66.07 -46.57 -35.51
C PHE G 45 -66.29 -47.32 -34.21
N ASP G 46 -65.61 -48.45 -34.03
CA ASP G 46 -65.72 -49.19 -32.78
C ASP G 46 -65.01 -48.46 -31.65
N ALA G 47 -63.96 -47.70 -31.96
CA ALA G 47 -63.33 -46.86 -30.94
C ALA G 47 -64.25 -45.73 -30.49
N GLY G 48 -65.25 -45.37 -31.29
CA GLY G 48 -66.26 -44.44 -30.86
C GLY G 48 -66.47 -43.27 -31.80
N ASP G 49 -66.00 -43.38 -33.04
CA ASP G 49 -66.14 -42.33 -34.03
C ASP G 49 -67.43 -42.58 -34.80
N SER G 50 -68.50 -41.88 -34.40
CA SER G 50 -69.80 -42.07 -35.04
C SER G 50 -69.77 -41.68 -36.51
N ARG G 51 -68.99 -40.65 -36.86
CA ARG G 51 -68.87 -40.24 -38.25
C ARG G 51 -68.09 -41.23 -39.10
N ALA G 52 -67.44 -42.22 -38.48
CA ALA G 52 -66.57 -43.16 -39.18
C ALA G 52 -67.24 -44.51 -39.42
N GLN G 53 -68.54 -44.62 -39.24
CA GLN G 53 -69.23 -45.87 -39.55
C GLN G 53 -69.23 -46.08 -41.06
N GLU G 54 -68.82 -47.27 -41.49
CA GLU G 54 -68.75 -47.56 -42.92
C GLU G 54 -70.15 -47.62 -43.52
N VAL G 55 -70.28 -47.09 -44.73
CA VAL G 55 -71.54 -47.11 -45.46
C VAL G 55 -71.59 -48.40 -46.28
N THR G 56 -72.58 -49.25 -46.01
CA THR G 56 -72.72 -50.50 -46.72
C THR G 56 -73.81 -50.46 -47.78
N SER G 57 -74.80 -49.57 -47.63
CA SER G 57 -75.79 -49.39 -48.69
C SER G 57 -75.14 -48.91 -49.98
N PHE G 58 -74.05 -48.16 -49.87
CA PHE G 58 -73.29 -47.69 -51.01
C PHE G 58 -72.24 -48.70 -51.48
N LEU G 59 -72.15 -49.86 -50.83
CA LEU G 59 -71.19 -50.88 -51.19
C LEU G 59 -71.83 -52.18 -51.64
N LYS G 60 -73.15 -52.22 -51.79
CA LYS G 60 -73.81 -53.44 -52.24
C LYS G 60 -73.43 -53.75 -53.68
N THR G 61 -73.30 -55.04 -53.97
CA THR G 61 -72.85 -55.48 -55.28
C THR G 61 -73.72 -56.64 -55.75
N ASN G 62 -73.82 -56.79 -57.07
CA ASN G 62 -74.55 -57.89 -57.67
C ASN G 62 -73.79 -58.58 -58.80
N ASP G 63 -72.55 -58.12 -59.01
CA ASP G 63 -71.66 -58.75 -59.96
C ASP G 63 -71.17 -60.07 -59.36
N PRO G 64 -70.96 -61.14 -60.17
CA PRO G 64 -70.37 -62.35 -59.57
C PRO G 64 -69.03 -62.07 -58.89
N ALA G 65 -68.27 -61.09 -59.38
CA ALA G 65 -66.96 -60.76 -58.83
C ALA G 65 -67.04 -59.80 -57.66
N GLY G 66 -68.23 -59.35 -57.28
CA GLY G 66 -68.36 -58.39 -56.20
C GLY G 66 -67.89 -57.00 -56.55
N PHE G 67 -67.92 -56.64 -57.83
CA PHE G 67 -67.41 -55.35 -58.25
C PHE G 67 -68.35 -54.24 -57.78
N THR G 68 -67.76 -53.20 -57.19
CA THR G 68 -68.50 -52.20 -56.44
C THR G 68 -68.54 -50.88 -57.21
N ILE G 69 -69.53 -50.04 -56.86
CA ILE G 69 -69.69 -48.75 -57.52
C ILE G 69 -68.51 -47.83 -57.23
N VAL G 70 -67.93 -47.92 -56.04
CA VAL G 70 -66.73 -47.13 -55.75
C VAL G 70 -65.56 -47.60 -56.61
N ASP G 71 -65.48 -48.91 -56.87
CA ASP G 71 -64.51 -49.43 -57.82
C ASP G 71 -64.75 -48.87 -59.21
N VAL G 72 -66.02 -48.79 -59.61
CA VAL G 72 -66.37 -48.18 -60.90
C VAL G 72 -65.84 -46.75 -60.95
N LEU G 73 -66.08 -45.99 -59.88
CA LEU G 73 -65.65 -44.60 -59.85
C LEU G 73 -64.13 -44.49 -59.93
N ALA G 74 -63.41 -45.33 -59.19
CA ALA G 74 -61.95 -45.23 -59.19
C ALA G 74 -61.36 -45.58 -60.56
N TRP G 75 -61.77 -46.72 -61.12
CA TRP G 75 -61.21 -47.11 -62.41
C TRP G 75 -61.66 -46.17 -63.53
N GLY G 76 -62.89 -45.65 -63.46
CA GLY G 76 -63.32 -44.67 -64.44
C GLY G 76 -62.59 -43.36 -64.34
N ALA G 77 -62.27 -42.93 -63.11
CA ALA G 77 -61.46 -41.72 -62.94
C ALA G 77 -60.08 -41.92 -63.55
N LEU G 78 -59.47 -43.09 -63.31
CA LEU G 78 -58.20 -43.38 -63.94
C LEU G 78 -58.32 -43.39 -65.46
N GLY G 79 -59.43 -43.93 -65.98
CA GLY G 79 -59.63 -43.96 -67.42
C GLY G 79 -59.76 -42.58 -68.03
N HIS G 80 -60.60 -41.73 -67.43
CA HIS G 80 -60.72 -40.35 -67.89
C HIS G 80 -59.38 -39.63 -67.84
N ALA G 81 -58.62 -39.85 -66.76
CA ALA G 81 -57.32 -39.19 -66.62
C ALA G 81 -56.34 -39.63 -67.70
N VAL G 82 -56.25 -40.94 -67.95
CA VAL G 82 -55.34 -41.43 -68.96
C VAL G 82 -55.77 -40.96 -70.36
N GLY G 83 -57.08 -40.96 -70.62
CA GLY G 83 -57.55 -40.48 -71.90
C GLY G 83 -57.22 -39.03 -72.14
N PHE G 84 -57.40 -38.18 -71.12
CA PHE G 84 -57.06 -36.78 -71.27
C PHE G 84 -55.55 -36.58 -71.38
N PHE G 85 -54.76 -37.40 -70.68
CA PHE G 85 -53.31 -37.34 -70.83
C PHE G 85 -52.90 -37.64 -72.27
N ILE G 86 -53.49 -38.69 -72.85
CA ILE G 86 -53.17 -39.05 -74.23
C ILE G 86 -53.62 -37.95 -75.19
N LEU G 87 -54.81 -37.40 -74.98
CA LEU G 87 -55.31 -36.33 -75.83
C LEU G 87 -54.38 -35.12 -75.79
N ALA G 88 -54.01 -34.68 -74.59
CA ALA G 88 -53.14 -33.53 -74.45
C ALA G 88 -51.76 -33.79 -75.05
N THR G 89 -51.24 -35.01 -74.87
CA THR G 89 -49.93 -35.33 -75.44
C THR G 89 -49.98 -35.34 -76.96
N ILE G 90 -51.09 -35.81 -77.54
CA ILE G 90 -51.19 -35.84 -78.99
C ILE G 90 -51.35 -34.43 -79.56
N ASN G 91 -52.13 -33.58 -78.89
CA ASN G 91 -52.38 -32.24 -79.38
C ASN G 91 -51.37 -31.21 -78.87
N ASN G 92 -50.40 -31.62 -78.09
CA ASN G 92 -49.35 -30.73 -77.55
C ASN G 92 -48.64 -29.93 -78.59
N GLY G 93 -48.40 -30.55 -79.74
CA GLY G 93 -47.58 -29.92 -80.76
C GLY G 93 -46.10 -29.90 -80.47
N TYR G 94 -45.64 -30.74 -79.53
CA TYR G 94 -44.24 -30.79 -79.12
C TYR G 94 -43.69 -32.15 -79.53
N ASN G 95 -42.81 -32.15 -80.53
CA ASN G 95 -42.28 -33.38 -81.11
C ASN G 95 -40.76 -33.32 -81.09
N PRO G 96 -40.14 -33.64 -79.96
CA PRO G 96 -38.68 -33.59 -79.89
C PRO G 96 -38.04 -34.75 -80.61
N GLN G 97 -36.98 -34.46 -81.37
CA GLN G 97 -36.23 -35.49 -82.09
C GLN G 97 -35.13 -36.00 -81.18
N PHE G 98 -35.27 -37.24 -80.73
CA PHE G 98 -34.30 -37.85 -79.82
C PHE G 98 -33.37 -38.79 -80.58
N LYS H 1 -41.99 -10.15 25.78
CA LYS H 1 -41.17 -9.37 26.70
C LYS H 1 -41.87 -9.10 28.02
N TYR H 2 -41.67 -9.98 29.01
CA TYR H 2 -42.15 -9.68 30.35
C TYR H 2 -41.44 -8.44 30.90
N GLY H 3 -40.12 -8.35 30.72
CA GLY H 3 -39.37 -7.17 31.06
C GLY H 3 -38.81 -7.12 32.46
N GLU H 4 -39.16 -8.07 33.33
CA GLU H 4 -38.67 -8.03 34.70
C GLU H 4 -37.16 -8.27 34.75
N LYS H 5 -36.65 -9.16 33.92
CA LYS H 5 -35.25 -9.56 33.93
C LYS H 5 -34.81 -9.71 32.48
N SER H 6 -33.72 -10.43 32.27
CA SER H 6 -33.30 -10.70 30.90
C SER H 6 -34.28 -11.59 30.13
N VAL H 7 -35.43 -11.91 30.73
CA VAL H 7 -36.49 -12.62 30.03
C VAL H 7 -37.13 -11.70 29.01
N TYR H 8 -37.16 -12.14 27.75
CA TYR H 8 -37.86 -11.42 26.69
C TYR H 8 -38.93 -12.26 26.02
N PHE H 9 -39.13 -13.50 26.46
CA PHE H 9 -40.15 -14.38 25.93
C PHE H 9 -41.22 -14.60 26.99
N ASP H 10 -42.48 -14.37 26.62
CA ASP H 10 -43.59 -14.55 27.55
C ASP H 10 -44.82 -14.83 26.70
N LEU H 11 -45.44 -16.00 26.91
CA LEU H 11 -46.65 -16.33 26.16
C LEU H 11 -47.82 -15.45 26.55
N GLY H 12 -47.80 -14.89 27.77
CA GLY H 12 -48.87 -13.98 28.16
C GLY H 12 -48.86 -12.70 27.33
N GLU H 13 -47.69 -12.17 27.04
CA GLU H 13 -47.52 -10.97 26.23
C GLU H 13 -46.86 -11.39 24.92
N ILE H 14 -47.68 -11.78 23.95
CA ILE H 14 -47.14 -12.24 22.67
C ILE H 14 -46.87 -11.07 21.73
N ASP H 15 -47.59 -9.96 21.87
CA ASP H 15 -47.30 -8.79 21.05
C ASP H 15 -45.99 -8.14 21.46
N ASN H 16 -45.69 -8.11 22.75
CA ASN H 16 -44.37 -7.67 23.19
C ASN H 16 -43.30 -8.65 22.76
N THR H 17 -43.60 -9.95 22.83
CA THR H 17 -42.61 -10.96 22.46
C THR H 17 -42.23 -10.86 20.98
N THR H 18 -43.21 -10.66 20.11
CA THR H 18 -42.96 -10.57 18.68
C THR H 18 -42.58 -9.16 18.24
N GLY H 19 -42.53 -8.20 19.17
CA GLY H 19 -42.18 -6.84 18.81
C GLY H 19 -43.20 -6.14 17.93
N ASN H 20 -44.49 -6.30 18.24
CA ASN H 20 -45.56 -5.68 17.45
C ASN H 20 -45.99 -4.39 18.15
N TRP H 21 -45.16 -3.36 18.01
CA TRP H 21 -45.40 -2.08 18.65
C TRP H 21 -45.78 -1.03 17.60
N ASP H 22 -46.32 0.08 18.11
CA ASP H 22 -46.61 1.26 17.31
C ASP H 22 -45.57 2.32 17.66
N LEU H 23 -44.63 2.55 16.74
CA LEU H 23 -43.48 3.39 17.06
C LEU H 23 -43.87 4.83 17.32
N TYR H 24 -44.67 5.42 16.42
CA TYR H 24 -45.01 6.83 16.50
C TYR H 24 -46.51 7.09 16.56
N GLY H 25 -47.33 6.05 16.69
CA GLY H 25 -48.76 6.23 16.73
C GLY H 25 -49.22 7.10 17.88
N ASN H 26 -50.03 8.11 17.57
CA ASN H 26 -50.52 9.06 18.56
C ASN H 26 -52.04 9.07 18.52
N ASP H 27 -52.67 8.96 19.69
CA ASP H 27 -54.12 8.80 19.78
C ASP H 27 -54.81 9.98 20.45
N ASP H 28 -54.27 11.18 20.29
CA ASP H 28 -54.96 12.37 20.80
C ASP H 28 -56.10 12.71 19.84
N PRO H 29 -57.35 12.77 20.32
CA PRO H 29 -58.48 12.95 19.39
C PRO H 29 -58.64 14.35 18.83
N ASN H 30 -58.03 15.37 19.43
CA ASN H 30 -58.25 16.75 19.04
C ASN H 30 -57.13 17.19 18.09
N ARG H 31 -57.45 17.32 16.81
CA ARG H 31 -56.50 17.83 15.83
C ARG H 31 -56.99 19.09 15.13
N TYR H 32 -58.18 19.08 14.56
CA TYR H 32 -58.66 20.15 13.68
C TYR H 32 -59.77 20.94 14.36
N ASN H 33 -60.31 21.89 13.62
CA ASN H 33 -61.43 22.72 14.08
C ASN H 33 -62.75 22.08 13.68
N GLY H 34 -63.79 22.39 14.45
CA GLY H 34 -65.09 21.77 14.20
C GLY H 34 -65.71 22.17 12.88
N PHE H 35 -65.61 23.45 12.52
CA PHE H 35 -66.21 23.91 11.28
C PHE H 35 -65.43 23.42 10.06
N GLN H 36 -64.11 23.33 10.19
CA GLN H 36 -63.32 22.69 9.15
C GLN H 36 -63.81 21.27 8.89
N ASN H 37 -64.02 20.51 9.97
CA ASN H 37 -64.49 19.14 9.83
C ASN H 37 -65.88 19.11 9.20
N LYS H 38 -66.76 20.03 9.62
CA LYS H 38 -68.09 20.10 9.02
C LYS H 38 -67.99 20.28 7.50
N PHE H 39 -67.23 21.28 7.07
CA PHE H 39 -67.11 21.58 5.65
C PHE H 39 -66.51 20.40 4.88
N PHE H 40 -65.44 19.81 5.42
CA PHE H 40 -64.74 18.77 4.69
C PHE H 40 -65.55 17.47 4.65
N GLU H 41 -66.24 17.13 5.74
CA GLU H 41 -67.09 15.96 5.73
C GLU H 41 -68.32 16.16 4.85
N THR H 42 -68.78 17.41 4.69
CA THR H 42 -69.90 17.66 3.81
C THR H 42 -69.49 17.54 2.35
N PHE H 43 -68.33 18.09 1.98
CA PHE H 43 -67.98 18.15 0.56
C PHE H 43 -67.15 16.95 0.11
N ALA H 44 -66.05 16.66 0.81
CA ALA H 44 -65.16 15.57 0.42
C ALA H 44 -65.73 14.19 0.71
N GLY H 45 -66.85 14.10 1.40
CA GLY H 45 -67.41 12.81 1.76
C GLY H 45 -68.08 12.07 0.61
N ALA H 46 -68.32 12.74 -0.51
CA ALA H 46 -68.96 12.08 -1.66
C ALA H 46 -68.08 10.97 -2.22
N PHE H 47 -66.77 11.20 -2.29
CA PHE H 47 -65.85 10.25 -2.90
C PHE H 47 -65.44 9.13 -1.96
N THR H 48 -66.14 8.94 -0.83
CA THR H 48 -65.76 7.90 0.11
C THR H 48 -65.94 6.51 -0.49
N LYS H 49 -67.06 6.27 -1.17
CA LYS H 49 -67.29 4.97 -1.79
C LYS H 49 -66.25 4.71 -2.87
N ARG H 50 -65.77 3.46 -2.94
CA ARG H 50 -64.61 3.17 -3.77
C ARG H 50 -64.96 2.69 -5.18
N GLY H 51 -66.01 1.88 -5.33
CA GLY H 51 -66.42 1.49 -6.68
C GLY H 51 -66.89 2.67 -7.50
N LEU H 52 -67.70 3.53 -6.90
CA LEU H 52 -68.13 4.75 -7.57
C LEU H 52 -66.94 5.64 -7.87
N LEU H 53 -65.96 5.68 -6.97
CA LEU H 53 -64.75 6.45 -7.23
C LEU H 53 -63.99 5.91 -8.42
N LEU H 54 -63.89 4.58 -8.54
CA LEU H 54 -63.23 3.99 -9.70
C LEU H 54 -63.94 4.37 -10.98
N LYS H 55 -65.27 4.21 -11.01
CA LYS H 55 -66.01 4.53 -12.23
C LYS H 55 -65.85 6.00 -12.59
N PHE H 56 -65.97 6.89 -11.60
CA PHE H 56 -65.84 8.32 -11.87
C PHE H 56 -64.45 8.65 -12.37
N LEU H 57 -63.41 8.07 -11.75
CA LEU H 57 -62.04 8.34 -12.18
C LEU H 57 -61.82 7.91 -13.62
N VAL H 58 -62.28 6.70 -13.97
CA VAL H 58 -62.05 6.19 -15.32
C VAL H 58 -62.78 7.04 -16.35
N LEU H 59 -64.07 7.32 -16.10
CA LEU H 59 -64.83 8.11 -17.06
C LEU H 59 -64.26 9.53 -17.19
N GLY H 60 -63.91 10.15 -16.07
CA GLY H 60 -63.37 11.50 -16.13
C GLY H 60 -62.03 11.56 -16.82
N GLY H 61 -61.15 10.60 -16.54
CA GLY H 61 -59.86 10.56 -17.23
C GLY H 61 -60.00 10.37 -18.72
N ALA H 62 -60.86 9.42 -19.12
CA ALA H 62 -61.08 9.21 -20.55
C ALA H 62 -61.63 10.46 -21.22
N THR H 63 -62.64 11.08 -20.60
CA THR H 63 -63.23 12.27 -21.19
C THR H 63 -62.24 13.41 -21.29
N THR H 64 -61.47 13.65 -20.22
CA THR H 64 -60.50 14.74 -20.23
C THR H 64 -59.42 14.52 -21.27
N ILE H 65 -58.89 13.29 -21.34
CA ILE H 65 -57.82 13.01 -22.29
C ILE H 65 -58.33 13.15 -23.71
N GLY H 66 -59.52 12.62 -24.01
CA GLY H 66 -60.06 12.75 -25.34
C GLY H 66 -60.34 14.19 -25.72
N TYR H 67 -60.92 14.96 -24.81
CA TYR H 67 -61.23 16.35 -25.10
C TYR H 67 -59.97 17.18 -25.34
N LEU H 68 -58.94 16.98 -24.50
CA LEU H 68 -57.70 17.73 -24.70
C LEU H 68 -56.99 17.30 -25.99
N GLY H 69 -56.99 16.01 -26.30
CA GLY H 69 -56.32 15.56 -27.50
C GLY H 69 -57.01 16.03 -28.77
N SER H 70 -58.35 16.02 -28.78
CA SER H 70 -59.07 16.33 -30.01
C SER H 70 -59.34 17.81 -30.18
N THR H 71 -59.08 18.64 -29.18
CA THR H 71 -59.34 20.08 -29.25
C THR H 71 -58.10 20.93 -28.98
N SER H 72 -56.92 20.32 -28.93
CA SER H 72 -55.70 21.08 -28.69
C SER H 72 -55.39 21.95 -29.91
N SER H 73 -54.96 23.18 -29.65
CA SER H 73 -54.66 24.12 -30.71
C SER H 73 -53.33 23.77 -31.39
N PRO H 74 -53.20 24.07 -32.69
CA PRO H 74 -51.95 23.76 -33.39
C PRO H 74 -50.73 24.47 -32.83
N ASP H 75 -50.90 25.66 -32.27
CA ASP H 75 -49.76 26.40 -31.74
C ASP H 75 -49.16 25.77 -30.49
N LEU H 76 -49.82 24.77 -29.91
CA LEU H 76 -49.28 24.05 -28.76
C LEU H 76 -48.65 22.71 -29.15
N LEU H 77 -49.37 21.89 -29.90
CA LEU H 77 -48.88 20.58 -30.32
C LEU H 77 -48.31 20.66 -31.73
N ALA H 78 -47.10 20.14 -31.91
CA ALA H 78 -46.50 20.13 -33.23
C ALA H 78 -47.12 19.09 -34.14
N ILE H 79 -47.64 18.00 -33.57
CA ILE H 79 -48.25 16.95 -34.39
C ILE H 79 -49.53 17.45 -35.02
N LYS H 80 -50.30 18.29 -34.32
CA LYS H 80 -51.50 18.88 -34.90
C LYS H 80 -51.16 20.02 -35.84
N ASN H 81 -50.03 20.70 -35.62
CA ASN H 81 -49.63 21.79 -36.49
C ASN H 81 -49.37 21.29 -37.91
N GLY H 82 -48.72 20.13 -38.03
CA GLY H 82 -48.47 19.54 -39.32
C GLY H 82 -47.22 20.10 -39.97
N PRO H 83 -46.84 19.53 -41.12
CA PRO H 83 -45.66 20.02 -41.82
C PRO H 83 -45.89 21.40 -42.42
N LYS H 84 -44.79 22.16 -42.52
CA LYS H 84 -44.83 23.50 -43.09
C LYS H 84 -43.77 23.73 -44.16
N GLN H 85 -42.93 22.75 -44.44
CA GLN H 85 -41.88 22.87 -45.45
C GLN H 85 -42.18 21.97 -46.63
N VAL H 86 -41.50 22.22 -47.73
CA VAL H 86 -41.65 21.38 -48.93
C VAL H 86 -41.03 20.01 -48.65
N PRO H 87 -41.65 18.92 -49.10
CA PRO H 87 -41.07 17.60 -48.84
C PRO H 87 -39.74 17.40 -49.57
N VAL H 88 -38.92 16.51 -49.00
CA VAL H 88 -37.60 16.19 -49.53
C VAL H 88 -37.70 14.92 -50.37
N MET H 89 -37.07 14.94 -51.54
CA MET H 89 -37.08 13.79 -52.44
C MET H 89 -36.19 12.68 -51.88
N GLY H 90 -36.46 11.45 -52.32
CA GLY H 90 -35.70 10.31 -51.89
C GLY H 90 -34.40 10.18 -52.66
N PRO H 91 -33.65 9.12 -52.35
CA PRO H 91 -32.34 8.92 -52.98
C PRO H 91 -32.41 8.72 -54.49
N ARG H 92 -33.17 7.74 -54.95
CA ARG H 92 -33.27 7.44 -56.37
C ARG H 92 -34.41 8.20 -57.05
N GLY H 93 -34.81 9.35 -56.49
CA GLY H 93 -35.93 10.08 -57.04
C GLY H 93 -37.27 9.50 -56.65
N ARG H 94 -37.33 8.75 -55.56
CA ARG H 94 -38.56 8.12 -55.09
C ARG H 94 -39.20 9.02 -54.04
N LYS H 95 -40.48 9.34 -54.24
CA LYS H 95 -41.22 10.16 -53.30
C LYS H 95 -42.05 9.31 -52.36
N MET I 1 -56.88 10.66 -45.59
CA MET I 1 -57.43 10.81 -44.25
C MET I 1 -58.84 11.37 -44.28
N THR I 2 -59.82 10.48 -44.38
CA THR I 2 -61.21 10.91 -44.42
C THR I 2 -61.63 11.61 -43.15
N ALA I 3 -61.22 11.08 -41.99
CA ALA I 3 -61.54 11.71 -40.71
C ALA I 3 -60.43 12.68 -40.30
N SER I 4 -59.20 12.18 -40.15
CA SER I 4 -58.00 12.93 -39.81
C SER I 4 -58.01 13.47 -38.40
N TYR I 5 -59.12 13.31 -37.66
CA TYR I 5 -59.15 13.63 -36.24
C TYR I 5 -59.29 12.38 -35.37
N LEU I 6 -59.65 11.25 -35.97
CA LEU I 6 -59.78 10.02 -35.20
C LEU I 6 -58.49 9.60 -34.50
N PRO I 7 -57.31 9.66 -35.13
CA PRO I 7 -56.09 9.31 -34.38
C PRO I 7 -55.89 10.12 -33.12
N SER I 8 -56.23 11.41 -33.14
CA SER I 8 -56.05 12.25 -31.96
C SER I 8 -56.90 11.81 -30.78
N ILE I 9 -57.91 10.98 -31.02
CA ILE I 9 -58.72 10.41 -29.95
C ILE I 9 -58.31 8.98 -29.65
N PHE I 10 -58.06 8.19 -30.69
CA PHE I 10 -57.79 6.76 -30.49
C PHE I 10 -56.42 6.51 -29.90
N VAL I 11 -55.39 7.21 -30.38
CA VAL I 11 -54.04 6.99 -29.86
C VAL I 11 -53.95 7.31 -28.38
N PRO I 12 -54.44 8.46 -27.89
CA PRO I 12 -54.45 8.66 -26.43
C PRO I 12 -55.26 7.62 -25.69
N LEU I 13 -56.40 7.20 -26.25
CA LEU I 13 -57.23 6.20 -25.58
C LEU I 13 -56.47 4.90 -25.41
N ILE I 14 -56.09 4.26 -26.52
CA ILE I 14 -55.40 2.98 -26.48
C ILE I 14 -54.07 3.09 -25.73
N GLY I 15 -53.45 4.27 -25.74
CA GLY I 15 -52.15 4.41 -25.11
C GLY I 15 -52.19 4.65 -23.61
N LEU I 16 -53.24 5.29 -23.10
CA LEU I 16 -53.29 5.64 -21.69
C LEU I 16 -54.48 5.04 -20.97
N VAL I 17 -55.69 5.16 -21.51
CA VAL I 17 -56.88 4.73 -20.79
C VAL I 17 -56.97 3.21 -20.78
N PHE I 18 -56.75 2.58 -21.94
CA PHE I 18 -56.79 1.12 -22.00
C PHE I 18 -55.76 0.45 -21.10
N PRO I 19 -54.48 0.84 -21.12
CA PRO I 19 -53.53 0.19 -20.20
C PRO I 19 -53.88 0.39 -18.74
N ALA I 20 -54.38 1.56 -18.36
CA ALA I 20 -54.73 1.79 -16.97
C ALA I 20 -55.84 0.85 -16.52
N ILE I 21 -56.91 0.77 -17.30
CA ILE I 21 -58.04 -0.09 -16.95
C ILE I 21 -57.60 -1.55 -16.90
N THR I 22 -56.85 -1.99 -17.92
CA THR I 22 -56.49 -3.41 -17.96
C THR I 22 -55.52 -3.78 -16.85
N MET I 23 -54.56 -2.90 -16.52
CA MET I 23 -53.63 -3.20 -15.44
C MET I 23 -54.35 -3.19 -14.09
N ALA I 24 -55.27 -2.24 -13.88
CA ALA I 24 -56.03 -2.24 -12.63
C ALA I 24 -56.86 -3.50 -12.48
N SER I 25 -57.54 -3.91 -13.56
CA SER I 25 -58.35 -5.12 -13.49
C SER I 25 -57.49 -6.35 -13.25
N LEU I 26 -56.36 -6.46 -13.93
CA LEU I 26 -55.50 -7.62 -13.75
C LEU I 26 -54.90 -7.65 -12.34
N PHE I 27 -54.52 -6.49 -11.81
CA PHE I 27 -53.98 -6.43 -10.47
C PHE I 27 -55.03 -6.84 -9.44
N ILE I 28 -56.27 -6.39 -9.62
CA ILE I 28 -57.33 -6.83 -8.72
C ILE I 28 -57.55 -8.33 -8.84
N TYR I 29 -57.54 -8.85 -10.06
CA TYR I 29 -57.80 -10.27 -10.27
C TYR I 29 -56.73 -11.15 -9.62
N ILE I 30 -55.45 -10.78 -9.78
CA ILE I 30 -54.40 -11.65 -9.27
C ILE I 30 -54.26 -11.50 -7.75
N GLU I 31 -54.69 -10.37 -7.20
CA GLU I 31 -54.59 -10.12 -5.77
C GLU I 31 -55.91 -10.46 -5.07
N GLN I 32 -56.33 -11.71 -5.21
CA GLN I 32 -57.58 -12.16 -4.62
C GLN I 32 -57.33 -13.41 -3.79
N ASP I 33 -58.39 -13.91 -3.17
CA ASP I 33 -58.32 -15.15 -2.40
C ASP I 33 -59.44 -16.10 -2.83
N GLU I 34 -60.56 -15.53 -3.26
CA GLU I 34 -61.72 -16.30 -3.71
C GLU I 34 -62.14 -17.37 -2.71
N MET J 1 20.13 -37.23 -8.69
CA MET J 1 20.07 -37.08 -10.14
C MET J 1 18.88 -37.84 -10.71
N GLN J 2 18.49 -38.93 -10.06
CA GLN J 2 17.29 -39.64 -10.47
C GLN J 2 16.05 -38.78 -10.30
N ASP J 3 15.99 -38.01 -9.20
CA ASP J 3 14.86 -37.12 -8.99
C ASP J 3 14.81 -36.02 -10.04
N VAL J 4 15.97 -35.51 -10.45
CA VAL J 4 16.00 -34.51 -11.50
C VAL J 4 15.48 -35.09 -12.81
N LYS J 5 15.88 -36.31 -13.15
CA LYS J 5 15.39 -36.95 -14.36
C LYS J 5 13.89 -37.19 -14.29
N THR J 6 13.38 -37.56 -13.11
CA THR J 6 11.94 -37.74 -12.96
C THR J 6 11.20 -36.42 -13.12
N TYR J 7 11.75 -35.33 -12.57
CA TYR J 7 11.10 -34.03 -12.73
C TYR J 7 11.10 -33.58 -14.18
N LEU J 8 12.21 -33.82 -14.90
CA LEU J 8 12.29 -33.43 -16.30
C LEU J 8 11.36 -34.22 -17.20
N SER J 9 10.78 -35.31 -16.70
CA SER J 9 9.84 -36.12 -17.48
C SER J 9 8.40 -35.72 -17.23
N THR J 10 8.15 -34.69 -16.44
CA THR J 10 6.78 -34.26 -16.19
C THR J 10 6.17 -33.67 -17.46
N ALA J 11 4.84 -33.62 -17.48
CA ALA J 11 4.12 -33.20 -18.68
C ALA J 11 4.46 -31.77 -19.12
N PRO J 12 4.44 -30.75 -18.25
CA PRO J 12 4.74 -29.39 -18.73
C PRO J 12 6.15 -29.24 -19.28
N VAL J 13 7.15 -29.84 -18.63
CA VAL J 13 8.53 -29.68 -19.08
C VAL J 13 8.74 -30.37 -20.42
N LEU J 14 8.24 -31.61 -20.55
CA LEU J 14 8.36 -32.33 -21.81
C LEU J 14 7.61 -31.62 -22.93
N ALA J 15 6.42 -31.08 -22.62
CA ALA J 15 5.68 -30.33 -23.62
C ALA J 15 6.43 -29.10 -24.06
N THR J 16 7.05 -28.38 -23.11
CA THR J 16 7.84 -27.21 -23.46
C THR J 16 9.00 -27.57 -24.37
N LEU J 17 9.75 -28.62 -24.02
CA LEU J 17 10.89 -29.04 -24.85
C LEU J 17 10.43 -29.47 -26.23
N TRP J 18 9.37 -30.27 -26.31
CA TRP J 18 8.91 -30.79 -27.59
C TRP J 18 8.40 -29.67 -28.49
N PHE J 19 7.59 -28.76 -27.94
CA PHE J 19 7.06 -27.68 -28.75
C PHE J 19 8.14 -26.67 -29.11
N GLY J 20 9.13 -26.46 -28.25
CA GLY J 20 10.24 -25.61 -28.63
C GLY J 20 11.04 -26.19 -29.79
N PHE J 21 11.32 -27.50 -29.74
CA PHE J 21 12.03 -28.14 -30.85
C PHE J 21 11.20 -28.07 -32.13
N LEU J 22 9.90 -28.33 -32.04
CA LEU J 22 9.05 -28.30 -33.22
C LEU J 22 8.97 -26.90 -33.82
N ALA J 23 8.81 -25.89 -32.97
CA ALA J 23 8.75 -24.52 -33.46
C ALA J 23 10.07 -24.10 -34.09
N GLY J 24 11.19 -24.48 -33.48
CA GLY J 24 12.47 -24.19 -34.08
C GLY J 24 12.63 -24.84 -35.44
N LEU J 25 12.21 -26.09 -35.56
CA LEU J 25 12.30 -26.81 -36.84
C LEU J 25 11.46 -26.11 -37.91
N LEU J 26 10.23 -25.75 -37.56
CA LEU J 26 9.35 -25.08 -38.53
C LEU J 26 9.92 -23.71 -38.93
N ILE J 27 10.44 -22.96 -37.95
CA ILE J 27 11.00 -21.65 -38.23
C ILE J 27 12.20 -21.76 -39.15
N GLU J 28 13.08 -22.74 -38.90
CA GLU J 28 14.25 -22.90 -39.77
C GLU J 28 13.84 -23.34 -41.17
N ILE J 29 12.86 -24.23 -41.27
CA ILE J 29 12.36 -24.64 -42.58
C ILE J 29 11.83 -23.44 -43.34
N ASN J 30 11.05 -22.59 -42.68
CA ASN J 30 10.52 -21.40 -43.36
C ASN J 30 11.60 -20.37 -43.63
N ARG J 31 12.70 -20.38 -42.87
CA ARG J 31 13.82 -19.51 -43.21
C ARG J 31 14.51 -19.97 -44.49
N PHE J 32 14.71 -21.27 -44.64
CA PHE J 32 15.41 -21.77 -45.82
C PHE J 32 14.49 -22.09 -46.99
N PHE J 33 13.20 -22.30 -46.74
CA PHE J 33 12.22 -22.57 -47.79
C PHE J 33 11.00 -21.68 -47.59
N PRO J 34 11.13 -20.38 -47.86
CA PRO J 34 10.05 -19.45 -47.54
C PRO J 34 8.97 -19.40 -48.62
N ASP J 35 7.82 -18.85 -48.22
CA ASP J 35 6.73 -18.49 -49.14
C ASP J 35 6.22 -19.70 -49.91
N ALA J 36 6.13 -20.84 -49.24
CA ALA J 36 5.76 -22.09 -49.88
C ALA J 36 4.23 -22.23 -49.84
N LEU J 37 3.59 -22.06 -51.00
CA LEU J 37 2.14 -22.13 -51.10
C LEU J 37 1.64 -23.48 -51.60
N VAL J 38 2.29 -24.06 -52.60
CA VAL J 38 1.91 -25.36 -53.13
C VAL J 38 3.13 -26.27 -53.15
N LEU J 39 2.90 -27.57 -53.03
CA LEU J 39 3.98 -28.51 -52.90
C LEU J 39 4.55 -28.85 -54.27
N PRO J 40 5.81 -28.50 -54.56
CA PRO J 40 6.32 -28.68 -55.93
C PRO J 40 6.33 -30.11 -56.42
N LEU J 41 6.60 -31.07 -55.55
CA LEU J 41 6.67 -32.47 -55.96
C LEU J 41 5.30 -33.00 -56.35
N TYR K 1 30.80 33.77 13.94
CA TYR K 1 29.57 32.98 13.91
C TYR K 1 29.19 32.49 15.30
N ILE K 2 30.17 32.37 16.19
CA ILE K 2 29.92 31.79 17.51
C ILE K 2 28.95 32.65 18.30
N GLY K 3 29.13 33.96 18.27
CA GLY K 3 28.22 34.85 18.96
C GLY K 3 26.96 35.20 18.20
N SER K 4 26.76 34.63 17.01
CA SER K 4 25.64 35.02 16.17
C SER K 4 24.32 34.57 16.79
N SER K 5 23.24 35.17 16.29
CA SER K 5 21.91 34.86 16.80
C SER K 5 21.53 33.40 16.52
N THR K 6 21.90 32.89 15.35
CA THR K 6 21.57 31.50 15.01
C THR K 6 22.24 30.53 15.97
N ASN K 7 23.52 30.76 16.27
CA ASN K 7 24.24 29.90 17.21
C ASN K 7 23.58 29.94 18.59
N LEU K 8 23.20 31.14 19.05
CA LEU K 8 22.56 31.26 20.35
C LEU K 8 21.23 30.52 20.37
N ILE K 9 20.43 30.66 19.31
CA ILE K 9 19.13 29.98 19.27
C ILE K 9 19.31 28.47 19.28
N MET K 10 20.27 27.97 18.49
CA MET K 10 20.48 26.53 18.43
C MET K 10 20.96 25.98 19.77
N VAL K 11 21.94 26.65 20.38
CA VAL K 11 22.47 26.15 21.65
C VAL K 11 21.41 26.25 22.75
N ALA K 12 20.60 27.31 22.73
CA ALA K 12 19.55 27.44 23.72
C ALA K 12 18.49 26.36 23.55
N SER K 13 18.08 26.08 22.31
CA SER K 13 17.09 25.03 22.09
C SER K 13 17.61 23.68 22.54
N THR K 14 18.84 23.33 22.15
CA THR K 14 19.39 22.04 22.55
C THR K 14 19.54 21.94 24.06
N THR K 15 20.03 23.00 24.69
CA THR K 15 20.22 22.98 26.13
C THR K 15 18.90 22.86 26.87
N LEU K 16 17.87 23.60 26.42
CA LEU K 16 16.58 23.52 27.09
C LEU K 16 15.94 22.14 26.90
N MET K 17 16.08 21.55 25.72
CA MET K 17 15.54 20.21 25.51
C MET K 17 16.27 19.19 26.39
N LEU K 18 17.59 19.29 26.49
CA LEU K 18 18.34 18.37 27.36
C LEU K 18 17.96 18.57 28.82
N PHE K 19 17.78 19.83 29.24
CA PHE K 19 17.38 20.11 30.61
C PHE K 19 16.01 19.53 30.92
N ALA K 20 15.06 19.72 30.01
CA ALA K 20 13.73 19.13 30.19
C ALA K 20 13.75 17.61 30.11
N GLY K 21 14.77 17.03 29.47
CA GLY K 21 14.91 15.59 29.46
C GLY K 21 15.46 15.03 30.76
N ARG K 22 16.59 15.58 31.22
CA ARG K 22 17.26 15.01 32.40
C ARG K 22 16.39 15.14 33.64
N PHE K 23 15.80 16.31 33.85
CA PHE K 23 14.84 16.51 34.92
C PHE K 23 13.44 16.25 34.38
N GLY K 24 12.57 15.71 35.22
CA GLY K 24 11.32 15.15 34.74
C GLY K 24 10.32 16.17 34.21
N LEU K 25 10.72 16.93 33.20
CA LEU K 25 9.86 17.90 32.55
C LEU K 25 9.45 17.49 31.15
N ALA K 26 9.82 16.29 30.72
CA ALA K 26 9.52 15.80 29.38
C ALA K 26 9.66 14.29 29.38
N PRO K 27 9.02 13.60 28.44
CA PRO K 27 9.14 12.13 28.39
C PRO K 27 10.56 11.70 28.04
N SER K 28 10.92 10.51 28.50
CA SER K 28 12.23 9.93 28.24
C SER K 28 12.09 8.42 28.28
N ALA K 29 13.23 7.71 28.21
CA ALA K 29 13.20 6.26 28.15
C ALA K 29 12.65 5.66 29.44
N ASN K 30 13.01 6.22 30.59
CA ASN K 30 12.61 5.67 31.87
C ASN K 30 11.38 6.36 32.46
N ARG K 31 10.68 7.18 31.66
CA ARG K 31 9.56 7.97 32.17
C ARG K 31 8.54 8.13 31.05
N LYS K 32 7.54 7.24 31.05
CA LYS K 32 6.54 7.19 29.99
C LYS K 32 5.39 8.13 30.28
N SER K 33 4.88 8.78 29.23
CA SER K 33 3.70 9.61 29.33
C SER K 33 2.46 8.80 29.01
N THR K 34 1.39 9.03 29.79
CA THR K 34 0.15 8.29 29.61
C THR K 34 -0.76 9.03 28.63
N ALA K 35 -2.01 8.57 28.53
CA ALA K 35 -2.98 9.27 27.68
C ALA K 35 -3.30 10.65 28.22
N GLY K 36 -3.15 10.85 29.53
CA GLY K 36 -3.35 12.13 30.17
C GLY K 36 -2.10 12.98 30.30
N LEU K 37 -0.97 12.53 29.76
CA LEU K 37 0.31 13.24 29.87
C LEU K 37 0.72 13.40 31.33
N LYS K 38 0.99 12.26 31.98
CA LYS K 38 1.26 12.23 33.42
C LYS K 38 2.68 11.84 33.78
N LEU K 39 3.46 11.27 32.86
CA LEU K 39 4.85 10.86 33.10
C LEU K 39 4.95 9.85 34.25
N VAL K 40 4.38 8.67 34.01
CA VAL K 40 4.59 7.54 34.91
C VAL K 40 6.00 7.00 34.72
N ASP K 41 6.43 6.17 35.68
CA ASP K 41 7.76 5.60 35.62
C ASP K 41 7.78 4.31 34.82
N ARG K 42 8.83 4.14 34.02
CA ARG K 42 9.02 2.95 33.19
C ARG K 42 10.42 2.41 33.40
N ASP K 43 10.53 1.09 33.51
CA ASP K 43 11.81 0.44 33.73
C ASP K 43 12.35 -0.12 32.42
N SER K 44 13.52 0.35 32.02
CA SER K 44 14.20 -0.15 30.84
C SER K 44 15.53 -0.77 31.27
N GLY K 45 15.95 -1.80 30.53
CA GLY K 45 17.17 -2.49 30.86
C GLY K 45 18.42 -1.80 30.36
N LEU K 46 18.46 -0.48 30.47
CA LEU K 46 19.58 0.33 30.02
C LEU K 46 20.30 0.88 31.24
N GLN K 47 21.60 0.61 31.33
CA GLN K 47 22.42 1.05 32.46
C GLN K 47 23.11 2.36 32.11
N THR K 48 23.03 3.33 33.02
CA THR K 48 23.64 4.63 32.82
C THR K 48 24.35 5.08 34.09
N GLY K 49 25.36 5.92 33.91
CA GLY K 49 26.07 6.48 35.05
C GLY K 49 25.38 7.65 35.70
N ASP K 50 24.44 8.27 34.99
CA ASP K 50 23.72 9.41 35.54
C ASP K 50 22.79 8.92 36.66
N PRO K 51 22.93 9.43 37.88
CA PRO K 51 22.10 8.93 38.98
C PRO K 51 20.62 9.20 38.81
N ALA K 52 20.24 10.16 37.96
CA ALA K 52 18.82 10.45 37.76
C ALA K 52 18.16 9.55 36.73
N GLY K 53 18.92 8.68 36.07
CA GLY K 53 18.38 7.78 35.08
C GLY K 53 18.46 8.27 33.66
N PHE K 54 19.19 9.35 33.40
CA PHE K 54 19.30 9.87 32.04
C PHE K 54 20.33 9.07 31.27
N THR K 55 19.92 8.47 30.16
CA THR K 55 20.73 7.54 29.40
C THR K 55 21.26 8.19 28.14
N ALA K 56 22.06 7.43 27.38
CA ALA K 56 22.57 7.92 26.10
C ALA K 56 21.46 7.99 25.06
N THR K 57 20.49 7.08 25.12
CA THR K 57 19.33 7.16 24.24
C THR K 57 18.57 8.46 24.45
N ASP K 58 18.37 8.85 25.71
CA ASP K 58 17.71 10.11 26.01
C ASP K 58 18.54 11.29 25.52
N THR K 59 19.86 11.21 25.66
CA THR K 59 20.73 12.27 25.18
C THR K 59 20.55 12.46 23.67
N LEU K 60 20.59 11.35 22.92
CA LEU K 60 20.42 11.44 21.47
C LEU K 60 19.05 11.99 21.10
N ALA K 61 17.99 11.50 21.77
CA ALA K 61 16.64 11.93 21.43
C ALA K 61 16.43 13.41 21.73
N CYS K 62 16.90 13.86 22.90
CA CYS K 62 16.73 15.26 23.26
C CYS K 62 17.57 16.17 22.38
N GLY K 63 18.79 15.75 22.03
CA GLY K 63 19.59 16.53 21.11
C GLY K 63 18.95 16.64 19.74
N ALA K 64 18.37 15.55 19.26
CA ALA K 64 17.70 15.57 17.95
C ALA K 64 16.51 16.50 17.97
N LEU K 65 15.65 16.39 19.00
CA LEU K 65 14.49 17.26 19.08
C LEU K 65 14.91 18.72 19.25
N GLY K 66 15.99 18.97 19.98
CA GLY K 66 16.47 20.33 20.13
C GLY K 66 17.00 20.91 18.84
N HIS K 67 17.78 20.14 18.08
CA HIS K 67 18.22 20.60 16.77
C HIS K 67 17.02 20.88 15.86
N VAL K 68 16.00 20.02 15.91
CA VAL K 68 14.82 20.22 15.06
C VAL K 68 14.11 21.52 15.41
N ILE K 69 13.83 21.72 16.70
CA ILE K 69 13.12 22.92 17.14
C ILE K 69 13.95 24.17 16.84
N GLY K 70 15.26 24.09 17.08
CA GLY K 70 16.11 25.24 16.80
C GLY K 70 16.13 25.61 15.34
N VAL K 71 16.22 24.61 14.44
CA VAL K 71 16.20 24.91 13.02
C VAL K 71 14.88 25.54 12.62
N GLY K 72 13.77 24.99 13.12
CA GLY K 72 12.47 25.57 12.81
C GLY K 72 12.36 27.02 13.27
N ILE K 73 12.79 27.29 14.50
CA ILE K 73 12.71 28.64 15.05
C ILE K 73 13.59 29.58 14.24
N VAL K 74 14.81 29.16 13.92
CA VAL K 74 15.73 30.02 13.18
C VAL K 74 15.16 30.38 11.82
N LEU K 75 14.64 29.38 11.10
CA LEU K 75 14.10 29.66 9.78
C LEU K 75 12.85 30.53 9.86
N GLY K 76 11.99 30.29 10.84
CA GLY K 76 10.81 31.12 10.98
C GLY K 76 11.14 32.56 11.31
N LEU K 77 12.10 32.77 12.21
CA LEU K 77 12.51 34.13 12.56
C LEU K 77 13.17 34.82 11.37
N LYS K 78 13.98 34.10 10.60
CA LYS K 78 14.59 34.70 9.42
C LYS K 78 13.54 35.10 8.39
N ALA K 79 12.51 34.25 8.22
CA ALA K 79 11.48 34.56 7.23
C ALA K 79 10.61 35.73 7.67
N THR K 80 10.25 35.80 8.96
CA THR K 80 9.40 36.89 9.43
C THR K 80 10.21 38.17 9.63
N ALA K 81 11.20 38.12 10.53
CA ALA K 81 12.00 39.30 10.84
C ALA K 81 13.04 39.57 9.76
N GLU L 1 -16.46 5.97 30.55
CA GLU L 1 -16.24 5.37 29.25
C GLU L 1 -17.30 4.32 28.94
N LYS L 2 -18.18 4.08 29.91
CA LYS L 2 -19.22 3.07 29.77
C LYS L 2 -20.52 3.64 29.20
N TYR L 3 -20.60 4.96 28.99
CA TYR L 3 -21.82 5.54 28.46
C TYR L 3 -21.95 5.25 26.98
N GLN L 4 -23.12 4.76 26.57
CA GLN L 4 -23.39 4.42 25.19
C GLN L 4 -24.74 4.97 24.77
N VAL L 5 -24.84 5.33 23.49
CA VAL L 5 -26.04 5.96 22.95
C VAL L 5 -26.93 4.93 22.26
N ILE L 6 -26.34 4.06 21.43
CA ILE L 6 -27.14 3.13 20.65
C ILE L 6 -27.68 2.02 21.54
N GLU L 7 -28.93 1.63 21.30
CA GLU L 7 -29.65 0.70 22.14
C GLU L 7 -30.49 -0.22 21.25
N PRO L 8 -30.71 -1.46 21.67
CA PRO L 8 -31.61 -2.34 20.91
C PRO L 8 -33.03 -1.78 20.91
N LEU L 9 -33.78 -2.13 19.86
CA LEU L 9 -35.13 -1.63 19.67
C LEU L 9 -36.03 -1.96 20.87
N ASN L 10 -36.44 -0.95 21.61
CA ASN L 10 -37.28 -1.08 22.80
C ASN L 10 -36.66 -1.99 23.86
N GLY L 11 -35.34 -2.15 23.83
CA GLY L 11 -34.66 -2.98 24.80
C GLY L 11 -34.64 -4.46 24.51
N ASP L 12 -35.18 -4.88 23.36
CA ASP L 12 -35.17 -6.29 23.00
C ASP L 12 -34.06 -6.52 21.99
N PRO L 13 -32.98 -7.23 22.36
CA PRO L 13 -31.88 -7.43 21.42
C PRO L 13 -32.23 -8.30 20.22
N PHE L 14 -33.32 -9.07 20.29
CA PHE L 14 -33.61 -10.09 19.30
C PHE L 14 -34.72 -9.70 18.34
N ILE L 15 -35.10 -8.43 18.30
CA ILE L 15 -35.98 -7.89 17.28
C ILE L 15 -35.11 -7.10 16.31
N GLY L 16 -35.31 -7.34 15.01
CA GLY L 16 -34.48 -6.72 14.00
C GLY L 16 -34.56 -5.20 13.98
N GLY L 17 -33.47 -4.54 14.35
CA GLY L 17 -33.42 -3.09 14.32
C GLY L 17 -32.73 -2.49 15.53
N PHE L 18 -32.31 -1.24 15.41
CA PHE L 18 -31.66 -0.50 16.47
C PHE L 18 -32.47 0.73 16.80
N GLU L 19 -32.15 1.35 17.93
CA GLU L 19 -32.85 2.54 18.41
C GLU L 19 -31.80 3.64 18.56
N THR L 20 -31.68 4.46 17.52
CA THR L 20 -30.61 5.42 17.33
C THR L 20 -31.10 6.85 17.52
N PRO L 21 -30.20 7.83 17.53
CA PRO L 21 -30.66 9.23 17.54
C PRO L 21 -31.54 9.57 16.35
N VAL L 22 -31.34 8.95 15.20
CA VAL L 22 -32.21 9.19 14.05
C VAL L 22 -33.59 8.59 14.29
N THR L 23 -33.63 7.36 14.81
CA THR L 23 -34.92 6.70 15.01
C THR L 23 -35.68 7.31 16.18
N SER L 24 -35.09 7.26 17.38
CA SER L 24 -35.71 7.83 18.57
C SER L 24 -34.96 9.08 18.97
N SER L 25 -35.69 10.19 19.06
CA SER L 25 -35.16 11.48 19.46
C SER L 25 -36.36 12.38 19.73
N PRO L 26 -36.36 13.14 20.83
CA PRO L 26 -37.57 13.90 21.18
C PRO L 26 -38.08 14.78 20.06
N LEU L 27 -37.18 15.47 19.35
CA LEU L 27 -37.62 16.32 18.24
C LEU L 27 -38.14 15.47 17.08
N ILE L 28 -37.36 14.47 16.67
CA ILE L 28 -37.78 13.61 15.57
C ILE L 28 -39.04 12.83 15.92
N ALA L 29 -39.10 12.29 17.13
CA ALA L 29 -40.28 11.53 17.54
C ALA L 29 -41.51 12.41 17.61
N TRP L 30 -41.38 13.63 18.15
CA TRP L 30 -42.52 14.54 18.19
C TRP L 30 -42.98 14.91 16.79
N TYR L 31 -42.04 15.21 15.90
CA TYR L 31 -42.40 15.59 14.54
C TYR L 31 -43.10 14.45 13.82
N LEU L 32 -42.60 13.22 13.97
CA LEU L 32 -43.22 12.09 13.30
C LEU L 32 -44.56 11.72 13.92
N SER L 33 -44.72 11.94 15.23
CA SER L 33 -45.98 11.63 15.88
C SER L 33 -47.06 12.65 15.56
N ASN L 34 -46.66 13.88 15.24
CA ASN L 34 -47.65 14.91 14.95
C ASN L 34 -47.98 15.04 13.47
N LEU L 35 -47.42 14.19 12.62
CA LEU L 35 -47.81 14.16 11.22
C LEU L 35 -49.17 13.47 11.10
N PRO L 36 -49.97 13.85 10.10
CA PRO L 36 -51.33 13.29 10.01
C PRO L 36 -51.37 11.79 9.85
N ALA L 37 -50.33 11.16 9.31
CA ALA L 37 -50.34 9.72 9.10
C ALA L 37 -50.40 8.95 10.42
N TYR L 38 -49.79 9.47 11.48
CA TYR L 38 -49.70 8.78 12.75
C TYR L 38 -50.71 9.28 13.78
N ARG L 39 -51.67 10.11 13.37
CA ARG L 39 -52.74 10.56 14.25
C ARG L 39 -53.86 9.52 14.19
N THR L 40 -53.68 8.45 14.96
CA THR L 40 -54.53 7.27 14.81
C THR L 40 -55.95 7.49 15.30
N ALA L 41 -56.18 8.48 16.16
CA ALA L 41 -57.52 8.72 16.69
C ALA L 41 -58.32 9.70 15.85
N VAL L 42 -57.73 10.31 14.84
CA VAL L 42 -58.41 11.28 14.00
C VAL L 42 -59.05 10.54 12.83
N ALA L 43 -60.19 11.07 12.37
CA ALA L 43 -60.91 10.44 11.28
C ALA L 43 -60.04 10.42 10.02
N PRO L 44 -60.02 9.30 9.29
CA PRO L 44 -59.11 9.21 8.12
C PRO L 44 -59.39 10.25 7.05
N LEU L 45 -60.63 10.74 6.95
CA LEU L 45 -60.97 11.69 5.90
C LEU L 45 -60.16 12.98 6.04
N LEU L 46 -60.06 13.51 7.26
CA LEU L 46 -59.38 14.78 7.46
C LEU L 46 -57.87 14.63 7.30
N ARG L 47 -57.32 13.50 7.75
CA ARG L 47 -55.91 13.21 7.51
C ARG L 47 -55.62 13.15 6.02
N GLY L 48 -56.49 12.47 5.27
CA GLY L 48 -56.33 12.43 3.82
C GLY L 48 -56.44 13.80 3.20
N VAL L 49 -57.33 14.64 3.73
CA VAL L 49 -57.46 15.99 3.21
C VAL L 49 -56.16 16.76 3.37
N GLU L 50 -55.55 16.70 4.55
CA GLU L 50 -54.30 17.42 4.78
C GLU L 50 -53.18 16.88 3.89
N ILE L 51 -53.07 15.55 3.81
CA ILE L 51 -51.99 14.95 3.02
C ILE L 51 -52.15 15.32 1.55
N GLY L 52 -53.38 15.20 1.03
CA GLY L 52 -53.62 15.58 -0.36
C GLY L 52 -53.34 17.03 -0.62
N LEU L 53 -53.74 17.92 0.29
CA LEU L 53 -53.45 19.33 0.12
C LEU L 53 -51.96 19.58 -0.01
N ALA L 54 -51.18 19.01 0.92
CA ALA L 54 -49.73 19.23 0.90
C ALA L 54 -49.11 18.71 -0.40
N HIS L 55 -49.48 17.48 -0.80
CA HIS L 55 -48.85 16.89 -1.98
C HIS L 55 -49.26 17.61 -3.26
N GLY L 56 -50.55 17.92 -3.41
CA GLY L 56 -50.98 18.65 -4.58
C GLY L 56 -50.34 20.01 -4.68
N TYR L 57 -50.14 20.67 -3.54
CA TYR L 57 -49.49 21.97 -3.56
C TYR L 57 -48.03 21.85 -3.97
N LEU L 58 -47.32 20.84 -3.47
CA LEU L 58 -45.91 20.72 -3.83
C LEU L 58 -45.73 20.28 -5.28
N LEU L 59 -46.70 19.56 -5.84
CA LEU L 59 -46.52 19.00 -7.18
C LEU L 59 -46.56 20.04 -8.29
N VAL L 60 -47.13 21.22 -8.05
CA VAL L 60 -47.37 22.17 -9.13
C VAL L 60 -46.06 22.68 -9.72
N GLY L 61 -45.09 23.02 -8.87
CA GLY L 61 -43.87 23.65 -9.30
C GLY L 61 -43.05 22.88 -10.33
N PRO L 62 -42.73 21.61 -10.04
CA PRO L 62 -41.91 20.85 -10.99
C PRO L 62 -42.55 20.71 -12.37
N PHE L 63 -43.87 20.60 -12.45
CA PHE L 63 -44.51 20.43 -13.75
C PHE L 63 -44.56 21.73 -14.54
N VAL L 64 -44.59 22.87 -13.87
CA VAL L 64 -44.68 24.16 -14.55
C VAL L 64 -43.29 24.66 -14.96
N LEU L 65 -42.31 24.60 -14.06
CA LEU L 65 -40.99 25.14 -14.38
C LEU L 65 -40.30 24.29 -15.44
N THR L 66 -40.49 22.98 -15.40
CA THR L 66 -39.94 22.07 -16.39
C THR L 66 -41.08 21.36 -17.11
N GLY L 67 -41.05 21.36 -18.43
CA GLY L 67 -42.10 20.73 -19.20
C GLY L 67 -42.06 21.15 -20.65
N PRO L 68 -42.86 20.48 -21.49
CA PRO L 68 -42.87 20.83 -22.92
C PRO L 68 -43.30 22.25 -23.19
N LEU L 69 -44.20 22.80 -22.37
CA LEU L 69 -44.75 24.13 -22.60
C LEU L 69 -44.20 25.17 -21.62
N ARG L 70 -43.01 24.91 -21.05
CA ARG L 70 -42.48 25.80 -20.04
C ARG L 70 -42.07 27.16 -20.58
N ASN L 71 -41.83 27.27 -21.88
CA ASN L 71 -41.42 28.53 -22.50
C ASN L 71 -42.54 29.19 -23.29
N SER L 72 -43.77 28.72 -23.14
CA SER L 72 -44.91 29.23 -23.88
C SER L 72 -45.71 30.20 -23.00
N ALA L 73 -46.86 30.62 -23.50
CA ALA L 73 -47.73 31.54 -22.78
C ALA L 73 -48.80 30.82 -21.96
N VAL L 74 -48.79 29.50 -21.93
CA VAL L 74 -49.78 28.74 -21.17
C VAL L 74 -49.07 27.76 -20.26
N ARG L 75 -47.87 28.13 -19.80
CA ARG L 75 -47.07 27.21 -19.00
C ARG L 75 -47.75 26.86 -17.68
N GLY L 76 -48.33 27.85 -17.01
CA GLY L 76 -48.96 27.60 -15.72
C GLY L 76 -50.14 26.66 -15.84
N GLU L 77 -51.00 26.89 -16.83
CA GLU L 77 -52.17 26.03 -17.02
C GLU L 77 -51.75 24.61 -17.35
N ALA L 78 -50.76 24.45 -18.24
CA ALA L 78 -50.30 23.13 -18.61
C ALA L 78 -49.72 22.39 -17.41
N GLY L 79 -48.88 23.07 -16.62
CA GLY L 79 -48.32 22.43 -15.45
C GLY L 79 -49.38 22.06 -14.42
N SER L 80 -50.36 22.94 -14.21
CA SER L 80 -51.43 22.64 -13.27
C SER L 80 -52.25 21.45 -13.73
N LEU L 81 -52.56 21.37 -15.02
CA LEU L 81 -53.29 20.23 -15.55
C LEU L 81 -52.50 18.95 -15.38
N ALA L 82 -51.18 18.99 -15.62
CA ALA L 82 -50.35 17.82 -15.44
C ALA L 82 -50.33 17.36 -13.99
N ALA L 83 -50.22 18.31 -13.05
CA ALA L 83 -50.25 17.96 -11.64
C ALA L 83 -51.60 17.35 -11.25
N ALA L 84 -52.69 17.90 -11.75
CA ALA L 84 -54.01 17.35 -11.46
C ALA L 84 -54.15 15.94 -12.02
N GLY L 85 -53.62 15.71 -13.23
CA GLY L 85 -53.64 14.36 -13.79
C GLY L 85 -52.84 13.38 -12.96
N LEU L 86 -51.68 13.80 -12.46
CA LEU L 86 -50.89 12.93 -11.58
C LEU L 86 -51.65 12.63 -10.30
N VAL L 87 -52.35 13.62 -9.75
CA VAL L 87 -53.16 13.39 -8.55
C VAL L 87 -54.25 12.37 -8.85
N THR L 88 -54.88 12.47 -10.02
CA THR L 88 -55.91 11.51 -10.40
C THR L 88 -55.35 10.09 -10.51
N ILE L 89 -54.17 9.95 -11.13
CA ILE L 89 -53.56 8.64 -11.26
C ILE L 89 -53.23 8.05 -9.90
N LEU L 90 -52.71 8.89 -8.99
CA LEU L 90 -52.40 8.40 -7.66
C LEU L 90 -53.66 8.04 -6.87
N THR L 91 -54.76 8.76 -7.11
CA THR L 91 -56.03 8.39 -6.48
C THR L 91 -56.50 7.02 -6.98
N MET L 92 -56.35 6.76 -8.27
CA MET L 92 -56.69 5.45 -8.80
C MET L 92 -55.81 4.36 -8.17
N CYS L 93 -54.52 4.65 -8.01
CA CYS L 93 -53.62 3.68 -7.36
C CYS L 93 -54.05 3.41 -5.92
N LEU L 94 -54.39 4.46 -5.18
CA LEU L 94 -54.85 4.28 -3.81
C LEU L 94 -56.12 3.44 -3.76
N THR L 95 -57.05 3.70 -4.67
CA THR L 95 -58.31 2.95 -4.68
C THR L 95 -58.06 1.47 -4.94
N ILE L 96 -57.25 1.15 -5.96
CA ILE L 96 -57.03 -0.26 -6.26
C ILE L 96 -56.24 -0.94 -5.15
N TYR L 97 -55.30 -0.22 -4.52
CA TYR L 97 -54.57 -0.80 -3.39
C TYR L 97 -55.52 -1.12 -2.25
N GLY L 98 -56.42 -0.18 -1.92
CA GLY L 98 -57.36 -0.43 -0.84
C GLY L 98 -58.28 -1.59 -1.13
N ILE L 99 -58.70 -1.73 -2.39
CA ILE L 99 -59.54 -2.85 -2.78
C ILE L 99 -58.78 -4.16 -2.61
N ALA L 100 -57.51 -4.19 -3.03
CA ALA L 100 -56.74 -5.43 -2.99
C ALA L 100 -56.30 -5.81 -1.59
N SER L 101 -56.19 -4.85 -0.67
CA SER L 101 -55.61 -5.11 0.65
C SER L 101 -56.63 -5.45 1.72
N PHE L 102 -57.74 -4.70 1.80
CA PHE L 102 -58.66 -4.80 2.92
C PHE L 102 -60.01 -5.35 2.47
N LYS L 103 -60.62 -6.15 3.33
CA LYS L 103 -61.98 -6.64 3.15
C LYS L 103 -62.89 -6.00 4.19
N GLU L 104 -64.20 -6.16 3.97
CA GLU L 104 -65.18 -5.46 4.80
C GLU L 104 -65.33 -6.04 6.19
N GLY L 105 -64.73 -7.21 6.47
CA GLY L 105 -64.91 -7.84 7.76
C GLY L 105 -63.70 -7.78 8.68
N GLU L 106 -62.51 -7.63 8.11
CA GLU L 106 -61.30 -7.64 8.91
C GLU L 106 -61.31 -6.49 9.92
N PRO L 107 -61.03 -6.75 11.20
CA PRO L 107 -61.08 -5.68 12.20
C PRO L 107 -60.10 -4.55 11.92
N SER L 108 -58.81 -4.85 11.92
CA SER L 108 -57.75 -3.90 11.62
C SER L 108 -56.41 -4.65 11.70
N LYS L 109 -55.40 -4.07 11.06
CA LYS L 109 -54.07 -4.66 11.04
C LYS L 109 -53.01 -3.83 11.74
N ALA L 110 -53.28 -2.56 12.01
CA ALA L 110 -52.29 -1.71 12.65
C ALA L 110 -51.99 -2.20 14.06
N PRO L 111 -50.74 -2.10 14.51
CA PRO L 111 -50.42 -2.50 15.89
C PRO L 111 -51.20 -1.67 16.91
N SER L 112 -51.66 -2.34 17.97
CA SER L 112 -52.44 -1.71 19.02
C SER L 112 -51.66 -1.53 20.31
N LEU L 113 -50.35 -1.77 20.29
CA LEU L 113 -49.52 -1.67 21.47
C LEU L 113 -48.51 -0.55 21.29
N THR L 114 -48.44 0.34 22.28
CA THR L 114 -47.42 1.39 22.26
C THR L 114 -46.07 0.81 22.68
N LEU L 115 -45.03 1.65 22.57
CA LEU L 115 -43.70 1.21 22.96
C LEU L 115 -43.65 0.89 24.45
N THR L 116 -44.33 1.67 25.26
CA THR L 116 -44.34 1.47 26.71
C THR L 116 -45.28 0.37 27.15
N GLY L 117 -45.76 -0.47 26.24
CA GLY L 117 -46.62 -1.58 26.59
C GLY L 117 -48.08 -1.25 26.76
N ARG L 118 -48.49 -0.01 26.53
CA ARG L 118 -49.88 0.37 26.71
C ARG L 118 -50.74 -0.18 25.58
N GLN L 119 -51.98 -0.52 25.91
CA GLN L 119 -52.95 -1.05 24.96
C GLN L 119 -53.87 0.08 24.50
N LYS L 120 -53.95 0.28 23.19
CA LYS L 120 -54.76 1.34 22.60
C LYS L 120 -55.56 0.81 21.43
N ASP L 121 -56.55 1.59 21.02
CA ASP L 121 -57.41 1.19 19.90
C ASP L 121 -56.63 1.24 18.59
N ALA L 122 -56.71 0.18 17.81
CA ALA L 122 -55.98 0.10 16.55
C ALA L 122 -56.51 1.12 15.56
N ASP L 123 -55.62 1.58 14.68
CA ASP L 123 -55.97 2.61 13.71
C ASP L 123 -57.04 2.10 12.74
N LYS L 124 -58.00 2.96 12.44
CA LYS L 124 -59.05 2.65 11.49
C LYS L 124 -58.64 2.91 10.04
N LEU L 125 -57.44 3.44 9.82
CA LEU L 125 -56.95 3.63 8.46
C LEU L 125 -56.76 2.30 7.75
N GLN L 126 -56.27 1.28 8.46
CA GLN L 126 -56.03 -0.02 7.85
C GLN L 126 -57.31 -0.84 7.80
N THR L 127 -58.38 -0.25 7.26
CA THR L 127 -59.64 -0.94 7.06
C THR L 127 -60.19 -0.54 5.70
N ALA L 128 -61.16 -1.30 5.21
CA ALA L 128 -61.75 -1.00 3.91
C ALA L 128 -62.41 0.36 3.91
N GLU L 129 -63.30 0.60 4.87
CA GLU L 129 -64.00 1.89 4.95
C GLU L 129 -63.04 3.02 5.29
N GLY L 130 -62.08 2.76 6.18
CA GLY L 130 -61.11 3.78 6.53
C GLY L 130 -60.23 4.19 5.35
N TRP L 131 -59.75 3.20 4.61
CA TRP L 131 -58.95 3.50 3.43
C TRP L 131 -59.78 4.21 2.36
N ALA L 132 -61.03 3.81 2.19
CA ALA L 132 -61.89 4.47 1.21
C ALA L 132 -62.10 5.94 1.56
N SER L 133 -62.37 6.23 2.84
CA SER L 133 -62.52 7.61 3.27
C SER L 133 -61.23 8.40 3.10
N PHE L 134 -60.10 7.79 3.46
CA PHE L 134 -58.82 8.47 3.30
C PHE L 134 -58.53 8.77 1.84
N THR L 135 -58.89 7.84 0.94
CA THR L 135 -58.66 8.06 -0.48
C THR L 135 -59.53 9.20 -1.02
N GLY L 136 -60.81 9.23 -0.63
CA GLY L 136 -61.65 10.34 -1.05
C GLY L 136 -61.13 11.67 -0.56
N GLY L 137 -60.74 11.73 0.71
CA GLY L 137 -60.16 12.95 1.24
C GLY L 137 -58.89 13.35 0.52
N TRP L 138 -58.04 12.37 0.20
CA TRP L 138 -56.80 12.68 -0.49
C TRP L 138 -57.07 13.25 -1.88
N PHE L 139 -58.04 12.68 -2.59
CA PHE L 139 -58.39 13.20 -3.91
C PHE L 139 -58.86 14.65 -3.82
N PHE L 140 -59.82 14.92 -2.93
CA PHE L 140 -60.35 16.28 -2.81
C PHE L 140 -59.26 17.26 -2.39
N GLY L 141 -58.45 16.87 -1.41
CA GLY L 141 -57.40 17.76 -0.94
C GLY L 141 -56.32 18.01 -1.97
N GLY L 142 -55.97 16.99 -2.75
CA GLY L 142 -54.98 17.19 -3.79
C GLY L 142 -55.45 18.14 -4.87
N LEU L 143 -56.71 17.98 -5.30
CA LEU L 143 -57.24 18.93 -6.26
C LEU L 143 -57.27 20.35 -5.69
N SER L 144 -57.68 20.48 -4.43
CA SER L 144 -57.73 21.81 -3.82
C SER L 144 -56.34 22.43 -3.72
N GLY L 145 -55.33 21.63 -3.37
CA GLY L 145 -53.99 22.16 -3.27
C GLY L 145 -53.42 22.58 -4.61
N VAL L 146 -53.67 21.79 -5.65
CA VAL L 146 -53.23 22.17 -6.99
C VAL L 146 -53.89 23.48 -7.40
N ALA L 147 -55.20 23.59 -7.18
CA ALA L 147 -55.91 24.81 -7.53
C ALA L 147 -55.37 26.01 -6.76
N TRP L 148 -55.09 25.84 -5.47
CA TRP L 148 -54.57 26.94 -4.65
C TRP L 148 -53.21 27.39 -5.14
N ALA L 149 -52.32 26.44 -5.44
CA ALA L 149 -50.99 26.81 -5.94
C ALA L 149 -51.09 27.54 -7.27
N TYR L 150 -51.96 27.06 -8.16
CA TYR L 150 -52.14 27.75 -9.44
C TYR L 150 -52.66 29.16 -9.23
N ILE L 151 -53.64 29.33 -8.35
CA ILE L 151 -54.21 30.65 -8.10
C ILE L 151 -53.14 31.60 -7.58
N LEU L 152 -52.39 31.15 -6.57
CA LEU L 152 -51.35 32.00 -5.99
C LEU L 152 -50.29 32.36 -7.01
N LEU L 153 -49.89 31.41 -7.86
CA LEU L 153 -48.80 31.69 -8.78
C LEU L 153 -49.23 32.55 -9.96
N TYR L 154 -50.43 32.36 -10.49
CA TYR L 154 -50.78 33.04 -11.73
C TYR L 154 -52.06 33.86 -11.68
N VAL L 155 -53.08 33.42 -10.93
CA VAL L 155 -54.28 34.24 -10.84
C VAL L 155 -53.98 35.55 -10.14
N LEU L 156 -53.21 35.50 -9.07
CA LEU L 156 -52.61 36.68 -8.45
C LEU L 156 -51.13 36.70 -8.75
N ASN L 157 -50.56 37.90 -8.88
CA ASN L 157 -49.17 38.02 -9.29
C ASN L 157 -48.23 37.38 -8.28
N LEU L 158 -48.15 37.95 -7.07
CA LEU L 158 -47.33 37.40 -5.99
C LEU L 158 -45.92 37.09 -6.47
N PRO L 159 -45.07 38.11 -6.67
CA PRO L 159 -43.74 37.85 -7.21
C PRO L 159 -42.94 36.89 -6.35
N TYR L 160 -42.22 35.99 -7.02
CA TYR L 160 -41.42 34.97 -6.37
C TYR L 160 -40.02 34.98 -6.97
N PRO L 161 -39.02 34.54 -6.21
CA PRO L 161 -37.65 34.55 -6.74
C PRO L 161 -37.48 33.81 -8.05
N VAL L 162 -38.16 32.68 -8.22
CA VAL L 162 -38.07 31.89 -9.44
C VAL L 162 -39.40 31.85 -10.18
N LYS L 163 -40.50 31.65 -9.47
CA LYS L 163 -41.84 31.61 -10.05
C LYS L 163 -41.95 30.66 -11.23
N MET M 1 -60.10 6.72 -58.66
CA MET M 1 -59.72 7.67 -57.63
C MET M 1 -60.70 7.63 -56.46
N THR M 2 -60.26 7.09 -55.33
CA THR M 2 -61.12 6.90 -54.17
C THR M 2 -60.34 7.25 -52.91
N SER M 3 -61.09 7.57 -51.84
CA SER M 3 -60.47 8.00 -50.60
C SER M 3 -61.10 7.44 -49.33
N ILE M 4 -62.05 6.51 -49.48
CA ILE M 4 -62.76 5.91 -48.31
C ILE M 4 -63.67 6.98 -47.70
N SER M 5 -64.97 6.68 -47.61
CA SER M 5 -65.94 7.59 -47.01
C SER M 5 -65.89 7.47 -45.50
N ASP M 6 -66.57 8.40 -44.83
CA ASP M 6 -66.66 8.37 -43.37
C ASP M 6 -67.66 7.31 -42.90
N SER M 7 -68.77 7.15 -43.61
CA SER M 7 -69.72 6.09 -43.28
C SER M 7 -69.06 4.71 -43.39
N GLN M 8 -68.12 4.56 -44.31
CA GLN M 8 -67.37 3.31 -44.41
C GLN M 8 -66.56 3.07 -43.14
N ILE M 9 -65.96 4.13 -42.59
CA ILE M 9 -65.24 4.00 -41.33
C ILE M 9 -66.19 3.64 -40.20
N ILE M 10 -67.38 4.23 -40.20
CA ILE M 10 -68.38 3.89 -39.17
C ILE M 10 -68.73 2.41 -39.25
N VAL M 11 -68.96 1.91 -40.46
CA VAL M 11 -69.31 0.49 -40.65
C VAL M 11 -68.17 -0.40 -40.18
N ALA M 12 -66.94 -0.05 -40.53
CA ALA M 12 -65.79 -0.84 -40.11
C ALA M 12 -65.67 -0.88 -38.59
N LEU M 13 -65.86 0.26 -37.94
CA LEU M 13 -65.76 0.30 -36.47
C LEU M 13 -66.85 -0.53 -35.82
N VAL M 14 -68.08 -0.46 -36.34
CA VAL M 14 -69.17 -1.25 -35.76
C VAL M 14 -68.89 -2.73 -35.93
N SER M 15 -68.42 -3.13 -37.12
CA SER M 15 -68.08 -4.53 -37.33
C SER M 15 -66.97 -5.00 -36.40
N ALA M 16 -65.97 -4.14 -36.17
CA ALA M 16 -64.89 -4.48 -35.26
C ALA M 16 -65.42 -4.66 -33.84
N PHE M 17 -66.36 -3.81 -33.42
CA PHE M 17 -66.93 -3.96 -32.09
C PHE M 17 -67.69 -5.27 -31.95
N ILE M 18 -68.45 -5.65 -32.97
CA ILE M 18 -69.17 -6.91 -32.94
C ILE M 18 -68.19 -8.09 -32.86
N THR M 19 -67.12 -8.02 -33.65
CA THR M 19 -66.11 -9.07 -33.61
C THR M 19 -65.44 -9.15 -32.24
N GLY M 20 -65.22 -8.00 -31.60
CA GLY M 20 -64.67 -8.00 -30.26
C GLY M 20 -65.59 -8.65 -29.25
N ILE M 21 -66.91 -8.42 -29.38
CA ILE M 21 -67.87 -9.08 -28.50
C ILE M 21 -67.82 -10.59 -28.71
N LEU M 22 -67.75 -11.03 -29.97
CA LEU M 22 -67.65 -12.46 -30.24
C LEU M 22 -66.38 -13.06 -29.64
N ALA M 23 -65.27 -12.34 -29.75
CA ALA M 23 -64.01 -12.80 -29.17
C ALA M 23 -64.10 -12.89 -27.66
N LEU M 24 -64.80 -11.93 -27.03
CA LEU M 24 -65.00 -11.99 -25.58
C LEU M 24 -65.78 -13.24 -25.20
N ARG M 25 -66.83 -13.56 -25.96
CA ARG M 25 -67.59 -14.77 -25.67
C ARG M 25 -66.73 -16.02 -25.81
N LEU M 26 -65.91 -16.09 -26.87
CA LEU M 26 -65.05 -17.26 -27.04
C LEU M 26 -64.03 -17.38 -25.92
N GLY M 27 -63.43 -16.27 -25.51
CA GLY M 27 -62.49 -16.30 -24.40
C GLY M 27 -63.14 -16.72 -23.11
N LYS M 28 -64.37 -16.26 -22.85
CA LYS M 28 -65.10 -16.69 -21.67
C LYS M 28 -65.36 -18.19 -21.71
N SER M 29 -65.73 -18.71 -22.88
CA SER M 29 -65.95 -20.16 -23.00
C SER M 29 -64.67 -20.94 -22.75
N LEU M 30 -63.55 -20.46 -23.28
CA LEU M 30 -62.26 -21.13 -23.05
C LEU M 30 -61.87 -21.12 -21.59
N TYR M 31 -62.05 -19.98 -20.91
CA TYR M 31 -61.66 -19.88 -19.51
C TYR M 31 -62.49 -20.82 -18.64
N GLN M 32 -63.80 -20.89 -18.89
CA GLN M 32 -64.68 -21.77 -18.13
C GLN M 32 -64.71 -23.17 -18.73
N PHE N 1 -34.00 4.14 25.01
CA PHE N 1 -33.19 5.24 24.51
C PHE N 1 -33.26 6.43 25.47
N ASN N 2 -32.09 6.93 25.86
CA ASN N 2 -32.03 8.09 26.74
C ASN N 2 -32.50 9.33 26.00
N ARG N 3 -33.41 10.09 26.63
CA ARG N 3 -33.91 11.30 25.99
C ARG N 3 -32.79 12.30 25.75
N ASP N 4 -31.90 12.46 26.72
CA ASP N 4 -30.72 13.32 26.56
C ASP N 4 -29.52 12.49 26.14
N TRP N 5 -29.63 11.89 24.95
CA TRP N 5 -28.53 11.10 24.40
C TRP N 5 -27.28 11.96 24.23
N LEU N 6 -27.46 13.13 23.63
CA LEU N 6 -26.40 14.14 23.54
C LEU N 6 -26.42 14.88 24.87
N ARG N 7 -25.68 14.35 25.84
CA ARG N 7 -25.78 14.82 27.22
C ARG N 7 -25.62 16.33 27.28
N LYS N 8 -26.68 17.02 27.68
CA LYS N 8 -26.79 18.45 27.43
C LYS N 8 -25.88 19.22 28.37
N ASP N 9 -24.95 19.97 27.81
CA ASP N 9 -24.10 20.87 28.56
C ASP N 9 -24.43 22.33 28.29
N LEU N 10 -24.48 22.72 27.01
CA LEU N 10 -25.01 24.00 26.56
C LEU N 10 -24.10 25.15 26.94
N SER N 11 -23.06 24.86 27.72
CA SER N 11 -21.99 25.82 27.97
C SER N 11 -20.79 25.59 27.07
N VAL N 12 -20.73 24.44 26.40
CA VAL N 12 -19.69 24.18 25.41
C VAL N 12 -19.82 25.15 24.25
N ILE N 13 -21.03 25.69 24.02
CA ILE N 13 -21.23 26.62 22.92
C ILE N 13 -20.42 27.89 23.13
N GLY N 14 -20.52 28.46 24.33
CA GLY N 14 -19.76 29.68 24.62
C GLY N 14 -18.27 29.45 24.61
N PHE N 15 -17.81 28.34 25.19
CA PHE N 15 -16.38 28.04 25.20
C PHE N 15 -15.86 27.85 23.78
N GLY N 16 -16.62 27.15 22.94
CA GLY N 16 -16.22 26.99 21.55
C GLY N 16 -16.18 28.30 20.79
N LEU N 17 -17.18 29.15 21.00
CA LEU N 17 -17.19 30.46 20.35
C LEU N 17 -15.97 31.28 20.76
N ILE N 18 -15.67 31.32 22.06
CA ILE N 18 -14.53 32.10 22.53
C ILE N 18 -13.23 31.52 22.00
N GLY N 19 -13.07 30.19 22.07
CA GLY N 19 -11.85 29.54 21.64
C GLY N 19 -11.67 29.45 20.14
N TRP N 20 -12.69 29.79 19.36
CA TRP N 20 -12.52 29.98 17.94
C TRP N 20 -12.34 31.44 17.55
N LEU N 21 -12.96 32.36 18.27
CA LEU N 21 -12.82 33.78 17.95
C LEU N 21 -11.47 34.33 18.39
N ALA N 22 -10.89 33.79 19.47
CA ALA N 22 -9.57 34.24 19.88
C ALA N 22 -8.49 33.95 18.86
N PRO N 23 -8.37 32.73 18.30
CA PRO N 23 -7.30 32.51 17.31
C PRO N 23 -7.58 33.16 15.96
N SER N 24 -8.83 33.10 15.49
CA SER N 24 -9.14 33.60 14.15
C SER N 24 -8.93 35.10 14.05
N SER N 25 -9.26 35.85 15.11
CA SER N 25 -9.16 37.30 15.05
C SER N 25 -7.72 37.80 15.10
N LEU N 26 -6.75 36.95 15.43
CA LEU N 26 -5.39 37.43 15.69
C LEU N 26 -4.70 38.03 14.45
N PRO N 27 -4.62 37.36 13.31
CA PRO N 27 -3.74 37.86 12.23
C PRO N 27 -4.29 39.13 11.59
N VAL N 28 -3.37 39.86 10.94
CA VAL N 28 -3.74 41.07 10.24
C VAL N 28 -4.73 40.75 9.12
N ILE N 29 -5.81 41.53 9.05
CA ILE N 29 -6.89 41.41 8.08
C ILE N 29 -7.19 39.96 7.74
N ASN N 30 -7.13 39.08 8.73
CA ASN N 30 -7.37 37.66 8.54
C ASN N 30 -8.28 37.14 9.63
N GLY N 31 -9.05 36.10 9.30
CA GLY N 31 -9.91 35.44 10.26
C GLY N 31 -11.36 35.83 10.16
N ASN N 32 -12.00 36.05 11.32
CA ASN N 32 -13.41 36.38 11.37
C ASN N 32 -13.72 37.77 10.84
N SER N 33 -12.71 38.61 10.64
CA SER N 33 -12.94 39.93 10.07
C SER N 33 -13.56 39.83 8.68
N LEU N 34 -13.06 38.89 7.86
CA LEU N 34 -13.57 38.73 6.51
C LEU N 34 -15.03 38.30 6.52
N THR N 35 -15.36 37.32 7.36
CA THR N 35 -16.73 36.84 7.44
C THR N 35 -17.66 37.92 7.95
N GLY N 36 -17.23 38.68 8.96
CA GLY N 36 -18.05 39.78 9.44
C GLY N 36 -18.26 40.86 8.39
N LEU N 37 -17.20 41.19 7.64
CA LEU N 37 -17.31 42.21 6.61
C LEU N 37 -18.28 41.77 5.52
N PHE N 38 -18.17 40.51 5.08
CA PHE N 38 -19.07 40.04 4.03
C PHE N 38 -20.50 39.87 4.55
N LEU N 39 -20.67 39.59 5.85
CA LEU N 39 -22.00 39.65 6.45
C LEU N 39 -22.56 41.06 6.39
N GLY N 40 -21.71 42.06 6.64
CA GLY N 40 -22.14 43.44 6.48
C GLY N 40 -22.32 43.83 5.02
N SER N 41 -21.38 43.45 4.17
CA SER N 41 -21.38 43.86 2.76
C SER N 41 -22.27 42.93 1.93
N ILE N 42 -23.56 42.90 2.30
CA ILE N 42 -24.50 42.05 1.61
C ILE N 42 -24.75 42.54 0.18
N GLY N 43 -24.78 43.86 0.00
CA GLY N 43 -25.05 44.45 -1.28
C GLY N 43 -26.28 45.34 -1.23
N PRO N 44 -27.09 45.33 -2.29
CA PRO N 44 -28.37 46.03 -2.24
C PRO N 44 -29.36 45.34 -1.32
N GLU N 45 -29.02 45.25 -0.03
CA GLU N 45 -29.83 44.60 0.98
C GLU N 45 -30.94 45.48 1.52
N LEU N 46 -31.23 46.60 0.86
CA LEU N 46 -32.24 47.53 1.37
C LEU N 46 -33.60 46.86 1.49
N ALA N 47 -33.86 45.83 0.70
CA ALA N 47 -35.13 45.11 0.76
C ALA N 47 -34.97 43.64 1.12
N HIS N 48 -34.16 42.88 0.38
CA HIS N 48 -34.05 41.45 0.57
C HIS N 48 -32.69 40.99 0.08
N PHE N 49 -32.64 39.70 -0.27
CA PHE N 49 -31.34 39.08 -0.60
C PHE N 49 -30.82 39.45 -1.98
N PRO N 50 -29.77 40.30 -2.06
CA PRO N 50 -29.05 40.53 -3.31
C PRO N 50 -28.50 39.20 -3.82
N THR N 51 -28.47 39.06 -5.15
CA THR N 51 -28.11 37.79 -5.76
C THR N 51 -26.80 37.27 -5.19
N GLY N 52 -26.71 35.94 -5.04
CA GLY N 52 -25.62 35.32 -4.34
C GLY N 52 -24.27 35.64 -4.93
N PRO N 53 -23.22 35.58 -4.10
CA PRO N 53 -21.88 35.91 -4.58
C PRO N 53 -21.45 34.99 -5.70
N ALA N 54 -20.69 35.53 -6.65
CA ALA N 54 -20.22 34.77 -7.78
C ALA N 54 -19.13 33.79 -7.36
N LEU N 55 -18.73 32.94 -8.30
CA LEU N 55 -17.66 31.98 -8.04
C LEU N 55 -16.36 32.69 -7.71
N THR N 56 -16.04 33.77 -8.43
CA THR N 56 -14.79 34.49 -8.26
C THR N 56 -14.91 35.50 -7.13
N SER N 57 -15.05 34.97 -5.91
CA SER N 57 -15.11 35.79 -4.72
C SER N 57 -14.32 35.12 -3.59
N PRO N 58 -13.65 35.89 -2.74
CA PRO N 58 -12.99 35.32 -1.56
C PRO N 58 -13.95 34.94 -0.45
N PHE N 59 -15.20 35.40 -0.53
CA PHE N 59 -16.18 35.13 0.52
C PHE N 59 -16.33 33.63 0.76
N TRP N 60 -16.31 32.83 -0.31
CA TRP N 60 -16.51 31.40 -0.15
C TRP N 60 -15.38 30.77 0.64
N LEU N 61 -14.13 31.07 0.28
CA LEU N 61 -13.00 30.51 0.98
C LEU N 61 -12.98 30.95 2.44
N TRP N 62 -13.24 32.24 2.69
CA TRP N 62 -13.19 32.74 4.05
C TRP N 62 -14.29 32.11 4.91
N MET N 63 -15.52 32.03 4.38
CA MET N 63 -16.61 31.43 5.15
C MET N 63 -16.36 29.96 5.42
N VAL N 64 -15.86 29.24 4.40
CA VAL N 64 -15.57 27.82 4.59
C VAL N 64 -14.55 27.64 5.70
N THR N 65 -13.46 28.40 5.65
CA THR N 65 -12.43 28.26 6.67
C THR N 65 -12.97 28.59 8.06
N TRP N 66 -13.75 29.68 8.16
CA TRP N 66 -14.25 30.10 9.46
C TRP N 66 -15.17 29.06 10.08
N HIS N 67 -16.17 28.60 9.32
CA HIS N 67 -17.10 27.63 9.89
C HIS N 67 -16.45 26.27 10.13
N VAL N 68 -15.48 25.87 9.30
CA VAL N 68 -14.77 24.63 9.56
C VAL N 68 -14.01 24.72 10.88
N GLY N 69 -13.30 25.83 11.10
CA GLY N 69 -12.60 26.01 12.36
C GLY N 69 -13.56 26.02 13.55
N LEU N 70 -14.69 26.72 13.41
CA LEU N 70 -15.65 26.77 14.50
C LEU N 70 -16.19 25.38 14.83
N PHE N 71 -16.52 24.60 13.81
CA PHE N 71 -17.07 23.26 14.06
C PHE N 71 -16.02 22.35 14.67
N ILE N 72 -14.77 22.44 14.22
CA ILE N 72 -13.71 21.63 14.81
C ILE N 72 -13.54 21.97 16.29
N VAL N 73 -13.52 23.27 16.60
CA VAL N 73 -13.35 23.68 17.99
C VAL N 73 -14.52 23.22 18.83
N LEU N 74 -15.74 23.34 18.31
CA LEU N 74 -16.91 22.91 19.08
C LEU N 74 -16.90 21.42 19.33
N THR N 75 -16.55 20.62 18.32
CA THR N 75 -16.52 19.17 18.50
C THR N 75 -15.44 18.77 19.51
N LEU N 76 -14.25 19.35 19.38
CA LEU N 76 -13.19 19.01 20.33
C LEU N 76 -13.53 19.47 21.74
N GLY N 77 -14.25 20.59 21.88
CA GLY N 77 -14.68 21.01 23.20
C GLY N 77 -15.73 20.10 23.80
N GLN N 78 -16.67 19.63 22.98
CA GLN N 78 -17.67 18.69 23.48
C GLN N 78 -17.04 17.37 23.89
N ILE N 79 -16.04 16.91 23.13
CA ILE N 79 -15.32 15.70 23.52
C ILE N 79 -14.46 15.94 24.75
N GLY N 80 -13.95 17.18 24.93
CA GLY N 80 -13.13 17.47 26.10
C GLY N 80 -13.91 17.33 27.40
N PHE N 81 -15.07 17.97 27.47
CA PHE N 81 -16.03 17.62 28.51
C PHE N 81 -16.65 16.27 28.16
N LYS N 82 -17.35 15.68 29.13
CA LYS N 82 -18.10 14.45 28.90
C LYS N 82 -17.19 13.29 28.55
N GLY N 83 -15.90 13.57 28.42
CA GLY N 83 -14.91 12.55 28.16
C GLY N 83 -13.85 12.60 29.24
N ARG N 84 -13.72 13.77 29.85
CA ARG N 84 -12.88 13.89 31.04
C ARG N 84 -13.58 13.29 32.25
N GLN N 85 -14.90 13.43 32.34
CA GLN N 85 -15.64 12.89 33.47
C GLN N 85 -15.95 11.41 33.31
N ASP N 86 -16.11 10.92 32.08
CA ASP N 86 -16.30 9.49 31.87
C ASP N 86 -15.01 8.69 31.96
N GLY N 87 -13.86 9.34 32.06
CA GLY N 87 -12.61 8.63 32.09
C GLY N 87 -11.75 8.93 30.88
N TYR N 88 -11.41 7.89 30.12
CA TYR N 88 -10.72 8.00 28.84
C TYR N 88 -9.29 8.50 29.00
N TRP N 89 -8.93 8.92 30.22
CA TRP N 89 -7.61 9.46 30.55
C TRP N 89 -7.59 9.96 31.99
N GLU O 1 -17.39 -74.17 -55.73
CA GLU O 1 -17.03 -74.76 -57.02
C GLU O 1 -16.68 -73.68 -58.04
N TRP O 2 -17.26 -72.48 -57.85
CA TRP O 2 -16.86 -71.34 -58.65
C TRP O 2 -15.40 -70.98 -58.41
N LEU O 3 -14.90 -71.26 -57.22
CA LEU O 3 -13.49 -71.07 -56.87
C LEU O 3 -13.01 -72.39 -56.26
N PRO O 4 -12.08 -73.09 -56.90
CA PRO O 4 -11.67 -74.40 -56.37
C PRO O 4 -11.15 -74.30 -54.95
N GLY O 5 -11.60 -75.24 -54.11
CA GLY O 5 -11.17 -75.32 -52.73
C GLY O 5 -11.87 -74.39 -51.77
N ASN O 6 -12.68 -73.46 -52.27
CA ASN O 6 -13.33 -72.50 -51.39
C ASN O 6 -14.41 -73.18 -50.57
N PRO O 7 -14.56 -72.82 -49.30
CA PRO O 7 -15.69 -73.34 -48.51
C PRO O 7 -17.02 -72.84 -49.06
N ARG O 8 -18.03 -73.69 -48.94
CA ARG O 8 -19.35 -73.42 -49.49
C ARG O 8 -20.30 -72.89 -48.41
N PRO O 9 -21.12 -71.89 -48.74
CA PRO O 9 -22.06 -71.35 -47.74
C PRO O 9 -23.06 -72.41 -47.31
N SER O 10 -23.54 -72.28 -46.06
CA SER O 10 -24.41 -73.29 -45.47
C SER O 10 -25.72 -73.41 -46.23
N TYR O 11 -26.31 -72.28 -46.63
CA TYR O 11 -27.61 -72.33 -47.30
C TYR O 11 -27.48 -72.83 -48.73
N LEU O 12 -26.33 -72.64 -49.36
CA LEU O 12 -26.10 -73.09 -50.73
C LEU O 12 -25.40 -74.45 -50.67
N ASP O 13 -26.18 -75.48 -50.38
CA ASP O 13 -25.62 -76.83 -50.27
C ASP O 13 -25.06 -77.32 -51.59
N GLY O 14 -25.77 -77.09 -52.69
CA GLY O 14 -25.33 -77.53 -53.99
C GLY O 14 -26.36 -78.38 -54.71
N SER O 15 -27.61 -78.30 -54.28
CA SER O 15 -28.68 -79.11 -54.87
C SER O 15 -29.44 -78.38 -55.95
N ALA O 16 -29.57 -77.06 -55.86
CA ALA O 16 -30.29 -76.30 -56.86
C ALA O 16 -29.54 -76.31 -58.18
N PRO O 17 -30.25 -76.18 -59.30
CA PRO O 17 -29.57 -76.13 -60.60
C PRO O 17 -28.61 -74.94 -60.68
N GLY O 18 -27.44 -75.19 -61.25
CA GLY O 18 -26.45 -74.14 -61.42
C GLY O 18 -25.97 -73.54 -60.11
N ASP O 19 -25.86 -74.35 -59.07
CA ASP O 19 -25.46 -73.88 -57.75
C ASP O 19 -23.98 -74.20 -57.60
N PHE O 20 -23.14 -73.17 -57.64
CA PHE O 20 -21.70 -73.30 -57.49
C PHE O 20 -21.19 -72.65 -56.22
N GLY O 21 -22.07 -72.35 -55.27
CA GLY O 21 -21.66 -71.73 -54.03
C GLY O 21 -21.19 -70.30 -54.17
N PHE O 22 -21.53 -69.64 -55.28
CA PHE O 22 -21.08 -68.27 -55.54
C PHE O 22 -22.03 -67.30 -54.86
N ASP O 23 -21.58 -66.71 -53.75
CA ASP O 23 -22.35 -65.72 -53.03
C ASP O 23 -21.44 -64.90 -52.12
N PRO O 24 -20.52 -64.12 -52.67
CA PRO O 24 -19.61 -63.35 -51.80
C PRO O 24 -20.32 -62.35 -50.92
N LEU O 25 -21.39 -61.73 -51.42
CA LEU O 25 -22.08 -60.67 -50.68
C LEU O 25 -23.10 -61.21 -49.68
N GLY O 26 -23.37 -62.51 -49.68
CA GLY O 26 -24.33 -63.08 -48.75
C GLY O 26 -25.74 -62.57 -48.93
N LEU O 27 -26.19 -62.43 -50.17
CA LEU O 27 -27.53 -61.93 -50.44
C LEU O 27 -28.60 -63.01 -50.30
N GLY O 28 -28.22 -64.28 -50.29
CA GLY O 28 -29.18 -65.36 -50.23
C GLY O 28 -29.33 -65.98 -48.86
N GLU O 29 -28.86 -65.27 -47.83
CA GLU O 29 -28.92 -65.81 -46.47
C GLU O 29 -30.36 -65.98 -46.00
N VAL O 30 -31.26 -65.10 -46.41
CA VAL O 30 -32.67 -65.20 -46.02
C VAL O 30 -33.37 -66.20 -46.93
N PRO O 31 -34.06 -67.21 -46.39
CA PRO O 31 -34.63 -68.26 -47.25
C PRO O 31 -35.68 -67.77 -48.24
N GLU O 32 -36.65 -66.98 -47.79
CA GLU O 32 -37.65 -66.44 -48.71
C GLU O 32 -36.98 -65.56 -49.76
N ASN O 33 -35.98 -64.80 -49.36
CA ASN O 33 -35.19 -64.04 -50.31
C ASN O 33 -34.53 -64.96 -51.33
N LEU O 34 -34.03 -66.11 -50.88
CA LEU O 34 -33.39 -67.05 -51.80
C LEU O 34 -34.39 -67.59 -52.82
N GLU O 35 -35.60 -67.93 -52.38
CA GLU O 35 -36.61 -68.42 -53.32
C GLU O 35 -36.99 -67.35 -54.34
N ARG O 36 -37.21 -66.12 -53.85
CA ARG O 36 -37.52 -65.03 -54.77
C ARG O 36 -36.38 -64.80 -55.75
N PHE O 37 -35.14 -64.89 -55.28
CA PHE O 37 -33.99 -64.69 -56.15
C PHE O 37 -33.89 -65.78 -57.19
N LYS O 38 -34.20 -67.02 -56.82
CA LYS O 38 -34.20 -68.11 -57.81
C LYS O 38 -35.21 -67.83 -58.92
N GLU O 39 -36.43 -67.49 -58.54
CA GLU O 39 -37.44 -67.20 -59.55
C GLU O 39 -37.05 -66.00 -60.41
N SER O 40 -36.51 -64.96 -59.79
CA SER O 40 -36.14 -63.75 -60.54
C SER O 40 -34.97 -64.01 -61.47
N GLU O 41 -34.00 -64.81 -61.03
CA GLU O 41 -32.91 -65.21 -61.91
C GLU O 41 -33.44 -65.95 -63.13
N LEU O 42 -34.38 -66.87 -62.91
CA LEU O 42 -34.95 -67.59 -64.04
C LEU O 42 -35.66 -66.64 -65.01
N ILE O 43 -36.41 -65.68 -64.48
CA ILE O 43 -37.16 -64.78 -65.36
C ILE O 43 -36.22 -63.86 -66.14
N HIS O 44 -35.27 -63.22 -65.44
CA HIS O 44 -34.31 -62.35 -66.12
C HIS O 44 -33.54 -63.13 -67.19
N ALA O 45 -33.10 -64.36 -66.86
CA ALA O 45 -32.32 -65.16 -67.79
C ALA O 45 -33.14 -65.60 -69.00
N ARG O 46 -34.38 -66.01 -68.78
CA ARG O 46 -35.24 -66.41 -69.90
C ARG O 46 -35.50 -65.23 -70.82
N TRP O 47 -35.73 -64.05 -70.27
CA TRP O 47 -35.93 -62.87 -71.10
C TRP O 47 -34.68 -62.55 -71.92
N ALA O 48 -33.50 -62.63 -71.30
CA ALA O 48 -32.27 -62.36 -72.06
C ALA O 48 -32.05 -63.39 -73.16
N MET O 49 -32.33 -64.67 -72.86
CA MET O 49 -32.16 -65.72 -73.86
C MET O 49 -33.11 -65.52 -75.03
N LEU O 50 -34.34 -65.14 -74.76
CA LEU O 50 -35.28 -64.85 -75.84
C LEU O 50 -34.98 -63.54 -76.55
N ALA O 51 -34.21 -62.65 -75.90
CA ALA O 51 -33.95 -61.35 -76.49
C ALA O 51 -32.80 -61.39 -77.49
N ILE O 52 -31.65 -61.94 -77.09
CA ILE O 52 -30.43 -61.75 -77.87
C ILE O 52 -30.48 -62.32 -79.30
N PRO O 53 -31.26 -63.38 -79.61
CA PRO O 53 -31.43 -63.70 -81.04
C PRO O 53 -32.06 -62.58 -81.83
N GLY O 54 -32.97 -61.83 -81.22
CA GLY O 54 -33.51 -60.64 -81.86
C GLY O 54 -32.55 -59.48 -81.89
N VAL O 55 -31.47 -59.54 -81.12
CA VAL O 55 -30.41 -58.55 -81.24
C VAL O 55 -29.47 -58.90 -82.38
N LEU O 56 -29.25 -60.21 -82.63
CA LEU O 56 -28.28 -60.61 -83.64
C LEU O 56 -28.89 -60.78 -85.04
N ILE O 57 -30.04 -61.44 -85.15
CA ILE O 57 -30.57 -61.81 -86.46
C ILE O 57 -30.85 -60.59 -87.34
N PRO O 58 -31.53 -59.53 -86.88
CA PRO O 58 -31.74 -58.38 -87.77
C PRO O 58 -30.45 -57.78 -88.31
N GLU O 59 -29.42 -57.62 -87.47
CA GLU O 59 -28.16 -57.06 -87.96
C GLU O 59 -27.54 -57.95 -89.01
N ALA O 60 -27.62 -59.27 -88.82
CA ALA O 60 -27.13 -60.20 -89.83
C ALA O 60 -27.90 -60.04 -91.14
N LEU O 61 -29.21 -59.86 -91.05
CA LEU O 61 -30.04 -59.68 -92.23
C LEU O 61 -30.18 -58.22 -92.66
N GLY O 62 -29.52 -57.30 -91.98
CA GLY O 62 -29.61 -55.90 -92.33
C GLY O 62 -30.89 -55.26 -91.80
N TYR O 63 -31.07 -54.00 -92.18
CA TYR O 63 -32.23 -53.18 -91.77
C TYR O 63 -32.49 -53.28 -90.28
N GLY O 64 -31.42 -53.30 -89.48
CA GLY O 64 -31.58 -53.36 -88.04
C GLY O 64 -30.28 -53.27 -87.25
N ASN O 65 -30.34 -52.60 -86.09
CA ASN O 65 -29.18 -52.48 -85.22
C ASN O 65 -29.53 -52.58 -83.74
N TRP O 66 -30.79 -52.86 -83.41
CA TRP O 66 -31.35 -53.07 -82.07
C TRP O 66 -31.28 -51.78 -81.25
N VAL O 67 -30.61 -50.76 -81.78
CA VAL O 67 -30.67 -49.42 -81.24
C VAL O 67 -31.30 -48.46 -82.23
N SER O 68 -30.97 -48.59 -83.52
CA SER O 68 -31.71 -47.95 -84.58
C SER O 68 -33.04 -48.63 -84.85
N ALA O 69 -33.25 -49.84 -84.32
CA ALA O 69 -34.56 -50.46 -84.40
C ALA O 69 -35.59 -49.69 -83.57
N GLN O 70 -35.15 -49.01 -82.52
CA GLN O 70 -36.00 -48.13 -81.74
C GLN O 70 -35.93 -46.69 -82.23
N LYS O 71 -35.23 -46.43 -83.35
CA LYS O 71 -35.02 -45.07 -83.81
C LYS O 71 -36.27 -44.48 -84.46
N TRP O 72 -37.14 -45.32 -85.01
CA TRP O 72 -38.35 -44.80 -85.66
C TRP O 72 -39.25 -44.11 -84.64
N ALA O 73 -39.36 -44.68 -83.44
CA ALA O 73 -39.96 -43.95 -82.33
C ALA O 73 -39.01 -42.86 -81.88
N ALA O 74 -39.55 -41.86 -81.19
CA ALA O 74 -38.83 -40.62 -80.89
C ALA O 74 -38.41 -39.92 -82.18
N THR O 75 -39.28 -39.98 -83.18
CA THR O 75 -39.11 -39.33 -84.46
C THR O 75 -40.51 -39.12 -85.02
N PRO O 76 -40.85 -37.91 -85.46
CA PRO O 76 -42.16 -37.70 -86.08
C PRO O 76 -42.34 -38.56 -87.33
N GLY O 77 -43.29 -39.50 -87.27
CA GLY O 77 -43.46 -40.45 -88.35
C GLY O 77 -42.60 -41.69 -88.18
N GLY O 78 -42.44 -42.41 -89.28
CA GLY O 78 -41.62 -43.60 -89.29
C GLY O 78 -42.25 -44.81 -88.63
N GLN O 79 -43.52 -44.72 -88.25
CA GLN O 79 -44.21 -45.82 -87.56
C GLN O 79 -44.52 -46.92 -88.56
N ALA O 80 -43.49 -47.70 -88.88
CA ALA O 80 -43.55 -48.66 -89.98
C ALA O 80 -42.35 -49.61 -89.87
N THR O 81 -42.10 -50.34 -90.95
CA THR O 81 -40.86 -51.08 -91.24
C THR O 81 -40.50 -52.08 -90.13
N TYR O 82 -41.34 -53.11 -90.03
CA TYR O 82 -40.95 -54.28 -89.25
C TYR O 82 -39.78 -55.01 -89.90
N LEU O 83 -40.01 -55.57 -91.09
CA LEU O 83 -39.01 -56.38 -91.78
C LEU O 83 -38.81 -55.86 -93.19
N GLY O 84 -38.63 -54.54 -93.31
CA GLY O 84 -38.60 -53.90 -94.60
C GLY O 84 -39.97 -53.59 -95.18
N ASN O 85 -41.03 -53.96 -94.48
CA ASN O 85 -42.40 -53.70 -94.91
C ASN O 85 -43.10 -52.84 -93.86
N PRO O 86 -43.82 -51.80 -94.26
CA PRO O 86 -44.47 -50.94 -93.27
C PRO O 86 -45.51 -51.71 -92.46
N VAL O 87 -45.65 -51.31 -91.19
CA VAL O 87 -46.62 -51.90 -90.29
C VAL O 87 -47.89 -51.05 -90.34
N PRO O 88 -49.04 -51.62 -90.72
CA PRO O 88 -50.27 -50.81 -90.76
C PRO O 88 -50.69 -50.24 -89.42
N TRP O 89 -50.26 -50.85 -88.32
CA TRP O 89 -50.61 -50.42 -86.96
C TRP O 89 -49.36 -50.04 -86.18
N GLY O 90 -48.42 -49.35 -86.82
CA GLY O 90 -47.15 -49.05 -86.21
C GLY O 90 -47.11 -47.84 -85.31
N ASN O 91 -48.23 -47.15 -85.11
CA ASN O 91 -48.23 -45.91 -84.33
C ASN O 91 -47.78 -46.18 -82.91
N LEU O 92 -47.04 -45.22 -82.35
CA LEU O 92 -46.50 -45.38 -80.99
C LEU O 92 -47.57 -45.57 -79.93
N PRO O 93 -48.64 -44.77 -79.86
CA PRO O 93 -49.59 -44.94 -78.75
C PRO O 93 -50.28 -46.30 -78.75
N ILE O 94 -50.72 -46.79 -79.91
CA ILE O 94 -51.41 -48.07 -79.94
C ILE O 94 -50.45 -49.20 -79.60
N ILE O 95 -49.20 -49.11 -80.09
CA ILE O 95 -48.19 -50.12 -79.74
C ILE O 95 -47.97 -50.16 -78.24
N LEU O 96 -47.80 -48.99 -77.63
CA LEU O 96 -47.56 -48.92 -76.19
C LEU O 96 -48.75 -49.46 -75.41
N ALA O 97 -49.97 -49.08 -75.79
CA ALA O 97 -51.15 -49.55 -75.07
C ALA O 97 -51.32 -51.06 -75.19
N VAL O 98 -51.14 -51.59 -76.41
CA VAL O 98 -51.30 -53.03 -76.61
C VAL O 98 -50.26 -53.79 -75.80
N GLU O 99 -49.00 -53.34 -75.86
CA GLU O 99 -47.96 -54.02 -75.09
C GLU O 99 -48.26 -53.98 -73.60
N PHE O 100 -48.65 -52.82 -73.09
CA PHE O 100 -48.93 -52.69 -71.67
C PHE O 100 -50.06 -53.63 -71.25
N ILE O 101 -51.18 -53.60 -71.96
CA ILE O 101 -52.32 -54.43 -71.56
C ILE O 101 -51.98 -55.91 -71.65
N ALA O 102 -51.38 -56.33 -72.77
CA ALA O 102 -51.11 -57.75 -72.96
C ALA O 102 -50.12 -58.26 -71.94
N ILE O 103 -48.99 -57.56 -71.76
CA ILE O 103 -47.99 -58.01 -70.82
C ILE O 103 -48.51 -57.96 -69.40
N ALA O 104 -49.32 -56.95 -69.06
CA ALA O 104 -49.89 -56.88 -67.72
C ALA O 104 -50.79 -58.07 -67.45
N PHE O 105 -51.65 -58.44 -68.40
CA PHE O 105 -52.53 -59.57 -68.19
C PHE O 105 -51.75 -60.87 -68.05
N VAL O 106 -50.81 -61.11 -68.97
CA VAL O 106 -49.97 -62.31 -68.92
C VAL O 106 -49.24 -62.39 -67.59
N GLU O 107 -48.59 -61.31 -67.19
CA GLU O 107 -47.75 -61.34 -65.98
C GLU O 107 -48.55 -61.46 -64.73
N SER O 108 -49.69 -60.81 -64.67
CA SER O 108 -50.56 -61.02 -63.52
C SER O 108 -51.07 -62.46 -63.45
N GLN O 109 -51.38 -63.06 -64.60
CA GLN O 109 -51.73 -64.48 -64.61
C GLN O 109 -50.58 -65.31 -64.07
N ARG O 110 -49.34 -64.98 -64.40
CA ARG O 110 -48.21 -65.72 -63.85
C ARG O 110 -48.14 -65.51 -62.37
N ASN O 111 -48.35 -64.28 -61.91
CA ASN O 111 -48.19 -64.00 -60.49
C ASN O 111 -49.15 -64.82 -59.62
N GLY O 112 -50.25 -65.31 -60.17
CA GLY O 112 -51.20 -66.09 -59.39
C GLY O 112 -50.79 -67.55 -59.27
N GLU O 113 -49.64 -67.81 -58.65
CA GLU O 113 -49.13 -69.17 -58.50
C GLU O 113 -48.71 -69.38 -57.05
N SER O 114 -49.05 -70.54 -56.50
CA SER O 114 -48.80 -70.86 -55.10
C SER O 114 -47.55 -71.69 -54.88
N ASP O 115 -47.36 -72.74 -55.68
CA ASP O 115 -46.23 -73.64 -55.48
C ASP O 115 -44.95 -73.01 -56.04
N PRO O 116 -43.90 -72.82 -55.22
CA PRO O 116 -42.65 -72.25 -55.76
C PRO O 116 -42.06 -73.03 -56.91
N GLU O 117 -42.14 -74.36 -56.88
CA GLU O 117 -41.65 -75.15 -58.01
C GLU O 117 -42.46 -74.85 -59.26
N LYS O 118 -43.78 -74.70 -59.13
CA LYS O 118 -44.58 -74.29 -60.27
C LYS O 118 -44.34 -72.82 -60.62
N ARG O 119 -43.91 -72.01 -59.65
CA ARG O 119 -43.51 -70.64 -59.96
C ARG O 119 -42.31 -70.63 -60.88
N LYS O 120 -41.35 -71.53 -60.63
CA LYS O 120 -40.15 -71.58 -61.47
C LYS O 120 -40.37 -72.43 -62.71
N TYR O 121 -40.99 -73.60 -62.56
CA TYR O 121 -41.17 -74.55 -63.67
C TYR O 121 -42.65 -74.92 -63.76
N PRO O 122 -43.43 -74.19 -64.57
CA PRO O 122 -44.86 -74.44 -64.64
C PRO O 122 -45.21 -75.83 -65.18
N GLY O 123 -44.73 -76.13 -66.38
CA GLY O 123 -45.08 -77.38 -67.04
C GLY O 123 -46.49 -77.34 -67.59
N GLY O 124 -46.88 -78.45 -68.20
CA GLY O 124 -48.20 -78.60 -68.77
C GLY O 124 -48.34 -77.90 -70.11
N PRO O 125 -49.17 -76.87 -70.17
CA PRO O 125 -49.38 -76.15 -71.45
C PRO O 125 -48.13 -75.49 -71.98
N PHE O 126 -47.12 -75.25 -71.14
CA PHE O 126 -45.86 -74.66 -71.58
C PHE O 126 -44.83 -75.72 -71.96
N ASP O 127 -45.20 -76.99 -71.91
CA ASP O 127 -44.33 -78.09 -72.36
C ASP O 127 -45.13 -78.96 -73.33
N PRO O 128 -45.40 -78.47 -74.54
CA PRO O 128 -46.16 -79.27 -75.51
C PRO O 128 -45.48 -80.57 -75.89
N LEU O 129 -44.15 -80.59 -75.96
CA LEU O 129 -43.43 -81.80 -76.35
C LEU O 129 -43.13 -82.72 -75.17
N GLY O 130 -43.43 -82.30 -73.95
CA GLY O 130 -43.21 -83.14 -72.79
C GLY O 130 -41.76 -83.46 -72.53
N PHE O 131 -40.87 -82.49 -72.71
CA PHE O 131 -39.46 -82.71 -72.42
C PHE O 131 -39.23 -82.98 -70.94
N SER O 132 -40.11 -82.48 -70.08
CA SER O 132 -40.00 -82.67 -68.64
C SER O 132 -40.44 -84.06 -68.18
N LYS O 133 -40.58 -85.01 -69.10
CA LYS O 133 -41.01 -86.36 -68.77
C LYS O 133 -39.96 -87.42 -69.06
N GLY O 134 -38.77 -87.02 -69.52
CA GLY O 134 -37.76 -87.98 -69.94
C GLY O 134 -36.72 -88.32 -68.89
N ALA O 135 -37.02 -88.01 -67.62
CA ALA O 135 -36.13 -88.31 -66.50
C ALA O 135 -34.76 -87.67 -66.66
N ASN O 136 -34.70 -86.55 -67.38
CA ASN O 136 -33.47 -85.79 -67.59
C ASN O 136 -33.64 -84.35 -67.10
N LEU O 137 -34.48 -84.16 -66.07
CA LEU O 137 -34.80 -82.81 -65.62
C LEU O 137 -33.59 -82.09 -65.07
N GLU O 138 -32.75 -82.79 -64.29
CA GLU O 138 -31.60 -82.12 -63.66
C GLU O 138 -30.63 -81.59 -64.72
N GLU O 139 -30.30 -82.43 -65.70
CA GLU O 139 -29.36 -82.01 -66.73
C GLU O 139 -29.96 -80.90 -67.60
N LEU O 140 -31.24 -81.02 -67.94
CA LEU O 140 -31.89 -79.98 -68.74
C LEU O 140 -31.94 -78.66 -67.99
N LYS O 141 -32.23 -78.69 -66.70
CA LYS O 141 -32.24 -77.47 -65.90
C LYS O 141 -30.85 -76.86 -65.81
N LEU O 142 -29.83 -77.70 -65.65
CA LEU O 142 -28.46 -77.18 -65.63
C LEU O 142 -28.10 -76.52 -66.95
N LYS O 143 -28.45 -77.16 -68.07
CA LYS O 143 -28.17 -76.56 -69.37
C LYS O 143 -28.92 -75.24 -69.54
N GLU O 144 -30.19 -75.20 -69.12
CA GLU O 144 -30.97 -73.98 -69.25
C GLU O 144 -30.35 -72.85 -68.43
N ILE O 145 -29.99 -73.12 -67.18
CA ILE O 145 -29.46 -72.06 -66.34
C ILE O 145 -28.09 -71.61 -66.83
N LYS O 146 -27.27 -72.54 -67.37
CA LYS O 146 -25.95 -72.15 -67.86
C LYS O 146 -26.07 -71.28 -69.10
N ASN O 147 -26.86 -71.71 -70.09
CA ASN O 147 -27.06 -70.88 -71.27
C ASN O 147 -27.70 -69.55 -70.90
N GLY O 148 -28.59 -69.54 -69.90
CA GLY O 148 -29.22 -68.30 -69.49
C GLY O 148 -28.26 -67.33 -68.84
N ARG O 149 -27.39 -67.81 -67.97
CA ARG O 149 -26.38 -66.93 -67.38
C ARG O 149 -25.43 -66.39 -68.44
N LEU O 150 -25.03 -67.24 -69.39
CA LEU O 150 -24.21 -66.77 -70.49
C LEU O 150 -24.93 -65.70 -71.30
N ALA O 151 -26.24 -65.89 -71.53
CA ALA O 151 -27.01 -64.90 -72.28
C ALA O 151 -27.14 -63.58 -71.52
N LEU O 152 -27.31 -63.66 -70.20
CA LEU O 152 -27.35 -62.43 -69.40
C LEU O 152 -26.05 -61.66 -69.51
N VAL O 153 -24.92 -62.37 -69.40
CA VAL O 153 -23.62 -61.71 -69.54
C VAL O 153 -23.47 -61.13 -70.94
N ALA O 154 -23.95 -61.87 -71.96
CA ALA O 154 -23.86 -61.39 -73.33
C ALA O 154 -24.66 -60.12 -73.54
N PHE O 155 -25.86 -60.04 -72.94
CA PHE O 155 -26.67 -58.83 -73.11
C PHE O 155 -26.07 -57.65 -72.36
N LEU O 156 -25.48 -57.90 -71.18
CA LEU O 156 -24.77 -56.83 -70.50
C LEU O 156 -23.61 -56.32 -71.36
N GLY O 157 -22.91 -57.24 -72.03
CA GLY O 157 -21.88 -56.84 -72.97
C GLY O 157 -22.43 -56.03 -74.12
N PHE O 158 -23.59 -56.43 -74.66
CA PHE O 158 -24.24 -55.66 -75.71
C PHE O 158 -24.48 -54.22 -75.25
N VAL O 159 -25.05 -54.06 -74.05
CA VAL O 159 -25.38 -52.73 -73.55
C VAL O 159 -24.12 -51.89 -73.38
N VAL O 160 -23.10 -52.48 -72.76
CA VAL O 160 -21.89 -51.71 -72.47
C VAL O 160 -21.15 -51.35 -73.76
N GLN O 161 -21.11 -52.28 -74.72
CA GLN O 161 -20.46 -51.98 -76.00
C GLN O 161 -21.26 -50.96 -76.81
N ALA O 162 -22.58 -50.91 -76.62
CA ALA O 162 -23.36 -49.84 -77.24
C ALA O 162 -23.04 -48.50 -76.59
N VAL O 163 -22.85 -48.49 -75.27
CA VAL O 163 -22.46 -47.26 -74.58
C VAL O 163 -21.10 -46.79 -75.07
N ALA O 164 -20.14 -47.70 -75.19
CA ALA O 164 -18.78 -47.32 -75.53
C ALA O 164 -18.67 -46.86 -76.98
N TYR O 165 -19.39 -47.51 -77.89
CA TYR O 165 -19.32 -47.23 -79.33
C TYR O 165 -20.73 -46.90 -79.81
N PRO O 166 -21.18 -45.65 -79.65
CA PRO O 166 -22.52 -45.28 -80.10
C PRO O 166 -22.66 -45.45 -81.61
N GLY O 167 -23.85 -45.90 -82.03
CA GLY O 167 -24.14 -46.10 -83.43
C GLY O 167 -23.66 -47.41 -84.01
N THR O 168 -23.23 -48.35 -83.18
CA THR O 168 -22.71 -49.63 -83.65
C THR O 168 -23.44 -50.76 -82.95
N GLY O 169 -23.42 -51.93 -83.58
CA GLY O 169 -24.02 -53.12 -83.01
C GLY O 169 -22.97 -54.12 -82.58
N PRO O 170 -23.42 -55.28 -82.10
CA PRO O 170 -22.48 -56.31 -81.63
C PRO O 170 -21.60 -56.89 -82.73
N LEU O 171 -22.21 -57.27 -83.85
CA LEU O 171 -21.45 -57.89 -84.93
C LEU O 171 -20.44 -56.92 -85.54
N GLU O 172 -20.78 -55.63 -85.59
CA GLU O 172 -19.83 -54.64 -86.06
C GLU O 172 -18.61 -54.57 -85.15
N ASN O 173 -18.83 -54.61 -83.83
CA ASN O 173 -17.71 -54.62 -82.89
C ASN O 173 -16.89 -55.90 -83.01
N LEU O 174 -17.55 -57.03 -83.26
CA LEU O 174 -16.82 -58.27 -83.49
C LEU O 174 -15.94 -58.17 -84.72
N LYS O 175 -16.47 -57.59 -85.81
CA LYS O 175 -15.66 -57.39 -87.01
C LYS O 175 -14.53 -56.40 -86.77
N THR O 176 -14.74 -55.42 -85.89
CA THR O 176 -13.65 -54.52 -85.52
C THR O 176 -12.55 -55.27 -84.77
N HIS O 177 -12.92 -56.14 -83.83
CA HIS O 177 -11.93 -56.97 -83.15
C HIS O 177 -11.18 -57.85 -84.14
N LEU O 178 -11.89 -58.41 -85.12
CA LEU O 178 -11.25 -59.27 -86.09
C LEU O 178 -10.41 -58.50 -87.11
N ALA O 179 -10.68 -57.20 -87.30
CA ALA O 179 -9.96 -56.43 -88.30
C ALA O 179 -8.52 -56.20 -87.89
N ASP O 180 -8.28 -55.88 -86.61
CA ASP O 180 -6.94 -55.65 -86.10
C ASP O 180 -6.98 -55.87 -84.59
N PRO O 181 -6.84 -57.12 -84.14
CA PRO O 181 -7.17 -57.44 -82.74
C PRO O 181 -6.32 -56.71 -81.71
N TRP O 182 -5.05 -56.47 -82.00
CA TRP O 182 -4.14 -55.97 -80.99
C TRP O 182 -4.20 -54.46 -80.81
N HIS O 183 -4.95 -53.74 -81.67
CA HIS O 183 -5.13 -52.30 -81.50
C HIS O 183 -6.60 -51.92 -81.49
N ASN O 184 -7.50 -52.89 -81.28
CA ASN O 184 -8.94 -52.64 -81.19
C ASN O 184 -9.48 -53.55 -80.11
N THR O 185 -9.56 -53.04 -78.88
CA THR O 185 -10.01 -53.82 -77.74
C THR O 185 -10.49 -52.86 -76.65
N ILE O 186 -10.93 -53.44 -75.53
CA ILE O 186 -11.46 -52.68 -74.42
C ILE O 186 -10.44 -51.72 -73.81
N ALA O 187 -9.16 -51.87 -74.17
CA ALA O 187 -8.15 -50.95 -73.67
C ALA O 187 -8.38 -49.53 -74.17
N HIS O 188 -8.99 -49.38 -75.35
CA HIS O 188 -9.24 -48.04 -75.89
C HIS O 188 -10.32 -47.30 -75.12
N VAL O 189 -11.10 -48.00 -74.31
CA VAL O 189 -12.12 -47.38 -73.47
C VAL O 189 -11.67 -47.30 -72.03
N LEU O 190 -11.10 -48.38 -71.50
CA LEU O 190 -10.60 -48.36 -70.12
C LEU O 190 -9.42 -47.42 -69.98
N ILE O 191 -8.57 -47.34 -71.01
CA ILE O 191 -7.37 -46.52 -70.97
C ILE O 191 -7.43 -45.56 -72.15
N PRO O 192 -7.96 -44.34 -71.98
CA PRO O 192 -8.02 -43.34 -73.04
C PRO O 192 -6.63 -42.84 -73.46
N ASN P 1 38.59 -44.00 3.23
CA ASN P 1 39.67 -43.90 2.26
C ASN P 1 40.18 -42.47 2.14
N ASP P 2 41.33 -42.20 2.74
CA ASP P 2 41.92 -40.86 2.73
C ASP P 2 42.84 -40.71 1.51
N ARG P 3 42.30 -40.13 0.46
CA ARG P 3 43.02 -39.81 -0.76
C ARG P 3 42.92 -38.31 -0.99
N PRO P 4 43.86 -37.73 -1.74
CA PRO P 4 43.79 -36.28 -1.99
C PRO P 4 42.50 -35.88 -2.67
N LEU P 5 41.95 -34.73 -2.26
CA LEU P 5 40.75 -34.17 -2.86
C LEU P 5 41.07 -32.88 -3.60
N TRP P 6 40.13 -32.47 -4.44
CA TRP P 6 40.23 -31.18 -5.11
C TRP P 6 40.14 -30.03 -4.12
N PHE P 7 39.49 -30.25 -2.99
CA PHE P 7 39.24 -29.23 -1.97
C PHE P 7 39.62 -29.81 -0.62
N PRO P 8 40.85 -29.56 -0.15
CA PRO P 8 41.29 -30.14 1.12
C PRO P 8 40.38 -29.74 2.28
N GLY P 9 40.13 -30.70 3.16
CA GLY P 9 39.26 -30.50 4.29
C GLY P 9 37.81 -30.83 4.03
N SER P 10 37.40 -30.93 2.77
CA SER P 10 36.02 -31.23 2.44
C SER P 10 35.77 -32.73 2.52
N LYS P 11 34.52 -33.12 2.29
CA LYS P 11 34.10 -34.52 2.34
C LYS P 11 33.82 -35.00 0.92
N ALA P 12 34.39 -36.15 0.58
CA ALA P 12 34.15 -36.72 -0.74
C ALA P 12 32.68 -37.17 -0.85
N PRO P 13 32.03 -36.90 -1.98
CA PRO P 13 30.64 -37.34 -2.15
C PRO P 13 30.52 -38.85 -2.09
N GLU P 14 29.35 -39.31 -1.66
CA GLU P 14 29.15 -40.73 -1.40
C GLU P 14 29.33 -41.57 -2.67
N TRP P 15 28.86 -41.07 -3.82
CA TRP P 15 28.94 -41.86 -5.04
C TRP P 15 30.37 -41.97 -5.56
N LEU P 16 31.27 -41.11 -5.11
CA LEU P 16 32.68 -41.15 -5.53
C LEU P 16 33.49 -41.72 -4.37
N ASP P 17 33.80 -43.02 -4.44
CA ASP P 17 34.55 -43.70 -3.40
C ASP P 17 36.00 -43.95 -3.77
N GLY P 18 36.47 -43.39 -4.88
CA GLY P 18 37.87 -43.49 -5.25
C GLY P 18 38.25 -44.70 -6.07
N SER P 19 37.28 -45.46 -6.57
CA SER P 19 37.61 -46.63 -7.39
C SER P 19 38.09 -46.22 -8.78
N LEU P 20 37.44 -45.23 -9.39
CA LEU P 20 37.77 -44.84 -10.75
C LEU P 20 39.09 -44.07 -10.80
N PRO P 21 39.86 -44.20 -11.87
CA PRO P 21 41.08 -43.40 -12.02
C PRO P 21 40.75 -41.92 -12.12
N GLY P 22 41.61 -41.10 -11.53
CA GLY P 22 41.39 -39.67 -11.51
C GLY P 22 40.20 -39.24 -10.68
N ASP P 23 39.99 -39.88 -9.53
CA ASP P 23 38.83 -39.62 -8.67
C ASP P 23 39.31 -38.78 -7.49
N PHE P 24 39.15 -37.46 -7.60
CA PHE P 24 39.48 -36.53 -6.53
C PHE P 24 38.25 -36.02 -5.81
N GLY P 25 37.11 -36.68 -5.99
CA GLY P 25 35.88 -36.28 -5.32
C GLY P 25 35.33 -34.95 -5.76
N PHE P 26 35.41 -34.64 -7.06
CA PHE P 26 34.93 -33.36 -7.59
C PHE P 26 33.59 -33.60 -8.28
N ASP P 27 32.52 -33.18 -7.62
CA ASP P 27 31.18 -33.23 -8.19
C ASP P 27 30.26 -32.28 -7.42
N PRO P 28 30.46 -30.97 -7.55
CA PRO P 28 29.63 -30.04 -6.77
C PRO P 28 28.15 -30.12 -7.08
N LEU P 29 27.78 -30.39 -8.33
CA LEU P 29 26.38 -30.43 -8.73
C LEU P 29 25.76 -31.81 -8.60
N GLY P 30 26.53 -32.81 -8.18
CA GLY P 30 25.98 -34.15 -7.99
C GLY P 30 25.50 -34.81 -9.25
N LEU P 31 26.16 -34.56 -10.38
CA LEU P 31 25.75 -35.17 -11.64
C LEU P 31 26.03 -36.66 -11.68
N GLY P 32 26.91 -37.16 -10.83
CA GLY P 32 27.26 -38.57 -10.82
C GLY P 32 26.50 -39.37 -9.79
N SER P 33 25.37 -38.83 -9.34
CA SER P 33 24.59 -39.49 -8.30
C SER P 33 23.99 -40.80 -8.82
N ASP P 34 23.52 -40.81 -10.06
CA ASP P 34 22.95 -42.02 -10.65
C ASP P 34 24.06 -42.93 -11.15
N PRO P 35 24.16 -44.17 -10.68
CA PRO P 35 25.29 -45.03 -11.09
C PRO P 35 25.35 -45.29 -12.60
N GLU P 36 24.21 -45.51 -13.25
CA GLU P 36 24.24 -45.79 -14.68
C GLU P 36 24.69 -44.56 -15.47
N LEU P 37 24.16 -43.39 -15.12
CA LEU P 37 24.66 -42.15 -15.69
C LEU P 37 26.13 -41.95 -15.33
N LEU P 38 26.56 -42.45 -14.18
CA LEU P 38 27.97 -42.33 -13.82
C LEU P 38 28.85 -43.12 -14.77
N LYS P 39 28.44 -44.34 -15.13
CA LYS P 39 29.20 -45.12 -16.09
C LYS P 39 29.19 -44.46 -17.47
N TRP P 40 28.02 -43.97 -17.88
CA TRP P 40 27.93 -43.24 -19.16
C TRP P 40 28.87 -42.04 -19.16
N PHE P 41 28.94 -41.31 -18.05
CA PHE P 41 29.77 -40.12 -17.99
C PHE P 41 31.25 -40.48 -17.91
N VAL P 42 31.59 -41.60 -17.30
CA VAL P 42 32.98 -42.07 -17.35
C VAL P 42 33.40 -42.31 -18.79
N GLN P 43 32.55 -43.00 -19.56
CA GLN P 43 32.87 -43.23 -20.97
C GLN P 43 32.96 -41.93 -21.74
N ALA P 44 32.03 -41.01 -21.48
CA ALA P 44 32.04 -39.73 -22.18
C ALA P 44 33.31 -38.93 -21.86
N GLU P 45 33.73 -38.93 -20.60
CA GLU P 45 34.96 -38.24 -20.23
C GLU P 45 36.16 -38.86 -20.90
N LEU P 46 36.24 -40.19 -20.95
CA LEU P 46 37.36 -40.84 -21.62
C LEU P 46 37.43 -40.42 -23.09
N VAL P 47 36.29 -40.41 -23.77
CA VAL P 47 36.28 -40.09 -25.20
C VAL P 47 36.63 -38.63 -25.42
N HIS P 48 36.02 -37.71 -24.66
CA HIS P 48 36.34 -36.30 -24.80
C HIS P 48 37.82 -36.06 -24.50
N CYS P 49 38.39 -36.76 -23.51
CA CYS P 49 39.82 -36.59 -23.19
C CYS P 49 40.71 -37.03 -24.33
N ARG P 50 40.46 -38.22 -24.89
CA ARG P 50 41.34 -38.68 -25.96
C ARG P 50 41.21 -37.81 -27.21
N TRP P 51 39.99 -37.42 -27.56
CA TRP P 51 39.83 -36.52 -28.71
C TRP P 51 40.53 -35.19 -28.46
N ALA P 52 40.44 -34.67 -27.23
CA ALA P 52 41.10 -33.40 -26.93
C ALA P 52 42.61 -33.52 -26.93
N MET P 53 43.16 -34.66 -26.50
CA MET P 53 44.60 -34.85 -26.58
C MET P 53 45.06 -34.83 -28.03
N LEU P 54 44.35 -35.57 -28.90
CA LEU P 54 44.72 -35.55 -30.31
C LEU P 54 44.60 -34.15 -30.90
N GLY P 55 43.51 -33.45 -30.59
CA GLY P 55 43.32 -32.11 -31.11
C GLY P 55 44.35 -31.13 -30.61
N ALA P 56 44.71 -31.20 -29.33
CA ALA P 56 45.70 -30.29 -28.78
C ALA P 56 47.06 -30.52 -29.41
N ALA P 57 47.46 -31.79 -29.58
CA ALA P 57 48.72 -32.06 -30.26
C ALA P 57 48.70 -31.51 -31.68
N GLY P 58 47.67 -31.85 -32.44
CA GLY P 58 47.58 -31.42 -33.82
C GLY P 58 47.40 -29.93 -34.01
N ILE P 59 46.96 -29.23 -32.98
CA ILE P 59 46.87 -27.77 -33.03
C ILE P 59 48.20 -27.14 -32.67
N PHE P 60 48.82 -27.58 -31.59
CA PHE P 60 49.95 -26.83 -31.06
C PHE P 60 51.27 -27.19 -31.74
N ILE P 61 51.54 -28.48 -31.96
CA ILE P 61 52.84 -28.86 -32.54
C ILE P 61 53.03 -28.30 -33.95
N PRO P 62 52.05 -28.42 -34.87
CA PRO P 62 52.25 -27.78 -36.19
C PRO P 62 52.48 -26.28 -36.12
N GLU P 63 51.80 -25.56 -35.22
CA GLU P 63 52.04 -24.12 -35.11
C GLU P 63 53.45 -23.83 -34.60
N ALA P 64 53.92 -24.63 -33.64
CA ALA P 64 55.28 -24.43 -33.15
C ALA P 64 56.30 -24.69 -34.26
N LEU P 65 56.10 -25.73 -35.05
CA LEU P 65 57.02 -26.02 -36.14
C LEU P 65 56.95 -24.94 -37.22
N THR P 66 55.76 -24.41 -37.50
CA THR P 66 55.63 -23.32 -38.46
C THR P 66 56.33 -22.07 -37.96
N LYS P 67 56.18 -21.75 -36.68
CA LYS P 67 56.86 -20.60 -36.11
C LYS P 67 58.37 -20.77 -36.17
N ALA P 68 58.86 -21.97 -35.88
CA ALA P 68 60.29 -22.23 -36.00
C ALA P 68 60.76 -22.30 -37.44
N GLY P 69 59.83 -22.32 -38.41
CA GLY P 69 60.19 -22.38 -39.81
C GLY P 69 60.38 -23.78 -40.37
N ILE P 70 60.23 -24.82 -39.53
CA ILE P 70 60.42 -26.18 -40.02
C ILE P 70 59.35 -26.54 -41.04
N LEU P 71 58.10 -26.21 -40.75
CA LEU P 71 56.98 -26.53 -41.62
C LEU P 71 56.39 -25.26 -42.20
N ASN P 72 55.31 -25.42 -42.98
CA ASN P 72 54.64 -24.30 -43.60
C ASN P 72 53.12 -24.45 -43.52
N THR P 73 52.64 -25.16 -42.51
CA THR P 73 51.21 -25.38 -42.36
C THR P 73 50.49 -24.07 -42.09
N PRO P 74 49.25 -23.93 -42.53
CA PRO P 74 48.47 -22.74 -42.20
C PRO P 74 47.98 -22.79 -40.76
N SER P 75 47.40 -21.68 -40.32
CA SER P 75 46.82 -21.61 -38.99
C SER P 75 45.64 -22.58 -38.89
N TRP P 76 45.47 -23.16 -37.70
CA TRP P 76 44.41 -24.15 -37.51
C TRP P 76 43.02 -23.54 -37.69
N ASN P 77 42.88 -22.22 -37.56
CA ASN P 77 41.59 -21.60 -37.78
C ASN P 77 41.18 -21.65 -39.24
N VAL P 78 42.14 -21.46 -40.16
CA VAL P 78 41.81 -21.31 -41.58
C VAL P 78 41.91 -22.63 -42.33
N ALA P 79 42.42 -23.70 -41.70
CA ALA P 79 42.64 -24.96 -42.40
C ALA P 79 41.36 -25.54 -42.99
N GLY P 80 40.19 -25.14 -42.48
CA GLY P 80 38.94 -25.59 -43.07
C GLY P 80 38.75 -25.07 -44.48
N ASP P 81 39.12 -23.81 -44.72
CA ASP P 81 39.01 -23.21 -46.05
C ASP P 81 40.34 -23.29 -46.78
N GLN P 82 40.69 -24.51 -47.16
CA GLN P 82 41.88 -24.77 -47.95
C GLN P 82 41.51 -25.65 -49.12
N GLN P 83 42.40 -25.70 -50.12
CA GLN P 83 42.15 -26.46 -51.34
C GLN P 83 42.66 -27.88 -51.15
N TYR P 84 41.75 -28.82 -50.98
CA TYR P 84 42.07 -30.23 -50.82
C TYR P 84 41.62 -30.99 -52.06
N PHE P 85 41.93 -32.29 -52.08
CA PHE P 85 41.63 -33.11 -53.25
C PHE P 85 40.13 -33.32 -53.47
N ALA P 86 39.29 -32.97 -52.51
CA ALA P 86 37.86 -33.18 -52.65
C ALA P 86 37.10 -32.08 -51.93
N ASP P 87 35.84 -31.91 -52.33
CA ASP P 87 34.94 -31.03 -51.62
C ASP P 87 34.74 -31.57 -50.20
N PRO P 88 34.78 -30.69 -49.17
CA PRO P 88 34.69 -31.14 -47.78
C PRO P 88 33.45 -32.00 -47.54
N THR P 89 32.31 -31.61 -48.09
CA THR P 89 31.10 -32.38 -47.82
C THR P 89 31.32 -33.85 -48.14
N THR P 90 32.04 -34.15 -49.23
CA THR P 90 32.38 -35.54 -49.53
C THR P 90 33.23 -36.14 -48.43
N LEU P 91 34.25 -35.41 -47.97
CA LEU P 91 35.09 -35.90 -46.89
C LEU P 91 34.28 -36.08 -45.61
N PHE P 92 33.33 -35.18 -45.36
CA PHE P 92 32.46 -35.32 -44.19
C PHE P 92 31.61 -36.58 -44.28
N VAL P 93 31.09 -36.88 -45.47
CA VAL P 93 30.26 -38.08 -45.61
C VAL P 93 31.11 -39.34 -45.44
N ILE P 94 32.32 -39.35 -45.97
CA ILE P 94 33.22 -40.48 -45.75
C ILE P 94 33.52 -40.63 -44.26
N GLU P 95 33.77 -39.51 -43.58
CA GLU P 95 34.02 -39.52 -42.15
C GLU P 95 32.83 -40.11 -41.39
N LEU P 96 31.62 -39.68 -41.74
CA LEU P 96 30.43 -40.20 -41.09
C LEU P 96 30.27 -41.70 -41.33
N ILE P 97 30.57 -42.15 -42.55
CA ILE P 97 30.42 -43.58 -42.84
C ILE P 97 31.39 -44.40 -42.00
N LEU P 98 32.65 -43.95 -41.87
CA LEU P 98 33.62 -44.74 -41.13
C LEU P 98 33.34 -44.70 -39.62
N PHE P 99 33.06 -43.51 -39.07
CA PHE P 99 32.69 -43.46 -37.66
C PHE P 99 31.36 -44.13 -37.37
N ALA P 100 30.49 -44.31 -38.36
CA ALA P 100 29.30 -45.12 -38.12
C ALA P 100 29.70 -46.50 -37.63
N TRP P 101 30.61 -47.16 -38.34
CA TRP P 101 31.06 -48.49 -37.94
C TRP P 101 31.82 -48.44 -36.61
N ALA P 102 32.78 -47.51 -36.49
CA ALA P 102 33.61 -47.50 -35.29
C ALA P 102 32.79 -47.18 -34.04
N GLU P 103 32.03 -46.08 -34.08
CA GLU P 103 31.13 -45.72 -33.00
C GLU P 103 30.08 -46.78 -32.74
N GLY P 104 29.61 -47.49 -33.76
CA GLY P 104 28.63 -48.54 -33.53
C GLY P 104 29.22 -49.69 -32.74
N ARG P 105 30.43 -50.11 -33.08
CA ARG P 105 31.08 -51.15 -32.29
C ARG P 105 31.31 -50.69 -30.86
N ARG P 106 31.78 -49.45 -30.69
CA ARG P 106 32.01 -48.92 -29.34
C ARG P 106 30.71 -48.84 -28.55
N TRP P 107 29.64 -48.40 -29.21
CA TRP P 107 28.34 -48.30 -28.56
C TRP P 107 27.81 -49.66 -28.14
N ALA P 108 27.96 -50.66 -29.02
CA ALA P 108 27.52 -52.01 -28.68
C ALA P 108 28.30 -52.56 -27.49
N ASP P 109 29.59 -52.24 -27.41
CA ASP P 109 30.37 -52.70 -26.27
C ASP P 109 29.98 -51.97 -24.99
N ILE P 110 29.65 -50.68 -25.09
CA ILE P 110 29.21 -49.95 -23.91
C ILE P 110 27.88 -50.50 -23.40
N VAL P 111 26.94 -50.73 -24.31
CA VAL P 111 25.60 -51.18 -23.90
C VAL P 111 25.66 -52.61 -23.38
N ASN P 112 26.34 -53.49 -24.09
CA ASN P 112 26.44 -54.91 -23.74
C ASN P 112 27.90 -55.30 -23.75
N PRO P 113 28.59 -55.20 -22.62
CA PRO P 113 30.03 -55.47 -22.60
C PRO P 113 30.37 -56.88 -23.05
N GLY P 114 31.46 -57.01 -23.80
CA GLY P 114 31.93 -58.29 -24.24
C GLY P 114 31.16 -58.92 -25.38
N CYS P 115 30.57 -58.11 -26.26
CA CYS P 115 29.75 -58.61 -27.35
C CYS P 115 30.30 -58.35 -28.73
N VAL P 116 31.32 -57.49 -28.87
CA VAL P 116 31.90 -57.19 -30.18
C VAL P 116 33.40 -57.39 -30.14
N ASN P 117 33.88 -58.30 -29.29
CA ASN P 117 35.30 -58.50 -29.10
C ASN P 117 35.97 -59.30 -30.22
N VAL P 118 35.20 -59.92 -31.11
CA VAL P 118 35.74 -60.81 -32.13
C VAL P 118 35.61 -60.17 -33.50
N ASP P 119 36.65 -60.31 -34.31
CA ASP P 119 36.66 -59.80 -35.66
C ASP P 119 35.56 -60.47 -36.48
N PRO P 120 34.64 -59.72 -37.08
CA PRO P 120 33.53 -60.36 -37.80
C PRO P 120 33.94 -61.08 -39.07
N VAL P 121 35.08 -60.77 -39.66
CA VAL P 121 35.51 -61.42 -40.90
C VAL P 121 36.29 -62.67 -40.57
N PHE P 122 37.42 -62.51 -39.86
CA PHE P 122 38.22 -63.64 -39.42
C PHE P 122 38.01 -63.83 -37.93
N PRO P 123 37.34 -64.89 -37.50
CA PRO P 123 36.92 -64.98 -36.10
C PRO P 123 38.03 -65.36 -35.13
N ASN P 124 39.29 -65.28 -35.56
CA ASN P 124 40.43 -65.64 -34.73
C ASN P 124 41.33 -64.44 -34.44
N ASN P 125 40.69 -63.28 -34.22
CA ASN P 125 41.45 -62.07 -33.84
C ASN P 125 41.18 -61.88 -32.35
N LYS P 126 39.97 -61.47 -31.96
CA LYS P 126 39.59 -61.49 -30.55
C LYS P 126 40.33 -60.50 -29.67
N LEU P 127 40.03 -59.20 -29.80
CA LEU P 127 40.51 -58.19 -28.87
C LEU P 127 40.46 -58.70 -27.43
N THR P 128 41.53 -58.42 -26.68
CA THR P 128 41.75 -59.02 -25.36
C THR P 128 41.66 -57.99 -24.23
N GLY P 129 40.68 -57.10 -24.30
CA GLY P 129 40.42 -56.15 -23.22
C GLY P 129 39.23 -56.60 -22.39
N THR P 130 39.30 -56.36 -21.09
CA THR P 130 38.27 -56.80 -20.17
C THR P 130 37.45 -55.67 -19.56
N ASP P 131 37.78 -54.42 -19.86
CA ASP P 131 37.08 -53.28 -19.29
C ASP P 131 36.55 -52.38 -20.40
N VAL P 132 35.37 -51.81 -20.15
CA VAL P 132 34.76 -50.90 -21.12
C VAL P 132 35.56 -49.60 -21.16
N GLY P 133 35.96 -49.21 -22.36
CA GLY P 133 36.81 -48.05 -22.56
C GLY P 133 38.26 -48.38 -22.80
N TYR P 134 38.66 -49.64 -22.60
CA TYR P 134 40.05 -50.07 -22.76
C TYR P 134 40.04 -51.31 -23.65
N PRO P 135 39.92 -51.13 -24.96
CA PRO P 135 39.73 -52.28 -25.85
C PRO P 135 40.86 -53.29 -25.81
N GLY P 136 42.10 -52.85 -25.64
CA GLY P 136 43.21 -53.79 -25.63
C GLY P 136 43.40 -54.44 -26.99
N GLY P 137 43.84 -55.69 -26.96
CA GLY P 137 44.06 -56.39 -28.21
C GLY P 137 45.34 -55.93 -28.88
N LEU P 138 45.45 -56.27 -30.17
CA LEU P 138 46.62 -55.87 -30.93
C LEU P 138 46.43 -54.53 -31.63
N TRP P 139 45.23 -54.25 -32.14
CA TRP P 139 45.05 -53.04 -32.93
C TRP P 139 45.18 -51.80 -32.06
N PHE P 140 44.60 -51.84 -30.86
CA PHE P 140 44.60 -50.70 -29.95
C PHE P 140 45.61 -50.85 -28.82
N ASP P 141 46.43 -51.89 -28.85
CA ASP P 141 47.43 -52.09 -27.81
C ASP P 141 48.57 -52.96 -28.32
N PRO P 142 49.30 -52.53 -29.35
CA PRO P 142 50.31 -53.41 -29.94
C PRO P 142 51.44 -53.78 -29.00
N LEU P 143 51.82 -52.89 -28.08
CA LEU P 143 53.02 -53.08 -27.30
C LEU P 143 52.80 -53.84 -25.99
N GLY P 144 51.56 -54.20 -25.66
CA GLY P 144 51.27 -54.99 -24.50
C GLY P 144 51.13 -54.22 -23.20
N TRP P 145 51.48 -52.94 -23.19
CA TRP P 145 51.28 -52.14 -21.99
C TRP P 145 49.79 -51.95 -21.73
N GLY P 146 49.43 -51.93 -20.45
CA GLY P 146 48.03 -51.86 -20.06
C GLY P 146 47.35 -53.19 -19.92
N GLN P 147 48.01 -54.27 -20.32
CA GLN P 147 47.51 -55.62 -20.08
C GLN P 147 48.22 -56.29 -18.90
N THR P 148 49.00 -55.53 -18.13
CA THR P 148 49.72 -56.09 -17.01
C THR P 148 48.76 -56.48 -15.89
N LYS P 149 49.28 -57.26 -14.94
CA LYS P 149 48.47 -57.82 -13.87
C LYS P 149 48.74 -57.18 -12.52
N ASP P 150 49.60 -56.17 -12.46
CA ASP P 150 49.96 -55.55 -11.19
C ASP P 150 48.81 -54.69 -10.67
N ALA P 151 48.45 -54.90 -9.41
CA ALA P 151 47.42 -54.08 -8.79
C ALA P 151 47.88 -52.64 -8.69
N LYS P 152 46.94 -51.72 -8.85
CA LYS P 152 47.11 -50.26 -8.73
C LYS P 152 48.24 -49.73 -9.61
N LYS P 153 48.78 -50.56 -10.51
CA LYS P 153 49.66 -50.08 -11.57
C LYS P 153 48.87 -49.73 -12.83
N LEU P 154 47.74 -50.39 -13.05
CA LEU P 154 46.84 -49.98 -14.13
C LEU P 154 46.16 -48.66 -13.77
N LYS P 155 45.73 -48.53 -12.51
CA LYS P 155 45.13 -47.29 -12.07
C LYS P 155 46.09 -46.12 -12.24
N GLU P 156 47.38 -46.38 -12.08
CA GLU P 156 48.40 -45.33 -12.23
C GLU P 156 48.43 -44.80 -13.67
N LEU P 157 48.53 -45.70 -14.64
CA LEU P 157 48.57 -45.30 -16.05
C LEU P 157 47.25 -44.67 -16.49
N ARG P 158 46.13 -45.21 -16.01
CA ARG P 158 44.84 -44.65 -16.36
C ARG P 158 44.68 -43.25 -15.80
N THR P 159 45.16 -43.01 -14.57
CA THR P 159 45.18 -41.66 -14.04
C THR P 159 46.10 -40.77 -14.84
N LYS P 160 47.22 -41.31 -15.32
CA LYS P 160 48.11 -40.52 -16.16
C LYS P 160 47.40 -39.98 -17.40
N GLU P 161 46.70 -40.88 -18.10
CA GLU P 161 45.93 -40.52 -19.31
C GLU P 161 44.83 -39.54 -18.93
N ILE P 162 44.15 -39.80 -17.83
CA ILE P 162 43.04 -38.96 -17.40
C ILE P 162 43.53 -37.53 -17.18
N LYS P 163 44.68 -37.38 -16.55
CA LYS P 163 45.16 -36.07 -16.23
C LYS P 163 45.78 -35.34 -17.40
N ASN P 164 46.60 -35.99 -18.22
CA ASN P 164 47.07 -35.32 -19.43
C ASN P 164 45.91 -34.97 -20.36
N GLY P 165 44.83 -35.76 -20.35
CA GLY P 165 43.70 -35.48 -21.21
C GLY P 165 42.82 -34.34 -20.72
N ARG P 166 42.62 -34.25 -19.41
CA ARG P 166 41.90 -33.10 -18.88
C ARG P 166 42.66 -31.81 -19.16
N LEU P 167 43.98 -31.84 -18.99
CA LEU P 167 44.79 -30.69 -19.36
C LEU P 167 44.63 -30.38 -20.84
N ALA P 168 44.57 -31.41 -21.69
CA ALA P 168 44.38 -31.18 -23.12
C ALA P 168 43.03 -30.52 -23.41
N MET P 169 41.97 -30.95 -22.72
CA MET P 169 40.67 -30.33 -22.95
C MET P 169 40.69 -28.85 -22.58
N LEU P 170 41.27 -28.54 -21.42
CA LEU P 170 41.38 -27.13 -21.03
C LEU P 170 42.21 -26.35 -22.03
N ALA P 171 43.29 -26.94 -22.53
CA ALA P 171 44.14 -26.26 -23.50
C ALA P 171 43.41 -26.00 -24.81
N VAL P 172 42.61 -26.96 -25.27
CA VAL P 172 41.90 -26.77 -26.53
C VAL P 172 40.84 -25.70 -26.39
N LEU P 173 40.09 -25.70 -25.29
CA LEU P 173 39.13 -24.63 -25.05
C LEU P 173 39.83 -23.28 -25.00
N GLY P 174 41.01 -23.25 -24.36
CA GLY P 174 41.77 -22.01 -24.33
C GLY P 174 42.20 -21.55 -25.70
N ALA P 175 42.69 -22.47 -26.53
CA ALA P 175 43.10 -22.09 -27.88
C ALA P 175 41.94 -21.51 -28.66
N VAL P 176 40.76 -22.13 -28.56
CA VAL P 176 39.59 -21.63 -29.28
C VAL P 176 39.22 -20.23 -28.81
N VAL P 177 39.14 -20.04 -27.48
CA VAL P 177 38.72 -18.75 -26.94
C VAL P 177 39.75 -17.67 -27.26
N GLN P 178 41.04 -18.01 -27.17
CA GLN P 178 42.09 -17.04 -27.47
C GLN P 178 42.06 -16.64 -28.94
N ALA P 179 41.87 -17.61 -29.84
CA ALA P 179 41.77 -17.27 -31.25
C ALA P 179 40.57 -16.36 -31.51
N ASN P 180 39.46 -16.61 -30.83
CA ASN P 180 38.28 -15.76 -31.03
C ASN P 180 38.50 -14.36 -30.47
N TYR P 181 39.16 -14.24 -29.32
CA TYR P 181 39.28 -12.96 -28.63
C TYR P 181 40.44 -12.12 -29.15
N THR P 182 41.63 -12.69 -29.24
CA THR P 182 42.77 -12.03 -29.87
C THR P 182 43.06 -12.73 -31.19
N HIS P 183 42.98 -11.97 -32.28
CA HIS P 183 43.01 -12.55 -33.63
C HIS P 183 44.46 -12.86 -34.02
N THR P 184 45.02 -13.87 -33.36
CA THR P 184 46.39 -14.29 -33.61
C THR P 184 46.53 -15.73 -33.15
N GLY P 185 47.61 -16.37 -33.57
CA GLY P 185 47.86 -17.75 -33.24
C GLY P 185 48.27 -17.94 -31.79
N PRO P 186 48.09 -19.16 -31.26
CA PRO P 186 48.42 -19.41 -29.86
C PRO P 186 49.89 -19.19 -29.50
N ILE P 187 50.80 -19.51 -30.42
CA ILE P 187 52.22 -19.35 -30.13
C ILE P 187 52.58 -17.87 -30.01
N ASP P 188 51.97 -17.03 -30.86
CA ASP P 188 52.17 -15.59 -30.71
C ASP P 188 51.64 -15.10 -29.37
N ASN P 189 50.53 -15.67 -28.91
CA ASN P 189 50.02 -15.31 -27.59
C ASN P 189 51.00 -15.68 -26.50
N LEU P 190 51.58 -16.88 -26.58
CA LEU P 190 52.57 -17.28 -25.59
C LEU P 190 53.79 -16.37 -25.62
N LEU P 191 54.26 -16.02 -26.82
CA LEU P 191 55.42 -15.14 -26.92
C LEU P 191 55.10 -13.74 -26.43
N ALA P 192 53.86 -13.30 -26.57
CA ALA P 192 53.46 -12.01 -26.02
C ALA P 192 53.45 -12.04 -24.50
N HIS P 193 52.91 -13.10 -23.90
CA HIS P 193 52.97 -13.23 -22.44
C HIS P 193 54.41 -13.27 -21.96
N LEU P 194 55.28 -13.96 -22.70
CA LEU P 194 56.67 -14.09 -22.25
C LEU P 194 57.45 -12.79 -22.47
N ALA P 195 57.08 -12.00 -23.47
CA ALA P 195 57.80 -10.75 -23.73
C ALA P 195 57.60 -9.75 -22.60
N ASP P 196 56.35 -9.51 -22.21
CA ASP P 196 56.01 -8.59 -21.13
C ASP P 196 54.90 -9.19 -20.31
N PRO P 197 55.23 -10.02 -19.32
CA PRO P 197 54.20 -10.68 -18.51
C PRO P 197 53.29 -9.70 -17.78
N GLY P 198 53.81 -8.55 -17.35
CA GLY P 198 53.01 -7.64 -16.56
C GLY P 198 51.88 -6.99 -17.34
N HIS P 199 52.12 -6.64 -18.59
CA HIS P 199 51.15 -5.88 -19.38
C HIS P 199 50.50 -6.66 -20.51
N ASN P 200 51.16 -7.70 -21.03
CA ASN P 200 50.62 -8.48 -22.13
C ASN P 200 49.79 -9.62 -21.55
N THR P 201 48.49 -9.42 -21.50
CA THR P 201 47.58 -10.38 -20.89
C THR P 201 46.18 -10.17 -21.49
N ILE P 202 45.18 -10.77 -20.86
CA ILE P 202 43.81 -10.61 -21.34
C ILE P 202 43.35 -9.16 -21.20
N PHE P 203 43.84 -8.46 -20.17
CA PHE P 203 43.46 -7.07 -19.96
C PHE P 203 44.12 -6.12 -20.95
N ALA P 204 45.10 -6.59 -21.73
CA ALA P 204 45.78 -5.71 -22.68
C ALA P 204 44.82 -5.24 -23.78
N LEU P 205 43.95 -6.13 -24.25
CA LEU P 205 43.07 -5.77 -25.35
C LEU P 205 41.97 -4.81 -24.90
N SER P 206 41.37 -5.07 -23.75
CA SER P 206 40.23 -4.29 -23.29
C SER P 206 40.65 -2.87 -22.91
N ASN P 207 39.67 -1.98 -22.83
CA ASN P 207 39.86 -0.60 -22.40
C ASN P 207 39.11 -0.44 -21.08
N LEU P 208 39.85 -0.18 -20.01
CA LEU P 208 39.28 -0.13 -18.67
C LEU P 208 39.63 1.21 -18.01
N VAL P 209 38.87 1.54 -16.97
CA VAL P 209 39.07 2.81 -16.28
C VAL P 209 40.43 2.86 -15.61
N GLY P 210 40.85 1.76 -14.98
CA GLY P 210 42.07 1.77 -14.19
C GLY P 210 43.31 2.02 -15.03
N LYS P 211 43.44 1.32 -16.15
CA LYS P 211 44.64 1.40 -16.96
C LYS P 211 44.40 2.13 -18.28
N PHE Q 1 32.47 -4.01 32.71
CA PHE Q 1 33.34 -3.15 33.50
C PHE Q 1 33.40 -1.74 32.92
N ALA Q 2 32.67 -1.52 31.83
CA ALA Q 2 32.62 -0.22 31.18
C ALA Q 2 31.44 -0.22 30.21
N SER Q 3 31.23 0.93 29.58
CA SER Q 3 30.26 1.10 28.49
C SER Q 3 28.86 0.78 29.02
N LYS Q 4 28.13 -0.15 28.41
CA LYS Q 4 26.71 -0.35 28.67
C LYS Q 4 26.48 -1.58 29.55
N GLN Q 5 25.21 -1.98 29.66
CA GLN Q 5 24.77 -3.05 30.54
C GLN Q 5 25.60 -4.31 30.34
N SER Q 6 25.67 -5.13 31.39
CA SER Q 6 26.22 -6.48 31.29
C SER Q 6 25.14 -7.41 30.76
N LEU Q 7 25.24 -7.76 29.47
CA LEU Q 7 24.15 -8.40 28.74
C LEU Q 7 23.86 -9.82 29.18
N SER Q 8 24.49 -10.34 30.23
CA SER Q 8 24.21 -11.67 30.79
C SER Q 8 24.73 -12.79 29.90
N TYR Q 9 25.23 -12.45 28.71
CA TYR Q 9 25.99 -13.39 27.90
C TYR Q 9 27.42 -12.93 27.66
N LEU Q 10 27.73 -11.66 27.86
CA LEU Q 10 29.11 -11.17 27.86
C LEU Q 10 29.65 -11.21 29.28
N ASP Q 11 29.93 -12.42 29.74
CA ASP Q 11 30.39 -12.62 31.11
C ASP Q 11 31.76 -11.98 31.34
N GLY Q 12 32.66 -12.09 30.37
CA GLY Q 12 33.96 -11.46 30.48
C GLY Q 12 35.11 -12.35 30.08
N THR Q 13 34.82 -13.58 29.66
CA THR Q 13 35.88 -14.50 29.28
C THR Q 13 36.57 -14.08 27.98
N LEU Q 14 35.86 -13.38 27.09
CA LEU Q 14 36.46 -12.96 25.84
C LEU Q 14 37.48 -11.85 26.10
N PRO Q 15 38.60 -11.83 25.37
CA PRO Q 15 39.55 -10.72 25.51
C PRO Q 15 38.95 -9.44 24.95
N GLY Q 16 39.05 -8.36 25.73
CA GLY Q 16 38.43 -7.11 25.35
C GLY Q 16 36.96 -7.01 25.66
N ASP Q 17 36.42 -7.90 26.48
CA ASP Q 17 35.00 -7.88 26.82
C ASP Q 17 34.73 -6.78 27.84
N TYR Q 18 33.89 -5.83 27.47
CA TYR Q 18 33.41 -4.80 28.39
C TYR Q 18 31.90 -4.67 28.37
N GLY Q 19 31.19 -5.67 27.86
CA GLY Q 19 29.73 -5.66 27.88
C GLY Q 19 29.12 -4.54 27.06
N PHE Q 20 29.73 -4.20 25.93
CA PHE Q 20 29.22 -3.17 25.04
C PHE Q 20 28.48 -3.86 23.90
N ASP Q 21 27.16 -3.84 23.94
CA ASP Q 21 26.32 -4.43 22.92
C ASP Q 21 24.93 -3.82 22.97
N PRO Q 22 24.78 -2.54 22.60
CA PRO Q 22 23.46 -1.92 22.68
C PRO Q 22 22.41 -2.58 21.79
N LEU Q 23 22.80 -3.07 20.62
CA LEU Q 23 21.86 -3.68 19.69
C LEU Q 23 21.64 -5.17 19.94
N GLY Q 24 22.36 -5.76 20.89
CA GLY Q 24 22.18 -7.17 21.19
C GLY Q 24 22.48 -8.08 20.03
N LEU Q 25 23.51 -7.77 19.24
CA LEU Q 25 23.83 -8.56 18.08
C LEU Q 25 24.40 -9.93 18.44
N MET Q 26 24.94 -10.10 19.64
CA MET Q 26 25.61 -11.32 20.02
C MET Q 26 24.80 -12.13 21.03
N ASP Q 27 23.49 -11.93 21.06
CA ASP Q 27 22.60 -12.69 21.92
C ASP Q 27 22.46 -14.11 21.38
N PRO Q 28 22.76 -15.15 22.16
CA PRO Q 28 22.78 -16.51 21.60
C PRO Q 28 21.43 -17.20 21.53
N GLU Q 29 20.32 -16.46 21.65
CA GLU Q 29 19.01 -17.10 21.60
C GLU Q 29 18.67 -17.53 20.18
N GLY Q 30 18.62 -16.58 19.25
CA GLY Q 30 18.56 -16.92 17.84
C GLY Q 30 19.86 -16.54 17.17
N ALA Q 31 20.69 -17.51 16.84
CA ALA Q 31 22.08 -17.26 16.50
C ALA Q 31 22.53 -18.05 15.28
N GLY Q 32 21.72 -18.03 14.22
CA GLY Q 32 22.09 -18.66 12.97
C GLY Q 32 22.83 -17.71 12.05
N GLY Q 33 23.28 -18.26 10.92
CA GLY Q 33 23.92 -17.44 9.91
C GLY Q 33 25.28 -16.92 10.35
N PHE Q 34 25.59 -15.70 9.92
CA PHE Q 34 26.85 -15.05 10.26
C PHE Q 34 26.77 -14.27 11.56
N ILE Q 35 25.64 -14.30 12.25
CA ILE Q 35 25.49 -13.65 13.55
C ILE Q 35 25.69 -14.66 14.68
N ASP Q 36 26.37 -15.76 14.40
CA ASP Q 36 26.69 -16.75 15.41
C ASP Q 36 27.68 -16.16 16.42
N PRO Q 37 27.53 -16.47 17.71
CA PRO Q 37 28.48 -15.93 18.70
C PRO Q 37 29.90 -16.46 18.55
N GLN Q 38 30.10 -17.52 17.77
CA GLN Q 38 31.45 -18.00 17.51
C GLN Q 38 32.09 -17.39 16.28
N TRP Q 39 31.35 -16.57 15.53
CA TRP Q 39 31.87 -15.94 14.32
C TRP Q 39 32.21 -14.47 14.52
N LEU Q 40 31.44 -13.77 15.34
CA LEU Q 40 31.64 -12.33 15.51
C LEU Q 40 32.99 -11.98 16.13
N PRO Q 41 33.47 -12.63 17.20
CA PRO Q 41 34.82 -12.30 17.70
C PRO Q 41 35.91 -12.54 16.67
N TYR Q 42 35.81 -13.64 15.92
CA TYR Q 42 36.79 -13.91 14.87
C TYR Q 42 36.76 -12.83 13.80
N ALA Q 43 35.57 -12.42 13.38
CA ALA Q 43 35.45 -11.38 12.36
C ALA Q 43 35.98 -10.04 12.86
N GLU Q 44 35.71 -9.72 14.14
CA GLU Q 44 36.27 -8.51 14.71
C GLU Q 44 37.78 -8.55 14.69
N ILE Q 45 38.37 -9.68 15.07
CA ILE Q 45 39.82 -9.81 15.07
C ILE Q 45 40.38 -9.70 13.65
N ILE Q 46 39.64 -10.17 12.65
CA ILE Q 46 40.18 -10.17 11.30
C ILE Q 46 40.11 -8.79 10.66
N ASN Q 47 38.93 -8.14 10.65
CA ASN Q 47 38.93 -6.75 10.22
C ASN Q 47 39.88 -5.90 11.07
N GLY Q 48 40.12 -6.27 12.33
CA GLY Q 48 41.05 -5.50 13.15
C GLY Q 48 42.50 -5.62 12.73
N ARG Q 49 42.95 -6.85 12.47
CA ARG Q 49 44.32 -7.05 12.01
C ARG Q 49 44.54 -6.42 10.64
N PHE Q 50 43.58 -6.61 9.73
CA PHE Q 50 43.68 -5.96 8.43
C PHE Q 50 43.66 -4.44 8.57
N ALA Q 51 42.93 -3.91 9.54
CA ALA Q 51 42.91 -2.47 9.74
C ALA Q 51 44.23 -1.97 10.31
N MET Q 52 44.85 -2.75 11.19
CA MET Q 52 46.17 -2.37 11.70
C MET Q 52 47.16 -2.29 10.54
N LEU Q 53 47.17 -3.30 9.69
CA LEU Q 53 48.03 -3.28 8.51
C LEU Q 53 47.71 -2.08 7.63
N GLY Q 54 46.43 -1.82 7.39
CA GLY Q 54 46.03 -0.75 6.50
C GLY Q 54 46.40 0.63 7.02
N ALA Q 55 46.18 0.87 8.32
CA ALA Q 55 46.54 2.16 8.89
C ALA Q 55 48.04 2.38 8.85
N ALA Q 56 48.81 1.38 9.28
CA ALA Q 56 50.26 1.52 9.23
C ALA Q 56 50.75 1.76 7.81
N GLY Q 57 50.21 1.03 6.83
CA GLY Q 57 50.68 1.15 5.47
C GLY Q 57 50.16 2.37 4.72
N ALA Q 58 49.04 2.94 5.17
CA ALA Q 58 48.55 4.17 4.57
C ALA Q 58 49.21 5.40 5.15
N ILE Q 59 49.75 5.32 6.37
CA ILE Q 59 50.48 6.45 6.92
C ILE Q 59 51.99 6.35 6.70
N ALA Q 60 52.54 5.15 6.45
CA ALA Q 60 53.99 5.00 6.37
C ALA Q 60 54.63 5.76 5.21
N PRO Q 61 54.18 5.60 3.95
CA PRO Q 61 54.96 6.20 2.84
C PRO Q 61 55.10 7.71 2.93
N GLU Q 62 54.06 8.41 3.40
CA GLU Q 62 54.14 9.86 3.47
C GLU Q 62 55.12 10.31 4.54
N VAL Q 63 55.12 9.64 5.70
CA VAL Q 63 56.08 9.96 6.75
C VAL Q 63 57.50 9.66 6.29
N LEU Q 64 57.70 8.51 5.62
CA LEU Q 64 59.03 8.18 5.12
C LEU Q 64 59.49 9.18 4.08
N GLY Q 65 58.58 9.65 3.23
CA GLY Q 65 58.95 10.67 2.26
C GLY Q 65 59.30 11.99 2.92
N ARG Q 66 58.58 12.36 3.99
CA ARG Q 66 58.92 13.59 4.70
C ARG Q 66 60.28 13.48 5.37
N ILE Q 67 60.60 12.33 5.95
CA ILE Q 67 61.92 12.15 6.54
C ILE Q 67 62.98 12.06 5.44
N GLY Q 68 62.68 11.35 4.37
CA GLY Q 68 63.59 11.25 3.23
C GLY Q 68 64.13 9.86 2.94
N LEU Q 69 63.62 8.82 3.60
CA LEU Q 69 64.13 7.46 3.34
C LEU Q 69 63.82 7.00 1.93
N ILE Q 70 62.63 7.30 1.43
CA ILE Q 70 62.19 6.78 0.14
C ILE Q 70 62.14 7.91 -0.87
N PRO Q 71 62.29 7.63 -2.17
CA PRO Q 71 62.20 8.69 -3.17
C PRO Q 71 60.85 9.39 -3.12
N GLN Q 72 60.87 10.69 -3.39
CA GLN Q 72 59.64 11.47 -3.32
C GLN Q 72 58.64 11.09 -4.42
N GLU Q 73 59.09 10.31 -5.41
CA GLU Q 73 58.15 9.79 -6.41
C GLU Q 73 57.22 8.74 -5.81
N THR Q 74 57.59 8.14 -4.68
CA THR Q 74 56.77 7.13 -4.02
C THR Q 74 56.16 7.63 -2.71
N ALA Q 75 56.32 8.91 -2.39
CA ALA Q 75 55.77 9.49 -1.17
C ALA Q 75 54.35 10.01 -1.35
N ILE Q 76 53.62 9.48 -2.33
CA ILE Q 76 52.27 9.91 -2.67
C ILE Q 76 51.31 9.47 -1.57
N PRO Q 77 50.18 10.16 -1.38
CA PRO Q 77 49.19 9.72 -0.40
C PRO Q 77 48.62 8.36 -0.77
N TRP Q 78 47.82 7.81 0.15
CA TRP Q 78 47.36 6.43 -0.01
C TRP Q 78 46.35 6.29 -1.14
N PHE Q 79 45.54 7.33 -1.38
CA PHE Q 79 44.54 7.27 -2.44
C PHE Q 79 45.09 7.68 -3.80
N GLN Q 80 46.36 8.07 -3.88
CA GLN Q 80 46.99 8.42 -5.14
C GLN Q 80 47.95 7.34 -5.62
N SER Q 81 47.76 6.10 -5.18
CA SER Q 81 48.65 5.00 -5.54
C SER Q 81 48.04 4.03 -6.53
N GLY Q 82 46.74 4.09 -6.77
CA GLY Q 82 46.12 3.20 -7.74
C GLY Q 82 44.79 2.60 -7.32
N VAL Q 83 44.45 2.73 -6.03
CA VAL Q 83 43.14 2.27 -5.57
C VAL Q 83 42.03 2.99 -6.31
N ILE Q 84 42.19 4.30 -6.52
CA ILE Q 84 41.20 5.12 -7.21
C ILE Q 84 41.92 5.82 -8.37
N PRO Q 85 41.94 5.23 -9.54
CA PRO Q 85 42.62 5.84 -10.69
C PRO Q 85 42.07 7.22 -11.04
N PRO Q 86 40.76 7.47 -10.92
CA PRO Q 86 40.28 8.83 -11.20
C PRO Q 86 40.91 9.89 -10.31
N VAL Q 87 41.32 9.54 -9.10
CA VAL Q 87 41.93 10.52 -8.21
C VAL Q 87 43.44 10.63 -8.48
N GLY Q 88 44.10 9.50 -8.63
CA GLY Q 88 45.52 9.48 -8.94
C GLY Q 88 45.96 8.08 -9.29
N ASN Q 89 47.05 8.01 -10.04
CA ASN Q 89 47.50 6.72 -10.56
C ASN Q 89 49.02 6.67 -10.57
N TYR Q 90 49.54 5.46 -10.34
CA TYR Q 90 50.97 5.19 -10.38
C TYR Q 90 51.22 3.99 -11.28
N SER Q 91 52.35 4.01 -11.98
CA SER Q 91 52.68 2.97 -12.96
C SER Q 91 53.65 1.98 -12.33
N TYR Q 92 53.19 0.75 -12.13
CA TYR Q 92 54.00 -0.32 -11.62
C TYR Q 92 54.44 -1.23 -12.77
N TRP Q 93 55.06 -2.35 -12.44
CA TRP Q 93 55.51 -3.29 -13.46
C TRP Q 93 54.36 -4.02 -14.15
N ALA Q 94 53.15 -3.93 -13.61
CA ALA Q 94 51.98 -4.54 -14.22
C ALA Q 94 50.81 -3.57 -14.09
N ASP Q 95 49.85 -3.68 -15.01
CA ASP Q 95 48.65 -2.88 -14.89
C ASP Q 95 47.84 -3.37 -13.69
N PRO Q 96 47.04 -2.49 -13.07
CA PRO Q 96 46.43 -2.84 -11.79
C PRO Q 96 45.50 -4.04 -11.84
N TYR Q 97 44.98 -4.39 -13.02
CA TYR Q 97 44.05 -5.52 -13.09
C TYR Q 97 44.78 -6.87 -13.09
N THR Q 98 45.94 -6.95 -13.74
CA THR Q 98 46.78 -8.13 -13.60
C THR Q 98 47.25 -8.30 -12.17
N LEU Q 99 47.61 -7.18 -11.53
CA LEU Q 99 47.96 -7.22 -10.12
C LEU Q 99 46.80 -7.71 -9.28
N PHE Q 100 45.59 -7.27 -9.60
CA PHE Q 100 44.41 -7.73 -8.87
C PHE Q 100 44.19 -9.22 -9.05
N VAL Q 101 44.38 -9.73 -10.26
CA VAL Q 101 44.19 -11.15 -10.51
C VAL Q 101 45.20 -11.98 -9.72
N LEU Q 102 46.48 -11.56 -9.75
CA LEU Q 102 47.50 -12.27 -8.98
C LEU Q 102 47.22 -12.22 -7.48
N GLU Q 103 46.82 -11.05 -6.99
CA GLU Q 103 46.48 -10.89 -5.59
C GLU Q 103 45.30 -11.77 -5.21
N MET Q 104 44.28 -11.83 -6.05
CA MET Q 104 43.14 -12.69 -5.77
C MET Q 104 43.54 -14.16 -5.77
N ALA Q 105 44.47 -14.56 -6.63
CA ALA Q 105 44.93 -15.94 -6.62
C ALA Q 105 45.62 -16.28 -5.30
N LEU Q 106 46.58 -15.45 -4.89
CA LEU Q 106 47.33 -15.74 -3.66
C LEU Q 106 46.43 -15.66 -2.42
N MET Q 107 45.63 -14.61 -2.34
CA MET Q 107 44.70 -14.49 -1.21
C MET Q 107 43.62 -15.54 -1.27
N GLY Q 108 43.27 -16.04 -2.45
CA GLY Q 108 42.31 -17.13 -2.52
C GLY Q 108 42.86 -18.39 -1.90
N PHE Q 109 44.11 -18.73 -2.23
CA PHE Q 109 44.75 -19.86 -1.57
C PHE Q 109 44.74 -19.67 -0.06
N ALA Q 110 45.27 -18.54 0.41
CA ALA Q 110 45.41 -18.32 1.85
C ALA Q 110 44.06 -18.32 2.56
N GLU Q 111 43.08 -17.62 1.99
CA GLU Q 111 41.81 -17.42 2.67
C GLU Q 111 40.92 -18.65 2.60
N HIS Q 112 40.89 -19.35 1.47
CA HIS Q 112 40.12 -20.59 1.42
C HIS Q 112 40.73 -21.63 2.36
N ARG Q 113 42.07 -21.65 2.51
CA ARG Q 113 42.68 -22.54 3.50
C ARG Q 113 42.28 -22.15 4.92
N ARG Q 114 42.32 -20.86 5.24
CA ARG Q 114 41.93 -20.41 6.58
C ARG Q 114 40.47 -20.72 6.87
N ALA Q 115 39.61 -20.55 5.87
CA ALA Q 115 38.19 -20.88 6.02
C ALA Q 115 38.01 -22.37 6.28
N GLN Q 116 38.72 -23.22 5.52
CA GLN Q 116 38.59 -24.65 5.74
C GLN Q 116 39.09 -25.05 7.11
N ASP Q 117 40.06 -24.33 7.66
CA ASP Q 117 40.48 -24.62 9.02
C ASP Q 117 39.44 -24.16 10.03
N TYR Q 118 38.77 -23.03 9.77
CA TYR Q 118 37.71 -22.60 10.67
C TYR Q 118 36.54 -23.59 10.68
N TYR Q 119 36.14 -24.06 9.50
CA TYR Q 119 34.96 -24.92 9.41
C TYR Q 119 35.29 -26.37 9.77
N LYS Q 120 36.49 -26.83 9.43
CA LYS Q 120 36.96 -28.17 9.76
C LYS Q 120 38.24 -28.00 10.58
N PRO Q 121 38.11 -27.94 11.91
CA PRO Q 121 39.26 -27.50 12.73
C PRO Q 121 40.53 -28.31 12.55
N GLY Q 122 40.42 -29.63 12.40
CA GLY Q 122 41.63 -30.44 12.30
C GLY Q 122 42.28 -30.48 10.94
N SER Q 123 41.59 -29.99 9.91
CA SER Q 123 42.07 -30.13 8.54
C SER Q 123 43.23 -29.17 8.29
N MET Q 124 43.64 -29.07 7.03
CA MET Q 124 44.76 -28.26 6.56
C MET Q 124 46.10 -28.72 7.10
N GLY Q 125 46.13 -29.82 7.83
CA GLY Q 125 47.36 -30.42 8.29
C GLY Q 125 47.38 -31.90 8.01
N LYS Q 126 46.47 -32.35 7.15
CA LYS Q 126 46.32 -33.77 6.83
C LYS Q 126 46.70 -34.06 5.39
N GLN Q 127 46.07 -33.40 4.42
CA GLN Q 127 46.40 -33.63 3.03
C GLN Q 127 47.77 -33.04 2.71
N TYR Q 128 48.33 -33.53 1.60
CA TYR Q 128 49.70 -33.12 1.26
C TYR Q 128 49.81 -31.77 0.61
N PHE Q 129 50.13 -30.76 1.40
CA PHE Q 129 50.54 -29.49 0.82
C PHE Q 129 52.00 -29.66 0.41
N LEU Q 130 52.59 -28.62 -0.17
CA LEU Q 130 53.97 -28.78 -0.64
C LEU Q 130 54.95 -28.78 0.53
N GLY Q 131 54.77 -29.72 1.46
CA GLY Q 131 55.66 -29.91 2.58
C GLY Q 131 55.32 -29.09 3.81
N LEU Q 132 54.48 -28.08 3.70
CA LEU Q 132 54.21 -27.15 4.78
C LEU Q 132 52.96 -27.50 5.59
N GLU Q 133 52.28 -28.60 5.25
CA GLU Q 133 51.09 -28.99 6.00
C GLU Q 133 51.40 -29.38 7.44
N LYS Q 134 52.67 -29.65 7.75
CA LYS Q 134 53.03 -30.00 9.12
C LYS Q 134 52.86 -28.81 10.06
N PHE Q 135 53.24 -27.61 9.62
CA PHE Q 135 53.15 -26.42 10.45
C PHE Q 135 51.81 -25.71 10.34
N LEU Q 136 50.90 -26.19 9.50
CA LEU Q 136 49.66 -25.51 9.21
C LEU Q 136 48.46 -26.13 9.92
N GLY Q 137 48.69 -26.91 10.97
CA GLY Q 137 47.59 -27.40 11.78
C GLY Q 137 47.30 -26.48 12.95
N GLY Q 138 46.31 -25.61 12.80
CA GLY Q 138 45.96 -24.67 13.86
C GLY Q 138 45.54 -25.37 15.13
N SER Q 139 46.09 -24.94 16.26
CA SER Q 139 45.85 -25.58 17.54
C SER Q 139 44.72 -24.86 18.28
N GLY Q 140 43.57 -25.51 18.38
CA GLY Q 140 42.49 -25.03 19.21
C GLY Q 140 41.68 -23.90 18.64
N ASN Q 141 41.86 -22.71 19.20
CA ASN Q 141 41.04 -21.56 18.82
C ASN Q 141 41.37 -21.13 17.40
N PRO Q 142 40.38 -21.04 16.50
CA PRO Q 142 40.69 -20.65 15.11
C PRO Q 142 41.36 -19.30 14.97
N ALA Q 143 41.05 -18.34 15.84
CA ALA Q 143 41.63 -17.01 15.72
C ALA Q 143 43.09 -16.95 16.17
N TYR Q 144 43.59 -17.98 16.84
CA TYR Q 144 44.96 -18.00 17.37
C TYR Q 144 45.63 -19.30 16.96
N PRO Q 145 46.03 -19.43 15.69
CA PRO Q 145 46.60 -20.71 15.22
C PRO Q 145 47.94 -21.05 15.87
N GLY Q 146 48.88 -20.12 15.86
CA GLY Q 146 50.17 -20.41 16.45
C GLY Q 146 50.99 -21.37 15.58
N GLY Q 147 51.98 -21.98 16.23
CA GLY Q 147 52.83 -22.94 15.56
C GLY Q 147 54.16 -22.34 15.15
N PRO Q 148 54.98 -23.14 14.46
CA PRO Q 148 56.33 -22.68 14.10
C PRO Q 148 56.38 -21.61 13.02
N ILE Q 149 55.24 -21.14 12.52
CA ILE Q 149 55.19 -20.09 11.51
C ILE Q 149 54.41 -18.88 12.01
N PHE Q 150 53.17 -19.09 12.44
CA PHE Q 150 52.35 -17.96 12.86
C PHE Q 150 52.80 -17.38 14.19
N ASN Q 151 53.41 -18.21 15.04
CA ASN Q 151 54.09 -17.73 16.25
C ASN Q 151 55.47 -18.37 16.27
N PHE Q 152 56.41 -17.78 15.54
CA PHE Q 152 57.72 -18.40 15.35
C PHE Q 152 58.78 -17.87 16.31
N LEU Q 153 58.40 -16.98 17.23
CA LEU Q 153 59.34 -16.50 18.24
C LEU Q 153 59.06 -17.05 19.62
N GLY Q 154 57.81 -17.42 19.92
CA GLY Q 154 57.47 -18.04 21.18
C GLY Q 154 56.89 -17.12 22.23
N PHE Q 155 56.14 -16.09 21.84
CA PHE Q 155 55.52 -15.23 22.81
C PHE Q 155 54.36 -15.94 23.51
N GLY Q 156 53.95 -15.40 24.65
CA GLY Q 156 52.82 -15.92 25.38
C GLY Q 156 52.95 -17.37 25.78
N LYS Q 157 54.11 -17.75 26.32
CA LYS Q 157 54.33 -19.13 26.73
C LYS Q 157 53.41 -19.52 27.89
N ASN Q 158 53.20 -18.61 28.83
CA ASN Q 158 52.26 -18.85 29.93
C ASN Q 158 50.92 -18.19 29.62
N GLU Q 159 49.90 -18.61 30.37
CA GLU Q 159 48.53 -18.22 30.05
C GLU Q 159 48.27 -16.73 30.29
N LYS Q 160 48.83 -16.18 31.38
CA LYS Q 160 48.51 -14.81 31.75
C LYS Q 160 49.11 -13.81 30.77
N GLU Q 161 50.38 -13.99 30.39
CA GLU Q 161 50.98 -13.13 29.37
C GLU Q 161 50.24 -13.23 28.06
N LEU Q 162 49.75 -14.43 27.72
CA LEU Q 162 48.96 -14.59 26.51
C LEU Q 162 47.66 -13.80 26.59
N GLN Q 163 47.02 -13.79 27.78
CA GLN Q 163 45.82 -12.98 27.95
C GLN Q 163 46.12 -11.50 27.76
N GLU Q 164 47.21 -11.02 28.34
CA GLU Q 164 47.58 -9.61 28.15
C GLU Q 164 47.84 -9.31 26.68
N LEU Q 165 48.54 -10.20 25.98
CA LEU Q 165 48.81 -9.98 24.56
C LEU Q 165 47.53 -9.96 23.74
N LYS Q 166 46.59 -10.85 24.06
CA LYS Q 166 45.31 -10.86 23.36
C LYS Q 166 44.57 -9.55 23.57
N VAL Q 167 44.55 -9.06 24.81
CA VAL Q 167 43.85 -7.80 25.09
C VAL Q 167 44.52 -6.65 24.34
N LYS Q 168 45.86 -6.62 24.32
CA LYS Q 168 46.57 -5.59 23.59
C LYS Q 168 46.26 -5.63 22.10
N GLU Q 169 46.20 -6.84 21.54
CA GLU Q 169 45.88 -7.00 20.14
C GLU Q 169 44.49 -6.44 19.83
N VAL Q 170 43.50 -6.76 20.67
CA VAL Q 170 42.15 -6.27 20.43
C VAL Q 170 42.01 -4.75 20.47
N LYS Q 171 42.66 -4.11 21.41
CA LYS Q 171 42.60 -2.69 21.50
C LYS Q 171 43.31 -1.98 20.36
N ASN Q 172 44.49 -2.44 19.95
CA ASN Q 172 45.21 -1.82 18.85
C ASN Q 172 44.41 -2.07 17.58
N GLY Q 173 43.75 -3.22 17.47
CA GLY Q 173 42.93 -3.47 16.30
C GLY Q 173 41.71 -2.57 16.21
N ARG Q 174 41.00 -2.40 17.33
CA ARG Q 174 39.86 -1.48 17.32
C ARG Q 174 40.31 -0.05 17.04
N LEU Q 175 41.42 0.36 17.65
CA LEU Q 175 41.94 1.69 17.40
C LEU Q 175 42.28 1.90 15.93
N ALA Q 176 42.89 0.88 15.30
CA ALA Q 176 43.23 0.99 13.89
C ALA Q 176 42.00 0.98 13.00
N MET Q 177 40.95 0.25 13.38
CA MET Q 177 39.71 0.31 12.60
C MET Q 177 39.15 1.72 12.59
N MET Q 178 39.08 2.35 13.77
CA MET Q 178 38.61 3.73 13.83
C MET Q 178 39.54 4.66 13.05
N ALA Q 179 40.84 4.40 13.11
CA ALA Q 179 41.80 5.22 12.38
C ALA Q 179 41.58 5.14 10.87
N VAL Q 180 41.31 3.93 10.35
CA VAL Q 180 41.08 3.76 8.93
C VAL Q 180 39.80 4.48 8.50
N LEU Q 181 38.75 4.38 9.32
CA LEU Q 181 37.53 5.14 9.02
C LEU Q 181 37.83 6.64 8.96
N GLY Q 182 38.65 7.12 9.90
CA GLY Q 182 39.07 8.51 9.86
C GLY Q 182 39.85 8.85 8.60
N TYR Q 183 40.74 7.96 8.17
CA TYR Q 183 41.47 8.17 6.93
C TYR Q 183 40.51 8.38 5.77
N PHE Q 184 39.52 7.50 5.65
CA PHE Q 184 38.55 7.62 4.55
C PHE Q 184 37.82 8.95 4.60
N THR Q 185 37.25 9.30 5.76
CA THR Q 185 36.44 10.50 5.84
C THR Q 185 37.28 11.76 5.61
N GLN Q 186 38.48 11.80 6.20
CA GLN Q 186 39.35 12.96 6.04
C GLN Q 186 39.86 13.08 4.61
N ALA Q 187 40.07 11.95 3.92
CA ALA Q 187 40.42 12.02 2.51
C ALA Q 187 39.28 12.62 1.70
N ILE Q 188 38.04 12.22 2.00
CA ILE Q 188 36.90 12.78 1.27
C ILE Q 188 36.78 14.28 1.51
N PHE Q 189 36.91 14.72 2.76
CA PHE Q 189 36.67 16.13 3.07
C PHE Q 189 37.83 17.04 2.68
N THR Q 190 39.07 16.62 2.89
CA THR Q 190 40.21 17.52 2.73
C THR Q 190 40.96 17.35 1.43
N GLY Q 191 40.96 16.16 0.83
CA GLY Q 191 41.69 15.95 -0.40
C GLY Q 191 43.18 15.83 -0.25
N VAL Q 192 43.69 15.67 0.97
CA VAL Q 192 45.11 15.52 1.23
C VAL Q 192 45.31 14.33 2.16
N GLY Q 193 46.57 13.99 2.40
CA GLY Q 193 46.91 12.85 3.22
C GLY Q 193 46.64 13.08 4.69
N PRO Q 194 46.44 11.98 5.44
CA PRO Q 194 46.20 12.13 6.89
C PRO Q 194 47.34 12.78 7.65
N PHE Q 195 48.60 12.57 7.22
CA PHE Q 195 49.72 13.20 7.89
C PHE Q 195 49.69 14.72 7.69
N GLN Q 196 49.33 15.17 6.48
CA GLN Q 196 49.15 16.59 6.24
C GLN Q 196 48.03 17.15 7.11
N ASN Q 197 46.96 16.37 7.30
CA ASN Q 197 45.88 16.79 8.18
C ASN Q 197 46.37 16.96 9.62
N LEU Q 198 47.21 16.01 10.08
CA LEU Q 198 47.77 16.13 11.43
C LEU Q 198 48.63 17.38 11.56
N LEU Q 199 49.49 17.64 10.57
CA LEU Q 199 50.31 18.84 10.62
C LEU Q 199 49.47 20.11 10.56
N ASP Q 200 48.36 20.08 9.83
CA ASP Q 200 47.48 21.25 9.77
C ASP Q 200 46.79 21.49 11.11
N HIS Q 201 46.28 20.43 11.75
CA HIS Q 201 45.69 20.62 13.09
C HIS Q 201 46.73 21.05 14.10
N LEU Q 202 47.99 20.66 13.91
CA LEU Q 202 49.02 21.07 14.85
C LEU Q 202 49.43 22.52 14.65
N ALA Q 203 49.50 22.99 13.41
CA ALA Q 203 49.98 24.34 13.14
C ALA Q 203 49.00 25.39 13.67
N ASP Q 204 47.73 25.27 13.30
CA ASP Q 204 46.68 26.20 13.73
C ASP Q 204 45.47 25.39 14.18
N PRO Q 205 45.48 24.92 15.43
CA PRO Q 205 44.42 23.99 15.88
C PRO Q 205 43.02 24.56 15.79
N VAL Q 206 42.84 25.87 15.97
CA VAL Q 206 41.49 26.41 16.05
C VAL Q 206 40.91 26.66 14.66
N HIS Q 207 41.75 26.91 13.66
CA HIS Q 207 41.28 27.24 12.33
C HIS Q 207 41.47 26.11 11.33
N ASN Q 208 41.84 24.91 11.79
CA ASN Q 208 42.11 23.78 10.90
C ASN Q 208 41.45 22.52 11.43
N ASN Q 209 40.17 22.60 11.76
CA ASN Q 209 39.41 21.46 12.25
C ASN Q 209 38.26 21.16 11.28
N VAL Q 210 37.40 20.22 11.68
CA VAL Q 210 36.32 19.76 10.82
C VAL Q 210 35.33 20.88 10.52
N LEU Q 211 35.19 21.83 11.44
CA LEU Q 211 34.25 22.92 11.22
C LEU Q 211 34.71 23.86 10.12
N THR Q 212 36.02 24.03 9.96
CA THR Q 212 36.54 24.88 8.89
C THR Q 212 36.43 24.19 7.53
N ASN Q 213 36.65 22.88 7.50
CA ASN Q 213 36.68 22.14 6.24
C ASN Q 213 35.31 21.75 5.72
N LEU Q 214 34.23 22.39 6.20
CA LEU Q 214 32.91 22.10 5.67
C LEU Q 214 32.82 22.50 4.20
N LYS Q 215 33.46 23.60 3.83
CA LYS Q 215 33.66 23.92 2.43
C LYS Q 215 34.91 23.20 1.93
N ILE Q 216 34.76 22.43 0.86
CA ILE Q 216 35.85 21.59 0.38
C ILE Q 216 36.73 22.36 -0.59
N THR R 1 25.46 -72.19 -31.23
CA THR R 1 24.62 -72.30 -32.42
C THR R 1 23.85 -71.01 -32.65
N ASP R 2 24.27 -69.94 -31.99
CA ASP R 2 23.62 -68.65 -32.15
C ASP R 2 24.00 -68.06 -33.50
N ARG R 3 23.02 -67.96 -34.40
CA ARG R 3 23.30 -67.48 -35.74
C ARG R 3 23.67 -65.99 -35.70
N PRO R 4 24.47 -65.52 -36.66
CA PRO R 4 24.81 -64.09 -36.71
C PRO R 4 23.57 -63.24 -36.90
N LEU R 5 23.58 -62.06 -36.30
CA LEU R 5 22.46 -61.15 -36.32
C LEU R 5 22.79 -59.90 -37.13
N TRP R 6 21.74 -59.16 -37.50
CA TRP R 6 21.94 -57.92 -38.23
C TRP R 6 22.70 -56.89 -37.40
N LEU R 7 22.59 -56.97 -36.09
CA LEU R 7 23.24 -56.03 -35.17
C LEU R 7 23.93 -56.83 -34.08
N PRO R 8 25.26 -56.87 -34.05
CA PRO R 8 25.96 -57.65 -33.02
C PRO R 8 25.65 -57.15 -31.62
N GLY R 9 25.54 -58.10 -30.69
CA GLY R 9 25.24 -57.79 -29.31
C GLY R 9 23.76 -57.67 -28.98
N SER R 10 22.89 -57.69 -29.97
CA SER R 10 21.46 -57.62 -29.76
C SER R 10 20.90 -59.03 -29.57
N GLU R 11 19.58 -59.13 -29.44
CA GLU R 11 18.89 -60.40 -29.31
C GLU R 11 17.72 -60.45 -30.29
N ALA R 12 17.56 -61.60 -30.93
CA ALA R 12 16.53 -61.74 -31.94
C ALA R 12 15.14 -61.71 -31.32
N PRO R 13 14.15 -61.13 -32.01
CA PRO R 13 12.79 -61.13 -31.49
C PRO R 13 12.23 -62.54 -31.36
N LYS R 14 11.21 -62.66 -30.51
CA LYS R 14 10.67 -63.98 -30.16
C LYS R 14 10.12 -64.70 -31.39
N TRP R 15 9.38 -63.99 -32.24
CA TRP R 15 8.72 -64.64 -33.37
C TRP R 15 9.70 -65.10 -34.44
N LEU R 16 10.91 -64.56 -34.46
CA LEU R 16 11.94 -64.98 -35.40
C LEU R 16 12.87 -65.94 -34.65
N ASP R 17 12.58 -67.24 -34.75
CA ASP R 17 13.29 -68.24 -33.97
C ASP R 17 14.53 -68.78 -34.67
N GLY R 18 14.66 -68.61 -35.98
CA GLY R 18 15.83 -69.05 -36.70
C GLY R 18 15.61 -70.19 -37.67
N SER R 19 14.38 -70.59 -37.93
CA SER R 19 14.11 -71.70 -38.83
C SER R 19 13.99 -71.27 -40.28
N LEU R 20 13.48 -70.07 -40.54
CA LEU R 20 13.32 -69.59 -41.90
C LEU R 20 14.68 -69.29 -42.53
N PRO R 21 14.83 -69.55 -43.83
CA PRO R 21 16.06 -69.15 -44.51
C PRO R 21 16.22 -67.63 -44.51
N GLY R 22 17.47 -67.19 -44.44
CA GLY R 22 17.75 -65.76 -44.41
C GLY R 22 17.32 -65.07 -43.15
N ASP R 23 17.23 -65.80 -42.03
CA ASP R 23 16.79 -65.24 -40.76
C ASP R 23 18.00 -64.65 -40.04
N TYR R 24 18.09 -63.33 -39.99
CA TYR R 24 19.11 -62.63 -39.23
C TYR R 24 18.52 -61.90 -38.03
N GLY R 25 17.28 -62.20 -37.68
CA GLY R 25 16.65 -61.56 -36.53
C GLY R 25 16.34 -60.09 -36.73
N PHE R 26 16.15 -59.66 -37.97
CA PHE R 26 15.96 -58.25 -38.30
C PHE R 26 14.47 -57.97 -38.43
N ASP R 27 13.89 -57.36 -37.41
CA ASP R 27 12.53 -56.87 -37.44
C ASP R 27 12.35 -55.81 -36.36
N PRO R 28 13.02 -54.66 -36.47
CA PRO R 28 12.95 -53.67 -35.40
C PRO R 28 11.56 -53.10 -35.17
N LEU R 29 10.70 -53.08 -36.20
CA LEU R 29 9.42 -52.40 -36.12
C LEU R 29 8.27 -53.36 -35.86
N ASP R 30 8.55 -54.61 -35.54
CA ASP R 30 7.52 -55.58 -35.12
C ASP R 30 6.42 -55.72 -36.18
N LEU R 31 6.81 -55.76 -37.45
CA LEU R 31 5.83 -55.88 -38.52
C LEU R 31 5.23 -57.27 -38.61
N ALA R 32 5.96 -58.30 -38.14
CA ALA R 32 5.47 -59.67 -38.15
C ALA R 32 5.21 -60.21 -36.74
N ALA R 33 4.98 -59.32 -35.78
CA ALA R 33 4.85 -59.75 -34.40
C ALA R 33 3.63 -60.64 -34.19
N GLU R 34 2.49 -60.26 -34.75
CA GLU R 34 1.27 -61.04 -34.55
C GLU R 34 1.42 -62.39 -35.25
N PRO R 35 0.86 -63.47 -34.69
CA PRO R 35 1.13 -64.81 -35.26
C PRO R 35 0.79 -64.97 -36.73
N GLY R 36 -0.27 -64.33 -37.20
CA GLY R 36 -0.70 -64.55 -38.58
C GLY R 36 0.25 -64.01 -39.62
N ARG R 37 0.82 -62.82 -39.36
CA ARG R 37 1.48 -62.06 -40.43
C ARG R 37 2.73 -62.74 -40.98
N LEU R 38 3.39 -63.62 -40.21
CA LEU R 38 4.71 -64.09 -40.62
C LEU R 38 4.66 -64.86 -41.93
N ASN R 39 3.69 -65.75 -42.09
CA ASN R 39 3.60 -66.52 -43.33
C ASN R 39 3.29 -65.63 -44.52
N TRP R 40 2.38 -64.67 -44.35
CA TRP R 40 2.05 -63.75 -45.43
C TRP R 40 3.26 -62.93 -45.82
N MET R 41 4.03 -62.44 -44.86
CA MET R 41 5.22 -61.66 -45.17
C MET R 41 6.30 -62.52 -45.80
N VAL R 42 6.39 -63.80 -45.43
CA VAL R 42 7.35 -64.70 -46.07
C VAL R 42 7.00 -64.87 -47.55
N GLN R 43 5.70 -65.08 -47.84
CA GLN R 43 5.29 -65.20 -49.23
C GLN R 43 5.55 -63.90 -50.00
N ALA R 44 5.27 -62.77 -49.36
CA ALA R 44 5.51 -61.48 -50.01
C ALA R 44 6.99 -61.28 -50.31
N GLU R 45 7.86 -61.63 -49.37
CA GLU R 45 9.29 -61.48 -49.59
C GLU R 45 9.77 -62.41 -50.69
N LEU R 46 9.26 -63.64 -50.75
CA LEU R 46 9.64 -64.55 -51.81
C LEU R 46 9.26 -64.00 -53.19
N VAL R 47 8.00 -63.57 -53.33
CA VAL R 47 7.55 -63.09 -54.63
C VAL R 47 8.27 -61.80 -55.01
N HIS R 48 8.55 -60.94 -54.03
CA HIS R 48 9.29 -59.72 -54.31
C HIS R 48 10.72 -60.01 -54.73
N CYS R 49 11.36 -60.96 -54.05
CA CYS R 49 12.73 -61.33 -54.41
C CYS R 49 12.77 -61.84 -55.84
N ARG R 50 11.83 -62.70 -56.21
CA ARG R 50 11.86 -63.28 -57.55
C ARG R 50 11.56 -62.23 -58.62
N TRP R 51 10.56 -61.37 -58.40
CA TRP R 51 10.28 -60.31 -59.36
C TRP R 51 11.45 -59.35 -59.49
N ALA R 52 12.11 -59.03 -58.37
CA ALA R 52 13.24 -58.10 -58.43
C ALA R 52 14.45 -58.72 -59.11
N MET R 53 14.67 -60.03 -58.92
CA MET R 53 15.74 -60.69 -59.65
C MET R 53 15.47 -60.68 -61.15
N LEU R 54 14.22 -60.93 -61.54
CA LEU R 54 13.88 -60.82 -62.97
C LEU R 54 14.11 -59.40 -63.47
N GLY R 55 13.70 -58.40 -62.69
CA GLY R 55 13.88 -57.02 -63.13
C GLY R 55 15.34 -56.63 -63.23
N ALA R 56 16.18 -57.11 -62.31
CA ALA R 56 17.60 -56.82 -62.37
C ALA R 56 18.24 -57.47 -63.60
N ALA R 57 17.93 -58.74 -63.85
CA ALA R 57 18.46 -59.41 -65.01
C ALA R 57 17.93 -58.83 -66.31
N GLY R 58 16.79 -58.15 -66.26
CA GLY R 58 16.27 -57.48 -67.45
C GLY R 58 16.65 -56.04 -67.61
N ILE R 59 17.20 -55.42 -66.57
CA ILE R 59 17.66 -54.03 -66.66
C ILE R 59 19.16 -54.02 -66.92
N PHE R 60 19.94 -54.61 -66.02
CA PHE R 60 21.39 -54.42 -66.05
C PHE R 60 22.03 -55.14 -67.24
N ILE R 61 21.66 -56.39 -67.47
CA ILE R 61 22.30 -57.17 -68.54
C ILE R 61 22.05 -56.57 -69.92
N PRO R 62 20.82 -56.20 -70.30
CA PRO R 62 20.67 -55.53 -71.61
C PRO R 62 21.44 -54.25 -71.72
N GLU R 63 21.49 -53.43 -70.67
CA GLU R 63 22.29 -52.21 -70.72
C GLU R 63 23.77 -52.50 -70.87
N LEU R 64 24.27 -53.51 -70.15
CA LEU R 64 25.68 -53.88 -70.28
C LEU R 64 26.00 -54.35 -71.68
N LEU R 65 25.15 -55.20 -72.25
CA LEU R 65 25.42 -55.71 -73.60
C LEU R 65 25.24 -54.64 -74.66
N THR R 66 24.40 -53.64 -74.39
CA THR R 66 24.30 -52.50 -75.31
C THR R 66 25.55 -51.64 -75.23
N LYS R 67 26.06 -51.40 -74.02
CA LYS R 67 27.28 -50.62 -73.87
C LYS R 67 28.46 -51.31 -74.53
N ILE R 68 28.55 -52.64 -74.38
CA ILE R 68 29.56 -53.40 -75.12
C ILE R 68 29.34 -53.26 -76.62
N GLY R 69 28.09 -53.39 -77.06
CA GLY R 69 27.75 -53.26 -78.47
C GLY R 69 27.22 -54.53 -79.11
N ILE R 70 27.12 -55.65 -78.38
CA ILE R 70 26.57 -56.87 -78.98
C ILE R 70 25.11 -56.68 -79.34
N LEU R 71 24.33 -56.06 -78.46
CA LEU R 71 22.93 -55.77 -78.71
C LEU R 71 22.77 -54.29 -79.05
N ASN R 72 21.52 -53.89 -79.30
CA ASN R 72 21.20 -52.49 -79.57
C ASN R 72 19.89 -52.09 -78.90
N THR R 73 19.56 -52.72 -77.77
CA THR R 73 18.30 -52.42 -77.10
C THR R 73 18.30 -51.00 -76.57
N PRO R 74 17.13 -50.34 -76.56
CA PRO R 74 17.06 -48.99 -76.02
C PRO R 74 17.25 -48.95 -74.51
N SER R 75 17.32 -47.75 -73.94
CA SER R 75 17.48 -47.63 -72.50
C SER R 75 16.24 -48.13 -71.77
N TRP R 76 16.46 -48.72 -70.60
CA TRP R 76 15.38 -49.42 -69.90
C TRP R 76 14.28 -48.45 -69.46
N TYR R 77 14.63 -47.26 -69.01
CA TYR R 77 13.62 -46.35 -68.47
C TYR R 77 12.83 -45.63 -69.54
N LYS R 78 13.18 -45.81 -70.82
CA LYS R 78 12.41 -45.26 -71.91
C LYS R 78 11.94 -46.34 -72.89
N ALA R 79 12.19 -47.62 -72.58
CA ALA R 79 11.77 -48.69 -73.48
C ALA R 79 10.27 -48.92 -73.45
N GLY R 80 9.57 -48.42 -72.42
CA GLY R 80 8.12 -48.52 -72.41
C GLY R 80 7.47 -47.70 -73.50
N ASP R 81 8.04 -46.55 -73.81
CA ASP R 81 7.49 -45.66 -74.85
C ASP R 81 8.17 -45.94 -76.19
N ALA R 82 7.86 -47.11 -76.73
CA ALA R 82 8.37 -47.55 -78.02
C ALA R 82 7.20 -48.04 -78.87
N THR R 83 7.53 -48.60 -80.04
CA THR R 83 6.54 -49.11 -80.96
C THR R 83 6.60 -50.63 -80.96
N TYR R 84 5.48 -51.28 -80.64
CA TYR R 84 5.37 -52.72 -80.58
C TYR R 84 4.28 -53.20 -81.51
N PHE R 85 4.21 -54.51 -81.70
CA PHE R 85 3.19 -55.10 -82.55
C PHE R 85 1.79 -54.93 -81.98
N ALA R 86 1.67 -54.58 -80.70
CA ALA R 86 0.38 -54.39 -80.05
C ALA R 86 0.40 -53.08 -79.27
N ASP R 87 -0.78 -52.51 -79.06
CA ASP R 87 -0.89 -51.29 -78.27
C ASP R 87 -0.53 -51.56 -76.82
N GLN R 88 0.02 -50.53 -76.17
CA GLN R 88 0.47 -50.68 -74.79
C GLN R 88 -0.70 -51.00 -73.86
N GLY R 89 -1.83 -50.33 -74.04
CA GLY R 89 -2.99 -50.62 -73.21
C GLY R 89 -3.50 -52.03 -73.40
N THR R 90 -3.48 -52.53 -74.64
CA THR R 90 -3.90 -53.90 -74.89
C THR R 90 -2.99 -54.89 -74.18
N LEU R 91 -1.67 -54.65 -74.23
CA LEU R 91 -0.73 -55.52 -73.53
C LEU R 91 -0.97 -55.47 -72.03
N PHE R 92 -1.25 -54.28 -71.50
CA PHE R 92 -1.54 -54.16 -70.07
C PHE R 92 -2.78 -54.97 -69.69
N ILE R 93 -3.84 -54.87 -70.49
CA ILE R 93 -5.06 -55.62 -70.17
C ILE R 93 -4.80 -57.12 -70.26
N VAL R 94 -4.09 -57.55 -71.30
CA VAL R 94 -3.81 -58.98 -71.46
C VAL R 94 -3.01 -59.50 -70.26
N GLU R 95 -2.01 -58.74 -69.82
CA GLU R 95 -1.25 -59.19 -68.67
C GLU R 95 -2.10 -59.17 -67.41
N LEU R 96 -3.04 -58.23 -67.30
CA LEU R 96 -3.92 -58.23 -66.13
C LEU R 96 -4.75 -59.51 -66.08
N LEU R 97 -5.30 -59.94 -67.21
CA LEU R 97 -6.07 -61.19 -67.20
C LEU R 97 -5.19 -62.41 -66.90
N LEU R 98 -4.05 -62.53 -67.59
CA LEU R 98 -3.20 -63.71 -67.38
C LEU R 98 -2.66 -63.75 -65.96
N MET R 99 -2.17 -62.62 -65.45
CA MET R 99 -1.70 -62.55 -64.08
C MET R 99 -2.85 -62.70 -63.10
N ALA R 100 -4.07 -62.33 -63.48
CA ALA R 100 -5.22 -62.58 -62.61
C ALA R 100 -5.41 -64.07 -62.41
N TRP R 101 -5.34 -64.84 -63.50
CA TRP R 101 -5.44 -66.30 -63.36
C TRP R 101 -4.32 -66.86 -62.49
N ALA R 102 -3.07 -66.50 -62.83
CA ALA R 102 -1.94 -67.06 -62.10
C ALA R 102 -1.95 -66.67 -60.63
N GLU R 103 -2.22 -65.39 -60.33
CA GLU R 103 -2.21 -64.90 -58.96
C GLU R 103 -3.40 -65.39 -58.18
N SER R 104 -4.54 -65.61 -58.83
CA SER R 104 -5.67 -66.24 -58.15
C SER R 104 -5.32 -67.65 -57.72
N ARG R 105 -4.65 -68.41 -58.60
CA ARG R 105 -4.24 -69.75 -58.21
C ARG R 105 -3.23 -69.74 -57.08
N ARG R 106 -2.26 -68.80 -57.14
CA ARG R 106 -1.29 -68.68 -56.05
C ARG R 106 -1.98 -68.30 -54.74
N TRP R 107 -2.96 -67.40 -54.81
CA TRP R 107 -3.73 -67.01 -53.62
C TRP R 107 -4.48 -68.20 -53.04
N ALA R 108 -5.10 -69.00 -53.90
CA ALA R 108 -5.82 -70.17 -53.44
C ALA R 108 -4.88 -71.15 -52.74
N ASP R 109 -3.66 -71.28 -53.27
CA ASP R 109 -2.66 -72.10 -52.58
C ASP R 109 -2.29 -71.51 -51.22
N ILE R 110 -2.11 -70.19 -51.15
CA ILE R 110 -1.70 -69.57 -49.89
C ILE R 110 -2.77 -69.74 -48.83
N ALA R 111 -4.04 -69.51 -49.19
CA ALA R 111 -5.12 -69.57 -48.21
C ALA R 111 -5.37 -71.01 -47.76
N ARG R 112 -5.48 -71.94 -48.70
CA ARG R 112 -5.66 -73.36 -48.40
C ARG R 112 -4.51 -74.13 -49.03
N PRO R 113 -3.45 -74.44 -48.27
CA PRO R 113 -2.31 -75.15 -48.86
C PRO R 113 -2.71 -76.51 -49.41
N GLY R 114 -2.13 -76.85 -50.56
CA GLY R 114 -2.38 -78.14 -51.17
C GLY R 114 -3.73 -78.30 -51.82
N SER R 115 -4.47 -77.21 -52.06
CA SER R 115 -5.81 -77.29 -52.58
C SER R 115 -5.90 -77.05 -54.08
N VAL R 116 -4.84 -76.55 -54.70
CA VAL R 116 -4.85 -76.27 -56.13
C VAL R 116 -3.67 -76.97 -56.81
N ASN R 117 -3.25 -78.09 -56.23
CA ASN R 117 -2.09 -78.81 -56.74
C ASN R 117 -2.34 -79.50 -58.07
N THR R 118 -3.59 -79.60 -58.53
CA THR R 118 -3.94 -80.38 -59.70
C THR R 118 -4.44 -79.49 -60.83
N ASP R 119 -4.18 -79.92 -62.05
CA ASP R 119 -4.60 -79.19 -63.24
C ASP R 119 -6.11 -79.22 -63.36
N PRO R 120 -6.77 -78.06 -63.49
CA PRO R 120 -8.24 -78.05 -63.55
C PRO R 120 -8.82 -78.75 -64.77
N ILE R 121 -8.08 -78.79 -65.89
CA ILE R 121 -8.61 -79.37 -67.11
C ILE R 121 -8.27 -80.85 -67.22
N PHE R 122 -7.00 -81.20 -67.03
CA PHE R 122 -6.54 -82.59 -67.09
C PHE R 122 -6.12 -83.02 -65.70
N PRO R 123 -6.91 -83.83 -65.01
CA PRO R 123 -6.67 -84.08 -63.59
C PRO R 123 -5.51 -85.04 -63.31
N ASN R 124 -4.69 -85.32 -64.33
CA ASN R 124 -3.59 -86.25 -64.20
C ASN R 124 -2.24 -85.56 -64.05
N ASN R 125 -2.22 -84.26 -63.80
CA ASN R 125 -0.97 -83.51 -63.79
C ASN R 125 -0.36 -83.38 -62.39
N LYS R 126 -1.09 -82.76 -61.46
CA LYS R 126 -0.83 -82.91 -60.02
C LYS R 126 0.59 -82.47 -59.64
N LEU R 127 0.80 -81.15 -59.65
CA LEU R 127 2.02 -80.56 -59.12
C LEU R 127 2.43 -81.21 -57.80
N THR R 128 3.73 -81.35 -57.59
CA THR R 128 4.28 -82.15 -56.50
C THR R 128 5.08 -81.31 -55.50
N GLY R 129 4.55 -80.16 -55.10
CA GLY R 129 5.19 -79.36 -54.08
C GLY R 129 4.60 -79.59 -52.70
N THR R 130 5.36 -79.22 -51.68
CA THR R 130 4.93 -79.46 -50.31
C THR R 130 4.93 -78.19 -49.47
N ASP R 131 5.86 -77.27 -49.75
CA ASP R 131 5.99 -76.04 -48.99
C ASP R 131 5.37 -74.88 -49.75
N VAL R 132 4.56 -74.09 -49.05
CA VAL R 132 3.93 -72.93 -49.66
C VAL R 132 4.99 -71.93 -50.10
N GLY R 133 4.89 -71.46 -51.33
CA GLY R 133 5.90 -70.61 -51.91
C GLY R 133 6.94 -71.35 -52.73
N TYR R 134 6.96 -72.68 -52.66
CA TYR R 134 7.87 -73.52 -53.44
C TYR R 134 7.00 -74.53 -54.18
N PRO R 135 6.37 -74.13 -55.27
CA PRO R 135 5.40 -75.00 -55.95
C PRO R 135 5.98 -76.32 -56.42
N GLY R 136 7.24 -76.34 -56.86
CA GLY R 136 7.81 -77.57 -57.35
C GLY R 136 7.13 -78.03 -58.64
N GLY R 137 7.15 -79.35 -58.85
CA GLY R 137 6.51 -79.93 -60.00
C GLY R 137 7.32 -79.76 -61.27
N LEU R 138 6.77 -80.29 -62.36
CA LEU R 138 7.47 -80.23 -63.64
C LEU R 138 7.52 -78.81 -64.20
N TRP R 139 6.42 -78.07 -64.08
CA TRP R 139 6.36 -76.73 -64.66
C TRP R 139 7.38 -75.80 -64.02
N PHE R 140 7.51 -75.84 -62.69
CA PHE R 140 8.31 -74.87 -61.96
C PHE R 140 9.63 -75.43 -61.44
N ASP R 141 9.77 -76.76 -61.37
CA ASP R 141 11.00 -77.40 -60.93
C ASP R 141 11.35 -78.53 -61.90
N PRO R 142 11.72 -78.19 -63.14
CA PRO R 142 11.95 -79.23 -64.15
C PRO R 142 13.15 -80.12 -63.82
N LEU R 143 14.28 -79.51 -63.52
CA LEU R 143 15.51 -80.26 -63.28
C LEU R 143 15.49 -81.03 -61.96
N GLY R 144 14.49 -80.80 -61.11
CA GLY R 144 14.35 -81.57 -59.89
C GLY R 144 15.18 -81.09 -58.73
N TRP R 145 15.93 -80.00 -58.87
CA TRP R 145 16.68 -79.46 -57.76
C TRP R 145 15.74 -78.82 -56.74
N GLY R 146 16.26 -78.61 -55.53
CA GLY R 146 15.45 -78.03 -54.48
C GLY R 146 14.43 -78.97 -53.89
N SER R 147 14.59 -80.28 -54.08
CA SER R 147 13.75 -81.30 -53.45
C SER R 147 14.69 -82.24 -52.71
N GLY R 148 15.01 -81.90 -51.47
CA GLY R 148 15.95 -82.69 -50.69
C GLY R 148 15.65 -82.70 -49.21
N SER R 149 16.63 -83.09 -48.41
CA SER R 149 16.45 -83.17 -46.97
C SER R 149 16.37 -81.77 -46.36
N GLU R 150 15.71 -81.70 -45.20
CA GLU R 150 15.68 -80.46 -44.45
C GLU R 150 17.09 -80.13 -43.94
N ASP R 151 17.36 -78.82 -43.85
CA ASP R 151 18.68 -78.26 -43.55
C ASP R 151 19.60 -78.39 -44.77
N LYS R 152 19.14 -79.07 -45.81
CA LYS R 152 19.78 -79.03 -47.12
C LYS R 152 19.06 -78.10 -48.07
N LEU R 153 17.73 -78.07 -48.02
CA LEU R 153 16.99 -77.01 -48.67
C LEU R 153 17.24 -75.66 -48.03
N LYS R 154 17.66 -75.65 -46.77
CA LYS R 154 17.95 -74.41 -46.07
C LYS R 154 19.01 -73.60 -46.81
N GLU R 155 20.08 -74.26 -47.25
CA GLU R 155 21.18 -73.55 -47.89
C GLU R 155 20.75 -72.92 -49.21
N ILE R 156 20.09 -73.70 -50.07
CA ILE R 156 19.71 -73.18 -51.39
C ILE R 156 18.64 -72.12 -51.26
N ARG R 157 17.70 -72.29 -50.32
CA ARG R 157 16.68 -71.27 -50.11
C ARG R 157 17.30 -69.99 -49.56
N THR R 158 18.29 -70.11 -48.67
CA THR R 158 19.00 -68.92 -48.19
C THR R 158 19.73 -68.22 -49.33
N LYS R 159 20.36 -69.00 -50.22
CA LYS R 159 21.02 -68.40 -51.38
C LYS R 159 20.02 -67.62 -52.23
N GLU R 160 18.86 -68.23 -52.49
CA GLU R 160 17.85 -67.57 -53.31
C GLU R 160 17.36 -66.29 -52.65
N VAL R 161 17.05 -66.34 -51.35
CA VAL R 161 16.50 -65.17 -50.69
C VAL R 161 17.54 -64.05 -50.58
N LYS R 162 18.81 -64.40 -50.39
CA LYS R 162 19.83 -63.35 -50.26
C LYS R 162 20.13 -62.69 -51.60
N ASN R 163 20.27 -63.51 -52.67
CA ASN R 163 20.41 -62.91 -53.99
C ASN R 163 19.19 -62.06 -54.33
N GLY R 164 18.01 -62.48 -53.90
CA GLY R 164 16.81 -61.69 -54.16
C GLY R 164 16.78 -60.37 -53.41
N ARG R 165 17.21 -60.37 -52.16
CA ARG R 165 17.29 -59.12 -51.40
C ARG R 165 18.29 -58.15 -52.05
N LEU R 166 19.44 -58.68 -52.46
CA LEU R 166 20.41 -57.85 -53.17
C LEU R 166 19.82 -57.29 -54.45
N ALA R 167 19.06 -58.11 -55.18
CA ALA R 167 18.42 -57.64 -56.40
C ALA R 167 17.39 -56.55 -56.12
N MET R 168 16.65 -56.69 -55.02
CA MET R 168 15.67 -55.67 -54.66
C MET R 168 16.35 -54.32 -54.41
N LEU R 169 17.44 -54.34 -53.64
CA LEU R 169 18.17 -53.10 -53.40
C LEU R 169 18.75 -52.54 -54.69
N ALA R 170 19.28 -53.42 -55.55
CA ALA R 170 19.83 -52.96 -56.81
C ALA R 170 18.78 -52.31 -57.70
N VAL R 171 17.58 -52.88 -57.74
CA VAL R 171 16.53 -52.34 -58.60
C VAL R 171 16.04 -51.00 -58.07
N LEU R 172 15.90 -50.87 -56.75
CA LEU R 172 15.53 -49.57 -56.19
C LEU R 172 16.59 -48.53 -56.49
N GLY R 173 17.87 -48.91 -56.37
CA GLY R 173 18.94 -48.00 -56.71
C GLY R 173 18.91 -47.60 -58.17
N ALA R 174 18.62 -48.55 -59.06
CA ALA R 174 18.54 -48.24 -60.48
C ALA R 174 17.41 -47.25 -60.75
N PHE R 175 16.25 -47.46 -60.12
CA PHE R 175 15.13 -46.52 -60.27
C PHE R 175 15.55 -45.12 -59.87
N VAL R 176 16.10 -44.97 -58.66
CA VAL R 176 16.39 -43.63 -58.14
C VAL R 176 17.54 -42.99 -58.90
N GLN R 177 18.55 -43.79 -59.29
CA GLN R 177 19.66 -43.25 -60.06
C GLN R 177 19.21 -42.78 -61.43
N ALA R 178 18.32 -43.53 -62.09
CA ALA R 178 17.77 -43.07 -63.36
C ALA R 178 16.98 -41.78 -63.17
N ASN R 179 16.21 -41.69 -62.09
CA ASN R 179 15.42 -40.49 -61.84
C ASN R 179 16.34 -39.28 -61.66
N VAL R 180 17.39 -39.43 -60.85
CA VAL R 180 18.22 -38.28 -60.51
C VAL R 180 19.21 -37.97 -61.64
N THR R 181 20.09 -38.93 -61.95
CA THR R 181 21.03 -38.80 -63.05
C THR R 181 20.41 -39.47 -64.28
N HIS R 182 20.04 -38.68 -65.27
CA HIS R 182 19.23 -39.19 -66.36
C HIS R 182 20.08 -40.01 -67.34
N VAL R 183 20.79 -41.01 -66.82
CA VAL R 183 21.66 -41.87 -67.61
C VAL R 183 21.50 -43.29 -67.09
N GLY R 184 21.85 -44.26 -67.93
CA GLY R 184 21.77 -45.66 -67.57
C GLY R 184 22.75 -46.02 -66.47
N PRO R 185 22.46 -47.13 -65.76
CA PRO R 185 23.29 -47.49 -64.60
C PRO R 185 24.75 -47.76 -64.93
N ILE R 186 25.03 -48.34 -66.10
CA ILE R 186 26.41 -48.72 -66.43
C ILE R 186 27.28 -47.47 -66.59
N ASP R 187 26.74 -46.44 -67.23
CA ASP R 187 27.49 -45.20 -67.37
C ASP R 187 27.73 -44.55 -66.01
N ASN R 188 26.77 -44.67 -65.09
CA ASN R 188 26.98 -44.18 -63.73
C ASN R 188 28.10 -44.95 -63.03
N LEU R 189 28.15 -46.28 -63.24
CA LEU R 189 29.23 -47.07 -62.67
C LEU R 189 30.58 -46.63 -63.23
N PHE R 190 30.65 -46.38 -64.53
CA PHE R 190 31.89 -45.90 -65.13
C PHE R 190 32.28 -44.52 -64.59
N ALA R 191 31.29 -43.66 -64.36
CA ALA R 191 31.56 -42.34 -63.80
C ALA R 191 32.12 -42.45 -62.39
N HIS R 192 31.56 -43.33 -61.57
CA HIS R 192 32.11 -43.52 -60.22
C HIS R 192 33.49 -44.18 -60.28
N LEU R 193 33.75 -44.98 -61.32
CA LEU R 193 35.06 -45.61 -61.43
C LEU R 193 36.13 -44.61 -61.84
N ALA R 194 35.81 -43.72 -62.79
CA ALA R 194 36.83 -42.81 -63.31
C ALA R 194 37.21 -41.74 -62.29
N ASP R 195 36.22 -41.12 -61.67
CA ASP R 195 36.43 -40.02 -60.73
C ASP R 195 35.66 -40.33 -59.45
N PRO R 196 36.17 -41.23 -58.62
CA PRO R 196 35.39 -41.66 -57.44
C PRO R 196 35.08 -40.54 -56.45
N TYR R 197 36.00 -39.60 -56.27
CA TYR R 197 35.86 -38.60 -55.22
C TYR R 197 35.10 -37.36 -55.66
N HIS R 198 34.61 -37.33 -56.89
CA HIS R 198 33.80 -36.21 -57.36
C HIS R 198 32.46 -36.65 -57.91
N THR R 199 32.40 -37.81 -58.58
CA THR R 199 31.15 -38.34 -59.10
C THR R 199 30.51 -39.21 -58.03
N THR R 200 29.77 -38.56 -57.15
CA THR R 200 29.08 -39.22 -56.06
C THR R 200 27.67 -38.65 -55.97
N ILE R 201 26.88 -39.17 -55.03
CA ILE R 201 25.49 -38.73 -54.89
C ILE R 201 25.42 -37.26 -54.51
N LEU R 202 26.44 -36.75 -53.82
CA LEU R 202 26.41 -35.36 -53.37
C LEU R 202 26.38 -34.40 -54.54
N GLN R 203 27.17 -34.68 -55.58
CA GLN R 203 27.20 -33.88 -56.80
C GLN R 203 27.40 -32.40 -56.49
N SER R 204 26.65 -31.54 -57.18
CA SER R 204 26.59 -30.12 -56.87
C SER R 204 25.34 -29.76 -56.09
N LEU R 205 24.61 -30.76 -55.59
CA LEU R 205 23.38 -30.52 -54.83
C LEU R 205 23.70 -29.95 -53.45
N GLU S 1 79.03 -25.57 19.70
CA GLU S 1 79.99 -24.54 20.10
C GLU S 1 80.02 -23.38 19.11
N TRP S 2 78.84 -23.01 18.58
CA TRP S 2 78.75 -21.81 17.77
C TRP S 2 79.03 -20.57 18.60
N LEU S 3 78.83 -20.65 19.91
CA LEU S 3 79.17 -19.61 20.87
C LEU S 3 79.53 -20.28 22.19
N PRO S 4 80.81 -20.28 22.57
CA PRO S 4 81.20 -20.99 23.81
C PRO S 4 80.49 -20.44 25.04
N GLY S 5 80.12 -21.34 25.93
CA GLY S 5 79.45 -21.00 27.16
C GLY S 5 77.94 -21.04 27.10
N ASN S 6 77.36 -21.01 25.91
CA ASN S 6 75.90 -21.04 25.79
C ASN S 6 75.40 -22.46 25.88
N PRO S 7 74.36 -22.72 26.69
CA PRO S 7 73.84 -24.08 26.81
C PRO S 7 73.32 -24.60 25.48
N ARG S 8 73.58 -25.87 25.21
CA ARG S 8 73.06 -26.51 24.03
C ARG S 8 71.57 -26.83 24.20
N PRO S 9 70.79 -26.78 23.13
CA PRO S 9 69.40 -27.22 23.22
C PRO S 9 69.32 -28.71 23.56
N SER S 10 68.22 -29.08 24.21
CA SER S 10 68.06 -30.47 24.63
C SER S 10 68.07 -31.42 23.44
N TYR S 11 67.36 -31.07 22.36
CA TYR S 11 67.37 -31.88 21.16
C TYR S 11 68.66 -31.73 20.37
N LEU S 12 69.32 -30.58 20.45
CA LEU S 12 70.57 -30.34 19.73
C LEU S 12 71.73 -30.56 20.70
N ASP S 13 72.09 -31.83 20.87
CA ASP S 13 73.14 -32.23 21.79
C ASP S 13 74.51 -32.36 21.13
N GLY S 14 74.57 -32.41 19.81
CA GLY S 14 75.84 -32.56 19.12
C GLY S 14 76.15 -33.99 18.72
N SER S 15 75.20 -34.67 18.10
CA SER S 15 75.37 -36.05 17.65
C SER S 15 75.40 -36.18 16.14
N ALA S 16 74.46 -35.54 15.44
CA ALA S 16 74.44 -35.58 13.99
C ALA S 16 75.60 -34.77 13.42
N PRO S 17 75.95 -35.00 12.16
CA PRO S 17 77.02 -34.19 11.55
C PRO S 17 76.66 -32.71 11.52
N GLY S 18 77.67 -31.88 11.74
CA GLY S 18 77.48 -30.45 11.66
C GLY S 18 76.68 -29.82 12.79
N ASP S 19 76.58 -30.50 13.92
CA ASP S 19 75.82 -29.99 15.06
C ASP S 19 76.70 -29.10 15.93
N PHE S 20 76.22 -27.88 16.21
CA PHE S 20 76.90 -26.99 17.11
C PHE S 20 75.92 -26.29 18.06
N GLY S 21 74.72 -26.84 18.24
CA GLY S 21 73.74 -26.26 19.14
C GLY S 21 73.27 -24.88 18.73
N PHE S 22 73.06 -24.66 17.44
CA PHE S 22 72.67 -23.35 16.91
C PHE S 22 71.22 -23.42 16.45
N ASP S 23 70.32 -22.94 17.29
CA ASP S 23 68.90 -22.80 16.95
C ASP S 23 68.24 -21.82 17.91
N PRO S 24 68.61 -20.53 17.88
CA PRO S 24 68.02 -19.59 18.84
C PRO S 24 66.51 -19.45 18.72
N LEU S 25 65.97 -19.52 17.50
CA LEU S 25 64.53 -19.38 17.33
C LEU S 25 63.76 -20.63 17.72
N GLY S 26 64.43 -21.77 17.84
CA GLY S 26 63.78 -22.99 18.25
C GLY S 26 62.83 -23.55 17.22
N LEU S 27 63.36 -23.99 16.08
CA LEU S 27 62.57 -24.62 15.04
C LEU S 27 62.76 -26.13 14.98
N GLY S 28 63.64 -26.69 15.80
CA GLY S 28 63.93 -28.11 15.75
C GLY S 28 63.38 -28.91 16.91
N GLU S 29 62.34 -28.39 17.57
CA GLU S 29 61.77 -29.10 18.71
C GLU S 29 61.20 -30.45 18.29
N VAL S 30 60.50 -30.49 17.17
CA VAL S 30 59.99 -31.75 16.64
C VAL S 30 61.13 -32.49 15.93
N PRO S 31 61.41 -33.74 16.30
CA PRO S 31 62.49 -34.47 15.62
C PRO S 31 62.28 -34.60 14.11
N GLU S 32 61.05 -34.80 13.67
CA GLU S 32 60.78 -34.90 12.24
C GLU S 32 60.96 -33.56 11.54
N ASN S 33 60.53 -32.47 12.19
CA ASN S 33 60.79 -31.14 11.64
C ASN S 33 62.28 -30.87 11.57
N LEU S 34 63.04 -31.32 12.57
CA LEU S 34 64.48 -31.19 12.53
C LEU S 34 65.09 -31.97 11.36
N GLU S 35 64.58 -33.18 11.11
CA GLU S 35 65.06 -33.96 9.97
C GLU S 35 64.75 -33.27 8.66
N ARG S 36 63.54 -32.73 8.52
CA ARG S 36 63.18 -32.03 7.29
C ARG S 36 64.06 -30.80 7.08
N PHE S 37 64.33 -30.06 8.15
CA PHE S 37 65.21 -28.90 8.05
C PHE S 37 66.63 -29.32 7.69
N LYS S 38 67.09 -30.45 8.23
CA LYS S 38 68.40 -30.96 7.85
C LYS S 38 68.47 -31.25 6.37
N GLU S 39 67.44 -31.93 5.85
CA GLU S 39 67.40 -32.25 4.43
C GLU S 39 67.40 -30.97 3.59
N SER S 40 66.57 -29.99 3.99
CA SER S 40 66.47 -28.76 3.21
C SER S 40 67.78 -27.98 3.21
N GLU S 41 68.41 -27.87 4.38
CA GLU S 41 69.70 -27.17 4.45
C GLU S 41 70.74 -27.88 3.58
N LEU S 42 70.79 -29.20 3.66
CA LEU S 42 71.78 -29.93 2.86
C LEU S 42 71.51 -29.75 1.37
N ILE S 43 70.25 -29.73 0.96
CA ILE S 43 69.93 -29.56 -0.46
C ILE S 43 70.31 -28.17 -0.95
N HIS S 44 69.88 -27.13 -0.21
CA HIS S 44 70.26 -25.76 -0.56
C HIS S 44 71.78 -25.64 -0.67
N ALA S 45 72.49 -26.18 0.32
CA ALA S 45 73.95 -26.06 0.35
C ALA S 45 74.60 -26.82 -0.78
N ARG S 46 74.15 -28.05 -1.06
CA ARG S 46 74.75 -28.83 -2.14
C ARG S 46 74.54 -28.16 -3.49
N TRP S 47 73.35 -27.60 -3.71
CA TRP S 47 73.11 -26.91 -4.96
C TRP S 47 73.99 -25.67 -5.08
N ALA S 48 74.19 -24.94 -3.99
CA ALA S 48 75.12 -23.81 -4.02
C ALA S 48 76.54 -24.28 -4.32
N MET S 49 76.95 -25.39 -3.72
CA MET S 49 78.27 -25.95 -3.96
C MET S 49 78.47 -26.26 -5.43
N LEU S 50 77.48 -26.92 -6.05
CA LEU S 50 77.58 -27.27 -7.46
C LEU S 50 77.57 -26.02 -8.34
N ALA S 51 76.79 -25.01 -7.97
CA ALA S 51 76.65 -23.83 -8.83
C ALA S 51 77.85 -22.90 -8.76
N ILE S 52 78.54 -22.85 -7.62
CA ILE S 52 79.58 -21.82 -7.44
C ILE S 52 80.74 -21.92 -8.42
N PRO S 53 81.32 -23.10 -8.70
CA PRO S 53 82.38 -23.12 -9.72
C PRO S 53 81.86 -22.75 -11.09
N GLY S 54 80.62 -23.11 -11.39
CA GLY S 54 80.03 -22.83 -12.68
C GLY S 54 79.77 -21.36 -12.93
N VAL S 55 79.83 -20.54 -11.89
CA VAL S 55 79.69 -19.10 -12.06
C VAL S 55 81.00 -18.36 -11.81
N LEU S 56 81.98 -18.98 -11.15
CA LEU S 56 83.27 -18.30 -11.04
C LEU S 56 84.19 -18.60 -12.21
N ILE S 57 84.20 -19.84 -12.73
CA ILE S 57 85.12 -20.20 -13.81
C ILE S 57 84.88 -19.39 -15.08
N PRO S 58 83.64 -19.22 -15.58
CA PRO S 58 83.48 -18.43 -16.82
C PRO S 58 84.01 -17.01 -16.70
N GLU S 59 83.84 -16.37 -15.54
CA GLU S 59 84.43 -15.05 -15.35
C GLU S 59 85.95 -15.12 -15.24
N ALA S 60 86.47 -16.21 -14.65
CA ALA S 60 87.92 -16.38 -14.57
C ALA S 60 88.54 -16.46 -15.96
N LEU S 61 87.89 -17.20 -16.87
CA LEU S 61 88.33 -17.21 -18.26
C LEU S 61 87.88 -15.95 -19.00
N GLY S 62 86.84 -15.27 -18.51
CA GLY S 62 86.38 -14.04 -19.12
C GLY S 62 85.19 -14.21 -20.03
N TYR S 63 84.16 -14.92 -19.57
CA TYR S 63 82.98 -15.20 -20.40
C TYR S 63 81.80 -14.29 -20.08
N GLY S 64 81.35 -14.26 -18.84
CA GLY S 64 80.18 -13.48 -18.50
C GLY S 64 79.87 -13.55 -17.02
N ASN S 65 78.75 -12.93 -16.66
CA ASN S 65 78.34 -12.81 -15.26
C ASN S 65 76.82 -12.83 -15.18
N TRP S 66 76.28 -12.40 -14.04
CA TRP S 66 74.85 -12.49 -13.78
C TRP S 66 74.05 -11.67 -14.78
N VAL S 67 74.38 -10.39 -14.93
CA VAL S 67 73.62 -9.52 -15.82
C VAL S 67 73.79 -9.95 -17.27
N SER S 68 75.01 -10.34 -17.65
CA SER S 68 75.23 -10.85 -19.00
C SER S 68 74.43 -12.12 -19.25
N ALA S 69 74.44 -13.05 -18.29
CA ALA S 69 73.70 -14.29 -18.46
C ALA S 69 72.21 -14.05 -18.54
N GLN S 70 71.70 -13.14 -17.69
CA GLN S 70 70.25 -12.89 -17.62
C GLN S 70 69.70 -12.02 -18.73
N LYS S 71 70.56 -11.23 -19.35
CA LYS S 71 70.11 -10.34 -20.41
C LYS S 71 70.47 -10.86 -21.80
N TRP S 72 71.75 -11.07 -22.09
CA TRP S 72 72.16 -11.54 -23.42
C TRP S 72 73.48 -12.31 -23.26
N ALA S 73 73.39 -13.63 -23.17
CA ALA S 73 74.56 -14.50 -23.19
C ALA S 73 74.27 -15.68 -24.11
N ALA S 74 73.76 -15.37 -25.30
CA ALA S 74 73.19 -16.31 -26.27
C ALA S 74 71.92 -16.96 -25.74
N THR S 75 71.51 -16.64 -24.53
CA THR S 75 70.32 -17.20 -23.89
C THR S 75 69.02 -16.85 -24.62
N PRO S 76 68.79 -15.61 -25.06
CA PRO S 76 67.54 -15.31 -25.77
C PRO S 76 67.62 -15.39 -27.28
N GLY S 77 68.73 -15.86 -27.83
CA GLY S 77 68.88 -15.97 -29.27
C GLY S 77 70.32 -16.23 -29.64
N GLY S 78 70.53 -16.52 -30.92
CA GLY S 78 71.85 -16.80 -31.45
C GLY S 78 72.24 -18.26 -31.48
N GLN S 79 71.42 -19.15 -30.92
CA GLN S 79 71.65 -20.60 -30.99
C GLN S 79 72.96 -20.99 -30.30
N ALA S 80 73.14 -20.49 -29.07
CA ALA S 80 74.19 -20.95 -28.16
C ALA S 80 75.59 -20.79 -28.76
N THR S 81 75.92 -19.55 -29.09
CA THR S 81 77.25 -19.20 -29.59
C THR S 81 78.21 -18.80 -28.47
N TYR S 82 77.81 -18.98 -27.22
CA TYR S 82 78.57 -18.49 -26.06
C TYR S 82 79.80 -19.34 -25.77
N LEU S 83 79.71 -20.65 -25.92
CA LEU S 83 80.70 -21.58 -25.37
C LEU S 83 81.90 -21.66 -26.32
N GLY S 84 82.77 -20.67 -26.27
CA GLY S 84 83.96 -20.66 -27.10
C GLY S 84 83.62 -20.73 -28.57
N ASN S 85 83.88 -21.89 -29.19
CA ASN S 85 83.42 -22.12 -30.55
C ASN S 85 81.92 -22.33 -30.57
N PRO S 86 81.20 -21.57 -31.40
CA PRO S 86 79.73 -21.70 -31.49
C PRO S 86 79.33 -23.15 -31.76
N VAL S 87 78.40 -23.65 -30.95
CA VAL S 87 77.79 -24.96 -31.15
C VAL S 87 76.28 -24.77 -31.12
N PRO S 88 75.54 -25.26 -32.13
CA PRO S 88 74.09 -25.00 -32.15
C PRO S 88 73.35 -25.66 -31.00
N TRP S 89 73.45 -26.99 -30.90
CA TRP S 89 72.73 -27.77 -29.91
C TRP S 89 71.27 -27.37 -29.84
N GLY S 90 70.90 -26.57 -28.83
CA GLY S 90 69.54 -26.10 -28.67
C GLY S 90 69.48 -24.59 -28.59
N ASN S 91 68.26 -24.09 -28.43
CA ASN S 91 67.99 -22.67 -28.30
C ASN S 91 66.77 -22.51 -27.38
N LEU S 92 66.14 -21.34 -27.43
CA LEU S 92 65.02 -21.03 -26.54
C LEU S 92 64.02 -22.17 -26.40
N PRO S 93 63.48 -22.78 -27.47
CA PRO S 93 62.54 -23.89 -27.27
C PRO S 93 63.11 -25.06 -26.50
N ILE S 94 64.42 -25.26 -26.53
CA ILE S 94 65.06 -26.40 -25.89
C ILE S 94 65.67 -26.02 -24.55
N ILE S 95 66.50 -24.96 -24.51
CA ILE S 95 67.10 -24.55 -23.24
C ILE S 95 66.10 -23.83 -22.34
N LEU S 96 64.85 -23.68 -22.77
CA LEU S 96 63.78 -23.19 -21.91
C LEU S 96 62.81 -24.28 -21.48
N ALA S 97 62.92 -25.48 -22.03
CA ALA S 97 62.01 -26.56 -21.69
C ALA S 97 62.68 -27.78 -21.10
N VAL S 98 63.80 -28.23 -21.67
CA VAL S 98 64.41 -29.47 -21.22
C VAL S 98 64.95 -29.32 -19.80
N GLU S 99 65.47 -28.13 -19.47
CA GLU S 99 65.97 -27.91 -18.11
C GLU S 99 64.85 -28.00 -17.09
N PHE S 100 63.72 -27.32 -17.36
CA PHE S 100 62.61 -27.36 -16.41
C PHE S 100 62.02 -28.76 -16.30
N ILE S 101 61.91 -29.47 -17.42
CA ILE S 101 61.37 -30.82 -17.38
C ILE S 101 62.30 -31.74 -16.59
N ALA S 102 63.62 -31.63 -16.82
CA ALA S 102 64.57 -32.47 -16.10
C ALA S 102 64.56 -32.16 -14.61
N ILE S 103 64.50 -30.88 -14.24
CA ILE S 103 64.51 -30.55 -12.81
C ILE S 103 63.21 -30.99 -12.15
N ALA S 104 62.08 -30.87 -12.85
CA ALA S 104 60.84 -31.39 -12.31
C ALA S 104 60.90 -32.90 -12.13
N PHE S 105 61.48 -33.60 -13.11
CA PHE S 105 61.58 -35.05 -13.03
C PHE S 105 62.45 -35.48 -11.85
N VAL S 106 63.60 -34.83 -11.67
CA VAL S 106 64.49 -35.22 -10.59
C VAL S 106 63.90 -34.86 -9.24
N GLU S 107 63.22 -33.70 -9.14
CA GLU S 107 62.58 -33.34 -7.88
C GLU S 107 61.44 -34.30 -7.54
N SER S 108 60.69 -34.73 -8.55
CA SER S 108 59.61 -35.69 -8.31
C SER S 108 60.16 -37.05 -7.90
N GLN S 109 61.24 -37.49 -8.53
CA GLN S 109 61.83 -38.77 -8.15
C GLN S 109 62.46 -38.71 -6.78
N ARG S 110 63.02 -37.55 -6.39
CA ARG S 110 63.54 -37.40 -5.04
C ARG S 110 62.40 -37.37 -4.02
N ASN S 111 61.26 -36.76 -4.39
CA ASN S 111 60.11 -36.72 -3.49
C ASN S 111 59.57 -38.12 -3.22
N GLY S 112 59.84 -39.07 -4.10
CA GLY S 112 59.31 -40.41 -3.96
C GLY S 112 60.19 -41.35 -3.17
N GLU S 113 61.13 -40.81 -2.41
CA GLU S 113 62.01 -41.60 -1.56
C GLU S 113 61.42 -41.67 -0.16
N SER S 114 61.12 -42.88 0.30
CA SER S 114 60.40 -43.05 1.56
C SER S 114 61.29 -42.77 2.76
N ASP S 115 62.52 -43.28 2.75
CA ASP S 115 63.35 -43.27 3.95
C ASP S 115 63.86 -41.86 4.23
N PRO S 116 63.54 -41.27 5.38
CA PRO S 116 64.14 -39.98 5.74
C PRO S 116 65.65 -40.04 5.87
N GLU S 117 66.19 -41.19 6.30
CA GLU S 117 67.64 -41.35 6.38
C GLU S 117 68.28 -41.25 4.99
N LYS S 118 67.61 -41.80 3.98
CA LYS S 118 68.05 -41.58 2.60
C LYS S 118 67.71 -40.19 2.10
N ARG S 119 66.67 -39.56 2.64
CA ARG S 119 66.37 -38.19 2.25
C ARG S 119 67.49 -37.24 2.66
N LYS S 120 68.03 -37.43 3.88
CA LYS S 120 69.15 -36.59 4.30
C LYS S 120 70.46 -37.02 3.66
N TYR S 121 70.56 -38.28 3.23
CA TYR S 121 71.77 -38.76 2.54
C TYR S 121 71.39 -39.87 1.58
N PRO S 122 71.46 -39.62 0.26
CA PRO S 122 71.03 -40.66 -0.70
C PRO S 122 71.77 -41.97 -0.57
N GLY S 123 73.05 -41.90 -0.22
CA GLY S 123 73.80 -43.12 0.04
C GLY S 123 73.88 -44.19 -1.01
N GLY S 124 73.00 -45.17 -0.92
CA GLY S 124 73.05 -46.30 -1.82
C GLY S 124 72.98 -46.12 -3.35
N PRO S 125 73.24 -47.21 -4.16
CA PRO S 125 73.32 -47.04 -5.61
C PRO S 125 73.46 -45.63 -6.17
N PHE S 126 74.44 -44.86 -5.74
CA PHE S 126 74.66 -43.60 -6.41
C PHE S 126 76.13 -43.51 -6.65
N ASP S 127 76.93 -43.92 -5.68
CA ASP S 127 78.35 -43.63 -5.72
C ASP S 127 79.14 -44.37 -6.79
N PRO S 128 79.70 -43.69 -7.78
CA PRO S 128 80.51 -44.37 -8.79
C PRO S 128 81.81 -44.94 -8.21
N LEU S 129 82.57 -44.07 -7.54
CA LEU S 129 83.84 -44.49 -6.97
C LEU S 129 83.66 -45.34 -5.71
N GLY S 130 82.52 -45.20 -5.03
CA GLY S 130 82.30 -45.93 -3.80
C GLY S 130 83.22 -45.52 -2.67
N PHE S 131 83.46 -44.22 -2.51
CA PHE S 131 84.34 -43.72 -1.47
C PHE S 131 83.63 -43.53 -0.13
N SER S 132 82.33 -43.81 -0.07
CA SER S 132 81.60 -43.66 1.19
C SER S 132 82.16 -44.58 2.27
N LYS S 133 82.42 -45.84 1.91
CA LYS S 133 83.00 -46.78 2.86
C LYS S 133 84.49 -46.55 3.06
N GLY S 134 85.17 -45.99 2.06
CA GLY S 134 86.63 -45.90 2.13
C GLY S 134 87.11 -45.02 3.27
N ALA S 135 86.52 -43.84 3.41
CA ALA S 135 86.92 -42.89 4.44
C ALA S 135 85.90 -42.89 5.58
N ASN S 136 86.29 -42.26 6.68
CA ASN S 136 85.41 -42.14 7.83
C ASN S 136 84.15 -41.36 7.45
N LEU S 137 82.99 -41.90 7.80
CA LEU S 137 81.73 -41.31 7.37
C LEU S 137 81.50 -39.97 8.05
N GLU S 138 81.73 -39.90 9.36
CA GLU S 138 81.46 -38.67 10.10
C GLU S 138 82.37 -37.53 9.64
N GLU S 139 83.66 -37.81 9.42
CA GLU S 139 84.56 -36.78 8.94
C GLU S 139 84.15 -36.30 7.55
N LEU S 140 83.78 -37.23 6.67
CA LEU S 140 83.34 -36.85 5.34
C LEU S 140 82.10 -35.96 5.39
N LYS S 141 81.12 -36.34 6.22
CA LYS S 141 79.91 -35.53 6.35
C LYS S 141 80.22 -34.15 6.92
N LEU S 142 81.11 -34.09 7.92
CA LEU S 142 81.46 -32.80 8.50
C LEU S 142 82.15 -31.89 7.48
N LYS S 143 83.09 -32.45 6.72
CA LYS S 143 83.76 -31.67 5.69
C LYS S 143 82.79 -31.20 4.62
N GLU S 144 81.88 -32.09 4.20
CA GLU S 144 80.88 -31.74 3.20
C GLU S 144 79.99 -30.61 3.69
N ILE S 145 79.49 -30.71 4.93
CA ILE S 145 78.58 -29.69 5.43
C ILE S 145 79.30 -28.37 5.65
N LYS S 146 80.57 -28.40 6.07
CA LYS S 146 81.29 -27.16 6.27
C LYS S 146 81.56 -26.45 4.94
N ASN S 147 82.07 -27.19 3.95
CA ASN S 147 82.24 -26.59 2.63
C ASN S 147 80.90 -26.15 2.04
N GLY S 148 79.82 -26.86 2.35
CA GLY S 148 78.51 -26.46 1.86
C GLY S 148 78.01 -25.17 2.48
N ARG S 149 78.22 -25.00 3.78
CA ARG S 149 77.86 -23.74 4.43
C ARG S 149 78.67 -22.59 3.89
N LEU S 150 79.98 -22.82 3.68
CA LEU S 150 80.81 -21.79 3.06
C LEU S 150 80.29 -21.45 1.66
N ALA S 151 79.93 -22.46 0.88
CA ALA S 151 79.40 -22.22 -0.46
C ALA S 151 78.09 -21.45 -0.41
N LEU S 152 77.23 -21.77 0.57
CA LEU S 152 75.95 -21.09 0.69
C LEU S 152 76.15 -19.61 0.97
N VAL S 153 77.00 -19.27 1.95
CA VAL S 153 77.22 -17.85 2.24
C VAL S 153 77.95 -17.18 1.08
N ALA S 154 78.87 -17.88 0.41
CA ALA S 154 79.55 -17.30 -0.73
C ALA S 154 78.58 -17.00 -1.87
N PHE S 155 77.61 -17.89 -2.10
CA PHE S 155 76.64 -17.65 -3.15
C PHE S 155 75.69 -16.51 -2.79
N LEU S 156 75.32 -16.41 -1.51
CA LEU S 156 74.54 -15.25 -1.09
C LEU S 156 75.33 -13.96 -1.33
N GLY S 157 76.63 -13.98 -1.05
CA GLY S 157 77.47 -12.83 -1.35
C GLY S 157 77.54 -12.53 -2.83
N PHE S 158 77.64 -13.57 -3.67
CA PHE S 158 77.60 -13.38 -5.11
C PHE S 158 76.33 -12.68 -5.54
N VAL S 159 75.18 -13.15 -5.05
CA VAL S 159 73.91 -12.57 -5.46
C VAL S 159 73.83 -11.11 -5.02
N VAL S 160 74.23 -10.83 -3.76
CA VAL S 160 74.14 -9.47 -3.25
C VAL S 160 75.07 -8.54 -4.03
N GLN S 161 76.29 -8.99 -4.31
CA GLN S 161 77.24 -8.15 -5.04
C GLN S 161 76.80 -7.94 -6.49
N ALA S 162 76.23 -8.97 -7.13
CA ALA S 162 75.71 -8.80 -8.48
C ALA S 162 74.56 -7.81 -8.50
N VAL S 163 73.69 -7.84 -7.48
CA VAL S 163 72.61 -6.87 -7.39
C VAL S 163 73.18 -5.47 -7.20
N ALA S 164 74.18 -5.34 -6.33
CA ALA S 164 74.72 -4.02 -6.01
C ALA S 164 75.40 -3.40 -7.23
N TYR S 165 76.17 -4.19 -7.98
CA TYR S 165 76.90 -3.69 -9.15
C TYR S 165 76.40 -4.40 -10.40
N PRO S 166 75.52 -3.79 -11.18
CA PRO S 166 75.09 -4.41 -12.43
C PRO S 166 76.24 -4.54 -13.42
N GLY S 167 76.20 -5.61 -14.21
CA GLY S 167 77.22 -5.86 -15.22
C GLY S 167 78.61 -6.07 -14.65
N THR S 168 78.71 -6.78 -13.52
CA THR S 168 79.98 -7.01 -12.86
C THR S 168 80.05 -8.46 -12.41
N GLY S 169 81.23 -8.86 -11.94
CA GLY S 169 81.44 -10.20 -11.45
C GLY S 169 82.27 -10.24 -10.18
N PRO S 170 82.24 -11.37 -9.48
CA PRO S 170 83.03 -11.50 -8.26
C PRO S 170 84.53 -11.39 -8.47
N LEU S 171 85.06 -11.87 -9.61
CA LEU S 171 86.50 -11.84 -9.80
C LEU S 171 87.02 -10.42 -9.98
N GLU S 172 86.30 -9.58 -10.73
CA GLU S 172 86.71 -8.19 -10.84
C GLU S 172 86.59 -7.47 -9.51
N ASN S 173 85.61 -7.85 -8.69
CA ASN S 173 85.52 -7.31 -7.34
C ASN S 173 86.73 -7.71 -6.50
N LEU S 174 87.18 -8.96 -6.64
CA LEU S 174 88.37 -9.41 -5.94
C LEU S 174 89.61 -8.65 -6.40
N LYS S 175 89.71 -8.43 -7.71
CA LYS S 175 90.83 -7.65 -8.26
C LYS S 175 90.81 -6.22 -7.71
N THR S 176 89.61 -5.62 -7.64
CA THR S 176 89.50 -4.26 -7.12
C THR S 176 89.88 -4.21 -5.64
N HIS S 177 89.47 -5.21 -4.86
CA HIS S 177 89.83 -5.25 -3.45
C HIS S 177 91.33 -5.51 -3.26
N LEU S 178 91.95 -6.25 -4.18
CA LEU S 178 93.39 -6.47 -4.10
C LEU S 178 94.16 -5.20 -4.44
N ALA S 179 93.79 -4.54 -5.54
CA ALA S 179 94.55 -3.38 -6.01
C ALA S 179 94.27 -2.13 -5.18
N ASP S 180 93.03 -1.96 -4.72
CA ASP S 180 92.63 -0.78 -3.96
C ASP S 180 91.93 -1.26 -2.69
N PRO S 181 92.70 -1.80 -1.74
CA PRO S 181 92.06 -2.47 -0.59
C PRO S 181 91.22 -1.55 0.29
N TRP S 182 91.62 -0.29 0.45
CA TRP S 182 90.99 0.59 1.42
C TRP S 182 90.07 1.63 0.79
N HIS S 183 89.60 1.39 -0.44
CA HIS S 183 88.67 2.32 -1.08
C HIS S 183 87.53 1.64 -1.82
N ASN S 184 87.44 0.31 -1.80
CA ASN S 184 86.35 -0.38 -2.50
C ASN S 184 85.99 -1.62 -1.69
N THR S 185 84.94 -1.51 -0.88
CA THR S 185 84.45 -2.59 -0.05
C THR S 185 82.99 -2.29 0.30
N ILE S 186 82.49 -2.94 1.35
CA ILE S 186 81.10 -2.75 1.79
C ILE S 186 80.78 -1.27 2.02
N ALA S 187 81.81 -0.47 2.34
CA ALA S 187 81.59 0.91 2.76
C ALA S 187 81.03 1.77 1.63
N HIS S 188 81.43 1.52 0.39
CA HIS S 188 80.98 2.37 -0.71
C HIS S 188 79.47 2.35 -0.86
N VAL S 189 78.82 1.28 -0.40
CA VAL S 189 77.36 1.21 -0.44
C VAL S 189 76.72 1.39 0.93
N LEU S 190 77.44 1.11 2.03
CA LEU S 190 76.88 1.40 3.34
C LEU S 190 76.87 2.90 3.62
N ILE S 191 77.91 3.61 3.18
CA ILE S 191 77.95 5.06 3.31
C ILE S 191 78.22 5.66 1.93
N PRO S 192 77.19 5.80 1.08
CA PRO S 192 77.35 6.43 -0.23
C PRO S 192 77.47 7.96 -0.14
N ASP T 2 57.92 35.90 86.49
CA ASP T 2 57.40 35.91 85.13
C ASP T 2 58.22 36.83 84.23
N ARG T 3 57.66 37.16 83.07
CA ARG T 3 58.37 37.94 82.06
C ARG T 3 57.51 39.10 81.58
N PRO T 4 58.14 40.18 81.10
CA PRO T 4 57.35 41.30 80.56
C PRO T 4 56.75 40.99 79.20
N LEU T 5 55.43 40.79 79.16
CA LEU T 5 54.74 40.47 77.93
C LEU T 5 54.66 41.71 77.02
N TRP T 6 54.45 41.45 75.73
CA TRP T 6 54.15 42.54 74.81
C TRP T 6 52.85 43.24 75.17
N PHE T 7 51.84 42.46 75.55
CA PHE T 7 50.54 42.98 75.95
C PHE T 7 50.32 42.69 77.43
N PRO T 8 50.39 43.69 78.30
CA PRO T 8 50.16 43.43 79.73
C PRO T 8 48.75 42.94 80.00
N GLY T 9 48.61 42.05 80.97
CA GLY T 9 47.32 41.58 81.39
C GLY T 9 46.68 40.52 80.52
N SER T 10 47.38 40.02 79.51
CA SER T 10 46.86 38.99 78.63
C SER T 10 47.72 37.75 78.71
N LYS T 11 47.07 36.59 78.60
CA LYS T 11 47.79 35.32 78.68
C LYS T 11 48.67 35.13 77.45
N ALA T 12 49.91 34.71 77.68
CA ALA T 12 50.82 34.40 76.59
C ALA T 12 50.41 33.11 75.91
N PRO T 13 50.78 32.94 74.64
CA PRO T 13 50.48 31.67 73.96
C PRO T 13 51.12 30.50 74.70
N GLU T 14 50.37 29.38 74.75
CA GLU T 14 50.80 28.24 75.55
C GLU T 14 52.10 27.64 75.03
N TRP T 15 52.38 27.80 73.74
CA TRP T 15 53.57 27.19 73.15
C TRP T 15 54.84 27.97 73.43
N LEU T 16 54.75 29.14 74.06
CA LEU T 16 55.91 29.97 74.39
C LEU T 16 56.12 29.92 75.91
N ASP T 17 57.07 29.09 76.35
CA ASP T 17 57.35 28.92 77.76
C ASP T 17 58.37 29.91 78.30
N GLY T 18 59.02 30.69 77.44
CA GLY T 18 60.07 31.60 77.86
C GLY T 18 61.47 31.05 77.78
N SER T 19 61.63 29.75 77.53
CA SER T 19 62.97 29.17 77.45
C SER T 19 63.77 29.77 76.30
N LEU T 20 63.12 29.95 75.15
CA LEU T 20 63.80 30.56 74.01
C LEU T 20 64.15 32.01 74.34
N PRO T 21 65.29 32.50 73.86
CA PRO T 21 65.70 33.87 74.19
C PRO T 21 64.70 34.90 73.65
N GLY T 22 64.45 35.93 74.45
CA GLY T 22 63.57 37.01 74.04
C GLY T 22 62.15 36.57 73.74
N ASP T 23 61.56 35.73 74.60
CA ASP T 23 60.18 35.31 74.43
C ASP T 23 59.27 36.38 75.02
N PHE T 24 58.69 37.21 74.16
CA PHE T 24 57.74 38.22 74.59
C PHE T 24 56.30 37.75 74.52
N GLY T 25 56.07 36.48 74.18
CA GLY T 25 54.71 35.96 74.10
C GLY T 25 53.85 36.64 73.07
N PHE T 26 54.42 37.01 71.93
CA PHE T 26 53.72 37.76 70.89
C PHE T 26 53.48 36.82 69.71
N ASP T 27 52.35 36.11 69.75
CA ASP T 27 51.89 35.26 68.65
C ASP T 27 50.41 35.52 68.43
N PRO T 28 50.06 36.70 67.90
CA PRO T 28 48.64 37.00 67.68
C PRO T 28 47.97 36.09 66.68
N LEU T 29 48.69 35.67 65.64
CA LEU T 29 48.11 34.89 64.55
C LEU T 29 48.29 33.39 64.75
N GLY T 30 48.92 32.97 65.84
CA GLY T 30 49.08 31.54 66.11
C GLY T 30 49.91 30.81 65.07
N LEU T 31 50.99 31.44 64.61
CA LEU T 31 51.85 30.82 63.62
C LEU T 31 52.91 29.90 64.23
N GLY T 32 52.95 29.79 65.56
CA GLY T 32 53.89 28.91 66.21
C GLY T 32 53.21 27.86 67.06
N SER T 33 52.06 27.38 66.61
CA SER T 33 51.32 26.40 67.41
C SER T 33 51.97 25.02 67.35
N ASP T 34 52.75 24.75 66.32
CA ASP T 34 53.39 23.44 66.17
C ASP T 34 54.81 23.49 66.71
N PRO T 35 55.15 22.68 67.72
CA PRO T 35 56.48 22.80 68.35
C PRO T 35 57.64 22.65 67.39
N GLU T 36 57.51 21.78 66.38
CA GLU T 36 58.60 21.61 65.43
C GLU T 36 58.78 22.82 64.53
N LEU T 37 57.74 23.65 64.40
CA LEU T 37 57.87 24.87 63.59
C LEU T 37 58.67 25.95 64.31
N LEU T 38 58.69 25.93 65.65
CA LEU T 38 59.42 26.94 66.39
C LEU T 38 60.91 26.90 66.08
N LYS T 39 61.48 25.71 65.95
CA LYS T 39 62.91 25.60 65.68
C LYS T 39 63.26 26.21 64.32
N TRP T 40 62.49 25.86 63.29
CA TRP T 40 62.73 26.45 61.98
C TRP T 40 62.54 27.96 62.02
N PHE T 41 61.52 28.42 62.74
CA PHE T 41 61.23 29.85 62.76
C PHE T 41 62.32 30.62 63.50
N VAL T 42 62.85 30.07 64.59
CA VAL T 42 63.93 30.76 65.29
C VAL T 42 65.19 30.78 64.42
N GLN T 43 65.47 29.69 63.70
CA GLN T 43 66.62 29.71 62.79
C GLN T 43 66.45 30.77 61.71
N ALA T 44 65.26 30.85 61.12
CA ALA T 44 65.01 31.83 60.06
C ALA T 44 65.12 33.26 60.59
N GLU T 45 64.55 33.51 61.77
CA GLU T 45 64.63 34.86 62.33
C GLU T 45 66.05 35.21 62.71
N LEU T 46 66.85 34.24 63.18
CA LEU T 46 68.25 34.51 63.44
C LEU T 46 68.97 34.90 62.16
N VAL T 47 68.73 34.17 61.08
CA VAL T 47 69.47 34.45 59.84
C VAL T 47 69.07 35.82 59.29
N HIS T 48 67.77 36.12 59.23
CA HIS T 48 67.35 37.45 58.81
C HIS T 48 67.86 38.55 59.74
N CYS T 49 67.89 38.31 61.05
CA CYS T 49 68.30 39.38 61.94
C CYS T 49 69.80 39.65 61.82
N ARG T 50 70.62 38.60 61.68
CA ARG T 50 72.05 38.78 61.45
C ARG T 50 72.30 39.54 60.16
N TRP T 51 71.70 39.07 59.05
CA TRP T 51 71.90 39.75 57.78
C TRP T 51 71.31 41.16 57.81
N ALA T 52 70.28 41.39 58.63
CA ALA T 52 69.69 42.71 58.72
C ALA T 52 70.59 43.67 59.50
N MET T 53 71.24 43.17 60.54
CA MET T 53 72.23 44.01 61.22
C MET T 53 73.38 44.37 60.29
N LEU T 54 73.86 43.39 59.50
CA LEU T 54 74.87 43.70 58.50
C LEU T 54 74.37 44.75 57.51
N GLY T 55 73.15 44.58 57.01
CA GLY T 55 72.62 45.51 56.04
C GLY T 55 72.41 46.90 56.61
N ALA T 56 71.94 46.98 57.86
CA ALA T 56 71.74 48.27 58.51
C ALA T 56 73.06 49.00 58.68
N ALA T 57 74.10 48.28 59.13
CA ALA T 57 75.42 48.89 59.23
C ALA T 57 75.86 49.40 57.87
N GLY T 58 75.73 48.56 56.83
CA GLY T 58 76.22 48.93 55.51
C GLY T 58 75.42 50.05 54.84
N ILE T 59 74.16 50.23 55.22
CA ILE T 59 73.35 51.30 54.65
C ILE T 59 73.40 52.58 55.46
N PHE T 60 73.81 52.52 56.73
CA PHE T 60 73.79 53.71 57.57
C PHE T 60 75.18 54.28 57.83
N ILE T 61 76.15 53.46 58.25
CA ILE T 61 77.48 53.99 58.55
C ILE T 61 78.15 54.61 57.34
N PRO T 62 78.25 53.94 56.17
CA PRO T 62 78.86 54.62 55.02
C PRO T 62 78.14 55.89 54.61
N GLU T 63 76.81 55.90 54.66
CA GLU T 63 76.07 57.11 54.30
C GLU T 63 76.27 58.21 55.33
N ALA T 64 76.31 57.86 56.62
CA ALA T 64 76.56 58.85 57.64
C ALA T 64 77.94 59.47 57.51
N LEU T 65 78.95 58.64 57.22
CA LEU T 65 80.30 59.18 57.03
C LEU T 65 80.44 59.93 55.72
N THR T 66 79.62 59.60 54.72
CA THR T 66 79.55 60.43 53.52
C THR T 66 78.98 61.80 53.84
N LYS T 67 77.95 61.84 54.69
CA LYS T 67 77.42 63.12 55.15
C LYS T 67 78.46 63.90 55.94
N ALA T 68 79.23 63.20 56.78
CA ALA T 68 80.32 63.85 57.52
C ALA T 68 81.40 64.39 56.60
N GLY T 69 81.52 63.87 55.39
CA GLY T 69 82.49 64.34 54.42
C GLY T 69 83.78 63.53 54.38
N ILE T 70 84.07 62.76 55.43
CA ILE T 70 85.29 61.98 55.45
C ILE T 70 85.26 60.85 54.44
N LEU T 71 84.08 60.40 54.04
CA LEU T 71 83.91 59.34 53.04
C LEU T 71 83.11 59.85 51.86
N ASN T 72 83.30 59.21 50.72
CA ASN T 72 82.59 59.53 49.48
C ASN T 72 81.77 58.35 48.99
N THR T 73 81.09 57.67 49.91
CA THR T 73 80.29 56.51 49.54
C THR T 73 79.03 56.95 48.82
N PRO T 74 78.75 56.44 47.63
CA PRO T 74 77.54 56.82 46.92
C PRO T 74 76.30 56.32 47.63
N SER T 75 75.15 56.87 47.24
CA SER T 75 73.88 56.44 47.81
C SER T 75 73.67 54.95 47.56
N TRP T 76 73.25 54.24 48.62
CA TRP T 76 73.15 52.79 48.54
C TRP T 76 72.13 52.32 47.51
N ASN T 77 71.13 53.16 47.19
CA ASN T 77 70.13 52.75 46.20
C ASN T 77 70.73 52.61 44.81
N VAL T 78 71.75 53.39 44.49
CA VAL T 78 72.38 53.36 43.17
C VAL T 78 73.70 52.60 43.19
N ALA T 79 74.01 51.90 44.28
CA ALA T 79 75.27 51.19 44.39
C ALA T 79 75.38 50.09 43.35
N GLY T 80 74.29 49.37 43.08
CA GLY T 80 74.31 48.28 42.13
C GLY T 80 74.38 48.69 40.68
N ASP T 81 74.16 49.96 40.37
CA ASP T 81 74.24 50.46 39.01
C ASP T 81 75.58 51.10 38.68
N GLN T 82 76.51 51.13 39.65
CA GLN T 82 77.81 51.72 39.42
C GLN T 82 78.72 50.77 38.65
N GLN T 83 79.77 51.32 38.06
CA GLN T 83 80.72 50.54 37.30
C GLN T 83 81.74 49.89 38.24
N TYR T 84 82.01 48.62 37.99
CA TYR T 84 82.98 47.85 38.78
C TYR T 84 83.87 47.06 37.83
N PHE T 85 85.06 46.71 38.34
CA PHE T 85 86.06 46.02 37.53
C PHE T 85 85.63 44.63 37.10
N ALA T 86 84.57 44.08 37.68
CA ALA T 86 84.09 42.74 37.34
C ALA T 86 82.61 42.81 36.98
N ASP T 87 82.17 41.80 36.23
CA ASP T 87 80.77 41.70 35.84
C ASP T 87 79.91 41.46 37.08
N PRO T 88 78.88 42.28 37.32
CA PRO T 88 78.03 42.03 38.50
C PRO T 88 77.39 40.66 38.51
N THR T 89 76.98 40.16 37.34
CA THR T 89 76.42 38.80 37.27
C THR T 89 77.48 37.76 37.58
N THR T 90 78.71 37.97 37.11
CA THR T 90 79.82 37.10 37.48
C THR T 90 80.04 37.13 38.98
N LEU T 91 79.96 38.31 39.58
CA LEU T 91 80.06 38.42 41.04
C LEU T 91 78.95 37.63 41.72
N PHE T 92 77.73 37.71 41.17
CA PHE T 92 76.61 36.97 41.71
C PHE T 92 76.86 35.47 41.68
N VAL T 93 77.34 34.96 40.54
CA VAL T 93 77.57 33.52 40.45
C VAL T 93 78.74 33.10 41.34
N ILE T 94 79.76 33.95 41.49
CA ILE T 94 80.88 33.63 42.35
C ILE T 94 80.43 33.53 43.80
N GLU T 95 79.68 34.53 44.27
CA GLU T 95 79.19 34.47 45.65
C GLU T 95 78.21 33.33 45.84
N LEU T 96 77.40 33.02 44.82
CA LEU T 96 76.51 31.86 44.91
C LEU T 96 77.29 30.58 45.12
N ILE T 97 78.34 30.37 44.31
CA ILE T 97 79.14 29.16 44.44
C ILE T 97 79.82 29.10 45.80
N LEU T 98 80.39 30.23 46.25
CA LEU T 98 81.08 30.24 47.54
C LEU T 98 80.11 29.96 48.68
N PHE T 99 78.92 30.56 48.64
CA PHE T 99 77.95 30.43 49.72
C PHE T 99 77.16 29.12 49.66
N ALA T 100 77.25 28.38 48.55
CA ALA T 100 76.58 27.09 48.48
C ALA T 100 77.11 26.14 49.56
N TRP T 101 78.41 26.15 49.80
CA TRP T 101 78.98 25.30 50.84
C TRP T 101 78.44 25.68 52.22
N ALA T 102 78.37 26.98 52.50
CA ALA T 102 77.84 27.44 53.78
C ALA T 102 76.37 27.05 53.93
N GLU T 103 75.59 27.19 52.87
CA GLU T 103 74.18 26.82 52.94
C GLU T 103 74.01 25.33 53.14
N GLY T 104 74.83 24.52 52.47
CA GLY T 104 74.80 23.08 52.71
C GLY T 104 75.13 22.73 54.14
N ARG T 105 76.16 23.37 54.70
CA ARG T 105 76.52 23.14 56.09
C ARG T 105 75.35 23.50 57.01
N ARG T 106 74.73 24.65 56.75
CA ARG T 106 73.62 25.10 57.59
C ARG T 106 72.45 24.13 57.51
N TRP T 107 72.09 23.70 56.31
CA TRP T 107 71.00 22.74 56.15
C TRP T 107 71.32 21.43 56.86
N ALA T 108 72.54 20.93 56.69
CA ALA T 108 72.91 19.66 57.31
C ALA T 108 72.86 19.75 58.82
N ASP T 109 73.31 20.87 59.40
CA ASP T 109 73.32 20.95 60.85
C ASP T 109 71.92 21.20 61.41
N ILE T 110 71.07 21.96 60.72
CA ILE T 110 69.72 22.15 61.23
C ILE T 110 68.92 20.86 61.13
N VAL T 111 69.11 20.10 60.05
CA VAL T 111 68.45 18.81 59.95
C VAL T 111 69.06 17.81 60.94
N ASN T 112 70.38 17.77 61.02
CA ASN T 112 71.09 16.86 61.92
C ASN T 112 72.22 17.64 62.60
N PRO T 113 72.06 18.01 63.87
CA PRO T 113 73.12 18.78 64.55
C PRO T 113 74.41 17.99 64.65
N GLY T 114 75.52 18.71 64.43
CA GLY T 114 76.85 18.16 64.64
C GLY T 114 77.39 17.30 63.50
N CYS T 115 76.64 17.13 62.42
CA CYS T 115 77.08 16.23 61.35
C CYS T 115 78.09 16.89 60.42
N VAL T 116 78.26 18.21 60.52
CA VAL T 116 79.22 18.93 59.69
C VAL T 116 80.19 19.70 60.58
N ASN T 117 80.42 19.20 61.79
CA ASN T 117 81.22 19.89 62.78
C ASN T 117 82.70 19.53 62.66
N VAL T 118 83.08 18.75 61.66
CA VAL T 118 84.45 18.28 61.48
C VAL T 118 85.04 18.91 60.22
N ASP T 119 86.26 19.39 60.33
CA ASP T 119 86.97 19.95 59.17
C ASP T 119 87.33 18.82 58.21
N PRO T 120 86.88 18.86 56.96
CA PRO T 120 87.18 17.74 56.05
C PRO T 120 88.66 17.57 55.74
N VAL T 121 89.34 18.65 55.35
CA VAL T 121 90.73 18.53 54.90
C VAL T 121 91.61 18.03 56.05
N PHE T 122 91.51 18.65 57.21
CA PHE T 122 92.24 18.23 58.41
C PHE T 122 91.25 17.91 59.50
N PRO T 123 90.96 16.63 59.76
CA PRO T 123 89.88 16.27 60.69
C PRO T 123 90.10 16.77 62.11
N ASN T 124 91.33 17.14 62.48
CA ASN T 124 91.58 17.61 63.85
C ASN T 124 90.81 18.89 64.14
N ASN T 125 90.74 19.81 63.19
CA ASN T 125 90.04 21.07 63.40
C ASN T 125 88.54 20.83 63.51
N LYS T 126 87.91 21.49 64.48
CA LYS T 126 86.49 21.31 64.73
C LYS T 126 85.94 22.60 65.36
N LEU T 127 84.67 22.55 65.76
CA LEU T 127 84.00 23.65 66.43
C LEU T 127 83.38 23.14 67.72
N THR T 128 83.32 24.02 68.72
CA THR T 128 82.96 23.63 70.08
C THR T 128 81.47 23.81 70.39
N GLY T 129 80.67 24.19 69.40
CA GLY T 129 79.27 24.51 69.67
C GLY T 129 78.44 23.27 69.97
N THR T 130 77.41 23.48 70.79
CA THR T 130 76.46 22.43 71.14
C THR T 130 75.04 22.76 70.71
N ASP T 131 74.58 23.98 70.97
CA ASP T 131 73.24 24.39 70.55
C ASP T 131 73.16 24.46 69.03
N VAL T 132 71.98 24.18 68.50
CA VAL T 132 71.77 24.20 67.05
C VAL T 132 71.83 25.65 66.57
N GLY T 133 72.72 25.91 65.62
CA GLY T 133 72.92 27.24 65.11
C GLY T 133 73.93 28.07 65.86
N TYR T 134 74.80 27.46 66.65
CA TYR T 134 75.82 28.18 67.40
C TYR T 134 77.09 27.35 67.40
N PRO T 135 77.99 27.60 66.46
CA PRO T 135 79.16 26.72 66.27
C PRO T 135 80.31 27.01 67.23
N GLY T 136 80.46 28.26 67.63
CA GLY T 136 81.63 28.62 68.43
C GLY T 136 82.90 28.40 67.63
N GLY T 137 83.88 27.78 68.26
CA GLY T 137 85.12 27.43 67.59
C GLY T 137 86.00 28.64 67.32
N LEU T 138 87.13 28.37 66.66
CA LEU T 138 88.07 29.44 66.34
C LEU T 138 87.59 30.28 65.15
N TRP T 139 87.00 29.64 64.14
CA TRP T 139 86.62 30.35 62.94
C TRP T 139 85.45 31.30 63.19
N PHE T 140 84.40 30.81 63.83
CA PHE T 140 83.18 31.60 64.01
C PHE T 140 83.13 32.34 65.33
N ASP T 141 84.00 31.98 66.29
CA ASP T 141 84.08 32.66 67.58
C ASP T 141 85.54 33.01 67.84
N PRO T 142 86.07 34.03 67.16
CA PRO T 142 87.49 34.39 67.36
C PRO T 142 87.82 34.79 68.79
N LEU T 143 86.89 35.41 69.50
CA LEU T 143 87.14 35.92 70.85
C LEU T 143 86.72 34.95 71.95
N GLY T 144 86.29 33.74 71.58
CA GLY T 144 85.87 32.78 72.59
C GLY T 144 84.59 33.14 73.31
N TRP T 145 83.83 34.12 72.81
CA TRP T 145 82.60 34.52 73.45
C TRP T 145 81.45 33.63 72.98
N GLY T 146 80.67 33.13 73.93
CA GLY T 146 79.53 32.29 73.64
C GLY T 146 79.55 30.91 74.25
N GLN T 147 80.59 30.56 75.01
CA GLN T 147 80.67 29.28 75.70
C GLN T 147 80.97 29.62 77.16
N THR T 148 79.90 29.84 77.95
CA THR T 148 80.04 30.28 79.32
C THR T 148 78.93 29.67 80.16
N LYS T 149 79.24 29.32 81.40
CA LYS T 149 78.24 28.85 82.35
C LYS T 149 77.24 29.96 82.60
N ASP T 150 76.01 29.79 82.14
CA ASP T 150 75.01 30.87 82.12
C ASP T 150 74.01 30.64 83.24
N ALA T 151 74.25 31.27 84.38
CA ALA T 151 73.17 31.50 85.34
C ALA T 151 72.41 32.76 84.98
N LYS T 152 73.13 33.82 84.60
CA LYS T 152 72.53 35.02 84.03
C LYS T 152 73.39 35.58 82.90
N LYS T 153 74.38 34.84 82.42
CA LYS T 153 75.39 35.39 81.51
C LYS T 153 74.92 35.38 80.06
N LEU T 154 74.65 34.20 79.51
CA LEU T 154 74.41 34.08 78.08
C LEU T 154 73.07 34.69 77.67
N LYS T 155 72.04 34.49 78.49
CA LYS T 155 70.68 34.82 78.05
C LYS T 155 70.51 36.32 77.81
N GLU T 156 71.12 37.16 78.64
CA GLU T 156 71.03 38.61 78.42
C GLU T 156 71.70 38.99 77.11
N LEU T 157 72.85 38.41 76.81
CA LEU T 157 73.54 38.68 75.56
C LEU T 157 72.69 38.23 74.37
N ARG T 158 72.09 37.05 74.46
CA ARG T 158 71.23 36.57 73.38
C ARG T 158 70.03 37.50 73.19
N THR T 159 69.43 37.95 74.29
CA THR T 159 68.26 38.80 74.20
C THR T 159 68.59 40.14 73.56
N LYS T 160 69.71 40.76 73.96
CA LYS T 160 70.07 42.02 73.34
C LYS T 160 70.52 41.83 71.89
N GLU T 161 71.11 40.68 71.56
CA GLU T 161 71.43 40.37 70.18
C GLU T 161 70.18 40.33 69.32
N ILE T 162 69.16 39.58 69.76
CA ILE T 162 67.96 39.47 68.95
C ILE T 162 67.18 40.79 68.94
N LYS T 163 67.25 41.57 70.03
CA LYS T 163 66.60 42.87 70.04
C LYS T 163 67.23 43.81 69.02
N ASN T 164 68.57 43.86 68.99
CA ASN T 164 69.25 44.66 67.99
C ASN T 164 68.96 44.14 66.58
N GLY T 165 68.85 42.83 66.43
CA GLY T 165 68.50 42.27 65.14
C GLY T 165 67.14 42.72 64.66
N ARG T 166 66.13 42.66 65.53
CA ARG T 166 64.80 43.10 65.18
C ARG T 166 64.78 44.59 64.85
N LEU T 167 65.50 45.39 65.64
CA LEU T 167 65.56 46.82 65.38
C LEU T 167 66.20 47.09 64.03
N ALA T 168 67.25 46.35 63.69
CA ALA T 168 67.90 46.53 62.39
C ALA T 168 66.99 46.08 61.25
N MET T 169 66.21 45.02 61.47
CA MET T 169 65.23 44.57 60.47
C MET T 169 64.24 45.69 60.16
N LEU T 170 63.66 46.27 61.22
CA LEU T 170 62.76 47.39 61.03
C LEU T 170 63.47 48.55 60.35
N ALA T 171 64.73 48.80 60.72
CA ALA T 171 65.48 49.91 60.16
C ALA T 171 65.71 49.74 58.65
N VAL T 172 66.08 48.54 58.21
CA VAL T 172 66.39 48.35 56.80
C VAL T 172 65.12 48.42 55.96
N LEU T 173 64.02 47.80 56.42
CA LEU T 173 62.77 47.99 55.67
C LEU T 173 62.30 49.44 55.70
N GLY T 174 62.52 50.14 56.82
CA GLY T 174 62.25 51.56 56.82
C GLY T 174 63.05 52.30 55.78
N ALA T 175 64.34 52.02 55.68
CA ALA T 175 65.18 52.71 54.72
C ALA T 175 64.71 52.46 53.30
N VAL T 176 64.42 51.19 52.97
CA VAL T 176 63.96 50.86 51.62
C VAL T 176 62.64 51.58 51.32
N VAL T 177 61.70 51.52 52.26
CA VAL T 177 60.40 52.14 52.05
C VAL T 177 60.53 53.65 51.89
N GLN T 178 61.39 54.28 52.70
CA GLN T 178 61.40 55.75 52.72
C GLN T 178 62.13 56.26 51.50
N ALA T 179 63.13 55.50 51.02
CA ALA T 179 63.78 55.81 49.76
C ALA T 179 62.82 55.64 48.59
N ASN T 180 61.95 54.62 48.65
CA ASN T 180 60.93 54.49 47.62
C ASN T 180 59.96 55.67 47.66
N TYR T 181 59.51 56.05 48.85
CA TYR T 181 58.54 57.13 48.99
C TYR T 181 59.18 58.49 48.71
N THR T 182 60.35 58.73 49.28
CA THR T 182 61.10 59.97 49.07
C THR T 182 62.39 59.66 48.32
N HIS T 183 62.61 60.37 47.22
CA HIS T 183 63.80 60.12 46.41
C HIS T 183 65.02 60.79 47.02
N THR T 184 65.25 60.55 48.30
CA THR T 184 66.37 61.10 49.05
C THR T 184 66.85 60.07 50.06
N GLY T 185 68.09 60.22 50.50
CA GLY T 185 68.68 59.30 51.44
C GLY T 185 68.07 59.40 52.81
N PRO T 186 68.34 58.42 53.67
CA PRO T 186 67.80 58.46 55.03
C PRO T 186 68.27 59.67 55.83
N ILE T 187 69.50 60.14 55.59
CA ILE T 187 70.02 61.28 56.34
C ILE T 187 69.22 62.55 56.00
N ASP T 188 68.75 62.69 54.76
CA ASP T 188 67.91 63.83 54.42
C ASP T 188 66.62 63.82 55.22
N ASN T 189 65.98 62.65 55.32
CA ASN T 189 64.76 62.54 56.12
C ASN T 189 65.05 62.82 57.59
N LEU T 190 66.20 62.34 58.09
CA LEU T 190 66.56 62.59 59.49
C LEU T 190 66.73 64.09 59.75
N LEU T 191 67.41 64.78 58.83
CA LEU T 191 67.57 66.22 58.99
C LEU T 191 66.24 66.94 58.90
N ALA T 192 65.35 66.48 58.02
CA ALA T 192 64.02 67.09 57.92
C ALA T 192 63.23 66.92 59.21
N HIS T 193 63.29 65.72 59.80
CA HIS T 193 62.53 65.47 61.03
C HIS T 193 63.17 66.17 62.23
N LEU T 194 64.47 66.44 62.21
CA LEU T 194 65.07 67.22 63.29
C LEU T 194 64.81 68.72 63.11
N ALA T 195 64.71 69.19 61.87
CA ALA T 195 64.45 70.62 61.65
C ALA T 195 63.04 71.00 62.07
N ASP T 196 62.05 70.23 61.61
CA ASP T 196 60.65 70.44 61.98
C ASP T 196 59.89 69.12 61.82
N PRO T 197 59.74 68.35 62.90
CA PRO T 197 59.11 67.03 62.76
C PRO T 197 57.68 67.08 62.25
N GLY T 198 56.91 68.09 62.67
CA GLY T 198 55.53 68.17 62.25
C GLY T 198 55.37 68.48 60.78
N HIS T 199 56.19 69.41 60.27
CA HIS T 199 56.06 69.82 58.87
C HIS T 199 56.40 68.69 57.92
N ASN T 200 57.48 67.97 58.19
CA ASN T 200 57.97 66.91 57.32
C ASN T 200 57.53 65.57 57.88
N THR T 201 56.70 64.85 57.12
CA THR T 201 56.12 63.60 57.57
C THR T 201 55.62 62.83 56.34
N ILE T 202 54.84 61.78 56.58
CA ILE T 202 54.31 60.97 55.49
C ILE T 202 53.40 61.81 54.61
N PHE T 203 52.52 62.61 55.23
CA PHE T 203 51.62 63.47 54.46
C PHE T 203 52.34 64.63 53.80
N ALA T 204 53.54 64.99 54.27
CA ALA T 204 54.25 66.13 53.69
C ALA T 204 54.59 65.88 52.23
N LEU T 205 55.02 64.66 51.90
CA LEU T 205 55.39 64.37 50.51
C LEU T 205 54.15 64.17 49.65
N SER T 206 53.10 63.57 50.20
CA SER T 206 51.87 63.35 49.47
C SER T 206 50.66 63.40 50.41
N PHE U 1 6.60 54.41 87.37
CA PHE U 1 7.33 55.64 87.11
C PHE U 1 7.60 55.84 85.63
N ALA U 2 8.19 56.99 85.29
CA ALA U 2 8.81 57.24 83.98
C ALA U 2 7.79 57.12 82.84
N SER U 3 6.74 57.95 82.92
CA SER U 3 5.74 58.01 81.87
C SER U 3 5.14 56.64 81.61
N LYS U 4 5.67 55.93 80.60
CA LYS U 4 5.24 54.57 80.35
C LYS U 4 5.60 53.66 81.52
N GLN U 5 4.77 52.65 81.75
CA GLN U 5 4.92 51.79 82.91
C GLN U 5 6.19 50.96 82.81
N SER U 6 6.72 50.60 83.97
CA SER U 6 7.90 49.76 84.07
C SER U 6 7.49 48.28 84.16
N LEU U 7 8.49 47.41 84.03
CA LEU U 7 8.26 45.96 84.06
C LEU U 7 9.11 45.26 85.12
N SER U 8 9.55 45.99 86.15
CA SER U 8 10.31 45.51 87.29
C SER U 8 11.68 44.96 86.93
N TYR U 9 12.08 45.05 85.66
CA TYR U 9 13.45 44.69 85.29
C TYR U 9 14.47 45.53 86.06
N LEU U 10 14.15 46.78 86.32
CA LEU U 10 14.93 47.65 87.20
C LEU U 10 14.01 48.24 88.27
N ASP U 11 14.50 48.25 89.51
CA ASP U 11 13.71 48.71 90.65
C ASP U 11 14.11 50.10 91.15
N GLY U 12 15.06 50.77 90.49
CA GLY U 12 15.54 52.05 90.97
C GLY U 12 16.78 51.97 91.84
N THR U 13 17.32 50.78 92.08
CA THR U 13 18.50 50.63 92.93
C THR U 13 19.76 51.19 92.26
N LEU U 14 19.87 51.05 90.94
CA LEU U 14 21.05 51.51 90.24
C LEU U 14 21.18 53.04 90.35
N PRO U 15 22.43 53.57 90.39
CA PRO U 15 22.64 55.01 90.41
C PRO U 15 22.04 55.60 89.14
N GLY U 16 21.34 56.72 89.29
CA GLY U 16 20.73 57.39 88.17
C GLY U 16 19.66 56.59 87.48
N ASP U 17 18.76 56.01 88.25
CA ASP U 17 17.71 55.13 87.73
C ASP U 17 16.39 55.89 87.64
N TYR U 18 15.72 55.78 86.50
CA TYR U 18 14.45 56.47 86.30
C TYR U 18 13.36 55.56 85.77
N GLY U 19 13.72 54.55 84.97
CA GLY U 19 12.78 53.56 84.50
C GLY U 19 12.20 53.78 83.13
N PHE U 20 12.66 54.79 82.39
CA PHE U 20 12.13 55.11 81.06
C PHE U 20 12.80 54.22 80.01
N ASP U 21 12.39 52.96 80.00
CA ASP U 21 12.90 51.95 79.07
C ASP U 21 11.72 51.20 78.45
N PRO U 22 11.02 51.85 77.52
CA PRO U 22 9.79 51.22 76.97
C PRO U 22 10.03 49.89 76.27
N LEU U 23 11.18 49.71 75.63
CA LEU U 23 11.46 48.46 74.93
C LEU U 23 12.09 47.41 75.84
N GLY U 24 12.90 47.83 76.80
CA GLY U 24 13.54 46.89 77.71
C GLY U 24 14.63 46.08 77.05
N LEU U 25 15.74 46.73 76.70
CA LEU U 25 16.81 46.02 76.01
C LEU U 25 17.50 45.00 76.90
N MET U 26 17.55 45.25 78.22
CA MET U 26 18.09 44.27 79.15
C MET U 26 17.13 43.13 79.46
N ASP U 27 16.06 42.98 78.69
CA ASP U 27 15.21 41.81 78.84
C ASP U 27 16.04 40.57 78.56
N PRO U 28 16.06 39.59 79.46
CA PRO U 28 16.96 38.43 79.27
C PRO U 28 16.74 37.69 77.97
N GLU U 29 15.50 37.63 77.48
CA GLU U 29 15.27 37.06 76.15
C GLU U 29 15.93 37.90 75.07
N GLY U 30 15.85 39.23 75.20
CA GLY U 30 16.48 40.15 74.28
C GLY U 30 17.88 40.59 74.67
N ALA U 31 18.48 39.94 75.67
CA ALA U 31 19.81 40.27 76.13
C ALA U 31 20.70 39.03 76.05
N GLY U 32 21.94 39.24 75.63
CA GLY U 32 22.90 38.15 75.57
C GLY U 32 24.15 38.51 74.78
N GLY U 33 25.21 37.73 74.95
CA GLY U 33 26.44 37.97 74.22
C GLY U 33 27.06 39.31 74.54
N PHE U 34 26.98 40.24 73.58
CA PHE U 34 27.51 41.58 73.78
C PHE U 34 26.82 42.27 74.94
N ILE U 35 25.51 42.08 75.07
CA ILE U 35 24.76 42.70 76.16
C ILE U 35 25.21 42.09 77.48
N ASP U 36 25.70 42.94 78.38
CA ASP U 36 26.18 42.53 79.68
C ASP U 36 25.60 43.45 80.74
N PRO U 37 25.25 42.93 81.92
CA PRO U 37 24.67 43.80 82.95
C PRO U 37 25.59 44.93 83.36
N GLN U 38 26.90 44.69 83.40
CA GLN U 38 27.84 45.74 83.75
C GLN U 38 28.10 46.68 82.58
N TRP U 39 28.04 46.18 81.34
CA TRP U 39 28.56 46.93 80.21
C TRP U 39 27.66 48.08 79.79
N LEU U 40 26.34 47.89 79.79
CA LEU U 40 25.45 48.95 79.30
C LEU U 40 25.50 50.21 80.15
N PRO U 41 25.39 50.16 81.49
CA PRO U 41 25.52 51.42 82.26
C PRO U 41 26.88 52.08 82.08
N TYR U 42 27.94 51.27 81.97
CA TYR U 42 29.27 51.81 81.76
C TYR U 42 29.34 52.56 80.43
N ALA U 43 28.80 51.97 79.37
CA ALA U 43 28.81 52.63 78.07
C ALA U 43 27.96 53.90 78.09
N GLU U 44 26.80 53.85 78.76
CA GLU U 44 25.96 55.04 78.85
C GLU U 44 26.70 56.17 79.55
N ILE U 45 27.32 55.88 80.70
CA ILE U 45 28.01 56.93 81.44
C ILE U 45 29.24 57.43 80.70
N ILE U 46 29.91 56.59 79.91
CA ILE U 46 31.07 57.08 79.17
C ILE U 46 30.63 57.95 77.98
N ASN U 47 29.61 57.54 77.24
CA ASN U 47 29.08 58.40 76.19
C ASN U 47 28.63 59.74 76.78
N GLY U 48 28.01 59.72 77.96
CA GLY U 48 27.64 60.96 78.62
C GLY U 48 28.82 61.79 79.08
N ARG U 49 29.85 61.14 79.62
CA ARG U 49 31.03 61.86 80.06
C ARG U 49 31.72 62.56 78.91
N PHE U 50 31.85 61.88 77.77
CA PHE U 50 32.45 62.52 76.61
C PHE U 50 31.51 63.56 76.00
N ALA U 51 30.20 63.37 76.17
CA ALA U 51 29.25 64.39 75.75
C ALA U 51 29.39 65.67 76.56
N MET U 52 29.75 65.55 77.84
CA MET U 52 30.09 66.73 78.64
C MET U 52 31.10 67.61 77.90
N LEU U 53 32.27 67.02 77.61
CA LEU U 53 33.35 67.77 76.98
C LEU U 53 32.95 68.22 75.57
N GLY U 54 32.23 67.38 74.84
CA GLY U 54 31.81 67.76 73.50
C GLY U 54 30.90 68.98 73.49
N ALA U 55 29.89 68.97 74.36
CA ALA U 55 28.97 70.09 74.44
C ALA U 55 29.69 71.35 74.93
N ALA U 56 30.60 71.21 75.89
CA ALA U 56 31.33 72.37 76.39
C ALA U 56 32.22 72.95 75.30
N GLY U 57 32.98 72.11 74.61
CA GLY U 57 33.94 72.58 73.62
C GLY U 57 33.36 72.96 72.28
N ALA U 58 32.12 72.54 72.00
CA ALA U 58 31.45 73.03 70.79
C ALA U 58 31.08 74.50 70.88
N ILE U 59 31.12 75.08 72.07
CA ILE U 59 30.81 76.49 72.25
C ILE U 59 31.91 77.27 72.93
N ALA U 60 32.84 76.62 73.63
CA ALA U 60 33.87 77.35 74.38
C ALA U 60 34.66 78.33 73.52
N PRO U 61 35.18 77.97 72.34
CA PRO U 61 35.85 78.99 71.52
C PRO U 61 34.95 80.16 71.15
N GLU U 62 33.70 79.88 70.77
CA GLU U 62 32.81 80.96 70.32
C GLU U 62 32.41 81.86 71.49
N VAL U 63 32.06 81.27 72.64
CA VAL U 63 31.68 82.10 73.78
C VAL U 63 32.89 82.86 74.32
N LEU U 64 34.08 82.26 74.28
CA LEU U 64 35.28 82.97 74.71
C LEU U 64 35.60 84.15 73.78
N GLY U 65 35.42 83.95 72.48
CA GLY U 65 35.54 85.07 71.55
C GLY U 65 34.48 86.13 71.78
N ARG U 66 33.28 85.71 72.20
CA ARG U 66 32.22 86.66 72.46
C ARG U 66 32.54 87.52 73.67
N ILE U 67 32.96 86.91 74.78
CA ILE U 67 33.27 87.68 75.98
C ILE U 67 34.49 88.56 75.75
N GLY U 68 35.47 88.09 74.97
CA GLY U 68 36.59 88.92 74.59
C GLY U 68 37.87 88.69 75.36
N LEU U 69 38.24 87.43 75.59
CA LEU U 69 39.50 87.12 76.27
C LEU U 69 40.25 85.98 75.60
N ILE U 70 39.96 85.68 74.34
CA ILE U 70 40.65 84.64 73.59
C ILE U 70 41.08 85.26 72.27
N PRO U 71 42.14 84.78 71.62
CA PRO U 71 42.47 85.28 70.28
C PRO U 71 41.31 85.09 69.31
N GLN U 72 41.11 86.08 68.44
CA GLN U 72 40.02 86.05 67.48
C GLN U 72 40.23 85.01 66.40
N GLU U 73 41.47 84.53 66.23
CA GLU U 73 41.74 83.46 65.28
C GLU U 73 41.22 82.11 65.75
N THR U 74 40.86 82.00 67.03
CA THR U 74 40.24 80.79 67.57
C THR U 74 38.72 80.82 67.51
N ALA U 75 38.13 81.84 66.87
CA ALA U 75 36.68 81.93 66.72
C ALA U 75 36.15 81.11 65.55
N ILE U 76 36.93 80.13 65.09
CA ILE U 76 36.57 79.27 63.97
C ILE U 76 35.35 78.44 64.36
N PRO U 77 34.48 78.10 63.41
CA PRO U 77 33.38 77.18 63.72
C PRO U 77 33.91 75.83 64.19
N TRP U 78 33.13 75.19 65.07
CA TRP U 78 33.56 73.93 65.66
C TRP U 78 33.78 72.85 64.61
N PHE U 79 33.03 72.90 63.50
CA PHE U 79 33.23 71.92 62.44
C PHE U 79 34.37 72.28 61.50
N GLN U 80 34.91 73.48 61.61
CA GLN U 80 36.01 73.92 60.75
C GLN U 80 37.38 73.72 61.40
N SER U 81 37.43 73.17 62.61
CA SER U 81 38.71 72.96 63.28
C SER U 81 39.52 71.84 62.66
N GLY U 82 38.92 71.03 61.79
CA GLY U 82 39.58 69.87 61.21
C GLY U 82 38.86 68.56 61.43
N VAL U 83 37.72 68.55 62.12
CA VAL U 83 36.95 67.33 62.28
C VAL U 83 36.43 66.84 60.92
N ILE U 84 35.93 67.75 60.10
CA ILE U 84 35.52 67.43 58.74
C ILE U 84 36.26 68.36 57.77
N PRO U 85 37.40 67.92 57.24
CA PRO U 85 38.22 68.78 56.36
C PRO U 85 37.45 69.29 55.15
N PRO U 86 36.55 68.50 54.52
CA PRO U 86 35.83 69.05 53.37
C PRO U 86 35.07 70.32 53.67
N VAL U 87 34.47 70.45 54.85
CA VAL U 87 33.75 71.66 55.19
C VAL U 87 34.70 72.83 55.37
N GLY U 88 35.84 72.60 56.03
CA GLY U 88 36.78 73.68 56.23
C GLY U 88 38.01 73.19 56.98
N ASN U 89 38.89 74.15 57.28
CA ASN U 89 40.14 73.86 57.98
C ASN U 89 40.51 75.05 58.84
N TYR U 90 41.31 74.79 59.87
CA TYR U 90 41.79 75.81 60.79
C TYR U 90 43.30 75.70 60.93
N SER U 91 43.95 76.85 61.10
CA SER U 91 45.41 76.91 61.15
C SER U 91 45.96 76.13 62.34
N TYR U 92 47.12 75.52 62.14
CA TYR U 92 47.79 74.74 63.17
C TYR U 92 49.28 74.72 62.90
N TRP U 93 50.05 74.34 63.92
CA TRP U 93 51.50 74.26 63.78
C TRP U 93 51.94 73.03 62.99
N ALA U 94 51.12 71.97 62.98
CA ALA U 94 51.42 70.76 62.24
C ALA U 94 50.17 70.31 61.48
N ASP U 95 50.37 69.34 60.59
CA ASP U 95 49.26 68.84 59.79
C ASP U 95 48.23 68.13 60.68
N PRO U 96 46.95 68.19 60.33
CA PRO U 96 45.94 67.47 61.10
C PRO U 96 46.20 65.98 61.22
N TYR U 97 46.80 65.36 60.20
CA TYR U 97 47.11 63.93 60.28
C TYR U 97 48.10 63.64 61.40
N THR U 98 49.10 64.52 61.58
CA THR U 98 50.12 64.29 62.59
C THR U 98 49.53 64.36 64.00
N LEU U 99 48.76 65.40 64.28
CA LEU U 99 48.09 65.49 65.58
C LEU U 99 47.08 64.37 65.75
N PHE U 100 46.45 63.92 64.66
CA PHE U 100 45.54 62.79 64.72
C PHE U 100 46.26 61.53 65.15
N VAL U 101 47.44 61.27 64.57
CA VAL U 101 48.20 60.08 64.95
C VAL U 101 48.66 60.17 66.39
N LEU U 102 49.14 61.35 66.80
CA LEU U 102 49.54 61.55 68.19
C LEU U 102 48.39 61.25 69.15
N GLU U 103 47.23 61.85 68.90
CA GLU U 103 46.10 61.67 69.82
C GLU U 103 45.60 60.24 69.79
N MET U 104 45.61 59.58 68.63
CA MET U 104 45.20 58.18 68.57
C MET U 104 46.15 57.30 69.37
N ALA U 105 47.46 57.55 69.29
CA ALA U 105 48.40 56.75 70.06
C ALA U 105 48.18 56.94 71.56
N LEU U 106 48.03 58.20 71.99
CA LEU U 106 47.86 58.45 73.42
C LEU U 106 46.55 57.90 73.94
N MET U 107 45.46 58.11 73.19
CA MET U 107 44.18 57.50 73.57
C MET U 107 44.24 55.99 73.51
N GLY U 108 45.05 55.43 72.62
CA GLY U 108 45.24 53.98 72.63
C GLY U 108 45.85 53.50 73.92
N PHE U 109 46.91 54.18 74.37
CA PHE U 109 47.51 53.83 75.66
C PHE U 109 46.48 53.91 76.78
N ALA U 110 45.79 55.06 76.89
CA ALA U 110 44.88 55.27 78.00
C ALA U 110 43.71 54.30 77.97
N GLU U 111 43.04 54.20 76.82
CA GLU U 111 41.93 53.26 76.65
C GLU U 111 42.37 51.83 76.90
N HIS U 112 43.57 51.46 76.45
CA HIS U 112 44.03 50.10 76.67
C HIS U 112 44.19 49.79 78.15
N ARG U 113 44.79 50.72 78.90
CA ARG U 113 44.91 50.51 80.34
C ARG U 113 43.54 50.45 81.01
N ARG U 114 42.62 51.32 80.60
CA ARG U 114 41.27 51.30 81.18
C ARG U 114 40.55 50.00 80.87
N ALA U 115 40.67 49.51 79.64
CA ALA U 115 40.01 48.27 79.25
C ALA U 115 40.61 47.08 79.97
N GLN U 116 41.93 47.08 80.17
CA GLN U 116 42.55 46.03 80.96
C GLN U 116 42.03 46.04 82.39
N ASP U 117 41.91 47.24 82.98
CA ASP U 117 41.37 47.33 84.33
C ASP U 117 39.93 46.82 84.39
N TYR U 118 39.13 47.17 83.38
CA TYR U 118 37.76 46.67 83.33
C TYR U 118 37.72 45.15 83.21
N TYR U 119 38.56 44.59 82.34
CA TYR U 119 38.58 43.13 82.17
C TYR U 119 39.21 42.44 83.37
N LYS U 120 40.35 42.95 83.84
CA LYS U 120 41.06 42.36 84.97
C LYS U 120 41.32 43.43 86.01
N PRO U 121 40.74 43.33 87.20
CA PRO U 121 40.80 44.45 88.16
C PRO U 121 42.21 44.78 88.64
N GLY U 122 43.17 43.89 88.46
CA GLY U 122 44.53 44.13 88.88
C GLY U 122 45.40 44.87 87.89
N SER U 123 44.82 45.37 86.80
CA SER U 123 45.62 46.07 85.80
C SER U 123 46.16 47.37 86.36
N MET U 124 47.44 47.64 86.07
CA MET U 124 48.15 48.82 86.53
C MET U 124 48.16 48.95 88.06
N GLY U 125 47.88 47.85 88.75
CA GLY U 125 48.00 47.80 90.20
C GLY U 125 48.97 46.71 90.60
N LYS U 126 49.13 45.72 89.72
CA LYS U 126 50.09 44.65 89.92
C LYS U 126 50.86 44.32 88.65
N GLN U 127 50.79 45.16 87.62
CA GLN U 127 51.46 44.92 86.36
C GLN U 127 52.90 45.43 86.43
N TYR U 128 53.57 45.47 85.29
CA TYR U 128 54.98 45.85 85.20
C TYR U 128 55.07 47.21 84.52
N PHE U 129 55.66 48.18 85.23
CA PHE U 129 55.87 49.52 84.70
C PHE U 129 56.81 50.25 85.66
N LEU U 130 57.24 51.44 85.23
CA LEU U 130 58.20 52.24 86.00
C LEU U 130 57.52 52.90 87.21
N GLY U 131 57.11 52.05 88.15
CA GLY U 131 56.58 52.52 89.41
C GLY U 131 55.17 53.06 89.37
N LEU U 132 54.46 52.93 88.26
CA LEU U 132 53.09 53.40 88.16
C LEU U 132 52.06 52.35 88.57
N GLU U 133 52.50 51.13 88.89
CA GLU U 133 51.58 50.14 89.42
C GLU U 133 51.04 50.56 90.78
N LYS U 134 51.90 51.17 91.61
CA LYS U 134 51.47 51.65 92.92
C LYS U 134 50.78 53.00 92.86
N PHE U 135 50.77 53.65 91.69
CA PHE U 135 50.13 54.95 91.53
C PHE U 135 48.82 54.86 90.74
N LEU U 136 48.42 53.66 90.33
CA LEU U 136 47.20 53.47 89.54
C LEU U 136 46.34 52.38 90.18
N GLY U 137 46.17 52.45 91.50
CA GLY U 137 45.43 51.45 92.24
C GLY U 137 43.98 51.30 91.81
N GLY U 138 43.54 50.06 91.62
CA GLY U 138 42.17 49.79 91.27
C GLY U 138 41.26 49.71 92.48
N SER U 139 40.36 50.68 92.63
CA SER U 139 39.49 50.78 93.79
C SER U 139 38.04 50.72 93.35
N GLY U 140 37.23 50.00 94.11
CA GLY U 140 35.80 49.92 93.86
C GLY U 140 35.48 49.31 92.51
N ASN U 141 34.35 49.72 91.96
CA ASN U 141 33.94 49.25 90.65
C ASN U 141 34.77 49.92 89.55
N PRO U 142 34.93 49.26 88.40
CA PRO U 142 35.71 49.86 87.31
C PRO U 142 35.14 51.16 86.77
N ALA U 143 33.82 51.33 86.77
CA ALA U 143 33.22 52.52 86.20
C ALA U 143 33.43 53.74 87.08
N TYR U 144 33.63 53.54 88.39
CA TYR U 144 33.79 54.63 89.35
C TYR U 144 35.04 54.38 90.16
N PRO U 145 36.22 54.35 89.51
CA PRO U 145 37.40 53.75 90.14
C PRO U 145 37.99 54.54 91.30
N GLY U 146 38.29 55.81 91.07
CA GLY U 146 39.08 56.57 92.03
C GLY U 146 40.50 56.01 92.14
N GLY U 147 41.30 56.71 92.94
CA GLY U 147 42.66 56.29 93.17
C GLY U 147 43.50 57.35 93.85
N PRO U 148 44.80 57.07 94.04
CA PRO U 148 45.68 58.07 94.68
C PRO U 148 45.74 59.38 93.94
N ILE U 149 45.60 59.37 92.61
CA ILE U 149 45.64 60.59 91.82
C ILE U 149 44.21 61.02 91.49
N PHE U 150 43.30 60.06 91.38
CA PHE U 150 41.92 60.38 91.06
C PHE U 150 41.21 61.05 92.23
N ASN U 151 41.55 60.65 93.46
CA ASN U 151 40.91 61.18 94.66
C ASN U 151 41.74 62.27 95.32
N PHE U 152 42.41 63.10 94.52
CA PHE U 152 43.20 64.20 95.09
C PHE U 152 42.31 65.18 95.83
N LEU U 153 41.13 65.48 95.27
CA LEU U 153 40.19 66.36 95.95
C LEU U 153 39.61 65.70 97.20
N GLY U 154 39.29 64.42 97.11
CA GLY U 154 38.71 63.71 98.24
C GLY U 154 37.24 63.94 98.46
N PHE U 155 36.55 64.51 97.48
CA PHE U 155 35.13 64.81 97.60
C PHE U 155 34.31 63.52 97.59
N GLY U 156 33.09 63.59 98.10
CA GLY U 156 32.24 62.41 98.18
C GLY U 156 32.42 61.60 99.45
N LYS U 157 32.15 62.23 100.60
CA LYS U 157 32.38 61.57 101.89
C LYS U 157 31.30 60.56 102.26
N ASN U 158 30.04 60.79 101.89
CA ASN U 158 28.93 59.95 102.34
C ASN U 158 28.22 59.30 101.17
N GLU U 159 27.72 58.08 101.40
CA GLU U 159 27.10 57.31 100.33
C GLU U 159 25.85 58.00 99.78
N LYS U 160 25.09 58.67 100.65
CA LYS U 160 23.96 59.47 100.18
C LYS U 160 24.44 60.56 99.24
N GLU U 161 25.55 61.22 99.62
CA GLU U 161 26.16 62.22 98.76
C GLU U 161 26.65 61.59 97.45
N LEU U 162 27.17 60.36 97.52
CA LEU U 162 27.62 59.68 96.31
C LEU U 162 26.46 59.43 95.35
N GLN U 163 25.34 58.90 95.85
CA GLN U 163 24.19 58.64 94.98
C GLN U 163 23.62 59.93 94.43
N GLU U 164 23.54 60.97 95.26
CA GLU U 164 23.10 62.28 94.78
C GLU U 164 23.97 62.78 93.65
N LEU U 165 25.30 62.74 93.84
CA LEU U 165 26.22 63.19 92.81
C LEU U 165 26.05 62.36 91.54
N LYS U 166 25.92 61.03 91.67
CA LYS U 166 25.89 60.18 90.48
C LYS U 166 24.60 60.35 89.69
N VAL U 167 23.46 60.49 90.38
CA VAL U 167 22.23 60.75 89.64
C VAL U 167 22.31 62.12 88.96
N LYS U 168 22.94 63.10 89.61
CA LYS U 168 23.17 64.38 88.94
C LYS U 168 24.04 64.19 87.69
N GLU U 169 25.07 63.36 87.78
CA GLU U 169 25.96 63.14 86.64
C GLU U 169 25.21 62.51 85.48
N VAL U 170 24.38 61.52 85.75
CA VAL U 170 23.68 60.84 84.66
C VAL U 170 22.65 61.78 84.03
N LYS U 171 21.97 62.59 84.85
CA LYS U 171 21.03 63.57 84.30
C LYS U 171 21.75 64.58 83.41
N ASN U 172 22.90 65.08 83.88
CA ASN U 172 23.68 66.02 83.10
C ASN U 172 24.17 65.37 81.82
N GLY U 173 24.53 64.09 81.88
CA GLY U 173 24.95 63.39 80.67
C GLY U 173 23.83 63.27 79.65
N ARG U 174 22.63 62.94 80.12
CA ARG U 174 21.50 62.84 79.20
C ARG U 174 21.21 64.19 78.54
N LEU U 175 21.19 65.26 79.34
CA LEU U 175 20.92 66.58 78.75
C LEU U 175 22.03 67.00 77.80
N ALA U 176 23.29 66.68 78.13
CA ALA U 176 24.39 67.01 77.24
C ALA U 176 24.30 66.22 75.93
N MET U 177 23.91 64.95 76.00
CA MET U 177 23.80 64.15 74.78
C MET U 177 22.69 64.69 73.88
N MET U 178 21.55 65.06 74.45
CA MET U 178 20.51 65.70 73.65
C MET U 178 20.99 67.01 73.06
N ALA U 179 21.74 67.80 73.85
CA ALA U 179 22.28 69.05 73.34
C ALA U 179 23.21 68.82 72.17
N VAL U 180 24.06 67.80 72.26
CA VAL U 180 25.04 67.53 71.20
C VAL U 180 24.35 67.01 69.94
N LEU U 181 23.31 66.17 70.11
CA LEU U 181 22.52 65.75 68.96
C LEU U 181 21.88 66.95 68.28
N GLY U 182 21.34 67.89 69.07
CA GLY U 182 20.87 69.13 68.50
C GLY U 182 21.97 69.90 67.79
N TYR U 183 23.20 69.80 68.30
CA TYR U 183 24.33 70.44 67.64
C TYR U 183 24.53 69.89 66.22
N PHE U 184 24.56 68.56 66.07
CA PHE U 184 24.68 68.03 64.71
C PHE U 184 23.49 68.42 63.84
N THR U 185 22.27 68.37 64.38
CA THR U 185 21.11 68.70 63.55
C THR U 185 21.18 70.15 63.07
N GLN U 186 21.52 71.08 63.97
CA GLN U 186 21.66 72.47 63.55
C GLN U 186 22.80 72.65 62.56
N ALA U 187 23.91 71.93 62.76
CA ALA U 187 25.04 72.05 61.84
C ALA U 187 24.67 71.56 60.45
N ILE U 188 23.93 70.46 60.36
CA ILE U 188 23.59 69.91 59.06
C ILE U 188 22.45 70.66 58.40
N PHE U 189 21.61 71.37 59.16
CA PHE U 189 20.52 72.12 58.56
C PHE U 189 20.94 73.55 58.20
N THR U 190 21.40 74.32 59.19
CA THR U 190 21.74 75.72 58.95
C THR U 190 23.17 75.92 58.48
N GLY U 191 24.06 74.96 58.70
CA GLY U 191 25.44 75.10 58.28
C GLY U 191 26.29 76.00 59.15
N VAL U 192 25.79 76.38 60.32
CA VAL U 192 26.47 77.32 61.20
C VAL U 192 26.63 76.70 62.58
N GLY U 193 27.38 77.39 63.44
CA GLY U 193 27.59 76.95 64.79
C GLY U 193 26.38 77.15 65.69
N PRO U 194 26.29 76.33 66.74
CA PRO U 194 25.15 76.48 67.68
C PRO U 194 25.13 77.82 68.40
N PHE U 195 26.30 78.40 68.67
CA PHE U 195 26.35 79.71 69.33
C PHE U 195 25.66 80.77 68.47
N GLN U 196 25.83 80.70 67.16
CA GLN U 196 25.14 81.62 66.27
C GLN U 196 23.64 81.38 66.31
N ASN U 197 23.22 80.12 66.52
CA ASN U 197 21.80 79.83 66.69
C ASN U 197 21.25 80.47 67.96
N LEU U 198 22.03 80.45 69.04
CA LEU U 198 21.65 81.21 70.23
C LEU U 198 21.53 82.69 69.91
N LEU U 199 22.50 83.23 69.18
CA LEU U 199 22.45 84.64 68.80
C LEU U 199 21.18 84.94 68.00
N ASP U 200 20.72 83.98 67.20
CA ASP U 200 19.54 84.19 66.38
C ASP U 200 18.25 84.13 67.20
N HIS U 201 18.04 83.11 68.02
CA HIS U 201 16.80 83.11 68.78
C HIS U 201 16.80 84.25 69.76
N LEU U 202 17.97 84.67 70.23
CA LEU U 202 18.00 85.86 71.07
C LEU U 202 17.63 87.10 70.28
N ALA U 203 18.15 87.22 69.05
CA ALA U 203 17.88 88.40 68.25
C ALA U 203 16.49 88.34 67.63
N ASP U 204 16.20 87.28 66.88
CA ASP U 204 14.89 87.10 66.24
C ASP U 204 14.22 85.87 66.85
N PRO U 205 13.27 86.06 67.76
CA PRO U 205 12.55 84.92 68.32
C PRO U 205 11.79 84.12 67.28
N VAL U 206 11.33 84.76 66.21
CA VAL U 206 10.54 84.12 65.17
C VAL U 206 11.39 84.01 63.91
N HIS U 207 12.70 83.85 64.11
CA HIS U 207 13.64 83.83 62.99
C HIS U 207 13.28 82.76 61.96
N ASN U 208 13.10 81.52 62.41
CA ASN U 208 12.86 80.43 61.48
C ASN U 208 12.46 79.19 62.26
N ASN U 209 11.77 78.27 61.57
CA ASN U 209 11.52 76.93 62.05
C ASN U 209 12.21 75.94 61.12
N VAL U 210 12.76 74.88 61.75
CA VAL U 210 13.59 73.89 61.01
C VAL U 210 14.56 74.68 60.13
N LEU U 211 14.37 74.64 58.82
CA LEU U 211 15.22 75.41 57.90
C LEU U 211 14.42 76.17 56.86
N THR U 212 13.18 75.77 56.54
CA THR U 212 12.39 76.39 55.48
C THR U 212 13.17 76.47 54.17
N ASN U 213 13.86 75.38 53.84
CA ASN U 213 14.65 75.32 52.62
C ASN U 213 14.85 73.88 52.16
N ASP V 2 80.33 3.79 59.01
CA ASP V 2 81.60 4.50 59.19
C ASP V 2 82.22 4.87 57.83
N ARG V 3 81.41 4.82 56.78
CA ARG V 3 81.84 5.18 55.44
C ARG V 3 81.39 6.58 55.10
N PRO V 4 82.30 7.46 54.68
CA PRO V 4 81.88 8.82 54.30
C PRO V 4 80.89 8.81 53.15
N LEU V 5 79.89 9.68 53.24
CA LEU V 5 78.86 9.81 52.23
C LEU V 5 79.14 11.01 51.34
N TRP V 6 78.57 10.96 50.12
CA TRP V 6 78.64 12.09 49.22
C TRP V 6 77.98 13.32 49.79
N LEU V 7 77.03 13.14 50.72
CA LEU V 7 76.37 14.24 51.39
C LEU V 7 76.46 13.98 52.90
N PRO V 8 77.02 14.90 53.68
CA PRO V 8 77.13 14.67 55.13
C PRO V 8 75.76 14.49 55.76
N GLY V 9 75.68 13.56 56.71
CA GLY V 9 74.44 13.31 57.42
C GLY V 9 73.33 12.76 56.57
N SER V 10 73.64 12.22 55.39
CA SER V 10 72.63 11.68 54.48
C SER V 10 72.64 10.17 54.58
N GLU V 11 71.44 9.59 54.72
CA GLU V 11 71.32 8.14 54.82
C GLU V 11 71.56 7.50 53.46
N ALA V 12 72.45 6.50 53.43
CA ALA V 12 72.76 5.79 52.21
C ALA V 12 71.64 4.80 51.87
N PRO V 13 71.43 4.53 50.58
CA PRO V 13 70.42 3.54 50.20
C PRO V 13 70.79 2.16 50.72
N LYS V 14 69.76 1.36 50.99
CA LYS V 14 69.98 0.04 51.58
C LYS V 14 70.78 -0.87 50.64
N TRP V 15 70.47 -0.82 49.35
CA TRP V 15 71.21 -1.67 48.40
C TRP V 15 72.64 -1.18 48.21
N LEU V 16 72.87 0.13 48.34
CA LEU V 16 74.21 0.68 48.22
C LEU V 16 74.98 0.37 49.50
N ASP V 17 75.49 -0.86 49.57
CA ASP V 17 76.18 -1.32 50.77
C ASP V 17 77.47 -0.55 51.01
N GLY V 18 78.23 -0.28 49.96
CA GLY V 18 79.52 0.35 50.07
C GLY V 18 80.70 -0.60 49.93
N SER V 19 80.44 -1.90 49.86
CA SER V 19 81.54 -2.86 49.69
C SER V 19 82.27 -2.65 48.38
N LEU V 20 81.53 -2.41 47.30
CA LEU V 20 82.14 -2.15 46.01
C LEU V 20 82.92 -0.84 46.05
N PRO V 21 84.05 -0.76 45.35
CA PRO V 21 84.85 0.48 45.37
C PRO V 21 84.07 1.65 44.78
N GLY V 22 84.25 2.81 45.39
CA GLY V 22 83.61 4.04 44.93
C GLY V 22 82.17 4.21 45.35
N ASP V 23 81.58 3.25 46.06
CA ASP V 23 80.20 3.35 46.50
C ASP V 23 80.14 4.34 47.66
N TYR V 24 79.65 5.55 47.37
CA TYR V 24 79.51 6.60 48.37
C TYR V 24 78.05 6.94 48.65
N GLY V 25 77.14 6.02 48.35
CA GLY V 25 75.72 6.24 48.61
C GLY V 25 75.12 7.37 47.81
N PHE V 26 75.40 7.43 46.52
CA PHE V 26 74.92 8.51 45.65
C PHE V 26 74.04 7.89 44.56
N ASP V 27 72.73 7.87 44.80
CA ASP V 27 71.77 7.36 43.83
C ASP V 27 70.46 8.13 43.99
N PRO V 28 70.45 9.42 43.65
CA PRO V 28 69.25 10.23 43.88
C PRO V 28 68.03 9.77 43.08
N LEU V 29 68.23 9.23 41.88
CA LEU V 29 67.12 8.87 41.02
C LEU V 29 66.50 7.53 41.39
N ASP V 30 67.07 6.80 42.34
CA ASP V 30 66.58 5.47 42.72
C ASP V 30 66.65 4.50 41.54
N LEU V 31 67.62 4.71 40.65
CA LEU V 31 67.68 3.95 39.41
C LEU V 31 68.20 2.53 39.63
N ALA V 32 69.18 2.35 40.51
CA ALA V 32 69.84 1.06 40.69
C ALA V 32 69.16 0.20 41.75
N ALA V 33 67.88 0.43 42.03
CA ALA V 33 67.17 -0.39 43.01
C ALA V 33 66.78 -1.74 42.45
N GLU V 34 66.74 -1.90 41.13
CA GLU V 34 66.37 -3.18 40.54
C GLU V 34 67.42 -4.24 40.85
N PRO V 35 67.04 -5.43 41.31
CA PRO V 35 68.05 -6.43 41.67
C PRO V 35 68.98 -6.81 40.54
N GLY V 36 68.47 -6.90 39.31
CA GLY V 36 69.27 -7.28 38.17
C GLY V 36 70.01 -6.18 37.48
N ARG V 37 69.91 -4.94 37.98
CA ARG V 37 70.51 -3.80 37.30
C ARG V 37 71.88 -3.41 37.83
N LEU V 38 72.23 -3.80 39.07
CA LEU V 38 73.44 -3.27 39.70
C LEU V 38 74.70 -3.76 38.99
N ASN V 39 74.74 -5.04 38.60
CA ASN V 39 75.91 -5.56 37.90
C ASN V 39 76.08 -4.88 36.54
N TRP V 40 74.97 -4.69 35.83
CA TRP V 40 75.03 -3.97 34.57
C TRP V 40 75.53 -2.55 34.79
N MET V 41 75.06 -1.89 35.86
CA MET V 41 75.50 -0.53 36.14
C MET V 41 77.00 -0.48 36.40
N VAL V 42 77.52 -1.41 37.20
CA VAL V 42 78.95 -1.34 37.53
C VAL V 42 79.80 -1.65 36.31
N GLN V 43 79.40 -2.64 35.50
CA GLN V 43 80.16 -2.94 34.29
C GLN V 43 80.11 -1.78 33.30
N ALA V 44 78.93 -1.16 33.15
CA ALA V 44 78.79 -0.03 32.25
C ALA V 44 79.61 1.16 32.73
N GLU V 45 79.63 1.40 34.04
CA GLU V 45 80.46 2.49 34.56
C GLU V 45 81.93 2.22 34.33
N LEU V 46 82.37 0.97 34.50
CA LEU V 46 83.77 0.64 34.23
C LEU V 46 84.12 0.91 32.77
N VAL V 47 83.29 0.41 31.85
CA VAL V 47 83.58 0.60 30.42
C VAL V 47 83.55 2.09 30.07
N HIS V 48 82.56 2.81 30.57
CA HIS V 48 82.43 4.23 30.28
C HIS V 48 83.64 4.99 30.78
N CYS V 49 84.06 4.75 32.02
CA CYS V 49 85.19 5.48 32.58
C CYS V 49 86.47 5.17 31.82
N ARG V 50 86.69 3.90 31.47
CA ARG V 50 87.92 3.53 30.80
C ARG V 50 88.00 4.15 29.40
N TRP V 51 86.92 4.03 28.61
CA TRP V 51 86.95 4.66 27.29
C TRP V 51 86.96 6.19 27.38
N ALA V 52 86.30 6.75 28.39
CA ALA V 52 86.33 8.19 28.56
C ALA V 52 87.74 8.69 28.87
N MET V 53 88.49 7.97 29.70
CA MET V 53 89.85 8.42 30.01
C MET V 53 90.79 8.17 28.84
N LEU V 54 90.56 7.10 28.08
CA LEU V 54 91.34 6.90 26.84
C LEU V 54 91.11 8.06 25.87
N GLY V 55 89.84 8.42 25.65
CA GLY V 55 89.54 9.56 24.80
C GLY V 55 90.04 10.87 25.37
N ALA V 56 90.05 11.00 26.70
CA ALA V 56 90.59 12.21 27.33
C ALA V 56 92.06 12.36 27.02
N ALA V 57 92.82 11.28 27.13
CA ALA V 57 94.22 11.33 26.71
C ALA V 57 94.33 11.69 25.24
N GLY V 58 93.59 10.97 24.39
CA GLY V 58 93.68 11.19 22.95
C GLY V 58 93.25 12.57 22.49
N ILE V 59 92.50 13.28 23.32
CA ILE V 59 92.10 14.65 23.00
C ILE V 59 93.08 15.66 23.60
N PHE V 60 93.40 15.52 24.88
CA PHE V 60 94.17 16.54 25.57
C PHE V 60 95.64 16.54 25.17
N ILE V 61 96.24 15.36 25.00
CA ILE V 61 97.67 15.29 24.67
C ILE V 61 97.98 15.98 23.34
N PRO V 62 97.25 15.72 22.24
CA PRO V 62 97.61 16.38 20.98
C PRO V 62 97.51 17.90 21.02
N GLU V 63 96.42 18.43 21.57
CA GLU V 63 96.27 19.89 21.64
C GLU V 63 97.34 20.51 22.54
N LEU V 64 97.63 19.87 23.67
CA LEU V 64 98.67 20.38 24.57
C LEU V 64 100.02 20.39 23.89
N LEU V 65 100.37 19.29 23.19
CA LEU V 65 101.66 19.23 22.51
C LEU V 65 101.74 20.25 21.37
N THR V 66 100.63 20.44 20.64
CA THR V 66 100.63 21.42 19.55
C THR V 66 100.79 22.84 20.08
N LYS V 67 100.10 23.19 21.16
CA LYS V 67 100.23 24.52 21.71
C LYS V 67 101.55 24.73 22.43
N ILE V 68 102.20 23.65 22.86
CA ILE V 68 103.58 23.76 23.35
C ILE V 68 104.53 23.96 22.17
N GLY V 69 104.36 23.19 21.11
CA GLY V 69 105.16 23.35 19.91
C GLY V 69 105.84 22.09 19.42
N ILE V 70 105.80 21.03 20.23
CA ILE V 70 106.47 19.78 19.85
C ILE V 70 105.80 19.18 18.62
N LEU V 71 104.46 19.13 18.60
CA LEU V 71 103.70 18.53 17.51
C LEU V 71 102.91 19.61 16.77
N ASN V 72 102.45 19.24 15.58
CA ASN V 72 101.69 20.14 14.70
C ASN V 72 100.46 19.42 14.14
N THR V 73 99.71 18.71 15.03
CA THR V 73 98.57 17.89 14.67
C THR V 73 97.29 18.72 14.58
N PRO V 74 96.36 18.33 13.72
CA PRO V 74 95.05 19.00 13.67
C PRO V 74 94.19 18.65 14.89
N SER V 75 93.15 19.46 15.07
CA SER V 75 92.26 19.29 16.21
C SER V 75 91.36 18.06 16.03
N TRP V 76 90.72 17.67 17.13
CA TRP V 76 89.89 16.46 17.12
C TRP V 76 88.55 16.69 16.45
N TYR V 77 87.95 17.87 16.61
CA TYR V 77 86.60 18.13 16.15
C TYR V 77 86.49 18.36 14.65
N LYS V 78 87.59 18.24 13.91
CA LYS V 78 87.56 18.23 12.46
C LYS V 78 88.49 17.17 11.88
N ALA V 79 89.02 16.28 12.71
CA ALA V 79 89.94 15.25 12.21
C ALA V 79 89.23 14.22 11.34
N GLY V 80 87.95 13.94 11.63
CA GLY V 80 87.21 13.00 10.82
C GLY V 80 87.09 13.44 9.36
N ASP V 81 86.96 14.74 9.14
CA ASP V 81 86.92 15.31 7.79
C ASP V 81 88.33 15.82 7.47
N ALA V 82 89.22 14.87 7.17
CA ALA V 82 90.61 15.20 6.86
C ALA V 82 91.15 14.15 5.90
N THR V 83 92.24 14.52 5.23
CA THR V 83 92.82 13.65 4.20
C THR V 83 93.45 12.42 4.84
N TYR V 84 92.96 11.25 4.44
CA TYR V 84 93.50 9.97 4.91
C TYR V 84 93.67 9.03 3.73
N PHE V 85 94.59 8.08 3.89
CA PHE V 85 94.82 7.10 2.82
C PHE V 85 93.61 6.21 2.61
N ALA V 86 92.94 5.82 3.69
CA ALA V 86 91.80 4.92 3.63
C ALA V 86 90.49 5.67 3.71
N ASP V 87 89.47 5.15 3.05
CA ASP V 87 88.15 5.75 3.09
C ASP V 87 87.58 5.67 4.50
N GLN V 88 86.81 6.70 4.88
CA GLN V 88 86.30 6.78 6.24
C GLN V 88 85.34 5.64 6.55
N GLY V 89 84.46 5.30 5.61
CA GLY V 89 83.52 4.22 5.84
C GLY V 89 84.22 2.87 6.01
N THR V 90 85.27 2.63 5.22
CA THR V 90 86.03 1.40 5.35
C THR V 90 86.65 1.29 6.74
N LEU V 91 87.24 2.38 7.21
CA LEU V 91 87.81 2.41 8.56
C LEU V 91 86.73 2.14 9.60
N PHE V 92 85.56 2.78 9.46
CA PHE V 92 84.48 2.58 10.42
C PHE V 92 84.01 1.14 10.45
N ILE V 93 83.89 0.50 9.28
CA ILE V 93 83.47 -0.90 9.25
C ILE V 93 84.50 -1.79 9.93
N VAL V 94 85.79 -1.54 9.66
CA VAL V 94 86.84 -2.28 10.36
C VAL V 94 86.70 -2.10 11.87
N GLU V 95 86.41 -0.87 12.29
CA GLU V 95 86.28 -0.59 13.72
C GLU V 95 85.12 -1.35 14.32
N LEU V 96 83.96 -1.32 13.65
CA LEU V 96 82.78 -1.98 14.20
C LEU V 96 82.97 -3.49 14.23
N LEU V 97 83.68 -4.05 13.24
CA LEU V 97 83.93 -5.49 13.25
C LEU V 97 84.86 -5.89 14.40
N LEU V 98 85.98 -5.18 14.54
CA LEU V 98 86.91 -5.49 15.62
C LEU V 98 86.25 -5.31 16.99
N MET V 99 85.49 -4.24 17.16
CA MET V 99 84.78 -4.03 18.41
C MET V 99 83.67 -5.04 18.61
N ALA V 100 83.07 -5.54 17.53
CA ALA V 100 82.09 -6.60 17.65
C ALA V 100 82.72 -7.84 18.25
N TRP V 101 83.90 -8.23 17.75
CA TRP V 101 84.60 -9.36 18.34
C TRP V 101 84.94 -9.09 19.81
N ALA V 102 85.52 -7.93 20.09
CA ALA V 102 85.98 -7.64 21.45
C ALA V 102 84.85 -7.60 22.47
N GLU V 103 83.80 -6.84 22.17
CA GLU V 103 82.68 -6.74 23.10
C GLU V 103 81.91 -8.04 23.16
N SER V 104 81.66 -8.73 22.06
CA SER V 104 81.14 -10.09 22.10
C SER V 104 81.84 -10.96 23.13
N ARG V 105 83.18 -10.94 23.12
CA ARG V 105 83.92 -11.64 24.16
C ARG V 105 83.57 -11.10 25.54
N ARG V 106 83.54 -9.77 25.67
CA ARG V 106 83.22 -9.16 26.97
C ARG V 106 81.80 -9.52 27.42
N TRP V 107 80.84 -9.49 26.49
CA TRP V 107 79.46 -9.81 26.82
C TRP V 107 79.32 -11.28 27.24
N ALA V 108 80.02 -12.17 26.55
CA ALA V 108 79.99 -13.57 26.93
C ALA V 108 80.59 -13.77 28.32
N ASP V 109 81.64 -13.01 28.65
CA ASP V 109 82.19 -13.06 29.99
C ASP V 109 81.17 -12.57 31.02
N ILE V 110 80.47 -11.48 30.71
CA ILE V 110 79.55 -10.89 31.66
C ILE V 110 78.35 -11.81 31.91
N ALA V 111 77.74 -12.31 30.84
CA ALA V 111 76.58 -13.18 30.99
C ALA V 111 76.95 -14.50 31.65
N ARG V 112 77.97 -15.16 31.14
CA ARG V 112 78.45 -16.42 31.72
C ARG V 112 79.80 -16.17 32.39
N PRO V 113 79.87 -16.20 33.72
CA PRO V 113 81.14 -15.90 34.41
C PRO V 113 82.20 -16.95 34.11
N GLY V 114 83.38 -16.49 33.73
CA GLY V 114 84.51 -17.37 33.50
C GLY V 114 84.28 -18.42 32.44
N SER V 115 83.62 -18.07 31.34
CA SER V 115 83.32 -19.04 30.30
C SER V 115 84.18 -18.85 29.06
N VAL V 116 84.76 -17.67 28.86
CA VAL V 116 85.53 -17.39 27.65
C VAL V 116 86.97 -17.03 28.00
N ASN V 117 87.44 -17.50 29.17
CA ASN V 117 88.82 -17.26 29.55
C ASN V 117 89.80 -18.10 28.74
N THR V 118 89.31 -19.07 27.96
CA THR V 118 90.18 -19.98 27.22
C THR V 118 90.25 -19.56 25.75
N ASP V 119 91.47 -19.41 25.25
CA ASP V 119 91.69 -19.09 23.86
C ASP V 119 91.30 -20.29 22.99
N PRO V 120 90.43 -20.11 22.00
CA PRO V 120 90.07 -21.26 21.13
C PRO V 120 91.23 -21.82 20.34
N ILE V 121 91.95 -20.99 19.59
CA ILE V 121 92.99 -21.49 18.70
C ILE V 121 94.11 -22.15 19.50
N PHE V 122 94.59 -21.47 20.54
CA PHE V 122 95.64 -22.01 21.41
C PHE V 122 95.08 -22.15 22.82
N PRO V 123 94.64 -23.34 23.21
CA PRO V 123 93.96 -23.50 24.51
C PRO V 123 94.90 -23.46 25.70
N ASN V 124 96.13 -23.00 25.50
CA ASN V 124 97.16 -22.99 26.54
C ASN V 124 97.45 -21.59 27.06
N ASN V 125 96.41 -20.77 27.22
CA ASN V 125 96.58 -19.41 27.71
C ASN V 125 95.92 -19.18 29.07
N LYS V 126 94.63 -19.47 29.22
CA LYS V 126 93.97 -19.55 30.52
C LYS V 126 94.10 -18.25 31.31
N LEU V 127 93.39 -17.23 30.82
CA LEU V 127 93.28 -15.94 31.50
C LEU V 127 93.07 -16.13 33.00
N THR V 128 93.74 -15.29 33.79
CA THR V 128 93.83 -15.47 35.24
C THR V 128 92.80 -14.68 36.02
N GLY V 129 92.08 -13.75 35.40
CA GLY V 129 91.13 -12.92 36.12
C GLY V 129 90.02 -13.68 36.81
N THR V 130 89.84 -13.43 38.10
CA THR V 130 88.83 -14.12 38.90
C THR V 130 87.60 -13.26 39.18
N ASP V 131 87.50 -12.07 38.60
CA ASP V 131 86.38 -11.19 38.84
C ASP V 131 85.89 -10.61 37.51
N VAL V 132 84.58 -10.42 37.43
CA VAL V 132 83.97 -9.91 36.19
C VAL V 132 84.32 -8.44 36.02
N GLY V 133 84.70 -8.06 34.81
CA GLY V 133 85.13 -6.72 34.52
C GLY V 133 86.61 -6.47 34.74
N TYR V 134 87.33 -7.45 35.27
CA TYR V 134 88.78 -7.35 35.48
C TYR V 134 89.44 -8.66 35.01
N PRO V 135 89.45 -8.91 33.70
CA PRO V 135 89.99 -10.18 33.21
C PRO V 135 91.47 -10.38 33.46
N GLY V 136 92.23 -9.30 33.63
CA GLY V 136 93.66 -9.44 33.83
C GLY V 136 94.32 -10.12 32.64
N GLY V 137 95.15 -11.11 32.94
CA GLY V 137 95.82 -11.88 31.90
C GLY V 137 97.00 -11.14 31.31
N LEU V 138 97.78 -11.88 30.53
CA LEU V 138 99.01 -11.32 29.94
C LEU V 138 98.69 -10.23 28.94
N TRP V 139 97.63 -10.40 28.14
CA TRP V 139 97.32 -9.42 27.11
C TRP V 139 96.86 -8.10 27.70
N PHE V 140 96.06 -8.14 28.76
CA PHE V 140 95.48 -6.93 29.33
C PHE V 140 96.16 -6.47 30.62
N ASP V 141 96.81 -7.39 31.35
CA ASP V 141 97.54 -7.06 32.58
C ASP V 141 98.91 -7.71 32.52
N PRO V 142 99.81 -7.22 31.66
CA PRO V 142 101.12 -7.89 31.52
C PRO V 142 101.94 -7.89 32.80
N LEU V 143 102.17 -6.73 33.39
CA LEU V 143 103.07 -6.64 34.55
C LEU V 143 102.51 -7.40 35.75
N GLY V 144 101.20 -7.30 35.97
CA GLY V 144 100.58 -7.93 37.12
C GLY V 144 100.35 -7.02 38.31
N TRP V 145 100.47 -5.71 38.13
CA TRP V 145 100.24 -4.77 39.21
C TRP V 145 98.78 -4.83 39.66
N GLY V 146 98.51 -4.23 40.83
CA GLY V 146 97.16 -4.11 41.31
C GLY V 146 96.65 -5.33 42.06
N SER V 147 96.84 -6.50 41.47
CA SER V 147 96.34 -7.75 42.07
C SER V 147 97.15 -8.06 43.32
N GLY V 148 96.48 -8.03 44.48
CA GLY V 148 97.15 -8.29 45.74
C GLY V 148 96.20 -8.83 46.79
N SER V 149 96.34 -8.34 48.02
CA SER V 149 95.51 -8.79 49.12
C SER V 149 94.23 -7.96 49.19
N GLU V 150 93.37 -8.31 50.14
CA GLU V 150 92.14 -7.57 50.35
C GLU V 150 92.43 -6.15 50.85
N ASP V 151 91.55 -5.22 50.48
CA ASP V 151 91.62 -3.81 50.84
C ASP V 151 92.75 -3.10 50.10
N LYS V 152 93.56 -3.86 49.37
CA LYS V 152 94.54 -3.27 48.46
C LYS V 152 93.89 -2.92 47.13
N LEU V 153 93.01 -3.80 46.63
CA LEU V 153 92.28 -3.51 45.41
C LEU V 153 91.34 -2.34 45.58
N LYS V 154 90.80 -2.13 46.78
CA LYS V 154 89.77 -1.12 46.98
C LYS V 154 90.27 0.28 46.61
N GLU V 155 91.44 0.66 47.15
CA GLU V 155 91.94 2.01 46.92
C GLU V 155 92.28 2.23 45.45
N ILE V 156 92.92 1.26 44.81
CA ILE V 156 93.33 1.46 43.42
C ILE V 156 92.12 1.48 42.50
N ARG V 157 91.11 0.63 42.77
CA ARG V 157 89.90 0.67 41.97
C ARG V 157 89.14 1.97 42.18
N THR V 158 89.14 2.50 43.40
CA THR V 158 88.55 3.81 43.64
C THR V 158 89.26 4.88 42.82
N LYS V 159 90.60 4.82 42.81
CA LYS V 159 91.37 5.73 41.95
C LYS V 159 90.94 5.60 40.51
N GLU V 160 90.81 4.37 40.01
CA GLU V 160 90.44 4.16 38.62
C GLU V 160 89.07 4.76 38.32
N VAL V 161 88.08 4.46 39.15
CA VAL V 161 86.71 4.88 38.85
C VAL V 161 86.58 6.40 38.93
N LYS V 162 87.21 7.03 39.94
CA LYS V 162 87.07 8.48 40.03
C LYS V 162 87.92 9.19 38.99
N ASN V 163 89.07 8.62 38.60
CA ASN V 163 89.83 9.17 37.49
C ASN V 163 89.04 9.09 36.20
N GLY V 164 88.35 7.98 35.97
CA GLY V 164 87.49 7.86 34.80
C GLY V 164 86.33 8.84 34.83
N ARG V 165 85.76 9.06 36.01
CA ARG V 165 84.70 10.06 36.15
C ARG V 165 85.22 11.45 35.79
N LEU V 166 86.40 11.80 36.31
CA LEU V 166 86.99 13.10 36.02
C LEU V 166 87.23 13.26 34.52
N ALA V 167 87.81 12.24 33.89
CA ALA V 167 88.07 12.30 32.46
C ALA V 167 86.77 12.39 31.66
N MET V 168 85.73 11.69 32.10
CA MET V 168 84.48 11.66 31.37
C MET V 168 83.78 13.02 31.42
N LEU V 169 83.73 13.63 32.60
CA LEU V 169 83.18 14.98 32.70
C LEU V 169 84.05 15.99 31.95
N ALA V 170 85.37 15.79 31.96
CA ALA V 170 86.25 16.68 31.22
C ALA V 170 86.01 16.59 29.72
N VAL V 171 85.80 15.39 29.20
CA VAL V 171 85.56 15.23 27.77
C VAL V 171 84.19 15.78 27.39
N LEU V 172 83.19 15.61 28.26
CA LEU V 172 81.92 16.29 28.03
C LEU V 172 82.13 17.79 27.96
N GLY V 173 82.97 18.34 28.85
CA GLY V 173 83.27 19.75 28.79
C GLY V 173 83.96 20.16 27.50
N ALA V 174 84.87 19.32 27.02
CA ALA V 174 85.57 19.61 25.77
C ALA V 174 84.62 19.62 24.59
N PHE V 175 83.70 18.65 24.54
CA PHE V 175 82.70 18.64 23.47
C PHE V 175 81.80 19.86 23.56
N VAL V 176 81.40 20.25 24.77
CA VAL V 176 80.59 21.44 24.95
C VAL V 176 81.35 22.68 24.50
N GLN V 177 82.66 22.70 24.74
CA GLN V 177 83.49 23.80 24.26
C GLN V 177 83.47 23.87 22.73
N ALA V 178 83.74 22.74 22.08
CA ALA V 178 83.71 22.70 20.62
C ALA V 178 82.33 23.09 20.08
N ASN V 179 81.28 22.86 20.86
CA ASN V 179 79.96 23.31 20.48
C ASN V 179 79.75 24.81 20.70
N VAL V 180 80.43 25.39 21.69
CA VAL V 180 80.15 26.78 22.06
C VAL V 180 81.26 27.71 21.59
N THR V 181 82.49 27.20 21.49
CA THR V 181 83.62 28.00 21.01
C THR V 181 84.39 27.21 19.97
N HIS V 182 84.95 27.94 19.01
CA HIS V 182 85.66 27.33 17.88
C HIS V 182 87.15 27.23 18.15
N VAL V 183 87.54 26.65 19.29
CA VAL V 183 88.94 26.55 19.67
C VAL V 183 89.05 25.51 20.77
N GLY V 184 90.26 24.99 20.97
CA GLY V 184 90.52 23.95 21.94
C GLY V 184 90.33 24.40 23.37
N PRO V 185 90.05 23.46 24.27
CA PRO V 185 89.77 23.82 25.67
C PRO V 185 90.95 24.47 26.38
N ILE V 186 92.18 24.10 26.04
CA ILE V 186 93.33 24.73 26.69
C ILE V 186 93.48 26.17 26.23
N ASP V 187 93.13 26.47 24.98
CA ASP V 187 93.06 27.86 24.55
C ASP V 187 91.99 28.62 25.32
N ASN V 188 90.88 27.96 25.65
CA ASN V 188 89.89 28.57 26.53
C ASN V 188 90.44 28.77 27.93
N LEU V 189 91.31 27.87 28.40
CA LEU V 189 92.01 28.10 29.66
C LEU V 189 92.87 29.35 29.59
N PHE V 190 93.58 29.52 28.48
CA PHE V 190 94.39 30.73 28.29
C PHE V 190 93.52 31.98 28.30
N ALA V 191 92.37 31.92 27.63
CA ALA V 191 91.44 33.05 27.63
C ALA V 191 90.91 33.34 29.03
N HIS V 192 90.58 32.30 29.79
CA HIS V 192 90.13 32.47 31.17
C HIS V 192 91.24 33.02 32.05
N LEU V 193 92.50 32.75 31.71
CA LEU V 193 93.61 33.33 32.45
C LEU V 193 93.84 34.79 32.09
N ALA V 194 93.58 35.16 30.83
CA ALA V 194 93.86 36.54 30.39
C ALA V 194 92.99 37.55 31.13
N ASP V 195 91.68 37.33 31.14
CA ASP V 195 90.72 38.22 31.82
C ASP V 195 89.78 37.34 32.63
N PRO V 196 90.24 36.82 33.76
CA PRO V 196 89.42 35.85 34.52
C PRO V 196 88.08 36.39 34.95
N TYR V 197 87.99 37.66 35.33
CA TYR V 197 86.75 38.22 35.82
C TYR V 197 85.80 38.63 34.70
N HIS V 198 86.26 38.60 33.44
CA HIS V 198 85.41 38.92 32.29
C HIS V 198 85.41 37.80 31.25
N THR V 199 85.87 36.61 31.62
CA THR V 199 85.86 35.45 30.72
C THR V 199 85.43 34.24 31.52
N THR V 200 84.15 33.87 31.41
CA THR V 200 83.61 32.70 32.07
C THR V 200 82.47 32.14 31.22
N ILE V 201 81.66 31.27 31.82
CA ILE V 201 80.53 30.70 31.10
C ILE V 201 79.50 31.76 30.76
N LEU V 202 79.27 32.72 31.67
CA LEU V 202 78.29 33.77 31.40
C LEU V 202 78.77 34.71 30.30
N GLN V 203 80.07 34.77 30.05
CA GLN V 203 80.61 35.55 28.93
C GLN V 203 80.60 34.66 27.69
N SER V 204 79.76 35.04 26.72
CA SER V 204 79.55 34.25 25.51
C SER V 204 79.06 32.84 25.86
N LEU V 205 77.86 32.81 26.45
CA LEU V 205 77.24 31.58 26.93
C LEU V 205 77.14 30.52 25.84
N MET W 1 12.75 17.63 56.47
CA MET W 1 12.90 16.85 55.25
C MET W 1 12.00 17.49 54.19
N THR W 2 12.38 18.69 53.75
CA THR W 2 11.53 19.53 52.93
C THR W 2 11.43 19.01 51.51
N GLY W 3 10.70 19.77 50.67
CA GLY W 3 10.55 19.40 49.28
C GLY W 3 11.85 19.41 48.50
N ILE W 4 12.77 20.30 48.87
CA ILE W 4 14.09 20.30 48.26
C ILE W 4 14.80 18.97 48.55
N ALA W 5 14.58 18.44 49.76
CA ALA W 5 15.01 17.09 50.04
C ALA W 5 14.17 16.08 49.25
N GLU W 6 14.79 14.94 48.98
CA GLU W 6 14.37 13.92 48.02
C GLU W 6 14.43 14.43 46.59
N TRP W 7 14.45 15.75 46.40
CA TRP W 7 14.69 16.26 45.06
C TRP W 7 16.18 16.29 44.77
N TYR W 8 16.95 16.83 45.71
CA TYR W 8 18.39 16.67 45.61
C TYR W 8 18.78 15.20 45.62
N LYS W 9 18.07 14.38 46.39
CA LYS W 9 18.38 12.95 46.47
C LYS W 9 18.17 12.27 45.13
N VAL W 10 17.09 12.59 44.42
CA VAL W 10 16.85 11.97 43.12
C VAL W 10 17.80 12.54 42.08
N TYR W 11 17.91 13.87 41.98
CA TYR W 11 18.59 14.51 40.86
C TYR W 11 20.00 14.96 41.22
N GLY W 12 20.15 15.81 42.23
CA GLY W 12 21.41 16.46 42.51
C GLY W 12 22.46 15.61 43.19
N LYS W 13 22.09 14.43 43.70
CA LYS W 13 23.08 13.54 44.29
C LYS W 13 24.03 13.05 43.21
N SER W 14 25.32 13.03 43.53
CA SER W 14 26.35 12.71 42.55
C SER W 14 26.64 11.22 42.44
N VAL W 15 25.92 10.38 43.18
CA VAL W 15 26.10 8.94 43.13
C VAL W 15 24.73 8.29 42.97
N ALA W 16 24.74 7.06 42.45
CA ALA W 16 23.49 6.36 42.19
C ALA W 16 22.75 6.11 43.51
N PRO W 17 21.41 6.02 43.46
CA PRO W 17 20.65 5.87 44.71
C PRO W 17 21.02 4.65 45.53
N ASP W 18 21.37 3.54 44.88
CA ASP W 18 21.72 2.33 45.63
C ASP W 18 22.99 2.55 46.44
N GLN W 19 23.97 3.25 45.88
CA GLN W 19 25.24 3.52 46.56
C GLN W 19 25.13 4.76 47.42
N ASP W 20 25.67 4.68 48.64
CA ASP W 20 25.69 5.83 49.53
C ASP W 20 26.70 6.86 49.05
N ALA W 21 26.52 8.10 49.52
CA ALA W 21 27.36 9.23 49.13
C ALA W 21 28.61 9.37 50.01
N ARG W 22 29.05 8.28 50.64
CA ARG W 22 30.23 8.25 51.50
C ARG W 22 31.48 7.73 50.80
N ALA W 23 31.40 6.50 50.26
CA ALA W 23 32.61 5.77 49.86
C ALA W 23 33.44 6.50 48.82
N PRO W 24 32.89 7.07 47.75
CA PRO W 24 33.76 7.70 46.74
C PRO W 24 34.58 8.87 47.27
N TYR W 25 34.18 9.49 48.38
CA TYR W 25 34.87 10.67 48.88
C TYR W 25 35.42 10.53 50.28
N TYR W 26 35.11 9.44 50.99
CA TYR W 26 35.62 9.21 52.33
C TYR W 26 36.12 7.78 52.45
N GLY W 27 37.09 7.58 53.35
CA GLY W 27 37.61 6.27 53.62
C GLY W 27 38.87 5.97 52.84
N PRO W 28 39.26 4.69 52.80
CA PRO W 28 40.48 4.29 52.09
C PRO W 28 40.37 4.34 50.57
N ASN W 29 39.22 4.70 50.02
CA ASN W 29 38.99 4.65 48.58
C ASN W 29 39.14 6.01 47.91
N ARG W 30 39.67 7.01 48.60
CA ARG W 30 39.78 8.35 48.05
C ARG W 30 40.75 8.35 46.86
N PRO W 31 40.52 9.23 45.88
CA PRO W 31 41.36 9.23 44.67
C PRO W 31 42.84 9.48 44.92
N LEU W 32 43.17 10.19 45.99
CA LEU W 32 44.56 10.47 46.39
C LEU W 32 45.26 11.41 45.41
N TRP W 33 46.32 12.07 45.89
CA TRP W 33 46.86 13.25 45.22
C TRP W 33 47.85 12.93 44.11
N LYS W 34 48.12 11.67 43.82
CA LYS W 34 48.98 11.31 42.69
C LYS W 34 48.30 10.36 41.71
N GLY W 35 46.98 10.23 41.78
CA GLY W 35 46.26 9.34 40.91
C GLY W 35 46.64 7.89 41.15
N PRO W 36 46.74 7.12 40.06
CA PRO W 36 47.10 5.70 40.17
C PRO W 36 48.57 5.45 40.51
N PHE W 37 49.34 6.48 40.82
CA PHE W 37 50.76 6.35 41.16
C PHE W 37 51.04 6.86 42.56
N THR W 38 50.04 6.82 43.43
CA THR W 38 50.16 7.49 44.73
C THR W 38 51.12 6.75 45.65
N LYS W 39 51.00 5.42 45.75
CA LYS W 39 51.79 4.57 46.62
C LYS W 39 51.47 4.84 48.09
N PRO W 40 51.54 3.82 48.95
CA PRO W 40 51.10 4.01 50.34
C PRO W 40 51.87 5.07 51.10
N LYS W 41 53.15 5.28 50.80
CA LYS W 41 53.97 6.17 51.62
C LYS W 41 53.54 7.63 51.48
N ASP W 42 53.12 8.04 50.27
CA ASP W 42 52.82 9.44 50.03
C ASP W 42 51.56 9.92 50.72
N VAL W 43 50.74 9.01 51.24
CA VAL W 43 49.56 9.36 52.03
C VAL W 43 49.97 9.35 53.50
N PRO W 44 49.96 10.48 54.19
CA PRO W 44 50.31 10.48 55.62
C PRO W 44 49.37 9.60 56.41
N GLU W 45 49.93 8.94 57.43
CA GLU W 45 49.16 8.00 58.23
C GLU W 45 48.09 8.69 59.07
N TYR W 46 48.13 10.01 59.19
CA TYR W 46 47.08 10.74 59.91
C TYR W 46 46.03 11.34 59.00
N LEU W 47 46.32 11.47 57.70
CA LEU W 47 45.30 11.86 56.71
C LEU W 47 44.57 10.61 56.22
N LYS W 48 43.74 10.07 57.11
CA LYS W 48 43.06 8.81 56.87
C LYS W 48 41.73 8.96 56.16
N GLY W 49 41.34 10.19 55.80
CA GLY W 49 40.04 10.42 55.22
C GLY W 49 39.13 11.17 56.18
N GLU W 50 37.88 10.70 56.30
CA GLU W 50 36.93 11.09 57.34
C GLU W 50 36.72 12.60 57.44
N TYR W 51 37.17 13.36 56.43
CA TYR W 51 36.96 14.80 56.37
C TYR W 51 36.84 15.20 54.91
N PRO W 52 36.09 16.26 54.60
CA PRO W 52 35.77 16.54 53.20
C PRO W 52 36.98 17.01 52.41
N GLY W 53 37.14 16.43 51.22
CA GLY W 53 38.10 16.94 50.25
C GLY W 53 39.56 16.82 50.63
N ASP W 54 39.96 15.69 51.19
CA ASP W 54 41.37 15.42 51.46
C ASP W 54 41.87 14.36 50.50
N TYR W 55 43.04 14.61 49.91
CA TYR W 55 43.66 13.67 48.98
C TYR W 55 45.00 13.16 49.50
N GLY W 56 45.24 13.27 50.80
CA GLY W 56 46.50 12.86 51.37
C GLY W 56 47.70 13.63 50.87
N CYS W 57 47.53 14.93 50.63
CA CYS W 57 48.59 15.78 50.07
C CYS W 57 49.10 16.69 51.18
N ASP W 58 50.06 16.20 51.95
CA ASP W 58 50.80 17.00 52.94
C ASP W 58 52.28 16.74 52.69
N ILE W 59 52.85 17.47 51.73
CA ILE W 59 54.25 17.26 51.39
C ILE W 59 55.17 17.82 52.47
N PHE W 60 54.80 18.96 53.04
CA PHE W 60 55.51 19.49 54.19
C PHE W 60 54.85 18.99 55.47
N LYS W 61 55.62 19.02 56.56
CA LYS W 61 55.12 18.43 57.80
C LYS W 61 54.20 19.39 58.54
N LEU W 62 53.20 19.92 57.84
CA LEU W 62 52.14 20.69 58.48
C LEU W 62 51.11 19.73 59.08
N ALA W 63 50.04 20.31 59.63
CA ALA W 63 49.04 19.55 60.35
C ALA W 63 49.70 18.65 61.40
N ARG W 64 49.51 17.34 61.28
CA ARG W 64 50.13 16.31 62.10
C ARG W 64 49.67 16.39 63.55
N LEU W 65 48.87 17.40 63.91
CA LEU W 65 48.25 17.54 65.20
C LEU W 65 46.81 17.95 64.94
N PRO W 66 45.84 17.39 65.68
CA PRO W 66 44.43 17.63 65.34
C PRO W 66 44.03 19.10 65.34
N ALA W 67 44.57 19.89 66.27
CA ALA W 67 44.19 21.30 66.36
C ALA W 67 44.61 22.06 65.12
N ASN W 68 45.84 21.85 64.66
CA ASN W 68 46.31 22.49 63.44
C ASN W 68 45.46 22.07 62.24
N TYR W 69 45.13 20.78 62.15
CA TYR W 69 44.33 20.29 61.03
C TYR W 69 42.95 20.93 61.01
N ALA W 70 42.29 20.99 62.16
CA ALA W 70 40.95 21.58 62.22
C ALA W 70 40.99 23.07 61.91
N ARG W 71 41.97 23.78 62.47
CA ARG W 71 42.10 25.18 62.16
C ARG W 71 42.29 25.33 60.69
N LEU W 72 43.29 24.75 60.12
CA LEU W 72 43.59 24.94 58.71
C LEU W 72 42.39 24.61 57.85
N ARG W 73 41.60 23.61 58.25
CA ARG W 73 40.34 23.36 57.57
C ARG W 73 39.44 24.59 57.61
N THR W 74 39.31 25.22 58.75
CA THR W 74 38.47 26.40 58.83
C THR W 74 38.98 27.59 58.01
N GLN W 75 40.28 27.88 58.00
CA GLN W 75 40.72 28.97 57.12
C GLN W 75 40.60 28.59 55.64
N GLU W 76 40.80 27.31 55.30
CA GLU W 76 40.60 26.90 53.92
C GLU W 76 39.17 27.13 53.49
N LEU W 77 38.21 26.75 54.35
CA LEU W 77 36.81 26.97 54.01
C LEU W 77 36.49 28.45 53.84
N MET W 78 37.01 29.30 54.74
CA MET W 78 36.68 30.72 54.67
C MET W 78 37.28 31.36 53.43
N ASN W 79 38.57 31.11 53.17
CA ASN W 79 39.19 31.62 51.96
C ASN W 79 38.46 31.11 50.72
N GLY W 80 38.00 29.86 50.74
CA GLY W 80 37.29 29.32 49.59
C GLY W 80 35.95 29.99 49.33
N ARG W 81 35.17 30.21 50.38
CA ARG W 81 33.89 30.91 50.21
C ARG W 81 34.10 32.32 49.69
N TRP W 82 35.04 33.04 50.30
CA TRP W 82 35.32 34.40 49.84
C TRP W 82 35.86 34.41 48.42
N ALA W 83 36.60 33.37 48.02
CA ALA W 83 37.12 33.32 46.67
C ALA W 83 36.03 33.03 45.66
N MET W 84 35.06 32.18 46.01
CA MET W 84 33.90 31.98 45.14
C MET W 84 33.19 33.29 44.90
N LEU W 85 32.89 34.01 45.98
CA LEU W 85 32.23 35.32 45.83
C LEU W 85 33.09 36.26 45.00
N GLY W 86 34.40 36.27 45.25
CA GLY W 86 35.28 37.19 44.53
C GLY W 86 35.35 36.91 43.05
N ILE W 87 35.47 35.64 42.67
CA ILE W 87 35.59 35.31 41.25
C ILE W 87 34.28 35.62 40.52
N THR W 88 33.14 35.26 41.13
CA THR W 88 31.89 35.55 40.43
C THR W 88 31.64 37.06 40.34
N GLY W 89 32.02 37.82 41.37
CA GLY W 89 31.88 39.27 41.29
C GLY W 89 32.90 39.96 40.43
N CYS W 90 34.05 39.33 40.19
CA CYS W 90 35.02 39.88 39.25
C CYS W 90 34.63 39.60 37.81
N LEU W 91 33.91 38.51 37.57
CA LEU W 91 33.54 38.16 36.20
C LEU W 91 32.16 38.65 35.79
N THR W 92 31.29 39.02 36.73
CA THR W 92 29.95 39.45 36.34
C THR W 92 29.93 40.81 35.64
N PRO W 93 30.50 41.88 36.18
CA PRO W 93 30.41 43.18 35.50
C PRO W 93 31.06 43.20 34.13
N GLU W 94 32.14 42.45 33.93
CA GLU W 94 32.77 42.39 32.62
C GLU W 94 31.89 41.63 31.63
N LEU W 95 31.15 40.64 32.10
CA LEU W 95 30.23 39.91 31.21
C LEU W 95 29.04 40.76 30.83
N ILE W 96 28.46 41.50 31.79
CA ILE W 96 27.24 42.25 31.50
C ILE W 96 27.52 43.41 30.55
N ASN W 97 28.67 44.06 30.69
CA ASN W 97 29.03 45.18 29.83
C ASN W 97 30.53 45.38 29.89
N SER W 98 31.22 45.12 28.79
CA SER W 98 32.66 45.30 28.71
C SER W 98 33.07 46.69 28.27
N ASN W 99 32.12 47.54 27.89
CA ASN W 99 32.43 48.90 27.49
C ASN W 99 32.78 49.75 28.70
N SER W 100 33.55 50.82 28.46
CA SER W 100 33.97 51.71 29.53
C SER W 100 32.97 52.87 29.66
N THR W 101 31.77 52.52 30.12
CA THR W 101 30.82 53.52 30.57
C THR W 101 31.45 54.29 31.72
N PRO W 102 31.57 55.65 31.56
CA PRO W 102 32.32 56.51 32.50
C PRO W 102 32.23 56.21 33.99
N GLY W 103 31.03 55.93 34.47
CA GLY W 103 30.83 55.59 35.87
C GLY W 103 30.93 54.11 36.17
N PHE W 104 31.21 53.28 35.17
CA PHE W 104 31.15 51.83 35.31
C PHE W 104 32.50 51.21 35.64
N GLU W 105 33.49 51.38 34.75
CA GLU W 105 34.80 50.75 34.86
C GLU W 105 34.68 49.24 35.04
N PRO W 106 34.32 48.50 33.98
CA PRO W 106 34.10 47.06 34.13
C PRO W 106 35.33 46.28 34.58
N VAL W 107 36.54 46.73 34.23
CA VAL W 107 37.75 45.99 34.57
C VAL W 107 37.85 45.84 36.07
N TRP W 108 38.14 44.62 36.53
CA TRP W 108 38.03 44.31 37.96
C TRP W 108 39.13 44.97 38.77
N PHE W 109 40.35 45.06 38.24
CA PHE W 109 41.46 45.62 38.98
C PHE W 109 41.60 47.11 38.78
N ASN W 110 40.72 47.74 38.00
CA ASN W 110 40.76 49.17 37.75
C ASN W 110 39.59 49.91 38.37
N THR W 111 38.62 49.19 38.95
CA THR W 111 37.47 49.85 39.56
C THR W 111 37.84 50.57 40.84
N GLY W 112 38.97 50.21 41.46
CA GLY W 112 39.39 50.92 42.67
C GLY W 112 39.67 52.39 42.40
N ALA W 113 40.31 52.70 41.28
CA ALA W 113 40.61 54.06 40.92
C ALA W 113 39.41 54.81 40.35
N GLN W 114 38.27 54.13 40.19
CA GLN W 114 37.08 54.79 39.67
C GLN W 114 36.47 55.74 40.70
N ILE W 115 36.65 55.45 41.98
CA ILE W 115 36.07 56.29 43.03
C ILE W 115 36.69 57.68 43.02
N PHE W 116 37.98 57.79 42.71
CA PHE W 116 38.65 59.09 42.69
C PHE W 116 38.31 59.92 41.47
N SER W 117 37.63 59.35 40.48
CA SER W 117 37.25 60.09 39.30
C SER W 117 36.05 60.99 39.60
N ASP W 118 35.74 61.87 38.64
CA ASP W 118 34.61 62.79 38.81
C ASP W 118 33.28 62.06 38.67
N ALA W 119 33.20 61.07 37.77
CA ALA W 119 31.95 60.37 37.55
C ALA W 119 31.58 59.48 38.73
N GLY W 120 32.58 59.05 39.51
CA GLY W 120 32.31 58.19 40.64
C GLY W 120 31.98 56.77 40.23
N ILE W 121 31.37 56.04 41.15
CA ILE W 121 30.98 54.65 40.94
C ILE W 121 29.48 54.63 40.72
N ASP W 122 29.08 54.35 39.48
CA ASP W 122 27.67 54.31 39.10
C ASP W 122 27.30 52.85 38.79
N TYR W 123 26.61 52.21 39.73
CA TYR W 123 26.20 50.82 39.59
C TYR W 123 25.44 50.61 38.29
N LEU W 124 25.94 49.70 37.45
CA LEU W 124 25.40 49.46 36.11
C LEU W 124 25.43 50.70 35.23
N GLY W 125 26.33 51.64 35.54
CA GLY W 125 26.39 52.87 34.77
C GLY W 125 25.13 53.71 34.86
N VAL W 126 24.31 53.49 35.87
CA VAL W 126 23.10 54.27 36.08
C VAL W 126 23.47 55.51 36.89
N PRO W 127 23.20 56.72 36.38
CA PRO W 127 23.66 57.93 37.08
C PRO W 127 23.14 58.06 38.49
N GLY W 128 21.94 57.58 38.78
CA GLY W 128 21.34 57.74 40.08
C GLY W 128 21.61 56.64 41.08
N PHE W 129 22.44 55.66 40.74
CA PHE W 129 22.74 54.54 41.64
C PHE W 129 23.98 54.87 42.46
N ILE W 130 23.79 55.07 43.77
CA ILE W 130 24.86 55.30 44.73
C ILE W 130 25.63 56.57 44.37
N ASN W 131 26.36 56.54 43.25
CA ASN W 131 27.13 57.69 42.77
C ASN W 131 28.13 58.16 43.82
N ALA W 132 28.79 57.21 44.47
CA ALA W 132 29.73 57.54 45.53
C ALA W 132 30.93 58.30 44.98
N HIS W 133 31.48 59.19 45.82
CA HIS W 133 32.65 59.96 45.46
C HIS W 133 33.65 60.11 46.60
N SER W 134 33.44 59.43 47.73
CA SER W 134 34.31 59.57 48.90
C SER W 134 34.81 58.19 49.31
N LEU W 135 36.14 58.04 49.39
CA LEU W 135 36.73 56.78 49.83
C LEU W 135 36.65 56.60 51.34
N PHE W 136 36.73 57.70 52.10
CA PHE W 136 36.74 57.59 53.55
C PHE W 136 35.42 57.04 54.08
N ALA W 137 34.30 57.48 53.49
CA ALA W 137 32.99 56.95 53.91
C ALA W 137 32.91 55.45 53.65
N VAL W 138 33.41 55.01 52.49
CA VAL W 138 33.44 53.58 52.20
C VAL W 138 34.30 52.86 53.23
N ILE W 139 35.45 53.42 53.58
CA ILE W 139 36.31 52.83 54.60
C ILE W 139 35.54 52.63 55.90
N VAL W 140 34.85 53.68 56.34
CA VAL W 140 34.16 53.63 57.62
C VAL W 140 33.05 52.60 57.60
N VAL W 141 32.27 52.56 56.51
CA VAL W 141 31.17 51.61 56.42
C VAL W 141 31.70 50.18 56.38
N GLN W 142 32.77 49.94 55.62
CA GLN W 142 33.41 48.63 55.62
C GLN W 142 33.79 48.23 57.04
N ALA W 143 34.51 49.11 57.73
CA ALA W 143 34.98 48.79 59.07
C ALA W 143 33.83 48.44 59.99
N LEU W 144 32.81 49.30 60.03
CA LEU W 144 31.70 49.08 60.98
C LEU W 144 30.95 47.80 60.65
N LEU W 145 30.51 47.64 59.39
CA LEU W 145 29.67 46.51 59.05
C LEU W 145 30.44 45.19 59.19
N MET W 146 31.69 45.14 58.73
CA MET W 146 32.42 43.88 58.80
C MET W 146 32.88 43.58 60.23
N GLY W 147 33.20 44.60 61.02
CA GLY W 147 33.47 44.36 62.42
C GLY W 147 32.27 43.77 63.13
N LEU W 148 31.08 44.31 62.87
CA LEU W 148 29.88 43.74 63.46
C LEU W 148 29.66 42.31 62.99
N ALA W 149 29.83 42.06 61.69
CA ALA W 149 29.59 40.72 61.15
C ALA W 149 30.55 39.70 61.75
N GLU W 150 31.84 40.03 61.80
CA GLU W 150 32.82 39.07 62.31
C GLU W 150 32.73 38.92 63.82
N TYR W 151 32.37 40.00 64.54
CA TYR W 151 32.14 39.88 65.98
C TYR W 151 30.96 38.96 66.25
N ALA W 152 29.90 39.07 65.45
CA ALA W 152 28.79 38.13 65.56
C ALA W 152 29.23 36.71 65.21
N ARG W 153 30.14 36.57 64.23
CA ARG W 153 30.62 35.25 63.86
C ARG W 153 31.35 34.57 65.01
N ILE W 154 32.31 35.27 65.62
CA ILE W 154 33.20 34.64 66.59
C ILE W 154 32.78 34.90 68.03
N LYS W 155 31.67 35.58 68.26
CA LYS W 155 31.18 35.73 69.62
C LYS W 155 29.73 35.31 69.77
N PHE W 156 28.89 35.57 68.79
CA PHE W 156 27.47 35.24 68.85
C PHE W 156 27.19 33.85 68.26
N VAL W 157 27.94 32.86 68.71
CA VAL W 157 27.72 31.47 68.29
C VAL W 157 26.59 30.91 69.12
N PRO W 158 25.65 30.16 68.53
CA PRO W 158 24.56 29.57 69.31
C PRO W 158 25.00 28.54 70.33
N GLU W 159 26.30 28.26 70.45
CA GLU W 159 26.86 27.36 71.45
C GLU W 159 26.37 25.92 71.27
N GLY W 160 25.60 25.66 70.22
CA GLY W 160 25.12 24.32 69.96
C GLY W 160 25.38 23.85 68.54
N ALA W 161 25.69 24.79 67.65
CA ALA W 161 25.92 24.50 66.25
C ALA W 161 27.40 24.67 65.91
N ASP W 162 27.77 24.17 64.74
CA ASP W 162 29.15 24.29 64.29
C ASP W 162 29.50 25.74 64.02
N PRO W 163 30.72 26.17 64.36
CA PRO W 163 31.10 27.56 64.09
C PRO W 163 31.08 27.92 62.61
N PHE W 164 31.36 26.97 61.72
CA PHE W 164 31.43 27.23 60.30
C PHE W 164 30.36 26.51 59.50
N TYR W 165 29.56 25.67 60.15
CA TYR W 165 28.36 25.09 59.53
C TYR W 165 27.18 25.33 60.48
N PRO W 166 26.76 26.58 60.64
CA PRO W 166 25.67 26.87 61.58
C PRO W 166 24.37 26.16 61.25
N GLY W 167 24.06 26.04 59.96
CA GLY W 167 22.79 25.43 59.57
C GLY W 167 21.63 26.24 60.12
N GLY W 168 20.69 25.54 60.74
CA GLY W 168 19.57 26.20 61.38
C GLY W 168 18.57 26.75 60.38
N LYS W 169 17.68 27.60 60.90
CA LYS W 169 16.64 28.18 60.06
C LYS W 169 17.21 29.27 59.16
N THR W 170 18.08 30.13 59.70
CA THR W 170 18.48 31.33 58.97
C THR W 170 19.50 31.03 57.87
N PHE W 171 20.43 30.10 58.12
CA PHE W 171 21.48 29.81 57.14
C PHE W 171 21.14 28.66 56.22
N ASP W 172 20.08 27.91 56.51
CA ASP W 172 19.61 26.83 55.63
C ASP W 172 18.10 26.98 55.45
N PRO W 173 17.67 28.04 54.76
CA PRO W 173 16.22 28.22 54.53
C PRO W 173 15.59 27.07 53.76
N LEU W 174 16.30 26.47 52.81
CA LEU W 174 15.76 25.38 52.02
C LEU W 174 15.96 24.02 52.67
N GLY W 175 16.66 23.95 53.79
CA GLY W 175 16.82 22.70 54.53
C GLY W 175 17.59 21.63 53.79
N PHE W 176 18.68 21.99 53.11
CA PHE W 176 19.49 21.00 52.42
C PHE W 176 20.13 20.01 53.38
N SER W 177 20.31 20.38 54.65
CA SER W 177 21.06 19.58 55.61
C SER W 177 20.19 18.59 56.38
N SER W 178 19.06 18.17 55.82
CA SER W 178 18.19 17.23 56.52
C SER W 178 18.87 15.88 56.72
N ASP W 179 19.59 15.39 55.70
CA ASP W 179 20.23 14.09 55.74
C ASP W 179 21.74 14.25 55.88
N PRO W 180 22.35 13.61 56.89
CA PRO W 180 23.81 13.74 57.05
C PRO W 180 24.61 13.27 55.85
N GLU W 181 24.15 12.22 55.15
CA GLU W 181 24.91 11.72 54.01
C GLU W 181 24.99 12.74 52.90
N ILE W 182 23.84 13.29 52.49
CA ILE W 182 23.86 14.33 51.47
C ILE W 182 24.52 15.58 52.01
N LEU W 183 24.50 15.80 53.32
CA LEU W 183 25.22 16.92 53.91
C LEU W 183 26.72 16.78 53.69
N ALA W 184 27.27 15.59 53.92
CA ALA W 184 28.69 15.36 53.67
C ALA W 184 29.03 15.47 52.19
N GLU W 185 28.16 14.95 51.32
CA GLU W 185 28.40 15.10 49.89
C GLU W 185 28.39 16.56 49.48
N LEU W 186 27.47 17.35 50.03
CA LEU W 186 27.41 18.77 49.72
C LEU W 186 28.62 19.50 50.26
N LYS W 187 29.13 19.08 51.41
CA LYS W 187 30.36 19.67 51.94
C LYS W 187 31.53 19.38 51.00
N VAL W 188 31.61 18.16 50.47
CA VAL W 188 32.66 17.83 49.51
C VAL W 188 32.56 18.72 48.28
N LYS W 189 31.34 18.87 47.75
CA LYS W 189 31.13 19.74 46.60
C LYS W 189 31.54 21.18 46.89
N GLU W 190 31.18 21.67 48.07
CA GLU W 190 31.49 23.05 48.44
C GLU W 190 33.00 23.25 48.53
N ILE W 191 33.70 22.31 49.15
CA ILE W 191 35.16 22.41 49.26
C ILE W 191 35.80 22.41 47.87
N LYS W 192 35.36 21.51 46.99
CA LYS W 192 36.01 21.40 45.69
C LYS W 192 35.74 22.64 44.82
N ASN W 193 34.48 23.11 44.78
CA ASN W 193 34.20 24.32 44.02
C ASN W 193 34.92 25.53 44.61
N GLY W 194 35.07 25.57 45.95
CA GLY W 194 35.82 26.66 46.55
C GLY W 194 37.29 26.65 46.19
N ARG W 195 37.91 25.47 46.18
CA ARG W 195 39.31 25.38 45.76
C ARG W 195 39.46 25.79 44.31
N LEU W 196 38.52 25.38 43.45
CA LEU W 196 38.57 25.81 42.05
C LEU W 196 38.48 27.32 41.95
N ALA W 197 37.60 27.95 42.73
CA ALA W 197 37.49 29.40 42.71
C ALA W 197 38.76 30.06 43.24
N MET W 198 39.40 29.46 44.24
CA MET W 198 40.63 30.02 44.78
C MET W 198 41.74 30.02 43.74
N MET W 199 41.90 28.90 43.02
CA MET W 199 42.87 28.89 41.93
C MET W 199 42.47 29.84 40.82
N ALA W 200 41.18 30.00 40.56
CA ALA W 200 40.75 30.98 39.57
C ALA W 200 41.16 32.39 39.99
N MET W 201 41.02 32.72 41.28
CA MET W 201 41.42 34.03 41.76
C MET W 201 42.92 34.24 41.66
N ALA W 202 43.71 33.21 42.01
CA ALA W 202 45.16 33.34 41.89
C ALA W 202 45.58 33.55 40.43
N GLY W 203 45.00 32.76 39.53
CA GLY W 203 45.31 32.92 38.11
C GLY W 203 44.84 34.26 37.58
N LEU W 204 43.72 34.76 38.09
CA LEU W 204 43.24 36.07 37.69
C LEU W 204 44.22 37.16 38.12
N PHE W 205 44.73 37.06 39.36
CA PHE W 205 45.75 38.00 39.81
C PHE W 205 46.97 37.96 38.90
N ALA W 206 47.48 36.76 38.63
CA ALA W 206 48.69 36.64 37.82
C ALA W 206 48.49 37.17 36.40
N GLN W 207 47.37 36.82 35.77
CA GLN W 207 47.14 37.22 34.39
C GLN W 207 46.78 38.69 34.28
N GLY W 208 46.20 39.28 35.33
CA GLY W 208 46.06 40.73 35.36
C GLY W 208 47.40 41.41 35.52
N ALA W 209 48.30 40.82 36.30
CA ALA W 209 49.65 41.36 36.42
C ALA W 209 50.38 41.35 35.09
N VAL W 210 50.27 40.25 34.34
CA VAL W 210 51.01 40.11 33.10
C VAL W 210 50.23 40.71 31.93
N THR W 211 49.03 40.19 31.68
CA THR W 211 48.24 40.58 30.52
C THR W 211 47.12 41.54 30.98
N GLY W 212 46.35 42.04 30.04
CA GLY W 212 45.40 43.11 30.32
C GLY W 212 44.21 42.77 31.19
N VAL W 213 43.23 42.01 30.68
CA VAL W 213 41.95 41.82 31.34
C VAL W 213 41.57 40.34 31.24
N SER W 214 40.37 39.99 31.73
CA SER W 214 39.85 38.64 31.72
C SER W 214 39.24 38.25 30.37
N PRO W 215 38.28 39.02 29.79
CA PRO W 215 37.69 38.60 28.52
C PRO W 215 38.73 38.52 27.42
N LEU W 216 39.43 39.63 27.18
CA LEU W 216 40.66 39.55 26.41
C LEU W 216 41.65 38.70 27.18
N GLN W 217 42.51 37.99 26.44
CA GLN W 217 43.36 36.85 26.77
C GLN W 217 42.54 35.57 26.84
N ASN W 218 41.22 35.66 26.75
CA ASN W 218 40.34 34.52 26.57
C ASN W 218 39.55 34.59 25.27
N LEU W 219 39.27 35.79 24.79
CA LEU W 219 38.71 36.01 23.45
C LEU W 219 39.67 36.72 22.52
N HIS W 220 40.50 37.61 23.04
CA HIS W 220 41.50 38.29 22.21
C HIS W 220 42.63 37.35 21.84
N ASP W 221 43.14 36.59 22.80
CA ASP W 221 44.31 35.75 22.60
C ASP W 221 44.06 34.38 23.19
N TRP W 222 44.82 33.39 22.69
CA TRP W 222 44.80 32.00 23.13
C TRP W 222 43.53 31.29 22.69
N LEU W 223 42.58 32.04 22.15
CA LEU W 223 41.37 31.46 21.58
C LEU W 223 41.00 32.24 20.32
N HIS W 224 42.00 32.45 19.45
CA HIS W 224 41.78 33.23 18.22
C HIS W 224 40.61 32.65 17.45
N LEU W 225 39.53 33.43 17.34
CA LEU W 225 38.28 32.92 16.81
C LEU W 225 37.57 33.98 15.97
N SER X 10 -42.22 53.55 77.99
CA SER X 10 -43.29 54.47 77.63
C SER X 10 -43.69 54.28 76.18
N ILE X 11 -44.00 55.40 75.50
CA ILE X 11 -44.33 55.35 74.08
C ILE X 11 -43.13 54.91 73.28
N TRP X 12 -41.95 55.46 73.57
CA TRP X 12 -40.75 55.11 72.83
C TRP X 12 -40.35 53.65 73.04
N TYR X 13 -40.51 53.15 74.27
CA TYR X 13 -40.02 51.83 74.64
C TYR X 13 -41.07 50.74 74.52
N GLY X 14 -42.35 51.08 74.56
CA GLY X 14 -43.41 50.12 74.41
C GLY X 14 -43.70 49.80 72.95
N ALA X 15 -44.61 48.86 72.75
CA ALA X 15 -44.98 48.46 71.39
C ALA X 15 -45.59 49.62 70.62
N ASP X 16 -46.34 50.48 71.31
CA ASP X 16 -46.97 51.65 70.68
C ASP X 16 -45.89 52.70 70.41
N ARG X 17 -45.11 52.46 69.35
CA ARG X 17 -44.02 53.34 68.94
C ARG X 17 -44.44 54.21 67.77
N PRO X 18 -43.83 55.39 67.65
CA PRO X 18 -44.13 56.24 66.49
C PRO X 18 -43.80 55.60 65.15
N LYS X 19 -42.76 54.75 65.10
CA LYS X 19 -42.29 54.13 63.86
C LYS X 19 -41.81 55.18 62.86
N TYR X 20 -41.30 54.74 61.71
CA TYR X 20 -40.74 55.68 60.74
C TYR X 20 -41.69 56.04 59.61
N LEU X 21 -42.71 55.21 59.36
CA LEU X 21 -43.67 55.50 58.30
C LEU X 21 -44.98 56.06 58.82
N GLY X 22 -45.31 55.83 60.08
CA GLY X 22 -46.55 56.31 60.65
C GLY X 22 -47.67 55.29 60.58
N PRO X 23 -48.64 55.53 59.70
CA PRO X 23 -49.73 54.55 59.55
C PRO X 23 -49.26 53.19 59.06
N PHE X 24 -48.24 53.15 58.20
CA PHE X 24 -47.77 51.90 57.61
C PHE X 24 -46.69 51.29 58.49
N SER X 25 -47.11 50.62 59.55
CA SER X 25 -46.17 49.87 60.37
C SER X 25 -45.53 48.75 59.58
N GLY X 26 -46.33 48.01 58.82
CA GLY X 26 -45.85 46.92 57.98
C GLY X 26 -45.19 45.83 58.81
N GLU X 27 -44.34 45.07 58.13
CA GLU X 27 -43.50 44.09 58.83
C GLU X 27 -42.40 44.81 59.59
N THR X 28 -42.10 44.32 60.79
CA THR X 28 -41.11 44.93 61.65
C THR X 28 -40.06 43.88 62.04
N PRO X 29 -38.78 44.24 61.99
CA PRO X 29 -37.74 43.26 62.36
C PRO X 29 -37.94 42.75 63.78
N SER X 30 -37.68 41.45 63.96
CA SER X 30 -37.92 40.82 65.26
C SER X 30 -37.06 41.43 66.35
N TYR X 31 -35.77 41.61 66.07
CA TYR X 31 -34.89 42.21 67.08
C TYR X 31 -35.14 43.70 67.21
N LEU X 32 -35.66 44.36 66.18
CA LEU X 32 -36.01 45.77 66.26
C LEU X 32 -37.50 45.93 66.50
N THR X 33 -37.93 45.52 67.70
CA THR X 33 -39.33 45.68 68.12
C THR X 33 -39.33 45.99 69.62
N GLY X 34 -39.32 47.28 69.95
CA GLY X 34 -39.32 47.70 71.33
C GLY X 34 -37.95 47.56 71.99
N GLU X 35 -37.98 47.65 73.32
CA GLU X 35 -36.83 47.48 74.22
C GLU X 35 -35.56 48.17 73.73
N PHE X 36 -35.70 49.32 73.08
CA PHE X 36 -34.52 50.02 72.59
C PHE X 36 -34.78 51.52 72.63
N ALA X 37 -33.70 52.29 72.56
CA ALA X 37 -33.75 53.74 72.68
C ALA X 37 -34.32 54.34 71.40
N GLY X 38 -35.60 54.70 71.44
CA GLY X 38 -36.23 55.41 70.33
C GLY X 38 -36.23 54.65 69.02
N ASP X 39 -36.36 53.33 69.07
CA ASP X 39 -36.38 52.54 67.85
C ASP X 39 -37.68 52.78 67.08
N TYR X 40 -37.56 52.80 65.76
CA TYR X 40 -38.71 52.96 64.88
C TYR X 40 -38.89 51.81 63.92
N GLY X 41 -38.07 50.76 64.03
CA GLY X 41 -38.19 49.61 63.15
C GLY X 41 -37.68 49.83 61.74
N TRP X 42 -36.90 50.88 61.50
CA TRP X 42 -36.39 51.17 60.17
C TRP X 42 -35.05 50.46 59.97
N ASP X 43 -35.14 49.19 59.57
CA ASP X 43 -34.01 48.43 59.05
C ASP X 43 -34.48 47.77 57.76
N THR X 44 -34.41 48.52 56.66
CA THR X 44 -34.81 48.01 55.36
C THR X 44 -33.67 47.35 54.61
N ALA X 45 -32.46 47.38 55.15
CA ALA X 45 -31.32 46.71 54.54
C ALA X 45 -30.67 45.67 55.45
N GLY X 46 -31.08 45.59 56.71
CA GLY X 46 -30.59 44.56 57.61
C GLY X 46 -29.11 44.59 57.91
N LEU X 47 -28.54 45.78 58.10
CA LEU X 47 -27.12 45.87 58.43
C LEU X 47 -26.83 45.27 59.80
N SER X 48 -27.69 45.53 60.78
CA SER X 48 -27.39 45.27 62.19
C SER X 48 -28.12 44.04 62.73
N SER X 49 -28.23 42.99 61.91
CA SER X 49 -28.87 41.77 62.38
C SER X 49 -28.09 41.13 63.52
N ASP X 50 -26.77 41.09 63.41
CA ASP X 50 -25.96 40.49 64.47
C ASP X 50 -25.99 41.38 65.72
N PRO X 51 -26.15 40.79 66.90
CA PRO X 51 -26.17 41.62 68.12
C PRO X 51 -24.91 42.43 68.34
N GLU X 52 -23.76 41.83 68.06
CA GLU X 52 -22.51 42.58 68.17
C GLU X 52 -22.59 43.72 67.17
N THR X 53 -22.90 43.40 65.92
CA THR X 53 -22.99 44.42 64.89
C THR X 53 -23.94 45.53 65.29
N PHE X 54 -25.09 45.17 65.84
CA PHE X 54 -26.06 46.19 66.25
C PHE X 54 -25.51 47.07 67.35
N ALA X 55 -24.81 46.49 68.32
CA ALA X 55 -24.18 47.29 69.36
C ALA X 55 -23.16 48.25 68.77
N ARG X 56 -22.29 47.74 67.89
CA ARG X 56 -21.28 48.60 67.28
C ARG X 56 -21.92 49.74 66.51
N ASN X 57 -23.03 49.47 65.82
CA ASN X 57 -23.78 50.55 65.19
C ASN X 57 -24.29 51.54 66.22
N ARG X 58 -24.68 51.05 67.41
CA ARG X 58 -25.11 51.98 68.46
C ARG X 58 -24.00 52.98 68.80
N GLU X 59 -22.80 52.48 69.11
CA GLU X 59 -21.74 53.44 69.46
C GLU X 59 -21.35 54.32 68.27
N LEU X 60 -21.30 53.75 67.06
CA LEU X 60 -20.95 54.56 65.90
C LEU X 60 -21.95 55.70 65.70
N GLU X 61 -23.24 55.38 65.81
CA GLU X 61 -24.27 56.41 65.66
C GLU X 61 -24.18 57.45 66.76
N VAL X 62 -23.93 57.03 68.00
CA VAL X 62 -23.84 57.98 69.10
C VAL X 62 -22.69 58.96 68.87
N ILE X 63 -21.53 58.45 68.46
CA ILE X 63 -20.37 59.32 68.30
C ILE X 63 -20.56 60.25 67.10
N HIS X 64 -21.01 59.71 65.96
CA HIS X 64 -21.33 60.58 64.84
C HIS X 64 -22.35 61.64 65.22
N ALA X 65 -23.31 61.30 66.10
CA ALA X 65 -24.35 62.26 66.48
C ALA X 65 -23.79 63.37 67.35
N ARG X 66 -22.96 63.02 68.34
CA ARG X 66 -22.36 64.06 69.18
C ARG X 66 -21.47 64.98 68.36
N TRP X 67 -20.65 64.41 67.47
CA TRP X 67 -19.79 65.25 66.64
C TRP X 67 -20.61 66.07 65.66
N ALA X 68 -21.73 65.54 65.15
CA ALA X 68 -22.60 66.32 64.28
C ALA X 68 -23.22 67.49 65.03
N MET X 69 -23.66 67.27 66.26
CA MET X 69 -24.19 68.37 67.07
C MET X 69 -23.15 69.47 67.23
N LEU X 70 -21.93 69.09 67.67
CA LEU X 70 -20.90 70.09 67.90
C LEU X 70 -20.52 70.82 66.61
N GLY X 71 -20.41 70.08 65.50
CA GLY X 71 -20.06 70.71 64.24
C GLY X 71 -21.14 71.65 63.74
N ALA X 72 -22.41 71.25 63.87
CA ALA X 72 -23.50 72.11 63.46
C ALA X 72 -23.53 73.39 64.28
N LEU X 73 -23.31 73.28 65.59
CA LEU X 73 -23.27 74.48 66.41
C LEU X 73 -22.10 75.38 66.03
N GLY X 74 -20.93 74.80 65.80
CA GLY X 74 -19.75 75.58 65.43
C GLY X 74 -19.80 76.16 64.04
N CYS X 75 -20.66 75.61 63.18
CA CYS X 75 -20.90 76.21 61.88
C CYS X 75 -22.00 77.27 61.92
N LEU X 76 -22.98 77.11 62.80
CA LEU X 76 -24.06 78.09 62.90
C LEU X 76 -23.61 79.36 63.61
N THR X 77 -22.83 79.25 64.69
CA THR X 77 -22.52 80.43 65.49
C THR X 77 -21.74 81.52 64.77
N PRO X 78 -20.69 81.24 63.96
CA PRO X 78 -19.87 82.35 63.46
C PRO X 78 -20.62 83.25 62.49
N GLU X 79 -21.46 82.69 61.61
CA GLU X 79 -22.18 83.51 60.66
C GLU X 79 -23.27 84.32 61.36
N LEU X 80 -23.91 83.74 62.38
CA LEU X 80 -24.88 84.50 63.16
C LEU X 80 -24.20 85.67 63.88
N LEU X 81 -23.01 85.45 64.43
CA LEU X 81 -22.29 86.55 65.07
C LEU X 81 -21.83 87.58 64.04
N ALA X 82 -21.42 87.14 62.86
CA ALA X 82 -21.03 88.09 61.81
C ALA X 82 -22.21 88.96 61.39
N LYS X 83 -23.39 88.36 61.25
CA LYS X 83 -24.58 89.16 60.98
C LYS X 83 -24.94 90.04 62.16
N SER X 84 -24.55 89.64 63.37
CA SER X 84 -24.81 90.47 64.55
C SER X 84 -24.09 91.81 64.44
N GLY X 85 -22.85 91.80 63.94
CA GLY X 85 -22.13 93.04 63.74
C GLY X 85 -20.64 92.98 64.00
N VAL X 86 -20.19 91.99 64.77
CA VAL X 86 -18.76 91.84 65.04
C VAL X 86 -18.04 91.44 63.76
N LYS X 87 -16.86 92.01 63.55
CA LYS X 87 -16.08 91.72 62.36
C LYS X 87 -15.66 90.26 62.32
N PHE X 88 -15.82 89.65 61.15
CA PHE X 88 -15.37 88.28 60.91
C PHE X 88 -14.67 88.22 59.57
N GLY X 89 -13.42 87.75 59.58
CA GLY X 89 -12.71 87.59 58.32
C GLY X 89 -13.35 86.54 57.43
N GLU X 90 -13.67 85.38 58.02
CA GLU X 90 -14.35 84.29 57.31
C GLU X 90 -15.24 83.57 58.33
N ALA X 91 -16.51 83.97 58.38
CA ALA X 91 -17.48 83.26 59.22
C ALA X 91 -18.08 82.05 58.52
N VAL X 92 -17.85 81.90 57.21
CA VAL X 92 -18.35 80.74 56.49
C VAL X 92 -17.65 79.49 57.00
N TRP X 93 -18.44 78.44 57.22
CA TRP X 93 -17.92 77.23 57.86
C TRP X 93 -16.85 76.55 57.00
N PHE X 94 -17.06 76.47 55.70
CA PHE X 94 -16.10 75.82 54.82
C PHE X 94 -15.04 76.78 54.29
N LYS X 95 -15.07 78.04 54.70
CA LYS X 95 -14.04 79.00 54.33
C LYS X 95 -13.06 79.27 55.46
N ALA X 96 -13.18 78.54 56.57
CA ALA X 96 -12.30 78.75 57.72
C ALA X 96 -10.87 78.31 57.47
N GLY X 97 -10.61 77.59 56.37
CA GLY X 97 -9.26 77.18 56.07
C GLY X 97 -8.32 78.32 55.74
N ALA X 98 -8.84 79.35 55.05
CA ALA X 98 -8.02 80.50 54.69
C ALA X 98 -7.67 81.38 55.88
N GLN X 99 -8.26 81.11 57.05
CA GLN X 99 -7.92 81.88 58.25
C GLN X 99 -6.42 81.77 58.56
N ILE X 100 -5.88 80.56 58.50
CA ILE X 100 -4.43 80.40 58.67
C ILE X 100 -3.68 80.75 57.39
N PHE X 101 -4.36 80.78 56.25
CA PHE X 101 -3.73 81.17 55.00
C PHE X 101 -3.79 82.68 54.76
N SER X 102 -4.52 83.41 55.60
CA SER X 102 -4.43 84.87 55.58
C SER X 102 -3.24 85.32 56.41
N GLU X 103 -2.73 86.52 56.10
CA GLU X 103 -1.57 87.02 56.80
C GLU X 103 -1.89 87.38 58.24
N GLY X 104 -3.11 87.86 58.51
CA GLY X 104 -3.47 88.21 59.87
C GLY X 104 -3.49 87.02 60.80
N GLY X 105 -4.03 85.90 60.34
CA GLY X 105 -4.10 84.69 61.13
C GLY X 105 -5.46 84.49 61.76
N LEU X 106 -5.50 83.50 62.67
CA LEU X 106 -6.74 83.13 63.36
C LEU X 106 -7.05 84.17 64.42
N ASP X 107 -7.72 85.23 63.99
CA ASP X 107 -8.17 86.28 64.92
C ASP X 107 -9.53 85.88 65.45
N TYR X 108 -9.54 85.32 66.66
CA TYR X 108 -10.79 84.89 67.29
C TYR X 108 -11.66 86.10 67.54
N LEU X 109 -12.87 86.08 66.97
CA LEU X 109 -13.80 87.22 67.03
C LEU X 109 -13.14 88.49 66.50
N GLY X 110 -12.34 88.35 65.46
CA GLY X 110 -11.73 89.49 64.81
C GLY X 110 -10.69 90.23 65.62
N ASN X 111 -10.19 89.61 66.69
CA ASN X 111 -9.19 90.25 67.54
C ASN X 111 -7.82 89.66 67.27
N PRO X 112 -6.88 90.44 66.73
CA PRO X 112 -5.49 89.96 66.63
C PRO X 112 -4.85 89.71 67.99
N SER X 113 -5.40 90.28 69.06
CA SER X 113 -4.89 90.08 70.41
C SER X 113 -5.31 88.74 71.00
N LEU X 114 -6.03 87.92 70.27
CA LEU X 114 -6.53 86.64 70.76
C LEU X 114 -6.10 85.54 69.79
N VAL X 115 -5.69 84.40 70.35
CA VAL X 115 -5.18 83.24 69.56
C VAL X 115 -4.15 83.78 68.59
N HIS X 116 -4.63 84.23 67.45
CA HIS X 116 -3.78 84.82 66.41
C HIS X 116 -2.69 83.84 65.96
N ALA X 117 -3.13 82.69 65.45
CA ALA X 117 -2.19 81.70 64.98
C ALA X 117 -1.57 82.12 63.65
N GLN X 118 -0.45 81.50 63.31
CA GLN X 118 0.25 81.78 62.06
C GLN X 118 0.67 80.53 61.29
N SER X 119 0.76 79.38 61.92
CA SER X 119 1.16 78.15 61.26
C SER X 119 0.08 77.09 61.43
N ILE X 120 0.14 76.08 60.57
CA ILE X 120 -0.82 74.97 60.61
C ILE X 120 -0.19 73.68 61.13
N LEU X 121 1.08 73.43 60.82
CA LEU X 121 1.72 72.17 61.22
C LEU X 121 1.70 72.01 62.74
N ALA X 122 2.07 73.07 63.46
CA ALA X 122 2.20 72.97 64.92
C ALA X 122 0.86 72.70 65.58
N ILE X 123 -0.18 73.47 65.21
CA ILE X 123 -1.49 73.29 65.82
C ILE X 123 -2.09 71.94 65.44
N TRP X 124 -1.92 71.53 64.18
CA TRP X 124 -2.43 70.24 63.73
C TRP X 124 -1.79 69.10 64.52
N ALA X 125 -0.46 69.13 64.66
CA ALA X 125 0.21 68.11 65.45
C ALA X 125 -0.22 68.15 66.90
N SER X 126 -0.41 69.35 67.44
CA SER X 126 -0.83 69.48 68.83
C SER X 126 -2.15 68.74 69.06
N GLN X 127 -3.12 68.99 68.20
CA GLN X 127 -4.40 68.35 68.33
C GLN X 127 -4.31 66.86 68.04
N VAL X 128 -3.47 66.46 67.08
CA VAL X 128 -3.45 65.01 66.71
C VAL X 128 -3.01 64.26 67.97
N VAL X 129 -2.00 64.79 68.66
CA VAL X 129 -1.55 64.19 69.92
C VAL X 129 -2.68 64.24 70.96
N LEU X 130 -3.27 65.42 71.14
CA LEU X 130 -4.28 65.59 72.18
C LEU X 130 -5.50 64.69 71.95
N MET X 131 -6.06 64.71 70.73
CA MET X 131 -7.26 63.94 70.47
C MET X 131 -6.98 62.45 70.43
N GLY X 132 -5.78 62.04 70.02
CA GLY X 132 -5.40 60.65 70.14
C GLY X 132 -5.42 60.19 71.58
N ALA X 133 -4.81 60.98 72.48
CA ALA X 133 -4.87 60.66 73.89
C ALA X 133 -6.31 60.66 74.40
N VAL X 134 -7.12 61.61 73.92
CA VAL X 134 -8.50 61.74 74.41
C VAL X 134 -9.29 60.50 74.02
N GLU X 135 -9.25 60.14 72.73
CA GLU X 135 -9.99 58.97 72.26
C GLU X 135 -9.45 57.71 72.90
N GLY X 136 -8.14 57.58 73.05
CA GLY X 136 -7.59 56.45 73.78
C GLY X 136 -8.12 56.33 75.19
N TYR X 137 -8.21 57.45 75.90
CA TYR X 137 -8.80 57.45 77.23
C TYR X 137 -10.26 57.01 77.17
N ARG X 138 -10.99 57.47 76.16
CA ARG X 138 -12.39 57.08 76.02
C ARG X 138 -12.54 55.57 75.86
N VAL X 139 -11.72 54.97 74.98
CA VAL X 139 -11.89 53.55 74.68
C VAL X 139 -11.37 52.68 75.81
N ALA X 140 -10.28 53.09 76.48
CA ALA X 140 -9.61 52.21 77.43
C ALA X 140 -9.47 52.84 78.80
N GLY X 141 -10.40 53.71 79.18
CA GLY X 141 -10.34 54.32 80.50
C GLY X 141 -9.17 55.28 80.63
N GLY X 142 -8.95 55.74 81.85
CA GLY X 142 -7.86 56.66 82.12
C GLY X 142 -7.91 57.26 83.50
N PRO X 143 -7.01 58.20 83.77
CA PRO X 143 -7.01 58.86 85.09
C PRO X 143 -8.30 59.62 85.38
N LEU X 144 -9.01 60.08 84.35
CA LEU X 144 -10.27 60.76 84.58
C LEU X 144 -11.31 59.80 85.14
N GLY X 145 -11.40 58.59 84.60
CA GLY X 145 -12.36 57.62 85.10
C GLY X 145 -12.30 56.35 84.30
N GLU X 146 -12.95 55.33 84.84
CA GLU X 146 -13.03 54.01 84.21
C GLU X 146 -14.41 53.85 83.61
N ILE X 147 -14.45 53.52 82.31
CA ILE X 147 -15.71 53.51 81.57
C ILE X 147 -16.48 52.24 81.88
N THR X 148 -17.77 52.39 82.22
CA THR X 148 -18.62 51.25 82.52
C THR X 148 -19.43 50.78 81.32
N ASP X 149 -19.60 51.63 80.30
CA ASP X 149 -20.19 51.24 79.03
C ASP X 149 -19.77 52.26 77.99
N PRO X 150 -19.30 51.82 76.82
CA PRO X 150 -18.77 52.79 75.84
C PRO X 150 -19.78 53.80 75.36
N ILE X 151 -21.05 53.42 75.25
CA ILE X 151 -22.05 54.33 74.68
C ILE X 151 -22.35 55.48 75.63
N TYR X 152 -22.49 55.20 76.93
CA TYR X 152 -22.95 56.17 77.91
C TYR X 152 -22.21 56.00 79.22
N PRO X 153 -20.96 56.46 79.28
CA PRO X 153 -20.15 56.23 80.50
C PRO X 153 -20.71 56.89 81.74
N GLY X 154 -20.91 58.21 81.70
CA GLY X 154 -21.41 58.94 82.84
C GLY X 154 -20.33 59.25 83.86
N GLY X 155 -20.76 59.90 84.95
CA GLY X 155 -19.86 60.26 86.02
C GLY X 155 -19.30 61.67 85.86
N SER X 156 -18.06 61.77 85.38
CA SER X 156 -17.45 63.07 85.17
C SER X 156 -18.18 63.86 84.09
N PHE X 157 -18.70 63.17 83.08
CA PHE X 157 -19.41 63.81 81.99
C PHE X 157 -20.88 64.05 82.32
N ASP X 158 -21.34 63.60 83.48
CA ASP X 158 -22.62 64.04 84.06
C ASP X 158 -22.38 64.45 85.50
N PRO X 159 -21.55 65.47 85.73
CA PRO X 159 -21.15 65.79 87.11
C PRO X 159 -22.31 66.22 87.98
N LEU X 160 -23.30 66.91 87.42
CA LEU X 160 -24.44 67.35 88.20
C LEU X 160 -25.44 66.24 88.47
N GLY X 161 -25.34 65.12 87.75
CA GLY X 161 -26.27 64.02 87.94
C GLY X 161 -27.71 64.39 87.64
N LEU X 162 -27.93 65.18 86.59
CA LEU X 162 -29.30 65.58 86.25
C LEU X 162 -30.14 64.39 85.83
N ALA X 163 -29.51 63.36 85.27
CA ALA X 163 -30.21 62.16 84.81
C ALA X 163 -30.12 61.01 85.80
N ASP X 164 -30.10 61.31 87.09
CA ASP X 164 -30.08 60.24 88.10
C ASP X 164 -31.33 59.39 88.04
N ASP X 165 -32.49 60.02 87.87
CA ASP X 165 -33.75 59.28 87.76
C ASP X 165 -33.76 58.48 86.47
N PRO X 166 -34.05 57.18 86.52
CA PRO X 166 -34.05 56.39 85.28
C PRO X 166 -35.01 56.90 84.21
N ASP X 167 -36.18 57.41 84.61
CA ASP X 167 -37.15 57.89 83.63
C ASP X 167 -36.63 59.11 82.89
N THR X 168 -36.13 60.11 83.62
CA THR X 168 -35.58 61.28 82.95
C THR X 168 -34.31 60.94 82.19
N PHE X 169 -33.55 59.95 82.66
CA PHE X 169 -32.39 59.47 81.90
C PHE X 169 -32.83 58.91 80.55
N ALA X 170 -33.86 58.06 80.54
CA ALA X 170 -34.33 57.48 79.30
C ALA X 170 -34.88 58.55 78.37
N GLU X 171 -35.66 59.49 78.92
CA GLU X 171 -36.23 60.55 78.08
C GLU X 171 -35.13 61.43 77.50
N LEU X 172 -34.13 61.78 78.31
CA LEU X 172 -33.03 62.60 77.82
C LEU X 172 -32.19 61.85 76.80
N LYS X 173 -32.01 60.54 76.96
CA LYS X 173 -31.31 59.74 75.96
C LYS X 173 -32.07 59.71 74.64
N VAL X 174 -33.40 59.56 74.71
CA VAL X 174 -34.22 59.58 73.50
C VAL X 174 -34.11 60.93 72.81
N LYS X 175 -34.18 62.01 73.58
CA LYS X 175 -34.03 63.35 73.01
C LYS X 175 -32.64 63.53 72.39
N GLU X 176 -31.61 62.99 73.06
CA GLU X 176 -30.25 63.07 72.52
C GLU X 176 -30.15 62.35 71.19
N ILE X 177 -30.76 61.16 71.08
CA ILE X 177 -30.68 60.40 69.84
C ILE X 177 -31.41 61.12 68.72
N LYS X 178 -32.62 61.62 69.00
CA LYS X 178 -33.38 62.29 67.94
C LYS X 178 -32.72 63.59 67.51
N ASN X 179 -32.16 64.35 68.47
CA ASN X 179 -31.44 65.56 68.10
C ASN X 179 -30.15 65.25 67.38
N GLY X 180 -29.51 64.11 67.69
CA GLY X 180 -28.34 63.71 66.94
C GLY X 180 -28.67 63.35 65.51
N ARG X 181 -29.81 62.71 65.29
CA ARG X 181 -30.23 62.42 63.91
C ARG X 181 -30.60 63.71 63.18
N LEU X 182 -31.21 64.67 63.89
CA LEU X 182 -31.46 65.97 63.28
C LEU X 182 -30.16 66.66 62.91
N ALA X 183 -29.14 66.56 63.76
CA ALA X 183 -27.82 67.10 63.44
C ALA X 183 -27.21 66.39 62.25
N MET X 184 -27.36 65.05 62.18
CA MET X 184 -26.97 64.30 60.99
C MET X 184 -27.55 64.94 59.73
N PHE X 185 -28.87 65.08 59.71
CA PHE X 185 -29.56 65.50 58.50
C PHE X 185 -29.20 66.94 58.16
N SER X 186 -29.05 67.78 59.19
CA SER X 186 -28.66 69.18 58.98
C SER X 186 -27.25 69.28 58.42
N MET X 187 -26.31 68.47 58.93
CA MET X 187 -24.95 68.50 58.38
C MET X 187 -24.92 68.00 56.95
N PHE X 188 -25.71 66.97 56.64
CA PHE X 188 -25.79 66.51 55.25
C PHE X 188 -26.33 67.61 54.35
N GLY X 189 -27.37 68.31 54.81
CA GLY X 189 -27.87 69.45 54.07
C GLY X 189 -26.83 70.53 53.88
N PHE X 190 -26.06 70.82 54.93
CA PHE X 190 -24.99 71.81 54.83
C PHE X 190 -23.97 71.43 53.78
N PHE X 191 -23.56 70.15 53.78
CA PHE X 191 -22.57 69.69 52.81
C PHE X 191 -23.11 69.81 51.40
N VAL X 192 -24.35 69.40 51.17
CA VAL X 192 -24.90 69.48 49.82
C VAL X 192 -25.06 70.93 49.38
N GLN X 193 -25.45 71.82 50.31
CA GLN X 193 -25.54 73.24 50.00
C GLN X 193 -24.17 73.79 49.59
N ALA X 194 -23.12 73.41 50.32
CA ALA X 194 -21.78 73.89 50.00
C ALA X 194 -21.33 73.40 48.63
N ILE X 195 -21.59 72.13 48.32
CA ILE X 195 -21.13 71.59 47.05
C ILE X 195 -21.93 72.18 45.88
N VAL X 196 -23.24 72.29 46.04
CA VAL X 196 -24.09 72.71 44.92
C VAL X 196 -24.14 74.22 44.81
N THR X 197 -24.66 74.89 45.85
CA THR X 197 -24.83 76.34 45.79
C THR X 197 -23.51 77.08 45.98
N GLY X 198 -22.60 76.54 46.77
CA GLY X 198 -21.33 77.20 47.00
C GLY X 198 -21.35 78.33 47.99
N LYS X 199 -22.42 78.46 48.78
CA LYS X 199 -22.55 79.54 49.74
C LYS X 199 -22.92 78.95 51.10
N GLY X 200 -22.86 79.80 52.12
CA GLY X 200 -23.22 79.41 53.46
C GLY X 200 -24.72 79.26 53.63
N PRO X 201 -25.13 78.64 54.74
CA PRO X 201 -26.57 78.45 54.98
C PRO X 201 -27.36 79.75 55.13
N LEU X 202 -26.75 80.78 55.72
CA LEU X 202 -27.48 82.02 55.95
C LEU X 202 -27.87 82.70 54.64
N GLU X 203 -26.96 82.70 53.66
CA GLU X 203 -27.31 83.23 52.35
C GLU X 203 -28.42 82.42 51.71
N ASN X 204 -28.40 81.10 51.90
CA ASN X 204 -29.45 80.25 51.35
C ASN X 204 -30.81 80.59 51.94
N LEU X 205 -30.88 80.76 53.26
CA LEU X 205 -32.16 81.08 53.88
C LEU X 205 -32.62 82.48 53.51
N ASN X 206 -31.69 83.43 53.40
CA ASN X 206 -32.05 84.78 52.95
C ASN X 206 -32.63 84.74 51.53
N ASP X 207 -32.02 83.96 50.65
CA ASP X 207 -32.52 83.85 49.29
C ASP X 207 -33.88 83.16 49.24
N HIS X 208 -34.08 82.12 50.05
CA HIS X 208 -35.37 81.45 50.08
C HIS X 208 -36.46 82.35 50.62
N LEU X 209 -36.11 83.29 51.51
CA LEU X 209 -37.09 84.24 52.02
C LEU X 209 -37.62 85.13 50.89
N ALA X 210 -36.73 85.62 50.03
CA ALA X 210 -37.11 86.55 48.97
C ALA X 210 -37.50 85.79 47.72
N ASP X 211 -38.76 85.92 47.31
CA ASP X 211 -39.31 85.24 46.14
C ASP X 211 -39.04 83.74 46.23
N PRO X 212 -39.73 83.03 47.12
CA PRO X 212 -39.43 81.60 47.30
C PRO X 212 -39.60 80.78 46.03
N VAL X 213 -40.56 81.11 45.18
CA VAL X 213 -40.75 80.38 43.93
C VAL X 213 -39.56 80.63 43.00
N ALA X 214 -39.05 81.86 42.97
CA ALA X 214 -37.90 82.17 42.11
C ALA X 214 -36.63 81.52 42.64
N ASN X 215 -36.37 81.66 43.94
CA ASN X 215 -35.18 81.08 44.55
C ASN X 215 -35.48 79.63 44.92
N ASN X 216 -35.05 78.70 44.09
CA ASN X 216 -35.38 77.30 44.23
C ASN X 216 -34.14 76.45 44.02
N ALA X 217 -34.20 75.23 44.57
CA ALA X 217 -33.08 74.30 44.40
C ALA X 217 -32.91 73.88 42.95
N TRP X 218 -33.99 73.87 42.17
CA TRP X 218 -33.96 73.30 40.83
C TRP X 218 -33.39 74.25 39.79
N ALA X 219 -33.05 75.48 40.17
CA ALA X 219 -32.29 76.34 39.26
C ALA X 219 -30.85 75.88 39.14
N TYR X 220 -30.34 75.13 40.11
CA TYR X 220 -28.98 74.62 40.10
C TYR X 220 -28.88 73.21 39.54
N ALA X 221 -29.99 72.63 39.08
CA ALA X 221 -29.98 71.30 38.48
C ALA X 221 -29.70 71.32 36.99
N THR X 222 -29.75 72.50 36.35
CA THR X 222 -29.54 72.57 34.91
C THR X 222 -28.06 72.42 34.54
N ASN X 223 -27.15 72.77 35.43
CA ASN X 223 -25.72 72.78 35.13
C ASN X 223 -25.03 71.47 35.45
N PHE X 224 -25.76 70.45 35.88
CA PHE X 224 -25.16 69.15 36.19
C PHE X 224 -25.15 68.20 35.00
N VAL X 225 -25.63 68.65 33.84
CA VAL X 225 -25.59 67.80 32.65
C VAL X 225 -24.15 67.53 32.26
N PRO X 226 -23.81 66.30 31.85
CA PRO X 226 -22.45 66.03 31.36
C PRO X 226 -22.29 66.52 29.93
N GLY X 227 -21.54 67.61 29.77
CA GLY X 227 -21.34 68.21 28.46
C GLY X 227 -22.31 69.33 28.16
N SER Y 10 5.81 33.78 70.20
CA SER Y 10 4.47 33.85 69.65
C SER Y 10 3.62 34.87 70.39
N ILE Y 11 4.14 36.10 70.49
CA ILE Y 11 3.42 37.16 71.19
C ILE Y 11 2.13 37.52 70.46
N TRP Y 12 2.15 37.49 69.13
CA TRP Y 12 0.98 37.91 68.36
C TRP Y 12 -0.17 36.93 68.50
N TYR Y 13 0.12 35.63 68.37
CA TYR Y 13 -0.94 34.62 68.38
C TYR Y 13 -1.54 34.39 69.77
N GLY Y 14 -0.81 34.73 70.82
CA GLY Y 14 -1.31 34.51 72.17
C GLY Y 14 -2.46 35.44 72.50
N ALA Y 15 -3.10 35.13 73.64
CA ALA Y 15 -4.22 35.94 74.11
C ALA Y 15 -3.79 37.36 74.45
N ASP Y 16 -2.51 37.58 74.73
CA ASP Y 16 -1.97 38.91 74.96
C ASP Y 16 -1.11 39.28 73.76
N ARG Y 17 -1.60 40.22 72.95
CA ARG Y 17 -0.94 40.70 71.75
C ARG Y 17 -0.92 42.21 71.78
N PRO Y 18 0.02 42.84 71.06
CA PRO Y 18 0.23 44.29 71.22
C PRO Y 18 -0.97 45.15 70.84
N LYS Y 19 -1.90 44.65 70.04
CA LYS Y 19 -3.09 45.41 69.61
C LYS Y 19 -2.72 46.65 68.81
N TYR Y 20 -3.73 47.35 68.28
CA TYR Y 20 -3.50 48.49 67.40
C TYR Y 20 -3.48 49.83 68.12
N LEU Y 21 -3.75 49.85 69.43
CA LEU Y 21 -3.55 51.05 70.23
C LEU Y 21 -2.20 51.08 70.92
N GLY Y 22 -1.42 50.00 70.83
CA GLY Y 22 -0.20 49.88 71.59
C GLY Y 22 -0.45 49.23 72.92
N PRO Y 23 0.40 49.55 73.91
CA PRO Y 23 0.19 48.98 75.26
C PRO Y 23 -1.14 49.37 75.87
N PHE Y 24 -1.66 50.55 75.53
CA PHE Y 24 -2.90 51.07 76.11
C PHE Y 24 -4.03 50.81 75.13
N SER Y 25 -4.47 49.55 75.05
CA SER Y 25 -5.48 49.13 74.10
C SER Y 25 -6.89 49.13 74.69
N GLY Y 26 -7.12 48.34 75.71
CA GLY Y 26 -8.43 48.25 76.33
C GLY Y 26 -9.25 47.09 75.76
N GLU Y 27 -10.43 47.41 75.24
CA GLU Y 27 -11.37 46.39 74.81
C GLU Y 27 -10.85 45.64 73.58
N THR Y 28 -11.02 44.32 73.59
CA THR Y 28 -10.65 43.45 72.49
C THR Y 28 -11.89 42.65 72.10
N PRO Y 29 -12.19 42.53 70.80
CA PRO Y 29 -13.42 41.83 70.39
C PRO Y 29 -13.44 40.40 70.88
N SER Y 30 -14.65 39.92 71.21
CA SER Y 30 -14.80 38.62 71.85
C SER Y 30 -14.27 37.49 70.97
N TYR Y 31 -14.58 37.57 69.68
CA TYR Y 31 -14.19 36.52 68.74
C TYR Y 31 -12.72 36.57 68.41
N LEU Y 32 -12.14 37.75 68.48
CA LEU Y 32 -10.73 37.91 68.12
C LEU Y 32 -9.88 37.43 69.30
N THR Y 33 -9.68 36.12 69.35
CA THR Y 33 -8.85 35.50 70.37
C THR Y 33 -7.44 35.20 69.88
N GLY Y 34 -7.07 35.71 68.71
CA GLY Y 34 -5.79 35.42 68.11
C GLY Y 34 -5.92 34.50 66.92
N GLU Y 35 -5.14 33.42 66.91
CA GLU Y 35 -5.25 32.31 65.95
C GLU Y 35 -5.24 32.78 64.49
N PHE Y 36 -4.85 34.03 64.24
CA PHE Y 36 -4.84 34.58 62.89
C PHE Y 36 -3.69 35.56 62.77
N ALA Y 37 -3.06 35.58 61.59
CA ALA Y 37 -1.98 36.51 61.34
C ALA Y 37 -2.50 37.95 61.34
N GLY Y 38 -1.70 38.86 61.89
CA GLY Y 38 -2.07 40.27 61.90
C GLY Y 38 -3.32 40.57 62.69
N ASP Y 39 -3.49 39.94 63.84
CA ASP Y 39 -4.64 40.18 64.69
C ASP Y 39 -4.29 41.28 65.70
N TYR Y 40 -4.82 42.48 65.47
CA TYR Y 40 -4.57 43.62 66.34
C TYR Y 40 -5.82 44.06 67.10
N GLY Y 41 -6.89 43.28 67.05
CA GLY Y 41 -8.11 43.62 67.77
C GLY Y 41 -8.78 44.88 67.32
N TRP Y 42 -8.89 45.11 66.01
CA TRP Y 42 -9.49 46.32 65.45
C TRP Y 42 -10.71 45.91 64.63
N ASP Y 43 -11.88 45.94 65.25
CA ASP Y 43 -13.14 45.63 64.60
C ASP Y 43 -14.19 46.66 65.02
N THR Y 44 -13.84 47.94 64.94
CA THR Y 44 -14.75 48.99 65.38
C THR Y 44 -16.04 49.00 64.57
N ALA Y 45 -15.97 48.62 63.30
CA ALA Y 45 -17.16 48.58 62.47
C ALA Y 45 -18.04 47.38 62.76
N GLY Y 46 -17.50 46.32 63.37
CA GLY Y 46 -18.28 45.14 63.69
C GLY Y 46 -18.84 44.44 62.47
N LEU Y 47 -18.00 44.24 61.45
CA LEU Y 47 -18.44 43.64 60.20
C LEU Y 47 -18.26 42.14 60.15
N SER Y 48 -17.24 41.61 60.82
CA SER Y 48 -16.91 40.19 60.75
C SER Y 48 -17.47 39.40 61.93
N SER Y 49 -18.62 39.82 62.47
CA SER Y 49 -19.22 39.09 63.58
C SER Y 49 -19.62 37.69 63.16
N ASP Y 50 -20.20 37.54 61.97
CA ASP Y 50 -20.53 36.22 61.46
C ASP Y 50 -19.25 35.46 61.11
N PRO Y 51 -19.17 34.16 61.44
CA PRO Y 51 -17.94 33.42 61.15
C PRO Y 51 -17.63 33.28 59.66
N GLU Y 52 -18.64 32.95 58.85
CA GLU Y 52 -18.41 32.86 57.41
C GLU Y 52 -18.07 34.22 56.82
N THR Y 53 -18.72 35.28 57.31
CA THR Y 53 -18.34 36.62 56.91
C THR Y 53 -16.91 36.92 57.31
N PHE Y 54 -16.49 36.44 58.48
CA PHE Y 54 -15.10 36.60 58.90
C PHE Y 54 -14.15 35.92 57.94
N ALA Y 55 -14.48 34.70 57.50
CA ALA Y 55 -13.62 33.99 56.56
C ALA Y 55 -13.56 34.72 55.22
N ARG Y 56 -14.70 35.21 54.74
CA ARG Y 56 -14.72 35.94 53.48
C ARG Y 56 -13.89 37.21 53.57
N ASN Y 57 -14.01 37.94 54.68
CA ASN Y 57 -13.24 39.17 54.85
C ASN Y 57 -11.75 38.87 54.97
N ARG Y 58 -11.40 37.75 55.60
CA ARG Y 58 -9.99 37.34 55.66
C ARG Y 58 -9.44 37.06 54.27
N GLU Y 59 -10.23 36.34 53.45
CA GLU Y 59 -9.81 36.08 52.08
C GLU Y 59 -9.63 37.38 51.31
N LEU Y 60 -10.58 38.30 51.44
CA LEU Y 60 -10.48 39.59 50.78
C LEU Y 60 -9.22 40.32 51.23
N GLU Y 61 -8.94 40.32 52.54
CA GLU Y 61 -7.77 41.01 53.06
C GLU Y 61 -6.49 40.46 52.43
N VAL Y 62 -6.33 39.14 52.42
CA VAL Y 62 -5.05 38.59 51.95
C VAL Y 62 -4.89 38.80 50.46
N ILE Y 63 -5.96 38.60 49.68
CA ILE Y 63 -5.86 38.82 48.24
C ILE Y 63 -5.54 40.27 47.94
N HIS Y 64 -6.22 41.19 48.62
CA HIS Y 64 -5.96 42.61 48.43
C HIS Y 64 -4.53 42.97 48.82
N ALA Y 65 -4.03 42.38 49.91
CA ALA Y 65 -2.68 42.67 50.35
C ALA Y 65 -1.65 42.23 49.31
N ARG Y 66 -1.81 41.02 48.76
CA ARG Y 66 -0.86 40.57 47.74
C ARG Y 66 -0.94 41.44 46.49
N TRP Y 67 -2.16 41.74 46.04
CA TRP Y 67 -2.31 42.58 44.86
C TRP Y 67 -1.69 43.96 45.09
N ALA Y 68 -1.85 44.51 46.29
CA ALA Y 68 -1.32 45.83 46.57
C ALA Y 68 0.19 45.84 46.73
N MET Y 69 0.79 44.78 47.28
CA MET Y 69 2.24 44.70 47.28
C MET Y 69 2.78 44.70 45.86
N LEU Y 70 2.18 43.89 44.99
CA LEU Y 70 2.61 43.89 43.59
C LEU Y 70 2.40 45.26 42.95
N GLY Y 71 1.27 45.90 43.25
CA GLY Y 71 0.99 47.20 42.66
C GLY Y 71 1.93 48.28 43.12
N ALA Y 72 2.28 48.29 44.41
CA ALA Y 72 3.22 49.29 44.91
C ALA Y 72 4.60 49.09 44.29
N LEU Y 73 5.06 47.84 44.20
CA LEU Y 73 6.35 47.60 43.58
C LEU Y 73 6.34 48.04 42.12
N GLY Y 74 5.27 47.73 41.38
CA GLY Y 74 5.21 48.09 39.98
C GLY Y 74 4.91 49.54 39.70
N CYS Y 75 4.36 50.26 40.68
CA CYS Y 75 4.18 51.69 40.55
C CYS Y 75 5.42 52.48 40.96
N LEU Y 76 6.28 51.90 41.78
CA LEU Y 76 7.50 52.58 42.18
C LEU Y 76 8.67 52.31 41.24
N THR Y 77 8.83 51.06 40.78
CA THR Y 77 10.06 50.70 40.08
C THR Y 77 10.30 51.49 38.79
N PRO Y 78 9.34 51.60 37.84
CA PRO Y 78 9.64 52.36 36.62
C PRO Y 78 9.95 53.83 36.89
N GLU Y 79 9.25 54.45 37.84
CA GLU Y 79 9.54 55.83 38.18
C GLU Y 79 10.94 56.00 38.74
N LEU Y 80 11.33 55.08 39.63
CA LEU Y 80 12.68 55.12 40.20
C LEU Y 80 13.73 54.92 39.12
N LEU Y 81 13.48 54.01 38.19
CA LEU Y 81 14.43 53.79 37.09
C LEU Y 81 14.55 55.02 36.21
N ALA Y 82 13.42 55.66 35.88
CA ALA Y 82 13.47 56.85 35.04
C ALA Y 82 14.20 57.99 35.73
N LYS Y 83 13.94 58.19 37.03
CA LYS Y 83 14.66 59.20 37.77
C LYS Y 83 16.15 58.88 37.83
N SER Y 84 16.49 57.61 38.00
CA SER Y 84 17.88 57.21 38.14
C SER Y 84 18.65 57.28 36.84
N GLY Y 85 17.95 57.26 35.70
CA GLY Y 85 18.64 57.41 34.43
C GLY Y 85 18.25 56.41 33.35
N VAL Y 86 17.19 55.66 33.57
CA VAL Y 86 16.73 54.66 32.61
C VAL Y 86 15.76 55.31 31.63
N LYS Y 87 15.87 54.94 30.36
CA LYS Y 87 15.03 55.51 29.32
C LYS Y 87 13.69 54.76 29.26
N PHE Y 88 12.60 55.53 29.24
CA PHE Y 88 11.26 54.98 29.13
C PHE Y 88 10.44 55.81 28.17
N GLY Y 89 9.46 55.16 27.54
CA GLY Y 89 8.48 55.90 26.77
C GLY Y 89 7.60 56.77 27.65
N GLU Y 90 7.21 56.24 28.81
CA GLU Y 90 6.49 57.00 29.83
C GLU Y 90 6.68 56.29 31.16
N ALA Y 91 6.93 57.07 32.21
CA ALA Y 91 7.31 56.50 33.50
C ALA Y 91 6.32 56.76 34.62
N VAL Y 92 5.44 57.76 34.49
CA VAL Y 92 4.46 58.02 35.54
C VAL Y 92 3.48 56.86 35.61
N TRP Y 93 3.18 56.42 36.85
CA TRP Y 93 2.39 55.20 37.02
C TRP Y 93 0.99 55.36 36.44
N PHE Y 94 0.38 56.54 36.60
CA PHE Y 94 -0.96 56.77 36.08
C PHE Y 94 -0.95 57.32 34.66
N LYS Y 95 0.22 57.43 34.03
CA LYS Y 95 0.32 57.79 32.63
C LYS Y 95 0.86 56.68 31.76
N ALA Y 96 1.30 55.57 32.34
CA ALA Y 96 1.93 54.50 31.57
C ALA Y 96 0.96 53.80 30.63
N GLY Y 97 -0.35 53.91 30.88
CA GLY Y 97 -1.31 53.27 30.00
C GLY Y 97 -1.43 53.91 28.63
N ALA Y 98 -1.05 55.19 28.52
CA ALA Y 98 -1.19 55.92 27.26
C ALA Y 98 -0.16 55.52 26.22
N GLN Y 99 0.87 54.76 26.60
CA GLN Y 99 1.90 54.38 25.64
C GLN Y 99 1.34 53.48 24.55
N ILE Y 100 0.27 52.73 24.84
CA ILE Y 100 -0.34 51.88 23.83
C ILE Y 100 -0.99 52.71 22.73
N PHE Y 101 -1.28 53.98 22.99
CA PHE Y 101 -1.85 54.88 22.00
C PHE Y 101 -0.81 55.82 21.40
N SER Y 102 0.47 55.60 21.71
CA SER Y 102 1.53 56.43 21.17
C SER Y 102 2.11 55.83 19.90
N GLU Y 103 2.70 56.68 19.06
CA GLU Y 103 3.25 56.22 17.80
C GLU Y 103 4.40 55.24 18.02
N GLY Y 104 5.27 55.53 18.99
CA GLY Y 104 6.39 54.64 19.24
C GLY Y 104 5.99 53.30 19.80
N GLY Y 105 4.80 53.21 20.38
CA GLY Y 105 4.32 51.97 20.95
C GLY Y 105 4.84 51.75 22.36
N LEU Y 106 4.39 50.65 22.96
CA LEU Y 106 4.80 50.29 24.31
C LEU Y 106 5.92 49.27 24.22
N ASP Y 107 7.12 49.68 24.57
CA ASP Y 107 8.30 48.83 24.55
C ASP Y 107 8.82 48.67 25.97
N TYR Y 108 9.13 47.44 26.35
CA TYR Y 108 9.61 47.17 27.70
C TYR Y 108 11.00 47.77 27.87
N LEU Y 109 11.17 48.59 28.90
CA LEU Y 109 12.42 49.30 29.17
C LEU Y 109 12.87 50.13 27.96
N GLY Y 110 11.90 50.63 27.20
CA GLY Y 110 12.19 51.45 26.04
C GLY Y 110 12.88 50.74 24.90
N ASN Y 111 12.97 49.41 24.95
CA ASN Y 111 13.70 48.66 23.93
C ASN Y 111 12.74 48.18 22.87
N PRO Y 112 12.91 48.59 21.60
CA PRO Y 112 12.02 48.11 20.54
C PRO Y 112 12.08 46.60 20.33
N SER Y 113 13.14 45.94 20.80
CA SER Y 113 13.26 44.50 20.66
C SER Y 113 12.51 43.74 21.74
N LEU Y 114 11.94 44.43 22.72
CA LEU Y 114 11.19 43.80 23.80
C LEU Y 114 9.71 44.13 23.66
N VAL Y 115 8.87 43.14 23.98
CA VAL Y 115 7.41 43.15 23.80
C VAL Y 115 7.00 43.88 22.52
N HIS Y 116 7.25 45.18 22.45
CA HIS Y 116 6.91 46.00 21.28
C HIS Y 116 5.42 45.92 20.96
N ALA Y 117 4.60 45.93 22.00
CA ALA Y 117 3.16 45.87 21.81
C ALA Y 117 2.65 47.16 21.19
N GLN Y 118 1.70 47.02 20.27
CA GLN Y 118 1.13 48.16 19.56
C GLN Y 118 -0.39 48.26 19.64
N SER Y 119 -1.10 47.21 20.02
CA SER Y 119 -2.55 47.21 20.06
C SER Y 119 -3.04 46.98 21.48
N ILE Y 120 -4.10 47.71 21.86
CA ILE Y 120 -4.69 47.55 23.17
C ILE Y 120 -5.70 46.39 23.22
N LEU Y 121 -6.36 46.12 22.09
CA LEU Y 121 -7.35 45.04 22.07
C LEU Y 121 -6.71 43.68 22.29
N ALA Y 122 -5.55 43.44 21.69
CA ALA Y 122 -4.87 42.17 21.88
C ALA Y 122 -4.45 41.98 23.34
N ILE Y 123 -3.92 43.04 23.95
CA ILE Y 123 -3.53 42.98 25.36
C ILE Y 123 -4.75 42.70 26.22
N TRP Y 124 -5.87 43.39 25.94
CA TRP Y 124 -7.07 43.19 26.73
C TRP Y 124 -7.59 41.76 26.62
N ALA Y 125 -7.65 41.23 25.39
CA ALA Y 125 -8.15 39.87 25.21
C ALA Y 125 -7.26 38.84 25.89
N SER Y 126 -5.93 38.99 25.74
CA SER Y 126 -5.02 38.06 26.38
C SER Y 126 -5.14 38.12 27.90
N GLN Y 127 -5.25 39.34 28.45
CA GLN Y 127 -5.39 39.47 29.89
C GLN Y 127 -6.69 38.84 30.37
N VAL Y 128 -7.79 39.09 29.67
CA VAL Y 128 -9.07 38.50 30.08
C VAL Y 128 -8.98 36.98 30.11
N VAL Y 129 -8.46 36.39 29.02
CA VAL Y 129 -8.40 34.93 28.96
C VAL Y 129 -7.51 34.36 30.05
N LEU Y 130 -6.30 34.90 30.18
CA LEU Y 130 -5.34 34.34 31.13
C LEU Y 130 -5.79 34.54 32.57
N MET Y 131 -6.32 35.73 32.90
CA MET Y 131 -6.74 35.98 34.27
C MET Y 131 -8.00 35.20 34.60
N GLY Y 132 -8.91 35.01 33.63
CA GLY Y 132 -10.03 34.13 33.87
C GLY Y 132 -9.60 32.72 34.20
N ALA Y 133 -8.63 32.20 33.44
CA ALA Y 133 -8.12 30.86 33.70
C ALA Y 133 -7.49 30.77 35.09
N VAL Y 134 -6.64 31.74 35.44
CA VAL Y 134 -5.92 31.62 36.71
C VAL Y 134 -6.85 31.84 37.90
N GLU Y 135 -7.84 32.73 37.78
CA GLU Y 135 -8.79 32.90 38.88
C GLU Y 135 -9.71 31.71 39.01
N GLY Y 136 -10.10 31.09 37.89
CA GLY Y 136 -10.84 29.85 37.98
C GLY Y 136 -10.04 28.75 38.66
N TYR Y 137 -8.73 28.69 38.38
CA TYR Y 137 -7.87 27.75 39.10
C TYR Y 137 -7.83 28.09 40.59
N ARG Y 138 -7.71 29.38 40.92
CA ARG Y 138 -7.66 29.78 42.32
C ARG Y 138 -8.94 29.41 43.07
N VAL Y 139 -10.08 29.39 42.37
CA VAL Y 139 -11.34 29.07 43.03
C VAL Y 139 -11.63 27.56 43.03
N ALA Y 140 -11.15 26.82 42.04
CA ALA Y 140 -11.50 25.41 41.92
C ALA Y 140 -10.32 24.46 41.77
N GLY Y 141 -9.09 24.96 41.74
CA GLY Y 141 -7.94 24.08 41.58
C GLY Y 141 -7.70 23.68 40.15
N GLY Y 142 -6.43 23.60 39.74
CA GLY Y 142 -6.09 23.33 38.37
C GLY Y 142 -4.74 22.68 38.20
N PRO Y 143 -4.00 23.09 37.17
CA PRO Y 143 -2.73 22.42 36.85
C PRO Y 143 -1.71 22.45 37.98
N LEU Y 144 -1.70 23.51 38.79
CA LEU Y 144 -0.68 23.69 39.81
C LEU Y 144 -1.06 23.07 41.16
N GLY Y 145 -2.19 22.37 41.22
CA GLY Y 145 -2.58 21.70 42.44
C GLY Y 145 -4.09 21.73 42.62
N GLU Y 146 -4.52 21.42 43.85
CA GLU Y 146 -5.92 21.37 44.18
C GLU Y 146 -6.18 22.24 45.40
N ILE Y 147 -7.45 22.59 45.60
CA ILE Y 147 -7.83 23.50 46.68
C ILE Y 147 -7.78 22.73 48.01
N THR Y 148 -6.91 23.18 48.91
CA THR Y 148 -6.87 22.70 50.27
C THR Y 148 -7.22 23.79 51.27
N ASP Y 149 -6.53 24.93 51.18
CA ASP Y 149 -6.91 26.14 51.89
C ASP Y 149 -7.14 27.24 50.87
N PRO Y 150 -8.21 28.04 51.00
CA PRO Y 150 -8.50 29.05 49.97
C PRO Y 150 -7.39 30.08 49.80
N ILE Y 151 -6.65 30.38 50.87
CA ILE Y 151 -5.70 31.48 50.86
C ILE Y 151 -4.25 30.98 50.82
N TYR Y 152 -3.97 29.84 51.44
CA TYR Y 152 -2.60 29.33 51.55
C TYR Y 152 -2.55 27.94 50.92
N PRO Y 153 -2.40 27.86 49.59
CA PRO Y 153 -2.40 26.54 48.95
C PRO Y 153 -1.12 25.77 49.19
N GLY Y 154 0.04 26.46 49.20
CA GLY Y 154 1.28 25.76 49.36
C GLY Y 154 1.59 24.88 48.15
N GLY Y 155 2.41 23.86 48.39
CA GLY Y 155 2.77 22.93 47.36
C GLY Y 155 3.56 23.55 46.22
N SER Y 156 2.98 23.60 45.03
CA SER Y 156 3.68 24.11 43.86
C SER Y 156 3.96 25.61 43.96
N PHE Y 157 3.18 26.33 44.79
CA PHE Y 157 3.40 27.76 44.97
C PHE Y 157 4.32 28.07 46.13
N ASP Y 158 4.82 27.04 46.82
CA ASP Y 158 5.92 27.18 47.76
C ASP Y 158 6.96 26.10 47.45
N PRO Y 159 7.57 26.16 46.26
CA PRO Y 159 8.45 25.05 45.84
C PRO Y 159 9.67 24.90 46.72
N LEU Y 160 10.19 26.01 47.25
CA LEU Y 160 11.40 25.97 48.05
C LEU Y 160 11.13 25.54 49.49
N GLY Y 161 9.86 25.44 49.88
CA GLY Y 161 9.51 24.93 51.19
C GLY Y 161 9.93 25.81 52.35
N LEU Y 162 9.71 27.12 52.22
CA LEU Y 162 10.06 28.04 53.31
C LEU Y 162 9.08 27.99 54.47
N ALA Y 163 7.95 27.31 54.32
CA ALA Y 163 6.92 27.27 55.35
C ALA Y 163 6.60 25.84 55.78
N ASP Y 164 7.63 25.00 55.88
CA ASP Y 164 7.42 23.64 56.33
C ASP Y 164 7.18 23.58 57.84
N ASP Y 165 7.90 24.39 58.60
CA ASP Y 165 7.74 24.41 60.05
C ASP Y 165 6.52 25.25 60.41
N PRO Y 166 5.53 24.68 61.12
CA PRO Y 166 4.32 25.46 61.42
C PRO Y 166 4.57 26.73 62.22
N ASP Y 167 5.55 26.73 63.12
CA ASP Y 167 5.88 27.96 63.83
C ASP Y 167 6.43 29.01 62.87
N THR Y 168 7.39 28.60 62.03
CA THR Y 168 7.88 29.50 60.98
C THR Y 168 6.77 29.86 60.00
N PHE Y 169 5.84 28.94 59.75
CA PHE Y 169 4.70 29.25 58.89
C PHE Y 169 3.87 30.39 59.46
N ALA Y 170 3.58 30.33 60.77
CA ALA Y 170 2.82 31.39 61.41
C ALA Y 170 3.59 32.70 61.39
N GLU Y 171 4.89 32.66 61.66
CA GLU Y 171 5.69 33.88 61.66
C GLU Y 171 5.71 34.51 60.27
N LEU Y 172 5.85 33.68 59.23
CA LEU Y 172 5.83 34.19 57.86
C LEU Y 172 4.46 34.74 57.50
N LYS Y 173 3.39 34.13 58.01
CA LYS Y 173 2.05 34.69 57.80
C LYS Y 173 1.97 36.10 58.36
N VAL Y 174 2.47 36.29 59.58
CA VAL Y 174 2.44 37.62 60.20
C VAL Y 174 3.25 38.61 59.36
N LYS Y 175 4.45 38.20 58.94
CA LYS Y 175 5.29 39.07 58.12
C LYS Y 175 4.58 39.48 56.83
N GLU Y 176 4.01 38.50 56.13
CA GLU Y 176 3.37 38.77 54.85
C GLU Y 176 2.17 39.69 55.02
N ILE Y 177 1.33 39.43 56.02
CA ILE Y 177 0.15 40.27 56.20
C ILE Y 177 0.55 41.69 56.60
N LYS Y 178 1.60 41.85 57.39
CA LYS Y 178 2.02 43.19 57.79
C LYS Y 178 2.55 43.98 56.59
N ASN Y 179 3.48 43.37 55.83
CA ASN Y 179 3.97 44.01 54.62
C ASN Y 179 2.82 44.34 53.67
N GLY Y 180 1.85 43.44 53.53
CA GLY Y 180 0.75 43.66 52.62
C GLY Y 180 -0.16 44.81 53.04
N ARG Y 181 -0.49 44.89 54.33
CA ARG Y 181 -1.30 46.00 54.80
C ARG Y 181 -0.58 47.34 54.61
N LEU Y 182 0.73 47.35 54.87
CA LEU Y 182 1.49 48.57 54.60
C LEU Y 182 1.42 48.95 53.14
N ALA Y 183 1.55 47.97 52.24
CA ALA Y 183 1.49 48.25 50.81
C ALA Y 183 0.12 48.76 50.40
N MET Y 184 -0.94 48.21 50.99
CA MET Y 184 -2.29 48.68 50.70
C MET Y 184 -2.47 50.13 51.09
N PHE Y 185 -1.98 50.49 52.28
CA PHE Y 185 -2.06 51.87 52.73
C PHE Y 185 -1.27 52.78 51.79
N SER Y 186 -0.11 52.30 51.33
CA SER Y 186 0.71 53.05 50.39
C SER Y 186 -0.01 53.26 49.05
N MET Y 187 -0.74 52.24 48.59
CA MET Y 187 -1.48 52.39 47.32
C MET Y 187 -2.62 53.38 47.45
N PHE Y 188 -3.33 53.37 48.58
CA PHE Y 188 -4.36 54.39 48.78
C PHE Y 188 -3.73 55.78 48.77
N GLY Y 189 -2.58 55.93 49.44
CA GLY Y 189 -1.86 57.19 49.38
C GLY Y 189 -1.47 57.57 47.96
N PHE Y 190 -1.02 56.59 47.17
CA PHE Y 190 -0.65 56.87 45.79
C PHE Y 190 -1.84 57.41 45.00
N PHE Y 191 -2.99 56.78 45.16
CA PHE Y 191 -4.17 57.21 44.42
C PHE Y 191 -4.57 58.62 44.79
N VAL Y 192 -4.65 58.91 46.09
CA VAL Y 192 -5.11 60.23 46.51
C VAL Y 192 -4.09 61.31 46.13
N GLN Y 193 -2.80 61.01 46.25
CA GLN Y 193 -1.80 62.00 45.91
C GLN Y 193 -1.74 62.24 44.40
N ALA Y 194 -1.92 61.19 43.60
CA ALA Y 194 -1.96 61.36 42.15
C ALA Y 194 -3.17 62.15 41.71
N ILE Y 195 -4.29 62.04 42.44
CA ILE Y 195 -5.46 62.81 42.03
C ILE Y 195 -5.42 64.23 42.60
N VAL Y 196 -4.70 64.46 43.69
CA VAL Y 196 -4.64 65.80 44.28
C VAL Y 196 -3.54 66.62 43.64
N THR Y 197 -2.29 66.19 43.79
CA THR Y 197 -1.16 66.98 43.30
C THR Y 197 -1.09 66.94 41.78
N GLY Y 198 -1.23 65.76 41.19
CA GLY Y 198 -1.07 65.60 39.76
C GLY Y 198 0.30 65.13 39.32
N LYS Y 199 1.19 64.81 40.26
CA LYS Y 199 2.52 64.33 39.94
C LYS Y 199 2.75 62.98 40.63
N GLY Y 200 3.80 62.29 40.19
CA GLY Y 200 4.09 60.96 40.70
C GLY Y 200 4.53 60.98 42.15
N PRO Y 201 4.52 59.81 42.79
CA PRO Y 201 4.95 59.74 44.19
C PRO Y 201 6.38 60.22 44.40
N LEU Y 202 7.28 59.94 43.45
CA LEU Y 202 8.66 60.40 43.58
C LEU Y 202 8.75 61.92 43.50
N GLU Y 203 7.93 62.55 42.65
CA GLU Y 203 7.90 64.00 42.60
C GLU Y 203 7.43 64.58 43.93
N ASN Y 204 6.40 63.97 44.53
CA ASN Y 204 5.92 64.45 45.83
C ASN Y 204 7.00 64.28 46.90
N LEU Y 205 7.70 63.15 46.88
CA LEU Y 205 8.78 62.93 47.84
C LEU Y 205 9.90 63.96 47.66
N ASN Y 206 10.27 64.24 46.42
CA ASN Y 206 11.32 65.23 46.16
C ASN Y 206 10.87 66.61 46.59
N ASP Y 207 9.59 66.95 46.40
CA ASP Y 207 9.07 68.22 46.88
C ASP Y 207 9.16 68.29 48.41
N HIS Y 208 8.78 67.21 49.10
CA HIS Y 208 8.89 67.20 50.54
C HIS Y 208 10.33 67.24 51.03
N LEU Y 209 11.28 66.78 50.20
CA LEU Y 209 12.68 66.79 50.62
C LEU Y 209 13.19 68.21 50.83
N ALA Y 210 12.81 69.14 49.96
CA ALA Y 210 13.24 70.53 50.05
C ALA Y 210 12.08 71.41 50.48
N ASP Y 211 12.30 72.18 51.55
CA ASP Y 211 11.30 73.07 52.14
C ASP Y 211 10.04 72.29 52.51
N PRO Y 212 10.11 71.41 53.51
CA PRO Y 212 8.93 70.62 53.90
C PRO Y 212 7.82 71.45 54.52
N VAL Y 213 8.07 72.71 54.85
CA VAL Y 213 7.08 73.53 55.53
C VAL Y 213 5.85 73.74 54.66
N ALA Y 214 6.06 74.04 53.37
CA ALA Y 214 4.97 74.28 52.44
C ALA Y 214 4.80 73.18 51.41
N ASN Y 215 5.64 72.14 51.45
CA ASN Y 215 5.49 71.00 50.53
C ASN Y 215 4.72 69.90 51.28
N ASN Y 216 3.40 70.05 51.28
CA ASN Y 216 2.50 69.14 51.98
C ASN Y 216 1.12 69.27 51.35
N ALA Y 217 0.12 68.73 52.04
CA ALA Y 217 -1.25 68.80 51.52
C ALA Y 217 -1.85 70.19 51.67
N TRP Y 218 -1.39 70.97 52.66
CA TRP Y 218 -1.94 72.30 52.86
C TRP Y 218 -1.67 73.21 51.68
N ALA Y 219 -0.59 72.95 50.94
CA ALA Y 219 -0.31 73.73 49.74
C ALA Y 219 -1.44 73.61 48.72
N TYR Y 220 -1.99 72.41 48.57
CA TYR Y 220 -3.08 72.16 47.64
C TYR Y 220 -4.44 72.13 48.32
N ALA Y 221 -4.51 72.49 49.61
CA ALA Y 221 -5.78 72.47 50.32
C ALA Y 221 -6.78 73.49 49.78
N THR Y 222 -6.34 74.44 48.98
CA THR Y 222 -7.21 75.47 48.45
C THR Y 222 -7.61 75.25 46.99
N ASN Y 223 -7.25 74.11 46.41
CA ASN Y 223 -7.55 73.85 45.01
C ASN Y 223 -8.95 73.30 44.79
N PHE Y 224 -9.66 72.89 45.85
CA PHE Y 224 -10.97 72.28 45.72
C PHE Y 224 -12.06 73.08 46.43
N VAL Y 225 -11.81 74.36 46.67
CA VAL Y 225 -12.83 75.20 47.30
C VAL Y 225 -13.92 75.53 46.28
N PRO Y 226 -15.20 75.36 46.61
CA PRO Y 226 -16.26 75.69 45.66
C PRO Y 226 -16.22 77.16 45.26
N GLY Y 227 -16.48 77.42 43.98
CA GLY Y 227 -16.45 78.77 43.45
C GLY Y 227 -15.29 79.03 42.54
N ARG Z 1 -40.70 7.17 20.12
CA ARG Z 1 -41.73 7.98 20.76
C ARG Z 1 -42.29 7.30 21.99
N ARG Z 2 -42.21 7.98 23.14
CA ARG Z 2 -42.71 7.43 24.39
C ARG Z 2 -43.44 8.49 25.20
N TPO Z 3 -44.21 8.05 26.18
CA TPO Z 3 -44.89 8.97 27.09
CB TPO Z 3 -46.21 8.36 27.57
CG2 TPO Z 3 -46.95 9.38 28.44
OG1 TPO Z 3 -47.00 8.07 26.42
P TPO Z 3 -47.56 6.56 26.56
O1P TPO Z 3 -46.55 5.69 27.47
O2P TPO Z 3 -47.67 5.90 25.10
O3P TPO Z 3 -48.89 6.59 27.19
C TPO Z 3 -43.98 9.29 28.26
O TPO Z 3 -43.64 8.41 29.06
N VAL Z 4 -43.58 10.56 28.37
CA VAL Z 4 -42.50 10.96 29.27
C VAL Z 4 -42.96 11.17 30.71
N LYS Z 5 -44.19 11.66 30.87
CA LYS Z 5 -44.84 11.88 32.18
C LYS Z 5 -43.93 12.58 33.20
N SER Z 6 -42.95 13.35 32.71
CA SER Z 6 -42.09 14.13 33.59
C SER Z 6 -42.87 15.36 34.07
N THR Z 7 -43.19 15.38 35.37
CA THR Z 7 -44.08 16.41 35.89
C THR Z 7 -43.33 17.71 36.19
N SER Z 8 -42.38 17.67 37.12
CA SER Z 8 -41.74 18.89 37.59
C SER Z 8 -40.27 18.60 37.88
N ASP Z 9 -39.39 19.06 36.97
CA ASP Z 9 -37.95 18.97 37.20
C ASP Z 9 -37.30 20.18 36.52
N SER Z 10 -37.09 21.23 37.30
CA SER Z 10 -36.53 22.48 36.78
C SER Z 10 -35.05 22.54 37.11
N ILE Z 11 -34.24 22.86 36.08
CA ILE Z 11 -32.78 22.85 36.24
C ILE Z 11 -32.25 24.09 36.92
N TRP Z 12 -33.11 25.00 37.36
CA TRP Z 12 -32.68 26.28 37.91
C TRP Z 12 -32.80 26.36 39.43
N TYR Z 13 -33.14 25.25 40.10
CA TYR Z 13 -33.40 25.30 41.53
C TYR Z 13 -32.68 24.24 42.36
N GLY Z 14 -32.26 23.12 41.77
CA GLY Z 14 -31.72 22.01 42.52
C GLY Z 14 -30.30 22.25 42.99
N ALA Z 15 -29.55 21.16 43.14
CA ALA Z 15 -28.14 21.25 43.47
C ALA Z 15 -27.25 21.31 42.24
N ASP Z 16 -27.75 20.89 41.09
CA ASP Z 16 -27.01 20.99 39.84
C ASP Z 16 -27.34 22.27 39.08
N ARG Z 17 -27.25 23.40 39.76
CA ARG Z 17 -27.50 24.67 39.11
C ARG Z 17 -26.29 25.09 38.28
N PRO Z 18 -26.51 25.87 37.22
CA PRO Z 18 -25.39 26.24 36.33
C PRO Z 18 -24.28 27.01 37.04
N LYS Z 19 -24.62 27.91 37.97
CA LYS Z 19 -23.66 28.70 38.73
C LYS Z 19 -22.86 29.67 37.87
N TYR Z 20 -22.31 30.72 38.48
CA TYR Z 20 -21.87 31.91 37.75
C TYR Z 20 -20.46 31.80 37.18
N LEU Z 21 -19.63 30.91 37.70
CA LEU Z 21 -18.29 30.69 37.17
C LEU Z 21 -18.19 29.45 36.30
N GLY Z 22 -19.32 28.80 36.00
CA GLY Z 22 -19.32 27.60 35.21
C GLY Z 22 -18.53 26.48 35.86
N PRO Z 23 -17.65 25.84 35.08
CA PRO Z 23 -16.86 24.73 35.64
C PRO Z 23 -15.97 25.15 36.79
N PHE Z 24 -15.57 26.41 36.85
CA PHE Z 24 -14.64 26.90 37.86
C PHE Z 24 -15.34 27.33 39.15
N SER Z 25 -16.67 27.22 39.24
CA SER Z 25 -17.37 27.70 40.42
C SER Z 25 -16.93 26.95 41.67
N GLY Z 26 -16.77 25.64 41.58
CA GLY Z 26 -16.22 24.88 42.69
C GLY Z 26 -17.06 25.01 43.94
N GLU Z 27 -16.40 25.39 45.03
CA GLU Z 27 -17.08 25.51 46.31
C GLU Z 27 -18.04 26.68 46.31
N THR Z 28 -19.26 26.43 46.81
CA THR Z 28 -20.35 27.39 46.82
C THR Z 28 -20.77 27.68 48.26
N PRO Z 29 -21.29 28.88 48.53
CA PRO Z 29 -21.74 29.20 49.89
C PRO Z 29 -22.79 28.22 50.38
N SER Z 30 -22.71 27.89 51.68
CA SER Z 30 -23.63 26.93 52.26
C SER Z 30 -25.07 27.44 52.23
N TYR Z 31 -25.28 28.73 52.53
CA TYR Z 31 -26.64 29.24 52.60
C TYR Z 31 -27.27 29.35 51.22
N LEU Z 32 -26.45 29.52 50.17
CA LEU Z 32 -26.96 29.62 48.80
C LEU Z 32 -27.13 28.23 48.22
N THR Z 33 -28.07 27.49 48.81
CA THR Z 33 -28.36 26.11 48.41
C THR Z 33 -29.38 26.02 47.29
N GLY Z 34 -29.81 27.15 46.74
CA GLY Z 34 -30.84 27.15 45.71
C GLY Z 34 -32.15 27.66 46.25
N GLU Z 35 -33.25 27.03 45.83
CA GLU Z 35 -34.58 27.24 46.39
C GLU Z 35 -35.14 28.62 46.06
N PHE Z 36 -34.34 29.49 45.43
CA PHE Z 36 -34.78 30.82 45.05
C PHE Z 36 -34.35 31.10 43.61
N ALA Z 37 -35.11 31.96 42.95
CA ALA Z 37 -34.86 32.26 41.55
C ALA Z 37 -33.54 32.98 41.36
N GLY Z 38 -32.84 32.65 40.28
CA GLY Z 38 -31.57 33.28 39.96
C GLY Z 38 -30.46 33.00 40.97
N ASP Z 39 -30.44 31.80 41.54
CA ASP Z 39 -29.43 31.42 42.53
C ASP Z 39 -28.25 30.82 41.78
N TYR Z 40 -27.28 31.66 41.44
CA TYR Z 40 -26.06 31.23 40.78
C TYR Z 40 -24.92 30.97 41.76
N GLY Z 41 -25.18 31.08 43.05
CA GLY Z 41 -24.16 30.82 44.05
C GLY Z 41 -23.02 31.80 44.07
N TRP Z 42 -23.31 33.10 43.95
CA TRP Z 42 -22.30 34.15 43.91
C TRP Z 42 -22.50 35.07 45.12
N ASP Z 43 -21.85 34.74 46.23
CA ASP Z 43 -21.85 35.60 47.41
C ASP Z 43 -20.45 35.67 48.00
N THR Z 44 -19.46 35.95 47.16
CA THR Z 44 -18.07 35.98 47.60
C THR Z 44 -17.83 37.00 48.69
N ALA Z 45 -18.68 38.03 48.79
CA ALA Z 45 -18.54 39.03 49.84
C ALA Z 45 -19.14 38.57 51.16
N GLY Z 46 -19.94 37.51 51.17
CA GLY Z 46 -20.56 37.02 52.39
C GLY Z 46 -21.57 37.97 53.00
N LEU Z 47 -22.34 38.67 52.16
CA LEU Z 47 -23.28 39.67 52.62
C LEU Z 47 -24.69 39.14 52.79
N SER Z 48 -24.90 37.83 52.62
CA SER Z 48 -26.22 37.22 52.77
C SER Z 48 -26.13 35.95 53.59
N SER Z 49 -25.26 35.93 54.60
CA SER Z 49 -25.18 34.77 55.49
C SER Z 49 -26.33 34.73 56.47
N ASP Z 50 -26.80 35.90 56.92
CA ASP Z 50 -27.97 35.96 57.78
C ASP Z 50 -29.24 35.84 56.95
N PRO Z 51 -30.13 34.89 57.26
CA PRO Z 51 -31.32 34.70 56.43
C PRO Z 51 -32.20 35.94 56.32
N GLU Z 52 -32.31 36.72 57.38
CA GLU Z 52 -33.09 37.96 57.31
C GLU Z 52 -32.44 38.94 56.34
N THR Z 53 -31.12 39.09 56.40
CA THR Z 53 -30.41 39.93 55.45
C THR Z 53 -30.57 39.40 54.03
N PHE Z 54 -30.56 38.08 53.87
CA PHE Z 54 -30.75 37.48 52.55
C PHE Z 54 -32.12 37.81 52.00
N ALA Z 55 -33.16 37.73 52.82
CA ALA Z 55 -34.51 38.05 52.37
C ALA Z 55 -34.63 39.53 52.01
N ARG Z 56 -34.07 40.41 52.84
CA ARG Z 56 -34.11 41.84 52.53
C ARG Z 56 -33.38 42.13 51.22
N ASN Z 57 -32.22 41.51 51.03
CA ASN Z 57 -31.48 41.69 49.79
C ASN Z 57 -32.24 41.17 48.59
N ARG Z 58 -32.95 40.05 48.75
CA ARG Z 58 -33.74 39.51 47.65
C ARG Z 58 -34.85 40.47 47.25
N GLU Z 59 -35.59 40.98 48.24
CA GLU Z 59 -36.66 41.93 47.93
C GLU Z 59 -36.11 43.18 47.27
N LEU Z 60 -35.02 43.72 47.82
CA LEU Z 60 -34.44 44.95 47.28
C LEU Z 60 -33.91 44.73 45.88
N GLU Z 61 -33.31 43.56 45.63
CA GLU Z 61 -32.83 43.24 44.29
C GLU Z 61 -33.98 43.18 43.30
N VAL Z 62 -35.09 42.52 43.68
CA VAL Z 62 -36.21 42.41 42.75
C VAL Z 62 -36.80 43.78 42.44
N ILE Z 63 -36.90 44.66 43.45
CA ILE Z 63 -37.54 45.95 43.18
C ILE Z 63 -36.60 46.87 42.39
N HIS Z 64 -35.32 46.93 42.75
CA HIS Z 64 -34.34 47.63 41.91
C HIS Z 64 -34.38 47.08 40.48
N ALA Z 65 -34.57 45.77 40.32
CA ALA Z 65 -34.59 45.16 39.00
C ALA Z 65 -35.79 45.64 38.20
N ARG Z 66 -36.98 45.60 38.80
CA ARG Z 66 -38.18 46.06 38.08
C ARG Z 66 -38.05 47.52 37.69
N TRP Z 67 -37.55 48.35 38.62
CA TRP Z 67 -37.34 49.76 38.30
C TRP Z 67 -36.37 49.92 37.14
N ALA Z 68 -35.29 49.14 37.13
CA ALA Z 68 -34.32 49.23 36.04
C ALA Z 68 -34.91 48.77 34.72
N MET Z 69 -35.78 47.76 34.73
CA MET Z 69 -36.41 47.31 33.50
C MET Z 69 -37.28 48.41 32.91
N LEU Z 70 -38.13 49.01 33.75
CA LEU Z 70 -38.97 50.12 33.28
C LEU Z 70 -38.11 51.27 32.79
N GLY Z 71 -37.06 51.62 33.55
CA GLY Z 71 -36.19 52.71 33.13
C GLY Z 71 -35.48 52.43 31.83
N ALA Z 72 -35.06 51.19 31.61
CA ALA Z 72 -34.39 50.84 30.36
C ALA Z 72 -35.32 51.02 29.17
N LEU Z 73 -36.54 50.49 29.28
CA LEU Z 73 -37.47 50.63 28.16
C LEU Z 73 -37.80 52.10 27.92
N GLY Z 74 -37.98 52.86 29.00
CA GLY Z 74 -38.28 54.28 28.86
C GLY Z 74 -37.14 55.10 28.28
N CYS Z 75 -35.91 54.75 28.62
CA CYS Z 75 -34.75 55.46 28.07
C CYS Z 75 -34.52 55.09 26.61
N LEU Z 76 -34.90 53.88 26.20
CA LEU Z 76 -34.59 53.48 24.84
C LEU Z 76 -35.67 53.86 23.83
N THR Z 77 -36.95 53.86 24.21
CA THR Z 77 -38.00 54.05 23.21
C THR Z 77 -37.98 55.40 22.50
N PRO Z 78 -37.88 56.56 23.18
CA PRO Z 78 -37.99 57.82 22.44
C PRO Z 78 -36.94 58.02 21.37
N GLU Z 79 -35.71 57.54 21.59
CA GLU Z 79 -34.67 57.69 20.58
C GLU Z 79 -35.00 56.88 19.33
N LEU Z 80 -35.48 55.65 19.50
CA LEU Z 80 -35.87 54.85 18.34
C LEU Z 80 -37.07 55.47 17.63
N LEU Z 81 -38.00 56.05 18.40
CA LEU Z 81 -39.13 56.74 17.79
C LEU Z 81 -38.66 57.95 16.96
N ALA Z 82 -37.69 58.70 17.49
CA ALA Z 82 -37.11 59.81 16.74
C ALA Z 82 -36.45 59.31 15.47
N LYS Z 83 -35.77 58.16 15.55
CA LYS Z 83 -35.24 57.53 14.34
C LYS Z 83 -36.35 57.20 13.36
N SER Z 84 -37.50 56.77 13.86
CA SER Z 84 -38.64 56.50 12.99
C SER Z 84 -39.16 57.79 12.36
N GLY Z 85 -39.16 58.89 13.10
CA GLY Z 85 -39.57 60.16 12.54
C GLY Z 85 -40.34 61.08 13.47
N VAL Z 86 -40.83 60.55 14.58
CA VAL Z 86 -41.60 61.37 15.53
C VAL Z 86 -40.67 62.36 16.21
N LYS Z 87 -41.09 63.63 16.26
CA LYS Z 87 -40.27 64.68 16.84
C LYS Z 87 -40.48 64.79 18.34
N PHE Z 88 -39.39 64.91 19.08
CA PHE Z 88 -39.41 65.01 20.52
C PHE Z 88 -38.61 66.24 20.95
N GLY Z 89 -38.91 66.73 22.15
CA GLY Z 89 -38.20 67.89 22.66
C GLY Z 89 -36.72 67.64 22.83
N GLU Z 90 -36.37 66.51 23.44
CA GLU Z 90 -34.99 66.04 23.52
C GLU Z 90 -34.98 64.55 23.21
N ALA Z 91 -34.12 64.16 22.26
CA ALA Z 91 -34.03 62.75 21.90
C ALA Z 91 -33.39 61.93 23.01
N VAL Z 92 -32.25 62.39 23.54
CA VAL Z 92 -31.51 61.60 24.52
C VAL Z 92 -32.23 61.62 25.87
N TRP Z 93 -31.95 60.60 26.67
CA TRP Z 93 -32.60 60.46 27.97
C TRP Z 93 -32.04 61.43 29.00
N PHE Z 94 -30.75 61.75 28.94
CA PHE Z 94 -30.09 62.53 29.97
C PHE Z 94 -30.15 64.03 29.71
N LYS Z 95 -31.07 64.47 28.84
CA LYS Z 95 -31.35 65.89 28.65
C LYS Z 95 -32.83 66.21 28.62
N ALA Z 96 -33.70 65.21 28.50
CA ALA Z 96 -35.14 65.45 28.43
C ALA Z 96 -35.75 65.85 29.77
N GLY Z 97 -34.99 65.75 30.86
CA GLY Z 97 -35.51 66.13 32.16
C GLY Z 97 -35.62 67.62 32.39
N ALA Z 98 -35.06 68.43 31.48
CA ALA Z 98 -35.11 69.89 31.59
C ALA Z 98 -35.97 70.52 30.50
N GLN Z 99 -36.88 69.76 29.90
CA GLN Z 99 -37.75 70.33 28.87
C GLN Z 99 -38.84 71.21 29.46
N ILE Z 100 -39.32 70.90 30.67
CA ILE Z 100 -40.34 71.72 31.29
C ILE Z 100 -39.81 73.09 31.66
N PHE Z 101 -38.50 73.23 31.85
CA PHE Z 101 -37.92 74.55 32.06
C PHE Z 101 -38.02 75.41 30.82
N SER Z 102 -38.05 74.78 29.64
CA SER Z 102 -38.32 75.52 28.42
C SER Z 102 -39.76 76.03 28.43
N GLU Z 103 -39.95 77.27 27.98
CA GLU Z 103 -41.26 77.89 28.06
C GLU Z 103 -42.32 77.14 27.25
N GLY Z 104 -41.91 76.35 26.26
CA GLY Z 104 -42.86 75.53 25.53
C GLY Z 104 -43.35 74.32 26.30
N GLY Z 105 -42.72 74.00 27.42
CA GLY Z 105 -43.17 72.92 28.27
C GLY Z 105 -42.78 71.55 27.75
N LEU Z 106 -43.51 70.55 28.23
CA LEU Z 106 -43.30 69.16 27.88
C LEU Z 106 -44.44 68.69 26.99
N ASP Z 107 -44.12 67.90 25.97
CA ASP Z 107 -45.11 67.41 25.01
C ASP Z 107 -44.87 65.94 24.73
N TYR Z 108 -45.94 65.16 24.77
CA TYR Z 108 -45.87 63.75 24.40
C TYR Z 108 -45.78 63.65 22.88
N LEU Z 109 -44.75 62.97 22.39
CA LEU Z 109 -44.51 62.77 20.96
C LEU Z 109 -44.39 64.09 20.20
N GLY Z 110 -44.12 65.18 20.90
CA GLY Z 110 -43.97 66.48 20.28
C GLY Z 110 -45.26 67.18 19.92
N ASN Z 111 -46.41 66.64 20.29
CA ASN Z 111 -47.68 67.25 19.97
C ASN Z 111 -48.03 68.32 20.99
N PRO Z 112 -48.18 69.58 20.57
CA PRO Z 112 -48.49 70.64 21.56
C PRO Z 112 -49.81 70.43 22.29
N SER Z 113 -50.80 69.81 21.65
CA SER Z 113 -52.10 69.60 22.27
C SER Z 113 -52.05 68.57 23.40
N LEU Z 114 -50.96 67.82 23.54
CA LEU Z 114 -50.81 66.85 24.61
C LEU Z 114 -50.03 67.45 25.77
N VAL Z 115 -50.40 67.06 26.98
CA VAL Z 115 -49.84 67.55 28.25
C VAL Z 115 -49.55 69.05 28.21
N HIS Z 116 -48.50 69.46 27.49
CA HIS Z 116 -48.14 70.88 27.34
C HIS Z 116 -47.96 71.54 28.71
N ALA Z 117 -47.42 70.79 29.67
CA ALA Z 117 -47.37 71.26 31.04
C ALA Z 117 -46.31 72.34 31.22
N GLN Z 118 -46.71 73.43 31.87
CA GLN Z 118 -45.78 74.48 32.27
C GLN Z 118 -45.58 74.56 33.77
N SER Z 119 -46.60 74.21 34.57
CA SER Z 119 -46.45 74.19 36.01
C SER Z 119 -45.49 73.08 36.42
N ILE Z 120 -44.73 73.32 37.48
CA ILE Z 120 -43.62 72.47 37.89
C ILE Z 120 -43.81 71.95 39.31
N LEU Z 121 -43.84 72.87 40.29
CA LEU Z 121 -43.91 72.46 41.68
C LEU Z 121 -45.17 71.66 41.97
N ALA Z 122 -46.29 72.05 41.35
CA ALA Z 122 -47.55 71.36 41.59
C ALA Z 122 -47.47 69.91 41.14
N ILE Z 123 -46.97 69.67 39.93
CA ILE Z 123 -46.94 68.30 39.42
C ILE Z 123 -45.92 67.46 40.18
N TRP Z 124 -44.77 68.05 40.55
CA TRP Z 124 -43.81 67.30 41.36
C TRP Z 124 -44.38 66.94 42.72
N ALA Z 125 -45.05 67.88 43.39
CA ALA Z 125 -45.63 67.59 44.69
C ALA Z 125 -46.73 66.53 44.56
N SER Z 126 -47.55 66.62 43.51
CA SER Z 126 -48.62 65.64 43.33
C SER Z 126 -48.06 64.26 43.12
N GLN Z 127 -47.08 64.11 42.21
CA GLN Z 127 -46.52 62.79 41.96
C GLN Z 127 -45.81 62.26 43.20
N VAL Z 128 -45.11 63.12 43.94
CA VAL Z 128 -44.42 62.69 45.14
C VAL Z 128 -45.42 62.15 46.16
N VAL Z 129 -46.50 62.89 46.40
CA VAL Z 129 -47.48 62.49 47.42
C VAL Z 129 -48.17 61.20 47.01
N LEU Z 130 -48.64 61.12 45.76
CA LEU Z 130 -49.39 59.93 45.34
C LEU Z 130 -48.48 58.71 45.30
N MET Z 131 -47.22 58.87 44.89
CA MET Z 131 -46.30 57.75 44.87
C MET Z 131 -45.87 57.31 46.26
N GLY Z 132 -45.75 58.25 47.20
CA GLY Z 132 -45.56 57.85 48.59
C GLY Z 132 -46.75 57.07 49.12
N ALA Z 133 -47.95 57.49 48.75
CA ALA Z 133 -49.15 56.75 49.16
C ALA Z 133 -49.15 55.34 48.59
N VAL Z 134 -48.78 55.20 47.31
CA VAL Z 134 -48.77 53.86 46.73
C VAL Z 134 -47.65 53.02 47.34
N GLU Z 135 -46.51 53.64 47.70
CA GLU Z 135 -45.48 52.91 48.44
C GLU Z 135 -46.04 52.37 49.76
N GLY Z 136 -46.79 53.21 50.48
CA GLY Z 136 -47.42 52.74 51.70
C GLY Z 136 -48.38 51.59 51.45
N TYR Z 137 -49.15 51.68 50.37
CA TYR Z 137 -50.06 50.58 50.01
C TYR Z 137 -49.28 49.31 49.73
N ARG Z 138 -48.14 49.42 49.05
CA ARG Z 138 -47.24 48.27 48.88
C ARG Z 138 -46.87 47.67 50.23
N VAL Z 139 -46.40 48.51 51.15
CA VAL Z 139 -45.77 48.00 52.35
C VAL Z 139 -46.81 47.38 53.31
N ALA Z 140 -47.92 48.06 53.52
CA ALA Z 140 -48.86 47.69 54.58
C ALA Z 140 -50.27 47.51 54.03
N GLY Z 141 -50.37 46.79 52.91
CA GLY Z 141 -51.67 46.46 52.35
C GLY Z 141 -52.39 47.66 51.75
N GLY Z 142 -53.48 47.41 51.03
CA GLY Z 142 -54.22 48.48 50.42
C GLY Z 142 -55.42 48.02 49.61
N PRO Z 143 -56.06 48.96 48.91
CA PRO Z 143 -57.31 48.64 48.21
C PRO Z 143 -57.18 47.58 47.14
N LEU Z 144 -56.05 47.49 46.44
CA LEU Z 144 -55.92 46.55 45.35
C LEU Z 144 -55.57 45.13 45.79
N GLY Z 145 -55.39 44.91 47.08
CA GLY Z 145 -55.13 43.57 47.57
C GLY Z 145 -54.43 43.59 48.89
N GLU Z 146 -54.41 42.43 49.53
CA GLU Z 146 -53.74 42.22 50.80
C GLU Z 146 -52.36 41.64 50.55
N ILE Z 147 -51.38 42.12 51.31
CA ILE Z 147 -49.99 41.69 51.12
C ILE Z 147 -49.89 40.21 51.49
N THR Z 148 -49.60 39.38 50.49
CA THR Z 148 -49.34 37.96 50.72
C THR Z 148 -47.85 37.68 50.83
N ASP Z 149 -47.09 38.02 49.79
CA ASP Z 149 -45.65 37.92 49.79
C ASP Z 149 -45.03 39.31 49.64
N PRO Z 150 -43.95 39.60 50.35
CA PRO Z 150 -43.30 40.90 50.20
C PRO Z 150 -42.83 41.19 48.79
N ILE Z 151 -42.43 40.16 48.04
CA ILE Z 151 -41.86 40.34 46.71
C ILE Z 151 -42.93 40.05 45.65
N TYR Z 152 -43.77 39.05 45.91
CA TYR Z 152 -44.77 38.59 44.94
C TYR Z 152 -46.16 38.63 45.58
N PRO Z 153 -46.75 39.82 45.73
CA PRO Z 153 -48.11 39.87 46.30
C PRO Z 153 -49.15 39.22 45.40
N GLY Z 154 -49.16 39.56 44.11
CA GLY Z 154 -50.12 38.96 43.20
C GLY Z 154 -51.55 39.39 43.51
N GLY Z 155 -52.48 38.49 43.21
CA GLY Z 155 -53.89 38.78 43.42
C GLY Z 155 -54.52 39.45 42.21
N SER Z 156 -54.66 40.78 42.29
CA SER Z 156 -55.15 41.57 41.17
C SER Z 156 -54.02 42.02 40.24
N PHE Z 157 -52.78 41.68 40.56
CA PHE Z 157 -51.62 42.07 39.76
C PHE Z 157 -51.25 41.04 38.70
N ASP Z 158 -51.99 39.95 38.61
CA ASP Z 158 -51.85 38.97 37.53
C ASP Z 158 -53.23 38.72 36.92
N PRO Z 159 -53.82 39.73 36.28
CA PRO Z 159 -55.16 39.55 35.70
C PRO Z 159 -55.20 38.49 34.60
N LEU Z 160 -54.08 38.20 33.95
CA LEU Z 160 -54.05 37.22 32.88
C LEU Z 160 -53.81 35.80 33.37
N GLY Z 161 -53.55 35.62 34.67
CA GLY Z 161 -53.48 34.29 35.26
C GLY Z 161 -52.37 33.42 34.72
N LEU Z 162 -51.18 33.97 34.54
CA LEU Z 162 -50.02 33.18 34.14
C LEU Z 162 -49.26 32.59 35.32
N ALA Z 163 -49.55 33.04 36.54
CA ALA Z 163 -48.92 32.52 37.74
C ALA Z 163 -49.68 31.34 38.34
N ASP Z 164 -50.44 30.61 37.53
CA ASP Z 164 -51.24 29.51 38.03
C ASP Z 164 -50.42 28.22 38.12
N ASP Z 165 -49.77 27.83 37.04
CA ASP Z 165 -49.03 26.58 37.01
C ASP Z 165 -47.68 26.77 37.70
N PRO Z 166 -47.39 26.02 38.77
CA PRO Z 166 -46.15 26.27 39.53
C PRO Z 166 -44.87 26.13 38.72
N ASP Z 167 -44.80 25.17 37.79
CA ASP Z 167 -43.60 25.01 36.99
C ASP Z 167 -43.38 26.23 36.08
N THR Z 168 -44.42 26.62 35.35
CA THR Z 168 -44.34 27.84 34.55
C THR Z 168 -44.14 29.05 35.44
N PHE Z 169 -44.65 28.99 36.68
CA PHE Z 169 -44.42 30.08 37.62
C PHE Z 169 -42.95 30.25 37.93
N ALA Z 170 -42.26 29.15 38.23
CA ALA Z 170 -40.83 29.22 38.53
C ALA Z 170 -40.03 29.64 37.30
N GLU Z 171 -40.39 29.12 36.13
CA GLU Z 171 -39.72 29.54 34.92
C GLU Z 171 -39.88 31.03 34.68
N LEU Z 172 -41.09 31.55 34.90
CA LEU Z 172 -41.33 32.99 34.74
C LEU Z 172 -40.54 33.78 35.77
N LYS Z 173 -40.42 33.27 36.99
CA LYS Z 173 -39.66 33.98 38.02
C LYS Z 173 -38.19 34.10 37.62
N VAL Z 174 -37.59 33.00 37.15
CA VAL Z 174 -36.19 33.07 36.78
C VAL Z 174 -36.00 33.92 35.53
N LYS Z 175 -36.95 33.87 34.58
CA LYS Z 175 -36.87 34.74 33.41
C LYS Z 175 -36.93 36.20 33.82
N GLU Z 176 -37.81 36.53 34.76
CA GLU Z 176 -37.92 37.91 35.25
C GLU Z 176 -36.63 38.36 35.90
N ILE Z 177 -36.06 37.52 36.76
CA ILE Z 177 -34.85 37.94 37.46
C ILE Z 177 -33.68 38.11 36.48
N LYS Z 178 -33.62 37.26 35.44
CA LYS Z 178 -32.52 37.37 34.49
C LYS Z 178 -32.66 38.62 33.63
N ASN Z 179 -33.86 38.87 33.09
CA ASN Z 179 -34.07 40.09 32.31
C ASN Z 179 -33.86 41.33 33.18
N GLY Z 180 -34.25 41.27 34.46
CA GLY Z 180 -34.04 42.40 35.33
C GLY Z 180 -32.58 42.67 35.64
N ARG Z 181 -31.79 41.62 35.86
CA ARG Z 181 -30.36 41.82 36.07
C ARG Z 181 -29.72 42.39 34.83
N LEU Z 182 -30.13 41.93 33.64
CA LEU Z 182 -29.64 42.53 32.41
C LEU Z 182 -30.02 44.00 32.33
N ALA Z 183 -31.24 44.34 32.75
CA ALA Z 183 -31.67 45.74 32.72
C ALA Z 183 -30.85 46.60 33.66
N MET Z 184 -30.53 46.09 34.86
CA MET Z 184 -29.70 46.85 35.79
C MET Z 184 -28.30 47.06 35.22
N PHE Z 185 -27.74 46.02 34.59
CA PHE Z 185 -26.45 46.16 33.93
C PHE Z 185 -26.50 47.24 32.85
N SER Z 186 -27.59 47.26 32.07
CA SER Z 186 -27.73 48.27 31.04
C SER Z 186 -27.94 49.67 31.62
N MET Z 187 -28.57 49.77 32.79
CA MET Z 187 -28.66 51.05 33.47
C MET Z 187 -27.29 51.56 33.90
N PHE Z 188 -26.46 50.70 34.47
CA PHE Z 188 -25.10 51.12 34.78
C PHE Z 188 -24.37 51.55 33.52
N GLY Z 189 -24.57 50.82 32.42
CA GLY Z 189 -23.97 51.20 31.16
C GLY Z 189 -24.43 52.56 30.66
N PHE Z 190 -25.73 52.80 30.73
CA PHE Z 190 -26.27 54.09 30.28
C PHE Z 190 -25.74 55.24 31.12
N PHE Z 191 -25.69 55.04 32.45
CA PHE Z 191 -25.18 56.10 33.32
C PHE Z 191 -23.72 56.41 33.01
N VAL Z 192 -22.90 55.36 32.88
CA VAL Z 192 -21.48 55.60 32.61
C VAL Z 192 -21.28 56.22 31.23
N GLN Z 193 -22.06 55.79 30.24
CA GLN Z 193 -21.94 56.34 28.90
C GLN Z 193 -22.35 57.81 28.88
N ALA Z 194 -23.39 58.17 29.61
CA ALA Z 194 -23.76 59.57 29.74
C ALA Z 194 -22.65 60.37 30.39
N ILE Z 195 -22.02 59.81 31.43
CA ILE Z 195 -20.97 60.54 32.14
C ILE Z 195 -19.77 60.78 31.23
N VAL Z 196 -19.28 59.74 30.56
CA VAL Z 196 -17.97 59.82 29.92
C VAL Z 196 -18.06 60.45 28.53
N THR Z 197 -19.05 60.07 27.71
CA THR Z 197 -19.11 60.54 26.34
C THR Z 197 -20.05 61.71 26.14
N GLY Z 198 -21.13 61.78 26.91
CA GLY Z 198 -22.11 62.84 26.71
C GLY Z 198 -22.95 62.67 25.47
N LYS Z 199 -23.12 61.44 25.00
CA LYS Z 199 -23.91 61.16 23.81
C LYS Z 199 -24.93 60.07 24.11
N GLY Z 200 -26.01 60.06 23.34
CA GLY Z 200 -27.07 59.10 23.51
C GLY Z 200 -26.71 57.71 23.03
N PRO Z 201 -27.43 56.71 23.52
CA PRO Z 201 -27.12 55.33 23.14
C PRO Z 201 -27.20 55.04 21.65
N LEU Z 202 -28.11 55.70 20.93
CA LEU Z 202 -28.26 55.40 19.51
C LEU Z 202 -27.00 55.78 18.72
N GLU Z 203 -26.46 56.98 18.97
CA GLU Z 203 -25.25 57.33 18.25
C GLU Z 203 -24.01 56.64 18.82
N ASN Z 204 -24.04 56.21 20.08
CA ASN Z 204 -22.97 55.34 20.57
C ASN Z 204 -22.93 54.03 19.80
N LEU Z 205 -24.11 53.42 19.59
CA LEU Z 205 -24.17 52.20 18.80
C LEU Z 205 -23.76 52.46 17.36
N ASN Z 206 -24.18 53.60 16.80
CA ASN Z 206 -23.78 53.95 15.45
C ASN Z 206 -22.26 54.10 15.35
N ASP Z 207 -21.65 54.74 16.34
CA ASP Z 207 -20.21 54.91 16.34
C ASP Z 207 -19.48 53.58 16.45
N HIS Z 208 -19.95 52.71 17.35
CA HIS Z 208 -19.33 51.39 17.46
C HIS Z 208 -19.47 50.60 16.16
N LEU Z 209 -20.62 50.73 15.50
CA LEU Z 209 -20.83 50.10 14.20
C LEU Z 209 -20.04 50.76 13.07
N ALA Z 210 -19.47 51.93 13.31
CA ALA Z 210 -18.66 52.64 12.30
C ALA Z 210 -17.20 52.57 12.73
N ASP Z 211 -16.42 51.72 12.06
CA ASP Z 211 -15.03 51.47 12.40
C ASP Z 211 -14.92 51.07 13.87
N PRO Z 212 -15.34 49.84 14.23
CA PRO Z 212 -15.36 49.46 15.64
C PRO Z 212 -14.01 49.53 16.33
N VAL Z 213 -12.92 49.29 15.60
CA VAL Z 213 -11.60 49.34 16.23
C VAL Z 213 -11.29 50.76 16.72
N ALA Z 214 -11.55 51.76 15.87
CA ALA Z 214 -11.26 53.14 16.24
C ALA Z 214 -12.29 53.68 17.23
N ASN Z 215 -13.57 53.38 17.03
CA ASN Z 215 -14.65 53.92 17.85
C ASN Z 215 -15.07 52.87 18.87
N ASN Z 216 -14.58 53.00 20.09
CA ASN Z 216 -14.99 52.16 21.20
C ASN Z 216 -14.69 52.90 22.49
N ALA Z 217 -14.74 52.19 23.62
CA ALA Z 217 -14.51 52.83 24.91
C ALA Z 217 -13.06 53.27 25.08
N TRP Z 218 -12.13 52.70 24.31
CA TRP Z 218 -10.73 53.06 24.46
C TRP Z 218 -10.40 54.44 23.90
N ALA Z 219 -11.29 55.01 23.09
CA ALA Z 219 -11.03 56.35 22.55
C ALA Z 219 -11.13 57.43 23.62
N TYR Z 220 -11.79 57.15 24.74
CA TYR Z 220 -11.91 58.09 25.85
C TYR Z 220 -11.01 57.68 27.03
N ALA Z 221 -9.87 57.06 26.73
CA ALA Z 221 -9.02 56.53 27.79
C ALA Z 221 -8.23 57.64 28.49
N THR Z 222 -7.81 58.66 27.75
CA THR Z 222 -6.93 59.70 28.29
C THR Z 222 -7.68 60.97 28.66
N ASN Z 223 -9.01 60.94 28.67
CA ASN Z 223 -9.79 62.16 28.87
C ASN Z 223 -9.96 62.53 30.34
N PHE Z 224 -9.47 61.71 31.28
CA PHE Z 224 -9.65 61.99 32.70
C PHE Z 224 -8.35 61.93 33.47
N VAL Z 225 -7.21 61.95 32.80
CA VAL Z 225 -5.92 61.89 33.50
C VAL Z 225 -5.71 63.20 34.26
N PRO Z 226 -5.35 63.15 35.54
CA PRO Z 226 -5.09 64.40 36.27
C PRO Z 226 -3.85 65.11 35.75
N GLY Z 227 -3.89 66.44 35.82
CA GLY Z 227 -2.78 67.25 35.37
C GLY Z 227 -2.88 67.63 33.90
MG CLA AA . -16.49 -3.61 -31.05
CHA CLA AA . -15.01 -2.61 -28.11
CHB CLA AA . -17.79 -6.32 -29.46
CHC CLA AA . -18.38 -4.27 -33.84
CHD CLA AA . -15.19 -0.75 -32.63
NA CLA AA . -16.29 -4.39 -29.13
C1A CLA AA . -15.68 -3.80 -28.02
C2A CLA AA . -15.73 -4.77 -26.85
C3A CLA AA . -16.33 -6.04 -27.41
C4A CLA AA . -16.85 -5.58 -28.76
CMA CLA AA . -15.16 -6.97 -27.62
CAA CLA AA . -16.57 -4.37 -25.64
CBA CLA AA . -16.30 -5.21 -24.41
CGA CLA AA . -17.37 -4.88 -23.41
O1A CLA AA . -17.55 -5.58 -22.43
O2A CLA AA . -18.20 -3.71 -23.59
NB CLA AA . -17.82 -5.03 -31.56
C1B CLA AA . -18.31 -5.98 -30.72
C2B CLA AA . -19.50 -6.64 -31.34
C3B CLA AA . -19.67 -6.07 -32.58
C4B CLA AA . -18.59 -5.06 -32.75
CMB CLA AA . -20.29 -7.79 -30.79
CAB CLA AA . -20.62 -6.34 -33.61
CBB CLA AA . -20.92 -7.55 -34.08
NC CLA AA . -16.65 -2.74 -32.94
C1C CLA AA . -17.44 -3.19 -33.95
C2C CLA AA . -17.30 -2.36 -35.13
C3C CLA AA . -16.44 -1.32 -34.77
C4C CLA AA . -16.03 -1.57 -33.40
CMC CLA AA . -18.05 -2.49 -36.42
CAC CLA AA . -15.98 -0.19 -35.64
CBC CLA AA . -14.66 -0.58 -36.27
ND CLA AA . -15.48 -2.01 -30.57
C1D CLA AA . -14.79 -0.99 -31.34
C2D CLA AA . -13.95 -0.14 -30.48
C3D CLA AA . -14.00 -0.71 -29.22
C4D CLA AA . -14.80 -1.94 -29.36
CMD CLA AA . -13.13 1.09 -30.71
CAD CLA AA . -13.52 -0.66 -27.86
OBD CLA AA . -12.64 0.03 -27.36
CBD CLA AA . -14.17 -1.81 -27.12
CGD CLA AA . -13.54 -2.31 -25.84
O1D CLA AA . -12.90 -3.32 -25.72
O2D CLA AA . -13.80 -1.51 -24.65
CED CLA AA . -15.12 -1.15 -24.28
C1 CLA AA . -18.52 -2.86 -22.50
C2 CLA AA . -19.28 -1.68 -23.04
C3 CLA AA . -18.98 -0.44 -22.64
C4 CLA AA . -17.91 -0.23 -21.63
C5 CLA AA . -19.75 0.73 -23.19
C6 CLA AA . -18.99 1.30 -24.39
C7 CLA AA . -19.70 2.50 -24.98
MG CLA BA . -19.05 -22.31 -28.48
CHA CLA BA . -19.21 -25.72 -29.05
CHB CLA BA . -16.12 -22.18 -30.19
CHC CLA BA . -19.20 -18.88 -28.37
CHD CLA BA . -22.13 -22.50 -26.79
NA CLA BA . -17.83 -23.74 -29.38
C1A CLA BA . -18.10 -25.11 -29.55
C2A CLA BA . -16.95 -25.79 -30.28
C3A CLA BA . -15.86 -24.70 -30.30
C4A CLA BA . -16.64 -23.43 -29.96
CMA CLA BA . -14.76 -25.00 -29.33
CAA CLA BA . -17.40 -26.17 -31.68
CBA CLA BA . -16.34 -26.94 -32.43
CGA CLA BA . -15.50 -26.00 -33.23
O1A CLA BA . -15.89 -25.18 -34.07
O2A CLA BA . -14.17 -26.07 -32.96
NB CLA BA . -17.86 -20.80 -29.13
C1B CLA BA . -16.75 -20.97 -29.90
C2B CLA BA . -16.29 -19.64 -30.40
C3B CLA BA . -17.16 -18.69 -29.89
C4B CLA BA . -18.17 -19.43 -29.07
CMB CLA BA . -15.12 -19.48 -31.24
CAB CLA BA . -17.15 -17.25 -30.08
CBB CLA BA . -17.53 -16.60 -31.20
NC CLA BA . -20.38 -20.95 -27.62
C1C CLA BA . -20.22 -19.59 -27.67
C2C CLA BA . -21.32 -18.95 -26.95
C3C CLA BA . -22.18 -19.97 -26.56
C4C CLA BA . -21.58 -21.23 -26.99
CMC CLA BA . -21.46 -17.51 -26.76
CAC CLA BA . -23.43 -19.82 -25.80
CBC CLA BA . -23.33 -20.33 -24.38
ND CLA BA . -20.30 -23.74 -27.83
C1D CLA BA . -21.56 -23.68 -27.18
C2D CLA BA . -22.11 -25.05 -27.05
C3D CLA BA . -21.26 -25.86 -27.77
C4D CLA BA . -20.17 -25.01 -28.26
CMD CLA BA . -23.35 -25.38 -26.35
CAD CLA BA . -20.95 -27.23 -28.17
OBD CLA BA . -21.49 -28.28 -27.86
CBD CLA BA . -19.72 -27.15 -29.13
CGD CLA BA . -18.69 -28.21 -28.87
O1D CLA BA . -17.93 -28.32 -27.90
O2D CLA BA . -18.61 -29.14 -29.85
CED CLA BA . -17.73 -30.24 -29.67
C1 CLA BA . -13.39 -24.93 -33.36
C2 CLA BA . -12.27 -24.76 -32.40
C3 CLA BA . -11.85 -23.54 -32.02
C4 CLA BA . -12.49 -22.31 -32.54
C5 CLA BA . -10.72 -23.36 -31.06
C6 CLA BA . -9.66 -22.43 -31.61
C7 CLA BA . -8.34 -22.60 -30.88
MG CLA CA . -23.50 -1.70 -20.42
CHA CLA CA . -23.70 -1.53 -23.88
CHB CLA CA . -25.11 1.27 -20.19
CHC CLA CA . -23.41 -2.00 -17.02
CHD CLA CA . -21.66 -4.70 -20.73
NA CLA CA . -24.24 -0.35 -21.82
C1A CLA CA . -24.22 -0.45 -23.22
C2A CLA CA . -24.84 0.78 -23.86
C3A CLA CA . -25.03 1.74 -22.67
C4A CLA CA . -24.79 0.84 -21.46
CMA CLA CA . -24.04 2.88 -22.70
CAA CLA CA . -26.17 0.46 -24.53
CBA CLA CA . -26.51 1.49 -25.58
CGA CLA CA . -27.54 2.45 -25.06
O1A CLA CA . -27.71 2.85 -23.92
O2A CLA CA . -28.39 2.90 -26.03
NB CLA CA . -24.04 -0.52 -18.89
C1B CLA CA . -24.92 0.50 -19.03
C2B CLA CA . -25.66 0.73 -17.75
C3B CLA CA . -25.18 -0.19 -16.84
C4B CLA CA . -24.15 -0.99 -17.56
CMB CLA CA . -26.67 1.79 -17.62
CAB CLA CA . -25.50 -0.44 -15.47
CBB CLA CA . -26.43 0.15 -14.72
NC CLA CA . -22.64 -3.08 -19.11
C1C CLA CA . -22.68 -2.97 -17.75
C2C CLA CA . -21.93 -4.06 -17.14
C3C CLA CA . -21.47 -4.86 -18.20
C4C CLA CA . -21.90 -4.22 -19.44
CMC CLA CA . -21.74 -4.26 -15.71
CAC CLA CA . -20.63 -6.05 -18.10
CBC CLA CA . -19.16 -5.71 -18.01
ND CLA CA . -22.87 -2.92 -21.90
C1D CLA CA . -22.11 -4.12 -21.89
C2D CLA CA . -21.97 -4.60 -23.28
C3D CLA CA . -22.63 -3.68 -24.08
C4D CLA CA . -23.11 -2.62 -23.17
CMD CLA CA . -21.33 -5.86 -23.67
CAD CLA CA . -23.05 -3.31 -25.42
OBD CLA CA . -23.04 -3.97 -26.45
CBD CLA CA . -23.63 -1.87 -25.35
CGD CLA CA . -22.77 -0.92 -26.13
O1D CLA CA . -21.92 -0.14 -25.72
O2D CLA CA . -23.00 -0.96 -27.47
CED CLA CA . -22.58 0.16 -28.24
C1 CLA CA . -29.12 4.10 -25.73
C2 CLA CA . -30.53 3.69 -25.52
C3 CLA CA . -31.56 4.27 -26.18
C4 CLA CA . -31.33 5.36 -27.16
C5 CLA CA . -32.96 3.84 -25.94
C6 CLA CA . -33.29 3.70 -24.47
C7 CLA CA . -34.78 3.52 -24.25
MG CLA DA . 2.27 -27.18 -14.56
CHA CLA DA . 0.16 -28.95 -16.66
CHB CLA DA . 1.72 -24.36 -16.36
CHC CLA DA . 4.43 -25.50 -12.47
CHD CLA DA . 2.88 -30.16 -12.76
NA CLA DA . 1.11 -26.75 -16.23
C1A CLA DA . 0.30 -27.62 -16.97
C2A CLA DA . -0.40 -26.88 -18.11
C3A CLA DA . 0.17 -25.45 -18.01
C4A CLA DA . 1.06 -25.50 -16.77
CMA CLA DA . 0.98 -25.10 -19.24
CAA CLA DA . -1.89 -26.83 -17.86
CBA CLA DA . -2.69 -27.21 -19.08
CGA CLA DA . -2.39 -26.28 -20.20
O1A CLA DA . -2.18 -25.07 -20.15
O2A CLA DA . -2.34 -26.90 -21.41
NB CLA DA . 2.89 -25.28 -14.39
C1B CLA DA . 2.61 -24.29 -15.27
C2B CLA DA . 3.40 -23.07 -14.92
C3B CLA DA . 4.16 -23.39 -13.83
C4B CLA DA . 3.86 -24.80 -13.48
CMB CLA DA . 3.32 -21.84 -15.71
CAB CLA DA . 5.14 -22.62 -13.10
CBB CLA DA . 6.00 -21.73 -13.61
NC CLA DA . 3.43 -27.74 -12.92
C1C CLA DA . 4.24 -26.89 -12.21
C2C CLA DA . 4.90 -27.61 -11.13
C3C CLA DA . 4.47 -28.93 -11.21
C4C CLA DA . 3.55 -29.00 -12.33
CMC CLA DA . 5.84 -27.01 -10.18
CAC CLA DA . 4.86 -30.04 -10.33
CBC CLA DA . 6.00 -30.86 -10.89
ND CLA DA . 1.76 -29.14 -14.67
C1D CLA DA . 2.05 -30.26 -13.85
C2D CLA DA . 1.33 -31.43 -14.37
C3D CLA DA . 0.62 -31.01 -15.47
C4D CLA DA . 0.90 -29.57 -15.60
CMD CLA DA . 1.42 -32.77 -13.78
CAD CLA DA . -0.28 -31.38 -16.54
OBD CLA DA . -0.71 -32.48 -16.86
CBD CLA DA . -0.65 -30.06 -17.30
CGD CLA DA . -0.43 -30.19 -18.78
O1D CLA DA . -1.24 -30.61 -19.61
O2D CLA DA . 0.80 -29.80 -19.21
CED CLA DA . 1.10 -30.04 -20.59
C1 CLA DA . -2.10 -26.07 -22.56
C2 CLA DA . -0.85 -26.55 -23.18
C3 CLA DA . -0.08 -25.76 -23.95
C4 CLA DA . -0.45 -24.34 -24.23
C5 CLA DA . 1.18 -26.28 -24.56
C6 CLA DA . 2.40 -25.99 -23.72
C7 CLA DA . 3.16 -24.79 -24.23
C8 CLA DA . 4.47 -24.57 -23.50
C9 CLA DA . 4.24 -24.36 -22.02
C10 CLA DA . 5.22 -23.37 -24.09
C11 CLA DA . 5.53 -23.59 -25.55
C12 CLA DA . 5.65 -22.29 -26.30
C13 CLA DA . 5.78 -22.54 -27.80
C14 CLA DA . 7.22 -22.79 -28.18
C15 CLA DA . 5.22 -21.38 -28.62
C16 CLA DA . 3.93 -20.84 -28.02
C17 CLA DA . 2.95 -20.40 -29.10
C18 CLA DA . 2.17 -21.58 -29.64
C19 CLA DA . 1.85 -21.41 -31.11
C20 CLA DA . 0.90 -21.79 -28.85
MG CLA EA . 5.14 -21.00 -7.96
CHA CLA EA . 5.81 -23.77 -5.98
CHB CLA EA . 7.36 -19.18 -6.14
CHC CLA EA . 4.72 -18.40 -10.16
CHD CLA EA . 2.93 -22.98 -9.88
NA CLA EA . 6.32 -21.41 -6.29
C1A CLA EA . 6.48 -22.63 -5.62
C2A CLA EA . 7.46 -22.50 -4.45
C3A CLA EA . 7.77 -20.98 -4.43
C4A CLA EA . 7.11 -20.46 -5.71
CMA CLA EA . 7.19 -20.30 -3.22
CAA CLA EA . 8.71 -23.33 -4.69
CBA CLA EA . 9.96 -22.47 -4.80
CGA CLA EA . 11.12 -23.30 -5.23
O1A CLA EA . 11.33 -24.50 -5.05
O2A CLA EA . 12.06 -22.57 -5.91
NB CLA EA . 5.87 -19.14 -8.11
C1B CLA EA . 6.81 -18.59 -7.30
C2B CLA EA . 7.19 -17.24 -7.79
C3B CLA EA . 6.46 -17.02 -8.93
C4B CLA EA . 5.61 -18.22 -9.14
CMB CLA EA . 8.19 -16.42 -7.11
CAB CLA EA . 6.42 -15.87 -9.81
CBB CLA EA . 6.49 -14.60 -9.44
NC CLA EA . 3.97 -20.72 -9.67
C1C CLA EA . 3.94 -19.57 -10.41
C2C CLA EA . 3.02 -19.74 -11.54
C3C CLA EA . 2.53 -21.04 -11.46
C4C CLA EA . 3.13 -21.65 -10.29
CMC CLA EA . 2.73 -18.71 -12.54
CAC CLA EA . 1.57 -21.67 -12.37
CBC CLA EA . 0.14 -21.51 -11.90
ND CLA EA . 4.40 -22.88 -7.92
C1D CLA EA . 3.52 -23.57 -8.78
C2D CLA EA . 3.38 -24.97 -8.32
C3D CLA EA . 4.24 -25.11 -7.25
C4D CLA EA . 4.86 -23.78 -7.05
CMD CLA EA . 2.51 -25.97 -8.94
CAD CLA EA . 4.76 -25.98 -6.22
OBD CLA EA . 4.46 -27.14 -5.97
CBD CLA EA . 5.83 -25.18 -5.43
CGD CLA EA . 5.64 -25.24 -3.94
O1D CLA EA . 6.19 -26.00 -3.14
O2D CLA EA . 4.75 -24.35 -3.44
CED CLA EA . 4.47 -24.41 -2.05
C1 CLA EA . 12.92 -23.28 -6.81
C2 CLA EA . 13.17 -22.32 -7.92
C3 CLA EA . 14.31 -22.26 -8.62
C4 CLA EA . 15.45 -23.16 -8.33
C5 CLA EA . 14.48 -21.26 -9.71
C6 CLA EA . 14.70 -21.90 -11.07
C7 CLA EA . 13.46 -22.63 -11.55
C8 CLA EA . 13.56 -22.98 -13.04
C9 CLA EA . 13.06 -21.84 -13.88
C10 CLA EA . 12.80 -24.25 -13.36
MG CLA FA . 2.85 -11.57 -1.26
CHA CLA FA . 3.17 -8.16 -0.77
CHB CLA FA . 4.59 -11.33 -4.17
CHC CLA FA . 2.39 -14.93 -1.74
CHD CLA FA . 0.93 -11.75 1.71
NA CLA FA . 3.77 -9.99 -2.26
C1A CLA FA . 3.79 -8.64 -1.90
C2A CLA FA . 4.58 -7.82 -2.90
C3A CLA FA . 4.94 -8.84 -4.00
C4A CLA FA . 4.42 -10.16 -3.45
CMA CLA FA . 4.26 -8.48 -5.30
CAA CLA FA . 5.86 -7.38 -2.22
CBA CLA FA . 6.93 -6.99 -3.20
CGA CLA FA . 6.77 -5.54 -3.51
O1A CLA FA . 7.14 -4.57 -2.84
O2A CLA FA . 6.09 -5.31 -4.67
NB CLA FA . 3.42 -12.89 -2.66
C1B CLA FA . 4.14 -12.60 -3.78
C2B CLA FA . 4.37 -13.84 -4.56
C3B CLA FA . 3.75 -14.86 -3.88
C4B CLA FA . 3.13 -14.27 -2.67
CMB CLA FA . 5.10 -13.85 -5.83
CAB CLA FA . 3.63 -16.27 -4.19
CBB CLA FA . 4.56 -17.03 -4.76
NC CLA FA . 1.85 -13.07 -0.19
C1C CLA FA . 1.78 -14.37 -0.58
C2C CLA FA . 0.98 -15.13 0.37
C3C CLA FA . 0.58 -14.23 1.36
C4C CLA FA . 1.12 -12.93 0.99
CMC CLA FA . 0.69 -16.55 0.27
CAC CLA FA . -0.25 -14.53 2.53
CBC CLA FA . -1.69 -14.16 2.32
ND CLA FA . 2.19 -10.31 0.18
C1D CLA FA . 1.42 -10.52 1.35
C2D CLA FA . 1.24 -9.23 2.04
C3D CLA FA . 1.87 -8.28 1.26
C4D CLA FA . 2.45 -9.01 0.12
CMD CLA FA . 0.51 -9.06 3.30
CAD CLA FA . 2.21 -6.88 1.10
OBD CLA FA . 1.94 -5.93 1.81
CBD CLA FA . 3.05 -6.76 -0.21
CGD CLA FA . 2.41 -5.84 -1.21
O1D CLA FA . 2.93 -5.30 -2.19
O2D CLA FA . 1.10 -5.58 -0.97
CED CLA FA . 0.27 -5.28 -2.09
C1 CLA FA . 6.83 -5.28 -5.91
C2 CLA FA . 7.98 -4.36 -5.78
C3 CLA FA . 7.90 -3.05 -5.50
C4 CLA FA . 6.61 -2.34 -5.30
C5 CLA FA . 9.13 -2.22 -5.40
C6 CLA FA . 9.96 -2.24 -6.66
C7 CLA FA . 11.19 -3.10 -6.49
C8 CLA FA . 12.18 -2.94 -7.63
C9 CLA FA . 13.06 -4.18 -7.71
C10 CLA FA . 13.00 -1.67 -7.45
C11 CLA FA . 14.48 -1.86 -7.76
C12 CLA FA . 15.08 -0.63 -8.40
C13 CLA FA . 15.84 0.22 -7.41
C14 CLA FA . 16.47 1.41 -8.10
C15 CLA FA . 16.90 -0.60 -6.66
C16 CLA FA . 17.88 0.29 -5.93
C17 CLA FA . 18.60 -0.48 -4.84
C18 CLA FA . 19.76 0.30 -4.25
C19 CLA FA . 20.34 -0.41 -3.05
C20 CLA FA . 19.34 1.71 -3.88
MG CLA GA . 3.77 -9.42 -10.05
CHA CLA GA . 2.78 -12.74 -9.98
CHB CLA GA . 1.51 -8.70 -7.61
CHC CLA GA . 4.79 -6.14 -10.15
CHD CLA GA . 5.96 -10.18 -12.71
NA CLA GA . 2.39 -10.57 -8.97
C1A CLA GA . 2.13 -11.93 -9.08
C2A CLA GA . 1.06 -12.37 -8.10
C3A CLA GA . 0.59 -11.04 -7.46
C4A CLA GA . 1.57 -10.01 -8.02
CMA CLA GA . -0.83 -10.73 -7.86
CAA CLA GA . 1.67 -13.22 -7.01
CBA CLA GA . 1.22 -14.66 -7.07
CGA CLA GA . -0.03 -14.84 -6.29
O1A CLA GA . -0.26 -14.49 -5.14
O2A CLA GA . -1.02 -15.49 -6.98
NB CLA GA . 3.25 -7.74 -9.07
C1B CLA GA . 2.33 -7.65 -8.08
C2B CLA GA . 2.28 -6.26 -7.55
C3B CLA GA . 3.21 -5.54 -8.26
C4B CLA GA . 3.83 -6.47 -9.25
CMB CLA GA . 1.37 -5.86 -6.48
CAB CLA GA . 3.59 -4.15 -8.20
CBB CLA GA . 3.74 -3.44 -7.08
NC CLA GA . 5.14 -8.36 -11.21
C1C CLA GA . 5.40 -7.03 -11.08
C2C CLA GA . 6.41 -6.62 -12.05
C3C CLA GA . 6.74 -7.76 -12.79
C4C CLA GA . 5.93 -8.85 -12.26
CMC CLA GA . 6.93 -5.27 -12.18
CAC CLA GA . 7.69 -7.85 -13.88
CBC CLA GA . 7.05 -7.57 -15.22
ND CLA GA . 4.33 -11.05 -11.10
C1D CLA GA . 5.22 -11.22 -12.19
C2D CLA GA . 5.19 -12.63 -12.62
C3D CLA GA . 4.28 -13.26 -11.79
C4D CLA GA . 3.76 -12.23 -10.88
CMD CLA GA . 6.01 -13.18 -13.71
CAD CLA GA . 3.64 -14.52 -11.46
OBD CLA GA . 3.80 -15.63 -11.94
CBD CLA GA . 2.61 -14.21 -10.32
CGD CLA GA . 1.21 -14.54 -10.75
O1D CLA GA . 0.53 -13.99 -11.62
O2D CLA GA . 0.64 -15.57 -10.07
CED CLA GA . 1.38 -16.78 -9.91
C1 CLA GA . -2.33 -14.89 -6.98
C2 CLA GA . -2.64 -14.53 -8.38
C3 CLA GA . -3.85 -14.09 -8.77
C4 CLA GA . -4.98 -13.96 -7.82
C5 CLA GA . -4.13 -13.73 -10.18
C6 CLA GA . -4.48 -12.27 -10.36
C7 CLA GA . -3.95 -11.76 -11.68
C8 CLA GA . -4.22 -10.28 -11.90
C9 CLA GA . -4.20 -9.97 -13.38
C10 CLA GA . -3.19 -9.42 -11.18
C11 CLA GA . -3.43 -7.95 -11.41
C12 CLA GA . -2.23 -7.26 -12.01
C13 CLA GA . -1.06 -7.19 -11.03
C14 CLA GA . -1.08 -5.89 -10.27
C15 CLA GA . 0.28 -7.34 -11.74
C16 CLA GA . 0.50 -8.77 -12.18
C17 CLA GA . 1.62 -8.86 -13.19
C18 CLA GA . 1.39 -9.98 -14.17
C19 CLA GA . 2.62 -10.23 -15.02
C20 CLA GA . 1.00 -11.25 -13.44
MG CLA HA . 15.89 -10.27 -24.61
CHA CLA HA . 16.38 -10.84 -28.00
CHB CLA HA . 12.53 -10.36 -25.09
CHC CLA HA . 15.46 -9.91 -21.22
CHD CLA HA . 19.39 -10.27 -24.15
NA CLA HA . 14.68 -10.54 -26.29
C1A CLA HA . 15.07 -10.78 -27.61
C2A CLA HA . 13.85 -10.93 -28.52
C3A CLA HA . 12.66 -10.68 -27.58
C4A CLA HA . 13.31 -10.52 -26.22
CMA CLA HA . 11.87 -9.46 -27.98
CAA CLA HA . 13.78 -12.35 -29.07
CBA CLA HA . 14.08 -13.37 -27.99
CGA CLA HA . 13.79 -14.75 -28.50
O1A CLA HA . 12.80 -15.14 -29.13
O2A CLA HA . 14.77 -15.65 -28.21
NB CLA HA . 14.30 -10.12 -23.40
C1B CLA HA . 13.00 -10.20 -23.77
C2B CLA HA . 12.11 -10.09 -22.59
C3B CLA HA . 12.94 -9.96 -21.48
C4B CLA HA . 14.34 -9.99 -21.99
CMB CLA HA . 10.66 -10.16 -22.70
CAB CLA HA . 12.66 -9.84 -20.08
CBB CLA HA . 11.50 -9.49 -19.52
NC CLA HA . 17.20 -10.09 -22.99
C1C CLA HA . 16.80 -9.95 -21.69
C2C CLA HA . 17.97 -9.89 -20.82
C3C CLA HA . 19.09 -9.99 -21.65
C4C CLA HA . 18.60 -10.11 -23.01
CMC CLA HA . 17.95 -9.76 -19.37
CAC CLA HA . 20.50 -9.95 -21.24
CBC CLA HA . 21.03 -11.34 -20.94
ND CLA HA . 17.54 -10.48 -25.75
C1D CLA HA . 18.93 -10.44 -25.44
C2D CLA HA . 19.71 -10.62 -26.68
C3D CLA HA . 18.78 -10.76 -27.69
C4D CLA HA . 17.46 -10.68 -27.06
CMD CLA HA . 21.17 -10.62 -26.75
CAD CLA HA . 18.57 -10.99 -29.11
OBD CLA HA . 19.38 -11.12 -30.01
CBD CLA HA . 17.03 -11.01 -29.35
CGD CLA HA . 16.61 -9.91 -30.28
O1D CLA HA . 15.94 -8.92 -30.01
O2D CLA HA . 17.03 -10.06 -31.56
CED CLA HA . 16.75 -8.99 -32.46
MG CLA IA . 6.57 -6.07 -27.34
CHA CLA IA . 7.73 -3.68 -25.11
CHB CLA IA . 8.62 -8.38 -25.91
CHC CLA IA . 5.21 -8.45 -29.40
CHD CLA IA . 4.44 -3.63 -28.76
NA CLA IA . 7.96 -6.01 -25.78
C1A CLA IA . 8.28 -4.92 -24.96
C2A CLA IA . 9.33 -5.32 -23.93
C3A CLA IA . 9.73 -6.75 -24.36
C4A CLA IA . 8.69 -7.10 -25.42
CMA CLA IA . 11.13 -6.78 -24.91
CAA CLA IA . 8.69 -5.35 -22.56
CBA CLA IA . 7.33 -6.01 -22.56
CGA CLA IA . 7.23 -7.01 -21.44
O1A CLA IA . 8.09 -7.33 -20.62
O2A CLA IA . 6.02 -7.63 -21.38
NB CLA IA . 6.88 -8.03 -27.63
C1B CLA IA . 7.72 -8.81 -26.91
C2B CLA IA . 7.60 -10.23 -27.34
C3B CLA IA . 6.64 -10.27 -28.32
C4B CLA IA . 6.17 -8.86 -28.52
CMB CLA IA . 8.40 -11.30 -26.72
CAB CLA IA . 6.12 -11.37 -29.08
CBB CLA IA . 6.83 -12.40 -29.53
NC CLA IA . 5.12 -6.03 -28.84
C1C CLA IA . 4.73 -7.13 -29.56
C2C CLA IA . 3.69 -6.73 -30.51
C3C CLA IA . 3.47 -5.37 -30.33
C4C CLA IA . 4.37 -4.94 -29.27
CMC CLA IA . 3.03 -7.64 -31.44
CAC CLA IA . 2.52 -4.52 -31.05
CBC CLA IA . 3.12 -3.95 -32.31
ND CLA IA . 6.17 -4.10 -27.08
C1D CLA IA . 5.27 -3.21 -27.74
C2D CLA IA . 5.39 -1.88 -27.13
C3D CLA IA . 6.32 -2.00 -26.12
C4D CLA IA . 6.76 -3.41 -26.13
CMD CLA IA . 4.63 -0.71 -27.55
CAD CLA IA . 7.06 -1.32 -25.06
OBD CLA IA . 7.00 -0.16 -24.71
CBD CLA IA . 7.97 -2.39 -24.38
CGD CLA IA . 9.42 -2.02 -24.45
O1D CLA IA . 10.27 -2.41 -25.25
O2D CLA IA . 9.84 -1.14 -23.50
CED CLA IA . 11.22 -0.78 -23.51
C1 CLA IA . 5.71 -8.32 -20.16
C2 CLA IA . 4.50 -9.14 -20.42
C3 CLA IA . 3.95 -9.95 -19.50
C4 CLA IA . 4.54 -10.08 -18.14
C5 CLA IA . 2.74 -10.74 -19.81
C6 CLA IA . 2.83 -12.21 -19.41
C7 CLA IA . 3.95 -12.94 -20.12
C8 CLA IA . 3.53 -13.76 -21.34
C9 CLA IA . 2.03 -13.84 -21.47
C10 CLA IA . 4.11 -15.17 -21.29
C11 CLA IA . 3.71 -15.97 -22.50
C12 CLA IA . 4.40 -17.31 -22.55
C13 CLA IA . 4.12 -18.05 -23.85
C14 CLA IA . 3.34 -19.33 -23.59
MG CLA JA . 6.27 -13.58 -34.63
CHA CLA JA . 9.00 -12.49 -32.79
CHB CLA JA . 7.78 -16.58 -35.11
CHC CLA JA . 3.53 -14.61 -36.45
CHD CLA JA . 4.76 -10.42 -34.16
NA CLA JA . 8.09 -14.39 -34.02
C1A CLA JA . 9.09 -13.78 -33.25
C2A CLA JA . 10.27 -14.74 -33.04
C3A CLA JA . 9.83 -16.03 -33.75
C4A CLA JA . 8.48 -15.66 -34.34
CMA CLA JA . 10.82 -16.43 -34.82
CAA CLA JA . 10.60 -15.00 -31.57
CBA CLA JA . 9.41 -15.46 -30.77
CGA CLA JA . 9.69 -15.26 -29.32
O1A CLA JA . 9.67 -14.22 -28.66
O2A CLA JA . 10.03 -16.42 -28.67
NB CLA JA . 5.74 -15.29 -35.55
C1B CLA JA . 6.53 -16.38 -35.71
C2B CLA JA . 5.88 -17.34 -36.63
C3B CLA JA . 4.68 -16.79 -37.01
C4B CLA JA . 4.57 -15.48 -36.33
CMB CLA JA . 6.49 -18.61 -37.01
CAB CLA JA . 3.64 -17.27 -37.89
CBB CLA JA . 3.11 -18.48 -37.84
NC CLA JA . 4.46 -12.68 -35.17
C1C CLA JA . 3.47 -13.29 -35.89
C2C CLA JA . 2.34 -12.39 -36.05
C3C CLA JA . 2.70 -11.20 -35.44
C4C CLA JA . 4.03 -11.39 -34.89
CMC CLA JA . 1.10 -12.73 -36.76
CAC CLA JA . 1.88 -9.99 -35.33
CBC CLA JA . 1.12 -9.93 -34.03
ND CLA JA . 6.71 -11.84 -33.73
C1D CLA JA . 6.01 -10.61 -33.63
C2D CLA JA . 6.83 -9.65 -32.86
C3D CLA JA . 7.98 -10.32 -32.51
C4D CLA JA . 7.86 -11.68 -33.07
CMD CLA JA . 6.43 -8.28 -32.59
CAD CLA JA . 9.26 -10.24 -31.83
OBD CLA JA . 9.76 -9.29 -31.24
CBD CLA JA . 9.95 -11.62 -31.99
CGD CLA JA . 11.29 -11.51 -32.65
O1D CLA JA . 11.54 -11.57 -33.86
O2D CLA JA . 12.32 -11.32 -31.79
CED CLA JA . 13.53 -10.79 -32.32
MG CLA KA . 19.45 -10.96 5.19
CHA CLA KA . 21.04 -12.36 7.92
CHB CLA KA . 16.96 -9.84 7.23
CHC CLA KA . 18.02 -9.39 2.48
CHD CLA KA . 22.00 -12.23 3.10
NA CLA KA . 19.08 -11.10 7.24
C1A CLA KA . 19.87 -11.70 8.21
C2A CLA KA . 19.25 -11.56 9.59
C3A CLA KA . 17.87 -10.95 9.29
C4A CLA KA . 17.96 -10.57 7.82
CMA CLA KA . 16.77 -11.96 9.53
CAA CLA KA . 20.05 -10.56 10.41
CBA CLA KA . 20.73 -9.53 9.53
CGA CLA KA . 21.07 -8.26 10.25
O1A CLA KA . 21.31 -8.08 11.43
O2A CLA KA . 21.11 -7.18 9.41
NB CLA KA . 17.79 -9.85 4.91
C1B CLA KA . 16.93 -9.45 5.87
C2B CLA KA . 15.91 -8.54 5.30
C3B CLA KA . 16.19 -8.41 3.95
C4B CLA KA . 17.40 -9.24 3.69
CMB CLA KA . 14.83 -7.95 6.10
CAB CLA KA . 15.54 -7.66 2.93
CBB CLA KA . 14.22 -7.52 2.79
NC CLA KA . 19.92 -10.85 3.16
C1C CLA KA . 19.20 -10.15 2.24
C2C CLA KA . 19.83 -10.27 0.92
C3C CLA KA . 20.95 -11.08 1.10
C4C CLA KA . 21.00 -11.45 2.50
CMC CLA KA . 19.34 -9.64 -0.30
CAC CLA KA . 21.91 -11.49 0.06
CBC CLA KA . 23.15 -10.62 0.05
ND CLA KA . 21.12 -12.05 5.39
C1D CLA KA . 22.08 -12.52 4.45
C2D CLA KA . 23.10 -13.31 5.16
C3D CLA KA . 22.77 -13.27 6.51
C4D CLA KA . 21.52 -12.48 6.58
CMD CLA KA . 24.25 -13.95 4.52
CAD CLA KA . 23.10 -13.70 7.85
OBD CLA KA . 24.02 -14.39 8.24
CBD CLA KA . 22.01 -13.11 8.79
CGD CLA KA . 21.31 -14.17 9.61
O1D CLA KA . 20.49 -14.99 9.23
O2D CLA KA . 21.68 -14.18 10.93
CED CLA KA . 20.64 -14.31 11.89
MG CLA LA . 13.32 -24.40 -2.45
CHA CLA LA . 10.39 -25.70 -1.13
CHB CLA LA . 14.39 -27.57 -3.12
CHC CLA LA . 15.91 -23.08 -4.28
CHD CLA LA . 12.05 -21.16 -1.91
NA CLA LA . 12.55 -26.31 -2.08
C1A CLA LA . 11.29 -26.63 -1.57
C2A CLA LA . 11.10 -28.14 -1.51
C3A CLA LA . 12.49 -28.69 -1.88
C4A CLA LA . 13.21 -27.46 -2.41
CMA CLA LA . 13.18 -29.31 -0.69
CAA CLA LA . 10.06 -28.52 -2.56
CBA CLA LA . 10.33 -27.86 -3.89
CGA CLA LA . 9.14 -27.85 -4.80
O1A CLA LA . 8.21 -28.65 -4.87
O2A CLA LA . 9.13 -26.77 -5.64
NB CLA LA . 14.88 -25.18 -3.46
C1B CLA LA . 15.12 -26.49 -3.66
C2B CLA LA . 16.30 -26.66 -4.54
C3B CLA LA . 16.74 -25.40 -4.87
C4B CLA LA . 15.84 -24.44 -4.18
CMB CLA LA . 16.80 -27.97 -4.95
CAB CLA LA . 17.81 -24.96 -5.72
CBB CLA LA . 18.06 -25.42 -6.95
NC CLA LA . 13.92 -22.47 -2.92
C1C CLA LA . 15.01 -22.15 -3.67
C2C CLA LA . 15.10 -20.71 -3.86
C3C CLA LA . 14.00 -20.17 -3.19
C4C CLA LA . 13.27 -21.28 -2.60
CMC CLA LA . 16.12 -20.01 -4.62
CAC CLA LA . 13.63 -18.74 -3.09
CBC CLA LA . 12.68 -18.34 -4.20
ND CLA LA . 11.71 -23.56 -1.56
C1D CLA LA . 11.31 -22.21 -1.43
C2D CLA LA . 9.99 -22.16 -0.75
C3D CLA LA . 9.59 -23.47 -0.63
C4D CLA LA . 10.68 -24.30 -1.17
CMD CLA LA . 9.31 -20.93 -0.37
CAD CLA LA . 8.57 -24.38 -0.15
OBD CLA LA . 7.52 -24.13 0.43
CBD CLA LA . 9.01 -25.82 -0.54
CGD CLA LA . 9.00 -26.75 0.66
O1D CLA LA . 9.96 -27.20 1.28
O2D CLA LA . 7.75 -27.13 1.05
CED CLA LA . 7.66 -27.99 2.18
C1 CLA LA . 9.06 -27.02 -7.06
C2 CLA LA . 8.57 -25.75 -7.67
C3 CLA LA . 8.95 -25.27 -8.86
C4 CLA LA . 9.95 -25.96 -9.71
C5 CLA LA . 8.38 -23.99 -9.38
C6 CLA LA . 9.34 -22.83 -9.22
C7 CLA LA . 8.88 -21.60 -9.96
C8 CLA LA . 9.89 -20.46 -9.86
C9 CLA LA . 10.33 -20.27 -8.43
C10 CLA LA . 9.31 -19.15 -10.38
C11 CLA LA . 9.11 -19.15 -11.87
C12 CLA LA . 8.51 -17.84 -12.34
C13 CLA LA . 8.29 -17.84 -13.84
C14 CLA LA . 9.07 -16.73 -14.52
C15 CLA LA . 6.81 -17.72 -14.18
C16 CLA LA . 6.59 -17.63 -15.68
C17 CLA LA . 5.12 -17.56 -16.02
C18 CLA LA . 4.88 -17.59 -17.52
C19 CLA LA . 5.69 -16.51 -18.22
C20 CLA LA . 5.24 -18.95 -18.08
MG CLA MA . 18.37 -2.01 12.31
CHA CLA MA . 17.03 -5.03 13.43
CHB CLA MA . 18.02 -0.70 15.43
CHC CLA MA . 19.77 0.91 11.19
CHD CLA MA . 18.79 -3.43 9.11
NA CLA MA . 17.64 -2.77 14.12
C1A CLA MA . 17.12 -4.04 14.38
C2A CLA MA . 16.70 -4.16 15.84
C3A CLA MA . 17.02 -2.78 16.43
C4A CLA MA . 17.60 -2.01 15.25
CMA CLA MA . 15.80 -2.09 16.94
CAA CLA MA . 17.46 -5.25 16.60
CBA CLA MA . 18.93 -4.91 16.74
CGA CLA MA . 19.70 -5.45 15.56
O1A CLA MA . 19.69 -6.60 15.11
O2A CLA MA . 20.47 -4.50 14.95
NB CLA MA . 18.76 -0.22 13.14
C1B CLA MA . 18.58 0.11 14.45
C2B CLA MA . 19.10 1.49 14.70
C3B CLA MA . 19.59 1.95 13.50
C4B CLA MA . 19.39 0.86 12.50
CMB CLA MA . 19.04 2.10 16.01
CAB CLA MA . 20.23 3.18 13.13
CBB CLA MA . 20.18 4.34 13.78
NC CLA MA . 19.13 -1.39 10.48
C1C CLA MA . 19.66 -0.14 10.25
C2C CLA MA . 20.09 -0.04 8.87
C3C CLA MA . 19.82 -1.27 8.27
C4C CLA MA . 19.22 -2.11 9.29
CMC CLA MA . 20.72 1.14 8.27
CAC CLA MA . 20.11 -1.65 6.88
CBC CLA MA . 21.39 -2.44 6.76
ND CLA MA . 18.05 -3.80 11.42
C1D CLA MA . 18.24 -4.24 10.08
C2D CLA MA . 17.77 -5.64 9.98
C3D CLA MA . 17.31 -5.99 11.23
C4D CLA MA . 17.50 -4.81 12.09
CMD CLA MA . 17.82 -6.43 8.75
CAD CLA MA . 16.74 -7.04 12.04
OBD CLA MA . 16.45 -8.19 11.75
CBD CLA MA . 16.51 -6.44 13.47
CGD CLA MA . 15.07 -6.48 13.86
O1D CLA MA . 14.20 -5.65 13.62
O2D CLA MA . 14.71 -7.59 14.56
CED CLA MA . 13.31 -7.91 14.58
C1 CLA MA . 20.86 -4.75 13.59
C2 CLA MA . 21.62 -3.55 13.14
C3 CLA MA . 22.28 -3.49 11.99
C4 CLA MA . 22.32 -4.63 11.04
C5 CLA MA . 23.03 -2.27 11.58
C6 CLA MA . 22.85 -1.11 12.54
C7 CLA MA . 23.48 0.14 11.99
C8 CLA MA . 24.12 0.99 13.08
C9 CLA MA . 24.50 2.34 12.54
MG CLA NA . 12.34 -5.07 5.16
CHA CLA NA . 10.40 -6.65 2.76
CHB CLA NA . 13.64 -3.05 2.76
CHC CLA NA . 14.34 -3.62 7.54
CHD CLA NA . 11.08 -7.31 7.59
NA CLA NA . 12.03 -4.87 3.10
C1A CLA NA . 11.16 -5.62 2.28
C2A CLA NA . 11.24 -5.15 0.83
C3A CLA NA . 12.28 -4.02 0.87
C4A CLA NA . 12.68 -3.95 2.34
CMA CLA NA . 13.47 -4.36 0.01
CAA CLA NA . 9.91 -4.61 0.35
CBA CLA NA . 9.84 -4.58 -1.16
CGA CLA NA . 10.36 -3.27 -1.67
O1A CLA NA . 10.18 -2.15 -1.21
O2A CLA NA . 11.11 -3.39 -2.81
NB CLA NA . 13.68 -3.57 5.16
C1B CLA NA . 14.11 -2.89 4.07
C2B CLA NA . 15.22 -1.98 4.44
C3B CLA NA . 15.42 -2.13 5.79
C4B CLA NA . 14.45 -3.16 6.27
CMB CLA NA . 15.88 -1.13 3.46
CAB CLA NA . 16.37 -1.51 6.70
CBB CLA NA . 16.79 -0.25 6.63
NC CLA NA . 12.62 -5.38 7.21
C1C CLA NA . 13.47 -4.65 7.99
C2C CLA NA . 13.42 -5.13 9.36
C3C CLA NA . 12.50 -6.19 9.37
C4C CLA NA . 12.01 -6.34 8.02
CMC CLA NA . 14.20 -4.59 10.46
CAC CLA NA . 12.12 -7.01 10.54
CBC CLA NA . 11.18 -6.31 11.49
ND CLA NA . 11.03 -6.60 5.23
C1D CLA NA . 10.63 -7.45 6.30
C2D CLA NA . 9.67 -8.45 5.77
C3D CLA NA . 9.54 -8.18 4.43
C4D CLA NA . 10.41 -7.03 4.14
CMD CLA NA . 9.03 -9.49 6.57
CAD CLA NA . 8.92 -8.57 3.17
OBD CLA NA . 8.13 -9.49 2.95
CBD CLA NA . 9.44 -7.60 2.07
CGD CLA NA . 10.09 -8.32 0.93
O1D CLA NA . 9.92 -8.12 -0.28
O2D CLA NA . 10.96 -9.29 1.29
CED CLA NA . 12.06 -9.56 0.42
C1 CLA NA . 12.02 -2.31 -3.08
C2 CLA NA . 13.36 -2.92 -3.26
C3 CLA NA . 14.48 -2.19 -3.13
C4 CLA NA . 14.46 -0.75 -2.81
C5 CLA NA . 15.82 -2.82 -3.31
C6 CLA NA . 16.68 -2.67 -2.07
C7 CLA NA . 17.95 -3.47 -2.20
C8 CLA NA . 18.11 -4.50 -1.09
C9 CLA NA . 16.97 -5.50 -1.12
C10 CLA NA . 18.17 -3.82 0.27
C11 CLA NA . 18.11 -4.84 1.39
C12 CLA NA . 18.03 -4.18 2.75
C13 CLA NA . 18.17 -5.22 3.84
C14 CLA NA . 17.65 -4.71 5.16
C15 CLA NA . 19.62 -5.66 3.99
C16 CLA NA . 19.72 -6.88 4.88
C17 CLA NA . 21.12 -7.06 5.40
C18 CLA NA . 21.82 -8.22 4.72
C19 CLA NA . 22.88 -8.79 5.64
C20 CLA NA . 22.46 -7.77 3.42
MG CLA OA . 23.62 7.34 -9.29
CHA CLA OA . 25.00 6.94 -12.44
CHB CLA OA . 20.91 5.54 -10.24
CHC CLA OA . 22.35 7.66 -6.10
CHD CLA OA . 26.43 9.27 -8.35
NA CLA OA . 23.06 6.42 -11.06
C1A CLA OA . 23.78 6.35 -12.27
C2A CLA OA . 23.01 5.57 -13.33
C3A CLA OA . 21.67 5.23 -12.62
C4A CLA OA . 21.87 5.75 -11.21
CMA CLA OA . 20.50 5.92 -13.29
CAA CLA OA . 23.72 4.30 -13.77
CBA CLA OA . 23.63 3.20 -12.73
CGA CLA OA . 24.76 2.25 -12.92
O1A CLA OA . 25.69 2.32 -13.74
O2A CLA OA . 24.74 1.18 -12.07
NB CLA OA . 21.95 6.72 -8.35
C1B CLA OA . 20.97 5.97 -8.91
C2B CLA OA . 19.93 5.66 -7.89
C3B CLA OA . 20.33 6.26 -6.72
C4B CLA OA . 21.63 6.95 -6.99
CMB CLA OA . 18.75 4.87 -8.21
CAB CLA OA . 19.72 6.30 -5.42
CBB CLA OA . 18.42 6.19 -5.15
NC CLA OA . 24.27 8.31 -7.55
C1C CLA OA . 23.60 8.32 -6.37
C2C CLA OA . 24.34 9.07 -5.37
C3C CLA OA . 25.50 9.53 -6.00
C4C CLA OA . 25.45 9.04 -7.38
CMC CLA OA . 23.92 9.28 -3.99
CAC CLA OA . 26.58 10.33 -5.41
CBC CLA OA . 26.29 11.80 -5.40
ND CLA OA . 25.31 8.03 -10.15
C1D CLA OA . 26.38 8.81 -9.65
C2D CLA OA . 27.39 8.99 -10.72
C3D CLA OA . 26.91 8.28 -11.82
C4D CLA OA . 25.62 7.70 -11.40
CMD CLA OA . 28.62 9.75 -10.59
CAD CLA OA . 27.14 7.89 -13.19
OBD CLA OA . 28.08 8.17 -13.93
CBD CLA OA . 25.93 7.00 -13.62
CGD CLA OA . 25.25 7.50 -14.86
O1D CLA OA . 25.37 7.07 -16.01
O2D CLA OA . 24.41 8.55 -14.66
CED CLA OA . 24.12 9.37 -15.79
MG CLA PA . 26.33 16.20 -1.80
CHA CLA PA . 29.43 17.73 -2.05
CHB CLA PA . 27.85 13.15 -1.77
CHC CLA PA . 23.27 14.75 -1.30
CHD CLA PA . 24.81 19.40 -1.76
NA CLA PA . 28.32 15.58 -1.94
C1A CLA PA . 29.47 16.36 -2.02
C2A CLA PA . 30.72 15.49 -2.10
C3A CLA PA . 30.16 14.06 -2.18
C4A CLA PA . 28.67 14.25 -1.94
CMA CLA PA . 30.43 13.43 -3.52
CAA CLA PA . 31.60 15.68 -0.86
CBA CLA PA . 30.91 15.19 0.41
NB CLA PA . 25.68 14.31 -1.66
C1B CLA PA . 26.46 13.20 -1.56
C2B CLA PA . 25.64 12.03 -1.20
C3B CLA PA . 24.34 12.46 -1.05
C4B CLA PA . 24.36 13.93 -1.34
CMB CLA PA . 26.24 10.69 -1.03
CAB CLA PA . 23.12 11.78 -0.70
CBB CLA PA . 23.02 10.56 -0.20
NC CLA PA . 24.39 16.94 -1.62
C1C CLA PA . 23.28 16.17 -1.44
C2C CLA PA . 22.10 17.00 -1.37
C3C CLA PA . 22.53 18.33 -1.46
C4C CLA PA . 23.98 18.28 -1.62
CMC CLA PA . 20.73 16.50 -1.20
CAC CLA PA . 21.69 19.53 -1.43
CBC CLA PA . 21.53 20.10 -0.04
ND CLA PA . 26.92 18.14 -1.89
C1D CLA PA . 26.19 19.36 -1.89
C2D CLA PA . 27.14 20.48 -2.02
C3D CLA PA . 28.40 19.92 -2.07
C4D CLA PA . 28.20 18.45 -1.99
CMD CLA PA . 26.76 21.88 -2.06
CAD CLA PA . 29.82 20.15 -2.19
OBD CLA PA . 30.42 21.21 -2.27
CBD CLA PA . 30.52 18.77 -2.19
CGD CLA PA . 31.29 18.54 -3.47
O1D CLA PA . 32.44 18.13 -3.60
O2D CLA PA . 30.59 18.84 -4.59
CED CLA PA . 30.75 18.00 -5.72
MG CLA QA . 13.15 23.87 1.99
CHA CLA QA . 12.24 27.00 0.79
CHB CLA QA . 16.42 24.58 1.40
CHC CLA QA . 14.03 20.96 3.59
CHD CLA QA . 9.78 23.31 2.89
NA CLA QA . 14.15 25.50 1.15
C1A CLA QA . 13.58 26.72 0.75
C2A CLA QA . 14.67 27.66 0.25
C3A CLA QA . 15.96 26.82 0.32
C4A CLA QA . 15.50 25.53 1.01
CMA CLA QA . 16.55 26.57 -1.04
CAA CLA QA . 14.75 28.84 1.21
CBA CLA QA . 15.06 28.42 2.64
CGA CLA QA . 13.84 28.26 3.50
O1A CLA QA . 12.77 28.89 3.44
O2A CLA QA . 13.95 27.30 4.46
NB CLA QA . 14.90 22.92 2.37
C1B CLA QA . 16.13 23.37 2.04
C2B CLA QA . 17.16 22.38 2.49
C3B CLA QA . 16.47 21.36 3.10
C4B CLA QA . 15.03 21.69 3.04
CMB CLA QA . 18.59 22.59 2.29
CAB CLA QA . 16.94 20.17 3.75
CBB CLA QA . 17.94 20.10 4.64
NC CLA QA . 12.09 22.38 2.99
C1C CLA QA . 12.65 21.28 3.57
C2C CLA QA . 11.62 20.48 4.23
C3C CLA QA . 10.41 21.16 4.04
C4C CLA QA . 10.72 22.34 3.27
CMC CLA QA . 11.89 19.25 4.96
CAC CLA QA . 9.08 20.80 4.54
CBC CLA QA . 8.55 19.48 4.03
ND CLA QA . 11.38 24.82 1.79
C1D CLA QA . 10.07 24.48 2.21
C2D CLA QA . 9.14 25.55 1.80
C3D CLA QA . 9.92 26.54 1.25
C4D CLA QA . 11.30 26.05 1.30
CMD CLA QA . 7.69 25.51 2.01
CAD CLA QA . 9.94 27.85 0.63
OBD CLA QA . 9.01 28.60 0.35
CBD CLA QA . 11.43 28.21 0.37
CGD CLA QA . 11.63 28.58 -1.07
O1D CLA QA . 11.33 29.63 -1.64
O2D CLA QA . 12.24 27.61 -1.82
CED CLA QA . 13.03 28.03 -2.93
C1 CLA QA . 13.04 26.17 4.41
C2 CLA QA . 12.04 26.36 5.48
C3 CLA QA . 11.66 25.40 6.36
C4 CLA QA . 10.65 25.69 7.40
C5 CLA QA . 12.25 24.04 6.34
C6 CLA QA . 11.66 23.13 7.41
C7 CLA QA . 12.71 22.36 8.17
C8 CLA QA . 12.16 21.75 9.46
C9 CLA QA . 13.17 21.85 10.58
C10 CLA QA . 11.79 20.29 9.26
C11 CLA QA . 10.72 19.86 10.24
C12 CLA QA . 10.55 18.36 10.26
C13 CLA QA . 9.09 17.95 10.15
C14 CLA QA . 8.45 18.52 8.90
C15 CLA QA . 8.28 18.37 11.39
C16 CLA QA . 8.36 17.31 12.47
C17 CLA QA . 7.41 17.59 13.62
C18 CLA QA . 7.54 16.56 14.72
C19 CLA QA . 6.20 16.30 15.37
C20 CLA QA . 8.54 17.01 15.76
MG CLA RA . 5.96 17.96 -3.88
CHA CLA RA . 4.35 16.88 -6.75
CHB CLA RA . 7.78 20.16 -5.72
CHC CLA RA . 7.30 19.19 -0.96
CHD CLA RA . 3.80 15.89 -1.97
NA CLA RA . 6.08 18.38 -5.92
C1A CLA RA . 5.33 17.83 -6.96
C2A CLA RA . 5.72 18.44 -8.29
C3A CLA RA . 6.95 19.32 -7.96
C4A CLA RA . 6.96 19.30 -6.43
CMA CLA RA . 8.22 18.77 -8.55
CAA CLA RA . 4.58 19.27 -8.84
CBA CLA RA . 4.93 20.72 -9.07
CGA CLA RA . 4.47 21.61 -7.95
O1A CLA RA . 4.18 22.80 -7.99
O2A CLA RA . 4.39 20.96 -6.74
NB CLA RA . 7.28 19.41 -3.42
C1B CLA RA . 7.88 20.22 -4.33
C2B CLA RA . 8.80 21.14 -3.62
C3B CLA RA . 8.68 20.90 -2.27
C4B CLA RA . 7.71 19.78 -2.12
CMB CLA RA . 9.63 22.12 -4.33
CAB CLA RA . 9.38 21.59 -1.21
CBB CLA RA . 9.45 21.28 0.09
NC CLA RA . 5.64 17.56 -1.85
C1C CLA RA . 6.35 18.13 -0.83
C2C CLA RA . 5.94 17.55 0.44
C3C CLA RA . 4.89 16.67 0.17
C4C CLA RA . 4.72 16.67 -1.27
CMC CLA RA . 6.49 17.90 1.75
CAC CLA RA . 4.17 15.83 1.14
CBC CLA RA . 2.98 16.55 1.75
ND CLA RA . 4.50 16.59 -4.22
C1D CLA RA . 3.66 15.85 -3.34
C2D CLA RA . 2.71 15.07 -4.15
C3D CLA RA . 2.95 15.39 -5.46
C4D CLA RA . 4.04 16.39 -5.45
CMD CLA RA . 1.73 14.13 -3.60
CAD CLA RA . 2.57 15.18 -6.84
OBD CLA RA . 1.77 14.39 -7.32
CBD CLA RA . 3.42 16.17 -7.70
CGD CLA RA . 4.19 15.45 -8.77
O1D CLA RA . 5.41 15.29 -8.83
O2D CLA RA . 3.44 14.93 -9.77
CED CLA RA . 4.13 14.28 -10.83
C1 CLA RA . 4.16 21.79 -5.58
C2 CLA RA . 4.10 20.91 -4.40
C3 CLA RA . 3.34 21.17 -3.32
C4 CLA RA . 2.49 22.38 -3.25
C5 CLA RA . 3.32 20.25 -2.15
C6 CLA RA . 3.01 20.93 -0.83
C7 CLA RA . 4.26 21.19 -0.03
MG CLA SA . 9.93 10.18 -6.29
CHA CLA SA . 11.01 10.26 -9.57
CHB CLA SA . 7.49 12.42 -7.05
CHC CLA SA . 8.70 9.83 -3.11
CHD CLA SA . 12.40 7.74 -5.60
NA CLA SA . 9.40 11.21 -8.02
C1A CLA SA . 9.96 11.09 -9.30
C2A CLA SA . 9.25 12.01 -10.29
C3A CLA SA . 8.31 12.84 -9.39
C4A CLA SA . 8.37 12.11 -8.06
CMA CLA SA . 8.76 14.28 -9.29
CAA CLA SA . 8.44 11.15 -11.25
CBA CLA SA . 6.94 11.18 -10.99
CGA CLA SA . 6.57 10.19 -9.94
O1A CLA SA . 7.04 9.08 -9.73
O2A CLA SA . 5.57 10.64 -9.10
NB CLA SA . 8.45 11.04 -5.25
C1B CLA SA . 7.47 11.83 -5.79
C2B CLA SA . 6.36 11.99 -4.82
C3B CLA SA . 6.69 11.26 -3.70
C4B CLA SA . 8.02 10.65 -3.95
CMB CLA SA . 5.17 12.78 -5.13
CAB CLA SA . 5.97 11.06 -2.48
CBB CLA SA . 5.28 12.00 -1.83
NC CLA SA . 10.50 9.05 -4.63
C1C CLA SA . 9.87 9.08 -3.42
C2C CLA SA . 10.52 8.18 -2.50
C3C CLA SA . 11.55 7.55 -3.20
C4C CLA SA . 11.52 8.10 -4.55
CMC CLA SA . 10.12 7.98 -1.11
CAC CLA SA . 12.49 6.55 -2.69
CBC CLA SA . 12.05 5.13 -2.97
ND CLA SA . 11.40 9.22 -7.29
C1D CLA SA . 12.34 8.24 -6.88
C2D CLA SA . 13.21 7.89 -8.03
C3D CLA SA . 12.74 8.65 -9.09
C4D CLA SA . 11.62 9.44 -8.57
CMD CLA SA . 14.29 6.93 -7.99
CAD CLA SA . 12.88 8.97 -10.50
OBD CLA SA . 13.67 8.55 -11.33
CBD CLA SA . 11.79 10.03 -10.84
CGD CLA SA . 12.41 11.31 -11.32
O1D CLA SA . 13.25 12.01 -10.74
O2D CLA SA . 11.98 11.74 -12.54
CED CLA SA . 12.07 13.14 -12.80
C1 CLA SA . 4.42 9.78 -8.92
C2 CLA SA . 4.24 9.54 -7.46
C3 CLA SA . 3.14 9.93 -6.79
C4 CLA SA . 2.02 10.63 -7.47
C5 CLA SA . 2.94 9.68 -5.34
C6 CLA SA . 3.89 8.66 -4.73
C7 CLA SA . 3.50 8.42 -3.28
C8 CLA SA . 4.60 7.78 -2.44
C9 CLA SA . 5.08 6.51 -3.09
C10 CLA SA . 4.10 7.49 -1.03
C11 CLA SA . 4.05 8.74 -0.17
C12 CLA SA . 2.68 8.95 0.42
C13 CLA SA . 2.71 10.03 1.51
C14 CLA SA . 2.28 9.46 2.84
C15 CLA SA . 1.84 11.25 1.17
C16 CLA SA . 1.19 11.18 -0.19
C17 CLA SA . -0.30 10.90 -0.09
C18 CLA SA . -0.99 10.96 -1.45
C19 CLA SA . -1.07 12.39 -1.95
C20 CLA SA . -0.27 10.10 -2.45
MG CLA TA . 17.73 6.60 14.45
CHA CLA TA . 16.12 4.65 16.83
CHB CLA TA . 18.74 8.73 16.90
CHC CLA TA . 19.44 8.40 12.08
CHD CLA TA . 16.73 4.30 11.96
NA CLA TA . 17.44 6.67 16.52
C1A CLA TA . 16.75 5.76 17.33
C2A CLA TA . 16.78 6.19 18.79
C3A CLA TA . 17.54 7.53 18.76
C4A CLA TA . 17.94 7.68 17.30
CMA CLA TA . 16.67 8.69 19.21
CAA CLA TA . 17.51 5.18 19.67
CBA CLA TA . 18.99 5.13 19.35
CGA CLA TA . 19.71 4.33 20.39
O1A CLA TA . 19.47 4.26 21.60
O2A CLA TA . 20.75 3.61 19.90
NB CLA TA . 18.85 8.27 14.48
C1B CLA TA . 19.19 8.98 15.59
C2B CLA TA . 20.11 10.08 15.22
C3B CLA TA . 20.31 10.00 13.86
C4B CLA TA . 19.51 8.84 13.37
CMB CLA TA . 20.65 11.02 16.19
CAB CLA TA . 21.14 10.82 13.01
CBB CLA TA . 20.73 11.45 11.91
NC CLA TA . 18.01 6.40 12.39
C1C CLA TA . 18.73 7.26 11.63
C2C CLA TA . 18.72 6.82 10.24
C3C CLA TA . 17.96 5.65 10.20
C4C CLA TA . 17.51 5.39 11.56
CMC CLA TA . 19.39 7.51 9.14
CAC CLA TA . 17.66 4.82 9.02
ND CLA TA . 16.66 4.89 14.34
C1D CLA TA . 16.32 4.05 13.25
C2D CLA TA . 15.51 2.92 13.75
C3D CLA TA . 15.40 3.10 15.12
C4D CLA TA . 16.14 4.34 15.44
CMD CLA TA . 14.98 1.86 12.91
CAD CLA TA . 14.87 2.58 16.36
OBD CLA TA . 14.19 1.59 16.56
CBD CLA TA . 15.32 3.55 17.49
CGD CLA TA . 14.15 4.09 18.26
O1D CLA TA . 13.84 3.87 19.43
O2D CLA TA . 13.36 4.94 17.55
CED CLA TA . 12.15 5.39 18.18
MG CLA UA . 1.77 7.07 9.35
CHA CLA UA . -0.41 6.10 11.86
CHB CLA UA . 1.27 4.10 7.78
CHC CLA UA . 3.78 8.16 6.78
CHD CLA UA . 2.21 10.17 10.99
NA CLA UA . 0.63 5.38 9.78
C1A CLA UA . -0.23 5.17 10.87
C2A CLA UA . -0.89 3.81 10.79
C3A CLA UA . -0.22 3.15 9.57
C4A CLA UA . 0.62 4.28 8.97
CMA CLA UA . 0.65 1.99 10.00
CAA CLA UA . -2.38 3.99 10.53
CBA CLA UA . -2.66 4.98 9.42
CGA CLA UA . -4.09 5.43 9.45
O1A CLA UA . -5.06 4.86 9.95
O2A CLA UA . -4.31 6.64 8.85
NB CLA UA . 2.41 6.27 7.61
C1B CLA UA . 2.08 5.05 7.14
C2B CLA UA . 2.70 4.84 5.80
C3B CLA UA . 3.41 5.98 5.51
C4B CLA UA . 3.24 6.91 6.66
CMB CLA UA . 2.51 3.61 5.05
CAB CLA UA . 4.20 6.35 4.36
CBB CLA UA . 4.06 5.88 3.12
NC CLA UA . 2.83 8.83 8.98
C1C CLA UA . 3.59 9.05 7.86
C2C CLA UA . 4.18 10.38 7.92
C3C CLA UA . 3.72 10.97 9.11
C4C CLA UA . 2.87 9.99 9.76
CMC CLA UA . 5.05 10.96 6.90
CAC CLA UA . 4.04 12.32 9.60
CBC CLA UA . 5.09 12.34 10.68
ND CLA UA . 1.14 7.97 11.04
C1D CLA UA . 1.39 9.25 11.60
C2D CLA UA . 0.66 9.36 12.88
C3D CLA UA . -0.04 8.18 13.03
C4D CLA UA . 0.28 7.35 11.86
CMD CLA UA . 0.71 10.52 13.76
CAD CLA UA . -0.95 7.42 13.86
OBD CLA UA . -1.43 7.70 14.95
CBD CLA UA . -1.22 6.07 13.13
CGD CLA UA . -0.86 4.88 13.97
O1D CLA UA . 0.16 4.21 13.92
O2D CLA UA . -1.80 4.55 14.89
CED CLA UA . -1.99 3.15 15.16
C1 CLA UA . -4.54 6.63 7.43
C2 CLA UA . -5.92 6.16 7.17
C3 CLA UA . -6.49 6.18 5.95
C4 CLA UA . -5.76 6.67 4.77
C5 CLA UA . -7.88 5.69 5.73
C6 CLA UA . -7.95 4.23 5.34
C7 CLA UA . -9.33 3.88 4.83
C8 CLA UA . -9.67 2.40 4.94
C9 CLA UA . -8.47 1.53 4.64
C10 CLA UA . -10.81 2.04 3.99
C11 CLA UA . -11.77 1.04 4.58
C12 CLA UA . -13.19 1.30 4.13
C13 CLA UA . -14.09 0.10 4.32
C14 CLA UA . -15.52 0.46 3.95
C15 CLA UA . -14.05 -0.44 5.73
C16 CLA UA . -14.44 -1.90 5.77
C17 CLA UA . -15.28 -2.22 6.98
C18 CLA UA . -15.38 -3.72 7.27
C19 CLA UA . -14.84 -4.58 6.15
C20 CLA UA . -14.70 -4.05 8.58
MG CLA VA . 4.21 11.36 19.91
CHA CLA VA . 5.44 10.57 23.05
CHB CLA VA . 1.24 12.27 21.29
CHC CLA VA . 3.11 12.26 16.78
CHD CLA VA . 7.36 10.49 18.53
NA CLA VA . 3.48 11.40 21.86
C1A CLA VA . 4.16 11.06 23.04
C2A CLA VA . 3.25 11.25 24.25
C3A CLA VA . 1.92 11.74 23.66
C4A CLA VA . 2.22 11.83 22.16
CMA CLA VA . 0.80 10.77 23.95
CAA CLA VA . 3.83 12.34 25.14
CBA CLA VA . 4.15 13.58 24.34
CGA CLA VA . 3.50 14.77 24.96
O1A CLA VA . 3.26 15.87 24.44
O2A CLA VA . 3.16 14.58 26.26
NB CLA VA . 2.52 12.15 19.19
C1B CLA VA . 1.39 12.39 19.90
C2B CLA VA . 0.29 12.81 18.98
C3B CLA VA . 0.81 12.81 17.71
C4B CLA VA . 2.24 12.38 17.82
CMB CLA VA . -1.05 13.14 19.46
CAB CLA VA . 0.21 13.13 16.44
CBB CLA VA . -1.01 12.75 16.05
NC CLA VA . 5.08 11.36 18.01
C1C CLA VA . 4.45 11.78 16.87
C2C CLA VA . 5.35 11.67 15.73
C3C CLA VA . 6.55 11.17 16.23
C4C CLA VA . 6.38 10.99 17.66
CMC CLA VA . 5.01 12.03 14.36
CAC CLA VA . 7.78 10.92 15.46
ND CLA VA . 5.98 10.63 20.56
C1D CLA VA . 7.20 10.31 19.89
C2D CLA VA . 8.16 9.78 20.87
C3D CLA VA . 7.54 9.85 22.10
C4D CLA VA . 6.19 10.40 21.85
CMD CLA VA . 9.50 9.30 20.53
CAD CLA VA . 7.64 9.58 23.52
OBD CLA VA . 8.55 9.06 24.15
CBD CLA VA . 6.32 10.09 24.18
CGD CLA VA . 5.65 9.01 24.97
O1D CLA VA . 5.74 8.79 26.18
O2D CLA VA . 4.87 8.17 24.24
CED CLA VA . 4.41 6.97 24.88
MG CLA WA . -5.78 10.68 18.99
CHA CLA WA . -3.64 9.77 21.56
CHB CLA WA . -8.17 11.48 21.27
CHC CLA WA . -7.83 11.67 16.41
CHD CLA WA . -3.22 9.94 16.67
NA CLA WA . -5.87 10.62 21.07
C1A CLA WA . -4.88 10.21 21.97
C2A CLA WA . -5.35 10.31 23.42
C3A CLA WA . -6.82 10.77 23.28
C4A CLA WA . -6.99 10.99 21.77
CMA CLA WA . -7.78 9.73 23.79
CAA CLA WA . -4.53 11.30 24.21
CBA CLA WA . -4.80 12.74 23.83
CGA CLA WA . -3.70 13.26 22.95
O1A CLA WA . -3.70 13.37 21.72
O2A CLA WA . -2.59 13.64 23.65
NB CLA WA . -7.68 11.36 18.86
C1B CLA WA . -8.45 11.73 19.92
C2B CLA WA . -9.66 12.44 19.43
C3B CLA WA . -9.57 12.49 18.07
C4B CLA WA . -8.30 11.81 17.68
CMB CLA WA . -10.69 12.97 20.33
CAB CLA WA . -10.48 13.09 17.13
CBB CLA WA . -10.16 14.02 16.23
NC CLA WA . -5.56 10.76 16.91
C1C CLA WA . -6.54 11.18 16.05
C2C CLA WA . -6.06 11.08 14.68
C3C CLA WA . -4.74 10.63 14.75
C4C CLA WA . -4.44 10.42 16.16
CMC CLA WA . -6.83 11.44 13.49
CAC CLA WA . -3.83 10.38 13.62
CBC CLA WA . -4.02 9.01 13.00
ND CLA WA . -3.86 10.06 19.03
C1D CLA WA . -2.93 9.77 18.00
C2D CLA WA . -1.68 9.26 18.61
C3D CLA WA . -1.90 9.23 19.97
C4D CLA WA . -3.27 9.75 20.17
CMD CLA WA . -0.49 8.86 17.88
CAD CLA WA . -1.35 8.93 21.28
OBD CLA WA . -0.24 8.53 21.58
CBD CLA WA . -2.46 9.23 22.32
CGD CLA WA . -2.87 7.97 23.03
O1D CLA WA . -3.59 7.07 22.59
O2D CLA WA . -2.38 7.81 24.28
CED CLA WA . -2.56 6.54 24.90
C1 CLA WA . -2.21 15.04 23.60
C2 CLA WA . -1.41 15.24 22.36
C3 CLA WA . -0.73 16.37 22.10
C4 CLA WA . -0.71 17.52 23.03
C5 CLA WA . 0.04 16.51 20.83
C6 CLA WA . 1.54 16.39 21.04
C7 CLA WA . 2.27 16.32 19.72
C8 CLA WA . 3.56 15.51 19.82
C9 CLA WA . 4.28 15.80 21.11
C10 CLA WA . 4.46 15.80 18.62
C11 CLA WA . 5.87 15.31 18.86
MG CLA XA . -10.92 3.55 12.68
CHA CLA XA . -7.58 4.43 12.99
CHB CLA XA . -11.82 6.73 13.53
CHC CLA XA . -14.20 2.69 12.20
CHD CLA XA . -9.94 0.27 11.77
NA CLA XA . -9.85 5.27 13.19
C1A CLA XA . -8.47 5.44 13.24
C2A CLA XA . -8.10 6.87 13.63
C3A CLA XA . -9.47 7.53 13.90
C4A CLA XA . -10.47 6.45 13.51
CMA CLA XA . -9.62 7.92 15.35
CAA CLA XA . -7.42 7.60 12.49
CBA CLA XA . -7.99 7.21 11.15
CGA CLA XA . -8.25 8.42 10.31
O1A CLA XA . -7.55 9.42 10.17
O2A CLA XA . -9.45 8.35 9.64
NB CLA XA . -12.67 4.52 12.85
C1B CLA XA . -12.84 5.82 13.20
C2B CLA XA . -14.28 6.16 13.21
C3B CLA XA . -14.96 5.03 12.84
C4B CLA XA . -13.96 3.97 12.59
CMB CLA XA . -14.80 7.48 13.55
CAB CLA XA . -16.38 4.83 12.68
CBB CLA XA . -16.99 4.40 11.57
NC CLA XA . -11.89 1.79 12.11
C1C CLA XA . -13.24 1.66 11.97
C2C CLA XA . -13.58 0.32 11.53
C3C CLA XA . -12.37 -0.37 11.42
C4C CLA XA . -11.31 0.56 11.77
CMC CLA XA . -14.93 -0.15 11.28
CAC CLA XA . -12.20 -1.78 11.00
CBC CLA XA . -12.57 -2.75 12.08
ND CLA XA . -9.19 2.52 12.45
C1D CLA XA . -8.93 1.17 12.07
C2D CLA XA . -7.47 0.96 12.08
C3D CLA XA . -6.90 2.18 12.42
C4D CLA XA . -8.02 3.11 12.63
CMD CLA XA . -6.81 -0.31 11.76
CAD CLA XA . -5.67 2.90 12.68
OBD CLA XA . -4.51 2.51 12.63
CBD CLA XA . -6.07 4.37 13.03
CGD CLA XA . -5.54 4.78 14.37
O1D CLA XA . -5.52 4.10 15.41
O2D CLA XA . -5.05 6.04 14.43
CED CLA XA . -5.14 6.72 15.67
C1 CLA XA . -9.51 9.02 8.36
C2 CLA XA . -10.02 8.04 7.37
C3 CLA XA . -11.04 8.30 6.55
C4 CLA XA . -11.77 9.58 6.56
C5 CLA XA . -11.52 7.27 5.57
C6 CLA XA . -13.02 7.07 5.60
C7 CLA XA . -13.47 6.13 4.52
C8 CLA XA . -14.96 5.79 4.63
C9 CLA XA . -15.18 4.29 4.55
C10 CLA XA . -15.77 6.49 3.55
MG CLA YA . -0.17 -0.59 7.79
CHA CLA YA . 2.63 -1.00 5.78
CHB CLA YA . -1.72 1.09 5.26
CHC CLA YA . -2.82 0.02 9.88
CHD CLA YA . 1.47 -2.32 10.38
NA CLA YA . 0.37 -0.11 5.82
C1A CLA YA . 1.59 -0.35 5.17
C2A CLA YA . 1.55 0.17 3.74
C3A CLA YA . 0.09 0.66 3.56
C4A CLA YA . -0.47 0.55 4.98
CMA CLA YA . -0.01 2.06 3.02
CAA CLA YA . 1.83 -0.93 2.74
CBA CLA YA . 1.97 -0.40 1.33
CGA CLA YA . 2.39 -1.51 0.41
O1A CLA YA . 1.74 -2.47 0.04
O2A CLA YA . 3.66 -1.36 -0.05
NB CLA YA . -1.96 0.33 7.59
C1B CLA YA . -2.36 1.04 6.51
C2B CLA YA . -3.60 1.79 6.83
C3B CLA YA . -3.92 1.49 8.14
C4B CLA YA . -2.88 0.55 8.64
CMB CLA YA . -4.27 2.65 5.84
CAB CLA YA . -5.01 1.91 8.99
CBB CLA YA . -6.21 2.31 8.59
NC CLA YA . -0.61 -1.10 9.76
C1C CLA YA . -1.76 -0.76 10.42
C2C CLA YA . -1.72 -1.27 11.78
C3C CLA YA . -0.51 -1.93 11.93
C4C CLA YA . 0.19 -1.82 10.65
CMC CLA YA . -2.79 -1.07 12.77
CAC CLA YA . -0.01 -2.59 13.14
CBC CLA YA . -0.55 -3.98 13.34
ND CLA YA . 1.59 -1.53 8.07
C1D CLA YA . 2.14 -2.19 9.19
C2D CLA YA . 3.51 -2.65 8.85
C3D CLA YA . 3.76 -2.18 7.57
C4D CLA YA . 2.53 -1.50 7.13
CMD CLA YA . 4.39 -3.37 9.75
CAD CLA YA . 4.71 -2.11 6.49
OBD CLA YA . 5.86 -2.56 6.43
CBD CLA YA . 4.03 -1.34 5.33
CGD CLA YA . 4.81 -0.10 4.97
O1D CLA YA . 4.66 1.04 5.41
O2D CLA YA . 5.80 -0.30 4.05
CED CLA YA . 6.72 0.77 3.86
C1 CLA YA . 4.30 -2.54 -0.59
C2 CLA YA . 4.87 -3.29 0.55
C3 CLA YA . 6.01 -2.95 1.15
C4 CLA YA . 6.81 -1.78 0.72
C5 CLA YA . 6.55 -3.73 2.31
C6 CLA YA . 5.68 -4.91 2.68
C7 CLA YA . 6.31 -5.66 3.84
C8 CLA YA . 5.41 -6.78 4.36
C9 CLA YA . 4.93 -7.64 3.21
C10 CLA YA . 4.22 -6.22 5.14
C11 CLA YA . 3.55 -7.31 5.94
C12 CLA YA . 3.12 -6.85 7.31
C13 CLA YA . 3.76 -7.63 8.45
C14 CLA YA . 4.58 -8.81 7.94
C15 CLA YA . 2.72 -8.09 9.47
C16 CLA YA . 2.44 -9.58 9.42
C17 CLA YA . 2.61 -10.22 10.78
C18 CLA YA . 2.03 -11.63 10.86
C19 CLA YA . 0.93 -11.86 9.84
C20 CLA YA . 3.12 -12.67 10.69
MG CLA ZA . -12.05 4.97 -5.25
CHA CLA ZA . -10.87 7.82 -6.84
CHB CLA ZA . -12.14 6.66 -2.30
CHC CLA ZA . -13.34 2.17 -3.75
CHD CLA ZA . -11.93 3.27 -8.35
NA CLA ZA . -11.57 6.93 -4.69
C1A CLA ZA . -11.11 7.96 -5.50
C2A CLA ZA . -10.92 9.24 -4.70
C3A CLA ZA . -11.19 8.80 -3.25
C4A CLA ZA . -11.69 7.36 -3.40
CMA CLA ZA . -9.95 8.88 -2.40
CAA CLA ZA . -11.97 10.21 -5.17
CBA CLA ZA . -12.72 10.89 -4.05
CGA CLA ZA . -13.61 11.93 -4.66
O1A CLA ZA . -14.20 11.89 -5.74
O2A CLA ZA . -13.73 13.05 -3.90
NB CLA ZA . -12.57 4.49 -3.37
C1B CLA ZA . -12.60 5.35 -2.32
C2B CLA ZA . -13.22 4.67 -1.14
C3B CLA ZA . -13.56 3.41 -1.54
C4B CLA ZA . -13.16 3.27 -2.97
CMB CLA ZA . -13.39 5.37 0.14
CAB CLA ZA . -14.20 2.33 -0.83
CBB CLA ZA . -15.07 2.45 0.17
NC CLA ZA . -12.54 3.07 -5.94
C1C CLA ZA . -13.05 2.08 -5.15
C2C CLA ZA . -13.28 0.88 -5.95
C3C CLA ZA . -12.88 1.19 -7.25
C4C CLA ZA . -12.43 2.57 -7.23
CMC CLA ZA . -13.82 -0.38 -5.44
CAC CLA ZA . -12.93 0.31 -8.43
CBC CLA ZA . -14.05 0.65 -9.37
ND CLA ZA . -11.58 5.39 -7.17
C1D CLA ZA . -11.54 4.59 -8.34
C2D CLA ZA . -11.02 5.40 -9.47
C3D CLA ZA . -10.75 6.65 -8.95
C4D CLA ZA . -11.11 6.59 -7.52
CMD CLA ZA . -10.86 4.91 -10.83
CAD CLA ZA . -10.26 7.99 -9.22
OBD CLA ZA . -9.86 8.48 -10.26
CBD CLA ZA . -10.31 8.77 -7.87
CGD CLA ZA . -8.93 9.22 -7.46
O1D CLA ZA . -8.25 8.81 -6.52
O2D CLA ZA . -8.40 10.21 -8.23
CED CLA ZA . -7.02 10.50 -8.06
C1 CLA ZA . -14.84 13.92 -4.24
C2 CLA ZA . -14.54 15.26 -3.67
C3 CLA ZA . -14.71 15.55 -2.38
C4 CLA ZA . -15.22 14.56 -1.41
C5 CLA ZA . -14.40 16.92 -1.86
C6 CLA ZA . -13.33 16.91 -0.78
C7 CLA ZA . -13.51 18.11 0.14
C8 CLA ZA . -12.69 18.04 1.43
C9 CLA ZA . -11.75 16.85 1.44
C10 CLA ZA . -13.58 18.05 2.67
C11 CLA ZA . -14.83 17.20 2.51
C12 CLA ZA . -15.51 16.94 3.83
C13 CLA ZA . -16.94 16.44 3.66
C14 CLA ZA . -17.84 17.57 3.22
C15 CLA ZA . -17.47 15.81 4.95
C16 CLA ZA . -17.57 14.30 4.83
C17 CLA ZA . -18.08 13.67 6.12
C18 CLA ZA . -18.25 12.16 5.98
C19 CLA ZA . -16.92 11.43 6.14
C20 CLA ZA . -19.25 11.63 6.98
MG CLA AB . -4.72 15.93 -6.29
CHA CLA AB . -6.99 13.69 -4.95
CHB CLA AB . -3.03 15.99 -3.35
CHC CLA AB . -2.41 18.01 -7.73
CHD CLA AB . -6.47 15.78 -9.37
NA CLA AB . -5.00 15.00 -4.44
C1A CLA AB . -6.00 14.09 -4.09
C2A CLA AB . -5.83 13.64 -2.64
C3A CLA AB . -4.66 14.51 -2.12
C4A CLA AB . -4.16 15.22 -3.39
CMA CLA AB . -5.11 15.47 -1.06
CAA CLA AB . -5.47 12.17 -2.57
CBA CLA AB . -6.21 11.45 -1.46
CGA CLA AB . -5.22 10.73 -0.60
O1A CLA AB . -4.48 11.18 0.27
O2A CLA AB . -5.19 9.38 -0.85
NB CLA AB . -3.06 16.87 -5.64
C1B CLA AB . -2.48 16.70 -4.43
C2B CLA AB . -1.16 17.40 -4.39
C3B CLA AB . -0.99 17.98 -5.63
C4B CLA AB . -2.19 17.64 -6.44
CMB CLA AB . -0.32 17.39 -3.20
CAB CLA AB . 0.08 18.76 -6.19
CBB CLA AB . 1.27 19.03 -5.63
NC CLA AB . -4.50 16.77 -8.19
C1C CLA AB . -3.49 17.60 -8.56
C2C CLA AB . -3.66 18.01 -9.95
C3C CLA AB . -4.79 17.36 -10.42
C4C CLA AB . -5.32 16.58 -9.31
CMC CLA AB . -2.77 18.92 -10.66
CAC CLA AB . -5.39 17.44 -11.76
CBC CLA AB . -6.46 18.49 -11.88
ND CLA AB . -6.34 14.99 -7.05
C1D CLA AB . -6.96 15.03 -8.33
C2D CLA AB . -8.16 14.17 -8.31
C3D CLA AB . -8.21 13.63 -7.04
C4D CLA AB . -7.05 14.17 -6.30
CMD CLA AB . -9.05 13.97 -9.45
CAD CLA AB . -8.92 12.75 -6.14
OBD CLA AB . -9.91 12.08 -6.37
CBD CLA AB . -8.18 12.77 -4.77
CGD CLA AB . -9.09 13.25 -3.67
O1D CLA AB . -9.50 14.40 -3.46
O2D CLA AB . -9.48 12.28 -2.80
C1 CLA AB . -5.33 8.51 0.29
C2 CLA AB . -3.97 8.15 0.76
C3 CLA AB . -3.21 7.23 0.17
C4 CLA AB . -3.66 6.49 -1.03
C5 CLA AB . -1.85 6.91 0.69
C6 CLA AB . -1.89 6.31 2.09
C7 CLA AB . -0.62 6.62 2.85
C8 CLA AB . -0.75 6.37 4.36
C9 CLA AB . -1.62 5.16 4.62
C10 CLA AB . -1.33 7.59 5.06
C11 CLA AB . -0.32 8.21 6.00
C12 CLA AB . -0.93 8.61 7.32
C13 CLA AB . -0.48 10.00 7.74
C14 CLA AB . -1.29 10.50 8.92
C15 CLA AB . -0.58 10.99 6.59
C16 CLA AB . 0.38 12.16 6.72
C17 CLA AB . 0.14 13.18 5.65
C18 CLA AB . 1.35 14.07 5.37
C19 CLA AB . 1.46 15.18 6.40
C20 CLA AB . 2.61 13.25 5.35
MG CLA BB . 0.21 -2.60 -19.49
CHA CLA BB . 3.60 -2.88 -20.10
CHB CLA BB . 0.09 0.10 -21.54
CHC CLA BB . -3.20 -2.67 -19.25
CHD CLA BB . 0.38 -5.51 -17.46
NA CLA BB . 1.64 -1.52 -20.55
C1A CLA BB . 3.01 -1.81 -20.71
C2A CLA BB . 3.68 -0.76 -21.59
C3A CLA BB . 2.60 0.33 -21.71
C4A CLA BB . 1.34 -0.40 -21.25
CMA CLA BB . 2.90 1.52 -20.84
CAA CLA BB . 4.04 -1.33 -22.95
CBA CLA BB . 3.07 -2.38 -23.46
CGA CLA BB . 3.70 -3.73 -23.44
O1A CLA BB . 4.89 -4.02 -23.31
O2A CLA BB . 2.82 -4.76 -23.59
NB CLA BB . -1.27 -1.43 -20.16
C1B CLA BB . -1.13 -0.51 -21.15
C2B CLA BB . -2.44 -0.20 -21.77
C3B CLA BB . -3.37 -0.98 -21.13
C4B CLA BB . -2.64 -1.77 -20.09
CMB CLA BB . -2.58 0.76 -22.86
CAB CLA BB . -4.79 -1.12 -21.31
CBB CLA BB . -5.50 -0.83 -22.41
NC CLA BB . -1.14 -3.81 -18.44
C1C CLA BB . -2.50 -3.62 -18.45
C2C CLA BB . -3.15 -4.60 -17.59
C3C CLA BB . -2.14 -5.45 -17.13
C4C CLA BB . -0.88 -4.94 -17.67
CMC CLA BB . -4.59 -4.69 -17.35
CAC CLA BB . -2.29 -6.60 -16.22
CBC CLA BB . -2.17 -7.94 -16.92
ND CLA BB . 1.63 -3.88 -18.82
C1D CLA BB . 1.56 -5.05 -18.02
C2D CLA BB . 2.91 -5.63 -17.90
C3D CLA BB . 3.74 -4.84 -18.69
C4D CLA BB . 2.89 -3.78 -19.26
CMD CLA BB . 3.23 -6.81 -17.12
CAD CLA BB . 5.08 -4.61 -19.17
OBD CLA BB . 6.11 -5.23 -18.94
CBD CLA BB . 5.03 -3.37 -20.13
CGD CLA BB . 6.02 -2.32 -19.72
O1D CLA BB . 5.94 -1.52 -18.79
O2D CLA BB . 7.13 -2.26 -20.50
CED CLA BB . 8.31 -1.73 -19.91
C1 CLA BB . 2.76 -5.34 -24.91
C2 CLA BB . 3.03 -6.80 -24.79
C3 CLA BB . 2.75 -7.66 -25.78
C4 CLA BB . 2.14 -7.19 -27.04
C5 CLA BB . 3.04 -9.11 -25.65
C6 CLA BB . 1.97 -9.97 -26.32
C7 CLA BB . 2.56 -10.79 -27.44
C8 CLA BB . 1.50 -11.35 -28.38
C9 CLA BB . 0.72 -12.44 -27.69
C10 CLA BB . 2.14 -11.86 -29.66
C11 CLA BB . 1.31 -12.92 -30.37
C12 CLA BB . 1.93 -13.33 -31.69
C13 CLA BB . 2.96 -14.45 -31.52
C14 CLA BB . 4.36 -13.91 -31.70
C15 CLA BB . 2.71 -15.59 -32.50
MG CLA CB . 4.51 1.57 -12.80
CHA CLA CB . 6.55 4.02 -14.18
CHB CLA CB . 5.19 -0.44 -15.47
CHC CLA CB . 2.80 -0.96 -11.24
CHD CLA CB . 4.02 3.62 -9.98
NA CLA CB . 5.61 1.82 -14.56
C1A CLA CB . 6.42 2.90 -14.94
C2A CLA CB . 7.05 2.66 -16.31
C3A CLA CB . 6.41 1.33 -16.77
C4A CLA CB . 5.68 0.85 -15.52
CMA CLA CB . 5.46 1.56 -17.92
CAA CLA CB . 8.58 2.59 -16.25
CBA CLA CB . 9.07 1.51 -15.32
CGA CLA CB . 10.26 2.00 -14.56
O1A CLA CB . 11.38 1.51 -14.48
O2A CLA CB . 10.02 3.16 -13.89
NB CLA CB . 4.00 -0.30 -13.30
C1B CLA CB . 4.50 -0.99 -14.38
C2B CLA CB . 4.20 -2.43 -14.24
C3B CLA CB . 3.53 -2.60 -13.05
C4B CLA CB . 3.39 -1.24 -12.44
CMB CLA CB . 4.61 -3.42 -15.24
CAB CLA CB . 3.01 -3.77 -12.41
CBB CLA CB . 2.41 -4.80 -13.01
NC CLA CB . 3.50 1.40 -10.99
C1C CLA CB . 2.85 0.28 -10.56
C2C CLA CB . 2.26 0.52 -9.25
C3C CLA CB . 2.65 1.81 -8.87
C4C CLA CB . 3.44 2.35 -9.97
CMC CLA CB . 1.46 -0.44 -8.50
CAC CLA CB . 2.31 2.50 -7.62
CBC CLA CB . 3.40 2.43 -6.58
ND CLA CB . 5.03 3.42 -12.21
C1D CLA CB . 4.77 4.14 -11.01
C2D CLA CB . 5.44 5.45 -11.09
C3D CLA CB . 6.14 5.47 -12.28
C4D CLA CB . 5.87 4.17 -12.93
CMD CLA CB . 5.35 6.48 -10.06
CAD CLA CB . 7.01 6.21 -13.18
OBD CLA CB . 7.43 7.36 -13.06
CBD CLA CB . 7.34 5.29 -14.38
CGD CLA CB . 7.04 5.94 -15.70
O1D CLA CB . 5.93 6.19 -16.18
O2D CLA CB . 8.14 6.29 -16.42
CED CLA CB . 7.93 7.04 -17.62
C1 CLA CB . 10.77 3.38 -12.68
C2 CLA CB . 9.84 4.01 -11.71
C3 CLA CB . 10.12 5.17 -11.09
C4 CLA CB . 11.37 5.92 -11.31
C5 CLA CB . 9.15 5.76 -10.12
C6 CLA CB . 9.65 5.72 -8.69
C7 CLA CB . 8.86 6.70 -7.84
C8 CLA CB . 7.98 5.97 -6.84
C9 CLA CB . 7.14 6.97 -6.08
C10 CLA CB . 8.82 5.14 -5.88
C11 CLA CB . 7.94 4.37 -4.91
C12 CLA CB . 8.62 3.08 -4.47
C13 CLA CB . 7.95 2.50 -3.22
C14 CLA CB . 8.89 1.55 -2.52
C15 CLA CB . 6.64 1.79 -3.56
C16 CLA CB . 5.47 2.47 -2.90
C17 CLA CB . 5.01 1.72 -1.67
C18 CLA CB . 4.80 2.67 -0.49
C19 CLA CB . 3.45 3.35 -0.58
C20 CLA CB . 4.91 1.92 0.82
MG CLA DB . -4.91 -13.22 -4.66
CHA CLA DB . -6.20 -16.40 -4.15
CHB CLA DB . -2.12 -14.06 -2.93
CHC CLA DB . -3.59 -10.11 -5.34
CHD CLA DB . -7.79 -12.38 -6.52
NA CLA DB . -4.29 -14.96 -3.72
C1A CLA DB . -4.96 -16.18 -3.62
C2A CLA DB . -4.13 -17.21 -2.85
C3A CLA DB . -2.93 -16.38 -2.33
C4A CLA DB . -3.10 -15.03 -3.04
CMA CLA DB . -2.99 -16.20 -0.82
CAA CLA DB . -3.62 -18.29 -3.77
CBA CLA DB . -3.44 -17.76 -5.18
CGA CLA DB . -3.09 -18.94 -6.04
O1A CLA DB . -3.38 -20.06 -5.69
O2A CLA DB . -2.39 -18.75 -7.30
NB CLA DB . -3.18 -12.28 -4.22
C1B CLA DB . -2.16 -12.79 -3.50
C2B CLA DB . -1.07 -11.78 -3.33
C3B CLA DB . -1.50 -10.65 -4.02
C4B CLA DB . -2.84 -10.97 -4.60
CMB CLA DB . 0.19 -12.05 -2.58
CAB CLA DB . -0.90 -9.35 -4.23
CBB CLA DB . 0.40 -9.06 -4.07
NC CLA DB . -5.58 -11.53 -5.72
C1C CLA DB . -4.89 -10.36 -5.86
C2C CLA DB . -5.66 -9.41 -6.68
C3C CLA DB . -6.85 -10.06 -7.02
C4C CLA DB . -6.80 -11.39 -6.41
CMC CLA DB . -5.24 -8.03 -7.07
CAC CLA DB . -7.98 -9.50 -7.83
CBC CLA DB . -8.09 -10.25 -9.15
ND CLA DB . -6.61 -14.12 -5.25
C1D CLA DB . -7.73 -13.66 -5.99
C2D CLA DB . -8.75 -14.74 -6.04
C3D CLA DB . -8.20 -15.80 -5.35
C4D CLA DB . -6.88 -15.38 -4.88
CMD CLA DB . -10.12 -14.88 -6.61
CAD CLA DB . -8.40 -17.16 -4.88
OBD CLA DB . -9.38 -17.87 -5.02
CBD CLA DB . -7.16 -17.56 -4.11
CGD CLA DB . -7.46 -17.87 -2.68
O1D CLA DB . -7.28 -17.06 -1.80
O2D CLA DB . -7.97 -19.16 -2.28
CED CLA DB . -8.34 -19.35 -0.92
C1 CLA DB . -2.74 -19.54 -8.42
C2 CLA DB . -2.39 -18.79 -9.68
C3 CLA DB . -3.06 -19.04 -10.81
C4 CLA DB . -4.13 -20.07 -10.83
C5 CLA DB . -2.70 -18.28 -12.06
C6 CLA DB . -3.96 -17.69 -12.68
C7 CLA DB . -3.60 -16.45 -13.48
MG CLA EB . -22.97 2.58 10.39
CHA CLA EB . -23.16 2.38 13.84
CHB CLA EB . -26.28 3.41 10.26
CHC CLA EB . -22.67 3.00 7.00
CHD CLA EB . -19.54 1.76 10.58
NA CLA EB . -24.46 2.84 11.84
C1A CLA EB . -24.33 2.72 13.22
C2A CLA EB . -25.67 2.99 13.91
C3A CLA EB . -26.67 3.10 12.73
C4A CLA EB . -25.75 3.15 11.51
CMA CLA EB . -27.58 1.91 12.69
CAA CLA EB . -25.61 4.29 14.68
CBA CLA EB . -25.26 5.46 13.78
CGA CLA EB . -25.66 6.75 14.43
O1A CLA EB . -26.63 7.01 15.12
O2A CLA EB . -24.78 7.76 14.14
NB CLA EB . -24.25 3.02 8.91
C1B CLA EB . -25.53 3.45 9.07
C2B CLA EB . -26.06 3.97 7.78
C3B CLA EB . -25.05 3.86 6.86
C4B CLA EB . -23.88 3.26 7.56
CMB CLA EB . -27.41 4.50 7.65
CAB CLA EB . -24.98 4.23 5.47
CBB CLA EB . -25.60 5.27 4.89
NC CLA EB . -21.39 2.38 9.04
C1C CLA EB . -21.50 2.59 7.70
C2C CLA EB . -20.22 2.34 7.05
C3C CLA EB . -19.32 2.01 8.07
C4C CLA EB . -20.07 2.04 9.31
CMC CLA EB . -19.98 2.45 5.61
CAC CLA EB . -17.90 1.67 7.90
CBC CLA EB . -16.99 2.83 8.23
ND CLA EB . -21.60 2.22 11.83
C1D CLA EB . -20.23 1.84 11.77
C2D CLA EB . -19.75 1.57 13.14
C3D CLA EB . -20.83 1.78 13.98
C4D CLA EB . -21.95 2.17 13.11
CMD CLA EB . -18.39 1.18 13.46
CAD CLA EB . -21.32 1.79 15.34
OBD CLA EB . -20.70 1.61 16.38
CBD CLA EB . -22.84 2.09 15.28
CGD CLA EB . -23.58 0.85 15.72
O1D CLA EB . -23.15 -0.30 15.81
O2D CLA EB . -24.89 1.04 16.03
CED CLA EB . -25.75 -0.06 15.76
C1 CLA EB . -24.91 8.98 14.92
C2 CLA EB . -25.76 9.91 14.14
C3 CLA EB . -25.80 11.22 14.40
C4 CLA EB . -24.98 11.82 15.47
C5 CLA EB . -26.67 12.13 13.61
C6 CLA EB . -27.81 12.71 14.44
C7 CLA EB . -29.07 12.84 13.61
C8 CLA EB . -29.79 14.15 13.88
C9 CLA EB . -30.74 13.99 15.05
C10 CLA EB . -30.57 14.61 12.65
MG CLA FB . -31.56 6.48 6.35
CHA CLA FB . -31.61 5.11 9.54
CHB CLA FB . -34.43 4.82 5.61
CHC CLA FB . -31.59 8.03 3.28
CHD CLA FB . -28.67 8.30 7.24
NA CLA FB . -32.78 5.15 7.40
C1A CLA FB . -32.65 4.72 8.74
C2A CLA FB . -33.77 3.75 9.11
C3A CLA FB . -34.57 3.59 7.80
C4A CLA FB . -33.89 4.59 6.86
CMA CLA FB . -34.51 2.18 7.29
CAA CLA FB . -34.63 4.34 10.21
CBA CLA FB . -35.73 5.20 9.65
CGA CLA FB . -35.60 6.62 10.11
O1A CLA FB . -35.85 7.09 11.23
O2A CLA FB . -35.14 7.45 9.14
NB CLA FB . -32.76 6.40 4.74
C1B CLA FB . -33.91 5.70 4.64
C2B CLA FB . -34.58 5.98 3.34
C3B CLA FB . -33.78 6.88 2.67
C4B CLA FB . -32.62 7.16 3.56
CMB CLA FB . -35.85 5.35 2.98
CAB CLA FB . -33.92 7.52 1.39
CBB CLA FB . -34.86 7.30 0.48
NC CLA FB . -30.33 7.87 5.42
C1C CLA FB . -30.51 8.35 4.15
C2C CLA FB . -29.46 9.31 3.83
C3C CLA FB . -28.64 9.41 4.95
C4C CLA FB . -29.21 8.50 5.95
CMC CLA FB . -29.33 10.02 2.56
CAC CLA FB . -27.45 10.25 5.12
CBC CLA FB . -26.17 9.48 4.92
ND CLA FB . -30.35 6.67 7.95
C1D CLA FB . -29.19 7.45 8.18
C2D CLA FB . -28.69 7.19 9.55
C3D CLA FB . -29.57 6.28 10.11
C4D CLA FB . -30.60 6.01 9.09
CMD CLA FB . -27.49 7.78 10.13
CAD CLA FB . -29.91 5.49 11.28
OBD CLA FB . -29.31 5.38 12.34
CBD CLA FB . -31.24 4.75 10.96
CGD CLA FB . -31.11 3.27 11.12
O1D CLA FB . -30.55 2.47 10.37
O2D CLA FB . -31.69 2.78 12.25
CED CLA FB . -31.43 1.42 12.59
MG CLA GB . -35.51 12.86 -9.01
CHA CLA GB . -35.92 9.84 -7.34
CHB CLA GB . -37.03 11.53 -11.74
CHC CLA GB . -35.39 15.95 -10.50
CHD CLA GB . -34.01 14.21 -6.11
NA CLA GB . -36.29 10.97 -9.46
C1A CLA GB . -36.39 9.85 -8.62
C2A CLA GB . -37.03 8.68 -9.36
C3A CLA GB . -37.12 9.18 -10.81
C4A CLA GB . -36.82 10.67 -10.68
CMA CLA GB . -36.12 8.48 -11.70
CAA CLA GB . -38.43 8.41 -8.81
CBA CLA GB . -38.54 7.05 -8.16
CGA CLA GB . -38.55 6.01 -9.23
O1A CLA GB . -38.89 6.12 -10.40
O2A CLA GB . -38.12 4.80 -8.78
NB CLA GB . -36.01 13.57 -10.83
C1B CLA GB . -36.76 12.91 -11.73
C2B CLA GB . -37.29 13.86 -12.75
C3B CLA GB . -36.83 15.10 -12.40
C4B CLA GB . -36.02 14.94 -11.18
CMB CLA GB . -38.14 13.46 -13.87
CAB CLA GB . -37.07 16.37 -13.05
CBB CLA GB . -37.64 17.43 -12.48
NC CLA GB . -34.77 14.72 -8.43
C1C CLA GB . -34.81 15.84 -9.21
C2C CLA GB . -34.19 16.95 -8.50
C3C CLA GB . -33.83 16.47 -7.24
C4C CLA GB . -34.20 15.06 -7.20
CMC CLA GB . -34.04 18.30 -9.04
CAC CLA GB . -33.18 17.23 -6.16
CBC CLA GB . -31.67 17.21 -6.28
ND CLA GB . -35.06 12.24 -7.14
C1D CLA GB . -34.42 12.89 -6.06
C2D CLA GB . -34.28 11.94 -4.94
C3D CLA GB . -34.86 10.76 -5.37
C4D CLA GB . -35.32 10.99 -6.74
CMD CLA GB . -33.65 12.24 -3.65
CAD CLA GB . -35.18 9.39 -5.03
OBD CLA GB . -34.99 8.77 -4.00
CBD CLA GB . -35.85 8.75 -6.30
CGD CLA GB . -35.05 7.58 -6.80
O1D CLA GB . -34.30 7.54 -7.76
O2D CLA GB . -35.20 6.45 -6.06
CED CLA GB . -34.07 5.58 -5.97
C1 CLA GB . -38.33 3.68 -9.67
C2 CLA GB . -38.15 2.45 -8.87
C3 CLA GB . -38.12 1.23 -9.42
C4 CLA GB . -37.92 0.01 -8.62
C5 CLA GB . -38.28 1.06 -10.89
C6 CLA GB . -39.43 0.15 -11.28
C7 CLA GB . -39.85 0.44 -12.70
C8 CLA GB . -40.63 -0.71 -13.33
C9 CLA GB . -40.57 -0.59 -14.84
C10 CLA GB . -42.08 -0.69 -12.86
C11 CLA GB . -42.50 -2.05 -12.33
C12 CLA GB . -43.93 -2.00 -11.80
C13 CLA GB . -44.38 -3.34 -11.26
C14 CLA GB . -43.43 -3.83 -10.17
C15 CLA GB . -44.51 -4.40 -12.35
C16 CLA GB . -45.06 -5.68 -11.77
C17 CLA GB . -45.59 -6.60 -12.84
C18 CLA GB . -46.50 -7.67 -12.25
C19 CLA GB . -46.78 -8.77 -13.25
C20 CLA GB . -47.80 -7.05 -11.77
MG CLA HB . -37.07 13.31 -19.16
CHA CLA HB . -39.34 15.74 -20.15
CHB CLA HB . -36.03 15.31 -16.62
CHC CLA HB . -35.07 10.75 -18.05
CHD CLA HB . -38.22 11.24 -21.79
NA CLA HB . -37.60 15.23 -18.53
C1A CLA HB . -38.58 16.08 -19.05
C2A CLA HB . -38.63 17.39 -18.29
C3A CLA HB . -37.46 17.27 -17.30
C4A CLA HB . -36.98 15.83 -17.48
CMA CLA HB . -36.36 18.26 -17.63
CAA CLA HB . -39.95 17.52 -17.54
CBA CLA HB . -40.29 16.30 -16.72
CGA CLA HB . -41.30 16.66 -15.66
O1A CLA HB . -42.19 17.50 -15.71
O2A CLA HB . -41.17 15.90 -14.53
NB CLA HB . -35.74 13.09 -17.68
C1B CLA HB . -35.52 13.99 -16.68
C2B CLA HB . -34.64 13.40 -15.64
C3B CLA HB . -34.37 12.12 -16.04
C4B CLA HB . -35.08 11.90 -17.33
CMB CLA HB . -34.22 14.12 -14.44
CAB CLA HB . -33.60 11.08 -15.41
CBB CLA HB . -33.67 10.75 -14.12
NC CLA HB . -36.69 11.36 -19.84
C1C CLA HB . -35.83 10.50 -19.24
C2C CLA HB . -35.80 9.24 -19.94
C3C CLA HB . -36.69 9.36 -21.01
C4C CLA HB . -37.25 10.71 -20.93
CMC CLA HB . -34.97 8.09 -19.57
CAC CLA HB . -37.00 8.36 -22.04
CBC CLA HB . -37.88 7.24 -21.54
ND CLA HB . -38.45 13.40 -20.65
C1D CLA HB . -38.80 12.49 -21.68
C2D CLA HB . -39.84 13.11 -22.52
C3D CLA HB . -40.08 14.35 -21.98
C4D CLA HB . -39.19 14.48 -20.82
CMD CLA HB . -40.45 12.46 -23.68
CAD CLA HB . -40.84 15.58 -22.08
OBD CLA HB . -41.70 15.90 -22.90
CBD CLA HB . -40.38 16.52 -20.93
CGD CLA HB . -39.85 17.81 -21.46
O1D CLA HB . -40.50 18.71 -22.02
O2D CLA HB . -38.52 18.01 -21.31
CED CLA HB . -38.07 19.36 -21.22
C1 CLA HB . -41.85 16.37 -13.34
C2 CLA HB . -41.15 15.74 -12.18
C3 CLA HB . -41.75 15.47 -11.01
C4 CLA HB . -43.18 15.76 -10.77
C5 CLA HB . -41.00 14.83 -9.89
C6 CLA HB . -39.87 15.68 -9.35
C7 CLA HB . -39.01 14.89 -8.40
C8 CLA HB . -38.90 15.55 -7.04
C9 CLA HB . -38.25 16.92 -7.17
C10 CLA HB . -38.10 14.69 -6.07
C11 CLA HB . -37.87 15.38 -4.74
C12 CLA HB . -37.31 14.44 -3.70
C13 CLA HB . -37.18 15.11 -2.34
C14 CLA HB . -35.78 15.67 -2.16
C15 CLA HB . -37.51 14.14 -1.21
C16 CLA HB . -37.27 14.76 0.16
C17 CLA HB . -38.45 15.58 0.61
C18 CLA HB . -38.42 15.82 2.12
C19 CLA HB . -39.79 16.18 2.65
C20 CLA HB . -37.43 16.91 2.46
MG CLA IB . -6.42 22.18 -2.92
CHA CLA IB . -3.47 23.98 -2.68
CHB CLA IB . -4.73 19.68 -4.49
CHC CLA IB . -9.28 20.30 -2.87
CHD CLA IB . -8.09 24.81 -1.26
NA CLA IB . -4.43 21.92 -3.51
C1A CLA IB . -3.35 22.77 -3.28
C2A CLA IB . -2.07 22.17 -3.84
C3A CLA IB . -2.57 20.95 -4.63
C4A CLA IB . -4.02 20.81 -4.18
CMA CLA IB . -2.54 21.20 -6.12
CAA CLA IB . -1.18 21.71 -2.70
CBA CLA IB . -1.99 21.14 -1.55
CGA CLA IB . -1.12 20.58 -0.48
O1A CLA IB . -0.31 21.16 0.24
O2A CLA IB . -1.30 19.24 -0.31
NB CLA IB . -6.91 20.34 -3.56
C1B CLA IB . -6.07 19.45 -4.17
C2B CLA IB . -6.78 18.19 -4.50
C3B CLA IB . -8.08 18.35 -4.04
C4B CLA IB . -8.18 19.73 -3.44
CMB CLA IB . -6.11 17.06 -5.19
CAB CLA IB . -9.19 17.44 -4.10
CBB CLA IB . -10.44 17.74 -4.43
NC CLA IB . -8.35 22.53 -2.24
C1C CLA IB . -9.38 21.62 -2.32
C2C CLA IB . -10.58 22.19 -1.70
C3C CLA IB . -10.24 23.46 -1.25
C4C CLA IB . -8.84 23.66 -1.56
CMC CLA IB . -11.87 21.51 -1.60
CAC CLA IB . -11.11 24.42 -0.55
CBC CLA IB . -10.79 24.58 0.91
ND CLA IB . -5.98 24.02 -2.22
C1D CLA IB . -6.76 25.00 -1.54
C2D CLA IB . -5.91 26.17 -1.24
C3D CLA IB . -4.64 25.84 -1.66
C4D CLA IB . -4.74 24.49 -2.23
CMD CLA IB . -6.39 27.40 -0.60
CAD CLA IB . -3.26 26.27 -1.81
OBD CLA IB . -2.76 27.36 -1.57
CBD CLA IB . -2.46 25.07 -2.39
CGD CLA IB . -1.70 25.43 -3.64
O1D CLA IB . -2.14 25.53 -4.79
O2D CLA IB . -0.38 25.68 -3.44
CED CLA IB . 0.43 25.94 -4.59
C1 CLA IB . -0.84 18.65 0.94
C2 CLA IB . -0.61 17.22 0.68
C3 CLA IB . -1.24 16.23 1.34
C4 CLA IB . -2.25 16.50 2.40
C5 CLA IB . -0.96 14.80 1.02
MG CLA JB . -0.92 28.49 2.60
CHA CLA JB . 2.53 28.56 2.44
CHB CLA JB . -0.90 25.31 1.38
CHC CLA JB . -4.34 28.42 2.92
CHD CLA JB . -0.88 31.81 3.81
NA CLA JB . 0.59 27.17 2.01
C1A CLA JB . 1.97 27.39 2.02
C2A CLA JB . 2.72 26.16 1.50
C3A CLA JB . 1.59 25.21 1.04
C4A CLA JB . 0.33 25.93 1.51
CMA CLA JB . 1.60 25.01 -0.45
CAA CLA JB . 3.51 25.51 2.62
CBA CLA JB . 2.71 25.45 3.89
CGA CLA JB . 3.47 24.76 4.97
O1A CLA JB . 4.03 23.67 4.95
O2A CLA JB . 3.53 25.49 6.13
NB CLA JB . -2.35 27.14 2.18
C1B CLA JB . -2.13 25.86 1.77
C2B CLA JB . -3.41 25.10 1.78
C3B CLA JB . -4.39 25.95 2.21
C4B CLA JB . -3.73 27.27 2.47
CMB CLA JB . -3.49 23.70 1.38
CAB CLA JB . -5.80 25.70 2.39
CBB CLA JB . -6.56 26.07 3.42
NC CLA JB . -2.34 29.87 3.23
C1C CLA JB . -3.69 29.64 3.27
C2C CLA JB . -4.39 30.82 3.75
C3C CLA JB . -3.41 31.77 4.01
C4C CLA JB . -2.13 31.18 3.69
CMC CLA JB . -5.84 30.93 3.91
CAC CLA JB . -3.63 33.15 4.51
CBC CLA JB . -3.26 33.30 5.97
ND CLA JB . 0.44 29.90 3.06
C1D CLA JB . 0.33 31.23 3.53
C2D CLA JB . 1.68 31.82 3.66
C3D CLA JB . 2.56 30.82 3.27
C4D CLA JB . 1.74 29.66 2.89
CMD CLA JB . 1.97 33.17 4.13
CAD CLA JB . 3.96 30.47 3.06
OBD CLA JB . 4.97 31.12 3.28
CBD CLA JB . 3.96 29.02 2.50
CGD CLA JB . 4.58 28.99 1.13
O1D CLA JB . 4.57 29.88 0.28
O2D CLA JB . 5.19 27.83 0.84
CED CLA JB . 5.77 27.70 -0.46
MG CLA KB . -12.17 14.42 -12.30
CHA CLA KB . -11.86 17.55 -10.82
CHB CLA KB . -13.40 13.18 -9.38
CHC CLA KB . -12.11 11.28 -13.66
CHD CLA KB . -10.57 15.70 -15.19
NA CLA KB . -12.63 15.27 -10.45
C1A CLA KB . -12.42 16.58 -10.02
C2A CLA KB . -12.86 16.76 -8.56
C3A CLA KB . -13.40 15.38 -8.17
C4A CLA KB . -13.14 14.54 -9.42
CMA CLA KB . -12.67 14.85 -6.98
CAA CLA KB . -13.95 17.80 -8.36
CBA CLA KB . -13.77 18.49 -7.03
CGA CLA KB . -15.07 18.93 -6.43
O1A CLA KB . -16.13 19.16 -7.01
O2A CLA KB . -15.02 19.09 -5.08
NB CLA KB . -12.71 12.59 -11.66
C1B CLA KB . -13.18 12.28 -10.43
C2B CLA KB . -13.43 10.83 -10.34
C3B CLA KB . -13.06 10.27 -11.53
C4B CLA KB . -12.60 11.39 -12.40
CMB CLA KB . -13.91 10.18 -9.12
CAB CLA KB . -13.10 8.90 -11.94
CBB CLA KB . -12.04 8.18 -12.30
NC CLA KB . -11.54 13.65 -14.14
C1C CLA KB . -11.61 12.34 -14.49
C2C CLA KB . -11.04 12.13 -15.81
C3C CLA KB . -10.58 13.37 -16.24
C4C CLA KB . -10.88 14.33 -15.19
CMC CLA KB . -10.95 10.85 -16.51
CAC CLA KB . -9.89 13.67 -17.51
CBC CLA KB . -10.71 14.52 -18.46
ND CLA KB . -11.49 16.21 -12.97
C1D CLA KB . -10.83 16.60 -14.17
C2D CLA KB . -10.48 18.03 -14.08
C3D CLA KB . -10.86 18.45 -12.82
C4D CLA KB . -11.45 17.26 -12.17
CMD CLA KB . -9.83 18.80 -15.14
CAD CLA KB . -10.91 19.55 -11.89
OBD CLA KB . -10.54 20.70 -12.02
CBD CLA KB . -11.51 19.00 -10.57
CGD CLA KB . -10.57 19.20 -9.41
O1D CLA KB . -10.40 20.24 -8.77
O2D CLA KB . -9.88 18.09 -9.03
CED CLA KB . -8.80 18.26 -8.12
C1 CLA KB . -16.11 19.84 -4.48
C2 CLA KB . -15.69 20.17 -3.10
C3 CLA KB . -16.55 20.28 -2.08
C4 CLA KB . -18.01 20.08 -2.27
C5 CLA KB . -16.08 20.61 -0.71
C6 CLA KB . -16.95 21.63 -0.02
MG CLA LB . -22.60 15.62 -7.30
CHA CLA LB . -19.74 17.25 -8.39
CHB CLA LB . -20.81 12.77 -6.83
CHC CLA LB . -25.40 14.16 -5.95
CHD CLA LB . -24.39 18.66 -7.67
NA CLA LB . -20.61 15.10 -7.62
C1A CLA LB . -19.57 15.93 -8.06
C2A CLA LB . -18.25 15.16 -8.13
C3A CLA LB . -18.65 13.71 -7.76
C4A CLA LB . -20.12 13.84 -7.37
CMA CLA LB . -18.46 12.78 -8.92
CAA CLA LB . -17.26 15.72 -7.11
CBA CLA LB . -17.78 15.62 -5.67
CGA CLA LB . -18.50 16.87 -5.26
O1A CLA LB . -18.39 18.01 -5.70
O2A CLA LB . -19.40 16.66 -4.25
NB CLA LB . -23.04 13.79 -6.61
C1B CLA LB . -22.15 12.78 -6.42
C2B CLA LB . -22.80 11.65 -5.71
C3B CLA LB . -24.10 12.04 -5.45
C4B CLA LB . -24.26 13.40 -6.02
CMB CLA LB . -22.07 10.43 -5.36
CAB CLA LB . -25.20 11.40 -4.77
CBB CLA LB . -25.16 10.23 -4.13
NC CLA LB . -24.55 16.27 -6.94
C1C CLA LB . -25.54 15.50 -6.40
C2C CLA LB . -26.77 16.28 -6.28
C3C CLA LB . -26.48 17.56 -6.74
C4C CLA LB . -25.09 17.55 -7.15
CMC CLA LB . -28.03 15.76 -5.75
CAC CLA LB . -27.40 18.70 -6.81
CBC CLA LB . -27.26 19.62 -5.63
ND CLA LB . -22.23 17.52 -7.90
C1D CLA LB . -23.06 18.66 -8.03
C2D CLA LB . -22.26 19.79 -8.54
C3D CLA LB . -20.97 19.31 -8.68
C4D CLA LB . -21.01 17.90 -8.28
CMD CLA LB . -22.77 21.14 -8.79
CAD CLA LB . -19.61 19.61 -9.05
OBD CLA LB . -19.12 20.67 -9.40
CBD CLA LB . -18.79 18.30 -8.92
CGD CLA LB . -18.22 17.89 -10.25
O1D CLA LB . -18.83 17.77 -11.33
O2D CLA LB . -16.88 17.63 -10.26
CED CLA LB . -16.24 17.56 -11.53
C1 CLA LB . -20.79 16.73 -4.60
C2 CLA LB . -21.35 17.95 -3.99
C3 CLA LB . -22.58 18.00 -3.43
C4 CLA LB . -23.11 19.24 -2.83
C5 CLA LB . -23.45 16.81 -3.39
C6 CLA LB . -24.42 16.85 -2.22
C7 CLA LB . -25.20 15.55 -2.13
C8 CLA LB . -26.09 15.52 -0.90
C9 CLA LB . -25.26 15.53 0.37
C10 CLA LB . -27.00 14.30 -0.91
C11 CLA LB . -28.38 14.64 -1.42
C12 CLA LB . -29.21 13.42 -1.75
C13 CLA LB . -30.68 13.65 -1.44
C14 CLA LB . -31.19 14.88 -2.17
C15 CLA LB . -30.92 13.78 0.06
C16 CLA LB . -32.35 14.15 0.37
C17 CLA LB . -33.23 12.93 0.48
C18 CLA LB . -33.29 12.39 1.91
C19 CLA LB . -34.07 11.10 1.97
C20 CLA LB . -33.90 13.42 2.84
MG CLA MB . -20.59 7.62 -1.07
CHA CLA MB . -18.15 9.37 -2.78
CHB CLA MB . -18.50 4.95 -0.80
CHC CLA MB . -22.96 6.03 0.85
CHD CLA MB . -22.68 10.47 -1.23
NA CLA MB . -18.65 7.23 -1.74
C1A CLA MB . -17.79 8.09 -2.42
C2A CLA MB . -16.46 7.40 -2.73
C3A CLA MB . -16.66 5.97 -2.17
C4A CLA MB . -18.03 6.03 -1.52
CMA CLA MB . -16.62 4.93 -3.26
CAA CLA MB . -15.29 8.10 -2.06
CBA CLA MB . -15.61 8.55 -0.65
CGA CLA MB . -14.40 9.23 -0.09
O1A CLA MB . -13.64 10.03 -0.65
O2A CLA MB . -14.16 8.91 1.21
NB CLA MB . -20.76 5.78 -0.26
C1B CLA MB . -19.75 4.89 -0.14
C2B CLA MB . -20.12 3.81 0.80
C3B CLA MB . -21.38 4.10 1.27
C4B CLA MB . -21.80 5.37 0.62
CMB CLA MB . -19.23 2.71 1.14
CAB CLA MB . -22.16 3.39 2.25
CBB CLA MB . -23.47 3.11 2.18
NC CLA MB . -22.49 8.15 -0.36
C1C CLA MB . -23.28 7.34 0.40
C2C CLA MB . -24.53 8.02 0.72
C3C CLA MB . -24.45 9.28 0.13
C4C CLA MB . -23.16 9.36 -0.54
CMC CLA MB . -25.60 7.46 1.54
CAC CLA MB . -25.48 10.34 0.18
CBC CLA MB . -25.30 11.27 1.36
ND CLA MB . -20.48 9.51 -1.75
C1D CLA MB . -21.42 10.58 -1.80
C2D CLA MB . -20.83 11.72 -2.51
C3D CLA MB . -19.58 11.31 -2.90
C4D CLA MB . -19.41 9.94 -2.42
CMD CLA MB . -21.52 12.99 -2.72
CAD CLA MB . -18.34 11.69 -3.57
OBD CLA MB . -18.02 12.76 -4.05
CBD CLA MB . -17.43 10.43 -3.58
CGD CLA MB . -17.17 9.97 -4.99
O1D CLA MB . -17.84 10.21 -5.99
O2D CLA MB . -16.07 9.19 -5.15
CED CLA MB . -15.89 8.55 -6.41
MG CLA NB . -9.36 -37.65 -29.33
CHA CLA NB . -12.29 -37.32 -31.15
CHB CLA NB . -8.51 -40.35 -31.22
CHC CLA NB . -6.28 -37.66 -27.83
CHD CLA NB . -10.24 -34.77 -27.48
NA CLA NB . -10.30 -38.69 -30.88
C1A CLA NB . -11.50 -38.37 -31.51
C2A CLA NB . -11.81 -39.38 -32.61
C3A CLA NB . -10.73 -40.47 -32.41
C4A CLA NB . -9.75 -39.80 -31.45
CMA CLA NB . -11.32 -41.72 -31.82
CAA CLA NB . -11.67 -38.71 -33.98
CBA CLA NB . -10.33 -38.04 -34.20
CGA CLA NB . -10.36 -36.60 -33.76
O1A CLA NB . -11.31 -35.83 -33.79
O2A CLA NB . -9.18 -36.15 -33.26
NB CLA NB . -7.73 -38.82 -29.45
C1B CLA NB . -7.54 -39.83 -30.34
C2B CLA NB . -6.15 -40.34 -30.25
C3B CLA NB . -5.51 -39.57 -29.29
C4B CLA NB . -6.52 -38.60 -28.78
CMB CLA NB . -5.63 -41.42 -31.08
CAB CLA NB . -4.16 -39.62 -28.81
CBB CLA NB . -3.58 -40.68 -28.27
NC CLA NB . -8.46 -36.47 -27.85
C1C CLA NB . -7.20 -36.67 -27.38
C2C CLA NB . -6.88 -35.65 -26.39
C3C CLA NB . -8.00 -34.82 -26.29
C4C CLA NB . -8.99 -35.34 -27.23
CMC CLA NB . -5.62 -35.54 -25.66
CAC CLA NB . -8.15 -33.65 -25.43
CBC CLA NB . -7.97 -32.35 -26.16
ND CLA NB . -10.92 -36.37 -29.21
C1D CLA NB . -11.14 -35.21 -28.42
C2D CLA NB . -12.46 -34.64 -28.78
C3D CLA NB . -12.94 -35.40 -29.83
C4D CLA NB . -11.93 -36.44 -30.08
CMD CLA NB . -13.05 -33.47 -28.14
CAD CLA NB . -14.03 -35.62 -30.78
OBD CLA NB . -15.09 -35.02 -30.89
CBD CLA NB . -13.61 -36.81 -31.68
CGD CLA NB . -14.65 -37.91 -31.69
O1D CLA NB . -15.20 -38.43 -30.72
O2D CLA NB . -14.98 -38.34 -32.94
CED CLA NB . -15.49 -39.67 -33.05
C1 CLA NB . -9.25 -34.92 -32.49
C2 CLA NB . -8.01 -34.77 -31.70
C3 CLA NB . -7.83 -33.76 -30.84
C4 CLA NB . -8.90 -32.74 -30.63
C5 CLA NB . -6.59 -33.59 -30.03
C6 CLA NB . -5.43 -34.44 -30.49
C7 CLA NB . -4.29 -34.43 -29.48
C8 CLA NB . -3.06 -35.15 -29.98
C9 CLA NB . -3.41 -36.55 -30.45
C10 CLA NB . -1.94 -35.22 -28.95
C11 CLA NB . -2.38 -35.76 -27.60
C12 CLA NB . -1.89 -37.18 -27.35
C13 CLA NB . -0.52 -37.28 -26.69
C14 CLA NB . -0.14 -36.02 -25.95
C15 CLA NB . 0.55 -37.66 -27.70
C16 CLA NB . 1.84 -38.06 -27.01
C17 CLA NB . 1.97 -39.55 -26.85
C18 CLA NB . 3.40 -39.96 -26.52
C19 CLA NB . 3.59 -40.16 -25.03
C20 CLA NB . 3.78 -41.21 -27.28
MG CLA OB . -7.60 -19.97 -22.24
CHA CLA OB . -7.07 -20.08 -18.81
CHB CLA OB . -5.88 -17.04 -22.42
CHC CLA OB . -7.89 -20.07 -25.65
CHD CLA OB . -9.22 -23.10 -22.02
NA CLA OB . -6.67 -18.76 -20.82
C1A CLA OB . -6.54 -18.98 -19.44
C2A CLA OB . -5.75 -17.85 -18.79
C3A CLA OB . -5.58 -16.82 -19.92
C4A CLA OB . -6.06 -17.58 -21.16
CMA CLA OB . -6.40 -15.59 -19.67
CAA CLA OB . -4.34 -18.24 -18.34
CBA CLA OB . -3.91 -19.70 -18.41
CGA CLA OB . -3.68 -20.18 -19.81
O1A CLA OB . -2.81 -19.86 -20.60
O2A CLA OB . -4.61 -21.12 -20.20
NB CLA OB . -7.01 -18.78 -23.75
C1B CLA OB . -6.30 -17.63 -23.62
C2B CLA OB . -6.06 -17.03 -24.96
C3B CLA OB . -6.62 -17.88 -25.89
C4B CLA OB . -7.24 -19.00 -25.12
CMB CLA OB . -5.33 -15.79 -25.16
CAB CLA OB . -6.65 -17.74 -27.33
CBB CLA OB . -6.51 -18.71 -28.23
NC CLA OB . -8.45 -21.33 -23.58
C1C CLA OB . -8.45 -21.16 -24.94
C2C CLA OB . -9.11 -22.30 -25.57
C3C CLA OB . -9.47 -23.17 -24.54
C4C CLA OB . -9.05 -22.55 -23.30
CMC CLA OB . -9.30 -22.46 -27.01
CAC CLA OB . -10.14 -24.48 -24.68
CBC CLA OB . -11.64 -24.38 -24.86
ND CLA OB . -8.14 -21.28 -20.80
C1D CLA OB . -8.81 -22.53 -20.85
C2D CLA OB . -8.94 -23.06 -19.47
C3D CLA OB . -8.30 -22.16 -18.65
C4D CLA OB . -7.80 -21.08 -19.53
CMD CLA OB . -9.62 -24.31 -19.14
CAD CLA OB . -7.91 -21.82 -17.29
OBD CLA OB . -8.14 -22.43 -16.25
CBD CLA OB . -7.10 -20.49 -17.35
CGD CLA OB . -7.73 -19.43 -16.50
O1D CLA OB . -8.35 -18.44 -16.88
O2D CLA OB . -7.59 -19.63 -15.17
CED CLA OB . -8.58 -19.05 -14.31
C1 CLA OB . -4.14 -22.40 -20.64
C2 CLA OB . -4.61 -22.58 -22.04
C3 CLA OB . -5.33 -23.62 -22.46
C4 CLA OB . -5.74 -24.73 -21.57
C5 CLA OB . -5.76 -23.72 -23.89
C6 CLA OB . -5.12 -24.88 -24.63
C7 CLA OB . -5.61 -24.95 -26.06
C8 CLA OB . -4.92 -26.06 -26.87
C9 CLA OB . -4.89 -27.35 -26.08
C10 CLA OB . -3.52 -25.65 -27.28
C11 CLA OB . -2.99 -26.49 -28.42
C12 CLA OB . -2.04 -25.72 -29.31
C13 CLA OB . -0.74 -26.48 -29.55
C14 CLA OB . -0.24 -27.09 -28.26
C15 CLA OB . 0.34 -25.59 -30.15
C16 CLA OB . 0.99 -26.22 -31.36
C17 CLA OB . 2.50 -26.24 -31.27
C18 CLA OB . 3.15 -25.09 -32.03
C19 CLA OB . 4.48 -24.71 -31.41
C20 CLA OB . 3.37 -25.46 -33.48
MG CLA PB . -39.91 0.58 -2.77
CHA CLA PB . -36.72 1.59 -1.87
CHB CLA PB . -41.23 2.69 -0.46
CHC CLA PB . -43.05 -0.35 -3.82
CHD CLA PB . -38.49 -1.60 -5.15
NA CLA PB . -39.08 1.90 -1.38
C1A CLA PB . -37.73 2.19 -1.17
C2A CLA PB . -37.57 3.22 -0.06
C3A CLA PB . -39.01 3.45 0.44
C4A CLA PB . -39.86 2.64 -0.53
CMA CLA PB . -39.17 2.97 1.86
CAA CLA PB . -36.96 4.51 -0.58
CBA CLA PB . -37.95 5.34 -1.36
CGA CLA PB . -37.39 5.67 -2.71
O1A CLA PB . -37.31 6.78 -3.24
O2A CLA PB . -36.92 4.58 -3.38
NB CLA PB . -41.79 1.06 -2.23
C1B CLA PB . -42.12 1.98 -1.29
C2B CLA PB . -43.60 2.11 -1.24
C3B CLA PB . -44.12 1.26 -2.18
C4B CLA PB . -42.97 0.57 -2.83
CMB CLA PB . -44.28 3.02 -0.32
CAB CLA PB . -45.48 1.00 -2.54
CBB CLA PB . -46.11 1.56 -3.58
NC CLA PB . -40.63 -0.75 -4.21
C1C CLA PB . -41.95 -0.98 -4.47
C2C CLA PB . -42.10 -1.95 -5.53
C3C CLA PB . -40.81 -2.31 -5.92
C4C CLA PB . -39.89 -1.56 -5.07
CMC CLA PB . -43.37 -2.43 -6.07
CAC CLA PB . -40.43 -3.27 -6.96
CBC CLA PB . -40.39 -2.65 -8.34
ND CLA PB . -38.06 0.04 -3.39
C1D CLA PB . -37.62 -0.87 -4.38
C2D CLA PB . -36.15 -0.85 -4.41
C3D CLA PB . -35.75 0.08 -3.47
C4D CLA PB . -36.98 0.61 -2.87
CMD CLA PB . -35.32 -1.67 -5.30
CAD CLA PB . -34.62 0.73 -2.83
OBD CLA PB . -33.42 0.58 -3.01
CBD CLA PB . -35.21 1.73 -1.80
CGD CLA PB . -34.69 1.46 -0.41
O1D CLA PB . -34.83 0.44 0.27
O2D CLA PB . -34.00 2.49 0.14
CED CLA PB . -33.50 2.35 1.47
C1 CLA PB . -37.76 3.92 -4.36
C2 CLA PB . -39.04 4.67 -4.51
C3 CLA PB . -40.13 4.13 -5.06
C4 CLA PB . -40.16 2.74 -5.59
C5 CLA PB . -41.39 4.93 -5.17
C6 CLA PB . -42.58 4.25 -4.55
C7 CLA PB . -43.69 4.09 -5.56
C8 CLA PB . -44.65 5.27 -5.59
C9 CLA PB . -45.92 4.94 -4.84
C10 CLA PB . -44.99 5.68 -7.01
C11 CLA PB . -43.99 6.68 -7.55
C12 CLA PB . -44.53 7.45 -8.73
C13 CLA PB . -45.40 8.62 -8.28
C14 CLA PB . -45.78 9.48 -9.47
C15 CLA PB . -44.71 9.46 -7.22
C16 CLA PB . -45.63 10.54 -6.66
C17 CLA PB . -44.85 11.48 -5.77
C18 CLA PB . -45.72 12.14 -4.71
C19 CLA PB . -46.71 11.18 -4.10
C20 CLA PB . -46.43 13.35 -5.28
C1 PQN QB . -17.56 -24.65 -20.66
O1 PQN QB . -18.01 -23.66 -21.24
C2 PQN QB . -16.72 -25.62 -21.41
C2M PQN QB . -16.41 -25.30 -22.84
C3 PQN QB . -16.25 -26.76 -20.80
C4 PQN QB . -16.55 -27.02 -19.37
O4 PQN QB . -16.14 -28.04 -18.83
C5 PQN QB . -17.34 -26.03 -18.60
C6 PQN QB . -17.61 -26.24 -17.25
C7 PQN QB . -18.35 -25.33 -16.53
C8 PQN QB . -18.83 -24.18 -17.16
C9 PQN QB . -18.57 -23.96 -18.49
C10 PQN QB . -17.84 -24.88 -19.22
C11 PQN QB . -15.43 -27.77 -21.56
C12 PQN QB . -13.96 -27.45 -21.56
C13 PQN QB . -12.97 -28.22 -21.15
C14 PQN QB . -13.14 -29.66 -20.80
C15 PQN QB . -11.58 -27.68 -20.97
C16 PQN QB . -10.58 -28.24 -21.92
C17 PQN QB . -9.22 -27.59 -21.75
C18 PQN QB . -8.11 -28.08 -22.69
C19 PQN QB . -8.51 -27.95 -24.14
C20 PQN QB . -7.65 -29.50 -22.34
C21 PQN QB . -6.33 -29.89 -22.93
C22 PQN QB . -5.85 -31.26 -22.50
C23 PQN QB . -4.35 -31.51 -22.68
C24 PQN QB . -3.51 -30.47 -21.94
C25 PQN QB . -3.94 -31.62 -24.15
C26 PQN QB . -2.50 -31.99 -24.39
C27 PQN QB . -2.08 -32.27 -25.83
C28 PQN QB . -1.72 -31.04 -26.67
C29 PQN QB . -2.94 -30.28 -27.15
C30 PQN QB . -0.77 -30.12 -25.92
O1 LHG RB . -8.38 -28.60 -3.73
C1 LHG RB . -9.69 -28.10 -4.00
C2 LHG RB . -9.68 -27.07 -5.10
O2 LHG RB . -8.90 -25.94 -4.73
C3 LHG RB . -11.07 -26.62 -5.51
O3 LHG RB . -10.96 -25.64 -6.58
P LHG RB . -12.31 -25.06 -7.23
O4 LHG RB . -13.11 -24.41 -6.13
O5 LHG RB . -12.93 -26.15 -8.07
O6 LHG RB . -11.78 -23.91 -8.22
C4 LHG RB . -10.49 -24.09 -8.86
C5 LHG RB . -10.26 -22.97 -9.85
C6 LHG RB . -10.26 -21.59 -9.21
O7 LHG RB . -8.99 -23.25 -10.50
C7 LHG RB . -8.70 -22.65 -11.66
O9 LHG RB . -9.39 -21.80 -12.16
C8 LHG RB . -7.42 -23.18 -12.23
C9 LHG RB . -6.32 -22.17 -12.32
C10 LHG RB . -4.97 -22.83 -12.57
O8 LHG RB . -8.91 -21.10 -9.16
C23 LHG RB . -8.68 -20.07 -8.36
O10 LHG RB . -9.52 -19.60 -7.64
C24 LHG RB . -7.27 -19.56 -8.49
C11 LHG RB . -4.91 -23.68 -13.81
C12 LHG RB . -4.93 -22.88 -15.09
C13 LHG RB . -3.68 -22.08 -15.32
C14 LHG RB . -2.47 -22.91 -15.67
C15 LHG RB . -1.16 -22.16 -15.57
C16 LHG RB . -1.18 -20.81 -16.22
C17 LHG RB . 0.02 -19.95 -15.90
C18 LHG RB . -0.10 -18.52 -16.31
C19 LHG RB . 1.02 -17.64 -15.82
C20 LHG RB . 0.87 -16.18 -16.15
C21 LHG RB . 1.98 -15.32 -15.60
C22 LHG RB . 1.83 -13.85 -15.93
C25 LHG RB . -6.99 -18.35 -7.66
C26 LHG RB . -7.09 -17.05 -8.45
C27 LHG RB . -8.46 -16.80 -9.04
C28 LHG RB . -8.56 -15.54 -9.86
C29 LHG RB . -9.91 -15.35 -10.52
C30 LHG RB . -9.99 -14.13 -11.38
C31 LHG RB . -8.93 -14.06 -12.46
C32 LHG RB . -8.95 -12.80 -13.28
C33 LHG RB . -7.81 -12.69 -14.26
C34 LHG RB . -7.84 -11.44 -15.09
C35 LHG RB . -6.71 -11.33 -16.09
C36 LHG RB . -6.74 -10.08 -16.92
C37 LHG RB . -5.64 -9.95 -17.93
C38 LHG RB . -5.72 -8.66 -18.72
O1 LHG SB . -12.24 6.12 16.51
C1 LHG SB . -13.32 6.89 17.01
C2 LHG SB . -14.01 6.20 18.18
O2 LHG SB . -14.61 4.98 17.72
C3 LHG SB . -15.05 7.05 18.87
O3 LHG SB . -16.18 7.29 17.98
P LHG SB . -17.44 8.09 18.54
O4 LHG SB . -17.02 9.48 18.91
O5 LHG SB . -18.10 7.21 19.58
O6 LHG SB . -18.41 8.16 17.27
C4 LHG SB . -18.02 8.98 16.13
C5 LHG SB . -19.11 8.92 15.09
C6 LHG SB . -18.78 9.72 13.84
O7 LHG SB . -19.31 7.52 14.75
C7 LHG SB . -20.53 7.14 14.33
O9 LHG SB . -21.48 7.88 14.39
C8 LHG SB . -20.57 5.74 13.79
C9 LHG SB . -20.60 5.68 12.29
C10 LHG SB . -21.84 6.33 11.70
O8 LHG SB . -19.84 9.56 12.87
C23 LHG SB . -20.73 10.54 12.83
O10 LHG SB . -20.67 11.52 13.53
C24 LHG SB . -21.79 10.28 11.79
C11 LHG SB . -21.85 6.40 10.20
C12 LHG SB . -23.06 7.10 9.62
C13 LHG SB . -23.04 7.26 8.12
C25 LHG SB . -21.84 11.32 10.72
C1 BCR TB . 20.48 -1.33 -10.53
C2 BCR TB . 19.55 -2.17 -11.39
C3 BCR TB . 18.14 -1.69 -11.37
C4 BCR TB . 18.08 -0.26 -11.91
C5 BCR TB . 19.17 0.63 -11.38
C6 BCR TB . 20.23 0.16 -10.69
C7 BCR TB . 21.17 1.06 -10.09
C8 BCR TB . 21.10 1.60 -8.84
C9 BCR TB . 22.05 2.41 -8.21
C10 BCR TB . 21.89 2.81 -6.86
C11 BCR TB . 22.74 3.57 -6.08
C33 BCR TB . 18.95 2.08 -11.71
C31 BCR TB . 21.92 -1.68 -10.90
C32 BCR TB . 20.26 -1.74 -9.06
C34 BCR TB . 23.26 2.88 -8.92
C12 BCR TB . 22.52 3.92 -4.76
C13 BCR TB . 23.32 4.69 -3.91
C14 BCR TB . 22.96 5.00 -2.58
C15 BCR TB . 23.64 5.77 -1.65
C16 BCR TB . 23.24 6.20 -0.40
C17 BCR TB . 23.79 6.99 0.60
C18 BCR TB . 23.19 7.42 1.79
C19 BCR TB . 23.83 8.25 2.72
C20 BCR TB . 23.34 8.75 3.92
C21 BCR TB . 23.99 9.59 4.81
C22 BCR TB . 23.52 10.14 6.01
C23 BCR TB . 24.30 10.95 6.81
C24 BCR TB . 23.97 11.52 8.00
C25 BCR TB . 24.82 12.34 8.85
C26 BCR TB . 24.71 13.68 8.84
C27 BCR TB . 25.53 14.57 9.72
C28 BCR TB . 26.74 13.88 10.34
C29 BCR TB . 26.35 12.54 10.84
C30 BCR TB . 25.84 11.63 9.73
C35 BCR TB . 24.61 5.22 -4.43
C36 BCR TB . 21.80 6.97 2.09
C37 BCR TB . 22.12 9.82 6.40
C38 BCR TB . 23.73 14.45 7.99
C39 BCR TB . 25.21 10.39 10.38
C40 BCR TB . 27.05 11.18 8.89
C1 BCR UB . 8.41 -0.74 -10.80
C2 BCR UB . 7.11 -1.50 -11.06
C3 BCR UB . 6.49 -2.02 -9.83
C4 BCR UB . 6.11 -0.84 -8.93
C5 BCR UB . 7.17 0.22 -8.85
C6 BCR UB . 8.29 0.20 -9.61
C7 BCR UB . 9.40 1.07 -9.33
C8 BCR UB . 10.19 1.04 -8.22
C9 BCR UB . 11.30 1.83 -7.93
C10 BCR UB . 11.90 1.78 -6.67
C11 BCR UB . 13.00 2.47 -6.19
C33 BCR UB . 6.86 1.28 -7.83
C31 BCR UB . 8.77 0.06 -12.06
C32 BCR UB . 9.53 -1.75 -10.54
C34 BCR UB . 11.91 2.72 -8.94
C12 BCR UB . 13.54 2.34 -4.94
C13 BCR UB . 14.70 2.90 -4.40
C14 BCR UB . 15.15 2.61 -3.10
C15 BCR UB . 16.33 2.97 -2.48
C16 BCR UB . 16.83 2.57 -1.24
C17 BCR UB . 18.03 2.95 -0.70
C18 BCR UB . 18.60 2.58 0.53
C19 BCR UB . 19.83 3.05 0.99
C20 BCR UB . 20.51 2.75 2.15
C21 BCR UB . 21.63 3.40 2.62
C22 BCR UB . 22.39 3.17 3.78
C23 BCR UB . 23.37 4.06 4.19
C24 BCR UB . 24.25 3.95 5.22
C25 BCR UB . 25.14 4.98 5.71
C26 BCR UB . 26.20 5.38 4.98
C27 BCR UB . 27.06 6.55 5.39
C28 BCR UB . 26.97 6.87 6.87
C29 BCR UB . 25.56 6.89 7.30
C30 BCR UB . 24.85 5.55 7.09
C35 BCR UB . 15.49 3.86 -5.22
C36 BCR UB . 17.85 1.62 1.37
C37 BCR UB . 22.08 1.95 4.55
C38 BCR UB . 26.63 4.76 3.68
C39 BCR UB . 23.35 5.77 7.28
C40 BCR UB . 25.35 4.59 8.17
C1 BCR VB . -16.34 18.30 11.65
C2 BCR VB . -16.08 19.79 11.44
C3 BCR VB . -15.01 20.06 10.45
C4 BCR VB . -15.44 19.51 9.10
C5 BCR VB . -15.99 18.11 9.17
C6 BCR VB . -16.39 17.55 10.32
C7 BCR VB . -16.86 16.20 10.35
C8 BCR VB . -16.08 15.08 10.36
C9 BCR VB . -16.48 13.74 10.37
C10 BCR VB . -15.54 12.70 10.30
C11 BCR VB . -15.74 11.34 10.25
C33 BCR VB . -16.08 17.44 7.82
C31 BCR VB . -17.67 18.15 12.39
C32 BCR VB . -15.22 17.74 12.53
C34 BCR VB . -17.92 13.36 10.43
C12 BCR VB . -14.73 10.42 10.15
C13 BCR VB . -14.81 9.03 10.01
C14 BCR VB . -13.68 8.22 9.85
C15 BCR VB . -13.60 6.87 9.59
C16 BCR VB . -12.48 6.08 9.40
C17 BCR VB . -12.52 4.73 9.10
C18 BCR VB . -11.45 3.86 8.92
C19 BCR VB . -11.61 2.50 8.59
C20 BCR VB . -10.64 1.55 8.41
C21 BCR VB . -10.84 0.20 8.16
C22 BCR VB . -9.89 -0.81 8.04
C23 BCR VB . -10.24 -2.15 7.88
C24 BCR VB . -9.40 -3.21 7.77
C25 BCR VB . -9.77 -4.59 7.65
C26 BCR VB . -10.25 -5.08 6.48
C27 BCR VB . -10.82 -6.46 6.36
C28 BCR VB . -11.04 -7.16 7.69
C29 BCR VB . -9.86 -6.95 8.56
C30 BCR VB . -9.62 -5.47 8.88
C35 BCR VB . -16.15 8.38 10.03
C36 BCR VB . -10.07 4.38 9.09
C37 BCR VB . -8.46 -0.41 8.09
C38 BCR VB . -10.26 -4.32 5.19
C39 BCR VB . -8.20 -5.33 9.45
C40 BCR VB . -10.63 -5.05 9.96
C1 BCR WB . -14.19 -2.49 -0.19
C2 BCR WB . -15.03 -3.46 0.65
C3 BCR WB . -14.29 -4.66 1.06
C4 BCR WB . -13.08 -4.26 1.90
C5 BCR WB . -12.26 -3.18 1.26
C6 BCR WB . -12.76 -2.36 0.30
C7 BCR WB . -11.93 -1.37 -0.32
C8 BCR WB . -11.60 -0.16 0.21
C9 BCR WB . -10.88 0.88 -0.38
C10 BCR WB . -10.61 2.05 0.34
C11 BCR WB . -9.98 3.21 -0.07
C33 BCR WB . -10.86 -3.09 1.80
C31 BCR WB . -14.89 -1.12 -0.17
C32 BCR WB . -14.19 -2.99 -1.65
C34 BCR WB . -10.38 0.79 -1.76
C12 BCR WB . -9.82 4.32 0.73
C13 BCR WB . -9.22 5.56 0.42
C14 BCR WB . -9.20 6.63 1.33
C15 BCR WB . -8.68 7.90 1.14
C16 BCR WB . -8.67 8.98 2.00
C17 BCR WB . -8.20 10.28 1.91
C18 BCR WB . -8.29 11.32 2.86
C19 BCR WB . -7.85 12.63 2.63
C20 BCR WB . -8.00 13.73 3.45
C21 BCR WB . -7.65 15.05 3.25
C22 BCR WB . -8.03 16.15 4.04
C23 BCR WB . -7.72 17.48 3.74
C24 BCR WB . -6.82 18.01 2.86
C25 BCR WB . -6.76 19.37 2.40
C26 BCR WB . -6.89 20.41 3.24
C27 BCR WB . -7.37 21.76 2.78
C28 BCR WB . -7.67 21.81 1.29
C29 BCR WB . -6.59 21.09 0.55
C30 BCR WB . -6.53 19.61 0.92
C35 BCR WB . -8.60 5.73 -0.91
C36 BCR WB . -8.88 11.00 4.18
C37 BCR WB . -8.81 15.87 5.26
C38 BCR WB . -6.62 20.37 4.73
C39 BCR WB . -5.14 19.07 0.51
C40 BCR WB . -7.59 18.87 0.10
C1 BCR XB . -1.99 -7.53 -21.32
C2 BCR XB . -2.95 -6.38 -21.04
C3 BCR XB . -2.74 -5.22 -21.95
C4 BCR XB . -2.96 -5.66 -23.39
C5 BCR XB . -2.21 -6.92 -23.74
C6 BCR XB . -1.85 -7.81 -22.81
C7 BCR XB . -1.25 -9.07 -23.19
C8 BCR XB . -1.83 -10.09 -23.88
C9 BCR XB . -1.26 -11.32 -24.17
C10 BCR XB . -1.81 -12.22 -25.10
C11 BCR XB . -2.89 -12.05 -25.94
C33 BCR XB . -1.96 -7.05 -25.22
C31 BCR XB . -2.52 -8.78 -20.59
C32 BCR XB . -0.63 -7.17 -20.72
C34 BCR XB . -0.01 -11.73 -23.48
C12 BCR XB . -3.35 -12.94 -26.89
C13 BCR XB . -4.44 -12.80 -27.76
C14 BCR XB . -4.79 -13.79 -28.69
C15 BCR XB . -5.86 -13.80 -29.57
C16 BCR XB . -6.24 -14.76 -30.51
C17 BCR XB . -7.24 -14.98 -31.44
C18 BCR XB . -7.36 -16.07 -32.32
C19 BCR XB . -6.47 -17.14 -32.36
C20 BCR XB . -6.42 -18.18 -33.26
C21 BCR XB . -5.58 -19.27 -33.26
C22 BCR XB . -5.48 -20.30 -34.20
C23 BCR XB . -4.58 -21.35 -34.04
C24 BCR XB . -4.19 -22.26 -34.97
C25 BCR XB . -3.40 -23.44 -34.75
C26 BCR XB . -2.10 -23.36 -34.39
C27 BCR XB . -1.24 -24.57 -34.20
C28 BCR XB . -1.82 -25.83 -34.86
C29 BCR XB . -3.25 -25.95 -34.49
C30 BCR XB . -4.10 -24.77 -34.96
C35 BCR XB . -5.26 -11.57 -27.69
C36 BCR XB . -8.51 -16.09 -33.25
C37 BCR XB . -6.39 -20.24 -35.37
C38 BCR XB . -1.36 -22.07 -34.13
C39 BCR XB . -5.42 -24.81 -34.18
C40 BCR XB . -4.41 -24.97 -36.45
FE1 SF4 YB . -27.07 -23.10 -9.16
FE2 SF4 YB . -25.66 -24.95 -7.75
FE3 SF4 YB . -25.44 -24.86 -10.47
FE4 SF4 YB . -27.76 -25.74 -9.32
S1 SF4 YB . -25.71 -26.71 -9.20
S2 SF4 YB . -27.57 -24.27 -11.05
S3 SF4 YB . -27.85 -24.41 -7.48
S4 SF4 YB . -24.80 -23.25 -8.99
MG CLA ZB . -18.43 -15.41 -32.79
CHA CLA ZB . -17.13 -12.18 -32.80
CHB CLA ZB . -16.09 -16.34 -35.03
CHC CLA ZB . -19.64 -18.60 -32.59
CHD CLA ZB . -20.96 -14.31 -30.58
NA CLA ZB . -16.90 -14.39 -33.78
C1A CLA ZB . -16.52 -13.05 -33.66
C2A CLA ZB . -15.37 -12.72 -34.62
C3A CLA ZB . -15.24 -14.01 -35.47
C4A CLA ZB . -16.12 -15.00 -34.73
CMA CLA ZB . -15.74 -13.79 -36.87
CAA CLA ZB . -14.08 -12.42 -33.87
CBA CLA ZB . -13.07 -11.71 -34.75
CGA CLA ZB . -12.00 -12.66 -35.18
O1A CLA ZB . -11.96 -13.89 -35.04
O2A CLA ZB . -10.96 -12.05 -35.81
NB CLA ZB . -18.03 -17.12 -33.74
C1B CLA ZB . -16.86 -17.34 -34.41
C2B CLA ZB . -16.51 -18.78 -34.40
C3B CLA ZB . -17.51 -19.42 -33.71
C4B CLA ZB . -18.50 -18.39 -33.30
CMB CLA ZB . -15.30 -19.28 -35.06
CAB CLA ZB . -17.71 -20.81 -33.39
CBB CLA ZB . -17.14 -21.86 -34.00
NC CLA ZB . -20.05 -16.29 -31.80
C1C CLA ZB . -20.38 -17.61 -31.89
C2C CLA ZB . -21.58 -17.86 -31.11
C3C CLA ZB . -21.94 -16.65 -30.51
C4C CLA ZB . -20.98 -15.66 -30.96
CMC CLA ZB . -22.24 -19.16 -30.98
CAC CLA ZB . -23.10 -16.39 -29.66
CBC CLA ZB . -24.26 -15.76 -30.39
ND CLA ZB . -18.94 -13.70 -31.83
C1D CLA ZB . -20.02 -13.38 -30.96
C2D CLA ZB . -19.88 -11.97 -30.53
C3D CLA ZB . -18.75 -11.49 -31.14
C4D CLA ZB . -18.23 -12.59 -31.99
CMD CLA ZB . -20.77 -11.31 -29.58
CAD CLA ZB . -17.84 -10.36 -31.33
OBD CLA ZB . -17.78 -9.31 -30.71
CBD CLA ZB . -16.85 -10.72 -32.47
CGD CLA ZB . -17.01 -9.78 -33.62
O1D CLA ZB . -17.82 -9.81 -34.55
O2D CLA ZB . -16.13 -8.74 -33.58
CED CLA ZB . -16.54 -7.51 -34.18
C1 CLA ZB . -9.95 -12.90 -36.38
C2 CLA ZB . -8.95 -13.15 -35.34
C3 CLA ZB . -7.63 -13.00 -35.54
C4 CLA ZB . -6.62 -13.25 -34.49
C5 CLA ZB . -7.12 -12.56 -36.87
C6 CLA ZB . -5.79 -11.85 -36.74
C7 CLA ZB . -4.68 -12.70 -37.33
C9 CLA ZB . 0.73 -16.22 -27.22
C1B LMU AC . 22.89 -12.85 -37.99
C2B LMU AC . 22.19 -12.15 -39.14
C3B LMU AC . 22.17 -13.03 -40.38
C4B LMU AC . 21.67 -14.43 -40.05
C5B LMU AC . 22.43 -15.00 -38.85
C6B LMU AC . 23.06 -16.33 -39.22
O1B LMU AC . 21.96 -13.12 -36.94
O2B LMU AC . 20.85 -11.81 -38.75
O3B LMU AC . 23.48 -13.11 -40.94
O4' LMU AC . 20.28 -14.38 -39.75
O5B LMU AC . 23.44 -14.08 -38.44
O6B LMU AC . 23.95 -16.16 -40.33
C1' LMU AC . 21.40 -12.87 -32.91
C2' LMU AC . 20.69 -12.06 -34.00
C3' LMU AC . 21.65 -11.60 -35.08
C4' LMU AC . 22.48 -12.74 -35.67
C5' LMU AC . 22.52 -13.94 -34.73
C6' LMU AC . 23.70 -14.85 -35.02
O1' LMU AC . 20.54 -13.92 -32.47
O2' LMU AC . 19.62 -12.81 -34.57
O3' LMU AC . 22.52 -10.59 -34.56
O5' LMU AC . 22.62 -13.45 -33.40
O6' LMU AC . 24.92 -14.22 -34.63
C1 LMU AC . 21.17 -14.68 -31.44
C2 LMU AC . 20.29 -15.85 -31.04
C3 LMU AC . 19.08 -15.36 -30.24
C4 LMU AC . 19.50 -14.92 -28.85
C5 LMU AC . 18.27 -14.54 -28.02
C6 LMU AC . 18.62 -14.42 -26.55
C7 LMU AC . 17.36 -14.20 -25.72
C8 LMU AC . 17.68 -14.12 -24.23
C9 LMU AC . 16.43 -13.89 -23.41
C10 LMU AC . 16.79 -13.76 -21.94
C11 LMU AC . 15.54 -13.64 -21.07
C12 LMU AC . 15.92 -13.61 -19.60
C1 BCR BC . 24.80 16.51 2.78
C2 BCR BC . 26.08 16.35 1.94
C3 BCR BC . 26.89 15.21 2.39
C4 BCR BC . 26.11 13.91 2.24
C5 BCR BC . 24.68 14.00 2.69
C6 BCR BC . 24.08 15.18 2.96
C7 BCR BC . 22.72 15.23 3.46
C8 BCR BC . 22.27 14.78 4.66
C9 BCR BC . 20.98 14.86 5.17
C10 BCR BC . 20.59 14.13 6.31
C11 BCR BC . 19.37 14.09 6.94
C33 BCR BC . 24.01 12.66 2.75
C31 BCR BC . 23.87 17.51 2.05
C32 BCR BC . 25.18 17.10 4.14
C34 BCR BC . 19.97 15.74 4.55
C12 BCR BC . 19.09 13.39 8.10
C13 BCR BC . 17.94 13.42 8.90
C14 BCR BC . 17.83 12.73 10.12
C15 BCR BC . 16.85 12.82 11.07
C16 BCR BC . 16.75 12.20 12.31
C17 BCR BC . 15.75 12.54 13.18
C18 BCR BC . 15.54 12.08 14.49
C19 BCR BC . 14.52 12.55 15.34
C20 BCR BC . 14.18 12.10 16.59
C21 BCR BC . 13.27 12.64 17.48
C22 BCR BC . 12.83 12.10 18.70
C23 BCR BC . 11.99 12.79 19.58
C24 BCR BC . 11.37 12.22 20.64
C25 BCR BC . 10.52 12.87 21.61
C26 BCR BC . 9.34 13.43 21.26
C27 BCR BC . 8.45 14.12 22.24
C28 BCR BC . 9.14 14.44 23.58
C29 BCR BC . 9.90 13.25 24.03
C30 BCR BC . 11.01 12.86 23.06
C35 BCR BC . 16.78 14.23 8.44
C36 BCR BC . 16.45 11.06 15.02
C37 BCR BC . 13.29 10.74 19.04
C38 BCR BC . 8.77 13.41 19.87
C39 BCR BC . 11.49 11.45 23.45
C40 BCR BC . 12.17 13.84 23.23
O1 LHG CC . 23.74 -43.32 0.02
C1 LHG CC . 22.58 -43.99 0.52
C2 LHG CC . 21.35 -43.09 0.40
O2 LHG CC . 20.21 -43.78 0.92
C3 LHG CC . 21.06 -42.65 -1.01
O3 LHG CC . 22.22 -41.95 -1.54
P LHG CC . 22.22 -41.44 -3.06
O4 LHG CC . 23.60 -40.93 -3.37
O5 LHG CC . 21.59 -42.50 -3.92
O6 LHG CC . 21.24 -40.17 -3.03
C4 LHG CC . 21.42 -39.14 -2.01
C5 LHG CC . 20.55 -37.96 -2.35
C6 LHG CC . 20.60 -36.83 -1.34
O7 LHG CC . 20.83 -37.43 -3.68
C7 LHG CC . 22.04 -36.90 -3.95
O9 LHG CC . 23.01 -36.98 -3.23
C8 LHG CC . 22.03 -36.12 -5.23
C9 LHG CC . 22.58 -34.74 -5.09
C10 LHG CC . 22.43 -33.92 -6.36
O8 LHG CC . 19.78 -35.75 -1.82
C23 LHG CC . 20.38 -34.63 -2.20
O10 LHG CC . 19.89 -33.84 -2.95
C24 LHG CC . 21.72 -34.46 -1.53
C11 LHG CC . 21.00 -33.76 -6.83
C12 LHG CC . 20.85 -32.85 -8.02
C13 LHG CC . 21.67 -33.24 -9.21
C14 LHG CC . 21.56 -32.28 -10.37
C15 LHG CC . 21.76 -30.84 -10.00
C16 LHG CC . 21.95 -29.91 -11.16
C17 LHG CC . 20.84 -29.96 -12.19
C18 LHG CC . 21.12 -29.12 -13.42
C19 LHG CC . 22.40 -29.49 -14.13
C20 LHG CC . 22.75 -28.59 -15.28
C21 LHG CC . 24.07 -28.92 -15.94
C22 LHG CC . 24.43 -27.99 -17.07
C25 LHG CC . 22.44 -33.22 -1.98
C26 LHG CC . 21.91 -31.96 -1.32
C27 LHG CC . 22.12 -30.71 -2.14
C28 LHG CC . 21.29 -30.67 -3.40
C29 LHG CC . 21.63 -29.53 -4.33
C30 LHG CC . 22.95 -29.67 -5.03
C31 LHG CC . 23.36 -28.44 -5.81
C32 LHG CC . 22.32 -27.92 -6.76
C33 LHG CC . 22.74 -26.69 -7.52
C34 LHG CC . 21.66 -26.10 -8.38
C35 LHG CC . 22.10 -24.89 -9.18
C36 LHG CC . 22.70 -23.78 -8.33
C37 LHG CC . 23.14 -22.58 -9.12
C38 LHG CC . 24.18 -22.89 -10.17
C1B LMU DC . 41.14 20.41 -6.42
C2B LMU DC . 41.83 20.13 -7.75
C3B LMU DC . 42.78 18.95 -7.64
C4B LMU DC . 43.71 19.13 -6.44
C5B LMU DC . 42.90 19.43 -5.18
C6B LMU DC . 43.82 19.64 -3.98
O1B LMU DC . 40.30 19.31 -6.07
O2B LMU DC . 40.85 19.87 -8.76
O3B LMU DC . 43.55 18.83 -8.83
O4' LMU DC . 44.47 17.93 -6.24
O5B LMU DC . 42.11 20.60 -5.39
O6B LMU DC . 43.03 19.71 -2.78
C1' LMU DC . 36.40 18.99 -4.66
C2' LMU DC . 36.57 19.70 -6.00
C3' LMU DC . 37.95 19.49 -6.57
C4' LMU DC . 39.04 19.74 -5.54
C5' LMU DC . 38.73 18.97 -4.26
C6' LMU DC . 39.78 19.24 -3.19
O1' LMU DC . 36.42 17.58 -4.83
O2' LMU DC . 35.59 19.20 -6.92
O3' LMU DC . 38.14 20.39 -7.67
O5' LMU DC . 37.45 19.38 -3.77
O6' LMU DC . 39.40 18.55 -1.99
C1 LMU DC . 35.70 16.92 -3.78
C2 LMU DC . 36.27 15.52 -3.56
C3 LMU DC . 35.19 14.53 -3.20
C4 LMU DC . 34.70 13.81 -4.45
C5 LMU DC . 35.06 12.33 -4.43
C6 LMU DC . 34.16 11.57 -3.47
C7 LMU DC . 34.34 10.07 -3.63
C8 LMU DC . 33.29 9.31 -2.83
C9 LMU DC . 31.88 9.62 -3.35
C10 LMU DC . 30.82 9.10 -2.38
C11 LMU DC . 30.94 9.78 -1.02
C12 LMU DC . 29.85 9.30 -0.09
MG CLA EC . -22.46 -3.14 -32.45
CHA CLA EC . -24.27 -5.49 -34.23
CHB CLA EC . -22.58 -5.20 -29.77
CHC CLA EC . -20.10 -1.16 -30.99
CHD CLA EC . -22.04 -1.26 -35.61
NA CLA EC . -23.22 -5.03 -32.07
C1A CLA EC . -24.04 -5.73 -32.77
C2A CLA EC . -24.72 -6.89 -32.06
C3A CLA EC . -24.18 -6.72 -30.67
C4A CLA EC . -23.26 -5.58 -30.86
CMA CLA EC . -25.35 -6.14 -29.88
CAA CLA EC . -24.17 -8.24 -32.53
CBA CLA EC . -24.52 -9.34 -31.54
CGA CLA EC . -23.90 -10.67 -31.89
O1A CLA EC . -23.81 -11.55 -31.07
O2A CLA EC . -23.38 -10.92 -33.24
NB CLA EC . -21.54 -3.15 -30.62
C1B CLA EC . -21.61 -4.12 -29.70
C2B CLA EC . -20.57 -4.04 -28.62
C3B CLA EC . -19.84 -2.83 -29.00
C4B CLA EC . -20.53 -2.36 -30.24
CMB CLA EC . -20.33 -4.94 -27.44
CAB CLA EC . -18.69 -2.21 -28.29
CBB CLA EC . -18.76 -0.97 -27.84
NC CLA EC . -21.32 -1.57 -33.17
C1C CLA EC . -20.42 -0.89 -32.41
C2C CLA EC . -19.72 0.21 -33.11
C3C CLA EC . -20.31 0.17 -34.47
C4C CLA EC . -21.27 -0.96 -34.38
CMC CLA EC . -18.66 1.16 -32.59
CAC CLA EC . -20.01 1.04 -35.66
CBC CLA EC . -21.04 2.14 -35.62
ND CLA EC . -22.96 -3.26 -34.43
C1D CLA EC . -22.78 -2.52 -35.65
C2D CLA EC . -23.40 -3.12 -36.86
C3D CLA EC . -23.99 -4.34 -36.26
C4D CLA EC . -23.66 -4.36 -34.92
CMD CLA EC . -23.48 -2.74 -38.32
CAD CLA EC . -24.78 -5.57 -36.55
OBD CLA EC . -25.23 -5.93 -37.69
CBD CLA EC . -24.90 -6.33 -35.28
CGD CLA EC . -26.24 -6.91 -35.04
O1D CLA EC . -27.22 -6.23 -34.78
O2D CLA EC . -26.38 -8.36 -35.11
CED CLA EC . -27.55 -8.99 -34.62
C1 CLA EC . -22.67 -12.13 -33.49
C2 CLA EC . -21.36 -11.86 -34.18
C3 CLA EC . -21.28 -11.94 -35.53
C4 CLA EC . -22.50 -12.29 -36.34
C5 CLA EC . -19.98 -11.67 -36.25
C6 CLA EC . -19.42 -10.26 -36.04
C7 CLA EC . -18.89 -9.67 -37.35
C8 CLA EC . -18.18 -10.70 -38.22
C9 CLA EC . -16.72 -10.33 -38.41
C10 CLA EC . -18.89 -10.81 -39.57
C11 CLA EC . -19.18 -12.25 -39.97
C12 CLA EC . -18.04 -12.85 -40.79
C13 CLA EC . -18.39 -14.22 -41.36
C14 CLA EC . -19.65 -14.16 -42.21
C15 CLA EC . -18.51 -15.26 -40.24
C16 CLA EC . -17.15 -15.85 -39.85
C17 CLA EC . -17.30 -17.28 -39.34
C18 CLA EC . -15.96 -18.00 -39.25
C19 CLA EC . -16.12 -19.40 -38.68
C20 CLA EC . -14.94 -17.22 -38.44
MG CLA FC . -26.54 -4.70 -14.14
CHA CLA FC . -26.99 -3.72 -10.84
CHB CLA FC . -28.69 -2.28 -15.15
CHC CLA FC . -25.63 -5.35 -17.37
CHD CLA FC . -24.43 -7.29 -13.02
NA CLA FC . -27.70 -3.29 -13.13
C1A CLA FC . -27.71 -3.01 -11.76
C2A CLA FC . -28.70 -1.89 -11.46
C3A CLA FC . -29.47 -1.74 -12.79
C4A CLA FC . -28.55 -2.46 -13.78
CMA CLA FC . -30.83 -2.38 -12.71
CAA CLA FC . -27.89 -0.64 -11.16
CBA CLA FC . -28.58 0.30 -10.20
CGA CLA FC . -29.79 0.91 -10.85
O1A CLA FC . -30.95 0.86 -10.49
O2A CLA FC . -29.48 1.59 -11.99
NB CLA FC . -27.11 -3.99 -15.94
C1B CLA FC . -27.89 -2.90 -16.13
C2B CLA FC . -27.78 -2.44 -17.54
C3B CLA FC . -26.92 -3.30 -18.18
C4B CLA FC . -26.48 -4.31 -17.16
CMB CLA FC . -28.52 -1.29 -18.05
CAB CLA FC . -26.44 -3.29 -19.55
CBB CLA FC . -25.34 -2.63 -19.97
NC CLA FC . -25.32 -6.13 -15.03
C1C CLA FC . -25.10 -6.21 -16.38
C2C CLA FC . -24.19 -7.31 -16.65
C3C CLA FC . -23.84 -7.86 -15.42
C4C CLA FC . -24.55 -7.11 -14.40
CMC CLA FC . -23.74 -7.70 -17.98
CAC CLA FC . -22.94 -9.01 -15.20
CBC CLA FC . -21.62 -8.62 -14.60
ND CLA FC . -25.92 -5.45 -12.37
C1D CLA FC . -25.03 -6.52 -12.06
C2D CLA FC . -24.88 -6.61 -10.59
C3D CLA FC . -25.56 -5.51 -10.08
C4D CLA FC . -26.19 -4.83 -11.23
CMD CLA FC . -24.08 -7.61 -9.91
CAD CLA FC . -25.99 -4.82 -8.88
OBD CLA FC . -25.75 -5.08 -7.70
CBD CLA FC . -26.85 -3.59 -9.33
CGD CLA FC . -28.13 -3.48 -8.57
O1D CLA FC . -28.90 -4.36 -8.21
O2D CLA FC . -28.45 -2.19 -8.23
CED CLA FC . -28.63 -1.91 -6.84
C1 CLA FC . -30.40 2.65 -12.30
C2 CLA FC . -30.38 2.86 -13.77
C3 CLA FC . -31.01 2.07 -14.64
C4 CLA FC . -31.81 0.89 -14.23
C5 CLA FC . -30.96 2.36 -16.10
C6 CLA FC . -31.54 3.73 -16.40
C7 CLA FC . -33.04 3.66 -16.49
C8 CLA FC . -33.50 3.53 -17.94
C9 CLA FC . -33.02 4.72 -18.74
C10 CLA FC . -35.01 3.40 -18.06
C11 CLA FC . -35.75 4.11 -16.96
C12 CLA FC . -37.05 4.73 -17.45
C13 CLA FC . -37.96 3.71 -18.11
C14 CLA FC . -38.23 4.12 -19.54
C15 CLA FC . -39.26 3.54 -17.32
C16 CLA FC . -40.49 3.38 -18.19
C17 CLA FC . -40.85 1.94 -18.43
C18 CLA FC . -42.19 1.81 -19.15
C19 CLA FC . -42.12 2.44 -20.52
C20 CLA FC . -42.58 0.36 -19.27
MG CLA GC . -53.72 -17.23 -23.22
CHA CLA GC . -55.46 -18.57 -20.53
CHB CLA GC . -55.79 -18.86 -25.37
CHC CLA GC . -52.21 -15.58 -25.82
CHD CLA GC . -51.66 -15.50 -20.92
NA CLA GC . -55.32 -18.55 -22.96
C1A CLA GC . -55.91 -18.97 -21.76
C2A CLA GC . -57.07 -19.93 -22.04
C3A CLA GC . -57.01 -20.14 -23.57
C4A CLA GC . -55.97 -19.11 -24.03
CMA CLA GC . -56.61 -21.54 -23.92
CAA CLA GC . -58.39 -19.32 -21.63
CBA CLA GC . -58.65 -18.00 -22.32
CGA CLA GC . -58.81 -16.92 -21.30
O1A CLA GC . -59.00 -17.05 -20.09
O2A CLA GC . -58.72 -15.67 -21.82
NB CLA GC . -53.94 -17.24 -25.22
C1B CLA GC . -54.87 -17.95 -25.91
C2B CLA GC . -54.78 -17.62 -27.36
C3B CLA GC . -53.77 -16.70 -27.49
C4B CLA GC . -53.22 -16.43 -26.13
CMB CLA GC . -55.66 -18.23 -28.35
CAB CLA GC . -53.26 -16.05 -28.67
CBB CLA GC . -52.96 -16.67 -29.82
NC CLA GC . -52.17 -15.85 -23.35
C1C CLA GC . -51.70 -15.31 -24.52
C2C CLA GC . -50.63 -14.37 -24.22
C3C CLA GC . -50.48 -14.34 -22.84
C4C CLA GC . -51.45 -15.26 -22.29
CMC CLA GC . -49.88 -13.60 -25.22
CAC CLA GC . -49.52 -13.52 -22.07
CBC CLA GC . -48.17 -14.18 -21.96
ND CLA GC . -53.48 -17.12 -21.21
C1D CLA GC . -52.61 -16.34 -20.40
C2D CLA GC . -52.91 -16.61 -18.98
C3D CLA GC . -54.00 -17.44 -18.97
C4D CLA GC . -54.33 -17.73 -20.38
CMD CLA GC . -52.19 -16.02 -17.85
CAD CLA GC . -54.94 -18.20 -18.16
OBD CLA GC . -54.98 -18.33 -16.94
CBD CLA GC . -55.94 -18.89 -19.13
CGD CLA GC . -56.06 -20.37 -18.88
O1D CLA GC . -55.31 -21.26 -19.26
O2D CLA GC . -57.14 -20.70 -18.13
CED CLA GC . -57.79 -21.93 -18.44
C1 CLA GC . -59.96 -15.00 -22.11
C2 CLA GC . -60.50 -14.49 -20.83
C3 CLA GC . -61.47 -13.55 -20.76
C4 CLA GC . -62.06 -12.95 -21.96
C5 CLA GC . -61.96 -13.08 -19.43
C6 CLA GC . -63.32 -13.67 -19.08
C7 CLA GC . -63.16 -14.91 -18.21
C8 CLA GC . -63.77 -14.74 -16.82
C9 CLA GC . -65.17 -14.16 -16.90
C10 CLA GC . -62.89 -13.86 -15.93
MG CLA HC . -51.47 -25.65 -31.55
CHA CLA HC . -50.85 -26.45 -34.87
CHB CLA HC . -52.01 -22.41 -32.42
CHC CLA HC . -51.94 -24.89 -28.23
CHD CLA HC . -50.71 -29.00 -30.67
NA CLA HC . -51.47 -24.63 -33.36
C1A CLA HC . -51.18 -25.14 -34.64
C2A CLA HC . -51.30 -24.05 -35.69
C3A CLA HC . -51.59 -22.77 -34.87
C4A CLA HC . -51.72 -23.29 -33.44
CMA CLA HC . -50.45 -21.79 -34.98
CAA CLA HC . -52.46 -24.34 -36.61
CBA CLA HC . -53.34 -23.13 -36.84
CGA CLA HC . -52.88 -22.40 -38.07
O1A CLA HC . -53.56 -22.00 -39.02
O2A CLA HC . -51.55 -22.16 -38.10
NB CLA HC . -51.94 -23.98 -30.52
C1B CLA HC . -52.12 -22.75 -31.06
C2B CLA HC . -52.44 -21.77 -29.98
C3B CLA HC . -52.42 -22.46 -28.80
C4B CLA HC . -52.09 -23.88 -29.12
CMB CLA HC . -52.67 -20.35 -30.23
CAB CLA HC . -52.62 -21.94 -27.47
CBB CLA HC . -53.37 -22.48 -26.52
NC CLA HC . -51.36 -26.76 -29.78
C1C CLA HC . -51.58 -26.24 -28.54
C2C CLA HC . -51.40 -27.28 -27.54
C3C CLA HC . -51.05 -28.45 -28.22
C4C CLA HC . -51.03 -28.11 -29.64
CMC CLA HC . -51.56 -27.09 -26.09
CAC CLA HC . -50.75 -29.78 -27.65
CBC CLA HC . -49.28 -30.10 -27.64
ND CLA HC . -50.93 -27.36 -32.49
C1D CLA HC . -50.65 -28.68 -32.01
C2D CLA HC . -50.31 -29.54 -33.15
C3D CLA HC . -50.35 -28.73 -34.26
C4D CLA HC . -50.74 -27.39 -33.80
CMD CLA HC . -49.98 -30.95 -33.04
CAD CLA HC . -50.17 -28.66 -35.71
OBD CLA HC . -49.84 -29.54 -36.50
CBD CLA HC . -50.49 -27.19 -36.13
CGD CLA HC . -49.33 -26.56 -36.84
O1D CLA HC . -49.32 -26.06 -37.98
O2D CLA HC . -48.17 -26.56 -36.14
CED CLA HC . -47.01 -26.02 -36.78
C1 CLA HC . -50.98 -21.89 -39.40
C2 CLA HC . -50.21 -23.10 -39.79
C3 CLA HC . -49.93 -23.40 -41.06
C4 CLA HC . -50.36 -22.55 -42.19
C5 CLA HC . -49.14 -24.63 -41.39
C6 CLA HC . -50.00 -25.74 -41.96
C7 CLA HC . -50.81 -26.40 -40.85
C8 CLA HC . -51.55 -27.66 -41.31
C9 CLA HC . -51.91 -27.58 -42.77
C10 CLA HC . -52.79 -27.87 -40.47
C11 CLA HC . -52.63 -28.99 -39.47
C12 CLA HC . -53.45 -28.76 -38.23
C13 CLA HC . -53.59 -30.03 -37.42
C14 CLA HC . -54.78 -30.84 -37.88
C15 CLA HC . -53.68 -29.75 -35.92
C16 CLA HC . -53.50 -31.01 -35.12
C17 CLA HC . -53.93 -30.84 -33.67
C18 CLA HC . -55.20 -31.61 -33.38
C19 CLA HC . -55.98 -30.97 -32.25
C20 CLA HC . -54.88 -33.04 -33.01
MG CLA IC . -48.66 -17.34 -33.83
CHA CLA IC . -49.00 -17.35 -30.38
CHB CLA IC . -47.25 -20.42 -33.71
CHC CLA IC . -48.44 -17.30 -37.26
CHD CLA IC . -50.07 -14.09 -33.91
NA CLA IC . -48.21 -18.65 -32.28
C1A CLA IC . -48.45 -18.49 -30.91
C2A CLA IC . -47.95 -19.70 -30.12
C3A CLA IC . -47.28 -20.58 -31.20
C4A CLA IC . -47.61 -19.86 -32.50
CMA CLA IC . -45.80 -20.64 -30.98
CAA CLA IC . -49.12 -20.43 -29.49
CBA CLA IC . -48.65 -21.68 -28.77
CGA CLA IC . -48.01 -21.31 -27.47
O1A CLA IC . -48.52 -21.26 -26.35
O2A CLA IC . -46.69 -21.02 -27.58
NB CLA IC . -48.03 -18.64 -35.22
C1B CLA IC . -47.46 -19.85 -34.98
C2B CLA IC . -47.05 -20.47 -36.26
C3B CLA IC . -47.38 -19.60 -37.27
C4B CLA IC . -48.00 -18.40 -36.61
CMB CLA IC . -46.39 -21.78 -36.31
CAB CLA IC . -47.19 -19.67 -38.69
CBB CLA IC . -47.40 -20.75 -39.44
NC CLA IC . -49.16 -15.93 -35.30
C1C CLA IC . -48.97 -16.12 -36.65
C2C CLA IC . -49.42 -14.96 -37.38
C3C CLA IC . -49.89 -14.05 -36.43
C4C CLA IC . -49.72 -14.68 -35.13
CMC CLA IC . -49.36 -14.81 -38.83
CAC CLA IC . -50.43 -12.70 -36.67
CBC CLA IC . -49.36 -11.66 -36.56
ND CLA IC . -49.32 -15.97 -32.51
C1D CLA IC . -49.90 -14.68 -32.67
C2D CLA IC . -50.25 -14.13 -31.35
C3D CLA IC . -49.92 -15.12 -30.43
C4D CLA IC . -49.37 -16.24 -31.20
CMD CLA IC . -50.84 -12.82 -31.12
CAD CLA IC . -49.88 -15.50 -29.04
OBD CLA IC . -50.18 -14.84 -28.05
CBD CLA IC . -49.35 -16.95 -28.96
CGD CLA IC . -48.19 -17.08 -28.01
O1D CLA IC . -47.00 -16.90 -28.23
O2D CLA IC . -48.56 -17.45 -26.75
CED CLA IC . -47.67 -17.13 -25.67
C1 CLA IC . -45.88 -21.17 -26.40
C2 CLA IC . -44.88 -20.07 -26.41
C3 CLA IC . -43.79 -20.08 -27.19
C4 CLA IC . -43.50 -21.22 -28.10
C5 CLA IC . -42.81 -18.97 -27.17
C6 CLA IC . -42.98 -18.00 -28.32
C7 CLA IC . -41.94 -18.24 -29.40
C8 CLA IC . -41.37 -16.97 -30.01
C9 CLA IC . -42.37 -15.82 -29.93
C10 CLA IC . -40.95 -17.17 -31.46
C11 CLA IC . -41.78 -18.24 -32.15
C12 CLA IC . -41.75 -18.10 -33.65
C13 CLA IC . -43.14 -18.26 -34.24
C14 CLA IC . -43.10 -19.11 -35.48
C15 CLA IC . -43.76 -16.91 -34.54
C16 CLA IC . -45.07 -16.73 -33.80
C17 CLA IC . -45.72 -15.42 -34.15
C18 CLA IC . -45.44 -14.34 -33.13
C19 CLA IC . -45.67 -14.84 -31.72
C20 CLA IC . -46.27 -13.12 -33.40
MG CLA JC . -55.82 0.20 -36.39
CHA CLA JC . -55.14 3.44 -35.36
CHB CLA JC . -52.67 -0.73 -35.53
CHC CLA JC . -56.62 -3.03 -37.18
CHD CLA JC . -59.11 1.21 -37.23
NA CLA JC . -54.18 1.22 -35.60
C1A CLA JC . -54.10 2.57 -35.23
C2A CLA JC . -52.71 2.90 -34.70
C3A CLA JC . -51.90 1.62 -34.97
C4A CLA JC . -52.97 0.61 -35.39
CMA CLA JC . -50.88 1.82 -36.04
CAA CLA JC . -52.77 3.22 -33.22
CBA CLA JC . -53.44 2.14 -32.40
CGA CLA JC . -54.88 2.46 -32.14
O1A CLA JC . -55.39 3.56 -31.89
O2A CLA JC . -55.69 1.36 -32.21
NB CLA JC . -54.80 -1.53 -36.47
C1B CLA JC . -53.57 -1.73 -35.92
C2B CLA JC . -53.30 -3.19 -35.78
C3B CLA JC . -54.41 -3.85 -36.24
C4B CLA JC . -55.38 -2.80 -36.67
CMB CLA JC . -52.04 -3.68 -35.21
CAB CLA JC . -54.75 -5.25 -36.33
CBB CLA JC . -54.09 -6.27 -35.78
NC CLA JC . -57.53 -0.73 -37.12
C1C CLA JC . -57.63 -2.06 -37.40
C2C CLA JC . -58.95 -2.37 -37.93
C3C CLA JC . -59.67 -1.18 -37.91
C4C CLA JC . -58.77 -0.15 -37.41
CMC CLA JC . -59.39 -3.69 -38.35
CAC CLA JC . -61.06 -0.97 -38.35
CBC CLA JC . -62.03 -0.83 -37.20
ND CLA JC . -56.94 1.87 -36.29
C1D CLA JC . -58.27 2.16 -36.70
C2D CLA JC . -58.55 3.59 -36.47
C3D CLA JC . -57.40 4.12 -35.92
C4D CLA JC . -56.42 3.02 -35.86
CMD CLA JC . -59.82 4.23 -36.75
CAD CLA JC . -56.74 5.30 -35.39
OBD CLA JC . -57.21 6.41 -35.19
CBD CLA JC . -55.26 4.91 -35.10
CGD CLA JC . -54.33 5.67 -36.01
O1D CLA JC . -54.44 5.85 -37.22
O2D CLA JC . -53.23 6.19 -35.40
CED CLA JC . -52.36 6.97 -36.20
C1 CLA JC . -57.09 1.60 -32.35
C2 CLA JC . -57.70 0.29 -32.73
C3 CLA JC . -58.97 0.15 -33.13
C4 CLA JC . -59.89 1.31 -33.21
C5 CLA JC . -59.53 -1.17 -33.50
C6 CLA JC . -58.45 -2.23 -33.67
C7 CLA JC . -59.07 -3.55 -34.07
C8 CLA JC . -58.74 -4.69 -33.11
C9 CLA JC . -58.65 -4.19 -31.69
C10 CLA JC . -57.45 -5.40 -33.49
C11 CLA JC . -57.28 -6.68 -32.70
C12 CLA JC . -55.98 -6.69 -31.93
C13 CLA JC . -55.52 -8.09 -31.54
C14 CLA JC . -55.89 -9.11 -32.60
C15 CLA JC . -56.09 -8.50 -30.18
C16 CLA JC . -55.12 -9.40 -29.44
C17 CLA JC . -53.89 -8.64 -28.99
C18 CLA JC . -52.80 -9.58 -28.48
MG CLA KC . -45.88 -0.03 -37.74
CHA CLA KC . -46.51 -1.95 -40.54
CHB CLA KC . -48.78 -1.10 -36.36
CHC CLA KC . -45.00 1.53 -34.82
CHD CLA KC . -42.76 0.91 -39.15
NA CLA KC . -47.42 -1.26 -38.41
C1A CLA KC . -47.49 -1.98 -39.59
C2A CLA KC . -48.79 -2.79 -39.65
C3A CLA KC . -49.61 -2.22 -38.47
C4A CLA KC . -48.55 -1.48 -37.66
CMA CLA KC . -50.72 -1.32 -38.94
CAA CLA KC . -48.59 -4.27 -39.38
CBA CLA KC . -47.16 -4.77 -39.21
CGA CLA KC . -46.57 -4.46 -37.87
O1A CLA KC . -46.84 -4.95 -36.78
O2A CLA KC . -45.60 -3.48 -37.93
NB CLA KC . -46.75 0.23 -35.95
C1B CLA KC . -47.89 -0.39 -35.54
C2B CLA KC . -48.08 -0.19 -34.08
C3B CLA KC . -47.02 0.55 -33.64
C4B CLA KC . -46.16 0.84 -34.83
CMB CLA KC . -49.22 -0.73 -33.35
CAB CLA KC . -46.72 1.03 -32.31
CBB CLA KC . -45.61 0.79 -31.63
NC CLA KC . -44.23 1.10 -37.14
C1C CLA KC . -44.09 1.67 -35.91
C2C CLA KC . -42.82 2.38 -35.82
C3C CLA KC . -42.18 2.17 -37.03
C4C CLA KC . -43.06 1.36 -37.86
CMC CLA KC . -42.36 3.10 -34.64
CAC CLA KC . -40.86 2.69 -37.43
CBC CLA KC . -39.73 1.80 -36.98
ND CLA KC . -44.88 -0.29 -39.48
C1D CLA KC . -43.59 0.11 -39.92
C2D CLA KC . -43.33 -0.46 -41.24
C3D CLA KC . -44.43 -1.24 -41.55
C4D CLA KC . -45.35 -1.13 -40.40
CMD CLA KC . -42.12 -0.23 -42.02
CAD CLA KC . -45.05 -2.14 -42.51
OBD CLA KC . -44.64 -2.49 -43.60
CBD CLA KC . -46.38 -2.64 -41.88
CGD CLA KC . -47.57 -2.35 -42.75
O1D CLA KC . -48.57 -1.68 -42.46
O2D CLA KC . -47.52 -2.90 -43.98
CED CLA KC . -48.33 -2.27 -44.97
C1 CLA KC . -44.29 -3.82 -37.46
C2 CLA KC . -43.93 -2.82 -36.42
C3 CLA KC . -42.69 -2.31 -36.29
C4 CLA KC . -41.57 -2.68 -37.18
C5 CLA KC . -42.38 -1.32 -35.22
C6 CLA KC . -41.95 -1.98 -33.93
C7 CLA KC . -42.49 -1.25 -32.73
C8 CLA KC . -43.43 -2.09 -31.87
C9 CLA KC . -42.65 -2.81 -30.79
C10 CLA KC . -44.21 -3.10 -32.71
C11 CLA KC . -45.54 -3.47 -32.08
C12 CLA KC . -46.57 -3.80 -33.13
C13 CLA KC . -46.90 -5.29 -33.18
C14 CLA KC . -45.80 -6.06 -33.88
C15 CLA KC . -48.23 -5.56 -33.85
C16 CLA KC . -48.43 -7.05 -34.03
C17 CLA KC . -49.85 -7.39 -34.42
C18 CLA KC . -50.40 -8.54 -33.60
C19 CLA KC . -51.67 -9.10 -34.21
C20 CLA KC . -49.37 -9.64 -33.46
MG CLA LC . -42.90 7.30 -30.69
CHA CLA LC . -45.47 5.97 -32.61
CHB CLA LC . -44.88 7.16 -27.95
CHC CLA LC . -40.23 8.32 -28.79
CHD CLA LC . -40.88 7.44 -33.59
NA CLA LC . -44.87 6.72 -30.37
C1A CLA LC . -45.78 6.18 -31.29
C2A CLA LC . -47.13 5.90 -30.62
C3A CLA LC . -46.96 6.50 -29.20
C4A CLA LC . -45.47 6.82 -29.14
CMA CLA LC . -47.81 7.73 -29.02
CAA CLA LC . -47.46 4.43 -30.52
CBA CLA LC . -48.83 4.27 -29.91
CGA CLA LC . -49.20 2.83 -29.80
O1A CLA LC . -49.27 1.99 -30.69
O2A CLA LC . -49.51 2.46 -28.51
NB CLA LC . -42.62 7.73 -28.75
C1B CLA LC . -43.53 7.48 -27.77
C2B CLA LC . -42.87 7.60 -26.44
C3B CLA LC . -41.56 7.94 -26.67
C4B CLA LC . -41.38 8.03 -28.14
CMB CLA LC . -43.60 7.38 -25.20
CAB CLA LC . -40.48 8.19 -25.75
CBB CLA LC . -40.58 8.80 -24.57
NC CLA LC . -40.93 7.85 -31.13
C1C CLA LC . -40.02 8.26 -30.19
C2C CLA LC . -38.74 8.56 -30.85
C3C CLA LC . -38.92 8.29 -32.20
C4C CLA LC . -40.30 7.84 -32.37
CMC CLA LC . -37.54 9.01 -30.16
CAC CLA LC . -37.93 8.43 -33.27
CBC CLA LC . -38.01 9.79 -33.95
ND CLA LC . -43.08 6.90 -32.66
C1D CLA LC . -42.16 6.98 -33.74
C2D CLA LC . -42.83 6.50 -34.97
C3D CLA LC . -44.08 6.07 -34.58
C4D CLA LC . -44.19 6.34 -33.14
CMD CLA LC . -42.18 6.46 -36.28
CAD CLA LC . -45.34 5.48 -35.01
OBD CLA LC . -45.68 5.11 -36.13
CBD CLA LC . -46.25 5.40 -33.75
CGD CLA LC . -47.58 6.07 -33.96
O1D CLA LC . -47.81 7.26 -34.15
O2D CLA LC . -48.63 5.21 -33.92
CED CLA LC . -49.93 5.78 -33.77
C1 CLA LC . -49.59 1.05 -28.27
C2 CLA LC . -48.22 0.59 -27.93
C3 CLA LC . -47.80 -0.66 -28.17
C4 CLA LC . -48.67 -1.69 -28.79
C5 CLA LC . -46.42 -1.09 -27.83
C6 CLA LC . -46.39 -2.00 -26.61
C7 CLA LC . -45.96 -3.39 -27.00
C8 CLA LC . -45.60 -4.21 -25.76
C9 CLA LC . -44.40 -3.60 -25.06
C10 CLA LC . -45.31 -5.66 -26.13
C11 CLA LC . -46.40 -6.58 -25.63
C12 CLA LC . -46.66 -6.37 -24.15
C13 CLA LC . -47.62 -7.41 -23.60
C14 CLA LC . -48.85 -7.57 -24.49
C15 CLA LC . -48.06 -7.05 -22.18
C16 CLA LC . -48.82 -5.73 -22.17
C17 CLA LC . -50.09 -5.83 -21.35
C18 CLA LC . -50.83 -4.50 -21.29
C19 CLA LC . -51.02 -4.06 -19.85
C20 CLA LC . -52.17 -4.61 -21.99
MG CLA MC . -46.15 10.86 -22.82
CHA CLA MC . -45.60 14.16 -21.93
CHB CLA MC . -48.91 11.79 -24.57
CHC CLA MC . -46.83 7.54 -23.42
CHD CLA MC . -43.39 9.91 -20.81
NA CLA MC . -47.04 12.69 -23.24
C1A CLA MC . -46.67 13.96 -22.77
C2A CLA MC . -47.59 15.05 -23.31
C3A CLA MC . -48.62 14.26 -24.15
C4A CLA MC . -48.16 12.81 -24.00
CMA CLA MC . -50.01 14.44 -23.60
CAA CLA MC . -46.80 16.01 -24.19
CBA CLA MC . -47.67 16.72 -25.20
CGA CLA MC . -48.09 18.05 -24.67
O1A CLA MC . -48.49 19.04 -25.30
O2A CLA MC . -48.00 18.14 -23.31
NB CLA MC . -47.59 9.87 -23.82
C1B CLA MC . -48.62 10.42 -24.48
C2B CLA MC . -49.47 9.36 -25.09
C3B CLA MC . -48.88 8.15 -24.77
C4B CLA MC . -47.68 8.46 -23.95
CMB CLA MC . -50.68 9.64 -25.85
CAB CLA MC . -49.30 6.81 -25.09
CBB CLA MC . -48.56 5.90 -25.72
NC CLA MC . -45.23 9.07 -22.27
C1C CLA MC . -45.67 7.83 -22.63
C2C CLA MC . -44.81 6.80 -22.06
C3C CLA MC . -43.85 7.47 -21.31
C4C CLA MC . -44.12 8.88 -21.44
CMC CLA MC . -44.99 5.36 -22.25
CAC CLA MC . -42.75 6.86 -20.54
CBC CLA MC . -41.45 6.83 -21.28
ND CLA MC . -44.71 11.77 -21.73
C1D CLA MC . -43.66 11.26 -20.93
C2D CLA MC . -42.98 12.39 -20.26
C3D CLA MC . -43.69 13.51 -20.59
C4D CLA MC . -44.78 13.07 -21.49
CMD CLA MC . -41.82 12.25 -19.39
CAD CLA MC . -43.83 14.96 -20.43
OBD CLA MC . -43.15 15.73 -19.77
CBD CLA MC . -45.07 15.39 -21.25
CGD CLA MC . -46.14 16.00 -20.37
O1D CLA MC . -46.50 15.63 -19.25
O2D CLA MC . -46.74 17.08 -20.91
C1 CLA MC . -48.94 19.01 -22.66
C2 CLA MC . -49.55 18.22 -21.56
C3 CLA MC . -50.42 18.72 -20.68
C4 CLA MC . -50.88 20.12 -20.72
C5 CLA MC . -50.99 17.86 -19.61
C6 CLA MC . -52.50 17.84 -19.62
C7 CLA MC . -53.03 16.42 -19.70
C8 CLA MC . -53.72 16.00 -18.42
C9 CLA MC . -52.70 15.68 -17.36
C10 CLA MC . -54.65 14.79 -18.67
C11 CLA MC . -55.34 14.31 -17.42
C12 CLA MC . -54.83 12.95 -16.97
C13 CLA MC . -55.93 11.91 -16.93
C14 CLA MC . -56.95 12.25 -15.86
C15 CLA MC . -55.34 10.52 -16.68
C16 CLA MC . -56.38 9.43 -16.87
C17 CLA MC . -55.84 8.06 -16.58
C18 CLA MC . -56.94 7.03 -16.47
MG CLA NC . -68.02 -27.48 -37.66
CHA CLA NC . -70.46 -29.83 -36.92
CHB CLA NC . -65.65 -29.90 -37.56
CHC CLA NC . -65.73 -25.19 -38.81
CHD CLA NC . -70.55 -25.01 -37.85
NA CLA NC . -68.06 -29.52 -37.24
C1A CLA NC . -69.18 -30.32 -37.00
C2A CLA NC . -68.74 -31.77 -36.74
C3A CLA NC . -67.21 -31.69 -36.73
C4A CLA NC . -66.93 -30.28 -37.22
CMA CLA NC . -66.65 -31.91 -35.34
CAA CLA NC . -69.24 -32.68 -37.85
CBA CLA NC . -68.91 -32.17 -39.23
CGA CLA NC . -69.50 -33.11 -40.24
O1A CLA NC . -70.12 -34.15 -40.04
O2A CLA NC . -69.28 -32.74 -41.54
NB CLA NC . -66.04 -27.51 -38.02
C1B CLA NC . -65.27 -28.63 -38.03
C2B CLA NC . -63.93 -28.32 -38.62
C3B CLA NC . -63.95 -26.99 -38.98
C4B CLA NC . -65.30 -26.46 -38.61
CMB CLA NC . -62.88 -29.32 -38.79
CAB CLA NC . -62.94 -26.20 -39.61
NC CLA NC . -68.12 -25.44 -38.17
C1C CLA NC . -67.05 -24.71 -38.62
C2C CLA NC . -67.47 -23.35 -38.90
C3C CLA NC . -68.84 -23.29 -38.63
C4C CLA NC . -69.24 -24.62 -38.18
CMC CLA NC . -66.60 -22.29 -39.41
CAC CLA NC . -69.72 -22.13 -38.78
CBC CLA NC . -69.64 -21.20 -37.59
ND CLA NC . -70.03 -27.37 -37.42
C1D CLA NC . -70.93 -26.28 -37.50
C2D CLA NC . -72.29 -26.77 -37.19
C3D CLA NC . -72.17 -28.13 -36.99
C4D CLA NC . -70.75 -28.45 -37.14
CMD CLA NC . -73.49 -25.93 -37.17
CAD CLA NC . -72.86 -29.37 -36.67
OBD CLA NC . -74.04 -29.58 -36.47
CBD CLA NC . -71.78 -30.49 -36.61
CGD CLA NC . -71.73 -31.12 -35.24
O1D CLA NC . -70.89 -30.96 -34.36
O2D CLA NC . -72.78 -31.96 -34.97
CED CLA NC . -72.94 -32.38 -33.62
C1 CLA NC . -69.62 -33.73 -42.52
C2 CLA NC . -69.22 -33.25 -43.87
C3 CLA NC . -70.10 -32.71 -44.73
C4 CLA NC . -71.53 -32.55 -44.40
C5 CLA NC . -69.66 -32.24 -46.08
C6 CLA NC . -69.15 -33.36 -46.97
C7 CLA NC . -70.19 -34.45 -47.18
C8 CLA NC . -69.79 -35.45 -48.26
C9 CLA NC . -69.93 -34.82 -49.64
C10 CLA NC . -70.61 -36.73 -48.18
MG CLA OC . -65.92 -34.90 -46.05
CHA CLA OC . -66.15 -36.25 -42.88
CHB CLA OC . -66.24 -37.99 -47.42
CHC CLA OC . -65.98 -33.44 -49.19
CHD CLA OC . -65.77 -31.66 -44.61
NA CLA OC . -66.10 -36.81 -45.24
C1A CLA OC . -66.20 -37.17 -43.90
C2A CLA OC . -66.33 -38.69 -43.74
C3A CLA OC . -66.26 -39.20 -45.20
C4A CLA OC . -66.19 -37.92 -46.04
CMA CLA OC . -65.07 -40.10 -45.43
CAA CLA OC . -67.63 -39.08 -43.08
CBA CLA OC . -68.79 -39.07 -44.06
CGA CLA OC . -69.52 -37.78 -43.91
O1A CLA OC . -69.53 -37.02 -42.93
O2A CLA OC . -70.25 -37.45 -45.00
NB CLA OC . -66.04 -35.59 -47.93
C1B CLA OC . -66.19 -36.89 -48.29
C2B CLA OC . -66.31 -37.00 -49.77
C3B CLA OC . -66.24 -35.72 -50.27
C4B CLA OC . -66.07 -34.80 -49.12
CMB CLA OC . -66.50 -38.28 -50.45
CAB CLA OC . -66.32 -35.19 -51.62
CBB CLA OC . -66.04 -35.83 -52.75
NC CLA OC . -65.85 -32.92 -46.76
C1C CLA OC . -65.87 -32.56 -48.08
C2C CLA OC . -65.81 -31.10 -48.20
C3C CLA OC . -65.77 -30.59 -46.90
C4C CLA OC . -65.80 -31.75 -46.00
CMC CLA OC . -65.79 -30.36 -49.46
CAC CLA OC . -65.70 -29.18 -46.50
CBC CLA OC . -67.06 -28.58 -46.25
ND CLA OC . -65.87 -34.09 -44.20
C1D CLA OC . -65.81 -32.74 -43.75
C2D CLA OC . -65.81 -32.74 -42.27
C3D CLA OC . -65.95 -34.06 -41.88
C4D CLA OC . -66.00 -34.85 -43.12
CMD CLA OC . -65.70 -31.54 -41.43
CAD CLA OC . -66.04 -34.98 -40.77
OBD CLA OC . -66.01 -34.75 -39.56
CBD CLA OC . -66.20 -36.40 -41.38
CGD CLA OC . -65.14 -37.33 -40.89
O1D CLA OC . -64.02 -37.52 -41.36
O2D CLA OC . -65.51 -38.05 -39.78
CED CLA OC . -64.55 -38.94 -39.22
MG CLA PC . -59.66 -29.68 -40.89
CHA CLA PC . -57.83 -27.82 -38.62
CHB CLA PC . -59.34 -27.18 -43.17
CHC CLA PC . -61.57 -31.52 -43.06
CHD CLA PC . -60.10 -32.18 -38.42
NA CLA PC . -58.69 -27.83 -40.88
C1A CLA PC . -57.98 -27.23 -39.83
C2A CLA PC . -57.43 -25.87 -40.26
C3A CLA PC . -57.93 -25.70 -41.70
C4A CLA PC . -58.70 -27.00 -41.96
CMA CLA PC . -58.81 -24.49 -41.86
CAA CLA PC . -55.91 -25.90 -40.24
CBA CLA PC . -55.30 -24.53 -40.04
CGA CLA PC . -55.24 -23.80 -41.36
O1A CLA PC . -55.98 -22.92 -41.78
O2A CLA PC . -54.20 -24.20 -42.14
NB CLA PC . -60.28 -29.43 -42.79
C1B CLA PC . -60.11 -28.31 -43.52
C2B CLA PC . -60.87 -28.42 -44.79
C3B CLA PC . -61.51 -29.63 -44.77
C4B CLA PC . -61.15 -30.30 -43.49
CMB CLA PC . -60.89 -27.35 -45.80
CAB CLA PC . -62.38 -30.25 -45.73
CBB CLA PC . -62.10 -30.39 -47.03
NC CLA PC . -60.62 -31.53 -40.76
C1C CLA PC . -61.31 -32.11 -41.78
C2C CLA PC . -61.83 -33.40 -41.36
C3C CLA PC . -61.45 -33.57 -40.03
C4C CLA PC . -60.69 -32.39 -39.67
CMC CLA PC . -62.62 -34.29 -42.21
CAC CLA PC . -61.75 -34.71 -39.14
CBC CLA PC . -61.23 -36.06 -39.54
ND CLA PC . -59.11 -30.00 -38.97
C1D CLA PC . -59.36 -31.06 -38.08
C2D CLA PC . -58.72 -30.76 -36.77
C3D CLA PC . -58.11 -29.52 -36.93
C4D CLA PC . -58.39 -29.09 -38.31
CMD CLA PC . -58.76 -31.62 -35.61
CAD CLA PC . -57.35 -28.48 -36.29
OBD CLA PC . -56.93 -28.41 -35.14
CBD CLA PC . -57.11 -27.37 -37.36
CGD CLA PC . -57.58 -26.02 -36.89
O1D CLA PC . -56.98 -24.94 -37.00
O2D CLA PC . -58.80 -26.01 -36.30
CED CLA PC . -59.62 -24.86 -36.54
C1 CLA PC . -54.07 -23.51 -43.40
C2 CLA PC . -53.17 -24.31 -44.25
C3 CLA PC . -53.05 -24.09 -45.58
C4 CLA PC . -53.82 -23.03 -46.26
C5 CLA PC . -52.13 -24.91 -46.40
C6 CLA PC . -51.16 -24.04 -47.18
C7 CLA PC . -50.00 -24.86 -47.69
C8 CLA PC . -48.66 -24.28 -47.24
C9 CLA PC . -48.57 -24.27 -45.72
C10 CLA PC . -48.46 -22.87 -47.78
C11 CLA PC . -48.50 -22.83 -49.29
C12 CLA PC . -49.26 -21.62 -49.79
C13 CLA PC . -48.37 -20.63 -50.53
C14 CLA PC . -47.01 -21.19 -50.87
C15 CLA PC . -48.22 -19.34 -49.73
C16 CLA PC . -49.11 -18.24 -50.28
C17 CLA PC . -49.47 -17.27 -49.18
C18 CLA PC . -49.60 -15.84 -49.67
C19 CLA PC . -48.81 -15.60 -50.94
C20 CLA PC . -49.12 -14.90 -48.59
MG CLA QC . -61.24 -13.97 -55.76
CHA CLA QC . -61.75 -10.54 -55.78
CHB CLA QC . -58.99 -13.62 -53.24
CHC CLA QC . -60.84 -17.38 -55.71
CHD CLA QC . -63.53 -14.27 -58.43
NA CLA QC . -60.50 -12.33 -54.71
C1A CLA QC . -60.84 -10.98 -54.85
C2A CLA QC . -60.07 -10.11 -53.87
C3A CLA QC . -59.12 -11.09 -53.17
C4A CLA QC . -59.56 -12.46 -53.72
CMA CLA QC . -57.69 -10.80 -53.52
CAA CLA QC . -61.02 -9.48 -52.86
CBA CLA QC . -61.77 -10.51 -52.05
CGA CLA QC . -63.20 -10.08 -51.89
O1A CLA QC . -63.68 -8.96 -51.96
O2A CLA QC . -64.03 -11.13 -51.63
NB CLA QC . -60.12 -15.25 -54.68
C1B CLA QC . -59.28 -14.91 -53.68
C2B CLA QC . -58.68 -16.13 -53.09
C3B CLA QC . -59.19 -17.21 -53.78
C4B CLA QC . -60.12 -16.66 -54.81
CMB CLA QC . -57.72 -16.07 -51.98
CAB CLA QC . -58.96 -18.62 -53.64
CBB CLA QC . -57.81 -19.20 -53.31
NC CLA QC . -62.03 -15.54 -56.88
C1C CLA QC . -61.74 -16.86 -56.69
C2C CLA QC . -62.49 -17.68 -57.62
C3C CLA QC . -63.24 -16.81 -58.41
C4C CLA QC . -62.95 -15.46 -57.93
CMC CLA QC . -62.42 -19.14 -57.68
CAC CLA QC . -64.18 -17.14 -59.49
CBC CLA QC . -63.49 -17.64 -60.73
ND CLA QC . -62.37 -12.75 -56.90
C1D CLA QC . -63.27 -13.00 -57.97
C2D CLA QC . -63.85 -11.72 -58.42
C3D CLA QC . -63.31 -10.75 -57.60
C4D CLA QC . -62.40 -11.44 -56.68
CMD CLA QC . -64.82 -11.59 -59.50
CAD CLA QC . -63.25 -9.33 -57.29
OBD CLA QC . -63.86 -8.40 -57.80
CBD CLA QC . -62.25 -9.16 -56.11
CGD CLA QC . -61.13 -8.21 -56.44
O1D CLA QC . -60.15 -8.40 -57.16
O2D CLA QC . -61.26 -7.00 -55.83
MG CLA RC . -63.70 -20.69 -64.79
CHA CLA RC . -66.02 -19.72 -67.18
CHB CLA RC . -66.06 -20.32 -62.36
CHC CLA RC . -61.53 -22.10 -62.53
CHD CLA RC . -61.33 -21.20 -67.36
NA CLA RC . -65.69 -20.05 -64.79
C1A CLA RC . -66.49 -19.72 -65.89
C2A CLA RC . -67.88 -19.31 -65.43
C3A CLA RC . -67.78 -19.30 -63.89
C4A CLA RC . -66.42 -19.93 -63.63
CMA CLA RC . -67.86 -17.90 -63.33
CAA CLA RC . -68.92 -20.32 -65.89
CBA CLA RC . -68.43 -21.74 -65.69
CGA CLA RC . -69.08 -22.62 -66.71
O1A CLA RC . -69.02 -22.55 -67.93
O2A CLA RC . -69.81 -23.63 -66.14
NB CLA RC . -63.77 -21.11 -62.82
C1B CLA RC . -64.83 -20.92 -62.00
C2B CLA RC . -64.53 -21.44 -60.64
C3B CLA RC . -63.26 -21.94 -60.69
C4B CLA RC . -62.75 -21.73 -62.07
CMB CLA RC . -65.50 -21.38 -59.55
CAB CLA RC . -62.44 -22.57 -59.67
CBB CLA RC . -62.88 -23.39 -58.71
NC CLA RC . -61.76 -21.43 -64.92
C1C CLA RC . -61.06 -21.94 -63.86
C2C CLA RC . -59.74 -22.39 -64.31
C3C CLA RC . -59.68 -22.16 -65.67
C4C CLA RC . -60.96 -21.56 -66.05
CMC CLA RC . -58.73 -22.98 -63.44
CAC CLA RC . -58.56 -22.45 -66.57
CBC CLA RC . -58.70 -23.78 -67.28
ND CLA RC . -63.58 -20.38 -66.78
C1D CLA RC . -62.55 -20.66 -67.72
C2D CLA RC . -63.02 -20.29 -69.07
C3D CLA RC . -64.34 -19.93 -68.92
C4D CLA RC . -64.65 -20.04 -67.48
CMD CLA RC . -62.21 -20.38 -70.27
CAD CLA RC . -65.55 -19.46 -69.58
OBD CLA RC . -65.71 -19.13 -70.75
CBD CLA RC . -66.68 -19.41 -68.51
CGD CLA RC . -67.41 -18.10 -68.52
O1D CLA RC . -68.46 -17.84 -69.11
O2D CLA RC . -66.84 -17.12 -67.78
CED CLA RC . -67.48 -15.84 -67.80
C1 CLA RC . -69.07 -24.79 -65.71
C2 CLA RC . -69.42 -25.90 -66.63
C3 CLA RC . -69.03 -27.17 -66.39
C4 CLA RC . -69.38 -28.28 -67.31
C5 CLA RC . -68.20 -27.51 -65.21
C6 CLA RC . -68.90 -28.48 -64.28
C7 CLA RC . -68.04 -29.71 -64.03
C8 CLA RC . -66.66 -29.37 -63.50
C9 CLA RC . -65.59 -29.90 -64.43
C10 CLA RC . -66.47 -29.93 -62.10
C11 CLA RC . -65.03 -29.76 -61.62
C12 CLA RC . -64.61 -30.85 -60.67
C13 CLA RC . -65.25 -30.68 -59.29
C14 CLA RC . -64.36 -29.88 -58.37
C15 CLA RC . -65.60 -32.03 -58.68
MG CLA SC . -50.60 -28.63 -68.58
CHA CLA SC . -48.59 -27.87 -71.32
CHB CLA SC . -53.23 -27.08 -70.09
CHC CLA SC . -52.64 -29.75 -66.05
CHD CLA SC . -47.89 -30.43 -67.18
NA CLA SC . -50.82 -27.58 -70.37
C1A CLA SC . -49.89 -27.41 -71.40
C2A CLA SC . -50.47 -26.61 -72.55
C3A CLA SC . -51.88 -26.23 -72.04
C4A CLA SC . -52.02 -27.02 -70.74
CMA CLA SC . -52.03 -24.75 -71.82
CAA CLA SC . -50.58 -27.50 -73.79
CBA CLA SC . -51.48 -28.70 -73.57
CGA CLA SC . -50.67 -29.90 -73.18
O1A CLA SC . -49.71 -30.41 -73.76
O2A CLA SC . -51.07 -30.48 -72.01
NB CLA SC . -52.54 -28.39 -68.11
C1B CLA SC . -53.47 -27.79 -68.90
C2B CLA SC . -54.82 -27.96 -68.31
C3B CLA SC . -54.68 -28.72 -67.17
C4B CLA SC . -53.22 -29.00 -67.02
CMB CLA SC . -56.04 -27.43 -68.93
CAB CLA SC . -55.70 -29.16 -66.26
CBB CLA SC . -55.81 -30.39 -65.74
NC CLA SC . -50.29 -29.80 -66.88
C1C CLA SC . -51.27 -30.13 -65.98
C2C CLA SC . -50.69 -30.99 -64.94
C3C CLA SC . -49.37 -31.20 -65.27
C4C CLA SC . -49.12 -30.46 -66.50
CMC CLA SC . -51.44 -31.54 -63.81
CAC CLA SC . -48.38 -31.99 -64.52
CBC CLA SC . -48.13 -33.34 -65.15
ND CLA SC . -48.66 -29.00 -69.03
C1D CLA SC . -47.67 -29.77 -68.37
C2D CLA SC . -46.41 -29.70 -69.15
C3D CLA SC . -46.71 -28.99 -70.29
C4D CLA SC . -48.13 -28.60 -70.17
CMD CLA SC . -45.16 -30.32 -68.74
CAD CLA SC . -46.21 -28.43 -71.53
OBD CLA SC . -45.06 -28.41 -71.96
CBD CLA SC . -47.42 -27.77 -72.26
CGD CLA SC . -47.11 -26.34 -72.63
O1D CLA SC . -47.44 -25.31 -72.03
O2D CLA SC . -46.37 -26.21 -73.76
C1 CLA SC . -50.14 -31.39 -71.41
C2 CLA SC . -50.84 -32.15 -70.35
C3 CLA SC . -50.26 -33.18 -69.72
C4 CLA SC . -48.88 -33.62 -70.06
C5 CLA SC . -50.95 -33.95 -68.64
C6 CLA SC . -52.31 -33.39 -68.29
C7 CLA SC . -52.64 -33.71 -66.84
C8 CLA SC . -53.20 -35.10 -66.67
C9 CLA SC . -54.72 -35.09 -66.76
C10 CLA SC . -52.77 -35.71 -65.34
MG CLA TC . -43.68 -25.00 -60.53
CHA CLA TC . -41.68 -22.61 -59.01
CHB CLA TC . -44.26 -22.85 -63.11
CHC CLA TC . -45.51 -27.45 -62.09
CHD CLA TC . -42.92 -27.24 -57.92
NA CLA TC . -43.07 -23.04 -60.95
C1A CLA TC . -42.23 -22.21 -60.20
C2A CLA TC . -42.04 -20.87 -60.89
C3A CLA TC . -42.96 -20.95 -62.12
C4A CLA TC . -43.48 -22.38 -62.09
CMA CLA TC . -44.09 -19.96 -62.04
CAA CLA TC . -40.60 -20.67 -61.33
CBA CLA TC . -40.18 -21.71 -62.36
CGA CLA TC . -39.31 -21.06 -63.40
O1A CLA TC . -38.65 -20.03 -63.31
O2A CLA TC . -39.27 -21.75 -64.59
NB CLA TC . -44.66 -25.14 -62.29
C1B CLA TC . -44.80 -24.14 -63.19
C2B CLA TC . -45.70 -24.58 -64.28
C3B CLA TC . -46.06 -25.88 -64.01
C4B CLA TC . -45.40 -26.25 -62.73
CMB CLA TC . -46.08 -23.70 -65.38
CAB CLA TC . -46.91 -26.78 -64.74
CBB CLA TC . -46.48 -27.80 -65.46
NC CLA TC . -44.17 -26.97 -60.05
C1C CLA TC . -44.95 -27.78 -60.83
C2C CLA TC . -45.09 -29.08 -60.20
C3C CLA TC . -44.33 -29.04 -59.03
C4C CLA TC . -43.74 -27.71 -58.95
CMC CLA TC . -45.86 -30.19 -60.74
CAC CLA TC . -44.15 -30.12 -58.05
CBC CLA TC . -42.93 -30.96 -58.35
ND CLA TC . -42.67 -24.96 -58.79
C1D CLA TC . -42.39 -25.97 -57.82
C2D CLA TC . -41.51 -25.41 -56.77
C3D CLA TC . -41.24 -24.11 -57.16
C4D CLA TC . -41.94 -23.89 -58.45
CMD CLA TC . -41.07 -26.12 -55.59
CAD CLA TC . -40.55 -22.87 -56.84
OBD CLA TC . -39.92 -22.58 -55.84
CBD CLA TC . -40.75 -21.90 -58.04
CGD CLA TC . -41.34 -20.60 -57.59
O1D CLA TC . -42.50 -20.21 -57.73
O2D CLA TC . -40.47 -19.78 -56.95
CED CLA TC . -40.97 -18.54 -56.45
C1 CLA TC . -38.34 -22.84 -64.71
C2 CLA TC . -39.15 -24.09 -64.70
C3 CLA TC . -38.70 -25.25 -64.24
C4 CLA TC . -37.34 -25.41 -63.67
C5 CLA TC . -39.58 -26.47 -64.25
C6 CLA TC . -40.16 -26.77 -62.88
C7 CLA TC . -41.19 -27.88 -62.96
MG CLA UC . -48.90 -20.88 -54.28
CHA CLA UC . -48.86 -17.44 -54.73
CHB CLA UC . -45.76 -21.07 -55.55
CHC CLA UC . -48.92 -24.26 -53.68
CHD CLA UC . -52.14 -20.61 -52.91
NA CLA UC . -47.56 -19.46 -55.04
C1A CLA UC . -47.73 -18.08 -55.14
C2A CLA UC . -46.48 -17.42 -55.75
C3A CLA UC . -45.60 -18.62 -56.12
C4A CLA UC . -46.34 -19.81 -55.53
CMA CLA UC . -45.42 -18.79 -57.61
CAA CLA UC . -45.81 -16.53 -54.73
CBA CLA UC . -44.46 -17.07 -54.27
CGA CLA UC . -44.65 -17.96 -53.10
O1A CLA UC . -45.69 -18.29 -52.54
O2A CLA UC . -43.47 -18.45 -52.61
NB CLA UC . -47.63 -22.38 -54.65
C1B CLA UC . -46.34 -22.24 -55.05
C2B CLA UC . -45.60 -23.52 -54.89
C3B CLA UC . -46.50 -24.42 -54.37
C4B CLA UC . -47.79 -23.72 -54.20
CMB CLA UC . -44.19 -23.65 -55.24
CAB CLA UC . -46.31 -25.80 -54.00
CBB CLA UC . -45.65 -26.71 -54.71
NC CLA UC . -50.30 -22.20 -53.47
C1C CLA UC . -50.10 -23.54 -53.34
C2C CLA UC . -51.29 -24.15 -52.75
C3C CLA UC . -52.19 -23.12 -52.50
C4C CLA UC . -51.57 -21.89 -52.97
CMC CLA UC . -51.43 -25.57 -52.46
CAC CLA UC . -53.52 -23.23 -51.91
CBC CLA UC . -53.53 -22.82 -50.47
ND CLA UC . -50.22 -19.41 -53.83
C1D CLA UC . -51.53 -19.44 -53.29
C2D CLA UC . -52.05 -18.06 -53.22
C3D CLA UC . -51.06 -17.25 -53.75
C4D CLA UC . -49.96 -18.14 -54.13
CMD CLA UC . -53.35 -17.69 -52.67
CAD CLA UC . -50.65 -15.90 -54.06
OBD CLA UC . -51.22 -14.83 -53.83
CBD CLA UC . -49.27 -15.99 -54.77
CGD CLA UC . -49.36 -15.52 -56.19
O1D CLA UC . -49.84 -16.11 -57.15
O2D CLA UC . -48.86 -14.28 -56.42
CED CLA UC . -49.41 -13.53 -57.50
C1 CLA UC . -43.04 -19.73 -53.10
C2 CLA UC . -43.56 -20.76 -52.17
C3 CLA UC . -42.85 -21.85 -51.84
C4 CLA UC . -41.51 -22.12 -52.40
C5 CLA UC . -43.39 -22.87 -50.90
C6 CLA UC . -43.32 -24.28 -51.46
C7 CLA UC . -43.73 -25.31 -50.44
C8 CLA UC . -45.13 -25.86 -50.70
C9 CLA UC . -46.05 -25.58 -49.53
C10 CLA UC . -45.11 -27.36 -50.99
C11 CLA UC . -44.03 -28.08 -50.21
C12 CLA UC . -43.32 -29.12 -51.06
C13 CLA UC . -42.27 -28.48 -51.97
C14 CLA UC . -42.75 -28.49 -53.41
C15 CLA UC . -40.93 -29.18 -51.86
C16 CLA UC . -40.93 -30.51 -52.57
C17 CLA UC . -39.81 -30.61 -53.60
C18 CLA UC . -40.36 -30.97 -54.98
C19 CLA UC . -40.35 -29.77 -55.91
C20 CLA UC . -39.57 -32.11 -55.59
MG CLA VC . -47.49 -38.14 -48.85
CHA CLA VC . -46.68 -41.15 -47.34
CHB CLA VC . -47.47 -36.62 -45.80
CHC CLA VC . -48.14 -35.14 -50.40
CHD CLA VC . -47.44 -39.75 -51.99
NA CLA VC . -47.14 -38.81 -46.90
C1A CLA VC . -46.79 -40.10 -46.48
C2A CLA VC . -46.61 -40.14 -44.96
C3A CLA VC . -47.03 -38.73 -44.50
C4A CLA VC . -47.21 -37.97 -45.82
CMA CLA VC . -48.31 -38.78 -43.70
CAA CLA VC . -45.14 -40.35 -44.59
CBA CLA VC . -44.18 -40.03 -45.70
CGA CLA VC . -43.10 -39.09 -45.27
O1A CLA VC . -43.20 -38.06 -44.60
O2A CLA VC . -41.86 -39.45 -45.72
NB CLA VC . -47.76 -36.25 -48.22
C1B CLA VC . -47.69 -35.82 -46.94
C2B CLA VC . -47.89 -34.35 -46.89
C3B CLA VC . -48.08 -33.92 -48.17
C4B CLA VC . -48.01 -35.13 -49.05
CMB CLA VC . -47.87 -33.59 -45.64
CAB CLA VC . -48.31 -32.60 -48.68
CBB CLA VC . -47.38 -31.82 -49.21
NC CLA VC . -47.77 -37.57 -50.83
C1C CLA VC . -48.04 -36.29 -51.24
C2C CLA VC . -48.18 -36.25 -52.69
C3C CLA VC . -47.96 -37.55 -53.15
C4C CLA VC . -47.70 -38.38 -51.97
CMC CLA VC . -48.47 -35.04 -53.46
CAC CLA VC . -47.97 -38.01 -54.54
CBC CLA VC . -49.23 -38.77 -54.91
ND CLA VC . -47.19 -40.01 -49.57
C1D CLA VC . -47.20 -40.53 -50.88
C2D CLA VC . -46.93 -41.98 -50.81
C3D CLA VC . -46.73 -42.27 -49.47
C4D CLA VC . -46.89 -41.01 -48.75
CMD CLA VC . -46.88 -42.87 -51.96
CAD CLA VC . -46.45 -43.31 -48.49
OBD CLA VC . -46.28 -44.50 -48.65
CBD CLA VC . -46.37 -42.61 -47.10
CGD CLA VC . -47.34 -43.20 -46.12
O1D CLA VC . -48.54 -43.49 -46.31
O2D CLA VC . -46.83 -43.45 -44.89
CED CLA VC . -47.31 -44.58 -44.16
C1 CLA VC . -40.72 -38.77 -45.17
C2 CLA VC . -40.46 -37.57 -45.99
C3 CLA VC . -39.28 -37.34 -46.61
C4 CLA VC . -38.15 -38.29 -46.52
C5 CLA VC . -39.07 -36.12 -47.43
C6 CLA VC . -38.67 -36.43 -48.86
C7 CLA VC . -38.97 -35.25 -49.78
C8 CLA VC . -38.34 -35.44 -51.15
C9 CLA VC . -37.70 -34.15 -51.62
C10 CLA VC . -39.38 -35.91 -52.16
C11 CLA VC . -38.74 -36.25 -53.50
C12 CLA VC . -39.74 -36.90 -54.44
C13 CLA VC . -39.12 -37.15 -55.81
MG CLA WC . -63.37 -37.90 -54.25
CHA CLA WC . -63.46 -40.38 -51.83
CHB CLA WC . -64.37 -40.15 -56.60
CHC CLA WC . -63.32 -35.40 -56.60
CHD CLA WC . -62.37 -35.58 -51.77
NA CLA WC . -63.84 -39.93 -54.20
C1A CLA WC . -63.82 -40.80 -53.09
C2A CLA WC . -64.23 -42.20 -53.49
C3A CLA WC . -64.42 -42.12 -55.02
C4A CLA WC . -64.21 -40.63 -55.31
CMA CLA WC . -63.43 -42.98 -55.75
CAA CLA WC . -65.55 -42.57 -52.82
CBA CLA WC . -66.72 -41.82 -53.43
CGA CLA WC . -67.93 -41.97 -52.57
NB CLA WC . -63.75 -37.80 -56.23
C1B CLA WC . -64.18 -38.82 -57.01
C2B CLA WC . -64.45 -38.33 -58.39
C3B CLA WC . -64.15 -36.98 -58.39
C4B CLA WC . -63.70 -36.63 -57.01
CMB CLA WC . -64.92 -39.20 -59.45
CAB CLA WC . -64.23 -36.01 -59.44
CBB CLA WC . -65.22 -35.87 -60.31
NC CLA WC . -62.92 -35.86 -54.19
C1C CLA WC . -62.95 -35.03 -55.27
C2C CLA WC . -62.57 -33.68 -54.88
C3C CLA WC . -62.31 -33.72 -53.52
C4C CLA WC . -62.53 -35.10 -53.08
CMC CLA WC . -62.48 -32.54 -55.80
CAC CLA WC . -61.88 -32.61 -52.66
CBC CLA WC . -63.05 -31.81 -52.11
ND CLA WC . -63.01 -37.90 -52.27
C1D CLA WC . -62.58 -36.88 -51.37
C2D CLA WC . -62.42 -37.47 -50.03
C3D CLA WC . -62.72 -38.81 -50.15
C4D CLA WC . -63.09 -39.02 -51.56
CMD CLA WC . -61.99 -36.73 -48.84
CAD CLA WC . -62.85 -40.09 -49.47
OBD CLA WC . -62.63 -40.37 -48.30
CBD CLA WC . -63.32 -41.13 -50.53
CGD CLA WC . -62.36 -42.28 -50.67
O1D CLA WC . -61.16 -42.24 -50.98
O2D CLA WC . -62.92 -43.50 -50.43
CED CLA WC . -62.20 -44.40 -49.58
MG CLA XC . -51.86 -47.66 -53.82
CHA CLA XC . -54.36 -50.04 -53.54
CHB CLA XC . -49.52 -50.13 -53.79
CHC CLA XC . -49.42 -45.27 -54.17
CHD CLA XC . -54.34 -45.14 -53.91
NA CLA XC . -51.95 -49.74 -53.69
C1A CLA XC . -53.09 -50.55 -53.59
C2A CLA XC . -52.72 -52.03 -53.55
C3A CLA XC . -51.18 -52.02 -53.60
C4A CLA XC . -50.84 -50.54 -53.71
CMA CLA XC . -50.57 -52.65 -52.37
CAA CLA XC . -53.25 -52.74 -54.77
CBA CLA XC . -53.04 -51.91 -56.02
CGA CLA XC . -53.30 -52.72 -57.26
O1A CLA XC . -54.31 -53.34 -57.56
O2A CLA XC . -52.24 -52.72 -58.12
NB CLA XC . -49.86 -47.70 -53.99
C1B CLA XC . -49.08 -48.80 -53.87
C2B CLA XC . -47.64 -48.41 -53.83
C3B CLA XC . -47.59 -47.04 -53.93
C4B CLA XC . -49.01 -46.56 -54.05
CMB CLA XC . -46.55 -49.37 -53.70
CAB CLA XC . -46.45 -46.17 -53.95
CBB CLA XC . -46.19 -45.22 -54.85
NC CLA XC . -51.89 -45.58 -54.01
C1C CLA XC . -50.78 -44.81 -54.15
C2C CLA XC . -51.16 -43.41 -54.29
C3C CLA XC . -52.55 -43.37 -54.21
C4C CLA XC . -53.00 -44.74 -54.04
CMC CLA XC . -50.22 -42.30 -54.46
CAC CLA XC . -53.40 -42.18 -54.30
CBC CLA XC . -54.02 -42.03 -55.67
ND CLA XC . -53.87 -47.54 -53.71
C1D CLA XC . -54.77 -46.44 -53.75
C2D CLA XC . -56.16 -46.95 -53.59
C3D CLA XC . -56.05 -48.31 -53.49
C4D CLA XC . -54.62 -48.63 -53.59
CMD CLA XC . -57.35 -46.10 -53.54
CAD CLA XC . -56.77 -49.57 -53.34
OBD CLA XC . -57.96 -49.78 -53.20
CBD CLA XC . -55.70 -50.70 -53.37
CGD CLA XC . -55.70 -51.52 -52.12
O1D CLA XC . -56.05 -52.69 -51.98
O2D CLA XC . -55.24 -50.85 -51.03
CED CLA XC . -54.91 -51.60 -49.86
C1 CLA XC . -52.54 -52.57 -59.51
MG CLA YC . -43.11 -50.23 -50.08
CHA CLA YC . -46.15 -51.81 -49.65
CHB CLA YC . -41.52 -53.27 -50.03
CHC CLA YC . -40.16 -48.66 -50.89
CHD CLA YC . -44.80 -47.14 -50.32
NA CLA YC . -43.75 -52.20 -49.81
C1A CLA YC . -45.07 -52.65 -49.67
C2A CLA YC . -45.10 -54.17 -49.52
C3A CLA YC . -43.61 -54.57 -49.41
C4A CLA YC . -42.89 -53.26 -49.78
CMA CLA YC . -43.25 -55.01 -48.02
CAA CLA YC . -45.75 -54.79 -50.75
CBA CLA YC . -45.18 -54.20 -52.04
CGA CLA YC . -46.20 -54.31 -53.13
O1A CLA YC . -47.18 -55.05 -53.19
O2A CLA YC . -45.97 -53.45 -54.17
NB CLA YC . -41.20 -50.84 -50.37
C1B CLA YC . -40.76 -52.14 -50.37
C2B CLA YC . -39.32 -52.18 -50.75
C3B CLA YC . -38.94 -50.87 -50.99
C4B CLA YC . -40.12 -50.01 -50.75
CMB CLA YC . -38.57 -53.42 -50.84
CAB CLA YC . -37.67 -50.31 -51.41
CBB CLA YC . -36.46 -50.77 -51.09
NC CLA YC . -42.58 -48.25 -50.44
C1C CLA YC . -41.31 -47.83 -50.72
C2C CLA YC . -41.29 -46.38 -50.92
C3C CLA YC . -42.62 -45.96 -50.80
C4C CLA YC . -43.42 -47.13 -50.50
CMC CLA YC . -40.10 -45.59 -51.23
CAC CLA YC . -43.12 -44.58 -50.94
CBC CLA YC . -42.90 -43.76 -49.69
ND CLA YC . -45.00 -49.55 -49.91
C1D CLA YC . -45.56 -48.26 -50.05
C2D CLA YC . -47.02 -48.35 -49.88
C3D CLA YC . -47.31 -49.69 -49.74
C4D CLA YC . -46.02 -50.40 -49.78
CMD CLA YC . -47.93 -47.20 -49.93
CAD CLA YC . -48.34 -50.70 -49.57
OBD CLA YC . -49.55 -50.56 -49.49
CBD CLA YC . -47.63 -52.08 -49.49
CGD CLA YC . -47.91 -52.68 -48.16
O1D CLA YC . -47.62 -52.22 -47.06
O2D CLA YC . -48.58 -53.87 -48.19
CED CLA YC . -49.24 -54.27 -47.00
C1 CLA YC . -46.90 -53.50 -55.26
C2 CLA YC . -46.73 -52.27 -56.07
C3 CLA YC . -47.65 -51.85 -56.96
C4 CLA YC . -48.92 -52.59 -57.19
C5 CLA YC . -47.45 -50.60 -57.76
C6 CLA YC . -48.70 -49.76 -57.87
C7 CLA YC . -48.36 -48.29 -57.94
C8 CLA YC . -49.57 -47.42 -58.27
C9 CLA YC . -49.28 -45.95 -58.06
C10 CLA YC . -50.78 -47.83 -57.44
MG CLA ZC . -38.52 -44.45 -41.66
CHA CLA ZC . -41.43 -44.16 -43.51
CHB CLA ZC . -37.02 -46.03 -44.28
CHC CLA ZC . -35.59 -44.52 -39.87
CHD CLA ZC . -40.11 -42.79 -38.97
NA CLA ZC . -39.16 -45.03 -43.57
C1A CLA ZC . -40.41 -44.79 -44.15
C2A CLA ZC . -40.47 -45.40 -45.56
C3A CLA ZC . -39.11 -46.12 -45.70
C4A CLA ZC . -38.36 -45.70 -44.44
CMA CLA ZC . -39.31 -47.61 -45.74
CAA CLA ZC . -40.69 -44.38 -46.67
CBA CLA ZC . -39.89 -43.10 -46.49
CGA CLA ZC . -39.85 -42.40 -47.81
O1A CLA ZC . -39.36 -42.79 -48.86
O2A CLA ZC . -40.47 -41.18 -47.78
NB CLA ZC . -36.67 -45.17 -42.00
C1B CLA ZC . -36.24 -45.72 -43.16
C2B CLA ZC . -34.77 -45.97 -43.09
C3B CLA ZC . -34.36 -45.55 -41.84
C4B CLA ZC . -35.56 -45.04 -41.13
CMB CLA ZC . -34.01 -46.57 -44.19
CAB CLA ZC . -33.06 -45.55 -41.22
CBB CLA ZC . -31.92 -45.21 -41.81
NC CLA ZC . -37.98 -43.81 -39.75
C1C CLA ZC . -36.73 -43.96 -39.23
C2C CLA ZC . -36.70 -43.40 -37.88
C3C CLA ZC . -37.96 -42.89 -37.62
C4C CLA ZC . -38.77 -43.16 -38.81
CMC CLA ZC . -35.51 -43.40 -37.02
CAC CLA ZC . -38.41 -42.24 -36.38
CBC CLA ZC . -38.47 -40.74 -36.49
ND CLA ZC . -40.34 -43.69 -41.24
C1D CLA ZC . -40.85 -43.03 -40.11
C2D CLA ZC . -42.27 -42.67 -40.37
C3D CLA ZC . -42.54 -43.08 -41.65
C4D CLA ZC . -41.31 -43.70 -42.16
CMD CLA ZC . -43.13 -41.99 -39.40
CAD CLA ZC . -43.54 -43.18 -42.70
OBD CLA ZC . -44.72 -42.88 -42.67
CBD CLA ZC . -42.84 -43.81 -43.94
CGD CLA ZC . -43.56 -45.00 -44.49
O1D CLA ZC . -43.94 -46.01 -43.88
O2D CLA ZC . -43.80 -44.94 -45.83
CED CLA ZC . -43.93 -46.15 -46.55
MG CLA AD . -47.87 -36.41 -40.87
CHA CLA AD . -50.05 -33.72 -41.29
CHB CLA AD . -45.27 -34.44 -41.77
CHC CLA AD . -45.80 -39.14 -40.61
CHD CLA AD . -50.60 -38.41 -39.87
NA CLA AD . -47.71 -34.39 -41.39
C1A CLA AD . -48.73 -33.43 -41.52
C2A CLA AD . -48.13 -32.07 -41.91
C3A CLA AD . -46.60 -32.32 -41.90
C4A CLA AD . -46.49 -33.82 -41.67
CMA CLA AD . -45.92 -31.95 -43.18
CAA CLA AD . -48.51 -30.99 -40.92
CBA CLA AD . -47.68 -29.72 -41.04
CGA CLA AD . -47.75 -29.17 -42.44
O1A CLA AD . -48.61 -29.34 -43.29
O2A CLA AD . -46.68 -28.37 -42.72
NB CLA AD . -45.90 -36.72 -41.10
C1B CLA AD . -45.02 -35.81 -41.58
C2B CLA AD . -43.72 -36.47 -41.88
C3B CLA AD . -43.86 -37.80 -41.56
C4B CLA AD . -45.26 -37.97 -41.05
CMB CLA AD . -42.56 -35.75 -42.41
CAB CLA AD . -42.95 -38.91 -41.62
CBB CLA AD . -41.65 -38.87 -41.30
NC CLA AD . -48.16 -38.38 -40.29
C1C CLA AD . -47.17 -39.32 -40.23
C2C CLA AD . -47.69 -40.59 -39.76
C3C CLA AD . -49.06 -40.40 -39.57
C4C CLA AD . -49.34 -39.01 -39.90
CMC CLA AD . -46.84 -41.77 -39.58
CAC CLA AD . -50.09 -41.33 -39.06
CBC CLA AD . -50.07 -42.72 -39.62
ND CLA AD . -49.86 -36.17 -40.56
C1D CLA AD . -50.87 -37.11 -40.19
C2D CLA AD . -52.18 -36.42 -40.22
C3D CLA AD . -51.93 -35.13 -40.64
C4D CLA AD . -50.47 -35.02 -40.84
CMD CLA AD . -53.46 -37.04 -39.89
CAD CLA AD . -52.50 -33.83 -40.93
OBD CLA AD . -53.65 -33.47 -40.86
CBD CLA AD . -51.32 -32.92 -41.40
CGD CLA AD . -51.59 -32.47 -42.81
O1D CLA AD . -52.50 -32.85 -43.55
O2D CLA AD . -50.72 -31.55 -43.30
CED CLA AD . -50.82 -31.28 -44.70
C1 CLA AD . -46.68 -27.74 -44.02
C2 CLA AD . -45.52 -28.29 -44.76
C3 CLA AD . -45.65 -29.04 -45.87
C4 CLA AD . -46.97 -29.37 -46.45
C5 CLA AD . -44.46 -29.57 -46.58
C6 CLA AD . -44.22 -31.03 -46.26
C7 CLA AD . -43.65 -31.77 -47.44
C8 CLA AD . -43.90 -33.28 -47.33
C9 CLA AD . -43.19 -33.83 -46.12
C10 CLA AD . -43.45 -33.99 -48.60
C11 CLA AD . -43.21 -35.47 -48.37
C12 CLA AD . -44.19 -36.32 -49.15
C13 CLA AD . -43.57 -36.83 -50.44
C14 CLA AD . -44.05 -36.02 -51.63
C15 CLA AD . -43.87 -38.32 -50.65
C16 CLA AD . -42.74 -39.02 -51.36
C17 CLA AD . -43.23 -40.24 -52.11
C18 CLA AD . -42.87 -40.20 -53.59
C19 CLA AD . -43.53 -41.34 -54.34
C20 CLA AD . -43.28 -38.89 -54.20
MG CLA BD . -31.44 -27.08 -41.94
CHA CLA BD . -31.44 -25.53 -45.04
CHB CLA BD . -31.52 -30.12 -43.48
CHC CLA BD . -31.18 -28.57 -38.87
CHD CLA BD . -31.40 -23.90 -40.41
NA CLA BD . -31.49 -27.71 -43.94
C1A CLA BD . -31.47 -26.90 -45.08
C2A CLA BD . -31.49 -27.74 -46.34
C3A CLA BD . -31.75 -29.17 -45.80
C4A CLA BD . -31.56 -29.01 -44.30
CMA CLA BD . -33.15 -29.63 -46.14
CAA CLA BD . -30.10 -27.65 -46.92
CBA CLA BD . -29.73 -28.81 -47.82
CGA CLA BD . -28.26 -28.75 -48.11
O1A CLA BD . -27.52 -27.76 -48.05
O2A CLA BD . -27.73 -29.94 -48.48
NB CLA BD . -31.43 -28.99 -41.30
C1B CLA BD . -31.36 -30.09 -42.09
C2B CLA BD . -31.09 -31.30 -41.26
C3B CLA BD . -31.00 -30.86 -39.95
C4B CLA BD . -31.22 -29.39 -39.96
CMB CLA BD . -30.96 -32.62 -41.84
CAB CLA BD . -30.73 -31.57 -38.73
CBB CLA BD . -31.01 -32.86 -38.48
NC CLA BD . -31.35 -26.36 -40.00
C1C CLA BD . -31.25 -27.15 -38.88
C2C CLA BD . -31.20 -26.32 -37.68
C3C CLA BD . -31.25 -24.99 -38.12
C4C CLA BD . -31.35 -25.03 -39.57
CMC CLA BD . -31.09 -26.83 -36.32
CAC CLA BD . -31.22 -23.78 -37.28
CBC CLA BD . -29.90 -23.06 -37.36
ND CLA BD . -31.41 -25.14 -42.52
C1D CLA BD . -31.43 -23.93 -41.78
C2D CLA BD . -31.45 -22.80 -42.73
C3D CLA BD . -31.44 -23.35 -43.99
C4D CLA BD . -31.43 -24.81 -43.80
CMD CLA BD . -31.46 -21.40 -42.33
CAD CLA BD . -31.44 -23.11 -45.43
OBD CLA BD . -31.42 -22.04 -46.04
CBD CLA BD . -31.48 -24.50 -46.12
CGD CLA BD . -32.74 -24.64 -46.93
O1D CLA BD . -33.78 -25.24 -46.64
O2D CLA BD . -32.70 -24.01 -48.13
CED CLA BD . -33.93 -23.97 -48.85
C1 CLA BD . -26.59 -29.90 -49.37
C2 CLA BD . -25.97 -31.25 -49.29
C3 CLA BD . -25.51 -31.92 -50.36
C4 CLA BD . -25.61 -31.39 -51.74
C5 CLA BD . -24.90 -33.27 -50.19
C6 CLA BD . -23.48 -33.34 -50.73
C7 CLA BD . -22.80 -34.60 -50.24
C8 CLA BD . -21.50 -34.88 -51.00
C9 CLA BD . -21.78 -35.73 -52.22
C10 CLA BD . -20.48 -35.57 -50.09
C11 CLA BD . -20.95 -36.93 -49.62
C12 CLA BD . -20.37 -37.27 -48.26
C13 CLA BD . -20.18 -38.76 -48.06
C14 CLA BD . -19.19 -39.32 -49.08
C15 CLA BD . -21.50 -39.51 -48.14
C16 CLA BD . -21.59 -40.57 -47.05
C17 CLA BD . -22.87 -41.38 -47.17
C18 CLA BD . -23.09 -42.28 -45.96
C19 CLA BD . -21.87 -43.14 -45.67
C20 CLA BD . -24.30 -43.15 -46.16
MG CLA CD . -34.09 -24.68 -54.80
CHA CLA CD . -33.27 -26.52 -51.97
CHB CLA CD . -36.35 -27.06 -55.69
CHC CLA CD . -34.80 -22.86 -57.62
CHD CLA CD . -31.65 -22.29 -53.88
NA CLA CD . -34.70 -26.48 -53.93
C1A CLA CD . -34.24 -27.08 -52.75
C2A CLA CD . -34.96 -28.40 -52.49
C3A CLA CD . -35.91 -28.53 -53.69
C4A CLA CD . -35.66 -27.27 -54.50
CMA CLA CD . -35.61 -29.77 -54.50
CAA CLA CD . -35.73 -28.43 -51.18
CBA CLA CD . -36.12 -29.82 -50.77
CGA CLA CD . -37.11 -29.78 -49.64
O1A CLA CD . -38.03 -28.99 -49.46
O2A CLA CD . -36.93 -30.78 -48.73
NB CLA CD . -35.34 -24.91 -56.36
C1B CLA CD . -36.20 -25.94 -56.53
C2B CLA CD . -37.02 -25.71 -57.76
C3B CLA CD . -36.58 -24.53 -58.31
C4B CLA CD . -35.50 -24.01 -57.43
CMB CLA CD . -38.03 -26.67 -58.20
CAB CLA CD . -36.97 -23.81 -59.50
CBB CLA CD . -38.07 -24.01 -60.23
NC CLA CD . -33.35 -22.90 -55.59
C1C CLA CD . -33.78 -22.34 -56.77
C2C CLA CD . -33.05 -21.11 -57.02
C3C CLA CD . -32.16 -20.94 -55.96
C4C CLA CD . -32.36 -22.06 -55.07
CMC CLA CD . -33.25 -20.26 -58.19
CAC CLA CD . -31.20 -19.84 -55.77
CBC CLA CD . -29.78 -20.24 -56.07
ND CLA CD . -32.78 -24.39 -53.30
C1D CLA CD . -31.82 -23.37 -53.04
C2D CLA CD . -31.10 -23.68 -51.80
C3D CLA CD . -31.61 -24.87 -51.36
C4D CLA CD . -32.65 -25.28 -52.32
CMD CLA CD . -30.04 -22.85 -51.22
CAD CLA CD . -31.53 -25.90 -50.34
OBD CLA CD . -30.79 -25.97 -49.37
CBD CLA CD . -32.61 -26.98 -50.68
CGD CLA CD . -32.02 -28.36 -50.77
O1D CLA CD . -32.35 -29.36 -50.11
O2D CLA CD . -31.03 -28.51 -51.67
CED CLA CD . -30.19 -29.66 -51.54
C1 CLA CD . -38.04 -31.70 -48.55
C2 CLA CD . -38.16 -31.94 -47.09
C3 CLA CD . -39.13 -31.40 -46.35
C4 CLA CD . -40.16 -30.51 -46.95
C5 CLA CD . -39.25 -31.65 -44.88
C6 CLA CD . -38.67 -33.00 -44.46
C7 CLA CD . -38.36 -33.00 -42.98
C8 CLA CD . -38.88 -34.24 -42.27
C9 CLA CD . -38.53 -34.21 -40.80
C10 CLA CD . -38.34 -35.52 -42.93
C11 CLA CD . -36.91 -35.79 -42.54
C12 CLA CD . -36.50 -37.21 -42.91
C13 CLA CD . -35.04 -37.25 -43.33
C14 CLA CD . -34.83 -38.31 -44.40
C15 CLA CD . -34.12 -37.50 -42.13
C16 CLA CD . -32.68 -37.70 -42.55
C17 CLA CD . -31.77 -36.67 -41.93
C18 CLA CD . -30.32 -36.86 -42.36
C19 CLA CD . -29.37 -36.53 -41.24
C20 CLA CD . -30.00 -36.01 -43.57
MG CLA DD . -40.68 -9.53 -39.00
CHA CLA DD . -43.53 -7.88 -40.09
CHB CLA DD . -38.82 -7.84 -41.28
CHC CLA DD . -37.86 -10.97 -37.69
CHD CLA DD . -42.63 -11.20 -36.57
NA CLA DD . -41.15 -8.14 -40.49
C1A CLA DD . -42.38 -7.57 -40.78
C2A CLA DD . -42.26 -6.59 -41.96
C3A CLA DD . -40.82 -6.84 -42.47
C4A CLA DD . -40.20 -7.66 -41.34
CMA CLA DD . -40.82 -7.60 -43.76
CAA CLA DD . -42.44 -5.15 -41.52
CBA CLA DD . -41.81 -4.86 -40.17
CGA CLA DD . -40.56 -4.05 -40.33
O1A CLA DD . -40.46 -2.86 -40.67
O2A CLA DD . -39.41 -4.74 -40.04
NB CLA DD . -38.72 -9.49 -39.46
C1B CLA DD . -38.15 -8.58 -40.30
C2B CLA DD . -36.68 -8.50 -40.05
C3B CLA DD . -36.41 -9.39 -39.04
C4B CLA DD . -37.69 -10.04 -38.66
CMB CLA DD . -35.81 -7.61 -40.82
CAB CLA DD . -35.18 -9.76 -38.38
CBB CLA DD . -34.05 -9.06 -38.33
NC CLA DD . -40.33 -10.91 -37.47
C1C CLA DD . -39.10 -11.40 -37.15
C2C CLA DD . -39.22 -12.38 -36.08
C3C CLA DD . -40.57 -12.40 -35.71
C4C CLA DD . -41.26 -11.48 -36.60
CMC CLA DD . -38.10 -13.12 -35.50
CAC CLA DD . -41.18 -13.24 -34.68
CBC CLA DD . -41.40 -12.51 -33.37
ND CLA DD . -42.62 -9.62 -38.45
C1D CLA DD . -43.29 -10.32 -37.41
C2D CLA DD . -44.72 -9.96 -37.43
C3D CLA DD . -44.86 -9.02 -38.43
C4D CLA DD . -43.53 -8.84 -39.03
CMD CLA DD . -45.72 -10.50 -36.51
CAD CLA DD . -45.78 -8.15 -39.13
OBD CLA DD . -46.99 -8.00 -38.97
CBD CLA DD . -44.96 -7.38 -40.20
CGD CLA DD . -45.56 -7.59 -41.55
O1D CLA DD . -45.49 -8.61 -42.24
O2D CLA DD . -46.28 -6.55 -42.03
CED CLA DD . -47.34 -6.86 -42.93
C1 CLA DD . -38.86 -4.63 -38.72
C2 CLA DD . -39.39 -5.79 -37.96
C3 CLA DD . -39.07 -6.09 -36.69
C4 CLA DD . -38.14 -5.26 -35.90
C5 CLA DD . -39.66 -7.28 -36.03
C6 CLA DD . -40.92 -6.98 -35.25
C7 CLA DD . -42.13 -6.88 -36.16
MG CLA ED . -44.69 -15.22 -44.38
CHA CLA ED . -45.47 -13.47 -47.27
CHB CLA ED . -45.16 -12.37 -42.57
CHC CLA ED . -44.43 -17.07 -41.50
CHD CLA ED . -44.48 -18.18 -46.27
NA CLA ED . -45.13 -13.24 -44.87
C1A CLA ED . -45.46 -12.72 -46.13
C2A CLA ED . -45.73 -11.22 -46.05
C3A CLA ED . -45.35 -10.87 -44.59
C4A CLA ED . -45.20 -12.24 -43.94
CMA CLA ED . -44.05 -10.10 -44.55
CAA CLA ED . -47.19 -10.92 -46.35
CBA CLA ED . -48.11 -11.07 -45.17
CGA CLA ED . -49.13 -12.14 -45.44
O1A CLA ED . -48.92 -13.31 -45.75
O2A CLA ED . -50.42 -11.71 -45.31
NB CLA ED . -44.70 -14.78 -42.41
C1B CLA ED . -45.03 -13.58 -41.87
C2B CLA ED . -45.22 -13.73 -40.41
C3B CLA ED . -45.02 -15.05 -40.10
C4B CLA ED . -44.67 -15.74 -41.37
CMB CLA ED . -45.59 -12.60 -39.56
CAB CLA ED . -45.09 -15.79 -38.85
CBB CLA ED . -44.96 -15.28 -37.63
NC CLA ED . -44.39 -17.24 -43.97
C1C CLA ED . -44.27 -17.77 -42.73
C2C CLA ED . -44.06 -19.20 -42.81
C3C CLA ED . -44.14 -19.54 -44.16
C4C CLA ED . -44.34 -18.29 -44.89
CMC CLA ED . -43.87 -20.09 -41.66
CAC CLA ED . -44.00 -20.87 -44.76
CBC CLA ED . -45.33 -21.44 -45.17
ND CLA ED . -44.76 -15.74 -46.33
C1D CLA ED . -44.70 -17.01 -46.96
C2D CLA ED . -44.89 -16.82 -48.42
C3D CLA ED . -45.17 -15.47 -48.60
C4D CLA ED . -45.12 -14.86 -47.25
CMD CLA ED . -44.80 -17.88 -49.41
CAD CLA ED . -45.47 -14.42 -49.54
OBD CLA ED . -45.49 -14.45 -50.76
CBD CLA ED . -45.78 -13.14 -48.70
CGD CLA ED . -45.01 -11.94 -49.18
O1D CLA ED . -43.79 -11.81 -49.27
O2D CLA ED . -45.78 -10.88 -49.51
CED CLA ED . -45.12 -9.64 -49.78
C1 CLA ED . -51.34 -12.60 -44.66
C2 CLA ED . -52.08 -13.34 -45.72
C3 CLA ED . -53.10 -14.18 -45.47
C4 CLA ED . -53.59 -14.45 -44.10
C5 CLA ED . -53.79 -14.88 -46.58
C6 CLA ED . -53.87 -16.38 -46.41
C7 CLA ED . -54.62 -17.01 -47.57
C8 CLA ED . -54.22 -18.46 -47.78
C9 CLA ED . -53.28 -18.59 -48.95
C10 CLA ED . -55.42 -19.37 -47.96
C11 CLA ED . -56.58 -18.74 -48.70
C12 CLA ED . -57.31 -19.78 -49.53
C13 CLA ED . -58.81 -19.56 -49.57
C14 CLA ED . -59.38 -19.27 -48.20
C15 CLA ED . -59.50 -20.78 -50.18
C16 CLA ED . -60.98 -20.55 -50.39
C17 CLA ED . -61.54 -21.58 -51.35
C18 CLA ED . -62.98 -21.29 -51.72
C19 CLA ED . -63.53 -22.33 -52.67
C20 CLA ED . -63.85 -21.23 -50.48
MG CLA FD . -43.58 -24.82 -27.76
CHA CLA FD . -43.52 -25.58 -24.39
CHB CLA FD . -46.94 -25.43 -27.83
CHC CLA FD . -43.67 -23.69 -31.01
CHD CLA FD . -40.18 -23.89 -27.55
NA CLA FD . -44.96 -25.47 -26.35
C1A CLA FD . -44.75 -25.69 -24.98
C2A CLA FD . -46.04 -26.09 -24.28
C3A CLA FD . -47.07 -26.18 -25.43
C4A CLA FD . -46.29 -25.65 -26.63
CMA CLA FD . -47.54 -27.59 -25.64
CAA CLA FD . -46.46 -25.01 -23.30
CBA CLA FD . -46.21 -23.61 -23.80
CGA CLA FD . -46.28 -22.63 -22.67
O1A CLA FD . -46.19 -22.84 -21.47
O2A CLA FD . -46.49 -21.34 -23.07
NB CLA FD . -45.02 -24.61 -29.15
C1B CLA FD . -46.32 -24.94 -29.00
C2B CLA FD . -47.04 -24.74 -30.27
C3B CLA FD . -46.13 -24.26 -31.18
C4B CLA FD . -44.83 -24.16 -30.48
CMB CLA FD . -48.47 -25.02 -30.39
CAB CLA FD . -46.29 -23.86 -32.56
CBB CLA FD . -47.16 -24.39 -33.43
NC CLA FD . -42.16 -24.02 -29.07
C1C CLA FD . -42.41 -23.63 -30.35
C2C CLA FD . -41.21 -23.06 -30.93
C3C CLA FD . -40.22 -23.08 -29.95
C4C CLA FD . -40.83 -23.68 -28.77
CMC CLA FD . -41.12 -22.53 -32.30
CAC CLA FD . -38.85 -22.57 -30.04
CBC CLA FD . -38.72 -21.13 -29.59
ND CLA FD . -42.09 -24.90 -26.40
C1D CLA FD . -40.74 -24.47 -26.43
C2D CLA FD . -40.12 -24.72 -25.12
C3D CLA FD . -41.14 -25.17 -24.29
C4D CLA FD . -42.36 -25.21 -25.13
CMD CLA FD . -38.72 -24.49 -24.80
CAD CLA FD . -41.51 -25.61 -22.97
OBD CLA FD . -40.80 -25.82 -21.99
CBD CLA FD . -43.05 -25.80 -22.97
CGD CLA FD . -43.44 -27.16 -22.45
O1D CLA FD . -44.12 -28.02 -23.02
O2D CLA FD . -42.97 -27.43 -21.20
CED CLA FD . -42.76 -28.81 -20.88
C1 CLA FD . -46.05 -20.29 -22.19
C2 CLA FD . -45.70 -19.11 -23.02
C3 CLA FD . -44.96 -18.08 -22.56
C4 CLA FD . -44.44 -18.03 -21.19
C5 CLA FD . -44.63 -16.91 -23.43
C6 CLA FD . -43.21 -16.44 -23.26
C7 CLA FD . -42.80 -15.51 -24.38
MG CLA GD . -27.22 -45.11 -37.20
CHA CLA GD . -27.87 -48.48 -36.91
CHB CLA GD . -23.90 -45.70 -36.67
CHC CLA GD . -26.54 -41.81 -37.93
CHD CLA GD . -30.61 -44.57 -38.05
NA CLA GD . -26.10 -46.82 -36.78
C1A CLA GD . -26.56 -48.13 -36.74
C2A CLA GD . -25.41 -49.08 -36.41
C3A CLA GD . -24.22 -48.13 -36.10
C4A CLA GD . -24.75 -46.78 -36.55
CMA CLA GD . -23.89 -48.14 -34.63
CAA CLA GD . -25.11 -49.95 -37.61
CBA CLA GD . -24.84 -49.12 -38.84
CGA CLA GD . -24.66 -49.99 -40.04
O1A CLA GD . -24.09 -49.72 -41.10
O2A CLA GD . -25.20 -51.23 -39.88
NB CLA GD . -25.56 -43.97 -37.23
C1B CLA GD . -24.29 -44.41 -37.05
C2B CLA GD . -23.32 -43.31 -37.33
C3B CLA GD . -24.07 -42.20 -37.68
C4B CLA GD . -25.49 -42.61 -37.62
CMB CLA GD . -21.88 -43.48 -37.22
CAB CLA GD . -23.65 -40.88 -38.05
CBB CLA GD . -22.64 -40.59 -38.88
NC CLA GD . -28.38 -43.48 -37.78
C1C CLA GD . -27.91 -42.21 -37.99
C2C CLA GD . -28.98 -41.31 -38.38
C3C CLA GD . -30.13 -42.10 -38.47
C4C CLA GD . -29.74 -43.46 -38.11
CMC CLA GD . -28.81 -39.89 -38.65
CAC CLA GD . -31.48 -41.65 -38.85
CBC CLA GD . -31.66 -41.61 -40.35
ND CLA GD . -28.92 -46.19 -37.30
C1D CLA GD . -30.25 -45.84 -37.67
C2D CLA GD . -31.09 -47.05 -37.56
C3D CLA GD . -30.23 -48.09 -37.26
C4D CLA GD . -28.89 -47.50 -37.15
CMD CLA GD . -32.54 -47.05 -37.77
CAD CLA GD . -30.10 -49.49 -36.97
OBD CLA GD . -30.97 -50.34 -36.82
CBD CLA GD . -28.58 -49.80 -36.83
CGD CLA GD . -28.29 -50.43 -35.51
O1D CLA GD . -27.87 -51.57 -35.27
O2D CLA GD . -28.51 -49.61 -34.45
CED CLA GD . -28.00 -50.00 -33.18
MG CLA HD . -16.93 -43.37 -38.07
CHA CLA HD . -18.32 -46.28 -36.77
CHB CLA HD . -14.51 -43.48 -35.68
CHC CLA HD . -15.41 -40.69 -39.56
CHD CLA HD . -19.33 -43.45 -40.66
NA CLA HD . -16.55 -44.63 -36.44
C1A CLA HD . -17.23 -45.80 -36.08
C2A CLA HD . -16.61 -46.44 -34.83
C3A CLA HD . -15.51 -45.43 -34.42
C4A CLA HD . -15.51 -44.43 -35.58
CMA CLA HD . -15.82 -44.76 -33.10
CAA CLA HD . -16.02 -47.81 -35.12
CBA CLA HD . -14.59 -47.75 -35.60
CGA CLA HD . -14.53 -47.91 -37.08
O1A CLA HD . -14.92 -47.14 -37.95
O2A CLA HD . -13.94 -49.09 -37.47
NB CLA HD . -15.32 -42.25 -37.65
C1B CLA HD . -14.39 -42.52 -36.70
C2B CLA HD . -13.20 -41.66 -36.88
C3B CLA HD . -13.44 -40.86 -37.98
C4B CLA HD . -14.80 -41.23 -38.48
CMB CLA HD . -12.04 -41.75 -36.00
CAB CLA HD . -12.65 -39.85 -38.62
CBB CLA HD . -11.32 -39.85 -38.73
NC CLA HD . -17.36 -42.22 -39.75
C1C CLA HD . -16.62 -41.15 -40.16
C2C CLA HD . -17.21 -40.57 -41.36
C3C CLA HD . -18.28 -41.39 -41.71
C4C CLA HD . -18.37 -42.43 -40.70
CMC CLA HD . -16.70 -39.39 -42.05
CAC CLA HD . -19.18 -41.22 -42.85
CBC CLA HD . -20.48 -40.55 -42.47
ND CLA HD . -18.53 -44.49 -38.59
C1D CLA HD . -19.43 -44.43 -39.69
C2D CLA HD . -20.39 -45.54 -39.59
C3D CLA HD . -20.02 -46.28 -38.48
C4D CLA HD . -18.84 -45.60 -37.92
CMD CLA HD . -21.49 -45.78 -40.52
CAD CLA HD . -20.30 -47.43 -37.66
OBD CLA HD . -21.20 -48.25 -37.75
CBD CLA HD . -19.19 -47.49 -36.55
CGD CLA HD . -19.77 -47.50 -35.17
O1D CLA HD . -20.04 -46.54 -34.46
O2D CLA HD . -20.02 -48.75 -34.68
CED CLA HD . -20.47 -48.83 -33.33
C1 CLA HD . -12.78 -49.00 -38.32
C2 CLA HD . -13.25 -48.99 -39.72
C3 CLA HD . -12.45 -48.70 -40.77
C4 CLA HD . -11.02 -48.34 -40.58
C5 CLA HD . -12.99 -48.71 -42.17
C6 CLA HD . -11.99 -48.23 -43.20
C7 CLA HD . -12.33 -46.84 -43.68
C8 CLA HD . -11.11 -46.11 -44.24
C9 CLA HD . -10.56 -45.14 -43.22
C10 CLA HD . -11.44 -45.39 -45.53
C11 CLA HD . -10.23 -44.68 -46.11
MG CLA ID . -6.07 -30.75 -40.45
CHA CLA ID . -7.78 -32.60 -38.05
CHB CLA ID . -4.71 -28.84 -37.98
CHC CLA ID . -4.13 -29.20 -42.80
CHD CLA ID . -7.28 -32.97 -42.91
NA CLA ID . -6.28 -30.71 -38.37
C1A CLA ID . -7.03 -31.57 -37.55
C2A CLA ID . -6.88 -31.21 -36.08
C3A CLA ID . -6.03 -29.92 -36.11
C4A CLA ID . -5.64 -29.80 -37.59
CMA CLA ID . -6.78 -28.71 -35.62
CAA CLA ID . -6.11 -32.31 -35.35
CBA CLA ID . -5.02 -32.87 -36.24
CGA CLA ID . -4.13 -33.87 -35.56
O1A CLA ID . -3.05 -34.30 -35.96
O2A CLA ID . -4.60 -34.35 -34.37
NB CLA ID . -4.77 -29.22 -40.42
C1B CLA ID . -4.26 -28.66 -39.29
C2B CLA ID . -3.10 -27.80 -39.63
C3B CLA ID . -2.91 -27.89 -40.98
C4B CLA ID . -3.97 -28.80 -41.51
CMB CLA ID . -2.31 -27.08 -38.62
CAB CLA ID . -1.87 -27.25 -41.74
CBB CLA ID . -1.41 -27.57 -42.95
NC CLA ID . -5.84 -30.98 -42.51
C1C CLA ID . -5.00 -30.23 -43.27
C2C CLA ID . -5.07 -30.65 -44.65
C3C CLA ID . -5.91 -31.76 -44.70
C4C CLA ID . -6.40 -31.97 -43.33
CMC CLA ID . -4.31 -30.06 -45.76
CAC CLA ID . -6.24 -32.56 -45.89
CBC CLA ID . -7.72 -32.72 -46.19
ND CLA ID . -7.28 -32.37 -40.55
C1D CLA ID . -7.71 -33.18 -41.63
C2D CLA ID . -8.63 -34.22 -41.13
C3D CLA ID . -8.70 -34.03 -39.76
C4D CLA ID . -7.84 -32.89 -39.46
CMD CLA ID . -9.29 -35.22 -41.96
CAD CLA ID . -9.28 -34.49 -38.51
OBD CLA ID . -10.06 -35.40 -38.30
CBD CLA ID . -8.69 -33.60 -37.39
CGD CLA ID . -9.79 -32.86 -36.69
O1D CLA ID . -10.23 -31.74 -36.97
O2D CLA ID . -10.34 -33.51 -35.63
CED CLA ID . -11.59 -33.01 -35.16
C1 CLA ID . -3.98 -35.57 -33.90
C2 CLA ID . -4.55 -36.67 -34.71
C3 CLA ID . -5.44 -37.54 -34.23
C4 CLA ID . -5.93 -37.49 -32.84
C5 CLA ID . -5.99 -38.61 -35.10
C6 CLA ID . -6.75 -38.04 -36.28
C7 CLA ID . -7.06 -39.11 -37.31
C8 CLA ID . -6.10 -39.07 -38.49
C9 CLA ID . -6.01 -37.67 -39.04
C10 CLA ID . -6.56 -40.04 -39.58
C11 CLA ID . -5.42 -40.84 -40.14
MG CLA JD . -0.67 -20.70 -42.44
CHA CLA JD . 2.28 -20.31 -44.21
CHB CLA JD . -1.44 -23.41 -44.34
CHC CLA JD . -3.33 -21.35 -40.36
CHD CLA JD . 0.23 -17.95 -40.41
NA CLA JD . 0.26 -21.65 -44.04
C1A CLA JD . 1.51 -21.37 -44.60
C2A CLA JD . 1.82 -22.35 -45.72
C3A CLA JD . 0.50 -23.10 -45.92
C4A CLA JD . -0.29 -22.73 -44.67
CMA CLA JD . -0.20 -22.67 -47.19
CAA CLA JD . 2.80 -23.36 -45.16
CBA CLA JD . 4.24 -23.20 -45.59
CGA CLA JD . 4.84 -24.56 -45.73
O1A CLA JD . 4.64 -25.39 -46.61
O2A CLA JD . 5.71 -24.91 -44.74
NB CLA JD . -2.12 -22.10 -42.37
C1B CLA JD . -2.25 -23.14 -43.23
C2B CLA JD . -3.43 -23.95 -42.85
C3B CLA JD . -3.98 -23.38 -41.72
C4B CLA JD . -3.14 -22.19 -41.40
CMB CLA JD . -3.82 -25.13 -43.61
CAB CLA JD . -5.10 -23.75 -40.90
CBB CLA JD . -6.03 -24.65 -41.17
NC CLA JD . -1.44 -19.77 -40.74
C1C CLA JD . -2.54 -20.20 -40.06
C2C CLA JD . -2.78 -19.35 -38.91
C3C CLA JD . -1.77 -18.38 -38.91
C4C CLA JD . -0.93 -18.67 -40.06
CMC CLA JD . -3.87 -19.53 -37.95
CAC CLA JD . -1.58 -17.32 -37.93
CBC CLA JD . -0.72 -17.76 -36.76
ND CLA JD . 0.81 -19.33 -42.36
C1D CLA JD . 1.06 -18.25 -41.47
C2D CLA JD . 2.30 -17.57 -41.90
C3D CLA JD . 2.81 -18.31 -42.95
C4D CLA JD . 1.86 -19.42 -43.17
CMD CLA JD . 2.85 -16.38 -41.26
CAD CLA JD . 3.85 -18.44 -43.94
OBD CLA JD . 4.80 -17.70 -44.19
CBD CLA JD . 3.59 -19.77 -44.73
CGD CLA JD . 3.52 -19.52 -46.21
O1D CLA JD . 4.42 -19.67 -47.04
O2D CLA JD . 2.32 -19.08 -46.66
CED CLA JD . 2.12 -19.00 -48.07
C1 CLA JD . 6.60 -26.01 -45.03
C2 CLA JD . 6.57 -26.94 -43.88
C3 CLA JD . 6.43 -28.27 -44.04
C4 CLA JD . 6.29 -28.90 -45.37
C5 CLA JD . 6.40 -29.18 -42.85
C6 CLA JD . 7.21 -30.45 -43.05
C7 CLA JD . 7.10 -31.35 -41.83
C8 CLA JD . 7.90 -32.63 -41.95
C9 CLA JD . 9.38 -32.35 -41.71
C10 CLA JD . 7.71 -33.28 -43.31
C11 CLA JD . 7.99 -34.77 -43.28
MG CLA KD . -30.49 -29.29 -60.37
CHA CLA KD . -32.80 -28.51 -62.83
CHB CLA KD . -32.17 -27.28 -58.18
CHC CLA KD . -28.29 -30.22 -57.91
CHD CLA KD . -28.69 -31.22 -62.72
NA CLA KD . -32.20 -28.10 -60.52
C1A CLA KD . -33.03 -27.93 -61.62
C2A CLA KD . -34.18 -26.96 -61.30
C3A CLA KD . -33.82 -26.45 -59.89
C4A CLA KD . -32.66 -27.35 -59.47
CMA CLA KD . -33.38 -25.02 -59.96
CAA CLA KD . -35.52 -27.66 -61.31
CBA CLA KD . -35.60 -28.76 -60.28
CGA CLA KD . -36.68 -29.73 -60.65
O1A CLA KD . -37.01 -30.12 -61.78
O2A CLA KD . -37.37 -30.21 -59.58
NB CLA KD . -30.25 -28.82 -58.42
C1B CLA KD . -31.09 -28.04 -57.69
C2B CLA KD . -30.67 -28.04 -56.27
C3B CLA KD . -29.57 -28.86 -56.18
C4B CLA KD . -29.29 -29.37 -57.56
CMB CLA KD . -31.36 -27.28 -55.23
CAB CLA KD . -28.79 -29.21 -55.02
CBB CLA KD . -27.48 -29.01 -54.88
NC CLA KD . -28.80 -30.50 -60.33
C1C CLA KD . -28.05 -30.74 -59.22
C2C CLA KD . -26.95 -31.64 -59.54
C3C CLA KD . -27.05 -31.92 -60.91
C4C CLA KD . -28.22 -31.19 -61.40
CMC CLA KD . -25.95 -32.11 -58.59
CAC CLA KD . -26.17 -32.77 -61.71
CBC CLA KD . -26.71 -34.18 -61.86
ND CLA KD . -30.66 -29.81 -62.31
C1D CLA KD . -29.83 -30.58 -63.17
C2D CLA KD . -30.41 -30.57 -64.53
C3D CLA KD . -31.58 -29.83 -64.45
C4D CLA KD . -31.67 -29.36 -63.05
CMD CLA KD . -29.85 -31.26 -65.68
CAD CLA KD . -32.73 -29.31 -65.16
OBD CLA KD . -33.07 -29.48 -66.31
CBD CLA KD . -33.52 -28.41 -64.15
CGD CLA KD . -33.63 -26.98 -64.60
O1D CLA KD . -33.03 -26.00 -64.15
O2D CLA KD . -34.50 -26.78 -65.62
CED CLA KD . -34.51 -25.49 -66.22
MG CLA LD . -33.59 -34.04 -66.67
CHA CLA LD . -36.45 -33.76 -68.61
CHB CLA LD . -35.11 -32.31 -64.18
CHC CLA LD . -30.79 -34.48 -64.74
CHD CLA LD . -32.00 -35.72 -69.35
NA CLA LD . -35.47 -33.19 -66.46
C1A CLA LD . -36.52 -33.17 -67.38
C2A CLA LD . -37.73 -32.43 -66.82
C3A CLA LD . -37.22 -31.86 -65.48
C4A CLA LD . -35.84 -32.50 -65.34
CMA CLA LD . -37.13 -30.36 -65.50
CAA CLA LD . -38.87 -33.41 -66.60
CBA CLA LD . -38.82 -34.01 -65.21
CGA CLA LD . -39.34 -35.42 -65.22
O1A CLA LD . -40.31 -35.88 -65.83
O2A CLA LD . -38.62 -36.25 -64.41
NB CLA LD . -33.02 -33.43 -64.85
C1B CLA LD . -33.83 -32.84 -63.93
C2B CLA LD . -33.19 -32.83 -62.60
C3B CLA LD . -31.96 -33.44 -62.74
C4B CLA LD . -31.85 -33.84 -64.18
CMB CLA LD . -33.84 -32.25 -61.42
CAB CLA LD . -30.90 -33.74 -61.82
CBB CLA LD . -30.85 -33.43 -60.52
NC CLA LD . -31.74 -34.94 -67.00
C1C CLA LD . -30.73 -35.01 -66.07
C2C CLA LD . -29.58 -35.69 -66.62
C3C CLA LD . -29.91 -36.04 -67.93
C4C CLA LD . -31.27 -35.55 -68.16
CMC CLA LD . -28.34 -35.95 -65.90
CAC CLA LD . -29.07 -36.73 -68.91
CBC CLA LD . -29.12 -38.23 -68.78
ND CLA LD . -34.08 -34.72 -68.51
C1D CLA LD . -33.32 -35.35 -69.54
C2D CLA LD . -34.17 -35.53 -70.73
C3D CLA LD . -35.40 -34.98 -70.41
C4D CLA LD . -35.27 -34.45 -69.04
CMD CLA LD . -33.75 -36.19 -71.96
CAD CLA LD . -36.75 -34.70 -70.85
OBD CLA LD . -37.33 -35.06 -71.88
CBD CLA LD . -37.41 -33.82 -69.76
CGD CLA LD . -37.69 -32.46 -70.32
O1D CLA LD . -36.88 -31.54 -70.48
O2D CLA LD . -38.98 -32.26 -70.71
CED CLA LD . -39.17 -31.53 -71.92
MG CLA MD . -26.07 -21.32 -50.84
CHA CLA MD . -25.48 -23.03 -53.81
CHB CLA MD . -26.52 -24.30 -49.26
CHC CLA MD . -26.95 -19.62 -48.01
CHD CLA MD . -25.95 -18.27 -52.62
NA CLA MD . -25.92 -23.32 -51.44
C1A CLA MD . -25.67 -23.83 -52.73
C2A CLA MD . -25.68 -25.36 -52.73
C3A CLA MD . -25.95 -25.71 -51.25
C4A CLA MD . -26.13 -24.36 -50.58
CMA CLA MD . -27.19 -26.55 -51.13
CAA CLA MD . -24.34 -25.93 -53.15
CBA CLA MD . -24.52 -27.28 -53.81
CGA CLA MD . -23.18 -27.91 -54.05
O1A CLA MD . -22.10 -27.36 -54.25
O2A CLA MD . -23.21 -29.27 -54.05
NB CLA MD . -26.56 -21.86 -48.97
C1B CLA MD . -26.76 -23.12 -48.53
C2B CLA MD . -27.30 -23.11 -47.15
C3B CLA MD . -27.43 -21.78 -46.78
C4B CLA MD . -26.96 -20.97 -47.95
CMB CLA MD . -27.62 -24.34 -46.43
CAB CLA MD . -27.92 -21.15 -45.59
CBB CLA MD . -28.41 -21.74 -44.50
NC CLA MD . -26.30 -19.30 -50.38
C1C CLA MD . -26.63 -18.83 -49.14
C2C CLA MD . -26.70 -17.37 -49.18
C3C CLA MD . -26.49 -16.99 -50.49
C4C CLA MD . -26.24 -18.21 -51.25
CMC CLA MD . -27.02 -16.53 -48.02
CAC CLA MD . -26.51 -15.61 -51.01
CBC CLA MD . -25.18 -15.11 -51.53
ND CLA MD . -25.67 -20.71 -52.72
C1D CLA MD . -25.69 -19.43 -53.34
C2D CLA MD . -25.41 -19.58 -54.78
C3D CLA MD . -25.30 -20.92 -55.00
C4D CLA MD . -25.51 -21.60 -53.71
CMD CLA MD . -25.29 -18.46 -55.72
CAD CLA MD . -25.07 -21.97 -55.99
OBD CLA MD . -24.78 -21.86 -57.17
CBD CLA MD . -25.24 -23.33 -55.27
CGD CLA MD . -26.36 -24.14 -55.88
O1D CLA MD . -26.27 -25.03 -56.71
O2D CLA MD . -27.60 -23.82 -55.41
CED CLA MD . -28.70 -24.66 -55.82
C1 CLA MD . -22.09 -29.94 -54.67
C2 CLA MD . -22.38 -31.38 -54.69
C3 CLA MD . -21.94 -32.20 -55.67
C4 CLA MD . -21.12 -31.69 -56.79
C5 CLA MD . -22.25 -33.66 -55.66
C6 CLA MD . -23.56 -33.96 -54.95
C7 CLA MD . -24.02 -35.38 -55.26
C8 CLA MD . -25.49 -35.58 -54.93
C9 CLA MD . -25.74 -36.99 -54.43
C10 CLA MD . -26.36 -35.28 -56.15
C11 CLA MD . -27.80 -35.65 -55.93
C12 CLA MD . -28.66 -35.32 -57.13
C13 CLA MD . -29.00 -36.55 -57.97
C14 CLA MD . -29.26 -37.76 -57.10
C15 CLA MD . -27.92 -36.86 -58.99
C16 CLA MD . -28.31 -38.02 -59.88
C17 CLA MD . -29.45 -37.67 -60.81
C18 CLA MD . -29.67 -38.73 -61.87
C19 CLA MD . -30.86 -38.42 -62.74
C20 CLA MD . -28.43 -38.88 -62.73
MG CLA ND . -17.08 -28.99 -48.68
CHA CLA ND . -18.83 -27.16 -51.05
CHB CLA ND . -19.76 -28.88 -46.60
CHC CLA ND . -15.34 -30.91 -46.43
CHD CLA ND . -14.27 -28.96 -50.82
NA CLA ND . -18.98 -28.15 -48.83
C1A CLA ND . -19.53 -27.43 -49.91
C2A CLA ND . -20.96 -27.01 -49.59
C3A CLA ND . -21.14 -27.42 -48.11
C4A CLA ND . -19.89 -28.23 -47.82
CMA CLA ND . -21.25 -26.21 -47.22
CAA CLA ND . -22.01 -27.76 -50.41
CBA CLA ND . -21.50 -28.87 -51.30
CGA CLA ND . -21.05 -30.09 -50.56
O1A CLA ND . -21.32 -30.43 -49.41
O2A CLA ND . -20.23 -30.89 -51.31
NB CLA ND . -17.46 -29.72 -46.85
C1B CLA ND . -18.64 -29.63 -46.20
C2B CLA ND . -18.60 -30.44 -44.95
C3B CLA ND . -17.36 -31.02 -44.90
C4B CLA ND . -16.61 -30.57 -46.10
CMB CLA ND . -19.75 -30.52 -44.05
CAB CLA ND . -16.75 -31.91 -43.93
CBB CLA ND . -17.26 -32.31 -42.76
NC CLA ND . -15.15 -29.78 -48.64
C1C CLA ND . -14.65 -30.54 -47.63
C2C CLA ND . -13.29 -30.94 -47.93
C3C CLA ND . -12.97 -30.38 -49.17
C4C CLA ND . -14.15 -29.65 -49.61
CMC CLA ND . -12.45 -31.77 -47.06
CAC CLA ND . -11.70 -30.49 -49.90
CBC CLA ND . -10.92 -29.20 -49.87
ND CLA ND . -16.61 -28.30 -50.52
C1D CLA ND . -15.40 -28.34 -51.27
C2D CLA ND . -15.61 -27.61 -52.55
C3D CLA ND . -16.92 -27.16 -52.53
C4D CLA ND . -17.48 -27.60 -51.24
CMD CLA ND . -14.59 -27.47 -53.59
CAD CLA ND . -17.96 -26.44 -53.24
OBD CLA ND . -17.94 -25.97 -54.36
CBD CLA ND . -19.19 -26.36 -52.28
CGD CLA ND . -19.55 -24.94 -51.95
O1D CLA ND . -18.93 -24.15 -51.23
O2D CLA ND . -20.70 -24.50 -52.53
CED CLA ND . -21.02 -23.11 -52.40
C1 CLA ND . -18.84 -30.93 -50.96
C2 CLA ND . -18.67 -31.97 -49.91
C3 CLA ND . -17.65 -32.83 -49.87
C4 CLA ND . -16.56 -32.81 -50.88
C5 CLA ND . -17.55 -33.84 -48.79
C6 CLA ND . -16.12 -34.14 -48.34
C7 CLA ND . -16.10 -34.54 -46.88
C8 CLA ND . -15.27 -35.79 -46.64
C9 CLA ND . -16.18 -36.97 -46.39
C10 CLA ND . -14.33 -35.62 -45.45
C11 CLA ND . -12.97 -35.12 -45.87
C12 CLA ND . -12.10 -36.23 -46.42
C13 CLA ND . -10.71 -35.70 -46.77
C14 CLA ND . -10.77 -34.85 -48.03
C15 CLA ND . -9.68 -36.82 -46.89
C16 CLA ND . -9.13 -37.00 -48.29
C17 CLA ND . -7.65 -36.64 -48.36
C18 CLA ND . -7.06 -36.98 -49.72
C19 CLA ND . -5.54 -36.84 -49.70
C20 CLA ND . -7.43 -38.38 -50.14
MG CLA OD . -23.87 -33.57 -42.17
CHA CLA OD . -24.89 -31.20 -44.51
CHB CLA OD . -26.67 -32.98 -40.35
CHC CLA OD . -22.86 -35.99 -39.98
CHD CLA OD . -21.02 -34.23 -44.17
NA CLA OD . -25.49 -32.26 -42.40
C1A CLA OD . -25.74 -31.35 -43.44
C2A CLA OD . -27.03 -30.58 -43.19
C3A CLA OD . -27.46 -31.05 -41.78
C4A CLA OD . -26.48 -32.18 -41.46
CMA CLA OD . -27.37 -29.94 -40.76
CAA CLA OD . -28.09 -30.88 -44.22
CBA CLA OD . -28.33 -32.37 -44.39
CGA CLA OD . -28.44 -32.68 -45.84
O1A CLA OD . -27.54 -32.73 -46.68
O2A CLA OD . -29.72 -32.92 -46.25
NB CLA OD . -24.54 -34.23 -40.40
C1B CLA OD . -25.82 -34.04 -39.98
C2B CLA OD . -26.23 -35.13 -39.05
C3B CLA OD . -25.15 -35.97 -38.95
C4B CLA OD . -24.08 -35.40 -39.79
CMB CLA OD . -27.55 -35.18 -38.44
CAB CLA OD . -24.95 -37.20 -38.22
CBB CLA OD . -25.54 -37.55 -37.07
NC CLA OD . -22.21 -34.83 -42.08
C1C CLA OD . -21.97 -35.71 -41.06
C2C CLA OD . -20.70 -36.38 -41.26
C3C CLA OD . -20.21 -35.94 -42.49
C4C CLA OD . -21.16 -34.95 -42.98
CMC CLA OD . -20.12 -37.37 -40.35
CAC CLA OD . -18.94 -36.33 -43.12
CBC CLA OD . -19.15 -37.35 -44.21
ND CLA OD . -23.14 -32.99 -43.98
C1D CLA OD . -21.94 -33.31 -44.66
C2D CLA OD . -21.86 -32.52 -45.90
C3D CLA OD . -22.97 -31.70 -45.89
C4D CLA OD . -23.72 -32.02 -44.67
CMD CLA OD . -20.79 -32.63 -46.88
CAD CLA OD . -23.72 -30.67 -46.60
OBD CLA OD . -23.49 -30.16 -47.68
CBD CLA OD . -24.92 -30.27 -45.70
CGD CLA OD . -24.79 -28.84 -45.26
O1D CLA OD . -24.50 -28.40 -44.15
O2D CLA OD . -25.04 -27.93 -46.25
C1 CLA OD . -29.90 -33.21 -47.64
C2 CLA OD . -29.68 -34.67 -47.82
C3 CLA OD . -29.50 -35.24 -49.02
C4 CLA OD . -29.48 -34.45 -50.27
C5 CLA OD . -29.29 -36.71 -49.16
C6 CLA OD . -29.01 -37.39 -47.83
C7 CLA OD . -28.90 -38.89 -48.00
C8 CLA OD . -28.05 -39.53 -46.91
C9 CLA OD . -26.69 -39.93 -47.45
C10 CLA OD . -28.75 -40.75 -46.32
C11 CLA OD . -29.53 -40.40 -45.07
C12 CLA OD . -30.10 -41.63 -44.40
C13 CLA OD . -31.02 -42.38 -45.34
C14 CLA OD . -32.38 -41.72 -45.41
C15 CLA OD . -31.17 -43.85 -44.94
C16 CLA OD . -29.94 -44.66 -45.33
C17 CLA OD . -30.08 -45.25 -46.72
C18 CLA OD . -29.14 -46.44 -46.94
C19 CLA OD . -27.79 -46.21 -46.30
C20 CLA OD . -29.76 -47.71 -46.42
MG CLA PD . -43.71 -5.68 -5.21
CHA CLA PD . -46.78 -4.27 -4.41
CHB CLA PD . -45.09 -7.11 -7.97
CHC CLA PD . -40.62 -6.94 -6.02
CHD CLA PD . -42.30 -4.09 -2.39
NA CLA PD . -45.63 -5.68 -6.04
C1A CLA PD . -46.77 -5.02 -5.55
C2A CLA PD . -47.97 -5.26 -6.47
C3A CLA PD . -47.42 -6.20 -7.57
C4A CLA PD . -45.94 -6.35 -7.19
CMA CLA PD . -48.14 -7.52 -7.59
CAA CLA PD . -48.41 -3.94 -7.09
CBA CLA PD . -47.30 -3.29 -7.91
CGA CLA PD . -46.86 -1.99 -7.32
O1A CLA PD . -46.86 -1.63 -6.14
O2A CLA PD . -46.40 -1.11 -8.25
NB CLA PD . -42.99 -6.81 -6.72
C1B CLA PD . -43.73 -7.34 -7.73
C2B CLA PD . -42.87 -8.21 -8.57
C3B CLA PD . -41.61 -8.17 -8.03
C4B CLA PD . -41.67 -7.27 -6.84
CMB CLA PD . -43.37 -8.93 -9.74
CAB CLA PD . -40.41 -8.82 -8.47
CBB CLA PD . -39.69 -9.67 -7.73
NC CLA PD . -41.82 -5.54 -4.34
C1C CLA PD . -40.70 -6.13 -4.85
C2C CLA PD . -39.55 -5.81 -4.02
C3C CLA PD . -40.02 -5.01 -2.98
C4C CLA PD . -41.45 -4.84 -3.20
CMC CLA PD . -38.18 -6.26 -4.28
CAC CLA PD . -39.24 -4.39 -1.90
CBC CLA PD . -38.87 -5.35 -0.80
ND CLA PD . -44.33 -4.50 -3.70
C1D CLA PD . -43.64 -3.91 -2.61
C2D CLA PD . -44.61 -3.12 -1.80
C3D CLA PD . -45.83 -3.25 -2.44
C4D CLA PD . -45.60 -4.10 -3.62
CMD CLA PD . -44.27 -2.40 -0.58
CAD CLA PD . -47.23 -2.89 -2.43
OBD CLA PD . -47.87 -2.23 -1.62
CBD CLA PD . -47.87 -3.50 -3.70
CGD CLA PD . -49.03 -4.40 -3.37
O1D CLA PD . -49.07 -5.63 -3.42
O2D CLA PD . -50.15 -3.73 -2.97
CED CLA PD . -51.30 -4.50 -2.63
C1 CLA PD . -45.64 0.03 -7.78
C2 CLA PD . -44.90 0.55 -8.96
C3 CLA PD . -43.68 1.09 -8.92
C4 CLA PD . -42.92 1.24 -7.66
C5 CLA PD . -43.03 1.56 -10.17
C6 CLA PD . -42.49 2.98 -10.11
C7 CLA PD . -43.54 3.98 -10.53
C8 CLA PD . -43.64 4.20 -12.04
C9 CLA PD . -42.31 3.93 -12.74
C10 CLA PD . -44.08 5.63 -12.34
C11 CLA PD . -45.24 5.70 -13.30
C12 CLA PD . -45.92 7.05 -13.22
C13 CLA PD . -46.86 7.27 -14.39
C14 CLA PD . -47.61 8.58 -14.22
C15 CLA PD . -47.83 6.12 -14.56
C16 CLA PD . -48.87 6.42 -15.63
C17 CLA PD . -49.67 5.18 -15.99
C18 CLA PD . -50.59 5.43 -17.18
C19 CLA PD . -51.28 4.15 -17.60
C20 CLA PD . -51.62 6.48 -16.82
MG CLA QD . -36.58 -5.97 -19.37
CHA CLA QD . -39.10 -8.25 -20.06
CHB CLA QD . -36.87 -4.71 -22.52
CHC CLA QD . -34.45 -3.43 -18.49
CHD CLA QD . -36.52 -7.14 -16.03
NA CLA QD . -37.73 -6.47 -21.02
C1A CLA QD . -38.77 -7.42 -21.11
C2A CLA QD . -39.37 -7.42 -22.50
C3A CLA QD . -38.38 -6.58 -23.32
C4A CLA QD . -37.62 -5.84 -22.23
CMA CLA QD . -37.48 -7.45 -24.16
CAA CLA QD . -40.67 -6.63 -22.43
CBA CLA QD . -41.92 -7.47 -22.27
CGA CLA QD . -42.99 -6.67 -21.58
O1A CLA QD . -43.93 -7.08 -20.90
O2A CLA QD . -42.88 -5.32 -21.78
NB CLA QD . -35.73 -4.43 -20.35
C1B CLA QD . -36.11 -3.99 -21.58
C2B CLA QD . -35.59 -2.62 -21.81
C3B CLA QD . -34.91 -2.25 -20.68
C4B CLA QD . -34.98 -3.40 -19.74
CMB CLA QD . -35.83 -1.86 -23.02
CAB CLA QD . -34.22 -1.02 -20.37
CBB CLA QD . -32.93 -0.91 -20.07
NC CLA QD . -35.58 -5.46 -17.62
C1C CLA QD . -34.72 -4.41 -17.49
C2C CLA QD . -34.19 -4.34 -16.14
C3C CLA QD . -34.83 -5.34 -15.41
C4C CLA QD . -35.70 -6.03 -16.35
CMC CLA QD . -33.22 -3.34 -15.68
CAC CLA QD . -34.67 -5.66 -14.00
CBC CLA QD . -33.35 -6.33 -13.67
ND CLA QD . -37.47 -7.41 -18.28
C1D CLA QD . -37.34 -7.79 -16.91
C2D CLA QD . -38.22 -8.94 -16.65
C3D CLA QD . -38.92 -9.17 -17.82
C4D CLA QD . -38.43 -8.16 -18.79
CMD CLA QD . -38.31 -9.64 -15.37
CAD CLA QD . -39.90 -9.99 -18.51
OBD CLA QD . -40.50 -10.97 -18.10
CBD CLA QD . -40.08 -9.39 -19.94
CGD CLA QD . -39.84 -10.42 -21.00
O1D CLA QD . -40.07 -10.33 -22.21
O2D CLA QD . -39.28 -11.57 -20.54
CED CLA QD . -39.72 -12.79 -21.15
C1 CLA QD . -44.06 -4.53 -21.51
C2 CLA QD . -43.95 -4.01 -20.13
C3 CLA QD . -45.02 -3.65 -19.39
C4 CLA QD . -46.39 -3.75 -19.90
C5 CLA QD . -44.85 -3.13 -18.00
C6 CLA QD . -45.65 -1.87 -17.74
C7 CLA QD . -45.52 -1.43 -16.29
C8 CLA QD . -46.17 -0.10 -16.02
C9 CLA QD . -45.47 1.01 -16.78
C10 CLA QD . -46.16 0.23 -14.53
C11 CLA QD . -46.91 1.50 -14.22
C12 CLA QD . -46.92 1.81 -12.74
C13 CLA QD . -48.07 2.73 -12.38
C14 CLA QD . -48.13 2.98 -10.89
C15 CLA QD . -49.39 2.16 -12.90
C16 CLA QD . -50.60 2.77 -12.21
C17 CLA QD . -51.79 1.84 -12.30
C18 CLA QD . -53.11 2.58 -12.22
C19 CLA QD . -54.27 1.62 -12.19
C20 CLA QD . -53.25 3.53 -13.37
MG CLA RD . -34.48 -54.36 -49.19
CHA CLA RD . -35.35 -51.71 -47.14
CHB CLA RD . -31.58 -52.80 -50.01
CHC CLA RD . -33.66 -57.05 -51.17
CHD CLA RD . -37.54 -55.93 -48.37
NA CLA RD . -33.63 -52.55 -48.63
C1A CLA RD . -34.14 -51.58 -47.75
C2A CLA RD . -33.18 -50.40 -47.62
C3A CLA RD . -32.05 -50.74 -48.62
C4A CLA RD . -32.41 -52.13 -49.12
CMA CLA RD . -32.00 -49.74 -49.74
CAA CLA RD . -32.60 -50.34 -46.21
CBA CLA RD . -32.18 -51.71 -45.75
CGA CLA RD . -31.44 -51.64 -44.45
O1A CLA RD . -31.28 -52.53 -43.61
O2A CLA RD . -30.88 -50.42 -44.20
NB CLA RD . -32.91 -54.85 -50.33
C1B CLA RD . -31.83 -54.06 -50.57
C2B CLA RD . -30.91 -54.72 -51.54
C3B CLA RD . -31.49 -55.93 -51.87
C4B CLA RD . -32.77 -56.02 -51.11
CMB CLA RD . -29.66 -54.10 -51.98
CAB CLA RD . -31.09 -56.98 -52.77
CBB CLA RD . -29.88 -57.18 -53.28
NC CLA RD . -35.44 -56.16 -49.68
C1C CLA RD . -34.92 -57.11 -50.50
C2C CLA RD . -35.83 -58.24 -50.61
C3C CLA RD . -36.93 -57.92 -49.82
C4C CLA RD . -36.68 -56.61 -49.23
CMC CLA RD . -35.60 -59.43 -51.42
CAC CLA RD . -38.15 -58.74 -49.61
CBC CLA RD . -39.13 -58.58 -50.73
ND CLA RD . -36.11 -53.98 -48.06
C1D CLA RD . -37.30 -54.70 -47.81
C2D CLA RD . -38.16 -53.92 -46.90
C3D CLA RD . -37.46 -52.75 -46.61
C4D CLA RD . -36.19 -52.85 -47.35
CMD CLA RD . -39.47 -54.35 -46.43
CAD CLA RD . -37.46 -51.50 -45.90
OBD CLA RD . -38.33 -51.01 -45.18
CBD CLA RD . -36.11 -50.80 -46.20
CGD CLA RD . -36.30 -49.43 -46.78
O1D CLA RD . -35.73 -48.38 -46.45
O2D CLA RD . -37.22 -49.36 -47.79
CED CLA RD . -37.21 -48.19 -48.60
C1 CLA RD . -29.79 -50.40 -43.26
C2 CLA RD . -29.68 -49.02 -42.76
C3 CLA RD . -28.84 -48.66 -41.76
C4 CLA RD . -27.95 -49.63 -41.10
C5 CLA RD . -28.79 -47.25 -41.30
C6 CLA RD . -27.53 -46.52 -41.73
C7 CLA RD . -27.64 -45.04 -41.39
C8 CLA RD . -26.47 -44.23 -41.91
C9 CLA RD . -25.16 -44.87 -41.49
C10 CLA RD . -26.55 -42.80 -41.42
C11 CLA RD . -25.65 -41.88 -42.21
C12 CLA RD . -25.93 -40.42 -41.90
C13 CLA RD . -25.02 -39.49 -42.70
C14 CLA RD . -23.82 -39.09 -41.87
C15 CLA RD . -25.76 -38.26 -43.18
C16 CLA RD . -24.83 -37.36 -43.96
C17 CLA RD . -25.58 -36.41 -44.87
C18 CLA RD . -25.01 -36.42 -46.28
C19 CLA RD . -23.49 -36.37 -46.27
C20 CLA RD . -25.56 -35.27 -47.09
C1 PQN SD . -30.91 -11.19 -12.19
O1 PQN SD . -30.09 -10.94 -13.07
C2 PQN SD . -31.70 -10.10 -11.57
C2M PQN SD . -31.37 -8.70 -11.98
C3 PQN SD . -32.69 -10.38 -10.66
C4 PQN SD . -32.96 -11.78 -10.25
O4 PQN SD . -33.86 -12.03 -9.44
C5 PQN SD . -32.12 -12.87 -10.80
C6 PQN SD . -32.32 -14.19 -10.38
C7 PQN SD . -31.54 -15.20 -10.89
C8 PQN SD . -30.54 -14.91 -11.83
C9 PQN SD . -30.36 -13.62 -12.26
C10 PQN SD . -31.14 -12.59 -11.75
C11 PQN SD . -33.51 -9.27 -10.04
C12 PQN SD . -34.66 -8.84 -10.90
C13 PQN SD . -35.95 -8.89 -10.62
C14 PQN SD . -36.48 -9.32 -9.28
C15 PQN SD . -36.98 -8.54 -11.64
C16 PQN SD . -37.83 -7.37 -11.26
C17 PQN SD . -38.48 -6.70 -12.45
C18 PQN SD . -39.45 -5.56 -12.13
C19 PQN SD . -40.68 -6.06 -11.39
C20 PQN SD . -39.82 -4.77 -13.38
C21 PQN SD . -40.18 -5.57 -14.60
C22 PQN SD . -40.48 -4.72 -15.80
C23 PQN SD . -40.56 -5.45 -17.16
C24 PQN SD . -40.22 -4.50 -18.30
C25 PQN SD . -41.91 -6.13 -17.41
C26 PQN SD . -42.12 -7.46 -16.72
C27 PQN SD . -43.04 -8.39 -17.45
C28 PQN SD . -44.47 -7.89 -17.66
C29 PQN SD . -45.29 -8.87 -18.48
C30 PQN SD . -45.15 -7.63 -16.32
C1 BCR TD . -70.82 -26.55 -52.28
C2 BCR TD . -72.16 -26.47 -51.54
C3 BCR TD . -72.70 -27.80 -51.19
C4 BCR TD . -71.71 -28.56 -50.31
C5 BCR TD . -70.29 -28.49 -50.81
C6 BCR TD . -69.83 -27.44 -51.53
C7 BCR TD . -68.42 -27.17 -51.63
C8 BCR TD . -67.64 -26.60 -50.66
C9 BCR TD . -66.27 -26.36 -50.73
C10 BCR TD . -65.57 -25.74 -49.67
C11 BCR TD . -64.21 -25.46 -49.57
C33 BCR TD . -69.45 -29.66 -50.40
C31 BCR TD . -70.24 -25.13 -52.43
C32 BCR TD . -71.08 -27.12 -53.68
C34 BCR TD . -65.48 -26.74 -51.93
C12 BCR TD . -63.58 -24.82 -48.52
C13 BCR TD . -62.23 -24.50 -48.36
C14 BCR TD . -61.71 -23.78 -47.28
C15 BCR TD . -60.44 -23.31 -47.05
C16 BCR TD . -59.91 -22.61 -45.97
C17 BCR TD . -58.64 -22.09 -45.92
C18 BCR TD . -58.01 -21.38 -44.87
C19 BCR TD . -56.74 -20.82 -44.98
C20 BCR TD . -55.94 -20.23 -44.01
C21 BCR TD . -54.70 -19.66 -44.24
C22 BCR TD . -53.71 -19.28 -43.32
C23 BCR TD . -52.50 -18.74 -43.73
C24 BCR TD . -51.37 -18.55 -43.00
C25 BCR TD . -50.12 -17.99 -43.47
C26 BCR TD . -49.43 -18.57 -44.48
C27 BCR TD . -48.41 -17.80 -45.26
C28 BCR TD . -47.70 -16.73 -44.45
C29 BCR TD . -48.70 -15.92 -43.71
C30 BCR TD . -49.57 -16.75 -42.78
C35 BCR TD . -61.27 -24.96 -49.41
C36 BCR TD . -58.76 -21.19 -43.61
C37 BCR TD . -53.99 -19.50 -41.88
C38 BCR TD . -49.60 -19.98 -44.94
C39 BCR TD . -50.72 -15.86 -42.28
C40 BCR TD . -48.72 -17.16 -41.57
C1 BCR UD . -71.83 -23.49 -61.90
C2 BCR UD . -72.02 -25.00 -61.77
C3 BCR UD . -71.34 -25.53 -60.51
C4 BCR UD . -69.83 -25.40 -60.62
C5 BCR UD . -69.52 -24.12 -61.35
C6 BCR UD . -70.44 -23.16 -61.41
C7 BCR UD . -70.04 -21.80 -61.00
C8 BCR UD . -69.88 -21.54 -59.70
C9 BCR UD . -69.46 -20.22 -59.25
C10 BCR UD . -68.46 -20.19 -58.37
C11 BCR UD . -67.87 -18.99 -57.80
C33 BCR UD . -68.18 -23.95 -62.02
C31 BCR UD . -72.90 -22.78 -61.08
C32 BCR UD . -71.94 -23.08 -63.36
C34 BCR UD . -70.11 -18.96 -59.75
C12 BCR UD . -67.22 -19.14 -56.65
C13 BCR UD . -66.58 -17.99 -56.03
C14 BCR UD . -65.48 -18.18 -55.29
C15 BCR UD . -64.78 -17.07 -54.69
C16 BCR UD . -64.35 -17.14 -53.43
C17 BCR UD . -63.63 -16.01 -52.85
C18 BCR UD . -62.69 -16.33 -51.97
C19 BCR UD . -61.86 -15.32 -51.32
C20 BCR UD . -61.31 -15.55 -50.13
C21 BCR UD . -60.48 -14.49 -49.59
C22 BCR UD . -59.54 -14.71 -48.68
C23 BCR UD . -58.74 -13.56 -48.26
C24 BCR UD . -58.35 -12.80 -49.28
C25 BCR UD . -57.54 -11.57 -49.20
C26 BCR UD . -56.21 -11.62 -49.30
C27 BCR UD . -55.53 -10.67 -50.25
C28 BCR UD . -56.04 -9.28 -49.93
C29 BCR UD . -57.56 -9.25 -50.00
C30 BCR UD . -58.22 -10.24 -49.07
C35 BCR UD . -67.12 -16.61 -56.25
C36 BCR UD . -62.44 -17.77 -51.66
C37 BCR UD . -59.29 -16.08 -48.12
C38 BCR UD . -55.35 -12.56 -48.49
C39 BCR UD . -59.69 -10.36 -49.46
C40 BCR UD . -58.14 -9.76 -47.63
C1 BCR VD . -37.35 -46.70 -56.96
C2 BCR VD . -38.54 -47.51 -57.46
C3 BCR VD . -38.18 -48.93 -57.87
C4 BCR VD . -37.56 -49.66 -56.69
C5 BCR VD . -36.36 -48.85 -56.30
C6 BCR VD . -36.51 -47.55 -56.03
C7 BCR VD . -35.82 -46.96 -54.85
C8 BCR VD . -36.15 -47.28 -53.61
C9 BCR VD . -35.45 -46.68 -52.46
C10 BCR VD . -36.05 -45.80 -51.66
C11 BCR VD . -35.35 -45.21 -50.52
C33 BCR VD . -35.01 -49.51 -56.25
C31 BCR VD . -37.86 -45.45 -56.25
C32 BCR VD . -36.49 -46.26 -58.14
C34 BCR VD . -34.02 -47.07 -52.21
C12 BCR VD . -36.04 -44.95 -49.41
C13 BCR VD . -35.42 -44.36 -48.21
C14 BCR VD . -36.15 -43.58 -47.39
C15 BCR VD . -35.58 -42.97 -46.20
C16 BCR VD . -36.33 -42.65 -45.16
C17 BCR VD . -35.72 -42.03 -43.99
C18 BCR VD . -36.42 -41.46 -43.00
C19 BCR VD . -35.72 -40.84 -41.87
C20 BCR VD . -36.25 -40.65 -40.68
C21 BCR VD . -35.41 -39.99 -39.68
C22 BCR VD . -35.93 -39.10 -38.82
C23 BCR VD . -35.08 -38.42 -37.84
C24 BCR VD . -34.20 -39.07 -37.07
C25 BCR VD . -33.37 -38.31 -36.11
C26 BCR VD . -32.39 -37.53 -36.57
C27 BCR VD . -32.33 -36.10 -36.11
C28 BCR VD . -33.47 -35.90 -35.14
C29 BCR VD . -33.51 -36.97 -34.05
C30 BCR VD . -33.57 -38.38 -34.62
C35 BCR VD . -33.98 -44.63 -47.92
C36 BCR VD . -37.92 -41.42 -43.07
C37 BCR VD . -37.39 -38.78 -38.87
C38 BCR VD . -31.35 -38.04 -37.53
C39 BCR VD . -34.93 -39.02 -34.30
C40 BCR VD . -32.48 -39.20 -33.96
C1 BCR WD . -34.54 -33.64 -56.52
C2 BCR WD . -34.43 -32.93 -57.87
C3 BCR WD . -33.91 -31.54 -57.75
C4 BCR WD . -32.51 -31.59 -57.15
C5 BCR WD . -32.38 -32.50 -55.97
C6 BCR WD . -33.36 -33.37 -55.61
C7 BCR WD . -33.31 -34.07 -54.36
C8 BCR WD . -33.57 -33.55 -53.13
C9 BCR WD . -33.50 -34.23 -51.91
C10 BCR WD . -33.75 -33.58 -50.68
C11 BCR WD . -33.72 -34.10 -49.40
C33 BCR WD . -31.09 -32.33 -55.23
C31 BCR WD . -34.66 -35.15 -56.79
C32 BCR WD . -35.85 -33.17 -55.85
C34 BCR WD . -33.14 -35.66 -51.86
C12 BCR WD . -33.98 -33.40 -48.24
C13 BCR WD . -33.94 -33.85 -46.91
C14 BCR WD . -34.21 -33.02 -45.81
C15 BCR WD . -34.23 -33.32 -44.46
C16 BCR WD . -34.46 -32.49 -43.38
C17 BCR WD . -34.53 -33.13 -42.15
C18 BCR WD . -34.80 -32.58 -40.89
C19 BCR WD . -34.98 -33.37 -39.74
C20 BCR WD . -35.42 -32.98 -38.48
C21 BCR WD . -35.72 -33.82 -37.44
C22 BCR WD . -36.31 -33.53 -36.20
C23 BCR WD . -36.68 -34.52 -35.30
C24 BCR WD . -37.36 -34.38 -34.14
C25 BCR WD . -37.86 -35.44 -33.29
C26 BCR WD . -37.10 -35.93 -32.30
C27 BCR WD . -37.55 -37.09 -31.44
C28 BCR WD . -38.73 -37.85 -32.02
C29 BCR WD . -39.76 -36.90 -32.48
C30 BCR WD . -39.25 -35.97 -33.60
C35 BCR WD . -33.62 -35.27 -46.66
C36 BCR WD . -34.89 -31.11 -40.78
C37 BCR WD . -36.54 -32.09 -35.88
C38 BCR WD . -35.75 -35.39 -31.90
C39 BCR WD . -40.25 -34.82 -33.73
C40 BCR WD . -39.25 -36.76 -34.91
C1 BCR XD . -39.57 1.70 -30.91
C2 BCR XD . -39.07 3.09 -31.31
C3 BCR XD . -40.18 4.11 -31.47
C4 BCR XD . -41.00 4.22 -30.19
C5 BCR XD . -41.52 2.84 -29.93
C6 BCR XD . -40.67 1.81 -29.88
C7 BCR XD . -40.80 0.79 -28.82
C8 BCR XD . -40.59 1.10 -27.54
C9 BCR XD . -40.71 0.07 -26.50
C10 BCR XD . -39.90 0.14 -25.44
C11 BCR XD . -39.94 -0.82 -24.35
C33 BCR XD . -43.01 2.63 -29.79
C31 BCR XD . -38.40 0.89 -30.35
C32 BCR XD . -40.10 0.96 -32.13
C34 BCR XD . -41.74 -1.01 -26.62
C12 BCR XD . -39.56 -0.35 -23.16
C13 BCR XD . -39.52 -1.19 -21.95
C14 BCR XD . -38.84 -0.72 -20.90
C15 BCR XD . -38.73 -1.47 -19.66
C16 BCR XD . -37.96 -0.95 -18.71
C17 BCR XD . -37.77 -1.64 -17.44
C18 BCR XD . -36.96 -1.12 -16.51
C19 BCR XD . -36.76 -1.84 -15.26
C20 BCR XD . -36.22 -1.27 -14.18
C21 BCR XD . -36.08 -2.15 -13.03
C22 BCR XD . -35.36 -1.85 -11.95
C23 BCR XD . -35.28 -2.83 -10.88
C24 BCR XD . -34.57 -2.61 -9.78
C25 BCR XD . -34.48 -3.61 -8.70
C26 BCR XD . -35.58 -4.06 -8.07
C27 BCR XD . -35.72 -5.52 -7.72
C28 BCR XD . -34.37 -6.13 -7.40
C29 BCR XD . -33.29 -5.09 -7.13
C30 BCR XD . -33.12 -4.14 -8.31
C35 BCR XD . -40.24 -2.50 -21.89
C36 BCR XD . -36.23 0.17 -16.77
C37 BCR XD . -34.64 -0.54 -11.84
C38 BCR XD . -36.67 -3.13 -7.68
C39 BCR XD . -32.46 -4.86 -9.49
C40 BCR XD . -32.25 -2.96 -7.91
C1A DGD YD . -40.96 -18.20 -16.05
C2A DGD YD . -40.61 -17.03 -16.95
C3A DGD YD . -41.36 -15.80 -16.47
C4A DGD YD . -42.72 -15.70 -17.14
C5A DGD YD . -42.58 -15.11 -18.53
C6A DGD YD . -42.35 -13.61 -18.42
C7A DGD YD . -43.63 -12.84 -18.71
C8A DGD YD . -43.88 -12.78 -20.21
C9A DGD YD . -45.17 -12.02 -20.51
CAA DGD YD . -45.37 -11.82 -22.00
CBA DGD YD . -44.26 -10.93 -22.57
CCA DGD YD . -44.85 -9.73 -23.29
CDA DGD YD . -44.77 -9.86 -24.81
CEA DGD YD . -45.82 -10.82 -25.35
CFA DGD YD . -45.63 -11.03 -26.85
CGA DGD YD . -46.57 -12.11 -27.37
CHA DGD YD . -46.30 -13.43 -26.68
CIA DGD YD . -44.91 -13.93 -26.97
O1A DGD YD . -41.40 -18.00 -14.93
C1B DGD YD . -40.94 -22.44 -18.66
C2B DGD YD . -40.46 -21.75 -19.92
C3B DGD YD . -41.48 -21.98 -21.02
C4B DGD YD . -41.31 -20.96 -22.13
C5B DGD YD . -41.76 -21.50 -23.48
C6B DGD YD . -41.06 -20.75 -24.59
C7B DGD YD . -39.55 -20.75 -24.35
C8B DGD YD . -38.78 -20.27 -25.58
C9B DGD YD . -38.57 -18.76 -25.57
CAB DGD YD . -37.20 -18.43 -26.17
CBB DGD YD . -36.97 -16.92 -26.26
CCB DGD YD . -37.86 -16.30 -27.33
CDB DGD YD . -37.46 -14.86 -27.60
CEB DGD YD . -38.20 -14.30 -28.81
CFB DGD YD . -37.65 -12.95 -29.22
CGB DGD YD . -38.35 -12.42 -30.46
CHB DGD YD . -37.83 -11.04 -30.83
CIB DGD YD . -38.66 -10.42 -31.93
O1B DGD YD . -41.84 -23.25 -18.73
O1G DGD YD . -40.76 -19.55 -16.50
C1G DGD YD . -41.01 -20.63 -15.61
C2G DGD YD . -41.36 -21.89 -16.40
O2G DGD YD . -40.35 -22.11 -17.38
C3G DGD YD . -41.47 -23.06 -15.45
O3G DGD YD . -41.49 -24.30 -16.15
C1D DGD YD . -42.37 -25.23 -15.51
C2D DGD YD . -41.79 -26.63 -15.62
O2D DGD YD . -41.70 -27.02 -16.99
C3D DGD YD . -42.65 -27.63 -14.86
O3D DGD YD . -41.99 -28.90 -14.80
C4D DGD YD . -42.93 -27.14 -13.44
O4D DGD YD . -41.71 -27.15 -12.70
C5D DGD YD . -43.47 -25.72 -13.50
O5D DGD YD . -44.52 -26.17 -11.38
C6D DGD YD . -43.81 -25.18 -12.11
O6D DGD YD . -42.51 -24.89 -14.14
C1E DGD YD . -45.80 -25.71 -10.93
C2E DGD YD . -46.26 -26.53 -9.74
O2E DGD YD . -45.34 -26.37 -8.65
C3E DGD YD . -46.35 -28.00 -10.14
O3E DGD YD . -46.92 -28.76 -9.06
C4E DGD YD . -47.20 -28.18 -11.39
O4E DGD YD . -48.58 -27.96 -11.07
C5E DGD YD . -46.77 -27.20 -12.49
O6E DGD YD . -46.73 -25.87 -11.99
C6E DGD YD . -47.73 -27.26 -13.67
O5E DGD YD . -47.34 -26.30 -14.65
FE1 SF4 ZD . -31.74 -30.64 2.35
FE2 SF4 ZD . -32.60 -32.24 4.39
FE3 SF4 ZD . -32.02 -33.33 1.95
FE4 SF4 ZD . -34.23 -31.76 2.25
S1 SF4 ZD . -33.84 -33.76 3.24
S2 SF4 ZD . -32.71 -31.65 0.56
S3 SF4 ZD . -33.47 -30.23 3.77
S4 SF4 ZD . -30.56 -32.30 3.37
FE1 SF4 AE . -27.37 -42.87 1.84
FE2 SF4 AE . -28.36 -41.88 4.19
FE3 SF4 AE . -26.10 -43.43 4.20
FE4 SF4 AE . -28.53 -44.55 3.67
S1 SF4 AE . -27.88 -43.59 5.62
S2 SF4 AE . -26.60 -44.90 2.53
S3 SF4 AE . -29.55 -42.86 2.52
S4 SF4 AE . -26.35 -41.38 3.22
C1 BCR BE . 1.77 -29.85 -44.22
C2 BCR BE . 2.20 -28.88 -45.33
C3 BCR BE . 1.78 -27.48 -45.08
C4 BCR BE . 2.45 -26.98 -43.81
C5 BCR BE . 2.41 -27.97 -42.68
C6 BCR BE . 1.99 -29.24 -42.84
C7 BCR BE . 1.76 -30.10 -41.71
C8 BCR BE . 0.83 -29.91 -40.73
C9 BCR BE . 0.61 -30.70 -39.61
C10 BCR BE . -0.19 -30.24 -38.55
C11 BCR BE . -0.47 -30.83 -37.33
C33 BCR BE . 2.89 -27.38 -41.38
C31 BCR BE . 2.59 -31.14 -44.37
C32 BCR BE . 0.28 -30.17 -44.42
C34 BCR BE . 1.19 -32.07 -39.48
C12 BCR BE . -1.22 -30.21 -36.36
C13 BCR BE . -1.66 -30.68 -35.11
C14 BCR BE . -2.47 -29.92 -34.27
C15 BCR BE . -3.14 -30.30 -33.12
C16 BCR BE . -4.04 -29.55 -32.38
C17 BCR BE . -4.92 -29.81 -31.35
C18 BCR BE . -5.84 -28.93 -30.74
C19 BCR BE . -6.83 -29.36 -29.86
C20 BCR BE . -7.85 -28.64 -29.27
C21 BCR BE . -8.90 -29.19 -28.56
C22 BCR BE . -9.94 -28.55 -27.87
C23 BCR BE . -10.95 -29.26 -27.24
C24 BCR BE . -11.87 -28.78 -26.34
C25 BCR BE . -12.95 -29.51 -25.73
C26 BCR BE . -12.71 -30.53 -24.87
C27 BCR BE . -13.81 -31.38 -24.30
C28 BCR BE . -15.15 -31.21 -25.02
C29 BCR BE . -15.41 -29.77 -25.22
C30 BCR BE . -14.36 -29.07 -26.09
C35 BCR BE . -1.23 -32.03 -34.67
C36 BCR BE . -5.73 -27.47 -31.04
C37 BCR BE . -9.93 -27.06 -27.86
C38 BCR BE . -11.35 -30.91 -24.36
C39 BCR BE . -14.51 -27.56 -25.91
C40 BCR BE . -14.65 -29.42 -27.56
MG CLA CE . -6.50 -35.67 -21.64
CHA CLA CE . -3.51 -37.25 -22.43
CHB CLA CE . -4.86 -33.66 -19.44
CHC CLA CE . -9.40 -33.89 -21.20
CHD CLA CE . -8.16 -37.76 -23.95
NA CLA CE . -4.52 -35.54 -21.00
C1A CLA CE . -3.41 -36.26 -21.48
C2A CLA CE . -2.15 -35.84 -20.73
C3A CLA CE . -2.66 -34.86 -19.66
C4A CLA CE . -4.12 -34.66 -20.05
CMA CLA CE . -2.52 -35.45 -18.27
CAA CLA CE . -1.15 -35.15 -21.65
CBA CLA CE . 0.26 -35.32 -21.14
CGA CLA CE . 1.21 -34.48 -21.94
O1A CLA CE . 1.15 -33.27 -22.16
O2A CLA CE . 2.25 -35.19 -22.46
NB CLA CE . -7.03 -34.08 -20.53
C1B CLA CE . -6.21 -33.38 -19.72
C2B CLA CE . -6.94 -32.23 -19.13
C3B CLA CE . -8.22 -32.27 -19.61
C4B CLA CE . -8.31 -33.47 -20.51
CMB CLA CE . -6.32 -31.27 -18.21
CAB CLA CE . -9.33 -31.39 -19.36
CBB CLA CE . -10.52 -31.75 -18.88
NC CLA CE . -8.45 -35.84 -22.39
C1C CLA CE . -9.47 -35.01 -22.07
C2C CLA CE . -10.67 -35.39 -22.80
C3C CLA CE . -10.33 -36.48 -23.59
C4C CLA CE . -8.92 -36.77 -23.32
CMC CLA CE . -11.96 -34.71 -22.71
CAC CLA CE . -11.19 -37.23 -24.51
CBC CLA CE . -11.67 -38.55 -23.94
ND CLA CE . -6.04 -37.26 -22.80
C1D CLA CE . -6.83 -38.02 -23.72
C2D CLA CE . -5.96 -39.01 -24.37
C3D CLA CE . -4.67 -38.73 -23.95
C4D CLA CE . -4.78 -37.63 -22.97
CMD CLA CE . -6.43 -40.01 -25.32
CAD CLA CE . -3.29 -39.14 -24.00
OBD CLA CE . -2.77 -40.06 -24.61
CBD CLA CE . -2.48 -38.13 -23.12
CGD CLA CE . -1.47 -38.79 -22.21
O1D CLA CE . -1.16 -38.50 -21.05
O2D CLA CE . -0.79 -39.81 -22.79
CED CLA CE . 0.61 -39.87 -22.54
C1 CLA CE . 3.31 -34.44 -23.07
C2 CLA CE . 3.86 -35.27 -24.16
C3 CLA CE . 4.40 -34.74 -25.27
C4 CLA CE . 4.49 -33.28 -25.47
C5 CLA CE . 4.94 -35.61 -26.35
C6 CLA CE . 5.86 -36.69 -25.83
C7 CLA CE . 7.26 -36.16 -25.65
C8 CLA CE . 8.32 -37.13 -26.15
C9 CLA CE . 8.63 -38.15 -25.09
C10 CLA CE . 9.58 -36.38 -26.55
C11 CLA CE . 10.17 -35.64 -25.37
C12 CLA CE . 11.00 -34.45 -25.81
C13 CLA CE . 12.24 -34.89 -26.57
C14 CLA CE . 13.20 -35.61 -25.65
C15 CLA CE . 12.93 -33.71 -27.25
C16 CLA CE . 13.54 -32.77 -26.24
C1 BCR DE . -6.59 -43.70 -34.86
C2 BCR DE . -5.41 -42.72 -34.95
C3 BCR DE . -4.18 -43.32 -35.53
C4 BCR DE . -4.49 -43.83 -36.94
C5 BCR DE . -5.75 -44.65 -37.01
C6 BCR DE . -6.78 -44.46 -36.16
C7 BCR DE . -8.08 -45.00 -36.45
C8 BCR DE . -8.93 -44.55 -37.40
C9 BCR DE . -10.18 -45.02 -37.78
C10 BCR DE . -10.88 -44.42 -38.84
C11 BCR DE . -12.11 -44.70 -39.39
C33 BCR DE . -5.75 -45.65 -38.13
C31 BCR DE . -7.84 -42.89 -34.51
C32 BCR DE . -6.31 -44.67 -33.70
C34 BCR DE . -10.84 -46.16 -37.09
C12 BCR DE . -12.61 -44.02 -40.47
C13 BCR DE . -13.82 -44.17 -41.16
C14 BCR DE . -14.14 -43.41 -42.31
C15 BCR DE . -15.28 -43.40 -43.08
C16 BCR DE . -15.55 -42.69 -44.24
C17 BCR DE . -14.72 -41.84 -44.96
C18 BCR DE . -15.02 -41.09 -46.11
C19 BCR DE . -14.08 -40.31 -46.81
C20 BCR DE . -14.26 -39.59 -47.97
C21 BCR DE . -13.34 -38.87 -48.70
C22 BCR DE . -13.54 -38.18 -49.92
C23 BCR DE . -12.51 -37.54 -50.61
C24 BCR DE . -12.59 -36.96 -51.84
C25 BCR DE . -11.52 -36.38 -52.61
C26 BCR DE . -10.53 -37.14 -53.10
C27 BCR DE . -9.26 -36.56 -53.64
C28 BCR DE . -9.12 -35.06 -53.41
C29 BCR DE . -10.41 -34.40 -53.73
C30 BCR DE . -11.56 -34.87 -52.84
C35 BCR DE . -14.82 -45.15 -40.66
C36 BCR DE . -16.41 -41.12 -46.61
C37 BCR DE . -14.91 -38.16 -50.47
C38 BCR DE . -10.57 -38.64 -53.18
C39 BCR DE . -12.88 -34.48 -53.53
C40 BCR DE . -11.48 -34.12 -51.52
MG CLA EE . 4.21 -34.16 -34.26
CHA CLA EE . 6.19 -36.98 -34.62
CHB CLA EE . 5.36 -32.98 -37.24
CHC CLA EE . 2.27 -31.35 -33.85
CHD CLA EE . 3.24 -35.29 -31.06
NA CLA EE . 5.55 -34.89 -35.69
C1A CLA EE . 6.28 -36.09 -35.66
C2A CLA EE . 7.15 -36.23 -36.91
C3A CLA EE . 6.89 -34.92 -37.69
C4A CLA EE . 5.85 -34.20 -36.83
CMA CLA EE . 8.15 -34.11 -37.83
CAA CLA EE . 6.71 -37.42 -37.74
CBA CLA EE . 7.53 -37.55 -39.01
CGA CLA EE . 8.98 -37.76 -38.67
O1A CLA EE . 9.46 -38.21 -37.63
O2A CLA EE . 9.82 -37.38 -39.67
NB CLA EE . 3.85 -32.50 -35.35
C1B CLA EE . 4.42 -32.20 -36.55
C2B CLA EE . 3.93 -30.89 -37.04
C3B CLA EE . 3.06 -30.41 -36.09
C4B CLA EE . 2.99 -31.43 -35.00
CMB CLA EE . 4.37 -30.29 -38.28
CAB CLA EE . 2.32 -29.17 -36.09
CBB CLA EE . 2.19 -28.32 -35.07
NC CLA EE . 2.95 -33.47 -32.74
C1C CLA EE . 2.25 -32.31 -32.79
C2C CLA EE . 1.46 -32.14 -31.58
C3C CLA EE . 1.77 -33.23 -30.77
C4C CLA EE . 2.71 -34.06 -31.50
CMC CLA EE . 0.57 -31.02 -31.30
CAC CLA EE . 1.22 -33.53 -29.43
CBC CLA EE . 2.08 -32.97 -28.32
ND CLA EE . 4.58 -35.74 -33.07
C1D CLA EE . 4.10 -36.09 -31.78
C2D CLA EE . 4.67 -37.40 -31.40
C3D CLA EE . 5.46 -37.81 -32.47
C4D CLA EE . 5.39 -36.72 -33.47
CMD CLA EE . 4.37 -38.11 -30.16
CAD CLA EE . 6.31 -38.83 -33.02
OBD CLA EE . 6.61 -39.93 -32.58
CBD CLA EE . 6.85 -38.31 -34.38
CGD CLA EE . 8.35 -38.23 -34.40
O1D CLA EE . 9.04 -37.21 -34.33
O2D CLA EE . 8.96 -39.43 -34.48
CED CLA EE . 10.38 -39.48 -34.28
MG CLA FE . -13.00 -35.33 -59.12
CHA CLA FE . -10.14 -36.83 -60.39
CHB CLA FE . -13.05 -37.59 -56.58
CHC CLA FE . -15.93 -33.94 -58.01
CHD CLA FE . -12.97 -33.09 -61.84
NA CLA FE . -11.75 -36.92 -58.57
C1A CLA FE . -10.62 -37.39 -59.23
C2A CLA FE . -10.00 -38.58 -58.49
C3A CLA FE . -10.96 -38.80 -57.30
C4A CLA FE . -12.00 -37.70 -57.47
CMA CLA FE . -11.59 -40.16 -57.32
CAA CLA FE . -8.61 -38.27 -57.99
NB CLA FE . -14.28 -35.73 -57.62
C1B CLA FE . -14.07 -36.63 -56.62
C2B CLA FE . -15.12 -36.48 -55.57
C3B CLA FE . -15.93 -35.45 -55.98
C4B CLA FE . -15.41 -34.95 -57.28
CMB CLA FE . -15.17 -37.31 -54.38
CAB CLA FE . -17.09 -34.86 -55.35
CBB CLA FE . -18.10 -35.54 -54.81
NC CLA FE . -14.22 -33.78 -59.79
C1C CLA FE . -15.37 -33.38 -59.19
C2C CLA FE . -15.97 -32.28 -59.95
C3C CLA FE . -15.13 -32.03 -61.03
C4C CLA FE . -14.03 -32.98 -60.93
CMC CLA FE . -17.23 -31.61 -59.60
CAC CLA FE . -15.31 -31.02 -62.08
CBC CLA FE . -15.87 -31.61 -63.35
ND CLA FE . -11.80 -34.90 -60.68
C1D CLA FE . -11.92 -33.98 -61.74
C2D CLA FE . -10.79 -34.16 -62.68
C3D CLA FE . -10.09 -35.23 -62.21
C4D CLA FE . -10.76 -35.69 -60.98
CMD CLA FE . -10.57 -33.34 -63.87
CAD CLA FE . -8.94 -36.11 -62.41
OBD CLA FE . -8.07 -36.04 -63.26
CBD CLA FE . -8.99 -37.20 -61.30
CGD CLA FE . -9.21 -38.57 -61.89
O1D CLA FE . -10.05 -39.40 -61.56
O2D CLA FE . -8.36 -38.87 -62.91
CED CLA FE . -8.76 -39.87 -63.84
C1 BCR GE . -57.34 -48.56 -57.54
C2 BCR GE . -56.52 -49.86 -57.64
C3 BCR GE . -55.33 -49.70 -58.51
C4 BCR GE . -54.41 -48.64 -57.93
C5 BCR GE . -55.12 -47.39 -57.50
C6 BCR GE . -56.46 -47.34 -57.35
C7 BCR GE . -57.12 -46.12 -56.97
C8 BCR GE . -57.31 -45.01 -57.74
C9 BCR GE . -58.07 -43.90 -57.37
C10 BCR GE . -58.05 -42.70 -58.10
C11 BCR GE . -58.84 -41.58 -57.93
C33 BCR GE . -54.19 -46.23 -57.26
C31 BCR GE . -58.32 -48.71 -56.37
C32 BCR GE . -58.15 -48.41 -58.83
C34 BCR GE . -58.94 -43.96 -56.18
C12 BCR GE . -58.69 -40.36 -58.57
C13 BCR GE . -59.51 -39.23 -58.52
C14 BCR GE . -59.13 -37.98 -59.06
C15 BCR GE . -59.86 -36.81 -59.13
C16 BCR GE . -59.51 -35.59 -59.70
C17 BCR GE . -60.20 -34.41 -59.91
C18 BCR GE . -59.76 -33.24 -60.55
C19 BCR GE . -60.61 -32.17 -60.86
C20 BCR GE . -60.35 -31.04 -61.61
C21 BCR GE . -61.27 -30.08 -61.98
C22 BCR GE . -61.09 -28.92 -62.75
C23 BCR GE . -62.16 -28.06 -63.04
C24 BCR GE . -62.10 -26.81 -63.58
C25 BCR GE . -63.21 -25.94 -63.86
C26 BCR GE . -63.96 -25.42 -62.87
C27 BCR GE . -65.17 -24.58 -63.13
C28 BCR GE . -65.64 -24.59 -64.58
C29 BCR GE . -64.48 -24.46 -65.48
C30 BCR GE . -63.49 -25.63 -65.32
C35 BCR GE . -60.84 -39.34 -57.88
C36 BCR GE . -58.34 -33.14 -60.93
C37 BCR GE . -59.73 -28.64 -63.25
C38 BCR GE . -63.67 -25.60 -61.40
C39 BCR GE . -62.19 -25.25 -66.04
C40 BCR GE . -64.10 -26.85 -66.01
MG CLA HE . -41.23 -36.90 -72.88
CHA CLA HE . -44.02 -34.82 -72.78
CHB CLA HE . -40.61 -36.24 -69.61
CHC CLA HE . -38.49 -38.98 -73.04
CHD CLA HE . -41.93 -37.58 -76.28
NA CLA HE . -42.18 -35.72 -71.44
C1A CLA HE . -43.34 -34.94 -71.59
C2A CLA HE . -43.70 -34.25 -70.27
C3A CLA HE . -42.58 -34.70 -69.31
C4A CLA HE . -41.72 -35.63 -70.16
CMA CLA HE . -41.78 -33.53 -68.78
CAA CLA HE . -45.06 -34.70 -69.78
CBA CLA HE . -44.95 -35.85 -68.79
CGA CLA HE . -45.05 -35.34 -67.38
O1A CLA HE . -44.73 -35.89 -66.33
O2A CLA HE . -45.59 -34.08 -67.31
NB CLA HE . -39.83 -37.52 -71.57
C1B CLA HE . -39.72 -37.11 -70.28
C2B CLA HE . -38.51 -37.70 -69.66
C3B CLA HE . -37.90 -38.48 -70.63
C4B CLA HE . -38.74 -38.36 -71.86
CMB CLA HE . -38.12 -37.44 -68.27
CAB CLA HE . -36.70 -39.28 -70.61
CBB CLA HE . -35.63 -39.08 -69.84
NC CLA HE . -40.38 -38.06 -74.39
C1C CLA HE . -39.26 -38.84 -74.24
C2C CLA HE . -38.96 -39.53 -75.49
C3C CLA HE . -39.93 -39.13 -76.39
C4C CLA HE . -40.81 -38.21 -75.70
CMC CLA HE . -37.84 -40.44 -75.69
CAC CLA HE . -40.08 -39.53 -77.80
CBC CLA HE . -41.11 -40.63 -77.97
ND CLA HE . -42.60 -36.35 -74.26
C1D CLA HE . -42.77 -36.70 -75.62
C2D CLA HE . -43.95 -35.99 -76.17
C3D CLA HE . -44.44 -35.23 -75.13
C4D CLA HE . -43.59 -35.50 -73.96
CMD CLA HE . -44.40 -36.10 -77.56
CAD CLA HE . -45.46 -34.27 -74.72
OBD CLA HE . -46.33 -33.72 -75.39
CBD CLA HE . -45.23 -34.00 -73.19
CGD CLA HE . -45.02 -32.54 -72.92
O1D CLA HE . -44.07 -32.01 -72.34
O2D CLA HE . -46.01 -31.74 -73.40
CED CLA HE . -45.62 -30.62 -74.17
MG CLA IE . -66.89 -38.43 -68.67
CHA CLA IE . -67.07 -39.25 -72.05
CHB CLA IE . -68.60 -41.26 -67.90
CHC CLA IE . -66.84 -37.48 -65.38
CHD CLA IE . -65.30 -35.40 -69.55
NA CLA IE . -67.64 -40.02 -69.80
C1A CLA IE . -67.62 -40.18 -71.20
C2A CLA IE . -68.30 -41.50 -71.60
C3A CLA IE . -68.71 -42.13 -70.26
C4A CLA IE . -68.28 -41.08 -69.23
CMA CLA IE . -70.20 -42.38 -70.20
CAA CLA IE . -67.31 -42.41 -72.33
CBA CLA IE . -67.76 -43.86 -72.34
CGA CLA IE . -66.76 -44.70 -71.61
O1A CLA IE . -66.22 -44.48 -70.53
O2A CLA IE . -66.45 -45.85 -72.27
NB CLA IE . -67.52 -39.26 -66.96
C1B CLA IE . -68.29 -40.37 -66.86
C2B CLA IE . -68.79 -40.54 -65.46
C3B CLA IE . -68.30 -39.48 -64.74
C4B CLA IE . -67.49 -38.64 -65.68
CMB CLA IE . -69.65 -41.64 -65.03
CAB CLA IE . -68.49 -39.15 -63.36
CBB CLA IE . -67.53 -38.90 -62.46
NC CLA IE . -66.14 -36.78 -67.66
C1C CLA IE . -66.19 -36.61 -66.30
C2C CLA IE . -65.56 -35.36 -65.92
C3C CLA IE . -65.17 -34.73 -67.10
C4C CLA IE . -65.54 -35.63 -68.19
CMC CLA IE . -65.42 -34.87 -64.54
CAC CLA IE . -64.49 -33.44 -67.23
CBC CLA IE . -63.02 -33.57 -67.59
ND CLA IE . -66.24 -37.52 -70.36
C1D CLA IE . -65.62 -36.26 -70.58
C2D CLA IE . -65.41 -36.08 -72.03
C3D CLA IE . -65.94 -37.20 -72.63
C4D CLA IE . -66.46 -38.05 -71.56
CMD CLA IE . -64.77 -34.90 -72.62
CAD CLA IE . -66.20 -37.87 -73.89
OBD CLA IE . -65.89 -37.53 -75.03
CBD CLA IE . -66.97 -39.18 -73.56
CGD CLA IE . -68.32 -39.20 -74.22
O1D CLA IE . -68.96 -38.23 -74.63
O2D CLA IE . -68.85 -40.44 -74.38
CED CLA IE . -68.56 -41.14 -75.59
C1 CLA IE . -66.66 -47.08 -71.55
C2 CLA IE . -66.37 -48.18 -72.51
C3 CLA IE . -66.65 -49.47 -72.23
C4 CLA IE . -66.35 -50.55 -73.20
C5 CLA IE . -67.26 -49.87 -70.93
MG CLA JE . -70.92 -55.92 -64.12
CHA CLA JE . -73.58 -54.93 -62.12
CHB CLA JE . -69.56 -52.81 -63.86
CHC CLA JE . -68.38 -56.91 -66.22
CHD CLA JE . -72.37 -59.13 -64.38
NA CLA JE . -71.47 -54.18 -63.10
C1A CLA JE . -72.62 -53.96 -62.32
C2A CLA JE . -72.64 -52.55 -61.75
C3A CLA JE . -71.34 -51.91 -62.30
C4A CLA JE . -70.72 -53.03 -63.14
CMA CLA JE . -71.61 -50.69 -63.12
CAA CLA JE . -72.59 -52.62 -60.24
CBA CLA JE . -72.27 -51.28 -59.59
CGA CLA JE . -73.54 -50.54 -59.28
O1A CLA JE . -74.52 -50.94 -58.62
O2A CLA JE . -73.57 -49.29 -59.80
NB CLA JE . -69.29 -55.02 -64.91
C1B CLA JE . -68.90 -53.74 -64.67
C2B CLA JE . -67.65 -53.46 -65.44
C3B CLA JE . -67.32 -54.61 -66.10
C4B CLA JE . -68.35 -55.63 -65.77
CMB CLA JE . -66.98 -52.16 -65.38
CAB CLA JE . -66.20 -54.91 -66.96
CBB CLA JE . -65.74 -54.12 -67.93
NC CLA JE . -70.44 -57.71 -65.08
C1C CLA JE . -69.35 -57.90 -65.88
C2C CLA JE . -69.34 -59.26 -66.41
C3C CLA JE . -70.46 -59.89 -65.89
C4C CLA JE . -71.16 -58.91 -65.05
CMC CLA JE . -68.32 -59.81 -67.30
CAC CLA JE . -70.89 -61.28 -66.14
CBC CLA JE . -70.16 -62.27 -65.26
ND CLA JE . -72.50 -56.90 -63.35
C1D CLA JE . -73.01 -58.21 -63.58
C2D CLA JE . -74.30 -58.36 -62.88
C3D CLA JE . -74.58 -57.12 -62.33
C4D CLA JE . -73.44 -56.25 -62.66
CMD CLA JE . -75.10 -59.58 -62.87
CAD CLA JE . -75.52 -56.33 -61.56
OBD CLA JE . -76.62 -56.65 -61.11
CBD CLA JE . -74.92 -54.90 -61.41
CGD CLA JE . -75.83 -53.85 -61.98
O1D CLA JE . -76.18 -52.80 -61.45
O2D CLA JE . -76.31 -54.14 -63.22
C1 BCR KE . -58.94 -34.95 -64.96
C2 BCR KE . -58.22 -33.71 -65.51
C3 BCR KE . -59.11 -32.85 -66.33
C4 BCR KE . -60.25 -32.34 -65.46
C5 BCR KE . -60.89 -33.41 -64.61
C6 BCR KE . -60.30 -34.61 -64.42
C7 BCR KE . -61.00 -35.64 -63.68
C8 BCR KE . -61.91 -36.53 -64.18
C9 BCR KE . -62.55 -37.56 -63.52
C10 BCR KE . -63.41 -38.44 -64.19
C11 BCR KE . -64.08 -39.56 -63.72
C33 BCR KE . -62.21 -32.99 -64.02
C31 BCR KE . -58.05 -35.54 -63.85
C32 BCR KE . -59.04 -35.98 -66.10
C34 BCR KE . -62.34 -37.80 -62.07
C12 BCR KE . -64.79 -40.44 -64.51
C13 BCR KE . -65.47 -41.62 -64.15
C14 BCR KE . -66.05 -42.48 -65.10
C15 BCR KE . -66.67 -43.69 -64.90
C16 BCR KE . -67.30 -44.53 -65.82
C17 BCR KE . -67.88 -45.78 -65.75
C18 BCR KE . -68.54 -46.50 -66.76
C19 BCR KE . -69.05 -47.79 -66.57
C20 BCR KE . -69.83 -48.54 -67.43
C21 BCR KE . -70.31 -49.83 -67.21
C22 BCR KE . -71.23 -50.56 -67.97
C23 BCR KE . -71.59 -51.87 -67.63
C24 BCR KE . -72.53 -52.65 -68.24
C25 BCR KE . -72.91 -53.99 -67.86
C26 BCR KE . -73.66 -54.21 -66.77
C27 BCR KE . -73.91 -55.59 -66.21
C28 BCR KE . -73.05 -56.66 -66.87
C29 BCR KE . -73.04 -56.48 -68.34
C30 BCR KE . -72.45 -55.12 -68.76
C35 BCR KE . -65.59 -41.95 -62.72
C36 BCR KE . -68.68 -45.86 -68.10
C37 BCR KE . -71.83 -49.90 -69.15
C38 BCR KE . -74.34 -53.13 -65.97
C39 BCR KE . -72.87 -54.86 -70.22
C40 BCR KE . -70.92 -55.24 -68.72
C1 LMG LE . -31.64 -40.56 -76.91
O1 LMG LE . -32.69 -40.48 -75.99
C2 LMG LE . -30.97 -39.20 -77.01
O2 LMG LE . -31.87 -38.23 -77.54
C3 LMG LE . -29.72 -39.29 -77.87
O3 LMG LE . -29.03 -38.04 -77.88
C4 LMG LE . -28.81 -40.38 -77.35
O4 LMG LE . -28.36 -40.05 -76.03
C5 LMG LE . -29.56 -41.70 -77.28
O5 LMG LE . -28.37 -42.51 -75.34
C6 LMG LE . -28.75 -42.82 -76.68
O6 LMG LE . -30.73 -41.54 -76.45
C7 LMG LE . -32.23 -40.36 -74.63
C8 LMG LE . -33.31 -40.80 -73.67
C9 LMG LE . -33.99 -42.05 -74.14
O7 LMG LE . -32.61 -41.10 -72.43
C10 LMG LE . -31.95 -40.12 -71.80
O9 LMG LE . -32.24 -38.96 -71.92
C11 LMG LE . -30.80 -40.63 -70.99
C12 LMG LE . -31.19 -41.62 -69.94
C13 LMG LE . -31.31 -40.99 -68.56
C14 LMG LE . -32.34 -39.89 -68.44
C15 LMG LE . -32.46 -39.33 -67.05
C16 LMG LE . -33.59 -38.34 -66.87
C17 LMG LE . -33.80 -37.92 -65.44
C18 LMG LE . -35.03 -37.08 -65.21
C19 LMG LE . -35.39 -36.92 -63.76
C20 LMG LE . -34.39 -36.15 -62.94
C21 LMG LE . -34.43 -36.42 -61.47
C22 LMG LE . -35.79 -36.28 -60.84
C23 LMG LE . -36.38 -34.88 -60.89
C24 LMG LE . -37.63 -34.71 -60.06
C25 LMG LE . -38.19 -33.31 -60.05
C26 LMG LE . -38.78 -32.86 -61.37
C27 LMG LE . -39.99 -33.65 -61.78
O8 LMG LE . -34.98 -42.46 -73.18
C28 LMG LE . -35.69 -43.53 -73.52
O10 LMG LE . -35.53 -44.13 -74.55
C29 LMG LE . -36.72 -43.88 -72.49
C30 LMG LE . -36.62 -45.31 -72.03
C31 LMG LE . -37.74 -45.70 -71.09
C32 LMG LE . -37.55 -47.04 -70.41
C33 LMG LE . -37.39 -48.21 -71.35
C34 LMG LE . -37.19 -49.55 -70.67
C35 LMG LE . -35.75 -49.92 -70.38
C36 LMG LE . -35.06 -49.07 -69.33
C37 LMG LE . -35.72 -49.11 -67.97
C38 LMG LE . -35.60 -50.44 -67.26
C39 LMG LE . -36.20 -50.45 -65.87
C40 LMG LE . -35.86 -51.66 -65.04
C41 LMG LE . -36.36 -51.63 -63.62
C42 LMG LE . -35.78 -50.52 -62.76
C43 LMG LE . -36.59 -49.25 -62.74
C44 LMG LE . -35.96 -48.09 -61.99
C45 LMG LE . -34.65 -47.64 -62.58
MG CLA ME . -59.41 26.76 8.55
CHA CLA ME . -58.16 27.69 11.65
CHB CLA ME . -56.23 26.30 7.41
CHC CLA ME . -60.69 25.82 5.51
CHD CLA ME . -62.68 27.32 9.76
NA CLA ME . -57.51 26.96 9.42
C1A CLA ME . -57.20 27.36 10.73
C2A CLA ME . -55.69 27.37 10.95
C3A CLA ME . -55.11 26.99 9.57
C4A CLA ME . -56.36 26.72 8.73
CMA CLA ME . -54.28 28.10 8.96
CAA CLA ME . -55.26 26.37 11.99
CBA CLA ME . -53.81 25.95 11.80
CGA CLA ME . -53.25 25.44 13.08
O1A CLA ME . -53.86 25.04 14.08
O2A CLA ME . -51.88 25.41 13.09
NB CLA ME . -58.62 26.18 6.80
C1B CLA ME . -57.30 26.03 6.53
C2B CLA ME . -57.11 25.53 5.14
C3B CLA ME . -58.36 25.40 4.60
C4B CLA ME . -59.34 25.81 5.64
CMB CLA ME . -55.80 25.27 4.54
CAB CLA ME . -58.75 24.96 3.30
CBB CLA ME . -59.39 25.73 2.40
NC CLA ME . -61.34 26.60 7.78
C1C CLA ME . -61.64 26.21 6.51
C2C CLA ME . -63.07 26.21 6.31
C3C CLA ME . -63.65 26.64 7.51
C4C CLA ME . -62.54 26.88 8.43
CMC CLA ME . -63.75 25.84 5.06
CAC CLA ME . -65.07 26.80 7.80
CBC CLA ME . -65.51 28.24 7.69
ND CLA ME . -60.29 27.34 10.28
C1D CLA ME . -61.64 27.54 10.64
C2D CLA ME . -61.71 28.00 12.04
C3D CLA ME . -60.40 28.05 12.49
C4D CLA ME . -59.55 27.65 11.35
CMD CLA ME . -62.95 28.30 12.75
CAD CLA ME . -59.52 28.35 13.59
OBD CLA ME . -59.80 28.70 14.74
CBD CLA ME . -58.06 28.16 13.09
CGD CLA ME . -57.28 29.44 13.19
O1D CLA ME . -57.54 30.53 12.66
O2D CLA ME . -56.14 29.35 13.94
CED CLA ME . -55.14 30.35 13.74
C1 BCR NE . -52.77 -2.99 -30.79
C2 BCR NE . -53.73 -2.66 -31.93
C3 BCR NE . -55.10 -3.19 -31.70
C4 BCR NE . -55.67 -2.61 -30.42
C5 BCR NE . -54.71 -2.64 -29.26
C6 BCR NE . -53.38 -2.71 -29.43
C7 BCR NE . -52.50 -2.52 -28.30
C8 BCR NE . -51.84 -3.49 -27.60
C9 BCR NE . -51.04 -3.30 -26.48
C10 BCR NE . -50.85 -2.05 -25.87
C11 BCR NE . -50.07 -1.73 -24.76
C33 BCR NE . -55.40 -2.53 -27.92
C31 BCR NE . -51.50 -2.16 -30.99
C32 BCR NE . -52.40 -4.48 -30.90
C34 BCR NE . -50.33 -4.46 -25.88
C12 BCR NE . -49.90 -0.50 -24.17
C13 BCR NE . -49.08 -0.18 -23.06
C14 BCR NE . -48.97 1.14 -22.55
C15 BCR NE . -48.21 1.59 -21.49
C16 BCR NE . -48.08 2.87 -20.95
C17 BCR NE . -47.23 3.28 -19.94
C18 BCR NE . -47.03 4.58 -19.44
C19 BCR NE . -46.00 4.92 -18.55
C20 BCR NE . -45.58 6.16 -18.12
C21 BCR NE . -44.42 6.42 -17.41
C22 BCR NE . -43.85 7.65 -17.05
C23 BCR NE . -42.58 7.71 -16.48
C24 BCR NE . -41.89 8.80 -16.06
C25 BCR NE . -40.53 8.81 -15.57
C26 BCR NE . -40.23 8.24 -14.38
C27 BCR NE . -38.83 7.85 -14.00
C28 BCR NE . -37.82 8.08 -15.13
C29 BCR NE . -38.08 9.40 -15.75
C30 BCR NE . -39.46 9.48 -16.41
C35 BCR NE . -48.32 -1.25 -22.40
C36 BCR NE . -47.95 5.66 -19.89
C37 BCR NE . -44.64 8.88 -17.30
C38 BCR NE . -41.24 7.92 -13.31
C39 BCR NE . -39.37 8.78 -17.78
C40 BCR NE . -39.79 10.96 -16.64
C1 BCR OE . 15.63 -16.56 -37.73
C2 BCR OE . 16.40 -15.69 -38.73
C3 BCR OE . 17.27 -14.68 -38.07
C4 BCR OE . 18.30 -15.39 -37.19
C5 BCR OE . 17.71 -16.48 -36.33
C6 BCR OE . 16.53 -17.06 -36.60
C7 BCR OE . 16.04 -18.16 -35.82
C8 BCR OE . 15.16 -18.09 -34.79
C9 BCR OE . 14.58 -19.15 -34.08
C10 BCR OE . 13.71 -18.92 -33.01
C11 BCR OE . 13.09 -19.83 -32.17
C33 BCR OE . 18.60 -16.88 -35.19
C31 BCR OE . 15.02 -17.75 -38.49
C32 BCR OE . 14.48 -15.72 -37.16
C34 BCR OE . 14.84 -20.56 -34.46
C12 BCR OE . 12.24 -19.52 -31.14
C13 BCR OE . 11.71 -20.38 -30.15
C14 BCR OE . 10.97 -19.90 -29.05
C15 BCR OE . 10.60 -20.57 -27.90
C16 BCR OE . 9.91 -20.12 -26.78
C17 BCR OE . 9.57 -20.56 -25.51
C18 BCR OE . 8.81 -19.87 -24.54
C19 BCR OE . 8.63 -20.35 -23.22
C20 BCR OE . 9.27 -21.41 -22.60
C21 BCR OE . 9.19 -22.04 -21.37
C22 BCR OE . 8.26 -21.94 -20.30
C23 BCR OE . 8.43 -22.70 -19.13
C24 BCR OE . 7.59 -22.80 -18.06
C25 BCR OE . 7.75 -23.68 -16.93
C26 BCR OE . 8.42 -23.28 -15.83
C27 BCR OE . 8.63 -24.17 -14.64
C28 BCR OE . 8.36 -25.64 -14.90
C29 BCR OE . 7.10 -25.77 -15.67
C30 BCR OE . 7.14 -25.06 -17.03
C35 BCR OE . 11.93 -21.83 -30.28
C36 BCR OE . 8.16 -18.60 -24.91
C37 BCR OE . 7.10 -21.04 -20.45
C38 BCR OE . 9.01 -21.90 -15.65
C39 BCR OE . 5.70 -24.99 -17.57
C40 BCR OE . 7.97 -25.94 -17.98
MG CLA PE . 19.38 -23.12 -35.79
CHA CLA PE . 21.98 -22.11 -37.84
CHB CLA PE . 18.99 -25.94 -37.65
CHC CLA PE . 16.93 -24.15 -33.61
CHD CLA PE . 19.83 -20.18 -33.87
NA CLA PE . 20.33 -23.86 -37.49
C1A CLA PE . 21.41 -23.30 -38.20
C2A CLA PE . 21.79 -24.18 -39.39
C3A CLA PE . 20.73 -25.31 -39.37
C4A CLA PE . 19.96 -25.04 -38.08
CMA CLA PE . 19.83 -25.26 -40.57
CAA CLA PE . 23.19 -24.75 -39.21
CBA CLA PE . 23.21 -26.26 -39.27
NB CLA PE . 18.20 -24.74 -35.65
C1B CLA PE . 18.20 -25.79 -36.50
C2B CLA PE . 17.20 -26.80 -36.06
C3B CLA PE . 16.61 -26.31 -34.92
C4B CLA PE . 17.23 -24.98 -34.64
CMB CLA PE . 16.95 -28.05 -36.77
CAB CLA PE . 15.57 -26.87 -34.10
CBB CLA PE . 15.66 -27.13 -32.80
NC CLA PE . 18.52 -22.30 -34.07
C1C CLA PE . 17.52 -22.88 -33.34
C2C CLA PE . 17.16 -22.04 -32.22
C3C CLA PE . 17.98 -20.91 -32.29
C4C CLA PE . 18.84 -21.07 -33.46
CMC CLA PE . 16.13 -22.36 -31.24
CAC CLA PE . 17.98 -19.77 -31.36
CBC CLA PE . 19.09 -19.84 -30.35
ND CLA PE . 20.53 -21.47 -35.84
C1D CLA PE . 20.64 -20.34 -34.97
C2D CLA PE . 21.71 -19.45 -35.47
C3D CLA PE . 22.26 -20.09 -36.56
C4D CLA PE . 21.50 -21.34 -36.74
CMD CLA PE . 22.09 -18.18 -34.85
CAD CLA PE . 23.25 -20.02 -37.62
OBD CLA PE . 24.07 -19.14 -37.87
CBD CLA PE . 23.13 -21.34 -38.44
CGD CLA PE . 22.98 -21.09 -39.91
O1D CLA PE . 23.16 -21.88 -40.84
O2D CLA PE . 22.59 -19.82 -40.21
CED CLA PE . 23.05 -19.28 -41.45
C1 BCR QE . 8.90 -12.37 -17.60
C2 BCR QE . 9.83 -11.90 -16.47
C3 BCR QE . 10.93 -12.84 -16.19
C4 BCR QE . 11.79 -12.98 -17.43
C5 BCR QE . 11.01 -13.17 -18.69
C6 BCR QE . 9.65 -13.08 -18.71
C7 BCR QE . 8.92 -13.68 -19.80
C8 BCR QE . 8.39 -13.07 -20.90
C9 BCR QE . 7.81 -13.75 -21.97
C10 BCR QE . 7.09 -13.11 -23.00
C11 BCR QE . 6.61 -13.56 -24.22
C33 BCR QE . 11.86 -13.51 -19.88
C31 BCR QE . 8.15 -11.14 -18.14
C32 BCR QE . 7.87 -13.33 -16.99
C34 BCR QE . 7.96 -15.23 -22.03
C12 BCR QE . 6.89 -14.67 -25.03
C13 BCR QE . 6.28 -15.04 -26.24
C14 BCR QE . 6.75 -16.08 -27.06
C15 BCR QE . 6.24 -16.52 -28.26
C16 BCR QE . 6.68 -17.52 -29.14
C17 BCR QE . 6.03 -17.84 -30.31
C18 BCR QE . 6.36 -18.83 -31.26
C19 BCR QE . 5.55 -19.13 -32.38
C20 BCR QE . 5.71 -20.14 -33.32
C21 BCR QE . 4.85 -20.41 -34.38
C22 BCR QE . 4.92 -21.44 -35.33
C23 BCR QE . 3.99 -21.55 -36.36
C24 BCR QE . 3.88 -22.56 -37.29
C25 BCR QE . 2.95 -22.63 -38.38
C26 BCR QE . 1.64 -22.91 -38.17
C27 BCR QE . 0.66 -23.10 -39.30
C28 BCR QE . 1.33 -23.33 -40.65
C29 BCR QE . 2.39 -22.32 -40.84
C30 BCR QE . 3.49 -22.41 -39.79
C35 BCR QE . 5.07 -14.30 -26.67
C36 BCR QE . 7.62 -19.57 -31.09
C37 BCR QE . 6.02 -22.41 -35.21
C38 BCR QE . 1.02 -23.09 -36.81
C39 BCR QE . 4.32 -21.11 -39.85
C40 BCR QE . 4.42 -23.57 -40.17
C1 BCR RE . -10.63 -26.40 -46.39
C2 BCR RE . -11.96 -27.14 -46.52
C3 BCR RE . -12.18 -27.86 -45.22
C4 BCR RE . -11.12 -28.92 -45.16
C5 BCR RE . -9.74 -28.36 -45.26
C6 BCR RE . -9.49 -27.33 -46.07
C7 BCR RE . -8.19 -27.03 -46.75
C8 BCR RE . -6.93 -27.05 -46.30
C9 BCR RE . -5.89 -26.67 -47.25
C10 BCR RE . -4.69 -26.44 -46.76
C11 BCR RE . -3.57 -26.04 -47.60
C33 BCR RE . -8.73 -29.05 -44.39
C31 BCR RE . -10.83 -25.41 -45.26
C32 BCR RE . -10.32 -25.74 -47.71
C34 BCR RE . -6.17 -26.52 -48.71
C12 BCR RE . -2.58 -26.91 -47.71
C13 BCR RE . -1.47 -26.46 -48.53
C14 BCR RE . -0.24 -26.73 -48.11
C15 BCR RE . 0.95 -26.33 -48.82
C16 BCR RE . 2.06 -27.00 -48.64
C17 BCR RE . 3.27 -26.57 -49.32
C18 BCR RE . 4.38 -27.27 -49.11
C19 BCR RE . 5.60 -26.83 -49.78
C20 BCR RE . 6.79 -27.37 -49.58
C21 BCR RE . 7.85 -26.71 -50.34
C22 BCR RE . 9.07 -26.57 -49.84
C23 BCR RE . 10.05 -25.85 -50.66
C24 BCR RE . 9.62 -25.03 -51.63
C25 BCR RE . 10.49 -24.21 -52.52
C26 BCR RE . 10.35 -22.89 -52.43
C27 BCR RE . 10.73 -21.95 -53.55
C28 BCR RE . 11.93 -22.49 -54.30
C29 BCR RE . 11.65 -23.92 -54.71
C30 BCR RE . 11.49 -24.82 -53.50
C35 BCR RE . -1.76 -25.70 -49.78
C36 BCR RE . 4.38 -28.46 -48.22
C37 BCR RE . 9.42 -27.13 -48.50
C38 BCR RE . 9.79 -22.27 -51.20
C39 BCR RE . 12.85 -24.99 -52.86
C40 BCR RE . 11.01 -26.17 -54.01
C1 LMG SE . 13.28 -41.38 -17.00
O1 LMG SE . 13.98 -40.34 -17.63
C2 LMG SE . 13.95 -41.71 -15.67
O2 LMG SE . 15.27 -42.20 -15.88
C3 LMG SE . 13.13 -42.69 -14.88
O3 LMG SE . 13.69 -42.86 -13.58
C4 LMG SE . 11.69 -42.23 -14.76
O4 LMG SE . 11.63 -41.02 -14.01
C5 LMG SE . 11.13 -41.96 -16.15
O5 LMG SE . 8.83 -42.36 -15.50
C6 LMG SE . 9.72 -41.43 -16.11
O6 LMG SE . 11.95 -40.96 -16.80
C7 LMG SE . 14.95 -40.77 -18.58
C8 LMG SE . 15.70 -39.56 -19.06
C9 LMG SE . 16.50 -39.82 -20.31
O7 LMG SE . 14.73 -38.52 -19.34
C10 LMG SE . 15.17 -37.27 -19.52
O9 LMG SE . 16.29 -36.93 -19.26
C11 LMG SE . 14.12 -36.35 -20.10
C12 LMG SE . 14.64 -34.99 -20.43
C13 LMG SE . 15.63 -35.01 -21.59
C14 LMG SE . 16.23 -33.66 -21.92
O8 LMG SE . 15.62 -40.38 -21.31
C28 LMG SE . 16.03 -40.35 -22.58
O10 LMG SE . 15.59 -41.08 -23.43
C29 LMG SE . 17.03 -39.25 -22.82
C30 LMG SE . 17.53 -39.23 -24.23
C31 LMG SE . 18.47 -38.06 -24.50
C32 LMG SE . 17.81 -36.71 -24.46
C33 LMG SE . 16.75 -36.53 -25.52
MG CLA TE . 24.75 13.69 33.76
CHA CLA TE . 26.46 10.74 33.13
CHB CLA TE . 23.66 13.75 30.55
CHC CLA TE . 23.09 16.62 34.44
CHD CLA TE . 25.92 13.59 37.10
NA CLA TE . 25.03 12.43 32.12
C1A CLA TE . 25.76 11.24 32.06
C2A CLA TE . 25.69 10.64 30.65
C3A CLA TE . 24.79 11.62 29.88
C4A CLA TE . 24.46 12.69 30.91
CMA CLA TE . 25.49 12.21 28.68
CAA CLA TE . 25.06 9.26 30.66
CBA CLA TE . 25.40 8.51 29.39
CGA CLA TE . 25.13 7.04 29.56
O1A CLA TE . 24.15 6.40 29.20
O2A CLA TE . 26.15 6.39 30.19
NB CLA TE . 23.55 14.93 32.72
C1B CLA TE . 23.29 14.81 31.38
C2B CLA TE . 22.53 16.01 30.93
C3B CLA TE . 22.36 16.82 32.02
C4B CLA TE . 23.01 16.14 33.17
CMB CLA TE . 22.11 16.21 29.55
CAB CLA TE . 21.71 18.10 32.12
CBB CLA TE . 22.28 19.23 32.55
NC CLA TE . 24.54 14.88 35.47
C1C CLA TE . 23.80 16.03 35.53
C2C CLA TE . 23.86 16.59 36.86
C3C CLA TE . 24.67 15.75 37.62
C4C CLA TE . 25.09 14.67 36.74
CMC CLA TE . 23.19 17.83 37.28
CAC CLA TE . 25.03 15.91 39.04
CBC CLA TE . 24.22 15.00 39.93
ND CLA TE . 25.95 12.53 34.89
C1D CLA TE . 26.34 12.58 36.26
C2D CLA TE . 27.20 11.42 36.57
C3D CLA TE . 27.29 10.69 35.40
C4D CLA TE . 26.48 11.41 34.39
CMD CLA TE . 27.80 11.17 37.87
CAD CLA TE . 27.85 9.53 34.76
OBD CLA TE . 28.62 8.67 35.21
CBD CLA TE . 27.30 9.49 33.31
CGD CLA TE . 28.40 9.39 32.28
O1D CLA TE . 28.80 8.37 31.71
O2D CLA TE . 29.01 10.57 32.00
CED CLA TE . 30.06 10.53 31.02
C1 CLA TE . 26.20 4.96 30.00
MG CLA UE . 7.71 27.54 11.32
CHA CLA UE . 6.74 27.34 8.00
CHB CLA UE . 7.23 30.90 11.26
CHC CLA UE . 8.58 27.67 14.65
CHD CLA UE . 8.19 24.04 11.36
NA CLA UE . 7.07 28.88 9.86
C1A CLA UE . 6.69 28.60 8.54
C2A CLA UE . 6.25 29.87 7.82
C3A CLA UE . 6.59 30.98 8.82
C4A CLA UE . 6.96 30.22 10.08
CMA CLA UE . 7.71 31.86 8.34
CAA CLA UE . 4.74 29.93 7.73
CBA CLA UE . 4.04 29.26 6.58
CGA CLA UE . 2.63 29.00 7.01
O1A CLA UE . 2.19 28.89 8.16
O2A CLA UE . 1.74 28.87 5.98
NB CLA UE . 7.87 29.01 12.69
C1B CLA UE . 7.62 30.32 12.47
C2B CLA UE . 7.87 31.10 13.71
C3B CLA UE . 8.26 30.20 14.68
C4B CLA UE . 8.26 28.85 14.04
CMB CLA UE . 7.69 32.55 13.78
CAB CLA UE . 8.61 30.39 16.05
CBB CLA UE . 9.47 31.31 16.49
NC CLA UE . 8.28 26.11 12.73
C1C CLA UE . 8.59 26.39 14.05
C2C CLA UE . 8.93 25.16 14.74
C3C CLA UE . 8.82 24.12 13.81
C4C CLA UE . 8.40 24.74 12.55
CMC CLA UE . 9.32 25.08 16.15
CAC CLA UE . 9.05 22.69 14.05
CBC CLA UE . 10.41 22.24 13.56
ND CLA UE . 7.53 26.00 10.04
C1D CLA UE . 7.78 24.61 10.17
C2D CLA UE . 7.55 23.95 8.87
C3D CLA UE . 7.17 24.95 7.99
C4D CLA UE . 7.16 26.21 8.78
CMD CLA UE . 7.72 22.53 8.61
CAD CLA UE . 6.78 25.28 6.64
OBD CLA UE . 6.67 24.56 5.67
CBD CLA UE . 6.50 26.82 6.60
CGD CLA UE . 7.42 27.48 5.62
O1D CLA UE . 8.63 27.66 5.73
O2D CLA UE . 6.82 27.93 4.48
CED CLA UE . 7.58 28.81 3.66
C1 CLA UE . 0.37 28.57 6.35
C2 CLA UE . 0.15 27.13 6.09
C3 CLA UE . -1.06 26.55 6.14
C4 CLA UE . -2.28 27.32 6.47
C5 CLA UE . -1.23 25.10 5.87
MG CLA VE . 24.60 20.37 15.74
CHA CLA VE . 25.39 23.26 17.49
CHB CLA VE . 25.89 18.50 18.28
CHC CLA VE . 23.97 17.54 13.91
CHD CLA VE . 23.38 22.36 13.08
NA CLA VE . 25.45 20.83 17.60
C1A CLA VE . 25.69 22.10 18.14
C2A CLA VE . 26.34 21.99 19.52
C3A CLA VE . 26.47 20.47 19.73
C4A CLA VE . 25.89 19.86 18.46
CMA CLA VE . 27.91 20.06 19.91
CAA CLA VE . 25.43 22.57 20.59
CBA CLA VE . 25.96 22.29 21.98
CGA CLA VE . 24.87 22.46 22.99
O1A CLA VE . 24.88 22.18 24.20
O2A CLA VE . 23.74 23.00 22.47
NB CLA VE . 24.84 18.40 16.05
C1B CLA VE . 25.41 17.83 17.14
C2B CLA VE . 25.49 16.35 16.96
C3B CLA VE . 24.95 16.08 15.73
C4B CLA VE . 24.54 17.38 15.13
CMB CLA VE . 26.07 15.45 17.94
CAB CLA VE . 24.80 14.82 15.04
NC CLA VE . 23.79 20.02 13.85
C1C CLA VE . 23.61 18.79 13.32
C2C CLA VE . 23.03 18.90 11.99
C3C CLA VE . 22.85 20.26 11.75
C4C CLA VE . 23.34 20.96 12.93
CMC CLA VE . 22.73 17.76 11.15
CAC CLA VE . 22.28 20.90 10.55
CBC CLA VE . 23.16 20.82 9.33
ND CLA VE . 24.37 22.33 15.33
C1D CLA VE . 23.87 23.01 14.19
C2D CLA VE . 23.96 24.47 14.42
C3D CLA VE . 24.56 24.62 15.67
C4D CLA VE . 24.79 23.26 16.19
CMD CLA VE . 23.53 25.48 13.47
CAD CLA VE . 25.03 25.55 16.66
OBD CLA VE . 25.03 26.78 16.64
CBD CLA VE . 25.60 24.71 17.85
CGD CLA VE . 27.04 25.02 18.10
O1D CLA VE . 27.52 25.81 18.92
O2D CLA VE . 27.91 24.32 17.31
CED CLA VE . 29.18 24.91 17.07
MG CLA WE . 7.60 20.00 29.30
CHA CLA WE . 5.57 19.55 32.07
CHB CLA WE . 6.03 17.43 27.73
CHC CLA WE . 9.67 20.46 26.60
CHD CLA WE . 9.26 22.62 31.00
NA CLA WE . 6.04 18.73 29.83
C1A CLA WE . 5.31 18.69 31.04
C2A CLA WE . 4.25 17.60 31.01
C3A CLA WE . 4.45 16.93 29.62
C4A CLA WE . 5.58 17.75 29.00
CMA CLA WE . 4.79 15.46 29.74
CAA CLA WE . 2.86 18.19 31.12
CBA CLA WE . 2.54 19.04 29.91
CGA CLA WE . 1.98 20.36 30.36
O1A CLA WE . 1.09 20.58 31.19
O2A CLA WE . 2.58 21.43 29.76
NB CLA WE . 7.86 19.07 27.54
C1B CLA WE . 7.06 18.10 27.03
C2B CLA WE . 7.39 17.83 25.61
C3B CLA WE . 8.42 18.69 25.29
C4B CLA WE . 8.74 19.48 26.51
CMB CLA WE . 6.70 16.85 24.79
CAB CLA WE . 9.12 18.86 24.04
CBB CLA WE . 9.09 19.97 23.30
NC CLA WE . 9.16 21.32 28.88
C1C CLA WE . 9.87 21.33 27.71
C2C CLA WE . 10.89 22.37 27.76
C3C CLA WE . 10.78 22.98 29.00
C4C CLA WE . 9.69 22.31 29.70
CMC CLA WE . 11.82 22.67 26.67
CAC CLA WE . 11.59 24.09 29.53
CBC CLA WE . 12.75 23.59 30.37
ND CLA WE . 7.42 21.00 31.04
C1D CLA WE . 8.20 22.02 31.64
C2D CLA WE . 7.68 22.30 33.00
C3D CLA WE . 6.65 21.40 33.20
C4D CLA WE . 6.56 20.59 31.97
CMD CLA WE . 8.20 23.32 33.89
CAD CLA WE . 5.62 20.94 34.10
OBD CLA WE . 5.26 21.39 35.19
CBD CLA WE . 4.98 19.67 33.46
CGD CLA WE . 5.29 18.46 34.28
O1D CLA WE . 6.21 18.32 35.10
O2D CLA WE . 4.45 17.41 34.09
CED CLA WE . 4.65 16.25 34.91
C1 BCR XE . 19.27 17.28 9.54
C2 BCR XE . 19.03 18.63 8.88
C3 BCR XE . 17.57 19.07 8.92
C4 BCR XE . 17.11 19.17 10.36
C5 BCR XE . 17.31 17.81 10.96
C6 BCR XE . 18.49 17.18 10.84
C7 BCR XE . 18.99 16.36 11.97
C8 BCR XE . 19.48 16.88 13.09
C9 BCR XE . 19.95 15.98 14.16
C10 BCR XE . 20.76 16.44 15.12
C11 BCR XE . 21.24 15.62 16.22
C33 BCR XE . 16.16 17.16 11.66
C31 BCR XE . 20.75 17.10 9.77
C32 BCR XE . 18.79 16.18 8.61
C34 BCR XE . 19.49 14.56 14.18
C12 BCR XE . 21.69 16.25 17.29
C13 BCR XE . 22.22 15.58 18.49
C14 BCR XE . 22.81 16.33 19.44
C15 BCR XE . 23.37 15.77 20.66
C16 BCR XE . 23.91 16.56 21.57
C17 BCR XE . 24.48 16.02 22.80
C18 BCR XE . 25.08 16.83 23.68
C19 BCR XE . 25.65 16.28 24.93
C20 BCR XE . 26.23 17.10 25.80
C21 BCR XE . 26.81 16.58 27.05
C22 BCR XE . 27.88 17.18 27.58
C23 BCR XE . 28.49 16.68 28.82
C24 BCR XE . 27.83 15.84 29.61
C25 BCR XE . 28.46 15.33 30.86
C26 BCR XE . 29.64 14.73 30.81
C27 BCR XE . 30.77 15.27 31.65
C28 BCR XE . 30.17 15.86 32.92
C29 BCR XE . 28.83 15.23 33.28
C30 BCR XE . 27.79 15.50 32.19
C35 BCR XE . 22.10 14.11 18.66
C36 BCR XE . 25.19 18.29 23.40
C37 BCR XE . 28.48 18.38 26.92
C38 BCR XE . 29.87 13.51 29.95
C39 BCR XE . 27.22 16.90 32.33
C40 BCR XE . 26.67 14.48 32.32
C1 BCR YE . -40.63 8.20 1.59
C2 BCR YE . -42.04 8.19 2.17
C3 BCR YE . -42.24 9.24 3.20
C4 BCR YE . -42.03 10.61 2.58
C5 BCR YE . -40.78 10.70 1.75
C6 BCR YE . -40.12 9.60 1.30
C7 BCR YE . -38.90 9.74 0.54
C8 BCR YE . -38.80 10.00 -0.80
C9 BCR YE . -37.64 10.23 -1.53
C10 BCR YE . -37.70 10.44 -2.92
C11 BCR YE . -38.80 10.37 -3.74
C33 BCR YE . -40.35 12.11 1.46
C31 BCR YE . -40.65 7.35 0.31
C32 BCR YE . -39.69 7.51 2.61
C34 BCR YE . -36.31 10.27 -0.89
C12 BCR YE . -38.88 10.67 -5.08
C13 BCR YE . -39.99 10.53 -5.94
C14 BCR YE . -40.01 10.99 -7.26
C15 BCR YE . -41.03 10.90 -8.19
C16 BCR YE . -41.08 11.31 -9.52
C17 BCR YE . -42.20 11.22 -10.32
C18 BCR YE . -42.35 11.62 -11.65
C19 BCR YE . -43.56 11.56 -12.35
C20 BCR YE . -43.86 11.97 -13.63
C21 BCR YE . -45.07 11.83 -14.27
C22 BCR YE . -45.47 12.25 -15.55
C23 BCR YE . -46.74 11.96 -16.05
C24 BCR YE . -47.32 12.39 -17.19
C25 BCR YE . -48.65 12.08 -17.66
C26 BCR YE . -49.73 12.60 -17.05
C27 BCR YE . -51.13 12.16 -17.37
C28 BCR YE . -51.19 10.92 -18.25
C29 BCR YE . -50.22 11.04 -19.35
C30 BCR YE . -48.78 11.15 -18.85
C35 BCR YE . -41.20 9.85 -5.41
C36 BCR YE . -41.15 12.14 -12.36
C37 BCR YE . -44.48 12.99 -16.36
C38 BCR YE . -49.68 13.68 -16.00
C39 BCR YE . -47.92 11.67 -20.02
C40 BCR YE . -48.29 9.74 -18.49
MG CLA ZE . -50.11 20.74 9.13
CHA CLA ZE . -53.18 22.19 8.46
CHB CLA ZE . -49.23 21.11 5.87
CHC CLA ZE . -47.01 19.44 9.88
CHD CLA ZE . -51.00 20.52 12.54
NA CLA ZE . -51.08 21.50 7.45
C1A CLA ZE . -52.36 22.08 7.38
C2A CLA ZE . -52.67 22.53 5.96
C3A CLA ZE . -51.42 22.11 5.16
C4A CLA ZE . -50.49 21.54 6.22
CMA CLA ZE . -51.77 21.10 4.09
CAA CLA ZE . -52.81 24.05 5.93
CBA CLA ZE . -51.47 24.77 5.96
CGA CLA ZE . -51.33 25.60 7.19
O1A CLA ZE . -50.96 26.77 7.30
O2A CLA ZE . -51.69 24.93 8.33
NB CLA ZE . -48.43 20.37 8.07
C1B CLA ZE . -48.28 20.56 6.74
C2B CLA ZE . -46.94 20.07 6.31
C3B CLA ZE . -46.31 19.60 7.44
C4B CLA ZE . -47.25 19.77 8.58
CMB CLA ZE . -46.48 20.14 4.93
CAB CLA ZE . -45.00 19.02 7.61
CBB CLA ZE . -43.87 19.49 7.08
NC CLA ZE . -49.20 20.07 10.88
C1C CLA ZE . -47.92 19.57 10.96
C2C CLA ZE . -47.61 19.22 12.33
C3C CLA ZE . -48.73 19.54 13.09
C4C CLA ZE . -49.72 20.08 12.17
CMC CLA ZE . -46.33 18.64 12.77
CAC CLA ZE . -48.90 19.37 14.54
CBC CLA ZE . -48.62 20.67 15.28
ND CLA ZE . -51.72 21.13 10.28
C1D CLA ZE . -51.95 21.01 11.67
C2D CLA ZE . -53.32 21.48 11.98
C3D CLA ZE . -53.85 21.92 10.77
C4D CLA ZE . -52.80 21.71 9.75
CMD CLA ZE . -53.93 21.46 13.30
CAD CLA ZE . -55.00 22.48 10.10
OBD CLA ZE . -56.12 22.72 10.54
CBD CLA ZE . -54.59 22.75 8.63
CGD CLA ZE . -55.56 22.16 7.65
O1D CLA ZE . -56.62 22.65 7.25
O2D CLA ZE . -55.21 20.94 7.17
CED CLA ZE . -56.19 20.25 6.39
MG CLA AF . -44.76 12.33 1.28
CHA CLA AF . -46.07 13.61 4.23
CHB CLA AF . -43.17 15.28 0.72
CHC CLA AF . -43.47 11.02 -1.60
CHD CLA AF . -46.48 9.31 1.90
NA CLA AF . -44.64 14.14 2.33
C1A CLA AF . -45.25 14.47 3.55
C2A CLA AF . -44.89 15.88 3.98
C3A CLA AF . -44.04 16.41 2.80
C4A CLA AF . -43.92 15.20 1.88
CMA CLA AF . -44.72 17.56 2.13
CAA CLA AF . -44.04 15.81 5.24
CBA CLA AF . -42.63 15.38 4.93
CGA CLA AF . -42.06 14.53 6.03
O1A CLA AF . -42.22 14.65 7.25
O2A CLA AF . -41.26 13.52 5.57
NB CLA AF . -43.56 13.03 -0.17
C1B CLA AF . -43.00 14.26 -0.22
C2B CLA AF . -42.19 14.40 -1.46
C3B CLA AF . -42.27 13.19 -2.13
C4B CLA AF . -43.14 12.30 -1.31
CMB CLA AF . -41.47 15.62 -1.80
CAB CLA AF . -41.68 12.76 -3.35
CBB CLA AF . -41.61 13.48 -4.49
NC CLA AF . -44.93 10.48 0.34
C1C CLA AF . -44.30 10.16 -0.83
C2C CLA AF . -44.62 8.78 -1.20
C3C CLA AF . -45.49 8.31 -0.21
C4C CLA AF . -45.67 9.38 0.75
CMC CLA AF . -44.11 8.09 -2.37
CAC CLA AF . -46.08 6.96 -0.13
CBC CLA AF . -45.45 6.14 0.99
ND CLA AF . -45.96 11.56 2.71
C1D CLA AF . -46.63 10.31 2.83
C2D CLA AF . -47.46 10.32 4.05
C3D CLA AF . -47.28 11.56 4.63
C4D CLA AF . -46.35 12.29 3.75
CMD CLA AF . -48.28 9.20 4.50
CAD CLA AF . -47.62 12.45 5.72
OBD CLA AF . -48.34 12.24 6.69
CBD CLA AF . -46.89 13.79 5.48
CGD CLA AF . -47.86 14.92 5.27
O1D CLA AF . -48.64 15.06 4.32
O2D CLA AF . -47.86 15.88 6.23
CED CLA AF . -48.75 16.97 6.06
MG CLA BF . -41.34 23.86 -4.98
CHA CLA BF . -43.07 26.77 -4.24
CHB CLA BF . -40.71 25.01 -8.11
CHC CLA BF . -39.62 20.96 -5.63
CHD CLA BF . -41.96 22.72 -1.67
NA CLA BF . -41.82 25.62 -5.98
C1A CLA BF . -42.55 26.72 -5.50
C2A CLA BF . -42.67 27.80 -6.58
C3A CLA BF . -41.92 27.20 -7.79
C4A CLA BF . -41.45 25.84 -7.27
CMA CLA BF . -42.84 27.06 -8.99
CAA CLA BF . -42.02 29.11 -6.16
CBA CLA BF . -40.68 28.88 -5.49
NB CLA BF . -40.36 23.12 -6.56
C1B CLA BF . -40.22 23.74 -7.76
C2B CLA BF . -39.45 22.87 -8.69
C3B CLA BF . -39.14 21.73 -8.00
C4B CLA BF . -39.71 21.87 -6.64
CMB CLA BF . -39.15 23.28 -10.06
CAB CLA BF . -38.42 20.53 -8.38
CBB CLA BF . -37.65 20.36 -9.45
NC CLA BF . -40.89 22.15 -3.85
C1C CLA BF . -40.17 21.09 -4.32
C2C CLA BF . -40.03 20.08 -3.29
C3C CLA BF . -40.69 20.58 -2.15
C4C CLA BF . -41.22 21.88 -2.53
CMC CLA BF . -39.32 18.81 -3.44
CAC CLA BF . -40.81 19.93 -0.84
CBC CLA BF . -42.17 19.34 -0.60
ND CLA BF . -42.29 24.52 -3.32
C1D CLA BF . -42.47 23.95 -2.03
C2D CLA BF . -43.26 24.88 -1.20
C3D CLA BF . -43.53 25.97 -2.00
C4D CLA BF . -42.90 25.70 -3.31
CMD CLA BF . -43.66 24.65 0.18
CAD CLA BF . -44.17 27.28 -2.09
OBD CLA BF . -44.81 27.88 -1.26
CBD CLA BF . -43.89 27.82 -3.53
CGD CLA BF . -45.17 28.08 -4.26
O1D CLA BF . -45.59 27.48 -5.26
O2D CLA BF . -45.91 29.08 -3.74
CED CLA BF . -46.87 29.71 -4.59
C1 BCR CF . -50.42 -10.07 -18.65
C2 BCR CF . -51.47 -11.14 -18.99
C3 BCR CF . -51.43 -12.31 -18.08
C4 BCR CF . -51.67 -11.85 -16.65
C5 BCR CF . -50.78 -10.71 -16.26
C6 BCR CF . -50.31 -9.82 -17.15
C7 BCR CF . -49.65 -8.61 -16.73
C8 BCR CF . -50.19 -7.59 -16.01
C9 BCR CF . -49.59 -6.41 -15.58
C10 BCR CF . -50.14 -5.66 -14.53
C11 BCR CF . -49.63 -4.54 -13.88
C33 BCR CF . -50.51 -10.67 -14.77
C31 BCR CF . -50.81 -8.79 -19.38
C32 BCR CF . -49.07 -10.56 -19.19
C34 BCR CF . -48.36 -5.89 -16.22
C12 BCR CF . -50.12 -3.98 -12.73
C13 BCR CF . -49.67 -2.87 -12.01
C14 BCR CF . -50.19 -2.50 -10.76
C15 BCR CF . -49.86 -1.44 -9.96
C16 BCR CF . -50.27 -1.13 -8.67
C17 BCR CF . -49.93 0.02 -7.98
C18 BCR CF . -50.21 0.36 -6.64
C19 BCR CF . -49.91 1.61 -6.08
C20 BCR CF . -50.07 2.03 -4.78
C21 BCR CF . -49.91 3.33 -4.34
C22 BCR CF . -49.96 3.83 -3.02
C23 BCR CF . -49.86 5.18 -2.75
C24 BCR CF . -49.60 5.76 -1.53
C25 BCR CF . -49.59 7.16 -1.17
C26 BCR CF . -49.90 7.51 0.11
C27 BCR CF . -49.96 8.93 0.57
C28 BCR CF . -49.96 9.96 -0.54
C29 BCR CF . -48.95 9.58 -1.55
C30 BCR CF . -49.26 8.23 -2.20
C35 BCR CF . -48.58 -2.05 -12.59
C36 BCR CF . -50.86 -0.66 -5.79
C37 BCR CF . -50.15 2.83 -1.93
C38 BCR CF . -50.20 6.52 1.19
C39 BCR CF . -48.01 7.84 -3.01
C40 BCR CF . -50.42 8.44 -3.17
C1 BCR DF . -37.52 19.88 5.94
C2 BCR DF . -36.42 20.21 6.95
C3 BCR DF . -36.45 21.63 7.39
C4 BCR DF . -37.77 21.88 8.10
C5 BCR DF . -38.97 21.30 7.39
C6 BCR DF . -38.84 20.55 6.29
C7 BCR DF . -39.96 20.31 5.41
C8 BCR DF . -40.76 21.25 4.80
C9 BCR DF . -41.80 21.00 3.91
C10 BCR DF . -42.82 21.92 3.64
C11 BCR DF . -43.95 21.77 2.86
C33 BCR DF . -40.27 21.66 8.06
C31 BCR DF . -37.70 18.35 5.89
C32 BCR DF . -37.05 20.35 4.55
C34 BCR DF . -41.85 19.70 3.18
C12 BCR DF . -45.05 22.60 2.80
C13 BCR DF . -46.23 22.44 2.05
C14 BCR DF . -47.37 23.27 2.21
C15 BCR DF . -48.60 23.15 1.60
C16 BCR DF . -49.76 23.91 1.71
C17 BCR DF . -51.03 23.89 1.17
C18 BCR DF . -52.07 24.82 1.35
C19 BCR DF . -53.31 24.76 0.69
C20 BCR DF . -54.36 25.65 0.77
C21 BCR DF . -55.59 25.66 0.11
C22 BCR DF . -56.59 26.64 0.16
C23 BCR DF . -57.79 26.57 -0.53
C24 BCR DF . -58.23 25.57 -1.36
C25 BCR DF . -59.48 25.54 -2.08
C26 BCR DF . -59.54 25.95 -3.36
C27 BCR DF . -60.71 25.65 -4.25
C28 BCR DF . -62.01 25.41 -3.49
C29 BCR DF . -61.77 24.50 -2.34
C30 BCR DF . -60.72 25.05 -1.37
C35 BCR DF . -46.28 21.37 1.03
C36 BCR DF . -51.84 25.94 2.30
C37 BCR DF . -56.33 27.81 1.04
C38 BCR DF . -58.45 26.71 -4.07
C39 BCR DF . -60.37 23.94 -0.37
C40 BCR DF . -61.37 26.21 -0.58
C1 BCR EF . -59.02 -14.75 -27.18
C2 BCR EF . -58.79 -15.47 -25.84
C3 BCR EF . -57.36 -15.71 -25.56
C4 BCR EF . -56.59 -14.40 -25.55
C5 BCR EF . -56.90 -13.54 -26.75
C6 BCR EF . -58.10 -13.56 -27.35
C7 BCR EF . -58.53 -12.46 -28.17
C8 BCR EF . -58.71 -12.48 -29.53
C9 BCR EF . -59.25 -11.49 -30.34
C10 BCR EF . -59.62 -10.20 -29.90
C11 BCR EF . -60.22 -9.18 -30.63
C33 BCR EF . -55.76 -12.63 -27.13
C31 BCR EF . -60.49 -14.32 -27.24
C32 BCR EF . -58.77 -15.78 -28.31
C34 BCR EF . -59.48 -11.81 -31.77
C12 BCR EF . -60.60 -7.91 -30.24
C13 BCR EF . -61.27 -6.92 -31.00
C14 BCR EF . -61.62 -5.65 -30.52
C15 BCR EF . -62.31 -4.65 -31.17
C16 BCR EF . -62.67 -3.35 -30.78
C17 BCR EF . -63.43 -2.33 -31.33
C18 BCR EF . -63.70 -1.05 -30.82
C19 BCR EF . -64.57 -0.12 -31.41
C20 BCR EF . -64.84 1.17 -31.02
C21 BCR EF . -65.79 2.07 -31.49
C22 BCR EF . -66.00 3.42 -31.09
C23 BCR EF . -67.05 4.21 -31.54
C24 BCR EF . -68.12 3.85 -32.31
C25 BCR EF . -69.17 4.73 -32.79
C26 BCR EF . -69.12 5.24 -34.04
C27 BCR EF . -70.17 6.15 -34.59
C28 BCR EF . -71.11 6.74 -33.53
C29 BCR EF . -71.50 5.67 -32.59
C30 BCR EF . -70.31 5.06 -31.85
C35 BCR EF . -61.63 -7.26 -32.40
C36 BCR EF . -63.03 -0.66 -29.55
C37 BCR EF . -65.02 3.98 -30.12
C38 BCR EF . -68.02 4.94 -35.02
C39 BCR EF . -70.80 3.78 -31.14
C40 BCR EF . -69.86 6.07 -30.78
MG CLA FF . -16.22 11.47 19.49
CHA CLA FF . -18.99 12.84 21.09
CHB CLA FF . -17.43 12.52 16.50
CHC CLA FF . -13.35 10.33 18.00
CHD CLA FF . -14.95 10.51 22.64
NA CLA FF . -17.96 12.47 18.91
C1A CLA FF . -18.99 12.97 19.72
C2A CLA FF . -20.06 13.65 18.89
C3A CLA FF . -19.61 13.39 17.43
C4A CLA FF . -18.23 12.75 17.60
CMA CLA FF . -20.58 12.50 16.70
CAA CLA FF . -20.05 15.14 19.19
CBA CLA FF . -21.15 15.89 18.46
NB CLA FF . -15.54 11.42 17.60
C1B CLA FF . -16.16 11.94 16.52
C2B CLA FF . -15.28 11.80 15.32
C3B CLA FF . -14.13 11.18 15.74
C4B CLA FF . -14.28 10.92 17.20
CMB CLA FF . -15.69 12.28 14.00
CAB CLA FF . -12.93 10.78 15.04
CBB CLA FF . -12.80 10.60 13.72
NC CLA FF . -14.50 10.53 20.20
C1C CLA FF . -13.46 10.13 19.41
C2C CLA FF . -12.42 9.53 20.22
C3C CLA FF . -12.84 9.60 21.54
C4C CLA FF . -14.16 10.23 21.51
CMC CLA FF . -11.15 9.00 19.69
CAC CLA FF . -12.12 9.13 22.72
CBC CLA FF . -11.51 10.26 23.53
ND CLA FF . -16.83 11.51 21.43
C1D CLA FF . -16.18 11.11 22.62
C2D CLA FF . -17.06 11.46 23.77
C3D CLA FF . -18.15 12.11 23.24
C4D CLA FF . -17.95 12.14 21.77
CMD CLA FF . -16.76 11.15 25.16
CAD CLA FF . -19.41 12.75 23.51
OBD CLA FF . -20.00 12.87 24.58
CBD CLA FF . -19.95 13.31 22.15
CGD CLA FF . -21.38 12.90 21.90
O1D CLA FF . -22.15 13.36 21.06
O2D CLA FF . -21.83 11.90 22.70
CED CLA FF . -23.22 11.57 22.62
MG CLA GF . -24.87 30.30 12.34
CHA CLA GF . -26.28 29.97 9.19
CHB CLA GF . -25.43 26.99 12.93
CHC CLA GF . -23.42 30.66 15.43
CHD CLA GF . -24.32 33.73 11.68
NA CLA GF . -25.72 28.75 11.22
C1A CLA GF . -26.25 28.82 9.93
C2A CLA GF . -26.78 27.46 9.48
C3A CLA GF . -26.56 26.56 10.70
C4A CLA GF . -25.85 27.48 11.70
CMA CLA GF . -27.85 26.03 11.26
NB CLA GF . -24.53 29.07 13.90
C1B CLA GF . -24.77 27.74 13.91
C2B CLA GF . -24.21 27.14 15.16
C3B CLA GF . -23.63 28.17 15.87
C4B CLA GF . -23.84 29.41 15.07
CMB CLA GF . -24.30 25.71 15.46
CAB CLA GF . -22.95 28.16 17.14
CBB CLA GF . -23.37 27.53 18.24
NC CLA GF . -24.04 31.91 13.37
C1C CLA GF . -23.52 31.84 14.63
C2C CLA GF . -23.05 33.15 15.06
C3C CLA GF . -23.28 34.03 13.99
C4C CLA GF . -23.91 33.24 12.93
CMC CLA GF . -22.45 33.45 16.35
CAC CLA GF . -22.98 35.46 13.94
ND CLA GF . -25.18 31.60 10.82
C1D CLA GF . -24.91 32.99 10.69
C2D CLA GF . -25.37 33.43 9.35
C3D CLA GF . -25.90 32.31 8.74
C4D CLA GF . -25.76 31.20 9.70
CMD CLA GF . -25.27 34.79 8.84
CAD CLA GF . -26.53 31.77 7.54
OBD CLA GF . -26.82 32.34 6.50
CBD CLA GF . -26.80 30.26 7.81
CGD CLA GF . -28.27 29.93 7.70
O1D CLA GF . -29.18 30.26 8.46
O2D CLA GF . -28.58 29.16 6.61
MG CLA HF . -9.41 20.23 24.56
CHA CLA HF . -8.36 17.74 26.75
CHB CLA HF . -7.05 19.24 22.32
CHC CLA HF . -10.55 22.64 22.41
CHD CLA HF . -11.78 21.27 26.97
NA CLA HF . -7.96 18.73 24.56
C1A CLA HF . -7.68 17.78 25.55
C2A CLA HF . -6.54 16.86 25.14
C3A CLA HF . -6.08 17.44 23.79
C4A CLA HF . -7.10 18.54 23.51
CMA CLA HF . -4.68 17.98 23.85
CAA CLA HF . -6.97 15.41 24.96
CBA CLA HF . -8.43 15.23 24.60
CGA CLA HF . -8.70 15.56 23.16
O1A CLA HF . -9.63 16.21 22.69
O2A CLA HF . -7.76 15.07 22.29
NB CLA HF . -8.91 20.81 22.71
C1B CLA HF . -7.91 20.29 21.96
C2B CLA HF . -7.84 21.00 20.65
C3B CLA HF . -8.82 21.97 20.67
C4B CLA HF . -9.51 21.85 21.98
CMB CLA HF . -6.85 20.67 19.63
CAB CLA HF . -9.20 22.94 19.68
CBB CLA HF . -9.25 22.74 18.36
NC CLA HF . -10.90 21.68 24.68
C1C CLA HF . -11.20 22.55 23.67
C2C CLA HF . -12.29 23.43 24.08
C3C CLA HF . -12.64 23.06 25.38
C4C CLA HF . -11.75 21.95 25.75
CMC CLA HF . -12.87 24.47 23.24
CAC CLA HF . -13.68 23.66 26.22
CBC CLA HF . -14.97 22.88 26.22
ND CLA HF . -9.98 19.69 26.43
C1D CLA HF . -10.97 20.20 27.31
C2D CLA HF . -10.93 19.44 28.57
C3D CLA HF . -9.95 18.47 28.41
C4D CLA HF . -9.39 18.68 27.06
CMD CLA HF . -11.79 19.69 29.72
CAD CLA HF . -9.23 17.37 29.02
OBD CLA HF . -9.34 16.89 30.14
CBD CLA HF . -8.20 16.86 27.96
CGD CLA HF . -6.79 16.88 28.49
C1 CLA HF . -7.48 15.89 21.15
C2 CLA HF . -6.89 15.05 20.08
C3 CLA HF . -5.77 15.38 19.43
C4 CLA HF . -5.02 16.62 19.74
C5 CLA HF . -5.21 14.51 18.36
C6 CLA HF . -5.68 14.97 16.99
C7 CLA HF . -4.53 15.00 16.01
C8 CLA HF . -5.00 15.36 14.60
MG CLA IF . -29.67 33.06 -1.29
CHA CLA IF . -30.21 32.71 -4.71
CHB CLA IF . -32.93 34.00 -0.89
CHC CLA IF . -29.16 33.18 2.10
CHD CLA IF . -26.34 31.96 -1.75
NA CLA IF . -31.29 33.32 -2.60
C1A CLA IF . -31.31 33.12 -3.99
C2A CLA IF . -32.69 33.43 -4.56
C3A CLA IF . -33.48 33.97 -3.34
C4A CLA IF . -32.51 33.74 -2.18
CMA CLA IF . -33.86 35.43 -3.48
CAA CLA IF . -33.36 32.18 -5.12
CBA CLA IF . -33.80 31.23 -4.03
NB CLA IF . -30.80 33.59 0.30
C1B CLA IF . -32.14 33.84 0.27
C2B CLA IF . -32.68 33.96 1.64
C3B CLA IF . -31.62 33.72 2.50
C4B CLA IF . -30.42 33.48 1.66
CMB CLA IF . -34.09 34.23 1.92
CAB CLA IF . -31.56 33.67 3.94
CBB CLA IF . -32.47 33.08 4.73
NC CLA IF . -28.03 32.68 -0.07
C1C CLA IF . -28.04 32.80 1.30
C2C CLA IF . -26.73 32.46 1.84
C3C CLA IF . -25.93 32.09 0.76
C4C CLA IF . -26.76 32.23 -0.44
CMC CLA IF . -26.37 32.49 3.25
CAC CLA IF . -24.53 31.64 0.78
ND CLA IF . -28.50 32.43 -2.82
C1D CLA IF . -27.14 32.05 -2.88
C2D CLA IF . -26.76 31.79 -4.30
C3D CLA IF . -27.90 32.03 -5.04
C4D CLA IF . -28.95 32.42 -4.08
CMD CLA IF . -25.43 31.36 -4.73
CAD CLA IF . -28.50 32.06 -6.36
OBD CLA IF . -27.97 31.79 -7.45
CBD CLA IF . -29.99 32.50 -6.19
CGD CLA IF . -30.33 33.73 -7.00
O1D CLA IF . -31.46 34.08 -7.34
O2D CLA IF . -29.25 34.47 -7.36
C1 BCR JF . -31.06 37.24 6.18
C2 BCR JF . -31.37 37.58 4.73
C3 BCR JF . -30.30 38.36 4.07
C4 BCR JF . -29.01 37.54 4.05
C5 BCR JF . -28.72 36.84 5.35
C6 BCR JF . -29.62 36.78 6.36
C7 BCR JF . -29.24 36.23 7.63
C8 BCR JF . -28.63 36.89 8.66
C9 BCR JF . -28.30 36.38 9.92
C10 BCR JF . -28.59 35.07 10.32
C11 BCR JF . -28.26 34.44 11.51
C33 BCR JF . -27.34 36.25 5.39
C31 BCR JF . -32.03 36.14 6.64
C32 BCR JF . -31.31 38.50 7.03
C34 BCR JF . -27.59 37.24 10.90
C12 BCR JF . -28.56 33.14 11.92
C13 BCR JF . -28.16 32.49 13.09
C14 BCR JF . -28.50 31.15 13.41
C15 BCR JF . -28.09 30.39 14.49
C16 BCR JF . -28.33 29.07 14.83
C17 BCR JF . -27.83 28.28 15.85
C18 BCR JF . -28.09 26.92 16.11
C19 BCR JF . -27.41 26.16 17.09
C20 BCR JF . -27.53 24.80 17.34
C21 BCR JF . -26.85 24.00 18.24
C22 BCR JF . -26.98 22.60 18.42
C23 BCR JF . -26.27 21.88 19.38
C24 BCR JF . -25.35 22.32 20.29
C25 BCR JF . -24.78 21.56 21.37
C26 BCR JF . -25.48 21.38 22.51
C27 BCR JF . -24.90 20.67 23.71
C28 BCR JF . -23.39 20.50 23.66
C29 BCR JF . -23.00 20.01 22.31
C30 BCR JF . -23.38 21.00 21.20
C35 BCR JF . -27.35 33.25 14.07
C36 BCR JF . -29.13 26.24 15.30
C37 BCR JF . -27.91 21.90 17.52
C38 BCR JF . -26.89 21.85 22.73
C39 BCR JF . -23.26 20.25 19.86
C40 BCR JF . -22.35 22.14 21.20
C1B LMU KF . -11.97 19.31 39.51
C2B LMU KF . -11.94 17.80 39.74
C3B LMU KF . -12.68 17.44 41.02
C4B LMU KF . -14.10 17.97 40.99
C5B LMU KF . -14.13 19.44 40.58
C6B LMU KF . -14.91 20.26 41.59
O1B LMU KF . -12.42 19.59 38.18
O2B LMU KF . -12.57 17.15 38.63
O3B LMU KF . -11.98 17.98 42.15
O4' LMU KF . -14.88 17.21 40.06
O5B LMU KF . -12.79 19.95 40.50
O6B LMU KF . -14.91 21.64 41.20
C1' LMU KF . -12.04 22.99 35.77
C2' LMU KF . -10.93 22.75 36.78
C3' LMU KF . -10.94 21.31 37.26
C4' LMU KF . -12.32 20.97 37.80
C5' LMU KF . -13.36 21.24 36.72
C6' LMU KF . -14.76 20.94 37.24
O1' LMU KF . -11.77 22.30 34.56
O2' LMU KF . -9.67 23.05 36.18
O3' LMU KF . -9.92 21.17 38.24
O5' LMU KF . -13.30 22.61 36.32
O6' LMU KF . -14.90 19.54 37.46
C1 LMU KF . -12.36 22.95 33.44
C2 LMU KF . -11.36 22.96 32.29
C3 LMU KF . -11.84 23.88 31.17
C4 LMU KF . -10.68 24.20 30.23
C5 LMU KF . -11.17 24.91 28.96
C6 LMU KF . -9.98 25.30 28.09
C7 LMU KF . -10.40 25.52 26.64
C8 LMU KF . -9.18 25.70 25.75
C9 LMU KF . -9.57 25.68 24.28
C10 LMU KF . -8.39 26.01 23.38
C11 LMU KF . -8.86 26.16 21.94
C12 LMU KF . -7.78 26.78 21.07
O1 LHG LF . -31.10 -60.02 -49.58
C1 LHG LF . -30.45 -58.79 -49.25
C2 LHG LF . -30.27 -58.63 -47.76
O2 LHG LF . -29.45 -59.68 -47.26
C3 LHG LF . -31.57 -58.60 -47.00
O3 LHG LF . -32.45 -57.54 -47.48
P LHG LF . -32.21 -56.03 -47.03
O4 LHG LF . -33.28 -55.20 -47.70
O5 LHG LF . -32.06 -55.99 -45.54
O6 LHG LF . -30.80 -55.62 -47.67
C4 LHG LF . -30.03 -54.56 -47.05
C5 LHG LF . -28.71 -54.39 -47.77
C6 LHG LF . -27.91 -53.23 -47.24
O7 LHG LF . -27.95 -55.63 -47.60
C7 LHG LF . -26.90 -55.87 -48.41
O9 LHG LF . -26.04 -56.65 -48.08
C8 LHG LF . -26.91 -55.19 -49.75
C9 LHG LF . -25.65 -55.41 -50.53
C10 LHG LF . -25.66 -54.68 -51.86
O8 LHG LF . -27.72 -52.28 -48.32
C23 LHG LF . -27.93 -51.00 -48.03
O10 LHG LF . -28.19 -50.62 -46.92
C24 LHG LF . -27.82 -50.13 -49.25
MG CHL MF . -14.30 -69.49 -61.42
CHA CHL MF . -10.79 -69.98 -61.23
CHB CHL MF . -13.80 -66.32 -60.19
CHC CHL MF . -17.71 -68.78 -62.09
CHD CHL MF . -14.88 -72.93 -62.11
NA CHL MF . -12.71 -68.38 -60.97
C1A CHL MF . -11.46 -68.66 -61.04
C2A CHL MF . -10.53 -67.51 -60.88
C3A CHL MF . -11.45 -66.43 -60.39
C4A CHL MF . -12.77 -67.11 -60.52
CMA CHL MF . -11.20 -66.09 -58.93
CAA CHL MF . -9.83 -67.17 -62.19
CBA CHL MF . -10.69 -66.35 -63.14
CGA CHL MF . -9.82 -65.39 -63.90
O1A CHL MF . -9.09 -64.62 -63.30
O2A CHL MF . -9.81 -65.39 -65.35
NB CHL MF . -15.52 -67.86 -61.19
C1B CHL MF . -15.12 -66.70 -60.68
C2B CHL MF . -16.22 -65.71 -60.63
C3B CHL MF . -17.38 -66.42 -61.20
C4B CHL MF . -16.82 -67.76 -61.50
CMB CHL MF . -16.18 -64.29 -60.14
CAB CHL MF . -18.64 -65.65 -61.27
CBB CHL MF . -19.71 -66.14 -61.86
NC CHL MF . -15.94 -70.60 -61.98
C1C CHL MF . -17.18 -70.13 -62.19
C2C CHL MF . -18.14 -71.19 -62.58
C3C CHL MF . -17.32 -72.41 -62.59
C4C CHL MF . -15.97 -71.94 -62.20
CMC CHL MF . -19.57 -71.35 -62.94
OMC CHL MF . -20.27 -70.37 -63.08
CAC CHL MF . -17.73 -73.83 -62.91
CBC CHL MF . -17.30 -74.14 -64.32
ND CHL MF . -13.18 -71.18 -61.65
C1D CHL MF . -13.52 -72.44 -61.92
C2D CHL MF . -12.25 -73.19 -61.96
C3D CHL MF . -11.16 -72.23 -61.69
C4D CHL MF . -11.81 -71.01 -61.51
CMD CHL MF . -11.86 -74.63 -62.20
CAD CHL MF . -9.69 -72.06 -61.54
OBD CHL MF . -8.88 -73.06 -61.68
CBD CHL MF . -9.47 -70.65 -61.25
CGD CHL MF . -8.80 -70.56 -59.91
O1D CHL MF . -7.84 -71.26 -59.68
O2D CHL MF . -9.28 -69.67 -58.88
CED CHL MF . -8.85 -69.90 -57.54
C1 CHL MF . -8.65 -64.97 -66.06
C2 CHL MF . -8.25 -66.02 -67.07
C3 CHL MF . -8.63 -65.95 -68.34
C4 CHL MF . -9.48 -64.79 -68.81
C5 CHL MF . -8.22 -67.01 -69.32
MG CLA NF . -26.99 -65.60 -60.18
CHA CLA NF . -26.29 -68.01 -57.79
CHB CLA NF . -29.88 -64.83 -58.54
CHC CLA NF . -27.55 -63.09 -62.45
CHD CLA NF . -23.93 -66.35 -61.76
NA CLA NF . -27.92 -66.34 -58.47
C1A CLA NF . -27.46 -67.33 -57.60
C2A CLA NF . -28.43 -67.56 -56.44
C3A CLA NF . -29.61 -66.63 -56.80
C4A CLA NF . -29.12 -65.86 -58.02
CMA CLA NF . -30.83 -67.45 -57.10
CAA CLA NF . -27.80 -67.12 -55.13
CBA CLA NF . -28.53 -65.96 -54.50
CGA CLA NF . -27.77 -64.68 -54.72
O1A CLA NF . -26.84 -64.22 -54.06
O2A CLA NF . -28.20 -63.98 -55.81
NB CLA NF . -28.43 -64.22 -60.45
C1B CLA NF . -29.55 -64.07 -59.68
C2B CLA NF . -30.39 -62.97 -60.22
C3B CLA NF . -29.74 -62.47 -61.32
C4B CLA NF . -28.49 -63.26 -61.48
CMB CLA NF . -31.65 -62.59 -59.60
CAB CLA NF . -30.09 -61.41 -62.23
CBB CLA NF . -30.72 -60.28 -61.91
NC CLA NF . -25.95 -64.88 -61.84
C1C CLA NF . -26.37 -63.85 -62.63
C2C CLA NF . -25.39 -63.60 -63.68
C3C CLA NF . -24.34 -64.51 -63.48
C4C CLA NF . -24.70 -65.31 -62.31
CMC CLA NF . -25.50 -62.57 -64.70
CAC CLA NF . -23.11 -64.60 -64.27
CBC CLA NF . -22.90 -65.91 -64.97
ND CLA NF . -25.48 -66.92 -59.97
C1D CLA NF . -24.28 -67.11 -60.68
C2D CLA NF . -23.52 -68.22 -60.04
C3D CLA NF . -24.26 -68.62 -58.96
C4D CLA NF . -25.45 -67.76 -58.92
CMD CLA NF . -22.25 -68.74 -60.54
CAD CLA NF . -24.36 -69.54 -57.83
OBD CLA NF . -23.64 -70.46 -57.52
CBD CLA NF . -25.63 -69.13 -57.02
CGD CLA NF . -26.55 -70.30 -56.79
O1D CLA NF . -26.43 -71.20 -55.96
O2D CLA NF . -27.62 -70.34 -57.62
CED CLA NF . -28.60 -71.35 -57.38
C1 CLA NF . -28.98 -62.79 -55.55
C2 CLA NF . -28.59 -61.82 -56.60
C3 CLA NF . -29.27 -60.67 -56.82
C4 CLA NF . -30.45 -60.29 -56.02
C5 CLA NF . -28.83 -59.73 -57.88
C6 CLA NF . -28.24 -58.45 -57.29
C7 CLA NF . -27.40 -57.73 -58.32
C8 CLA NF . -26.78 -56.43 -57.81
C9 CLA NF . -27.46 -55.95 -56.54
C10 CLA NF . -26.86 -55.35 -58.89
C11 CLA NF . -25.51 -55.04 -59.48
C12 CLA NF . -25.10 -56.04 -60.54
C13 CLA NF . -23.91 -55.55 -61.34
C14 CLA NF . -24.35 -54.97 -62.67
C15 CLA NF . -22.90 -56.66 -61.56
C16 CLA NF . -21.87 -56.27 -62.60
MG CLA OF . -34.12 -56.52 -63.28
CHA CLA OF . -36.29 -57.12 -60.63
CHB CLA OF . -31.47 -57.04 -61.22
CHC CLA OF . -32.02 -55.79 -65.90
CHD CLA OF . -36.91 -55.77 -65.32
NA CLA OF . -33.94 -57.05 -61.27
C1A CLA OF . -34.96 -57.26 -60.33
C2A CLA OF . -34.37 -57.63 -58.96
C3A CLA OF . -32.85 -57.65 -59.20
C4A CLA OF . -32.72 -57.23 -60.67
CMA CLA OF . -32.14 -56.67 -58.31
CAA CLA OF . -34.83 -59.03 -58.57
CBA CLA OF . -34.09 -59.56 -57.36
CGA CLA OF . -34.66 -58.95 -56.13
O1A CLA OF . -35.48 -59.43 -55.34
O2A CLA OF . -34.19 -57.68 -55.92
NB CLA OF . -32.13 -56.58 -63.55
C1B CLA OF . -31.23 -56.62 -62.54
C2B CLA OF . -29.89 -56.12 -63.00
C3B CLA OF . -30.05 -55.77 -64.32
C4B CLA OF . -31.46 -56.05 -64.68
CMB CLA OF . -28.75 -56.04 -62.10
CAB CLA OF . -29.12 -55.21 -65.27
CBB CLA OF . -27.79 -55.23 -65.19
NC CLA OF . -34.41 -55.95 -65.26
C1C CLA OF . -33.41 -55.74 -66.16
C2C CLA OF . -33.97 -55.40 -67.47
C3C CLA OF . -35.36 -55.33 -67.29
C4C CLA OF . -35.63 -55.69 -65.90
CMC CLA OF . -33.17 -55.14 -68.66
CAC CLA OF . -36.36 -55.03 -68.32
CBC CLA OF . -36.64 -56.23 -69.20
ND CLA OF . -36.13 -56.39 -63.07
C1D CLA OF . -37.16 -56.08 -64.00
C2D CLA OF . -38.46 -56.19 -63.31
C3D CLA OF . -38.19 -56.57 -62.02
C4D CLA OF . -36.72 -56.70 -61.92
CMD CLA OF . -39.75 -55.91 -63.94
CAD CLA OF . -38.73 -56.88 -60.71
OBD CLA OF . -39.90 -56.85 -60.33
CBD CLA OF . -37.54 -57.29 -59.80
CGD CLA OF . -37.51 -56.52 -58.51
O1D CLA OF . -38.06 -56.81 -57.45
O2D CLA OF . -36.77 -55.38 -58.56
CED CLA OF . -37.04 -54.38 -57.57
C1 CLA OF . -34.27 -57.16 -54.57
C2 CLA OF . -35.56 -56.43 -54.45
C3 CLA OF . -35.63 -55.16 -54.02
C4 CLA OF . -36.91 -54.44 -53.90
C5 CLA OF . -34.40 -54.41 -53.64
C6 CLA OF . -34.21 -53.13 -54.43
C7 CLA OF . -33.06 -52.34 -53.87
C8 CLA OF . -32.47 -51.37 -54.89
C9 CLA OF . -32.30 -52.04 -56.24
C10 CLA OF . -31.11 -50.84 -54.42
MG CLA PF . -37.46 -58.96 -82.75
CHA CLA PF . -37.65 -56.64 -85.32
CHB CLA PF . -38.63 -56.64 -80.57
CHC CLA PF . -37.26 -61.30 -80.25
CHD CLA PF . -36.27 -61.36 -85.07
NA CLA PF . -38.05 -56.97 -82.94
C1A CLA PF . -38.06 -56.18 -84.10
C2A CLA PF . -38.58 -54.77 -83.79
C3A CLA PF . -38.83 -54.79 -82.27
C4A CLA PF . -38.49 -56.23 -81.87
CMA CLA PF . -37.97 -53.80 -81.54
CAA CLA PF . -39.89 -54.52 -84.53
CBA CLA PF . -41.07 -55.07 -83.76
CGA CLA PF . -42.22 -55.37 -84.68
O1A CLA PF . -42.76 -54.62 -85.49
O2A CLA PF . -42.66 -56.65 -84.58
NB CLA PF . -37.87 -58.96 -80.78
C1B CLA PF . -38.35 -57.92 -80.07
C2B CLA PF . -38.53 -58.31 -78.65
C3B CLA PF . -38.16 -59.63 -78.55
C4B CLA PF . -37.72 -60.06 -79.91
CMB CLA PF . -39.05 -57.40 -77.63
CAB CLA PF . -38.13 -60.52 -77.42
CBB CLA PF . -37.45 -60.31 -76.30
NC CLA PF . -36.86 -60.96 -82.68
C1C CLA PF . -36.86 -61.73 -81.55
C2C CLA PF . -36.40 -63.07 -81.86
C3C CLA PF . -36.12 -63.09 -83.22
C4C CLA PF . -36.42 -61.76 -83.74
CMC CLA PF . -36.26 -64.16 -80.89
CAC CLA PF . -35.62 -64.22 -84.01
CBC CLA PF . -36.73 -64.92 -84.77
ND CLA PF . -37.03 -59.05 -84.72
C1D CLA PF . -36.54 -60.10 -85.55
C2D CLA PF . -36.39 -59.58 -86.93
C3D CLA PF . -36.79 -58.26 -86.90
C4D CLA PF . -37.19 -57.99 -85.50
CMD CLA PF . -35.90 -60.36 -88.07
CAD CLA PF . -36.97 -57.05 -87.65
OBD CLA PF . -36.73 -56.83 -88.84
CBD CLA PF . -37.54 -55.98 -86.67
CGD CLA PF . -36.67 -54.75 -86.61
O1D CLA PF . -36.14 -54.25 -85.62
O2D CLA PF . -36.47 -54.15 -87.81
CED CLA PF . -36.10 -52.76 -87.80
C1 CLA PF . -44.09 -56.85 -84.49
C2 CLA PF . -44.52 -57.50 -85.74
C3 CLA PF . -45.51 -58.42 -85.78
C4 CLA PF . -46.24 -58.85 -84.57
MG CLA QF . -43.21 -54.49 -78.97
CHA CLA QF . -45.84 -55.55 -80.96
CHB CLA QF . -44.11 -56.76 -76.60
CHC CLA QF . -40.58 -53.43 -77.04
CHD CLA QF . -42.32 -52.15 -81.47
NA CLA QF . -44.74 -55.91 -78.83
C1A CLA QF . -45.74 -56.20 -79.77
C2A CLA QF . -46.66 -57.31 -79.28
C3A CLA QF . -46.10 -57.65 -77.87
C4A CLA QF . -44.89 -56.72 -77.73
CMA CLA QF . -47.12 -57.42 -76.79
NB CLA QF . -42.49 -54.99 -77.16
C1B CLA QF . -42.99 -55.95 -76.35
C2B CLA QF . -42.15 -56.06 -75.12
C3B CLA QF . -41.15 -55.12 -75.23
C4B CLA QF . -41.36 -54.43 -76.54
CMB CLA QF . -42.45 -57.02 -74.05
CAB CLA QF . -40.06 -54.79 -74.35
CBB CLA QF . -39.31 -55.67 -73.69
NC CLA QF . -41.73 -53.05 -79.21
C1C CLA QF . -40.75 -52.77 -78.29
C2C CLA QF . -39.88 -51.72 -78.79
C3C CLA QF . -40.36 -51.36 -80.05
C4C CLA QF . -41.53 -52.20 -80.31
CMC CLA QF . -38.73 -51.17 -78.06
CAC CLA QF . -39.82 -50.32 -80.95
CBC CLA QF . -40.18 -48.92 -80.52
ND CLA QF . -43.87 -53.93 -80.80
C1D CLA QF . -43.41 -52.96 -81.72
C2D CLA QF . -44.30 -52.97 -82.91
C3D CLA QF . -45.24 -53.95 -82.67
C4D CLA QF . -44.93 -54.52 -81.34
CMD CLA QF . -44.14 -52.09 -84.06
CAD CLA QF . -46.42 -54.65 -83.18
OBD CLA QF . -47.01 -54.49 -84.23
CBD CLA QF . -46.84 -55.70 -82.09
CGD CLA QF . -48.24 -55.49 -81.63
O1D CLA QF . -48.87 -54.43 -81.56
O2D CLA QF . -48.88 -56.63 -81.23
CED CLA QF . -48.85 -57.75 -82.12
MG CHL RF . -36.00 -48.46 -75.52
CHA CHL RF . -34.18 -45.68 -76.75
CHB CHL RF . -32.98 -49.85 -74.58
CHC CHL RF . -37.77 -51.16 -74.00
CHD CHL RF . -39.10 -47.11 -76.66
NA CHL RF . -34.08 -47.91 -75.62
C1A CHL RF . -33.54 -46.83 -76.06
C2A CHL RF . -32.06 -46.70 -75.88
C3A CHL RF . -31.71 -48.10 -75.47
C4A CHL RF . -33.05 -48.69 -75.21
CMA CHL RF . -31.02 -48.86 -76.61
CAA CHL RF . -31.68 -45.67 -74.83
CBA CHL RF . -32.09 -46.07 -73.42
CGA CHL RF . -31.95 -44.90 -72.48
O1A CHL RF . -31.56 -43.82 -72.88
O2A CHL RF . -32.29 -45.07 -71.08
NB CHL RF . -35.47 -50.16 -74.50
C1B CHL RF . -34.22 -50.52 -74.23
C2B CHL RF . -34.16 -51.79 -73.47
C3B CHL RF . -35.57 -52.19 -73.30
C4B CHL RF . -36.30 -51.09 -73.98
CMB CHL RF . -32.93 -52.52 -73.00
CAB CHL RF . -35.78 -53.46 -72.56
CBB CHL RF . -36.98 -53.77 -72.11
NC CHL RF . -37.98 -49.01 -75.37
C1C CHL RF . -38.47 -50.10 -74.74
C2C CHL RF . -39.95 -50.21 -74.80
C3C CHL RF . -40.33 -49.03 -75.58
C4C CHL RF . -39.05 -48.35 -75.89
CMC CHL RF . -41.05 -51.09 -74.36
OMC CHL RF . -40.87 -51.89 -73.46
CAC CHL RF . -41.72 -48.59 -75.99
CBC CHL RF . -42.25 -47.64 -74.95
ND CHL RF . -36.64 -46.79 -76.50
C1D CHL RF . -37.85 -46.38 -76.87
C2D CHL RF . -37.64 -45.08 -77.54
C3D CHL RF . -36.20 -44.78 -77.50
C4D CHL RF . -35.63 -45.88 -76.84
CMD CHL RF . -38.52 -44.06 -78.19
CAD CHL RF . -35.14 -43.80 -77.87
OBD CHL RF . -35.41 -42.72 -78.48
CBD CHL RF . -33.87 -44.39 -77.40
CGD CHL RF . -33.02 -44.64 -78.60
O1D CHL RF . -33.12 -45.70 -79.21
O2D CHL RF . -32.09 -43.64 -79.09
CED CHL RF . -31.16 -43.98 -80.10
C1 CHL RF . -33.48 -44.45 -70.56
C2 CHL RF . -33.90 -45.14 -69.28
C3 CHL RF . -34.28 -44.42 -68.21
C4 CHL RF . -34.33 -42.92 -68.26
C5 CHL RF . -34.71 -45.14 -66.95
MG CLA SF . -47.01 -67.45 -68.84
CHA CLA SF . -43.57 -67.21 -69.32
CHB CLA SF . -47.53 -66.14 -71.93
CHC CLA SF . -50.39 -67.76 -68.33
CHD CLA SF . -46.41 -68.85 -65.64
NA CLA SF . -45.74 -66.78 -70.35
C1A CLA SF . -44.34 -66.78 -70.37
C2A CLA SF . -43.80 -66.21 -71.69
C3A CLA SF . -45.09 -65.80 -72.45
C4A CLA SF . -46.22 -66.27 -71.53
CMA CLA SF . -45.14 -64.32 -72.67
CAA CLA SF . -43.09 -67.30 -72.47
CBA CLA SF . -43.95 -68.54 -72.58
CGA CLA SF . -43.19 -69.67 -73.22
O1A CLA SF . -42.21 -70.27 -72.80
O2A CLA SF . -43.70 -70.04 -74.43
NB CLA SF . -48.65 -67.06 -69.93
C1B CLA SF . -48.66 -66.50 -71.16
C2B CLA SF . -50.06 -66.22 -71.58
C3B CLA SF . -50.88 -66.68 -70.58
C4B CLA SF . -49.98 -67.22 -69.50
CMB CLA SF . -50.41 -65.61 -72.86
CAB CLA SF . -52.31 -66.65 -70.48
CBB CLA SF . -53.09 -67.70 -70.20
NC CLA SF . -48.17 -68.18 -67.27
C1C CLA SF . -49.54 -68.23 -67.28
C2C CLA SF . -50.03 -68.81 -66.04
C3C CLA SF . -48.91 -69.12 -65.27
C4C CLA SF . -47.74 -68.71 -66.05
CMC CLA SF . -51.44 -69.02 -65.71
CAC CLA SF . -48.88 -69.72 -63.94
CBC CLA SF . -48.59 -71.20 -64.00
ND CLA SF . -45.41 -67.91 -67.67
C1D CLA SF . -45.30 -68.48 -66.38
C2D CLA SF . -43.88 -68.58 -66.03
C3D CLA SF . -43.16 -68.12 -67.11
C4D CLA SF . -44.17 -67.71 -68.12
CMD CLA SF . -43.37 -69.10 -64.76
CAD CLA SF . -41.85 -67.85 -67.68
OBD CLA SF . -40.76 -68.03 -67.18
CBD CLA SF . -42.08 -67.27 -69.11
CGD CLA SF . -41.42 -65.93 -69.25
O1D CLA SF . -41.71 -64.88 -68.66
O2D CLA SF . -40.37 -65.90 -70.11
MG CLA TF . -43.10 -57.98 -64.93
CHA CLA TF . -41.48 -59.64 -62.35
CHB CLA TF . -45.93 -57.85 -63.07
CHC CLA TF . -44.61 -56.20 -67.44
CHD CLA TF . -40.12 -58.09 -66.81
NA CLA TF . -43.59 -58.64 -63.01
C1A CLA TF . -42.78 -59.31 -62.09
C2A CLA TF . -43.52 -59.51 -60.81
C3A CLA TF . -44.95 -59.19 -61.19
C4A CLA TF . -44.84 -58.48 -62.49
CMA CLA TF . -45.70 -60.48 -61.46
CAA CLA TF . -43.05 -58.55 -59.74
NB CLA TF . -44.92 -57.17 -65.20
C1B CLA TF . -45.94 -57.22 -64.32
C2B CLA TF . -47.15 -56.55 -64.89
C3B CLA TF . -46.78 -56.08 -66.14
C4B CLA TF . -45.35 -56.47 -66.34
CMB CLA TF . -48.47 -56.37 -64.18
CAB CLA TF . -47.32 -55.23 -67.20
CBB CLA TF . -46.52 -54.38 -67.84
NC CLA TF . -42.48 -57.28 -66.81
C1C CLA TF . -43.26 -56.57 -67.68
C2C CLA TF . -42.50 -56.24 -68.89
C3C CLA TF . -41.22 -56.76 -68.70
C4C CLA TF . -41.22 -57.42 -67.40
CMC CLA TF . -43.07 -55.45 -70.05
CAC CLA TF . -40.11 -56.67 -69.70
CBC CLA TF . -39.76 -55.20 -69.95
ND CLA TF . -41.21 -58.67 -64.68
C1D CLA TF . -40.08 -58.66 -65.55
C2D CLA TF . -38.97 -59.39 -64.89
C3D CLA TF . -39.47 -59.79 -63.66
C4D CLA TF . -40.81 -59.43 -63.63
CMD CLA TF . -37.58 -59.73 -65.32
CAD CLA TF . -39.19 -60.49 -62.43
OBD CLA TF . -38.16 -61.06 -62.10
CBD CLA TF . -40.37 -60.31 -61.53
CGD CLA TF . -40.44 -61.34 -60.44
O1D CLA TF . -41.28 -62.22 -60.51
O2D CLA TF . -39.52 -61.37 -59.32
CED CLA TF . -39.52 -62.53 -58.50
MG CLA UF . -37.13 -73.68 -70.84
CHA CLA UF . -39.50 -75.68 -69.28
CHB CLA UF . -34.88 -76.22 -70.62
CHC CLA UF . -34.95 -71.81 -72.70
CHD CLA UF . -39.56 -71.12 -71.11
NA CLA UF . -37.19 -75.60 -70.00
C1A CLA UF . -38.28 -76.25 -69.43
C2A CLA UF . -37.87 -77.65 -68.96
C3A CLA UF . -36.34 -77.67 -69.16
C4A CLA UF . -36.09 -76.42 -70.00
CMA CLA UF . -35.61 -77.63 -67.85
CAA CLA UF . -38.52 -78.74 -69.80
CBA CLA UF . -38.87 -78.28 -71.21
CGA CLA UF . -37.64 -78.18 -72.06
O1A CLA UF . -36.77 -79.02 -72.26
O2A CLA UF . -37.53 -76.96 -72.66
NB CLA UF . -35.27 -73.95 -71.52
C1B CLA UF . -34.53 -75.10 -71.39
C2B CLA UF . -33.27 -74.98 -72.17
C3B CLA UF . -33.29 -73.72 -72.76
C4B CLA UF . -34.55 -73.06 -72.34
CMB CLA UF . -32.27 -76.03 -72.20
CAB CLA UF . -32.32 -73.07 -73.60
CBB CLA UF . -31.00 -73.17 -73.51
NC CLA UF . -37.22 -71.78 -71.67
C1C CLA UF . -36.20 -71.20 -72.37
C2C CLA UF . -36.58 -69.86 -72.80
C3C CLA UF . -37.90 -69.67 -72.40
C4C CLA UF . -38.29 -70.89 -71.68
CMC CLA UF . -35.72 -68.95 -73.56
CAC CLA UF . -38.74 -68.49 -72.60
ND CLA UF . -39.02 -73.34 -70.20
C1D CLA UF . -39.92 -72.25 -70.42
C2D CLA UF . -41.23 -72.57 -69.82
C3D CLA UF . -41.13 -73.89 -69.37
C4D CLA UF . -39.74 -74.32 -69.66
CMD CLA UF . -42.36 -71.67 -69.80
CAD CLA UF . -41.80 -74.99 -68.70
OBD CLA UF . -42.91 -75.02 -68.20
CBD CLA UF . -40.81 -76.20 -68.72
CGD CLA UF . -40.67 -76.84 -67.36
O1D CLA UF . -39.83 -76.60 -66.50
O2D CLA UF . -41.60 -77.80 -67.11
MG CLA VF . -18.85 -76.18 -70.77
CHA CLA VF . -21.95 -77.76 -70.72
CHB CLA VF . -17.33 -79.17 -70.20
CHC CLA VF . -15.81 -74.62 -71.03
CHD CLA VF . -20.48 -73.11 -71.39
NA CLA VF . -19.55 -78.13 -70.48
C1A CLA VF . -20.88 -78.59 -70.50
C2A CLA VF . -20.94 -80.09 -70.24
C3A CLA VF . -19.48 -80.47 -69.92
C4A CLA VF . -18.71 -79.18 -70.21
CMA CLA VF . -19.32 -80.88 -68.47
CAA CLA VF . -21.42 -80.83 -71.47
NB CLA VF . -16.93 -76.78 -70.62
C1B CLA VF . -16.51 -78.06 -70.44
C2B CLA VF . -15.02 -78.11 -70.52
C3B CLA VF . -14.59 -76.83 -70.76
C4B CLA VF . -15.80 -75.96 -70.82
CMB CLA VF . -14.26 -79.35 -70.35
CAB CLA VF . -13.26 -76.33 -70.92
NC CLA VF . -18.26 -74.21 -71.10
C1C CLA VF . -16.96 -73.79 -71.15
C2C CLA VF . -16.91 -72.35 -71.40
C3C CLA VF . -18.23 -71.93 -71.52
C4C CLA VF . -19.08 -73.10 -71.33
CMC CLA VF . -15.68 -71.57 -71.50
CAC CLA VF . -18.69 -70.54 -71.77
ND CLA VF . -20.75 -75.50 -70.94
C1D CLA VF . -21.27 -74.22 -71.22
C2D CLA VF . -22.75 -74.31 -71.29
C3D CLA VF . -23.06 -75.65 -71.10
C4D CLA VF . -21.78 -76.35 -70.91
CMD CLA VF . -23.63 -73.18 -71.53
CAD CLA VF . -24.12 -76.64 -71.01
OBD CLA VF . -25.33 -76.49 -71.10
CBD CLA VF . -23.43 -78.03 -70.79
CGD CLA VF . -23.94 -78.73 -69.57
O1D CLA VF . -23.86 -78.37 -68.40
O2D CLA VF . -24.56 -79.92 -69.84
MG CLA WF . -26.08 -73.36 -76.51
CHA CLA WF . -26.30 -76.64 -75.36
CHB CLA WF . -29.32 -73.50 -77.51
CHC CLA WF . -25.74 -70.21 -77.81
CHD CLA WF . -22.68 -73.32 -75.55
NA CLA WF . -27.56 -74.83 -76.39
C1A CLA WF . -27.47 -76.13 -75.88
C2A CLA WF . -28.80 -76.87 -76.01
C3A CLA WF . -29.74 -75.82 -76.64
C4A CLA WF . -28.84 -74.62 -76.87
CMA CLA WF . -30.32 -76.31 -77.94
CAA CLA WF . -29.34 -77.30 -74.65
CBA CLA WF . -30.69 -77.96 -74.78
CGA CLA WF . -30.55 -79.43 -75.01
O1A CLA WF . -30.06 -80.28 -74.27
O2A CLA WF . -31.07 -79.83 -76.21
NB CLA WF . -27.32 -72.07 -77.42
C1B CLA WF . -28.60 -72.34 -77.80
C2B CLA WF . -29.13 -71.21 -78.60
C3B CLA WF . -28.14 -70.27 -78.70
C4B CLA WF . -26.96 -70.81 -77.95
CMB CLA WF . -30.48 -71.21 -79.16
CAB CLA WF . -28.18 -69.02 -79.41
CBB CLA WF . -27.50 -67.90 -79.16
NC CLA WF . -24.51 -72.01 -76.61
C1C CLA WF . -24.59 -70.76 -77.18
C2C CLA WF . -23.31 -70.08 -77.09
C3C CLA WF . -22.44 -70.96 -76.45
C4C CLA WF . -23.19 -72.17 -76.15
CMC CLA WF . -23.02 -68.74 -77.60
CAC CLA WF . -21.02 -70.73 -76.13
CBC CLA WF . -20.08 -71.31 -77.17
ND CLA WF . -24.75 -74.61 -75.63
C1D CLA WF . -23.38 -74.47 -75.30
C2D CLA WF . -22.90 -75.73 -74.70
C3D CLA WF . -23.97 -76.59 -74.70
C4D CLA WF . -25.10 -75.85 -75.30
CMD CLA WF . -21.52 -75.95 -74.25
CAD CLA WF . -24.45 -77.92 -74.37
OBD CLA WF . -23.84 -78.87 -73.87
CBD CLA WF . -25.95 -77.99 -74.79
CGD CLA WF . -26.18 -79.09 -75.79
O1D CLA WF . -25.93 -79.07 -77.00
O2D CLA WF . -26.72 -80.21 -75.25
CED CLA WF . -26.05 -81.45 -75.45
MG CLA XF . -17.12 -57.39 -74.78
CHA CLA XF . -15.16 -55.37 -76.79
CHB CLA XF . -16.64 -59.98 -76.94
CHC CLA XF . -18.89 -59.42 -72.64
CHD CLA XF . -17.59 -54.66 -72.57
NA CLA XF . -16.09 -57.60 -76.59
C1A CLA XF . -15.32 -56.65 -77.25
C2A CLA XF . -14.71 -57.22 -78.53
C3A CLA XF . -15.32 -58.63 -78.61
C4A CLA XF . -16.07 -58.77 -77.29
CMA CLA XF . -16.25 -58.77 -79.79
CAA CLA XF . -13.20 -57.29 -78.42
CBA CLA XF . -12.73 -58.13 -77.25
CGA CLA XF . -12.36 -57.25 -76.09
O1A CLA XF . -11.75 -56.18 -76.10
O2A CLA XF . -12.76 -57.75 -74.88
NB CLA XF . -17.70 -59.32 -74.81
C1B CLA XF . -17.35 -60.23 -75.75
C2B CLA XF . -17.85 -61.58 -75.36
C3B CLA XF . -18.49 -61.43 -74.15
C4B CLA XF . -18.40 -59.99 -73.78
CMB CLA XF . -17.64 -62.77 -76.17
CAB CLA XF . -19.13 -62.42 -73.32
CBB CLA XF . -20.43 -62.45 -73.02
NC CLA XF . -18.08 -57.09 -72.96
C1C CLA XF . -18.73 -58.05 -72.26
C2C CLA XF . -19.25 -57.51 -71.01
C3C CLA XF . -18.91 -56.16 -70.99
C4C CLA XF . -18.16 -55.90 -72.22
CMC CLA XF . -20.00 -58.27 -70.00
CAC CLA XF . -19.20 -55.19 -69.94
CBC CLA XF . -18.04 -54.99 -68.98
ND CLA XF . -16.56 -55.45 -74.66
C1D CLA XF . -16.84 -54.44 -73.70
C2D CLA XF . -16.20 -53.18 -74.15
C3D CLA XF . -15.51 -53.49 -75.31
C4D CLA XF . -15.78 -54.91 -75.58
CMD CLA XF . -16.28 -51.91 -73.43
CAD CLA XF . -14.67 -52.98 -76.39
OBD CLA XF . -14.22 -51.86 -76.57
CBD CLA XF . -14.41 -54.17 -77.35
CGD CLA XF . -14.83 -53.89 -78.78
O1D CLA XF . -15.77 -54.37 -79.40
O2D CLA XF . -14.03 -52.99 -79.40
CED CLA XF . -13.60 -53.30 -80.73
MG CLA YF . -9.94 -61.91 -79.45
CHA CLA YF . -9.06 -60.70 -76.33
CHB CLA YF . -6.71 -61.59 -80.45
CHC CLA YF . -10.76 -63.47 -82.40
CHD CLA YF . -13.24 -62.40 -78.28
NA CLA YF . -8.21 -61.19 -78.55
C1A CLA YF . -8.04 -60.74 -77.23
C2A CLA YF . -6.61 -60.30 -76.98
C3A CLA YF . -5.98 -60.33 -78.39
C4A CLA YF . -7.01 -61.10 -79.20
CMA CLA YF . -5.78 -58.94 -78.92
CAA CLA YF . -5.91 -61.29 -76.06
NB CLA YF . -8.94 -62.35 -81.15
C1B CLA YF . -7.59 -62.29 -81.29
C2B CLA YF . -7.17 -63.05 -82.49
C3B CLA YF . -8.31 -63.58 -83.06
C4B CLA YF . -9.46 -63.14 -82.20
CMB CLA YF . -5.78 -63.16 -82.92
CAB CLA YF . -8.47 -64.42 -84.21
NC CLA YF . -11.71 -62.70 -80.23
C1C CLA YF . -11.83 -63.24 -81.48
C2C CLA YF . -13.20 -63.67 -81.71
C3C CLA YF . -13.90 -63.42 -80.52
C4C CLA YF . -12.95 -62.81 -79.60
CMC CLA YF . -13.68 -64.27 -82.96
CAC CLA YF . -15.32 -63.68 -80.26
ND CLA YF . -10.99 -61.57 -77.77
C1D CLA YF . -12.34 -61.83 -77.41
C2D CLA YF . -12.55 -61.40 -76.01
C3D CLA YF . -11.34 -60.95 -75.54
C4D CLA YF . -10.39 -61.10 -76.67
CMD CLA YF . -13.83 -61.49 -75.30
CAD CLA YF . -10.60 -60.40 -74.43
OBD CLA YF . -11.01 -60.08 -73.31
CBD CLA YF . -9.11 -60.26 -74.88
CGD CLA YF . -8.61 -58.85 -74.66
O1D CLA YF . -8.30 -58.32 -73.59
O2D CLA YF . -8.50 -58.11 -75.80
MG CLA ZF . -26.79 -43.11 -70.82
CHA CLA ZF . -24.51 -40.63 -71.65
CHB CLA ZF . -27.52 -41.47 -67.93
CHC CLA ZF . -28.94 -45.65 -69.99
CHD CLA ZF . -26.05 -44.75 -73.86
NA CLA ZF . -26.13 -41.31 -69.96
C1A CLA ZF . -25.16 -40.42 -70.47
C2A CLA ZF . -24.98 -39.23 -69.51
C3A CLA ZF . -26.01 -39.51 -68.38
C4A CLA ZF . -26.61 -40.86 -68.76
CMA CLA ZF . -25.39 -39.54 -67.01
CAA CLA ZF . -25.26 -37.90 -70.18
CBA CLA ZF . -25.04 -36.71 -69.27
CGA CLA ZF . -23.63 -36.64 -68.78
O1A CLA ZF . -22.59 -36.86 -69.40
O2A CLA ZF . -23.53 -36.27 -67.46
NB CLA ZF . -28.02 -43.48 -69.27
C1B CLA ZF . -28.14 -42.71 -68.16
C2B CLA ZF . -29.04 -43.38 -67.18
C3B CLA ZF . -29.45 -44.57 -67.75
C4B CLA ZF . -28.81 -44.64 -69.09
CMB CLA ZF . -29.37 -42.81 -65.88
CAB CLA ZF . -30.33 -45.58 -67.23
CBB CLA ZF . -30.02 -46.87 -67.11
NC CLA ZF . -27.39 -44.87 -71.77
C1C CLA ZF . -28.29 -45.76 -71.25
C2C CLA ZF . -28.48 -46.87 -72.17
C3C CLA ZF . -27.66 -46.62 -73.27
C4C CLA ZF . -26.99 -45.36 -73.02
CMC CLA ZF . -29.38 -48.00 -71.91
CAC CLA ZF . -27.51 -47.45 -74.48
CBC CLA ZF . -26.83 -48.78 -74.24
ND CLA ZF . -25.59 -42.81 -72.42
C1D CLA ZF . -25.39 -43.56 -73.60
C2D CLA ZF . -24.36 -42.88 -74.43
C3D CLA ZF . -23.96 -41.77 -73.71
C4D CLA ZF . -24.77 -41.76 -72.47
CMD CLA ZF . -23.89 -43.37 -75.72
CAD CLA ZF . -23.11 -40.61 -73.68
OBD CLA ZF . -22.26 -40.24 -74.49
CBD CLA ZF . -23.43 -39.83 -72.37
CGD CLA ZF . -22.20 -39.64 -71.51
O1D CLA ZF . -22.05 -39.94 -70.31
O2D CLA ZF . -21.15 -39.09 -72.17
CED CLA ZF . -20.27 -38.23 -71.43
MG CLA AG . -9.19 -46.22 -66.66
CHA CLA AG . -11.32 -43.59 -67.39
CHB CLA AG . -11.87 -48.22 -66.02
CHC CLA AG . -7.03 -48.76 -65.83
CHD CLA AG . -6.44 -44.07 -67.25
NA CLA AG . -11.26 -45.93 -66.74
C1A CLA AG . -11.95 -44.75 -67.06
C2A CLA AG . -13.46 -44.99 -67.00
C3A CLA AG . -13.60 -46.47 -66.58
C4A CLA AG . -12.15 -46.93 -66.45
CMA CLA AG . -14.34 -46.62 -65.28
CAA CLA AG . -14.10 -44.77 -68.37
CBA CLA AG . -15.61 -44.82 -68.29
CGA CLA AG . -16.18 -43.61 -68.96
O1A CLA AG . -15.73 -42.94 -69.89
O2A CLA AG . -17.39 -43.24 -68.43
NB CLA AG . -9.40 -48.10 -66.00
C1B CLA AG . -10.58 -48.76 -65.86
C2B CLA AG . -10.32 -50.18 -65.49
C3B CLA AG . -8.97 -50.35 -65.43
C4B CLA AG . -8.35 -49.03 -65.77
CMB CLA AG . -11.40 -51.15 -65.27
CAB CLA AG . -8.18 -51.52 -65.15
NC CLA AG . -7.11 -46.39 -66.60
C1C CLA AG . -6.43 -47.52 -66.23
C2C CLA AG . -5.00 -47.27 -66.29
C3C CLA AG . -4.83 -45.95 -66.68
C4C CLA AG . -6.16 -45.40 -66.87
CMC CLA AG . -3.96 -48.26 -65.97
CAC CLA AG . -3.56 -45.24 -66.88
ND CLA AG . -8.88 -44.34 -67.33
C1D CLA AG . -7.70 -43.56 -67.46
C2D CLA AG . -8.06 -42.18 -67.85
C3D CLA AG . -9.44 -42.14 -67.87
C4D CLA AG . -9.90 -43.49 -67.49
CMD CLA AG . -7.10 -41.12 -68.15
CAD CLA AG . -10.61 -41.34 -68.12
OBD CLA AG . -10.71 -40.21 -68.58
CBD CLA AG . -11.85 -42.20 -67.69
CGD CLA AG . -12.50 -41.61 -66.47
O1D CLA AG . -12.79 -42.18 -65.41
O2D CLA AG . -12.79 -40.28 -66.58
CED CLA AG . -12.15 -39.38 -65.68
C1 LUT BG . -20.71 -61.86 -79.69
C2 LUT BG . -20.59 -60.45 -80.28
C3 LUT BG . -19.85 -59.51 -79.36
C4 LUT BG . -20.59 -59.39 -78.05
C5 LUT BG . -21.07 -60.70 -77.50
C6 LUT BG . -21.08 -61.84 -78.22
C7 LUT BG . -21.43 -63.10 -77.60
C8 LUT BG . -22.68 -63.60 -77.39
C9 LUT BG . -23.04 -64.78 -76.73
C10 LUT BG . -24.36 -65.26 -76.67
C11 LUT BG . -24.87 -66.36 -75.99
C12 LUT BG . -26.16 -66.85 -76.03
C13 LUT BG . -26.71 -67.95 -75.36
C14 LUT BG . -28.06 -68.33 -75.48
C15 LUT BG . -29.08 -67.72 -76.18
C16 LUT BG . -19.37 -62.59 -79.86
C17 LUT BG . -21.76 -62.63 -80.49
C18 LUT BG . -21.53 -60.61 -76.07
C19 LUT BG . -22.00 -65.57 -76.02
C20 LUT BG . -25.84 -68.73 -74.45
O3 LUT BG . -19.70 -58.24 -79.97
C21 LUT BG . -39.24 -76.31 -76.65
C22 LUT BG . -40.06 -77.53 -76.24
C23 LUT BG . -41.30 -77.12 -75.46
C24 LUT BG . -40.98 -76.11 -74.40
C25 LUT BG . -39.87 -75.41 -74.33
C26 LUT BG . -38.79 -75.51 -75.41
C27 LUT BG . -38.29 -74.13 -75.76
C28 LUT BG . -37.04 -73.67 -75.64
C29 LUT BG . -36.53 -72.44 -76.08
C30 LUT BG . -35.16 -72.13 -75.97
C31 LUT BG . -34.48 -70.99 -76.37
C32 LUT BG . -33.15 -70.66 -76.13
C33 LUT BG . -32.46 -69.51 -76.55
C34 LUT BG . -31.14 -69.20 -76.15
C35 LUT BG . -30.39 -68.09 -76.47
C36 LUT BG . -40.08 -75.41 -77.57
C37 LUT BG . -38.00 -76.77 -77.42
C38 LUT BG . -39.57 -74.48 -73.19
C39 LUT BG . -37.41 -71.40 -76.67
C40 LUT BG . -33.14 -68.59 -77.48
O23 LUT BG . -41.94 -78.28 -74.89
C1 XAT CG . -35.45 -54.38 -77.31
C2 XAT CG . -35.47 -53.92 -78.77
C3 XAT CG . -34.34 -54.50 -79.61
C4 XAT CG . -34.49 -55.99 -79.72
C5 XAT CG . -34.54 -56.62 -78.35
C6 XAT CG . -34.98 -55.83 -77.18
C7 XAT CG . -35.42 -56.54 -75.93
C8 XAT CG . -34.55 -56.94 -75.01
C9 XAT CG . -34.77 -57.49 -73.74
C10 XAT CG . -33.68 -57.78 -72.90
C11 XAT CG . -33.65 -58.19 -71.58
C12 XAT CG . -32.47 -58.35 -70.88
C13 XAT CG . -32.25 -58.60 -69.51
C14 XAT CG . -30.97 -58.59 -68.94
C15 XAT CG . -30.60 -58.70 -67.62
C16 XAT CG . -36.89 -54.21 -76.79
C17 XAT CG . -34.52 -53.45 -76.53
C18 XAT CG . -34.60 -58.13 -78.33
C19 XAT CG . -36.13 -57.80 -73.24
C20 XAT CG . -33.42 -58.87 -68.65
O3 XAT CG . -34.37 -53.92 -80.92
O4 XAT CG . -33.57 -56.03 -77.44
C21 XAT CG . -22.84 -60.44 -56.81
C22 XAT CG . -22.57 -61.22 -55.51
C23 XAT CG . -23.79 -61.87 -54.91
C24 XAT CG . -24.36 -62.91 -55.84
C25 XAT CG . -24.63 -62.35 -57.20
C26 XAT CG . -23.91 -61.14 -57.66
C27 XAT CG . -23.83 -60.85 -59.14
C28 XAT CG . -24.81 -60.30 -59.84
C29 XAT CG . -24.82 -60.06 -61.23
C30 XAT CG . -25.96 -59.60 -61.89
C31 XAT CG . -26.15 -59.38 -63.24
C32 XAT CG . -27.35 -59.10 -63.87
C33 XAT CG . -27.62 -58.92 -65.23
C34 XAT CG . -28.92 -58.82 -65.74
C35 XAT CG . -29.33 -58.71 -67.06
C36 XAT CG . -21.49 -60.34 -57.54
C37 XAT CG . -23.31 -59.04 -56.42
C38 XAT CG . -25.23 -63.30 -58.19
C39 XAT CG . -23.61 -60.32 -62.05
C40 XAT CG . -26.49 -58.84 -66.18
O23 XAT CG . -23.46 -62.48 -53.66
O24 XAT CG . -25.26 -61.04 -57.14
O1 LHG DG . -15.32 -77.40 -63.81
C1 LHG DG . -14.49 -77.20 -64.95
C2 LHG DG . -14.93 -78.04 -66.13
O2 LHG DG . -14.10 -77.79 -67.25
C3 LHG DG . -16.38 -77.82 -66.51
O3 LHG DG . -16.60 -76.40 -66.77
P LHG DG . -18.03 -75.92 -67.32
O4 LHG DG . -18.22 -76.50 -68.70
O5 LHG DG . -19.07 -76.16 -66.26
O6 LHG DG . -17.83 -74.33 -67.48
C4 LHG DG . -19.01 -73.47 -67.49
C5 LHG DG . -18.61 -72.07 -67.85
C6 LHG DG . -19.80 -71.18 -68.19
O7 LHG DG . -17.88 -71.47 -66.74
C7 LHG DG . -17.21 -70.33 -66.96
O9 LHG DG . -17.05 -69.88 -68.07
C8 LHG DG . -16.69 -69.65 -65.73
C9 LHG DG . -15.98 -68.36 -66.03
C10 LHG DG . -15.47 -67.66 -64.79
O8 LHG DG . -20.82 -71.38 -67.20
C23 LHG DG . -21.65 -70.36 -66.97
O10 LHG DG . -22.51 -70.39 -66.13
C24 LHG DG . -21.39 -69.19 -67.88
C11 LHG DG . -14.78 -66.34 -65.07
C12 LHG DG . -14.27 -65.63 -63.85
C25 LHG DG . -21.00 -67.95 -67.13
C26 LHG DG . -20.65 -66.80 -68.07
C27 LHG DG . -19.45 -67.06 -68.94
MG CHL EG . 42.01 -27.62 -5.82
CHA CHL EG . 42.87 -25.43 -3.18
CHB CHL EG . 39.45 -25.45 -6.60
CHC CHL EG . 41.25 -29.64 -8.65
CHD CHL EG . 44.48 -30.00 -4.83
NA CHL EG . 41.36 -25.88 -5.12
C1A CHL EG . 41.81 -25.14 -4.17
C2A CHL EG . 41.20 -23.78 -4.03
C3A CHL EG . 40.01 -23.91 -4.91
C4A CHL EG . 40.29 -25.20 -5.62
CMA CHL EG . 38.74 -24.05 -4.09
CAA CHL EG . 42.20 -22.75 -4.54
CBA CHL EG . 41.68 -21.31 -4.38
CGA CHL EG . 42.13 -20.51 -5.58
O1A CHL EG . 43.24 -20.68 -6.06
O2A CHL EG . 41.25 -19.54 -6.18
NB CHL EG . 40.62 -27.55 -7.33
C1B CHL EG . 39.69 -26.61 -7.46
C2B CHL EG . 38.83 -26.83 -8.65
C3B CHL EG . 39.36 -28.06 -9.25
C4B CHL EG . 40.48 -28.43 -8.34
CMB CHL EG . 37.68 -25.98 -9.13
CAB CHL EG . 38.67 -28.53 -10.48
CBB CHL EG . 39.14 -29.53 -11.20
NC CHL EG . 42.71 -29.41 -6.57
C1C CHL EG . 42.28 -30.03 -7.70
C2C CHL EG . 42.98 -31.31 -7.97
C3C CHL EG . 43.92 -31.42 -6.85
C4C CHL EG . 43.68 -30.20 -6.04
CMC CHL EG . 42.99 -32.41 -8.95
OMC CHL EG . 42.35 -32.32 -9.98
CAC CHL EG . 44.91 -32.52 -6.58
CBC CHL EG . 44.40 -33.44 -5.49
ND CHL EG . 43.42 -27.80 -4.36
C1D CHL EG . 44.31 -28.76 -4.07
C2D CHL EG . 45.03 -28.28 -2.89
C3D CHL EG . 44.48 -26.97 -2.52
C4D CHL EG . 43.49 -26.73 -3.47
CMD CHL EG . 46.14 -28.83 -2.03
CAD CHL EG . 44.56 -25.83 -1.56
OBD CHL EG . 45.40 -25.83 -0.59
CBD CHL EG . 43.54 -24.87 -1.99
CGD CHL EG . 42.52 -24.65 -0.92
O1D CHL EG . 42.02 -23.55 -0.77
O2D CHL EG . 42.10 -25.73 -0.05
CED CHL EG . 41.23 -25.45 1.04
C1 CHL EG . 41.03 -19.53 -7.59
C2 CHL EG . 41.02 -18.10 -8.10
C3 CHL EG . 42.00 -17.61 -8.86
C4 CHL EG . 43.16 -18.48 -9.25
C5 CHL EG . 41.92 -16.18 -9.33
C6 CHL EG . 40.79 -16.04 -10.34
C7 CHL EG . 40.28 -14.60 -10.38
MG CHL FG . 35.35 -34.56 -15.16
CHA CHL FG . 35.09 -36.34 -12.11
CHB CHL FG . 32.82 -36.59 -16.37
CHC CHL FG . 35.43 -32.75 -18.21
CHD CHL FG . 38.08 -32.62 -13.94
NA CHL FG . 34.24 -36.05 -14.45
C1A CHL FG . 34.19 -36.57 -13.26
C2A CHL FG . 33.06 -37.51 -13.01
C3A CHL FG . 32.73 -37.89 -14.41
C4A CHL FG . 33.33 -36.74 -15.15
CMA CHL FG . 33.41 -39.18 -14.82
CAA CHL FG . 31.95 -36.77 -12.29
CBA CHL FG . 30.61 -36.84 -13.01
CGA CHL FG . 30.40 -35.58 -13.81
O1A CHL FG . 31.31 -34.78 -13.97
O2A CHL FG . 29.11 -35.29 -14.41
NB CHL FG . 34.34 -34.65 -16.93
C1B CHL FG . 33.37 -35.52 -17.21
C2B CHL FG . 32.81 -35.34 -18.56
C3B CHL FG . 33.58 -34.22 -19.13
C4B CHL FG . 34.50 -33.86 -18.01
CMB CHL FG . 31.72 -36.14 -19.23
CAB CHL FG . 33.19 -33.85 -20.51
CBB CHL FG . 33.65 -32.77 -21.09
NC CHL FG . 36.51 -33.02 -15.91
C1C CHL FG . 36.38 -32.45 -17.13
C2C CHL FG . 37.37 -31.36 -17.36
C3C CHL FG . 38.13 -31.34 -16.10
C4C CHL FG . 37.52 -32.40 -15.28
CMC CHL FG . 37.79 -30.38 -18.38
OMC CHL FG . 37.36 -30.48 -19.51
CAC CHL FG . 39.28 -30.43 -15.74
CBC CHL FG . 38.75 -29.15 -15.14
ND CHL FG . 36.43 -34.41 -13.43
C1D CHL FG . 37.45 -33.63 -13.09
C2D CHL FG . 37.79 -34.01 -11.70
C3D CHL FG . 36.87 -35.09 -11.30
C4D CHL FG . 36.06 -35.28 -12.41
CMD CHL FG . 38.81 -33.56 -10.70
CAD CHL FG . 36.46 -36.01 -10.21
OBD CHL FG . 37.07 -36.02 -9.07
CBD CHL FG . 35.34 -36.80 -10.73
CGD CHL FG . 35.73 -38.24 -10.78
O1D CHL FG . 35.79 -38.92 -9.77
O2D CHL FG . 36.05 -38.86 -12.05
CED CHL FG . 36.84 -40.05 -12.08
C1 CHL FG . 28.95 -35.06 -15.80
C2 CHL FG . 29.51 -33.72 -16.22
C3 CHL FG . 29.35 -33.32 -17.49
C4 CHL FG . 28.60 -34.18 -18.45
C5 CHL FG . 29.90 -31.98 -17.95
C6 CHL FG . 28.74 -31.06 -18.30
C7 CHL FG . 29.21 -29.62 -18.48
MG CLA GG . 31.16 -32.59 -26.08
CHA CLA GG . 28.68 -35.00 -25.78
CHB CLA GG . 30.42 -31.47 -22.96
CHC CLA GG . 33.48 -30.08 -26.48
CHD CLA GG . 31.74 -33.65 -29.40
NA CLA GG . 29.81 -33.20 -24.60
C1A CLA GG . 28.86 -34.22 -24.67
C2A CLA GG . 28.07 -34.33 -23.36
C3A CLA GG . 28.72 -33.26 -22.46
C4A CLA GG . 29.74 -32.59 -23.38
CMA CLA GG . 27.71 -32.26 -21.95
CAA CLA GG . 28.26 -35.69 -22.73
CBA CLA GG . 27.54 -35.80 -21.41
CGA CLA GG . 26.27 -36.60 -21.57
O1A CLA GG . 26.16 -37.81 -21.70
O2A CLA GG . 25.16 -35.82 -21.55
NB CLA GG . 31.92 -31.15 -24.89
C1B CLA GG . 31.35 -30.75 -23.72
C2B CLA GG . 31.83 -29.39 -23.35
C3B CLA GG . 32.69 -28.99 -24.33
C4B CLA GG . 32.76 -30.09 -25.33
CMB CLA GG . 31.36 -28.69 -22.16
CAB CLA GG . 33.40 -27.74 -24.45
CBB CLA GG . 33.35 -26.91 -25.49
NC CLA GG . 32.43 -32.02 -27.64
C1C CLA GG . 33.32 -30.99 -27.58
C2C CLA GG . 34.07 -30.90 -28.82
C3C CLA GG . 33.54 -31.87 -29.67
C4C CLA GG . 32.51 -32.58 -28.91
CMC CLA GG . 35.11 -29.93 -29.10
CAC CLA GG . 33.97 -32.19 -31.04
CBC CLA GG . 34.98 -33.30 -31.05
ND CLA GG . 30.42 -33.96 -27.35
C1D CLA GG . 30.75 -34.29 -28.70
C2D CLA GG . 29.87 -35.39 -29.14
C3D CLA GG . 29.06 -35.70 -28.07
C4D CLA GG . 29.44 -34.79 -26.98
CMD CLA GG . 29.90 -36.00 -30.47
CAD CLA GG . 27.98 -36.54 -27.58
OBD CLA GG . 27.35 -37.40 -28.15
CBD CLA GG . 27.73 -36.13 -26.10
CGD CLA GG . 26.29 -35.78 -25.84
O1D CLA GG . 25.61 -34.90 -26.38
O2D CLA GG . 25.70 -36.54 -24.87
CED CLA GG . 25.94 -37.95 -24.89
MG CLA HG . 46.54 -33.05 -38.59
CHA CLA HG . 47.31 -31.52 -41.63
CHB CLA HG . 43.23 -32.71 -39.27
CHC CLA HG . 45.85 -34.58 -35.60
CHD CLA HG . 50.01 -33.28 -37.90
NA CLA HG . 45.47 -32.24 -40.20
C1A CLA HG . 45.98 -31.67 -41.38
C2A CLA HG . 44.84 -31.22 -42.29
C3A CLA HG . 43.57 -31.56 -41.49
C4A CLA HG . 44.11 -32.24 -40.23
CMA CLA HG . 42.78 -30.31 -41.19
CAA CLA HG . 44.84 -31.98 -43.60
CBA CLA HG . 44.51 -33.43 -43.40
CGA CLA HG . 45.17 -34.26 -44.45
O1A CLA HG . 45.83 -33.89 -45.42
O2A CLA HG . 44.98 -35.61 -44.27
NB CLA HG . 44.86 -33.61 -37.65
C1B CLA HG . 43.61 -33.33 -38.06
C2B CLA HG . 42.63 -33.78 -37.03
C3B CLA HG . 43.37 -34.31 -35.99
C4B CLA HG . 44.80 -34.20 -36.37
CMB CLA HG . 41.19 -33.60 -37.18
CAB CLA HG . 42.96 -34.86 -34.72
CBB CLA HG . 41.84 -35.56 -34.50
NC CLA HG . 47.72 -33.78 -37.04
C1C CLA HG . 47.23 -34.38 -35.90
C2C CLA HG . 48.33 -34.79 -35.05
C3C CLA HG . 49.51 -34.41 -35.68
C4C CLA HG . 49.11 -33.78 -36.94
CMC CLA HG . 48.17 -35.46 -33.76
CAC CLA HG . 50.89 -34.61 -35.22
CBC CLA HG . 51.39 -33.43 -34.42
ND CLA HG . 48.28 -32.49 -39.46
C1D CLA HG . 49.64 -32.67 -39.08
C2D CLA HG . 50.51 -32.11 -40.14
C3D CLA HG . 49.67 -31.65 -41.13
C4D CLA HG . 48.29 -31.92 -40.67
CMD CLA HG . 51.97 -32.09 -40.09
CAD CLA HG . 49.58 -31.01 -42.43
OBD CLA HG . 50.48 -30.58 -43.15
CBD CLA HG . 48.06 -30.93 -42.79
CGD CLA HG . 47.63 -29.53 -43.09
O1D CLA HG . 47.93 -28.50 -42.48
O2D CLA HG . 46.81 -29.43 -44.18
CED CLA HG . 46.81 -28.20 -44.91
MG CHL IG . 39.60 -35.38 -41.99
CHA CHL IG . 40.72 -37.98 -44.14
CHB CHL IG . 38.92 -37.84 -39.65
CHC CHL IG . 38.37 -32.86 -39.78
CHD CHL IG . 40.60 -32.86 -44.30
NA CHL IG . 39.67 -37.38 -41.95
C1A CHL IG . 40.09 -38.23 -42.82
C2A CHL IG . 39.88 -39.67 -42.49
C3A CHL IG . 39.09 -39.58 -41.22
C4A CHL IG . 39.24 -38.13 -40.91
CMA CHL IG . 37.63 -39.93 -41.45
CAA CHL IG . 41.20 -40.39 -42.24
CBA CHL IG . 40.95 -41.88 -42.11
CGA CHL IG . 41.89 -42.63 -43.01
O1A CHL IG . 41.78 -43.84 -43.16
O2A CHL IG . 42.94 -41.91 -43.73
NB CHL IG . 38.81 -35.36 -40.11
C1B CHL IG . 38.63 -36.44 -39.35
C2B CHL IG . 38.04 -36.12 -38.03
C3B CHL IG . 37.87 -34.66 -38.06
C4B CHL IG . 38.39 -34.29 -39.41
CMB CHL IG . 37.68 -37.06 -36.92
CAB CHL IG . 37.29 -34.09 -36.82
CBB CHL IG . 37.67 -32.91 -36.38
NC CHL IG . 39.51 -33.32 -42.04
C1C CHL IG . 38.99 -32.52 -41.07
C2C CHL IG . 39.08 -31.07 -41.41
C3C CHL IG . 39.73 -31.09 -42.73
C4C CHL IG . 39.95 -32.52 -43.02
CMC CHL IG . 38.75 -29.72 -40.89
OMC CHL IG . 38.28 -29.59 -39.78
CAC CHL IG . 40.07 -29.90 -43.59
CBC CHL IG . 38.88 -29.54 -44.45
ND CHL IG . 40.47 -35.30 -43.84
C1D CHL IG . 40.80 -34.27 -44.63
C2D CHL IG . 41.40 -34.87 -45.82
C3D CHL IG . 41.37 -36.34 -45.66
C4D CHL IG . 40.78 -36.54 -44.40
CMD CHL IG . 41.99 -34.35 -47.10
CAD CHL IG . 41.71 -37.65 -46.28
OBD CHL IG . 42.26 -37.73 -47.44
CBD CHL IG . 41.29 -38.67 -45.31
CGD CHL IG . 40.22 -39.51 -45.95
O1D CHL IG . 39.05 -39.16 -45.90
O2D CHL IG . 40.57 -40.75 -46.63
CED CHL IG . 39.57 -41.75 -46.83
MG CHL JG . 35.58 -26.95 -39.07
CHA CHL JG . 35.56 -23.71 -40.51
CHB CHL JG . 35.97 -25.43 -35.99
CHC CHL JG . 35.44 -30.16 -37.52
CHD CHL JG . 35.12 -28.50 -42.25
NA CHL JG . 35.77 -25.08 -38.42
C1A CHL JG . 35.73 -23.96 -39.06
C2A CHL JG . 35.94 -22.72 -38.25
C3A CHL JG . 36.28 -23.30 -36.91
C4A CHL JG . 35.98 -24.74 -37.12
CMA CHL JG . 37.75 -23.12 -36.59
CAA CHL JG . 34.69 -21.85 -38.20
CBA CHL JG . 33.51 -22.54 -37.54
CGA CHL JG . 32.34 -21.59 -37.47
O1A CHL JG . 31.81 -21.17 -38.49
O2A CHL JG . 31.81 -21.17 -36.19
NB CHL JG . 35.68 -27.65 -37.15
C1B CHL JG . 35.84 -26.88 -36.07
C2B CHL JG . 35.87 -27.67 -34.81
C3B CHL JG . 35.72 -29.07 -35.25
C4B CHL JG . 35.61 -28.93 -36.75
CMB CHL JG . 36.03 -27.17 -33.41
CAB CHL JG . 35.73 -30.07 -34.18
CBB CHL JG . 35.32 -31.32 -34.40
NC CHL JG . 35.33 -28.90 -39.74
C1C CHL JG . 35.31 -30.01 -38.97
C2C CHL JG . 35.12 -31.25 -39.76
C3C CHL JG . 35.03 -30.76 -41.14
C4C CHL JG . 35.17 -29.29 -41.01
CMC CHL JG . 35.00 -32.71 -39.58
OMC CHL JG . 34.79 -33.17 -38.47
CAC CHL JG . 34.84 -31.55 -42.41
CBC CHL JG . 33.39 -31.41 -42.83
ND CHL JG . 35.37 -26.36 -41.01
C1D CHL JG . 35.20 -27.05 -42.14
C2D CHL JG . 35.12 -26.05 -43.21
C3D CHL JG . 35.26 -24.73 -42.59
C4D CHL JG . 35.41 -24.99 -41.23
CMD CHL JG . 34.93 -26.11 -44.70
CAD CHL JG . 35.29 -23.26 -42.84
OBD CHL JG . 35.18 -22.79 -44.02
CBD CHL JG . 35.50 -22.64 -41.53
CGD CHL JG . 36.84 -21.98 -41.59
O1D CHL JG . 37.86 -22.64 -41.40
O2D CHL JG . 36.98 -20.58 -41.92
CED CHL JG . 38.26 -19.97 -41.86
MG CHL KG . 37.59 -48.20 -31.63
CHA CHL KG . 38.92 -45.32 -30.04
CHB CHL KG . 38.69 -46.87 -34.62
CHC CHL KG . 36.55 -51.18 -33.26
CHD CHL KG . 36.17 -49.39 -28.57
NA CHL KG . 38.60 -46.57 -32.18
C1A CHL KG . 39.09 -45.60 -31.48
C2A CHL KG . 39.90 -44.59 -32.22
C3A CHL KG . 39.64 -44.98 -33.64
C4A CHL KG . 38.90 -46.26 -33.46
CMA CHL KG . 38.75 -43.98 -34.33
CAA CHL KG . 41.37 -44.62 -31.84
CBA CHL KG . 42.05 -45.91 -32.31
CGA CHL KG . 43.40 -46.05 -31.65
O1A CHL KG . 43.50 -46.05 -30.44
O2A CHL KG . 44.59 -46.20 -32.48
NB CHL KG . 37.61 -48.88 -33.55
C1B CHL KG . 38.09 -48.20 -34.59
C2B CHL KG . 37.96 -48.95 -35.85
C3B CHL KG . 37.33 -50.22 -35.47
C4B CHL KG . 37.16 -50.06 -34.00
CMB CHL KG . 38.38 -48.52 -37.23
CAB CHL KG . 37.10 -51.15 -36.60
CBB CHL KG . 36.82 -52.41 -36.38
NC CHL KG . 36.59 -49.90 -31.05
C1C CHL KG . 36.27 -50.95 -31.83
C2C CHL KG . 35.53 -52.02 -31.11
C3C CHL KG . 35.43 -51.49 -29.74
C4C CHL KG . 36.11 -50.18 -29.81
CMC CHL KG . 34.93 -53.35 -31.34
OMC CHL KG . 34.85 -53.78 -32.47
CAC CHL KG . 34.79 -52.12 -28.53
CBC CHL KG . 35.77 -53.05 -27.85
ND CHL KG . 37.50 -47.59 -29.68
C1D CHL KG . 36.92 -48.14 -28.60
C2D CHL KG . 37.20 -47.20 -27.50
C3D CHL KG . 37.98 -46.08 -28.05
C4D CHL KG . 38.13 -46.40 -29.40
CMD CHL KG . 36.87 -47.15 -26.03
CAD CHL KG . 38.66 -44.80 -27.73
OBD CHL KG . 38.64 -44.34 -26.53
CBD CHL KG . 39.26 -44.34 -28.99
CGD CHL KG . 38.73 -42.99 -29.38
O1D CHL KG . 37.62 -42.86 -29.86
O2D CHL KG . 39.57 -41.82 -29.19
CED CHL KG . 39.72 -40.88 -30.24
C1 CHL KG . 45.33 -47.42 -32.45
C2 CHL KG . 46.77 -47.16 -32.82
C3 CHL KG . 47.69 -46.98 -31.86
C4 CHL KG . 47.31 -47.05 -30.41
C5 CHL KG . 49.13 -46.71 -32.25
MG CLA LG . 30.42 -40.00 -31.48
CHA CLA LG . 29.91 -39.93 -28.04
CHB CLA LG . 27.84 -42.19 -31.79
CHC CLA LG . 30.65 -39.68 -34.89
CHD CLA LG . 33.01 -37.65 -31.09
NA CLA LG . 29.16 -40.95 -30.12
C1A CLA LG . 29.08 -40.78 -28.74
C2A CLA LG . 28.00 -41.67 -28.13
C3A CLA LG . 27.62 -42.58 -29.30
C4A CLA LG . 28.22 -41.87 -30.51
CMA CLA LG . 28.24 -43.94 -29.12
CAA CLA LG . 26.82 -40.82 -27.66
CBA CLA LG . 25.78 -40.61 -28.74
CGA CLA LG . 25.04 -39.32 -28.53
O1A CLA LG . 24.37 -38.98 -27.55
O2A CLA LG . 25.13 -38.46 -29.57
NB CLA LG . 29.41 -40.77 -33.04
C1B CLA LG . 28.36 -41.63 -32.96
C2B CLA LG . 27.87 -41.95 -34.33
C3B CLA LG . 28.66 -41.25 -35.21
C4B CLA LG . 29.65 -40.49 -34.40
CMB CLA LG . 26.78 -42.88 -34.57
CAB CLA LG . 28.65 -41.20 -36.65
CBB CLA LG . 27.56 -41.15 -37.41
NC CLA LG . 31.67 -38.93 -32.75
C1C CLA LG . 31.61 -38.98 -34.12
C2C CLA LG . 32.63 -38.11 -34.68
C3C CLA LG . 33.28 -37.50 -33.61
C4C CLA LG . 32.67 -38.02 -32.39
CMC CLA LG . 32.87 -37.93 -36.12
CAC CLA LG . 34.40 -36.55 -33.68
CBC CLA LG . 33.92 -35.14 -33.95
ND CLA LG . 31.41 -39.12 -29.95
C1D CLA LG . 32.42 -38.12 -29.93
C2D CLA LG . 32.68 -37.72 -28.54
C3D CLA LG . 31.74 -38.39 -27.77
C4D CLA LG . 30.96 -39.22 -28.70
CMD CLA LG . 33.70 -36.77 -28.12
CAD CLA LG . 31.21 -38.63 -26.44
OBD CLA LG . 31.60 -38.18 -25.37
CBD CLA LG . 30.00 -39.58 -26.58
CGD CLA LG . 30.19 -40.81 -25.74
O1D CLA LG . 31.05 -41.69 -25.87
O2D CLA LG . 29.30 -40.94 -24.72
CED CLA LG . 29.43 -42.11 -23.91
C1 CLA LG . 24.13 -37.42 -29.66
C2 CLA LG . 24.83 -36.11 -29.65
C3 CLA LG . 24.97 -35.34 -30.74
C4 CLA LG . 24.43 -35.77 -32.06
C5 CLA LG . 25.67 -34.03 -30.70
C6 CLA LG . 25.88 -33.49 -29.30
C7 CLA LG . 26.19 -32.00 -29.32
C8 CLA LG . 27.68 -31.71 -29.37
C9 CLA LG . 28.06 -30.70 -28.30
C10 CLA LG . 28.10 -31.19 -30.74
MG CLA MG . 45.81 -44.42 -24.20
CHA CLA MG . 45.08 -47.77 -23.80
CHB CLA MG . 47.83 -44.53 -21.47
CHC CLA MG . 46.65 -41.12 -24.71
CHD CLA MG . 43.76 -44.33 -27.06
NA CLA MG . 46.36 -45.93 -22.88
C1A CLA MG . 45.94 -47.27 -22.88
C2A CLA MG . 46.65 -48.02 -21.81
C3A CLA MG . 47.20 -46.92 -20.93
C4A CLA MG . 47.19 -45.71 -21.82
CMA CLA MG . 46.27 -46.68 -19.77
CAA CLA MG . 47.77 -48.86 -22.41
CBA CLA MG . 49.09 -48.12 -22.32
CGA CLA MG . 49.38 -47.43 -23.62
O2A CLA MG . 50.24 -46.27 -23.63
NB CLA MG . 47.02 -43.09 -23.26
C1B CLA MG . 47.76 -43.32 -22.16
C2B CLA MG . 48.48 -42.08 -21.74
C3B CLA MG . 48.14 -41.11 -22.67
C4B CLA MG . 47.21 -41.74 -23.65
CMB CLA MG . 49.39 -42.04 -20.54
CAB CLA MG . 48.51 -39.72 -22.80
CBB CLA MG . 49.57 -39.12 -22.21
NC CLA MG . 45.28 -42.97 -25.62
C1C CLA MG . 45.73 -41.67 -25.64
C2C CLA MG . 45.17 -40.96 -26.79
C3C CLA MG . 44.35 -41.87 -27.45
C4C CLA MG . 44.43 -43.13 -26.72
CMC CLA MG . 45.39 -39.53 -27.18
CAC CLA MG . 43.54 -41.60 -28.69
CBC CLA MG . 43.30 -42.91 -29.41
ND CLA MG . 44.68 -45.71 -25.25
C1D CLA MG . 43.86 -45.54 -26.40
C2D CLA MG . 43.18 -46.82 -26.68
C3D CLA MG . 43.62 -47.70 -25.71
C4D CLA MG . 44.55 -46.97 -24.85
CMD CLA MG . 42.19 -47.29 -27.71
CAD CLA MG . 43.52 -49.04 -25.18
OBD CLA MG . 42.84 -49.97 -25.58
CBD CLA MG . 44.45 -49.14 -23.99
CGD CLA MG . 43.72 -49.68 -22.80
O1D CLA MG . 43.11 -48.95 -22.04
O2D CLA MG . 43.76 -51.11 -22.54
CED CLA MG . 44.55 -51.94 -23.37
C1 CLA MG . 49.79 -45.04 -23.07
C2 CLA MG . 50.95 -44.08 -22.93
C3 CLA MG . 51.09 -43.09 -23.82
C4 CLA MG . 50.09 -42.95 -24.92
C5 CLA MG . 52.24 -42.14 -23.70
C6 CLA MG . 53.12 -42.24 -24.93
C7 CLA MG . 53.52 -40.86 -25.43
MG CLA NG . 51.15 -33.18 -11.06
CHA CLA NG . 51.19 -36.47 -12.13
CHB CLA NG . 52.59 -34.11 -8.13
CHC CLA NG . 51.17 -29.88 -10.09
CHD CLA NG . 49.66 -32.24 -14.13
NA CLA NG . 51.77 -35.01 -10.27
C1A CLA NG . 51.71 -36.28 -10.88
C2A CLA NG . 52.28 -37.35 -9.96
C3A CLA NG . 52.59 -36.58 -8.66
C4A CLA NG . 52.31 -35.12 -9.02
CMA CLA NG . 51.71 -37.03 -7.52
CAA CLA NG . 53.55 -37.93 -10.54
CBA CLA NG . 54.56 -36.84 -10.84
CGA CLA NG . 55.50 -37.27 -11.92
O1A CLA NG . 55.87 -38.41 -12.21
O2A CLA NG . 56.00 -36.23 -12.65
NB CLA NG . 51.72 -32.20 -9.39
C1B CLA NG . 52.36 -32.75 -8.34
C2B CLA NG . 52.80 -31.67 -7.41
C3B CLA NG . 52.40 -30.47 -7.96
C4B CLA NG . 51.71 -30.79 -9.23
CMB CLA NG . 53.51 -31.94 -6.16
CAB CLA NG . 52.56 -29.12 -7.50
CBB CLA NG . 53.71 -28.58 -7.11
NC CLA NG . 50.50 -31.40 -11.95
C1C CLA NG . 50.60 -30.17 -11.36
C2C CLA NG . 50.06 -29.14 -12.24
C3C CLA NG . 49.65 -29.80 -13.40
C4C CLA NG . 49.93 -31.22 -13.21
CMC CLA NG . 50.02 -27.71 -11.91
CAC CLA NG . 49.06 -29.19 -14.61
CBC CLA NG . 47.67 -28.63 -14.38
ND CLA NG . 50.56 -34.08 -12.76
C1D CLA NG . 49.95 -33.58 -13.95
C2D CLA NG . 49.71 -34.70 -14.87
C3D CLA NG . 50.17 -35.83 -14.23
C4D CLA NG . 50.68 -35.39 -12.92
CMD CLA NG . 49.11 -34.55 -16.20
CAD CLA NG . 50.37 -37.27 -14.31
OBD CLA NG . 50.12 -38.03 -15.22
CBD CLA NG . 51.01 -37.73 -12.96
CGD CLA NG . 50.17 -38.76 -12.26
MG CLA OG . 52.40 -35.11 -20.31
CHA CLA OG . 53.30 -37.51 -17.99
CHB CLA OG . 52.70 -37.43 -22.80
CHC CLA OG . 51.91 -32.62 -22.63
CHD CLA OG . 52.51 -32.68 -17.75
NA CLA OG . 52.82 -37.15 -20.34
C1A CLA OG . 53.18 -37.98 -19.27
C2A CLA OG . 53.43 -39.40 -19.74
C3A CLA OG . 53.17 -39.35 -21.26
C4A CLA OG . 52.85 -37.87 -21.50
CMA CLA OG . 54.40 -39.74 -22.01
CAA CLA OG . 52.47 -40.39 -19.10
NB CLA OG . 52.23 -35.05 -22.32
C1B CLA OG . 52.47 -36.09 -23.16
C2B CLA OG . 52.46 -35.61 -24.57
C3B CLA OG . 52.23 -34.26 -24.54
C4B CLA OG . 52.10 -33.88 -23.10
CMB CLA OG . 52.70 -36.52 -25.70
CAB CLA OG . 52.17 -33.27 -25.59
CBB CLA OG . 51.84 -33.49 -26.86
NC CLA OG . 52.13 -33.05 -20.19
C1C CLA OG . 51.92 -32.23 -21.26
C2C CLA OG . 51.79 -30.84 -20.81
C3C CLA OG . 52.01 -30.85 -19.43
C4C CLA OG . 52.23 -32.24 -19.05
CMC CLA OG . 51.53 -29.69 -21.67
CAC CLA OG . 52.00 -29.69 -18.52
CBC CLA OG . 53.33 -28.97 -18.51
ND CLA OG . 52.65 -35.06 -18.31
C1D CLA OG . 52.73 -33.99 -17.38
C2D CLA OG . 53.06 -34.52 -16.05
C3D CLA OG . 53.27 -35.87 -16.22
C4D CLA OG . 53.05 -36.14 -17.65
CMD CLA OG . 53.17 -33.72 -14.83
CAD CLA OG . 53.61 -37.13 -15.58
OBD CLA OG . 53.78 -37.38 -14.40
CBD CLA OG . 53.75 -38.19 -16.71
CGD CLA OG . 55.17 -38.65 -16.81
O1D CLA OG . 56.05 -38.24 -17.59
O2D CLA OG . 55.50 -39.64 -15.95
CED CLA OG . 56.74 -40.31 -16.17
MG CLA PG . 44.67 -18.75 -21.90
CHA CLA PG . 45.77 -15.57 -22.70
CHB CLA PG . 47.87 -19.72 -21.33
CHC CLA PG . 43.51 -21.85 -20.97
CHD CLA PG . 41.33 -17.70 -22.47
NA CLA PG . 46.51 -17.78 -22.02
C1A CLA PG . 46.76 -16.44 -22.34
C2A CLA PG . 48.25 -16.14 -22.28
C3A CLA PG . 48.89 -17.49 -21.88
C4A CLA PG . 47.69 -18.41 -21.72
CMA CLA PG . 49.85 -17.97 -22.94
CAA CLA PG . 48.55 -15.09 -21.21
CBA CLA PG . 47.88 -15.41 -19.89
CGA CLA PG . 46.65 -14.58 -19.72
O1A CLA PG . 46.50 -13.37 -19.92
O2A CLA PG . 45.58 -15.29 -19.27
NB CLA PG . 45.52 -20.45 -21.23
C1B CLA PG . 46.86 -20.67 -21.15
C2B CLA PG . 47.11 -22.10 -20.82
C3B CLA PG . 45.89 -22.71 -20.70
C4B CLA PG . 44.85 -21.67 -20.98
CMB CLA PG . 48.45 -22.65 -20.64
CAB CLA PG . 45.58 -24.08 -20.41
CBB CLA PG . 44.72 -24.51 -19.47
NC CLA PG . 42.77 -19.60 -21.74
C1C CLA PG . 42.52 -20.88 -21.32
C2C CLA PG . 41.09 -21.12 -21.28
C3C CLA PG . 40.47 -19.97 -21.74
C4C CLA PG . 41.54 -19.01 -22.02
CMC CLA PG . 40.48 -22.39 -20.86
CAC CLA PG . 39.03 -19.74 -21.87
CBC CLA PG . 38.44 -19.07 -20.66
ND CLA PG . 43.71 -17.08 -22.52
C1D CLA PG . 42.34 -16.77 -22.70
C2D CLA PG . 42.22 -15.37 -23.17
C3D CLA PG . 43.51 -14.88 -23.20
C4D CLA PG . 44.40 -15.97 -22.76
CMD CLA PG . 40.97 -14.72 -23.51
CAD CLA PG . 44.34 -13.73 -23.52
OBD CLA PG . 44.05 -12.66 -24.01
CBD CLA PG . 45.80 -14.12 -23.12
CGD CLA PG . 46.81 -13.87 -24.20
O1D CLA PG . 47.49 -14.69 -24.80
O2D CLA PG . 46.98 -12.56 -24.53
CED CLA PG . 48.30 -12.16 -24.92
MG CLA QG . 52.19 -16.16 -16.72
CHA CLA QG . 49.14 -15.00 -15.54
CHB CLA QG . 53.78 -13.67 -15.06
CHC CLA QG . 55.19 -17.40 -17.84
CHD CLA QG . 50.50 -18.85 -18.27
NA CLA QG . 51.54 -14.58 -15.51
C1A CLA QG . 50.22 -14.26 -15.14
C2A CLA QG . 50.19 -13.02 -14.24
C3A CLA QG . 51.69 -12.61 -14.15
C4A CLA QG . 52.40 -13.68 -14.96
CMA CLA QG . 51.93 -11.22 -14.69
CAA CLA QG . 49.65 -13.34 -12.87
CBA CLA QG . 50.19 -14.64 -12.31
NB CLA QG . 54.11 -15.58 -16.57
C1B CLA QG . 54.57 -14.60 -15.76
C2B CLA QG . 56.06 -14.63 -15.69
C3B CLA QG . 56.46 -15.69 -16.48
C4B CLA QG . 55.23 -16.31 -17.04
CMB CLA QG . 56.84 -13.70 -14.88
CAB CLA QG . 57.77 -16.20 -16.75
CBB CLA QG . 58.67 -16.54 -15.81
NC CLA QG . 52.74 -17.81 -17.88
C1C CLA QG . 54.01 -18.12 -18.24
C2C CLA QG . 54.03 -19.32 -19.06
C3C CLA QG . 52.71 -19.75 -19.14
C4C CLA QG . 51.90 -18.79 -18.40
CMC CLA QG . 55.22 -19.94 -19.63
CAC CLA QG . 52.21 -20.93 -19.86
CBC CLA QG . 51.65 -20.59 -21.22
ND CLA QG . 50.30 -16.85 -16.87
C1D CLA QG . 49.74 -17.95 -17.56
C2D CLA QG . 48.27 -17.94 -17.37
C3D CLA QG . 47.99 -16.83 -16.61
C4D CLA QG . 49.28 -16.18 -16.33
CMD CLA QG . 47.35 -18.93 -17.92
CAD CLA QG . 46.95 -16.05 -15.95
OBD CLA QG . 45.75 -16.25 -15.89
CBD CLA QG . 47.66 -14.83 -15.28
CGD CLA QG . 47.18 -13.54 -15.88
O1D CLA QG . 47.72 -12.85 -16.74
O2D CLA QG . 45.97 -13.11 -15.40
CED CLA QG . 45.61 -11.76 -15.65
MG CHL RG . 40.80 -57.01 -37.95
CHA CHL RG . 43.96 -58.56 -37.65
CHB CHL RG . 41.30 -57.02 -41.38
CHC CHL RG . 37.42 -55.96 -38.39
CHD CHL RG . 40.39 -56.83 -34.43
NA CHL RG . 42.23 -57.64 -39.20
C1A CHL RG . 43.33 -58.26 -38.95
C2A CHL RG . 44.10 -58.75 -40.13
C3A CHL RG . 43.41 -58.02 -41.24
C4A CHL RG . 42.20 -57.51 -40.55
CMA CHL RG . 44.24 -56.85 -41.74
CAA CHL RG . 43.95 -60.26 -40.29
CBA CHL RG . 45.06 -60.85 -41.14
CGA CHL RG . 45.46 -62.17 -40.56
O1A CHL RG . 45.91 -62.23 -39.42
O2A CHL RG . 45.32 -63.40 -41.32
NB CHL RG . 39.61 -56.58 -39.57
C1B CHL RG . 39.99 -56.64 -40.84
C2B CHL RG . 38.90 -56.27 -41.76
C3B CHL RG . 37.76 -55.96 -40.88
C4B CHL RG . 38.32 -56.18 -39.53
CMB CHL RG . 38.94 -56.23 -43.28
CAB CHL RG . 36.51 -55.54 -41.57
CBB CHL RG . 35.36 -55.57 -40.92
NC CHL RG . 39.25 -56.51 -36.69
C1C CHL RG . 38.01 -56.12 -37.05
C2C CHL RG . 37.12 -55.82 -35.89
C3C CHL RG . 37.99 -56.08 -34.74
C4C CHL RG . 39.28 -56.49 -35.34
CMC CHL RG . 35.75 -55.38 -35.60
OMC CHL RG . 35.01 -55.03 -36.51
CAC CHL RG . 37.65 -55.94 -33.28
CBC CHL RG . 37.02 -57.21 -32.77
ND CHL RG . 41.87 -57.53 -36.29
C1D CHL RG . 41.61 -57.42 -34.98
C2D CHL RG . 42.78 -57.99 -34.30
C3D CHL RG . 43.73 -58.45 -35.34
C4D CHL RG . 43.09 -58.15 -36.55
CMD CHL RG . 43.18 -58.19 -32.87
CAD CHL RG . 45.04 -59.09 -35.60
OBD CHL RG . 45.81 -59.47 -34.64
CBD CHL RG . 45.18 -59.16 -37.06
CGD CHL RG . 46.38 -58.40 -37.51
O1D CHL RG . 46.26 -57.29 -38.02
O2D CHL RG . 47.71 -58.97 -37.33
CED CHL RG . 48.83 -58.39 -38.00
C1 LMG SG . 22.01 -44.48 -22.37
O1 LMG SG . 22.76 -45.33 -23.18
C2 LMG SG . 22.32 -44.77 -20.90
O2 LMG SG . 21.97 -46.11 -20.59
C3 LMG SG . 21.57 -43.79 -20.03
O3 LMG SG . 21.92 -44.01 -18.66
C4 LMG SG . 21.90 -42.36 -20.43
O4 LMG SG . 23.26 -42.09 -20.17
C5 LMG SG . 21.62 -42.16 -21.91
O5 LMG SG . 21.45 -39.75 -21.66
C6 LMG SG . 22.07 -40.80 -22.42
O6 LMG SG . 22.36 -43.14 -22.68
C7 LMG SG . 22.57 -45.12 -24.58
C1 LUT TG . 51.07 -46.54 -27.72
C2 LUT TG . 51.29 -47.87 -27.00
C3 LUT TG . 50.12 -48.82 -27.20
C4 LUT TG . 48.84 -48.18 -26.68
C5 LUT TG . 48.69 -46.73 -27.00
C6 LUT TG . 49.72 -45.94 -27.37
C7 LUT TG . 49.57 -44.51 -27.43
C8 LUT TG . 49.36 -43.76 -28.55
C9 LUT TG . 49.23 -42.38 -28.65
C10 LUT TG . 49.27 -41.51 -27.54
C11 LUT TG . 49.19 -40.13 -27.57
C12 LUT TG . 49.19 -39.20 -26.54
C13 LUT TG . 49.11 -37.80 -26.64
C14 LUT TG . 49.01 -36.93 -25.55
C15 LUT TG . 48.86 -35.55 -25.58
C16 LUT TG . 51.16 -46.76 -29.23
C17 LUT TG . 52.19 -45.57 -27.32
C18 LUT TG . 47.29 -46.21 -26.83
C19 LUT TG . 49.04 -41.76 -29.98
C20 LUT TG . 49.11 -37.21 -28.00
O3 LUT TG . 50.36 -50.04 -26.53
C21 LUT TG . 50.40 -22.76 -24.72
C22 LUT TG . 50.21 -21.25 -24.47
C23 LUT TG . 49.10 -20.65 -25.32
C24 LUT TG . 47.83 -21.42 -25.14
C25 LUT TG . 47.82 -22.66 -24.69
C26 LUT TG . 49.06 -23.53 -24.82
C27 LUT TG . 48.98 -24.71 -23.88
C28 LUT TG . 48.88 -26.00 -24.22
C29 LUT TG . 48.78 -27.14 -23.40
C30 LUT TG . 48.64 -28.41 -24.00
C31 LUT TG . 48.54 -29.67 -23.44
C32 LUT TG . 48.50 -30.81 -24.22
C33 LUT TG . 48.52 -32.16 -23.84
C34 LUT TG . 48.60 -33.20 -24.79
C35 LUT TG . 48.73 -34.57 -24.61
C36 LUT TG . 51.24 -23.35 -23.57
C37 LUT TG . 51.20 -22.97 -26.02
C38 LUT TG . 46.60 -23.31 -24.09
C39 LUT TG . 48.82 -27.07 -21.92
C40 LUT TG . 48.43 -32.51 -22.41
O23 LUT TG . 49.46 -20.58 -26.71
C1 XAT UG . 40.35 -28.99 -35.96
C2 XAT UG . 41.17 -28.14 -36.93
C3 XAT UG . 42.41 -28.81 -37.49
C4 XAT UG . 43.39 -29.14 -36.37
C5 XAT UG . 42.72 -29.91 -35.26
C6 XAT UG . 41.26 -29.81 -35.03
C7 XAT UG . 40.56 -30.86 -34.20
C8 XAT UG . 40.47 -30.75 -32.88
C9 XAT UG . 39.73 -31.52 -31.98
C10 XAT UG . 39.61 -31.13 -30.64
C11 XAT UG . 38.81 -31.64 -29.64
C12 XAT UG . 38.66 -31.05 -28.39
C13 XAT UG . 37.78 -31.39 -27.35
C14 XAT UG . 37.64 -30.59 -26.21
C15 XAT UG . 36.75 -30.73 -25.16
C16 XAT UG . 39.44 -29.94 -36.75
C17 XAT UG . 39.50 -28.03 -35.13
C18 XAT UG . 43.49 -31.08 -34.73
C19 XAT UG . 39.05 -32.76 -32.39
C20 XAT UG . 36.99 -32.64 -27.45
O3 XAT UG . 42.07 -30.01 -38.18
O4 XAT UG . 42.18 -29.03 -34.24
C21 XAT UG . 30.92 -29.11 -13.27
C22 XAT UG . 30.38 -29.71 -11.96
C23 XAT UG . 30.08 -31.20 -12.04
C24 XAT UG . 31.35 -31.97 -12.29
C25 XAT UG . 32.06 -31.47 -13.51
C26 XAT UG . 31.83 -30.09 -14.00
C27 XAT UG . 32.84 -29.46 -14.92
C28 XAT UG . 32.87 -29.69 -16.25
C29 XAT UG . 33.77 -29.13 -17.16
C30 XAT UG . 33.76 -29.48 -18.51
C31 XAT UG . 34.58 -29.05 -19.54
C32 XAT UG . 34.65 -29.58 -20.81
C33 XAT UG . 35.53 -29.27 -21.85
C34 XAT UG . 35.67 -30.07 -22.99
C35 XAT UG . 36.56 -29.93 -24.03
C36 XAT UG . 31.66 -27.84 -12.86
C37 XAT UG . 29.71 -28.75 -14.14
C38 XAT UG . 33.33 -32.20 -13.88
C39 XAT UG . 34.80 -28.14 -16.73
C40 XAT UG . 36.33 -28.03 -21.75
O23 XAT UG . 29.48 -31.64 -10.82
O24 XAT UG . 31.16 -31.22 -14.62
C1 BCR VG . 31.63 -57.12 -43.28
C2 BCR VG . 30.53 -58.18 -43.21
C3 BCR VG . 29.41 -57.77 -42.32
C4 BCR VG . 28.77 -56.50 -42.88
C5 BCR VG . 29.74 -55.48 -43.40
C6 BCR VG . 31.06 -55.73 -43.49
C7 BCR VG . 31.99 -54.67 -43.81
C8 BCR VG . 32.47 -53.72 -42.95
C9 BCR VG . 33.44 -52.76 -43.21
C10 BCR VG . 33.81 -51.79 -42.26
C11 BCR VG . 34.83 -50.87 -42.31
C33 BCR VG . 29.09 -54.18 -43.78
C31 BCR VG . 32.59 -57.48 -44.42
C32 BCR VG . 32.42 -57.17 -41.95
C34 BCR VG . 34.14 -52.73 -44.52
C12 BCR VG . 35.12 -49.89 -41.38
C13 BCR VG . 36.19 -48.98 -41.36
C14 BCR VG . 36.32 -47.95 -40.41
C15 BCR VG . 37.32 -47.01 -40.28
C16 BCR VG . 37.47 -45.93 -39.41
C17 BCR VG . 38.60 -45.15 -39.50
C18 BCR VG . 38.90 -43.97 -38.78
C19 BCR VG . 40.08 -43.22 -38.96
C20 BCR VG . 40.45 -42.03 -38.38
C21 BCR VG . 41.57 -41.26 -38.70
C22 BCR VG . 41.96 -40.01 -38.18
C23 BCR VG . 43.05 -39.29 -38.73
C24 BCR VG . 43.47 -38.05 -38.37
C25 BCR VG . 44.55 -37.29 -38.95
C26 BCR VG . 45.74 -37.22 -38.33
C27 BCR VG . 46.72 -36.11 -38.65
C28 BCR VG . 46.06 -34.95 -39.36
C29 BCR VG . 45.36 -35.49 -40.58
C30 BCR VG . 44.33 -36.59 -40.28
C35 BCR VG . 37.24 -49.12 -42.38
C36 BCR VG . 37.91 -43.50 -37.79
C37 BCR VG . 41.20 -39.47 -37.04
C38 BCR VG . 46.24 -38.16 -37.27
C39 BCR VG . 42.94 -35.94 -40.29
C40 BCR VG . 44.40 -37.61 -41.43
O1 LHG WG . 49.48 -35.66 -4.25
C1 LHG WG . 49.00 -34.33 -4.46
C2 LHG WG . 48.73 -34.06 -5.92
O2 LHG WG . 48.28 -32.72 -6.11
C3 LHG WG . 47.73 -35.01 -6.54
O3 LHG WG . 47.24 -34.47 -7.80
P LHG WG . 48.13 -34.55 -9.14
O4 LHG WG . 49.55 -34.19 -8.82
O5 LHG WG . 47.82 -35.83 -9.87
O6 LHG WG . 47.58 -33.32 -9.99
C4 LHG WG . 47.40 -32.04 -9.33
C5 LHG WG . 46.78 -31.04 -10.28
C6 LHG WG . 45.66 -31.63 -11.09
O7 LHG WG . 46.26 -29.98 -9.43
C7 LHG WG . 45.76 -28.87 -9.99
O9 LHG WG . 45.86 -28.60 -11.16
C8 LHG WG . 45.11 -27.98 -8.97
C9 LHG WG . 44.48 -26.75 -9.54
C10 LHG WG . 43.87 -25.86 -8.46
O8 LHG WG . 45.69 -31.07 -12.42
C23 LHG WG . 45.19 -31.83 -13.39
O10 LHG WG . 44.86 -32.97 -13.23
C24 LHG WG . 45.07 -31.06 -14.67
C11 LHG WG . 43.17 -24.64 -9.00
C12 LHG WG . 44.07 -23.71 -9.79
C13 LHG WG . 45.25 -23.19 -9.02
C14 LHG WG . 46.19 -22.33 -9.84
C15 LHG WG . 45.54 -21.07 -10.39
C25 LHG WG . 43.67 -30.93 -15.15
C26 LHG WG . 42.77 -30.23 -14.14
C27 LHG WG . 43.08 -28.77 -13.93
C28 LHG WG . 42.08 -28.05 -13.05
C29 LHG WG . 42.23 -26.55 -13.04
C30 LHG WG . 41.15 -25.83 -12.25
C31 LHG WG . 41.27 -24.33 -12.28
MG CLA XG . 31.42 5.97 -12.15
CHA CLA XG . 32.49 5.13 -15.35
CHB CLA XG . 28.52 4.29 -12.67
CHC CLA XG . 30.40 6.84 -9.00
CHD CLA XG . 34.45 7.71 -11.65
NA CLA XG . 30.66 4.88 -13.77
C1A CLA XG . 31.26 4.64 -15.01
C2A CLA XG . 30.35 3.78 -15.90
C3A CLA XG . 29.10 3.56 -15.01
C4A CLA XG . 29.43 4.27 -13.71
CMA CLA XG . 27.86 4.09 -15.66
CAA CLA XG . 31.02 2.45 -16.21
NB CLA XG . 29.76 5.65 -11.06
C1B CLA XG . 28.70 4.92 -11.43
C2B CLA XG . 27.70 4.87 -10.33
C3B CLA XG . 28.23 5.60 -9.28
C4B CLA XG . 29.55 6.10 -9.74
CMB CLA XG . 26.44 4.15 -10.45
CAB CLA XG . 27.75 5.90 -7.95
CBB CLA XG . 26.73 5.31 -7.31
NC CLA XG . 32.28 7.07 -10.61
C1C CLA XG . 31.69 7.29 -9.40
C2C CLA XG . 32.56 8.08 -8.55
C3C CLA XG . 33.72 8.34 -9.29
C4C CLA XG . 33.53 7.69 -10.59
CMC CLA XG . 32.23 8.50 -7.18
CAC CLA XG . 34.91 9.09 -8.87
CBC CLA XG . 34.61 10.56 -8.70
ND CLA XG . 33.13 6.32 -13.18
C1D CLA XG . 34.28 7.08 -12.87
C2D CLA XG . 35.20 7.07 -14.04
C3D CLA XG . 34.56 6.33 -15.01
C4D CLA XG . 33.27 5.90 -14.44
CMD CLA XG . 36.49 7.74 -14.09
CAD CLA XG . 34.64 5.81 -16.36
OBD CLA XG . 35.53 5.91 -17.19
CBD CLA XG . 33.30 5.06 -16.63
CGD CLA XG . 32.57 5.65 -17.81
O1D CLA XG . 31.55 6.35 -17.80
O2D CLA XG . 33.14 5.39 -19.01
MG CLA YG . 33.38 -4.67 18.57
CHA CLA YG . 32.23 -6.02 21.55
CHB CLA YG . 32.36 -7.47 16.92
CHC CLA YG . 34.44 -3.24 15.63
CHD CLA YG . 34.39 -1.78 20.33
NA CLA YG . 32.45 -6.45 19.17
C1A CLA YG . 32.04 -6.82 20.45
C2A CLA YG . 31.39 -8.19 20.44
C3A CLA YG . 31.60 -8.68 18.99
C4A CLA YG . 32.16 -7.44 18.29
CMA CLA YG . 32.58 -9.82 18.98
CAA CLA YG . 29.91 -8.09 20.75
CBA CLA YG . 29.22 -6.96 20.02
CGA CLA YG . 28.77 -7.40 18.66
O1A CLA YG . 28.08 -8.37 18.35
O2A CLA YG . 29.19 -6.57 17.66
NB CLA YG . 33.41 -5.25 16.64
C1B CLA YG . 32.90 -6.41 16.15
C2B CLA YG . 33.03 -6.43 14.67
C3B CLA YG . 33.61 -5.25 14.31
C4B CLA YG . 33.87 -4.48 15.55
CMB CLA YG . 32.57 -7.56 13.86
CAB CLA YG . 33.97 -4.74 13.00
CBB CLA YG . 34.48 -5.44 12.00
NC CLA YG . 34.29 -2.86 18.08
C1C CLA YG . 34.64 -2.49 16.82
C2C CLA YG . 35.26 -1.17 16.84
C3C CLA YG . 35.22 -0.73 18.17
C4C CLA YG . 34.60 -1.80 18.94
CMC CLA YG . 35.80 -0.47 15.68
CAC CLA YG . 35.74 0.54 18.70
CBC CLA YG . 34.67 1.61 18.75
ND CLA YG . 33.37 -4.01 20.47
C1D CLA YG . 33.82 -2.79 21.06
C2D CLA YG . 33.58 -2.86 22.53
C3D CLA YG . 32.99 -4.08 22.77
C4D CLA YG . 32.87 -4.74 21.46
CMD CLA YG . 33.94 -1.80 23.47
CAD CLA YG . 32.44 -4.98 23.76
OBD CLA YG . 32.37 -4.84 24.98
CBD CLA YG . 31.92 -6.24 23.01
CGD CLA YG . 32.58 -7.50 23.51
O1D CLA YG . 32.03 -8.50 23.99
O2D CLA YG . 33.93 -7.51 23.39
CED CLA YG . 34.57 -8.78 23.24
C1 CLA YG . 28.89 -7.00 16.31
C2 CLA YG . 29.34 -5.91 15.41
C3 CLA YG . 29.00 -5.85 14.11
C4 CLA YG . 28.16 -6.88 13.47
C5 CLA YG . 29.47 -4.73 13.24
C6 CLA YG . 28.33 -3.87 12.74
C7 CLA YG . 28.87 -2.63 12.05
C8 CLA YG . 27.75 -1.76 11.51
C9 CLA YG . 27.75 -1.73 10.00
C10 CLA YG . 27.85 -0.34 12.06
C11 CLA YG . 28.96 0.45 11.40
C12 CLA YG . 28.83 1.93 11.72
C13 CLA YG . 29.91 2.75 11.03
C14 CLA YG . 29.52 4.22 10.99
C15 CLA YG . 30.21 2.26 9.63
MG CLA ZG . 34.76 -5.39 6.91
CHA CLA ZG . 33.35 -8.55 7.06
CHB CLA ZG . 32.61 -4.34 9.32
CHC CLA ZG . 35.94 -2.19 6.52
CHD CLA ZG . 36.68 -6.41 4.13
NA CLA ZG . 33.30 -6.34 8.06
C1A CLA ZG . 32.87 -7.67 7.98
C2A CLA ZG . 31.76 -7.93 9.00
C3A CLA ZG . 31.63 -6.61 9.77
C4A CLA ZG . 32.58 -5.69 9.02
CMA CLA ZG . 30.21 -6.09 9.74
CAA CLA ZG . 32.17 -9.02 9.97
CBA CLA ZG . 31.19 -10.17 9.97
CGA CLA ZG . 29.95 -9.76 10.68
O1A CLA ZG . 29.83 -8.94 11.58
O2A CLA ZG . 28.85 -10.41 10.23
NB CLA ZG . 34.47 -3.65 7.87
C1B CLA ZG . 33.41 -3.40 8.68
C2B CLA ZG . 33.17 -1.93 8.81
C3B CLA ZG . 34.12 -1.31 8.02
C4B CLA ZG . 34.95 -2.40 7.41
CMB CLA ZG . 32.09 -1.36 9.59
CAB CLA ZG . 34.31 0.08 7.75
CBB CLA ZG . 34.06 0.69 6.60
NC CLA ZG . 36.15 -4.51 5.64
C1C CLA ZG . 36.53 -3.19 5.69
C2C CLA ZG . 37.55 -2.91 4.69
C3C CLA ZG . 37.70 -4.08 3.95
C4C CLA ZG . 36.83 -5.08 4.56
CMC CLA ZG . 38.19 -1.62 4.48
CAC CLA ZG . 38.62 -4.29 2.83
CBC CLA ZG . 40.06 -4.45 3.29
ND CLA ZG . 35.04 -7.06 5.83
C1D CLA ZG . 35.83 -7.34 4.69
C2D CLA ZG . 35.60 -8.73 4.27
C3D CLA ZG . 34.69 -9.26 5.17
C4D CLA ZG . 34.35 -8.18 6.11
CMD CLA ZG . 36.22 -9.37 3.12
CAD CLA ZG . 33.90 -10.41 5.55
OBD CLA ZG . 33.88 -11.54 5.06
CBD CLA ZG . 33.02 -10.00 6.76
CGD CLA ZG . 31.56 -10.23 6.50
O1D CLA ZG . 30.76 -9.47 5.95
O2D CLA ZG . 31.10 -11.42 6.95
CED CLA ZG . 30.28 -12.20 6.09
C1 CLA ZG . 28.26 -9.90 9.02
C2 CLA ZG . 26.84 -10.33 9.04
C3 CLA ZG . 26.01 -10.14 8.03
C4 CLA ZG . 24.61 -10.61 8.10
C5 CLA ZG . 26.44 -9.46 6.77
C6 CLA ZG . 26.27 -10.33 5.54
C7 CLA ZG . 26.79 -9.60 4.31
C8 CLA ZG . 26.45 -10.33 3.01
C9 CLA ZG . 27.22 -11.62 2.90
C10 CLA ZG . 26.76 -9.44 1.81
MG CLA AH . 52.41 -0.75 1.57
CHA CLA AH . 53.88 0.88 -1.13
CHB CLA AH . 49.92 -1.88 -0.47
CHC CLA AH . 51.01 -2.36 4.27
CHD CLA AH . 54.96 0.51 3.66
NA CLA AH . 52.00 -0.53 -0.47
C1A CLA AH . 52.74 0.18 -1.42
C2A CLA AH . 52.09 0.08 -2.80
C3A CLA AH . 50.79 -0.71 -2.53
C4A CLA AH . 50.89 -1.09 -1.05
CMA CLA AH . 49.58 0.16 -2.77
CAA CLA AH . 52.99 -0.69 -3.74
CBA CLA AH . 53.47 -1.97 -3.09
CGA CLA AH . 54.52 -2.63 -3.93
O1A CLA AH . 55.15 -2.17 -4.89
O2A CLA AH . 54.77 -3.92 -3.54
NB CLA AH . 50.79 -1.92 1.84
C1B CLA AH . 49.89 -2.26 0.88
C2B CLA AH . 48.83 -3.10 1.48
C3B CLA AH . 49.12 -3.24 2.81
C4B CLA AH . 50.38 -2.49 3.07
CMB CLA AH . 47.70 -3.63 0.71
CAB CLA AH . 48.42 -3.96 3.85
NC CLA AH . 52.91 -0.90 3.58
C1C CLA AH . 52.21 -1.63 4.51
C2C CLA AH . 52.84 -1.52 5.82
C3C CLA AH . 53.95 -0.70 5.65
C4C CLA AH . 53.99 -0.31 4.24
CMC CLA AH . 52.35 -2.17 7.03
CAC CLA AH . 54.92 -0.29 6.68
ND CLA AH . 54.04 0.42 1.39
C1D CLA AH . 55.00 0.87 2.33
C2D CLA AH . 55.99 1.73 1.63
C3D CLA AH . 55.60 1.76 0.30
C4D CLA AH . 54.38 0.94 0.21
CMD CLA AH . 57.13 2.38 2.28
CAD CLA AH . 55.89 2.29 -1.02
OBD CLA AH . 56.79 3.03 -1.39
CBD CLA AH . 54.79 1.72 -1.97
CGD CLA AH . 54.06 2.81 -2.71
O1D CLA AH . 53.01 3.36 -2.38
O2D CLA AH . 54.65 3.22 -3.86
MG CLA BH . 49.35 -5.61 -3.59
CHA CLA BH . 52.25 -7.33 -4.38
CHB CLA BH . 48.37 -8.17 -1.58
CHC CLA BH . 46.47 -3.87 -2.87
CHD CLA BH . 50.34 -3.01 -5.78
NA CLA BH . 50.20 -7.43 -3.07
C1A CLA BH . 51.41 -7.98 -3.51
C2A CLA BH . 51.65 -9.35 -2.89
C3A CLA BH . 50.39 -9.60 -2.04
C4A CLA BH . 49.58 -8.31 -2.22
CMA CLA BH . 49.61 -10.80 -2.52
CAA CLA BH . 52.89 -9.36 -2.01
CBA CLA BH . 53.36 -10.77 -1.72
NB CLA BH . 47.71 -5.97 -2.48
C1B CLA BH . 47.53 -7.04 -1.66
C2B CLA BH . 46.28 -6.86 -0.87
C3B CLA BH . 45.75 -5.65 -1.23
C4B CLA BH . 46.64 -5.07 -2.26
CMB CLA BH . 45.81 -7.83 0.11
CAB CLA BH . 44.56 -4.96 -0.78
CBB CLA BH . 44.23 -4.73 0.49
NC CLA BH . 48.57 -3.77 -4.21
C1C CLA BH . 47.37 -3.27 -3.79
C2C CLA BH . 47.14 -1.98 -4.43
C3C CLA BH . 48.22 -1.73 -5.26
C4C CLA BH . 49.12 -2.86 -5.11
CMC CLA BH . 45.94 -1.17 -4.21
CAC CLA BH . 48.43 -0.56 -6.12
CBC CLA BH . 47.62 -0.63 -7.39
ND CLA BH . 50.94 -5.16 -4.74
C1D CLA BH . 51.20 -4.07 -5.63
C2D CLA BH . 52.50 -4.30 -6.29
C3D CLA BH . 52.96 -5.52 -5.83
C4D CLA BH . 51.94 -6.03 -4.89
CMD CLA BH . 53.12 -3.36 -7.22
CAD CLA BH . 54.02 -6.50 -5.87
OBD CLA BH . 55.10 -6.45 -6.44
CBD CLA BH . 53.56 -7.72 -5.01
CGD CLA BH . 53.42 -8.95 -5.86
O1D CLA BH . 52.58 -9.17 -6.74
O2D CLA BH . 54.35 -9.92 -5.59
MG CLA CH . 39.47 0.53 -6.31
CHA CLA CH . 41.59 -2.21 -6.59
CHB CLA CH . 39.53 0.91 -9.68
CHC CLA CH . 37.29 3.17 -5.99
CHD CLA CH . 39.43 0.07 -2.80
NA CLA CH . 40.42 -0.49 -7.87
C1A CLA CH . 41.25 -1.61 -7.78
C2A CLA CH . 41.74 -2.05 -9.16
C3A CLA CH . 41.14 -0.97 -10.10
C4A CLA CH . 40.28 -0.11 -9.17
CMA CLA CH . 42.21 -0.18 -10.79
CAA CLA CH . 41.21 -3.42 -9.51
CBA CLA CH . 39.72 -3.54 -9.29
NB CLA CH . 38.61 1.83 -7.59
C1B CLA CH . 38.71 1.77 -8.93
C2B CLA CH . 37.80 2.80 -9.55
C3B CLA CH . 37.18 3.44 -8.50
C4B CLA CH . 37.68 2.83 -7.24
CMB CLA CH . 37.68 3.01 -10.99
CAB CLA CH . 36.20 4.51 -8.52
NC CLA CH . 38.55 1.46 -4.68
C1C CLA CH . 37.71 2.53 -4.78
C2C CLA CH . 37.27 2.93 -3.45
C3C CLA CH . 37.84 2.05 -2.55
C4C CLA CH . 38.66 1.13 -3.33
CMC CLA CH . 36.35 4.04 -3.18
CAC CLA CH . 37.69 2.05 -1.09
CBC CLA CH . 38.66 2.97 -0.40
ND CLA CH . 40.27 -0.74 -4.95
C1D CLA CH . 40.19 -0.81 -3.54
C2D CLA CH . 41.01 -1.94 -3.06
C3D CLA CH . 41.57 -2.51 -4.19
C4D CLA CH . 41.09 -1.72 -5.33
CMD CLA CH . 41.15 -2.32 -1.67
CAD CLA CH . 42.44 -3.55 -4.70
OBD CLA CH . 43.04 -4.43 -4.10
CBD CLA CH . 42.48 -3.38 -6.26
CGD CLA CH . 43.88 -3.18 -6.76
O1D CLA CH . 44.39 -2.12 -7.15
O2D CLA CH . 44.65 -4.30 -6.77
MG CHL DH . 47.33 -17.56 7.01
CHA CHL DH . 46.95 -14.38 8.53
CHB CHL DH . 49.19 -15.99 4.54
CHC CHL DH . 47.80 -20.72 5.41
CHD CHL DH . 45.31 -19.13 9.49
NA CHL DH . 47.94 -15.69 6.65
C1A CHL DH . 47.77 -14.61 7.32
C2A CHL DH . 48.65 -13.48 6.92
C3A CHL DH . 49.06 -13.89 5.55
C4A CHL DH . 48.69 -15.32 5.58
CMA CHL DH . 48.28 -13.15 4.49
CAA CHL DH . 49.89 -13.44 7.81
NB CHL DH . 48.30 -18.21 5.33
C1B CHL DH . 48.97 -17.44 4.49
C2B CHL DH . 49.55 -18.20 3.36
C3B CHL DH . 49.15 -19.59 3.62
C4B CHL DH . 48.36 -19.48 4.88
CMB CHL DH . 50.38 -17.70 2.25
CAB CHL DH . 49.62 -20.57 2.61
CBB CHL DH . 49.49 -21.87 2.81
NC CHL DH . 46.70 -19.48 7.37
C1C CHL DH . 47.00 -20.58 6.63
C2C CHL DH . 46.38 -21.80 7.18
C3C CHL DH . 45.66 -21.34 8.35
C4C CHL DH . 45.91 -19.90 8.39
CMC CHL DH . 46.45 -23.19 6.67
CAC CHL DH . 44.88 -22.12 9.33
CBC CHL DH . 45.90 -22.56 10.36
ND CHL DH . 46.30 -16.99 8.68
C1D CHL DH . 45.55 -17.68 9.54
C2D CHL DH . 45.07 -16.70 10.53
C3D CHL DH . 45.61 -15.39 10.15
C4D CHL DH . 46.37 -15.64 9.00
CMD CHL DH . 44.19 -16.75 11.74
CAD CHL DH . 45.72 -13.93 10.40
OBD CHL DH . 45.19 -13.29 11.32
CBD CHL DH . 46.57 -13.23 9.39
CGD CHL DH . 45.68 -12.27 8.66
O1D CHL DH . 44.96 -12.68 7.77
O2D CHL DH . 45.66 -10.86 8.99
MG CLA EH . 38.67 -12.38 2.97
CHA CLA EH . 36.89 -12.64 5.93
CHB CLA EH . 37.63 -15.49 2.10
CHC CLA EH . 40.18 -11.96 -0.09
CHD CLA EH . 39.73 -9.15 3.94
NA CLA EH . 37.49 -13.82 3.90
C1A CLA EH . 36.82 -13.73 5.14
C2A CLA EH . 36.06 -15.01 5.44
C3A CLA EH . 36.52 -15.96 4.31
C4A CLA EH . 37.25 -15.05 3.35
CMA CLA EH . 37.46 -16.99 4.88
CAA CLA EH . 34.56 -14.79 5.40
CBA CLA EH . 34.02 -14.54 4.00
CGA CLA EH . 32.56 -14.90 3.94
O1A CLA EH . 32.04 -16.00 4.11
O2A CLA EH . 31.76 -13.83 3.65
NB CLA EH . 38.84 -13.50 1.31
C1B CLA EH . 38.34 -14.74 1.15
C2B CLA EH . 38.69 -15.26 -0.21
C3B CLA EH . 39.41 -14.28 -0.84
C4B CLA EH . 39.53 -13.14 0.12
CMB CLA EH . 38.31 -16.58 -0.66
CAB CLA EH . 39.95 -14.33 -2.17
CBB CLA EH . 41.02 -13.70 -2.64
NC CLA EH . 39.80 -10.85 2.11
C1C CLA EH . 40.33 -10.90 0.86
C2C CLA EH . 41.03 -9.66 0.57
C3C CLA EH . 40.90 -8.86 1.71
C4C CLA EH . 40.12 -9.62 2.67
CMC CLA EH . 41.72 -9.36 -0.68
CAC CLA EH . 41.43 -7.51 1.91
CBC CLA EH . 42.87 -7.50 2.35
ND CLA EH . 38.52 -11.19 4.59
C1D CLA EH . 38.98 -9.86 4.85
C2D CLA EH . 38.48 -9.43 6.17
C3D CLA EH . 37.67 -10.45 6.63
C4D CLA EH . 37.72 -11.51 5.60
CMD CLA EH . 38.78 -8.15 6.78
CAD CLA EH . 36.81 -10.94 7.70
OBD CLA EH . 36.54 -10.42 8.77
CBD CLA EH . 36.26 -12.32 7.26
CGD CLA EH . 36.58 -13.38 8.29
O1D CLA EH . 37.51 -14.17 8.29
O2D CLA EH . 35.68 -13.44 9.31
CED CLA EH . 35.94 -14.40 10.33
C1 CLA EH . 32.09 -13.08 2.47
C2 CLA EH . 31.21 -11.88 2.44
C3 CLA EH . 31.61 -10.72 1.90
C4 CLA EH . 32.96 -10.55 1.30
C5 CLA EH . 30.71 -9.54 1.88
C6 CLA EH . 31.46 -8.22 1.78
C7 CLA EH . 31.59 -7.57 3.14
C8 CLA EH . 31.81 -6.07 3.01
C9 CLA EH . 33.18 -5.78 2.43
C10 CLA EH . 31.64 -5.36 4.34
C11 CLA EH . 32.05 -3.91 4.25
C12 CLA EH . 31.13 -3.01 5.04
C13 CLA EH . 31.36 -1.54 4.68
C14 CLA EH . 30.25 -0.67 5.24
MG CLA FH . 49.19 -10.96 16.44
CHA CLA FH . 49.38 -14.31 17.30
CHB CLA FH . 49.65 -10.12 19.69
CHC CLA FH . 49.12 -7.62 15.54
CHD CLA FH . 48.76 -11.87 13.06
NA CLA FH . 49.47 -12.06 18.19
C1A CLA FH . 49.53 -13.45 18.34
C2A CLA FH . 49.87 -13.80 19.74
C3A CLA FH . 49.57 -12.50 20.48
C4A CLA FH . 49.62 -11.46 19.41
CMA CLA FH . 48.17 -12.55 21.06
CAA CLA FH . 51.35 -14.12 19.81
CBA CLA FH . 52.15 -13.07 20.56
CGA CLA FH . 52.76 -12.07 19.61
O1A CLA FH . 53.04 -12.36 18.47
O2A CLA FH . 52.98 -10.71 20.08
NB CLA FH . 49.37 -9.22 17.43
C1B CLA FH . 49.56 -9.08 18.76
C2B CLA FH . 49.60 -7.62 19.12
C3B CLA FH . 49.46 -6.92 17.94
C4B CLA FH . 49.31 -7.98 16.94
CMB CLA FH . 49.81 -7.15 20.55
CAB CLA FH . 49.42 -5.51 17.63
CBB CLA FH . 49.85 -4.53 18.45
NC CLA FH . 48.97 -9.93 14.62
C1C CLA FH . 48.98 -8.58 14.47
C2C CLA FH . 48.82 -8.22 13.06
C3C CLA FH . 48.72 -9.42 12.37
C4C CLA FH . 48.81 -10.50 13.35
CMC CLA FH . 48.77 -6.83 12.48
CAC CLA FH . 48.54 -9.58 10.88
CBC CLA FH . 49.81 -10.09 10.26
ND CLA FH . 49.10 -12.66 15.36
C1D CLA FH . 48.90 -12.90 13.97
C2D CLA FH . 48.84 -14.37 13.76
C3D CLA FH . 49.01 -14.95 15.00
C4D CLA FH . 49.05 -13.92 15.93
CMD CLA FH . 48.61 -15.26 12.56
CAD CLA FH . 49.09 -16.18 15.75
OBD CLA FH . 48.97 -17.32 15.33
CBD CLA FH . 49.32 -15.83 17.21
CGD CLA FH . 48.34 -16.51 18.11
O1D CLA FH . 47.15 -16.29 18.05
O2D CLA FH . 48.84 -17.43 19.11
CED CLA FH . 50.14 -17.98 18.97
C1 CLA FH . 52.54 -9.64 19.27
C2 CLA FH . 53.44 -8.45 19.49
C3 CLA FH . 53.75 -7.70 18.44
C4 CLA FH . 53.21 -8.09 17.09
C5 CLA FH . 54.63 -6.50 18.57
C6 CLA FH . 54.17 -5.49 17.53
C7 CLA FH . 55.35 -4.65 17.03
MG CLA GH . 44.25 3.01 27.67
CHA CLA GH . 45.84 -0.06 27.45
CHB CLA GH . 44.45 2.86 31.06
CHC CLA GH . 42.73 6.08 27.84
CHD CLA GH . 44.06 3.12 24.15
NA CLA GH . 45.02 1.61 29.02
C1A CLA GH . 45.64 0.38 28.73
C2A CLA GH . 46.05 -0.33 30.00
C3A CLA GH . 45.49 0.55 31.13
C4A CLA GH . 44.95 1.77 30.37
CMA CLA GH . 44.40 -0.15 31.90
CAA CLA GH . 47.57 -0.40 30.10
NB CLA GH . 43.60 4.19 29.18
C1B CLA GH . 43.93 4.03 30.48
C2B CLA GH . 43.68 5.29 31.23
C3B CLA GH . 43.19 6.20 30.33
C4B CLA GH . 43.13 5.52 29.01
CMB CLA GH . 43.95 5.43 32.66
CAB CLA GH . 42.81 7.57 30.53
CBB CLA GH . 41.64 8.12 30.20
NC CLA GH . 43.52 4.34 26.25
C1C CLA GH . 42.91 5.54 26.54
C2C CLA GH . 42.49 6.20 25.31
C3C CLA GH . 42.89 5.37 24.25
C4C CLA GH . 43.53 4.21 24.85
CMC CLA GH . 41.80 7.48 25.25
CAC CLA GH . 42.70 5.60 22.82
CBC CLA GH . 41.34 5.15 22.34
ND CLA GH . 44.88 1.90 26.11
C1D CLA GH . 44.70 2.03 24.71
C2D CLA GH . 45.29 0.86 24.03
C3D CLA GH . 45.74 0.03 25.03
C4D CLA GH . 45.44 0.71 26.30
CMD CLA GH . 45.34 0.71 22.58
CAD CLA GH . 46.41 -1.22 25.36
OBD CLA GH . 46.91 -2.06 24.61
CBD CLA GH . 46.40 -1.35 26.91
CGD CLA GH . 45.55 -2.52 27.35
O1D CLA GH . 44.32 -2.59 27.33
O2D CLA GH . 46.26 -3.57 27.83
MG CLA HH . 50.52 0.53 20.15
CHA CLA HH . 50.85 -1.21 23.14
CHB CLA HH . 52.50 -1.77 18.61
CHC CLA HH . 50.36 2.39 17.27
CHD CLA HH . 48.63 2.99 21.84
NA CLA HH . 51.46 -1.23 20.78
C1A CLA HH . 51.48 -1.79 22.07
C2A CLA HH . 52.31 -3.07 22.09
C3A CLA HH . 52.77 -3.24 20.63
C4A CLA HH . 52.21 -2.00 19.94
CMA CLA HH . 54.28 -3.25 20.54
CAA CLA HH . 51.49 -4.28 22.49
CBA CLA HH . 52.38 -5.48 22.75
CGA CLA HH . 53.25 -5.23 23.95
NB CLA HH . 51.20 0.30 18.26
C1B CLA HH . 52.07 -0.66 17.87
C2B CLA HH . 52.57 -0.36 16.49
C3B CLA HH . 51.97 0.81 16.10
C4B CLA HH . 51.11 1.26 17.23
CMB CLA HH . 53.54 -1.20 15.80
CAB CLA HH . 52.17 1.54 14.87
CBB CLA HH . 51.24 2.21 14.18
NC CLA HH . 49.60 2.32 19.65
C1C CLA HH . 49.65 2.89 18.40
C2C CLA HH . 48.90 4.14 18.40
C3C CLA HH . 48.43 4.34 19.70
C4C CLA HH . 48.88 3.19 20.47
CMC CLA HH . 48.73 5.01 17.23
CAC CLA HH . 47.63 5.46 20.20
CBC CLA HH . 48.48 6.67 20.52
ND CLA HH . 49.84 0.86 22.02
C1D CLA HH . 49.07 1.92 22.58
C2D CLA HH . 48.87 1.65 24.01
C3D CLA HH . 49.53 0.46 24.28
C4D CLA HH . 50.11 0.02 23.00
CMD CLA HH . 48.13 2.53 24.93
CAD CLA HH . 49.87 -0.52 25.30
OBD CLA HH . 49.57 -0.56 26.48
CBD CLA HH . 50.75 -1.61 24.59
CGD CLA HH . 52.09 -1.73 25.23
O1D CLA HH . 53.18 -1.37 24.79
O2D CLA HH . 52.06 -2.34 26.45
CED CLA HH . 52.51 -1.58 27.59
MG CLA IH . 39.66 12.84 12.37
CHA CLA IH . 40.13 16.04 11.09
CHB CLA IH . 42.47 13.20 14.25
CHC CLA IH . 39.11 9.71 13.67
CHD CLA IH . 36.72 12.55 10.42
NA CLA IH . 41.05 14.38 12.61
C1A CLA IH . 41.07 15.64 12.00
C2A CLA IH . 42.26 16.47 12.47
C3A CLA IH . 43.01 15.52 13.43
C4A CLA IH . 42.12 14.27 13.46
CMA CLA IH . 44.40 15.22 12.95
CAA CLA IH . 41.78 17.71 13.21
CBA CLA IH . 40.90 17.39 14.39
CGA CLA IH . 39.45 17.50 14.06
O1A CLA IH . 38.88 18.36 13.37
O2A CLA IH . 38.69 16.52 14.61
NB CLA IH . 40.63 11.66 13.66
C1B CLA IH . 41.75 12.00 14.36
C2B CLA IH . 42.11 10.90 15.30
C3B CLA IH . 41.16 9.91 15.14
C4B CLA IH . 40.21 10.38 14.10
CMB CLA IH . 43.25 10.96 16.21
CAB CLA IH . 41.04 8.65 15.84
CBB CLA IH . 40.91 7.45 15.28
NC CLA IH . 38.18 11.41 12.08
C1C CLA IH . 38.15 10.19 12.72
C2C CLA IH . 36.97 9.44 12.30
C3C CLA IH . 36.30 10.24 11.37
C4C CLA IH . 37.07 11.47 11.24
CMC CLA IH . 36.62 8.11 12.78
CAC CLA IH . 35.05 9.91 10.68
CBC CLA IH . 33.85 10.59 11.29
ND CLA IH . 38.60 13.99 11.08
C1D CLA IH . 37.42 13.74 10.33
C2D CLA IH . 37.14 14.91 9.47
C3D CLA IH . 38.15 15.82 9.72
C4D CLA IH . 39.03 15.20 10.72
CMD CLA IH . 36.01 14.99 8.55
CAD CLA IH . 38.70 17.12 9.40
OBD CLA IH . 38.31 17.94 8.59
CBD CLA IH . 39.98 17.30 10.27
CGD CLA IH . 41.20 17.60 9.45
O1D CLA IH . 41.52 17.11 8.37
O2D CLA IH . 42.04 18.52 10.01
C1 CLA IH . 37.50 16.13 13.91
C2 CLA IH . 37.05 14.85 14.51
C3 CLA IH . 35.97 14.17 14.09
C4 CLA IH . 35.12 14.63 12.98
C5 CLA IH . 35.59 12.89 14.75
C6 CLA IH . 36.75 12.24 15.48
C7 CLA IH . 36.26 11.46 16.68
C8 CLA IH . 37.03 10.15 16.87
C9 CLA IH . 36.07 9.04 17.24
C10 CLA IH . 38.11 10.30 17.93
MG CLA JH . 43.29 18.88 18.81
CHA CLA JH . 39.83 19.15 18.58
CHB CLA JH . 43.45 22.07 19.99
CHC CLA JH . 46.68 18.51 19.18
CHD CLA JH . 43.06 15.54 17.67
NA CLA JH . 41.86 20.36 19.18
C1A CLA JH . 40.47 20.29 19.03
C2A CLA JH . 39.79 21.59 19.42
C3A CLA JH . 40.98 22.54 19.72
C4A CLA JH . 42.20 21.61 19.63
CMA CLA JH . 41.08 23.67 18.72
CAA CLA JH . 38.94 21.42 20.66
NB CLA JH . 44.79 20.09 19.39
C1B CLA JH . 44.63 21.32 19.95
C2B CLA JH . 45.93 21.79 20.50
C3B CLA JH . 46.85 20.79 20.28
C4B CLA JH . 46.14 19.69 19.56
CMB CLA JH . 46.10 23.09 21.16
CAB CLA JH . 48.24 20.73 20.63
CBB CLA JH . 48.79 19.81 21.42
NC CLA JH . 44.62 17.31 18.44
C1C CLA JH . 45.97 17.40 18.64
C2C CLA JH . 46.60 16.13 18.28
C3C CLA JH . 45.57 15.29 17.88
C4C CLA JH . 44.33 16.04 17.98
CMC CLA JH . 48.04 15.85 18.36
CAC CLA JH . 45.71 13.89 17.42
CBC CLA JH . 45.48 12.91 18.54
ND CLA JH . 41.84 17.60 18.24
C1D CLA JH . 41.89 16.25 17.78
C2D CLA JH . 40.50 15.80 17.49
C3D CLA JH . 39.68 16.87 17.79
C4D CLA JH . 40.56 17.96 18.24
CMD CLA JH . 40.15 14.47 17.00
CAD CLA JH . 38.32 17.37 17.84
OBD CLA JH . 37.27 16.78 17.57
CBD CLA JH . 38.38 18.84 18.32
CGD CLA JH . 37.79 19.78 17.30
O1D CLA JH . 38.34 20.74 16.75
O2D CLA JH . 36.49 19.51 16.97
MG CLA KH . 60.99 1.18 -2.17
CHA CLA KH . 61.59 1.92 -5.52
CHB CLA KH . 58.08 -0.34 -3.05
CHC CLA KH . 60.47 0.43 1.13
CHD CLA KH . 64.05 2.75 -1.33
NA CLA KH . 60.02 0.86 -3.99
C1A CLA KH . 60.43 1.24 -5.29
C2A CLA KH . 59.42 0.80 -6.34
C3A CLA KH . 58.28 0.17 -5.51
C4A CLA KH . 58.81 0.22 -4.07
CMA CLA KH . 56.99 0.92 -5.66
CAA CLA KH . 60.02 -0.23 -7.27
NB CLA KH . 59.54 0.23 -1.15
C1B CLA KH . 58.44 -0.34 -1.69
C2B CLA KH . 57.63 -0.98 -0.61
C3B CLA KH . 58.30 -0.77 0.56
C4B CLA KH . 59.52 0.01 0.25
CMB CLA KH . 56.38 -1.69 -0.87
CAB CLA KH . 57.94 -1.18 1.90
CBB CLA KH . 58.68 -1.92 2.71
NC CLA KH . 62.06 1.54 -0.42
C1C CLA KH . 61.66 1.15 0.82
C2C CLA KH . 62.64 1.57 1.81
C3C CLA KH . 63.66 2.21 1.12
C4C CLA KH . 63.30 2.19 -0.28
CMC CLA KH . 62.52 1.31 3.25
CAC CLA KH . 64.87 2.80 1.69
ND CLA KH . 62.49 2.14 -3.13
C1D CLA KH . 63.69 2.73 -2.67
C2D CLA KH . 64.43 3.29 -3.82
C3D CLA KH . 63.66 3.03 -4.93
C4D CLA KH . 62.47 2.30 -4.45
CMD CLA KH . 65.71 4.00 -3.73
CAD CLA KH . 63.54 3.16 -6.37
OBD CLA KH . 64.28 3.73 -7.16
CBD CLA KH . 62.22 2.43 -6.80
MG CLA LH . 35.40 -19.15 -2.52
CHA CLA LH . 35.82 -20.78 -5.55
CHB CLA LH . 36.16 -16.19 -4.05
CHC CLA LH . 34.58 -17.50 0.37
CHD CLA LH . 34.42 -22.20 -1.05
NA CLA LH . 35.98 -18.63 -4.46
C1A CLA LH . 36.07 -19.44 -5.59
C2A CLA LH . 36.52 -18.64 -6.81
C3A CLA LH . 36.85 -17.26 -6.23
C4A CLA LH . 36.30 -17.34 -4.81
CMA CLA LH . 38.33 -16.98 -6.23
CAA CLA LH . 35.41 -18.54 -7.83
NB CLA LH . 35.41 -17.23 -1.94
C1B CLA LH . 35.67 -16.16 -2.74
C2B CLA LH . 35.36 -14.89 -2.02
C3B CLA LH . 34.91 -15.25 -0.77
C4B CLA LH . 34.95 -16.74 -0.70
CMB CLA LH . 35.56 -13.58 -2.63
CAB CLA LH . 34.50 -14.43 0.33
CBB CLA LH . 35.12 -13.32 0.74
NC CLA LH . 34.73 -19.76 -0.64
C1C CLA LH . 34.52 -18.92 0.41
C2C CLA LH . 34.08 -19.68 1.57
C3C CLA LH . 33.97 -21.01 1.16
C4C CLA LH . 34.38 -21.05 -0.24
CMC CLA LH . 33.79 -19.10 2.89
CAC CLA LH . 33.58 -22.16 1.99
CBC CLA LH . 32.09 -22.31 2.10
ND CLA LH . 35.29 -21.09 -3.07
C1D CLA LH . 34.83 -22.24 -2.36
C2D CLA LH . 34.87 -23.39 -3.29
C3D CLA LH . 35.25 -22.89 -4.53
C4D CLA LH . 35.47 -21.45 -4.33
CMD CLA LH . 34.53 -24.77 -2.92
CAD CLA LH . 35.55 -23.20 -5.91
OBD CLA LH . 35.58 -24.28 -6.49
CBD CLA LH . 35.83 -21.84 -6.63
CGD CLA LH . 37.12 -21.87 -7.40
O1D CLA LH . 37.32 -22.30 -8.54
O2D CLA LH . 38.18 -21.33 -6.74
C1 LUT MH . 46.52 10.28 12.83
C2 LUT MH . 46.43 11.16 11.58
C3 LUT MH . 45.06 11.79 11.41
C4 LUT MH . 44.02 10.70 11.24
C5 LUT MH . 44.17 9.58 12.24
C6 LUT MH . 45.26 9.45 13.03
C7 LUT MH . 45.25 8.51 14.12
C8 LUT MH . 45.58 7.18 14.08
C9 LUT MH . 45.56 6.29 15.16
C10 LUT MH . 46.01 4.96 15.07
C11 LUT MH . 46.51 4.32 13.95
C12 LUT MH . 47.08 3.08 13.69
C13 LUT MH . 47.43 1.98 14.51
C14 LUT MH . 48.18 0.90 14.01
C15 LUT MH . 48.73 -0.20 14.65
C16 LUT MH . 46.72 11.18 14.05
C17 LUT MH . 47.74 9.37 12.70
C18 LUT MH . 42.98 8.66 12.28
C19 LUT MH . 45.04 6.73 16.48
C20 LUT MH . 46.99 1.94 15.93
O3 LUT MH . 45.05 12.66 10.28
C21 LUT MH . 55.81 -11.35 15.77
C22 LUT MH . 56.32 -12.62 15.09
C23 LUT MH . 55.57 -13.87 15.53
C24 LUT MH . 54.09 -13.65 15.43
C25 LUT MH . 53.51 -12.47 15.32
C26 LUT MH . 54.27 -11.18 15.65
C27 LUT MH . 53.87 -10.10 14.67
C28 LUT MH . 53.21 -8.97 14.95
C29 LUT MH . 52.88 -7.92 14.09
C30 LUT MH . 52.31 -6.74 14.59
C31 LUT MH . 51.93 -5.59 13.92
C32 LUT MH . 51.33 -4.48 14.50
C33 LUT MH . 50.84 -3.31 13.90
C34 LUT MH . 50.10 -2.34 14.58
C35 LUT MH . 49.50 -1.20 14.08
C36 LUT MH . 56.50 -10.14 15.13
C37 LUT MH . 56.20 -11.34 17.26
C38 LUT MH . 52.08 -12.30 14.92
C39 LUT MH . 53.08 -8.02 12.62
C40 LUT MH . 51.14 -3.09 12.46
O23 LUT MH . 55.93 -14.30 16.85
C1 XAT NH . 45.11 0.30 0.24
C2 XAT NH . 46.14 0.92 -0.71
C3 XAT NH . 47.03 1.96 -0.07
C4 XAT NH . 47.88 1.32 1.02
C5 XAT NH . 47.04 0.58 2.01
C6 XAT NH . 45.69 0.10 1.63
C7 XAT NH . 45.06 -1.02 2.42
C8 XAT NH . 44.27 -0.81 3.48
C9 XAT NH . 43.55 -1.76 4.21
C10 XAT NH . 42.65 -1.37 5.21
C11 XAT NH . 41.76 -2.12 5.94
C12 XAT NH . 40.87 -1.57 6.84
C13 XAT NH . 39.86 -2.18 7.61
C14 XAT NH . 38.99 -1.43 8.42
C15 XAT NH . 37.94 -1.84 9.21
C16 XAT NH . 44.66 -1.01 -0.40
C17 XAT NH . 43.91 1.27 0.31
C18 XAT NH . 47.79 -0.08 3.13
C19 XAT NH . 43.71 -3.21 3.97
C20 XAT NH . 39.69 -3.65 7.54
O3 XAT NH . 47.87 2.56 -1.06
O4 XAT NH . 45.85 1.32 2.40
C21 XAT NH . 27.39 -1.03 17.32
C22 XAT NH . 26.52 -1.68 18.40
C23 XAT NH . 26.88 -3.11 18.70
C24 XAT NH . 28.28 -3.19 19.28
C25 XAT NH . 29.27 -2.55 18.35
C26 XAT NH . 28.84 -1.53 17.37
C27 XAT NH . 29.86 -0.62 16.74
C28 XAT NH . 30.61 -1.01 15.71
C29 XAT NH . 31.56 -0.25 15.00
C30 XAT NH . 32.34 -0.84 13.99
C31 XAT NH . 33.32 -0.28 13.20
C32 XAT NH . 34.15 -0.99 12.36
C33 XAT NH . 35.19 -0.53 11.53
C34 XAT NH . 36.01 -1.38 10.77
C35 XAT NH . 37.07 -1.06 9.97
C36 XAT NH . 27.31 0.49 17.55
C37 XAT NH . 26.77 -1.36 15.96
C38 XAT NH . 30.71 -2.63 18.78
C39 XAT NH . 31.76 1.18 15.28
C40 XAT NH . 35.43 0.93 11.45
O23 XAT NH . 25.94 -3.67 19.62
O24 XAT NH . 29.03 -2.90 16.96
C1 BCR OH . 50.12 -28.54 -4.43
C2 BCR OH . 49.48 -29.81 -4.99
C3 BCR OH . 48.12 -29.57 -5.51
C4 BCR OH . 48.17 -28.57 -6.66
C5 BCR OH . 49.06 -27.39 -6.40
C6 BCR OH . 49.93 -27.35 -5.36
C7 BCR OH . 50.71 -26.16 -5.11
C8 BCR OH . 50.31 -25.05 -4.45
C9 BCR OH . 51.05 -23.89 -4.20
C10 BCR OH . 50.50 -22.79 -3.54
C11 BCR OH . 51.13 -21.61 -3.16
C33 BCR OH . 48.89 -26.28 -7.41
C31 BCR OH . 51.62 -28.80 -4.21
C32 BCR OH . 49.49 -28.24 -3.06
C34 BCR OH . 52.47 -23.80 -4.62
C12 BCR OH . 50.53 -20.51 -2.58
C13 BCR OH . 51.14 -19.31 -2.15
C14 BCR OH . 50.41 -18.22 -1.64
C15 BCR OH . 50.88 -17.00 -1.19
C16 BCR OH . 50.19 -15.92 -0.65
C17 BCR OH . 50.80 -14.76 -0.23
C18 BCR OH . 50.21 -13.63 0.36
C19 BCR OH . 50.93 -12.45 0.62
C20 BCR OH . 50.50 -11.25 1.16
C21 BCR OH . 51.30 -10.12 1.27
C22 BCR OH . 50.96 -8.82 1.67
C23 BCR OH . 51.87 -7.76 1.54
C24 BCR OH . 51.67 -6.45 1.82
C25 BCR OH . 52.58 -5.36 1.58
C26 BCR OH . 52.55 -4.68 0.41
C27 BCR OH . 53.07 -3.27 0.30
C28 BCR OH . 53.31 -2.66 1.67
C29 BCR OH . 54.19 -3.58 2.44
C30 BCR OH . 53.62 -5.00 2.63
C35 BCR OH . 52.61 -19.19 -2.23
C36 BCR OH . 48.78 -13.69 0.73
C37 BCR OH . 49.60 -8.61 2.22
C38 BCR OH . 51.97 -5.21 -0.88
C39 BCR OH . 52.98 -5.08 4.02
C40 BCR OH . 54.79 -5.98 2.57
C1 BCR PH . 54.92 -19.07 4.17
C2 BCR PH . 54.49 -20.50 3.82
C3 BCR PH . 53.86 -21.21 4.96
C4 BCR PH . 52.60 -20.46 5.37
C5 BCR PH . 52.82 -18.98 5.51
C6 BCR PH . 53.84 -18.33 4.93
C7 BCR PH . 53.93 -16.89 5.05
C8 BCR PH . 53.38 -15.98 4.20
C9 BCR PH . 53.20 -14.59 4.32
C10 BCR PH . 53.40 -13.85 5.49
C11 BCR PH . 53.10 -12.52 5.69
C33 BCR PH . 51.75 -18.32 6.35
C31 BCR PH . 56.20 -19.15 5.03
C32 BCR PH . 55.27 -18.36 2.85
C34 BCR PH . 52.79 -13.84 3.11
C12 BCR PH . 53.37 -11.67 6.75
C13 BCR PH . 53.03 -10.31 6.87
C14 BCR PH . 53.51 -9.46 7.88
C15 BCR PH . 53.35 -8.09 8.00
C16 BCR PH . 53.89 -7.17 8.89
C17 BCR PH . 53.88 -5.80 9.05
C18 BCR PH . 54.59 -5.02 9.99
C19 BCR PH . 54.59 -3.61 10.02
C20 BCR PH . 55.24 -2.76 10.91
C21 BCR PH . 55.35 -1.39 10.88
C22 BCR PH . 56.03 -0.56 11.79
C23 BCR PH . 56.17 0.82 11.60
C24 BCR PH . 55.71 1.56 10.55
C25 BCR PH . 55.89 2.97 10.34
C26 BCR PH . 56.96 3.44 9.67
C27 BCR PH . 57.15 4.90 9.35
C28 BCR PH . 56.27 5.82 10.17
C29 BCR PH . 54.90 5.29 10.26
C30 BCR PH . 54.85 3.91 10.92
C35 BCR PH . 52.08 -9.74 5.88
C36 BCR PH . 55.41 -5.72 11.00
C37 BCR PH . 56.60 -1.20 12.99
C38 BCR PH . 58.07 2.57 9.15
C39 BCR PH . 53.43 3.33 10.71
C40 BCR PH . 55.07 4.10 12.42
C1B LMU QH . 42.57 15.58 -9.63
C2B LMU QH . 42.10 15.07 -10.99
C3B LMU QH . 42.88 13.84 -11.41
C4B LMU QH . 44.37 14.08 -11.30
C5B LMU QH . 44.71 14.58 -9.90
C6B LMU QH . 46.20 14.85 -9.74
O1B LMU QH . 42.23 14.65 -8.61
O2B LMU QH . 40.71 14.78 -10.93
O3B LMU QH . 42.55 13.50 -12.76
O4' LMU QH . 45.08 12.87 -11.58
O5B LMU QH . 43.99 15.78 -9.64
O6B LMU QH . 46.56 16.02 -10.49
C1' LMU QH . 40.83 15.31 -4.71
C2' LMU QH . 40.08 15.99 -5.86
C3' LMU QH . 40.42 15.36 -7.20
C4' LMU QH . 41.92 15.30 -7.38
C5' LMU QH . 42.54 14.55 -6.21
C6' LMU QH . 44.05 14.43 -6.34
O1' LMU QH . 40.28 14.02 -4.47
O2' LMU QH . 38.67 15.90 -5.63
O3' LMU QH . 39.81 16.15 -8.24
O5' LMU QH . 42.23 15.23 -4.99
O6' LMU QH . 44.66 15.68 -6.00
C1 LMU QH . 40.71 13.52 -3.20
C2 LMU QH . 39.53 12.82 -2.52
C3 LMU QH . 39.59 11.30 -2.71
C4 LMU QH . 38.19 10.73 -2.55
C5 LMU QH . 38.21 9.24 -2.23
C6 LMU QH . 38.83 9.00 -0.86
C7 LMU QH . 38.55 7.58 -0.38
C8 LMU QH . 37.08 7.36 -0.14
C9 LMU QH . 36.85 6.08 0.66
C10 LMU QH . 35.38 5.86 0.96
C11 LMU QH . 34.58 5.70 -0.33
C12 LMU QH . 33.14 5.34 -0.04
MG CLA RH . 24.20 -55.03 -39.88
CHA CLA RH . 26.54 -53.37 -37.92
CHB CLA RH . 22.26 -52.24 -39.91
CHC CLA RH . 21.99 -56.67 -41.93
CHD CLA RH . 26.30 -57.87 -39.87
NA CLA RH . 24.38 -53.13 -39.01
C1A CLA RH . 25.43 -52.62 -38.25
C2A CLA RH . 25.16 -51.17 -37.82
C3A CLA RH . 23.76 -50.89 -38.42
C4A CLA RH . 23.42 -52.17 -39.18
CMA CLA RH . 22.74 -50.57 -37.35
CAA CLA RH . 26.18 -50.20 -38.38
CBA CLA RH . 26.52 -50.48 -39.83
CGA CLA RH . 27.32 -49.32 -40.37
O1A CLA RH . 28.03 -49.29 -41.37
O2A CLA RH . 27.19 -48.20 -39.62
NB CLA RH . 22.48 -54.54 -40.79
C1B CLA RH . 21.82 -53.37 -40.64
C2B CLA RH . 20.53 -53.41 -41.37
C3B CLA RH . 20.44 -54.65 -41.95
C4B CLA RH . 21.68 -55.40 -41.58
CMB CLA RH . 19.59 -52.30 -41.39
CAB CLA RH . 19.37 -55.21 -42.73
CBB CLA RH . 19.51 -55.82 -43.92
NC CLA RH . 24.15 -56.94 -40.71
C1C CLA RH . 23.14 -57.40 -41.51
C2C CLA RH . 23.42 -58.77 -41.93
C3C CLA RH . 24.65 -59.11 -41.35
C4C CLA RH . 25.10 -57.95 -40.59
CMC CLA RH . 22.57 -59.58 -42.78
CAC CLA RH . 25.37 -60.39 -41.47
CBC CLA RH . 25.20 -61.25 -40.26
ND CLA RH . 25.94 -55.60 -39.01
C1D CLA RH . 26.71 -56.79 -39.13
C2D CLA RH . 27.95 -56.63 -38.35
C3D CLA RH . 27.92 -55.35 -37.84
C4D CLA RH . 26.67 -54.74 -38.31
CMD CLA RH . 28.96 -57.66 -38.18
CAD CLA RH . 28.60 -54.37 -37.03
OBD CLA RH . 29.61 -54.49 -36.34
CBD CLA RH . 27.79 -53.03 -37.13
CGD CLA RH . 27.51 -52.39 -35.81
O1D CLA RH . 27.43 -51.19 -35.55
O2D CLA RH . 27.33 -53.28 -34.78
CED CLA RH . 26.98 -52.73 -33.51
MG CLA SH . 12.91 -58.63 -45.63
CHA CLA SH . 13.31 -60.49 -42.74
CHB CLA SH . 9.61 -59.45 -45.69
CHC CLA SH . 12.51 -56.61 -48.39
CHD CLA SH . 16.32 -57.72 -45.46
NA CLA SH . 11.69 -59.81 -44.42
C1A CLA SH . 12.04 -60.49 -43.25
C2A CLA SH . 10.85 -61.22 -42.66
C3A CLA SH . 9.75 -61.01 -43.72
C4A CLA SH . 10.37 -60.01 -44.69
CMA CLA SH . 9.43 -62.32 -44.39
CAA CLA SH . 10.43 -60.59 -41.35
CBA CLA SH . 9.08 -59.92 -41.45
CGA CLA SH . 9.25 -58.43 -41.60
O1A CLA SH . 10.13 -57.74 -41.10
O2A CLA SH . 8.31 -57.83 -42.39
NB CLA SH . 11.35 -58.13 -46.81
C1B CLA SH . 10.07 -58.55 -46.65
C2B CLA SH . 9.21 -57.92 -47.69
C3B CLA SH . 10.03 -57.11 -48.45
C4B CLA SH . 11.40 -57.25 -47.92
CMB CLA SH . 7.77 -58.18 -47.77
CAB CLA SH . 9.74 -56.27 -49.59
CBB CLA SH . 8.57 -55.68 -49.87
NC CLA SH . 14.20 -57.43 -46.75
C1C CLA SH . 13.83 -56.71 -47.85
C2C CLA SH . 14.98 -55.98 -48.37
C3C CLA SH . 16.05 -56.26 -47.53
C4C CLA SH . 15.55 -57.17 -46.50
CMC CLA SH . 14.93 -55.10 -49.55
CAC CLA SH . 17.44 -55.75 -47.61
CBC CLA SH . 18.18 -56.18 -48.84
ND CLA SH . 14.51 -59.04 -44.47
C1D CLA SH . 15.86 -58.59 -44.50
C2D CLA SH . 16.59 -59.21 -43.38
C3D CLA SH . 15.67 -59.97 -42.68
C4D CLA SH . 14.39 -59.81 -43.39
CMD CLA SH . 18.01 -59.02 -43.11
CAD CLA SH . 15.43 -60.86 -41.56
OBD CLA SH . 16.23 -61.32 -40.75
CBD CLA SH . 13.91 -61.18 -41.54
CGD CLA SH . 13.67 -62.66 -41.56
O1D CLA SH . 13.65 -63.41 -42.54
O2D CLA SH . 13.42 -63.20 -40.34
C1 CLA SH . 8.83 -57.04 -43.47
C2 CLA SH . 7.82 -56.03 -43.88
C3 CLA SH . 8.06 -55.16 -44.87
C4 CLA SH . 9.35 -55.16 -45.60
C5 CLA SH . 7.08 -54.14 -45.30
C6 CLA SH . 7.48 -52.74 -44.84
C7 CLA SH . 7.94 -51.88 -46.00
C8 CLA SH . 8.28 -50.45 -45.56
C9 CLA SH . 7.05 -49.76 -45.01
C10 CLA SH . 8.84 -49.65 -46.72
C11 CLA SH . 10.11 -48.92 -46.35
C12 CLA SH . 10.87 -48.49 -47.59
C13 CLA SH . 12.02 -47.56 -47.25
C14 CLA SH . 12.93 -47.40 -48.45
MG CLA TH . 5.18 -53.58 -53.40
CHA CLA TH . 2.48 -55.21 -51.96
CHB CLA TH . 6.40 -52.88 -50.31
CHC CLA TH . 7.93 -52.16 -54.89
CHD CLA TH . 3.92 -54.43 -56.60
NA CLA TH . 4.51 -53.97 -51.46
C1A CLA TH . 3.37 -54.69 -51.07
C2A CLA TH . 3.28 -54.76 -49.55
C3A CLA TH . 4.50 -53.96 -49.06
C4A CLA TH . 5.21 -53.57 -50.36
CMA CLA TH . 4.09 -52.75 -48.26
CAA CLA TH . 3.38 -56.21 -49.09
CBA CLA TH . 3.58 -56.34 -47.60
CGA CLA TH . 2.26 -56.53 -46.91
O1A CLA TH . 1.36 -55.72 -46.71
O2A CLA TH . 2.09 -57.82 -46.47
NB CLA TH . 6.89 -52.76 -52.73
C1B CLA TH . 7.14 -52.45 -51.43
C2B CLA TH . 8.32 -51.55 -51.34
C3B CLA TH . 8.76 -51.34 -52.62
C4B CLA TH . 7.85 -52.11 -53.52
CMB CLA TH . 8.85 -51.04 -50.09
CAB CLA TH . 9.88 -50.55 -53.08
CBB CLA TH . 9.87 -49.66 -54.07
NC CLA TH . 5.79 -53.32 -55.38
C1C CLA TH . 6.96 -52.72 -55.75
C2C CLA TH . 7.09 -52.73 -57.20
C3C CLA TH . 5.96 -53.38 -57.69
C4C CLA TH . 5.15 -53.75 -56.54
CMC CLA TH . 8.21 -52.16 -57.95
CAC CLA TH . 5.64 -53.64 -59.11
CBC CLA TH . 6.26 -54.93 -59.57
ND CLA TH . 3.51 -54.42 -54.18
C1D CLA TH . 3.13 -54.75 -55.50
C2D CLA TH . 1.83 -55.44 -55.48
C3D CLA TH . 1.52 -55.62 -54.14
C4D CLA TH . 2.63 -55.02 -53.38
CMD CLA TH . 1.08 -55.83 -56.66
CAD CLA TH . 0.55 -56.11 -53.19
OBD CLA TH . -0.58 -56.52 -53.39
CBD CLA TH . 1.20 -56.00 -51.79
CGD CLA TH . 0.27 -55.39 -50.76
O1D CLA TH . -0.52 -56.00 -50.02
O2D CLA TH . 0.33 -54.04 -50.67
MG CLA UH . 13.10 -57.92 -71.32
CHA CLA UH . 12.94 -56.48 -74.46
CHB CLA UH . 10.18 -56.42 -70.48
CHC CLA UH . 13.25 -59.51 -68.28
CHD CLA UH . 16.16 -59.46 -72.25
NA CLA UH . 11.80 -56.65 -72.32
C1A CLA UH . 11.90 -56.17 -73.63
C2A CLA UH . 10.73 -55.27 -73.98
C3A CLA UH . 9.95 -55.16 -72.65
C4A CLA UH . 10.67 -56.14 -71.74
CMA CLA UH . 10.01 -53.76 -72.12
CAA CLA UH . 9.85 -55.90 -75.05
CBA CLA UH . 9.63 -57.37 -74.78
CGA CLA UH . 8.40 -57.86 -75.48
O1A CLA UH . 7.85 -58.96 -75.40
NB CLA UH . 11.96 -57.93 -69.67
C1B CLA UH . 10.77 -57.29 -69.54
C2B CLA UH . 10.15 -57.64 -68.23
C3B CLA UH . 11.01 -58.51 -67.60
C4B CLA UH . 12.17 -58.71 -68.51
CMB CLA UH . 8.87 -57.10 -67.79
CAB CLA UH . 10.93 -59.18 -66.32
CBB CLA UH . 10.47 -58.65 -65.19
NC CLA UH . 14.46 -59.23 -70.42
C1C CLA UH . 14.32 -59.76 -69.17
C2C CLA UH . 15.45 -60.63 -68.87
C3C CLA UH . 16.27 -60.63 -69.99
C4C CLA UH . 15.66 -59.74 -70.97
CMC CLA UH . 15.60 -61.37 -67.62
CAC CLA UH . 17.53 -61.36 -70.17
ND CLA UH . 14.32 -58.00 -72.94
C1D CLA UH . 15.56 -58.65 -73.19
C2D CLA UH . 16.01 -58.31 -74.55
C3D CLA UH . 15.05 -57.49 -75.08
C4D CLA UH . 14.02 -57.32 -74.04
CMD CLA UH . 17.25 -58.80 -75.16
CAD CLA UH . 14.63 -56.70 -76.24
OBD CLA UH . 15.20 -56.54 -77.31
CBD CLA UH . 13.27 -56.04 -75.87
CGD CLA UH . 13.34 -54.54 -75.96
O1D CLA UH . 12.59 -53.78 -76.59
O2D CLA UH . 14.35 -54.00 -75.25
CED CLA UH . 14.03 -53.24 -74.08
MG CHL VH . 4.88 -57.50 -71.14
CHA CHL VH . 3.88 -60.10 -73.34
CHB CHL VH . 4.10 -59.61 -68.51
CHC CHL VH . 5.91 -54.95 -68.86
CHD CHL VH . 5.69 -55.33 -73.87
NA CHL VH . 4.15 -59.35 -70.96
C1A CHL VH . 3.84 -60.22 -71.86
C2A CHL VH . 3.34 -61.54 -71.37
C3A CHL VH . 3.26 -61.31 -69.90
C4A CHL VH . 3.89 -59.96 -69.78
CMA CHL VH . 1.81 -61.25 -69.42
CAA CHL VH . 4.30 -62.66 -71.69
CBA CHL VH . 3.62 -64.02 -71.62
NB CHL VH . 4.98 -57.32 -69.10
C1B CHL VH . 4.63 -58.28 -68.24
C2B CHL VH . 4.82 -57.85 -66.83
C3B CHL VH . 5.35 -56.48 -66.93
C4B CHL VH . 5.41 -56.26 -68.40
CMB CHL VH . 4.55 -58.64 -65.58
CAB CHL VH . 5.65 -55.79 -65.66
NC CHL VH . 5.62 -55.58 -71.32
C1C CHL VH . 5.97 -54.74 -70.31
C2C CHL VH . 6.47 -53.43 -70.77
C3C CHL VH . 6.41 -53.55 -72.24
C4C CHL VH . 5.87 -54.91 -72.47
CMC CHL VH . 6.99 -52.13 -70.27
OMC CHL VH . 7.01 -51.92 -69.07
CAC CHL VH . 6.79 -52.52 -73.26
ND CHL VH . 4.84 -57.57 -73.18
C1D CHL VH . 5.18 -56.68 -74.11
C2D CHL VH . 4.91 -57.35 -75.40
C3D CHL VH . 4.40 -58.70 -75.13
C4D CHL VH . 4.39 -58.77 -73.72
CMD CHL VH . 5.06 -56.96 -76.85
CAD CHL VH . 3.92 -59.97 -75.72
OBD CHL VH . 3.85 -60.16 -76.98
CBD CHL VH . 3.59 -60.84 -74.57
CGD CHL VH . 2.11 -61.12 -74.61
O1D CHL VH . 1.32 -60.30 -74.19
O2D CHL VH . 1.60 -62.36 -75.15
CED CHL VH . 0.32 -62.84 -74.74
MG CHL WH . 6.04 -48.32 -67.52
CHA CHL WH . 6.71 -45.13 -68.90
CHB CHL WH . 8.29 -47.56 -65.01
CHC CHL WH . 5.24 -51.41 -65.94
CHD CHL WH . 3.89 -49.19 -70.25
NA CHL WH . 7.18 -46.76 -67.06
C1A CHL WH . 7.28 -45.61 -67.62
C2A CHL WH . 8.10 -44.60 -66.88
C3A CHL WH . 8.82 -45.47 -65.90
C4A CHL WH . 8.03 -46.72 -66.00
CMA CHL WH . 10.25 -45.74 -66.33
CAA CHL WH . 7.18 -43.62 -66.18
CBA CHL WH . 7.94 -42.80 -65.15
CGA CHL WH . 7.61 -41.33 -65.36
O1A CHL WH . 8.09 -40.73 -66.30
O2A CHL WH . 6.73 -40.64 -64.44
NB CHL WH . 6.64 -49.29 -65.82
C1B CHL WH . 7.55 -48.82 -64.96
C2B CHL WH . 7.77 -49.73 -63.82
C3B CHL WH . 6.88 -50.88 -64.09
C4B CHL WH . 6.22 -50.48 -65.36
CMB CHL WH . 8.71 -49.54 -62.66
CAB CHL WH . 6.93 -51.95 -63.07
CBB CHL WH . 5.97 -52.86 -63.00
NC CHL WH . 4.83 -49.93 -67.99
C1C CHL WH . 4.67 -51.03 -67.23
C2C CHL WH . 3.72 -52.01 -67.84
C3C CHL WH . 3.33 -51.38 -69.11
C4C CHL WH . 4.07 -50.09 -69.10
CMC CHL WH . 3.16 -53.34 -67.55
OMC CHL WH . 3.36 -53.85 -66.46
CAC CHL WH . 2.38 -51.91 -70.15
CBC CHL WH . 3.11 -52.83 -71.10
ND CHL WH . 5.37 -47.45 -69.24
C1D CHL WH . 4.55 -47.88 -70.20
C2D CHL WH . 4.47 -46.78 -71.18
C3D CHL WH . 5.31 -45.68 -70.68
C4D CHL WH . 5.84 -46.16 -69.47
CMD CHL WH . 3.75 -46.55 -72.48
CAD CHL WH . 5.81 -44.31 -70.94
OBD CHL WH . 5.46 -43.65 -71.99
CBD CHL WH . 6.69 -43.97 -69.81
CGD CHL WH . 8.07 -43.73 -70.34
O1D CHL WH . 8.82 -44.66 -70.56
O2D CHL WH . 8.54 -42.37 -70.60
CED CHL WH . 9.93 -42.11 -70.72
MG CHL XH . 2.70 -69.60 -60.52
CHA CHL XH . 5.57 -67.62 -59.81
CHB CHL XH . 2.92 -68.51 -63.79
CHC CHL XH . -0.14 -71.60 -61.32
CHD CHL XH . 2.50 -70.73 -57.14
NA CHL XH . 3.91 -68.38 -61.54
C1A CHL XH . 4.96 -67.72 -61.16
C2A CHL XH . 5.67 -66.94 -62.23
C3A CHL XH . 4.74 -67.10 -63.39
C4A CHL XH . 3.76 -68.10 -62.85
CMA CHL XH . 4.02 -65.81 -63.74
CAA CHL XH . 7.05 -67.49 -62.54
CBA CHL XH . 7.16 -69.00 -62.32
CGA CHL XH . 7.67 -69.67 -63.57
O1A CHL XH . 7.12 -69.48 -64.64
O2A CHL XH . 8.83 -70.54 -63.52
NB CHL XH . 1.62 -69.98 -62.21
C1B CHL XH . 1.87 -69.44 -63.40
C2B CHL XH . 0.91 -69.90 -64.43
C3B CHL XH . 0.02 -70.81 -63.72
C4B CHL XH . 0.54 -70.77 -62.33
CMB CHL XH . 0.87 -69.52 -65.89
CAB CHL XH . -1.05 -71.39 -64.57
CBB CHL XH . -2.13 -71.89 -64.02
NC CHL XH . 1.47 -70.87 -59.47
C1C CHL XH . 0.41 -71.56 -59.96
C2C CHL XH . -0.27 -72.40 -58.94
C3C CHL XH . 0.52 -72.13 -57.73
C4C CHL XH . 1.56 -71.19 -58.17
CMC CHL XH . -1.40 -73.34 -58.75
OMC CHL XH . -2.18 -73.54 -59.66
CAC CHL XH . 0.33 -72.69 -56.34
CBC CHL XH . 1.12 -73.97 -56.21
ND CHL XH . 3.73 -69.32 -58.78
C1D CHL XH . 3.56 -69.81 -57.55
C2D CHL XH . 4.63 -69.22 -56.74
C3D CHL XH . 5.44 -68.36 -57.61
C4D CHL XH . 4.83 -68.47 -58.86
CMD CHL XH . 5.05 -69.32 -55.29
CAD CHL XH . 6.61 -67.45 -57.67
OBD CHL XH . 7.31 -67.23 -56.62
CBD CHL XH . 6.68 -67.00 -59.06
CGD CHL XH . 6.60 -65.52 -59.15
O1D CHL XH . 5.53 -64.95 -59.31
O2D CHL XH . 7.82 -64.73 -59.06
CED CHL XH . 8.17 -63.83 -60.11
C1 CHL XH . 9.26 -71.19 -64.71
C2 CHL XH . 10.63 -70.72 -65.10
C3 CHL XH . 11.73 -71.32 -64.62
C4 CHL XH . 11.59 -72.48 -63.67
C5 CHL XH . 13.10 -70.84 -65.02
MG CLA YH . -0.22 -59.66 -57.39
CHA CLA YH . 0.70 -60.11 -54.07
CHB CLA YH . -3.27 -60.96 -56.72
CHC CLA YH . -1.17 -58.90 -60.59
CHD CLA YH . 3.00 -58.35 -58.04
NA CLA YH . -1.10 -60.45 -55.67
C1A CLA YH . -0.56 -60.53 -54.38
C2A CLA YH . -1.56 -61.16 -53.42
C3A CLA YH . -2.65 -61.70 -54.38
C4A CLA YH . -2.35 -60.98 -55.69
CMA CLA YH . -2.48 -63.18 -54.57
CAA CLA YH . -2.14 -60.14 -52.46
CBA CLA YH . -2.61 -58.90 -53.20
CGA CLA YH . -3.32 -57.96 -52.28
O1A CLA YH . -3.73 -56.82 -52.53
O2A CLA YH . -3.49 -58.46 -51.03
NB CLA YH . -1.89 -59.93 -58.46
C1B CLA YH . -3.08 -60.36 -57.96
C2B CLA YH . -4.15 -60.16 -58.97
C3B CLA YH . -3.56 -59.58 -60.08
C4B CLA YH . -2.12 -59.43 -59.77
CMB CLA YH . -5.53 -60.55 -58.72
CAB CLA YH . -4.11 -59.16 -61.34
CBB CLA YH . -5.34 -58.69 -61.54
NC CLA YH . 0.77 -58.82 -59.03
C1C CLA YH . 0.19 -58.63 -60.25
C2C CLA YH . 1.16 -58.03 -61.17
C3C CLA YH . 2.33 -57.86 -60.44
C4C CLA YH . 2.08 -58.36 -59.10
CMC CLA YH . 0.89 -57.69 -62.56
CAC CLA YH . 3.60 -57.28 -60.91
CBC CLA YH . 4.44 -58.26 -61.69
ND CLA YH . 1.50 -59.32 -56.37
C1D CLA YH . 2.75 -58.78 -56.75
C2D CLA YH . 3.64 -58.76 -55.58
C3D CLA YH . 2.90 -59.23 -54.51
C4D CLA YH . 1.57 -59.58 -55.06
CMD CLA YH . 5.02 -58.27 -55.60
CAD CLA YH . 2.87 -59.53 -53.09
OBD CLA YH . 3.75 -59.38 -52.25
CBD CLA YH . 1.47 -60.13 -52.78
CGD CLA YH . 1.59 -61.53 -52.23
O1D CLA YH . 1.60 -61.62 -50.88
MG CLA ZH . 13.95 -70.22 -57.76
CHA CLA ZH . 12.29 -73.16 -56.98
CHB CLA ZH . 16.72 -71.37 -56.15
CHC CLA ZH . 15.64 -67.33 -58.63
CHD CLA ZH . 11.09 -69.07 -59.45
NA CLA ZH . 14.41 -71.99 -56.75
C1A CLA ZH . 13.58 -73.10 -56.54
C2A CLA ZH . 14.36 -74.19 -55.88
C3A CLA ZH . 15.55 -73.44 -55.32
C4A CLA ZH . 15.63 -72.20 -56.16
CMA CLA ZH . 15.30 -73.05 -53.87
CAA CLA ZH . 14.84 -75.17 -56.94
CBA CLA ZH . 16.36 -75.23 -56.97
CGA CLA ZH . 16.87 -74.66 -58.28
O1A CLA ZH . 16.10 -74.45 -59.20
O2A CLA ZH . 18.28 -74.37 -58.42
NB CLA ZH . 15.82 -69.51 -57.46
C1B CLA ZH . 16.81 -70.12 -56.78
C2B CLA ZH . 18.04 -69.26 -56.75
C3B CLA ZH . 17.72 -68.12 -57.46
C4B CLA ZH . 16.34 -68.33 -57.85
CMB CLA ZH . 19.31 -69.68 -56.06
CAB CLA ZH . 18.48 -66.92 -57.78
CBB CLA ZH . 19.82 -66.81 -57.72
NC CLA ZH . 13.44 -68.50 -58.84
C1C CLA ZH . 14.27 -67.44 -59.09
C2C CLA ZH . 13.58 -66.44 -59.91
C3C CLA ZH . 12.30 -66.93 -60.13
C4C CLA ZH . 12.22 -68.22 -59.46
CMC CLA ZH . 14.15 -65.13 -60.38
CAC CLA ZH . 11.21 -66.26 -60.90
CBC CLA ZH . 11.02 -66.97 -62.22
ND CLA ZH . 12.11 -70.90 -58.17
C1D CLA ZH . 10.96 -70.27 -58.71
C2D CLA ZH . 9.86 -71.26 -58.80
C3D CLA ZH . 10.30 -72.35 -58.08
C4D CLA ZH . 11.59 -72.06 -57.64
CMD CLA ZH . 8.43 -71.23 -59.25
CAD CLA ZH . 9.96 -73.64 -57.53
OBD CLA ZH . 8.83 -74.23 -57.64
CBD CLA ZH . 11.20 -74.20 -56.84
CGD CLA ZH . 10.90 -74.53 -55.42
O1D CLA ZH . 10.62 -73.66 -54.61
O2D CLA ZH . 10.94 -75.91 -54.98
CED CLA ZH . 10.39 -76.93 -55.80
C1 CLA ZH . 18.79 -73.12 -57.92
C2 CLA ZH . 19.89 -72.62 -58.83
C3 CLA ZH . 19.64 -71.64 -59.70
C4 CLA ZH . 18.26 -71.07 -59.79
C5 CLA ZH . 20.74 -71.13 -60.61
C6 CLA ZH . 20.24 -69.91 -61.36
C7 CLA ZH . 20.75 -69.90 -62.79
MG CLA AI . 28.33 -63.29 -48.42
CHA CLA AI . 26.67 -66.20 -49.30
CHB CLA AI . 30.49 -65.10 -46.52
CHC CLA AI . 30.01 -60.39 -47.68
CHD CLA AI . 26.07 -61.45 -50.42
NA CLA AI . 28.51 -65.32 -47.98
C1A CLA AI . 27.74 -66.38 -48.46
C2A CLA AI . 28.22 -67.72 -47.89
C3A CLA AI . 29.36 -67.31 -46.93
C4A CLA AI . 29.49 -65.80 -47.15
CMA CLA AI . 29.02 -67.63 -45.50
CAA CLA AI . 28.75 -68.66 -48.95
CBA CLA AI . 29.35 -67.95 -50.15
CGA CLA AI . 30.84 -67.81 -50.00
O1A CLA AI . 31.64 -68.63 -49.51
O2A CLA AI . 31.32 -66.64 -50.50
NB CLA AI . 29.94 -62.83 -47.30
C1B CLA AI . 30.71 -63.72 -46.63
C2B CLA AI . 31.86 -63.01 -46.00
C3B CLA AI . 31.73 -61.68 -46.32
C4B CLA AI . 30.50 -61.54 -47.15
CMB CLA AI . 32.87 -63.70 -45.21
CAB CLA AI . 32.55 -60.55 -45.98
CBB CLA AI . 33.88 -60.53 -45.97
NC CLA AI . 28.06 -61.28 -48.93
C1C CLA AI . 28.85 -60.26 -48.50
C2C CLA AI . 28.38 -59.00 -49.04
C3C CLA AI . 27.28 -59.29 -49.83
C4C CLA AI . 27.08 -60.73 -49.77
CMC CLA AI . 28.98 -57.69 -48.79
CAC CLA AI . 26.46 -58.34 -50.59
CBC CLA AI . 27.00 -58.09 -51.98
ND CLA AI . 26.72 -63.66 -49.58
C1D CLA AI . 25.89 -62.81 -50.36
C2D CLA AI . 24.86 -63.63 -51.02
C3D CLA AI . 25.11 -64.94 -50.65
C4D CLA AI . 26.28 -64.91 -49.75
CMD CLA AI . 23.83 -63.10 -51.90
CAD CLA AI . 24.70 -66.33 -50.76
OBD CLA AI . 23.77 -66.81 -51.39
CBD CLA AI . 25.69 -67.18 -49.91
CGD CLA AI . 25.02 -68.02 -48.86
O1D CLA AI . 24.56 -67.64 -47.77
O2D CLA AI . 24.91 -69.33 -49.17
CED CLA AI . 24.38 -70.20 -48.17
MG CLA BI . 24.85 -64.34 -57.41
CHA CLA BI . 25.52 -67.26 -55.65
CHB CLA BI . 23.16 -66.13 -59.75
CHC CLA BI . 24.42 -61.46 -59.23
CHD CLA BI . 26.82 -62.56 -55.09
NA CLA BI . 24.36 -66.36 -57.60
C1A CLA BI . 24.75 -67.43 -56.78
C2A CLA BI . 24.20 -68.76 -57.31
C3A CLA BI . 23.42 -68.35 -58.58
C4A CLA BI . 23.64 -66.84 -58.66
CMA CLA BI . 23.96 -69.05 -59.80
CAA CLA BI . 23.26 -69.43 -56.33
CBA CLA BI . 23.82 -70.73 -55.79
CGA CLA BI . 24.03 -71.74 -56.87
O1A CLA BI . 24.67 -71.64 -57.91
O2A CLA BI . 23.41 -72.92 -56.60
NB CLA BI . 23.96 -63.89 -59.16
C1B CLA BI . 23.30 -64.76 -59.96
C2B CLA BI . 22.74 -64.04 -61.14
C3B CLA BI . 23.09 -62.72 -61.01
C4B CLA BI . 23.87 -62.61 -59.74
CMB CLA BI . 21.98 -64.73 -62.18
CAB CLA BI . 22.83 -61.56 -61.83
CBB CLA BI . 22.53 -61.56 -63.13
NC CLA BI . 25.46 -62.36 -57.16
C1C CLA BI . 25.15 -61.35 -58.02
C2C CLA BI . 25.75 -60.10 -57.55
C3C CLA BI . 26.45 -60.41 -56.38
C4C CLA BI . 26.27 -61.83 -56.15
CMC CLA BI . 25.62 -58.80 -58.22
CAC CLA BI . 27.23 -59.49 -55.55
ND CLA BI . 25.81 -64.71 -55.67
C1D CLA BI . 26.63 -63.90 -54.85
C2D CLA BI . 27.20 -64.72 -53.76
C3D CLA BI . 26.77 -66.02 -54.01
C4D CLA BI . 25.96 -65.96 -55.23
CMD CLA BI . 28.03 -64.22 -52.68
CAD CLA BI . 26.79 -67.39 -53.56
OBD CLA BI . 27.25 -67.88 -52.53
CBD CLA BI . 26.11 -68.23 -54.67
CGD CLA BI . 27.11 -69.13 -55.30
O1D CLA BI . 27.90 -68.86 -56.21
O2D CLA BI . 27.13 -70.40 -54.81
CED CLA BI . 27.90 -71.38 -55.49
MG CLA CI . 23.64 -46.19 -55.93
CHA CLA CI . 25.20 -43.44 -57.34
CHB CLA CI . 26.31 -48.12 -56.74
CHC CLA CI . 22.10 -48.86 -54.41
CHD CLA CI . 20.94 -44.12 -54.98
NA CLA CI . 25.44 -45.82 -56.90
C1A CLA CI . 25.92 -44.60 -57.39
C2A CLA CI . 27.31 -44.75 -58.00
C3A CLA CI . 27.62 -46.26 -57.82
C4A CLA CI . 26.38 -46.79 -57.10
CMA CLA CI . 27.86 -46.94 -59.14
CAA CLA CI . 28.31 -43.93 -57.21
CBA CLA CI . 28.37 -44.32 -55.75
CGA CLA CI . 27.47 -43.48 -54.90
O1A CLA CI . 27.28 -42.26 -54.93
O2A CLA CI . 26.79 -44.23 -53.98
NB CLA CI . 24.11 -48.12 -55.62
C1B CLA CI . 25.24 -48.74 -56.08
C2B CLA CI . 25.18 -50.19 -55.77
C3B CLA CI . 23.99 -50.41 -55.12
C4B CLA CI . 23.30 -49.11 -55.02
CMB CLA CI . 26.25 -51.12 -56.13
CAB CLA CI . 23.46 -51.65 -54.60
CBB CLA CI . 23.02 -51.86 -53.37
NC CLA CI . 21.84 -46.44 -54.89
C1C CLA CI . 21.42 -47.62 -54.35
C2C CLA CI . 20.15 -47.42 -53.66
C3C CLA CI . 19.81 -46.08 -53.83
C4C CLA CI . 20.88 -45.47 -54.60
CMC CLA CI . 19.44 -48.49 -52.95
CAC CLA CI . 18.65 -45.36 -53.29
CBC CLA CI . 17.32 -45.89 -53.77
ND CLA CI . 23.09 -44.26 -56.13
C1D CLA CI . 21.96 -43.53 -55.70
C2D CLA CI . 22.07 -42.12 -56.15
C3D CLA CI . 23.29 -42.03 -56.80
C4D CLA CI . 23.90 -43.39 -56.73
CMD CLA CI . 21.06 -41.10 -55.93
CAD CLA CI . 24.21 -41.18 -57.53
OBD CLA CI . 24.09 -40.03 -57.88
CBD CLA CI . 25.48 -42.04 -57.82
CGD CLA CI . 25.85 -42.03 -59.28
O1D CLA CI . 25.19 -42.43 -60.23
O2D CLA CI . 27.08 -41.49 -59.54
CED CLA CI . 27.56 -41.55 -60.88
C1 CLA CI . 25.66 -43.61 -53.32
C2 CLA CI . 24.73 -44.70 -52.96
C3 CLA CI . 23.73 -44.56 -52.06
C4 CLA CI . 23.48 -43.27 -51.37
C5 CLA CI . 22.81 -45.69 -51.74
C6 CLA CI . 23.20 -46.45 -50.48
C7 CLA CI . 23.97 -47.71 -50.84
C8 CLA CI . 23.29 -48.96 -50.31
C9 CLA CI . 22.93 -48.81 -48.85
C10 CLA CI . 24.18 -50.18 -50.49
MG CLA DI . 32.84 -46.30 -54.46
CHA CLA DI . 31.07 -44.49 -52.08
CHB CLA DI . 35.60 -44.41 -53.82
CHC CLA DI . 34.61 -48.24 -56.68
CHD CLA DI . 29.97 -48.29 -55.02
NA CLA DI . 33.24 -44.70 -53.18
C1A CLA DI . 32.37 -44.09 -52.26
C2A CLA DI . 33.06 -42.95 -51.52
C3A CLA DI . 34.44 -42.87 -52.19
C4A CLA DI . 34.46 -44.07 -53.14
CMA CLA DI . 34.65 -41.57 -52.92
CAA CLA DI . 33.19 -43.25 -50.04
CBA CLA DI . 33.69 -44.66 -49.79
CGA CLA DI . 33.76 -44.93 -48.32
NB CLA DI . 34.73 -46.28 -55.18
C1B CLA DI . 35.73 -45.49 -54.72
C2B CLA DI . 37.03 -45.93 -55.31
C3B CLA DI . 36.75 -47.01 -56.11
C4B CLA DI . 35.29 -47.25 -56.04
CMB CLA DI . 38.31 -45.28 -55.01
CAB CLA DI . 37.63 -47.83 -56.90
CBB CLA DI . 38.49 -48.72 -56.40
NC CLA DI . 32.36 -47.93 -55.65
C1C CLA DI . 33.23 -48.57 -56.49
C2C CLA DI . 32.56 -49.66 -57.19
C3C CLA DI . 31.26 -49.69 -56.70
C4C CLA DI . 31.13 -48.60 -55.73
CMC CLA DI . 33.19 -50.54 -58.17
CAC CLA DI . 30.19 -50.62 -57.10
CBC CLA DI . 30.07 -51.80 -56.16
ND CLA DI . 30.95 -46.41 -53.76
C1D CLA DI . 29.87 -47.27 -54.09
C2D CLA DI . 28.69 -46.88 -53.27
C3D CLA DI . 29.11 -45.83 -52.47
C4D CLA DI . 30.51 -45.58 -52.82
CMD CLA DI . 27.38 -47.54 -53.32
CAD CLA DI . 28.72 -44.87 -51.45
OBD CLA DI . 27.66 -44.75 -50.86
CBD CLA DI . 29.97 -43.98 -51.18
CGD CLA DI . 29.68 -42.53 -51.42
O1D CLA DI . 30.27 -41.75 -52.16
O2D CLA DI . 28.62 -42.05 -50.70
CED CLA DI . 28.47 -40.63 -50.63
MG CHL EI . -1.15 -78.11 -67.14
CHA CHL EI . 1.06 -80.71 -68.15
CHB CHL EI . -1.99 -77.72 -70.48
CHC CHL EI . -3.48 -75.60 -66.20
CHD CHL EI . 0.02 -78.27 -63.77
NA CHL EI . -0.66 -79.02 -68.85
C1A CHL EI . 0.11 -80.03 -69.07
C2A CHL EI . 0.09 -80.59 -70.46
C3A CHL EI . -0.64 -79.51 -71.19
C4A CHL EI . -1.14 -78.68 -70.07
CMA CHL EI . 0.28 -78.69 -72.07
CAA CHL EI . -0.68 -81.90 -70.48
NB CHL EI . -2.47 -76.91 -68.14
C1B CHL EI . -2.64 -76.91 -69.46
C2B CHL EI . -3.67 -75.92 -69.89
C3B CHL EI . -4.11 -75.29 -68.63
C4B CHL EI . -3.29 -75.99 -67.61
CMB CHL EI . -4.15 -75.62 -71.28
CAB CHL EI . -5.15 -74.24 -68.75
CBB CHL EI . -5.84 -73.85 -67.71
NC CHL EI . -1.62 -77.15 -65.38
C1C CHL EI . -2.55 -76.20 -65.23
C2C CHL EI . -2.66 -75.71 -63.84
C3C CHL EI . -1.65 -76.49 -63.12
C4C CHL EI . -1.05 -77.34 -64.17
CMC CHL EI . -3.44 -74.73 -63.05
OMC CHL EI . -4.29 -74.06 -63.61
CAC CHL EI . -1.28 -76.41 -61.66
CBC CHL EI . -0.28 -75.30 -61.50
ND CHL EI . 0.22 -79.19 -66.07
C1D CHL EI . 0.58 -79.16 -64.79
C2D CHL EI . 1.62 -80.19 -64.63
C3D CHL EI . 1.82 -80.82 -65.95
C4D CHL EI . 0.92 -80.14 -66.80
CMD CHL EI . 2.46 -80.71 -63.51
CAD CHL EI . 2.58 -81.85 -66.72
OBD CHL EI . 3.46 -82.59 -66.15
CBD CHL EI . 2.09 -81.76 -68.10
CGD CHL EI . 3.23 -81.40 -69.00
O1D CHL EI . 3.49 -80.22 -69.22
O2D CHL EI . 4.03 -82.44 -69.62
CED CHL EI . 4.67 -82.19 -70.86
C1 LUT FI . 25.82 -51.85 -60.52
C2 LUT FI . 25.70 -50.55 -61.32
C3 LUT FI . 25.36 -49.36 -60.45
C4 LUT FI . 24.01 -49.58 -59.80
C5 LUT FI . 23.83 -50.96 -59.24
C6 LUT FI . 24.66 -51.98 -59.53
C7 LUT FI . 24.51 -53.26 -58.87
C8 LUT FI . 23.67 -54.28 -59.23
C9 LUT FI . 23.45 -55.47 -58.53
C10 LUT FI . 22.63 -56.50 -59.01
C11 LUT FI . 22.30 -57.71 -58.41
C12 LUT FI . 21.54 -58.75 -58.91
C13 LUT FI . 21.26 -60.00 -58.31
C14 LUT FI . 20.52 -61.01 -58.93
C15 LUT FI . 19.90 -61.00 -60.17
C16 LUT FI . 27.14 -51.84 -59.76
C17 LUT FI . 25.83 -53.02 -61.48
C18 LUT FI . 22.63 -51.10 -58.34
C19 LUT FI . 24.08 -55.67 -57.20
C20 LUT FI . 21.77 -60.24 -56.95
O3 LUT FI . 25.32 -48.17 -61.24
C21 LUT FI . 16.12 -73.55 -63.12
C22 LUT FI . 15.13 -74.71 -63.30
C23 LUT FI . 14.70 -75.32 -61.97
C24 LUT FI . 14.15 -74.27 -61.07
C25 LUT FI . 14.46 -72.99 -61.22
C26 LUT FI . 15.72 -72.60 -61.95
C27 LUT FI . 15.67 -71.15 -62.36
C28 LUT FI . 16.42 -70.15 -61.89
C29 LUT FI . 16.40 -68.80 -62.29
C30 LUT FI . 17.24 -67.84 -61.69
C31 LUT FI . 17.34 -66.49 -61.96
C32 LUT FI . 18.12 -65.56 -61.27
C33 LUT FI . 18.25 -64.19 -61.51
C34 LUT FI . 18.98 -63.31 -60.70
C35 LUT FI . 19.23 -61.96 -60.91
C36 LUT FI . 16.16 -72.75 -64.43
C37 LUT FI . 17.53 -74.10 -62.87
C38 LUT FI . 13.62 -71.88 -60.66
C39 LUT FI . 15.50 -68.34 -63.37
C40 LUT FI . 17.57 -63.63 -62.70
O23 LUT FI . 15.77 -76.05 -61.33
C1 XAT GI . 10.62 -52.34 -66.47
C2 XAT GI . 11.29 -51.78 -67.73
C3 XAT GI . 11.81 -52.83 -68.69
C4 XAT GI . 12.89 -53.66 -68.03
C5 XAT GI . 12.43 -54.24 -66.72
C6 XAT GI . 11.36 -53.58 -65.95
C7 XAT GI . 10.64 -54.36 -64.87
C8 XAT GI . 11.11 -54.40 -63.62
C9 XAT GI . 10.53 -54.97 -62.47
C10 XAT GI . 11.10 -54.73 -61.22
C11 XAT GI . 10.64 -55.08 -59.96
C12 XAT GI . 11.24 -54.66 -58.78
C13 XAT GI . 10.82 -54.83 -57.46
C14 XAT GI . 11.47 -54.23 -56.38
C15 XAT GI . 11.13 -54.22 -55.04
C16 XAT GI . 9.15 -52.70 -66.77
C17 XAT GI . 10.65 -51.23 -65.42
C18 XAT GI . 12.77 -55.68 -66.48
C19 XAT GI . 9.33 -55.83 -62.54
C20 XAT GI . 9.64 -55.69 -57.19
O3 XAT GI . 10.75 -53.69 -69.11
O4 XAT GI . 12.75 -53.36 -65.60
C21 XAT GI . 12.07 -52.13 -41.87
C22 XAT GI . 11.92 -52.64 -40.43
C23 XAT GI . 11.06 -53.88 -40.30
C24 XAT GI . 11.70 -55.04 -41.02
C25 XAT GI . 11.96 -54.70 -42.46
C26 XAT GI . 12.13 -53.29 -42.88
C27 XAT GI . 12.81 -52.97 -44.18
C28 XAT GI . 12.20 -53.02 -45.36
C29 XAT GI . 12.75 -52.70 -46.61
C30 XAT GI . 12.05 -52.90 -47.80
C31 XAT GI . 12.45 -52.68 -49.10
C32 XAT GI . 11.77 -53.09 -50.23
C33 XAT GI . 12.16 -52.98 -51.58
C34 XAT GI . 11.45 -53.57 -52.63
C35 XAT GI . 11.76 -53.59 -53.97
C36 XAT GI . 13.36 -51.29 -41.90
C37 XAT GI . 10.87 -51.23 -42.17
C38 XAT GI . 12.52 -55.82 -43.30
C39 XAT GI . 14.12 -52.14 -46.71
C40 XAT GI . 13.38 -52.20 -51.91
O23 XAT GI . 10.88 -54.20 -38.93
O24 XAT GI . 10.86 -53.97 -43.07
C1 BCR HI . -12.68 -71.20 -67.03
C2 BCR HI . -13.20 -71.74 -65.70
C3 BCR HI . -13.63 -73.16 -65.79
C4 BCR HI . -12.45 -74.03 -66.22
C5 BCR HI . -11.67 -73.45 -67.38
C6 BCR HI . -11.64 -72.14 -67.65
C7 BCR HI . -10.64 -71.60 -68.54
C8 BCR HI . -9.35 -71.31 -68.21
C9 BCR HI . -8.33 -70.80 -69.01
C10 BCR HI . -7.11 -70.40 -68.45
C11 BCR HI . -5.99 -69.85 -69.05
C33 BCR HI . -10.92 -74.50 -68.15
C31 BCR HI . -12.08 -69.82 -66.79
C32 BCR HI . -13.88 -71.06 -67.98
C34 BCR HI . -8.49 -70.64 -70.47
C12 BCR HI . -4.88 -69.36 -68.37
C13 BCR HI . -3.71 -68.80 -68.87
C14 BCR HI . -2.73 -68.20 -68.06
C15 BCR HI . -1.54 -67.60 -68.42
C16 BCR HI . -0.62 -66.89 -67.66
C17 BCR HI . 0.57 -66.39 -68.17
C18 BCR HI . 1.53 -65.58 -67.54
C19 BCR HI . 2.73 -65.19 -68.15
C20 BCR HI . 3.74 -64.38 -67.66
C21 BCR HI . 4.89 -64.03 -68.33
C22 BCR HI . 5.93 -63.15 -67.94
C23 BCR HI . 6.99 -62.85 -68.79
C24 BCR HI . 8.05 -62.03 -68.56
C25 BCR HI . 9.08 -61.66 -69.51
C26 BCR HI . 8.88 -60.60 -70.32
C27 BCR HI . 9.80 -60.29 -71.47
C28 BCR HI . 10.81 -61.40 -71.76
C29 BCR HI . 11.39 -61.88 -70.49
C30 BCR HI . 10.34 -62.48 -69.56
C35 BCR HI . -3.48 -68.83 -70.34
C36 BCR HI . 1.26 -65.11 -66.15
C37 BCR HI . 5.84 -62.56 -66.58
C38 BCR HI . 7.74 -59.62 -70.21
C39 BCR HI . 10.97 -62.58 -68.16
C40 BCR HI . 10.05 -63.91 -70.04
O1 LHG II . 28.96 -62.56 -40.79
C1 LHG II . 29.38 -63.73 -41.47
C2 LHG II . 29.00 -63.69 -42.93
O2 LHG II . 29.50 -62.50 -43.54
C3 LHG II . 27.51 -63.79 -43.18
O3 LHG II . 27.22 -63.89 -44.60
P LHG II . 27.08 -62.56 -45.49
O4 LHG II . 28.28 -61.69 -45.21
O5 LHG II . 26.79 -62.99 -46.90
O6 LHG II . 25.79 -61.84 -44.87
C4 LHG II . 24.59 -61.71 -45.68
C5 LHG II . 24.67 -60.61 -46.70
C6 LHG II . 23.46 -60.50 -47.59
O7 LHG II . 24.80 -59.33 -46.00
C7 LHG II . 26.02 -58.94 -45.61
O9 LHG II . 27.02 -59.44 -46.05
C8 LHG II . 26.01 -57.87 -44.55
C9 LHG II . 25.37 -56.59 -44.99
C10 LHG II . 25.45 -55.52 -43.90
O8 LHG II . 22.96 -59.15 -47.51
C23 LHG II . 22.42 -58.66 -48.62
O10 LHG II . 22.18 -59.32 -49.59
C24 LHG II . 22.19 -57.18 -48.49
C11 LHG II . 24.81 -54.21 -44.24
C12 LHG II . 24.91 -53.18 -43.13
C13 LHG II . 24.18 -51.89 -43.40
C14 LHG II . 24.69 -51.11 -44.58
C15 LHG II . 26.13 -50.67 -44.45
C25 LHG II . 21.32 -56.81 -47.33
C26 LHG II . 21.84 -55.61 -46.57
C27 LHG II . 22.31 -54.48 -47.45
C28 LHG II . 22.39 -53.13 -46.77
C29 LHG II . 21.05 -52.51 -46.46
C30 LHG II . 21.13 -51.11 -45.92
C31 LHG II . 19.80 -50.41 -45.80
C32 LHG II . 18.83 -51.10 -44.86
C33 LHG II . 17.51 -50.37 -44.72
O1 LHG JI . 14.41 -57.57 -27.94
C1 LHG JI . 14.02 -57.02 -29.20
C2 LHG JI . 14.87 -55.82 -29.57
O2 LHG JI . 14.44 -55.31 -30.83
C3 LHG JI . 16.35 -56.13 -29.60
O3 LHG JI . 17.18 -54.92 -29.71
P LHG JI . 17.20 -54.08 -31.07
O4 LHG JI . 18.40 -53.18 -31.03
O5 LHG JI . 16.99 -55.01 -32.23
O6 LHG JI . 15.89 -53.15 -30.93
C4 LHG JI . 15.37 -52.44 -32.10
C5 LHG JI . 16.34 -51.37 -32.56
C6 LHG JI . 15.72 -50.44 -33.58
O7 LHG JI . 16.78 -50.66 -31.36
C7 LHG JI . 17.99 -50.06 -31.33
O9 LHG JI . 18.39 -49.57 -30.31
C8 LHG JI . 18.81 -50.04 -32.59
C9 LHG JI . 19.10 -48.64 -33.06
C10 LHG JI . 19.76 -48.61 -34.44
O8 LHG JI . 14.58 -49.78 -32.99
C23 LHG JI . 14.25 -48.59 -33.49
O10 LHG JI . 13.35 -47.92 -33.05
C24 LHG JI . 15.11 -48.19 -34.66
C11 LHG JI . 18.94 -49.27 -35.53
C12 LHG JI . 18.75 -48.43 -36.77
C13 LHG JI . 20.04 -47.94 -37.40
C14 LHG JI . 19.84 -47.21 -38.70
C15 LHG JI . 21.09 -46.62 -39.29
C16 LHG JI . 22.20 -47.61 -39.54
C17 LHG JI . 21.81 -48.75 -40.45
C18 LHG JI . 21.43 -48.33 -41.85
C19 LHG JI . 22.53 -47.66 -42.63
C20 LHG JI . 22.19 -47.30 -44.06
C21 LHG JI . 21.22 -46.15 -44.31
C22 LHG JI . 19.74 -46.43 -44.12
C25 LHG JI . 14.89 -46.78 -35.11
C26 LHG JI . 16.11 -45.90 -34.87
C27 LHG JI . 16.48 -45.76 -33.42
C28 LHG JI . 15.51 -44.98 -32.59
C29 LHG JI . 15.59 -45.22 -31.10
C30 LHG JI . 15.36 -46.66 -30.72
C31 LHG JI . 14.71 -46.84 -29.37
C32 LHG JI . 15.59 -46.50 -28.19
C33 LHG JI . 14.88 -46.55 -26.86
C34 LHG JI . 15.77 -46.47 -25.66
C35 LHG JI . 16.70 -45.28 -25.64
C36 LHG JI . 17.54 -45.18 -24.39
C37 LHG JI . 18.59 -44.11 -24.44
C38 LHG JI . 18.05 -42.74 -24.77
MG CHL KI . 80.65 -18.32 16.46
CHA CHL KI . 82.60 -16.30 18.62
CHB CHL KI . 78.28 -15.81 16.46
CHC CHL KI . 78.75 -20.18 14.09
CHD CHL KI . 82.90 -21.08 16.78
NA CHL KI . 80.52 -16.49 17.24
C1A CHL KI . 81.34 -15.84 17.98
C2A CHL KI . 81.01 -14.40 18.25
C3A CHL KI . 79.65 -14.29 17.63
C4A CHL KI . 79.46 -15.67 17.06
CMA CHL KI . 78.57 -13.99 18.66
CAA CHL KI . 82.00 -13.46 17.57
CBA CHL KI . 82.20 -13.82 16.10
CGA CHL KI . 81.90 -12.61 15.25
O1A CHL KI . 82.49 -11.56 15.43
O2A CHL KI . 80.88 -12.69 14.21
NB CHL KI . 78.87 -18.04 15.48
C1B CHL KI . 78.08 -16.98 15.62
C2B CHL KI . 76.87 -17.07 14.78
C3B CHL KI . 77.01 -18.36 14.08
C4B CHL KI . 78.30 -18.88 14.60
CMB CHL KI . 75.75 -16.07 14.66
CAB CHL KI . 75.90 -18.71 13.15
CBB CHL KI . 76.02 -19.72 12.30
NC CHL KI . 80.79 -20.21 15.63
C1C CHL KI . 79.95 -20.75 14.72
C2C CHL KI . 80.33 -22.12 14.31
C3C CHL KI . 81.54 -22.38 15.11
C4C CHL KI . 81.74 -21.14 15.89
CMC CHL KI . 79.88 -23.22 13.43
OMC CHL KI . 79.34 -22.95 12.36
CAC CHL KI . 82.39 -23.62 15.13
CBC CHL KI . 83.31 -23.54 13.94
ND CHL KI . 82.40 -18.73 17.44
C1D CHL KI . 83.16 -19.82 17.50
C2D CHL KI . 84.28 -19.47 18.39
C3D CHL KI . 84.08 -18.09 18.85
C4D CHL KI . 82.89 -17.69 18.22
CMD CHL KI . 85.50 -20.19 18.91
CAD CHL KI . 84.62 -16.98 19.68
OBD CHL KI . 85.71 -17.11 20.35
CBD CHL KI . 83.67 -15.88 19.53
CGD CHL KI . 83.06 -15.66 20.88
O1D CHL KI . 82.95 -16.59 21.65
O2D CHL KI . 82.59 -14.34 21.28
CED CHL KI . 81.69 -14.25 22.37
MG CLA LI . 71.73 -24.08 9.33
CHA CLA LI . 71.96 -25.82 12.32
CHB CLA LI . 68.73 -25.56 8.71
CHC CLA LI . 71.48 -22.22 6.45
CHD CLA LI . 74.82 -22.52 10.06
NA CLA LI . 70.57 -25.48 10.36
C1A CLA LI . 70.84 -26.07 11.60
C2A CLA LI . 69.71 -27.02 11.99
C3A CLA LI . 68.82 -27.06 10.74
C4A CLA LI . 69.39 -25.94 9.86
CMA CLA LI . 68.95 -28.40 10.07
CAA CLA LI . 68.90 -26.44 13.15
CBA CLA LI . 67.42 -26.34 12.81
CGA CLA LI . 67.05 -24.97 12.35
O1A CLA LI . 67.03 -23.92 13.00
O2A CLA LI . 66.68 -24.91 11.04
NB CLA LI . 70.36 -23.91 7.87
C1B CLA LI . 69.18 -24.58 7.82
C2B CLA LI . 68.42 -24.16 6.60
C3B CLA LI . 69.19 -23.22 5.95
C4B CLA LI . 70.44 -23.06 6.74
CMB CLA LI . 67.11 -24.72 6.25
CAB CLA LI . 68.94 -22.50 4.73
CBB CLA LI . 68.50 -23.04 3.59
NC CLA LI . 72.96 -22.66 8.41
C1C CLA LI . 72.66 -22.04 7.23
C2C CLA LI . 73.73 -21.11 6.88
C3C CLA LI . 74.67 -21.17 7.92
C4C CLA LI . 74.17 -22.15 8.87
CMC CLA LI . 73.75 -20.27 5.68
CAC CLA LI . 75.91 -20.40 8.04
CBC CLA LI . 76.96 -20.78 7.04
ND CLA LI . 73.15 -24.17 10.76
C1D CLA LI . 74.36 -23.46 10.96
C2D CLA LI . 74.98 -23.91 12.22
C3D CLA LI . 74.12 -24.83 12.77
C4D CLA LI . 72.98 -24.95 11.84
CMD CLA LI . 76.26 -23.43 12.74
CAD CLA LI . 73.87 -25.74 13.88
OBD CLA LI . 74.58 -26.01 14.84
CBD CLA LI . 72.46 -26.36 13.64
CGD CLA LI . 72.53 -27.87 13.62
O1D CLA LI . 72.60 -28.63 14.59
O2D CLA LI . 72.55 -28.41 12.38
CED CLA LI . 72.01 -29.72 12.23
C1 CLA LI . 65.59 -24.02 10.68
C2 CLA LI . 66.13 -22.96 9.80
C3 CLA LI . 65.35 -22.19 9.02
C4 CLA LI . 63.88 -22.35 8.98
C5 CLA LI . 65.93 -21.12 8.14
C6 CLA LI . 65.63 -19.72 8.64
C7 CLA LI . 64.81 -18.94 7.62
C8 CLA LI . 65.41 -17.55 7.35
C9 CLA LI . 66.89 -17.65 7.09
C10 CLA LI . 65.12 -16.59 8.51
C11 CLA LI . 66.01 -15.37 8.47
C12 CLA LI . 65.58 -14.35 7.43
C13 CLA LI . 66.70 -13.37 7.12
C14 CLA LI . 66.21 -11.94 7.26
C15 CLA LI . 67.26 -13.59 5.71
C16 CLA LI . 68.41 -12.65 5.42
MG CLA MI . 64.96 -21.94 -0.13
CHA CLA MI . 62.39 -24.04 0.97
CHB CLA MI . 65.66 -21.15 3.08
CHC CLA MI . 67.28 -19.68 -1.26
CHD CLA MI . 63.96 -22.56 -3.46
NA CLA MI . 64.20 -22.58 1.72
C1A CLA MI . 63.13 -23.46 1.98
C2A CLA MI . 62.92 -23.61 3.49
C3A CLA MI . 64.10 -22.84 4.11
C4A CLA MI . 64.71 -22.13 2.90
CMA CLA MI . 63.65 -21.82 5.13
CAA CLA MI . 62.92 -25.07 3.95
CBA CLA MI . 62.70 -25.21 5.45
CGA CLA MI . 61.28 -24.91 5.81
O1A CLA MI . 60.36 -25.70 6.01
O2A CLA MI . 61.01 -23.58 5.89
NB CLA MI . 66.35 -20.79 0.75
C1B CLA MI . 66.28 -20.42 2.06
C2B CLA MI . 66.92 -19.09 2.27
C3B CLA MI . 67.38 -18.68 1.04
C4B CLA MI . 67.03 -19.76 0.07
CMB CLA MI . 66.97 -18.43 3.57
CAB CLA MI . 68.05 -17.48 0.66
CBB CLA MI . 67.61 -16.24 0.91
NC CLA MI . 65.58 -21.33 -2.02
C1C CLA MI . 66.60 -20.44 -2.25
C2C CLA MI . 66.82 -20.29 -3.68
C3C CLA MI . 65.81 -21.02 -4.31
C4C CLA MI . 65.04 -21.69 -3.26
CMC CLA MI . 67.84 -19.44 -4.30
CAC CLA MI . 65.61 -21.19 -5.76
CBC CLA MI . 66.57 -22.21 -6.33
ND CLA MI . 63.55 -23.03 -1.08
C1D CLA MI . 63.24 -23.18 -2.47
C2D CLA MI . 62.09 -24.10 -2.60
C3D CLA MI . 61.75 -24.49 -1.32
C4D CLA MI . 62.67 -23.78 -0.41
CMD CLA MI . 61.48 -24.50 -3.87
CAD CLA MI . 60.84 -25.27 -0.50
OBD CLA MI . 59.93 -26.02 -0.85
CBD CLA MI . 61.22 -24.99 0.98
CGD CLA MI . 60.05 -24.45 1.76
O1D CLA MI . 59.19 -25.09 2.37
O2D CLA MI . 59.99 -23.09 1.78
CED CLA MI . 59.15 -22.47 2.74
MG CLA NI . 78.08 -24.14 -15.91
CHA CLA NI . 78.37 -22.11 -18.71
CHB CLA NI . 74.70 -23.73 -15.98
CHC CLA NI . 77.84 -26.19 -13.17
CHD CLA NI . 81.60 -24.50 -15.88
NA CLA NI . 76.77 -23.09 -17.15
C1A CLA NI . 77.09 -22.30 -18.27
C2A CLA NI . 75.83 -21.71 -18.90
C3A CLA NI . 74.70 -22.17 -17.96
C4A CLA NI . 75.41 -23.07 -16.95
CMA CLA NI . 74.03 -20.98 -17.31
CAA CLA NI . 75.62 -22.30 -20.28
CBA CLA NI . 75.19 -23.76 -20.21
CGA CLA NI . 76.38 -24.68 -20.16
O1A CLA NI . 77.30 -24.80 -20.96
O2A CLA NI . 76.39 -25.46 -19.03
NB CLA NI . 76.56 -24.79 -14.75
C1B CLA NI . 75.24 -24.57 -14.99
C2B CLA NI . 74.42 -25.36 -14.03
C3B CLA NI . 75.30 -26.06 -13.23
C4B CLA NI . 76.68 -25.71 -13.68
CMB CLA NI . 72.96 -25.35 -14.01
CAB CLA NI . 75.04 -26.98 -12.16
CBB CLA NI . 75.44 -26.81 -10.89
NC CLA NI . 79.47 -25.16 -14.75
C1C CLA NI . 79.16 -25.94 -13.67
C2C CLA NI . 80.37 -26.49 -13.07
C3C CLA NI . 81.43 -26.02 -13.84
C4C CLA NI . 80.86 -25.18 -14.89
CMC CLA NI . 80.40 -27.37 -11.90
CAC CLA NI . 82.86 -26.30 -13.64
CBC CLA NI . 83.40 -27.30 -14.63
ND CLA NI . 79.66 -23.54 -17.03
C1D CLA NI . 81.06 -23.72 -16.88
C2D CLA NI . 81.76 -22.99 -17.96
C3D CLA NI . 80.77 -22.37 -18.70
C4D CLA NI . 79.49 -22.73 -18.07
CMD CLA NI . 83.21 -22.98 -18.15
CAD CLA NI . 80.48 -21.52 -19.85
OBD CLA NI . 81.23 -21.08 -20.70
CBD CLA NI . 78.94 -21.28 -19.84
CGD CLA NI . 78.62 -19.81 -19.66
O1D CLA NI . 78.19 -19.02 -20.49
O2D CLA NI . 78.86 -19.35 -18.39
CED CLA NI . 78.42 -18.03 -18.07
C1 CLA NI . 75.27 -26.35 -18.86
C2 CLA NI . 75.48 -27.48 -19.80
C3 CLA NI . 76.10 -28.61 -19.46
C4 CLA NI . 76.63 -28.83 -18.09
MG CLA OI . 70.84 -24.84 -18.00
CHA CLA OI . 72.03 -26.83 -20.58
CHB CLA OI . 70.28 -27.62 -16.13
CHC CLA OI . 69.50 -22.84 -15.56
CHD CLA OI . 71.46 -21.97 -19.98
NA CLA OI . 71.15 -26.88 -18.30
C1A CLA OI . 71.66 -27.51 -19.45
C2A CLA OI . 71.73 -29.03 -19.26
C3A CLA OI . 71.36 -29.22 -17.76
C4A CLA OI . 70.89 -27.83 -17.35
CMA CLA OI . 70.29 -30.26 -17.57
NB CLA OI . 70.13 -25.16 -16.14
C1B CLA OI . 69.81 -26.39 -15.65
C2B CLA OI . 68.85 -26.25 -14.51
C3B CLA OI . 68.63 -24.90 -14.35
C4B CLA OI . 69.44 -24.20 -15.37
CMB CLA OI . 68.32 -27.39 -13.77
CAB CLA OI . 67.79 -24.20 -13.40
CBB CLA OI . 66.74 -23.45 -13.73
NC CLA OI . 70.60 -22.78 -17.79
C1C CLA OI . 70.06 -22.18 -16.69
C2C CLA OI . 70.08 -20.73 -16.84
C3C CLA OI . 70.58 -20.47 -18.12
C4C CLA OI . 70.91 -21.77 -18.70
CMC CLA OI . 69.61 -19.79 -15.82
CAC CLA OI . 70.83 -19.16 -18.75
CBC CLA OI . 69.62 -18.30 -18.94
ND CLA OI . 71.55 -24.42 -19.84
C1D CLA OI . 71.74 -23.21 -20.54
C2D CLA OI . 72.29 -23.50 -21.89
C3D CLA OI . 72.41 -24.89 -21.96
C4D CLA OI . 71.95 -25.41 -20.65
CMD CLA OI . 72.60 -22.50 -22.90
CAD CLA OI . 72.82 -26.02 -22.76
OBD CLA OI . 73.27 -26.06 -23.90
CBD CLA OI . 72.58 -27.30 -21.89
CGD CLA OI . 71.63 -28.26 -22.56
O1D CLA OI . 70.40 -28.18 -22.62
O2D CLA OI . 72.23 -29.33 -23.14
CED CLA OI . 72.02 -30.62 -22.54
MG CHL PI . 66.79 -14.91 -14.45
CHA CHL PI . 66.21 -11.40 -14.55
CHB CHL PI . 68.58 -14.37 -11.57
CHC CHL PI . 66.94 -18.41 -14.00
CHD CHL PI . 65.66 -15.35 -17.78
NA CHL PI . 67.11 -13.35 -13.25
C1A CHL PI . 66.73 -12.13 -13.35
C2A CHL PI . 66.79 -11.33 -12.09
C3A CHL PI . 67.57 -12.24 -11.19
C4A CHL PI . 67.79 -13.43 -12.08
CMA CHL PI . 68.90 -11.65 -10.76
CAA CHL PI . 65.39 -11.04 -11.56
CBA CHL PI . 64.48 -12.26 -11.68
CGA CHL PI . 63.51 -12.29 -10.52
O1A CHL PI . 62.88 -11.28 -10.23
O2A CHL PI . 63.31 -13.51 -9.76
NB CHL PI . 67.60 -16.15 -13.04
C1B CHL PI . 68.28 -15.74 -11.98
C2B CHL PI . 68.75 -16.88 -11.14
C3B CHL PI . 68.27 -18.08 -11.86
C4B CHL PI . 67.56 -17.50 -13.04
CMB CHL PI . 69.54 -16.83 -9.86
CAB CHL PI . 68.60 -19.38 -11.24
CBB CHL PI . 67.91 -20.47 -11.52
NC CHL PI . 66.38 -16.53 -15.65
C1C CHL PI . 66.51 -17.83 -15.28
C2C CHL PI . 66.14 -18.76 -16.38
C3C CHL PI . 65.77 -17.86 -17.48
C4C CHL PI . 65.96 -16.50 -16.92
CMC CHL PI . 66.05 -20.22 -16.65
OMC CHL PI . 66.41 -21.02 -15.81
CAC CHL PI . 65.29 -18.23 -18.86
CBC CHL PI . 66.32 -17.93 -19.93
ND CHL PI . 66.07 -13.72 -15.94
C1D CHL PI . 65.66 -14.00 -17.19
C2D CHL PI . 65.26 -12.71 -17.77
C3D CHL PI . 65.46 -11.67 -16.74
C4D CHL PI . 65.97 -12.37 -15.63
CMD CHL PI . 64.72 -12.25 -19.10
CAD CHL PI . 65.34 -10.22 -16.43
OBD CHL PI . 64.91 -9.38 -17.31
CBD CHL PI . 65.82 -10.07 -15.05
CGD CHL PI . 67.01 -9.15 -15.04
O1D CHL PI . 68.12 -9.58 -15.29
O2D CHL PI . 66.83 -7.74 -14.73
CED CHL PI . 67.94 -6.97 -14.27
MG CLA QI . 70.02 -38.67 -8.28
CHA CLA QI . 70.80 -35.67 -6.72
CHB CLA QI . 71.60 -37.62 -11.10
CHC CLA QI . 69.42 -41.75 -9.69
CHD CLA QI . 68.34 -39.70 -5.34
NA CLA QI . 71.02 -36.91 -8.81
C1A CLA QI . 71.25 -35.79 -8.02
C2A CLA QI . 72.01 -34.73 -8.80
C3A CLA QI . 72.06 -35.29 -10.23
C4A CLA QI . 71.54 -36.72 -10.06
CMA CLA QI . 71.21 -34.50 -11.19
CAA CLA QI . 73.41 -34.56 -8.21
CBA CLA QI . 74.49 -35.20 -9.06
CGA CLA QI . 74.59 -36.68 -8.81
O1A CLA QI . 74.16 -37.35 -7.87
O2A CLA QI . 75.25 -37.33 -9.83
NB CLA QI . 70.39 -39.51 -10.07
C1B CLA QI . 71.14 -38.95 -11.06
C2B CLA QI . 71.40 -39.96 -12.13
C3B CLA QI . 70.78 -41.12 -11.74
C4B CLA QI . 70.14 -40.86 -10.42
CMB CLA QI . 72.17 -39.66 -13.34
CAB CLA QI . 70.73 -42.40 -12.40
CBB CLA QI . 71.31 -43.52 -11.94
NC CLA QI . 69.04 -40.40 -7.63
C1C CLA QI . 68.90 -41.54 -8.38
C2C CLA QI . 68.15 -42.54 -7.62
C3C CLA QI . 67.86 -41.97 -6.39
C4C CLA QI . 68.41 -40.62 -6.40
CMC CLA QI . 67.82 -43.88 -8.12
CAC CLA QI . 67.13 -42.59 -5.28
CBC CLA QI . 68.04 -43.06 -4.17
ND CLA QI . 69.62 -37.92 -6.45
C1D CLA QI . 68.89 -38.44 -5.35
C2D CLA QI . 68.86 -37.43 -4.26
C3D CLA QI . 69.62 -36.35 -4.72
C4D CLA QI . 70.05 -36.71 -6.10
CMD CLA QI . 68.19 -37.60 -2.98
CAD CLA QI . 70.14 -35.03 -4.44
OBD CLA QI . 70.04 -34.36 -3.42
CBD CLA QI . 70.89 -34.53 -5.72
CGD CLA QI . 70.32 -33.25 -6.24
O1D CLA QI . 69.15 -32.89 -6.26
O2D CLA QI . 71.27 -32.40 -6.74
MG CLA RI . 61.67 -27.97 -5.79
CHA CLA RI . 62.53 -28.50 -2.47
CHB CLA RI . 59.15 -30.24 -5.49
CHC CLA RI . 60.73 -27.26 -9.02
CHD CLA RI . 64.29 -25.60 -6.04
NA CLA RI . 61.00 -29.19 -4.23
C1A CLA RI . 61.48 -29.24 -2.92
C2A CLA RI . 60.68 -30.27 -2.10
C3A CLA RI . 59.75 -30.93 -3.14
C4A CLA RI . 59.96 -30.06 -4.38
CMA CLA RI . 60.14 -32.36 -3.39
CAA CLA RI . 59.87 -29.58 -1.02
NB CLA RI . 60.22 -28.64 -7.03
C1B CLA RI . 59.25 -29.53 -6.70
C2B CLA RI . 58.29 -29.66 -7.83
C3B CLA RI . 58.73 -28.82 -8.82
C4B CLA RI . 59.97 -28.17 -8.33
CMB CLA RI . 57.13 -30.55 -7.78
CAB CLA RI . 58.16 -28.57 -10.12
NC CLA RI . 62.41 -26.69 -7.27
C1C CLA RI . 61.87 -26.57 -8.52
C2C CLA RI . 62.62 -25.59 -9.30
C3C CLA RI . 63.61 -25.09 -8.45
C4C CLA RI . 63.47 -25.80 -7.18
CMC CLA RI . 62.32 -25.22 -10.68
CAC CLA RI . 64.62 -24.06 -8.78
CBC CLA RI . 66.02 -24.58 -8.93
ND CLA RI . 63.14 -27.24 -4.61
C1D CLA RI . 64.15 -26.26 -4.85
C2D CLA RI . 64.95 -26.09 -3.61
C3D CLA RI . 64.36 -26.91 -2.66
C4D CLA RI . 63.23 -27.59 -3.34
CMD CLA RI . 66.10 -25.21 -3.47
CAD CLA RI . 64.41 -27.42 -1.29
OBD CLA RI . 65.20 -27.16 -0.40
CBD CLA RI . 63.22 -28.41 -1.12
CGD CLA RI . 63.69 -29.76 -0.64
O1D CLA RI . 64.70 -30.37 -1.01
O2D CLA RI . 62.90 -30.33 0.30
CED CLA RI . 62.98 -29.81 1.63
MG CLA SI . 78.62 -35.58 -1.35
CHA CLA SI . 77.56 -38.85 -0.81
CHB CLA SI . 81.14 -36.05 0.89
CHC CLA SI . 79.82 -32.46 -2.14
CHD CLA SI . 75.94 -35.13 -3.60
NA CLA SI . 79.21 -37.18 -0.14
C1A CLA SI . 78.65 -38.47 -0.08
C2A CLA SI . 79.38 -39.33 0.93
C3A CLA SI . 80.32 -38.33 1.64
C4A CLA SI . 80.25 -37.10 0.73
CMA CLA SI . 79.81 -38.01 3.03
CAA CLA SI . 80.19 -40.41 0.24
CBA CLA SI . 80.80 -39.96 -1.06
CGA CLA SI . 82.12 -39.27 -0.84
O1A CLA SI . 83.10 -39.66 -0.21
O2A CLA SI . 82.19 -38.05 -1.45
NB CLA SI . 80.15 -34.45 -0.70
C1B CLA SI . 81.14 -34.87 0.12
C2B CLA SI . 82.26 -33.89 0.13
C3B CLA SI . 81.90 -32.87 -0.73
C4B CLA SI . 80.54 -33.21 -1.26
CMB CLA SI . 83.47 -34.06 0.92
CAB CLA SI . 82.60 -31.67 -1.11
CBB CLA SI . 83.21 -30.83 -0.27
NC CLA SI . 77.96 -34.05 -2.60
C1C CLA SI . 78.60 -32.87 -2.76
C2C CLA SI . 77.86 -32.04 -3.71
C3C CLA SI . 76.77 -32.79 -4.14
C4C CLA SI . 76.84 -34.06 -3.44
CMC CLA SI . 78.24 -30.68 -4.11
CAC CLA SI . 75.73 -32.40 -5.10
ND CLA SI . 77.08 -36.67 -2.06
C1D CLA SI . 76.03 -36.35 -2.96
C2D CLA SI . 75.14 -37.51 -3.09
C3D CLA SI . 75.69 -38.52 -2.32
C4D CLA SI . 76.89 -37.93 -1.68
CMD CLA SI . 73.93 -37.53 -3.92
CAD CLA SI . 75.56 -39.88 -1.82
OBD CLA SI . 74.70 -40.72 -2.07
CBD CLA SI . 76.76 -40.13 -0.85
CGD CLA SI . 76.32 -40.58 0.51
O1D CLA SI . 75.62 -39.96 1.32
O2D CLA SI . 76.73 -41.83 0.84
MG CLA TI . 88.99 -24.81 9.76
CHA CLA TI . 88.38 -28.15 8.99
CHB CLA TI . 90.99 -25.78 12.34
CHC CLA TI . 89.61 -21.51 10.43
CHD CLA TI . 86.88 -23.86 7.07
NA CLA TI . 89.57 -26.67 10.52
C1A CLA TI . 89.22 -27.95 10.05
C2A CLA TI . 89.86 -29.05 10.90
C3A CLA TI . 90.64 -28.26 11.99
C4A CLA TI . 90.41 -26.80 11.60
CMA CLA TI . 90.12 -28.57 13.37
CAA CLA TI . 90.83 -29.88 10.07
NB CLA TI . 90.11 -23.84 11.11
C1B CLA TI . 90.85 -24.41 12.09
C2B CLA TI . 91.48 -23.34 12.93
C3B CLA TI . 91.10 -22.13 12.40
C4B CLA TI . 90.21 -22.43 11.23
CMB CLA TI . 92.34 -23.64 14.08
CAB CLA TI . 91.41 -20.80 12.81
NC CLA TI . 88.35 -23.02 8.92
C1C CLA TI . 88.73 -21.78 9.35
C2C CLA TI . 88.11 -20.75 8.52
C3C CLA TI . 87.33 -21.41 7.58
C4C CLA TI . 87.49 -22.84 7.82
CMC CLA TI . 88.29 -19.31 8.70
CAC CLA TI . 86.51 -20.80 6.52
ND CLA TI . 87.83 -25.72 8.37
C1D CLA TI . 87.04 -25.21 7.31
C2D CLA TI . 86.44 -26.35 6.57
C3D CLA TI . 86.92 -27.49 7.17
C4D CLA TI . 87.79 -27.05 8.27
CMD CLA TI . 85.54 -26.21 5.42
CAD CLA TI . 86.91 -28.94 7.18
OBD CLA TI . 86.30 -29.72 6.45
CBD CLA TI . 87.87 -29.40 8.32
CGD CLA TI . 87.19 -30.31 9.31
O1D CLA TI . 86.87 -30.04 10.48
O2D CLA TI . 86.89 -31.55 8.84
MG CLA UI . 87.44 -27.03 0.59
CHA CLA UI . 88.45 -29.68 2.58
CHB CLA UI . 86.44 -29.21 -1.82
CHC CLA UI . 86.63 -24.35 -1.42
CHD CLA UI . 88.57 -24.78 3.08
NA CLA UI . 87.41 -29.11 0.46
C1A CLA UI . 87.88 -30.05 1.38
C2A CLA UI . 87.68 -31.48 0.87
C3A CLA UI . 86.93 -31.27 -0.47
C4A CLA UI . 86.92 -29.76 -0.64
CMA CLA UI . 87.62 -31.94 -1.62
CAA CLA UI . 86.86 -32.32 1.83
CBA CLA UI . 86.92 -33.80 1.50
CGA CLA UI . 88.23 -34.19 0.88
O1A CLA UI . 89.38 -33.96 1.29
O2A CLA UI . 88.08 -34.89 -0.28
NB CLA UI . 86.62 -26.82 -1.24
C1B CLA UI . 86.38 -27.84 -2.11
C2B CLA UI . 86.05 -27.30 -3.46
C3B CLA UI . 86.10 -25.92 -3.36
C4B CLA UI . 86.46 -25.61 -1.94
CMB CLA UI . 85.76 -28.17 -4.60
CAB CLA UI . 85.88 -24.89 -4.34
CBB CLA UI . 86.13 -24.97 -5.65
NC CLA UI . 87.53 -24.95 0.82
C1C CLA UI . 87.12 -24.05 -0.13
C2C CLA UI . 87.32 -22.69 0.38
C3C CLA UI . 87.89 -22.81 1.63
C4C CLA UI . 88.03 -24.23 1.91
CMC CLA UI . 86.99 -21.47 -0.36
CAC CLA UI . 88.29 -21.71 2.54
CBC CLA UI . 89.63 -21.12 2.17
ND CLA UI . 88.28 -27.13 2.42
C1D CLA UI . 88.71 -26.12 3.33
C2D CLA UI . 89.30 -26.78 4.52
C3D CLA UI . 89.23 -28.14 4.29
C4D CLA UI . 88.59 -28.30 2.97
CMD CLA UI . 89.86 -26.07 5.67
CAD CLA UI . 89.51 -29.47 4.81
OBD CLA UI . 90.02 -29.79 5.87
CBD CLA UI . 89.05 -30.49 3.72
CGD CLA UI . 90.19 -31.36 3.25
O1D CLA UI . 90.62 -31.49 2.10
O2D CLA UI . 90.79 -32.06 4.26
CED CLA UI . 91.04 -33.45 4.04
MG CLA VI . 81.43 -9.40 -0.35
CHA CLA VI . 82.29 -6.38 -1.86
CHB CLA VI . 84.61 -10.51 -0.77
CHC CLA VI . 80.55 -12.32 1.23
CHD CLA VI . 78.12 -8.18 0.08
NA CLA VI . 83.15 -8.56 -1.20
C1A CLA VI . 83.30 -7.29 -1.77
C2A CLA VI . 84.74 -7.09 -2.26
C3A CLA VI . 85.44 -8.42 -1.92
C4A CLA VI . 84.34 -9.24 -1.24
CMA CLA VI . 86.02 -9.09 -3.15
CAA CLA VI . 85.42 -5.94 -1.53
CBA CLA VI . 86.08 -6.38 -0.24
CGA CLA VI . 85.05 -6.67 0.81
O1A CLA VI . 84.02 -6.03 1.08
O2A CLA VI . 85.34 -7.79 1.55
NB CLA VI . 82.38 -11.10 0.11
C1B CLA VI . 83.70 -11.36 -0.13
C2B CLA VI . 84.05 -12.70 0.41
C3B CLA VI . 82.91 -13.22 0.98
C4B CLA VI . 81.83 -12.21 0.80
CMB CLA VI . 85.39 -13.28 0.33
CAB CLA VI . 82.72 -14.48 1.66
CBB CLA VI . 81.75 -15.37 1.42
NC CLA VI . 79.66 -10.11 0.49
C1C CLA VI . 79.52 -11.33 1.09
C2C CLA VI . 78.16 -11.51 1.59
C3C CLA VI . 77.47 -10.34 1.26
C4C CLA VI . 78.42 -9.46 0.56
CMC CLA VI . 77.67 -12.68 2.30
CAC CLA VI . 76.06 -10.03 1.54
CBC CLA VI . 75.90 -9.12 2.74
ND CLA VI . 80.40 -7.70 -0.75
C1D CLA VI . 79.03 -7.34 -0.54
C2D CLA VI . 78.81 -5.98 -1.05
C3D CLA VI . 80.03 -5.55 -1.56
C4D CLA VI . 80.97 -6.67 -1.36
CMD CLA VI . 77.54 -5.25 -0.99
CAD CLA VI . 80.76 -4.47 -2.19
OBD CLA VI . 80.38 -3.34 -2.49
CBD CLA VI . 82.21 -4.98 -2.43
CGD CLA VI . 82.56 -4.97 -3.89
O1D CLA VI . 82.75 -5.94 -4.62
O2D CLA VI . 82.68 -3.72 -4.42
CED CLA VI . 83.92 -3.36 -5.04
MG CLA WI . 90.82 -8.19 2.15
CHA CLA WI . 88.51 -6.94 4.42
CHB CLA WI . 92.92 -5.60 2.86
CHC CLA WI . 93.12 -9.53 -0.03
CHD CLA WI . 88.62 -10.87 1.45
NA CLA WI . 90.69 -6.54 3.43
C1A CLA WI . 89.65 -6.19 4.30
C2A CLA WI . 89.97 -4.91 5.05
C3A CLA WI . 91.33 -4.46 4.46
C4A CLA WI . 91.70 -5.61 3.52
CMA CLA WI . 91.22 -3.15 3.73
CAA CLA WI . 90.10 -5.16 6.54
NB CLA WI . 92.65 -7.64 1.49
C1B CLA WI . 93.36 -6.59 1.97
C2B CLA WI . 94.74 -6.62 1.39
C3B CLA WI . 94.81 -7.72 0.58
C4B CLA WI . 93.48 -8.39 0.63
CMB CLA WI . 95.77 -5.62 1.70
CAB CLA WI . 95.90 -8.22 -0.22
NC CLA WI . 90.85 -9.89 0.92
C1C CLA WI . 91.88 -10.23 0.10
C2C CLA WI . 91.56 -11.44 -0.62
C3C CLA WI . 90.29 -11.85 -0.19
C4C CLA WI . 89.85 -10.85 0.78
CMC CLA WI . 92.44 -12.12 -1.58
CAC CLA WI . 89.54 -13.03 -0.63
ND CLA WI . 89.01 -8.83 2.76
C1D CLA WI . 88.20 -9.94 2.38
C2D CLA WI . 86.93 -9.91 3.14
C3D CLA WI . 87.00 -8.78 3.94
C4D CLA WI . 88.31 -8.14 3.67
CMD CLA WI . 85.87 -10.89 3.03
CAD CLA WI . 86.34 -7.97 4.95
OBD CLA WI . 85.25 -8.16 5.49
CBD CLA WI . 87.25 -6.76 5.25
CGD CLA WI . 86.57 -5.46 4.94
O1D CLA WI . 86.81 -4.34 5.41
O2D CLA WI . 85.56 -5.58 4.03
MG CLA XI . 73.91 3.37 5.21
CHA CLA XI . 72.12 3.96 2.29
CHB CLA XI . 72.90 0.12 5.19
CHC CLA XI . 75.74 2.84 8.08
CHD CLA XI . 74.91 6.77 5.22
NA CLA XI . 72.70 2.25 3.93
C1A CLA XI . 72.04 2.68 2.77
C2A CLA XI . 71.26 1.52 2.12
C3A CLA XI . 71.47 0.35 3.11
C4A CLA XI . 72.43 0.92 4.15
CMA CLA XI . 70.18 -0.11 3.73
CAA CLA XI . 71.83 1.17 0.76
CBA CLA XI . 71.30 -0.15 0.25
CGA CLA XI . 70.03 0.07 -0.52
O1A CLA XI . 69.85 0.72 -1.55
O2A CLA XI . 68.96 -0.57 0.04
NB CLA XI . 74.24 1.79 6.42
C1B CLA XI . 73.77 0.52 6.21
C2B CLA XI . 74.31 -0.38 7.25
C3B CLA XI . 75.12 0.37 8.07
C4B CLA XI . 75.07 1.77 7.56
CMB CLA XI . 74.00 -1.81 7.32
CAB CLA XI . 75.88 -0.01 9.23
NC CLA XI . 75.10 4.59 6.43
C1C CLA XI . 75.74 4.17 7.56
C2C CLA XI . 76.47 5.28 8.15
C3C CLA XI . 76.25 6.39 7.34
C4C CLA XI . 75.38 5.94 6.26
CMC CLA XI . 77.28 5.18 9.38
CAC CLA XI . 76.77 7.75 7.54
ND CLA XI . 73.64 5.01 4.06
C1D CLA XI . 74.11 6.35 4.18
C2D CLA XI . 73.58 7.15 3.06
C3D CLA XI . 72.82 6.28 2.30
C4D CLA XI . 72.89 4.97 2.97
CMD CLA XI . 73.86 8.57 2.83
CAD CLA XI . 71.99 6.12 1.12
OBD CLA XI . 71.70 6.95 0.26
CBD CLA XI . 71.50 4.64 1.09
CGD CLA XI . 70.00 4.56 1.10
O1D CLA XI . 69.22 4.88 2.01
O2D CLA XI . 69.48 4.08 -0.06
CED CLA XI . 68.70 4.98 -0.86
C1 LUT YI . 85.46 -14.14 -3.98
C2 LUT YI . 84.90 -12.96 -4.79
C3 LUT YI . 84.09 -12.00 -3.95
C4 LUT YI . 82.91 -12.74 -3.33
C5 LUT YI . 83.24 -14.11 -2.81
C6 LUT YI . 84.40 -14.74 -3.08
C7 LUT YI . 84.67 -16.03 -2.48
C8 LUT YI . 84.34 -17.26 -3.00
C9 LUT YI . 84.47 -18.51 -2.41
C10 LUT YI . 84.35 -19.69 -3.19
C11 LUT YI . 84.10 -21.01 -2.85
C12 LUT YI . 83.75 -21.67 -1.68
C13 LUT YI . 83.39 -23.02 -1.51
C14 LUT YI . 83.15 -23.89 -2.58
C15 LUT YI . 82.87 -25.25 -2.54
C16 LUT YI . 86.63 -13.64 -3.13
C17 LUT YI . 86.01 -15.18 -4.96
C18 LUT YI . 82.14 -14.72 -1.99
C19 LUT YI . 84.78 -18.65 -0.96
C20 LUT YI . 83.27 -23.55 -0.14
O3 LUT YI . 83.63 -10.92 -4.73
C21 LUT YI . 82.57 -37.95 -6.78
C22 LUT YI . 82.11 -39.41 -6.89
C23 LUT YI . 81.92 -40.07 -5.53
C24 LUT YI . 80.96 -39.27 -4.71
C25 LUT YI . 80.84 -37.96 -4.86
C26 LUT YI . 81.95 -37.20 -5.56
C27 LUT YI . 81.53 -35.80 -5.88
C28 LUT YI . 81.93 -34.67 -5.28
C29 LUT YI . 81.61 -33.35 -5.66
C30 LUT YI . 81.98 -32.25 -4.86
C31 LUT YI . 81.86 -30.89 -5.12
C32 LUT YI . 82.16 -29.87 -4.25
C33 LUT YI . 82.20 -28.48 -4.47
C34 LUT YI . 82.46 -27.54 -3.46
C35 LUT YI . 82.62 -26.18 -3.55
C36 LUT YI . 82.19 -37.22 -8.08
C37 LUT YI . 84.10 -37.92 -6.67
C38 LUT YI . 79.67 -37.16 -4.34
C39 LUT YI . 80.88 -33.06 -6.91
C40 LUT YI . 81.95 -27.98 -5.85
O23 LUT YI . 83.17 -40.22 -4.83
C1 XAT ZI . 73.72 -18.88 -11.43
C2 XAT ZI . 74.26 -18.40 -12.79
C3 XAT ZI . 73.29 -18.55 -13.95
C4 XAT ZI . 72.92 -20.01 -14.14
C5 XAT ZI . 72.40 -20.62 -12.88
C6 XAT ZI . 72.79 -20.10 -11.56
C7 XAT ZI . 71.85 -20.36 -10.41
C8 XAT ZI . 72.19 -20.78 -9.18
C9 XAT ZI . 71.29 -20.99 -8.12
C10 XAT ZI . 71.75 -21.16 -6.80
C11 XAT ZI . 71.02 -21.31 -5.63
C12 XAT ZI . 71.50 -21.00 -4.37
C13 XAT ZI . 70.85 -21.15 -3.13
C14 XAT ZI . 71.23 -20.44 -1.98
C15 XAT ZI . 70.63 -20.43 -0.73
C16 XAT ZI . 74.94 -19.19 -10.57
C17 XAT ZI . 72.96 -17.71 -10.79
C18 XAT ZI . 71.12 -21.40 -13.01
C19 XAT ZI . 69.82 -21.01 -8.34
C20 XAT ZI . 69.76 -22.14 -3.00
O3 XAT ZI . 72.11 -17.77 -13.73
O4 XAT ZI . 73.43 -21.28 -12.09
C21 XAT ZI . 68.34 -18.27 12.20
C22 XAT ZI . 67.98 -18.66 13.64
C23 XAT ZI . 67.35 -20.03 13.77
C24 XAT ZI . 68.33 -21.11 13.34
C25 XAT ZI . 68.85 -20.84 11.95
C26 XAT ZI . 68.82 -19.47 11.39
C27 XAT ZI . 69.74 -19.13 10.24
C28 XAT ZI . 69.45 -19.35 8.96
C29 XAT ZI . 70.25 -18.98 7.87
C30 XAT ZI . 69.89 -19.28 6.55
C31 XAT ZI . 70.58 -19.02 5.39
C32 XAT ZI . 70.22 -19.46 4.12
C33 XAT ZI . 70.90 -19.30 2.90
C34 XAT ZI . 70.43 -19.85 1.70
C35 XAT ZI . 70.99 -19.78 0.44
C36 XAT ZI . 69.41 -17.18 12.30
C37 XAT ZI . 67.07 -17.68 11.56
C38 XAT ZI . 69.79 -21.87 11.40
C39 XAT ZI . 71.53 -18.26 8.08
C40 XAT ZI . 72.16 -18.53 2.89
O23 XAT ZI . 66.97 -20.27 15.12
O24 XAT ZI . 67.79 -20.43 11.03
O1 LHG AJ . 88.49 -24.54 17.50
C1 LHG AJ . 87.39 -24.71 16.61
C2 LHG AJ . 87.54 -25.95 15.76
O2 LHG AJ . 88.73 -25.87 14.97
C3 LHG AJ . 86.35 -26.22 14.87
O3 LHG AJ . 85.99 -25.07 14.06
P LHG AJ . 86.93 -24.61 12.84
O4 LHG AJ . 88.22 -24.08 13.39
O5 LHG AJ . 86.94 -25.72 11.83
O6 LHG AJ . 86.13 -23.37 12.19
C4 LHG AJ . 85.32 -23.59 11.01
C5 LHG AJ . 84.86 -22.26 10.44
C6 LHG AJ . 83.98 -22.42 9.22
O7 LHG AJ . 84.13 -21.51 11.44
C7 LHG AJ . 83.99 -20.18 11.25
O9 LHG AJ . 84.56 -19.59 10.37
C8 LHG AJ . 83.05 -19.53 12.22
C9 LHG AJ . 83.17 -18.04 12.24
C10 LHG AJ . 82.25 -17.38 13.26
O8 LHG AJ . 83.12 -23.57 9.41
C23 LHG AJ . 81.93 -23.55 8.80
O10 LHG AJ . 81.14 -24.44 8.91
C24 LHG AJ . 81.72 -22.31 7.97
C11 LHG AJ . 80.80 -17.36 12.87
C12 LHG AJ . 80.50 -16.54 11.63
C25 LHG AJ . 80.55 -21.48 8.40
C26 LHG AJ . 80.42 -20.20 7.60
C27 LHG AJ . 81.61 -19.28 7.72
MG CHL BJ . 54.00 46.30 74.59
CHA CHL BJ . 51.50 48.31 76.12
CHB CHL BJ . 51.82 45.79 72.00
CHC CHL BJ . 56.69 44.93 72.74
CHD CHL BJ . 55.95 46.17 77.56
NA CHL BJ . 52.21 47.02 74.09
C1A CHL BJ . 51.45 47.86 74.70
C2A CHL BJ . 50.32 48.42 73.88
C3A CHL BJ . 50.38 47.57 72.65
C4A CHL BJ . 51.57 46.70 72.94
CMA CHL BJ . 49.13 46.73 72.49
CAA CHL BJ . 50.54 49.89 73.55
CBA CHL BJ . 51.59 50.09 72.46
CGA CHL BJ . 50.92 50.68 71.24
O1A CHL BJ . 50.38 51.78 71.28
O2A CHL BJ . 50.90 49.93 69.99
NB CHL BJ . 54.21 45.52 72.72
C1B CHL BJ . 53.22 45.40 71.83
C2B CHL BJ . 53.69 44.79 70.55
C3B CHL BJ . 55.13 44.54 70.77
C4B CHL BJ . 55.34 45.04 72.17
CMB CHL BJ . 52.88 44.50 69.31
CAB CHL BJ . 55.87 43.93 69.65
CBB CHL BJ . 57.15 44.17 69.49
NC CHL BJ . 55.90 45.68 75.05
C1C CHL BJ . 56.80 45.18 74.18
C2C CHL BJ . 58.10 44.83 74.83
C3C CHL BJ . 57.87 45.19 76.25
C4C CHL BJ . 56.49 45.70 76.27
CMC CHL BJ . 59.43 44.27 74.50
CAC CHL BJ . 58.83 45.07 77.40
ND CHL BJ . 53.87 47.03 76.49
C1D CHL BJ . 54.68 46.92 77.54
C2D CHL BJ . 54.03 47.69 78.63
C3D CHL BJ . 52.78 48.25 78.08
C4D CHL BJ . 52.74 47.81 76.75
CMD CHL BJ . 54.34 48.01 80.06
CAD CHL BJ . 51.58 49.07 78.38
OBD CHL BJ . 51.41 49.58 79.56
CBD CHL BJ . 50.79 49.10 77.15
CGD CHL BJ . 49.49 48.42 77.49
O1D CHL BJ . 49.24 48.13 78.65
O2D CHL BJ . 48.50 48.11 76.48
CED CHL BJ . 47.48 47.17 76.81
MG CHL CJ . 59.45 37.43 65.43
CHA CHL CJ . 58.41 35.64 68.31
CHB CHL CJ . 59.86 34.39 63.85
CHC CHL CJ . 60.65 39.15 62.54
CHD CHL CJ . 58.96 40.58 67.06
NA CHL CJ . 59.24 35.52 65.94
C1A CHL CJ . 58.84 34.97 67.05
C2A CHL CJ . 58.85 33.48 67.08
C3A CHL CJ . 59.54 33.16 65.80
C4A CHL CJ . 59.55 34.48 65.13
CMA CHL CJ . 60.97 32.69 66.03
CAA CHL CJ . 57.46 32.84 67.12
CBA CHL CJ . 56.53 33.44 66.07
CGA CHL CJ . 56.40 32.53 64.87
O1A CHL CJ . 55.94 31.40 64.98
O2A CHL CJ . 56.83 32.98 63.56
NB CHL CJ . 60.12 36.87 63.57
C1B CHL CJ . 60.20 35.61 63.14
C2B CHL CJ . 60.72 35.53 61.76
C3B CHL CJ . 60.96 36.92 61.37
C4B CHL CJ . 60.54 37.69 62.58
CMB CHL CJ . 60.96 34.29 60.93
CAB CHL CJ . 61.49 37.10 60.00
CBB CHL CJ . 60.99 38.04 59.22
NC CHL CJ . 59.73 39.42 64.92
C1C CHL CJ . 60.22 39.88 63.75
C2C CHL CJ . 60.30 41.36 63.71
C3C CHL CJ . 59.80 41.78 65.03
C4C CHL CJ . 59.49 40.49 65.69
CMC CHL CJ . 60.71 42.46 62.80
OMC CHL CJ . 61.48 42.24 61.89
CAC CHL CJ . 59.65 43.17 65.59
CBC CHL CJ . 58.29 43.70 65.21
ND CHL CJ . 58.83 38.09 67.26
C1D CHL CJ . 58.69 39.32 67.75
C2D CHL CJ . 58.21 39.14 69.12
C3D CHL CJ . 58.09 37.69 69.38
C4D CHL CJ . 58.49 37.10 68.17
CMD CHL CJ . 57.86 40.09 70.23
CAD CHL CJ . 57.72 36.64 70.36
OBD CHL CJ . 57.32 36.94 71.54
CBD CHL CJ . 57.94 35.35 69.69
CGD CHL CJ . 59.01 34.60 70.42
O1D CHL CJ . 60.18 34.93 70.30
O2D CHL CJ . 58.68 33.49 71.28
CED CHL CJ . 59.70 32.56 71.65
C1 CHL CJ . 55.96 32.92 62.43
C2 CHL CJ . 56.03 34.21 61.66
C3 CHL CJ . 56.81 34.33 60.57
C4 CHL CJ . 57.61 33.16 60.10
C5 CHL CJ . 56.88 35.64 59.82
C6 CHL CJ . 55.89 35.61 58.65
C7 CHL CJ . 55.69 37.01 58.09
MG CLA DJ . 63.43 36.63 54.09
CHA CLA DJ . 62.78 33.23 54.24
CHB CLA DJ . 60.67 37.25 55.96
CHC CLA DJ . 64.00 40.01 53.72
CHD CLA DJ . 66.19 35.98 51.97
NA CLA DJ . 62.01 35.41 55.00
C1A CLA DJ . 61.90 34.01 54.95
C2A CLA DJ . 60.71 33.53 55.77
C3A CLA DJ . 60.15 34.82 56.40
C4A CLA DJ . 60.99 35.92 55.77
CMA CLA DJ . 58.68 35.00 56.11
CAA CLA DJ . 61.14 32.60 56.89
CBA CLA DJ . 59.97 31.94 57.58
CGA CLA DJ . 59.61 30.67 56.89
O1A CLA DJ . 59.73 29.51 57.31
O2A CLA DJ . 59.12 30.85 55.63
NB CLA DJ . 62.61 38.30 54.86
C1B CLA DJ . 61.35 38.33 55.40
C2B CLA DJ . 60.77 39.70 55.30
C3B CLA DJ . 61.70 40.49 54.67
C4B CLA DJ . 62.87 39.62 54.39
CMB CLA DJ . 59.43 40.03 55.77
CAB CLA DJ . 61.64 41.87 54.31
CBB CLA DJ . 61.67 42.35 53.06
NC CLA DJ . 64.89 37.77 53.10
C1C CLA DJ . 64.95 39.13 53.12
C2C CLA DJ . 66.11 39.61 52.37
C3C CLA DJ . 66.70 38.47 51.81
C4C CLA DJ . 65.93 37.33 52.29
CMC CLA DJ . 66.48 41.02 52.19
CAC CLA DJ . 67.91 38.44 50.98
CBC CLA DJ . 69.17 38.52 51.80
ND CLA DJ . 64.31 35.02 53.24
C1D CLA DJ . 65.45 34.90 52.39
C2D CLA DJ . 65.64 33.47 52.08
C3D CLA DJ . 64.65 32.77 52.76
C4D CLA DJ . 63.86 33.80 53.49
CMD CLA DJ . 66.68 32.95 51.20
CAD CLA DJ . 64.06 31.49 53.06
OBD CLA DJ . 64.39 30.38 52.64
CBD CLA DJ . 62.88 31.73 54.03
CGD CLA DJ . 61.59 31.15 53.52
O1D CLA DJ . 60.57 31.76 53.16
O2D CLA DJ . 61.57 29.79 53.45
CED CLA DJ . 61.83 29.04 54.64
MG CLA EJ . 79.86 47.71 52.33
CHA CLA EJ . 81.31 49.47 49.71
CHB CLA EJ . 77.80 46.14 50.14
CHC CLA EJ . 78.53 45.94 54.96
CHD CLA EJ . 81.99 49.43 54.59
NA CLA EJ . 79.61 47.82 50.26
C1A CLA EJ . 80.30 48.61 49.35
C2A CLA EJ . 79.78 48.39 47.92
C3A CLA EJ . 78.59 47.44 48.12
C4A CLA EJ . 78.65 47.08 49.60
CMA CLA EJ . 77.27 48.08 47.75
CAA CLA EJ . 80.85 47.81 47.01
CBA CLA EJ . 80.83 46.29 46.98
CGA CLA EJ . 82.19 45.80 46.58
O1A CLA EJ . 83.10 46.44 46.05
O2A CLA EJ . 82.38 44.48 46.86
NB CLA EJ . 78.35 46.40 52.53
C1B CLA EJ . 77.78 45.73 51.49
C2B CLA EJ . 77.13 44.47 51.97
C3B CLA EJ . 77.34 44.42 53.33
C4B CLA EJ . 78.11 45.64 53.70
CMB CLA EJ . 76.46 43.54 51.07
CAB CLA EJ . 76.95 43.44 54.31
CBB CLA EJ . 75.79 42.76 54.32
NC CLA EJ . 80.19 47.71 54.40
C1C CLA EJ . 79.51 46.92 55.29
C2C CLA EJ . 79.96 47.20 56.65
C3C CLA EJ . 80.96 48.17 56.54
C4C CLA EJ . 81.09 48.49 55.13
CMC CLA EJ . 79.45 46.55 57.85
CAC CLA EJ . 81.73 48.78 57.64
CBC CLA EJ . 81.01 49.95 58.26
ND CLA EJ . 81.38 49.05 52.24
C1D CLA EJ . 82.14 49.70 53.24
C2D CLA EJ . 83.07 50.66 52.60
C3D CLA EJ . 82.81 50.59 51.24
C4D CLA EJ . 81.72 49.60 51.08
CMD CLA EJ . 84.04 51.48 53.31
CAD CLA EJ . 83.16 51.08 49.93
OBD CLA EJ . 84.06 51.84 49.59
CBD CLA EJ . 82.14 50.44 48.92
CGD CLA EJ . 81.31 51.49 48.23
O1D CLA EJ . 81.07 52.63 48.63
O2D CLA EJ . 80.79 51.10 47.04
CED CLA EJ . 79.56 51.70 46.63
MG CHL FJ . 79.76 41.20 46.47
CHA CHL FJ . 83.21 40.39 46.27
CHB CHL FJ . 79.43 38.52 48.65
CHC CHL FJ . 76.33 42.02 46.89
CHD CHL FJ . 80.09 43.79 44.04
NA CHL FJ . 80.99 39.84 47.28
C1A CHL FJ . 82.27 39.69 47.16
C2A CHL FJ . 82.91 38.70 48.07
C3A CHL FJ . 81.71 37.97 48.59
C4A CHL FJ . 80.60 38.85 48.13
CMA CHL FJ . 81.58 36.58 47.98
CAA CHL FJ . 83.65 39.41 49.19
CBA CHL FJ . 84.62 38.47 49.89
CGA CHL FJ . 85.96 39.15 50.02
O1A CHL FJ . 86.87 38.64 50.65
O2A CHL FJ . 86.19 40.43 49.37
NB CHL FJ . 78.20 40.43 47.56
C1B CHL FJ . 78.28 39.37 48.36
C2B CHL FJ . 76.98 39.05 49.00
C3B CHL FJ . 76.07 40.08 48.49
C4B CHL FJ . 76.94 40.89 47.58
CMB CHL FJ . 76.68 37.94 49.96
CAB CHL FJ . 74.67 39.99 48.99
CBB CHL FJ . 73.84 41.00 48.88
NC CHL FJ . 78.49 42.59 45.65
C1C CHL FJ . 77.18 42.75 45.94
C2C CHL FJ . 76.55 43.85 45.16
C3C CHL FJ . 77.64 44.36 44.34
C4C CHL FJ . 78.80 43.52 44.70
CMC CHL FJ . 75.23 44.52 45.00
OMC CHL FJ . 74.22 43.97 45.39
CAC CHL FJ . 77.59 45.49 43.33
CBC CHL FJ . 77.19 44.97 41.98
ND CHL FJ . 81.25 42.01 45.33
C1D CHL FJ . 81.26 43.00 44.43
C2D CHL FJ . 82.66 43.09 43.96
C3D CHL FJ . 83.45 42.07 44.67
C4D CHL FJ . 82.51 41.43 45.50
CMD CHL FJ . 83.40 43.95 42.97
CAD CHL FJ . 84.79 41.46 44.85
OBD CHL FJ . 85.82 41.87 44.19
CBD CHL FJ . 84.63 40.40 45.86
CGD CHL FJ . 84.98 39.07 45.26
O1D CHL FJ . 84.25 38.55 44.44
O2D CHL FJ . 86.18 38.37 45.67
CED CHL FJ . 86.21 36.94 45.67
MG CHL GJ . 70.44 45.26 43.20
CHA CHL GJ . 69.45 48.14 41.37
CHB CHL GJ . 68.16 46.21 45.63
CHC CHL GJ . 71.42 42.45 45.16
CHD CHL GJ . 72.57 44.16 40.57
NA CHL GJ . 69.22 46.81 43.49
C1A CHL GJ . 68.95 47.83 42.74
C2A CHL GJ . 68.02 48.85 43.32
C3A CHL GJ . 67.81 48.33 44.70
C4A CHL GJ . 68.46 46.99 44.60
CMA CHL GJ . 68.53 49.18 45.74
CAA CHL GJ . 66.71 48.95 42.54
CBA CHL GJ . 66.03 47.59 42.36
CGA CHL GJ . 65.92 47.27 40.89
O1A CHL GJ . 66.91 46.93 40.25
O2A CHL GJ . 64.64 47.36 40.22
NB CHL GJ . 69.90 44.49 45.03
C1B CHL GJ . 68.97 45.02 45.84
C2B CHL GJ . 68.81 44.23 47.08
C3B CHL GJ . 69.76 43.12 46.95
C4B CHL GJ . 70.39 43.39 45.62
CMB CHL GJ . 67.86 44.50 48.23
CAB CHL GJ . 69.79 42.18 48.09
CBB CHL GJ . 70.42 41.02 48.01
NC CHL GJ . 71.71 43.66 42.93
C1C CHL GJ . 71.96 42.67 43.81
C2C CHL GJ . 72.94 41.66 43.31
C3C CHL GJ . 73.27 42.17 41.97
C4C CHL GJ . 72.46 43.41 41.83
CMC CHL GJ . 73.62 40.41 43.72
OMC CHL GJ . 73.36 39.90 44.79
CAC CHL GJ . 74.21 41.56 40.95
CBC CHL GJ . 73.49 40.52 40.15
ND CHL GJ . 70.98 45.91 41.35
C1D CHL GJ . 71.80 45.39 40.43
C2D CHL GJ . 71.77 46.33 39.29
C3D CHL GJ . 70.84 47.42 39.64
C4D CHL GJ . 70.39 47.10 40.93
CMD CHL GJ . 72.43 46.40 37.95
CAD CHL GJ . 70.23 48.70 39.18
OBD CHL GJ . 70.49 49.19 38.03
CBD CHL GJ . 69.35 49.14 40.28
CGD CHL GJ . 69.81 50.48 40.77
O1D CHL GJ . 70.78 50.57 41.51
O2D CHL GJ . 69.12 51.68 40.35
CED CHL GJ . 69.22 52.87 41.14
MG CHL HJ . 78.93 29.33 58.91
CHA CHL HJ . 77.09 32.23 59.79
CHB CHL HJ . 80.21 31.13 56.29
CHC CHL HJ . 81.16 26.65 58.32
CHD CHL HJ . 76.97 27.25 61.05
NA CHL HJ . 78.86 31.23 58.33
C1A CHL HJ . 78.22 32.24 58.83
C2A CHL HJ . 78.62 33.58 58.31
C3A CHL HJ . 79.55 33.22 57.20
C4A CHL HJ . 79.54 31.73 57.27
CMA CHL HJ . 79.01 33.68 55.84
CAA CHL HJ . 79.28 34.45 59.37
CBA CHL HJ . 80.67 33.94 59.75
CGA CHL HJ . 80.97 34.33 61.17
O1A CHL HJ . 80.42 33.77 62.10
O2A CHL HJ . 81.94 35.39 61.44
NB CHL HJ . 80.41 28.96 57.56
C1B CHL HJ . 80.76 29.80 56.58
C2B CHL HJ . 81.87 29.25 55.75
C3B CHL HJ . 82.15 27.94 56.36
C4B CHL HJ . 81.18 27.86 57.48
CMB CHL HJ . 82.55 29.90 54.58
CAB CHL HJ . 83.23 27.14 55.72
CBB CHL HJ . 83.85 26.20 56.39
NC CHL HJ . 79.04 27.37 59.54
C1C CHL HJ . 79.99 26.49 59.19
C2C CHL HJ . 79.80 25.15 59.83
C3C CHL HJ . 78.58 25.33 60.62
C4C CHL HJ . 78.19 26.74 60.38
CMC CHL HJ . 80.43 23.81 59.87
OMC CHL HJ . 81.39 23.57 59.16
CAC CHL HJ . 77.87 24.31 61.49
CBC CHL HJ . 78.58 24.18 62.82
ND CHL HJ . 77.36 29.57 60.19
C1D CHL HJ . 76.69 28.70 60.96
C2D CHL HJ . 75.67 29.50 61.65
C3D CHL HJ . 75.80 30.90 61.20
C4D CHL HJ . 76.87 30.87 60.30
CMD CHL HJ . 74.57 29.22 62.64
CAD CHL HJ . 75.27 32.29 61.33
OBD CHL HJ . 74.29 32.55 62.11
CBD CHL HJ . 76.10 33.11 60.44
CGD CHL HJ . 75.26 33.80 59.42
O1D CHL HJ . 75.05 33.31 58.33
O2D CHL HJ . 74.70 35.11 59.72
CED CHL HJ . 74.99 36.23 58.89
C1 CHL HJ . 82.29 35.70 62.79
C2 CHL HJ . 83.27 36.85 62.81
C3 CHL HJ . 82.89 38.11 62.56
C4 CHL HJ . 81.47 38.44 62.24
C5 CHL HJ . 83.93 39.22 62.60
MG CLA IJ . 69.89 30.92 51.62
CHA CLA IJ . 67.82 30.70 54.39
CHB CLA IJ . 69.61 27.56 51.16
CHC CLA IJ . 71.78 31.22 48.77
CHD CLA IJ . 70.12 34.42 52.12
NA CLA IJ . 68.92 29.40 52.66
C1A CLA IJ . 68.08 29.51 53.79
C2A CLA IJ . 67.56 28.13 54.22
C3A CLA IJ . 68.30 27.15 53.29
C4A CLA IJ . 68.99 28.08 52.28
CMA CLA IJ . 69.29 26.30 54.03
CAA CLA IJ . 66.06 28.03 54.04
CBA CLA IJ . 65.65 26.75 53.33
CGA CLA IJ . 65.18 27.07 51.95
O1A CLA IJ . 64.35 26.46 51.26
O2A CLA IJ . 65.79 28.17 51.41
NB CLA IJ . 70.53 29.65 50.21
C1B CLA IJ . 70.30 28.30 50.19
C2B CLA IJ . 70.95 27.70 48.99
C3B CLA IJ . 71.57 28.73 48.30
C4B CLA IJ . 71.31 29.98 49.08
CMB CLA IJ . 70.91 26.27 48.69
CAB CLA IJ . 72.35 28.71 47.10
CBB CLA IJ . 73.64 28.36 47.05
NC CLA IJ . 70.82 32.52 50.66
C1C CLA IJ . 71.57 32.41 49.52
C2C CLA IJ . 72.08 33.72 49.13
C3C CLA IJ . 71.59 34.64 50.07
C4C CLA IJ . 70.80 33.87 51.02
CMC CLA IJ . 72.92 33.97 47.96
CAC CLA IJ . 71.84 36.09 50.08
CBC CLA IJ . 70.95 36.84 49.12
ND CLA IJ . 69.29 32.27 53.00
C1D CLA IJ . 69.41 33.69 53.06
C2D CLA IJ . 68.63 34.19 54.22
C3D CLA IJ . 68.01 33.09 54.76
C4D CLA IJ . 68.43 31.92 53.96
CMD CLA IJ . 68.55 35.59 54.62
CAD CLA IJ . 67.14 32.59 55.81
OBD CLA IJ . 66.65 33.19 56.76
CBD CLA IJ . 66.93 31.07 55.56
CGD CLA IJ . 67.25 30.26 56.78
O1D CLA IJ . 68.34 29.77 57.10
O2D CLA IJ . 66.19 30.06 57.60
CED CLA IJ . 65.99 28.74 58.13
MG CLA JJ . 76.40 37.49 67.47
CHA CLA JJ . 77.38 34.42 68.77
CHB CLA JJ . 75.94 38.67 70.63
CHC CLA JJ . 75.60 40.57 66.16
CHD CLA JJ . 76.93 36.25 64.21
NA CLA JJ . 76.61 36.65 69.37
C1A CLA JJ . 77.05 35.36 69.70
C2A CLA JJ . 77.06 35.19 71.22
C3A CLA JJ . 76.48 36.50 71.76
C4A CLA JJ . 76.33 37.35 70.51
CMA CLA JJ . 75.15 36.30 72.44
CAA CLA JJ . 78.49 35.04 71.71
CBA CLA JJ . 78.73 35.81 72.98
NB CLA JJ . 75.93 39.29 68.25
C1B CLA JJ . 75.74 39.56 69.56
C2B CLA JJ . 75.25 40.95 69.73
C3B CLA JJ . 75.16 41.50 68.47
C4B CLA JJ . 75.57 40.44 67.51
CMB CLA JJ . 74.94 41.51 71.05
CAB CLA JJ . 74.72 42.81 68.04
CBB CLA JJ . 75.08 43.96 68.60
NC CLA JJ . 76.26 38.24 65.53
C1C CLA JJ . 75.91 39.54 65.23
C2C CLA JJ . 75.94 39.73 63.79
C3C CLA JJ . 76.31 38.51 63.23
C4C CLA JJ . 76.52 37.58 64.33
CMC CLA JJ . 75.61 41.00 63.13
CAC CLA JJ . 76.48 38.21 61.80
CBC CLA JJ . 77.92 38.25 61.35
ND CLA JJ . 76.87 35.74 66.62
C1D CLA JJ . 77.10 35.37 65.26
C2D CLA JJ . 77.54 33.96 65.21
C3D CLA JJ . 77.66 33.54 66.52
C4D CLA JJ . 77.26 34.70 67.36
CMD CLA JJ . 77.81 33.21 63.98
CAD CLA JJ . 77.98 32.44 67.42
OBD CLA JJ . 78.27 31.28 67.14
CBD CLA JJ . 77.90 33.00 68.88
CGD CLA JJ . 77.10 32.11 69.79
O1D CLA JJ . 76.25 32.45 70.63
O2D CLA JJ . 77.35 30.79 69.66
CED CLA JJ . 78.43 30.23 70.40
MG CLA KJ . 65.00 49.21 77.58
CHA CLA KJ . 67.33 46.64 77.33
CHB CLA KJ . 64.81 48.69 80.94
CHC CLA KJ . 62.77 51.81 77.80
CHD CLA KJ . 65.21 49.68 74.07
NA CLA KJ . 65.93 47.87 78.90
C1A CLA KJ . 66.87 46.88 78.59
C2A CLA KJ . 67.28 46.11 79.86
C3A CLA KJ . 66.39 46.73 80.96
C4A CLA KJ . 65.65 47.84 80.24
CMA CLA KJ . 65.46 45.71 81.58
CAA CLA KJ . 68.75 46.33 80.19
CBA CLA KJ . 69.15 47.78 80.00
CGA CLA KJ . 70.62 47.95 80.31
O1A CLA KJ . 71.54 47.18 80.04
O2A CLA KJ . 70.89 49.12 80.96
NB CLA KJ . 63.94 50.04 79.08
C1B CLA KJ . 64.07 49.75 80.39
C2B CLA KJ . 63.29 50.72 81.21
C3B CLA KJ . 62.71 51.61 80.33
C4B CLA KJ . 63.12 51.19 78.96
CMB CLA KJ . 63.23 50.67 82.66
CAB CLA KJ . 61.88 52.76 80.57
CBB CLA KJ . 62.13 53.74 81.43
NC CLA KJ . 64.14 50.50 76.19
C1C CLA KJ . 63.24 51.48 76.49
C2C CLA KJ . 62.84 52.18 75.28
C3C CLA KJ . 63.54 51.59 74.22
C4C CLA KJ . 64.35 50.53 74.80
CMC CLA KJ . 61.89 53.29 75.23
CAC CLA KJ . 63.46 51.95 72.79
CBC CLA KJ . 62.37 51.19 72.07
ND CLA KJ . 66.03 48.43 76.03
C1D CLA KJ . 65.99 48.69 74.63
C2D CLA KJ . 66.93 47.77 73.94
C3D CLA KJ . 67.49 46.99 74.93
C4D CLA KJ . 66.88 47.42 76.20
CMD CLA KJ . 67.18 47.77 72.50
CAD CLA KJ . 68.42 45.91 75.23
OBD CLA KJ . 69.16 45.30 74.48
CBD CLA KJ . 68.31 45.64 76.78
CGD CLA KJ . 67.90 44.23 77.08
MG CLA LJ . 73.21 49.08 70.43
CHA CLA LJ . 73.43 47.22 73.37
CHB CLA LJ . 75.97 47.49 69.22
CHC CLA LJ . 72.95 50.96 67.56
CHD CLA LJ . 70.39 50.75 71.76
NA CLA LJ . 74.47 47.59 71.19
C1A CLA LJ . 74.39 46.94 72.43
C2A CLA LJ . 75.52 45.91 72.58
C3A CLA LJ . 76.29 46.01 71.24
C4A CLA LJ . 75.54 47.10 70.48
CMA CLA LJ . 77.75 46.37 71.44
CAA CLA LJ . 74.95 44.53 72.76
NB CLA LJ . 74.28 49.22 68.74
C1B CLA LJ . 75.36 48.47 68.41
C2B CLA LJ . 75.83 48.81 67.04
C3B CLA LJ . 74.99 49.79 66.56
C4B CLA LJ . 73.98 50.06 67.63
CMB CLA LJ . 76.97 48.16 66.40
CAB CLA LJ . 74.99 50.47 65.29
CBB CLA LJ . 75.09 51.78 65.12
NC CLA LJ . 71.89 50.56 69.78
C1C CLA LJ . 71.96 51.18 68.57
C2C CLA LJ . 70.89 52.15 68.44
C3C CLA LJ . 70.17 52.11 69.63
C4C CLA LJ . 70.80 51.11 70.47
CMC CLA LJ . 70.66 52.99 67.26
CAC CLA LJ . 68.98 52.92 69.99
CBC CLA LJ . 69.34 54.27 70.55
ND CLA LJ . 72.07 48.99 72.10
C1D CLA LJ . 70.97 49.77 72.54
C2D CLA LJ . 70.58 49.32 73.90
C3D CLA LJ . 71.47 48.33 74.26
C4D CLA LJ . 72.39 48.18 73.11
CMD CLA LJ . 69.46 49.88 74.66
CAD CLA LJ . 71.86 47.37 75.27
OBD CLA LJ . 71.31 47.08 76.32
CBD CLA LJ . 73.18 46.69 74.77
CGD CLA LJ . 74.35 46.97 75.69
O1D CLA LJ . 75.54 47.12 75.38
O2D CLA LJ . 74.01 47.06 77.01
CED CLA LJ . 74.20 48.31 77.66
MG CLA MJ . 60.23 56.40 58.65
CHA CLA MJ . 59.44 59.43 57.18
CHB CLA MJ . 62.29 58.00 60.85
CHC CLA MJ . 60.82 53.40 60.21
CHD CLA MJ . 57.99 54.80 56.43
NA CLA MJ . 60.79 58.40 58.92
C1A CLA MJ . 60.33 59.52 58.22
C2A CLA MJ . 60.96 60.80 58.76
C3A CLA MJ . 61.92 60.30 59.87
C4A CLA MJ . 61.66 58.79 59.91
CMA CLA MJ . 63.36 60.63 59.59
CAA CLA MJ . 59.90 61.69 59.36
CBA CLA MJ . 59.11 60.95 60.44
CGA CLA MJ . 57.78 60.50 59.92
O1A CLA MJ . 56.82 61.19 59.55
O2A CLA MJ . 57.64 59.15 59.89
NB CLA MJ . 61.31 55.82 60.26
C1B CLA MJ . 62.14 56.61 60.99
C2B CLA MJ . 62.87 55.79 61.99
C3B CLA MJ . 62.46 54.49 61.82
C4B CLA MJ . 61.47 54.49 60.71
CMB CLA MJ . 63.84 56.34 62.93
CAB CLA MJ . 62.88 53.30 62.52
CBB CLA MJ . 62.08 52.41 63.11
NC CLA MJ . 59.53 54.45 58.37
C1C CLA MJ . 59.91 53.37 59.11
C2C CLA MJ . 59.25 52.16 58.63
C3C CLA MJ . 58.44 52.56 57.57
C4C CLA MJ . 58.63 53.99 57.40
CMC CLA MJ . 59.43 50.83 59.20
CAC CLA MJ . 57.58 51.69 56.74
CBC CLA MJ . 56.11 51.86 57.07
ND CLA MJ . 59.06 56.91 57.08
C1D CLA MJ . 58.18 56.16 56.27
C2D CLA MJ . 57.53 57.05 55.30
C3D CLA MJ . 57.99 58.33 55.59
C4D CLA MJ . 58.92 58.18 56.73
CMD CLA MJ . 56.60 56.62 54.25
CAD CLA MJ . 57.95 59.73 55.23
OBD CLA MJ . 57.39 60.29 54.30
CBD CLA MJ . 58.82 60.49 56.29
CGD CLA MJ . 59.84 61.38 55.65
O1D CLA MJ . 60.81 61.06 54.97
O2D CLA MJ . 59.63 62.71 55.90
CED CLA MJ . 60.76 63.51 56.27
MG CLA NJ . 59.43 62.37 65.70
CHA CLA NJ . 56.58 61.16 64.10
CHB CLA NJ . 57.64 65.05 66.83
CHC CLA NJ . 62.25 63.49 67.29
CHD CLA NJ . 61.19 59.50 64.61
NA CLA NJ . 57.44 62.99 65.46
C1A CLA NJ . 56.41 62.35 64.76
C2A CLA NJ . 55.11 63.15 64.86
C3A CLA NJ . 55.50 64.40 65.67
C4A CLA NJ . 56.96 64.15 66.02
CMA CLA NJ . 55.31 65.67 64.90
CAA CLA NJ . 54.04 62.35 65.59
CBA CLA NJ . 54.61 61.65 66.81
NB CLA NJ . 59.88 63.98 66.82
C1B CLA NJ . 58.99 64.94 67.20
C2B CLA NJ . 59.68 65.93 68.10
C3B CLA NJ . 60.98 65.49 68.23
C4B CLA NJ . 61.12 64.25 67.42
CMB CLA NJ . 59.01 67.08 68.68
CAB CLA NJ . 62.07 66.07 68.98
CBB CLA NJ . 62.75 65.44 69.95
NC CLA NJ . 61.37 61.64 65.88
C1C CLA NJ . 62.37 62.27 66.56
C2C CLA NJ . 63.60 61.49 66.48
C3C CLA NJ . 63.30 60.36 65.74
C4C CLA NJ . 61.90 60.45 65.37
CMC CLA NJ . 64.88 61.88 67.09
CAC CLA NJ . 64.22 59.26 65.38
CBC CLA NJ . 65.06 59.59 64.16
ND CLA NJ . 59.05 60.70 64.61
C1D CLA NJ . 59.86 59.59 64.24
C2D CLA NJ . 59.04 58.65 63.44
C3D CLA NJ . 57.79 59.21 63.34
C4D CLA NJ . 57.84 60.48 64.09
CMD CLA NJ . 59.52 57.39 62.89
CAD CLA NJ . 56.44 59.05 62.84
OBD CLA NJ . 55.96 58.14 62.17
CBD CLA NJ . 55.62 60.30 63.29
CGD CLA NJ . 55.07 61.06 62.12
O1D CLA NJ . 55.35 62.20 61.75
O2D CLA NJ . 54.14 60.35 61.41
CED CLA NJ . 52.83 60.91 61.27
MG CHL OJ . 89.42 25.02 58.28
CHA CHL OJ . 92.23 25.61 60.37
CHB CHL OJ . 91.39 25.95 55.62
CHC CHL OJ . 86.94 23.70 56.13
CHD CHL OJ . 87.21 24.80 61.04
NA CHL OJ . 91.34 25.48 58.03
C1A CHL OJ . 92.30 25.55 58.89
C2A CHL OJ . 93.68 25.59 58.31
C3A CHL OJ . 93.39 25.93 56.87
C4A CHL OJ . 91.91 25.79 56.83
CMA CHL OJ . 93.80 27.36 56.53
CAA CHL OJ . 94.38 24.25 58.47
CBA CHL OJ . 95.89 24.42 58.38
CGA CHL OJ . 96.53 23.93 59.66
O1A CHL OJ . 96.37 24.54 60.70
O2A CHL OJ . 97.32 22.72 59.66
NB CHL OJ . 89.20 24.86 56.26
C1B CHL OJ . 90.10 25.29 55.35
C2B CHL OJ . 89.66 25.04 53.97
C3B CHL OJ . 88.35 24.37 54.11
C4B CHL OJ . 88.16 24.31 55.59
CMB CHL OJ . 90.39 25.37 52.69
CAB CHL OJ . 87.67 23.99 52.84
CBB CHL OJ . 86.69 23.11 52.84
NC CHL OJ . 87.49 24.39 58.53
C1C CHL OJ . 86.68 23.90 57.56
C2C CHL OJ . 85.33 23.53 58.08
C3C CHL OJ . 85.41 23.86 59.51
C4C CHL OJ . 86.79 24.38 59.69
CMC CHL OJ . 84.05 22.97 57.58
OMC CHL OJ . 83.96 22.58 56.43
CAC CHL OJ . 84.34 23.69 60.56
CBC CHL OJ . 84.36 22.27 61.08
ND CHL OJ . 89.56 25.16 60.32
C1D CHL OJ . 88.64 25.06 61.28
C2D CHL OJ . 89.39 25.26 62.54
C3D CHL OJ . 90.80 25.48 62.20
C4D CHL OJ . 90.84 25.40 60.81
CMD CHL OJ . 89.02 25.27 64.00
CAD CHL OJ . 92.18 25.73 62.74
OBD CHL OJ . 92.39 25.85 64.00
CBD CHL OJ . 93.07 25.81 61.57
CGD CHL OJ . 93.73 27.15 61.52
O1D CHL OJ . 93.19 28.10 60.97
O2D CHL OJ . 95.05 27.32 62.11
CED CHL OJ . 95.95 28.30 61.60
C1 LMG PJ . 60.82 21.17 56.13
O1 LMG PJ . 61.68 20.56 55.22
C2 LMG PJ . 61.61 21.68 57.32
O2 LMG PJ . 62.18 20.61 58.05
C3 LMG PJ . 60.69 22.49 58.24
O3 LMG PJ . 61.45 23.06 59.30
C4 LMG PJ . 59.98 23.58 57.46
O4 LMG PJ . 60.94 24.51 56.95
C5 LMG PJ . 59.24 22.96 56.29
O5 LMG PJ . 57.67 24.81 56.15
C6 LMG PJ . 58.57 24.00 55.40
O6 LMG PJ . 60.17 22.24 55.46
C7 LMG PJ . 61.89 19.15 55.46
C1 LUT QJ . 80.65 39.24 69.20
C2 LUT QJ . 81.27 38.04 69.91
C3 LUT QJ . 82.46 37.47 69.16
C4 LUT QJ . 82.00 36.95 67.81
C5 LUT QJ . 81.03 37.88 67.11
C6 LUT QJ . 80.54 38.99 67.70
C7 LUT QJ . 79.86 40.00 66.92
C8 LUT QJ . 80.42 40.82 65.99
C9 LUT QJ . 79.79 41.84 65.28
C10 LUT QJ . 78.49 42.29 65.58
C11 LUT QJ . 77.72 43.21 64.89
C12 LUT QJ . 76.48 43.77 65.21
C13 LUT QJ . 75.71 44.65 64.42
C14 LUT QJ . 74.58 45.33 64.89
C15 LUT QJ . 73.81 46.26 64.20
C16 LUT QJ . 81.52 40.47 69.45
C17 LUT QJ . 79.26 39.50 69.78
C18 LUT QJ . 80.68 37.44 65.72
C19 LUT QJ . 80.48 42.50 64.16
C20 LUT QJ . 76.11 44.85 63.01
O3 LUT QJ . 83.06 36.41 69.90
C21 LUT QJ . 67.68 57.06 60.23
C22 LUT QJ . 67.21 57.93 59.06
C23 LUT QJ . 65.69 57.96 58.97
C24 LUT QJ . 65.10 56.58 59.10
C25 LUT QJ . 65.75 55.52 59.54
C26 LUT QJ . 67.18 55.61 60.05
C27 LUT QJ . 67.34 54.80 61.31
C28 LUT QJ . 68.14 53.73 61.48
C29 LUT QJ . 68.36 52.92 62.61
C30 LUT QJ . 69.29 51.87 62.54
C31 LUT QJ . 69.70 50.96 63.50
C32 LUT QJ . 70.61 49.95 63.30
C33 LUT QJ . 71.15 49.00 64.19
C34 LUT QJ . 72.11 48.05 63.80
C35 LUT QJ . 72.77 47.10 64.57
C36 LUT QJ . 67.16 57.64 61.55
C37 LUT QJ . 69.22 57.07 60.28
C38 LUT QJ . 65.13 54.15 59.56
C39 LUT QJ . 67.64 53.13 63.88
C40 LUT QJ . 70.70 49.01 65.60
O23 LUT QJ . 65.28 58.58 57.74
C1 XAT RJ . 73.01 47.50 50.35
C2 XAT RJ . 73.82 48.27 49.30
C3 XAT RJ . 73.61 47.81 47.86
C4 XAT RJ . 74.02 46.36 47.72
C5 XAT RJ . 73.32 45.48 48.72
C6 XAT RJ . 72.85 46.01 50.01
C7 XAT RJ . 71.73 45.27 50.71
C8 XAT RJ . 71.50 45.06 52.00
C9 XAT RJ . 70.51 44.15 52.45
C10 XAT RJ . 70.04 44.03 53.77
C11 XAT RJ . 69.15 43.09 54.27
C12 XAT RJ . 68.31 43.16 55.37
C13 XAT RJ . 67.39 42.19 55.83
C14 XAT RJ . 66.25 42.52 56.60
C15 XAT RJ . 65.12 41.76 56.86
C16 XAT RJ . 71.63 48.17 50.45
C17 XAT RJ . 73.76 47.68 51.67
C18 XAT RJ . 72.69 44.23 48.16
C19 XAT RJ . 69.89 43.25 51.44
C20 XAT RJ . 67.65 40.77 55.54
O3 XAT RJ . 72.24 47.96 47.48
O4 XAT RJ . 74.09 45.27 49.94
C21 XAT RJ . 53.86 38.49 63.26
C22 XAT RJ . 53.24 37.61 64.36
C23 XAT RJ . 53.96 36.31 64.59
C24 XAT RJ . 55.37 36.58 65.09
C25 XAT RJ . 56.13 37.50 64.19
C26 XAT RJ . 55.39 38.42 63.29
C27 XAT RJ . 56.09 39.65 62.74
C28 XAT RJ . 56.90 39.63 61.68
C29 XAT RJ . 57.59 40.73 61.16
C30 XAT RJ . 58.56 40.58 60.15
C31 XAT RJ . 59.47 41.50 59.66
C32 XAT RJ . 60.52 41.23 58.81
C33 XAT RJ . 61.63 42.01 58.49
C34 XAT RJ . 62.73 41.55 57.73
C35 XAT RJ . 63.98 42.11 57.59
C36 XAT RJ . 53.34 39.90 63.49
C37 XAT RJ . 53.33 37.97 61.92
C38 XAT RJ . 57.54 37.79 64.59
C39 XAT RJ . 57.32 42.10 61.65
C40 XAT RJ . 61.64 43.41 58.99
O23 XAT RJ . 53.26 35.52 65.55
O24 XAT RJ . 55.94 37.18 62.78
C1 BCR SJ . 86.91 20.35 49.46
C2 BCR SJ . 87.08 18.85 49.16
C3 BCR SJ . 86.09 18.37 48.16
C4 BCR SJ . 86.31 19.11 46.84
C5 BCR SJ . 86.59 20.58 46.99
C6 BCR SJ . 86.81 21.16 48.18
C7 BCR SJ . 86.97 22.60 48.27
C8 BCR SJ . 86.09 23.50 48.79
C9 BCR SJ . 86.24 24.88 48.89
C10 BCR SJ . 85.31 25.71 49.54
C11 BCR SJ . 85.33 27.08 49.70
C33 BCR SJ . 86.59 21.31 45.67
C31 BCR SJ . 88.12 20.81 50.29
C32 BCR SJ . 85.65 20.51 50.31
C34 BCR SJ . 87.42 25.54 48.29
C12 BCR SJ . 84.37 27.89 50.30
C13 BCR SJ . 84.38 29.29 50.44
C14 BCR SJ . 83.33 30.02 51.03
C15 BCR SJ . 83.22 31.39 51.19
C16 BCR SJ . 82.19 32.16 51.72
C17 BCR SJ . 82.46 33.51 51.67
C18 BCR SJ . 81.62 34.59 52.02
C19 BCR SJ . 82.00 35.95 51.93
C20 BCR SJ . 81.22 37.07 52.16
C21 BCR SJ . 81.60 38.40 52.07
C22 BCR SJ . 80.79 39.55 52.20
C23 BCR SJ . 81.31 40.84 52.07
C24 BCR SJ . 80.59 42.00 52.09
C25 BCR SJ . 81.09 43.35 51.91
C26 BCR SJ . 81.40 44.11 52.97
C27 BCR SJ . 81.50 45.61 52.88
C28 BCR SJ . 81.01 46.13 51.53
C29 BCR SJ . 81.65 45.35 50.45
C30 BCR SJ . 81.30 43.86 50.49
C35 BCR SJ . 85.56 30.04 49.93
C36 BCR SJ . 80.26 34.28 52.50
C37 BCR SJ . 79.36 39.34 52.47
C38 BCR SJ . 81.63 43.58 54.36
C39 BCR SJ . 80.01 43.63 49.67
C40 BCR SJ . 82.44 43.09 49.81
O1 LHG TJ . 60.70 45.02 80.97
C1 LHG TJ . 60.37 46.34 80.50
C2 LHG TJ . 61.63 47.14 80.23
O2 LHG TJ . 61.28 48.45 79.78
C3 LHG TJ . 62.55 46.50 79.21
O3 LHG TJ . 61.90 46.50 77.91
P LHG TJ . 62.62 45.77 76.68
O4 LHG TJ . 64.01 46.32 76.54
O5 LHG TJ . 62.42 44.29 76.83
O6 LHG TJ . 61.78 46.26 75.40
C4 LHG TJ . 62.15 47.50 74.75
C5 LHG TJ . 61.45 47.57 73.40
C6 LHG TJ . 61.66 46.32 72.58
O7 LHG TJ . 60.03 47.79 73.62
C7 LHG TJ . 59.28 48.14 72.55
O9 LHG TJ . 59.74 48.39 71.47
C8 LHG TJ . 57.82 48.22 72.87
C9 LHG TJ . 56.96 48.43 71.65
C10 LHG TJ . 55.48 48.57 71.98
O8 LHG TJ . 62.03 46.71 71.24
C23 LHG TJ . 62.10 45.73 70.35
O10 LHG TJ . 61.94 44.57 70.63
C24 LHG TJ . 62.35 46.26 68.97
C11 LHG TJ . 54.58 48.71 70.78
C12 LHG TJ . 54.98 49.83 69.84
C13 LHG TJ . 54.92 51.20 70.46
C14 LHG TJ . 55.44 52.31 69.57
C15 LHG TJ . 54.71 52.43 68.25
C25 LHG TJ . 61.23 46.00 68.02
C26 LHG TJ . 60.05 46.94 68.24
C27 LHG TJ . 58.88 46.68 67.32
C28 LHG TJ . 57.77 47.69 67.44
C29 LHG TJ . 56.64 47.47 66.44
C30 LHG TJ . 55.55 48.51 66.51
C31 LHG TJ . 54.45 48.30 65.51
MG CLA UJ . 19.56 55.97 78.58
CHA CLA UJ . 17.79 54.21 80.98
CHB CLA UJ . 21.59 53.29 78.09
CHC CLA UJ . 21.22 57.75 76.13
CHD CLA UJ . 17.45 58.75 79.13
NA CLA UJ . 19.66 54.07 79.42
C1A CLA UJ . 18.82 53.52 80.40
C2A CLA UJ . 19.25 52.09 80.73
C3A CLA UJ . 20.53 51.88 79.89
C4A CLA UJ . 20.61 53.15 79.05
CMA CLA UJ . 21.75 51.74 80.76
CAA CLA UJ . 18.16 51.10 80.32
CBA CLA UJ . 17.95 51.05 78.83
CGA CLA UJ . 18.32 49.70 78.31
O1A CLA UJ . 17.88 48.60 78.65
O2A CLA UJ . 19.26 49.74 77.32
NB CLA UJ . 21.14 55.61 77.37
C1B CLA UJ . 21.78 54.42 77.27
C2B CLA UJ . 22.78 54.47 76.17
C3B CLA UJ . 22.67 55.72 75.61
C4B CLA UJ . 21.63 56.47 76.37
CMB CLA UJ . 23.63 53.36 75.81
CAB CLA UJ . 23.39 56.30 74.50
CBB CLA UJ . 24.29 57.28 74.59
NC CLA UJ . 19.37 57.90 77.79
C1C CLA UJ . 20.15 58.43 76.79
C2C CLA UJ . 19.73 59.79 76.49
C3C CLA UJ . 18.65 60.08 77.33
C4C CLA UJ . 18.43 58.87 78.14
CMC CLA UJ . 20.34 60.67 75.49
CAC CLA UJ . 17.89 61.32 77.41
CBC CLA UJ . 16.42 61.18 77.07
ND CLA UJ . 17.98 56.43 79.73
C1D CLA UJ . 17.22 57.62 79.88
C2D CLA UJ . 16.20 57.41 80.92
C3D CLA UJ . 16.35 56.12 81.36
C4D CLA UJ . 17.48 55.54 80.60
CMD CLA UJ . 15.24 58.44 81.34
CAD CLA UJ . 15.88 55.09 82.26
OBD CLA UJ . 14.95 55.14 83.06
CBD CLA UJ . 16.79 53.84 82.07
CGD CLA UJ . 17.46 53.48 83.38
O1D CLA UJ . 16.90 53.13 84.42
O2D CLA UJ . 18.82 53.57 83.37
CED CLA UJ . 19.50 53.30 84.59
MG CLA VJ . 28.07 56.56 71.26
CHA CLA VJ . 28.72 53.26 72.12
CHB CLA VJ . 24.74 55.94 71.52
CHC CLA VJ . 27.44 59.66 69.93
CHD CLA VJ . 31.52 57.06 70.70
NA CLA VJ . 26.95 54.90 71.86
C1A CLA VJ . 27.39 53.61 72.17
C2A CLA VJ . 26.19 52.72 72.52
C3A CLA VJ . 25.03 53.71 72.67
C4A CLA VJ . 25.58 54.95 71.97
CMA CLA VJ . 23.75 53.21 72.03
CAA CLA VJ . 26.34 51.89 73.80
CBA CLA VJ . 25.81 50.50 73.56
CGA CLA VJ . 24.64 50.18 74.41
O1A CLA VJ . 24.52 50.26 75.64
O2A CLA VJ . 23.56 49.75 73.69
NB CLA VJ . 26.41 57.66 70.94
C1B CLA VJ . 25.16 57.12 70.88
C2B CLA VJ . 24.26 57.96 70.04
C3B CLA VJ . 25.02 59.01 69.58
C4B CLA VJ . 26.38 58.84 70.17
CMB CLA VJ . 22.87 57.62 69.77
CAB CLA VJ . 24.66 60.10 68.73
CBB CLA VJ . 25.12 60.28 67.49
NC CLA VJ . 29.27 58.13 70.60
C1C CLA VJ . 28.81 59.33 70.16
C2C CLA VJ . 29.91 60.21 69.81
C3C CLA VJ . 31.07 59.45 69.93
C4C CLA VJ . 30.66 58.14 70.43
CMC CLA VJ . 29.75 61.59 69.32
CAC CLA VJ . 32.44 59.91 69.69
CBC CLA VJ . 32.96 60.77 70.81
ND CLA VJ . 29.78 55.51 71.49
C1D CLA VJ . 31.12 55.83 71.17
C2D CLA VJ . 31.97 54.64 71.42
C3D CLA VJ . 31.10 53.63 71.81
C4D CLA VJ . 29.75 54.22 71.80
CMD CLA VJ . 33.41 54.59 71.25
CAD CLA VJ . 30.97 52.26 72.24
OBD CLA VJ . 31.85 51.42 72.49
CBD CLA VJ . 29.45 51.95 72.34
CGD CLA VJ . 29.05 50.91 71.34
O1D CLA VJ . 28.03 50.21 71.34
O2D CLA VJ . 29.93 50.76 70.31
CED CLA VJ . 29.80 49.60 69.49
MG CLA WJ . 38.60 72.14 72.99
CHA CLA WJ . 40.42 74.39 71.07
CHB CLA WJ . 39.26 69.68 70.73
CHC CLA WJ . 36.87 69.95 74.98
CHD CLA WJ . 37.94 74.74 75.30
NA CLA WJ . 39.67 72.07 71.20
C1A CLA WJ . 40.36 73.12 70.57
C2A CLA WJ . 41.01 72.64 69.27
C3A CLA WJ . 40.54 71.18 69.13
C4A CLA WJ . 39.77 70.94 70.45
CMA CLA WJ . 39.67 70.99 67.92
CAA CLA WJ . 42.53 72.69 69.40
CBA CLA WJ . 42.98 72.15 70.73
CGA CLA WJ . 44.17 72.91 71.22
O1A CLA WJ . 44.38 74.12 71.19
O2A CLA WJ . 45.13 72.10 71.78
NB CLA WJ . 38.11 70.20 72.85
C1B CLA WJ . 38.54 69.34 71.89
C2B CLA WJ . 38.13 67.95 72.24
C3B CLA WJ . 37.46 68.02 73.43
C4B CLA WJ . 37.44 69.45 73.85
CMB CLA WJ . 38.45 66.79 71.40
CAB CLA WJ . 36.87 66.97 74.22
NC CLA WJ . 37.58 72.33 74.80
C1C CLA WJ . 36.94 71.29 75.44
C2C CLA WJ . 36.33 71.76 76.67
C3C CLA WJ . 36.64 73.12 76.78
C4C CLA WJ . 37.42 73.47 75.59
CMC CLA WJ . 35.56 70.93 77.59
CAC CLA WJ . 36.25 74.04 77.86
ND CLA WJ . 39.06 74.10 73.22
C1D CLA WJ . 38.71 75.06 74.21
C2D CLA WJ . 39.29 76.36 73.83
C3D CLA WJ . 39.97 76.17 72.64
C4D CLA WJ . 39.79 74.74 72.31
CMD CLA WJ . 39.14 77.59 74.62
CAD CLA WJ . 40.77 76.77 71.60
OBD CLA WJ . 41.18 77.92 71.49
CBD CLA WJ . 41.06 75.66 70.55
CGD CLA WJ . 40.52 76.01 69.19
O1D CLA WJ . 39.43 76.53 68.92
O2D CLA WJ . 41.36 75.72 68.16
MG CLA XJ . 43.67 66.66 69.86
CHA CLA XJ . 46.70 67.51 71.35
CHB CLA XJ . 43.28 64.13 72.11
CHC CLA XJ . 40.69 65.85 68.35
CHD CLA XJ . 44.12 69.31 67.55
NA CLA XJ . 44.83 65.96 71.46
C1A CLA XJ . 46.06 66.44 71.92
C2A CLA XJ . 46.55 65.63 73.12
C3A CLA XJ . 45.46 64.56 73.32
C4A CLA XJ . 44.43 64.89 72.23
CMA CLA XJ . 46.00 63.16 73.19
CAA CLA XJ . 46.68 66.50 74.36
CBA CLA XJ . 47.70 65.93 75.34
NB CLA XJ . 42.28 65.24 70.15
C1B CLA XJ . 42.26 64.33 71.15
C2B CLA XJ . 41.00 63.54 71.11
C3B CLA XJ . 40.26 64.03 70.05
C4B CLA XJ . 41.07 65.12 69.43
CMB CLA XJ . 40.69 62.48 72.07
CAB CLA XJ . 38.96 63.66 69.55
CBB CLA XJ . 38.49 62.41 69.43
NC CLA XJ . 42.61 67.45 68.25
C1C CLA XJ . 41.41 66.95 67.80
C2C CLA XJ . 40.96 67.72 66.64
C3C CLA XJ . 41.92 68.71 66.42
C4C CLA XJ . 42.96 68.53 67.43
CMC CLA XJ . 39.72 67.46 65.91
CAC CLA XJ . 41.90 69.73 65.35
CBC CLA XJ . 42.41 69.20 64.03
ND CLA XJ . 45.02 68.12 69.51
C1D CLA XJ . 45.09 69.14 68.51
C2D CLA XJ . 46.34 69.92 68.71
C3D CLA XJ . 47.00 69.33 69.78
C4D CLA XJ . 46.14 68.22 70.23
CMD CLA XJ . 46.74 71.06 67.90
CAD CLA XJ . 48.16 69.37 70.65
OBD CLA XJ . 49.10 70.16 70.65
CBD CLA XJ . 48.02 68.19 71.64
CGD CLA XJ . 49.18 67.23 71.55
O1D CLA XJ . 49.75 66.83 70.53
O2D CLA XJ . 49.63 66.78 72.76
MG CLA YJ . 36.46 63.16 59.99
CHA CLA YJ . 38.97 62.91 62.37
CHB CLA YJ . 38.80 63.29 57.53
CHC CLA YJ . 33.93 63.35 57.67
CHD CLA YJ . 34.05 63.01 62.59
NA CLA YJ . 38.55 63.11 59.98
C1A CLA YJ . 39.41 62.99 61.07
C2A CLA YJ . 40.86 62.99 60.62
C3A CLA YJ . 40.78 63.19 59.09
C4A CLA YJ . 39.27 63.19 58.82
CMA CLA YJ . 41.46 64.48 58.68
CAA CLA YJ . 41.51 61.65 60.91
CBA CLA YJ . 41.41 60.69 59.74
NB CLA YJ . 36.38 63.34 57.99
C1B CLA YJ . 37.45 63.31 57.15
C2B CLA YJ . 36.97 63.32 55.73
C3B CLA YJ . 35.60 63.34 55.77
C4B CLA YJ . 35.20 63.35 57.20
CMB CLA YJ . 37.89 63.30 54.59
CAB CLA YJ . 34.65 63.34 54.69
NC CLA YJ . 34.36 63.19 60.13
C1C CLA YJ . 33.53 63.29 59.04
C2C CLA YJ . 32.14 63.29 59.49
C3C CLA YJ . 32.17 63.18 60.88
C4C CLA YJ . 33.58 63.12 61.28
CMC CLA YJ . 30.98 63.39 58.61
CAC CLA YJ . 31.01 63.15 61.80
CBC CLA YJ . 30.47 64.52 62.10
ND CLA YJ . 36.43 62.98 62.01
C1D CLA YJ . 35.38 62.94 62.95
C2D CLA YJ . 35.95 62.83 64.31
C3D CLA YJ . 37.33 62.81 64.15
C4D CLA YJ . 37.57 62.91 62.70
CMD CLA YJ . 35.17 62.76 65.55
CAD CLA YJ . 38.63 62.71 64.81
OBD CLA YJ . 38.89 62.58 66.00
CBD CLA YJ . 39.71 62.80 63.68
CGD CLA YJ . 40.61 63.98 63.91
O1D CLA YJ . 40.85 64.90 63.12
O2D CLA YJ . 41.23 63.99 65.12
MG CHL ZJ . 42.33 57.20 82.99
CHA CHL ZJ . 39.66 59.50 82.65
CHB CHL ZJ . 44.03 59.10 80.73
CHC CHL ZJ . 45.23 55.41 83.89
CHD CHL ZJ . 40.27 54.71 84.42
NA CHL ZJ . 42.04 58.96 82.13
C1A CHL ZJ . 41.06 59.78 82.24
C2A CHL ZJ . 41.39 61.20 81.89
C3A CHL ZJ . 42.58 60.98 80.99
C4A CHL ZJ . 42.91 59.56 81.29
CMA CHL ZJ . 42.20 61.15 79.53
CAA CHL ZJ . 41.76 61.99 83.14
NB CHL ZJ . 44.29 57.25 82.42
C1B CHL ZJ . 44.77 58.08 81.50
C2B CHL ZJ . 46.22 57.89 81.28
C3B CHL ZJ . 46.59 56.80 82.22
C4B CHL ZJ . 45.29 56.48 82.88
CMB CHL ZJ . 47.13 58.63 80.35
CAB CHL ZJ . 48.02 56.41 82.20
CBB CHL ZJ . 48.53 55.64 83.14
NC CHL ZJ . 42.67 55.43 83.95
C1C CHL ZJ . 43.90 54.90 84.22
C2C CHL ZJ . 43.80 53.59 84.94
C3C CHL ZJ . 42.35 53.40 85.09
C4C CHL ZJ . 41.74 54.59 84.44
CMC CHL ZJ . 44.69 52.54 85.50
CAC CHL ZJ . 41.62 52.25 85.74
CBC CHL ZJ . 41.57 52.47 87.24
ND CHL ZJ . 40.36 57.01 83.49
C1D CHL ZJ . 39.67 56.01 84.03
C2D CHL ZJ . 38.28 56.51 84.12
C3D CHL ZJ . 38.26 57.88 83.58
C4D CHL ZJ . 39.58 58.13 83.21
CMD CHL ZJ . 36.97 55.96 84.61
CAD CHL ZJ . 37.41 59.08 83.28
OBD CHL ZJ . 36.15 59.09 83.55
CBD CHL ZJ . 38.31 60.08 82.69
CGD CHL ZJ . 37.87 60.41 81.30
O1D CHL ZJ . 38.38 59.86 80.35
O2D CHL ZJ . 36.81 61.39 81.09
MG CLA AK . 36.76 54.75 73.66
CHA CLA AK . 34.13 52.79 74.78
CHB CLA AK . 38.72 52.04 73.42
CHC CLA AK . 39.10 56.65 71.86
CHD CLA AK . 34.44 57.48 73.31
NA CLA AK . 36.43 52.74 74.00
C1A CLA AK . 35.29 52.12 74.55
C2A CLA AK . 35.54 50.66 74.76
C3A CLA AK . 37.02 50.52 74.49
C4A CLA AK . 37.45 51.84 73.92
CMA CLA AK . 37.78 50.18 75.76
CAA CLA AK . 34.74 49.81 73.79
CBA CLA AK . 35.62 49.08 72.81
CGA CLA AK . 35.37 49.56 71.39
O1A CLA AK . 34.46 50.32 71.15
O2A CLA AK . 36.23 49.10 70.32
NB CLA AK . 38.48 54.37 72.68
C1B CLA AK . 39.20 53.22 72.85
C2B CLA AK . 40.59 53.38 72.31
C3B CLA AK . 40.68 54.69 71.88
C4B CLA AK . 39.38 55.26 72.20
CMB CLA AK . 41.57 52.23 72.15
CAB CLA AK . 41.77 55.44 71.27
CBB CLA AK . 42.85 54.92 70.68
NC CLA AK . 36.71 56.63 72.62
C1C CLA AK . 37.83 57.30 72.13
C2C CLA AK . 37.53 58.68 71.78
C3C CLA AK . 36.21 58.92 72.10
C4C CLA AK . 35.80 57.62 72.75
CMC CLA AK . 38.58 59.42 70.99
CAC CLA AK . 35.83 60.30 71.72
CBC CLA AK . 36.35 61.47 72.51
ND CLA AK . 34.75 55.03 73.71
C1D CLA AK . 33.95 56.25 73.86
C2D CLA AK . 32.61 56.01 74.41
C3D CLA AK . 32.74 54.62 74.80
C4D CLA AK . 33.99 54.19 74.49
CMD CLA AK . 31.60 57.03 74.57
CAD CLA AK . 31.91 53.60 75.42
OBD CLA AK . 30.73 53.70 75.93
CBD CLA AK . 32.81 52.38 75.46
CGD CLA AK . 32.90 51.89 76.87
O1D CLA AK . 33.44 52.56 77.74
O2D CLA AK . 32.31 50.61 77.25
MG CLA BK . 33.81 64.06 87.78
CHA CLA BK . 34.91 61.85 90.23
CHB CLA BK . 31.07 64.77 89.65
CHC CLA BK . 32.81 66.26 85.34
CHD CLA BK . 36.68 63.26 85.85
NA CLA BK . 33.12 63.39 89.62
C1A CLA BK . 33.71 62.46 90.50
C2A CLA BK . 32.84 62.26 91.75
C3A CLA BK . 31.56 63.06 91.43
C4A CLA BK . 31.93 63.82 90.15
CMA CLA BK . 30.36 62.17 91.20
CAA CLA BK . 33.53 62.80 92.98
NB CLA BK . 32.18 65.19 87.49
C1B CLA BK . 31.29 65.52 88.47
C2B CLA BK . 30.59 66.79 88.14
C3B CLA BK . 31.08 67.21 86.93
C4B CLA BK . 32.08 66.20 86.49
CMB CLA BK . 29.59 67.42 89.00
CAB CLA BK . 30.76 68.37 86.13
CBB CLA BK . 29.51 68.72 85.77
NC CLA BK . 34.60 64.63 85.93
C1C CLA BK . 33.99 65.52 85.07
C2C CLA BK . 34.79 65.63 83.85
C3C CLA BK . 35.91 64.82 84.02
C4C CLA BK . 35.77 64.18 85.31
CMC CLA BK . 34.45 66.49 82.71
CAC CLA BK . 37.00 64.61 83.05
CBC CLA BK . 38.12 65.60 83.24
ND CLA BK . 35.48 62.93 87.98
C1D CLA BK . 36.56 62.66 87.10
C2D CLA BK . 37.48 61.69 87.73
C3D CLA BK . 36.91 61.36 88.95
C4D CLA BK . 35.64 62.13 89.04
CMD CLA BK . 38.74 61.22 87.16
CAD CLA BK . 37.03 60.59 90.17
OBD CLA BK . 37.96 59.89 90.56
CBD CLA BK . 35.72 60.81 90.98
CGD CLA BK . 34.98 59.50 91.10
O1D CLA BK . 34.52 58.81 90.18
O2D CLA BK . 34.86 59.05 92.38
CED CLA BK . 35.75 58.01 92.81
MG CLA CK . 14.71 68.40 88.60
CHA CLA CK . 17.69 67.86 90.31
CHB CLA CK . 12.96 67.54 91.39
CHC CLA CK . 11.80 68.84 86.84
CHD CLA CK . 16.58 69.24 85.72
NA CLA CK . 15.26 67.83 90.54
C1A CLA CK . 16.55 67.66 91.06
C2A CLA CK . 16.50 67.23 92.53
C3A CLA CK . 14.99 67.22 92.85
C4A CLA CK . 14.33 67.56 91.51
CMA CLA CK . 14.54 65.88 93.39
CAA CLA CK . 17.21 68.23 93.43
NB CLA CK . 12.75 68.26 89.05
C1B CLA CK . 12.24 67.81 90.22
C2B CLA CK . 10.76 67.64 90.10
C3B CLA CK . 10.43 68.00 88.80
C4B CLA CK . 11.69 68.41 88.12
CMB CLA CK . 9.92 67.17 91.19
CAB CLA CK . 9.15 68.03 88.14
CBB CLA CK . 8.26 67.04 88.12
NC CLA CK . 14.28 68.98 86.65
C1C CLA CK . 13.01 69.12 86.14
C2C CLA CK . 13.08 69.55 84.75
C3C CLA CK . 14.44 69.64 84.42
C4C CLA CK . 15.18 69.28 85.62
CMC CLA CK . 11.92 69.81 83.90
CAC CLA CK . 15.01 70.03 83.14
CBC CLA CK . 15.32 68.85 82.25
ND CLA CK . 16.65 68.58 88.08
C1D CLA CK . 17.29 68.90 86.85
C2D CLA CK . 18.75 68.81 87.02
C3D CLA CK . 18.96 68.42 88.33
C4D CLA CK . 17.63 68.27 88.95
CMD CLA CK . 19.73 69.09 85.98
CAD CLA CK . 19.94 68.10 89.35
OBD CLA CK . 21.17 68.15 89.27
CBD CLA CK . 19.16 67.69 90.62
CGD CLA CK . 19.46 66.26 91.03
O1D CLA CK . 19.56 65.28 90.30
O2D CLA CK . 19.63 66.10 92.38
MG CLA DK . 24.35 72.17 85.38
CHA CLA DK . 23.45 71.31 88.63
CHB CLA DK . 27.61 71.56 86.11
CHC CLA DK . 25.18 73.02 82.14
CHD CLA DK . 20.95 72.83 84.66
NA CLA DK . 25.35 71.52 87.10
C1A CLA DK . 24.79 71.21 88.36
C2A CLA DK . 25.89 70.77 89.33
C3A CLA DK . 27.18 70.84 88.49
C4A CLA DK . 26.70 71.34 87.13
CMA CLA DK . 28.20 71.78 89.10
CAA CLA DK . 25.66 69.35 89.80
CBA CLA DK . 26.72 68.90 90.79
CGA CLA DK . 26.85 69.91 91.90
NB CLA DK . 26.06 72.19 84.30
C1B CLA DK . 27.30 72.03 84.82
C2B CLA DK . 28.33 72.44 83.83
C3B CLA DK . 27.65 72.85 82.71
C4B CLA DK . 26.20 72.70 82.99
CMB CLA DK . 29.76 72.38 84.09
CAB CLA DK . 28.15 73.36 81.46
CBB CLA DK . 27.93 74.58 80.98
NC CLA DK . 23.25 72.78 83.71
C1C CLA DK . 23.79 73.06 82.48
C2C CLA DK . 22.74 73.43 81.54
C3C CLA DK . 21.54 73.40 82.26
C4C CLA DK . 21.87 72.99 83.62
CMC CLA DK . 22.95 73.78 80.14
CAC CLA DK . 20.19 73.71 81.75
CBC CLA DK . 19.93 75.20 81.65
ND CLA DK . 22.58 72.17 86.37
C1D CLA DK . 21.26 72.44 85.94
C2D CLA DK . 20.34 72.25 87.10
C3D CLA DK . 21.13 71.82 88.15
C4D CLA DK . 22.52 71.77 87.64
CMD CLA DK . 18.90 72.48 87.05
CAD CLA DK . 21.16 71.41 89.54
OBD CLA DK . 20.24 71.35 90.35
CBD CLA DK . 22.64 71.04 89.87
CGD CLA DK . 23.17 71.80 91.06
O1D CLA DK . 23.94 72.78 91.06
O2D CLA DK . 22.75 71.31 92.26
CED CLA DK . 21.88 72.13 93.04
MG CLA EK . 17.33 72.88 69.04
CHA CLA EK . 17.04 75.51 66.80
CHB CLA EK . 17.51 75.10 71.62
CHC CLA EK . 17.45 70.24 71.23
CHD CLA EK . 17.07 70.61 66.34
NA CLA EK . 17.31 74.96 69.16
C1A CLA EK . 17.18 75.89 68.11
C2A CLA EK . 17.22 77.32 68.63
C3A CLA EK . 17.56 77.15 70.13
C4A CLA EK . 17.45 75.63 70.34
CMA CLA EK . 18.92 77.67 70.47
CAA CLA EK . 15.88 78.01 68.44
CBA CLA EK . 14.75 77.32 69.18
CGA CLA EK . 14.06 76.31 68.30
O1A CLA EK . 13.71 76.43 67.13
O2A CLA EK . 13.83 75.13 68.94
NB CLA EK . 17.55 72.70 71.04
C1B CLA EK . 17.43 73.72 71.92
C2B CLA EK . 17.21 73.19 73.30
C3B CLA EK . 17.20 71.83 73.19
C4B CLA EK . 17.41 71.49 71.76
CMB CLA EK . 17.05 74.05 74.48
CAB CLA EK . 17.02 70.82 74.22
CBB CLA EK . 15.97 70.01 74.32
NC CLA EK . 17.32 70.80 68.81
C1C CLA EK . 17.42 69.91 69.84
C2C CLA EK . 17.43 68.54 69.33
C3C CLA EK . 17.25 68.65 67.95
C4C CLA EK . 17.20 70.07 67.63
CMC CLA EK . 17.54 67.33 70.14
CAC CLA EK . 17.18 67.54 66.99
CBC CLA EK . 15.78 67.24 66.54
ND CLA EK . 17.12 72.96 67.03
C1D CLA EK . 17.02 71.96 66.04
C2D CLA EK . 16.87 72.60 64.70
C3D CLA EK . 16.87 73.96 64.95
C4D CLA EK . 17.02 74.13 66.40
CMD CLA EK . 16.75 71.89 63.45
CAD CLA EK . 16.79 75.29 64.36
OBD CLA EK . 16.66 75.61 63.18
CBD CLA EK . 16.89 76.32 65.53
CGD CLA EK . 18.01 77.29 65.33
O1D CLA EK . 18.19 78.38 65.89
O2D CLA EK . 18.95 76.88 64.42
C1 CLA EK . 13.99 73.94 68.14
C2 CLA EK . 13.46 72.79 68.93
C3 CLA EK . 13.25 71.58 68.39
C4 CLA EK . 13.54 71.29 66.97
C5 CLA EK . 12.71 70.45 69.21
C6 CLA EK . 12.94 70.63 70.70
C7 CLA EK . 12.23 69.56 71.50
C8 CLA EK . 12.91 68.21 71.41
C9 CLA EK . 12.35 67.28 72.47
C10 CLA EK . 14.41 68.33 71.59
MG CLA FK . 12.73 80.94 72.77
CHA CLA FK . 10.76 78.78 70.88
CHB CLA FK . 10.64 83.51 72.00
CHC CLA FK . 14.56 82.99 74.87
CHD CLA FK . 14.74 78.19 73.70
NA CLA FK . 11.01 81.11 71.58
C1A CLA FK . 10.33 80.09 70.89
C2A CLA FK . 9.10 80.64 70.16
C3A CLA FK . 9.12 82.15 70.52
C4A CLA FK . 10.34 82.30 71.42
CMA CLA FK . 9.13 83.03 69.30
CAA CLA FK . 7.82 80.01 70.67
NB CLA FK . 12.61 82.87 73.34
C1B CLA FK . 11.71 83.78 72.86
C2B CLA FK . 12.02 85.13 73.41
C3B CLA FK . 13.13 84.99 74.22
C4B CLA FK . 13.52 83.56 74.20
CMB CLA FK . 11.24 86.33 73.10
CAB CLA FK . 13.83 85.99 74.99
CBB CLA FK . 14.01 85.94 76.32
NC CLA FK . 14.39 80.65 74.02
C1C CLA FK . 14.98 81.62 74.79
C2C CLA FK . 16.10 81.06 75.53
C3C CLA FK . 16.14 79.71 75.22
C4C CLA FK . 15.06 79.45 74.27
CMC CLA FK . 16.96 81.81 76.44
CAC CLA FK . 17.09 78.70 75.72
CBC CLA FK . 16.50 77.83 76.80
ND CLA FK . 12.87 78.98 72.32
C1D CLA FK . 13.73 77.95 72.80
C2D CLA FK . 13.33 76.66 72.19
C3D CLA FK . 12.20 76.92 71.44
C4D CLA FK . 11.94 78.37 71.58
CMD CLA FK . 14.03 75.39 72.40
CAD CLA FK . 11.19 76.38 70.56
OBD CLA FK . 11.07 75.24 70.12
CBD CLA FK . 10.19 77.53 70.25
CGD CLA FK . 9.95 77.71 68.77
O1D CLA FK . 10.27 78.66 68.06
O2D CLA FK . 9.32 76.65 68.19
MG CLA GK . 45.22 80.65 73.47
CHA CLA GK . 47.47 81.26 70.90
CHB CLA GK . 44.64 77.54 72.22
CHC CLA GK . 43.08 80.06 76.10
CHD CLA GK . 45.85 83.90 74.73
NA CLA GK . 45.94 79.60 71.81
C1A CLA GK . 46.88 80.02 70.86
C2A CLA GK . 47.11 78.94 69.80
C3A CLA GK . 46.10 77.84 70.18
C4A CLA GK . 45.51 78.34 71.51
CMA CLA GK . 45.04 77.64 69.13
CAA CLA GK . 48.54 78.42 69.87
NB CLA GK . 44.02 79.12 74.00
C1B CLA GK . 44.03 77.89 73.44
C2B CLA GK . 43.30 76.93 74.30
C3B CLA GK . 42.86 77.62 75.40
C4B CLA GK . 43.30 79.03 75.22
CMB CLA GK . 43.16 75.51 73.93
CAB CLA GK . 42.11 77.21 76.56
CBB CLA GK . 41.97 75.96 77.02
NC CLA GK . 44.56 81.79 75.10
C1C CLA GK . 43.67 81.36 76.03
C2C CLA GK . 43.42 82.41 77.00
C3C CLA GK . 44.22 83.49 76.64
C4C CLA GK . 44.94 83.10 75.44
CMC CLA GK . 42.50 82.30 78.14
CAC CLA GK . 44.31 84.79 77.32
ND CLA GK . 46.40 82.23 73.01
C1D CLA GK . 46.55 83.52 73.60
C2D CLA GK . 47.53 84.29 72.81
C3D CLA GK . 47.92 83.48 71.77
C4D CLA GK . 47.18 82.20 71.94
CMD CLA GK . 47.95 85.66 73.12
CAD CLA GK . 48.75 83.34 70.58
OBD CLA GK . 49.55 84.14 70.10
CBD CLA GK . 48.46 81.93 69.98
MG CLA HK . 43.33 48.34 69.11
CHA CLA HK . 46.39 47.51 67.65
CHB CLA HK . 42.95 50.86 66.86
CHC CLA HK . 40.29 49.07 70.55
CHD CLA HK . 43.79 45.69 71.43
NA CLA HK . 44.50 49.05 67.53
C1A CLA HK . 45.74 48.58 67.07
C2A CLA HK . 46.24 49.39 65.87
C3A CLA HK . 45.14 50.47 65.69
C4A CLA HK . 44.11 50.12 66.76
CMA CLA HK . 45.68 51.87 65.85
CAA CLA HK . 46.35 48.55 64.62
NB CLA HK . 41.88 49.69 68.76
C1B CLA HK . 41.92 50.65 67.80
C2B CLA HK . 40.70 51.49 67.88
C3B CLA HK . 39.93 50.98 68.92
C4B CLA HK . 40.68 49.83 69.49
CMB CLA HK . 40.46 52.60 66.96
CAB CLA HK . 38.67 51.41 69.45
CBB CLA HK . 38.16 52.65 69.42
NC CLA HK . 42.26 47.54 70.71
C1C CLA HK . 41.04 48.00 71.14
C2C CLA HK . 40.58 47.22 72.28
C3C CLA HK . 41.56 46.25 72.52
C4C CLA HK . 42.61 46.46 71.53
CMC CLA HK . 39.32 47.44 72.99
CAC CLA HK . 41.55 45.23 73.57
CBC CLA HK . 41.02 43.90 73.09
ND CLA HK . 44.74 46.95 69.54
C1D CLA HK . 44.78 45.90 70.49
C2D CLA HK . 46.04 45.13 70.30
C3D CLA HK . 46.70 45.71 69.23
C4D CLA HK . 45.84 46.83 68.78
CMD CLA HK . 46.45 43.99 71.12
CAD CLA HK . 47.87 45.68 68.39
OBD CLA HK . 48.84 44.93 68.43
CBD CLA HK . 47.69 46.81 67.33
CGD CLA HK . 48.85 47.77 67.32
O1D CLA HK . 49.16 48.59 66.45
O2D CLA HK . 49.65 47.69 68.43
C1 LUT IK . 22.35 75.37 73.45
C2 LUT IK . 22.14 75.20 71.94
C3 LUT IK . 20.91 74.39 71.59
C4 LUT IK . 21.00 73.03 72.25
C5 LUT IK . 21.28 73.16 73.72
C6 LUT IK . 22.19 74.05 74.18
C7 LUT IK . 22.96 73.85 75.38
C8 LUT IK . 23.46 72.69 75.86
C9 LUT IK . 24.38 72.47 76.89
C10 LUT IK . 24.50 71.19 77.48
C11 LUT IK . 25.49 70.63 78.27
C12 LUT IK . 26.80 70.98 78.56
C13 LUT IK . 27.69 70.31 79.42
C14 LUT IK . 29.03 70.68 79.62
C15 LUT IK . 29.93 70.07 80.48
C16 LUT IK . 21.32 76.35 73.99
C17 LUT IK . 23.74 75.95 73.70
C18 LUT IK . 20.46 72.26 74.61
C19 LUT IK . 25.24 73.58 77.39
C20 LUT IK . 27.17 69.16 80.18
O3 LUT IK . 20.78 74.25 70.19
C21 LUT IK . 35.24 66.84 90.23
C22 LUT IK . 35.31 65.62 91.15
C23 LUT IK . 36.74 65.17 91.39
C24 LUT IK . 37.61 65.26 90.17
C25 LUT IK . 37.30 65.91 89.06
C26 LUT IK . 35.91 66.48 88.88
C27 LUT IK . 35.78 67.54 87.81
C28 LUT IK . 36.26 68.79 87.77
C29 LUT IK . 35.94 69.70 86.75
C30 LUT IK . 35.04 69.34 85.72
C31 LUT IK . 34.59 70.07 84.64
C32 LUT IK . 33.59 69.65 83.77
C33 LUT IK . 33.03 70.31 82.66
C34 LUT IK . 31.91 69.83 81.97
C35 LUT IK . 31.18 70.45 80.97
C36 LUT IK . 35.97 68.03 90.90
C37 LUT IK . 33.78 67.25 90.00
C38 LUT IK . 38.27 66.10 87.92
C39 LUT IK . 36.49 71.07 86.72
C40 LUT IK . 33.66 71.58 82.20
O23 LUT IK . 36.76 63.84 91.93
C1 XAT JK . 35.11 67.59 67.92
C2 XAT JK . 35.41 68.86 67.10
C3 XAT JK . 35.74 70.09 67.93
C4 XAT JK . 34.58 70.48 68.81
C5 XAT JK . 34.09 69.31 69.63
C6 XAT JK . 34.31 67.91 69.19
C7 XAT JK . 34.15 66.78 70.17
C8 XAT JK . 32.95 66.29 70.44
C9 XAT JK . 32.56 65.21 71.25
C10 XAT JK . 31.19 64.90 71.40
C11 XAT JK . 30.58 63.84 72.01
C12 XAT JK . 29.20 63.64 72.04
C13 XAT JK . 28.47 62.52 72.43
C14 XAT JK . 27.07 62.41 72.26
C15 XAT JK . 26.23 61.37 72.57
C16 XAT JK . 36.43 66.92 68.30
C17 XAT JK . 34.29 66.64 67.02
C18 XAT JK . 33.84 69.60 71.09
C19 XAT JK . 33.54 64.38 72.00
C20 XAT JK . 29.19 61.38 73.06
O3 XAT JK . 36.89 69.84 68.75
O4 XAT JK . 33.03 68.58 68.95
C21 XAT JK . 15.06 53.89 73.20
C22 XAT JK . 14.11 52.95 73.95
C23 XAT JK . 14.73 52.29 75.16
C24 XAT JK . 15.11 53.33 76.20
C25 XAT JK . 15.99 54.39 75.61
C26 XAT JK . 15.99 54.65 74.16
C27 XAT JK . 16.53 55.96 73.62
C28 XAT JK . 17.83 56.22 73.47
C29 XAT JK . 18.40 57.39 72.94
C30 XAT JK . 19.78 57.63 72.99
C31 XAT JK . 20.50 58.73 72.54
C32 XAT JK . 21.84 58.96 72.75
C33 XAT JK . 22.64 60.03 72.30
C34 XAT JK . 24.01 60.17 72.63
C35 XAT JK . 24.88 61.18 72.28
C36 XAT JK . 14.17 54.85 72.41
C37 XAT JK . 15.87 53.02 72.22
C38 XAT JK . 16.44 55.46 76.57
C39 XAT JK . 17.55 58.43 72.29
C40 XAT JK . 22.03 61.05 71.41
O23 XAT JK . 13.81 51.35 75.73
O24 XAT JK . 17.03 53.83 74.76
C1 BCR KK . 58.30 51.47 78.01
C2 BCR KK . 59.05 50.13 77.98
C3 BCR KK . 58.15 48.98 77.76
C4 BCR KK . 57.46 49.12 76.41
C5 BCR KK . 56.92 50.50 76.15
C6 BCR KK . 57.30 51.58 76.86
C7 BCR KK . 56.77 52.88 76.57
C8 BCR KK . 55.57 53.40 76.97
C9 BCR KK . 55.12 54.69 76.70
C10 BCR KK . 53.85 55.17 77.10
C11 BCR KK . 53.34 56.45 76.96
C33 BCR KK . 55.96 50.55 75.00
C31 BCR KK . 59.33 52.60 77.92
C32 BCR KK . 57.57 51.57 79.36
C34 BCR KK . 56.00 55.63 75.97
C12 BCR KK . 52.09 56.93 77.29
C13 BCR KK . 51.58 58.24 77.16
C14 BCR KK . 50.25 58.59 77.41
C15 BCR KK . 49.63 59.81 77.21
C16 BCR KK . 48.31 60.23 77.42
C17 BCR KK . 47.80 61.47 77.11
C18 BCR KK . 46.49 61.94 77.30
C19 BCR KK . 46.04 63.21 76.89
C20 BCR KK . 44.78 63.76 76.99
C21 BCR KK . 44.36 65.02 76.56
C22 BCR KK . 43.08 65.59 76.62
C23 BCR KK . 42.82 66.87 76.12
C24 BCR KK . 41.61 67.49 76.00
C25 BCR KK . 41.36 68.81 75.50
C26 BCR KK . 41.51 69.09 74.19
C27 BCR KK . 41.51 70.50 73.66
C28 BCR KK . 41.52 71.57 74.74
C29 BCR KK . 40.55 71.19 75.81
C30 BCR KK . 40.92 69.88 76.49
C35 BCR KK . 52.52 59.30 76.73
C36 BCR KK . 45.51 61.03 77.97
C37 BCR KK . 42.00 64.78 77.23
C38 BCR KK . 41.69 68.06 73.11
C39 BCR KK . 39.71 69.40 77.30
C40 BCR KK . 42.07 70.18 77.48
C1 BCR LK . 48.49 61.73 85.28
C2 BCR LK . 49.00 60.43 85.87
C3 BCR LK . 48.02 59.77 86.77
C4 BCR LK . 46.75 59.44 85.98
C5 BCR LK . 46.28 60.56 85.09
C6 BCR LK . 47.04 61.62 84.79
C7 BCR LK . 46.50 62.71 84.00
C8 BCR LK . 46.50 62.82 82.64
C9 BCR LK . 45.88 63.77 81.84
C10 BCR LK . 44.96 64.71 82.34
C11 BCR LK . 44.27 65.69 81.64
C33 BCR LK . 44.88 60.35 84.59
C31 BCR LK . 49.43 62.11 84.12
C32 BCR LK . 48.60 62.82 86.36
C34 BCR LK . 46.17 63.83 80.39
C12 BCR LK . 43.28 66.55 82.08
C13 BCR LK . 42.56 67.50 81.33
C14 BCR LK . 41.52 68.30 81.84
C15 BCR LK . 40.76 69.25 81.18
C16 BCR LK . 39.74 70.08 81.61
C17 BCR LK . 38.91 71.10 81.13
C18 BCR LK . 37.95 71.82 81.84
C19 BCR LK . 37.24 72.92 81.31
C20 BCR LK . 36.35 73.76 81.97
C21 BCR LK . 35.59 74.83 81.52
C22 BCR LK . 34.76 75.66 82.28
C23 BCR LK . 33.98 76.70 81.74
C24 BCR LK . 33.88 77.12 80.45
C25 BCR LK . 33.01 78.17 79.97
C26 BCR LK . 33.30 79.46 80.23
C27 BCR LK . 32.27 80.56 80.05
C28 BCR LK . 30.88 80.04 79.73
C29 BCR LK . 30.97 78.98 78.70
C30 BCR LK . 31.79 77.77 79.15
C35 BCR LK . 42.94 67.68 79.90
C36 BCR LK . 37.64 71.42 83.24
C37 BCR LK . 34.70 75.42 83.74
C38 BCR LK . 34.62 79.97 80.74
C39 BCR LK . 32.21 76.98 77.91
C40 BCR LK . 30.87 76.87 80.00
MG CLA MK . 79.08 16.45 47.33
CHA CLA MK . 78.25 18.99 49.55
CHB CLA MK . 76.89 17.71 45.05
CHC CLA MK . 79.95 13.91 45.18
CHD CLA MK . 81.36 15.17 49.74
NA CLA MK . 77.80 18.09 47.32
C1A CLA MK . 77.60 19.04 48.35
C2A CLA MK . 76.55 20.07 47.92
C3A CLA MK . 76.12 19.61 46.51
C4A CLA MK . 76.99 18.38 46.26
CMA CLA MK . 74.65 19.27 46.45
CAA CLA MK . 77.14 21.47 47.88
CBA CLA MK . 78.05 21.68 46.69
CGA CLA MK . 77.38 22.57 45.68
O1A CLA MK . 77.86 23.11 44.69
O2A CLA MK . 76.06 22.76 45.94
NB CLA MK . 78.53 15.90 45.48
C1B CLA MK . 77.63 16.56 44.70
C2B CLA MK . 77.50 15.87 43.38
C3B CLA MK . 78.36 14.80 43.40
C4B CLA MK . 79.02 14.80 44.75
CMB CLA MK . 76.60 16.33 42.33
CAB CLA MK . 78.61 13.81 42.39
CBB CLA MK . 79.81 13.45 41.93
NC CLA MK . 80.42 14.84 47.45
C1C CLA MK . 80.60 13.92 46.45
C2C CLA MK . 81.60 12.93 46.88
C3C CLA MK . 82.01 13.29 48.16
C4C CLA MK . 81.25 14.49 48.51
CMC CLA MK . 82.04 11.81 46.05
CAC CLA MK . 83.00 12.61 49.00
CBC CLA MK . 82.40 11.55 49.89
ND CLA MK . 79.72 16.91 49.20
C1D CLA MK . 80.64 16.30 50.08
C2D CLA MK . 80.69 17.07 51.35
C3D CLA MK . 79.79 18.10 51.20
C4D CLA MK . 79.20 17.96 49.84
CMD CLA MK . 81.55 16.74 52.49
CAD CLA MK . 79.18 19.27 51.82
OBD CLA MK . 79.39 19.76 52.92
CBD CLA MK . 78.16 19.85 50.79
CGD CLA MK . 76.77 19.85 51.33
O1D CLA MK . 75.79 20.49 50.91
O2D CLA MK . 76.60 19.05 52.42
CED CLA MK . 75.49 19.29 53.28
MG CLA NK . 78.32 6.79 38.69
CHA CLA NK . 77.61 5.35 41.76
CHB CLA NK . 77.11 4.02 37.12
CHC CLA NK . 78.83 8.35 35.66
CHD CLA NK . 79.52 9.66 40.37
NA CLA NK . 77.53 4.98 39.36
C1A CLA NK . 77.29 4.57 40.67
C2A CLA NK . 76.69 3.18 40.71
C3A CLA NK . 76.76 2.72 39.24
C4A CLA NK . 77.14 3.99 38.50
CMA CLA NK . 77.81 1.65 39.07
CAA CLA NK . 75.24 3.24 41.17
CBA CLA NK . 74.24 3.14 40.02
CGA CLA NK . 74.04 4.46 39.37
O1A CLA NK . 74.23 5.58 39.83
O2A CLA NK . 73.58 4.37 38.08
NB CLA NK . 78.08 6.26 36.76
C1B CLA NK . 77.45 5.14 36.33
C2B CLA NK . 77.17 5.23 34.87
C3B CLA NK . 77.65 6.44 34.45
C4B CLA NK . 78.26 7.12 35.64
CMB CLA NK . 76.49 4.16 34.14
CAB CLA NK . 77.65 7.05 33.14
CBB CLA NK . 76.73 6.89 32.19
NC CLA NK . 79.10 8.65 38.13
C1C CLA NK . 79.25 9.06 36.83
C2C CLA NK . 79.84 10.40 36.81
C3C CLA NK . 79.99 10.80 38.13
C4C CLA NK . 79.52 9.69 38.96
CMC CLA NK . 80.15 11.15 35.59
CAC CLA NK . 80.53 12.09 38.61
CBC CLA NK . 81.84 11.99 39.36
ND CLA NK . 78.57 7.41 40.59
C1D CLA NK . 79.08 8.62 41.14
C2D CLA NK . 79.04 8.52 42.63
C3D CLA NK . 78.48 7.29 42.91
C4D CLA NK . 78.20 6.65 41.62
CMD CLA NK . 79.51 9.57 43.54
CAD CLA NK . 78.07 6.37 43.95
OBD CLA NK . 78.13 6.49 45.17
CBD CLA NK . 77.49 5.11 43.24
CGD CLA NK . 78.20 3.85 43.65
O1D CLA NK . 79.34 3.49 43.35
O2D CLA NK . 77.45 3.03 44.44
C1 CLA NK . 73.95 5.44 37.18
C2 CLA NK . 73.10 5.36 35.97
C3 CLA NK . 73.27 6.18 34.92
C4 CLA NK . 74.33 7.22 34.90
C5 CLA NK . 72.41 6.09 33.71
C6 CLA NK . 71.67 7.40 33.43
C7 CLA NK . 72.17 8.05 32.16
C8 CLA NK . 71.80 9.53 32.09
C9 CLA NK . 71.92 10.05 30.69
C10 CLA NK . 72.65 10.35 33.06
C11 CLA NK . 72.62 11.83 32.74
C12 CLA NK . 73.06 12.67 33.93
C13 CLA NK . 73.41 14.09 33.51
C14 CLA NK . 74.74 14.12 32.78
MG CLA OK . 76.70 6.15 25.98
CHA CLA OK . 75.54 2.97 26.76
CHB CLA OK . 75.12 7.39 28.72
CHC CLA OK . 77.95 9.26 25.20
CHD CLA OK . 78.28 4.80 23.10
NA CLA OK . 75.53 5.30 27.49
C1A CLA OK . 75.17 3.95 27.64
C2A CLA OK . 74.30 3.75 28.89
C3A CLA OK . 74.13 5.19 29.44
C4A CLA OK . 74.99 6.04 28.50
CMA CLA OK . 72.68 5.63 29.42
CAA CLA OK . 75.03 2.90 29.90
CBA CLA OK . 74.20 2.61 31.13
CGA CLA OK . 73.15 1.59 30.80
O1A CLA OK . 72.17 1.72 30.06
O2A CLA OK . 73.37 0.39 31.41
NB CLA OK . 76.53 7.99 26.78
C1B CLA OK . 75.88 8.28 27.94
C2B CLA OK . 76.06 9.72 28.26
C3B CLA OK . 76.85 10.26 27.27
C4B CLA OK . 77.17 9.16 26.32
CMB CLA OK . 75.47 10.35 29.44
CAB CLA OK . 77.33 11.61 27.14
CBB CLA OK . 77.29 12.35 26.03
NC CLA OK . 77.90 6.88 24.43
C1C CLA OK . 78.28 8.19 24.32
C2C CLA OK . 79.11 8.36 23.13
C3C CLA OK . 79.21 7.09 22.53
C4C CLA OK . 78.44 6.18 23.36
CMC CLA OK . 79.70 9.61 22.68
CAC CLA OK . 79.94 6.75 21.29
CBC CLA OK . 81.34 6.29 21.58
ND CLA OK . 76.94 4.34 25.10
C1D CLA OK . 77.57 3.93 23.90
C2D CLA OK . 77.35 2.48 23.71
C3D CLA OK . 76.61 2.05 24.79
C4D CLA OK . 76.35 3.26 25.62
CMD CLA OK . 77.86 1.71 22.58
CAD CLA OK . 75.96 0.93 25.44
OBD CLA OK . 75.95 -0.26 25.12
CBD CLA OK . 75.22 1.49 26.69
CGD CLA OK . 73.74 1.25 26.60
O1D CLA OK . 72.97 0.87 27.49
O2D CLA OK . 73.21 1.51 25.36
MG CLA PK . 94.89 9.94 17.47
CHA CLA PK . 95.86 11.42 14.48
CHB CLA PK . 91.90 9.11 16.08
CHC CLA PK . 93.99 8.47 20.45
CHD CLA PK . 98.01 10.82 18.87
NA CLA PK . 94.05 10.23 15.58
C1A CLA PK . 94.61 10.86 14.46
C2A CLA PK . 93.65 10.83 13.28
C3A CLA PK . 92.41 10.09 13.82
C4A CLA PK . 92.79 9.77 15.27
CMA CLA PK . 91.16 10.93 13.73
CAA CLA PK . 94.24 10.07 12.10
CBA CLA PK . 94.09 8.57 12.25
CGA CLA PK . 95.34 7.96 12.81
O1A CLA PK . 95.83 8.10 13.92
NB CLA PK . 93.27 8.95 18.12
C1B CLA PK . 92.13 8.75 17.42
C2B CLA PK . 91.10 8.08 18.28
C3B CLA PK . 91.69 7.89 19.52
C4B CLA PK . 93.07 8.44 19.44
CMB CLA PK . 89.78 7.74 17.78
CAB CLA PK . 91.18 7.30 20.74
CBB CLA PK . 89.90 7.19 21.08
NC CLA PK . 95.84 9.69 19.32
C1C CLA PK . 95.29 9.05 20.39
C2C CLA PK . 96.23 9.04 21.51
C3C CLA PK . 97.37 9.72 21.07
C4C CLA PK . 97.12 10.13 19.69
CMC CLA PK . 95.98 8.43 22.81
CAC CLA PK . 98.60 9.97 21.84
ND CLA PK . 96.57 10.91 16.90
C1D CLA PK . 97.78 11.20 17.57
C2D CLA PK . 98.67 11.94 16.65
C3D CLA PK . 97.99 12.07 15.45
C4D CLA PK . 96.68 11.40 15.65
CMD CLA PK . 100.00 12.42 17.00
CAD CLA PK . 98.01 12.58 14.09
OBD CLA PK . 98.87 13.22 13.51
CBD CLA PK . 96.66 12.15 13.43
CGD CLA PK . 95.90 13.32 12.86
O1D CLA PK . 95.34 13.41 11.77
O2D CLA PK . 95.84 14.39 13.71
CED CLA PK . 94.59 14.69 14.34
MG CHL QK . 90.50 3.94 14.73
CHA CHL QK . 93.15 2.06 13.29
CHB CHL QK . 90.33 1.54 17.23
CHC CHL QK . 87.67 5.63 16.08
CHD CHL QK . 90.73 6.43 12.16
NA CHL QK . 91.45 2.24 15.14
C1A CHL QK . 92.43 1.66 14.52
C2A CHL QK . 92.93 0.38 15.13
C3A CHL QK . 91.90 0.13 16.18
C4A CHL QK . 91.16 1.43 16.19
CMA CHL QK . 90.99 -1.03 15.80
CAA CHL QK . 94.30 0.56 15.76
CBA CHL QK . 94.73 -0.68 16.52
NB CHL QK . 89.26 3.64 16.33
C1B CHL QK . 89.36 2.63 17.21
C2B CHL QK . 88.31 2.70 18.25
C3B CHL QK . 87.54 3.90 17.90
C4B CHL QK . 88.22 4.41 16.68
CMB CHL QK . 88.07 1.76 19.41
CAB CHL QK . 86.39 4.26 18.78
NC CHL QK . 89.45 5.65 14.23
C1C CHL QK . 88.37 6.13 14.88
C2C CHL QK . 87.83 7.38 14.28
C3C CHL QK . 88.72 7.62 13.15
C4C CHL QK . 89.69 6.48 13.20
CMC CHL QK . 86.75 8.36 14.50
OMC CHL QK . 85.98 8.20 15.43
CAC CHL QK . 88.67 8.75 12.14
ND CHL QK . 91.64 4.29 13.06
C1D CHL QK . 91.63 5.28 12.16
C2D CHL QK . 92.69 4.95 11.19
C3D CHL QK . 93.31 3.68 11.61
C4D CHL QK . 92.60 3.33 12.78
CMD CHL QK . 93.24 5.59 9.94
CAD CHL QK . 94.35 2.66 11.31
OBD CHL QK . 95.12 2.77 10.29
CBD CHL QK . 94.23 1.65 12.37
CGD CHL QK . 93.86 0.33 11.75
O1D CHL QK . 93.30 0.30 10.66
O2D CHL QK . 94.16 -0.92 12.43
CED CHL QK . 93.33 -2.05 12.24
MG CHL RK . 82.96 12.12 13.77
CHA CHL RK . 82.19 14.95 11.79
CHB CHL RK . 83.37 14.27 16.39
CHC CHL RK . 83.07 9.31 15.90
CHD CHL RK . 83.48 10.05 10.94
NA CHL RK . 82.61 14.05 14.08
C1A CHL RK . 82.20 14.96 13.27
C2A CHL RK . 81.67 16.20 13.92
C3A CHL RK . 82.08 15.99 15.35
C4A CHL RK . 82.76 14.66 15.28
CMA CHL RK . 83.07 17.05 15.82
CAA CHL RK . 80.17 16.29 13.76
CBA CHL RK . 79.69 17.72 13.97
CGA CHL RK . 79.31 18.31 12.63
O1A CHL RK . 80.17 18.50 11.77
O2A CHL RK . 77.93 18.65 12.33
NB CHL RK . 83.18 11.85 15.78
C1B CHL RK . 83.34 12.83 16.66
C2B CHL RK . 83.48 12.33 18.05
C3B CHL RK . 83.39 10.86 17.91
C4B CHL RK . 83.20 10.67 16.44
CMB CHL RK . 83.67 13.13 19.31
CAB CHL RK . 83.50 10.08 19.17
CBB CHL RK . 82.97 8.88 19.27
NC CHL RK . 83.22 10.10 13.48
C1C CHL RK . 83.24 9.16 14.45
C2C CHL RK . 83.46 7.79 13.91
C3C CHL RK . 83.58 8.01 12.46
C4C CHL RK . 83.42 9.48 12.30
CMC CHL RK . 83.57 6.40 14.40
OMC CHL RK . 83.48 6.16 15.59
CAC CHL RK . 83.80 6.98 11.37
CBC CHL RK . 85.28 6.89 11.07
ND CHL RK . 82.88 12.33 11.75
C1D CHL RK . 83.11 11.46 10.74
C2D CHL RK . 82.90 12.24 9.50
C3D CHL RK . 82.54 13.62 9.90
C4D CHL RK . 82.55 13.60 11.29
CMD CHL RK . 82.97 11.93 8.04
CAD CHL RK . 82.17 14.97 9.40
OBD CHL RK . 82.10 15.23 8.14
CBD CHL RK . 81.97 15.80 10.60
CGD CHL RK . 82.94 16.94 10.60
O1D CHL RK . 83.99 16.85 11.21
O2D CHL RK . 82.64 18.16 9.86
CED CHL RK . 83.29 19.38 10.21
MG CHL SK . 88.73 -7.10 25.98
CHA CHL SK . 88.80 -3.93 27.55
CHB CHL SK . 90.05 -5.59 23.17
CHC CHL SK . 89.15 -10.32 24.51
CHD CHL SK . 86.90 -8.56 28.66
NA CHL SK . 89.38 -5.27 25.51
C1A CHL SK . 89.42 -4.20 26.23
C2A CHL SK . 90.17 -3.04 25.63
C3A CHL SK . 90.43 -3.53 24.24
C4A CHL SK . 89.90 -4.92 24.31
CMA CHL SK . 89.66 -2.73 23.20
CAA CHL SK . 91.46 -2.73 26.38
CBA CHL SK . 92.13 -3.99 26.90
CGA CHL SK . 93.54 -4.11 26.35
O1A CHL SK . 93.73 -4.25 25.15
O2A CHL SK . 94.68 -4.05 27.24
NB CHL SK . 89.45 -7.81 24.20
C1B CHL SK . 89.94 -7.04 23.22
C2B CHL SK . 90.39 -7.85 22.05
C3B CHL SK . 90.12 -9.24 22.44
C4B CHL SK . 89.54 -9.09 23.81
CMB CHL SK . 90.99 -7.34 20.77
CAB CHL SK . 90.48 -10.28 21.45
CBB CHL SK . 90.68 -11.53 21.81
NC CHL SK . 88.15 -9.01 26.48
C1C CHL SK . 88.42 -10.13 25.77
C2C CHL SK . 87.86 -11.36 26.40
C3C CHL SK . 87.21 -10.84 27.60
C4C CHL SK . 87.45 -9.38 27.56
CMC CHL SK . 87.78 -12.83 26.19
OMC CHL SK . 88.07 -13.31 25.11
CAC CHL SK . 86.47 -11.63 28.65
CBC CHL SK . 87.44 -12.21 29.65
ND CHL SK . 87.96 -6.49 27.75
C1D CHL SK . 87.28 -7.14 28.70
C2D CHL SK . 87.01 -6.13 29.75
C3D CHL SK . 87.60 -4.86 29.32
C4D CHL SK . 88.18 -5.15 28.07
CMD CHL SK . 86.31 -6.13 31.08
CAD CHL SK . 87.82 -3.43 29.67
OBD CHL SK . 87.38 -2.94 30.78
CBD CHL SK . 88.58 -2.86 28.55
CGD CHL SK . 87.85 -1.71 27.93
O1D CHL SK . 86.90 -1.88 27.19
O2D CHL SK . 88.33 -0.36 28.20
CED CHL SK . 89.01 0.35 27.19
C1 CHL SK . 96.00 -4.05 26.70
C2 CHL SK . 96.52 -2.65 26.62
C3 CHL SK . 97.11 -2.06 27.68
C4 CHL SK . 97.26 -2.81 28.97
C5 CHL SK . 97.63 -0.65 27.55
MG CLA TK . 79.65 -1.51 23.38
CHA CLA TK . 78.43 -1.35 26.61
CHB CLA TK . 78.36 -4.63 23.05
CHC CLA TK . 80.78 -1.55 20.13
CHD CLA TK . 81.12 1.68 23.84
NA CLA TK . 78.57 -2.76 24.64
C1A CLA TK . 78.15 -2.52 25.96
C2A CLA TK . 77.38 -3.71 26.53
C3A CLA TK . 77.53 -4.78 25.42
C4A CLA TK . 78.18 -4.02 24.27
CMA CLA TK . 78.38 -5.94 25.88
CAA CLA TK . 75.93 -3.34 26.73
CBA CLA TK . 75.11 -3.49 25.47
CGA CLA TK . 73.88 -2.64 25.53
O1A CLA TK . 73.43 -1.88 24.67
O2A CLA TK . 73.19 -2.78 26.71
NB CLA TK . 79.68 -2.88 21.91
C1B CLA TK . 78.96 -4.03 21.92
C2B CLA TK . 78.87 -4.60 20.54
C3B CLA TK . 79.56 -3.73 19.72
C4B CLA TK . 80.06 -2.62 20.57
CMB CLA TK . 78.16 -5.83 20.24
CAB CLA TK . 79.77 -3.77 18.30
CBB CLA TK . 78.81 -3.93 17.38
NC CLA TK . 80.75 -0.17 22.21
C1C CLA TK . 81.10 -0.39 20.91
C2C CLA TK . 81.87 0.74 20.39
C3C CLA TK . 81.97 1.66 21.44
C4C CLA TK . 81.28 1.07 22.58
CMC CLA TK . 82.39 0.86 19.03
CAC CLA TK . 82.66 2.95 21.41
CBC CLA TK . 84.13 2.84 21.74
ND CLA TK . 79.68 -0.06 24.79
C1D CLA TK . 80.38 1.18 24.88
C2D CLA TK . 80.13 1.77 26.21
C3D CLA TK . 79.34 0.87 26.90
C4D CLA TK . 79.14 -0.28 25.99
CMD CLA TK . 80.62 3.08 26.62
CAD CLA TK . 78.64 0.57 28.14
OBD CLA TK . 78.45 1.28 29.12
CBD CLA TK . 78.13 -0.90 28.03
CGD CLA TK . 78.78 -1.79 29.05
O1D CLA TK . 77.92 -2.28 29.99
MG CLA UK . 90.93 13.59 46.91
CHA CLA UK . 91.92 10.28 46.82
CHB CLA UK . 91.52 13.67 50.25
CHC CLA UK . 90.10 16.93 46.93
CHD CLA UK . 90.39 13.49 43.43
NA CLA UK . 91.61 12.18 48.29
C1A CLA UK . 91.99 10.85 48.05
C2A CLA UK . 92.59 10.27 49.29
C3A CLA UK . 92.11 11.22 50.37
C4A CLA UK . 91.74 12.46 49.61
CMA CLA UK . 90.88 10.67 51.07
CAA CLA UK . 94.11 10.38 49.17
CBA CLA UK . 94.50 11.44 48.15
CGA CLA UK . 94.87 12.74 48.83
O1A CLA UK . 95.68 12.78 49.73
O2A CLA UK . 94.23 13.99 48.39
NB CLA UK . 90.84 15.02 48.33
C1B CLA UK . 91.12 14.86 49.64
C2B CLA UK . 90.88 16.13 50.39
C3B CLA UK . 90.47 17.06 49.44
C4B CLA UK . 90.45 16.36 48.12
CMB CLA UK . 91.10 16.27 51.87
CAB CLA UK . 90.10 18.47 49.53
CBB CLA UK . 90.40 19.28 50.56
NC CLA UK . 90.33 14.96 45.44
C1C CLA UK . 90.03 16.28 45.67
C2C CLA UK . 89.67 16.94 44.42
C3C CLA UK . 89.76 15.96 43.42
C4C CLA UK . 90.17 14.73 44.07
CMC CLA UK . 89.28 18.38 44.21
CAC CLA UK . 89.46 16.14 41.96
CBC CLA UK . 90.77 16.07 41.23
ND CLA UK . 91.11 12.24 45.42
C1D CLA UK . 90.84 12.33 44.03
C2D CLA UK . 91.07 10.99 43.43
C3D CLA UK . 91.48 10.18 44.45
C4D CLA UK . 91.50 11.00 45.67
CMD CLA UK . 90.93 10.42 42.04
CAD CLA UK . 91.89 8.84 44.83
OBD CLA UK . 91.98 7.86 44.14
CBD CLA UK . 92.16 8.85 46.33
CGD CLA UK . 91.25 7.92 47.09
O1D CLA UK . 90.10 8.24 47.33
O2D CLA UK . 91.71 6.64 47.58
CED CLA UK . 91.27 6.15 48.83
MG CLA VK . 95.67 11.89 38.10
CHA CLA VK . 96.24 9.93 40.91
CHB CLA VK . 97.13 9.52 36.15
CHC CLA VK . 95.05 13.85 35.34
CHD CLA VK . 94.22 14.37 40.17
NA CLA VK . 96.53 10.03 38.49
C1A CLA VK . 96.67 9.38 39.73
C2A CLA VK . 97.37 8.03 39.57
C3A CLA VK . 97.69 7.97 38.06
C4A CLA VK . 97.06 9.25 37.51
CMA CLA VK . 99.17 7.90 37.80
CAA CLA VK . 96.46 6.88 39.97
CBA CLA VK . 97.16 5.93 40.93
CGA CLA VK . 98.65 6.09 40.84
O1A CLA VK . 99.38 6.82 41.50
O2A CLA VK . 99.21 5.30 39.88
NB CLA VK . 96.05 11.73 36.13
C1B CLA VK . 96.61 10.66 35.51
C2B CLA VK . 96.62 10.86 34.04
C3B CLA VK . 96.04 12.09 33.80
C4B CLA VK . 95.65 12.66 35.13
CMB CLA VK . 97.16 9.89 33.09
CAB CLA VK . 95.79 12.77 32.56
CBB CLA VK . 96.34 13.93 32.20
NC CLA VK . 94.79 13.76 37.82
C1C CLA VK . 94.64 14.38 36.61
C2C CLA VK . 93.99 15.67 36.78
C3C CLA VK . 93.77 15.82 38.15
C4C CLA VK . 94.26 14.62 38.79
CMC CLA VK . 93.68 16.60 35.69
CAC CLA VK . 93.14 16.98 38.81
ND CLA VK . 95.24 12.14 40.05
C1D CLA VK . 94.68 13.22 40.78
C2D CLA VK . 94.67 12.88 42.22
C3D CLA VK . 95.22 11.62 42.32
C4D CLA VK . 95.58 11.21 40.96
CMD CLA VK . 94.15 13.74 43.28
CAD CLA VK . 95.60 10.54 43.22
OBD CLA VK . 95.44 10.43 44.43
CBD CLA VK . 96.31 9.45 42.35
CGD CLA VK . 97.73 9.23 42.79
O1D CLA VK . 98.77 9.53 42.18
O2D CLA VK . 97.84 8.62 44.00
CED CLA VK . 99.11 8.66 44.64
MG CLA WK . 84.17 24.16 31.02
CHA CLA WK . 84.46 27.37 29.74
CHB CLA WK . 87.36 24.35 32.19
CHC CLA WK . 83.81 21.01 32.36
CHD CLA WK . 80.86 24.01 29.79
NA CLA WK . 85.65 25.63 30.94
C1A CLA WK . 85.58 26.90 30.36
C2A CLA WK . 86.91 27.66 30.53
C3A CLA WK . 87.83 26.61 31.18
C4A CLA WK . 86.90 25.44 31.48
CMA CLA WK . 88.96 26.21 30.28
CAA CLA WK . 86.75 28.90 31.39
CBA CLA WK . 86.23 28.57 32.78
CGA CLA WK . 84.75 28.84 32.84
O2A CLA WK . 84.01 27.68 32.83
NB CLA WK . 85.38 22.89 32.01
C1B CLA WK . 86.60 23.21 32.51
C2B CLA WK . 87.06 22.16 33.47
C3B CLA WK . 86.06 21.22 33.52
C4B CLA WK . 84.98 21.67 32.59
CMB CLA WK . 88.35 22.22 34.16
CAB CLA WK . 85.98 20.01 34.28
CBB CLA WK . 86.18 19.93 35.60
NC CLA WK . 82.63 22.75 31.03
C1C CLA WK . 82.70 21.51 31.62
C2C CLA WK . 81.45 20.79 31.42
C3C CLA WK . 80.60 21.65 30.72
C4C CLA WK . 81.34 22.88 30.48
CMC CLA WK . 81.18 19.43 31.88
CAC CLA WK . 79.22 21.36 30.27
CBC CLA WK . 78.19 21.87 31.23
ND CLA WK . 82.90 25.36 30.00
C1D CLA WK . 81.56 25.18 29.57
C2D CLA WK . 81.12 26.40 28.85
C3D CLA WK . 82.20 27.28 28.89
C4D CLA WK . 83.28 26.58 29.62
CMD CLA WK . 79.80 26.58 28.26
CAD CLA WK . 82.70 28.58 28.49
OBD CLA WK . 82.16 29.47 27.85
CBD CLA WK . 84.16 28.69 29.05
CGD CLA WK . 85.18 29.03 27.99
O1D CLA WK . 85.39 28.45 26.92
O2D CLA WK . 85.92 30.13 28.28
CED CLA WK . 85.25 31.33 28.68
C1 CLA WK . 83.59 27.19 34.12
C2 CLA WK . 83.41 25.73 34.00
C3 CLA WK . 82.38 25.08 34.54
C4 CLA WK . 81.32 25.78 35.31
C5 CLA WK . 82.26 23.60 34.39
C6 CLA WK . 80.82 23.11 34.30
C7 CLA WK . 80.44 22.29 35.52
C8 CLA WK . 81.59 21.40 35.99
C9 CLA WK . 81.38 19.97 35.54
C10 CLA WK . 81.73 21.46 37.51
MG CLA XK . 89.14 30.18 37.14
CHA CLA XK . 85.74 29.84 37.69
CHB CLA XK . 89.02 33.37 38.31
CHC CLA XK . 92.53 30.43 36.61
CHD CLA XK . 89.23 26.84 35.95
NA CLA XK . 87.61 31.39 37.87
C1A CLA XK . 86.25 31.07 38.01
C2A CLA XK . 85.46 32.25 38.58
C3A CLA XK . 86.52 33.38 38.69
C4A CLA XK . 87.82 32.69 38.27
CMA CLA XK . 86.19 34.55 37.80
CAA CLA XK . 84.89 31.92 39.94
CBA CLA XK . 85.95 31.39 40.90
CGA CLA XK . 85.34 31.09 42.23
NB CLA XK . 90.49 31.66 37.29
C1B CLA XK . 90.27 32.84 37.95
C2B CLA XK . 91.57 33.51 38.26
C3B CLA XK . 92.56 32.68 37.79
C4B CLA XK . 91.89 31.51 37.17
CMB CLA XK . 91.66 34.77 38.98
CAB CLA XK . 93.99 32.81 37.83
CBB CLA XK . 94.70 33.11 38.93
NC CLA XK . 90.60 28.87 36.41
C1C CLA XK . 91.92 29.19 36.26
C2C CLA XK . 92.65 28.07 35.69
C3C CLA XK . 91.72 27.03 35.53
C4C CLA XK . 90.43 27.56 35.97
CMC CLA XK . 94.08 28.06 35.39
CAC CLA XK . 91.97 25.70 34.99
CBC CLA XK . 92.11 24.65 36.08
ND CLA XK . 87.87 28.62 36.97
C1D CLA XK . 88.02 27.32 36.40
C2D CLA XK . 86.71 26.63 36.42
C3D CLA XK . 85.80 27.55 36.94
C4D CLA XK . 86.56 28.77 37.22
CMD CLA XK . 86.47 25.27 35.98
CAD CLA XK . 84.42 27.79 37.33
OBD CLA XK . 83.47 27.01 37.39
CBD CLA XK . 84.33 29.30 37.70
CGD CLA XK . 83.46 30.04 36.72
O1D CLA XK . 83.82 30.77 35.79
O2D CLA XK . 82.12 29.85 36.91
CED CLA XK . 81.42 30.75 37.77
MG CHL YK . 95.93 -15.33 22.42
CHA CHL YK . 99.01 -15.91 24.08
CHB CHL YK . 97.70 -15.35 19.47
CHC CHL YK . 92.84 -15.40 20.68
CHD CHL YK . 94.24 -14.59 25.44
NA CHL YK . 97.82 -15.70 21.89
C1A CHL YK . 98.84 -16.02 22.61
C2A CHL YK . 100.01 -16.58 21.87
C3A CHL YK . 99.67 -16.22 20.46
C4A CHL YK . 98.28 -15.71 20.62
CMA CHL YK . 100.58 -15.14 19.93
CAA CHL YK . 100.08 -18.09 22.07
NB CHL YK . 95.38 -15.37 20.44
C1B CHL YK . 96.24 -15.37 19.42
C2B CHL YK . 95.54 -15.40 18.11
C3B CHL YK . 94.11 -15.41 18.46
C4B CHL YK . 94.13 -15.40 19.96
CMB CHL YK . 96.16 -15.41 16.74
CAB CHL YK . 93.15 -15.45 17.33
CBB CHL YK . 91.95 -15.96 17.48
NC CHL YK . 93.97 -15.06 22.94
C1C CHL YK . 92.90 -15.12 22.12
C2C CHL YK . 91.61 -14.87 22.82
C3C CHL YK . 92.03 -14.64 24.21
C4C CHL YK . 93.51 -14.77 24.17
CMC CHL YK . 90.14 -14.79 22.57
OMC CHL YK . 89.71 -14.89 21.43
CAC CHL YK . 91.17 -14.32 25.40
CBC CHL YK . 91.26 -12.83 25.65
ND CHL YK . 96.40 -15.23 24.40
C1D CHL YK . 95.67 -14.93 25.47
C2D CHL YK . 96.60 -15.04 26.62
C3D CHL YK . 97.93 -15.42 26.09
C4D CHL YK . 97.73 -15.53 24.71
CMD CHL YK . 96.48 -14.84 28.10
CAD CHL YK . 99.34 -15.73 26.43
OBD CHL YK . 99.75 -15.71 27.65
CBD CHL YK . 100.01 -16.03 25.15
CGD CHL YK . 101.10 -15.04 24.89
O1D CHL YK . 100.87 -13.84 24.93
O2D CHL YK . 102.44 -15.50 24.58
CED CHL YK . 103.21 -14.82 23.59
C1 LUT ZK . 92.62 21.18 31.46
C2 LUT ZK . 92.68 22.26 30.37
C3 LUT ZK . 91.38 23.04 30.27
C4 LUT ZK . 90.26 22.09 29.89
C5 LUT ZK . 90.25 20.82 30.69
C6 LUT ZK . 91.30 20.42 31.43
C7 LUT ZK . 91.20 19.24 32.25
C8 LUT ZK . 91.40 17.95 31.87
C9 LUT ZK . 91.21 16.79 32.62
C10 LUT ZK . 91.64 15.53 32.16
C11 LUT ZK . 91.60 14.32 32.81
C12 LUT ZK . 92.07 13.10 32.38
C13 LUT ZK . 92.14 11.89 33.08
C14 LUT ZK . 92.70 10.70 32.56
C15 LUT ZK . 93.19 10.46 31.29
C16 LUT ZK . 92.80 21.84 32.82
C17 LUT ZK . 93.80 20.21 31.24
C18 LUT ZK . 88.95 20.05 30.60
C19 LUT ZK . 90.54 16.84 33.94
C20 LUT ZK . 91.62 11.88 34.46
O3 LUT ZK . 91.50 24.07 29.30
C21 LUT ZK . 100.02 -0.93 32.94
C22 LUT ZK . 100.33 -2.35 32.46
C23 LUT ZK . 99.45 -3.40 33.12
C24 LUT ZK . 98.00 -3.03 33.02
C25 LUT ZK . 97.60 -1.80 32.72
C26 LUT ZK . 98.50 -0.59 32.89
C27 LUT ZK . 98.16 0.45 31.87
C28 LUT ZK . 97.64 1.67 32.09
C29 LUT ZK . 97.30 2.66 31.15
C30 LUT ZK . 96.75 3.89 31.58
C31 LUT ZK . 96.23 4.94 30.83
C32 LUT ZK . 95.59 6.06 31.35
C33 LUT ZK . 95.01 7.14 30.67
C34 LUT ZK . 94.37 8.22 31.30
C35 LUT ZK . 93.88 9.38 30.74
C36 LUT ZK . 100.79 0.06 32.04
C37 LUT ZK . 100.54 -0.73 34.38
C38 LUT ZK . 96.19 -1.52 32.25
C39 LUT ZK . 97.51 2.47 29.70
C40 LUT ZK . 95.07 7.13 29.18
O23 LUT ZK . 99.83 -3.64 34.49
C1 XAT AL . 87.76 11.39 18.11
C2 XAT AL . 89.01 11.35 17.23
C3 XAT AL . 90.19 12.14 17.80
C4 XAT AL . 90.65 11.51 19.10
C5 XAT AL . 89.52 11.35 20.07
C6 XAT AL . 88.11 11.31 19.60
C7 XAT AL . 87.06 10.67 20.47
C8 XAT AL . 86.32 11.30 21.40
C9 XAT AL . 85.36 10.69 22.24
C10 XAT AL . 84.54 11.41 23.12
C11 XAT AL . 83.57 10.94 23.99
C12 XAT AL . 82.86 11.66 24.94
C13 XAT AL . 81.96 11.19 25.92
C14 XAT AL . 81.51 11.98 27.00
C15 XAT AL . 80.59 11.64 27.97
C16 XAT AL . 86.90 10.21 17.67
C17 XAT AL . 87.02 12.70 17.80
C18 XAT AL . 89.87 10.72 21.39
C19 XAT AL . 85.21 9.21 22.23
C20 XAT AL . 81.50 9.79 25.83
O3 XAT AL . 91.27 12.15 16.86
O4 XAT AL . 88.67 12.52 20.16
C21 XAT AL . 72.09 10.88 38.07
C22 XAT AL . 71.27 10.20 39.17
C23 XAT AL . 71.56 8.72 39.34
C24 XAT AL . 72.98 8.52 39.78
C25 XAT AL . 73.94 9.15 38.81
C26 XAT AL . 73.50 10.28 37.95
C27 XAT AL . 74.54 11.18 37.32
C28 XAT AL . 75.14 10.91 36.15
C29 XAT AL . 76.09 11.70 35.49
C30 XAT AL . 76.58 11.38 34.22
C31 XAT AL . 77.55 12.02 33.46
C32 XAT AL . 77.93 11.71 32.16
C33 XAT AL . 78.99 12.21 31.39
C34 XAT AL . 79.20 11.85 30.05
C35 XAT AL . 80.21 12.23 29.18
C36 XAT AL . 72.14 12.37 38.43
C37 XAT AL . 71.33 10.70 36.76
C38 XAT AL . 75.40 8.93 39.09
C39 XAT AL . 76.63 12.93 36.13
C40 XAT AL . 79.95 13.15 32.04
O23 XAT AL . 70.67 8.17 40.31
O24 XAT AL . 73.54 8.93 37.42
C1 BCR BL . 87.15 -17.92 13.53
C2 BCR BL . 86.26 -19.12 13.87
C3 BCR BL . 87.02 -20.29 14.36
C4 BCR BL . 87.75 -19.91 15.64
C5 BCR BL . 88.43 -18.58 15.58
C6 BCR BL . 88.25 -17.71 14.56
C7 BCR BL . 89.10 -16.55 14.41
C8 BCR BL . 88.95 -15.34 15.03
C9 BCR BL . 89.75 -14.20 14.89
C10 BCR BL . 89.45 -12.99 15.55
C11 BCR BL . 90.14 -11.79 15.49
C33 BCR BL . 89.34 -18.31 16.76
C31 BCR BL . 86.27 -16.68 13.42
C32 BCR BL . 87.79 -18.18 12.15
C34 BCR BL . 90.96 -14.23 14.04
C12 BCR BL . 89.82 -10.59 16.12
C13 BCR BL . 90.52 -9.38 16.10
C14 BCR BL . 90.13 -8.23 16.83
C15 BCR BL . 90.82 -7.04 17.00
C16 BCR BL . 90.51 -5.90 17.75
C17 BCR BL . 91.32 -4.81 17.98
C18 BCR BL . 91.06 -3.66 18.77
C19 BCR BL . 91.97 -2.60 18.91
C20 BCR BL . 91.79 -1.36 19.51
C21 BCR BL . 92.66 -0.28 19.41
C22 BCR BL . 92.41 1.08 19.66
C23 BCR BL . 93.09 2.08 18.97
C24 BCR BL . 92.76 3.41 18.85
C25 BCR BL . 93.45 4.40 18.05
C26 BCR BL . 92.86 4.92 16.94
C27 BCR BL . 93.53 5.94 16.07
C28 BCR BL . 95.01 6.15 16.35
C29 BCR BL . 95.24 6.17 17.82
C30 BCR BL . 94.84 4.85 18.49
C35 BCR BL . 91.74 -9.28 15.25
C36 BCR BL . 89.75 -3.56 19.45
C37 BCR BL . 91.40 1.41 20.69
C38 BCR BL . 91.47 4.58 16.47
C39 BCR BL . 94.87 5.05 20.01
C40 BCR BL . 95.88 3.79 18.10
O1 LHG CL . 85.49 14.31 51.71
C1 LHG CL . 86.82 13.99 51.33
C2 LHG CL . 86.89 13.42 49.93
O2 LHG CL . 86.10 12.24 49.83
C3 LHG CL . 88.28 13.12 49.46
O3 LHG CL . 88.30 12.63 48.09
P LHG CL . 87.78 13.59 46.90
O4 LHG CL . 88.06 15.00 47.28
O5 LHG CL . 88.34 13.04 45.60
O6 LHG CL . 86.19 13.35 46.87
C4 LHG CL . 85.49 13.38 45.59
C5 LHG CL . 85.67 14.76 44.96
C6 LHG CL . 86.17 14.71 43.54
O7 LHG CL . 84.40 15.47 44.95
C7 LHG CL . 83.91 15.94 46.11
O9 LHG CL . 84.48 15.83 47.16
C8 LHG CL . 82.57 16.59 45.93
C9 LHG CL . 82.58 17.75 44.97
C10 LHG CL . 81.17 18.25 44.66
O8 LHG CL . 85.40 13.75 42.80
C23 LHG CL . 84.72 14.19 41.74
O10 LHG CL . 84.20 13.46 40.93
C24 LHG CL . 84.64 15.70 41.69
C11 LHG CL . 81.12 19.47 43.78
C12 LHG CL . 79.72 19.90 43.43
C13 LHG CL . 79.63 21.22 42.72
C14 LHG CL . 80.39 21.29 41.42
C15 LHG CL . 80.27 22.61 40.71
C25 LHG CL . 83.93 16.22 40.48
C26 LHG CL . 82.52 16.73 40.80
C27 LHG CL . 81.82 17.35 39.62
C28 LHG CL . 80.44 17.90 39.92
C29 LHG CL . 79.83 18.65 38.76
C30 LHG CL . 78.50 19.30 39.06
C31 LHG CL . 77.35 18.35 39.25
C32 LHG CL . 76.01 19.02 39.43
C33 LHG CL . 74.84 18.07 39.50
MG CLA DL . 93.63 -0.49 34.21
CHA CLA DL . 93.33 -3.83 35.11
CHB CLA DL . 95.23 0.15 37.16
CHC CLA DL . 94.09 2.75 33.19
CHD CLA DL . 92.10 -1.24 31.11
NA CLA DL . 94.12 -1.66 35.88
C1A CLA DL . 93.92 -3.03 36.06
C2A CLA DL . 94.42 -3.48 37.42
C3A CLA DL . 94.81 -2.16 38.11
C4A CLA DL . 94.72 -1.13 36.98
CMA CLA DL . 93.86 -1.84 39.23
CAA CLA DL . 95.64 -4.36 37.25
NB CLA DL . 94.43 1.16 35.05
C1B CLA DL . 95.18 1.17 36.19
C2B CLA DL . 95.92 2.46 36.30
C3B CLA DL . 95.59 3.20 35.19
C4B CLA DL . 94.63 2.39 34.38
CMB CLA DL . 96.81 2.80 37.41
CAB CLA DL . 96.01 4.52 34.80
CBB CLA DL . 95.50 5.65 35.29
NC CLA DL . 93.12 0.57 32.50
C1C CLA DL . 93.37 1.90 32.30
C2C CLA DL . 92.86 2.33 31.01
C3C CLA DL . 92.34 1.19 30.41
C4C CLA DL . 92.50 0.09 31.34
CMC CLA DL . 92.94 3.68 30.47
CAC CLA DL . 91.72 1.13 29.08
CBC CLA DL . 92.71 0.87 27.97
ND CLA DL . 92.82 -2.10 33.30
C1D CLA DL . 92.25 -2.28 32.01
C2D CLA DL . 91.87 -3.70 31.85
C3D CLA DL . 92.24 -4.34 33.02
C4D CLA DL . 92.85 -3.30 33.87
CMD CLA DL . 91.22 -4.27 30.66
CAD CLA DL . 92.28 -5.59 33.76
OBD CLA DL . 91.84 -6.69 33.45
CBD CLA DL . 93.04 -5.31 35.09
CGD CLA DL . 92.26 -5.75 36.31
O1D CLA DL . 91.65 -5.02 37.11
O2D CLA DL . 92.27 -7.09 36.51
CED CLA DL . 92.63 -7.57 37.80
MG CHL EL . 48.44 14.86 40.71
CHA CHL EL . 49.41 17.39 43.02
CHB CHL EL . 51.78 14.09 40.44
CHC CHL EL . 47.60 12.58 38.14
CHD CHL EL . 45.00 15.14 41.62
NA CHL EL . 50.14 15.68 41.35
C1A CHL EL . 50.37 16.69 42.12
C2A CHL EL . 51.78 17.22 42.08
C3A CHL EL . 52.44 16.26 41.14
C4A CHL EL . 51.37 15.24 40.96
CMA CHL EL . 52.76 16.91 39.80
CAA CHL EL . 52.46 17.16 43.44
CBA CHL EL . 53.93 17.55 43.33
NB CHL EL . 49.50 13.58 39.51
C1B CHL EL . 50.82 13.41 39.56
C2B CHL EL . 51.29 12.41 38.57
C3B CHL EL . 50.05 11.97 37.90
C4B CHL EL . 49.00 12.78 38.56
CMB CHL EL . 52.70 11.96 38.32
CAB CHL EL . 50.24 10.94 36.83
CBB CHL EL . 49.20 10.27 36.36
NC CHL EL . 46.69 14.04 40.03
C1C CHL EL . 46.57 13.16 39.01
C2C CHL EL . 45.16 12.75 38.76
C3C CHL EL . 44.40 13.50 39.78
C4C CHL EL . 45.44 14.26 40.50
CMC CHL EL . 44.39 11.87 37.84
OMC CHL EL . 44.97 11.10 37.10
CAC CHL EL . 42.92 13.50 40.03
CBC CHL EL . 42.57 12.60 41.20
ND CHL EL . 47.33 15.98 42.00
C1D CHL EL . 46.02 15.98 42.25
C2D CHL EL . 45.82 17.00 43.29
C3D CHL EL . 47.15 17.57 43.61
C4D CHL EL . 48.03 16.89 42.78
CMD CHL EL . 44.63 17.52 44.04
CAD CHL EL . 47.87 18.56 44.46
OBD CHL EL . 47.25 19.30 45.29
CBD CHL EL . 49.29 18.44 44.07
CGD CHL EL . 49.78 19.78 43.63
O1D CHL EL . 50.30 19.95 42.54
O2D CHL EL . 49.64 20.91 44.53
CED CHL EL . 50.79 21.62 44.97
MG CLA FL . 44.08 22.95 50.90
CHA CLA FL . 44.59 19.75 52.10
CHB CLA FL . 44.38 24.17 54.06
CHC CLA FL . 43.78 26.14 49.64
CHD CLA FL . 43.82 21.63 47.63
NA CLA FL . 44.40 22.07 52.76
C1A CLA FL . 44.60 20.72 53.05
C2A CLA FL . 44.82 20.50 54.54
C3A CLA FL . 44.53 21.89 55.15
C4A CLA FL . 44.44 22.80 53.92
CMA CLA FL . 43.25 21.88 55.93
CAA CLA FL . 46.24 20.06 54.84
CBA CLA FL . 47.25 20.63 53.87
CGA CLA FL . 47.75 21.96 54.37
O1A CLA FL . 48.21 22.22 55.48
O2A CLA FL . 47.69 22.96 53.44
NB CLA FL . 44.02 24.80 51.70
C1B CLA FL . 44.27 25.09 53.00
C2B CLA FL . 44.42 26.56 53.17
C3B CLA FL . 44.25 27.12 51.92
C4B CLA FL . 43.99 26.01 50.97
CMB CLA FL . 44.70 27.18 54.46
CAB CLA FL . 44.31 28.49 51.51
CBB CLA FL . 43.80 29.54 52.17
NC CLA FL . 43.80 23.73 48.98
C1C CLA FL . 43.69 25.05 48.70
C2C CLA FL . 43.49 25.24 47.27
C3C CLA FL . 43.54 23.98 46.70
C4C CLA FL . 43.73 23.02 47.78
CMC CLA FL . 43.31 26.54 46.62
CAC CLA FL . 43.39 23.64 45.26
CBC CLA FL . 44.68 23.21 44.63
ND CLA FL . 44.15 21.15 50.01
C1D CLA FL . 44.03 20.73 48.65
C2D CLA FL . 44.14 19.27 48.59
C3D CLA FL . 44.35 18.83 49.88
C4D CLA FL . 44.36 20.04 50.72
CMD CLA FL . 44.04 18.48 47.37
CAD CLA FL . 44.55 17.70 50.75
OBD CLA FL . 44.58 16.50 50.47
CBD CLA FL . 44.74 18.25 52.20
CGD CLA FL . 43.73 17.67 53.15
O1D CLA FL . 43.93 16.87 54.06
O2D CLA FL . 42.47 18.13 52.97
CED CLA FL . 41.68 18.44 54.12
C1 CLA FL . 48.43 24.14 53.79
C2 CLA FL . 48.35 25.12 52.67
C3 CLA FL . 49.18 26.18 52.62
C4 CLA FL . 50.22 26.39 53.65
C5 CLA FL . 49.13 27.18 51.52
C6 CLA FL . 50.50 27.50 50.95
C7 CLA FL . 50.39 28.42 49.75
C8 CLA FL . 51.70 28.48 48.96
MG CLA GL . 44.32 34.51 52.47
CHA CLA GL . 44.42 33.57 55.81
CHB CLA GL . 46.50 32.03 51.71
CHC CLA GL . 44.35 35.61 49.21
CHD CLA GL . 42.19 37.20 53.34
NA CLA GL . 45.26 33.03 53.60
C1A CLA GL . 45.18 32.79 54.97
C2A CLA GL . 46.06 31.60 55.38
C3A CLA GL . 46.57 31.06 54.02
C4A CLA GL . 46.09 32.10 53.02
CMA CLA GL . 48.07 30.91 54.00
CAA CLA GL . 45.39 30.51 56.19
CBA CLA GL . 46.18 30.32 57.47
CGA CLA GL . 45.78 29.08 58.21
O1A CLA GL . 46.03 28.76 59.37
O2A CLA GL . 45.04 28.22 57.45
NB CLA GL . 45.16 33.86 50.76
C1B CLA GL . 46.13 32.93 50.69
C2B CLA GL . 46.81 32.98 49.36
C3B CLA GL . 46.21 33.98 48.65
C4B CLA GL . 45.15 34.57 49.53
CMB CLA GL . 47.91 32.10 48.98
CAB CLA GL . 46.50 34.46 47.32
CBB CLA GL . 45.63 34.67 46.34
NC CLA GL . 43.38 36.08 51.46
C1C CLA GL . 43.51 36.32 50.12
C2C CLA GL . 42.70 37.47 49.73
C3C CLA GL . 42.12 37.95 50.91
C4C CLA GL . 42.55 37.08 51.99
CMC CLA GL . 42.59 37.99 48.37
CAC CLA GL . 41.21 39.10 51.04
CBC CLA GL . 39.80 38.73 50.67
ND CLA GL . 43.48 35.28 54.14
C1D CLA GL . 42.61 36.38 54.35
C2D CLA GL . 42.29 36.46 55.79
C3D CLA GL . 42.93 35.40 56.39
C4D CLA GL . 43.67 34.69 55.32
CMD CLA GL . 41.43 37.49 56.38
CAD CLA GL . 43.21 34.72 57.65
OBD CLA GL . 42.81 34.97 58.78
CBD CLA GL . 44.14 33.52 57.31
CGD CLA GL . 45.38 33.53 58.16
O1D CLA GL . 45.52 33.03 59.28
O2D CLA GL . 46.44 34.17 57.61
CED CLA GL . 47.57 34.41 58.45
MG CLA HL . 30.23 43.51 42.75
CHA CLA HL . 29.90 46.56 41.12
CHB CLA HL . 32.52 44.87 44.85
CHC CLA HL . 30.41 40.50 44.39
CHD CLA HL . 27.88 42.11 40.50
NA CLA HL . 31.06 45.41 42.93
C1A CLA HL . 30.78 46.56 42.17
C2A CLA HL . 31.61 47.75 42.65
C3A CLA HL . 32.51 47.14 43.77
C4A CLA HL . 32.00 45.71 43.88
CMA CLA HL . 33.97 47.19 43.41
CAA CLA HL . 30.75 48.86 43.23
CBA CLA HL . 29.46 48.35 43.84
CGA CLA HL . 29.47 48.48 45.32
O1A CLA HL . 28.62 49.00 46.05
O2A CLA HL . 30.58 47.94 45.91
NB CLA HL . 31.28 42.81 44.30
C1B CLA HL . 32.16 43.53 45.05
C2B CLA HL . 32.69 42.68 46.16
C3B CLA HL . 32.10 41.43 46.04
C4B CLA HL . 31.20 41.51 44.85
CMB CLA HL . 33.64 43.20 47.12
CAB CLA HL . 32.21 40.24 46.82
CBB CLA HL . 33.11 39.97 47.78
NC CLA HL . 29.31 41.65 42.49
C1C CLA HL . 29.53 40.57 43.28
C2C CLA HL . 28.72 39.45 42.82
C3C CLA HL . 28.01 39.89 41.71
C4C CLA HL . 28.39 41.28 41.50
CMC CLA HL . 28.68 38.13 43.47
CAC CLA HL . 27.05 39.12 40.90
CBC CLA HL . 25.61 39.43 41.28
ND CLA HL . 29.10 44.13 41.18
C1D CLA HL . 28.19 43.45 40.34
C2D CLA HL . 27.68 44.40 39.32
C3D CLA HL . 28.29 45.61 39.59
C4D CLA HL . 29.18 45.38 40.75
CMD CLA HL . 26.71 44.03 38.30
CAD CLA HL . 28.43 47.00 39.19
OBD CLA HL . 27.87 47.61 38.30
CBD CLA HL . 29.47 47.65 40.17
CGD CLA HL . 30.64 48.23 39.42
O1D CLA HL . 30.75 49.36 38.95
O2D CLA HL . 31.69 47.37 39.27
CED CLA HL . 32.64 47.65 38.25
MG CHL IL . 24.76 58.15 47.04
CHA CHL IL . 21.46 56.90 46.61
CHB CHL IL . 24.00 60.52 44.65
CHC CHL IL . 27.86 59.72 47.72
CHD CHL IL . 25.72 55.35 49.01
NA CHL IL . 23.12 58.68 46.02
C1A CHL IL . 21.93 58.19 46.03
C2A CHL IL . 20.87 59.01 45.36
C3A CHL IL . 21.69 60.03 44.65
C4A CHL IL . 23.06 59.71 45.15
CMA CHL IL . 21.62 59.87 43.14
CAA CHL IL . 19.94 59.63 46.39
CBA CHL IL . 19.15 60.79 45.80
CGA CHL IL . 18.14 60.28 44.80
O1A CHL IL . 17.49 59.27 45.02
O2A CHL IL . 17.92 61.00 43.55
NB CHL IL . 25.73 59.81 46.32
C1B CHL IL . 25.27 60.61 45.38
C2B CHL IL . 26.21 61.73 45.07
C3B CHL IL . 27.35 61.49 45.98
C4B CHL IL . 26.94 60.26 46.72
CMB CHL IL . 26.04 62.83 44.06
CAB CHL IL . 28.46 62.47 45.88
CBB CHL IL . 29.36 62.57 46.84
NC CHL IL . 26.42 57.65 48.12
C1C CHL IL . 27.54 58.39 48.26
C2C CHL IL . 28.58 57.75 49.11
C3C CHL IL . 27.95 56.48 49.49
C4C CHL IL . 26.62 56.51 48.83
CMC CHL IL . 29.94 58.00 49.64
OMC CHL IL . 30.57 58.97 49.25
CAC CHL IL . 28.52 55.37 50.35
CBC CHL IL . 28.14 55.63 51.80
ND CHL IL . 23.88 56.45 47.73
C1D CHL IL . 24.36 55.45 48.49
C2D CHL IL . 23.23 54.50 48.63
C3D CHL IL . 22.08 55.06 47.91
C4D CHL IL . 22.56 56.26 47.37
CMD CHL IL . 23.03 53.19 49.33
CAD CHL IL . 20.65 54.86 47.53
OBD CHL IL . 20.00 53.81 47.90
CBD CHL IL . 20.27 56.02 46.71
CGD CHL IL . 19.92 55.53 45.33
O1D CHL IL . 20.78 55.12 44.58
O2D CHL IL . 18.54 55.54 44.88
CED CHL IL . 18.24 55.54 43.49
MG CHL JL . 32.12 47.82 49.00
CHA CHL JL . 28.90 49.10 49.83
CHB CHL JL . 31.43 45.18 51.14
CHC CHL JL . 35.35 46.51 48.32
CHD CHL JL . 32.74 50.50 46.72
NA CHL JL . 30.62 47.31 50.22
C1A CHL JL . 29.47 47.85 50.42
C2A CHL JL . 28.57 47.16 51.39
C3A CHL JL . 29.54 46.24 52.06
C4A CHL JL . 30.63 46.24 51.05
CMA CHL JL . 30.04 46.82 53.37
CAA CHL JL . 27.50 46.37 50.64
CBA CHL JL . 26.10 46.81 51.05
CGA CHL JL . 25.39 47.37 49.85
O1A CHL JL . 25.37 46.76 48.79
O2A CHL JL . 24.71 48.66 49.93
NB CHL JL . 33.18 46.17 49.61
C1B CHL JL . 32.73 45.25 50.46
C2B CHL JL . 33.73 44.18 50.70
C3B CHL JL . 34.88 44.57 49.87
C4B CHL JL . 34.42 45.83 49.23
CMB CHL JL . 33.62 42.96 51.58
CAB CHL JL . 36.04 43.65 49.93
CBB CHL JL . 36.82 43.48 48.87
NC CHL JL . 33.69 48.38 47.79
C1C CHL JL . 34.87 47.73 47.67
C2C CHL JL . 35.80 48.39 46.71
C3C CHL JL . 35.04 49.55 46.24
C4C CHL JL . 33.74 49.45 46.97
CMC CHL JL . 37.15 48.25 46.12
OMC CHL JL . 37.79 47.23 46.30
CAC CHL JL . 35.47 50.60 45.25
CBC CHL JL . 36.16 51.72 45.99
ND CHL JL . 31.13 49.48 48.34
C1D CHL JL . 31.48 50.43 47.46
C2D CHL JL . 30.33 51.35 47.41
C3D CHL JL . 29.30 50.85 48.34
C4D CHL JL . 29.86 49.68 48.88
CMD CHL JL . 30.01 52.62 46.67
CAD CHL JL . 27.95 51.08 48.91
OBD CHL JL . 27.23 52.08 48.57
CBD CHL JL . 27.71 49.98 49.85
CGD CHL JL . 27.61 50.59 51.22
O1D CHL JL . 28.47 50.40 52.05
O2D CHL JL . 26.47 51.45 51.54
CED CHL JL . 26.24 51.83 52.89
MG CHL KL . 41.91 47.66 46.10
CHA CHL KL . 43.43 49.77 43.68
CHB CHL KL . 43.96 45.13 44.98
CHC CHL KL . 40.15 45.39 48.21
CHD CHL KL . 40.15 50.38 47.59
NA CHL KL . 43.23 47.46 44.62
C1A CHL KL . 43.66 48.30 43.76
C2A CHL KL . 44.49 47.71 42.64
C3A CHL KL . 44.52 46.27 43.01
C4A CHL KL . 43.85 46.29 44.33
CMA CHL KL . 43.73 45.41 42.03
CAA CHL KL . 45.91 48.27 42.55
CBA CHL KL . 46.69 48.10 43.85
CGA CHL KL . 47.60 49.29 44.04
O1A CHL KL . 47.15 50.41 44.06
O2A CHL KL . 49.04 49.09 44.19
NB CHL KL . 42.03 45.66 46.51
C1B CHL KL . 42.91 44.83 45.97
C2B CHL KL . 42.75 43.44 46.47
C3B CHL KL . 41.63 43.52 47.42
C4B CHL KL . 41.26 44.96 47.36
CMB CHL KL . 43.54 42.22 46.10
CAB CHL KL . 41.26 42.24 48.06
CBB CHL KL . 40.39 42.20 49.06
NC CHL KL . 40.47 47.86 47.57
C1C CHL KL . 39.92 46.84 48.28
C2C CHL KL . 38.92 47.30 49.26
C3C CHL KL . 38.91 48.75 49.09
C4C CHL KL . 39.91 49.00 48.02
CMC CHL KL . 38.02 46.69 50.28
OMC CHL KL . 38.31 45.60 50.76
CAC CHL KL . 38.07 49.76 49.83
CBC CHL KL . 38.59 49.88 51.24
ND CHL KL . 41.73 49.68 45.80
C1D CHL KL . 41.03 50.61 46.44
C2D CHL KL . 41.34 51.87 45.73
C3D CHL KL . 42.28 51.57 44.64
C4D CHL KL . 42.48 50.18 44.73
CMD CHL KL . 40.91 53.30 45.89
CAD CHL KL . 43.07 52.13 43.51
OBD CHL KL . 43.04 53.38 43.23
CBD CHL KL . 43.79 50.98 42.92
CGD CHL KL . 43.41 50.80 41.48
O1D CHL KL . 42.35 50.29 41.18
O2D CHL KL . 44.32 51.25 40.43
CED CHL KL . 44.36 50.56 39.19
MG CHL LL . 27.38 35.78 59.12
CHA CHL LL . 28.95 34.49 56.20
CHB CHL LL . 26.65 38.64 57.31
CHC CHL LL . 25.49 36.98 61.88
CHD CHL LL . 28.35 32.94 61.05
NA CHL LL . 27.68 36.40 57.25
C1A CHL LL . 28.24 35.80 56.24
C2A CHL LL . 28.20 36.52 54.94
C3A CHL LL . 27.70 37.87 55.36
C4A CHL LL . 27.31 37.61 56.77
CMA CHL LL . 28.78 38.94 55.29
CAA CHL LL . 27.29 35.86 53.91
CBA CHL LL . 25.86 35.70 54.41
CGA CHL LL . 25.47 34.25 54.35
O1A CHL LL . 25.55 33.54 55.35
O2A CHL LL . 24.99 33.67 53.12
NB CHL LL . 26.30 37.47 59.51
C1B CHL LL . 26.13 38.48 58.66
C2B CHL LL . 25.29 39.55 59.23
C3B CHL LL . 24.95 39.07 60.59
C4B CHL LL . 25.63 37.76 60.64
CMB CHL LL . 24.89 40.84 58.58
CAB CHL LL . 24.09 39.97 61.39
CBB CHL LL . 23.29 39.48 62.30
NC CHL LL . 27.01 35.11 61.04
C1C CHL LL . 26.25 35.73 61.96
C2C CHL LL . 26.17 34.99 63.24
C3C CHL LL . 27.01 33.81 63.00
C4C CHL LL . 27.48 33.97 61.61
CMC CHL LL . 25.55 35.11 64.58
OMC CHL LL . 24.77 36.03 64.81
CAC CHL LL . 27.33 32.67 63.94
CBC CHL LL . 26.28 31.59 63.80
ND CHL LL . 28.42 34.04 58.82
C1D CHL LL . 28.72 33.03 59.64
C2D CHL LL . 29.49 32.08 58.81
C3D CHL LL . 29.58 32.64 57.45
C4D CHL LL . 28.90 33.86 57.52
CMD CHL LL . 30.13 30.74 59.05
CAD CHL LL . 30.11 32.43 56.08
OBD CHL LL . 30.77 31.37 55.78
CBD CHL LL . 29.70 33.61 55.30
CGD CHL LL . 30.89 34.31 54.73
O1D CHL LL . 31.47 35.17 55.36
O2D CHL LL . 31.35 33.97 53.39
CED CHL LL . 31.76 35.01 52.51
MG CHL ML . 37.96 38.48 58.70
CHA CHL ML . 39.32 35.25 59.21
CHB CHL ML . 38.09 38.92 62.14
CHC CHL ML . 37.00 41.89 58.26
CHD CHL ML . 37.56 37.93 55.21
NA CHL ML . 38.59 37.40 60.26
C1A CHL ML . 39.12 36.23 60.31
C2A CHL ML . 39.61 35.77 61.65
C3A CHL ML . 39.07 36.84 62.54
C4A CHL ML . 38.52 37.82 61.55
CMA CHL ML . 37.95 36.31 63.42
CAA CHL ML . 41.13 35.69 61.74
CBA CHL ML . 41.80 37.05 61.65
CGA CHL ML . 43.22 36.87 61.16
O1A CHL ML . 44.01 36.19 61.79
O2A CHL ML . 43.66 37.51 59.93
NB CHL ML . 37.62 40.08 59.95
C1B CHL ML . 37.72 40.05 61.27
C2B CHL ML . 37.41 41.36 61.90
C3B CHL ML . 37.09 42.23 60.75
C4B CHL ML . 37.26 41.32 59.59
CMB CHL ML . 37.43 41.71 63.35
CAB CHL ML . 36.74 43.62 61.08
CBB CHL ML . 36.96 44.60 60.21
NC CHL ML . 37.40 39.64 57.09
C1C CHL ML . 37.07 40.95 57.13
C2C CHL ML . 36.72 41.50 55.79
C3C CHL ML . 36.89 40.34 54.90
C4C CHL ML . 37.31 39.25 55.81
CMC CHL ML . 36.29 42.78 55.18
OMC CHL ML . 36.29 43.80 55.85
CAC CHL ML . 36.66 40.27 53.41
CBC CHL ML . 37.83 40.93 52.70
ND CHL ML . 38.31 36.97 57.38
C1D CHL ML . 38.12 36.87 56.06
C2D CHL ML . 38.60 35.52 55.70
C3D CHL ML . 39.07 34.87 56.93
C4D CHL ML . 38.87 35.82 57.94
CMD CHL ML . 38.69 34.72 54.43
CAD CHL ML . 39.66 33.62 57.50
OBD CHL ML . 39.94 32.60 56.77
CBD CHL ML . 39.82 33.87 58.94
CGD CHL ML . 39.01 32.86 59.69
O1D CHL ML . 38.05 33.20 60.36
O2D CHL ML . 39.40 31.46 59.63
CED CHL ML . 39.16 30.60 60.73
MG CLA NL . 27.62 26.90 51.41
CHA CLA NL . 25.92 25.89 54.26
CHB CLA NL . 27.20 23.81 50.09
CHC CLA NL . 29.00 28.04 48.48
CHD CLA NL . 27.97 30.12 52.82
NA CLA NL . 26.76 25.14 52.11
C1A CLA NL . 26.07 24.93 53.31
C2A CLA NL . 25.59 23.48 53.42
C3A CLA NL . 26.25 22.80 52.20
C4A CLA NL . 26.77 23.98 51.39
CMA CLA NL . 27.36 21.88 52.64
CAA CLA NL . 24.07 23.41 53.32
CBA CLA NL . 23.50 24.37 52.30
CGA CLA NL . 23.56 23.78 50.92
O1A CLA NL . 23.39 22.62 50.57
O2A CLA NL . 23.86 24.71 49.95
NB CLA NL . 28.02 26.08 49.62
C1B CLA NL . 27.73 24.81 49.26
C2B CLA NL . 28.08 24.60 47.83
C3B CLA NL . 28.59 25.80 47.36
C4B CLA NL . 28.57 26.74 48.51
CMB CLA NL . 27.89 23.31 47.18
CAB CLA NL . 29.11 26.18 46.07
CBB CLA NL . 28.97 25.53 44.92
NC CLA NL . 28.42 28.73 50.80
C1C CLA NL . 28.96 28.97 49.56
C2C CLA NL . 29.42 30.35 49.48
C3C CLA NL . 29.09 30.95 50.69
C4C CLA NL . 28.46 29.93 51.52
CMC CLA NL . 30.06 30.94 48.31
CAC CLA NL . 29.36 32.33 51.10
CBC CLA NL . 28.12 33.20 51.04
ND CLA NL . 27.24 27.81 53.18
C1D CLA NL . 27.39 29.15 53.60
C2D CLA NL . 26.81 29.29 54.96
C3D CLA NL . 26.25 28.07 55.27
C4D CLA NL . 26.51 27.19 54.11
CMD CLA NL . 26.86 30.52 55.76
CAD CLA NL . 25.55 27.27 56.25
OBD CLA NL . 25.26 27.55 57.41
CBD CLA NL . 25.21 25.90 55.59
CGD CLA NL . 25.62 24.74 56.46
O1D CLA NL . 26.76 24.37 56.74
O2D CLA NL . 24.58 24.04 56.98
CED CLA NL . 24.85 22.73 57.50
C1 CLA NL . 23.57 24.32 48.59
C2 CLA NL . 23.97 25.47 47.73
C3 CLA NL . 23.84 25.45 46.40
C4 CLA NL . 23.28 24.27 45.68
C5 CLA NL . 24.24 26.62 45.57
C6 CLA NL . 23.09 27.17 44.74
C7 CLA NL . 23.59 28.03 43.60
C8 CLA NL . 23.90 29.46 44.04
C9 CLA NL . 22.68 30.34 43.86
MG CLA OL . 35.57 16.34 38.86
CHA CLA OL . 33.06 16.57 41.23
CHB CLA OL . 34.92 13.02 38.50
CHC CLA OL . 37.90 16.22 36.32
CHD CLA OL . 36.17 19.81 39.21
NA CLA OL . 34.24 15.03 39.77
C1A CLA OL . 33.25 15.32 40.72
C2A CLA OL . 32.49 14.06 41.11
C3A CLA OL . 33.23 12.92 40.37
C4A CLA OL . 34.20 13.69 39.47
CMA CLA OL . 33.95 12.00 41.31
CAA CLA OL . 31.05 14.13 40.65
CBA CLA OL . 30.95 14.61 39.21
CGA CLA OL . 29.55 15.04 38.91
O1A CLA OL . 28.62 15.22 39.69
O2A CLA OL . 29.34 15.25 37.57
NB CLA OL . 36.31 14.89 37.67
C1B CLA OL . 35.84 13.61 37.61
C2B CLA OL . 36.46 12.90 36.47
C3B CLA OL . 37.31 13.79 35.85
C4B CLA OL . 37.23 15.07 36.62
CMB CLA OL . 36.18 11.51 36.13
CAB CLA OL . 38.15 13.62 34.70
CBB CLA OL . 39.48 13.68 34.71
NC CLA OL . 36.85 17.75 37.99
C1C CLA OL . 37.73 17.47 36.98
C2C CLA OL . 38.45 18.68 36.61
C3C CLA OL . 37.94 19.71 37.40
C4C CLA OL . 36.93 19.11 38.26
CMC CLA OL . 39.47 18.74 35.56
CAC CLA OL . 38.33 21.13 37.38
CBC CLA OL . 39.71 21.39 37.92
ND CLA OL . 34.90 17.86 40.00
C1D CLA OL . 35.20 19.24 40.03
C2D CLA OL . 34.35 19.90 41.04
C3D CLA OL . 33.52 18.93 41.53
C4D CLA OL . 33.87 17.68 40.84
CMD CLA OL . 34.43 21.32 41.38
CAD CLA OL . 32.45 18.61 42.46
OBD CLA OL . 31.89 19.33 43.28
CBD CLA OL . 32.08 17.11 42.25
CGD CLA OL . 32.07 16.32 43.53
O1D CLA OL . 33.02 15.89 44.17
O2D CLA OL . 30.81 16.07 44.01
CED CLA OL . 30.68 15.13 45.06
C1 CLA OL . 28.33 16.21 37.22
C2 CLA OL . 29.06 17.46 36.85
C3 CLA OL . 28.50 18.41 36.08
C4 CLA OL . 27.13 18.30 35.55
C5 CLA OL . 29.28 19.64 35.73
C6 CLA OL . 28.40 20.82 35.37
C7 CLA OL . 28.27 21.78 36.54
C8 CLA OL . 27.82 23.17 36.11
C9 CLA OL . 28.61 23.63 34.91
C10 CLA OL . 27.96 24.16 37.26
C11 CLA OL . 27.99 25.60 36.77
C12 CLA OL . 26.67 26.31 37.03
MG CLA PL . 30.14 24.30 39.89
CHA CLA PL . 28.70 21.38 41.09
CHB CLA PL . 27.83 26.13 41.57
CHC CLA PL . 31.43 27.14 38.46
CHD CLA PL . 32.40 22.34 38.00
NA CLA PL . 28.57 23.81 41.18
C1A CLA PL . 28.12 22.53 41.55
C2A CLA PL . 26.92 22.64 42.50
C3A CLA PL . 26.74 24.16 42.68
C4A CLA PL . 27.79 24.76 41.76
CMA CLA PL . 25.35 24.61 42.29
CAA CLA PL . 27.16 21.98 43.84
CBA CLA PL . 25.87 21.85 44.63
CGA CLA PL . 24.94 20.90 43.94
O1A CLA PL . 25.21 19.85 43.35
O2A CLA PL . 23.64 21.29 44.00
NB CLA PL . 29.76 26.27 40.06
C1B CLA PL . 28.72 26.81 40.72
C2B CLA PL . 28.60 28.26 40.41
C3B CLA PL . 29.60 28.57 39.53
C4B CLA PL . 30.37 27.30 39.28
CMB CLA PL . 27.55 29.10 40.97
CAB CLA PL . 29.88 29.84 38.93
CBB CLA PL . 31.03 30.29 38.41
NC CLA PL . 31.69 24.66 38.55
C1C CLA PL . 32.06 25.90 38.11
C2C CLA PL . 33.17 25.80 37.18
C3C CLA PL . 33.42 24.43 37.02
C4C CLA PL . 32.49 23.73 37.88
CMC CLA PL . 33.83 26.93 36.53
CAC CLA PL . 34.45 23.81 36.16
CBC CLA PL . 33.93 23.53 34.77
ND CLA PL . 30.57 22.34 39.64
C1D CLA PL . 31.50 21.67 38.80
C2D CLA PL . 31.32 20.22 38.96
C3D CLA PL . 30.27 20.04 39.83
C4D CLA PL . 29.81 21.40 40.20
CMD CLA PL . 32.13 19.21 38.27
CAD CLA PL . 29.41 19.09 40.52
OBD CLA PL . 29.46 17.87 40.52
CBD CLA PL . 28.36 19.92 41.32
CGD CLA PL . 26.98 19.59 40.83
O1D CLA PL . 26.31 18.60 41.11
O2D CLA PL . 26.44 20.52 40.00
CED CLA PL . 25.73 20.04 38.86
MG CLA QL . 46.58 31.12 33.72
CHA CLA QL . 47.84 32.71 30.91
CHB CLA QL . 43.86 30.13 31.95
CHC CLA QL . 45.40 29.53 36.53
CHD CLA QL . 49.42 32.21 35.55
NA CLA QL . 45.98 31.39 31.74
C1A CLA QL . 46.64 32.08 30.73
C2A CLA QL . 45.84 32.03 29.42
C3A CLA QL . 44.57 31.24 29.80
C4A CLA QL . 44.80 30.88 31.27
CMA CLA QL . 43.33 32.07 29.62
CAA CLA QL . 46.62 31.29 28.34
CBA CLA QL . 46.61 29.79 28.58
CGA CLA QL . 47.91 29.35 29.18
O1A CLA QL . 49.04 29.38 28.70
O2A CLA QL . 47.76 28.84 30.44
NB CLA QL . 44.93 30.06 34.17
C1B CLA QL . 43.94 29.74 33.30
C2B CLA QL . 42.91 28.91 33.99
C3B CLA QL . 43.34 28.73 35.29
C4B CLA QL . 44.64 29.46 35.41
CMB CLA QL . 41.72 28.41 33.31
CAB CLA QL . 42.77 28.01 36.38
CBB CLA QL . 41.48 28.05 36.74
NC CLA QL . 47.30 30.90 35.67
C1C CLA QL . 46.66 30.20 36.65
C2C CLA QL . 47.43 30.24 37.89
C3C CLA QL . 48.56 31.01 37.63
C4C CLA QL . 48.47 31.42 36.23
CMC CLA QL . 47.04 29.61 39.15
CAC CLA QL . 49.64 31.35 38.56
CBC CLA QL . 50.74 30.32 38.57
ND CLA QL . 48.28 32.15 33.37
C1D CLA QL . 49.35 32.56 34.22
C2D CLA QL . 50.31 33.37 33.43
C3D CLA QL . 49.78 33.45 32.15
C4D CLA QL . 48.52 32.69 32.18
CMD CLA QL . 51.54 33.94 33.97
CAD CLA QL . 49.96 33.96 30.81
OBD CLA QL . 50.89 34.61 30.34
CBD CLA QL . 48.71 33.55 29.99
CGD CLA QL . 47.98 34.75 29.48
O1D CLA QL . 47.30 35.55 30.14
O2D CLA QL . 48.09 34.95 28.14
CED CLA QL . 46.91 34.82 27.33
C1 CLA QL . 48.93 28.87 31.29
C2 CLA QL . 48.55 28.26 32.58
C3 CLA QL . 49.39 28.23 33.63
C4 CLA QL . 50.75 28.81 33.56
C5 CLA QL . 48.98 27.62 34.92
C6 CLA QL . 47.60 27.00 34.89
C7 CLA QL . 47.37 26.12 36.10
C8 CLA QL . 45.92 25.66 36.22
C1 LUT RL . 38.38 32.19 32.59
C2 LUT RL . 39.02 33.46 32.01
C3 LUT RL . 40.53 33.43 32.07
C4 LUT RL . 40.98 33.34 33.51
C5 LUT RL . 40.21 32.34 34.32
C6 LUT RL . 39.06 31.77 33.88
C7 LUT RL . 38.46 30.69 34.63
C8 LUT RL . 37.63 30.82 35.72
C9 LUT RL . 37.03 29.84 36.50
C10 LUT RL . 36.17 30.20 37.55
C11 LUT RL . 35.50 29.42 38.47
C12 LUT RL . 34.63 29.94 39.41
C13 LUT RL . 33.87 29.29 40.40
C14 LUT RL . 32.94 29.98 41.19
C15 LUT RL . 32.01 29.49 42.10
C16 LUT RL . 38.50 31.06 31.57
C17 LUT RL . 36.90 32.46 32.84
C18 LUT RL . 40.83 32.04 35.66
C19 LUT RL . 37.26 28.40 36.26
C20 LUT RL . 34.08 27.84 40.64
O3 LUT RL . 41.08 34.58 31.45
C21 LUT RL . 21.09 28.68 49.63
C22 LUT RL . 20.22 28.56 50.89
C23 LUT RL . 20.66 27.44 51.81
C24 LUT RL . 22.10 27.63 52.18
C25 LUT RL . 22.94 28.25 51.37
C26 LUT RL . 22.59 28.40 49.91
C27 LUT RL . 23.51 29.39 49.24
C28 LUT RL . 24.47 29.14 48.34
C29 LUT RL . 25.28 30.06 47.66
C30 LUT RL . 26.27 29.62 46.76
C31 LUT RL . 27.14 30.34 45.98
C32 LUT RL . 28.11 29.78 45.17
C33 LUT RL . 29.05 30.41 44.34
C34 LUT RL . 30.05 29.69 43.65
C35 LUT RL . 31.02 30.16 42.79
C36 LUT RL . 20.92 30.09 49.04
C37 LUT RL . 20.59 27.68 48.57
C38 LUT RL . 24.26 28.82 51.83
C39 LUT RL . 25.16 31.52 47.86
C40 LUT RL . 28.99 31.88 44.18
O23 LUT RL . 20.45 26.14 51.22
C1 LUT SL . 37.50 43.28 44.24
C2 LUT SL . 37.47 43.92 42.85
C3 LUT SL . 36.05 44.13 42.35
C4 LUT SL . 35.33 42.80 42.25
C5 LUT SL . 35.55 41.91 43.44
C6 LUT SL . 36.55 42.10 44.32
C7 LUT SL . 36.73 41.18 45.42
C8 LUT SL . 37.38 39.98 45.37
C9 LUT SL . 37.67 39.08 46.41
C10 LUT SL . 38.49 37.97 46.16
C11 LUT SL . 39.02 37.06 47.05
C12 LUT SL . 39.92 36.06 46.68
C13 LUT SL . 40.60 35.12 47.46
C14 LUT SL . 41.54 34.23 46.93
C15 LUT SL . 42.35 33.32 47.58
C16 LUT SL . 37.11 44.32 45.28
C17 LUT SL . 38.93 42.84 44.53
C18 LUT SL . 34.57 40.78 43.52
C19 LUT SL . 37.13 39.25 47.77
C20 LUT SL . 40.30 35.05 48.91
O3 LUT SL . 36.07 44.77 41.07
C21 LUT SL . 50.91 23.21 49.28
C22 LUT SL . 51.38 21.74 49.34
C23 LUT SL . 50.69 20.94 50.44
C24 LUT SL . 49.21 21.03 50.29
C25 LUT SL . 48.63 22.05 49.66
C26 LUT SL . 49.38 23.36 49.53
C27 LUT SL . 48.71 24.24 48.52
C28 LUT SL . 48.08 25.40 48.74
C29 LUT SL . 47.53 26.28 47.79
C30 LUT SL . 46.91 27.48 48.18
C31 LUT SL . 46.31 28.44 47.39
C32 LUT SL . 45.62 29.56 47.84
C33 LUT SL . 44.91 30.51 47.10
C34 LUT SL . 44.09 31.50 47.69
C35 LUT SL . 43.26 32.40 47.06
C36 LUT SL . 51.27 23.79 47.91
C37 LUT SL . 51.68 24.02 50.34
C38 LUT SL . 47.24 21.99 49.09
C39 LUT SL . 47.59 25.98 46.34
C40 LUT SL . 45.01 30.47 45.63
O23 LUT SL . 51.10 21.37 51.75
C1 XAT TL . 50.59 28.35 58.09
C2 XAT TL . 50.58 27.89 59.56
C3 XAT TL . 51.93 27.42 60.07
C4 XAT TL . 52.93 28.56 60.01
C5 XAT TL . 53.08 29.02 58.60
C6 XAT TL . 51.95 28.89 57.63
C7 XAT TL . 51.95 29.70 56.35
C8 XAT TL . 52.65 29.31 55.28
C9 XAT TL . 52.77 29.91 54.01
C10 XAT TL . 52.07 31.06 53.57
C11 XAT TL . 52.19 31.68 52.34
C12 XAT TL . 51.53 32.75 51.75
C13 XAT TL . 51.74 33.31 50.47
C14 XAT TL . 50.99 34.35 49.90
C15 XAT TL . 51.18 34.95 48.66
C16 XAT TL . 49.52 29.44 57.98
C17 XAT TL . 50.17 27.17 57.22
C18 XAT TL . 54.16 30.03 58.34
C19 XAT TL . 53.68 29.28 53.03
C20 XAT TL . 52.86 32.74 49.67
O3 XAT TL . 51.79 26.97 61.42
O4 XAT TL . 53.03 27.92 57.64
C21 XAT TL . 49.72 44.00 41.20
C22 XAT TL . 49.62 45.09 40.12
C23 XAT TL . 48.21 45.45 39.70
C24 XAT TL . 47.49 44.25 39.11
C25 XAT TL . 47.64 42.99 39.92
C26 XAT TL . 48.74 42.85 40.92
C27 XAT TL . 48.69 41.80 42.00
C28 XAT TL . 47.69 41.62 42.87
C29 XAT TL . 47.50 40.71 43.93
C30 XAT TL . 48.45 39.85 44.51
C31 XAT TL . 48.23 39.06 45.63
C32 XAT TL . 48.95 38.13 46.37
C33 XAT TL . 48.53 37.50 47.56
C34 XAT TL . 49.25 36.51 48.27
C35 XAT TL . 50.45 35.91 47.96
C36 XAT TL . 49.47 44.61 42.58
C37 XAT TL . 51.16 43.46 41.14
C38 XAT TL . 46.44 42.10 39.92
C39 XAT TL . 46.14 40.64 44.49
C40 XAT TL . 47.21 37.91 48.11
O23 XAT TL . 47.47 45.95 40.81
O24 XAT TL . 48.88 42.29 39.59
C1 NEX UL . 18.57 45.58 68.41
C2 NEX UL . 19.18 45.70 69.82
C3 NEX UL . 19.47 44.36 70.47
C4 NEX UL . 20.41 43.53 69.61
C5 NEX UL . 19.86 43.28 68.21
C6 NEX UL . 19.43 44.61 67.58
C7 NEX UL . 19.80 44.91 66.37
C8 NEX UL . 20.11 45.20 65.13
C9 NEX UL . 21.48 45.17 64.59
C10 NEX UL . 21.78 45.23 63.23
C11 NEX UL . 22.99 45.00 62.60
C12 NEX UL . 23.24 45.04 61.24
C13 NEX UL . 24.37 44.61 60.53
C14 NEX UL . 24.47 44.66 59.13
C15 NEX UL . 25.51 44.21 58.33
C16 NEX UL . 18.54 46.96 67.75
C17 NEX UL . 17.13 45.07 68.52
C18 NEX UL . 20.88 42.54 67.37
C19 NEX UL . 22.58 45.10 65.58
C20 NEX UL . 25.51 44.07 61.30
O3 NEX UL . 20.04 44.55 71.76
O4 NEX UL . 18.71 42.42 68.40
C21 NEX UL . 26.65 42.03 46.80
C22 NEX UL . 25.88 42.93 45.82
C23 NEX UL . 26.74 43.79 44.92
C24 NEX UL . 27.67 44.70 45.70
C25 NEX UL . 28.23 44.10 46.97
C26 NEX UL . 27.71 42.84 47.54
C27 NEX UL . 28.56 42.08 48.51
C28 NEX UL . 28.47 42.27 49.84
C29 NEX UL . 29.33 41.74 50.82
C30 NEX UL . 29.06 41.87 52.19
C31 NEX UL . 27.96 42.47 52.80
C32 NEX UL . 27.77 42.66 54.16
C33 NEX UL . 26.67 43.24 54.81
C34 NEX UL . 26.62 43.47 56.20
C35 NEX UL . 25.61 44.02 56.95
C36 NEX UL . 27.29 40.83 46.08
C37 NEX UL . 25.61 41.50 47.81
C38 NEX UL . 29.58 44.61 47.38
C39 NEX UL . 30.56 41.00 50.44
C40 NEX UL . 25.47 43.60 54.00
O23 NEX UL . 27.49 42.98 44.03
O24 NEX UL . 27.25 44.12 48.05
O1 LHG VL . 39.82 10.48 37.99
C1 LHG VL . 38.98 11.51 38.53
C2 LHG VL . 38.77 11.33 40.01
O2 LHG VL . 38.14 10.09 40.27
C3 LHG VL . 37.96 12.44 40.64
O3 LHG VL . 38.60 13.72 40.37
P LHG VL . 37.94 15.06 40.95
O4 LHG VL . 36.53 15.13 40.45
O5 LHG VL . 38.24 15.12 42.43
O6 LHG VL . 38.76 16.23 40.22
C4 LHG VL . 40.20 16.29 40.36
C5 LHG VL . 40.67 17.57 39.70
C6 LHG VL . 40.12 18.81 40.35
O7 LHG VL . 42.13 17.64 39.73
C7 LHG VL . 42.74 18.57 38.98
O9 LHG VL . 42.16 19.15 38.09
C8 LHG VL . 44.16 18.82 39.37
C9 LHG VL . 44.33 19.05 40.84
C10 LHG VL . 45.18 20.28 41.15
O8 LHG VL . 39.58 18.45 41.65
C23 LHG VL . 39.16 19.43 42.44
O10 LHG VL . 38.64 19.23 43.50
C24 LHG VL . 39.42 20.79 41.87
C11 LHG VL . 46.56 20.26 40.54
C12 LHG VL . 47.35 21.52 40.81
C13 LHG VL . 48.69 21.57 40.12
C14 LHG VL . 49.43 22.87 40.29
C15 LHG VL . 49.83 23.19 41.71
C16 LHG VL . 50.63 24.46 41.85
C17 LHG VL . 51.18 24.69 43.23
C18 LHG VL . 52.06 25.92 43.34
C19 LHG VL . 52.73 26.07 44.69
C20 LHG VL . 53.64 27.28 44.80
C21 LHG VL . 54.37 27.38 46.10
C22 LHG VL . 55.29 26.22 46.38
C25 LHG VL . 40.20 21.69 42.78
C26 LHG VL . 41.69 21.61 42.54
C27 LHG VL . 42.10 21.99 41.14
C28 LHG VL . 41.85 23.43 40.80
C29 LHG VL . 41.93 23.72 39.32
C30 LHG VL . 43.26 23.40 38.68
C31 LHG VL . 43.20 23.32 37.18
C32 LHG VL . 42.49 24.47 36.53
C33 LHG VL . 42.30 24.34 35.04
C34 LHG VL . 41.61 23.07 34.61
C35 LHG VL . 41.21 23.02 33.15
C36 LHG VL . 39.78 23.45 32.89
C37 LHG VL . 39.41 24.88 33.22
C38 LHG VL . 37.96 25.22 32.94
MG CHL WL . -41.74 59.00 58.39
CHA CHL WL . -38.22 58.78 58.06
CHB CHL WL . -41.99 57.89 55.19
CHC CHL WL . -45.15 59.97 58.44
CHD CHL WL . -41.58 59.26 61.93
NA CHL WL . -40.45 58.67 56.93
C1A CHL WL . -39.16 58.74 56.90
C2A CHL WL . -38.57 58.80 55.51
C3A CHL WL . -39.77 58.57 54.65
C4A CHL WL . -40.83 58.34 55.67
CMA CHL WL . -40.10 59.79 53.81
CAA CHL WL . -37.54 57.71 55.27
CBA CHL WL . -38.01 56.34 55.74
CGA CHL WL . -37.29 55.27 54.97
O1A CHL WL . -36.38 55.56 54.21
O2A CHL WL . -37.69 53.88 55.11
NB CHL WL . -43.28 58.94 57.05
C1B CHL WL . -43.19 58.45 55.81
C2B CHL WL . -44.47 58.54 55.08
C3B CHL WL . -45.39 59.16 56.04
C4B CHL WL . -44.54 59.36 57.25
CMB CHL WL . -44.78 58.10 53.67
CAB CHL WL . -46.78 59.38 55.58
CBB CHL WL . -47.78 59.40 56.46
NC CHL WL . -43.08 59.50 59.88
C1C CHL WL . -44.37 59.86 59.69
C2C CHL WL . -45.07 60.17 60.95
C3C CHL WL . -44.03 59.96 61.98
C4C CHL WL . -42.83 59.55 61.20
CMC CHL WL . -46.42 60.60 61.40
OMC CHL WL . -47.35 60.58 60.61
CAC CHL WL . -44.14 60.13 63.48
CBC CHL WL . -44.98 59.00 64.06
ND CHL WL . -40.28 59.03 59.81
C1D CHL WL . -40.33 59.13 61.15
C2D CHL WL . -38.92 59.09 61.59
C3D CHL WL . -38.08 58.95 60.39
C4D CHL WL . -38.98 58.92 59.32
CMD CHL WL . -38.23 59.15 62.92
CAD CHL WL . -36.68 58.84 59.89
OBD CHL WL . -35.68 58.84 60.69
CBD CHL WL . -36.79 58.75 58.43
CGD CHL WL . -36.11 59.96 57.88
O1D CHL WL . -35.86 60.91 58.61
O2D CHL WL . -35.72 60.05 56.48
CED CHL WL . -35.49 61.34 55.90
MG CLA XL . -29.88 55.32 62.19
CHA CLA XL . -31.82 52.68 63.30
CHB CLA XL . -27.06 53.61 63.07
CHC CLA XL . -28.00 57.90 60.95
CHD CLA XL . -32.84 57.09 61.38
NA CLA XL . -29.53 53.45 63.05
C1A CLA XL . -30.47 52.49 63.43
C2A CLA XL . -29.79 51.26 64.02
C3A CLA XL . -28.29 51.65 64.06
C4A CLA XL . -28.27 52.99 63.32
CMA CLA XL . -27.81 51.80 65.48
CAA CLA XL . -30.00 50.05 63.12
CBA CLA XL . -29.98 50.40 61.65
CGA CLA XL . -28.63 50.17 61.07
O1A CLA XL . -27.95 49.13 61.11
O2A CLA XL . -28.11 51.26 60.44
NB CLA XL . -27.90 55.70 62.08
C1B CLA XL . -26.91 54.85 62.43
C2B CLA XL . -25.58 55.42 62.04
C3B CLA XL . -25.83 56.63 61.44
C4B CLA XL . -27.32 56.84 61.46
CMB CLA XL . -24.33 54.72 62.30
CAB CLA XL . -24.95 57.61 60.87
CBB CLA XL . -23.69 57.85 61.27
NC CLA XL . -30.34 57.15 61.32
C1C CLA XL . -29.41 58.05 60.88
C2C CLA XL . -30.09 59.22 60.31
C3C CLA XL . -31.45 59.00 60.45
C4C CLA XL . -31.61 57.70 61.09
CMC CLA XL . -29.41 60.37 59.72
CAC CLA XL . -32.53 59.89 60.01
CBC CLA XL . -32.78 59.79 58.52
ND CLA XL . -31.87 55.00 62.24
C1D CLA XL . -32.98 55.83 61.92
C2D CLA XL . -34.24 55.11 62.25
C3D CLA XL . -33.85 53.88 62.76
C4D CLA XL . -32.37 53.88 62.76
CMD CLA XL . -35.58 55.63 62.02
CAD CLA XL . -34.29 52.60 63.30
OBD CLA XL . -35.42 52.15 63.43
CBD CLA XL . -33.00 51.83 63.72
CGD CLA XL . -32.96 51.57 65.20
O1D CLA XL . -33.15 50.51 65.78
O2D CLA XL . -32.66 52.68 65.93
CED CLA XL . -31.46 52.65 66.71
C1 CLA XL . -26.71 51.23 60.12
C2 CLA XL . -26.40 52.51 59.42
C3 CLA XL . -25.16 52.86 59.03
C4 CLA XL . -23.99 52.00 59.28
C5 CLA XL . -24.92 54.15 58.33
C6 CLA XL . -24.48 53.94 56.90
C7 CLA XL . -24.50 55.24 56.12
C8 CLA XL . -24.46 54.99 54.61
C9 CLA XL . -23.46 55.90 53.94
C10 CLA XL . -25.84 55.17 53.98
C11 CLA XL . -26.24 56.61 53.87
C12 CLA XL . -26.84 56.93 52.51
C13 CLA XL . -27.98 57.94 52.62
C14 CLA XL . -29.32 57.25 52.47
C15 CLA XL . -27.83 59.04 51.57
MG CLA YL . -18.57 58.46 59.48
CHA CLA YL . -17.48 55.26 60.28
CHB CLA YL . -21.22 57.12 57.82
CHC CLA YL . -19.48 61.62 58.50
CHD CLA YL . -15.72 59.78 61.08
NA CLA YL . -19.26 56.50 59.18
C1A CLA YL . -18.66 55.30 59.58
C2A CLA YL . -19.50 54.11 59.14
C3A CLA YL . -20.73 54.74 58.45
C4A CLA YL . -20.40 56.24 58.48
CMA CLA YL . -20.89 54.24 57.04
CAA CLA YL . -19.96 53.29 60.34
NB CLA YL . -20.11 59.23 58.43
C1B CLA YL . -21.03 58.51 57.74
C2B CLA YL . -21.83 59.40 56.86
C3B CLA YL . -21.34 60.67 57.03
C4B CLA YL . -20.25 60.59 58.04
CMB CLA YL . -22.89 58.92 55.99
CAB CLA YL . -21.77 61.90 56.41
CBB CLA YL . -20.99 62.73 55.71
NC CLA YL . -17.77 60.36 59.80
C1C CLA YL . -18.33 61.51 59.33
C2C CLA YL . -17.53 62.66 59.73
C3C CLA YL . -16.43 62.15 60.43
C4C CLA YL . -16.60 60.69 60.47
CMC CLA YL . -17.83 64.06 59.41
CAC CLA YL . -15.34 62.91 61.05
CBC CLA YL . -15.52 63.15 62.52
ND CLA YL . -16.99 57.77 60.52
C1D CLA YL . -15.87 58.42 61.11
C2D CLA YL . -14.98 57.40 61.69
C3D CLA YL . -15.54 56.17 61.41
C4D CLA YL . -16.78 56.45 60.65
CMD CLA YL . -13.74 57.70 62.41
CAD CLA YL . -15.42 54.73 61.54
OBD CLA YL . -14.57 54.06 62.11
CBD CLA YL . -16.64 54.11 60.78
CGD CLA YL . -16.20 53.24 59.63
O1D CLA YL . -16.41 52.04 59.46
O2D CLA YL . -15.47 53.91 58.69
CED CLA YL . -14.92 53.15 57.61
MG CLA ZL . -15.46 77.02 66.50
CHA CLA ZL . -13.44 79.60 65.32
CHB CLA ZL . -13.55 74.77 64.79
CHC CLA ZL . -17.36 74.49 67.81
CHD CLA ZL . -17.41 79.39 68.24
NA CLA ZL . -13.79 77.19 65.24
C1A CLA ZL . -13.09 78.35 64.89
C2A CLA ZL . -11.92 78.02 63.96
C3A CLA ZL . -12.08 76.51 63.69
C4A CLA ZL . -13.21 76.10 64.64
CMA CLA ZL . -12.42 76.22 62.25
CAA CLA ZL . -10.60 78.30 64.66
CBA CLA ZL . -10.18 77.14 65.55
CGA CLA ZL . -9.53 77.65 66.79
O1A CLA ZL . -8.82 78.66 66.95
O2A CLA ZL . -9.79 76.86 67.88
NB CLA ZL . -15.48 75.01 66.31
C1B CLA ZL . -14.57 74.27 65.62
C2B CLA ZL . -14.82 72.82 65.86
C3B CLA ZL . -15.90 72.74 66.71
C4B CLA ZL . -16.33 74.13 67.00
CMB CLA ZL . -14.01 71.76 65.24
CAB CLA ZL . -16.57 71.59 67.26
CBB CLA ZL . -17.01 70.55 66.54
NC CLA ZL . -17.10 76.96 67.77
C1C CLA ZL . -17.73 75.82 68.17
C2C CLA ZL . -18.84 76.14 69.07
C3C CLA ZL . -18.86 77.53 69.20
C4C CLA ZL . -17.76 78.04 68.37
CMC CLA ZL . -19.73 75.16 69.69
CAC CLA ZL . -19.79 78.33 70.00
CBC CLA ZL . -19.18 78.79 71.30
ND CLA ZL . -15.50 79.03 66.74
C1D CLA ZL . -16.36 79.87 67.48
C2D CLA ZL . -15.93 81.28 67.30
C3D CLA ZL . -14.80 81.23 66.50
C4D CLA ZL . -14.58 79.81 66.17
CMD CLA ZL . -16.58 82.43 67.91
CAD CLA ZL . -13.77 82.00 65.82
OBD CLA ZL . -13.61 83.21 65.79
CBD CLA ZL . -12.85 80.97 65.08
CGD CLA ZL . -12.72 81.31 63.62
O1D CLA ZL . -11.86 80.91 62.83
O2D CLA ZL . -13.68 82.15 63.15
C1 CLA ZL . -10.58 77.46 68.93
C2 CLA ZL . -10.72 76.42 69.98
C3 CLA ZL . -11.32 76.64 71.16
MG CHL AM . -0.38 83.55 70.15
CHA CHL AM . -2.74 83.67 72.82
CHB CHL AM . 0.73 86.60 71.21
CHC CHL AM . 1.54 83.76 67.19
CHD CHL AM . -0.86 80.07 69.64
NA CHL AM . -1.01 84.90 71.47
C1A CHL AM . -1.99 84.86 72.32
C2A CHL AM . -2.43 86.22 72.80
C3A CHL AM . -1.37 87.12 72.22
C4A CHL AM . -0.46 86.12 71.58
CMA CHL AM . -1.92 88.05 71.16
CAA CHL AM . -2.45 86.35 74.31
CBA CHL AM . -2.84 87.77 74.71
CGA CHL AM . -4.19 87.76 75.38
O1A CHL AM . -5.19 87.39 74.77
O2A CHL AM . -4.34 88.19 76.76
NB CHL AM . 0.89 84.93 69.35
C1B CHL AM . 1.21 86.09 69.92
C2B CHL AM . 2.17 86.89 69.10
C3B CHL AM . 2.41 86.04 67.92
C4B CHL AM . 1.55 84.84 68.18
CMB CHL AM . 2.75 88.23 69.41
CAB CHL AM . 3.34 86.59 66.90
CBB CHL AM . 3.84 85.83 65.95
NC CHL AM . 0.22 82.20 68.72
C1C CHL AM . 0.96 82.48 67.63
C2C CHL AM . 1.22 81.28 66.79
C3C CHL AM . 0.51 80.20 67.51
C4C CHL AM . -0.07 80.88 68.70
CMC CHL AM . 1.93 80.92 65.54
OMC CHL AM . 2.78 81.66 65.09
CAC CHL AM . 0.42 78.74 67.13
CBC CHL AM . 1.60 78.00 67.73
ND CHL AM . -1.52 82.08 70.98
C1D CHL AM . -1.62 80.77 70.70
C2D CHL AM . -2.62 80.26 71.65
C3D CHL AM . -3.07 81.38 72.50
C4D CHL AM . -2.34 82.49 72.02
CMD CHL AM . -3.23 78.90 71.93
CAD CHL AM . -3.97 81.77 73.61
OBD CHL AM . -4.72 80.91 74.20
CBD CHL AM . -3.74 83.22 73.81
CGD CHL AM . -5.04 83.96 73.71
O1D CHL AM . -5.59 84.12 72.64
O2D CHL AM . -5.65 84.52 74.90
MG CHL BM . -8.58 73.20 65.63
CHA CHL BM . -6.90 74.49 68.50
CHB CHL BM . -9.19 70.36 67.46
CHC CHL BM . -10.67 72.03 63.01
CHD CHL BM . -7.45 75.87 63.57
NA CHL BM . -8.28 72.64 67.52
C1A CHL BM . -7.74 73.25 68.52
C2A CHL BM . -8.09 72.66 69.86
C3A CHL BM . -9.09 71.60 69.48
C4A CHL BM . -8.82 71.51 68.01
CMA CHL BM . -8.87 70.28 70.22
CAA CHL BM . -8.74 73.69 70.80
CBA CHL BM . -8.69 73.15 72.22
CGA CHL BM . -7.31 73.42 72.78
O1A CHL BM . -6.95 74.56 72.99
O2A CHL BM . -6.41 72.32 73.10
NB CHL BM . -9.71 71.52 65.31
C1B CHL BM . -9.81 70.50 66.16
C2B CHL BM . -10.69 69.42 65.64
C3B CHL BM . -11.13 69.91 64.33
C4B CHL BM . -10.46 71.24 64.23
CMB CHL BM . -11.06 68.13 66.33
CAB CHL BM . -12.04 69.01 63.60
CBB CHL BM . -12.84 69.49 62.66
NC CHL BM . -8.97 73.82 63.72
C1C CHL BM . -9.83 73.23 62.85
C2C CHL BM . -9.89 73.93 61.54
C3C CHL BM . -8.95 75.05 61.70
C4C CHL BM . -8.44 74.89 63.09
CMC CHL BM . -10.60 73.78 60.25
OMC CHL BM . -11.53 72.99 60.14
CAC CHL BM . -8.60 76.12 60.68
CBC CHL BM . -7.28 75.76 60.03
ND CHL BM . -7.43 74.88 65.85
C1D CHL BM . -7.06 75.83 64.99
C2D CHL BM . -6.23 76.76 65.78
C3D CHL BM . -6.16 76.27 67.16
C4D CHL BM . -6.92 75.09 67.14
CMD CHL BM . -5.50 78.03 65.48
CAD CHL BM . -5.61 76.49 68.52
OBD CHL BM . -4.88 77.50 68.79
CBD CHL BM . -6.09 75.37 69.35
CGD CHL BM . -4.87 74.60 69.79
O1D CHL BM . -4.03 74.27 68.97
O2D CHL BM . -4.69 74.23 71.18
CED CHL BM . -3.76 73.20 71.49
MG CHL CM . -10.48 71.31 56.84
CHA CHL CM . -9.88 73.44 54.07
CHB CHL CM . -13.48 70.45 55.36
CHC CHL CM . -11.02 68.95 59.45
CHD CHL CM . -7.55 72.47 58.54
NA CHL CM . -11.40 71.75 55.13
C1A CHL CM . -11.04 72.51 54.15
C2A CHL CM . -11.93 72.51 52.94
C3A CHL CM . -13.06 71.66 53.40
C4A CHL CM . -12.60 71.24 54.76
CMA CHL CM . -14.36 72.44 53.49
CAA CHL CM . -11.22 71.90 51.74
CBA CHL CM . -12.13 71.89 50.51
NB CHL CM . -11.95 69.97 57.30
C1B CHL CM . -13.06 69.78 56.60
C2B CHL CM . -13.95 68.74 57.18
C3B CHL CM . -13.22 68.29 58.39
C4B CHL CM . -11.98 69.14 58.36
CMB CHL CM . -15.27 68.26 56.67
CAB CHL CM . -13.89 67.25 59.20
CBB CHL CM . -13.21 66.56 60.09
NC CHL CM . -9.51 70.83 58.60
C1C CHL CM . -9.88 69.87 59.48
C2C CHL CM . -8.97 69.76 60.65
C3C CHL CM . -7.95 70.79 60.38
C4C CHL CM . -8.38 71.39 59.09
CMC CHL CM . -8.83 68.97 61.90
OMC CHL CM . -9.53 68.00 62.09
CAC CHL CM . -6.76 71.16 61.23
CBC CHL CM . -5.67 70.13 61.06
ND CHL CM . -8.97 72.65 56.49
C1D CHL CM . -7.90 73.01 57.21
C2D CHL CM . -7.21 74.02 56.40
C3D CHL CM . -7.97 74.20 55.15
C4D CHL CM . -9.05 73.33 55.27
CMD CHL CM . -5.96 74.85 56.57
CAD CHL CM . -8.05 74.94 53.85
OBD CHL CM . -7.17 75.81 53.51
CBD CHL CM . -9.26 74.45 53.19
CGD CHL CM . -10.23 75.59 53.08
O1D CHL CM . -11.15 75.68 53.86
O2D CHL CM . -10.06 76.61 52.06
CED CHL CM . -11.08 77.60 51.90
MG CHL DM . -13.58 62.11 76.90
CHA CHL DM . -16.16 63.07 74.66
CHB CHL DM . -12.07 65.16 76.27
CHC CHL DM . -10.99 61.24 79.20
CHD CHL DM . -15.12 58.94 77.51
NA CHL DM . -13.99 63.70 75.77
C1A CHL DM . -15.00 63.94 74.99
C2A CHL DM . -15.01 65.28 74.31
C3A CHL DM . -13.67 65.81 74.69
C4A CHL DM . -13.19 64.80 75.67
CMA CHL DM . -12.74 65.88 73.49
CAA CHL DM . -16.14 66.18 74.81
CBA CHL DM . -16.00 66.56 76.27
CGA CHL DM . -17.08 65.86 77.06
O1A CHL DM . -17.07 64.65 77.19
O2A CHL DM . -18.12 66.64 77.70
NB CHL DM . -11.87 63.02 77.59
C1B CHL DM . -11.46 64.23 77.22
C2B CHL DM . -10.19 64.61 77.90
C3B CHL DM . -9.88 63.46 78.75
C4B CHL DM . -11.00 62.53 78.48
CMB CHL DM . -9.41 65.89 77.73
CAB CHL DM . -8.63 63.58 79.55
CBB CHL DM . -8.34 62.72 80.51
NC CHL DM . -13.16 60.46 78.08
C1C CHL DM . -12.10 60.32 78.91
C2C CHL DM . -12.08 59.02 79.63
C3C CHL DM . -13.28 58.35 79.13
C4C CHL DM . -13.88 59.33 78.18
CMC CHL DM . -11.27 58.25 80.61
OMC CHL DM . -10.38 58.81 81.22
CAC CHL DM . -13.81 56.99 79.50
CBC CHL DM . -14.66 57.13 80.74
ND CHL DM . -15.26 61.11 76.29
C1D CHL DM . -15.73 59.90 76.59
C2D CHL DM . -16.98 59.77 75.81
C3D CHL DM . -17.16 61.01 75.04
C4D CHL DM . -16.06 61.79 75.38
CMD CHL DM . -18.03 58.70 75.64
CAD CHL DM . -18.03 61.72 74.08
OBD CHL DM . -19.11 61.19 73.63
CBD CHL DM . -17.39 63.03 73.85
CGD CHL DM . -17.07 63.20 72.39
O1D CHL DM . -16.23 62.50 71.85
O2D CHL DM . -17.77 64.21 71.62
CED CHL DM . -17.02 65.13 70.84
MG CHL EM . -11.73 58.79 66.51
CHA CHL EM . -14.55 56.71 66.07
CHB CHL EM . -10.26 56.21 68.17
CHC CHL EM . -8.63 60.46 66.10
CHD CHL EM . -13.51 61.73 65.71
NA CHL EM . -12.17 56.89 66.83
C1A CHL EM . -13.21 56.21 66.48
C2A CHL EM . -13.05 54.73 66.51
C3A CHL EM . -11.75 54.57 67.24
C4A CHL EM . -11.37 56.00 67.45
CMA CHL EM . -11.93 53.87 68.58
CAA CHL EM . -13.02 54.16 65.10
CBA CHL EM . -11.81 54.66 64.31
CGA CHL EM . -11.33 53.54 63.42
O1A CHL EM . -11.18 52.42 63.87
O2A CHL EM . -11.05 53.79 62.01
NB CHL EM . -9.80 58.40 67.04
C1B CHL EM . -9.42 57.31 67.71
C2B CHL EM . -7.95 57.30 67.95
C3B CHL EM . -7.48 58.55 67.33
C4B CHL EM . -8.72 59.17 66.79
CMB CHL EM . -7.15 56.24 68.66
CAB CHL EM . -6.01 58.80 67.42
CBB CHL EM . -5.44 59.75 66.71
NC CHL EM . -11.19 60.71 66.02
C1C CHL EM . -9.93 61.16 65.90
C2C CHL EM . -9.88 62.61 65.52
C3C CHL EM . -11.30 62.97 65.41
C4C CHL EM . -12.04 61.72 65.74
CMC CHL EM . -8.88 63.65 65.25
OMC CHL EM . -7.69 63.37 65.19
CAC CHL EM . -11.88 64.32 65.05
CBC CHL EM . -11.87 64.48 63.54
ND CHL EM . -13.64 59.27 65.98
C1D CHL EM . -14.23 60.43 65.69
C2D CHL EM . -15.63 60.06 65.38
C3D CHL EM . -15.78 58.61 65.52
C4D CHL EM . -14.51 58.17 65.90
CMD CHL EM . -16.87 60.83 64.97
CAD CHL EM . -16.71 57.45 65.43
OBD CHL EM . -17.95 57.60 65.11
CBD CHL EM . -15.92 56.25 65.78
CGD CHL EM . -16.48 55.56 66.98
O1D CHL EM . -16.31 56.01 68.10
O2D CHL EM . -17.23 54.32 66.82
CED CHL EM . -17.21 53.33 67.84
MG CLA FM . -25.00 64.06 76.31
CHA CLA FM . -24.20 61.89 78.89
CHB CLA FM . -28.30 63.82 77.13
CHC CLA FM . -25.72 66.38 73.87
CHD CLA FM . -21.57 64.30 75.52
NA CLA FM . -26.05 62.99 77.76
C1A CLA FM . -25.54 62.15 78.76
C2A CLA FM . -26.65 61.58 79.62
C3A CLA FM . -27.94 62.09 78.95
C4A CLA FM . -27.41 63.04 77.87
CMA CLA FM . -28.75 60.96 78.35
CAA CLA FM . -26.58 62.12 81.05
CBA CLA FM . -26.07 63.55 81.07
CGA CLA FM . -27.20 64.52 81.12
O1A CLA FM . -28.02 64.69 82.03
O2A CLA FM . -27.31 65.27 79.99
NB CLA FM . -26.68 64.96 75.67
C1B CLA FM . -27.94 64.70 76.10
C2B CLA FM . -28.93 65.49 75.32
C3B CLA FM . -28.21 66.22 74.39
C4B CLA FM . -26.77 65.88 74.59
CMB CLA FM . -30.36 65.42 75.56
CAB CLA FM . -28.65 67.14 73.37
CBB CLA FM . -29.74 66.99 72.61
NC CLA FM . -23.85 65.11 74.92
C1C CLA FM . -24.35 66.01 74.02
C2C CLA FM . -23.27 66.57 73.22
C3C CLA FM . -22.09 65.99 73.69
C4C CLA FM . -22.47 65.08 74.77
CMC CLA FM . -23.43 67.55 72.15
CAC CLA FM . -20.72 66.24 73.19
CBC CLA FM . -19.90 67.09 74.13
ND CLA FM . -23.26 63.21 76.90
C1D CLA FM . -21.92 63.43 76.52
C2D CLA FM . -21.03 62.60 77.37
C3D CLA FM . -21.86 61.99 78.29
C4D CLA FM . -23.23 62.43 77.98
CMD CLA FM . -19.59 62.51 77.20
CAD CLA FM . -21.94 61.05 79.40
OBD CLA FM . -21.06 60.37 79.91
CBD CLA FM . -23.42 61.06 79.89
CGD CLA FM . -24.01 59.68 80.02
O1D CLA FM . -24.33 58.93 79.11
O2D CLA FM . -24.19 59.27 81.30
CED CLA FM . -24.60 57.91 81.51
MG CLA GM . -43.12 66.91 65.99
CHA CLA GM . -41.94 66.09 69.16
CHB CLA GM . -46.31 66.62 67.11
CHC CLA GM . -44.23 67.84 62.87
CHD CLA GM . -39.77 67.20 64.87
NA CLA GM . -43.96 66.40 67.84
C1A CLA GM . -43.31 66.11 69.04
C2A CLA GM . -44.32 65.78 70.14
C3A CLA GM . -45.68 65.84 69.42
C4A CLA GM . -45.32 66.32 68.02
CMA CLA GM . -46.35 64.48 69.39
CAA CLA GM . -44.26 66.78 71.30
CBA CLA GM . -44.09 68.21 70.83
CGA CLA GM . -43.67 69.05 71.99
O1A CLA GM . -43.70 68.79 73.19
O2A CLA GM . -43.20 70.28 71.60
NB CLA GM . -44.92 67.12 65.14
C1B CLA GM . -46.11 67.08 65.79
C2B CLA GM . -47.20 67.60 64.92
C3B CLA GM . -46.62 67.95 63.73
C4B CLA GM . -45.17 67.63 63.84
CMB CLA GM . -48.60 67.69 65.34
CAB CLA GM . -47.21 68.50 62.54
CBB CLA GM . -46.89 69.68 62.00
NC CLA GM . -42.16 67.39 64.19
C1C CLA GM . -42.82 67.72 63.03
C2C CLA GM . -41.85 67.97 61.98
C3C CLA GM . -40.59 67.83 62.54
C4C CLA GM . -40.80 67.46 63.95
CMC CLA GM . -42.20 68.34 60.60
CAC CLA GM . -39.29 67.98 61.86
CBC CLA GM . -38.85 69.42 61.75
ND CLA GM . -41.26 66.72 66.77
C1D CLA GM . -39.97 66.86 66.19
C2D CLA GM . -38.96 66.59 67.24
C3D CLA GM . -39.65 66.31 68.40
C4D CLA GM . -41.09 66.39 68.05
CMD CLA GM . -37.50 66.64 67.03
CAD CLA GM . -39.57 65.97 69.80
OBD CLA GM . -38.58 65.83 70.51
CBD CLA GM . -41.03 65.80 70.33
CGD CLA GM . -41.26 64.45 70.94
O1D CLA GM . -40.73 63.38 70.62
O2D CLA GM . -42.15 64.45 71.96
CED CLA GM . -43.06 63.35 72.06
C1 CLA GM . -41.80 70.33 71.21
C2 CLA GM . -41.56 71.71 70.69
MG CLA HM . -34.10 71.31 69.76
CHA CLA HM . -36.02 69.56 72.06
CHB CLA HM . -31.54 71.45 72.00
CHC CLA HM . -32.21 73.00 67.42
CHD CLA HM . -36.81 71.21 67.48
NA CLA HM . -33.84 70.61 71.71
C1A CLA HM . -34.76 69.89 72.50
C2A CLA HM . -34.17 69.57 73.87
C3A CLA HM . -32.78 70.24 73.84
C4A CLA HM . -32.69 70.81 72.42
CMA CLA HM . -32.63 71.32 74.87
CAA CLA HM . -34.05 68.08 74.08
CBA CLA HM . -33.06 67.73 75.18
CGA CLA HM . -33.49 68.33 76.48
O1A CLA HM . -34.61 68.33 77.00
O2A CLA HM . -32.46 68.95 77.14
NB CLA HM . -32.23 72.07 69.72
C1B CLA HM . -31.33 72.03 70.74
C2B CLA HM . -30.07 72.69 70.33
C3B CLA HM . -30.25 73.14 69.04
C4B CLA HM . -31.62 72.75 68.63
CMB CLA HM . -28.91 72.81 71.22
CAB CLA HM . -29.33 73.83 68.18
CBB CLA HM . -29.55 75.02 67.61
NC CLA HM . -34.45 71.96 67.81
C1C CLA HM . -33.54 72.63 67.04
C2C CLA HM . -34.11 72.93 65.73
C3C CLA HM . -35.42 72.44 65.75
C4C CLA HM . -35.62 71.83 67.05
CMC CLA HM . -33.42 73.64 64.65
CAC CLA HM . -36.40 72.51 64.66
CBC CLA HM . -37.14 73.83 64.61
ND CLA HM . -35.97 70.56 69.71
C1D CLA HM . -36.98 70.60 68.71
C2D CLA HM . -38.19 69.93 69.23
C3D CLA HM . -37.87 69.48 70.50
C4D CLA HM . -36.48 69.92 70.75
CMD CLA HM . -39.43 69.76 68.48
CAD CLA HM . -38.33 68.79 71.68
OBD CLA HM . -39.41 68.25 71.91
CBD CLA HM . -37.17 68.83 72.73
CGD CLA HM . -37.57 69.50 74.00
O1D CLA HM . -37.44 69.07 75.15
O2D CLA HM . -38.13 70.74 73.83
CED CLA HM . -37.39 71.87 74.28
MG CLA IM . -31.85 72.36 51.77
CHA CLA IM . -31.90 74.81 49.31
CHB CLA IM . -33.50 74.45 53.88
CHC CLA IM . -31.88 69.85 54.13
CHD CLA IM . -30.20 70.20 49.50
NA CLA IM . -32.55 74.32 51.61
C1A CLA IM . -32.49 75.17 50.49
C2A CLA IM . -33.14 76.52 50.80
C3A CLA IM . -33.58 76.40 52.27
C4A CLA IM . -33.20 74.96 52.63
CMA CLA IM . -32.90 77.40 53.16
CAA CLA IM . -34.35 76.77 49.91
CBA CLA IM . -35.37 75.66 50.02
CGA CLA IM . -35.13 74.63 48.95
O1A CLA IM . -34.98 74.80 47.74
O2A CLA IM . -35.07 73.35 49.45
NB CLA IM . -32.58 72.18 53.64
C1B CLA IM . -33.21 73.15 54.34
C2B CLA IM . -33.56 72.64 55.69
C3B CLA IM . -33.11 71.35 55.76
C4B CLA IM . -32.46 71.04 54.46
CMB CLA IM . -34.26 73.46 56.68
CAB CLA IM . -33.18 70.40 56.85
CBB CLA IM . -32.81 70.63 58.11
NC CLA IM . -31.13 70.40 51.81
C1C CLA IM . -31.25 69.55 52.88
C2C CLA IM . -30.66 68.26 52.56
C3C CLA IM . -30.18 68.35 51.25
C4C CLA IM . -30.50 69.70 50.79
CMC CLA IM . -30.58 67.11 53.46
CAC CLA IM . -29.50 67.31 50.47
CBC CLA IM . -30.38 66.70 49.40
ND CLA IM . -31.10 72.45 49.90
C1D CLA IM . -30.48 71.48 49.06
C2D CLA IM . -30.19 72.08 47.74
C3D CLA IM . -30.70 73.36 47.79
C4D CLA IM . -31.28 73.53 49.14
CMD CLA IM . -29.51 71.39 46.65
CAD CLA IM . -30.86 74.61 47.08
OBD CLA IM . -30.43 74.95 45.99
CBD CLA IM . -31.73 75.54 48.00
CGD CLA IM . -31.12 76.90 48.16
O1D CLA IM . -30.61 77.38 49.18
O2D CLA IM . -31.15 77.67 47.04
CED CLA IM . -31.40 79.06 47.19
C1 CLA IM . -34.44 72.39 48.57
C2 CLA IM . -34.24 71.13 49.33
C3 CLA IM . -33.68 70.04 48.77
C4 CLA IM . -33.20 70.04 47.36
C5 CLA IM . -33.50 68.78 49.54
C6 CLA IM . -34.15 68.83 50.91
C7 CLA IM . -35.55 68.26 50.84
C8 CLA IM . -36.38 68.67 52.05
C9 CLA IM . -35.82 68.07 53.31
C10 CLA IM . -37.84 68.28 51.85
C11 CLA IM . -38.65 68.36 53.13
C12 CLA IM . -40.14 68.34 52.86
MG CLA JM . -39.75 77.04 51.85
CHA CLA JM . -39.62 74.45 49.54
CHB CLA JM . -42.16 78.56 49.98
CHC CLA JM . -40.02 79.46 54.27
CHD CLA JM . -37.31 75.37 53.79
NA CLA JM . -40.68 76.58 50.03
C1A CLA JM . -40.50 75.45 49.22
C2A CLA JM . -41.39 75.50 47.99
C3A CLA JM . -42.06 76.89 48.08
C4A CLA JM . -41.63 77.40 49.47
CMA CLA JM . -41.60 77.81 46.98
CAA CLA JM . -42.44 74.40 48.03
NB CLA JM . -40.85 78.71 52.06
C1B CLA JM . -41.84 79.13 51.23
C2B CLA JM . -42.56 80.28 51.83
C3B CLA JM . -41.96 80.54 53.04
C4B CLA JM . -40.85 79.55 53.20
CMB CLA JM . -43.68 80.95 51.18
CAB CLA JM . -42.27 81.56 54.01
CBB CLA JM . -41.40 82.47 54.47
NC CLA JM . -38.79 77.38 53.67
C1C CLA JM . -39.04 78.45 54.49
C2C CLA JM . -38.19 78.38 55.66
C3C CLA JM . -37.44 77.20 55.55
C4C CLA JM . -37.82 76.58 54.28
CMC CLA JM . -38.18 79.37 56.74
CAC CLA JM . -36.43 76.71 56.50
CBC CLA JM . -37.04 75.80 57.56
ND CLA JM . -38.64 75.36 51.72
C1D CLA JM . -37.68 74.78 52.60
C2D CLA JM . -37.20 73.50 52.01
C3D CLA JM . -37.91 73.33 50.83
C4D CLA JM . -38.79 74.50 50.71
CMD CLA JM . -36.19 72.63 52.61
CAD CLA JM . -38.12 72.48 49.68
OBD CLA JM . -37.56 71.45 49.36
CBD CLA JM . -39.26 73.16 48.84
CGD CLA JM . -38.86 73.37 47.40
O1D CLA JM . -39.32 72.81 46.40
O2D CLA JM . -37.87 74.28 47.22
CED CLA JM . -37.58 74.69 45.88
C1 LUT KM . -30.92 76.24 57.43
C2 LUT KM . -30.08 76.78 56.26
C3 LUT KM . -30.15 75.90 55.04
C4 LUT KM . -29.61 74.52 55.38
C5 LUT KM . -30.18 73.96 56.65
C6 LUT KM . -30.70 74.75 57.62
C7 LUT KM . -31.10 74.17 58.89
C8 LUT KM . -30.28 73.81 59.91
C9 LUT KM . -30.62 73.13 61.09
C10 LUT KM . -29.68 72.85 62.09
C11 LUT KM . -29.85 72.14 63.27
C12 LUT KM . -28.90 71.90 64.25
C13 LUT KM . -29.04 71.15 65.44
C14 LUT KM . -28.03 71.03 66.41
C15 LUT KM . -28.10 70.42 67.65
C16 LUT KM . -32.40 76.50 57.14
C17 LUT KM . -30.55 76.99 58.70
C18 LUT KM . -30.05 72.47 56.77
C19 LUT KM . -32.02 72.69 61.32
C20 LUT KM . -30.32 70.43 65.67
O3 LUT KM . -29.38 76.47 53.98
C21 LUT KM . -24.99 70.19 80.27
C22 LUT KM . -23.56 69.69 80.53
C23 LUT KM . -22.83 69.45 79.21
C24 LUT KM . -23.63 68.56 78.31
C25 LUT KM . -24.93 68.33 78.47
C26 LUT KM . -25.79 69.21 79.37
C27 LUT KM . -26.94 69.89 78.65
C28 LUT KM . -27.17 70.07 77.33
C29 LUT KM . -26.39 70.24 76.17
C30 LUT KM . -26.93 69.93 74.91
C31 LUT KM . -26.37 70.10 73.65
C32 LUT KM . -27.00 69.84 72.44
C33 LUT KM . -26.56 70.10 71.13
C34 LUT KM . -27.38 69.92 70.00
C35 LUT KM . -27.20 70.40 68.71
C36 LUT KM . -24.92 71.59 79.60
C37 LUT KM . -25.71 70.35 81.61
C38 LUT KM . -25.63 67.19 77.79
C39 LUT KM . -25.01 70.78 76.18
C40 LUT KM . -25.17 70.58 70.92
O23 LUT KM . -21.54 68.88 79.46
C1 LUT LM . -16.18 71.94 59.60
C2 LUT LM . -15.95 73.40 59.17
C3 LUT LM . -15.24 74.20 60.24
C4 LUT LM . -16.06 74.23 61.50
C5 LUT LM . -16.68 72.91 61.87
C6 LUT LM . -16.73 71.87 61.02
C7 LUT LM . -17.32 70.62 61.40
C8 LUT LM . -16.76 69.64 62.17
C9 LUT LM . -17.30 68.37 62.40
C10 LUT LM . -18.48 67.92 61.76
C11 LUT LM . -19.10 66.69 61.83
C12 LUT LM . -20.20 66.26 61.10
C13 LUT LM . -20.80 64.99 61.10
C14 LUT LM . -21.84 64.62 60.21
C15 LUT LM . -22.40 63.39 60.02
C16 LUT LM . -14.85 71.19 59.53
C17 LUT LM . -17.15 71.29 58.62
C18 LUT LM . -17.23 72.86 63.27
C19 LUT LM . -16.66 67.42 63.34
C20 LUT LM . -20.35 63.99 62.09
O3 LUT LM . -15.01 75.53 59.77
C21 LUT LM . -29.67 52.73 56.78
C22 LUT LM . -31.17 52.46 56.59
C23 LUT LM . -31.83 51.90 57.84
C24 LUT LM . -31.41 52.66 59.07
C25 LUT LM . -30.42 53.52 59.12
C26 LUT LM . -29.41 53.67 57.98
C27 LUT LM . -29.28 55.11 57.58
C28 LUT LM . -28.22 55.91 57.77
C29 LUT LM . -28.05 57.26 57.42
C30 LUT LM . -26.89 57.95 57.82
C31 LUT LM . -26.57 59.30 57.70
C32 LUT LM . -25.44 59.87 58.26
C33 LUT LM . -25.04 61.21 58.28
C34 LUT LM . -23.92 61.66 59.01
C35 LUT LM . -23.44 62.94 59.20
C36 LUT LM . -29.12 53.39 55.49
C37 LUT LM . -28.91 51.41 56.97
C38 LUT LM . -30.16 54.38 60.32
C39 LUT LM . -29.07 58.01 56.64
C40 LUT LM . -25.81 62.20 57.51
O23 LUT LM . -31.59 50.50 58.00
O1 LHG MM . -46.87 63.68 64.13
C1 LHG MM . -45.73 63.64 64.99
C2 LHG MM . -45.74 62.41 65.86
O2 LHG MM . -46.89 62.41 66.71
C3 LHG MM . -44.49 62.27 66.73
O3 LHG MM . -43.33 62.30 65.86
P LHG MM . -41.87 62.14 66.51
O4 LHG MM . -41.70 63.18 67.59
O5 LHG MM . -41.64 60.68 66.84
O6 LHG MM . -40.91 62.55 65.29
C4 LHG MM . -41.13 63.83 64.63
C5 LHG MM . -40.13 64.04 63.52
C6 LHG MM . -38.68 63.94 63.98
O7 LHG MM . -40.38 63.13 62.41
C7 LHG MM . -40.01 63.51 61.19
O9 LHG MM . -39.50 64.57 60.98
C8 LHG MM . -40.30 62.49 60.12
C9 LHG MM . -40.02 62.98 58.73
C10 LHG MM . -40.47 62.00 57.66
O8 LHG MM . -38.11 62.71 63.47
C23 LHG MM . -36.82 62.71 63.16
O10 LHG MM . -36.23 61.74 62.79
C24 LHG MM . -36.20 64.08 63.32
C11 LHG MM . -40.39 62.54 56.25
C12 LHG MM . -38.99 62.82 55.77
C13 LHG MM . -38.93 63.53 54.45
C14 LHG MM . -37.53 63.81 53.94
C15 LHG MM . -37.48 64.84 52.83
C16 LHG MM . -38.24 64.45 51.59
C17 LHG MM . -37.47 63.56 50.64
C18 LHG MM . -36.27 64.24 50.02
C19 LHG MM . -35.56 63.43 48.96
C20 LHG MM . -34.41 64.14 48.31
C21 LHG MM . -33.75 63.37 47.19
C22 LHG MM . -32.63 64.12 46.51
C25 LHG MM . -34.73 64.10 62.99
C26 LHG MM . -34.42 64.80 61.67
C27 LHG MM . -34.62 63.97 60.42
C28 LHG MM . -36.06 63.85 59.95
C29 LHG MM . -36.70 65.16 59.59
C30 LHG MM . -36.08 65.84 58.39
C31 LHG MM . -36.80 67.11 57.98
C32 LHG MM . -38.27 66.93 57.72
C33 LHG MM . -39.00 68.18 57.28
C34 LHG MM . -40.48 68.00 57.12
C35 LHG MM . -40.89 66.93 56.14
C36 LHG MM . -42.38 66.73 56.02
C37 LHG MM . -43.14 67.95 55.57
C38 LHG MM . -44.63 67.73 55.49
C1 XAT NM . -6.68 67.25 51.22
C2 XAT NM . -7.82 67.46 50.21
C3 XAT NM . -8.42 68.86 50.19
C4 XAT NM . -9.00 69.21 51.55
C5 XAT NM . -8.09 68.90 52.69
C6 XAT NM . -7.00 67.92 52.57
C7 XAT NM . -5.87 67.91 53.56
C8 XAT NM . -5.95 67.24 54.73
C9 XAT NM . -4.92 66.99 55.64
C10 XAT NM . -5.10 66.16 56.76
C11 XAT NM . -4.13 65.57 57.54
C12 XAT NM . -4.26 64.74 58.64
C13 XAT NM . -3.27 63.96 59.25
C14 XAT NM . -3.44 63.22 60.44
C15 XAT NM . -2.48 62.52 61.14
C16 XAT NM . -5.38 67.81 50.64
C17 XAT NM . -6.53 65.74 51.42
C18 XAT NM . -8.02 69.95 53.78
C19 XAT NM . -3.59 67.62 55.47
C20 XAT NM . -1.95 63.86 58.57
O3 XAT NM . -7.44 69.82 49.83
O4 XAT NM . -8.25 67.54 53.17
C21 XAT NM . 4.71 53.27 66.50
C22 XAT NM . 6.12 52.89 66.97
C23 XAT NM . 6.26 52.58 68.45
C24 XAT NM . 5.79 53.74 69.32
C25 XAT NM . 4.63 54.52 68.79
C26 XAT NM . 4.12 54.35 67.41
C27 XAT NM . 2.72 54.80 67.08
C28 XAT NM . 2.43 56.01 66.60
C29 XAT NM . 1.16 56.52 66.28
C30 XAT NM . 0.98 57.75 65.62
C31 XAT NM . -0.18 58.36 65.21
C32 XAT NM . -0.31 59.47 64.39
C33 XAT NM . -1.48 60.07 63.88
C34 XAT NM . -1.46 61.05 62.87
C35 XAT NM . -2.52 61.69 62.25
C36 XAT NM . 3.79 52.04 66.47
C37 XAT NM . 4.86 53.82 65.08
C38 XAT NM . 3.75 55.14 69.84
C39 XAT NM . -0.07 55.77 66.63
C40 XAT NM . -2.79 59.64 64.43
O23 XAT NM . 5.53 51.40 68.79
O24 XAT NM . 5.02 55.44 67.73
C1B LMU OM . -4.01 17.72 36.15
C2B LMU OM . -2.76 18.24 36.84
C3B LMU OM . -1.67 18.55 35.82
C4B LMU OM . -1.44 17.35 34.92
C5B LMU OM . -2.77 16.88 34.33
C6B LMU OM . -2.58 15.64 33.47
O1B LMU OM . -4.52 18.68 35.21
O2B LMU OM . -3.07 19.39 37.61
O3B LMU OM . -0.45 18.88 36.50
O4' LMU OM . -0.56 17.70 33.85
O5B LMU OM . -3.66 16.55 35.41
O6B LMU OM . -3.61 14.70 33.75
C1' LMU OM . -8.19 20.01 33.83
C2' LMU OM . -7.81 20.48 35.24
C3' LMU OM . -6.36 20.15 35.58
C4' LMU OM . -5.95 18.74 35.18
C5' LMU OM . -6.47 18.36 33.80
C6' LMU OM . -6.26 16.88 33.50
O1' LMU OM . -7.50 20.79 32.86
O2' LMU OM . -8.00 21.90 35.31
O3' LMU OM . -6.20 20.29 36.99
O5' LMU OM . -7.87 18.63 33.69
O6' LMU OM . -6.61 16.62 32.14
C1 LMU OM . -8.06 20.63 31.56
C2 LMU OM . -7.45 21.65 30.61
C3 LMU OM . -7.93 21.45 29.19
C4 LMU OM . -7.51 22.62 28.31
C5 LMU OM . -7.99 22.41 26.89
C6 LMU OM . -6.82 22.06 25.97
C7 LMU OM . -6.11 23.33 25.51
C8 LMU OM . -4.84 22.99 24.71
C9 LMU OM . -5.15 22.04 23.57
C10 LMU OM . -4.68 22.60 22.24
C11 LMU OM . -5.44 23.88 21.90
C12 LMU OM . -4.94 24.46 20.60
MG CHL PM . -1.97 52.12 66.53
CHA CHL PM . -3.77 51.73 63.49
CHB CHL PM . -4.35 54.37 67.47
CHC CHL PM . 0.14 53.04 69.22
CHD CHL PM . -0.05 49.21 65.98
NA CHL PM . -3.50 53.01 65.62
C1A CHL PM . -3.98 52.86 64.45
C2A CHL PM . -4.82 54.02 63.97
C3A CHL PM . -4.90 54.88 65.20
C4A CHL PM . -4.21 54.01 66.19
CMA CHL PM . -4.16 56.19 65.03
CAA CHL PM . -6.20 53.62 63.46
CBA CHL PM . -7.19 53.37 64.59
CGA CHL PM . -8.23 54.47 64.53
O1A CHL PM . -8.60 54.92 63.47
O2A CHL PM . -8.79 55.01 65.77
NB CHL PM . -2.09 53.47 68.06
C1B CHL PM . -3.13 54.29 68.28
C2B CHL PM . -2.92 55.15 69.47
C3B CHL PM . -1.59 54.75 69.98
C4B CHL PM . -1.17 53.69 69.02
CMB CHL PM . -3.84 56.20 70.04
CAB CHL PM . -1.11 55.45 71.18
CBB CHL PM . -0.22 54.88 71.99
NC CHL PM . -0.31 51.29 67.41
C1C CHL PM . 0.37 51.81 68.45
C2C CHL PM . 1.53 50.98 68.86
C3C CHL PM . 1.48 49.85 67.90
C4C CHL PM . 0.30 50.15 67.05
CMC CHL PM . 2.62 50.97 69.85
OMC CHL PM . 2.71 51.87 70.66
CAC CHL PM . 2.40 48.67 67.80
CBC CHL PM . 1.75 47.47 68.44
ND CHL PM . -1.84 50.70 65.08
C1D CHL PM . -1.05 49.61 64.97
C2D CHL PM . -1.44 48.99 63.70
C3D CHL PM . -2.51 49.81 63.10
C4D CHL PM . -2.70 50.85 64.00
CMD CHL PM . -0.99 47.76 62.94
CAD CHL PM . -3.42 49.95 61.93
OBD CHL PM . -3.41 49.10 60.97
CBD CHL PM . -4.20 51.16 62.19
CGD CHL PM . -3.96 52.15 61.08
O1D CHL PM . -2.83 52.44 60.74
O2D CHL PM . -5.08 52.79 60.43
CED CHL PM . -4.90 54.06 59.80
MG CLA QM . -7.84 44.58 57.62
CHA CLA QM . -8.40 43.11 60.71
CHB CLA QM . -10.41 42.77 56.32
CHC CLA QM . -7.40 46.23 54.64
CHD CLA QM . -5.22 46.48 59.06
NA CLA QM . -9.16 43.15 58.40
C1A CLA QM . -9.23 42.69 59.72
C2A CLA QM . -10.35 41.65 59.87
C3A CLA QM . -10.86 41.47 58.42
C4A CLA QM . -10.10 42.54 57.64
CMA CLA QM . -10.56 40.08 57.92
CAA CLA QM . -11.46 42.18 60.75
CBA CLA QM . -11.77 43.64 60.46
CGA CLA QM . -12.88 43.77 59.46
O1A CLA QM . -14.07 43.48 59.58
O2A CLA QM . -12.46 44.29 58.27
NB CLA QM . -8.74 44.51 55.82
C1B CLA QM . -9.78 43.71 55.48
C2B CLA QM . -10.18 43.96 54.07
C3B CLA QM . -9.34 44.94 53.59
C4B CLA QM . -8.40 45.30 54.69
CMB CLA QM . -11.27 43.24 53.42
CAB CLA QM . -9.28 45.55 52.29
CBB CLA QM . -10.33 46.03 51.61
NC CLA QM . -6.53 46.06 56.96
C1C CLA QM . -6.51 46.57 55.70
C2C CLA QM . -5.46 47.59 55.60
C3C CLA QM . -4.86 47.67 56.84
C4C CLA QM . -5.53 46.71 57.70
CMC CLA QM . -5.16 48.36 54.38
CAC CLA QM . -3.75 48.55 57.23
CBC CLA QM . -4.25 49.83 57.87
ND CLA QM . -6.91 44.73 59.41
C1D CLA QM . -5.87 45.58 59.87
C2D CLA QM . -5.62 45.29 61.30
C3D CLA QM . -6.55 44.34 61.67
C4D CLA QM . -7.35 44.05 60.47
CMD CLA QM . -4.59 45.94 62.10
CAD CLA QM . -7.06 43.50 62.74
OBD CLA QM . -6.66 43.37 63.90
CBD CLA QM . -8.30 42.74 62.17
CGD CLA QM . -8.18 41.25 62.35
O1D CLA QM . -9.06 40.46 62.70
O2D CLA QM . -6.94 40.75 62.08
CED CLA QM . -6.85 39.66 61.16
C1 CLA QM . -13.41 44.26 57.18
C2 CLA QM . -12.97 45.27 56.20
C3 CLA QM . -13.70 45.60 55.11
C4 CLA QM . -14.99 44.97 54.81
C5 CLA QM . -13.21 46.64 54.15
C6 CLA QM . -14.21 47.76 53.97
C7 CLA QM . -13.52 49.03 53.50
C8 CLA QM . -14.53 50.10 53.08
C9 CLA QM . -14.55 50.24 51.56
C10 CLA QM . -14.21 51.44 53.71
C11 CLA QM . -12.81 51.91 53.39
C12 CLA QM . -12.63 53.38 53.69
C13 CLA QM . -11.21 53.70 54.12
C14 CLA QM . -10.66 54.91 53.38
MG CLA RM . -11.82 46.66 45.98
CHA CLA RM . -14.26 44.24 46.44
CHB CLA RM . -12.92 48.30 48.74
CHC CLA RM . -9.36 49.01 45.50
CHD CLA RM . -10.71 44.92 43.10
NA CLA RM . -13.35 46.30 47.35
C1A CLA RM . -14.25 45.23 47.38
C2A CLA RM . -15.20 45.35 48.57
C3A CLA RM . -14.79 46.69 49.24
C4A CLA RM . -13.60 47.15 48.40
CMA CLA RM . -15.90 47.71 49.21
CAA CLA RM . -15.03 44.19 49.53
CBA CLA RM . -15.62 44.49 50.89
CGA CLA RM . -17.10 44.67 50.78
O1A CLA RM . -17.86 45.31 51.52
O2A CLA RM . -17.64 44.00 49.72
NB CLA RM . -11.25 48.33 46.94
C1B CLA RM . -11.83 48.85 48.05
C2B CLA RM . -11.13 50.11 48.44
C3B CLA RM . -10.13 50.31 47.52
C4B CLA RM . -10.19 49.18 46.56
CMB CLA RM . -11.53 50.90 49.60
CAB CLA RM . -9.14 51.36 47.41
CBB CLA RM . -8.43 51.87 48.41
NC CLA RM . -10.31 46.91 44.56
C1C CLA RM . -9.42 47.94 44.56
C2C CLA RM . -8.50 47.81 43.44
C3C CLA RM . -8.87 46.65 42.76
C4C CLA RM . -10.00 46.09 43.46
CMC CLA RM . -7.42 48.74 43.14
CAC CLA RM . -8.21 46.09 41.57
CBC CLA RM . -6.99 45.32 41.96
ND CLA RM . -12.31 44.99 44.95
C1D CLA RM . -11.79 44.39 43.78
C2D CLA RM . -12.57 43.17 43.46
C3D CLA RM . -13.53 43.07 44.45
C4D CLA RM . -13.32 44.22 45.36
CMD CLA RM . -12.33 42.31 42.32
CAD CLA RM . -14.63 42.29 44.98
OBD CLA RM . -15.12 41.24 44.56
CBD CLA RM . -15.15 43.04 46.25
CGD CLA RM . -16.58 43.45 46.10
O1D CLA RM . -17.57 43.01 46.71
O2D CLA RM . -16.78 44.43 45.18
CED CLA RM . -17.94 45.27 45.34
MG CLA SM . 5.24 46.55 35.71
CHA CLA SM . 6.06 48.00 32.67
CHB CLA SM . 1.95 46.65 34.88
CHC CLA SM . 4.50 44.96 38.67
CHD CLA SM . 8.68 46.52 36.57
NA CLA SM . 4.20 47.23 34.05
C1A CLA SM . 4.72 47.81 32.87
C2A CLA SM . 3.60 48.17 31.90
C3A CLA SM . 2.32 47.87 32.70
C4A CLA SM . 2.83 47.19 33.96
CMA CLA SM . 1.56 49.13 33.02
CAA CLA SM . 3.68 47.32 30.64
CBA CLA SM . 3.24 45.90 30.90
CGA CLA SM . 4.11 44.95 30.13
O1A CLA SM . 4.35 44.92 28.93
O2A CLA SM . 4.69 44.00 30.93
NB CLA SM . 3.54 46.00 36.65
C1B CLA SM . 2.31 46.00 36.07
C2B CLA SM . 1.36 45.21 36.90
C3B CLA SM . 2.07 44.74 37.98
C4B CLA SM . 3.47 45.23 37.82
CMB CLA SM . -0.05 45.03 36.53
CAB CLA SM . 1.68 43.90 39.08
CBB CLA SM . 0.49 43.91 39.69
NC CLA SM . 6.39 45.88 37.33
C1C CLA SM . 5.87 45.26 38.44
C2C CLA SM . 6.94 44.94 39.37
C3C CLA SM . 8.13 45.38 38.78
C4C CLA SM . 7.77 45.97 37.50
CMC CLA SM . 6.76 44.27 40.66
CAC CLA SM . 9.48 45.26 39.35
CBC CLA SM . 10.12 43.92 39.06
ND CLA SM . 7.01 47.04 34.86
C1D CLA SM . 8.34 47.02 35.34
C2D CLA SM . 9.23 47.58 34.30
C3D CLA SM . 8.42 47.94 33.24
C4D CLA SM . 7.04 47.62 33.66
CMD CLA SM . 10.68 47.68 34.41
CAD CLA SM . 8.35 48.50 31.91
OBD CLA SM . 9.26 48.85 31.15
CBD CLA SM . 6.84 48.63 31.54
CGD CLA SM . 6.45 50.06 31.34
O1D CLA SM . 6.27 50.67 30.28
O2D CLA SM . 6.31 50.75 32.51
CED CLA SM . 5.99 52.14 32.42
MG CHL TM . 5.56 41.54 20.82
CHA CHL TM . 8.29 39.56 21.94
CHB CHL TM . 7.56 42.52 18.18
CHC CHL TM . 2.70 43.03 19.33
CHD CHL TM . 3.76 41.03 23.83
NA CHL TM . 7.39 41.07 20.16
C1A CHL TM . 8.25 40.23 20.61
C2A CHL TM . 9.39 39.92 19.72
C3A CHL TM . 9.32 41.07 18.76
C4A CHL TM . 7.96 41.61 19.06
CMA CHL TM . 10.38 42.12 19.05
CAA CHL TM . 9.20 38.57 19.04
CBA CHL TM . 10.43 38.19 18.23
CGA CHL TM . 11.18 37.10 18.94
O1A CHL TM . 10.58 36.14 19.42
O2A CHL TM . 12.62 37.16 19.09
NB CHL TM . 5.20 42.57 19.09
C1B CHL TM . 6.13 42.86 18.17
C2B CHL TM . 5.55 43.62 17.04
C3B CHL TM . 4.12 43.77 17.38
C4B CHL TM . 4.02 43.07 18.69
CMB CHL TM . 6.27 44.13 15.81
CAB CHL TM . 3.29 44.50 16.39
CBB CHL TM . 2.01 44.23 16.27
NC CHL TM . 3.65 41.94 21.45
C1C CHL TM . 2.68 42.53 20.72
C2C CHL TM . 1.40 42.69 21.47
C3C CHL TM . 1.71 42.09 22.79
C4C CHL TM . 3.13 41.67 22.67
CMC CHL TM . 0.02 43.21 21.30
OMC CHL TM . -0.27 43.85 20.31
CAC CHL TM . 0.81 41.96 23.99
CBC CHL TM . 0.03 40.68 23.90
ND CHL TM . 5.84 40.54 22.57
C1D CHL TM . 5.07 40.41 23.66
C2D CHL TM . 5.85 39.57 24.59
C3D CHL TM . 7.12 39.22 23.92
C4D CHL TM . 7.05 39.85 22.68
CMD CHL TM . 5.62 39.01 25.97
CAD CHL TM . 8.41 38.48 24.05
OBD CHL TM . 8.70 37.81 25.11
CBD CHL TM . 9.13 38.70 22.80
CGD CHL TM . 10.44 39.38 23.07
O1D CHL TM . 10.57 40.58 22.88
O2D CHL TM . 11.56 38.61 23.59
CED CHL TM . 12.90 39.06 23.38
MG CHL UM . -0.93 43.73 31.47
CHA CHL UM . 0.83 41.17 29.73
CHB CHL UM . -2.02 41.27 33.65
CHC CHL UM . -2.50 46.25 33.41
CHD CHL UM . 0.06 46.20 29.09
NA CHL UM . -0.67 41.76 31.66
C1A CHL UM . 0.07 40.94 30.98
C2A CHL UM . 0.15 39.55 31.50
C3A CHL UM . -0.98 39.53 32.47
C4A CHL UM . -1.26 40.99 32.60
CMA CHL UM . -2.19 38.83 31.90
CAA CHL UM . 1.50 39.34 32.18
CBA CHL UM . 1.79 37.86 32.38
CGA CHL UM . 1.92 37.19 31.04
O1A CHL UM . 2.62 37.68 30.17
O2A CHL UM . 1.22 35.95 30.77
NB CHL UM . -2.04 43.75 33.19
C1B CHL UM . -2.36 42.67 33.90
C2B CHL UM . -3.16 43.00 35.09
C3B CHL UM . -3.31 44.46 35.03
C4B CHL UM . -2.56 44.83 33.80
CMB CHL UM . -3.70 42.07 36.13
CAB CHL UM . -4.09 45.04 36.15
CBB CHL UM . -3.84 46.27 36.56
NC CHL UM . -1.17 45.77 31.29
C1C CHL UM . -1.81 46.58 32.16
C2C CHL UM . -1.82 48.01 31.74
C3C CHL UM . -1.06 47.97 30.47
C4C CHL UM . -0.72 46.55 30.29
CMC CHL UM . -2.27 49.36 32.13
OMC CHL UM . -2.92 49.53 33.14
CAC CHL UM . -0.73 49.14 29.57
CBC CHL UM . -1.79 49.25 28.49
ND CHL UM . 0.19 43.80 29.76
C1D CHL UM . 0.49 44.80 28.93
C2D CHL UM . 1.33 44.21 27.87
C3D CHL UM . 1.47 42.77 28.18
C4D CHL UM . 0.74 42.59 29.36
CMD CHL UM . 2.02 44.71 26.65
CAD CHL UM . 2.08 41.49 27.74
OBD CHL UM . 2.79 41.41 26.68
CBD CHL UM . 1.66 40.49 28.72
CGD CHL UM . 0.83 39.45 28.02
O1D CHL UM . -0.39 39.47 28.09
O2D CHL UM . 1.49 38.40 27.26
CED CHL UM . 0.74 37.26 26.84
MG CHL VM . -5.89 51.69 33.30
CHA CHL VM . -5.53 54.91 31.86
CHB CHL VM . -6.51 53.27 36.30
CHC CHL VM . -6.08 48.50 34.88
CHD CHL VM . -5.56 50.09 30.13
NA CHL VM . -5.89 53.57 33.95
C1A CHL VM . -5.72 54.69 33.32
C2A CHL VM . -5.67 55.92 34.18
C3A CHL VM . -5.67 55.32 35.55
C4A CHL VM . -6.07 53.92 35.24
CMA CHL VM . -4.30 55.32 36.18
CAA CHL VM . -6.90 56.80 33.98
CBA CHL VM . -6.77 58.10 34.75
CGA CHL VM . -7.56 58.02 36.04
O1A CHL VM . -8.36 57.12 36.22
O2A CHL VM . -7.38 59.04 37.07
NB CHL VM . -6.22 51.02 35.21
C1B CHL VM . -6.45 51.82 36.26
C2B CHL VM . -6.66 51.04 37.50
C3B CHL VM . -6.54 49.64 37.09
C4B CHL VM . -6.26 49.75 35.63
CMB CHL VM . -6.94 51.58 38.89
CAB CHL VM . -6.70 48.63 38.16
CBB CHL VM . -7.06 47.40 37.87
NC CHL VM . -5.83 49.74 32.65
C1C CHL VM . -5.92 48.64 33.42
C2C CHL VM . -5.85 47.37 32.66
C3C CHL VM . -5.70 47.83 31.27
C4C CHL VM . -5.70 49.30 31.38
CMC CHL VM . -5.89 45.92 32.90
OMC CHL VM . -6.32 45.49 33.96
CAC CHL VM . -5.57 46.98 30.02
CBC CHL VM . -6.94 46.53 29.56
ND CHL VM . -5.60 52.26 31.36
C1D CHL VM . -5.49 51.55 30.24
C2D CHL VM . -5.31 52.55 29.16
C3D CHL VM . -5.31 53.88 29.79
C4D CHL VM . -5.50 53.63 31.15
CMD CHL VM . -5.11 52.48 27.67
CAD CHL VM . -5.21 55.34 29.54
OBD CHL VM . -5.02 55.81 28.35
CBD CHL VM . -5.33 55.98 30.85
CGD CHL VM . -4.07 56.73 31.13
O1D CHL VM . -3.23 56.27 31.89
O2D CHL VM . -3.81 57.99 30.47
CED CHL VM . -2.76 58.84 30.94
C1 CHL VM . -6.99 58.71 38.40
C2 CHL VM . -8.14 58.13 39.19
C3 CHL VM . -7.95 57.10 40.03
C4 CHL VM . -6.58 56.52 40.21
C5 CHL VM . -9.14 56.54 40.79
C6 CHL VM . -8.82 55.15 41.35
C7 CHL VM . -9.26 54.06 40.38
MG CHL WM . -2.48 31.20 41.05
CHA CHL WM . -2.00 34.13 42.98
CHB CHL WM . -0.68 32.75 38.52
CHC CHL WM . -2.77 28.24 39.09
CHD CHL WM . -4.28 29.60 43.69
NA CHL WM . -1.62 32.98 40.79
C1A CHL WM . -1.49 33.98 41.59
C2A CHL WM . -0.75 35.16 41.07
C3A CHL WM . -0.63 34.81 39.62
C4A CHL WM . -1.03 33.37 39.64
CMA CHL WM . -1.61 35.60 38.76
CAA CHL WM . 0.61 35.35 41.72
CBA CHL WM . 1.57 34.17 41.51
CGA CHL WM . 2.32 33.92 42.79
O1A CHL WM . 1.75 33.89 43.85
O2A CHL WM . 3.77 33.72 42.75
NB CHL WM . -1.86 30.61 39.19
C1B CHL WM . -1.16 31.37 38.35
C2B CHL WM . -0.85 30.68 37.08
C3B CHL WM . -1.46 29.35 37.23
C4B CHL WM . -2.06 29.42 38.59
CMB CHL WM . -0.09 31.21 35.90
CAB CHL WM . -1.27 28.47 36.05
CBB CHL WM . -2.01 27.40 35.89
NC CHL WM . -3.34 29.34 41.33
C1C CHL WM . -3.33 28.33 40.44
C2C CHL WM . -4.03 27.12 40.95
C3C CHL WM . -4.47 27.51 42.29
C4C CHL WM . -3.98 28.91 42.43
CMC CHL WM . -4.36 25.75 40.51
OMC CHL WM . -3.81 25.27 39.53
CAC CHL WM . -5.24 26.70 43.30
CBC CHL WM . -4.27 25.85 44.10
ND CHL WM . -3.07 31.65 42.94
C1D CHL WM . -3.75 30.96 43.86
C2D CHL WM . -3.86 31.84 45.03
C3D CHL WM . -3.17 33.10 44.71
C4D CHL WM . -2.70 32.92 43.40
CMD CHL WM . -4.48 31.74 46.40
CAD CHL WM . -2.78 34.44 45.22
OBD CHL WM . -3.11 34.82 46.39
CBD CHL WM . -2.04 35.08 44.11
CGD CHL WM . -2.70 36.36 43.71
O1D CHL WM . -3.53 36.38 42.82
O2D CHL WM . -2.34 37.60 44.38
CED CHL WM . -2.03 38.76 43.61
C1 CHL WM . 4.45 33.24 43.91
C2 CHL WM . 5.47 32.21 43.51
C3 CHL WM . 6.53 32.56 42.78
MG CHL XM . -10.55 38.90 40.48
CHA CHL XM . -11.74 38.64 43.81
CHB CHL XM . -12.59 36.22 39.70
CHC CHL XM . -9.72 39.34 37.06
CHD CHL XM . -8.07 41.28 41.40
NA CHL XM . -11.90 37.81 41.45
C1A CHL XM . -12.32 37.88 42.67
C2A CHL XM . -13.57 37.13 42.98
C3A CHL XM . -13.69 36.25 41.78
C4A CHL XM . -12.63 36.80 40.91
CMA CHL XM . -13.38 34.81 42.12
CAA CHL XM . -14.75 38.09 43.13
CBA CHL XM . -14.75 39.17 42.07
CGA CHL XM . -16.08 39.91 42.04
O1A CHL XM . -17.08 39.38 42.48
O2A CHL XM . -16.15 41.24 41.47
NB CHL XM . -11.05 37.97 38.73
C1B CHL XM . -11.88 36.93 38.65
C2B CHL XM . -12.05 36.47 37.25
C3B CHL XM . -11.20 37.39 36.46
C4B CHL XM . -10.63 38.29 37.50
CMB CHL XM . -12.89 35.34 36.74
CAB CHL XM . -11.19 37.17 35.00
CBB CHL XM . -10.90 38.16 34.16
NC CHL XM . -9.20 40.05 39.46
C1C CHL XM . -9.02 40.08 38.12
C2C CHL XM . -7.96 41.03 37.67
C3C CHL XM . -7.48 41.60 38.94
C4C CHL XM . -8.31 40.93 39.98
CMC CHL XM . -7.32 41.50 36.43
OMC CHL XM . -7.61 41.00 35.36
CAC CHL XM . -6.40 42.62 39.15
CBC CHL XM . -6.91 43.98 38.72
ND CHL XM . -9.94 39.83 42.18
C1D CHL XM . -8.98 40.73 42.41
C2D CHL XM . -9.05 41.01 43.87
C3D CHL XM . -10.13 40.20 44.43
C4D CHL XM . -10.64 39.50 43.34
CMD CHL XM . -8.28 41.91 44.81
CAD CHL XM . -10.88 39.84 45.66
OBD CHL XM . -10.59 40.36 46.80
CBD CHL XM . -11.90 38.85 45.26
CGD CHL XM . -11.70 37.56 45.98
O1D CHL XM . -10.82 36.78 45.62
O2D CHL XM . -12.54 37.21 47.11
C1 CHL XM . -17.34 42.02 41.56
C2 CHL XM . -17.03 43.37 42.15
C3 CHL XM . -16.40 44.33 41.47
C4 CHL XM . -15.97 44.11 40.05
C5 CHL XM . -16.13 45.66 42.13
C6 CHL XM . -14.71 46.14 41.82
C7 CHL XM . -14.40 47.44 42.56
MG CLA YM . 3.52 34.82 49.95
CHA CLA YM . 2.97 31.43 50.36
CHB CLA YM . 5.19 34.89 52.91
CHC CLA YM . 4.34 38.10 49.35
CHD CLA YM . 1.82 34.67 46.85
NA CLA YM . 3.94 33.39 51.41
C1A CLA YM . 3.64 32.03 51.38
C2A CLA YM . 4.13 31.35 52.65
C3A CLA YM . 4.55 32.53 53.56
C4A CLA YM . 4.58 33.70 52.57
CMA CLA YM . 3.53 32.77 54.64
CAA CLA YM . 5.31 30.44 52.35
CBA CLA YM . 6.23 31.00 51.28
CGA CLA YM . 7.24 31.92 51.88
O1A CLA YM . 7.91 31.74 52.90
O2A CLA YM . 7.43 33.07 51.18
NB CLA YM . 4.55 36.24 50.95
C1B CLA YM . 5.24 36.03 52.09
C2B CLA YM . 6.08 37.23 52.41
C3B CLA YM . 5.84 38.15 51.40
C4B CLA YM . 4.85 37.53 50.48
CMB CLA YM . 6.92 37.29 53.60
CAB CLA YM . 6.34 39.48 51.20
CBB CLA YM . 6.94 40.27 52.09
NC CLA YM . 3.08 36.17 48.41
C1C CLA YM . 3.49 37.47 48.39
C2C CLA YM . 3.00 38.12 47.18
C3C CLA YM . 2.32 37.14 46.45
C4C CLA YM . 2.38 35.91 47.23
CMC CLA YM . 3.22 39.52 46.82
CAC CLA YM . 1.66 37.32 45.15
CBC CLA YM . 2.63 37.26 44.00
ND CLA YM . 2.49 33.46 48.87
C1D CLA YM . 1.88 33.52 47.59
C2D CLA YM . 1.34 32.17 47.25
C3D CLA YM . 1.73 31.33 48.29
C4D CLA YM . 2.46 32.18 49.24
CMD CLA YM . 0.59 31.86 46.04
CAD CLA YM . 1.70 29.99 48.82
OBD CLA YM . 1.14 28.98 48.39
CBD CLA YM . 2.55 30.00 50.13
CGD CLA YM . 1.80 29.45 51.32
O1D CLA YM . 0.76 29.87 51.82
O2D CLA YM . 2.42 28.38 51.89
CED CLA YM . 1.59 27.42 52.56
C1 CLA YM . 8.75 33.66 51.31
C2 CLA YM . 8.68 35.04 50.80
C3 CLA YM . 9.75 35.87 50.85
C4 CLA YM . 11.04 35.44 51.43
C5 CLA YM . 9.67 37.26 50.33
C6 CLA YM . 10.95 37.70 49.65
C7 CLA YM . 10.68 38.68 48.54
C8 CLA YM . 10.79 38.03 47.16
C9 CLA YM . 10.80 39.08 46.08
MG CLA ZM . 7.96 46.87 63.07
CHA CLA ZM . 8.14 43.57 62.00
CHB CLA ZM . 9.33 45.96 66.04
CHC CLA ZM . 7.88 50.16 64.03
CHD CLA ZM . 6.57 47.75 59.94
NA CLA ZM . 8.60 45.05 63.88
C1A CLA ZM . 8.59 43.78 63.27
C2A CLA ZM . 9.16 42.72 64.21
C3A CLA ZM . 9.36 43.49 65.54
C4A CLA ZM . 9.09 44.95 65.14
CMA CLA ZM . 8.40 43.02 66.61
CAA CLA ZM . 10.49 42.19 63.71
CBA CLA ZM . 11.39 43.32 63.28
CGA CLA ZM . 12.83 42.89 63.28
O1A CLA ZM . 13.51 42.52 64.23
O2A CLA ZM . 13.40 42.93 62.04
NB CLA ZM . 8.44 47.85 64.75
C1B CLA ZM . 9.12 47.33 65.81
C2B CLA ZM . 9.60 48.42 66.70
C3B CLA ZM . 9.19 49.61 66.14
C4B CLA ZM . 8.44 49.27 64.90
CMB CLA ZM . 10.38 48.17 67.92
CAB CLA ZM . 9.41 50.96 66.60
CBB CLA ZM . 10.05 51.90 65.91
NC CLA ZM . 7.31 48.63 62.16
C1C CLA ZM . 7.34 49.86 62.75
C2C CLA ZM . 6.79 50.86 61.84
C3C CLA ZM . 6.44 50.19 60.67
C4C CLA ZM . 6.77 48.78 60.87
CMC CLA ZM . 6.65 52.28 62.15
CAC CLA ZM . 5.83 50.77 59.46
CBC CLA ZM . 6.87 51.22 58.46
ND CLA ZM . 7.47 45.95 61.34
C1D CLA ZM . 6.89 46.43 60.13
C2D CLA ZM . 6.73 45.29 59.19
C3D CLA ZM . 7.19 44.17 59.86
C4D CLA ZM . 7.64 44.64 61.19
CMD CLA ZM . 6.18 45.40 57.84
CAD CLA ZM . 7.43 42.74 59.80
OBD CLA ZM . 7.26 41.96 58.86
CBD CLA ZM . 8.00 42.31 61.18
CGD CLA ZM . 7.10 41.33 61.89
O1D CLA ZM . 6.22 41.58 62.71
O2D CLA ZM . 7.33 40.03 61.57
CED CLA ZM . 6.57 39.04 62.25
MG CLA AN . 9.58 44.44 54.13
CHA CLA AN . 10.44 42.13 56.58
CHB CLA AN . 9.90 42.04 51.77
CHC CLA AN . 8.88 46.80 51.73
CHD CLA AN . 9.47 46.96 56.61
NA CLA AN . 10.04 42.40 54.21
C1A CLA AN . 10.37 41.61 55.32
C2A CLA AN . 10.65 40.17 54.90
C3A CLA AN . 10.39 40.17 53.39
C4A CLA AN . 10.09 41.63 53.08
CMA CLA AN . 11.60 39.71 52.61
CAA CLA AN . 9.76 39.17 55.61
CBA CLA AN . 10.06 37.74 55.20
CGA CLA AN . 11.48 37.37 55.54
O1A CLA AN . 12.00 37.25 56.65
O2A CLA AN . 12.24 37.14 54.44
NB CLA AN . 9.32 44.40 52.14
C1B CLA AN . 9.64 43.34 51.35
C2B CLA AN . 9.69 43.77 49.92
C3B CLA AN . 9.40 45.11 49.89
C4B CLA AN . 9.16 45.53 51.31
CMB CLA AN . 10.01 42.86 48.82
CAB CLA AN . 9.33 46.01 48.78
CBB CLA AN . 10.11 47.09 48.61
NC CLA AN . 9.17 46.49 54.18
C1C CLA AN . 8.87 47.24 53.08
C2C CLA AN . 8.62 48.62 53.47
C3C CLA AN . 8.84 48.69 54.85
C4C CLA AN . 9.18 47.33 55.29
CMC CLA AN . 8.27 49.70 52.56
CAC CLA AN . 8.71 49.86 55.72
CBC CLA AN . 10.02 50.59 55.89
ND CLA AN . 9.85 44.58 56.13
C1D CLA AN . 9.80 45.68 57.02
C2D CLA AN . 10.13 45.22 58.38
C3D CLA AN . 10.36 43.87 58.28
C4D CLA AN . 10.19 43.52 56.86
CMD CLA AN . 10.19 46.09 59.55
CAD CLA AN . 10.74 42.65 58.98
OBD CLA AN . 10.98 42.49 60.17
CBD CLA AN . 10.82 41.51 57.92
CGD CLA AN . 12.17 40.86 57.91
O1D CLA AN . 12.66 40.11 58.76
O2D CLA AN . 12.94 41.17 56.81
CED CLA AN . 13.92 42.19 56.96
MG CLA BN . 0.90 61.18 51.71
CHA CLA BN . 1.69 64.34 50.55
CHB CLA BN . 4.21 60.52 52.17
CHC CLA BN . 0.06 58.09 52.94
CHD CLA BN . -2.53 61.94 51.31
NA CLA BN . 2.65 62.27 51.39
C1A CLA BN . 2.77 63.58 50.91
C2A CLA BN . 4.24 64.02 50.86
C3A CLA BN . 5.01 62.76 51.32
C4A CLA BN . 3.89 61.77 51.66
CMA CLA BN . 5.94 62.24 50.26
CAA CLA BN . 4.50 65.16 51.82
CBA CLA BN . 4.21 64.79 53.25
CGA CLA BN . 2.78 65.07 53.61
O1A CLA BN . 2.13 66.09 53.40
O2A CLA BN . 2.18 64.03 54.27
NB CLA BN . 1.94 59.60 52.42
C1B CLA BN . 3.29 59.52 52.52
C2B CLA BN . 3.68 58.20 53.10
C3B CLA BN . 2.50 57.51 53.31
C4B CLA BN . 1.39 58.39 52.88
CMB CLA BN . 5.07 57.83 53.33
CAB CLA BN . 2.28 56.18 53.85
CBB CLA BN . 3.09 55.13 53.71
NC CLA BN . -0.91 60.19 52.03
C1C CLA BN . -1.02 58.92 52.54
C2C CLA BN . -2.42 58.55 52.63
C3C CLA BN . -3.16 59.65 52.20
C4C CLA BN . -2.20 60.68 51.83
CMC CLA BN . -2.92 57.26 53.11
CAC CLA BN . -4.63 59.73 52.15
CBC CLA BN . -5.25 60.08 53.48
ND CLA BN . -0.22 62.71 51.03
C1D CLA BN . -1.62 62.91 50.93
C2D CLA BN . -1.88 64.25 50.36
C3D CLA BN . -0.64 64.84 50.17
C4D CLA BN . 0.36 63.85 50.63
CMD CLA BN . -3.21 64.79 50.06
CAD CLA BN . 0.09 66.00 49.69
OBD CLA BN . -0.33 67.00 49.13
CBD CLA BN . 1.60 65.74 50.00
CGD CLA BN . 2.45 65.91 48.78
O1D CLA BN . 2.24 65.46 47.64
O2D CLA BN . 3.59 66.63 48.98
CED CLA BN . 3.79 67.80 48.17
C1 CLA BN . 0.75 63.90 54.10
C2 CLA BN . 0.35 62.67 54.83
C3 CLA BN . -0.93 62.35 55.05
C4 CLA BN . -2.06 63.20 54.60
C5 CLA BN . -1.28 61.10 55.78
C6 CLA BN . -0.10 60.52 56.55
C7 CLA BN . -0.57 59.61 57.67
C8 CLA BN . 0.56 59.20 58.59
MG CLA CN . 8.70 64.68 56.48
CHA CLA CN . 5.60 65.42 57.84
CHB CLA CN . 9.98 67.49 57.91
CHC CLA CN . 11.80 63.78 55.30
CHD CLA CN . 7.32 61.73 55.08
NA CLA CN . 7.89 66.22 57.63
C1A CLA CN . 6.57 66.34 58.11
C2A CLA CN . 6.40 67.61 58.92
C3A CLA CN . 7.76 68.35 58.74
C4A CLA CN . 8.63 67.29 58.05
CMA CLA CN . 7.60 69.60 57.93
CAA CLA CN . 6.12 67.32 60.39
CBA CLA CN . 7.35 66.84 61.13
CGA CLA CN . 7.40 65.34 61.11
O1A CLA CN . 6.70 64.53 61.73
O2A CLA CN . 8.38 64.85 60.29
NB CLA CN . 10.53 65.52 56.51
C1B CLA CN . 10.87 66.59 57.29
C2B CLA CN . 12.36 66.67 57.41
C3B CLA CN . 12.87 65.63 56.67
C4B CLA CN . 11.72 64.89 56.09
CMB CLA CN . 13.04 67.71 58.18
CAB CLA CN . 14.25 65.25 56.47
CBB CLA CN . 14.90 65.33 55.30
NC CLA CN . 9.41 63.08 55.33
C1C CLA CN . 10.71 62.92 54.94
C2C CLA CN . 10.86 61.73 54.13
C3C CLA CN . 9.60 61.11 54.11
C4C CLA CN . 8.69 61.98 54.86
CMC CLA CN . 12.10 61.26 53.52
CAC CLA CN . 9.24 59.86 53.42
CBC CLA CN . 9.62 58.63 54.19
ND CLA CN . 6.91 63.76 56.40
C1D CLA CN . 6.48 62.54 55.80
C2D CLA CN . 5.04 62.35 56.08
C3D CLA CN . 4.65 63.42 56.87
C4D CLA CN . 5.85 64.27 57.04
CMD CLA CN . 4.23 61.22 55.62
CAD CLA CN . 3.56 64.06 57.58
OBD CLA CN . 2.38 63.72 57.68
CBD CLA CN . 4.14 65.35 58.25
CGD CLA CN . 3.38 66.59 57.88
O1D CLA CN . 3.19 67.59 58.56
O2D CLA CN . 2.85 66.56 56.62
CED CLA CN . 1.66 67.31 56.39
C1 LUT DN . 6.58 57.04 49.08
C2 LUT DN . 6.09 58.18 48.18
C3 LUT DN . 5.02 59.03 48.84
C4 LUT DN . 3.81 58.17 49.17
C5 LUT DN . 4.16 56.81 49.72
C6 LUT DN . 5.41 56.31 49.73
C7 LUT DN . 5.68 55.05 50.38
C8 LUT DN . 5.51 53.80 49.85
C9 LUT DN . 5.66 52.56 50.48
C10 LUT DN . 5.58 51.35 49.78
C11 LUT DN . 5.62 50.04 50.25
C12 LUT DN . 5.66 48.90 49.48
C13 LUT DN . 5.64 47.55 49.88
C14 LUT DN . 5.81 46.48 48.98
C15 LUT DN . 5.90 45.13 49.24
C16 LUT DN . 7.48 57.63 50.17
C17 LUT DN . 7.41 56.08 48.25
C18 LUT DN . 2.96 56.06 50.26
C19 LUT DN . 5.91 52.48 51.94
C20 LUT DN . 5.42 47.24 51.32
O3 LUT DN . 4.64 60.10 47.99
C21 LUT DN . 9.53 32.51 46.93
C22 LUT DN . 9.26 31.11 46.35
C23 LUT DN . 8.61 30.17 47.35
C24 LUT DN . 7.39 30.80 47.94
C25 LUT DN . 7.15 32.09 47.89
C26 LUT DN . 8.28 33.09 47.66
C27 LUT DN . 7.75 34.34 47.01
C28 LUT DN . 7.63 35.56 47.55
C29 LUT DN . 7.22 36.75 46.92
C30 LUT DN . 7.15 37.96 47.63
C31 LUT DN . 6.83 39.23 47.19
C32 LUT DN . 6.70 40.34 48.00
C33 LUT DN . 6.46 41.69 47.64
C34 LUT DN . 6.26 42.71 48.58
C35 LUT DN . 6.10 44.07 48.36
C36 LUT DN . 9.93 33.45 45.78
C37 LUT DN . 10.71 32.46 47.91
C38 LUT DN . 5.79 32.68 48.11
C39 LUT DN . 6.85 36.78 45.49
C40 LUT DN . 6.40 42.03 46.20
O23 LUT DN . 9.53 29.74 48.37
C1 LUT EN . -1.47 50.10 37.28
C2 LUT EN . -0.67 51.27 36.71
C3 LUT EN . 0.71 50.87 36.23
C4 LUT EN . 1.50 50.28 37.38
C5 LUT EN . 0.73 49.32 38.23
C6 LUT EN . -0.63 49.26 38.22
C7 LUT EN . -1.31 48.36 39.10
C8 LUT EN . -1.64 48.57 40.40
C9 LUT EN . -2.38 47.77 41.26
C10 LUT EN . -2.79 48.25 42.52
C11 LUT EN . -3.64 47.68 43.45
C12 LUT EN . -4.02 48.31 44.63
C13 LUT EN . -4.91 47.89 45.62
C14 LUT EN . -5.23 48.68 46.72
C15 LUT EN . -6.16 48.46 47.73
C16 LUT EN . -1.95 49.22 36.12
C17 LUT EN . -2.70 50.65 37.99
C18 LUT EN . 1.59 48.46 39.12
C19 LUT EN . -2.78 46.39 40.91
C20 LUT EN . -5.51 46.53 45.51
O3 LUT EN . 1.39 51.98 35.67
C21 LUT EN . -12.76 49.26 59.18
C22 LUT EN . -13.07 49.10 60.68
C23 LUT EN . -12.96 47.65 61.15
C24 LUT EN . -11.61 47.12 60.83
C25 LUT EN . -10.92 47.52 59.78
C26 LUT EN . -11.61 48.33 58.69
C27 LUT EN . -10.60 49.06 57.85
C28 LUT EN . -10.34 48.87 56.55
C29 LUT EN . -9.34 49.48 55.77
C30 LUT EN . -9.27 49.22 54.38
C31 LUT EN . -8.37 49.71 53.45
C32 LUT EN . -8.31 49.31 52.12
C33 LUT EN . -7.39 49.66 51.13
C34 LUT EN . -7.31 49.01 49.90
C35 LUT EN . -6.40 49.19 48.88
C36 LUT EN . -12.39 50.73 58.92
C37 LUT EN . -14.03 48.96 58.38
C38 LUT EN . -9.47 47.21 59.56
C39 LUT EN . -8.33 50.38 56.35
C40 LUT EN . -6.46 50.79 51.40
O23 LUT EN . -13.98 46.83 60.56
C1 NEX FN . -2.89 20.36 28.72
C2 NEX FN . -4.16 19.62 29.16
C3 NEX FN . -3.96 18.77 30.41
C4 NEX FN . -3.50 19.64 31.57
C5 NEX FN . -2.20 20.37 31.28
C6 NEX FN . -2.30 21.10 29.94
C7 NEX FN . -1.92 22.34 29.83
C8 NEX FN . -1.47 23.56 29.73
C9 NEX FN . -2.15 24.71 30.33
C10 NEX FN . -1.63 26.00 30.37
C11 NEX FN . -2.17 27.15 30.92
C12 NEX FN . -1.56 28.38 31.07
C13 NEX FN . -2.08 29.56 31.63
C14 NEX FN . -1.29 30.69 31.89
C15 NEX FN . -1.65 31.85 32.57
C16 NEX FN . -3.25 21.35 27.60
C17 NEX FN . -1.88 19.35 28.17
C18 NEX FN . -1.85 21.30 32.42
C19 NEX FN . -3.48 24.46 30.93
C20 NEX FN . -3.51 29.60 31.97
O3 NEX FN . -5.17 18.11 30.75
O4 NEX FN . -1.19 19.34 31.19
C21 NEX FN . 5.03 40.78 36.39
C22 NEX FN . 6.22 41.22 35.52
C23 NEX FN . 6.06 42.57 34.84
C24 NEX FN . 4.86 42.58 33.90
C25 NEX FN . 3.64 41.90 34.46
C26 NEX FN . 3.71 41.00 35.63
C27 NEX FN . 2.46 40.68 36.40
C28 NEX FN . 1.67 39.66 36.09
C29 NEX FN . 0.42 39.35 36.67
C30 NEX FN . -0.30 38.20 36.32
C31 NEX FN . 0.08 37.16 35.49
C32 NEX FN . -0.68 36.10 35.03
C33 NEX FN . -0.27 34.98 34.28
C34 NEX FN . -1.16 34.03 33.76
C35 NEX FN . -0.87 32.92 32.98
C36 NEX FN . 5.01 41.54 37.71
C37 NEX FN . 5.22 39.29 36.67
C38 NEX FN . 2.32 42.51 34.06
C39 NEX FN . -0.18 40.23 37.70
C40 NEX FN . 1.18 34.78 34.04
O23 NEX FN . 5.93 43.61 35.80
O24 NEX FN . 3.70 40.46 34.29
O1 LHG GN . 4.58 47.87 70.06
C1 LHG GN . 5.97 47.68 69.87
C2 LHG GN . 6.25 46.78 68.68
O2 LHG GN . 7.65 46.61 68.51
C3 LHG GN . 5.64 47.27 67.39
O3 LHG GN . 6.16 46.50 66.27
P LHG GN . 5.32 46.40 64.91
O4 LHG GN . 6.16 45.69 63.89
O5 LHG GN . 3.96 45.87 65.26
O6 LHG GN . 5.14 47.92 64.43
C4 LHG GN . 3.86 48.58 64.62
C5 LHG GN . 3.71 49.71 63.61
C6 LHG GN . 3.64 49.19 62.19
O7 LHG GN . 2.51 50.46 63.90
C7 LHG GN . 2.33 51.63 63.28
O9 LHG GN . 3.20 52.17 62.64
C8 LHG GN . 0.95 52.21 63.44
C9 LHG GN . 0.76 53.50 62.71
C10 LHG GN . -0.68 54.00 62.76
O8 LHG GN . 3.25 47.81 62.23
C23 LHG GN . 2.62 47.31 61.17
O10 LHG GN . 2.11 46.23 61.16
C24 LHG GN . 2.66 48.24 59.99
C11 LHG GN . -0.90 55.28 61.99
C12 LHG GN . -2.34 55.73 61.93
C13 LHG GN . -2.55 57.03 61.18
C14 LHG GN . -3.99 57.51 61.16
C15 LHG GN . -4.16 58.86 60.52
C16 LHG GN . -3.81 58.91 59.04
C17 LHG GN . -4.86 58.33 58.14
C18 LHG GN . -6.14 59.14 58.06
C19 LHG GN . -5.92 60.55 57.57
C20 LHG GN . -7.18 61.39 57.51
C21 LHG GN . -6.96 62.79 57.03
C22 LHG GN . -6.36 62.88 55.64
C25 LHG GN . 1.97 47.69 58.78
C26 LHG GN . 0.46 47.70 58.91
C27 LHG GN . -0.15 49.08 58.94
C28 LHG GN . 0.06 49.87 57.68
C29 LHG GN . -0.79 51.11 57.57
C30 LHG GN . -0.45 52.21 58.54
C31 LHG GN . 0.88 52.87 58.30
C32 LHG GN . 1.11 54.10 59.14
C33 LHG GN . 2.42 54.80 58.89
C34 LHG GN . 3.65 53.99 59.24
C35 LHG GN . 4.94 54.74 59.11
C36 LHG GN . 5.01 56.00 59.94
C37 LHG GN . 6.32 56.72 59.88
C38 LHG GN . 7.49 55.90 60.40
MG CHL HN . -19.75 33.99 34.73
CHA CHL HN . -20.89 36.91 36.41
CHB CHL HN . -16.54 35.24 35.02
CHC CHL HN . -18.52 31.06 33.13
CHD CHL HN . -23.09 32.92 34.03
NA CHL HN . -18.93 35.59 35.58
C1A CHL HN . -19.45 36.56 36.24
C2A CHL HN . -18.50 37.51 36.91
C3A CHL HN . -17.19 37.05 36.34
C4A CHL HN . -17.60 35.84 35.57
CMA CHL HN . -16.60 38.09 35.39
CAA CHL HN . -18.57 37.33 38.42
CBA CHL HN . -17.30 37.78 39.15
CGA CHL HN . -16.93 39.20 38.82
O1A CHL HN . -17.73 40.10 38.93
O2A CHL HN . -15.58 39.49 38.35
NB CHL HN . -17.90 33.29 34.18
C1B CHL HN . -16.76 33.94 34.40
C2B CHL HN . -15.59 33.18 33.89
C3B CHL HN . -16.18 31.95 33.34
C4B CHL HN . -17.63 32.13 33.58
CMB CHL HN . -14.14 33.56 33.94
CAB CHL HN . -15.20 30.99 32.76
CBB CHL HN . -15.44 29.69 32.82
NC CHL HN . -20.61 32.37 33.79
C1C CHL HN . -19.95 31.33 33.23
C2C CHL HN . -20.86 30.32 32.64
C3C CHL HN . -22.20 30.87 32.90
C4C CHL HN . -21.93 32.13 33.61
CMC CHL HN . -20.78 29.03 31.91
OMC CHL HN . -19.69 28.53 31.71
CAC CHL HN . -23.53 30.28 32.53
CBC CHL HN . -24.04 29.46 33.68
ND CHL HN . -21.65 34.66 35.09
C1D CHL HN . -22.85 34.17 34.77
C2D CHL HN . -23.82 35.13 35.31
C3D CHL HN . -23.07 36.21 35.96
C4D CHL HN . -21.73 35.87 35.78
CMD CHL HN . -25.32 35.21 35.33
CAD CHL HN . -23.19 37.49 36.71
OBD CHL HN . -24.33 38.00 36.99
CBD CHL HN . -21.80 37.92 36.98
CGD CHL HN . -21.56 39.26 36.37
O1D CHL HN . -21.53 39.39 35.16
O2D CHL HN . -21.35 40.42 37.21
CED CHL HN . -20.67 41.56 36.71
C1 CHL HN . -15.03 40.80 38.46
C2 CHL HN . -13.73 40.88 37.69
C3 CHL HN . -13.74 40.82 36.35
MG CLA IN . -27.70 40.29 42.58
CHA CLA IN . -27.26 37.13 43.94
CHB CLA IN . -28.85 41.41 45.58
CHC CLA IN . -27.89 43.45 41.25
CHD CLA IN . -26.47 39.08 39.49
NA CLA IN . -28.03 39.39 44.43
C1A CLA IN . -27.77 38.06 44.81
C2A CLA IN . -28.14 37.81 46.26
C3A CLA IN . -28.82 39.13 46.67
C4A CLA IN . -28.55 40.06 45.49
CMA CLA IN . -30.29 38.92 46.87
CAA CLA IN . -26.91 37.56 47.12
CBA CLA IN . -25.78 38.51 46.79
CGA CLA IN . -25.73 39.63 47.78
O1A CLA IN . -25.31 39.62 48.93
O2A CLA IN . -26.23 40.80 47.28
NB CLA IN . -28.33 42.07 43.27
C1B CLA IN . -28.65 42.35 44.55
C2B CLA IN . -28.79 43.82 44.74
C3B CLA IN . -28.52 44.40 43.53
C4B CLA IN . -28.23 43.30 42.56
CMB CLA IN . -29.12 44.42 46.03
CAB CLA IN . -28.51 45.78 43.15
CBB CLA IN . -29.57 46.59 43.17
NC CLA IN . -27.29 41.10 40.70
C1C CLA IN . -27.45 42.42 40.38
C2C CLA IN . -27.09 42.63 38.99
C3C CLA IN . -26.66 41.40 38.49
C4C CLA IN . -26.80 40.44 39.57
CMC CLA IN . -27.13 43.92 38.29
CAC CLA IN . -26.18 41.13 37.13
CBC CLA IN . -24.69 41.31 37.01
ND CLA IN . -27.01 38.55 41.82
C1D CLA IN . -26.56 38.18 40.52
C2D CLA IN . -26.23 36.74 40.54
C3D CLA IN . -26.46 36.29 41.82
C4D CLA IN . -26.95 37.45 42.57
CMD CLA IN . -25.73 36.01 39.37
CAD CLA IN . -26.44 35.16 42.73
OBD CLA IN . -26.11 34.00 42.52
CBD CLA IN . -26.95 35.67 44.11
CGD CLA IN . -28.15 34.91 44.60
O1D CLA IN . -28.17 33.99 45.43
O2D CLA IN . -29.33 35.31 44.06
CED CLA IN . -30.52 34.73 44.58
C1 CLA IN . -26.00 41.98 48.06
C2 CLA IN . -25.94 43.13 47.11
C3 CLA IN . -25.54 44.36 47.48
C4 CLA IN . -25.15 44.67 48.88
C5 CLA IN . -25.49 45.48 46.50
C6 CLA IN . -24.18 46.25 46.59
C7 CLA IN . -24.06 47.25 45.46
C8 CLA IN . -22.84 48.16 45.62
C9 CLA IN . -23.15 49.57 45.17
C10 CLA IN . -21.65 47.62 44.83
C11 CLA IN . -21.91 47.66 43.35
C12 CLA IN . -20.67 47.32 42.54
C13 CLA IN . -21.01 47.26 41.05
C14 CLA IN . -19.78 46.89 40.24
C15 CLA IN . -21.60 48.57 40.56
MG CLA JN . -30.40 51.74 45.00
CHA CLA JN . -30.55 50.86 48.37
CHB CLA JN . -27.37 50.21 44.76
CHC CLA JN . -30.18 52.81 41.74
CHD CLA JN . -33.42 53.53 45.37
NA CLA JN . -29.22 50.66 46.34
C1A CLA JN . -29.44 50.41 47.71
C2A CLA JN . -28.30 49.59 48.33
C3A CLA JN . -27.35 49.36 47.13
C4A CLA JN . -28.01 50.11 45.99
CMA CLA JN . -25.98 49.91 47.42
CAA CLA JN . -28.78 48.27 48.91
CBA CLA JN . -27.63 47.37 49.34
CGA CLA JN . -27.05 47.84 50.64
O1A CLA JN . -27.17 47.34 51.77
O2A CLA JN . -26.28 48.97 50.50
NB CLA JN . -29.07 51.49 43.52
C1B CLA JN . -27.86 50.89 43.63
C2B CLA JN . -27.07 51.06 42.39
C3B CLA JN . -27.86 51.79 41.52
C4B CLA JN . -29.14 52.08 42.24
CMB CLA JN . -25.73 50.52 42.22
CAB CLA JN . -27.62 52.28 40.19
CBB CLA JN . -26.43 52.57 39.65
NC CLA JN . -31.62 52.89 43.77
C1C CLA JN . -31.35 53.19 42.46
C2C CLA JN . -32.42 54.00 41.91
C3C CLA JN . -33.31 54.25 42.94
C4C CLA JN . -32.80 53.55 44.12
CMC CLA JN . -32.47 54.48 40.52
CAC CLA JN . -34.55 55.03 42.87
CBC CLA JN . -34.33 56.48 43.25
ND CLA JN . -31.76 52.08 46.46
C1D CLA JN . -32.94 52.86 46.48
C2D CLA JN . -33.53 52.79 47.84
C3D CLA JN . -32.66 52.02 48.60
C4D CLA JN . -31.57 51.63 47.70
CMD CLA JN . -34.78 53.44 48.24
CAD CLA JN . -32.39 51.44 49.90
OBD CLA JN . -33.06 51.45 50.92
CBD CLA JN . -31.00 50.74 49.80
CGD CLA JN . -30.01 51.34 50.76
O1D CLA JN . -29.36 50.76 51.63
O2D CLA JN . -29.83 52.68 50.61
CED CLA JN . -28.71 53.29 51.26
C1 CLA JN . -25.28 49.21 51.52
C2 CLA JN . -24.62 50.49 51.14
C3 CLA JN . -23.80 51.17 51.95
C4 CLA JN . -23.48 50.70 53.32
C5 CLA JN . -23.18 52.44 51.50
C6 CLA JN . -23.85 53.01 50.27
C7 CLA JN . -22.97 54.01 49.57
C8 CLA JN . -23.36 54.16 48.10
C9 CLA JN . -22.24 53.67 47.20
C10 CLA JN . -23.67 55.62 47.78
MG CLA KN . -41.44 57.74 29.27
CHA CLA KN . -41.87 60.73 27.57
CHB CLA KN . -40.69 59.47 32.10
CHC CLA KN . -41.15 54.75 30.95
CHD CLA KN . -42.18 55.98 26.29
NA CLA KN . -41.30 59.76 29.73
C1A CLA KN . -41.53 60.85 28.88
C2A CLA KN . -41.32 62.18 29.62
C3A CLA KN . -40.81 61.74 31.02
C4A CLA KN . -40.95 60.21 30.97
CMA CLA KN . -39.40 62.18 31.27
CAA CLA KN . -42.65 62.89 29.76
CBA CLA KN . -43.76 61.94 30.15
CGA CLA KN . -44.37 62.34 31.46
O1A CLA KN . -45.55 62.52 31.74
O2A CLA KN . -43.43 62.51 32.44
NB CLA KN . -40.94 57.21 31.14
C1B CLA KN . -40.76 58.06 32.18
C2B CLA KN . -40.64 57.31 33.46
C3B CLA KN . -40.77 55.97 33.15
C4B CLA KN . -40.96 55.89 31.68
CMB CLA KN . -40.44 57.97 34.75
CAB CLA KN . -40.74 54.79 33.98
CBB CLA KN . -40.03 54.63 35.09
NC CLA KN . -41.62 55.74 28.71
C1C CLA KN . -41.47 54.68 29.57
C2C CLA KN . -41.66 53.43 28.85
C3C CLA KN . -41.96 53.76 27.53
C4C CLA KN . -41.92 55.22 27.45
CMC CLA KN . -41.59 52.11 29.46
CAC CLA KN . -42.24 52.83 26.41
CBC CLA KN . -43.71 52.72 26.10
ND CLA KN . -41.96 58.17 27.37
C1D CLA KN . -42.21 57.35 26.23
C2D CLA KN . -42.49 58.22 25.07
C3D CLA KN . -42.40 59.52 25.52
C4D CLA KN . -42.05 59.44 26.96
CMD CLA KN . -42.81 57.73 23.73
CAD CLA KN . -42.50 60.93 25.19
OBD CLA KN . -42.82 61.45 24.14
CBD CLA KN . -42.12 61.74 26.47
CGD CLA KN . -40.91 62.61 26.26
O1D CLA KN . -40.40 63.41 27.04
O2D CLA KN . -40.35 62.48 25.01
CED CLA KN . -39.07 63.07 24.82
MG CHL LN . -52.20 70.31 31.36
CHA CHL LN . -53.73 68.40 28.81
CHB CHL LN . -51.86 72.82 29.08
CHC CHL LN . -51.39 72.46 34.04
CHD CHL LN . -51.64 67.47 33.40
NA CHL LN . -52.87 70.64 29.52
C1A CHL LN . -53.54 69.88 28.73
C2A CHL LN . -54.18 70.57 27.57
C3A CHL LN . -53.54 71.93 27.64
C4A CHL LN . -52.67 71.79 28.84
CMA CHL LN . -52.69 72.21 26.41
CAA CHL LN . -55.70 70.64 27.73
CBA CHL LN . -56.37 71.31 26.53
CGA CHL LN . -55.75 70.85 25.24
O1A CHL LN . -55.70 69.65 24.95
O2A CHL LN . -55.21 71.83 24.30
NB CHL LN . -51.72 72.29 31.53
C1B CHL LN . -51.62 73.13 30.49
C2B CHL LN . -51.26 74.49 30.92
C3B CHL LN . -51.12 74.39 32.38
C4B CHL LN . -51.44 72.96 32.65
CMB CHL LN . -51.06 75.71 30.05
CAB CHL LN . -50.74 75.65 33.10
CBB CHL LN . -51.04 75.81 34.36
NC CHL LN . -51.63 70.02 33.31
C1C CHL LN . -51.37 71.00 34.21
C2C CHL LN . -50.98 70.46 35.54
C3C CHL LN . -51.05 69.00 35.35
C4C CHL LN . -51.46 68.84 33.93
CMC CHL LN . -50.58 70.95 36.88
OMC CHL LN . -50.48 72.15 37.09
CAC CHL LN . -50.76 67.91 36.36
CBC CHL LN . -52.01 67.65 37.19
ND CHL LN . -52.56 68.31 31.25
C1D CHL LN . -52.30 67.30 32.10
C2D CHL LN . -52.81 66.09 31.42
C3D CHL LN . -53.39 66.50 30.12
C4D CHL LN . -53.20 67.89 30.08
CMD CHL LN . -52.87 64.63 31.75
CAD CHL LN . -54.07 66.04 28.87
OBD CHL LN . -54.35 64.81 28.67
CBD CHL LN . -54.28 67.26 28.06
CGD CHL LN . -53.57 67.11 26.75
MG CHL MN . -42.98 62.31 36.54
CHA CHL MN . -46.45 62.53 35.78
CHB CHL MN . -43.81 60.02 38.97
CHC CHL MN . -39.52 61.65 36.95
CHD CHL MN . -42.20 65.10 34.46
NA CHL MN . -44.65 61.39 37.11
C1A CHL MN . -45.86 61.50 36.68
C2A CHL MN . -46.81 60.44 37.15
C3A CHL MN . -45.95 59.63 38.07
C4A CHL MN . -44.69 60.42 38.06
CMA CHL MN . -46.51 59.55 39.48
CAA CHL MN . -47.30 59.60 35.97
CBA CHL MN . -48.20 58.48 36.47
CGA CHL MN . -49.60 58.99 36.69
O1A CHL MN . -50.43 58.92 35.80
O2A CHL MN . -49.96 59.59 37.96
NB CHL MN . -41.87 61.07 37.73
C1B CHL MN . -42.39 60.23 38.63
C2B CHL MN . -41.34 59.45 39.34
C3B CHL MN . -40.08 59.93 38.74
C4B CHL MN . -40.54 60.94 37.74
CMB CHL MN . -41.52 58.42 40.42
CAB CHL MN . -38.85 59.31 39.28
CBB CHL MN . -37.75 59.27 38.55
NC CHL MN . -41.25 63.19 35.86
C1C CHL MN . -39.98 62.77 36.12
C2C CHL MN . -38.94 63.61 35.48
C3C CHL MN . -39.73 64.62 34.74
C4C CHL MN . -41.15 64.27 35.05
CMC CHL MN . -37.47 63.72 35.35
OMC CHL MN . -36.74 62.93 35.92
CAC CHL MN . -39.24 65.76 33.89
CBC CHL MN . -39.01 66.97 34.76
ND CHL MN . -44.00 63.61 35.33
C1D CHL MN . -43.59 64.64 34.59
C2D CHL MN . -44.82 65.17 33.96
C3D CHL MN . -45.96 64.35 34.42
C4D CHL MN . -45.38 63.40 35.27
CMD CHL MN . -45.13 66.30 33.01
CAD CHL MN . -47.43 64.14 34.33
OBD CHL MN . -48.18 64.90 33.60
CBD CHL MN . -47.72 62.99 35.20
CGD CHL MN . -48.66 63.41 36.28
O1D CHL MN . -48.24 63.83 37.35
O2D CHL MN . -50.10 63.33 36.07
CED CHL MN . -50.98 63.19 37.18
MG CHL NN . -33.63 64.09 37.19
CHA CHL NN . -31.86 66.65 35.51
CHB CHL NN . -31.32 61.88 35.97
CHC CHL NN . -34.93 61.69 39.43
CHD CHL NN . -36.47 66.16 37.72
NA CHL NN . -31.93 64.24 36.18
C1A CHL NN . -31.31 65.28 35.74
C2A CHL NN . -29.88 65.07 35.36
C3A CHL NN . -29.85 63.58 35.18
C4A CHL NN . -31.15 63.19 35.82
CMA CHL NN . -29.86 63.19 33.72
CAA CHL NN . -28.92 65.53 36.45
CBA CHL NN . -27.47 65.44 35.95
CGA CHL NN . -26.71 64.42 36.76
O1A CHL NN . -26.39 64.63 37.91
O2A CHL NN . -26.32 63.16 36.15
NB CHL NN . -33.19 62.14 37.62
C1B CHL NN . -32.24 61.43 37.03
C2B CHL NN . -32.17 60.04 37.55
C3B CHL NN . -33.24 60.00 38.57
C4B CHL NN . -33.81 61.36 38.53
CMB CHL NN . -31.23 58.95 37.13
CAB CHL NN . -33.40 58.69 39.27
CBB CHL NN . -34.10 58.61 40.38
NC CHL NN . -35.34 63.95 38.32
C1C CHL NN . -35.67 62.93 39.14
C2C CHL NN . -36.97 63.13 39.82
C3C CHL NN . -37.42 64.43 39.32
C4C CHL NN . -36.34 64.86 38.40
CMC CHL NN . -37.86 62.43 40.78
OMC CHL NN . -37.50 61.41 41.32
CAC CHL NN . -38.69 65.18 39.66
CBC CHL NN . -38.49 65.97 40.94
ND CHL NN . -34.18 66.02 36.76
C1D CHL NN . -35.29 66.71 37.01
C2D CHL NN . -35.05 68.04 36.43
C3D CHL NN . -33.70 68.04 35.83
C4D CHL NN . -33.22 66.75 36.07
CMD CHL NN . -35.84 69.32 36.34
CAD CHL NN . -32.68 68.85 35.10
OBD CHL NN . -32.91 70.06 34.77
CBD CHL NN . -31.53 67.95 34.90
CGD CHL NN . -31.31 67.75 33.44
O1D CHL NN . -31.94 66.90 32.83
O2D CHL NN . -30.36 68.58 32.71
CED CHL NN . -29.98 68.22 31.38
MG CHL ON . -48.76 48.25 43.07
CHA CHL ON . -45.69 47.74 41.38
CHB CHL ON . -49.81 50.09 40.35
CHC CHL ON . -51.61 49.28 44.94
CHD CHL ON . -47.91 45.93 45.64
NA CHL ON . -47.92 48.88 41.37
C1A CHL ON . -46.74 48.67 40.88
C2A CHL ON . -46.40 49.48 39.67
C3A CHL ON . -47.64 50.29 39.46
C4A CHL ON . -48.54 49.69 40.49
CMA CHL ON . -47.43 51.77 39.70
CAA CHL ON . -46.08 48.63 38.45
CBA CHL ON . -47.33 48.19 37.69
CGA CHL ON . -47.34 46.69 37.58
O1A CHL ON . -47.43 45.99 38.58
O2A CHL ON . -47.25 46.05 36.28
NB CHL ON . -50.39 49.44 42.71
C1B CHL ON . -50.62 50.09 41.57
C2B CHL ON . -51.88 50.88 41.60
C3B CHL ON . -52.41 50.64 42.96
C4B CHL ON . -51.39 49.73 43.56
CMB CHL ON . -52.46 51.72 40.51
CAB CHL ON . -53.68 51.32 43.28
CBB CHL ON . -54.35 51.07 44.39
NC CHL ON . -49.58 47.71 44.89
C1C CHL ON . -50.69 48.23 45.43
C2C CHL ON . -51.03 47.63 46.75
C3C CHL ON . -49.95 46.65 46.97
C4C CHL ON . -49.11 46.78 45.75
CMC CHL ON . -52.06 47.76 47.80
OMC CHL ON . -53.12 48.31 47.52
CAC CHL ON . -49.74 45.72 48.14
CBC CHL ON . -50.58 44.48 47.96
ND CHL ON . -47.18 47.03 43.53
C1D CHL ON . -46.97 46.19 44.54
C2D CHL ON . -45.63 45.62 44.30
C3D CHL ON . -45.11 46.23 43.06
C4D CHL ON . -46.12 47.09 42.63
CMD CHL ON . -44.74 44.64 45.01
CAD CHL ON . -43.96 46.26 42.12
OBD CHL ON . -42.91 45.54 42.32
CBD CHL ON . -44.34 47.22 41.06
CGD CHL ON . -43.36 48.36 41.06
O1D CHL ON . -43.45 49.25 41.90
O2D CHL ON . -42.31 48.41 40.07
CED CHL ON . -41.83 49.67 39.59
MG CHL PN . -39.06 53.78 47.70
CHA CHL PN . -37.47 51.01 49.20
CHB CHL PN . -40.85 54.16 50.61
CHC CHL PN . -39.77 57.05 46.66
CHD CHL PN . -37.94 52.93 44.46
NA CHL PN . -39.06 52.91 49.49
C1A CHL PN . -38.29 51.99 49.96
C2A CHL PN . -38.31 51.87 51.44
C3A CHL PN . -39.70 52.37 51.71
C4A CHL PN . -39.91 53.21 50.50
CMA CHL PN . -40.71 51.23 51.73
CAA CHL PN . -37.31 52.79 52.12
CBA CHL PN . -35.87 52.33 51.92
CGA CHL PN . -34.98 53.54 51.92
O1A CHL PN . -35.24 54.51 51.23
O2A CHL PN . -33.79 53.57 52.77
NB CHL PN . -40.13 55.32 48.50
C1B CHL PN . -40.77 55.29 49.67
C2B CHL PN . -41.44 56.57 49.96
C3B CHL PN . -41.13 57.42 48.80
C4B CHL PN . -40.29 56.54 47.95
CMB CHL PN . -42.26 56.92 51.18
CAB CHL PN . -41.68 58.80 48.83
CBB CHL PN . -41.21 59.74 48.04
NC CHL PN . -38.90 54.78 45.92
C1C CHL PN . -39.23 56.07 45.71
C2C CHL PN . -38.98 56.51 44.31
C3C CHL PN . -38.45 55.29 43.67
C4C CHL PN . -38.44 54.29 44.76
CMC CHL PN . -39.09 57.67 43.39
OMC CHL PN . -39.03 58.81 43.84
CAC CHL PN . -38.01 55.12 42.24
ND CHL PN . -37.93 52.30 46.86
C1D CHL PN . -37.55 52.08 45.61
C2D CHL PN . -36.73 50.86 45.67
C3D CHL PN . -36.68 50.41 47.07
C4D CHL PN . -37.45 51.36 47.76
CMD CHL PN . -35.99 50.04 44.65
CAD CHL PN . -36.16 49.40 48.03
OBD CHL PN . -35.42 48.42 47.65
CBD CHL PN . -36.65 49.78 49.36
CGD CHL PN . -37.49 48.67 49.92
O1D CHL PN . -38.63 48.49 49.53
O2D CHL PN . -36.93 47.79 50.93
MG CLA QN . -43.47 40.68 36.60
CHA CLA QN . -45.75 39.20 38.74
CHB CLA QN . -42.83 37.64 35.19
CHC CLA QN . -41.46 42.22 34.28
CHD CLA QN . -44.18 43.81 38.06
NA CLA QN . -44.16 38.74 36.96
C1A CLA QN . -45.14 38.34 37.87
C2A CLA QN . -45.35 36.83 37.81
C3A CLA QN . -44.25 36.35 36.84
C4A CLA QN . -43.70 37.66 36.27
CMA CLA QN . -43.18 35.57 37.57
CAA CLA QN . -46.72 36.50 37.24
CBA CLA QN . -47.19 37.52 36.22
CGA CLA QN . -46.65 37.21 34.85
O1A CLA QN . -46.82 36.19 34.17
O2A CLA QN . -45.91 38.22 34.33
NB CLA QN . -42.38 40.06 35.03
C1B CLA QN . -42.25 38.77 34.61
C2B CLA QN . -41.37 38.71 33.41
C3B CLA QN . -40.98 40.01 33.15
C4B CLA QN . -41.61 40.87 34.18
CMB CLA QN . -41.03 37.45 32.75
CAB CLA QN . -40.11 40.54 32.13
CBB CLA QN . -40.00 40.09 30.87
NC CLA QN . -42.88 42.65 36.28
C1C CLA QN . -42.04 43.06 35.28
C2C CLA QN . -41.87 44.50 35.33
C3C CLA QN . -42.65 44.96 36.40
C4C CLA QN . -43.29 43.79 36.98
CMC CLA QN . -41.03 45.28 34.42
CAC CLA QN . -42.80 46.35 36.84
CBC CLA QN . -43.87 47.08 36.04
ND CLA QN . -44.55 41.38 38.15
C1D CLA QN . -44.78 42.70 38.62
C2D CLA QN . -45.75 42.63 39.75
C3D CLA QN . -46.15 41.31 39.84
C4D CLA QN . -45.40 40.59 38.80
CMD CLA QN . -46.18 43.79 40.55
CAD CLA QN . -46.95 40.34 40.56
OBD CLA QN . -47.62 40.48 41.57
CBD CLA QN . -46.80 38.98 39.79
CGD CLA QN . -46.44 37.85 40.71
O1D CLA QN . -45.57 37.83 41.59
O2D CLA QN . -47.18 36.72 40.52
CED CLA QN . -48.60 36.82 40.68
MG CLA RN . -29.14 32.97 27.64
CHA CLA RN . -32.31 32.50 28.97
CHB CLA RN . -29.04 29.70 26.73
CHC CLA RN . -26.09 33.53 26.17
CHD CLA RN . -29.30 36.38 28.59
NA CLA RN . -30.46 31.37 27.85
C1A CLA RN . -31.74 31.38 28.42
C2A CLA RN . -32.37 29.99 28.37
C3A CLA RN . -31.24 29.10 27.83
C4A CLA RN . -30.16 30.11 27.42
CMA CLA RN . -30.72 28.15 28.89
CAA CLA RN . -33.54 29.96 27.39
CBA CLA RN . -33.34 30.95 26.26
CGA CLA RN . -33.41 30.28 24.92
O1A CLA RN . -33.16 29.11 24.63
O2A CLA RN . -33.77 31.13 23.92
NB CLA RN . -27.79 31.82 26.69
C1B CLA RN . -27.98 30.53 26.33
C2B CLA RN . -26.89 30.09 25.42
C3B CLA RN . -26.06 31.17 25.25
C4B CLA RN . -26.61 32.29 26.07
CMB CLA RN . -26.81 28.74 24.84
CAB CLA RN . -24.86 31.28 24.46
CBB CLA RN . -23.66 31.62 24.94
NC CLA RN . -27.92 34.65 27.46
C1C CLA RN . -26.70 34.65 26.83
C2C CLA RN . -26.11 35.97 26.89
C3C CLA RN . -27.02 36.79 27.56
C4C CLA RN . -28.15 35.94 27.91
CMC CLA RN . -24.80 36.33 26.32
CAC CLA RN . -26.86 38.21 27.85
CBC CLA RN . -27.47 39.09 26.78
ND CLA RN . -30.45 34.21 28.56
C1D CLA RN . -30.39 35.58 28.90
C2D CLA RN . -31.64 35.96 29.59
C3D CLA RN . -32.42 34.81 29.64
C4D CLA RN . -31.63 33.76 28.99
CMD CLA RN . -31.94 37.30 30.09
CAD CLA RN . -33.67 34.23 30.07
OBD CLA RN . -34.61 34.74 30.67
CBD CLA RN . -33.64 32.73 29.65
CGD CLA RN . -33.83 31.80 30.83
O1D CLA RN . -32.97 31.36 31.57
O2D CLA RN . -35.12 31.45 31.05
CED CLA RN . -35.35 30.35 31.93
C1 CLA RN . -35.01 31.86 24.10
C2 CLA RN . -34.71 33.30 23.86
C3 CLA RN . -34.63 33.84 22.63
C4 CLA RN . -34.83 33.03 21.40
C5 CLA RN . -34.33 35.28 22.45
C6 CLA RN . -35.56 36.14 22.22
C7 CLA RN . -36.03 36.75 23.53
C8 CLA RN . -36.37 38.23 23.42
C9 CLA RN . -37.85 38.43 23.18
C10 CLA RN . -35.56 38.92 22.31
C11 CLA RN . -35.48 40.41 22.53
C12 CLA RN . -34.39 41.05 21.70
C13 CLA RN . -34.29 42.54 21.96
MG CLA SN . -36.28 39.71 26.92
CHA CLA SN . -37.34 36.43 27.36
CHB CLA SN . -39.42 40.83 27.57
CHC CLA SN . -35.20 42.93 26.32
CHD CLA SN . -33.08 38.49 26.02
NA CLA SN . -38.06 38.77 27.43
C1A CLA SN . -38.31 37.39 27.56
C2A CLA SN . -39.77 37.13 27.94
C3A CLA SN . -40.38 38.54 28.01
C4A CLA SN . -39.22 39.45 27.65
CMA CLA SN . -41.54 38.71 27.07
CAA CLA SN . -39.90 36.42 29.27
CBA CLA SN . -41.34 35.98 29.52
CGA CLA SN . -41.58 34.62 28.96
O1A CLA SN . -42.60 33.93 29.07
NB CLA SN . -37.14 41.53 26.96
C1B CLA SN . -38.44 41.77 27.24
C2B CLA SN . -38.72 43.24 27.13
C3B CLA SN . -37.53 43.84 26.78
C4B CLA SN . -36.50 42.77 26.67
CMB CLA SN . -40.04 43.82 27.35
CAB CLA SN . -37.25 45.23 26.55
CBB CLA SN . -36.76 45.75 25.42
NC CLA SN . -34.45 40.55 26.34
C1C CLA SN . -34.23 41.89 26.18
C2C CLA SN . -32.85 42.12 25.77
C3C CLA SN . -32.25 40.87 25.66
C4C CLA SN . -33.27 39.88 26.01
CMC CLA SN . -32.26 43.44 25.52
CAC CLA SN . -30.87 40.58 25.26
CBC CLA SN . -30.72 40.42 23.77
ND CLA SN . -35.33 37.93 26.80
C1D CLA SN . -34.03 37.56 26.39
C2D CLA SN . -33.90 36.09 26.43
C3D CLA SN . -35.14 35.60 26.81
C4D CLA SN . -36.00 36.79 27.00
CMD CLA SN . -32.68 35.35 26.10
CAD CLA SN . -35.94 34.43 27.10
OBD CLA SN . -35.62 33.25 27.11
CBD CLA SN . -37.38 34.93 27.41
CGD CLA SN . -38.37 34.39 26.41
O1D CLA SN . -39.34 33.64 26.63
O2D CLA SN . -38.16 34.80 25.14
CED CLA SN . -38.39 33.85 24.09
MG CLA TN . -20.99 49.92 27.01
CHA CLA TN . -19.27 52.02 24.86
CHB CLA TN . -22.38 48.31 24.36
CHC CLA TN . -22.63 47.84 29.21
CHD CLA TN . -19.45 51.57 29.75
NA CLA TN . -20.83 50.15 24.96
C1A CLA TN . -20.06 51.09 24.24
C2A CLA TN . -20.22 50.89 22.73
C3A CLA TN . -21.21 49.71 22.62
C4A CLA TN . -21.51 49.35 24.08
CMA CLA TN . -22.45 50.08 21.84
CAA CLA TN . -18.89 50.50 22.10
CBA CLA TN . -18.40 49.15 22.57
CGA CLA TN . -17.47 49.29 23.72
O1A CLA TN . -16.34 49.80 23.74
O2A CLA TN . -17.97 48.78 24.88
NB CLA TN . -22.25 48.36 26.83
C1B CLA TN . -22.74 47.89 25.65
C2B CLA TN . -23.74 46.82 25.93
C3B CLA TN . -23.82 46.68 27.30
C4B CLA TN . -22.87 47.66 27.89
CMB CLA TN . -24.45 46.11 24.86
CAB CLA TN . -24.61 45.81 28.12
CBB CLA TN . -24.94 44.54 27.84
NC CLA TN . -21.03 49.75 29.10
C1C CLA TN . -21.77 48.82 29.79
C2C CLA TN . -21.55 48.97 31.22
C3C CLA TN . -20.66 50.03 31.37
C4C CLA TN . -20.33 50.50 30.04
CMC CLA TN . -22.18 48.15 32.26
CAC CLA TN . -20.13 50.56 32.65
CBC CLA TN . -18.81 49.93 33.02
ND CLA TN . -19.71 51.45 27.31
C1D CLA TN . -19.14 52.02 28.49
C2D CLA TN . -18.23 53.11 28.11
C3D CLA TN . -18.27 53.18 26.73
C4D CLA TN . -19.18 52.11 26.28
CMD CLA TN . -17.49 53.93 29.06
CAD CLA TN . -17.77 53.85 25.55
OBD CLA TN . -17.03 54.82 25.46
CBD CLA TN . -18.36 53.11 24.32
CGD CLA TN . -19.08 54.06 23.41
O1D CLA TN . -19.63 55.12 23.70
O2D CLA TN . -19.11 53.68 22.09
CED CLA TN . -18.42 54.51 21.16
C1 CLA TN . -17.22 49.03 26.08
C2 CLA TN . -17.77 48.10 27.11
C3 CLA TN . -17.42 48.12 28.40
C4 CLA TN . -16.42 49.08 28.93
C5 CLA TN . -18.00 47.15 29.36
C6 CLA TN . -18.89 46.12 28.68
C7 CLA TN . -18.98 44.85 29.50
C8 CLA TN . -19.35 43.64 28.66
C9 CLA TN . -19.20 42.38 29.47
C10 CLA TN . -18.49 43.57 27.40
C11 CLA TN . -18.61 42.24 26.70
C12 CLA TN . -17.57 42.09 25.60
C13 CLA TN . -17.76 40.80 24.82
C14 CLA TN . -16.71 39.79 25.20
C15 CLA TN . -17.74 41.05 23.31
C16 CLA TN . -19.05 41.63 22.82
C17 CLA TN . -19.65 40.79 21.72
C18 CLA TN . -20.17 41.65 20.57
C19 CLA TN . -19.17 41.74 19.45
C20 CLA TN . -21.48 41.09 20.05
MG CLA UN . -18.53 45.26 19.30
CHA CLA UN . -16.02 45.20 21.70
CHB CLA UN . -16.20 44.75 16.88
CHC CLA UN . -21.06 45.03 17.01
CHD CLA UN . -20.91 45.73 21.88
NA CLA UN . -16.45 45.07 19.32
C1A CLA UN . -15.58 45.06 20.42
C2A CLA UN . -14.13 44.89 19.97
C3A CLA UN . -14.21 45.00 18.43
C4A CLA UN . -15.72 44.93 18.16
CMA CLA UN . -13.60 46.27 17.92
CAA CLA UN . -13.56 43.54 20.39
CBA CLA UN . -14.61 42.45 20.33
CGA CLA UN . -13.97 41.10 20.43
O1A CLA UN . -12.83 40.81 20.82
O2A CLA UN . -14.79 40.09 20.03
NB CLA UN . -18.61 45.07 17.30
C1B CLA UN . -17.56 44.67 16.53
C2B CLA UN . -18.04 44.12 15.23
C3B CLA UN . -19.41 44.20 15.26
C4B CLA UN . -19.79 44.80 16.57
CMB CLA UN . -17.15 43.61 14.19
CAB CLA UN . -20.35 43.78 14.26
CBB CLA UN . -21.41 44.47 13.81
NC CLA UN . -20.60 45.44 19.43
C1C CLA UN . -21.44 45.35 18.34
C2C CLA UN . -22.82 45.55 18.78
C3C CLA UN . -22.79 45.69 20.16
C4C CLA UN . -21.39 45.62 20.56
CMC CLA UN . -23.97 45.55 17.88
CAC CLA UN . -23.94 45.92 21.05
CBC CLA UN . -24.64 44.64 21.44
ND CLA UN . -18.53 45.44 21.31
C1D CLA UN . -19.58 45.64 22.25
C2D CLA UN . -19.01 45.72 23.62
C3D CLA UN . -17.65 45.53 23.45
C4D CLA UN . -17.41 45.38 22.02
CMD CLA UN . -19.77 45.92 24.83
CAD CLA UN . -16.35 45.44 24.12
OBD CLA UN . -16.09 45.52 25.32
CBD CLA UN . -15.28 45.22 23.02
CGD CLA UN . -14.21 46.28 23.07
O1D CLA UN . -13.07 46.23 22.59
O2D CLA UN . -14.58 47.42 23.71
CED CLA UN . -13.57 48.12 24.45
C1 LUT VN . -27.26 49.36 23.49
C2 LUT VN . -26.66 50.75 23.21
C3 LUT VN . -25.31 50.93 23.88
C4 LUT VN . -25.47 50.81 25.37
C5 LUT VN . -26.29 49.63 25.80
C6 LUT VN . -27.12 48.97 24.94
C7 LUT VN . -27.88 47.84 25.41
C8 LUT VN . -29.03 47.87 26.14
C9 LUT VN . -29.75 46.79 26.66
C10 LUT VN . -30.94 46.98 27.39
C11 LUT VN . -31.76 46.05 27.98
C12 LUT VN . -32.95 46.34 28.62
C13 LUT VN . -33.92 45.48 29.16
C14 LUT VN . -35.17 45.92 29.60
C15 LUT VN . -36.30 45.19 29.90
C16 LUT VN . -26.55 48.33 22.61
C17 LUT VN . -28.75 49.37 23.09
C18 LUT VN . -26.13 49.26 27.24
C19 LUT VN . -29.30 45.40 26.46
C20 LUT VN . -33.60 44.03 29.26
O3 LUT VN . -24.78 52.21 23.54
C21 LUT VN . -48.51 40.57 32.39
C22 LUT VN . -49.84 41.02 33.00
C23 LUT VN . -50.00 40.64 34.46
C24 LUT VN . -48.78 40.99 35.24
C25 LUT VN . -47.61 41.30 34.71
C26 LUT VN . -47.29 41.04 33.24
C27 LUT VN . -46.63 42.26 32.66
C28 LUT VN . -45.36 42.36 32.24
C29 LUT VN . -44.65 43.51 31.84
C30 LUT VN . -43.30 43.44 31.47
C31 LUT VN . -42.39 44.44 31.22
C32 LUT VN . -41.07 44.26 30.87
C33 LUT VN . -40.04 45.19 30.71
C34 LUT VN . -38.73 44.82 30.35
C35 LUT VN . -37.59 45.59 30.22
C36 LUT VN . -48.38 41.14 30.98
C37 LUT VN . -48.46 39.03 32.28
C38 LUT VN . -46.49 41.87 35.53
C39 LUT VN . -45.30 44.84 31.81
C40 LUT VN . -40.34 46.62 30.94
O23 LUT VN . -50.32 39.25 34.62
C1 LUT WN . -35.71 59.13 34.31
C2 LUT WN . -35.00 59.84 33.15
C3 LUT WN . -35.78 59.73 31.86
C4 LUT WN . -35.97 58.26 31.49
C5 LUT WN . -36.37 57.39 32.65
C6 LUT WN . -36.07 57.71 33.93
C7 LUT WN . -36.10 56.70 34.96
C8 LUT WN . -35.15 55.73 35.16
C9 LUT WN . -35.05 54.80 36.19
C10 LUT WN . -33.93 53.95 36.27
C11 LUT WN . -33.60 53.01 37.24
C12 LUT WN . -32.44 52.26 37.24
C13 LUT WN . -31.96 51.36 38.21
C14 LUT WN . -30.71 50.73 38.11
C15 LUT WN . -30.05 49.96 39.05
C16 LUT WN . -36.99 59.90 34.67
C17 LUT WN . -34.80 59.13 35.53
C18 LUT WN . -37.07 56.12 32.24
C19 LUT WN . -36.09 54.67 37.25
C20 LUT WN . -32.83 51.05 39.38
O3 LUT WN . -35.08 60.39 30.81
C21 LUT WN . -21.59 41.98 45.40
C22 LUT WN . -20.59 40.85 45.07
C23 LUT WN . -21.14 39.47 45.40
C24 LUT WN . -22.54 39.30 44.90
C25 LUT WN . -23.30 40.30 44.45
C26 LUT WN . -22.96 41.75 44.71
C27 LUT WN . -23.12 42.54 43.44
C28 LUT WN . -23.99 43.54 43.20
C29 LUT WN . -24.17 44.25 42.01
C30 LUT WN . -25.05 45.34 41.94
C31 LUT WN . -25.42 46.11 40.84
C32 LUT WN . -26.41 47.07 40.86
C33 LUT WN . -27.00 47.78 39.79
C34 LUT WN . -28.14 48.57 39.93
C35 LUT WN . -28.83 49.29 38.98
C36 LUT WN . -20.99 43.31 44.91
C37 LUT WN . -21.78 42.10 46.91
C38 LUT WN . -24.56 40.05 43.69
C39 LUT WN . -23.43 43.90 40.78
C40 LUT WN . -26.37 47.68 38.45
O23 LUT WN . -21.07 39.19 46.81
C1 XAT XN . -12.67 55.04 31.29
C2 XAT XN . -12.23 56.27 32.11
C3 XAT XN . -10.84 56.77 31.81
C4 XAT XN . -9.80 55.71 32.10
C5 XAT XN . -10.14 54.38 31.50
C6 XAT XN . -11.53 54.03 31.14
C7 XAT XN . -11.79 52.92 30.15
C8 XAT XN . -11.94 51.65 30.51
C9 XAT XN . -12.24 50.56 29.68
C10 XAT XN . -12.49 49.28 30.19
C11 XAT XN . -12.90 48.14 29.53
C12 XAT XN . -13.10 46.88 30.07
C13 XAT XN . -13.61 45.73 29.45
C14 XAT XN . -13.77 44.50 30.10
C15 XAT XN . -14.33 43.34 29.60
C16 XAT XN . -13.15 55.49 29.91
C17 XAT XN . -13.85 54.39 32.05
C18 XAT XN . -8.99 53.65 30.84
C19 XAT XN . -12.30 50.73 28.21
C20 XAT XN . -14.02 45.83 28.03
O3 XAT XN . -10.74 57.18 30.45
O4 XAT XN . -10.95 53.55 32.37
C21 XAT XN . -21.25 32.61 28.75
C22 XAT XN . -22.16 31.38 28.62
C23 XAT XN . -21.60 30.30 27.73
C24 XAT XN . -20.33 29.74 28.31
C25 XAT XN . -19.33 30.82 28.59
C26 XAT XN . -19.77 32.22 28.78
C27 XAT XN . -18.85 33.17 29.50
C28 XAT XN . -18.52 34.41 29.12
C29 XAT XN . -17.61 35.22 29.81
C30 XAT XN . -17.28 36.53 29.39
C31 XAT XN . -16.43 37.44 30.01
C32 XAT XN . -16.15 38.72 29.56
C33 XAT XN . -15.38 39.71 30.20
C34 XAT XN . -15.16 40.97 29.63
C35 XAT XN . -14.52 42.08 30.16
C36 XAT XN . -21.70 33.30 30.04
C37 XAT XN . -21.55 33.53 27.56
C38 XAT XN . -18.01 30.37 29.15
C39 XAT XN . -16.94 34.73 31.04
C40 XAT XN . -14.78 39.41 31.52
O23 XAT XN . -22.56 29.24 27.59
O24 XAT XN . -19.24 31.79 27.51
C1 NEX YN . -62.46 55.47 47.99
C2 NEX YN . -62.16 55.43 49.50
C3 NEX YN . -62.28 54.04 50.09
C4 NEX YN . -61.33 53.07 49.39
C5 NEX YN . -61.59 52.98 47.90
C6 NEX YN . -61.63 54.39 47.29
C7 NEX YN . -60.92 54.66 46.24
C8 NEX YN . -60.17 54.92 45.20
C9 NEX YN . -58.72 55.13 45.36
C10 NEX YN . -57.82 55.37 44.31
C11 NEX YN . -56.45 55.52 44.38
C12 NEX YN . -55.57 55.70 43.32
C13 NEX YN . -54.17 55.80 43.36
C14 NEX YN . -53.35 55.92 42.22
C15 NEX YN . -51.97 55.93 42.12
C16 NEX YN . -62.12 56.86 47.44
C17 NEX YN . -63.96 55.23 47.77
C18 NEX YN . -60.55 52.10 47.24
C19 NEX YN . -58.20 55.11 46.75
C20 NEX YN . -53.49 55.76 44.68
O3 NEX YN . -61.97 54.08 51.49
O4 NEX YN . -62.88 52.36 47.77
C21 NEX YN . -45.58 55.07 32.54
C22 NEX YN . -46.10 55.56 31.17
C23 NEX YN . -45.30 56.69 30.55
C24 NEX YN . -45.30 57.92 31.45
C25 NEX YN . -45.08 57.62 32.91
C26 NEX YN . -45.26 56.26 33.45
C27 NEX YN . -44.60 55.91 34.76
C28 NEX YN . -45.22 56.01 35.94
C29 NEX YN . -44.66 55.82 37.22
C30 NEX YN . -45.45 55.80 38.39
C31 NEX YN . -46.82 55.87 38.48
C32 NEX YN . -47.64 55.86 39.60
C33 NEX YN . -49.04 55.87 39.64
C34 NEX YN . -49.79 55.89 40.85
C35 NEX YN . -51.16 55.94 40.99
C36 NEX YN . -44.36 54.17 32.35
C37 NEX YN . -46.72 54.25 33.16
C38 NEX YN . -44.27 58.63 33.65
C39 NEX YN . -43.19 55.63 37.39
C40 NEX YN . -49.79 55.83 38.37
O23 NEX YN . -43.95 56.29 30.30
O24 NEX YN . -46.31 57.24 33.58
O1 LHG ZN . -25.44 29.96 28.26
C1 LHG ZN . -25.59 28.60 28.66
C2 LHG ZN . -25.91 28.50 30.14
O2 LHG ZN . -26.18 27.15 30.50
C3 LHG ZN . -27.08 29.38 30.55
O3 LHG ZN . -26.72 30.76 30.32
P LHG ZN . -27.81 31.90 30.61
O4 LHG ZN . -28.91 31.76 29.59
O5 LHG ZN . -28.13 31.87 32.07
O6 LHG ZN . -27.02 33.26 30.30
C4 LHG ZN . -25.82 33.56 31.06
C5 LHG ZN . -25.38 34.98 30.73
C6 LHG ZN . -26.44 36.01 31.04
O7 LHG ZN . -24.18 35.24 31.50
C7 LHG ZN . -23.40 36.29 31.15
O9 LHG ZN . -23.67 37.03 30.25
C8 LHG ZN . -22.16 36.37 31.99
C9 LHG ZN . -21.28 37.53 31.64
C10 LHG ZN . -19.88 37.40 32.25
O8 LHG ZN . -27.11 35.63 32.27
C23 LHG ZN . -27.67 36.60 32.99
O10 LHG ZN . -28.14 36.41 34.08
C24 LHG ZN . -27.70 37.91 32.26
C11 LHG ZN . -18.99 38.58 32.03
C12 LHG ZN . -19.37 39.81 32.80
C13 LHG ZN . -18.34 40.91 32.80
C14 LHG ZN . -18.65 42.03 33.75
C15 LHG ZN . -17.61 43.10 33.86
C16 LHG ZN . -17.40 43.91 32.61
C17 LHG ZN . -16.81 45.27 32.84
C18 LHG ZN . -15.45 45.26 33.49
C19 LHG ZN . -15.05 46.57 34.11
C20 LHG ZN . -15.17 47.76 33.19
C21 LHG ZN . -14.84 49.07 33.84
C22 LHG ZN . -15.00 50.26 32.92
C25 LHG ZN . -26.85 38.97 32.92
C26 LHG ZN . -26.75 40.22 32.07
C27 LHG ZN . -25.71 41.20 32.52
C28 LHG ZN . -24.30 40.68 32.49
C29 LHG ZN . -23.88 40.15 31.13
C30 LHG ZN . -23.88 41.16 30.02
C31 LHG ZN . -23.46 40.61 28.68
C32 LHG ZN . -22.09 39.96 28.69
C33 LHG ZN . -21.68 39.34 27.38
C34 LHG ZN . -20.32 38.68 27.42
C35 LHG ZN . -19.86 38.09 26.10
C36 LHG ZN . -20.68 36.94 25.60
C37 LHG ZN . -20.15 36.33 24.33
C38 LHG ZN . -20.95 35.15 23.83
#